data_5ID3
#
_entry.id   5ID3
#
_entity_poly.entity_id   1
_entity_poly.type   'polypeptide(L)'
_entity_poly.pdbx_seq_one_letter_code
;MAALSVDEYKLSREKKLLLQLENAETLLAPLHDAKRKIEQEAEAHTDRVAWAGFAASGVQTGLFARLTWWEYSWDIVEPV
TYFATYSTVAATFGYYLYTQQSFEYPSARERVYTKQFYRRAQKQNFDIEKYNRLVTEVDELRNQLKRLRDPLEHHHHHH
;
_entity_poly.pdbx_strand_id   A,B,C,D,E
#
# COMPACT_ATOMS: atom_id res chain seq x y z
N MET A 1 32.85 -39.40 9.25
CA MET A 1 32.24 -40.75 9.39
C MET A 1 31.04 -40.85 8.42
N ALA A 2 30.70 -42.09 7.98
CA ALA A 2 29.56 -42.38 7.04
C ALA A 2 28.20 -42.12 7.77
N ALA A 3 27.54 -40.97 7.46
CA ALA A 3 26.24 -40.56 8.07
C ALA A 3 25.64 -39.40 7.25
N LEU A 4 24.50 -38.83 7.77
CA LEU A 4 23.76 -37.68 7.13
C LEU A 4 24.70 -36.42 7.08
N SER A 5 25.36 -36.16 8.22
CA SER A 5 26.33 -35.02 8.42
C SER A 5 27.57 -35.53 9.18
N VAL A 6 28.52 -34.60 9.45
CA VAL A 6 29.81 -34.89 10.17
C VAL A 6 29.55 -35.37 11.63
N ASP A 7 28.49 -34.80 12.27
CA ASP A 7 28.07 -35.13 13.67
C ASP A 7 26.66 -34.51 13.92
N GLU A 8 26.62 -33.20 14.32
CA GLU A 8 25.37 -32.44 14.62
C GLU A 8 24.51 -33.15 15.72
N TYR A 9 25.13 -34.09 16.47
CA TYR A 9 24.47 -34.87 17.56
C TYR A 9 23.20 -35.63 17.04
N LYS A 10 23.33 -36.97 16.82
CA LYS A 10 22.21 -37.85 16.30
C LYS A 10 21.08 -37.96 17.38
N LEU A 11 20.15 -36.97 17.37
CA LEU A 11 18.98 -36.90 18.30
C LEU A 11 17.97 -35.86 17.75
N SER A 12 17.57 -36.08 16.47
CA SER A 12 16.61 -35.24 15.69
C SER A 12 15.33 -36.09 15.51
N ARG A 13 15.50 -37.25 14.84
CA ARG A 13 14.46 -38.25 14.58
C ARG A 13 13.32 -37.69 13.68
N GLU A 14 12.59 -36.66 14.19
CA GLU A 14 11.43 -36.01 13.48
C GLU A 14 11.18 -34.55 13.99
N LYS A 15 11.49 -34.23 15.28
CA LYS A 15 11.17 -32.90 15.89
C LYS A 15 11.85 -31.69 15.15
N LYS A 16 13.16 -31.81 14.75
CA LYS A 16 13.88 -30.68 14.01
C LYS A 16 13.13 -30.45 12.66
N LEU A 17 12.78 -31.59 12.03
CA LEU A 17 12.04 -31.67 10.74
C LEU A 17 10.61 -31.05 10.88
N LEU A 18 9.93 -31.37 12.03
CA LEU A 18 8.52 -30.91 12.26
C LEU A 18 8.38 -29.35 12.31
N LEU A 19 9.31 -28.63 13.02
CA LEU A 19 9.30 -27.11 13.04
C LEU A 19 9.58 -26.58 11.58
N GLN A 20 10.57 -27.23 10.87
CA GLN A 20 10.95 -26.85 9.47
C GLN A 20 9.73 -27.02 8.53
N LEU A 21 8.98 -28.13 8.74
CA LEU A 21 7.74 -28.45 7.98
C LEU A 21 6.66 -27.36 8.22
N GLU A 22 6.53 -26.82 9.51
CA GLU A 22 5.51 -25.79 9.83
C GLU A 22 5.75 -24.52 8.98
N ASN A 23 7.07 -24.14 8.84
CA ASN A 23 7.48 -22.94 8.03
C ASN A 23 7.05 -23.10 6.55
N ALA A 24 7.25 -24.33 5.97
CA ALA A 24 6.89 -24.60 4.53
C ALA A 24 5.37 -24.40 4.27
N GLU A 25 4.51 -24.87 5.24
CA GLU A 25 3.01 -24.69 5.16
C GLU A 25 2.64 -23.18 5.18
N THR A 26 3.37 -22.42 6.03
CA THR A 26 3.16 -20.95 6.28
C THR A 26 3.32 -20.06 5.02
N LEU A 27 4.32 -20.39 4.15
CA LEU A 27 4.62 -19.57 2.90
C LEU A 27 3.39 -19.47 1.94
N LEU A 28 2.63 -20.60 1.82
CA LEU A 28 1.45 -20.73 0.92
C LEU A 28 1.88 -20.72 -0.58
N ALA A 29 2.18 -21.93 -1.13
CA ALA A 29 2.57 -22.17 -2.53
C ALA A 29 1.64 -23.25 -3.17
N PRO A 30 1.09 -24.29 -2.43
CA PRO A 30 0.22 -25.36 -3.07
C PRO A 30 -1.25 -24.89 -3.11
N LEU A 31 -1.66 -24.23 -2.01
CA LEU A 31 -3.00 -23.62 -1.88
C LEU A 31 -3.12 -22.56 -3.00
N HIS A 32 -1.97 -21.84 -3.24
CA HIS A 32 -1.86 -20.83 -4.34
C HIS A 32 -2.06 -21.57 -5.72
N ASP A 33 -1.45 -22.81 -5.83
CA ASP A 33 -1.59 -23.70 -7.05
C ASP A 33 -3.11 -24.03 -7.24
N ALA A 34 -3.86 -24.20 -6.10
CA ALA A 34 -5.33 -24.48 -6.12
C ALA A 34 -6.05 -23.32 -6.88
N LYS A 35 -5.55 -22.03 -6.70
CA LYS A 35 -6.16 -20.84 -7.43
C LYS A 35 -6.07 -21.10 -8.97
N ARG A 36 -4.91 -21.67 -9.42
CA ARG A 36 -4.65 -22.00 -10.87
C ARG A 36 -5.71 -23.04 -11.42
N LYS A 37 -6.09 -24.03 -10.56
CA LYS A 37 -7.04 -25.13 -10.96
C LYS A 37 -8.44 -24.58 -11.41
N ILE A 38 -8.97 -23.54 -10.70
CA ILE A 38 -10.32 -22.91 -10.96
C ILE A 38 -10.22 -21.71 -11.95
N GLU A 39 -9.00 -21.39 -12.46
CA GLU A 39 -8.73 -20.24 -13.40
C GLU A 39 -9.84 -20.05 -14.50
N GLN A 40 -10.43 -21.18 -14.97
CA GLN A 40 -11.50 -21.18 -16.02
C GLN A 40 -12.85 -20.66 -15.43
N GLU A 41 -13.11 -20.95 -14.11
CA GLU A 41 -14.35 -20.51 -13.37
C GLU A 41 -14.07 -19.19 -12.58
N ALA A 42 -12.83 -18.63 -12.65
CA ALA A 42 -12.46 -17.36 -11.92
C ALA A 42 -13.28 -16.14 -12.44
N GLU A 43 -14.12 -16.36 -13.50
CA GLU A 43 -15.01 -15.32 -14.08
C GLU A 43 -16.16 -14.96 -13.08
N ALA A 44 -16.14 -15.62 -11.90
CA ALA A 44 -17.13 -15.43 -10.80
C ALA A 44 -17.13 -13.96 -10.27
N HIS A 45 -15.95 -13.29 -10.37
CA HIS A 45 -15.77 -11.87 -9.89
C HIS A 45 -16.61 -10.87 -10.72
N THR A 46 -16.78 -11.18 -12.03
CA THR A 46 -17.54 -10.30 -12.99
C THR A 46 -18.98 -10.03 -12.51
N ASP A 47 -19.55 -11.02 -11.75
CA ASP A 47 -20.93 -10.94 -11.18
C ASP A 47 -21.06 -9.74 -10.18
N ARG A 48 -19.92 -9.34 -9.56
CA ARG A 48 -19.85 -8.22 -8.57
C ARG A 48 -19.56 -6.89 -9.31
N VAL A 49 -18.83 -6.95 -10.47
CA VAL A 49 -18.52 -5.75 -11.30
C VAL A 49 -19.79 -5.43 -12.13
N ALA A 50 -20.65 -6.48 -12.30
CA ALA A 50 -21.94 -6.39 -13.04
C ALA A 50 -22.93 -5.47 -12.30
N TRP A 51 -22.58 -5.06 -11.01
CA TRP A 51 -23.43 -4.11 -10.20
C TRP A 51 -23.72 -2.85 -11.06
N ALA A 52 -22.69 -2.53 -11.87
CA ALA A 52 -22.64 -1.38 -12.80
C ALA A 52 -23.20 -1.77 -14.20
N GLY A 53 -23.24 -3.10 -14.52
CA GLY A 53 -23.73 -3.61 -15.83
C GLY A 53 -25.14 -3.07 -16.19
N PHE A 54 -25.93 -2.73 -15.14
CA PHE A 54 -27.31 -2.18 -15.29
C PHE A 54 -27.26 -0.70 -15.75
N ALA A 55 -26.16 0.03 -15.38
CA ALA A 55 -25.97 1.48 -15.71
C ALA A 55 -25.90 1.72 -17.26
N ALA A 56 -25.09 0.89 -17.95
CA ALA A 56 -24.88 0.96 -19.44
C ALA A 56 -26.08 0.38 -20.23
N SER A 57 -26.84 -0.55 -19.61
CA SER A 57 -27.99 -1.23 -20.26
C SER A 57 -29.19 -0.29 -20.51
N GLY A 58 -29.28 0.79 -19.70
CA GLY A 58 -30.41 1.76 -19.80
C GLY A 58 -30.47 2.49 -21.18
N VAL A 59 -29.34 3.13 -21.56
CA VAL A 59 -29.21 3.91 -22.85
C VAL A 59 -29.04 3.00 -24.08
N GLN A 60 -28.54 1.76 -23.89
CA GLN A 60 -28.24 0.81 -25.01
C GLN A 60 -29.41 0.75 -26.06
N THR A 61 -30.66 0.80 -25.54
CA THR A 61 -31.92 0.82 -26.35
C THR A 61 -32.14 2.22 -26.99
N GLY A 62 -31.56 3.25 -26.35
CA GLY A 62 -31.67 4.67 -26.76
C GLY A 62 -31.14 4.99 -28.19
N LEU A 63 -30.20 4.18 -28.71
CA LEU A 63 -29.59 4.37 -30.09
C LEU A 63 -30.73 4.29 -31.16
N PHE A 64 -31.66 3.33 -30.95
CA PHE A 64 -32.85 3.16 -31.83
C PHE A 64 -33.69 4.48 -31.81
N ALA A 65 -33.80 5.10 -30.59
CA ALA A 65 -34.60 6.35 -30.39
C ALA A 65 -34.11 7.56 -31.26
N ARG A 66 -32.73 7.81 -31.44
CA ARG A 66 -32.28 8.97 -32.31
C ARG A 66 -32.77 8.75 -33.76
N LEU A 67 -32.67 7.46 -34.24
CA LEU A 67 -33.12 7.11 -35.64
C LEU A 67 -34.67 7.33 -35.88
N THR A 68 -35.55 6.92 -34.91
CA THR A 68 -37.04 7.06 -35.03
C THR A 68 -37.57 8.53 -35.12
N TRP A 69 -36.99 9.46 -34.29
CA TRP A 69 -37.45 10.89 -34.17
C TRP A 69 -36.48 11.89 -34.80
N TRP A 70 -35.79 11.41 -35.84
CA TRP A 70 -34.76 12.19 -36.59
C TRP A 70 -35.24 13.59 -37.09
N GLU A 71 -36.59 13.84 -37.06
CA GLU A 71 -37.21 15.12 -37.57
C GLU A 71 -37.13 16.32 -36.55
N TYR A 72 -37.24 16.05 -35.22
CA TYR A 72 -37.22 17.10 -34.15
C TYR A 72 -36.08 18.16 -34.38
N SER A 73 -34.83 17.66 -34.58
CA SER A 73 -33.62 18.53 -34.85
C SER A 73 -32.40 17.66 -35.17
N TRP A 74 -32.24 16.67 -34.30
CA TRP A 74 -31.11 15.74 -34.23
C TRP A 74 -30.10 16.39 -33.23
N ASP A 75 -28.78 16.21 -33.43
CA ASP A 75 -27.68 16.79 -32.58
C ASP A 75 -27.96 16.49 -31.06
N ILE A 76 -27.69 15.23 -30.66
CA ILE A 76 -27.95 14.67 -29.29
C ILE A 76 -26.87 13.60 -29.06
N VAL A 77 -25.83 13.46 -29.98
CA VAL A 77 -24.78 12.41 -29.88
C VAL A 77 -24.08 12.37 -28.50
N GLU A 78 -23.05 11.49 -28.39
CA GLU A 78 -22.23 11.26 -27.15
C GLU A 78 -22.93 10.43 -25.95
N PRO A 79 -24.25 9.99 -25.87
CA PRO A 79 -24.76 9.33 -24.56
C PRO A 79 -24.07 8.01 -24.11
N VAL A 80 -23.84 7.08 -25.07
CA VAL A 80 -23.30 5.74 -24.76
C VAL A 80 -21.88 5.73 -24.12
N THR A 81 -20.90 6.53 -24.67
CA THR A 81 -19.53 6.52 -24.12
C THR A 81 -19.38 7.04 -22.65
N TYR A 82 -20.07 8.18 -22.21
CA TYR A 82 -19.93 8.68 -20.80
C TYR A 82 -20.43 7.60 -19.80
N PHE A 83 -21.57 6.90 -20.12
CA PHE A 83 -22.07 5.77 -19.26
C PHE A 83 -20.96 4.65 -19.22
N ALA A 84 -20.26 4.40 -20.37
CA ALA A 84 -19.16 3.37 -20.43
C ALA A 84 -18.02 3.74 -19.40
N THR A 85 -17.66 5.07 -19.26
CA THR A 85 -16.62 5.56 -18.26
C THR A 85 -17.09 5.19 -16.82
N TYR A 86 -18.42 5.30 -16.55
CA TYR A 86 -18.99 4.98 -15.19
C TYR A 86 -18.66 3.47 -14.86
N SER A 87 -18.77 2.58 -15.90
CA SER A 87 -18.40 1.13 -15.75
C SER A 87 -16.88 0.97 -15.39
N THR A 88 -15.97 1.80 -16.02
CA THR A 88 -14.49 1.74 -15.74
C THR A 88 -14.19 2.06 -14.23
N VAL A 89 -14.89 3.08 -13.58
CA VAL A 89 -14.63 3.38 -12.09
C VAL A 89 -14.89 2.09 -11.29
N ALA A 90 -15.95 1.33 -11.71
CA ALA A 90 -16.31 0.02 -11.06
C ALA A 90 -15.06 -0.92 -11.11
N ALA A 91 -14.29 -0.84 -12.26
CA ALA A 91 -13.00 -1.62 -12.42
C ALA A 91 -12.01 -1.22 -11.29
N THR A 92 -11.98 0.11 -10.92
CA THR A 92 -11.10 0.66 -9.85
C THR A 92 -11.41 0.00 -8.47
N PHE A 93 -12.73 -0.25 -8.15
CA PHE A 93 -13.16 -0.91 -6.85
C PHE A 93 -12.50 -2.31 -6.74
N GLY A 94 -12.42 -2.96 -7.89
CA GLY A 94 -11.88 -4.31 -8.07
C GLY A 94 -10.62 -4.69 -7.24
N TYR A 95 -9.83 -3.70 -6.71
CA TYR A 95 -8.58 -4.00 -5.90
C TYR A 95 -8.95 -4.43 -4.43
N TYR A 96 -10.19 -4.09 -3.98
CA TYR A 96 -10.69 -4.39 -2.59
C TYR A 96 -11.07 -5.87 -2.50
N LEU A 97 -12.05 -6.26 -3.34
CA LEU A 97 -12.60 -7.64 -3.34
C LEU A 97 -11.62 -8.70 -3.97
N TYR A 98 -10.59 -8.26 -4.77
CA TYR A 98 -9.68 -9.20 -5.55
C TYR A 98 -9.16 -10.45 -4.75
N THR A 99 -8.36 -10.25 -3.66
CA THR A 99 -7.84 -11.38 -2.82
C THR A 99 -8.99 -12.02 -1.94
N GLN A 100 -9.86 -11.15 -1.35
CA GLN A 100 -11.03 -11.55 -0.48
C GLN A 100 -12.10 -12.39 -1.22
N GLN A 101 -12.22 -12.29 -2.58
CA GLN A 101 -13.35 -12.91 -3.37
C GLN A 101 -13.66 -14.37 -2.95
N SER A 102 -12.66 -15.10 -2.41
CA SER A 102 -12.81 -16.51 -1.95
C SER A 102 -14.05 -16.70 -1.00
N PHE A 103 -14.45 -15.63 -0.22
CA PHE A 103 -15.62 -15.74 0.72
C PHE A 103 -16.99 -15.82 -0.06
N GLU A 104 -17.23 -14.86 -1.02
CA GLU A 104 -18.48 -14.80 -1.87
C GLU A 104 -18.53 -15.92 -2.94
N TYR A 105 -17.33 -16.38 -3.39
CA TYR A 105 -17.15 -17.37 -4.51
C TYR A 105 -18.06 -18.67 -4.45
N PRO A 106 -18.37 -19.34 -3.30
CA PRO A 106 -19.22 -20.63 -3.32
C PRO A 106 -20.63 -20.42 -3.98
N SER A 107 -21.60 -19.86 -3.21
CA SER A 107 -22.98 -19.55 -3.69
C SER A 107 -23.73 -20.79 -4.27
N ALA A 108 -25.09 -20.75 -4.24
CA ALA A 108 -25.98 -21.84 -4.78
C ALA A 108 -25.58 -23.26 -4.25
N ARG A 109 -24.92 -23.27 -3.07
CA ARG A 109 -24.44 -24.52 -2.40
C ARG A 109 -24.22 -24.18 -0.89
N GLU A 110 -25.34 -24.08 -0.14
CA GLU A 110 -25.36 -23.76 1.31
C GLU A 110 -26.80 -24.01 1.84
N ARG A 111 -26.92 -24.42 3.14
CA ARG A 111 -28.23 -24.72 3.81
C ARG A 111 -27.97 -24.80 5.33
N VAL A 112 -27.11 -25.79 5.72
CA VAL A 112 -26.71 -26.05 7.13
C VAL A 112 -25.63 -25.04 7.60
N TYR A 113 -25.71 -23.79 7.08
CA TYR A 113 -24.77 -22.67 7.41
C TYR A 113 -23.32 -22.97 6.91
N THR A 114 -22.68 -24.01 7.50
CA THR A 114 -21.28 -24.45 7.17
C THR A 114 -21.18 -24.88 5.68
N LYS A 115 -19.94 -24.99 5.16
CA LYS A 115 -19.63 -25.38 3.75
C LYS A 115 -18.11 -25.64 3.62
N GLN A 116 -17.71 -26.55 2.68
CA GLN A 116 -16.28 -26.95 2.44
C GLN A 116 -15.66 -27.59 3.73
N PHE A 117 -15.27 -26.72 4.69
CA PHE A 117 -14.69 -27.11 6.01
C PHE A 117 -13.39 -27.96 5.88
N TYR A 118 -12.88 -28.12 4.63
CA TYR A 118 -11.63 -28.89 4.34
C TYR A 118 -10.39 -28.07 4.84
N ARG A 119 -10.29 -27.93 6.19
CA ARG A 119 -9.21 -27.18 6.88
C ARG A 119 -9.21 -25.67 6.46
N ARG A 120 -10.36 -25.01 6.69
CA ARG A 120 -10.62 -23.56 6.37
C ARG A 120 -10.52 -23.30 4.83
N ALA A 121 -9.28 -23.41 4.28
CA ALA A 121 -8.98 -23.22 2.83
C ALA A 121 -9.38 -21.80 2.29
N GLN A 122 -8.36 -20.95 1.95
CA GLN A 122 -8.55 -19.55 1.41
C GLN A 122 -8.59 -19.61 -0.16
N LYS A 123 -8.05 -20.71 -0.73
CA LYS A 123 -7.96 -21.00 -2.21
C LYS A 123 -7.83 -19.72 -3.11
N GLN A 124 -6.97 -18.78 -2.64
CA GLN A 124 -6.67 -17.48 -3.35
C GLN A 124 -5.40 -16.88 -2.63
N ASN A 125 -4.57 -16.01 -3.31
CA ASN A 125 -3.31 -15.40 -2.72
C ASN A 125 -2.53 -14.72 -3.88
N PHE A 126 -1.96 -13.52 -3.60
CA PHE A 126 -1.12 -12.75 -4.57
C PHE A 126 -0.40 -11.60 -3.80
N ASP A 127 -0.90 -11.22 -2.57
CA ASP A 127 -0.27 -10.11 -1.76
C ASP A 127 -0.72 -10.06 -0.24
N ILE A 128 -2.07 -10.05 0.08
CA ILE A 128 -2.56 -9.91 1.52
C ILE A 128 -2.25 -11.21 2.32
N GLU A 129 -2.45 -12.38 1.67
CA GLU A 129 -2.19 -13.73 2.27
C GLU A 129 -0.67 -13.92 2.56
N LYS A 130 0.18 -13.59 1.56
CA LYS A 130 1.67 -13.75 1.64
C LYS A 130 2.29 -12.86 2.76
N TYR A 131 1.98 -11.53 2.81
CA TYR A 131 2.53 -10.57 3.81
C TYR A 131 2.22 -10.93 5.30
N ASN A 132 0.91 -11.16 5.61
CA ASN A 132 0.49 -11.40 7.03
C ASN A 132 0.99 -12.75 7.55
N ARG A 133 0.66 -13.76 6.77
CA ARG A 133 0.96 -15.18 7.12
C ARG A 133 2.48 -15.44 7.42
N LEU A 134 3.45 -14.96 6.54
CA LEU A 134 4.93 -15.21 6.80
C LEU A 134 5.44 -14.45 8.09
N VAL A 135 5.10 -13.10 8.35
CA VAL A 135 5.53 -12.47 9.67
C VAL A 135 5.02 -13.41 10.87
N THR A 136 3.88 -14.17 10.65
CA THR A 136 3.36 -15.15 11.69
C THR A 136 4.41 -16.32 11.90
N GLU A 137 5.16 -16.71 10.82
CA GLU A 137 6.25 -17.78 10.95
C GLU A 137 7.25 -17.29 12.07
N VAL A 138 7.42 -15.95 12.16
CA VAL A 138 8.28 -15.33 13.23
C VAL A 138 7.66 -15.71 14.63
N ASP A 139 6.29 -15.73 14.73
CA ASP A 139 5.58 -16.17 16.03
C ASP A 139 6.13 -17.52 16.55
N GLU A 140 6.47 -18.41 15.58
CA GLU A 140 6.99 -19.76 15.92
C GLU A 140 8.38 -19.59 16.62
N LEU A 141 9.20 -18.53 16.20
CA LEU A 141 10.52 -18.28 16.94
C LEU A 141 10.23 -17.93 18.43
N ARG A 142 9.04 -17.29 18.69
CA ARG A 142 8.65 -16.89 20.11
C ARG A 142 8.61 -18.21 20.96
N ASN A 143 8.20 -19.38 20.31
CA ASN A 143 8.16 -20.70 21.06
C ASN A 143 9.59 -21.24 21.39
N GLN A 144 10.52 -21.15 20.39
CA GLN A 144 11.91 -21.69 20.56
C GLN A 144 12.71 -20.99 21.73
N LEU A 145 12.61 -19.62 21.85
CA LEU A 145 13.30 -18.86 22.97
C LEU A 145 12.79 -19.34 24.36
N LYS A 146 11.44 -19.49 24.46
CA LYS A 146 10.76 -19.90 25.73
C LYS A 146 11.47 -21.15 26.37
N ARG A 147 11.81 -22.21 25.53
CA ARG A 147 12.51 -23.39 26.10
C ARG A 147 13.99 -23.00 26.49
N LEU A 148 14.75 -22.24 25.61
CA LEU A 148 16.17 -21.76 25.93
C LEU A 148 16.25 -20.94 27.28
N ARG A 149 15.22 -20.09 27.55
CA ARG A 149 15.17 -19.19 28.74
C ARG A 149 15.06 -20.01 30.07
N ASP A 150 14.40 -21.22 30.07
CA ASP A 150 14.28 -22.05 31.35
C ASP A 150 15.71 -22.55 31.93
N PRO A 151 16.66 -23.22 31.17
CA PRO A 151 18.08 -23.58 31.69
C PRO A 151 18.91 -22.26 31.69
N LEU A 152 20.24 -22.28 31.32
CA LEU A 152 21.08 -21.05 31.21
C LEU A 152 20.80 -20.49 29.79
N GLU A 153 21.50 -21.10 28.82
CA GLU A 153 21.41 -20.77 27.37
C GLU A 153 21.81 -22.00 26.51
N MET B 1 47.70 -13.50 -3.52
CA MET B 1 47.72 -14.92 -3.05
C MET B 1 47.50 -15.84 -4.28
N ALA B 2 46.71 -15.35 -5.27
CA ALA B 2 46.37 -16.07 -6.53
C ALA B 2 45.69 -17.44 -6.26
N ALA B 3 45.12 -17.60 -5.02
CA ALA B 3 44.41 -18.83 -4.58
C ALA B 3 43.62 -18.52 -3.28
N LEU B 4 42.75 -19.49 -2.85
CA LEU B 4 41.89 -19.39 -1.63
C LEU B 4 40.95 -18.14 -1.72
N SER B 5 40.11 -17.95 -0.67
CA SER B 5 39.13 -16.83 -0.57
C SER B 5 39.85 -15.45 -0.58
N VAL B 6 39.05 -14.36 -0.42
CA VAL B 6 39.55 -12.95 -0.41
C VAL B 6 40.49 -12.72 0.82
N ASP B 7 40.02 -13.13 2.02
CA ASP B 7 40.77 -13.01 3.30
C ASP B 7 40.22 -14.08 4.30
N GLU B 8 41.14 -14.85 4.97
CA GLU B 8 40.79 -15.90 5.97
C GLU B 8 40.40 -15.23 7.32
N TYR B 9 40.12 -16.08 8.35
CA TYR B 9 39.74 -15.61 9.72
C TYR B 9 39.81 -16.85 10.68
N LYS B 10 40.00 -16.59 12.00
CA LYS B 10 40.09 -17.65 13.06
C LYS B 10 38.67 -18.23 13.33
N LEU B 11 38.57 -19.56 13.60
CA LEU B 11 37.29 -20.28 13.87
C LEU B 11 36.28 -20.04 12.69
N SER B 12 36.71 -20.47 11.47
CA SER B 12 35.99 -20.34 10.22
C SER B 12 36.77 -21.19 9.19
N ARG B 13 36.10 -21.53 8.11
CA ARG B 13 36.63 -22.34 6.97
C ARG B 13 35.65 -22.24 5.77
N GLU B 14 34.36 -22.61 6.01
CA GLU B 14 33.29 -22.58 4.94
C GLU B 14 31.86 -22.58 5.56
N LYS B 15 31.69 -23.16 6.78
CA LYS B 15 30.34 -23.25 7.44
C LYS B 15 29.72 -21.83 7.70
N LYS B 16 30.58 -20.86 8.17
CA LYS B 16 30.12 -19.45 8.45
C LYS B 16 29.60 -18.79 7.13
N LEU B 17 30.36 -19.02 6.02
CA LEU B 17 30.04 -18.51 4.66
C LEU B 17 28.70 -19.11 4.13
N LEU B 18 28.46 -20.44 4.39
CA LEU B 18 27.24 -21.15 3.87
C LEU B 18 25.91 -20.52 4.42
N LEU B 19 25.83 -20.18 5.76
CA LEU B 19 24.58 -19.52 6.30
C LEU B 19 24.38 -18.13 5.61
N GLN B 20 25.51 -17.37 5.43
CA GLN B 20 25.50 -16.04 4.72
C GLN B 20 25.00 -16.26 3.26
N LEU B 21 25.42 -17.40 2.63
CA LEU B 21 25.02 -17.76 1.23
C LEU B 21 23.47 -17.90 1.12
N GLU B 22 22.77 -18.52 2.16
CA GLU B 22 21.27 -18.67 2.11
C GLU B 22 20.61 -17.26 2.09
N ASN B 23 21.17 -16.35 2.94
CA ASN B 23 20.72 -14.93 3.05
C ASN B 23 20.92 -14.18 1.69
N ALA B 24 22.09 -14.46 1.03
CA ALA B 24 22.46 -13.81 -0.27
C ALA B 24 21.41 -14.17 -1.38
N GLU B 25 20.94 -15.47 -1.42
CA GLU B 25 19.92 -15.94 -2.43
C GLU B 25 18.58 -15.16 -2.24
N THR B 26 18.17 -14.97 -0.94
CA THR B 26 16.91 -14.23 -0.61
C THR B 26 17.01 -12.74 -1.06
N LEU B 27 18.19 -12.12 -0.79
CA LEU B 27 18.51 -10.71 -1.19
C LEU B 27 18.56 -10.52 -2.74
N LEU B 28 19.19 -11.52 -3.45
CA LEU B 28 19.50 -11.53 -4.94
C LEU B 28 19.17 -10.20 -5.70
N ALA B 29 19.87 -9.13 -5.21
CA ALA B 29 19.82 -7.76 -5.72
C ALA B 29 20.13 -7.78 -7.23
N PRO B 30 21.18 -8.50 -7.72
CA PRO B 30 21.47 -8.72 -9.21
C PRO B 30 20.33 -8.36 -10.25
N LEU B 31 19.24 -9.18 -10.32
CA LEU B 31 18.09 -8.93 -11.23
C LEU B 31 17.39 -7.56 -10.89
N HIS B 32 17.22 -7.26 -9.56
CA HIS B 32 16.64 -5.94 -9.10
C HIS B 32 17.61 -4.75 -9.54
N ASP B 33 18.95 -4.99 -9.38
CA ASP B 33 20.03 -4.02 -9.80
C ASP B 33 19.96 -3.81 -11.34
N ALA B 34 19.67 -4.91 -12.08
CA ALA B 34 19.53 -4.89 -13.56
C ALA B 34 18.34 -3.95 -13.96
N LYS B 35 17.20 -3.96 -13.15
CA LYS B 35 16.00 -3.12 -13.50
C LYS B 35 16.35 -1.61 -13.57
N ARG B 36 17.14 -1.07 -12.57
CA ARG B 36 17.54 0.39 -12.62
C ARG B 36 18.46 0.70 -13.87
N LYS B 37 19.42 -0.24 -14.18
CA LYS B 37 20.37 -0.08 -15.34
C LYS B 37 19.67 -0.01 -16.75
N ILE B 38 18.64 -0.88 -16.96
CA ILE B 38 17.90 -1.04 -18.29
C ILE B 38 16.64 -0.15 -18.40
N GLU B 39 16.34 0.67 -17.36
CA GLU B 39 15.13 1.58 -17.25
C GLU B 39 14.44 1.98 -18.62
N GLN B 40 15.24 2.17 -19.69
CA GLN B 40 14.73 2.55 -21.06
C GLN B 40 13.81 1.42 -21.64
N GLU B 41 14.25 0.15 -21.47
CA GLU B 41 13.55 -1.08 -21.95
C GLU B 41 12.28 -1.37 -21.11
N ALA B 42 12.06 -0.62 -19.98
CA ALA B 42 10.87 -0.80 -19.07
C ALA B 42 9.50 -0.68 -19.78
N GLU B 43 9.49 -0.43 -21.12
CA GLU B 43 8.24 -0.31 -21.95
C GLU B 43 7.45 -1.66 -21.98
N ALA B 44 7.98 -2.71 -21.28
CA ALA B 44 7.34 -4.05 -21.18
C ALA B 44 5.87 -3.95 -20.64
N HIS B 45 5.55 -2.80 -19.97
CA HIS B 45 4.19 -2.51 -19.40
C HIS B 45 3.36 -1.68 -20.41
N THR B 46 4.05 -0.79 -21.19
CA THR B 46 3.41 0.13 -22.18
C THR B 46 2.58 -0.64 -23.24
N ASP B 47 2.85 -1.97 -23.36
CA ASP B 47 2.15 -2.89 -24.31
C ASP B 47 0.89 -3.53 -23.65
N ARG B 48 0.75 -3.39 -22.29
CA ARG B 48 -0.39 -3.95 -21.49
C ARG B 48 -1.52 -2.90 -21.40
N VAL B 49 -1.14 -1.60 -21.28
CA VAL B 49 -2.12 -0.47 -21.20
C VAL B 49 -2.64 -0.18 -22.63
N ALA B 50 -1.94 -0.81 -23.63
CA ALA B 50 -2.26 -0.70 -25.08
C ALA B 50 -3.53 -1.51 -25.38
N TRP B 51 -4.02 -2.35 -24.38
CA TRP B 51 -5.29 -3.16 -24.55
C TRP B 51 -6.43 -2.20 -25.00
N ALA B 52 -6.34 -0.99 -24.40
CA ALA B 52 -7.27 0.15 -24.60
C ALA B 52 -6.94 0.97 -25.88
N GLY B 53 -5.73 0.76 -26.47
CA GLY B 53 -5.26 1.48 -27.68
C GLY B 53 -6.22 1.34 -28.90
N PHE B 54 -6.93 0.18 -28.97
CA PHE B 54 -7.90 -0.13 -30.07
C PHE B 54 -9.22 0.67 -29.90
N ALA B 55 -9.54 1.06 -28.64
CA ALA B 55 -10.80 1.82 -28.31
C ALA B 55 -10.80 3.25 -28.95
N ALA B 56 -9.65 3.95 -28.83
CA ALA B 56 -9.47 5.34 -29.34
C ALA B 56 -9.29 5.38 -30.89
N SER B 57 -8.80 4.27 -31.48
CA SER B 57 -8.53 4.17 -32.95
C SER B 57 -9.82 4.20 -33.79
N GLY B 58 -10.95 3.76 -33.19
CA GLY B 58 -12.27 3.69 -33.87
C GLY B 58 -12.76 5.08 -34.40
N VAL B 59 -12.85 6.07 -33.48
CA VAL B 59 -13.33 7.47 -33.79
C VAL B 59 -12.29 8.33 -34.53
N GLN B 60 -10.98 8.01 -34.39
CA GLN B 60 -9.87 8.81 -35.00
C GLN B 60 -10.17 9.14 -36.51
N THR B 61 -10.71 8.11 -37.22
CA THR B 61 -11.15 8.22 -38.64
C THR B 61 -12.51 8.96 -38.72
N GLY B 62 -13.30 8.81 -37.63
CA GLY B 62 -14.68 9.37 -37.48
C GLY B 62 -14.82 10.87 -37.82
N LEU B 63 -13.73 11.65 -37.72
CA LEU B 63 -13.71 13.12 -38.03
C LEU B 63 -14.14 13.36 -39.52
N PHE B 64 -13.65 12.44 -40.40
CA PHE B 64 -13.94 12.42 -41.86
C PHE B 64 -15.48 12.32 -42.08
N ALA B 65 -16.16 11.51 -41.20
CA ALA B 65 -17.65 11.30 -41.26
C ALA B 65 -18.40 12.66 -41.11
N ARG B 66 -17.88 13.60 -40.23
CA ARG B 66 -18.53 14.95 -40.04
C ARG B 66 -18.55 15.67 -41.43
N LEU B 67 -17.41 15.52 -42.20
CA LEU B 67 -17.31 16.12 -43.58
C LEU B 67 -18.37 15.52 -44.59
N THR B 68 -18.62 14.17 -44.54
CA THR B 68 -19.57 13.46 -45.48
C THR B 68 -21.05 13.94 -45.37
N TRP B 69 -21.56 14.17 -44.12
CA TRP B 69 -22.99 14.57 -43.85
C TRP B 69 -23.10 16.00 -43.30
N TRP B 70 -22.24 16.86 -43.85
CA TRP B 70 -22.12 18.30 -43.46
C TRP B 70 -23.46 19.11 -43.35
N GLU B 71 -24.64 18.54 -43.79
CA GLU B 71 -25.99 19.27 -43.78
C GLU B 71 -26.87 18.90 -42.53
N TYR B 72 -26.63 17.74 -41.87
CA TYR B 72 -27.41 17.27 -40.67
C TYR B 72 -27.56 18.40 -39.58
N SER B 73 -26.41 18.99 -39.16
CA SER B 73 -26.36 20.10 -38.13
C SER B 73 -24.89 20.63 -37.99
N TRP B 74 -23.97 19.66 -37.87
CA TRP B 74 -22.48 19.85 -37.72
C TRP B 74 -22.05 19.82 -36.23
N ASP B 75 -22.86 20.46 -35.35
CA ASP B 75 -22.63 20.47 -33.87
C ASP B 75 -22.76 18.98 -33.40
N ILE B 76 -21.62 18.28 -33.50
CA ILE B 76 -21.47 16.82 -33.24
C ILE B 76 -19.98 16.68 -32.85
N VAL B 77 -19.21 17.83 -32.67
CA VAL B 77 -17.77 17.79 -32.30
C VAL B 77 -17.58 17.15 -30.91
N GLU B 78 -16.35 17.24 -30.35
CA GLU B 78 -15.96 16.65 -29.02
C GLU B 78 -15.78 15.06 -28.95
N PRO B 79 -16.01 14.14 -29.98
CA PRO B 79 -15.87 12.63 -29.69
C PRO B 79 -14.46 12.13 -29.26
N VAL B 80 -13.39 12.63 -29.92
CA VAL B 80 -12.01 12.13 -29.66
C VAL B 80 -11.47 12.34 -28.20
N THR B 81 -11.67 13.54 -27.52
CA THR B 81 -11.10 13.70 -26.12
C THR B 81 -11.70 12.72 -25.05
N TYR B 82 -13.08 12.51 -24.98
CA TYR B 82 -13.66 11.59 -23.95
C TYR B 82 -13.18 10.12 -24.16
N PHE B 83 -13.11 9.64 -25.46
CA PHE B 83 -12.56 8.25 -25.75
C PHE B 83 -11.05 8.20 -25.28
N ALA B 84 -10.27 9.29 -25.52
CA ALA B 84 -8.82 9.36 -25.08
C ALA B 84 -8.75 9.23 -23.52
N THR B 85 -9.70 9.93 -22.84
CA THR B 85 -9.87 9.91 -21.35
C THR B 85 -10.19 8.44 -20.88
N TYR B 86 -10.99 7.67 -21.69
CA TYR B 86 -11.36 6.25 -21.35
C TYR B 86 -10.01 5.45 -21.19
N SER B 87 -9.03 5.75 -22.11
CA SER B 87 -7.66 5.13 -22.06
C SER B 87 -6.90 5.50 -20.73
N THR B 88 -7.01 6.80 -20.27
CA THR B 88 -6.30 7.25 -19.01
C THR B 88 -6.78 6.44 -17.74
N VAL B 89 -8.11 6.17 -17.58
CA VAL B 89 -8.63 5.28 -16.43
C VAL B 89 -7.95 3.88 -16.61
N ALA B 90 -7.72 3.44 -17.89
CA ALA B 90 -6.99 2.14 -18.15
C ALA B 90 -5.59 2.23 -17.43
N ALA B 91 -4.97 3.47 -17.46
CA ALA B 91 -3.67 3.75 -16.75
C ALA B 91 -3.85 3.48 -15.23
N THR B 92 -5.05 3.88 -14.69
CA THR B 92 -5.39 3.70 -13.26
C THR B 92 -5.37 2.17 -12.88
N PHE B 93 -5.89 1.23 -13.76
CA PHE B 93 -5.83 -0.26 -13.47
C PHE B 93 -4.36 -0.70 -13.34
N GLY B 94 -3.55 -0.09 -14.22
CA GLY B 94 -2.11 -0.33 -14.36
C GLY B 94 -1.31 -0.46 -13.05
N TYR B 95 -1.85 0.03 -11.90
CA TYR B 95 -1.15 -0.03 -10.56
C TYR B 95 -1.14 -1.48 -9.97
N TYR B 96 -2.06 -2.35 -10.47
CA TYR B 96 -2.25 -3.72 -9.92
C TYR B 96 -1.20 -4.70 -10.46
N LEU B 97 -1.20 -4.88 -11.81
CA LEU B 97 -0.26 -5.84 -12.48
C LEU B 97 1.19 -5.29 -12.58
N TYR B 98 1.37 -3.96 -12.37
CA TYR B 98 2.66 -3.22 -12.63
C TYR B 98 4.01 -3.99 -12.22
N THR B 99 4.36 -4.30 -10.90
CA THR B 99 5.58 -5.15 -10.59
C THR B 99 5.34 -6.66 -10.99
N GLN B 100 4.10 -7.21 -10.71
CA GLN B 100 3.75 -8.66 -10.94
C GLN B 100 4.12 -9.21 -12.36
N GLN B 101 4.19 -8.33 -13.39
CA GLN B 101 4.45 -8.73 -14.82
C GLN B 101 5.65 -9.73 -14.93
N SER B 102 6.58 -9.62 -13.95
CA SER B 102 7.77 -10.51 -13.82
C SER B 102 7.37 -12.02 -13.84
N PHE B 103 6.23 -12.36 -13.17
CA PHE B 103 5.74 -13.77 -13.07
C PHE B 103 5.21 -14.31 -14.44
N GLU B 104 4.47 -13.44 -15.18
CA GLU B 104 3.84 -13.80 -16.50
C GLU B 104 4.87 -13.99 -17.67
N TYR B 105 5.86 -13.05 -17.82
CA TYR B 105 6.85 -13.06 -18.98
C TYR B 105 7.57 -14.48 -19.18
N PRO B 106 8.18 -15.13 -18.14
CA PRO B 106 8.82 -16.53 -18.29
C PRO B 106 7.93 -17.57 -19.03
N SER B 107 6.61 -17.55 -18.71
CA SER B 107 5.59 -18.47 -19.31
C SER B 107 5.26 -18.04 -20.78
N ALA B 108 6.32 -17.66 -21.54
CA ALA B 108 6.22 -17.24 -22.97
C ALA B 108 7.68 -17.15 -23.55
N ARG B 109 8.06 -18.13 -24.41
CA ARG B 109 9.40 -18.23 -25.07
C ARG B 109 10.56 -18.29 -24.01
N GLU B 110 11.22 -19.49 -23.88
CA GLU B 110 12.37 -19.74 -22.94
C GLU B 110 13.62 -20.10 -23.80
N ARG B 111 14.21 -21.32 -23.59
CA ARG B 111 15.43 -21.81 -24.32
C ARG B 111 16.63 -20.83 -24.10
N VAL B 112 17.07 -20.70 -22.82
CA VAL B 112 18.18 -19.80 -22.39
C VAL B 112 19.54 -20.54 -22.48
N TYR B 113 20.60 -19.84 -22.98
CA TYR B 113 22.00 -20.38 -23.13
C TYR B 113 22.96 -19.22 -23.53
N THR B 114 22.39 -18.17 -24.20
CA THR B 114 23.14 -16.97 -24.66
C THR B 114 23.65 -16.14 -23.43
N LYS B 115 23.50 -14.77 -23.47
CA LYS B 115 23.93 -13.85 -22.38
C LYS B 115 23.22 -12.48 -22.58
N GLN B 116 23.18 -12.04 -23.86
CA GLN B 116 22.55 -10.75 -24.28
C GLN B 116 21.00 -10.93 -24.31
N PHE B 117 20.55 -12.14 -24.72
CA PHE B 117 19.12 -12.53 -24.83
C PHE B 117 18.34 -11.59 -25.82
N TYR B 118 18.20 -12.03 -27.11
CA TYR B 118 17.48 -11.27 -28.19
C TYR B 118 15.96 -11.17 -27.89
N ARG B 119 15.50 -11.83 -26.79
CA ARG B 119 14.07 -11.84 -26.35
C ARG B 119 13.68 -10.45 -25.76
N ARG B 120 14.67 -9.80 -25.09
CA ARG B 120 14.50 -8.46 -24.44
C ARG B 120 13.41 -8.50 -23.32
N ALA B 121 13.75 -9.18 -22.17
CA ALA B 121 12.84 -9.32 -20.99
C ALA B 121 13.68 -9.87 -19.79
N GLN B 122 13.22 -9.58 -18.54
CA GLN B 122 13.88 -10.02 -17.28
C GLN B 122 12.94 -9.72 -16.09
N LYS B 123 13.26 -10.31 -14.90
CA LYS B 123 12.46 -10.15 -13.64
C LYS B 123 12.65 -8.70 -13.08
N GLN B 124 11.52 -7.97 -12.82
CA GLN B 124 11.52 -6.59 -12.23
C GLN B 124 11.86 -6.72 -10.69
N ASN B 125 10.82 -6.88 -9.81
CA ASN B 125 11.00 -7.10 -8.33
C ASN B 125 11.71 -5.90 -7.61
N PHE B 126 10.94 -5.05 -6.84
CA PHE B 126 11.51 -3.87 -6.08
C PHE B 126 10.44 -3.23 -5.13
N ASP B 127 9.34 -3.96 -4.76
CA ASP B 127 8.28 -3.42 -3.83
C ASP B 127 7.35 -4.55 -3.27
N ILE B 128 6.61 -5.37 -4.13
CA ILE B 128 5.76 -6.52 -3.55
C ILE B 128 6.78 -7.58 -3.05
N GLU B 129 7.71 -7.91 -3.97
CA GLU B 129 8.79 -8.90 -3.76
C GLU B 129 9.80 -8.51 -2.64
N LYS B 130 10.34 -7.26 -2.68
CA LYS B 130 11.38 -6.79 -1.69
C LYS B 130 10.90 -6.89 -0.21
N TYR B 131 9.66 -6.43 0.09
CA TYR B 131 9.12 -6.46 1.47
C TYR B 131 8.90 -7.91 2.00
N ASN B 132 8.16 -8.80 1.24
CA ASN B 132 7.88 -10.19 1.79
C ASN B 132 9.14 -11.07 1.82
N ARG B 133 9.79 -11.14 0.66
CA ARG B 133 11.03 -11.98 0.44
C ARG B 133 12.11 -11.75 1.56
N LEU B 134 12.39 -10.46 1.84
CA LEU B 134 13.43 -10.08 2.84
C LEU B 134 13.04 -10.54 4.29
N VAL B 135 11.78 -10.21 4.81
CA VAL B 135 11.38 -10.72 6.18
C VAL B 135 11.57 -12.33 6.21
N THR B 136 11.43 -13.01 5.00
CA THR B 136 11.64 -14.51 4.88
C THR B 136 13.08 -14.86 5.38
N GLU B 137 14.04 -13.89 5.17
CA GLU B 137 15.45 -14.04 5.70
C GLU B 137 15.36 -14.32 7.23
N VAL B 138 14.34 -13.65 7.89
CA VAL B 138 14.06 -13.90 9.38
C VAL B 138 13.72 -15.40 9.58
N ASP B 139 13.08 -16.05 8.57
CA ASP B 139 12.72 -17.53 8.69
C ASP B 139 13.99 -18.39 8.99
N GLU B 140 15.13 -18.02 8.32
CA GLU B 140 16.44 -18.75 8.54
C GLU B 140 16.90 -18.51 10.01
N LEU B 141 16.52 -17.32 10.58
CA LEU B 141 16.82 -16.97 12.03
C LEU B 141 16.19 -18.06 12.95
N ARG B 142 14.94 -18.46 12.58
CA ARG B 142 14.14 -19.52 13.30
C ARG B 142 14.99 -20.84 13.29
N ASN B 143 15.83 -21.11 12.19
CA ASN B 143 16.65 -22.39 12.12
C ASN B 143 17.80 -22.41 13.18
N GLN B 144 18.49 -21.25 13.37
CA GLN B 144 19.64 -21.15 14.32
C GLN B 144 19.21 -21.55 15.75
N LEU B 145 18.11 -20.92 16.23
CA LEU B 145 17.53 -21.17 17.58
C LEU B 145 17.28 -22.69 17.84
N LYS B 146 16.68 -23.43 16.85
CA LYS B 146 16.40 -24.90 17.01
C LYS B 146 17.65 -25.70 17.51
N ARG B 147 18.82 -25.51 16.80
CA ARG B 147 20.05 -26.30 17.14
C ARG B 147 20.69 -25.88 18.52
N LEU B 148 20.83 -24.55 18.92
CA LEU B 148 21.39 -24.23 20.33
C LEU B 148 20.38 -24.73 21.45
N ARG B 149 19.05 -24.78 21.14
CA ARG B 149 17.95 -25.18 22.10
C ARG B 149 18.02 -26.69 22.54
N ASP B 150 18.37 -27.65 21.62
CA ASP B 150 18.34 -29.14 21.98
C ASP B 150 19.46 -29.65 23.02
N PRO B 151 20.80 -29.34 22.92
CA PRO B 151 21.87 -29.89 23.90
C PRO B 151 21.52 -29.78 25.43
N LEU B 152 21.39 -28.53 25.98
CA LEU B 152 21.08 -28.33 27.45
C LEU B 152 19.65 -28.90 27.74
N GLU B 153 18.66 -28.10 27.34
CA GLU B 153 17.20 -28.42 27.47
C GLU B 153 16.44 -27.44 26.53
N MET C 1 47.67 7.97 20.23
CA MET C 1 46.66 8.54 21.18
C MET C 1 46.25 9.95 20.68
N ALA C 2 47.26 10.70 20.11
CA ALA C 2 47.07 12.07 19.57
C ALA C 2 46.13 12.06 18.33
N ALA C 3 46.29 11.01 17.49
CA ALA C 3 45.49 10.82 16.23
C ALA C 3 44.01 10.46 16.59
N LEU C 4 43.83 9.27 17.22
CA LEU C 4 42.51 8.71 17.66
C LEU C 4 41.55 8.49 16.45
N SER C 5 40.75 7.38 16.48
CA SER C 5 39.78 7.00 15.41
C SER C 5 38.85 5.89 15.97
N VAL C 6 38.29 5.04 15.05
CA VAL C 6 37.38 3.90 15.38
C VAL C 6 37.74 2.71 14.45
N ASP C 7 38.15 3.02 13.19
CA ASP C 7 38.56 2.02 12.16
C ASP C 7 40.08 1.74 12.30
N GLU C 8 40.54 0.59 11.71
CA GLU C 8 41.97 0.15 11.70
C GLU C 8 42.53 -0.08 13.14
N TYR C 9 43.41 -1.12 13.30
CA TYR C 9 44.06 -1.48 14.61
C TYR C 9 43.00 -1.67 15.74
N LYS C 10 42.63 -2.96 16.05
CA LYS C 10 41.62 -3.32 17.09
C LYS C 10 42.19 -4.49 17.96
N LEU C 11 41.55 -4.70 19.14
CA LEU C 11 41.92 -5.76 20.11
C LEU C 11 40.74 -5.92 21.09
N SER C 12 39.52 -6.01 20.50
CA SER C 12 38.22 -6.14 21.23
C SER C 12 37.92 -4.84 22.02
N ARG C 13 38.26 -3.72 21.36
CA ARG C 13 38.10 -2.33 21.86
C ARG C 13 36.58 -1.96 21.83
N GLU C 14 35.82 -2.70 22.67
CA GLU C 14 34.35 -2.57 22.82
C GLU C 14 33.61 -2.97 21.51
N LYS C 15 33.47 -4.30 21.28
CA LYS C 15 32.78 -4.91 20.09
C LYS C 15 31.28 -4.48 20.04
N LYS C 16 30.67 -4.39 21.26
CA LYS C 16 29.21 -4.08 21.43
C LYS C 16 28.87 -2.70 20.77
N LEU C 17 29.80 -1.71 20.95
CA LEU C 17 29.65 -0.35 20.37
C LEU C 17 29.62 -0.40 18.80
N LEU C 18 30.50 -1.24 18.18
CA LEU C 18 30.58 -1.34 16.68
C LEU C 18 29.26 -1.87 16.04
N LEU C 19 28.63 -2.92 16.64
CA LEU C 19 27.32 -3.46 16.11
C LEU C 19 26.22 -2.34 16.24
N GLN C 20 26.23 -1.58 17.41
CA GLN C 20 25.28 -0.46 17.65
C GLN C 20 25.49 0.65 16.56
N LEU C 21 26.79 0.93 16.22
CA LEU C 21 27.17 1.91 15.17
C LEU C 21 26.62 1.47 13.77
N GLU C 22 26.69 0.11 13.46
CA GLU C 22 26.22 -0.43 12.14
C GLU C 22 24.71 -0.14 11.94
N ASN C 23 23.93 -0.29 13.05
CA ASN C 23 22.46 -0.02 13.04
C ASN C 23 22.17 1.47 12.69
N ALA C 24 22.99 2.42 13.27
CA ALA C 24 22.81 3.88 13.02
C ALA C 24 22.99 4.21 11.50
N GLU C 25 24.01 3.56 10.85
CA GLU C 25 24.29 3.75 9.39
C GLU C 25 23.08 3.27 8.52
N THR C 26 22.43 2.12 8.90
CA THR C 26 21.26 1.55 8.14
C THR C 26 20.05 2.56 8.12
N LEU C 27 19.76 3.19 9.29
CA LEU C 27 18.65 4.21 9.44
C LEU C 27 18.90 5.47 8.53
N LEU C 28 20.18 5.92 8.49
CA LEU C 28 20.67 7.15 7.75
C LEU C 28 19.57 8.24 7.44
N ALA C 29 18.98 8.78 8.55
CA ALA C 29 17.97 9.87 8.55
C ALA C 29 18.74 11.16 8.15
N PRO C 30 19.87 11.55 8.82
CA PRO C 30 20.79 12.69 8.35
C PRO C 30 20.83 12.95 6.80
N LEU C 31 21.22 11.91 6.02
CA LEU C 31 21.29 11.95 4.52
C LEU C 31 19.86 12.23 3.93
N HIS C 32 18.80 11.60 4.54
CA HIS C 32 17.37 11.79 4.06
C HIS C 32 16.98 13.31 4.15
N ASP C 33 17.41 13.97 5.28
CA ASP C 33 17.19 15.43 5.51
C ASP C 33 17.89 16.28 4.39
N ALA C 34 19.12 15.85 3.94
CA ALA C 34 19.88 16.57 2.87
C ALA C 34 19.05 16.61 1.54
N LYS C 35 18.35 15.47 1.19
CA LYS C 35 17.48 15.42 -0.05
C LYS C 35 16.33 16.49 0.06
N ARG C 36 15.73 16.65 1.28
CA ARG C 36 14.61 17.65 1.52
C ARG C 36 15.09 19.12 1.22
N LYS C 37 16.36 19.42 1.59
CA LYS C 37 16.99 20.79 1.40
C LYS C 37 17.00 21.21 -0.10
N ILE C 38 17.24 20.23 -1.01
CA ILE C 38 17.32 20.41 -2.53
C ILE C 38 16.08 21.19 -3.14
N GLU C 39 15.11 21.61 -2.29
CA GLU C 39 13.84 22.35 -2.66
C GLU C 39 13.97 23.32 -3.89
N GLN C 40 15.19 23.86 -4.14
CA GLN C 40 15.47 24.82 -5.26
C GLN C 40 15.30 24.13 -6.66
N GLU C 41 16.33 23.36 -7.10
CA GLU C 41 16.36 22.65 -8.43
C GLU C 41 15.35 21.45 -8.44
N ALA C 42 14.62 21.25 -7.31
CA ALA C 42 13.62 20.14 -7.13
C ALA C 42 12.52 20.05 -8.24
N GLU C 43 12.53 20.96 -9.27
CA GLU C 43 11.49 20.93 -10.39
C GLU C 43 11.61 19.61 -11.23
N ALA C 44 12.59 18.74 -10.85
CA ALA C 44 12.86 17.42 -11.50
C ALA C 44 11.64 16.46 -11.43
N HIS C 45 10.62 16.84 -10.62
CA HIS C 45 9.35 16.07 -10.44
C HIS C 45 8.25 16.73 -11.32
N THR C 46 8.24 18.09 -11.31
CA THR C 46 7.27 18.93 -12.05
C THR C 46 7.30 18.66 -13.59
N ASP C 47 8.53 18.52 -14.14
CA ASP C 47 8.76 18.29 -15.60
C ASP C 47 8.08 16.97 -16.10
N ARG C 48 7.83 16.00 -15.17
CA ARG C 48 7.18 14.68 -15.49
C ARG C 48 5.63 14.82 -15.41
N VAL C 49 5.16 15.78 -14.59
CA VAL C 49 3.71 16.09 -14.44
C VAL C 49 3.35 17.12 -15.55
N ALA C 50 4.40 17.77 -16.12
CA ALA C 50 4.27 18.76 -17.23
C ALA C 50 3.97 18.02 -18.55
N TRP C 51 4.08 16.65 -18.57
CA TRP C 51 3.79 15.82 -19.80
C TRP C 51 2.35 16.17 -20.31
N ALA C 52 1.51 16.48 -19.31
CA ALA C 52 0.10 16.87 -19.47
C ALA C 52 -0.06 18.34 -19.97
N GLY C 53 1.00 19.17 -19.74
CA GLY C 53 1.02 20.63 -20.11
C GLY C 53 0.91 20.87 -21.64
N PHE C 54 1.52 19.96 -22.46
CA PHE C 54 1.53 20.07 -23.94
C PHE C 54 0.12 19.77 -24.55
N ALA C 55 -0.66 18.89 -23.86
CA ALA C 55 -2.02 18.47 -24.31
C ALA C 55 -3.03 19.68 -24.32
N ALA C 56 -3.01 20.49 -23.25
CA ALA C 56 -3.91 21.68 -23.08
C ALA C 56 -3.46 22.88 -23.96
N SER C 57 -2.13 22.95 -24.25
CA SER C 57 -1.51 24.07 -25.05
C SER C 57 -1.99 24.05 -26.53
N GLY C 58 -2.40 22.85 -27.02
CA GLY C 58 -2.84 22.65 -28.43
C GLY C 58 -4.11 23.45 -28.81
N VAL C 59 -5.02 23.69 -27.83
CA VAL C 59 -6.33 24.41 -28.05
C VAL C 59 -6.14 25.91 -28.34
N GLN C 60 -5.00 26.51 -27.88
CA GLN C 60 -4.71 27.98 -28.06
C GLN C 60 -5.02 28.44 -29.53
N THR C 61 -4.69 27.56 -30.50
CA THR C 61 -4.96 27.77 -31.96
C THR C 61 -6.47 27.55 -32.26
N GLY C 62 -7.07 26.63 -31.49
CA GLY C 62 -8.50 26.23 -31.60
C GLY C 62 -9.49 27.37 -31.28
N LEU C 63 -9.13 28.30 -30.36
CA LEU C 63 -10.02 29.46 -29.95
C LEU C 63 -10.35 30.37 -31.18
N PHE C 64 -9.33 30.58 -32.06
CA PHE C 64 -9.49 31.36 -33.33
C PHE C 64 -10.60 30.67 -34.19
N ALA C 65 -10.64 29.31 -34.13
CA ALA C 65 -11.63 28.48 -34.89
C ALA C 65 -13.12 28.83 -34.50
N ARG C 66 -13.46 29.12 -33.16
CA ARG C 66 -14.90 29.49 -32.80
C ARG C 66 -15.28 30.75 -33.57
N LEU C 67 -14.30 31.70 -33.67
CA LEU C 67 -14.54 33.00 -34.42
C LEU C 67 -14.88 32.68 -35.94
N THR C 68 -14.12 31.71 -36.56
CA THR C 68 -14.34 31.22 -37.97
C THR C 68 -15.73 30.52 -38.17
N TRP C 69 -16.13 29.69 -37.15
CA TRP C 69 -17.36 28.85 -37.17
C TRP C 69 -18.68 29.65 -37.27
N TRP C 70 -18.60 30.98 -37.37
CA TRP C 70 -19.81 31.87 -37.45
C TRP C 70 -20.67 31.58 -38.74
N GLU C 71 -20.29 30.54 -39.57
CA GLU C 71 -21.03 30.12 -40.82
C GLU C 71 -21.34 28.58 -40.74
N TYR C 72 -20.58 27.82 -39.90
CA TYR C 72 -20.72 26.36 -39.72
C TYR C 72 -22.01 26.08 -38.88
N SER C 73 -22.05 26.66 -37.64
CA SER C 73 -23.19 26.51 -36.68
C SER C 73 -22.96 27.43 -35.44
N TRP C 74 -21.68 27.49 -34.98
CA TRP C 74 -21.18 28.30 -33.81
C TRP C 74 -21.17 27.44 -32.51
N ASP C 75 -22.31 26.75 -32.28
CA ASP C 75 -22.54 25.83 -31.12
C ASP C 75 -21.47 24.68 -31.16
N ILE C 76 -20.40 24.84 -30.35
CA ILE C 76 -19.22 23.91 -30.32
C ILE C 76 -18.48 24.17 -28.97
N VAL C 77 -19.08 24.99 -28.02
CA VAL C 77 -18.40 25.34 -26.73
C VAL C 77 -17.78 24.13 -25.94
N GLU C 78 -17.08 24.47 -24.83
CA GLU C 78 -16.34 23.53 -23.90
C GLU C 78 -14.90 22.99 -24.41
N PRO C 79 -14.27 23.29 -25.61
CA PRO C 79 -12.95 22.57 -25.97
C PRO C 79 -11.76 22.77 -24.99
N VAL C 80 -11.48 23.99 -24.50
CA VAL C 80 -10.35 24.19 -23.52
C VAL C 80 -10.61 23.37 -22.23
N THR C 81 -11.86 23.41 -21.71
CA THR C 81 -12.23 22.66 -20.49
C THR C 81 -12.16 21.08 -20.63
N TYR C 82 -12.66 20.37 -21.77
CA TYR C 82 -12.57 18.86 -21.81
C TYR C 82 -11.08 18.39 -21.78
N PHE C 83 -10.18 19.12 -22.51
CA PHE C 83 -8.71 18.83 -22.47
C PHE C 83 -8.18 19.04 -20.99
N ALA C 84 -8.69 20.08 -20.26
CA ALA C 84 -8.27 20.35 -18.84
C ALA C 84 -8.59 19.11 -17.89
N THR C 85 -9.79 18.46 -18.06
CA THR C 85 -10.19 17.23 -17.24
C THR C 85 -9.18 16.07 -17.48
N TYR C 86 -8.73 15.94 -18.76
CA TYR C 86 -7.74 14.89 -19.17
C TYR C 86 -6.41 15.09 -18.34
N SER C 87 -6.02 16.38 -18.15
CA SER C 87 -4.80 16.73 -17.33
C SER C 87 -4.94 16.28 -15.83
N THR C 88 -6.15 16.46 -15.21
CA THR C 88 -6.38 16.07 -13.76
C THR C 88 -6.18 14.54 -13.51
N VAL C 89 -6.68 13.63 -14.42
CA VAL C 89 -6.45 12.13 -14.27
C VAL C 89 -4.91 11.89 -14.26
N ALA C 90 -4.17 12.73 -15.07
CA ALA C 90 -2.66 12.68 -15.12
C ALA C 90 -2.12 12.91 -13.66
N ALA C 91 -2.81 13.81 -12.87
CA ALA C 91 -2.45 14.08 -11.43
C ALA C 91 -2.51 12.76 -10.63
N THR C 92 -3.55 11.93 -10.96
CA THR C 92 -3.81 10.61 -10.32
C THR C 92 -2.60 9.61 -10.51
N PHE C 93 -1.89 9.57 -11.71
CA PHE C 93 -0.73 8.60 -11.91
C PHE C 93 0.35 8.86 -10.81
N GLY C 94 0.55 10.15 -10.51
CA GLY C 94 1.53 10.67 -9.54
C GLY C 94 1.59 9.96 -8.16
N TYR C 95 0.52 9.20 -7.74
CA TYR C 95 0.49 8.51 -6.38
C TYR C 95 1.65 7.47 -6.21
N TYR C 96 2.06 6.89 -7.34
CA TYR C 96 3.11 5.85 -7.43
C TYR C 96 4.51 6.53 -7.41
N LEU C 97 4.72 7.39 -8.43
CA LEU C 97 5.97 8.16 -8.67
C LEU C 97 6.60 8.87 -7.41
N TYR C 98 5.82 9.03 -6.30
CA TYR C 98 6.23 9.89 -5.13
C TYR C 98 7.73 9.79 -4.65
N THR C 99 8.15 8.61 -4.12
CA THR C 99 9.56 8.37 -3.66
C THR C 99 10.56 8.21 -4.87
N GLN C 100 10.21 7.29 -5.84
CA GLN C 100 11.02 6.93 -7.04
C GLN C 100 11.55 8.15 -7.87
N GLN C 101 10.83 9.30 -7.82
CA GLN C 101 11.16 10.52 -8.64
C GLN C 101 12.69 10.88 -8.62
N SER C 102 13.37 10.52 -7.51
CA SER C 102 14.82 10.76 -7.31
C SER C 102 15.72 9.92 -8.28
N PHE C 103 15.24 8.70 -8.71
CA PHE C 103 16.05 7.75 -9.57
C PHE C 103 16.43 8.36 -10.96
N GLU C 104 15.43 8.90 -11.74
CA GLU C 104 15.68 9.49 -13.10
C GLU C 104 16.43 10.86 -13.03
N TYR C 105 16.22 11.62 -11.93
CA TYR C 105 16.78 13.01 -11.75
C TYR C 105 18.33 13.17 -12.05
N PRO C 106 19.29 12.37 -11.48
CA PRO C 106 20.79 12.51 -11.81
C PRO C 106 21.06 12.04 -13.26
N SER C 107 22.19 12.48 -13.83
CA SER C 107 22.64 12.13 -15.21
C SER C 107 23.45 10.81 -15.18
N ALA C 108 24.16 10.58 -14.05
CA ALA C 108 25.05 9.39 -13.84
C ALA C 108 26.12 9.30 -14.96
N ARG C 109 26.46 10.50 -15.51
CA ARG C 109 27.44 10.68 -16.62
C ARG C 109 28.85 10.11 -16.22
N GLU C 110 29.60 10.87 -15.38
CA GLU C 110 30.96 10.50 -14.86
C GLU C 110 32.04 10.38 -15.99
N ARG C 111 31.62 10.20 -17.28
CA ARG C 111 32.55 10.07 -18.45
C ARG C 111 33.48 11.32 -18.57
N VAL C 112 32.93 12.46 -19.08
CA VAL C 112 33.67 13.74 -19.26
C VAL C 112 34.02 14.36 -17.87
N TYR C 113 35.10 13.82 -17.23
CA TYR C 113 35.61 14.25 -15.89
C TYR C 113 34.51 14.07 -14.80
N THR C 114 34.67 14.75 -13.63
CA THR C 114 33.72 14.66 -12.48
C THR C 114 33.87 15.90 -11.56
N LYS C 115 33.11 15.89 -10.44
CA LYS C 115 33.10 16.98 -9.42
C LYS C 115 32.51 16.40 -8.11
N GLN C 116 31.53 17.10 -7.45
CA GLN C 116 30.89 16.66 -6.17
C GLN C 116 30.35 15.19 -6.29
N PHE C 117 30.01 14.59 -5.12
CA PHE C 117 29.49 13.18 -5.03
C PHE C 117 28.80 12.98 -3.65
N TYR C 118 29.29 13.73 -2.62
CA TYR C 118 28.75 13.69 -1.23
C TYR C 118 27.35 14.39 -1.19
N ARG C 119 26.36 13.76 -1.88
CA ARG C 119 24.96 14.25 -1.99
C ARG C 119 24.05 13.11 -2.55
N ARG C 120 24.65 12.28 -3.43
CA ARG C 120 23.98 11.10 -4.08
C ARG C 120 22.69 11.48 -4.90
N ALA C 121 21.57 11.74 -4.16
CA ALA C 121 20.23 12.07 -4.74
C ALA C 121 19.65 10.83 -5.49
N GLN C 122 19.29 9.77 -4.69
CA GLN C 122 18.76 8.46 -5.21
C GLN C 122 18.04 7.71 -4.05
N LYS C 123 17.41 8.46 -3.08
CA LYS C 123 16.69 7.85 -1.88
C LYS C 123 15.37 8.62 -1.52
N GLN C 124 15.52 9.91 -1.09
CA GLN C 124 14.39 10.81 -0.68
C GLN C 124 13.75 10.34 0.67
N ASN C 125 13.17 9.10 0.64
CA ASN C 125 12.52 8.44 1.82
C ASN C 125 11.31 9.24 2.38
N PHE C 126 10.30 8.46 2.81
CA PHE C 126 9.05 8.89 3.46
C PHE C 126 8.24 7.59 3.73
N ASP C 127 8.61 6.45 3.02
CA ASP C 127 7.95 5.12 3.19
C ASP C 127 8.74 3.92 2.52
N ILE C 128 8.93 3.90 1.14
CA ILE C 128 9.58 2.71 0.43
C ILE C 128 10.94 2.30 1.08
N GLU C 129 11.81 3.32 1.23
CA GLU C 129 13.17 3.18 1.82
C GLU C 129 13.11 2.78 3.33
N LYS C 130 12.26 3.48 4.12
CA LYS C 130 12.12 3.27 5.60
C LYS C 130 11.77 1.80 5.98
N TYR C 131 10.77 1.17 5.28
CA TYR C 131 10.33 -0.21 5.56
C TYR C 131 11.38 -1.30 5.13
N ASN C 132 11.90 -1.25 3.86
CA ASN C 132 12.85 -2.31 3.35
C ASN C 132 14.21 -2.28 4.08
N ARG C 133 14.74 -1.08 4.12
CA ARG C 133 16.10 -0.79 4.69
C ARG C 133 16.22 -1.15 6.23
N LEU C 134 15.24 -0.65 7.08
CA LEU C 134 15.30 -0.92 8.58
C LEU C 134 15.01 -2.44 8.90
N VAL C 135 13.97 -3.14 8.26
CA VAL C 135 13.79 -4.63 8.49
C VAL C 135 15.17 -5.32 8.11
N THR C 136 15.91 -4.74 7.08
CA THR C 136 17.28 -5.29 6.67
C THR C 136 18.21 -5.28 7.93
N GLU C 137 17.97 -4.31 8.88
CA GLU C 137 18.74 -4.31 10.19
C GLU C 137 18.55 -5.73 10.83
N VAL C 138 17.35 -6.38 10.52
CA VAL C 138 17.09 -7.80 10.99
C VAL C 138 18.25 -8.70 10.52
N ASP C 139 18.66 -8.47 9.25
CA ASP C 139 19.78 -9.26 8.60
C ASP C 139 21.06 -9.27 9.52
N GLU C 140 21.26 -8.14 10.29
CA GLU C 140 22.44 -8.04 11.22
C GLU C 140 22.26 -9.03 12.42
N LEU C 141 21.01 -9.10 13.02
CA LEU C 141 20.76 -10.09 14.17
C LEU C 141 20.93 -11.57 13.66
N ARG C 142 20.65 -11.84 12.34
CA ARG C 142 20.82 -13.22 11.72
C ARG C 142 22.37 -13.55 11.77
N ASN C 143 23.30 -12.51 11.68
CA ASN C 143 24.78 -12.80 11.75
C ASN C 143 25.23 -13.22 13.21
N GLN C 144 24.72 -12.47 14.23
CA GLN C 144 25.09 -12.72 15.67
C GLN C 144 24.60 -14.11 16.20
N LEU C 145 23.35 -14.51 15.82
CA LEU C 145 22.76 -15.84 16.25
C LEU C 145 23.55 -17.01 15.59
N LYS C 146 24.05 -16.76 14.36
CA LYS C 146 24.87 -17.72 13.57
C LYS C 146 26.06 -18.31 14.41
N ARG C 147 26.86 -17.38 15.05
CA ARG C 147 28.03 -17.81 15.86
C ARG C 147 27.51 -18.51 17.16
N LEU C 148 26.42 -17.99 17.84
CA LEU C 148 25.86 -18.68 19.08
C LEU C 148 25.63 -20.20 18.85
N ARG C 149 25.18 -20.56 17.62
CA ARG C 149 24.85 -21.97 17.25
C ARG C 149 26.12 -22.86 17.21
N ASP C 150 27.31 -22.36 16.70
CA ASP C 150 28.54 -23.29 16.63
C ASP C 150 28.96 -23.87 18.08
N PRO C 151 29.18 -23.05 19.20
CA PRO C 151 29.45 -23.60 20.63
C PRO C 151 28.12 -23.69 21.45
N LEU C 152 28.17 -24.37 22.63
CA LEU C 152 27.04 -24.55 23.56
C LEU C 152 27.63 -25.21 24.84
N GLU C 153 27.82 -26.55 24.79
CA GLU C 153 28.37 -27.38 25.92
C GLU C 153 29.85 -26.99 26.20
N MET D 1 -3.41 -12.31 44.63
CA MET D 1 -4.86 -12.32 44.27
C MET D 1 -4.99 -11.94 42.77
N ALA D 2 -4.03 -11.11 42.27
CA ALA D 2 -3.97 -10.63 40.85
C ALA D 2 -3.65 -11.83 39.90
N ALA D 3 -3.18 -11.52 38.66
CA ALA D 3 -2.83 -12.55 37.63
C ALA D 3 -1.92 -11.93 36.54
N LEU D 4 -2.17 -10.64 36.20
CA LEU D 4 -1.39 -9.87 35.17
C LEU D 4 0.07 -9.60 35.66
N SER D 5 0.39 -10.04 36.91
CA SER D 5 1.72 -9.88 37.55
C SER D 5 1.78 -10.81 38.80
N VAL D 6 2.44 -12.00 38.66
CA VAL D 6 2.58 -13.00 39.77
C VAL D 6 3.44 -12.39 40.93
N ASP D 7 3.06 -12.69 42.20
CA ASP D 7 3.74 -12.18 43.44
C ASP D 7 4.00 -10.64 43.40
N GLU D 8 4.75 -10.12 44.40
CA GLU D 8 5.10 -8.67 44.53
C GLU D 8 6.17 -8.30 43.46
N TYR D 9 7.45 -8.70 43.71
CA TYR D 9 8.61 -8.45 42.81
C TYR D 9 9.83 -9.25 43.34
N LYS D 10 10.76 -9.66 42.43
CA LYS D 10 12.00 -10.43 42.78
C LYS D 10 12.97 -10.42 41.55
N LEU D 11 12.63 -11.22 40.50
CA LEU D 11 13.44 -11.32 39.24
C LEU D 11 13.22 -10.05 38.37
N SER D 12 13.60 -8.88 38.95
CA SER D 12 13.49 -7.54 38.32
C SER D 12 14.20 -6.56 39.29
N ARG D 13 15.52 -6.41 39.08
CA ARG D 13 16.39 -5.52 39.87
C ARG D 13 15.99 -4.06 39.57
N GLU D 14 16.07 -3.67 38.26
CA GLU D 14 15.69 -2.30 37.77
C GLU D 14 15.76 -2.24 36.21
N LYS D 15 16.77 -2.92 35.63
CA LYS D 15 17.06 -2.84 34.15
C LYS D 15 15.94 -3.35 33.17
N LYS D 16 15.25 -4.51 33.48
CA LYS D 16 14.23 -5.09 32.53
C LYS D 16 13.03 -4.16 32.25
N LEU D 17 12.52 -3.48 33.30
CA LEU D 17 11.37 -2.53 33.18
C LEU D 17 11.71 -1.33 32.27
N LEU D 18 12.99 -0.83 32.37
CA LEU D 18 13.46 0.39 31.60
C LEU D 18 13.40 0.11 30.08
N LEU D 19 13.87 -1.10 29.72
CA LEU D 19 13.86 -1.61 28.32
C LEU D 19 12.39 -1.76 27.77
N GLN D 20 11.48 -2.28 28.67
CA GLN D 20 10.01 -2.43 28.38
C GLN D 20 9.42 -1.02 28.11
N LEU D 21 9.91 -0.03 28.90
CA LEU D 21 9.51 1.41 28.79
C LEU D 21 9.89 1.92 27.36
N GLU D 22 11.09 1.47 26.79
CA GLU D 22 11.54 1.93 25.43
C GLU D 22 10.48 1.51 24.37
N ASN D 23 9.92 0.26 24.52
CA ASN D 23 8.85 -0.25 23.60
C ASN D 23 7.59 0.66 23.66
N ALA D 24 7.19 1.12 24.88
CA ALA D 24 5.98 1.99 25.05
C ALA D 24 6.14 3.31 24.26
N GLU D 25 7.38 3.90 24.32
CA GLU D 25 7.74 5.15 23.56
C GLU D 25 7.64 4.91 22.02
N THR D 26 8.12 3.70 21.54
CA THR D 26 8.11 3.34 20.07
C THR D 26 6.66 3.30 19.48
N LEU D 27 5.70 2.76 20.27
CA LEU D 27 4.24 2.66 19.87
C LEU D 27 3.69 4.09 19.61
N LEU D 28 4.13 5.05 20.46
CA LEU D 28 3.71 6.48 20.43
C LEU D 28 2.19 6.59 20.70
N ALA D 29 1.81 6.40 22.00
CA ALA D 29 0.42 6.53 22.50
C ALA D 29 0.30 8.05 22.88
N PRO D 30 1.10 8.59 23.86
CA PRO D 30 1.16 10.10 24.18
C PRO D 30 0.89 11.08 22.97
N LEU D 31 1.76 11.03 21.92
CA LEU D 31 1.62 11.89 20.71
C LEU D 31 0.25 11.58 20.01
N HIS D 32 -0.13 10.27 19.95
CA HIS D 32 -1.45 9.85 19.35
C HIS D 32 -2.63 10.45 20.20
N ASP D 33 -2.45 10.44 21.56
CA ASP D 33 -3.40 11.05 22.54
C ASP D 33 -3.49 12.58 22.26
N ALA D 34 -2.33 13.22 21.89
CA ALA D 34 -2.25 14.67 21.55
C ALA D 34 -3.18 14.98 20.33
N LYS D 35 -3.25 14.05 19.32
CA LYS D 35 -4.13 14.23 18.10
C LYS D 35 -5.61 14.38 18.57
N ARG D 36 -6.03 13.56 19.58
CA ARG D 36 -7.42 13.62 20.17
C ARG D 36 -7.70 15.04 20.81
N LYS D 37 -6.67 15.59 21.51
CA LYS D 37 -6.78 16.91 22.23
C LYS D 37 -7.10 18.12 21.26
N ILE D 38 -6.45 18.14 20.06
CA ILE D 38 -6.59 19.25 19.03
C ILE D 38 -7.56 18.83 17.88
N GLU D 39 -8.13 17.59 17.92
CA GLU D 39 -9.07 16.99 16.88
C GLU D 39 -9.77 18.02 15.91
N GLN D 40 -10.17 19.20 16.46
CA GLN D 40 -10.86 20.29 15.71
C GLN D 40 -10.05 20.75 14.44
N GLU D 41 -8.70 20.51 14.41
CA GLU D 41 -7.84 20.92 13.24
C GLU D 41 -8.16 20.10 11.98
N ALA D 42 -9.14 19.16 12.06
CA ALA D 42 -9.55 18.33 10.88
C ALA D 42 -10.07 19.23 9.72
N GLU D 43 -10.35 20.52 10.05
CA GLU D 43 -10.80 21.57 9.11
C GLU D 43 -9.55 22.15 8.38
N ALA D 44 -8.34 22.01 9.02
CA ALA D 44 -7.03 22.50 8.45
C ALA D 44 -6.73 21.77 7.10
N HIS D 45 -7.34 20.57 6.95
CA HIS D 45 -7.22 19.70 5.74
C HIS D 45 -8.19 20.20 4.65
N THR D 46 -9.48 20.46 5.05
CA THR D 46 -10.55 20.93 4.12
C THR D 46 -10.20 22.29 3.46
N ASP D 47 -9.15 22.98 4.01
CA ASP D 47 -8.66 24.28 3.49
C ASP D 47 -7.70 24.04 2.29
N ARG D 48 -7.14 22.80 2.17
CA ARG D 48 -6.21 22.40 1.06
C ARG D 48 -7.00 21.82 -0.13
N VAL D 49 -8.21 21.24 0.15
CA VAL D 49 -9.12 20.65 -0.88
C VAL D 49 -9.95 21.82 -1.46
N ALA D 50 -9.91 22.99 -0.74
CA ALA D 50 -10.61 24.25 -1.14
C ALA D 50 -9.87 24.91 -2.34
N TRP D 51 -8.64 24.39 -2.68
CA TRP D 51 -7.83 24.91 -3.85
C TRP D 51 -8.72 24.91 -5.13
N ALA D 52 -9.61 23.90 -5.14
CA ALA D 52 -10.59 23.62 -6.21
C ALA D 52 -11.79 24.62 -6.20
N GLY D 53 -12.04 25.26 -5.04
CA GLY D 53 -13.18 26.23 -4.87
C GLY D 53 -13.08 27.48 -5.79
N PHE D 54 -11.82 27.90 -6.11
CA PHE D 54 -11.56 29.10 -6.97
C PHE D 54 -11.85 28.80 -8.47
N ALA D 55 -11.70 27.51 -8.87
CA ALA D 55 -11.90 27.05 -10.29
C ALA D 55 -13.38 27.23 -10.75
N ALA D 56 -14.33 26.81 -9.88
CA ALA D 56 -15.81 26.88 -10.15
C ALA D 56 -16.36 28.33 -10.01
N SER D 57 -15.66 29.17 -9.22
CA SER D 57 -16.07 30.57 -8.94
C SER D 57 -15.98 31.48 -10.17
N GLY D 58 -15.10 31.12 -11.14
CA GLY D 58 -14.87 31.92 -12.37
C GLY D 58 -16.13 32.05 -13.29
N VAL D 59 -16.69 30.87 -13.67
CA VAL D 59 -17.89 30.78 -14.60
C VAL D 59 -19.23 31.10 -13.93
N GLN D 60 -19.32 30.95 -12.59
CA GLN D 60 -20.61 31.11 -11.85
C GLN D 60 -21.41 32.38 -12.32
N THR D 61 -20.66 33.48 -12.58
CA THR D 61 -21.23 34.77 -13.12
C THR D 61 -21.53 34.64 -14.65
N GLY D 62 -20.82 33.69 -15.30
CA GLY D 62 -20.89 33.40 -16.77
C GLY D 62 -22.32 33.09 -17.27
N LEU D 63 -23.23 32.73 -16.35
CA LEU D 63 -24.68 32.42 -16.66
C LEU D 63 -25.34 33.67 -17.33
N PHE D 64 -24.94 34.85 -16.80
CA PHE D 64 -25.41 36.18 -17.26
C PHE D 64 -25.11 36.34 -18.78
N ALA D 65 -23.93 35.80 -19.23
CA ALA D 65 -23.51 35.86 -20.66
C ALA D 65 -24.57 35.16 -21.59
N ARG D 66 -25.16 33.99 -21.15
CA ARG D 66 -26.22 33.27 -21.97
C ARG D 66 -27.45 34.22 -22.17
N LEU D 67 -27.84 34.95 -21.06
CA LEU D 67 -28.98 35.96 -21.13
C LEU D 67 -28.64 37.14 -22.12
N THR D 68 -27.36 37.61 -22.08
CA THR D 68 -26.87 38.75 -22.90
C THR D 68 -26.94 38.55 -24.45
N TRP D 69 -26.61 37.31 -24.96
CA TRP D 69 -26.56 37.00 -26.44
C TRP D 69 -27.53 35.87 -26.85
N TRP D 70 -28.67 35.81 -26.15
CA TRP D 70 -29.75 34.78 -26.37
C TRP D 70 -30.11 34.49 -27.89
N GLU D 71 -29.75 35.42 -28.82
CA GLU D 71 -30.08 35.33 -30.29
C GLU D 71 -29.05 34.50 -31.13
N TYR D 72 -27.76 34.36 -30.67
CA TYR D 72 -26.70 33.62 -31.42
C TYR D 72 -27.16 32.16 -31.83
N SER D 73 -27.65 31.40 -30.82
CA SER D 73 -28.17 30.00 -31.01
C SER D 73 -28.93 29.54 -29.74
N TRP D 74 -28.29 29.81 -28.59
CA TRP D 74 -28.77 29.50 -27.20
C TRP D 74 -28.21 28.16 -26.69
N ASP D 75 -28.25 27.12 -27.58
CA ASP D 75 -27.72 25.75 -27.27
C ASP D 75 -26.20 25.90 -26.97
N ILE D 76 -25.92 26.21 -25.71
CA ILE D 76 -24.58 26.53 -25.16
C ILE D 76 -24.70 26.20 -23.65
N VAL D 77 -25.86 25.55 -23.19
CA VAL D 77 -26.06 25.20 -21.75
C VAL D 77 -24.94 24.26 -21.28
N GLU D 78 -25.07 23.77 -20.02
CA GLU D 78 -24.07 22.84 -19.36
C GLU D 78 -22.78 23.51 -18.69
N PRO D 79 -22.38 24.84 -18.82
CA PRO D 79 -21.01 25.27 -18.26
C PRO D 79 -20.71 25.18 -16.74
N VAL D 80 -21.65 25.60 -15.86
CA VAL D 80 -21.34 25.60 -14.39
C VAL D 80 -21.06 24.18 -13.80
N THR D 81 -21.89 23.12 -14.12
CA THR D 81 -21.62 21.77 -13.59
C THR D 81 -20.28 21.12 -14.10
N TYR D 82 -19.91 21.24 -15.45
CA TYR D 82 -18.67 20.56 -15.96
C TYR D 82 -17.42 21.07 -15.20
N PHE D 83 -17.34 22.40 -14.88
CA PHE D 83 -16.24 22.92 -14.00
C PHE D 83 -16.39 22.24 -12.58
N ALA D 84 -17.66 22.02 -12.09
CA ALA D 84 -17.89 21.33 -10.77
C ALA D 84 -17.29 19.88 -10.83
N THR D 85 -17.42 19.17 -12.01
CA THR D 85 -16.84 17.79 -12.20
C THR D 85 -15.27 17.85 -12.01
N TYR D 86 -14.62 18.95 -12.50
CA TYR D 86 -13.13 19.16 -12.36
C TYR D 86 -12.79 19.12 -10.83
N SER D 87 -13.67 19.74 -10.01
CA SER D 87 -13.56 19.69 -8.52
C SER D 87 -13.67 18.22 -7.97
N THR D 88 -14.56 17.37 -8.61
CA THR D 88 -14.82 15.96 -8.13
C THR D 88 -13.51 15.08 -8.16
N VAL D 89 -12.69 15.21 -9.24
CA VAL D 89 -11.34 14.53 -9.35
C VAL D 89 -10.44 15.06 -8.19
N ALA D 90 -10.57 16.39 -7.86
CA ALA D 90 -9.76 17.03 -6.75
C ALA D 90 -10.01 16.25 -5.41
N ALA D 91 -11.29 15.78 -5.15
CA ALA D 91 -11.63 14.96 -3.91
C ALA D 91 -10.74 13.68 -3.92
N THR D 92 -10.55 13.12 -5.15
CA THR D 92 -9.71 11.90 -5.37
C THR D 92 -8.22 12.13 -4.91
N PHE D 93 -7.61 13.37 -5.12
CA PHE D 93 -6.16 13.63 -4.72
C PHE D 93 -5.96 13.33 -3.18
N GLY D 94 -6.99 13.67 -2.38
CA GLY D 94 -7.04 13.52 -0.90
C GLY D 94 -6.42 12.23 -0.28
N TYR D 95 -6.31 11.10 -1.04
CA TYR D 95 -5.73 9.79 -0.49
C TYR D 95 -4.25 9.96 0.00
N TYR D 96 -3.61 11.00 -0.55
CA TYR D 96 -2.19 11.38 -0.33
C TYR D 96 -2.06 12.16 1.02
N LEU D 97 -2.76 13.29 1.01
CA LEU D 97 -2.83 14.31 2.09
C LEU D 97 -3.27 13.87 3.55
N TYR D 98 -3.95 12.69 3.83
CA TYR D 98 -4.46 12.44 5.26
C TYR D 98 -3.33 12.41 6.31
N THR D 99 -2.44 11.42 6.17
CA THR D 99 -1.30 11.21 7.09
C THR D 99 -0.21 12.35 6.92
N GLN D 100 0.08 12.75 5.64
CA GLN D 100 1.08 13.83 5.28
C GLN D 100 0.66 15.33 5.65
N GLN D 101 -0.66 15.71 5.72
CA GLN D 101 -1.07 17.19 5.91
C GLN D 101 -0.30 17.91 7.06
N SER D 102 0.13 17.17 8.10
CA SER D 102 0.90 17.75 9.25
C SER D 102 2.32 18.24 8.78
N PHE D 103 2.88 17.58 7.72
CA PHE D 103 4.24 17.92 7.17
C PHE D 103 4.24 19.30 6.43
N GLU D 104 3.06 19.68 5.87
CA GLU D 104 2.88 20.93 5.06
C GLU D 104 3.35 22.26 5.77
N TYR D 105 2.92 22.52 7.06
CA TYR D 105 3.28 23.81 7.78
C TYR D 105 4.82 23.87 8.17
N PRO D 106 5.45 22.85 8.85
CA PRO D 106 6.96 22.85 9.19
C PRO D 106 7.89 23.30 8.01
N SER D 107 7.50 22.89 6.77
CA SER D 107 8.26 23.21 5.51
C SER D 107 8.06 24.70 5.12
N ALA D 108 8.19 25.58 6.14
CA ALA D 108 8.06 27.06 6.03
C ALA D 108 8.50 27.69 7.38
N ARG D 109 8.63 26.82 8.43
CA ARG D 109 9.03 27.21 9.81
C ARG D 109 9.51 25.92 10.54
N GLU D 110 10.57 25.28 9.99
CA GLU D 110 11.15 24.01 10.52
C GLU D 110 12.00 24.30 11.81
N ARG D 111 12.88 25.33 11.73
CA ARG D 111 13.78 25.74 12.86
C ARG D 111 14.59 24.53 13.44
N VAL D 112 15.34 24.79 14.54
CA VAL D 112 16.18 23.77 15.25
C VAL D 112 16.54 24.32 16.67
N TYR D 113 16.63 25.67 16.77
CA TYR D 113 16.95 26.41 18.03
C TYR D 113 15.79 26.25 19.06
N THR D 114 16.07 25.61 20.24
CA THR D 114 15.08 25.35 21.33
C THR D 114 13.92 24.43 20.84
N LYS D 115 13.02 24.98 20.01
CA LYS D 115 11.83 24.26 19.43
C LYS D 115 10.82 23.89 20.54
N GLN D 116 9.57 23.53 20.12
CA GLN D 116 8.45 23.12 21.03
C GLN D 116 8.85 21.82 21.83
N PHE D 117 9.59 22.03 22.97
CA PHE D 117 10.09 20.95 23.87
C PHE D 117 11.10 20.02 23.10
N TYR D 118 10.58 18.95 22.43
CA TYR D 118 11.42 17.96 21.66
C TYR D 118 10.56 17.34 20.50
N ARG D 119 9.25 17.72 20.41
CA ARG D 119 8.31 17.21 19.37
C ARG D 119 8.76 17.67 17.94
N ARG D 120 8.03 17.21 16.89
CA ARG D 120 8.34 17.55 15.46
C ARG D 120 7.07 17.29 14.59
N ALA D 121 5.92 17.81 15.09
CA ALA D 121 4.58 17.69 14.40
C ALA D 121 4.26 16.24 13.93
N GLN D 122 4.85 15.25 14.63
CA GLN D 122 4.70 13.79 14.35
C GLN D 122 3.27 13.27 14.72
N LYS D 123 2.23 14.07 14.36
CA LYS D 123 0.77 13.76 14.58
C LYS D 123 0.12 13.43 13.20
N GLN D 124 -1.19 13.03 13.21
CA GLN D 124 -1.96 12.62 11.98
C GLN D 124 -1.23 11.40 11.28
N ASN D 125 -1.67 10.09 11.45
CA ASN D 125 -0.97 8.93 10.80
C ASN D 125 -1.88 7.66 10.73
N PHE D 126 -2.45 7.26 11.87
CA PHE D 126 -3.33 6.06 12.03
C PHE D 126 -2.84 4.73 11.32
N ASP D 127 -1.61 4.70 10.68
CA ASP D 127 -1.07 3.46 9.98
C ASP D 127 0.47 3.55 9.60
N ILE D 128 0.97 4.64 8.89
CA ILE D 128 2.44 4.74 8.47
C ILE D 128 3.35 4.64 9.76
N GLU D 129 2.96 5.40 10.82
CA GLU D 129 3.69 5.45 12.13
C GLU D 129 3.69 4.06 12.84
N LYS D 130 2.49 3.45 12.94
CA LYS D 130 2.25 2.17 13.68
C LYS D 130 3.13 0.98 13.17
N TYR D 131 3.14 0.71 11.84
CA TYR D 131 3.89 -0.42 11.25
C TYR D 131 5.45 -0.23 11.29
N ASN D 132 5.93 0.95 10.80
CA ASN D 132 7.41 1.22 10.63
C ASN D 132 8.14 1.23 12.01
N ARG D 133 7.60 2.01 12.91
CA ARG D 133 8.16 2.17 14.31
C ARG D 133 8.17 0.78 15.08
N LEU D 134 7.05 -0.02 15.02
CA LEU D 134 6.97 -1.34 15.77
C LEU D 134 8.14 -2.31 15.30
N VAL D 135 8.34 -2.54 13.96
CA VAL D 135 9.50 -3.39 13.50
C VAL D 135 10.86 -2.80 14.13
N THR D 136 10.92 -1.44 14.38
CA THR D 136 12.13 -0.81 15.07
C THR D 136 12.33 -1.51 16.47
N GLU D 137 11.21 -2.01 17.08
CA GLU D 137 11.31 -2.81 18.39
C GLU D 137 12.32 -3.97 18.13
N VAL D 138 12.30 -4.54 16.87
CA VAL D 138 13.32 -5.64 16.50
C VAL D 138 14.76 -5.08 16.65
N ASP D 139 14.94 -3.75 16.45
CA ASP D 139 16.33 -3.10 16.61
C ASP D 139 16.87 -3.42 18.05
N GLU D 140 15.94 -3.31 19.06
CA GLU D 140 16.27 -3.57 20.51
C GLU D 140 16.70 -5.07 20.71
N LEU D 141 16.04 -5.97 19.93
CA LEU D 141 16.34 -7.46 19.90
C LEU D 141 17.87 -7.64 19.68
N ARG D 142 18.39 -6.89 18.67
CA ARG D 142 19.86 -6.91 18.28
C ARG D 142 20.74 -6.56 19.52
N ASN D 143 20.29 -5.63 20.43
CA ASN D 143 21.19 -5.29 21.62
C ASN D 143 21.36 -6.49 22.63
N GLN D 144 20.22 -7.17 22.99
CA GLN D 144 20.27 -8.29 24.00
C GLN D 144 21.08 -9.56 23.50
N LEU D 145 20.81 -10.14 22.26
CA LEU D 145 21.58 -11.39 21.83
C LEU D 145 23.10 -11.11 21.65
N LYS D 146 23.52 -9.85 21.25
CA LYS D 146 24.98 -9.50 21.10
C LYS D 146 25.72 -9.85 22.44
N ARG D 147 25.15 -9.43 23.67
CA ARG D 147 25.86 -9.78 24.95
C ARG D 147 25.98 -11.34 25.06
N LEU D 148 24.84 -12.10 24.87
CA LEU D 148 24.88 -13.63 24.93
C LEU D 148 26.00 -14.27 24.01
N ARG D 149 26.22 -13.71 22.80
CA ARG D 149 27.22 -14.27 21.81
C ARG D 149 28.68 -14.22 22.34
N ASP D 150 29.02 -13.22 23.21
CA ASP D 150 30.44 -13.12 23.75
C ASP D 150 30.87 -14.35 24.73
N PRO D 151 30.13 -14.75 25.83
CA PRO D 151 30.51 -16.00 26.71
C PRO D 151 30.10 -17.34 26.03
N LEU D 152 29.97 -18.41 26.86
CA LEU D 152 29.56 -19.80 26.46
C LEU D 152 30.74 -20.58 25.82
N GLU D 153 31.65 -19.81 25.21
CA GLU D 153 32.92 -20.28 24.58
C GLU D 153 32.66 -21.31 23.46
N MET E 1 -12.80 -33.86 45.34
CA MET E 1 -12.95 -34.94 44.32
C MET E 1 -12.55 -34.39 42.92
N ALA E 2 -11.90 -33.19 42.90
CA ALA E 2 -11.44 -32.51 41.65
C ALA E 2 -10.24 -33.28 41.02
N ALA E 3 -9.84 -32.86 39.80
CA ALA E 3 -8.70 -33.48 39.04
C ALA E 3 -8.31 -32.57 37.84
N LEU E 4 -9.25 -31.67 37.42
CA LEU E 4 -9.04 -30.74 36.27
C LEU E 4 -7.94 -29.68 36.61
N SER E 5 -7.88 -29.27 37.91
CA SER E 5 -6.89 -28.28 38.43
C SER E 5 -7.03 -28.20 39.98
N VAL E 6 -6.00 -28.71 40.72
CA VAL E 6 -5.96 -28.71 42.22
C VAL E 6 -4.52 -28.98 42.69
N ASP E 7 -3.81 -29.89 41.95
CA ASP E 7 -2.40 -30.29 42.24
C ASP E 7 -1.86 -31.10 41.03
N GLU E 8 -0.51 -31.25 40.97
CA GLU E 8 0.25 -31.98 39.91
C GLU E 8 0.16 -31.26 38.54
N TYR E 9 -1.07 -30.88 38.13
CA TYR E 9 -1.37 -30.18 36.84
C TYR E 9 -0.78 -28.74 36.81
N LYS E 10 -0.10 -28.32 37.91
CA LYS E 10 0.51 -26.95 38.03
C LYS E 10 1.51 -26.92 39.22
N LEU E 11 2.37 -27.96 39.29
CA LEU E 11 3.44 -28.12 40.35
C LEU E 11 4.50 -26.98 40.22
N SER E 12 5.26 -27.04 39.10
CA SER E 12 6.33 -26.06 38.76
C SER E 12 6.73 -26.28 37.28
N ARG E 13 5.75 -25.99 36.42
CA ARG E 13 5.83 -26.11 34.94
C ARG E 13 4.62 -25.37 34.33
N GLU E 14 4.43 -24.10 34.79
CA GLU E 14 3.31 -23.18 34.37
C GLU E 14 3.91 -21.91 33.70
N LYS E 15 5.17 -21.53 34.05
CA LYS E 15 5.83 -20.30 33.48
C LYS E 15 5.96 -20.43 31.92
N LYS E 16 6.34 -21.66 31.43
CA LYS E 16 6.49 -21.93 29.96
C LYS E 16 5.14 -21.72 29.22
N LEU E 17 4.06 -22.24 29.86
CA LEU E 17 2.66 -22.15 29.35
C LEU E 17 2.21 -20.66 29.26
N LEU E 18 2.62 -19.85 30.28
CA LEU E 18 2.21 -18.39 30.36
C LEU E 18 2.72 -17.62 29.11
N LEU E 19 4.00 -17.87 28.67
CA LEU E 19 4.55 -17.24 27.42
C LEU E 19 3.75 -17.70 26.15
N GLN E 20 3.41 -19.04 26.06
CA GLN E 20 2.62 -19.58 24.90
C GLN E 20 1.21 -18.91 24.83
N LEU E 21 0.57 -18.74 26.03
CA LEU E 21 -0.74 -18.07 26.19
C LEU E 21 -0.70 -16.58 25.76
N GLU E 22 0.42 -15.84 26.10
CA GLU E 22 0.53 -14.38 25.77
C GLU E 22 0.50 -14.15 24.24
N ASN E 23 1.22 -15.02 23.48
CA ASN E 23 1.25 -14.97 21.99
C ASN E 23 -0.18 -15.24 21.41
N ALA E 24 -0.88 -16.24 22.03
CA ALA E 24 -2.26 -16.64 21.63
C ALA E 24 -3.25 -15.46 21.83
N GLU E 25 -3.09 -14.69 22.98
CA GLU E 25 -3.97 -13.51 23.30
C GLU E 25 -3.85 -12.42 22.19
N THR E 26 -2.58 -12.17 21.72
CA THR E 26 -2.29 -11.18 20.63
C THR E 26 -2.98 -11.58 19.29
N LEU E 27 -2.91 -12.92 18.98
CA LEU E 27 -3.49 -13.51 17.71
C LEU E 27 -5.03 -13.29 17.63
N LEU E 28 -5.72 -13.49 18.79
CA LEU E 28 -7.20 -13.39 18.99
C LEU E 28 -8.04 -13.69 17.71
N ALA E 29 -8.65 -14.90 17.67
CA ALA E 29 -9.52 -15.40 16.56
C ALA E 29 -10.98 -15.42 17.13
N PRO E 30 -11.24 -16.00 18.36
CA PRO E 30 -12.64 -15.97 19.00
C PRO E 30 -13.34 -14.57 18.94
N LEU E 31 -12.65 -13.57 19.53
CA LEU E 31 -13.05 -12.14 19.60
C LEU E 31 -13.17 -11.54 18.17
N HIS E 32 -12.23 -11.95 17.25
CA HIS E 32 -12.17 -11.38 15.83
C HIS E 32 -13.54 -11.60 15.13
N ASP E 33 -14.17 -12.78 15.36
CA ASP E 33 -15.52 -13.09 14.78
C ASP E 33 -16.58 -12.01 15.29
N ALA E 34 -16.49 -11.59 16.61
CA ALA E 34 -17.40 -10.54 17.19
C ALA E 34 -17.21 -9.19 16.42
N LYS E 35 -15.93 -8.84 16.07
CA LYS E 35 -15.58 -7.59 15.31
C LYS E 35 -16.27 -7.61 13.91
N ARG E 36 -16.31 -8.82 13.28
CA ARG E 36 -16.91 -9.07 11.92
C ARG E 36 -18.42 -8.68 11.92
N LYS E 37 -19.13 -8.95 13.06
CA LYS E 37 -20.61 -8.64 13.20
C LYS E 37 -20.87 -7.10 12.95
N ILE E 38 -19.95 -6.22 13.45
CA ILE E 38 -20.06 -4.72 13.34
C ILE E 38 -20.40 -4.26 11.88
N GLU E 39 -19.87 -5.03 10.87
CA GLU E 39 -20.06 -4.75 9.41
C GLU E 39 -21.57 -4.60 9.04
N GLN E 40 -22.44 -5.28 9.82
CA GLN E 40 -23.93 -5.26 9.64
C GLN E 40 -24.47 -3.95 10.29
N GLU E 41 -24.11 -3.76 11.58
CA GLU E 41 -24.53 -2.58 12.41
C GLU E 41 -23.79 -1.29 11.96
N ALA E 42 -22.90 -1.40 10.92
CA ALA E 42 -22.11 -0.24 10.38
C ALA E 42 -23.05 0.79 9.66
N GLU E 43 -24.38 0.50 9.64
CA GLU E 43 -25.43 1.37 9.01
C GLU E 43 -25.32 2.87 9.44
N ALA E 44 -24.55 3.12 10.53
CA ALA E 44 -24.31 4.47 11.09
C ALA E 44 -23.72 5.47 10.05
N HIS E 45 -22.50 5.14 9.55
CA HIS E 45 -21.72 5.97 8.59
C HIS E 45 -22.25 5.88 7.13
N THR E 46 -23.04 4.81 6.79
CA THR E 46 -23.59 4.62 5.39
C THR E 46 -24.46 5.83 4.97
N ASP E 47 -24.85 6.67 5.97
CA ASP E 47 -25.65 7.91 5.75
C ASP E 47 -24.75 8.97 5.02
N ARG E 48 -23.41 8.83 5.19
CA ARG E 48 -22.37 9.73 4.59
C ARG E 48 -22.01 9.26 3.16
N VAL E 49 -22.33 7.99 2.83
CA VAL E 49 -22.11 7.37 1.49
C VAL E 49 -23.41 7.61 0.67
N ALA E 50 -24.54 7.73 1.40
CA ALA E 50 -25.89 8.00 0.82
C ALA E 50 -25.96 9.45 0.29
N TRP E 51 -24.91 10.28 0.60
CA TRP E 51 -24.79 11.71 0.13
C TRP E 51 -24.99 11.76 -1.42
N ALA E 52 -24.54 10.66 -2.02
CA ALA E 52 -24.57 10.38 -3.47
C ALA E 52 -26.03 10.32 -4.03
N GLY E 53 -27.00 9.85 -3.20
CA GLY E 53 -28.44 9.69 -3.59
C GLY E 53 -29.20 11.03 -3.76
N PHE E 54 -29.06 11.98 -2.79
CA PHE E 54 -29.79 13.29 -2.82
C PHE E 54 -29.37 14.19 -4.03
N ALA E 55 -28.08 14.09 -4.43
CA ALA E 55 -27.51 14.89 -5.54
C ALA E 55 -28.20 14.59 -6.90
N ALA E 56 -28.28 13.29 -7.24
CA ALA E 56 -28.88 12.80 -8.52
C ALA E 56 -30.44 12.86 -8.51
N SER E 57 -31.06 12.68 -7.32
CA SER E 57 -32.54 12.65 -7.16
C SER E 57 -33.20 14.05 -7.33
N GLY E 58 -32.51 15.12 -6.86
CA GLY E 58 -33.04 16.50 -6.89
C GLY E 58 -33.27 17.09 -8.30
N VAL E 59 -32.33 16.82 -9.24
CA VAL E 59 -32.35 17.36 -10.64
C VAL E 59 -33.37 16.71 -11.61
N GLN E 60 -33.83 15.45 -11.37
CA GLN E 60 -34.80 14.75 -12.30
C GLN E 60 -36.01 15.67 -12.70
N THR E 61 -36.33 16.64 -11.81
CA THR E 61 -37.43 17.64 -12.00
C THR E 61 -37.03 18.75 -13.02
N GLY E 62 -35.72 18.98 -13.16
CA GLY E 62 -35.15 20.03 -14.08
C GLY E 62 -35.45 19.72 -15.56
N LEU E 63 -35.44 18.41 -15.89
CA LEU E 63 -35.70 17.85 -17.28
C LEU E 63 -37.14 18.24 -17.76
N PHE E 64 -38.10 18.26 -16.79
CA PHE E 64 -39.53 18.61 -17.04
C PHE E 64 -39.57 20.02 -17.71
N ALA E 65 -38.63 20.92 -17.30
CA ALA E 65 -38.50 22.29 -17.89
C ALA E 65 -38.25 22.17 -19.43
N ARG E 66 -37.47 21.11 -19.90
CA ARG E 66 -37.21 20.93 -21.38
C ARG E 66 -38.60 20.74 -22.09
N LEU E 67 -39.53 19.96 -21.44
CA LEU E 67 -40.93 19.76 -21.99
C LEU E 67 -41.72 21.13 -22.07
N THR E 68 -41.61 22.01 -21.02
CA THR E 68 -42.35 23.33 -20.98
C THR E 68 -41.97 24.30 -22.13
N TRP E 69 -40.64 24.39 -22.48
CA TRP E 69 -40.10 25.34 -23.54
C TRP E 69 -39.52 24.60 -24.75
N TRP E 70 -40.12 23.44 -25.05
CA TRP E 70 -39.73 22.52 -26.16
C TRP E 70 -39.37 23.23 -27.53
N GLU E 71 -39.75 24.54 -27.72
CA GLU E 71 -39.51 25.31 -28.99
C GLU E 71 -38.14 26.07 -29.04
N TYR E 72 -37.55 26.45 -27.86
CA TYR E 72 -36.24 27.20 -27.78
C TYR E 72 -35.14 26.58 -28.73
N SER E 73 -34.99 25.23 -28.69
CA SER E 73 -34.01 24.46 -29.55
C SER E 73 -34.21 22.93 -29.37
N TRP E 74 -34.18 22.50 -28.09
CA TRP E 74 -34.35 21.09 -27.60
C TRP E 74 -33.00 20.41 -27.33
N ASP E 75 -32.02 20.63 -28.23
CA ASP E 75 -30.65 20.12 -28.12
C ASP E 75 -30.03 20.75 -26.82
N ILE E 76 -30.20 20.04 -25.68
CA ILE E 76 -29.83 20.52 -24.30
C ILE E 76 -29.67 19.23 -23.43
N VAL E 77 -29.78 18.00 -24.05
CA VAL E 77 -29.73 16.71 -23.29
C VAL E 77 -28.44 16.54 -22.44
N GLU E 78 -28.35 15.36 -21.79
CA GLU E 78 -27.26 14.94 -20.85
C GLU E 78 -27.26 15.48 -19.36
N PRO E 79 -28.09 16.45 -18.85
CA PRO E 79 -27.87 16.98 -17.41
C PRO E 79 -27.98 15.91 -16.24
N VAL E 80 -28.93 14.96 -16.28
CA VAL E 80 -29.03 13.97 -15.13
C VAL E 80 -27.71 13.15 -14.97
N THR E 81 -27.08 12.73 -16.12
CA THR E 81 -25.82 11.98 -16.10
C THR E 81 -24.58 12.73 -15.47
N TYR E 82 -24.33 14.08 -15.74
CA TYR E 82 -23.10 14.76 -15.17
C TYR E 82 -23.10 14.72 -13.62
N PHE E 83 -24.27 14.94 -12.93
CA PHE E 83 -24.35 14.79 -11.44
C PHE E 83 -24.03 13.31 -11.06
N ALA E 84 -24.54 12.34 -11.92
CA ALA E 84 -24.29 10.87 -11.72
C ALA E 84 -22.74 10.57 -11.75
N THR E 85 -21.93 11.25 -12.64
CA THR E 85 -20.44 11.04 -12.70
C THR E 85 -19.86 11.41 -11.28
N TYR E 86 -20.44 12.48 -10.67
CA TYR E 86 -20.06 12.94 -9.28
C TYR E 86 -20.33 11.75 -8.25
N SER E 87 -21.46 11.02 -8.46
CA SER E 87 -21.84 9.82 -7.63
C SER E 87 -20.74 8.70 -7.77
N THR E 88 -20.22 8.56 -9.03
CA THR E 88 -19.20 7.50 -9.40
C THR E 88 -17.90 7.66 -8.52
N VAL E 89 -17.43 8.94 -8.30
CA VAL E 89 -16.29 9.23 -7.35
C VAL E 89 -16.68 8.80 -5.91
N ALA E 90 -17.99 8.97 -5.52
CA ALA E 90 -18.44 8.65 -4.11
C ALA E 90 -18.07 7.17 -3.82
N ALA E 91 -18.22 6.28 -4.87
CA ALA E 91 -17.77 4.84 -4.75
C ALA E 91 -16.22 4.83 -4.49
N THR E 92 -15.46 5.74 -5.22
CA THR E 92 -13.98 5.87 -5.08
C THR E 92 -13.56 6.31 -3.64
N PHE E 93 -14.25 7.27 -2.98
CA PHE E 93 -13.85 7.72 -1.57
C PHE E 93 -13.89 6.49 -0.57
N GLY E 94 -14.92 5.64 -0.78
CA GLY E 94 -15.26 4.44 0.03
C GLY E 94 -14.11 3.52 0.57
N TYR E 95 -13.14 3.08 -0.28
CA TYR E 95 -12.05 2.09 0.18
C TYR E 95 -11.31 2.57 1.46
N TYR E 96 -11.20 3.91 1.63
CA TYR E 96 -10.46 4.54 2.77
C TYR E 96 -11.26 4.37 4.08
N LEU E 97 -12.49 4.94 4.10
CA LEU E 97 -13.42 4.87 5.28
C LEU E 97 -13.81 3.39 5.62
N TYR E 98 -13.58 2.41 4.68
CA TYR E 98 -14.11 1.00 4.84
C TYR E 98 -13.77 0.34 6.21
N THR E 99 -12.46 0.12 6.55
CA THR E 99 -12.09 -0.50 7.87
C THR E 99 -12.37 0.52 9.05
N GLN E 100 -11.85 1.77 8.86
CA GLN E 100 -11.91 2.90 9.85
C GLN E 100 -13.32 3.32 10.40
N GLN E 101 -14.45 3.12 9.64
CA GLN E 101 -15.82 3.67 10.10
C GLN E 101 -16.16 3.35 11.58
N SER E 102 -15.60 2.23 12.08
CA SER E 102 -15.76 1.75 13.48
C SER E 102 -15.21 2.79 14.51
N PHE E 103 -14.18 3.58 14.07
CA PHE E 103 -13.46 4.60 14.90
C PHE E 103 -14.42 5.56 15.67
N GLU E 104 -15.63 5.79 15.12
CA GLU E 104 -16.67 6.69 15.71
C GLU E 104 -17.24 6.16 17.09
N TYR E 105 -17.54 4.82 17.19
CA TYR E 105 -18.17 4.20 18.42
C TYR E 105 -17.28 4.30 19.75
N PRO E 106 -15.96 3.90 19.78
CA PRO E 106 -15.06 4.02 21.04
C PRO E 106 -15.19 5.36 21.81
N SER E 107 -15.65 6.41 21.09
CA SER E 107 -15.84 7.79 21.63
C SER E 107 -16.68 7.76 22.95
N ALA E 108 -17.62 6.78 23.00
CA ALA E 108 -18.52 6.52 24.17
C ALA E 108 -19.41 7.75 24.55
N ARG E 109 -20.66 7.49 25.03
CA ARG E 109 -21.63 8.54 25.47
C ARG E 109 -21.11 9.20 26.79
N GLU E 110 -21.59 10.43 27.12
CA GLU E 110 -21.17 11.21 28.33
C GLU E 110 -21.51 10.45 29.68
N ARG E 111 -20.68 9.40 29.98
CA ARG E 111 -20.81 8.57 31.21
C ARG E 111 -19.49 7.74 31.38
N VAL E 112 -18.53 8.25 32.20
CA VAL E 112 -17.21 7.60 32.45
C VAL E 112 -17.39 6.26 33.23
N TYR E 113 -16.24 5.66 33.65
CA TYR E 113 -16.18 4.38 34.41
C TYR E 113 -16.82 3.19 33.60
N THR E 114 -15.98 2.21 33.18
CA THR E 114 -16.38 1.01 32.38
C THR E 114 -17.06 1.42 31.02
N LYS E 115 -16.36 1.12 29.88
CA LYS E 115 -16.84 1.45 28.51
C LYS E 115 -15.97 0.68 27.46
N GLN E 116 -15.50 -0.54 27.86
CA GLN E 116 -14.64 -1.43 27.03
C GLN E 116 -13.31 -0.69 26.65
N PHE E 117 -12.82 0.17 27.59
CA PHE E 117 -11.58 0.99 27.44
C PHE E 117 -10.31 0.09 27.24
N TYR E 118 -9.29 0.65 26.53
CA TYR E 118 -7.98 -0.01 26.22
C TYR E 118 -8.18 -1.25 25.29
N ARG E 119 -8.98 -2.22 25.77
CA ARG E 119 -9.30 -3.49 25.04
C ARG E 119 -10.14 -3.20 23.76
N ARG E 120 -10.87 -2.05 23.78
CA ARG E 120 -11.76 -1.58 22.66
C ARG E 120 -12.89 -2.61 22.35
N ALA E 121 -12.52 -3.74 21.72
CA ALA E 121 -13.44 -4.85 21.34
C ALA E 121 -14.58 -4.37 20.40
N GLN E 122 -14.44 -3.13 19.83
CA GLN E 122 -15.44 -2.50 18.91
C GLN E 122 -14.74 -1.71 17.76
N LYS E 123 -13.37 -1.72 17.70
CA LYS E 123 -12.61 -0.96 16.64
C LYS E 123 -12.75 -1.64 15.24
N GLN E 124 -11.91 -1.19 14.28
CA GLN E 124 -11.88 -1.65 12.87
C GLN E 124 -11.47 -3.14 12.70
N ASN E 125 -11.75 -3.75 11.49
CA ASN E 125 -11.39 -5.16 11.15
C ASN E 125 -11.79 -5.52 9.66
N PHE E 126 -10.75 -5.88 8.87
CA PHE E 126 -10.83 -6.36 7.47
C PHE E 126 -9.36 -6.49 6.99
N ASP E 127 -8.43 -5.57 7.46
CA ASP E 127 -6.98 -5.64 7.07
C ASP E 127 -5.99 -4.80 7.96
N ILE E 128 -6.36 -3.60 8.57
CA ILE E 128 -5.36 -2.81 9.43
C ILE E 128 -5.11 -3.60 10.77
N GLU E 129 -6.18 -4.28 11.28
CA GLU E 129 -6.15 -5.02 12.59
C GLU E 129 -5.09 -6.15 12.68
N LYS E 130 -5.04 -7.09 11.69
CA LYS E 130 -4.10 -8.28 11.75
C LYS E 130 -2.61 -7.83 11.66
N TYR E 131 -2.22 -6.98 10.66
CA TYR E 131 -0.83 -6.51 10.49
C TYR E 131 -0.22 -5.87 11.78
N ASN E 132 -0.96 -4.92 12.41
CA ASN E 132 -0.43 -4.22 13.63
C ASN E 132 -0.24 -5.16 14.83
N ARG E 133 -1.33 -5.84 15.14
CA ARG E 133 -1.38 -6.73 16.36
C ARG E 133 -0.39 -7.93 16.29
N LEU E 134 -0.37 -8.76 15.20
CA LEU E 134 0.58 -9.93 15.18
C LEU E 134 2.08 -9.47 15.20
N VAL E 135 2.56 -8.39 14.43
CA VAL E 135 4.02 -7.98 14.55
C VAL E 135 4.32 -7.67 16.09
N THR E 136 3.26 -7.20 16.86
CA THR E 136 3.40 -6.94 18.35
C THR E 136 3.75 -8.27 19.09
N GLU E 137 3.26 -9.43 18.55
CA GLU E 137 3.59 -10.80 19.13
C GLU E 137 5.15 -10.93 19.18
N VAL E 138 5.82 -10.29 18.16
CA VAL E 138 7.33 -10.28 18.13
C VAL E 138 7.83 -9.47 19.38
N ASP E 139 7.15 -8.33 19.74
CA ASP E 139 7.57 -7.52 20.98
C ASP E 139 7.66 -8.46 22.26
N GLU E 140 6.82 -9.55 22.32
CA GLU E 140 6.87 -10.52 23.47
C GLU E 140 8.23 -11.27 23.38
N LEU E 141 8.72 -11.54 22.13
CA LEU E 141 10.08 -12.22 21.90
C LEU E 141 11.19 -11.38 22.64
N ARG E 142 11.03 -10.03 22.63
CA ARG E 142 12.00 -9.05 23.28
C ARG E 142 11.97 -9.26 24.84
N ASN E 143 10.77 -9.62 25.41
CA ASN E 143 10.65 -9.85 26.91
C ASN E 143 11.38 -11.16 27.41
N GLN E 144 11.11 -12.35 26.74
CA GLN E 144 11.74 -13.67 27.15
C GLN E 144 13.27 -13.58 26.95
N LEU E 145 13.70 -12.93 25.84
CA LEU E 145 15.14 -12.76 25.48
C LEU E 145 15.95 -12.08 26.64
N LYS E 146 15.45 -10.93 27.18
CA LYS E 146 16.13 -10.20 28.31
C LYS E 146 16.41 -11.18 29.52
N ARG E 147 15.36 -11.99 30.01
CA ARG E 147 15.64 -12.90 31.18
C ARG E 147 16.69 -13.96 30.72
N LEU E 148 16.60 -14.35 29.41
CA LEU E 148 17.55 -15.30 28.77
C LEU E 148 19.00 -14.68 28.84
N ARG E 149 19.11 -13.30 28.64
CA ARG E 149 20.44 -12.56 28.62
C ARG E 149 21.23 -12.65 29.96
N ASP E 150 20.56 -12.56 31.16
CA ASP E 150 21.32 -12.64 32.48
C ASP E 150 22.33 -13.91 32.55
N PRO E 151 21.89 -15.21 32.27
CA PRO E 151 22.78 -16.46 32.13
C PRO E 151 24.20 -16.25 31.57
N LEU E 152 25.06 -17.31 31.69
CA LEU E 152 26.44 -17.33 31.25
C LEU E 152 26.96 -18.59 31.97
N GLU E 153 27.24 -19.62 31.19
CA GLU E 153 27.68 -20.98 31.66
C GLU E 153 29.22 -21.06 31.71
N MET A 1 28.27 -45.67 7.75
CA MET A 1 28.83 -44.39 8.26
C MET A 1 28.76 -43.30 7.16
N ALA A 2 28.71 -43.76 5.87
CA ALA A 2 28.65 -42.87 4.67
C ALA A 2 27.36 -41.99 4.68
N ALA A 3 26.19 -42.66 4.87
CA ALA A 3 24.84 -42.00 4.91
C ALA A 3 24.56 -41.19 3.61
N LEU A 4 23.55 -40.27 3.66
CA LEU A 4 23.15 -39.40 2.51
C LEU A 4 24.34 -38.46 2.08
N SER A 5 25.03 -37.89 3.10
CA SER A 5 26.20 -36.97 2.93
C SER A 5 26.85 -36.77 4.32
N VAL A 6 27.06 -37.91 5.03
CA VAL A 6 27.66 -37.96 6.40
C VAL A 6 26.73 -37.16 7.39
N ASP A 7 25.42 -37.20 7.08
CA ASP A 7 24.33 -36.51 7.84
C ASP A 7 24.63 -35.01 8.18
N GLU A 8 25.66 -34.43 7.51
CA GLU A 8 26.11 -33.01 7.71
C GLU A 8 26.50 -32.69 9.18
N TYR A 9 26.50 -33.74 10.07
CA TYR A 9 26.84 -33.62 11.52
C TYR A 9 25.93 -32.54 12.22
N LYS A 10 24.86 -32.98 12.94
CA LYS A 10 23.91 -32.06 13.65
C LYS A 10 23.06 -32.85 14.68
N LEU A 11 22.66 -32.15 15.79
CA LEU A 11 21.80 -32.72 16.89
C LEU A 11 20.36 -32.86 16.33
N SER A 12 19.68 -34.01 16.61
CA SER A 12 18.34 -34.34 16.14
C SER A 12 17.94 -35.66 16.81
N ARG A 13 16.71 -36.04 16.54
CA ARG A 13 16.04 -37.26 17.03
C ARG A 13 14.74 -37.38 16.23
N GLU A 14 13.87 -36.33 16.35
CA GLU A 14 12.56 -36.25 15.65
C GLU A 14 12.01 -34.79 15.71
N LYS A 15 12.20 -34.11 16.88
CA LYS A 15 11.65 -32.73 17.11
C LYS A 15 12.20 -31.65 16.11
N LYS A 16 13.54 -31.66 15.79
CA LYS A 16 14.14 -30.66 14.83
C LYS A 16 13.47 -30.79 13.43
N LEU A 17 13.23 -32.06 13.03
CA LEU A 17 12.62 -32.42 11.72
C LEU A 17 11.18 -31.79 11.58
N LEU A 18 10.37 -31.84 12.69
CA LEU A 18 8.98 -31.27 12.69
C LEU A 18 8.96 -29.73 12.46
N LEU A 19 9.87 -28.97 13.13
CA LEU A 19 9.91 -27.46 12.96
C LEU A 19 10.24 -27.06 11.46
N GLN A 20 11.22 -27.76 10.75
CA GLN A 20 11.53 -27.41 9.30
C GLN A 20 10.24 -27.63 8.43
N LEU A 21 9.53 -28.76 8.71
CA LEU A 21 8.24 -29.12 8.05
C LEU A 21 7.14 -28.07 8.34
N GLU A 22 7.07 -27.55 9.61
CA GLU A 22 6.02 -26.55 10.00
C GLU A 22 6.14 -25.27 9.13
N ASN A 23 7.41 -24.82 8.86
CA ASN A 23 7.69 -23.61 8.03
C ASN A 23 7.15 -23.80 6.59
N ALA A 24 7.37 -25.03 6.02
CA ALA A 24 6.90 -25.36 4.64
C ALA A 24 5.33 -25.26 4.54
N GLU A 25 4.60 -25.77 5.60
CA GLU A 25 3.09 -25.70 5.64
C GLU A 25 2.58 -24.22 5.66
N THR A 26 3.26 -23.36 6.47
CA THR A 26 2.88 -21.91 6.66
C THR A 26 2.96 -21.06 5.36
N LEU A 27 4.01 -21.30 4.51
CA LEU A 27 4.24 -20.51 3.24
C LEU A 27 3.02 -20.66 2.26
N LEU A 28 2.44 -21.88 2.18
CA LEU A 28 1.29 -22.21 1.28
C LEU A 28 1.69 -22.01 -0.22
N ALA A 29 1.96 -23.14 -0.93
CA ALA A 29 2.31 -23.20 -2.35
C ALA A 29 1.21 -23.99 -3.14
N PRO A 30 0.49 -25.02 -2.58
CA PRO A 30 -0.54 -25.82 -3.36
C PRO A 30 -1.91 -25.12 -3.35
N LEU A 31 -2.33 -24.62 -2.15
CA LEU A 31 -3.59 -23.83 -2.01
C LEU A 31 -3.41 -22.56 -2.91
N HIS A 32 -2.15 -22.01 -2.95
CA HIS A 32 -1.83 -20.83 -3.85
C HIS A 32 -2.04 -21.27 -5.35
N ASP A 33 -1.62 -22.55 -5.68
CA ASP A 33 -1.84 -23.16 -7.05
C ASP A 33 -3.38 -23.23 -7.34
N ALA A 34 -4.22 -23.51 -6.28
CA ALA A 34 -5.71 -23.63 -6.44
C ALA A 34 -6.28 -22.27 -7.01
N LYS A 35 -5.73 -21.08 -6.54
CA LYS A 35 -6.15 -19.74 -7.12
C LYS A 35 -5.79 -19.74 -8.64
N ARG A 36 -4.59 -20.30 -8.97
CA ARG A 36 -4.09 -20.44 -10.39
C ARG A 36 -5.05 -21.35 -11.25
N LYS A 37 -5.59 -22.45 -10.63
CA LYS A 37 -6.46 -23.46 -11.31
C LYS A 37 -7.77 -22.82 -11.92
N ILE A 38 -8.39 -21.88 -11.16
CA ILE A 38 -9.66 -21.18 -11.56
C ILE A 38 -9.38 -19.94 -12.45
N GLU A 39 -8.08 -19.66 -12.78
CA GLU A 39 -7.68 -18.48 -13.63
C GLU A 39 -8.49 -18.42 -14.96
N GLN A 40 -8.99 -19.60 -15.41
CA GLN A 40 -9.83 -19.74 -16.63
C GLN A 40 -11.29 -19.35 -16.25
N GLU A 41 -11.76 -19.95 -15.13
CA GLU A 41 -13.12 -19.75 -14.55
C GLU A 41 -13.23 -18.35 -13.86
N ALA A 42 -12.14 -17.53 -13.91
CA ALA A 42 -12.06 -16.18 -13.27
C ALA A 42 -13.33 -15.28 -13.46
N GLU A 43 -14.22 -15.65 -14.41
CA GLU A 43 -15.50 -14.91 -14.69
C GLU A 43 -16.48 -15.03 -13.48
N ALA A 44 -16.05 -15.74 -12.41
CA ALA A 44 -16.83 -15.96 -11.15
C ALA A 44 -16.97 -14.64 -10.34
N HIS A 45 -15.80 -14.07 -9.93
CA HIS A 45 -15.70 -12.83 -9.10
C HIS A 45 -16.41 -11.62 -9.75
N THR A 46 -16.53 -11.68 -11.11
CA THR A 46 -17.16 -10.60 -11.93
C THR A 46 -18.63 -10.34 -11.49
N ASP A 47 -19.22 -11.31 -10.74
CA ASP A 47 -20.61 -11.24 -10.21
C ASP A 47 -20.81 -9.98 -9.30
N ARG A 48 -19.69 -9.50 -8.69
CA ARG A 48 -19.68 -8.30 -7.78
C ARG A 48 -19.39 -7.03 -8.62
N VAL A 49 -18.65 -7.16 -9.76
CA VAL A 49 -18.33 -6.04 -10.69
C VAL A 49 -19.58 -5.82 -11.57
N ALA A 50 -20.42 -6.88 -11.68
CA ALA A 50 -21.69 -6.89 -12.46
C ALA A 50 -22.72 -5.93 -11.82
N TRP A 51 -22.42 -5.40 -10.57
CA TRP A 51 -23.32 -4.41 -9.87
C TRP A 51 -23.61 -3.23 -10.84
N ALA A 52 -22.54 -2.93 -11.62
CA ALA A 52 -22.47 -1.86 -12.62
C ALA A 52 -23.02 -2.32 -14.01
N GLY A 53 -23.27 -3.64 -14.18
CA GLY A 53 -23.79 -4.22 -15.46
C GLY A 53 -25.19 -3.68 -15.80
N PHE A 54 -25.99 -3.35 -14.74
CA PHE A 54 -27.36 -2.81 -14.88
C PHE A 54 -27.34 -1.31 -15.32
N ALA A 55 -26.23 -0.60 -15.00
CA ALA A 55 -26.05 0.86 -15.32
C ALA A 55 -26.03 1.10 -16.86
N ALA A 56 -25.22 0.29 -17.57
CA ALA A 56 -25.03 0.37 -19.06
C ALA A 56 -26.31 0.00 -19.85
N SER A 57 -27.15 -0.89 -19.27
CA SER A 57 -28.41 -1.38 -19.92
C SER A 57 -29.42 -0.24 -20.22
N GLY A 58 -29.33 0.86 -19.44
CA GLY A 58 -30.25 2.03 -19.56
C GLY A 58 -30.27 2.70 -20.97
N VAL A 59 -29.06 3.07 -21.48
CA VAL A 59 -28.89 3.79 -22.81
C VAL A 59 -29.06 2.88 -24.06
N GLN A 60 -28.85 1.52 -23.95
CA GLN A 60 -28.95 0.60 -25.16
C GLN A 60 -30.28 0.84 -25.96
N THR A 61 -31.38 1.09 -25.20
CA THR A 61 -32.74 1.39 -25.78
C THR A 61 -32.80 2.83 -26.34
N GLY A 62 -31.93 3.71 -25.78
CA GLY A 62 -31.86 5.15 -26.15
C GLY A 62 -31.42 5.39 -27.61
N LEU A 63 -30.53 4.52 -28.13
CA LEU A 63 -30.00 4.60 -29.54
C LEU A 63 -31.15 4.46 -30.58
N PHE A 64 -32.11 3.57 -30.28
CA PHE A 64 -33.32 3.36 -31.14
C PHE A 64 -34.11 4.69 -31.24
N ALA A 65 -34.18 5.43 -30.08
CA ALA A 65 -34.93 6.73 -29.99
C ALA A 65 -34.39 7.83 -30.97
N ARG A 66 -33.01 8.00 -31.16
CA ARG A 66 -32.49 9.06 -32.12
C ARG A 66 -33.00 8.74 -33.54
N LEU A 67 -32.99 7.42 -33.91
CA LEU A 67 -33.46 6.99 -35.28
C LEU A 67 -35.00 7.34 -35.53
N THR A 68 -35.90 7.08 -34.52
CA THR A 68 -37.38 7.35 -34.60
C THR A 68 -37.79 8.85 -34.74
N TRP A 69 -37.13 9.77 -33.96
CA TRP A 69 -37.50 11.25 -33.91
C TRP A 69 -36.58 12.15 -34.73
N TRP A 70 -36.10 11.60 -35.86
CA TRP A 70 -35.23 12.34 -36.85
C TRP A 70 -36.09 13.54 -37.49
N GLU A 71 -36.51 14.65 -36.70
CA GLU A 71 -37.34 15.76 -37.29
C GLU A 71 -37.27 17.14 -36.52
N TYR A 72 -37.36 17.17 -35.15
CA TYR A 72 -37.37 18.45 -34.39
C TYR A 72 -36.16 19.40 -34.72
N SER A 73 -34.95 18.81 -34.69
CA SER A 73 -33.66 19.54 -34.95
C SER A 73 -32.52 18.54 -35.11
N TRP A 74 -32.54 17.61 -34.13
CA TRP A 74 -31.57 16.53 -33.92
C TRP A 74 -30.56 17.01 -32.86
N ASP A 75 -29.25 16.76 -33.03
CA ASP A 75 -28.16 17.13 -32.08
C ASP A 75 -28.51 16.65 -30.62
N ILE A 76 -28.05 15.43 -30.24
CA ILE A 76 -28.32 14.77 -28.92
C ILE A 76 -27.15 13.74 -28.73
N VAL A 77 -26.14 13.65 -29.69
CA VAL A 77 -25.05 12.63 -29.60
C VAL A 77 -24.24 12.72 -28.29
N GLU A 78 -23.24 11.80 -28.18
CA GLU A 78 -22.31 11.62 -27.01
C GLU A 78 -22.86 10.88 -25.68
N PRO A 79 -24.16 10.49 -25.42
CA PRO A 79 -24.55 9.87 -24.04
C PRO A 79 -23.83 8.53 -23.70
N VAL A 80 -23.65 7.68 -24.72
CA VAL A 80 -23.09 6.29 -24.54
C VAL A 80 -21.68 6.24 -23.88
N THR A 81 -20.74 7.16 -24.23
CA THR A 81 -19.38 7.13 -23.62
C THR A 81 -19.41 7.32 -22.06
N TYR A 82 -20.26 8.23 -21.47
CA TYR A 82 -20.26 8.43 -19.98
C TYR A 82 -20.63 7.13 -19.24
N PHE A 83 -21.67 6.43 -19.79
CA PHE A 83 -22.16 5.15 -19.19
C PHE A 83 -21.01 4.10 -19.20
N ALA A 84 -20.23 4.07 -20.32
CA ALA A 84 -19.04 3.17 -20.44
C ALA A 84 -17.97 3.52 -19.33
N THR A 85 -17.70 4.86 -19.09
CA THR A 85 -16.74 5.35 -18.02
C THR A 85 -17.23 4.92 -16.60
N TYR A 86 -18.57 4.96 -16.37
CA TYR A 86 -19.19 4.61 -15.04
C TYR A 86 -18.80 3.11 -14.71
N SER A 87 -18.85 2.24 -15.75
CA SER A 87 -18.41 0.81 -15.62
C SER A 87 -16.89 0.70 -15.24
N THR A 88 -16.00 1.57 -15.85
CA THR A 88 -14.52 1.57 -15.54
C THR A 88 -14.25 1.88 -14.03
N VAL A 89 -14.99 2.85 -13.37
CA VAL A 89 -14.78 3.12 -11.87
C VAL A 89 -15.03 1.79 -11.13
N ALA A 90 -16.02 0.98 -11.64
CA ALA A 90 -16.33 -0.36 -11.04
C ALA A 90 -15.00 -1.19 -11.07
N ALA A 91 -14.19 -1.04 -12.19
CA ALA A 91 -12.83 -1.73 -12.30
C ALA A 91 -11.91 -1.23 -11.13
N THR A 92 -11.94 0.11 -10.86
CA THR A 92 -11.15 0.77 -9.76
C THR A 92 -11.59 0.24 -8.39
N PHE A 93 -12.94 -0.02 -8.20
CA PHE A 93 -13.49 -0.57 -6.90
C PHE A 93 -12.75 -1.90 -6.60
N GLY A 94 -12.47 -2.61 -7.69
CA GLY A 94 -11.76 -3.89 -7.70
C GLY A 94 -10.57 -4.03 -6.72
N TYR A 95 -9.84 -2.91 -6.39
CA TYR A 95 -8.64 -2.95 -5.44
C TYR A 95 -9.02 -3.53 -4.03
N TYR A 96 -10.32 -3.39 -3.65
CA TYR A 96 -10.85 -3.83 -2.34
C TYR A 96 -11.15 -5.36 -2.31
N LEU A 97 -12.09 -5.78 -3.19
CA LEU A 97 -12.60 -7.20 -3.26
C LEU A 97 -11.62 -8.23 -3.92
N TYR A 98 -10.59 -7.76 -4.68
CA TYR A 98 -9.68 -8.65 -5.50
C TYR A 98 -9.25 -10.01 -4.83
N THR A 99 -8.49 -9.96 -3.69
CA THR A 99 -8.04 -11.19 -2.95
C THR A 99 -9.25 -11.88 -2.20
N GLN A 100 -10.14 -11.05 -1.58
CA GLN A 100 -11.33 -11.47 -0.79
C GLN A 100 -12.35 -12.41 -1.53
N GLN A 101 -12.41 -12.36 -2.88
CA GLN A 101 -13.45 -13.10 -3.70
C GLN A 101 -13.64 -14.59 -3.25
N SER A 102 -12.56 -15.17 -2.68
CA SER A 102 -12.56 -16.57 -2.15
C SER A 102 -13.69 -16.80 -1.11
N PHE A 103 -14.07 -15.71 -0.37
CA PHE A 103 -15.13 -15.74 0.68
C PHE A 103 -16.55 -15.94 0.06
N GLU A 104 -16.77 -15.30 -1.11
CA GLU A 104 -18.07 -15.30 -1.86
C GLU A 104 -18.40 -16.67 -2.55
N TYR A 105 -17.36 -17.32 -3.15
CA TYR A 105 -17.52 -18.57 -3.99
C TYR A 105 -18.35 -19.77 -3.34
N PRO A 106 -18.22 -20.14 -2.02
CA PRO A 106 -19.00 -21.34 -1.42
C PRO A 106 -20.55 -21.19 -1.58
N SER A 107 -21.03 -19.93 -1.35
CA SER A 107 -22.47 -19.57 -1.44
C SER A 107 -22.92 -19.53 -2.93
N ALA A 108 -22.86 -20.72 -3.59
CA ALA A 108 -23.24 -20.92 -5.03
C ALA A 108 -23.33 -22.45 -5.32
N ARG A 109 -22.64 -23.27 -4.49
CA ARG A 109 -22.59 -24.76 -4.59
C ARG A 109 -23.08 -25.34 -3.23
N GLU A 110 -24.30 -25.95 -3.20
CA GLU A 110 -24.95 -26.53 -1.99
C GLU A 110 -25.25 -25.40 -0.94
N ARG A 111 -26.24 -25.63 -0.03
CA ARG A 111 -26.66 -24.61 0.99
C ARG A 111 -27.32 -25.33 2.21
N VAL A 112 -27.32 -26.69 2.20
CA VAL A 112 -27.90 -27.54 3.29
C VAL A 112 -26.95 -27.51 4.54
N TYR A 113 -26.59 -26.28 4.96
CA TYR A 113 -25.71 -26.00 6.15
C TYR A 113 -24.31 -26.70 6.08
N THR A 114 -24.04 -27.50 5.00
CA THR A 114 -22.74 -28.24 4.82
C THR A 114 -21.69 -27.34 4.12
N LYS A 115 -21.62 -27.39 2.75
CA LYS A 115 -20.66 -26.61 1.88
C LYS A 115 -19.19 -26.57 2.41
N GLN A 116 -18.28 -25.86 1.67
CA GLN A 116 -16.83 -25.73 2.03
C GLN A 116 -16.71 -24.87 3.34
N PHE A 117 -17.03 -25.51 4.50
CA PHE A 117 -17.03 -24.88 5.87
C PHE A 117 -16.27 -25.79 6.87
N TYR A 118 -16.60 -27.12 6.83
CA TYR A 118 -16.01 -28.15 7.74
C TYR A 118 -14.47 -28.27 7.58
N ARG A 119 -13.89 -27.59 6.56
CA ARG A 119 -12.41 -27.59 6.28
C ARG A 119 -12.09 -26.40 5.33
N ARG A 120 -12.26 -25.15 5.88
CA ARG A 120 -12.00 -23.87 5.16
C ARG A 120 -10.60 -23.34 5.54
N ALA A 121 -10.49 -22.66 6.72
CA ALA A 121 -9.21 -22.07 7.24
C ALA A 121 -8.58 -21.13 6.18
N GLN A 122 -7.25 -20.84 6.32
CA GLN A 122 -6.49 -19.96 5.37
C GLN A 122 -6.55 -20.58 3.91
N LYS A 123 -6.52 -19.68 2.87
CA LYS A 123 -6.58 -20.08 1.43
C LYS A 123 -6.38 -18.83 0.54
N GLN A 124 -6.24 -19.07 -0.79
CA GLN A 124 -6.02 -18.03 -1.83
C GLN A 124 -4.63 -17.36 -1.62
N ASN A 125 -4.24 -16.38 -2.51
CA ASN A 125 -2.94 -15.63 -2.42
C ASN A 125 -2.70 -14.81 -3.72
N PHE A 126 -1.92 -13.72 -3.54
CA PHE A 126 -1.46 -12.78 -4.58
C PHE A 126 -0.69 -11.65 -3.82
N ASP A 127 -1.13 -11.31 -2.54
CA ASP A 127 -0.46 -10.23 -1.72
C ASP A 127 -0.86 -10.21 -0.18
N ILE A 128 -2.20 -10.25 0.22
CA ILE A 128 -2.60 -10.11 1.70
C ILE A 128 -2.19 -11.37 2.50
N GLU A 129 -2.51 -12.56 1.93
CA GLU A 129 -2.18 -13.88 2.55
C GLU A 129 -0.64 -14.05 2.69
N LYS A 130 0.11 -13.49 1.70
CA LYS A 130 1.59 -13.64 1.66
C LYS A 130 2.33 -12.93 2.84
N TYR A 131 2.08 -11.60 3.12
CA TYR A 131 2.78 -10.89 4.21
C TYR A 131 2.40 -11.37 5.63
N ASN A 132 1.06 -11.45 5.92
CA ASN A 132 0.59 -11.81 7.29
C ASN A 132 0.97 -13.25 7.67
N ARG A 133 0.65 -14.19 6.78
CA ARG A 133 0.87 -15.66 7.06
C ARG A 133 2.38 -16.03 7.26
N LEU A 134 3.32 -15.64 6.32
CA LEU A 134 4.79 -16.02 6.51
C LEU A 134 5.37 -15.36 7.80
N VAL A 135 4.92 -14.07 8.18
CA VAL A 135 5.31 -13.49 9.51
C VAL A 135 4.92 -14.58 10.60
N THR A 136 3.74 -15.29 10.45
CA THR A 136 3.28 -16.27 11.50
C THR A 136 4.32 -17.40 11.70
N GLU A 137 5.07 -17.75 10.61
CA GLU A 137 6.19 -18.77 10.72
C GLU A 137 7.20 -18.22 11.79
N VAL A 138 7.32 -16.85 11.85
CA VAL A 138 8.17 -16.19 12.92
C VAL A 138 7.56 -16.56 14.31
N ASP A 139 6.20 -16.59 14.44
CA ASP A 139 5.51 -16.95 15.76
C ASP A 139 6.09 -18.27 16.36
N GLU A 140 6.53 -19.20 15.46
CA GLU A 140 7.14 -20.50 15.88
C GLU A 140 8.52 -20.20 16.53
N LEU A 141 9.26 -19.17 15.97
CA LEU A 141 10.59 -18.74 16.58
C LEU A 141 10.33 -18.31 18.06
N ARG A 142 9.11 -17.72 18.33
CA ARG A 142 8.75 -17.28 19.74
C ARG A 142 8.71 -18.55 20.64
N ASN A 143 8.35 -19.76 20.03
CA ASN A 143 8.34 -21.05 20.83
C ASN A 143 9.78 -21.59 21.18
N GLN A 144 10.75 -21.40 20.25
CA GLN A 144 12.16 -21.91 20.43
C GLN A 144 12.92 -21.13 21.57
N LEU A 145 12.87 -19.77 21.51
CA LEU A 145 13.53 -18.87 22.51
C LEU A 145 13.01 -19.17 23.94
N LYS A 146 11.67 -19.38 24.03
CA LYS A 146 10.96 -19.72 25.30
C LYS A 146 11.67 -20.92 26.04
N ARG A 147 11.97 -22.09 25.31
CA ARG A 147 12.59 -23.25 26.03
C ARG A 147 13.96 -22.84 26.63
N LEU A 148 14.79 -22.04 25.87
CA LEU A 148 16.12 -21.54 26.40
C LEU A 148 15.98 -20.60 27.63
N ARG A 149 14.87 -19.84 27.73
CA ARG A 149 14.65 -18.85 28.83
C ARG A 149 14.50 -19.55 30.23
N ASP A 150 13.90 -20.78 30.30
CA ASP A 150 13.76 -21.52 31.66
C ASP A 150 15.17 -21.95 32.32
N PRO A 151 16.17 -22.65 31.63
CA PRO A 151 17.56 -23.02 32.25
C PRO A 151 18.37 -21.71 32.46
N LEU A 152 19.74 -21.69 32.27
CA LEU A 152 20.53 -20.42 32.39
C LEU A 152 20.27 -19.65 31.06
N GLU A 153 20.95 -20.13 30.02
CA GLU A 153 20.87 -19.62 28.63
C GLU A 153 20.94 -20.81 27.64
N MET B 1 48.57 -11.87 -0.01
CA MET B 1 47.66 -12.83 0.67
C MET B 1 47.43 -14.05 -0.25
N ALA B 2 46.80 -15.12 0.31
CA ALA B 2 46.48 -16.38 -0.42
C ALA B 2 45.36 -16.13 -1.47
N ALA B 3 45.09 -17.16 -2.31
CA ALA B 3 44.04 -17.12 -3.37
C ALA B 3 42.63 -17.11 -2.74
N LEU B 4 41.59 -16.92 -3.60
CA LEU B 4 40.15 -16.88 -3.20
C LEU B 4 39.88 -15.69 -2.20
N SER B 5 39.09 -14.66 -2.63
CA SER B 5 38.73 -13.47 -1.82
C SER B 5 40.00 -12.70 -1.34
N VAL B 6 39.77 -11.60 -0.58
CA VAL B 6 40.84 -10.70 -0.01
C VAL B 6 40.51 -10.37 1.48
N ASP B 7 39.68 -11.23 2.12
CA ASP B 7 39.25 -11.07 3.55
C ASP B 7 38.59 -12.40 4.03
N GLU B 8 39.20 -13.08 5.05
CA GLU B 8 38.71 -14.36 5.63
C GLU B 8 39.53 -14.67 6.91
N TYR B 9 38.88 -15.33 7.92
CA TYR B 9 39.49 -15.74 9.23
C TYR B 9 39.54 -17.29 9.31
N LYS B 10 40.47 -17.83 10.14
CA LYS B 10 40.65 -19.31 10.32
C LYS B 10 39.46 -19.93 11.11
N LEU B 11 38.95 -19.17 12.11
CA LEU B 11 37.82 -19.59 13.00
C LEU B 11 36.49 -19.69 12.18
N SER B 12 36.40 -18.86 11.11
CA SER B 12 35.24 -18.81 10.18
C SER B 12 35.33 -19.97 9.20
N ARG B 13 36.51 -20.08 8.56
CA ARG B 13 36.89 -21.14 7.60
C ARG B 13 36.01 -21.10 6.32
N GLU B 14 34.67 -21.33 6.51
CA GLU B 14 33.66 -21.34 5.39
C GLU B 14 32.20 -21.39 5.92
N LYS B 15 31.94 -22.08 7.07
CA LYS B 15 30.55 -22.26 7.61
C LYS B 15 29.83 -20.90 7.97
N LYS B 16 30.55 -19.92 8.61
CA LYS B 16 29.94 -18.56 8.94
C LYS B 16 29.55 -17.84 7.60
N LEU B 17 30.46 -17.97 6.58
CA LEU B 17 30.26 -17.40 5.21
C LEU B 17 29.01 -18.03 4.53
N LEU B 18 28.81 -19.39 4.70
CA LEU B 18 27.70 -20.15 4.03
C LEU B 18 26.29 -19.61 4.46
N LEU B 19 26.05 -19.34 5.79
CA LEU B 19 24.74 -18.72 6.26
C LEU B 19 24.59 -17.28 5.66
N GLN B 20 25.74 -16.53 5.65
CA GLN B 20 25.80 -15.13 5.08
C GLN B 20 25.41 -15.18 3.57
N LEU B 21 25.88 -16.27 2.87
CA LEU B 21 25.59 -16.50 1.42
C LEU B 21 24.06 -16.64 1.20
N GLU B 22 23.29 -17.34 2.13
CA GLU B 22 21.80 -17.50 1.98
C GLU B 22 21.13 -16.10 1.99
N ASN B 23 21.63 -15.22 2.91
CA ASN B 23 21.13 -13.83 3.06
C ASN B 23 21.35 -13.01 1.75
N ALA B 24 22.54 -13.18 1.10
CA ALA B 24 22.90 -12.47 -0.17
C ALA B 24 21.91 -12.83 -1.31
N GLU B 25 21.52 -14.14 -1.43
CA GLU B 25 20.54 -14.63 -2.46
C GLU B 25 19.15 -13.96 -2.30
N THR B 26 18.70 -13.83 -1.01
CA THR B 26 17.36 -13.26 -0.67
C THR B 26 17.19 -11.78 -1.12
N LEU B 27 18.25 -10.96 -0.90
CA LEU B 27 18.23 -9.50 -1.27
C LEU B 27 18.04 -9.29 -2.81
N LEU B 28 18.73 -10.13 -3.63
CA LEU B 28 18.76 -10.09 -5.13
C LEU B 28 18.64 -8.64 -5.70
N ALA B 29 19.78 -7.92 -5.68
CA ALA B 29 19.93 -6.54 -6.20
C ALA B 29 20.12 -6.72 -7.73
N PRO B 30 21.15 -7.49 -8.22
CA PRO B 30 21.33 -7.82 -9.71
C PRO B 30 20.07 -7.72 -10.65
N LEU B 31 19.10 -8.67 -10.50
CA LEU B 31 17.86 -8.69 -11.30
C LEU B 31 17.01 -7.38 -11.08
N HIS B 32 16.92 -6.91 -9.79
CA HIS B 32 16.17 -5.63 -9.47
C HIS B 32 16.90 -4.41 -10.16
N ASP B 33 18.26 -4.45 -10.08
CA ASP B 33 19.19 -3.46 -10.70
C ASP B 33 19.03 -3.51 -12.25
N ALA B 34 18.82 -4.74 -12.81
CA ALA B 34 18.66 -4.96 -14.28
C ALA B 34 17.42 -4.15 -14.80
N LYS B 35 16.30 -4.11 -13.99
CA LYS B 35 15.07 -3.33 -14.40
C LYS B 35 15.44 -1.83 -14.58
N ARG B 36 16.25 -1.29 -13.61
CA ARG B 36 16.69 0.15 -13.66
C ARG B 36 17.59 0.46 -14.92
N LYS B 37 18.52 -0.48 -15.24
CA LYS B 37 19.49 -0.37 -16.38
C LYS B 37 18.79 -0.30 -17.78
N ILE B 38 17.75 -1.14 -17.95
CA ILE B 38 16.98 -1.30 -19.25
C ILE B 38 15.69 -0.46 -19.29
N GLU B 39 15.43 0.32 -18.19
CA GLU B 39 14.20 1.19 -18.00
C GLU B 39 13.49 1.70 -19.31
N GLN B 40 14.29 1.97 -20.39
CA GLN B 40 13.76 2.43 -21.72
C GLN B 40 12.86 1.33 -22.36
N GLU B 41 13.38 0.08 -22.31
CA GLU B 41 12.71 -1.14 -22.85
C GLU B 41 11.45 -1.53 -22.02
N ALA B 42 11.12 -0.75 -20.93
CA ALA B 42 9.94 -1.03 -20.06
C ALA B 42 8.59 -0.91 -20.82
N GLU B 43 8.65 -0.58 -22.15
CA GLU B 43 7.46 -0.47 -23.06
C GLU B 43 6.50 -1.69 -22.91
N ALA B 44 7.03 -2.79 -22.32
CA ALA B 44 6.28 -4.04 -22.03
C ALA B 44 5.03 -3.74 -21.14
N HIS B 45 5.07 -2.57 -20.40
CA HIS B 45 3.96 -2.11 -19.51
C HIS B 45 2.95 -1.30 -20.35
N THR B 46 3.49 -0.44 -21.27
CA THR B 46 2.67 0.42 -22.17
C THR B 46 1.79 -0.47 -23.08
N ASP B 47 2.30 -1.69 -23.34
CA ASP B 47 1.62 -2.74 -24.16
C ASP B 47 0.38 -3.31 -23.40
N ARG B 48 0.36 -3.15 -22.04
CA ARG B 48 -0.76 -3.64 -21.16
C ARG B 48 -1.84 -2.54 -21.03
N VAL B 49 -1.42 -1.24 -21.13
CA VAL B 49 -2.33 -0.07 -21.09
C VAL B 49 -2.93 0.11 -22.50
N ALA B 50 -2.24 -0.50 -23.52
CA ALA B 50 -2.66 -0.50 -24.94
C ALA B 50 -3.91 -1.37 -25.13
N TRP B 51 -4.31 -2.16 -24.06
CA TRP B 51 -5.55 -3.04 -24.12
C TRP B 51 -6.76 -2.16 -24.58
N ALA B 52 -6.69 -0.90 -24.11
CA ALA B 52 -7.68 0.16 -24.34
C ALA B 52 -7.41 0.92 -25.68
N GLY B 53 -6.18 0.82 -26.23
CA GLY B 53 -5.77 1.52 -27.49
C GLY B 53 -6.70 1.21 -28.69
N PHE B 54 -7.34 0.01 -28.65
CA PHE B 54 -8.28 -0.46 -29.72
C PHE B 54 -9.65 0.27 -29.62
N ALA B 55 -10.00 0.77 -28.40
CA ALA B 55 -11.30 1.46 -28.13
C ALA B 55 -11.41 2.81 -28.92
N ALA B 56 -10.31 3.60 -28.88
CA ALA B 56 -10.21 4.93 -29.57
C ALA B 56 -10.02 4.78 -31.10
N SER B 57 -9.46 3.62 -31.53
CA SER B 57 -9.16 3.34 -32.97
C SER B 57 -10.44 3.24 -33.85
N GLY B 58 -11.60 2.90 -33.22
CA GLY B 58 -12.88 2.73 -33.94
C GLY B 58 -13.39 4.01 -34.65
N VAL B 59 -13.41 5.15 -33.92
CA VAL B 59 -13.93 6.49 -34.40
C VAL B 59 -12.99 7.25 -35.37
N GLN B 60 -11.66 6.99 -35.39
CA GLN B 60 -10.68 7.74 -36.28
C GLN B 60 -11.24 7.87 -37.75
N THR B 61 -12.00 6.85 -38.20
CA THR B 61 -12.67 6.81 -39.53
C THR B 61 -13.94 7.71 -39.51
N GLY B 62 -14.59 7.73 -38.34
CA GLY B 62 -15.85 8.48 -38.06
C GLY B 62 -15.83 9.98 -38.43
N LEU B 63 -14.62 10.58 -38.54
CA LEU B 63 -14.44 12.03 -38.91
C LEU B 63 -15.07 12.32 -40.31
N PHE B 64 -14.88 11.32 -41.21
CA PHE B 64 -15.40 11.35 -42.61
C PHE B 64 -16.96 11.52 -42.57
N ALA B 65 -17.63 10.85 -41.59
CA ALA B 65 -19.11 10.91 -41.42
C ALA B 65 -19.61 12.37 -41.18
N ARG B 66 -18.88 13.23 -40.35
CA ARG B 66 -19.32 14.65 -40.08
C ARG B 66 -19.35 15.41 -41.44
N LEU B 67 -18.30 15.16 -42.29
CA LEU B 67 -18.20 15.76 -43.67
C LEU B 67 -19.40 15.28 -44.59
N THR B 68 -19.76 13.98 -44.48
CA THR B 68 -20.82 13.32 -45.32
C THR B 68 -22.25 13.95 -45.18
N TRP B 69 -22.67 14.33 -43.92
CA TRP B 69 -24.04 14.89 -43.62
C TRP B 69 -23.98 16.33 -43.11
N TRP B 70 -23.04 17.11 -43.69
CA TRP B 70 -22.80 18.55 -43.36
C TRP B 70 -24.09 19.48 -43.58
N GLU B 71 -25.29 19.29 -42.84
CA GLU B 71 -26.50 20.17 -43.07
C GLU B 71 -27.55 20.17 -41.91
N TYR B 72 -27.85 19.00 -41.28
CA TYR B 72 -28.90 18.92 -40.21
C TYR B 72 -28.64 19.93 -39.03
N SER B 73 -27.37 19.95 -38.54
CA SER B 73 -26.96 20.82 -37.37
C SER B 73 -25.41 20.99 -37.32
N TRP B 74 -24.70 19.88 -37.61
CA TRP B 74 -23.20 19.79 -37.61
C TRP B 74 -22.64 19.68 -36.17
N ASP B 75 -23.31 20.38 -35.23
CA ASP B 75 -22.97 20.39 -33.77
C ASP B 75 -22.99 18.92 -33.26
N ILE B 76 -21.82 18.28 -33.31
CA ILE B 76 -21.64 16.83 -32.99
C ILE B 76 -20.13 16.66 -32.61
N VAL B 77 -19.32 17.79 -32.53
CA VAL B 77 -17.87 17.72 -32.24
C VAL B 77 -17.50 16.99 -30.92
N GLU B 78 -16.18 16.95 -30.63
CA GLU B 78 -15.55 16.23 -29.46
C GLU B 78 -15.47 14.61 -29.54
N PRO B 79 -15.94 13.79 -30.57
CA PRO B 79 -15.86 12.25 -30.45
C PRO B 79 -14.47 11.60 -30.29
N VAL B 80 -13.44 12.04 -31.04
CA VAL B 80 -12.09 11.35 -30.92
C VAL B 80 -11.49 11.47 -29.48
N THR B 81 -11.52 12.72 -28.86
CA THR B 81 -11.03 12.87 -27.46
C THR B 81 -11.89 12.11 -26.38
N TYR B 82 -13.30 12.14 -26.45
CA TYR B 82 -14.14 11.50 -25.36
C TYR B 82 -13.87 9.96 -25.26
N PHE B 83 -13.74 9.23 -26.41
CA PHE B 83 -13.32 7.77 -26.35
C PHE B 83 -11.88 7.71 -25.73
N ALA B 84 -10.99 8.70 -26.09
CA ALA B 84 -9.60 8.77 -25.52
C ALA B 84 -9.69 8.90 -23.95
N THR B 85 -10.70 9.68 -23.40
CA THR B 85 -10.87 9.82 -21.90
C THR B 85 -11.11 8.39 -21.28
N TYR B 86 -11.87 7.49 -21.99
CA TYR B 86 -12.09 6.07 -21.49
C TYR B 86 -10.67 5.40 -21.31
N SER B 87 -9.76 5.72 -22.26
CA SER B 87 -8.32 5.26 -22.18
C SER B 87 -7.60 5.83 -20.89
N THR B 88 -7.90 7.11 -20.48
CA THR B 88 -7.18 7.75 -19.30
C THR B 88 -7.38 6.95 -17.97
N VAL B 89 -8.64 6.52 -17.71
CA VAL B 89 -8.99 5.63 -16.53
C VAL B 89 -8.19 4.29 -16.69
N ALA B 90 -8.00 3.80 -17.96
CA ALA B 90 -7.21 2.52 -18.19
C ALA B 90 -5.77 2.70 -17.57
N ALA B 91 -5.17 3.94 -17.71
CA ALA B 91 -3.82 4.26 -17.09
C ALA B 91 -3.91 4.10 -15.54
N THR B 92 -5.08 4.53 -14.95
CA THR B 92 -5.34 4.48 -13.50
C THR B 92 -5.28 3.00 -12.95
N PHE B 93 -5.79 1.97 -13.73
CA PHE B 93 -5.74 0.51 -13.29
C PHE B 93 -4.27 0.08 -13.08
N GLY B 94 -3.41 0.61 -13.97
CA GLY B 94 -1.97 0.34 -14.02
C GLY B 94 -1.21 0.28 -12.67
N TYR B 95 -1.78 0.84 -11.57
CA TYR B 95 -1.11 0.84 -10.22
C TYR B 95 -1.10 -0.59 -9.58
N TYR B 96 -2.04 -1.45 -10.02
CA TYR B 96 -2.25 -2.83 -9.49
C TYR B 96 -1.26 -3.87 -10.08
N LEU B 97 -1.34 -4.03 -11.42
CA LEU B 97 -0.56 -5.04 -12.20
C LEU B 97 0.96 -4.72 -12.34
N TYR B 98 1.40 -3.45 -12.08
CA TYR B 98 2.82 -3.00 -12.36
C TYR B 98 3.98 -4.02 -11.98
N THR B 99 4.17 -4.37 -10.67
CA THR B 99 5.26 -5.33 -10.25
C THR B 99 4.92 -6.81 -10.67
N GLN B 100 3.60 -7.20 -10.59
CA GLN B 100 3.11 -8.58 -10.89
C GLN B 100 3.63 -9.18 -12.24
N GLN B 101 4.00 -8.31 -13.24
CA GLN B 101 4.44 -8.77 -14.61
C GLN B 101 5.50 -9.93 -14.50
N SER B 102 6.30 -9.94 -13.39
CA SER B 102 7.33 -10.99 -13.13
C SER B 102 6.67 -12.40 -12.98
N PHE B 103 5.51 -12.48 -12.24
CA PHE B 103 4.75 -13.74 -12.01
C PHE B 103 4.05 -14.21 -13.33
N GLU B 104 3.69 -13.25 -14.19
CA GLU B 104 2.97 -13.51 -15.49
C GLU B 104 3.88 -14.20 -16.56
N TYR B 105 5.17 -13.74 -16.70
CA TYR B 105 6.12 -14.24 -17.77
C TYR B 105 6.23 -15.83 -17.86
N PRO B 106 6.47 -16.62 -16.76
CA PRO B 106 6.51 -18.17 -16.82
C PRO B 106 5.40 -18.84 -17.70
N SER B 107 5.57 -20.16 -17.92
CA SER B 107 4.64 -21.02 -18.72
C SER B 107 4.42 -20.44 -20.16
N ALA B 108 5.50 -19.83 -20.69
CA ALA B 108 5.54 -19.18 -22.03
C ALA B 108 7.04 -18.95 -22.41
N ARG B 109 7.34 -18.62 -23.71
CA ARG B 109 8.74 -18.39 -24.24
C ARG B 109 9.78 -17.88 -23.18
N GLU B 110 11.05 -18.34 -23.29
CA GLU B 110 12.16 -17.98 -22.36
C GLU B 110 13.53 -18.29 -23.05
N ARG B 111 14.43 -19.09 -22.41
CA ARG B 111 15.78 -19.46 -22.95
C ARG B 111 16.69 -18.19 -23.05
N VAL B 112 18.04 -18.38 -22.86
CA VAL B 112 19.06 -17.28 -22.91
C VAL B 112 19.99 -17.50 -24.14
N TYR B 113 21.15 -18.18 -23.95
CA TYR B 113 22.16 -18.47 -25.01
C TYR B 113 22.78 -17.15 -25.59
N THR B 114 21.98 -16.43 -26.42
CA THR B 114 22.39 -15.14 -27.06
C THR B 114 22.43 -14.01 -25.98
N LYS B 115 23.43 -13.08 -26.07
CA LYS B 115 23.58 -11.93 -25.14
C LYS B 115 22.52 -10.84 -25.47
N GLN B 116 21.22 -11.23 -25.31
CA GLN B 116 20.03 -10.36 -25.60
C GLN B 116 18.78 -10.92 -24.87
N PHE B 117 18.95 -12.11 -24.22
CA PHE B 117 17.88 -12.82 -23.46
C PHE B 117 16.77 -13.35 -24.42
N TYR B 118 17.22 -13.74 -25.64
CA TYR B 118 16.35 -14.30 -26.73
C TYR B 118 15.34 -13.24 -27.27
N ARG B 119 14.42 -12.77 -26.38
CA ARG B 119 13.38 -11.76 -26.72
C ARG B 119 13.02 -10.96 -25.43
N ARG B 120 13.99 -10.13 -24.97
CA ARG B 120 13.85 -9.27 -23.76
C ARG B 120 13.38 -10.09 -22.49
N ALA B 121 12.34 -9.58 -21.76
CA ALA B 121 11.75 -10.22 -20.54
C ALA B 121 12.79 -10.41 -19.38
N GLN B 122 12.34 -10.14 -18.12
CA GLN B 122 13.15 -10.26 -16.87
C GLN B 122 12.23 -10.05 -15.64
N LYS B 123 12.71 -10.47 -14.43
CA LYS B 123 11.97 -10.33 -13.14
C LYS B 123 12.00 -8.82 -12.69
N GLN B 124 10.83 -8.11 -12.69
CA GLN B 124 10.73 -6.66 -12.32
C GLN B 124 11.27 -6.36 -10.86
N ASN B 125 10.41 -6.54 -9.81
CA ASN B 125 10.76 -6.28 -8.36
C ASN B 125 11.07 -4.75 -8.13
N PHE B 126 10.32 -4.11 -7.18
CA PHE B 126 10.53 -2.68 -6.78
C PHE B 126 9.75 -2.40 -5.47
N ASP B 127 8.74 -3.26 -5.08
CA ASP B 127 7.95 -3.05 -3.81
C ASP B 127 7.16 -4.33 -3.28
N ILE B 128 6.39 -5.13 -4.13
CA ILE B 128 5.62 -6.34 -3.56
C ILE B 128 6.65 -7.45 -3.14
N GLU B 129 7.53 -7.76 -4.10
CA GLU B 129 8.59 -8.81 -3.96
C GLU B 129 9.57 -8.45 -2.81
N LYS B 130 9.87 -7.16 -2.71
CA LYS B 130 10.84 -6.58 -1.76
C LYS B 130 10.51 -6.88 -0.26
N TYR B 131 9.26 -6.61 0.22
CA TYR B 131 8.85 -6.84 1.62
C TYR B 131 8.69 -8.34 2.01
N ASN B 132 7.94 -9.16 1.19
CA ASN B 132 7.69 -10.61 1.58
C ASN B 132 9.02 -11.41 1.68
N ARG B 133 9.79 -11.27 0.61
CA ARG B 133 11.13 -11.98 0.46
C ARG B 133 12.10 -11.64 1.67
N LEU B 134 12.19 -10.32 2.02
CA LEU B 134 13.08 -9.85 3.16
C LEU B 134 12.71 -10.52 4.53
N VAL B 135 11.40 -10.49 4.95
CA VAL B 135 10.99 -11.19 6.22
C VAL B 135 11.49 -12.69 6.15
N THR B 136 11.65 -13.32 4.87
CA THR B 136 12.22 -14.74 4.79
C THR B 136 13.60 -14.76 5.51
N GLU B 137 14.33 -13.58 5.49
CA GLU B 137 15.65 -13.45 6.25
C GLU B 137 15.37 -13.87 7.73
N VAL B 138 14.19 -13.39 8.25
CA VAL B 138 13.77 -13.78 9.67
C VAL B 138 13.56 -15.33 9.78
N ASP B 139 13.11 -15.99 8.68
CA ASP B 139 12.90 -17.49 8.69
C ASP B 139 14.26 -18.25 8.84
N GLU B 140 15.39 -17.65 8.33
CA GLU B 140 16.75 -18.26 8.48
C GLU B 140 17.15 -18.16 9.97
N LEU B 141 16.64 -17.09 10.61
CA LEU B 141 16.83 -16.76 12.07
C LEU B 141 16.14 -17.86 12.92
N ARG B 142 14.99 -18.43 12.39
CA ARG B 142 14.25 -19.56 13.09
C ARG B 142 15.15 -20.83 13.01
N ASN B 143 15.93 -21.01 11.88
CA ASN B 143 16.80 -22.23 11.73
C ASN B 143 18.04 -22.17 12.68
N GLN B 144 18.68 -20.97 12.78
CA GLN B 144 19.90 -20.78 13.63
C GLN B 144 19.56 -20.93 15.15
N LEU B 145 18.53 -20.20 15.58
CA LEU B 145 17.98 -20.19 16.98
C LEU B 145 17.70 -21.64 17.50
N LYS B 146 17.10 -22.44 16.62
CA LYS B 146 16.72 -23.85 16.90
C LYS B 146 17.95 -24.77 17.22
N ARG B 147 19.11 -24.65 16.48
CA ARG B 147 20.27 -25.54 16.72
C ARG B 147 20.91 -25.16 18.12
N LEU B 148 21.05 -23.82 18.51
CA LEU B 148 21.57 -23.47 19.92
C LEU B 148 20.54 -24.01 21.00
N ARG B 149 19.20 -24.11 20.67
CA ARG B 149 18.14 -24.59 21.66
C ARG B 149 18.30 -26.10 22.05
N ASP B 150 18.76 -26.99 21.11
CA ASP B 150 18.90 -28.47 21.45
C ASP B 150 19.85 -28.77 22.73
N PRO B 151 21.14 -28.27 22.87
CA PRO B 151 22.05 -28.47 24.14
C PRO B 151 21.34 -28.69 25.54
N LEU B 152 21.09 -27.60 26.38
CA LEU B 152 20.42 -27.74 27.74
C LEU B 152 19.00 -28.31 27.48
N GLU B 153 18.11 -27.37 27.16
CA GLU B 153 16.68 -27.63 26.82
C GLU B 153 16.04 -26.29 26.39
N MET C 1 52.06 10.73 20.39
CA MET C 1 52.50 9.35 20.05
C MET C 1 51.38 8.62 19.25
N ALA C 2 50.11 9.12 19.37
CA ALA C 2 48.92 8.54 18.68
C ALA C 2 47.74 9.53 18.77
N ALA C 3 46.56 9.11 18.24
CA ALA C 3 45.30 9.90 18.22
C ALA C 3 44.13 8.96 17.82
N LEU C 4 44.12 8.55 16.52
CA LEU C 4 43.10 7.64 15.91
C LEU C 4 41.65 8.23 16.00
N SER C 5 40.75 7.79 15.09
CA SER C 5 39.32 8.25 15.03
C SER C 5 38.50 7.29 14.13
N VAL C 6 39.20 6.57 13.21
CA VAL C 6 38.58 5.60 12.24
C VAL C 6 38.23 4.29 13.02
N ASP C 7 38.81 3.12 12.61
CA ASP C 7 38.58 1.78 13.26
C ASP C 7 39.54 0.73 12.65
N GLU C 8 40.71 1.20 12.12
CA GLU C 8 41.76 0.34 11.49
C GLU C 8 42.49 -0.52 12.56
N TYR C 9 42.33 -0.14 13.86
CA TYR C 9 42.94 -0.83 15.04
C TYR C 9 41.92 -0.77 16.21
N LYS C 10 41.39 -1.96 16.68
CA LYS C 10 40.38 -2.03 17.77
C LYS C 10 40.18 -3.51 18.28
N LEU C 11 41.31 -4.24 18.58
CA LEU C 11 41.25 -5.66 19.08
C LEU C 11 40.35 -5.80 20.35
N SER C 12 40.21 -4.68 21.10
CA SER C 12 39.38 -4.58 22.34
C SER C 12 39.34 -3.09 22.74
N ARG C 13 38.21 -2.41 22.43
CA ARG C 13 37.98 -0.97 22.75
C ARG C 13 36.47 -0.65 22.62
N GLU C 14 35.68 -1.34 23.49
CA GLU C 14 34.20 -1.21 23.59
C GLU C 14 33.46 -1.75 22.31
N LYS C 15 33.25 -3.09 22.30
CA LYS C 15 32.56 -3.85 21.20
C LYS C 15 31.07 -3.38 20.95
N LYS C 16 30.32 -3.06 22.05
CA LYS C 16 28.85 -2.69 21.95
C LYS C 16 28.63 -1.47 21.02
N LEU C 17 29.52 -0.46 21.13
CA LEU C 17 29.48 0.75 20.28
C LEU C 17 29.67 0.36 18.76
N LEU C 18 30.62 -0.60 18.45
CA LEU C 18 30.89 -0.99 17.03
C LEU C 18 29.65 -1.63 16.29
N LEU C 19 28.90 -2.57 16.97
CA LEU C 19 27.63 -3.19 16.37
C LEU C 19 26.56 -2.07 16.16
N GLN C 20 26.48 -1.17 17.18
CA GLN C 20 25.52 0.00 17.20
C GLN C 20 25.82 0.91 15.98
N LEU C 21 27.14 1.09 15.66
CA LEU C 21 27.59 1.90 14.49
C LEU C 21 27.01 1.28 13.19
N GLU C 22 26.99 -0.12 13.08
CA GLU C 22 26.43 -0.80 11.86
C GLU C 22 24.92 -0.44 11.73
N ASN C 23 24.25 -0.44 12.91
CA ASN C 23 22.81 -0.09 13.05
C ASN C 23 22.54 1.40 12.64
N ALA C 24 23.47 2.32 13.06
CA ALA C 24 23.33 3.78 12.80
C ALA C 24 23.30 4.10 11.27
N GLU C 25 24.21 3.45 10.45
CA GLU C 25 24.19 3.61 8.95
C GLU C 25 22.86 3.08 8.34
N THR C 26 22.29 1.94 8.87
CA THR C 26 21.03 1.34 8.32
C THR C 26 19.82 2.34 8.42
N LEU C 27 19.70 3.04 9.58
CA LEU C 27 18.63 4.07 9.82
C LEU C 27 18.72 5.28 8.83
N LEU C 28 19.99 5.71 8.57
CA LEU C 28 20.36 6.88 7.70
C LEU C 28 19.37 8.09 7.80
N ALA C 29 19.68 9.00 8.76
CA ALA C 29 18.96 10.27 9.03
C ALA C 29 19.86 11.36 8.36
N PRO C 30 21.17 11.53 8.77
CA PRO C 30 22.16 12.47 8.06
C PRO C 30 21.96 12.68 6.52
N LEU C 31 22.09 11.58 5.74
CA LEU C 31 21.93 11.58 4.27
C LEU C 31 20.48 12.00 3.88
N HIS C 32 19.45 11.53 4.66
CA HIS C 32 17.99 11.83 4.34
C HIS C 32 17.72 13.39 4.36
N ASP C 33 18.32 14.15 5.35
CA ASP C 33 18.15 15.64 5.41
C ASP C 33 18.69 16.31 4.10
N ALA C 34 19.84 15.79 3.58
CA ALA C 34 20.47 16.29 2.31
C ALA C 34 19.48 16.16 1.12
N LYS C 35 18.70 15.02 1.06
CA LYS C 35 17.66 14.78 0.00
C LYS C 35 16.56 15.89 0.06
N ARG C 36 16.19 16.30 1.30
CA ARG C 36 15.14 17.36 1.57
C ARG C 36 15.55 18.73 0.91
N LYS C 37 16.88 19.05 0.94
CA LYS C 37 17.45 20.34 0.38
C LYS C 37 17.09 20.50 -1.15
N ILE C 38 17.08 19.38 -1.92
CA ILE C 38 16.78 19.36 -3.41
C ILE C 38 15.55 20.27 -3.82
N GLU C 39 14.70 20.76 -2.85
CA GLU C 39 13.48 21.62 -3.13
C GLU C 39 13.69 22.69 -4.27
N GLN C 40 14.97 23.12 -4.52
CA GLN C 40 15.32 24.07 -5.62
C GLN C 40 15.37 23.26 -6.97
N GLU C 41 16.40 22.38 -7.09
CA GLU C 41 16.67 21.52 -8.30
C GLU C 41 15.55 20.46 -8.51
N ALA C 42 14.50 20.44 -7.63
CA ALA C 42 13.35 19.47 -7.71
C ALA C 42 12.57 19.51 -9.04
N GLU C 43 13.01 20.38 -10.01
CA GLU C 43 12.39 20.47 -11.37
C GLU C 43 12.42 19.05 -12.09
N ALA C 44 13.19 18.11 -11.48
CA ALA C 44 13.37 16.71 -11.93
C ALA C 44 12.00 16.00 -12.17
N HIS C 45 11.09 16.21 -11.19
CA HIS C 45 9.72 15.64 -11.18
C HIS C 45 8.84 16.29 -12.29
N THR C 46 8.88 17.65 -12.34
CA THR C 46 8.07 18.47 -13.30
C THR C 46 8.45 18.20 -14.78
N ASP C 47 9.62 17.56 -15.04
CA ASP C 47 10.12 17.29 -16.42
C ASP C 47 9.19 16.30 -17.23
N ARG C 48 8.76 15.13 -16.63
CA ARG C 48 7.89 14.11 -17.33
C ARG C 48 6.40 14.42 -17.10
N VAL C 49 6.07 15.03 -15.93
CA VAL C 49 4.67 15.42 -15.61
C VAL C 49 4.29 16.64 -16.50
N ALA C 50 5.32 17.20 -17.22
CA ALA C 50 5.14 18.34 -18.19
C ALA C 50 4.04 17.97 -19.22
N TRP C 51 3.87 16.63 -19.45
CA TRP C 51 2.84 16.07 -20.39
C TRP C 51 1.41 16.63 -20.04
N ALA C 52 1.26 17.15 -18.80
CA ALA C 52 -0.01 17.72 -18.26
C ALA C 52 -0.53 18.95 -19.10
N GLY C 53 0.31 20.01 -19.23
CA GLY C 53 -0.06 21.28 -19.97
C GLY C 53 0.27 21.23 -21.45
N PHE C 54 0.96 20.15 -21.90
CA PHE C 54 1.38 19.95 -23.31
C PHE C 54 0.15 19.77 -24.26
N ALA C 55 -0.89 19.06 -23.75
CA ALA C 55 -2.16 18.79 -24.50
C ALA C 55 -3.04 20.07 -24.58
N ALA C 56 -3.09 20.84 -23.46
CA ALA C 56 -3.90 22.08 -23.33
C ALA C 56 -3.29 23.26 -24.15
N SER C 57 -1.96 23.20 -24.39
CA SER C 57 -1.20 24.26 -25.14
C SER C 57 -1.67 24.40 -26.62
N GLY C 58 -2.15 23.27 -27.19
CA GLY C 58 -2.60 23.20 -28.62
C GLY C 58 -3.84 24.07 -28.94
N VAL C 59 -4.82 24.12 -28.00
CA VAL C 59 -6.13 24.86 -28.18
C VAL C 59 -5.93 26.40 -28.23
N GLN C 60 -4.80 26.92 -27.63
CA GLN C 60 -4.52 28.41 -27.59
C GLN C 60 -4.69 29.05 -29.01
N THR C 61 -4.22 28.31 -30.05
CA THR C 61 -4.36 28.69 -31.48
C THR C 61 -5.82 28.41 -31.96
N GLY C 62 -6.46 27.44 -31.27
CA GLY C 62 -7.84 26.97 -31.52
C GLY C 62 -8.92 28.03 -31.20
N LEU C 63 -8.68 28.90 -30.19
CA LEU C 63 -9.67 29.99 -29.79
C LEU C 63 -9.95 30.95 -31.00
N PHE C 64 -8.88 31.26 -31.78
CA PHE C 64 -9.02 32.08 -33.02
C PHE C 64 -10.02 31.34 -33.97
N ALA C 65 -9.92 29.97 -33.97
CA ALA C 65 -10.80 29.09 -34.80
C ALA C 65 -12.34 29.25 -34.44
N ARG C 66 -12.76 29.41 -33.09
CA ARG C 66 -14.25 29.59 -32.77
C ARG C 66 -14.75 30.85 -33.49
N LEU C 67 -13.91 31.94 -33.51
CA LEU C 67 -14.31 33.21 -34.22
C LEU C 67 -14.54 32.98 -35.78
N THR C 68 -13.65 32.19 -36.48
CA THR C 68 -13.81 31.84 -37.94
C THR C 68 -15.08 30.96 -38.22
N TRP C 69 -15.32 30.00 -37.31
CA TRP C 69 -16.41 28.95 -37.37
C TRP C 69 -17.83 29.53 -37.47
N TRP C 70 -17.98 30.87 -37.45
CA TRP C 70 -19.32 31.56 -37.49
C TRP C 70 -20.13 31.23 -38.79
N GLU C 71 -19.57 30.38 -39.72
CA GLU C 71 -20.24 29.97 -41.02
C GLU C 71 -20.72 28.48 -40.92
N TYR C 72 -20.09 27.68 -40.01
CA TYR C 72 -20.40 26.25 -39.78
C TYR C 72 -21.77 26.18 -39.02
N SER C 73 -21.77 26.79 -37.81
CA SER C 73 -22.93 26.91 -36.89
C SER C 73 -22.46 27.91 -35.80
N TRP C 74 -22.10 27.40 -34.58
CA TRP C 74 -21.51 28.20 -33.45
C TRP C 74 -21.38 27.31 -32.16
N ASP C 75 -22.51 26.69 -31.76
CA ASP C 75 -22.63 25.79 -30.59
C ASP C 75 -21.61 24.62 -30.74
N ILE C 76 -20.42 24.83 -30.15
CA ILE C 76 -19.23 23.92 -30.25
C ILE C 76 -18.39 24.15 -28.97
N VAL C 77 -18.92 24.97 -27.98
CA VAL C 77 -18.18 25.32 -26.72
C VAL C 77 -17.56 24.11 -25.99
N GLU C 78 -16.82 24.44 -24.90
CA GLU C 78 -16.05 23.47 -24.00
C GLU C 78 -14.59 23.03 -24.51
N PRO C 79 -14.02 23.33 -25.75
CA PRO C 79 -12.67 22.67 -26.14
C PRO C 79 -11.43 22.91 -25.24
N VAL C 80 -11.16 24.14 -24.76
CA VAL C 80 -9.99 24.35 -23.83
C VAL C 80 -10.21 23.56 -22.52
N THR C 81 -11.46 23.61 -21.97
CA THR C 81 -11.82 22.87 -20.76
C THR C 81 -11.76 21.29 -20.88
N TYR C 82 -12.28 20.63 -22.01
CA TYR C 82 -12.27 19.13 -22.09
C TYR C 82 -10.80 18.56 -22.07
N PHE C 83 -9.86 19.20 -22.83
CA PHE C 83 -8.40 18.79 -22.78
C PHE C 83 -7.81 19.03 -21.33
N ALA C 84 -8.23 20.16 -20.66
CA ALA C 84 -7.71 20.53 -19.28
C ALA C 84 -8.02 19.43 -18.20
N THR C 85 -9.26 18.81 -18.18
CA THR C 85 -9.57 17.68 -17.21
C THR C 85 -8.58 16.53 -17.50
N TYR C 86 -8.22 16.34 -18.81
CA TYR C 86 -7.23 15.27 -19.21
C TYR C 86 -5.87 15.55 -18.43
N SER C 87 -5.47 16.86 -18.31
CA SER C 87 -4.23 17.25 -17.54
C SER C 87 -4.29 16.83 -16.04
N THR C 88 -5.49 16.98 -15.39
CA THR C 88 -5.67 16.61 -13.94
C THR C 88 -5.39 15.09 -13.70
N VAL C 89 -5.86 14.19 -14.62
CA VAL C 89 -5.55 12.69 -14.51
C VAL C 89 -4.01 12.51 -14.53
N ALA C 90 -3.27 13.36 -15.31
CA ALA C 90 -1.76 13.28 -15.32
C ALA C 90 -1.28 13.45 -13.83
N ALA C 91 -2.00 14.35 -13.08
CA ALA C 91 -1.75 14.56 -11.59
C ALA C 91 -1.96 13.21 -10.82
N THR C 92 -3.03 12.43 -11.22
CA THR C 92 -3.40 11.13 -10.58
C THR C 92 -2.26 10.06 -10.69
N PHE C 93 -1.52 9.93 -11.82
CA PHE C 93 -0.41 8.88 -11.90
C PHE C 93 0.70 9.15 -10.79
N GLY C 94 1.00 10.44 -10.57
CA GLY C 94 2.05 10.98 -9.66
C GLY C 94 2.31 10.31 -8.27
N TYR C 95 1.29 10.12 -7.41
CA TYR C 95 1.52 9.57 -5.99
C TYR C 95 2.36 8.25 -5.96
N TYR C 96 2.31 7.42 -7.05
CA TYR C 96 3.05 6.10 -7.14
C TYR C 96 4.58 6.41 -7.33
N LEU C 97 4.91 7.22 -8.36
CA LEU C 97 6.32 7.62 -8.69
C LEU C 97 7.00 8.49 -7.59
N TYR C 98 6.19 9.07 -6.66
CA TYR C 98 6.65 10.07 -5.63
C TYR C 98 8.04 9.80 -4.96
N THR C 99 8.22 8.66 -4.20
CA THR C 99 9.54 8.39 -3.51
C THR C 99 10.67 8.09 -4.56
N GLN C 100 10.31 7.37 -5.66
CA GLN C 100 11.23 7.01 -6.79
C GLN C 100 11.82 8.25 -7.53
N GLN C 101 11.07 9.41 -7.53
CA GLN C 101 11.44 10.64 -8.34
C GLN C 101 12.95 11.05 -8.18
N SER C 102 13.57 10.72 -7.02
CA SER C 102 15.01 11.04 -6.74
C SER C 102 15.98 10.24 -7.69
N PHE C 103 15.56 9.01 -8.15
CA PHE C 103 16.39 8.13 -9.06
C PHE C 103 16.59 8.82 -10.44
N GLU C 104 15.61 9.66 -10.86
CA GLU C 104 15.62 10.37 -12.17
C GLU C 104 16.71 11.50 -12.28
N TYR C 105 16.85 12.38 -11.22
CA TYR C 105 17.78 13.57 -11.25
C TYR C 105 19.28 13.25 -11.66
N PRO C 106 20.01 12.23 -11.10
CA PRO C 106 21.46 11.90 -11.50
C PRO C 106 21.79 12.09 -13.01
N SER C 107 23.05 12.50 -13.28
CA SER C 107 23.57 12.75 -14.65
C SER C 107 23.66 11.43 -15.47
N ALA C 108 23.75 10.29 -14.73
CA ALA C 108 23.89 8.91 -15.29
C ALA C 108 25.28 8.71 -15.97
N ARG C 109 26.11 9.79 -15.95
CA ARG C 109 27.49 9.80 -16.51
C ARG C 109 28.44 9.11 -15.49
N GLU C 110 29.44 8.33 -15.99
CA GLU C 110 30.42 7.59 -15.15
C GLU C 110 31.58 7.16 -16.10
N ARG C 111 32.41 8.16 -16.52
CA ARG C 111 33.57 7.97 -17.45
C ARG C 111 34.46 9.25 -17.38
N VAL C 112 33.83 10.41 -17.08
CA VAL C 112 34.51 11.74 -16.98
C VAL C 112 35.51 11.76 -15.79
N TYR C 113 36.07 12.96 -15.49
CA TYR C 113 37.06 13.19 -14.41
C TYR C 113 36.45 12.89 -13.00
N THR C 114 37.26 13.13 -11.95
CA THR C 114 36.89 12.90 -10.52
C THR C 114 35.70 13.80 -10.06
N LYS C 115 35.81 14.49 -8.89
CA LYS C 115 34.75 15.37 -8.29
C LYS C 115 33.72 14.44 -7.56
N GLN C 116 32.44 14.91 -7.37
CA GLN C 116 31.37 14.12 -6.68
C GLN C 116 31.00 12.85 -7.54
N PHE C 117 31.82 11.76 -7.42
CA PHE C 117 31.63 10.48 -8.16
C PHE C 117 30.30 9.78 -7.75
N TYR C 118 29.94 9.90 -6.44
CA TYR C 118 28.68 9.31 -5.87
C TYR C 118 27.43 10.05 -6.45
N ARG C 119 27.63 11.33 -6.83
CA ARG C 119 26.57 12.20 -7.45
C ARG C 119 25.45 12.58 -6.43
N ARG C 120 25.07 11.63 -5.53
CA ARG C 120 23.99 11.82 -4.50
C ARG C 120 22.60 11.80 -5.21
N ALA C 121 21.52 12.10 -4.44
CA ALA C 121 20.11 12.15 -4.95
C ALA C 121 19.66 10.80 -5.61
N GLN C 122 19.08 9.85 -4.80
CA GLN C 122 18.60 8.53 -5.33
C GLN C 122 17.75 7.78 -4.25
N LYS C 123 17.05 8.54 -3.33
CA LYS C 123 16.19 7.93 -2.23
C LYS C 123 14.86 8.74 -1.98
N GLN C 124 14.92 9.82 -1.13
CA GLN C 124 13.78 10.72 -0.70
C GLN C 124 13.25 10.27 0.70
N ASN C 125 12.84 8.98 0.79
CA ASN C 125 12.31 8.34 2.05
C ASN C 125 11.04 9.04 2.62
N PHE C 126 10.01 8.20 2.93
CA PHE C 126 8.73 8.59 3.56
C PHE C 126 7.91 7.28 3.83
N ASP C 127 8.30 6.13 3.15
CA ASP C 127 7.61 4.80 3.35
C ASP C 127 8.41 3.56 2.73
N ILE C 128 8.88 3.56 1.40
CA ILE C 128 9.60 2.34 0.81
C ILE C 128 10.98 2.14 1.49
N GLU C 129 11.73 3.25 1.71
CA GLU C 129 13.08 3.20 2.36
C GLU C 129 12.95 2.76 3.85
N LYS C 130 11.91 3.29 4.55
CA LYS C 130 11.68 3.02 6.01
C LYS C 130 11.45 1.51 6.32
N TYR C 131 10.48 0.84 5.62
CA TYR C 131 10.15 -0.57 5.85
C TYR C 131 11.23 -1.57 5.37
N ASN C 132 11.72 -1.42 4.09
CA ASN C 132 12.70 -2.42 3.54
C ASN C 132 14.03 -2.37 4.28
N ARG C 133 14.57 -1.17 4.35
CA ARG C 133 15.95 -0.94 4.94
C ARG C 133 16.02 -1.39 6.43
N LEU C 134 15.06 -0.93 7.25
CA LEU C 134 15.03 -1.26 8.71
C LEU C 134 14.88 -2.80 8.92
N VAL C 135 13.87 -3.46 8.26
CA VAL C 135 13.71 -4.93 8.43
C VAL C 135 15.12 -5.64 8.07
N THR C 136 16.01 -5.04 7.13
CA THR C 136 17.42 -5.63 6.88
C THR C 136 18.17 -5.64 8.24
N GLU C 137 17.84 -4.68 9.17
CA GLU C 137 18.46 -4.67 10.55
C GLU C 137 18.21 -6.07 11.19
N VAL C 138 17.06 -6.74 10.79
CA VAL C 138 16.80 -8.18 11.27
C VAL C 138 18.00 -9.06 10.82
N ASP C 139 18.51 -8.76 9.60
CA ASP C 139 19.67 -9.53 9.01
C ASP C 139 20.89 -9.49 9.99
N GLU C 140 21.03 -8.34 10.75
CA GLU C 140 22.15 -8.18 11.73
C GLU C 140 21.96 -9.13 12.96
N LEU C 141 20.68 -9.27 13.56
CA LEU C 141 20.51 -10.25 14.73
C LEU C 141 20.87 -11.69 14.22
N ARG C 142 20.65 -11.94 12.89
CA ARG C 142 20.96 -13.27 12.21
C ARG C 142 22.51 -13.53 12.29
N ASN C 143 23.40 -12.45 12.18
CA ASN C 143 24.89 -12.64 12.23
C ASN C 143 25.40 -13.02 13.67
N GLN C 144 24.95 -12.24 14.70
CA GLN C 144 25.38 -12.44 16.11
C GLN C 144 24.89 -13.83 16.64
N LEU C 145 23.72 -14.30 16.14
CA LEU C 145 23.15 -15.64 16.51
C LEU C 145 24.09 -16.79 16.02
N LYS C 146 24.60 -16.70 14.74
CA LYS C 146 25.53 -17.75 14.19
C LYS C 146 26.72 -18.06 15.16
N ARG C 147 27.46 -16.98 15.68
CA ARG C 147 28.59 -17.30 16.60
C ARG C 147 28.03 -17.98 17.90
N LEU C 148 26.86 -17.52 18.48
CA LEU C 148 26.26 -18.20 19.72
C LEU C 148 26.14 -19.76 19.55
N ARG C 149 25.85 -20.25 18.32
CA ARG C 149 25.64 -21.73 18.06
C ARG C 149 26.96 -22.51 18.28
N ASP C 150 28.15 -21.96 17.84
CA ASP C 150 29.44 -22.77 18.03
C ASP C 150 29.74 -23.13 19.57
N PRO C 151 29.76 -22.18 20.60
CA PRO C 151 29.90 -22.53 22.10
C PRO C 151 28.48 -22.56 22.77
N LEU C 152 28.40 -23.16 24.00
CA LEU C 152 27.17 -23.24 24.83
C LEU C 152 27.62 -23.84 26.19
N GLU C 153 27.77 -25.19 26.23
CA GLU C 153 28.21 -25.97 27.43
C GLU C 153 29.69 -25.64 27.77
N MET D 1 -4.93 -14.75 46.29
CA MET D 1 -5.29 -14.59 44.84
C MET D 1 -4.23 -13.68 44.16
N ALA D 2 -4.43 -13.42 42.85
CA ALA D 2 -3.54 -12.56 42.02
C ALA D 2 -4.24 -12.23 40.68
N ALA D 3 -3.53 -11.45 39.82
CA ALA D 3 -4.02 -11.02 38.48
C ALA D 3 -2.83 -10.42 37.67
N LEU D 4 -1.87 -9.79 38.41
CA LEU D 4 -0.65 -9.16 37.84
C LEU D 4 0.38 -10.27 37.45
N SER D 5 -0.03 -11.56 37.50
CA SER D 5 0.80 -12.74 37.17
C SER D 5 2.04 -12.86 38.12
N VAL D 6 3.14 -12.11 37.80
CA VAL D 6 4.40 -12.10 38.60
C VAL D 6 4.14 -11.49 40.01
N ASP D 7 4.99 -11.85 41.01
CA ASP D 7 4.88 -11.37 42.43
C ASP D 7 4.99 -9.81 42.52
N GLU D 8 5.07 -9.30 43.77
CA GLU D 8 5.17 -7.84 44.08
C GLU D 8 6.46 -7.22 43.43
N TYR D 9 7.64 -7.87 43.71
CA TYR D 9 8.97 -7.45 43.18
C TYR D 9 10.03 -8.53 43.57
N LYS D 10 10.99 -8.84 42.64
CA LYS D 10 12.09 -9.82 42.85
C LYS D 10 13.13 -9.61 41.69
N LEU D 11 12.76 -10.02 40.45
CA LEU D 11 13.60 -9.85 39.20
C LEU D 11 13.39 -8.42 38.62
N SER D 12 12.47 -7.65 39.24
CA SER D 12 12.09 -6.25 38.85
C SER D 12 12.79 -5.27 39.77
N ARG D 13 14.04 -5.62 40.03
CA ARG D 13 14.97 -4.88 40.89
C ARG D 13 15.32 -3.50 40.26
N GLU D 14 15.52 -3.44 38.88
CA GLU D 14 15.88 -2.15 38.17
C GLU D 14 15.79 -2.22 36.59
N LYS D 15 16.66 -3.06 35.97
CA LYS D 15 16.86 -3.10 34.48
C LYS D 15 15.65 -3.50 33.54
N LYS D 16 14.89 -4.60 33.87
CA LYS D 16 13.80 -5.09 32.93
C LYS D 16 12.64 -4.07 32.70
N LEU D 17 12.17 -3.37 33.79
CA LEU D 17 11.07 -2.35 33.67
C LEU D 17 11.46 -1.14 32.75
N LEU D 18 12.75 -0.65 32.85
CA LEU D 18 13.25 0.55 32.06
C LEU D 18 13.22 0.21 30.54
N LEU D 19 13.67 -1.00 30.26
CA LEU D 19 13.70 -1.59 28.88
C LEU D 19 12.22 -1.74 28.34
N GLN D 20 11.30 -2.21 29.25
CA GLN D 20 9.83 -2.33 28.98
C GLN D 20 9.24 -0.92 28.68
N LEU D 21 9.73 0.13 29.41
CA LEU D 21 9.26 1.54 29.23
C LEU D 21 9.56 1.99 27.78
N GLU D 22 10.75 1.59 27.16
CA GLU D 22 11.06 1.97 25.74
C GLU D 22 9.97 1.36 24.82
N ASN D 23 9.61 0.07 25.14
CA ASN D 23 8.55 -0.66 24.40
C ASN D 23 7.16 0.04 24.51
N ALA D 24 6.81 0.55 25.74
CA ALA D 24 5.48 1.22 25.99
C ALA D 24 5.30 2.45 25.07
N GLU D 25 6.40 3.23 24.90
CA GLU D 25 6.44 4.41 23.99
C GLU D 25 6.19 3.98 22.50
N THR D 26 6.76 2.79 22.09
CA THR D 26 6.66 2.28 20.69
C THR D 26 5.19 2.03 20.25
N LEU D 27 4.35 1.47 21.18
CA LEU D 27 2.89 1.20 20.90
C LEU D 27 2.16 2.53 20.56
N LEU D 28 2.56 3.62 21.27
CA LEU D 28 2.03 4.99 21.11
C LEU D 28 0.62 5.16 21.74
N ALA D 29 0.55 6.08 22.74
CA ALA D 29 -0.68 6.48 23.45
C ALA D 29 -0.49 8.03 23.63
N PRO D 30 0.53 8.54 24.40
CA PRO D 30 0.87 10.04 24.49
C PRO D 30 0.65 10.87 23.16
N LEU D 31 1.50 10.61 22.12
CA LEU D 31 1.45 11.27 20.79
C LEU D 31 0.08 10.99 20.11
N HIS D 32 -0.42 9.72 20.25
CA HIS D 32 -1.73 9.32 19.62
C HIS D 32 -2.91 10.18 20.22
N ASP D 33 -2.85 10.45 21.55
CA ASP D 33 -3.86 11.30 22.27
C ASP D 33 -3.86 12.75 21.65
N ALA D 34 -2.64 13.27 21.28
CA ALA D 34 -2.48 14.61 20.65
C ALA D 34 -3.26 14.65 19.29
N LYS D 35 -3.25 13.51 18.52
CA LYS D 35 -3.97 13.40 17.20
C LYS D 35 -5.49 13.64 17.43
N ARG D 36 -6.06 13.06 18.54
CA ARG D 36 -7.52 13.23 18.89
C ARG D 36 -7.88 14.74 19.14
N LYS D 37 -6.96 15.48 19.83
CA LYS D 37 -7.15 16.92 20.23
C LYS D 37 -7.37 17.86 18.99
N ILE D 38 -6.61 17.60 17.89
CA ILE D 38 -6.59 18.40 16.62
C ILE D 38 -7.93 19.14 16.25
N GLU D 39 -9.07 18.48 16.58
CA GLU D 39 -10.50 18.92 16.32
C GLU D 39 -10.69 20.46 16.02
N GLN D 40 -10.06 21.32 16.86
CA GLN D 40 -10.14 22.81 16.74
C GLN D 40 -9.39 23.31 15.47
N GLU D 41 -8.03 23.30 15.52
CA GLU D 41 -7.13 23.78 14.42
C GLU D 41 -7.16 22.88 13.16
N ALA D 42 -7.99 21.80 13.17
CA ALA D 42 -8.11 20.82 12.03
C ALA D 42 -8.55 21.48 10.69
N GLU D 43 -8.82 22.81 10.70
CA GLU D 43 -9.24 23.58 9.48
C GLU D 43 -8.15 23.46 8.35
N ALA D 44 -6.92 23.06 8.76
CA ALA D 44 -5.75 22.85 7.86
C ALA D 44 -6.07 21.75 6.80
N HIS D 45 -6.85 20.72 7.23
CA HIS D 45 -7.26 19.56 6.37
C HIS D 45 -8.26 20.05 5.29
N THR D 46 -9.28 20.82 5.75
CA THR D 46 -10.35 21.40 4.90
C THR D 46 -9.74 22.40 3.87
N ASP D 47 -8.85 23.28 4.39
CA ASP D 47 -8.16 24.35 3.62
C ASP D 47 -7.23 23.76 2.50
N ARG D 48 -6.94 22.42 2.56
CA ARG D 48 -6.02 21.71 1.57
C ARG D 48 -6.81 21.15 0.35
N VAL D 49 -8.04 20.60 0.57
CA VAL D 49 -8.91 20.08 -0.52
C VAL D 49 -9.66 21.31 -1.11
N ALA D 50 -9.57 22.47 -0.40
CA ALA D 50 -10.18 23.77 -0.83
C ALA D 50 -9.45 24.30 -2.09
N TRP D 51 -8.24 23.70 -2.43
CA TRP D 51 -7.46 24.10 -3.66
C TRP D 51 -8.40 24.08 -4.92
N ALA D 52 -9.41 23.18 -4.81
CA ALA D 52 -10.45 22.92 -5.83
C ALA D 52 -11.57 24.02 -5.81
N GLY D 53 -11.79 24.65 -4.62
CA GLY D 53 -12.85 25.69 -4.42
C GLY D 53 -12.67 26.95 -5.30
N PHE D 54 -11.40 27.40 -5.53
CA PHE D 54 -11.09 28.62 -6.34
C PHE D 54 -11.44 28.41 -7.85
N ALA D 55 -11.26 27.16 -8.33
CA ALA D 55 -11.50 26.78 -9.76
C ALA D 55 -12.99 27.02 -10.19
N ALA D 56 -13.93 26.52 -9.37
CA ALA D 56 -15.40 26.63 -9.63
C ALA D 56 -15.95 28.06 -9.34
N SER D 57 -15.30 28.78 -8.40
CA SER D 57 -15.73 30.13 -7.95
C SER D 57 -15.56 31.23 -9.03
N GLY D 58 -14.65 31.03 -10.00
CA GLY D 58 -14.36 32.05 -11.05
C GLY D 58 -15.49 32.22 -12.10
N VAL D 59 -16.03 31.08 -12.60
CA VAL D 59 -17.07 31.01 -13.68
C VAL D 59 -18.51 31.37 -13.27
N GLN D 60 -18.86 31.28 -11.97
CA GLN D 60 -20.28 31.51 -11.47
C GLN D 60 -20.96 32.76 -12.13
N THR D 61 -20.14 33.73 -12.64
CA THR D 61 -20.64 34.95 -13.37
C THR D 61 -21.08 34.53 -14.83
N GLY D 62 -20.27 33.64 -15.42
CA GLY D 62 -20.42 33.10 -16.82
C GLY D 62 -21.87 32.78 -17.27
N LEU D 63 -22.75 32.48 -16.29
CA LEU D 63 -24.22 32.17 -16.51
C LEU D 63 -24.90 33.41 -17.20
N PHE D 64 -24.45 34.60 -16.75
CA PHE D 64 -24.91 35.94 -17.24
C PHE D 64 -24.68 36.02 -18.77
N ALA D 65 -23.54 35.44 -19.25
CA ALA D 65 -23.17 35.46 -20.69
C ALA D 65 -24.28 34.77 -21.56
N ARG D 66 -24.91 33.62 -21.09
CA ARG D 66 -26.01 32.95 -21.88
C ARG D 66 -27.19 33.96 -22.05
N LEU D 67 -27.51 34.72 -20.93
CA LEU D 67 -28.59 35.75 -20.96
C LEU D 67 -28.28 36.93 -21.96
N THR D 68 -26.98 37.37 -21.96
CA THR D 68 -26.47 38.51 -22.78
C THR D 68 -26.58 38.33 -24.32
N TRP D 69 -26.28 37.09 -24.84
CA TRP D 69 -26.25 36.77 -26.30
C TRP D 69 -27.22 35.64 -26.68
N TRP D 70 -28.43 35.69 -26.09
CA TRP D 70 -29.53 34.70 -26.30
C TRP D 70 -29.85 34.45 -27.82
N GLU D 71 -29.35 35.34 -28.73
CA GLU D 71 -29.62 35.27 -30.22
C GLU D 71 -28.59 34.40 -31.03
N TYR D 72 -27.35 34.17 -30.49
CA TYR D 72 -26.29 33.38 -31.22
C TYR D 72 -26.81 31.94 -31.58
N SER D 73 -27.30 31.19 -30.56
CA SER D 73 -27.86 29.80 -30.75
C SER D 73 -28.67 29.37 -29.49
N TRP D 74 -28.05 29.61 -28.30
CA TRP D 74 -28.59 29.33 -26.92
C TRP D 74 -28.09 27.97 -26.34
N ASP D 75 -28.15 26.89 -27.15
CA ASP D 75 -27.70 25.53 -26.78
C ASP D 75 -26.14 25.57 -26.58
N ILE D 76 -25.76 26.04 -25.39
CA ILE D 76 -24.36 26.32 -24.92
C ILE D 76 -24.35 25.92 -23.42
N VAL D 77 -25.49 25.31 -22.92
CA VAL D 77 -25.68 24.96 -21.49
C VAL D 77 -24.53 24.14 -20.86
N GLU D 78 -24.77 23.76 -19.60
CA GLU D 78 -23.85 23.00 -18.74
C GLU D 78 -22.41 23.61 -18.52
N PRO D 79 -22.04 24.94 -18.72
CA PRO D 79 -20.57 25.35 -18.51
C PRO D 79 -20.07 25.12 -17.07
N VAL D 80 -20.92 25.52 -16.11
CA VAL D 80 -20.63 25.37 -14.67
C VAL D 80 -20.46 23.89 -14.25
N THR D 81 -21.36 22.96 -14.74
CA THR D 81 -21.29 21.55 -14.35
C THR D 81 -19.98 20.81 -14.78
N TYR D 82 -19.45 21.01 -16.06
CA TYR D 82 -18.18 20.33 -16.48
C TYR D 82 -17.01 20.80 -15.57
N PHE D 83 -16.97 22.12 -15.18
CA PHE D 83 -15.94 22.62 -14.19
C PHE D 83 -16.12 21.82 -12.83
N ALA D 84 -17.39 21.51 -12.44
CA ALA D 84 -17.67 20.73 -11.16
C ALA D 84 -16.93 19.33 -11.23
N THR D 85 -16.92 18.68 -12.44
CA THR D 85 -16.18 17.37 -12.68
C THR D 85 -14.65 17.58 -12.40
N TYR D 86 -14.12 18.78 -12.76
CA TYR D 86 -12.67 19.13 -12.52
C TYR D 86 -12.37 19.01 -10.97
N SER D 87 -13.35 19.45 -10.14
CA SER D 87 -13.25 19.31 -8.63
C SER D 87 -13.20 17.80 -8.19
N THR D 88 -14.01 16.91 -8.87
CA THR D 88 -14.09 15.44 -8.48
C THR D 88 -12.71 14.69 -8.60
N VAL D 89 -11.93 14.97 -9.70
CA VAL D 89 -10.54 14.39 -9.88
C VAL D 89 -9.65 14.90 -8.70
N ALA D 90 -9.87 16.18 -8.25
CA ALA D 90 -9.09 16.75 -7.09
C ALA D 90 -9.28 15.84 -5.81
N ALA D 91 -10.53 15.29 -5.59
CA ALA D 91 -10.83 14.35 -4.43
C ALA D 91 -9.92 13.11 -4.53
N THR D 92 -9.71 12.60 -5.79
CA THR D 92 -8.87 11.38 -6.05
C THR D 92 -7.40 11.55 -5.58
N PHE D 93 -6.74 12.73 -5.72
CA PHE D 93 -5.26 12.88 -5.27
C PHE D 93 -5.12 12.49 -3.74
N GLY D 94 -6.16 12.78 -2.96
CA GLY D 94 -6.23 12.62 -1.47
C GLY D 94 -5.45 11.44 -0.77
N TYR D 95 -5.02 10.35 -1.48
CA TYR D 95 -4.26 9.19 -0.80
C TYR D 95 -3.03 9.70 0.08
N TYR D 96 -2.09 10.37 -0.62
CA TYR D 96 -0.78 10.85 -0.08
C TYR D 96 -0.94 11.89 1.06
N LEU D 97 -1.58 13.02 0.73
CA LEU D 97 -1.77 14.18 1.65
C LEU D 97 -2.48 13.87 3.03
N TYR D 98 -3.22 12.70 3.25
CA TYR D 98 -4.00 12.52 4.55
C TYR D 98 -3.07 12.42 5.81
N THR D 99 -2.21 11.39 5.85
CA THR D 99 -1.25 11.12 6.98
C THR D 99 -0.15 12.27 7.08
N GLN D 100 0.42 12.68 5.92
CA GLN D 100 1.49 13.73 5.80
C GLN D 100 1.22 15.07 6.56
N GLN D 101 -0.06 15.47 6.84
CA GLN D 101 -0.38 16.82 7.46
C GLN D 101 0.55 17.13 8.70
N SER D 102 1.02 16.06 9.40
CA SER D 102 1.96 16.19 10.56
C SER D 102 3.38 16.60 10.04
N PHE D 103 3.81 15.91 8.94
CA PHE D 103 5.14 16.12 8.27
C PHE D 103 5.19 17.50 7.54
N GLU D 104 4.02 17.98 7.09
CA GLU D 104 3.88 19.25 6.32
C GLU D 104 4.27 20.55 7.13
N TYR D 105 3.77 20.70 8.41
CA TYR D 105 4.01 21.95 9.24
C TYR D 105 5.55 22.32 9.40
N PRO D 106 6.49 21.40 9.83
CA PRO D 106 8.00 21.74 9.91
C PRO D 106 8.60 22.37 8.62
N SER D 107 9.94 22.58 8.65
CA SER D 107 10.72 23.19 7.54
C SER D 107 10.21 24.62 7.21
N ALA D 108 9.96 25.38 8.30
CA ALA D 108 9.45 26.78 8.27
C ALA D 108 9.77 27.42 9.65
N ARG D 109 9.93 28.79 9.68
CA ARG D 109 10.25 29.57 10.92
C ARG D 109 11.66 29.14 11.47
N GLU D 110 11.71 27.99 12.19
CA GLU D 110 12.97 27.41 12.77
C GLU D 110 13.87 26.87 11.62
N ARG D 111 15.21 26.78 11.88
CA ARG D 111 16.24 26.29 10.90
C ARG D 111 17.24 25.35 11.64
N VAL D 112 17.43 25.59 12.96
CA VAL D 112 18.38 24.81 13.83
C VAL D 112 18.03 25.07 15.33
N TYR D 113 17.31 26.20 15.60
CA TYR D 113 16.90 26.62 16.97
C TYR D 113 15.99 25.56 17.64
N THR D 114 15.62 25.79 18.93
CA THR D 114 14.76 24.88 19.74
C THR D 114 13.32 24.78 19.15
N LYS D 115 12.74 23.54 19.15
CA LYS D 115 11.37 23.24 18.62
C LYS D 115 10.32 23.53 19.72
N GLN D 116 9.02 23.43 19.36
CA GLN D 116 7.87 23.68 20.28
C GLN D 116 7.73 22.57 21.37
N PHE D 117 7.51 22.99 22.65
CA PHE D 117 7.32 22.08 23.83
C PHE D 117 8.38 20.93 23.95
N TYR D 118 9.51 21.03 23.22
CA TYR D 118 10.61 20.01 23.22
C TYR D 118 10.10 18.59 22.79
N ARG D 119 9.55 18.51 21.54
CA ARG D 119 9.00 17.25 20.95
C ARG D 119 8.64 17.49 19.45
N ARG D 120 8.71 16.40 18.61
CA ARG D 120 8.36 16.43 17.16
C ARG D 120 6.81 16.43 17.01
N ALA D 121 6.35 16.55 15.74
CA ALA D 121 4.90 16.55 15.38
C ALA D 121 4.37 15.07 15.45
N GLN D 122 4.39 14.34 14.29
CA GLN D 122 3.95 12.91 14.19
C GLN D 122 2.50 12.71 14.72
N LYS D 123 1.72 13.82 14.77
CA LYS D 123 0.31 13.83 15.24
C LYS D 123 -0.61 13.02 14.26
N GLN D 124 -1.06 13.69 13.16
CA GLN D 124 -1.95 13.11 12.12
C GLN D 124 -1.29 11.88 11.37
N ASN D 125 -1.19 10.68 12.02
CA ASN D 125 -0.58 9.45 11.39
C ASN D 125 -1.39 8.21 11.90
N PHE D 126 -2.53 7.92 11.21
CA PHE D 126 -3.47 6.82 11.57
C PHE D 126 -3.03 5.45 11.03
N ASP D 127 -1.85 5.33 10.33
CA ASP D 127 -1.41 4.02 9.73
C ASP D 127 0.14 3.87 9.50
N ILE D 128 0.87 4.91 9.01
CA ILE D 128 2.36 4.79 8.73
C ILE D 128 3.13 4.68 10.10
N GLU D 129 2.56 5.32 11.19
CA GLU D 129 3.19 5.37 12.55
C GLU D 129 3.43 3.96 13.22
N LYS D 130 2.37 3.08 13.29
CA LYS D 130 2.48 1.76 14.03
C LYS D 130 3.44 0.73 13.33
N TYR D 131 3.28 0.46 12.02
CA TYR D 131 4.15 -0.48 11.26
C TYR D 131 5.67 -0.12 11.39
N ASN D 132 5.97 1.19 11.22
CA ASN D 132 7.37 1.72 11.23
C ASN D 132 8.09 1.53 12.59
N ARG D 133 7.43 2.02 13.61
CA ARG D 133 7.97 2.02 15.03
C ARG D 133 8.04 0.57 15.65
N LEU D 134 7.01 -0.28 15.42
CA LEU D 134 6.99 -1.69 15.99
C LEU D 134 8.15 -2.53 15.43
N VAL D 135 8.30 -2.59 14.06
CA VAL D 135 9.40 -3.42 13.50
C VAL D 135 10.76 -2.89 14.15
N THR D 136 10.84 -1.52 14.46
CA THR D 136 12.04 -0.93 15.19
C THR D 136 12.24 -1.65 16.56
N GLU D 137 11.13 -2.17 17.18
CA GLU D 137 11.24 -2.94 18.48
C GLU D 137 12.26 -4.09 18.30
N VAL D 138 12.26 -4.70 17.05
CA VAL D 138 13.29 -5.79 16.71
C VAL D 138 14.72 -5.18 16.77
N ASP D 139 14.84 -3.86 16.47
CA ASP D 139 16.20 -3.16 16.55
C ASP D 139 16.76 -3.22 18.03
N GLU D 140 15.84 -3.05 19.04
CA GLU D 140 16.23 -3.06 20.48
C GLU D 140 16.69 -4.50 20.87
N LEU D 141 16.09 -5.51 20.18
CA LEU D 141 16.44 -6.95 20.35
C LEU D 141 17.94 -7.13 20.05
N ARG D 142 18.37 -6.49 18.94
CA ARG D 142 19.81 -6.53 18.46
C ARG D 142 20.74 -6.11 19.64
N ASN D 143 20.26 -5.17 20.56
CA ASN D 143 21.14 -4.78 21.72
C ASN D 143 21.28 -5.94 22.79
N GLN D 144 20.13 -6.58 23.24
CA GLN D 144 20.22 -7.65 24.31
C GLN D 144 21.04 -8.94 23.87
N LEU D 145 20.72 -9.59 22.69
CA LEU D 145 21.46 -10.84 22.27
C LEU D 145 22.96 -10.56 22.02
N LYS D 146 23.35 -9.35 21.51
CA LYS D 146 24.78 -9.01 21.29
C LYS D 146 25.59 -9.20 22.61
N ARG D 147 25.02 -8.76 23.85
CA ARG D 147 25.81 -8.97 25.11
C ARG D 147 26.04 -10.50 25.28
N LEU D 148 24.95 -11.33 25.18
CA LEU D 148 25.12 -12.84 25.31
C LEU D 148 26.19 -13.45 24.33
N ARG D 149 26.35 -12.88 23.12
CA ARG D 149 27.29 -13.42 22.08
C ARG D 149 28.78 -13.33 22.53
N ASP D 150 29.19 -12.26 23.31
CA ASP D 150 30.66 -12.16 23.77
C ASP D 150 31.06 -13.28 24.88
N PRO D 151 30.34 -13.47 26.06
CA PRO D 151 30.65 -14.60 27.10
C PRO D 151 30.34 -16.02 26.54
N LEU D 152 30.13 -16.95 27.49
CA LEU D 152 29.75 -18.38 27.27
C LEU D 152 30.85 -19.24 26.60
N GLU D 153 31.83 -18.55 25.98
CA GLU D 153 33.02 -19.18 25.30
C GLU D 153 33.86 -20.01 26.31
N MET E 1 -14.90 -34.01 44.67
CA MET E 1 -13.49 -33.68 45.03
C MET E 1 -13.07 -32.44 44.18
N ALA E 2 -14.01 -31.46 44.05
CA ALA E 2 -13.82 -30.21 43.28
C ALA E 2 -13.50 -30.50 41.79
N ALA E 3 -12.98 -29.48 41.04
CA ALA E 3 -12.63 -29.59 39.60
C ALA E 3 -11.72 -28.41 39.19
N LEU E 4 -11.42 -28.31 37.88
CA LEU E 4 -10.55 -27.24 37.29
C LEU E 4 -9.07 -27.48 37.70
N SER E 5 -8.64 -28.77 37.61
CA SER E 5 -7.26 -29.23 37.94
C SER E 5 -6.83 -28.82 39.39
N VAL E 6 -7.07 -29.72 40.39
CA VAL E 6 -6.73 -29.48 41.83
C VAL E 6 -5.19 -29.59 42.01
N ASP E 7 -4.45 -28.58 41.49
CA ASP E 7 -2.95 -28.49 41.56
C ASP E 7 -2.28 -29.78 40.98
N GLU E 8 -3.01 -30.50 40.09
CA GLU E 8 -2.56 -31.77 39.44
C GLU E 8 -1.30 -31.53 38.52
N TYR E 9 -1.55 -31.03 37.27
CA TYR E 9 -0.48 -30.79 36.24
C TYR E 9 0.54 -29.69 36.69
N LYS E 10 0.04 -28.65 37.41
CA LYS E 10 0.87 -27.50 37.91
C LYS E 10 2.00 -28.01 38.88
N LEU E 11 3.21 -27.38 38.81
CA LEU E 11 4.39 -27.75 39.67
C LEU E 11 5.45 -26.61 39.58
N SER E 12 5.85 -26.25 38.33
CA SER E 12 6.87 -25.18 38.07
C SER E 12 6.84 -24.80 36.55
N ARG E 13 6.97 -25.84 35.69
CA ARG E 13 6.98 -25.70 34.20
C ARG E 13 5.74 -24.96 33.62
N GLU E 14 4.75 -24.60 34.48
CA GLU E 14 3.49 -23.88 34.10
C GLU E 14 3.78 -22.50 33.43
N LYS E 15 5.00 -21.94 33.71
CA LYS E 15 5.45 -20.61 33.18
C LYS E 15 5.48 -20.59 31.60
N LYS E 16 5.93 -21.72 30.97
CA LYS E 16 6.02 -21.82 29.47
C LYS E 16 4.61 -21.60 28.85
N LEU E 17 3.61 -22.24 29.52
CA LEU E 17 2.18 -22.18 29.14
C LEU E 17 1.63 -20.71 29.21
N LEU E 18 2.03 -19.95 30.28
CA LEU E 18 1.52 -18.55 30.50
C LEU E 18 1.90 -17.59 29.30
N LEU E 19 3.19 -17.67 28.81
CA LEU E 19 3.63 -16.87 27.62
C LEU E 19 2.80 -17.31 26.34
N GLN E 20 2.57 -18.66 26.17
CA GLN E 20 1.80 -19.22 25.01
C GLN E 20 0.37 -18.58 24.97
N LEU E 21 -0.27 -18.38 26.16
CA LEU E 21 -1.60 -17.71 26.26
C LEU E 21 -1.51 -16.21 25.74
N GLU E 22 -0.38 -15.43 26.01
CA GLU E 22 -0.28 -14.00 25.54
C GLU E 22 -0.35 -13.94 23.99
N ASN E 23 0.38 -14.90 23.38
CA ASN E 23 0.44 -15.07 21.91
C ASN E 23 -0.97 -15.42 21.32
N ALA E 24 -1.74 -16.30 22.05
CA ALA E 24 -3.09 -16.76 21.58
C ALA E 24 -4.12 -15.59 21.44
N GLU E 25 -4.18 -14.64 22.45
CA GLU E 25 -5.09 -13.44 22.36
C GLU E 25 -4.69 -12.52 21.16
N THR E 26 -3.35 -12.33 20.93
CA THR E 26 -2.81 -11.45 19.84
C THR E 26 -3.21 -11.93 18.41
N LEU E 27 -3.16 -13.28 18.17
CA LEU E 27 -3.49 -13.93 16.86
C LEU E 27 -4.95 -13.61 16.46
N LEU E 28 -5.86 -13.63 17.48
CA LEU E 28 -7.31 -13.35 17.39
C LEU E 28 -8.00 -13.94 16.10
N ALA E 29 -8.81 -15.02 16.31
CA ALA E 29 -9.63 -15.72 15.27
C ALA E 29 -11.05 -15.85 15.90
N PRO E 30 -11.21 -16.40 17.15
CA PRO E 30 -12.58 -16.42 17.85
C PRO E 30 -13.25 -15.00 17.94
N LEU E 31 -12.53 -14.07 18.63
CA LEU E 31 -12.94 -12.65 18.85
C LEU E 31 -13.07 -11.92 17.48
N HIS E 32 -12.16 -12.24 16.52
CA HIS E 32 -12.15 -11.58 15.15
C HIS E 32 -13.51 -11.82 14.45
N ASP E 33 -14.10 -13.05 14.61
CA ASP E 33 -15.45 -13.39 14.02
C ASP E 33 -16.54 -12.39 14.61
N ALA E 34 -16.47 -12.04 15.95
CA ALA E 34 -17.43 -11.07 16.57
C ALA E 34 -17.31 -9.67 15.87
N LYS E 35 -16.04 -9.23 15.57
CA LYS E 35 -15.73 -7.93 14.88
C LYS E 35 -16.36 -7.90 13.44
N ARG E 36 -16.30 -9.06 12.75
CA ARG E 36 -16.88 -9.32 11.39
C ARG E 36 -18.43 -9.07 11.40
N LYS E 37 -19.11 -9.40 12.53
CA LYS E 37 -20.61 -9.34 12.65
C LYS E 37 -21.19 -7.93 12.27
N ILE E 38 -20.50 -6.81 12.65
CA ILE E 38 -20.95 -5.41 12.33
C ILE E 38 -21.21 -5.22 10.79
N GLU E 39 -20.64 -6.11 9.93
CA GLU E 39 -20.82 -6.04 8.43
C GLU E 39 -22.33 -6.22 8.03
N GLN E 40 -23.17 -6.68 9.00
CA GLN E 40 -24.63 -6.90 8.80
C GLN E 40 -25.33 -5.55 9.13
N GLU E 41 -24.99 -5.04 10.34
CA GLU E 41 -25.49 -3.75 10.89
C GLU E 41 -24.85 -2.54 10.15
N ALA E 42 -24.00 -2.83 9.12
CA ALA E 42 -23.24 -1.82 8.31
C ALA E 42 -23.96 -0.46 8.06
N GLU E 43 -25.33 -0.44 8.08
CA GLU E 43 -26.17 0.79 7.88
C GLU E 43 -25.71 2.00 8.77
N ALA E 44 -24.84 1.71 9.76
CA ALA E 44 -24.26 2.68 10.72
C ALA E 44 -23.60 3.92 10.01
N HIS E 45 -22.61 3.60 9.16
CA HIS E 45 -21.76 4.60 8.43
C HIS E 45 -22.30 4.99 7.02
N THR E 46 -23.16 4.13 6.38
CA THR E 46 -23.70 4.39 5.00
C THR E 46 -24.29 5.82 4.82
N ASP E 47 -24.62 6.49 5.95
CA ASP E 47 -25.17 7.88 5.97
C ASP E 47 -24.20 8.91 5.30
N ARG E 48 -22.86 8.61 5.36
CA ARG E 48 -21.77 9.48 4.80
C ARG E 48 -21.44 9.13 3.32
N VAL E 49 -21.72 7.88 2.89
CA VAL E 49 -21.51 7.40 1.48
C VAL E 49 -22.82 7.65 0.69
N ALA E 50 -23.96 7.69 1.42
CA ALA E 50 -25.32 7.96 0.86
C ALA E 50 -25.42 9.45 0.47
N TRP E 51 -24.41 10.29 0.89
CA TRP E 51 -24.34 11.76 0.55
C TRP E 51 -24.62 11.98 -0.96
N ALA E 52 -24.12 10.99 -1.70
CA ALA E 52 -24.15 10.87 -3.16
C ALA E 52 -25.61 10.89 -3.79
N GLY E 53 -26.59 10.26 -3.11
CA GLY E 53 -28.01 10.15 -3.60
C GLY E 53 -28.75 11.49 -3.78
N PHE E 54 -28.51 12.48 -2.85
CA PHE E 54 -29.20 13.81 -2.88
C PHE E 54 -28.80 14.67 -4.12
N ALA E 55 -27.59 14.40 -4.67
CA ALA E 55 -27.02 15.16 -5.83
C ALA E 55 -27.86 14.95 -7.13
N ALA E 56 -28.12 13.66 -7.45
CA ALA E 56 -28.87 13.24 -8.68
C ALA E 56 -30.39 13.50 -8.57
N SER E 57 -30.92 13.54 -7.32
CA SER E 57 -32.38 13.73 -7.04
C SER E 57 -32.85 15.15 -7.36
N GLY E 58 -31.96 16.14 -7.18
CA GLY E 58 -32.27 17.58 -7.41
C GLY E 58 -32.77 17.89 -8.84
N VAL E 59 -31.96 17.51 -9.85
CA VAL E 59 -32.25 17.75 -11.31
C VAL E 59 -33.31 16.79 -11.88
N GLN E 60 -33.50 15.60 -11.26
CA GLN E 60 -34.44 14.53 -11.76
C GLN E 60 -35.83 15.13 -12.17
N THR E 61 -36.28 16.14 -11.37
CA THR E 61 -37.56 16.89 -11.61
C THR E 61 -37.37 17.90 -12.80
N GLY E 62 -36.11 18.35 -12.96
CA GLY E 62 -35.68 19.35 -13.99
C GLY E 62 -36.07 18.98 -15.44
N LEU E 63 -36.26 17.66 -15.69
CA LEU E 63 -36.67 17.11 -17.04
C LEU E 63 -38.06 17.69 -17.47
N PHE E 64 -38.95 17.88 -16.45
CA PHE E 64 -40.32 18.44 -16.63
C PHE E 64 -40.21 19.84 -17.32
N ALA E 65 -39.15 20.61 -16.95
CA ALA E 65 -38.85 21.95 -17.54
C ALA E 65 -38.64 21.80 -19.10
N ARG E 66 -37.96 20.66 -19.56
CA ARG E 66 -37.72 20.44 -21.05
C ARG E 66 -39.08 20.37 -21.78
N LEU E 67 -40.09 19.67 -21.14
CA LEU E 67 -41.45 19.52 -21.75
C LEU E 67 -42.09 20.94 -21.95
N THR E 68 -41.92 21.83 -20.92
CA THR E 68 -42.46 23.22 -20.92
C THR E 68 -41.89 24.14 -22.05
N TRP E 69 -40.53 24.06 -22.35
CA TRP E 69 -39.86 24.94 -23.39
C TRP E 69 -39.60 24.22 -24.73
N TRP E 70 -40.59 23.41 -25.12
CA TRP E 70 -40.59 22.64 -26.43
C TRP E 70 -40.62 23.65 -27.69
N GLU E 71 -39.99 24.90 -27.59
CA GLU E 71 -39.97 25.91 -28.71
C GLU E 71 -38.58 26.64 -28.80
N TYR E 72 -37.92 26.93 -27.64
CA TYR E 72 -36.60 27.64 -27.58
C TYR E 72 -35.55 27.01 -28.58
N SER E 73 -35.36 25.67 -28.50
CA SER E 73 -34.41 24.90 -29.41
C SER E 73 -34.58 23.36 -29.22
N TRP E 74 -34.58 22.93 -27.93
CA TRP E 74 -34.75 21.51 -27.45
C TRP E 74 -33.39 20.80 -27.13
N ASP E 75 -32.46 20.75 -28.14
CA ASP E 75 -31.12 20.16 -28.03
C ASP E 75 -30.33 20.84 -26.86
N ILE E 76 -30.50 20.28 -25.66
CA ILE E 76 -29.93 20.77 -24.35
C ILE E 76 -29.80 19.51 -23.45
N VAL E 77 -30.14 18.30 -24.00
CA VAL E 77 -30.11 17.00 -23.26
C VAL E 77 -28.72 16.70 -22.66
N GLU E 78 -28.64 15.56 -21.93
CA GLU E 78 -27.47 15.05 -21.22
C GLU E 78 -27.21 15.70 -19.77
N PRO E 79 -28.02 16.65 -19.15
CA PRO E 79 -27.64 17.25 -17.76
C PRO E 79 -27.57 16.19 -16.63
N VAL E 80 -28.57 15.28 -16.68
CA VAL E 80 -28.78 14.27 -15.60
C VAL E 80 -27.58 13.31 -15.40
N THR E 81 -26.92 12.74 -16.49
CA THR E 81 -25.76 11.87 -16.26
C THR E 81 -24.55 12.56 -15.54
N TYR E 82 -24.19 13.86 -15.89
CA TYR E 82 -22.96 14.49 -15.30
C TYR E 82 -23.05 14.54 -13.75
N PHE E 83 -24.25 14.91 -13.22
CA PHE E 83 -24.45 14.91 -11.71
C PHE E 83 -24.26 13.45 -11.18
N ALA E 84 -24.79 12.45 -11.97
CA ALA E 84 -24.64 10.98 -11.65
C ALA E 84 -23.13 10.58 -11.61
N THR E 85 -22.28 11.13 -12.54
CA THR E 85 -20.80 10.82 -12.56
C THR E 85 -20.15 11.27 -11.19
N TYR E 86 -20.61 12.44 -10.64
CA TYR E 86 -20.08 12.99 -9.34
C TYR E 86 -20.32 11.92 -8.21
N SER E 87 -21.51 11.28 -8.25
CA SER E 87 -21.86 10.14 -7.33
C SER E 87 -20.85 8.94 -7.55
N THR E 88 -20.46 8.68 -8.84
CA THR E 88 -19.55 7.52 -9.20
C THR E 88 -18.16 7.65 -8.45
N VAL E 89 -17.57 8.90 -8.37
CA VAL E 89 -16.29 9.14 -7.57
C VAL E 89 -16.56 8.80 -6.07
N ALA E 90 -17.81 9.11 -5.57
CA ALA E 90 -18.14 8.88 -4.11
C ALA E 90 -17.87 7.38 -3.76
N ALA E 91 -18.22 6.44 -4.70
CA ALA E 91 -17.90 4.97 -4.50
C ALA E 91 -16.35 4.83 -4.37
N THR E 92 -15.60 5.60 -5.23
CA THR E 92 -14.10 5.63 -5.23
C THR E 92 -13.52 6.17 -3.90
N PHE E 93 -14.19 7.19 -3.23
CA PHE E 93 -13.60 7.82 -1.96
C PHE E 93 -13.32 6.66 -0.93
N GLY E 94 -14.22 5.67 -0.93
CA GLY E 94 -14.16 4.45 -0.08
C GLY E 94 -12.75 3.80 0.13
N TYR E 95 -11.72 4.07 -0.73
CA TYR E 95 -10.33 3.42 -0.59
C TYR E 95 -9.70 3.63 0.85
N TYR E 96 -9.81 4.86 1.39
CA TYR E 96 -9.25 5.28 2.71
C TYR E 96 -10.15 4.84 3.89
N LEU E 97 -11.45 5.23 3.83
CA LEU E 97 -12.47 5.00 4.92
C LEU E 97 -12.98 3.52 5.10
N TYR E 98 -12.79 2.54 4.12
CA TYR E 98 -13.46 1.17 4.25
C TYR E 98 -13.30 0.48 5.65
N THR E 99 -12.05 0.11 6.13
CA THR E 99 -11.93 -0.57 7.49
C THR E 99 -12.46 0.36 8.65
N GLN E 100 -11.98 1.64 8.62
CA GLN E 100 -12.34 2.70 9.61
C GLN E 100 -13.88 2.87 9.89
N GLN E 101 -14.75 2.50 8.91
CA GLN E 101 -16.24 2.78 8.98
C GLN E 101 -16.89 2.44 10.36
N SER E 102 -16.44 1.34 10.97
CA SER E 102 -16.93 0.87 12.29
C SER E 102 -16.44 1.78 13.47
N PHE E 103 -15.25 2.44 13.29
CA PHE E 103 -14.60 3.29 14.36
C PHE E 103 -15.56 4.34 15.03
N GLU E 104 -16.58 4.84 14.30
CA GLU E 104 -17.54 5.88 14.81
C GLU E 104 -18.53 5.34 15.89
N TYR E 105 -19.02 4.09 15.68
CA TYR E 105 -20.09 3.44 16.54
C TYR E 105 -19.82 3.43 18.11
N PRO E 106 -18.59 3.12 18.66
CA PRO E 106 -18.37 3.05 20.19
C PRO E 106 -18.51 4.45 20.87
N SER E 107 -17.61 5.40 20.47
CA SER E 107 -17.57 6.78 21.01
C SER E 107 -17.46 6.79 22.57
N ALA E 108 -16.85 5.70 23.10
CA ALA E 108 -16.64 5.45 24.56
C ALA E 108 -18.00 5.25 25.32
N ARG E 109 -19.13 5.36 24.58
CA ARG E 109 -20.51 5.18 25.12
C ARG E 109 -20.76 6.12 26.34
N GLU E 110 -20.25 7.37 26.21
CA GLU E 110 -20.34 8.46 27.24
C GLU E 110 -20.11 7.99 28.71
N ARG E 111 -20.42 8.89 29.69
CA ARG E 111 -20.26 8.63 31.15
C ARG E 111 -18.74 8.47 31.51
N VAL E 112 -18.42 7.79 32.65
CA VAL E 112 -17.03 7.55 33.15
C VAL E 112 -16.95 6.15 33.81
N TYR E 113 -15.73 5.81 34.28
CA TYR E 113 -15.42 4.52 34.97
C TYR E 113 -15.74 3.25 34.09
N THR E 114 -16.91 2.59 34.32
CA THR E 114 -17.33 1.36 33.58
C THR E 114 -17.33 1.54 32.03
N LYS E 115 -16.77 0.54 31.30
CA LYS E 115 -16.65 0.53 29.81
C LYS E 115 -16.16 -0.90 29.39
N GLN E 116 -16.47 -1.32 28.12
CA GLN E 116 -16.02 -2.64 27.56
C GLN E 116 -14.46 -2.61 27.41
N PHE E 117 -13.81 -3.80 27.24
CA PHE E 117 -12.31 -3.92 27.12
C PHE E 117 -11.73 -2.93 26.05
N TYR E 118 -10.38 -2.73 26.04
CA TYR E 118 -9.68 -1.82 25.08
C TYR E 118 -10.03 -2.20 23.61
N ARG E 119 -9.98 -3.52 23.35
CA ARG E 119 -10.28 -4.13 22.02
C ARG E 119 -11.82 -4.18 21.81
N ARG E 120 -12.57 -4.29 22.93
CA ARG E 120 -14.07 -4.38 22.97
C ARG E 120 -14.60 -5.72 22.37
N ALA E 121 -13.81 -6.36 21.46
CA ALA E 121 -14.22 -7.59 20.72
C ALA E 121 -15.48 -7.26 19.86
N GLN E 122 -15.43 -6.05 19.24
CA GLN E 122 -16.51 -5.49 18.39
C GLN E 122 -15.93 -4.39 17.43
N LYS E 123 -14.67 -3.94 17.71
CA LYS E 123 -13.93 -2.89 16.91
C LYS E 123 -13.83 -3.24 15.39
N GLN E 124 -13.08 -2.41 14.63
CA GLN E 124 -12.88 -2.51 13.16
C GLN E 124 -12.02 -3.75 12.78
N ASN E 125 -11.91 -4.04 11.43
CA ASN E 125 -11.10 -5.16 10.85
C ASN E 125 -11.37 -5.25 9.30
N PHE E 126 -10.36 -5.79 8.57
CA PHE E 126 -10.38 -6.05 7.10
C PHE E 126 -8.90 -6.29 6.66
N ASP E 127 -7.91 -5.47 7.15
CA ASP E 127 -6.46 -5.63 6.80
C ASP E 127 -5.52 -4.74 7.68
N ILE E 128 -6.02 -3.64 8.36
CA ILE E 128 -5.11 -2.76 9.21
C ILE E 128 -4.66 -3.58 10.49
N GLU E 129 -5.66 -4.30 11.09
CA GLU E 129 -5.49 -5.16 12.32
C GLU E 129 -4.50 -6.36 12.09
N LYS E 130 -4.74 -7.12 11.01
CA LYS E 130 -4.00 -8.38 10.69
C LYS E 130 -2.43 -8.20 10.73
N TYR E 131 -1.91 -7.17 10.02
CA TYR E 131 -0.47 -6.86 9.94
C TYR E 131 0.11 -6.30 11.28
N ASN E 132 -0.57 -5.26 11.89
CA ASN E 132 -0.03 -4.60 13.13
C ASN E 132 -0.04 -5.54 14.36
N ARG E 133 -1.21 -6.11 14.60
CA ARG E 133 -1.43 -7.00 15.80
C ARG E 133 -0.45 -8.21 15.82
N LEU E 134 -0.37 -8.99 14.70
CA LEU E 134 0.52 -10.20 14.69
C LEU E 134 2.07 -9.78 14.85
N VAL E 135 2.65 -8.74 14.08
CA VAL E 135 4.10 -8.33 14.38
C VAL E 135 4.28 -8.00 15.95
N THR E 136 3.18 -7.50 16.70
CA THR E 136 3.31 -7.28 18.23
C THR E 136 3.67 -8.64 18.89
N GLU E 137 3.23 -9.78 18.29
CA GLU E 137 3.58 -11.16 18.84
C GLU E 137 5.16 -11.24 18.95
N VAL E 138 5.85 -10.59 17.95
CA VAL E 138 7.37 -10.49 17.99
C VAL E 138 7.79 -9.56 19.18
N ASP E 139 6.94 -8.57 19.58
CA ASP E 139 7.27 -7.69 20.78
C ASP E 139 7.41 -8.56 22.09
N GLU E 140 6.61 -9.69 22.18
CA GLU E 140 6.69 -10.62 23.37
C GLU E 140 8.05 -11.35 23.30
N LEU E 141 8.58 -11.56 22.04
CA LEU E 141 9.94 -12.18 21.83
C LEU E 141 11.02 -11.32 22.58
N ARG E 142 10.92 -9.95 22.49
CA ARG E 142 11.89 -9.02 23.19
C ARG E 142 11.82 -9.26 24.74
N ASN E 143 10.61 -9.64 25.32
CA ASN E 143 10.53 -9.89 26.82
C ASN E 143 11.29 -11.21 27.24
N GLN E 144 11.13 -12.29 26.40
CA GLN E 144 11.78 -13.62 26.64
C GLN E 144 13.34 -13.48 26.66
N LEU E 145 13.88 -12.61 25.76
CA LEU E 145 15.36 -12.34 25.62
C LEU E 145 15.96 -11.78 26.94
N LYS E 146 15.33 -10.71 27.49
CA LYS E 146 15.81 -10.04 28.75
C LYS E 146 16.09 -11.06 29.88
N ARG E 147 15.12 -12.00 30.21
CA ARG E 147 15.42 -12.98 31.31
C ARG E 147 16.61 -13.92 30.80
N LEU E 148 16.61 -14.34 29.50
CA LEU E 148 17.73 -15.15 28.87
C LEU E 148 19.14 -14.43 29.09
N ARG E 149 19.21 -13.06 28.95
CA ARG E 149 20.50 -12.24 29.09
C ARG E 149 21.06 -12.12 30.56
N ASP E 150 20.21 -12.14 31.64
CA ASP E 150 20.73 -11.98 33.08
C ASP E 150 21.75 -13.18 33.51
N PRO E 151 21.42 -14.51 33.35
CA PRO E 151 22.38 -15.70 33.69
C PRO E 151 23.75 -15.60 32.99
N LEU E 152 24.66 -16.66 33.04
CA LEU E 152 26.00 -16.62 32.44
C LEU E 152 26.72 -17.83 33.05
N GLU E 153 27.31 -18.57 32.16
CA GLU E 153 28.12 -19.79 32.44
C GLU E 153 29.51 -19.41 33.00
N MET A 1 31.00 -42.84 12.51
CA MET A 1 31.60 -41.60 13.08
C MET A 1 31.13 -40.38 12.24
N ALA A 2 30.92 -40.60 10.92
CA ALA A 2 30.46 -39.56 9.95
C ALA A 2 29.02 -39.09 10.30
N ALA A 3 28.47 -38.17 9.46
CA ALA A 3 27.11 -37.60 9.61
C ALA A 3 26.71 -36.89 8.29
N LEU A 4 25.58 -36.13 8.35
CA LEU A 4 25.01 -35.38 7.18
C LEU A 4 25.98 -34.24 6.72
N SER A 5 27.01 -33.91 7.55
CA SER A 5 28.02 -32.84 7.22
C SER A 5 29.27 -32.94 8.12
N VAL A 6 29.36 -34.02 8.95
CA VAL A 6 30.51 -34.27 9.87
C VAL A 6 30.67 -33.13 10.94
N ASP A 7 31.29 -33.47 12.10
CA ASP A 7 31.54 -32.53 13.24
C ASP A 7 30.21 -32.01 13.84
N GLU A 8 29.18 -32.91 13.84
CA GLU A 8 27.82 -32.64 14.38
C GLU A 8 27.30 -33.92 15.11
N TYR A 9 27.86 -35.11 14.71
CA TYR A 9 27.48 -36.44 15.28
C TYR A 9 25.95 -36.70 15.12
N LYS A 10 25.43 -36.27 13.94
CA LYS A 10 23.99 -36.39 13.58
C LYS A 10 23.08 -35.61 14.59
N LEU A 11 22.59 -36.32 15.67
CA LEU A 11 21.71 -35.72 16.72
C LEU A 11 20.50 -34.99 16.05
N SER A 12 19.51 -35.80 15.58
CA SER A 12 18.30 -35.32 14.86
C SER A 12 17.28 -36.47 14.87
N ARG A 13 16.64 -36.64 16.03
CA ARG A 13 15.63 -37.69 16.30
C ARG A 13 14.40 -37.48 15.36
N GLU A 14 13.71 -36.31 15.52
CA GLU A 14 12.50 -35.93 14.71
C GLU A 14 12.06 -34.46 14.99
N LYS A 15 12.37 -33.91 16.21
CA LYS A 15 11.90 -32.54 16.62
C LYS A 15 12.41 -31.38 15.70
N LYS A 16 13.73 -31.38 15.29
CA LYS A 16 14.29 -30.28 14.41
C LYS A 16 13.55 -30.26 13.04
N LEU A 17 13.29 -31.47 12.49
CA LEU A 17 12.56 -31.68 11.21
C LEU A 17 11.09 -31.14 11.32
N LEU A 18 10.43 -31.40 12.50
CA LEU A 18 8.99 -31.00 12.71
C LEU A 18 8.81 -29.44 12.61
N LEU A 19 9.74 -28.65 13.23
CA LEU A 19 9.71 -27.13 13.13
C LEU A 19 9.93 -26.69 11.65
N GLN A 20 10.87 -27.36 10.93
CA GLN A 20 11.17 -27.05 9.48
C GLN A 20 9.86 -27.27 8.65
N LEU A 21 9.12 -28.36 9.01
CA LEU A 21 7.81 -28.74 8.37
C LEU A 21 6.77 -27.58 8.59
N GLU A 22 6.76 -26.94 9.82
CA GLU A 22 5.80 -25.83 10.14
C GLU A 22 6.02 -24.65 9.15
N ASN A 23 7.32 -24.35 8.84
CA ASN A 23 7.67 -23.23 7.88
C ASN A 23 7.06 -23.52 6.47
N ALA A 24 7.17 -24.81 6.01
CA ALA A 24 6.66 -25.22 4.66
C ALA A 24 5.12 -25.01 4.50
N GLU A 25 4.32 -25.39 5.56
CA GLU A 25 2.84 -25.22 5.55
C GLU A 25 2.43 -23.71 5.48
N THR A 26 3.14 -22.88 6.29
CA THR A 26 2.91 -21.41 6.39
C THR A 26 3.15 -20.65 5.05
N LEU A 27 4.22 -21.06 4.31
CA LEU A 27 4.62 -20.44 2.99
C LEU A 27 3.44 -20.54 1.97
N LEU A 28 2.74 -21.70 1.98
CA LEU A 28 1.60 -22.02 1.09
C LEU A 28 2.06 -22.06 -0.41
N ALA A 29 1.99 -23.28 -1.00
CA ALA A 29 2.34 -23.57 -2.40
C ALA A 29 1.26 -24.51 -3.05
N PRO A 30 0.55 -25.45 -2.32
CA PRO A 30 -0.45 -26.38 -2.96
C PRO A 30 -1.84 -25.71 -3.08
N LEU A 31 -2.32 -25.14 -1.96
CA LEU A 31 -3.60 -24.37 -1.91
C LEU A 31 -3.44 -23.17 -2.90
N HIS A 32 -2.21 -22.55 -2.95
CA HIS A 32 -1.92 -21.47 -3.97
C HIS A 32 -2.04 -22.11 -5.42
N ASP A 33 -1.55 -23.39 -5.58
CA ASP A 33 -1.67 -24.18 -6.87
C ASP A 33 -3.19 -24.33 -7.24
N ALA A 34 -4.07 -24.51 -6.18
CA ALA A 34 -5.55 -24.67 -6.35
C ALA A 34 -6.11 -23.43 -7.10
N LYS A 35 -5.58 -22.19 -6.80
CA LYS A 35 -6.01 -20.94 -7.54
C LYS A 35 -5.67 -21.13 -9.05
N ARG A 36 -4.49 -21.74 -9.34
CA ARG A 36 -4.00 -21.93 -10.77
C ARG A 36 -4.98 -22.79 -11.67
N LYS A 37 -5.61 -23.90 -11.17
CA LYS A 37 -6.53 -24.75 -12.06
C LYS A 37 -7.77 -23.93 -12.61
N ILE A 38 -8.41 -23.04 -11.77
CA ILE A 38 -9.61 -22.21 -12.19
C ILE A 38 -9.20 -20.91 -12.92
N GLU A 39 -7.86 -20.67 -13.13
CA GLU A 39 -7.31 -19.44 -13.82
C GLU A 39 -8.16 -19.00 -15.06
N GLN A 40 -8.78 -20.01 -15.73
CA GLN A 40 -9.64 -19.79 -16.94
C GLN A 40 -11.04 -19.28 -16.44
N GLU A 41 -11.65 -20.07 -15.52
CA GLU A 41 -13.00 -19.77 -14.92
C GLU A 41 -12.92 -18.59 -13.91
N ALA A 42 -11.70 -17.99 -13.71
CA ALA A 42 -11.49 -16.85 -12.75
C ALA A 42 -12.33 -15.59 -13.12
N GLU A 43 -13.16 -15.66 -14.20
CA GLU A 43 -14.05 -14.55 -14.65
C GLU A 43 -15.09 -14.15 -13.54
N ALA A 44 -15.04 -14.84 -12.37
CA ALA A 44 -15.93 -14.57 -11.21
C ALA A 44 -15.77 -13.11 -10.68
N HIS A 45 -14.77 -12.36 -11.21
CA HIS A 45 -14.51 -10.95 -10.82
C HIS A 45 -15.51 -10.02 -11.57
N THR A 46 -15.87 -10.43 -12.83
CA THR A 46 -16.78 -9.66 -13.72
C THR A 46 -18.18 -9.46 -13.08
N ASP A 47 -18.68 -10.52 -12.37
CA ASP A 47 -20.03 -10.48 -11.71
C ASP A 47 -20.09 -9.35 -10.62
N ARG A 48 -18.90 -8.83 -10.19
CA ARG A 48 -18.77 -7.71 -9.20
C ARG A 48 -18.75 -6.36 -9.96
N VAL A 49 -18.13 -6.34 -11.17
CA VAL A 49 -18.04 -5.13 -12.02
C VAL A 49 -19.40 -4.96 -12.74
N ALA A 50 -20.19 -6.08 -12.75
CA ALA A 50 -21.55 -6.14 -13.35
C ALA A 50 -22.56 -5.33 -12.50
N TRP A 51 -22.15 -4.88 -11.26
CA TRP A 51 -23.03 -4.04 -10.37
C TRP A 51 -23.52 -2.80 -11.20
N ALA A 52 -22.57 -2.37 -12.07
CA ALA A 52 -22.71 -1.21 -12.99
C ALA A 52 -23.31 -1.64 -14.36
N GLY A 53 -23.43 -2.97 -14.60
CA GLY A 53 -23.97 -3.53 -15.89
C GLY A 53 -25.30 -2.88 -16.33
N PHE A 54 -26.06 -2.31 -15.36
CA PHE A 54 -27.35 -1.61 -15.61
C PHE A 54 -27.10 -0.22 -16.25
N ALA A 55 -25.94 0.39 -15.91
CA ALA A 55 -25.54 1.75 -16.40
C ALA A 55 -25.42 1.80 -17.97
N ALA A 56 -24.65 0.82 -18.52
CA ALA A 56 -24.40 0.70 -19.99
C ALA A 56 -25.61 0.11 -20.77
N SER A 57 -26.37 -0.81 -20.12
CA SER A 57 -27.55 -1.50 -20.76
C SER A 57 -28.74 -0.53 -20.98
N GLY A 58 -28.81 0.54 -20.17
CA GLY A 58 -29.92 1.53 -20.21
C GLY A 58 -30.04 2.32 -21.54
N VAL A 59 -28.88 2.61 -22.20
CA VAL A 59 -28.84 3.46 -23.46
C VAL A 59 -29.33 2.69 -24.70
N GLN A 60 -29.28 1.33 -24.69
CA GLN A 60 -29.63 0.48 -25.87
C GLN A 60 -30.95 0.96 -26.59
N THR A 61 -31.93 1.44 -25.78
CA THR A 61 -33.23 1.98 -26.28
C THR A 61 -33.06 3.40 -26.88
N GLY A 62 -32.04 4.11 -26.38
CA GLY A 62 -31.71 5.52 -26.77
C GLY A 62 -31.28 5.68 -28.25
N LEU A 63 -30.48 4.72 -28.78
CA LEU A 63 -29.98 4.78 -30.22
C LEU A 63 -31.19 4.76 -31.21
N PHE A 64 -32.19 3.90 -30.89
CA PHE A 64 -33.46 3.78 -31.68
C PHE A 64 -34.18 5.16 -31.65
N ALA A 65 -34.13 5.86 -30.48
CA ALA A 65 -34.80 7.18 -30.28
C ALA A 65 -34.31 8.27 -31.30
N ARG A 66 -32.95 8.34 -31.65
CA ARG A 66 -32.46 9.36 -32.67
C ARG A 66 -33.18 9.07 -34.01
N LEU A 67 -33.31 7.74 -34.34
CA LEU A 67 -33.99 7.27 -35.60
C LEU A 67 -35.54 7.67 -35.68
N THR A 68 -36.30 7.54 -34.53
CA THR A 68 -37.79 7.82 -34.48
C THR A 68 -38.21 9.29 -34.81
N TRP A 69 -37.45 10.31 -34.30
CA TRP A 69 -37.81 11.76 -34.45
C TRP A 69 -36.69 12.55 -35.14
N TRP A 70 -36.10 11.89 -36.14
CA TRP A 70 -34.99 12.42 -36.98
C TRP A 70 -35.17 13.91 -37.49
N GLU A 71 -36.38 14.55 -37.29
CA GLU A 71 -36.70 15.95 -37.78
C GLU A 71 -36.57 17.06 -36.66
N TYR A 72 -36.71 16.72 -35.32
CA TYR A 72 -36.61 17.71 -34.20
C TYR A 72 -35.32 18.61 -34.31
N SER A 73 -34.14 17.96 -34.53
CA SER A 73 -32.82 18.67 -34.69
C SER A 73 -31.72 17.68 -35.19
N TRP A 74 -31.59 16.55 -34.45
CA TRP A 74 -30.60 15.43 -34.68
C TRP A 74 -29.36 15.59 -33.76
N ASP A 75 -28.86 16.86 -33.64
CA ASP A 75 -27.73 17.25 -32.75
C ASP A 75 -28.13 16.92 -31.28
N ILE A 76 -27.79 15.70 -30.84
CA ILE A 76 -28.17 15.13 -29.51
C ILE A 76 -27.10 14.02 -29.22
N VAL A 77 -25.99 13.93 -30.06
CA VAL A 77 -24.92 12.90 -29.90
C VAL A 77 -24.27 12.92 -28.48
N GLU A 78 -23.26 12.04 -28.29
CA GLU A 78 -22.50 11.83 -27.00
C GLU A 78 -23.17 10.91 -25.86
N PRO A 79 -24.48 10.45 -25.85
CA PRO A 79 -24.99 9.68 -24.60
C PRO A 79 -24.26 8.34 -24.24
N VAL A 80 -23.99 7.51 -25.28
CA VAL A 80 -23.39 6.15 -25.06
C VAL A 80 -21.97 6.14 -24.43
N THR A 81 -21.02 7.00 -24.89
CA THR A 81 -19.65 6.99 -24.33
C THR A 81 -19.55 7.37 -22.81
N TYR A 82 -20.30 8.44 -22.31
CA TYR A 82 -20.21 8.85 -20.87
C TYR A 82 -20.68 7.71 -19.90
N PHE A 83 -21.79 6.94 -20.25
CA PHE A 83 -22.23 5.77 -19.41
C PHE A 83 -21.09 4.71 -19.39
N ALA A 84 -20.40 4.53 -20.56
CA ALA A 84 -19.27 3.54 -20.66
C ALA A 84 -18.13 3.92 -19.63
N THR A 85 -17.81 5.28 -19.48
CA THR A 85 -16.80 5.77 -18.46
C THR A 85 -17.24 5.39 -17.02
N TYR A 86 -18.57 5.47 -16.73
CA TYR A 86 -19.12 5.15 -15.36
C TYR A 86 -18.76 3.66 -15.00
N SER A 87 -18.88 2.75 -16.01
CA SER A 87 -18.50 1.31 -15.86
C SER A 87 -16.97 1.16 -15.53
N THR A 88 -16.08 1.98 -16.19
CA THR A 88 -14.60 1.94 -15.92
C THR A 88 -14.30 2.30 -14.41
N VAL A 89 -15.05 3.29 -13.80
CA VAL A 89 -14.82 3.67 -12.34
C VAL A 89 -15.00 2.41 -11.46
N ALA A 90 -16.01 1.57 -11.85
CA ALA A 90 -16.32 0.29 -11.13
C ALA A 90 -15.05 -0.60 -11.15
N ALA A 91 -14.28 -0.54 -12.31
CA ALA A 91 -12.97 -1.29 -12.43
C ALA A 91 -12.03 -0.80 -11.29
N THR A 92 -12.06 0.54 -11.02
CA THR A 92 -11.27 1.21 -9.93
C THR A 92 -11.67 0.63 -8.53
N PHE A 93 -13.01 0.36 -8.28
CA PHE A 93 -13.49 -0.23 -6.95
C PHE A 93 -12.75 -1.57 -6.71
N GLY A 94 -12.56 -2.28 -7.82
CA GLY A 94 -11.90 -3.57 -7.89
C GLY A 94 -10.65 -3.77 -6.99
N TYR A 95 -9.95 -2.67 -6.59
CA TYR A 95 -8.69 -2.78 -5.73
C TYR A 95 -9.00 -3.37 -4.31
N TYR A 96 -10.27 -3.25 -3.85
CA TYR A 96 -10.73 -3.72 -2.49
C TYR A 96 -11.00 -5.24 -2.50
N LEU A 97 -11.96 -5.65 -3.36
CA LEU A 97 -12.46 -7.06 -3.46
C LEU A 97 -11.55 -8.08 -4.22
N TYR A 98 -10.55 -7.63 -5.06
CA TYR A 98 -9.78 -8.60 -5.95
C TYR A 98 -9.24 -9.91 -5.24
N THR A 99 -8.31 -9.81 -4.25
CA THR A 99 -7.78 -11.04 -3.53
C THR A 99 -8.87 -11.67 -2.58
N GLN A 100 -9.71 -10.81 -1.92
CA GLN A 100 -10.79 -11.24 -0.94
C GLN A 100 -11.96 -12.03 -1.59
N GLN A 101 -12.27 -11.81 -2.92
CA GLN A 101 -13.48 -12.44 -3.62
C GLN A 101 -13.61 -13.95 -3.30
N SER A 102 -12.44 -14.56 -3.01
CA SER A 102 -12.32 -15.98 -2.63
C SER A 102 -13.32 -16.39 -1.52
N PHE A 103 -13.70 -15.43 -0.59
CA PHE A 103 -14.63 -15.80 0.55
C PHE A 103 -16.09 -16.09 0.04
N GLU A 104 -16.67 -15.12 -0.73
CA GLU A 104 -18.06 -15.23 -1.31
C GLU A 104 -18.16 -16.22 -2.51
N TYR A 105 -17.06 -16.31 -3.33
CA TYR A 105 -17.03 -17.12 -4.60
C TYR A 105 -17.56 -18.62 -4.50
N PRO A 106 -17.12 -19.52 -3.54
CA PRO A 106 -17.61 -20.99 -3.42
C PRO A 106 -19.06 -21.31 -3.97
N SER A 107 -20.06 -21.52 -3.08
CA SER A 107 -21.46 -21.83 -3.45
C SER A 107 -21.58 -23.00 -4.50
N ALA A 108 -22.20 -22.71 -5.68
CA ALA A 108 -22.39 -23.68 -6.81
C ALA A 108 -23.39 -24.83 -6.45
N ARG A 109 -23.35 -25.32 -5.18
CA ARG A 109 -24.23 -26.41 -4.67
C ARG A 109 -24.02 -26.45 -3.12
N GLU A 110 -24.99 -25.91 -2.34
CA GLU A 110 -24.90 -25.85 -0.84
C GLU A 110 -26.27 -25.58 -0.20
N ARG A 111 -27.36 -25.90 -0.96
CA ARG A 111 -28.78 -25.69 -0.51
C ARG A 111 -29.14 -26.64 0.69
N VAL A 112 -28.51 -26.36 1.87
CA VAL A 112 -28.73 -27.13 3.13
C VAL A 112 -28.21 -26.29 4.34
N TYR A 113 -26.87 -25.98 4.38
CA TYR A 113 -26.22 -25.17 5.47
C TYR A 113 -24.71 -24.93 5.12
N THR A 114 -24.05 -25.98 4.58
CA THR A 114 -22.59 -25.99 4.22
C THR A 114 -22.22 -24.85 3.21
N LYS A 115 -20.98 -24.93 2.64
CA LYS A 115 -20.42 -23.96 1.66
C LYS A 115 -19.06 -24.53 1.14
N GLN A 116 -19.15 -25.69 0.44
CA GLN A 116 -18.02 -26.47 -0.13
C GLN A 116 -17.23 -27.21 1.00
N PHE A 117 -17.25 -26.64 2.24
CA PHE A 117 -16.59 -27.21 3.45
C PHE A 117 -15.07 -27.52 3.19
N TYR A 118 -14.17 -26.56 3.57
CA TYR A 118 -12.70 -26.69 3.39
C TYR A 118 -11.97 -25.61 4.24
N ARG A 119 -12.69 -24.99 5.21
CA ARG A 119 -12.17 -23.93 6.12
C ARG A 119 -11.69 -22.70 5.27
N ARG A 120 -11.00 -21.71 5.92
CA ARG A 120 -10.49 -20.48 5.23
C ARG A 120 -9.56 -20.87 4.02
N ALA A 121 -8.56 -21.72 4.33
CA ALA A 121 -7.58 -22.27 3.36
C ALA A 121 -6.70 -21.20 2.63
N GLN A 122 -7.15 -19.91 2.55
CA GLN A 122 -6.39 -18.81 1.88
C GLN A 122 -6.01 -19.20 0.40
N LYS A 123 -7.07 -19.41 -0.43
CA LYS A 123 -6.96 -19.84 -1.87
C LYS A 123 -6.18 -18.79 -2.73
N GLN A 124 -6.84 -17.65 -3.11
CA GLN A 124 -6.22 -16.55 -3.92
C GLN A 124 -5.04 -15.92 -3.08
N ASN A 125 -4.03 -15.26 -3.72
CA ASN A 125 -2.84 -14.67 -2.99
C ASN A 125 -1.97 -13.84 -3.97
N PHE A 126 -1.53 -12.61 -3.52
CA PHE A 126 -0.62 -11.73 -4.31
C PHE A 126 -0.08 -10.62 -3.37
N ASP A 127 -0.78 -10.35 -2.21
CA ASP A 127 -0.35 -9.28 -1.24
C ASP A 127 -1.00 -9.40 0.19
N ILE A 128 -2.37 -9.67 0.39
CA ILE A 128 -2.95 -9.78 1.80
C ILE A 128 -2.42 -11.10 2.46
N GLU A 129 -2.56 -12.24 1.73
CA GLU A 129 -2.13 -13.59 2.20
C GLU A 129 -0.59 -13.68 2.34
N LYS A 130 0.15 -13.18 1.31
CA LYS A 130 1.64 -13.27 1.29
C LYS A 130 2.31 -12.53 2.49
N TYR A 131 2.00 -11.23 2.73
CA TYR A 131 2.60 -10.43 3.84
C TYR A 131 2.18 -10.90 5.27
N ASN A 132 0.84 -11.06 5.55
CA ASN A 132 0.37 -11.43 6.94
C ASN A 132 0.85 -12.82 7.39
N ARG A 133 0.61 -13.78 6.49
CA ARG A 133 0.88 -15.22 6.79
C ARG A 133 2.38 -15.53 7.09
N LEU A 134 3.38 -15.08 6.23
CA LEU A 134 4.83 -15.40 6.53
C LEU A 134 5.32 -14.67 7.83
N VAL A 135 5.01 -13.31 8.08
CA VAL A 135 5.40 -12.71 9.42
C VAL A 135 4.84 -13.66 10.58
N THR A 136 3.69 -14.39 10.34
CA THR A 136 3.12 -15.34 11.38
C THR A 136 4.21 -16.42 11.72
N GLU A 137 4.99 -16.80 10.67
CA GLU A 137 6.16 -17.77 10.85
C GLU A 137 7.15 -17.14 11.92
N VAL A 138 7.23 -15.76 11.91
CA VAL A 138 8.06 -14.99 12.92
C VAL A 138 7.43 -15.21 14.37
N ASP A 139 6.10 -15.44 14.45
CA ASP A 139 5.42 -15.74 15.79
C ASP A 139 5.89 -17.14 16.33
N GLU A 140 6.23 -18.09 15.40
CA GLU A 140 6.66 -19.46 15.79
C GLU A 140 8.05 -19.37 16.50
N LEU A 141 8.96 -18.39 16.07
CA LEU A 141 10.26 -18.23 16.85
C LEU A 141 9.90 -17.80 18.29
N ARG A 142 8.74 -17.04 18.49
CA ARG A 142 8.32 -16.62 19.90
C ARG A 142 8.20 -17.92 20.78
N ASN A 143 7.75 -19.09 20.16
CA ASN A 143 7.67 -20.39 20.94
C ASN A 143 9.09 -21.01 21.28
N GLN A 144 10.02 -21.07 20.28
CA GLN A 144 11.39 -21.66 20.51
C GLN A 144 12.23 -20.78 21.49
N LEU A 145 12.03 -19.43 21.42
CA LEU A 145 12.68 -18.40 22.31
C LEU A 145 12.44 -18.71 23.82
N LYS A 146 11.18 -18.98 24.13
CA LYS A 146 10.70 -19.31 25.48
C LYS A 146 11.45 -20.52 26.12
N ARG A 147 11.58 -21.69 25.39
CA ARG A 147 12.18 -22.92 25.97
C ARG A 147 13.70 -22.71 26.28
N LEU A 148 14.47 -22.14 25.30
CA LEU A 148 15.94 -21.84 25.50
C LEU A 148 16.15 -20.77 26.62
N ARG A 149 15.16 -19.84 26.89
CA ARG A 149 15.31 -18.80 27.99
C ARG A 149 15.36 -19.50 29.38
N ASP A 150 14.53 -20.58 29.62
CA ASP A 150 14.48 -21.27 30.98
C ASP A 150 15.94 -21.65 31.58
N PRO A 151 16.89 -22.36 30.85
CA PRO A 151 18.33 -22.59 31.37
C PRO A 151 19.08 -21.23 31.34
N LEU A 152 20.43 -21.26 31.28
CA LEU A 152 21.31 -20.04 31.24
C LEU A 152 22.20 -20.23 30.00
N GLU A 153 23.34 -20.85 30.27
CA GLU A 153 24.42 -21.25 29.33
C GLU A 153 23.87 -21.64 27.92
N MET B 1 48.24 -18.08 1.92
CA MET B 1 47.24 -17.29 1.14
C MET B 1 47.72 -17.19 -0.33
N ALA B 2 46.85 -16.57 -1.18
CA ALA B 2 47.12 -16.36 -2.63
C ALA B 2 46.05 -15.38 -3.19
N ALA B 3 44.78 -15.60 -2.77
CA ALA B 3 43.60 -14.77 -3.18
C ALA B 3 42.39 -15.13 -2.27
N LEU B 4 41.75 -16.30 -2.55
CA LEU B 4 40.58 -16.84 -1.79
C LEU B 4 39.38 -15.83 -1.81
N SER B 5 39.48 -14.77 -0.98
CA SER B 5 38.45 -13.69 -0.85
C SER B 5 39.12 -12.39 -0.36
N VAL B 6 38.28 -11.34 -0.14
CA VAL B 6 38.72 -9.99 0.32
C VAL B 6 39.38 -10.06 1.74
N ASP B 7 38.87 -11.00 2.58
CA ASP B 7 39.35 -11.23 3.99
C ASP B 7 39.03 -12.69 4.39
N GLU B 8 39.67 -13.16 5.50
CA GLU B 8 39.50 -14.55 6.06
C GLU B 8 40.11 -14.54 7.49
N TYR B 9 39.28 -14.13 8.50
CA TYR B 9 39.70 -14.05 9.94
C TYR B 9 39.99 -15.47 10.52
N LYS B 10 40.32 -15.52 11.83
CA LYS B 10 40.64 -16.78 12.56
C LYS B 10 39.40 -17.74 12.61
N LEU B 11 39.63 -19.06 12.39
CA LEU B 11 38.57 -20.12 12.38
C LEU B 11 37.50 -19.79 11.28
N SER B 12 36.22 -20.22 11.48
CA SER B 12 35.09 -20.01 10.54
C SER B 12 35.37 -20.73 9.20
N ARG B 13 35.08 -22.05 9.22
CA ARG B 13 35.30 -22.99 8.08
C ARG B 13 34.18 -22.78 7.01
N GLU B 14 34.00 -21.50 6.62
CA GLU B 14 33.02 -21.05 5.59
C GLU B 14 31.53 -21.32 5.98
N LYS B 15 31.28 -22.17 7.02
CA LYS B 15 29.89 -22.52 7.49
C LYS B 15 29.11 -21.25 7.96
N LYS B 16 29.81 -20.33 8.70
CA LYS B 16 29.19 -19.06 9.21
C LYS B 16 28.74 -18.20 7.98
N LEU B 17 29.66 -18.19 6.99
CA LEU B 17 29.51 -17.51 5.67
C LEU B 17 28.30 -18.10 4.88
N LEU B 18 28.15 -19.47 4.92
CA LEU B 18 27.07 -20.18 4.14
C LEU B 18 25.64 -19.71 4.56
N LEU B 19 25.37 -19.53 5.90
CA LEU B 19 24.03 -18.98 6.37
C LEU B 19 23.88 -17.50 5.83
N GLN B 20 25.01 -16.71 5.89
CA GLN B 20 25.05 -15.30 5.36
C GLN B 20 24.76 -15.33 3.83
N LEU B 21 25.32 -16.37 3.12
CA LEU B 21 25.12 -16.59 1.65
C LEU B 21 23.61 -16.82 1.33
N GLU B 22 22.86 -17.57 2.24
CA GLU B 22 21.40 -17.84 2.00
C GLU B 22 20.64 -16.48 1.94
N ASN B 23 21.04 -15.55 2.84
CA ASN B 23 20.45 -14.17 2.87
C ASN B 23 20.74 -13.42 1.52
N ALA B 24 21.99 -13.58 0.97
CA ALA B 24 22.41 -12.88 -0.29
C ALA B 24 21.55 -13.28 -1.55
N GLU B 25 21.22 -14.61 -1.77
CA GLU B 25 20.33 -15.06 -2.93
C GLU B 25 18.90 -14.46 -2.79
N THR B 26 18.38 -14.42 -1.51
CA THR B 26 17.02 -13.89 -1.18
C THR B 26 16.92 -12.39 -1.59
N LEU B 27 18.05 -11.70 -1.35
CA LEU B 27 18.22 -10.24 -1.60
C LEU B 27 17.99 -9.89 -3.11
N LEU B 28 18.51 -10.81 -4.00
CA LEU B 28 18.49 -10.70 -5.51
C LEU B 28 18.28 -9.25 -6.04
N ALA B 29 19.20 -8.35 -5.59
CA ALA B 29 19.27 -6.93 -5.96
C ALA B 29 19.63 -6.90 -7.48
N PRO B 30 20.65 -7.68 -7.97
CA PRO B 30 20.93 -7.86 -9.48
C PRO B 30 19.73 -7.60 -10.47
N LEU B 31 18.65 -8.43 -10.38
CA LEU B 31 17.43 -8.31 -11.23
C LEU B 31 16.76 -6.92 -11.00
N HIS B 32 16.69 -6.47 -9.70
CA HIS B 32 16.10 -5.12 -9.34
C HIS B 32 17.00 -3.99 -9.99
N ASP B 33 18.35 -4.20 -9.89
CA ASP B 33 19.38 -3.28 -10.49
C ASP B 33 19.23 -3.23 -12.04
N ALA B 34 18.95 -4.42 -12.68
CA ALA B 34 18.79 -4.53 -14.16
C ALA B 34 17.58 -3.65 -14.64
N LYS B 35 16.44 -3.62 -13.85
CA LYS B 35 15.25 -2.77 -14.18
C LYS B 35 15.64 -1.26 -14.19
N ARG B 36 16.50 -0.86 -13.21
CA ARG B 36 16.96 0.56 -13.05
C ARG B 36 17.74 1.05 -14.34
N LYS B 37 18.60 0.16 -14.89
CA LYS B 37 19.41 0.45 -16.13
C LYS B 37 18.54 0.74 -17.41
N ILE B 38 17.43 -0.06 -17.62
CA ILE B 38 16.56 0.00 -18.86
C ILE B 38 15.20 0.78 -18.74
N GLU B 39 14.85 1.40 -17.56
CA GLU B 39 13.51 2.12 -17.31
C GLU B 39 12.68 2.56 -18.59
N GLN B 40 13.35 3.11 -19.64
CA GLN B 40 12.68 3.56 -20.90
C GLN B 40 11.88 2.38 -21.56
N GLU B 41 12.40 1.15 -21.35
CA GLU B 41 11.82 -0.13 -21.88
C GLU B 41 10.52 -0.51 -21.12
N ALA B 42 10.09 0.32 -20.11
CA ALA B 42 8.83 0.06 -19.33
C ALA B 42 7.58 -0.08 -20.25
N GLU B 43 7.75 0.19 -21.57
CA GLU B 43 6.67 0.04 -22.61
C GLU B 43 6.10 -1.42 -22.57
N ALA B 44 6.90 -2.33 -21.93
CA ALA B 44 6.55 -3.76 -21.72
C ALA B 44 5.22 -3.89 -20.92
N HIS B 45 4.99 -2.95 -19.95
CA HIS B 45 3.78 -2.93 -19.08
C HIS B 45 2.57 -2.31 -19.83
N THR B 46 2.86 -1.26 -20.65
CA THR B 46 1.81 -0.51 -21.43
C THR B 46 1.12 -1.43 -22.48
N ASP B 47 1.66 -2.66 -22.66
CA ASP B 47 1.11 -3.68 -23.61
C ASP B 47 -0.30 -4.14 -23.14
N ARG B 48 -0.61 -3.92 -21.82
CA ARG B 48 -1.91 -4.26 -21.19
C ARG B 48 -2.85 -3.05 -21.33
N VAL B 49 -2.33 -1.84 -21.01
CA VAL B 49 -3.08 -0.55 -21.10
C VAL B 49 -3.58 -0.33 -22.54
N ALA B 50 -2.91 -1.04 -23.49
CA ALA B 50 -3.24 -1.03 -24.94
C ALA B 50 -4.60 -1.71 -25.19
N TRP B 51 -5.18 -2.43 -24.15
CA TRP B 51 -6.53 -3.09 -24.26
C TRP B 51 -7.58 -2.05 -24.73
N ALA B 52 -7.35 -0.81 -24.22
CA ALA B 52 -8.18 0.38 -24.47
C ALA B 52 -7.82 1.07 -25.82
N GLY B 53 -6.71 0.64 -26.46
CA GLY B 53 -6.24 1.23 -27.76
C GLY B 53 -7.30 1.09 -28.88
N PHE B 54 -8.13 0.00 -28.79
CA PHE B 54 -9.20 -0.30 -29.78
C PHE B 54 -10.43 0.64 -29.57
N ALA B 55 -10.66 1.08 -28.30
CA ALA B 55 -11.80 1.97 -27.92
C ALA B 55 -11.75 3.35 -28.64
N ALA B 56 -10.55 3.98 -28.59
CA ALA B 56 -10.28 5.32 -29.20
C ALA B 56 -10.16 5.24 -30.73
N SER B 57 -9.71 4.06 -31.25
CA SER B 57 -9.49 3.84 -32.71
C SER B 57 -10.78 3.94 -33.54
N GLY B 58 -11.94 3.69 -32.89
CA GLY B 58 -13.27 3.72 -33.55
C GLY B 58 -13.61 5.10 -34.21
N VAL B 59 -13.56 6.18 -33.39
CA VAL B 59 -13.90 7.59 -33.83
C VAL B 59 -12.79 8.27 -34.69
N GLN B 60 -11.49 7.86 -34.60
CA GLN B 60 -10.37 8.50 -35.40
C GLN B 60 -10.74 8.52 -36.93
N THR B 61 -11.34 7.40 -37.41
CA THR B 61 -11.84 7.26 -38.80
C THR B 61 -13.17 8.05 -38.96
N GLY B 62 -13.86 8.24 -37.81
CA GLY B 62 -15.16 8.93 -37.70
C GLY B 62 -15.13 10.40 -38.15
N LEU B 63 -13.96 11.07 -38.04
CA LEU B 63 -13.80 12.51 -38.46
C LEU B 63 -14.11 12.67 -39.98
N PHE B 64 -13.65 11.67 -40.79
CA PHE B 64 -13.90 11.64 -42.27
C PHE B 64 -15.44 11.62 -42.52
N ALA B 65 -16.15 10.82 -41.67
CA ALA B 65 -17.64 10.68 -41.71
C ALA B 65 -18.33 12.06 -41.45
N ARG B 66 -17.75 12.89 -40.49
CA ARG B 66 -18.32 14.23 -40.14
C ARG B 66 -18.36 15.13 -41.41
N LEU B 67 -17.26 15.07 -42.24
CA LEU B 67 -17.19 15.82 -43.54
C LEU B 67 -18.29 15.33 -44.56
N THR B 68 -18.50 13.97 -44.61
CA THR B 68 -19.43 13.30 -45.56
C THR B 68 -20.95 13.64 -45.42
N TRP B 69 -21.49 13.75 -44.16
CA TRP B 69 -22.96 13.98 -43.89
C TRP B 69 -23.27 15.42 -43.45
N TRP B 70 -22.52 16.37 -44.06
CA TRP B 70 -22.64 17.83 -43.77
C TRP B 70 -24.08 18.39 -44.09
N GLU B 71 -24.97 17.54 -44.72
CA GLU B 71 -26.36 17.94 -45.13
C GLU B 71 -27.43 17.65 -44.03
N TYR B 72 -27.14 16.74 -43.04
CA TYR B 72 -28.11 16.37 -41.96
C TYR B 72 -28.57 17.66 -41.16
N SER B 73 -27.58 18.41 -40.62
CA SER B 73 -27.83 19.68 -39.84
C SER B 73 -26.50 20.42 -39.60
N TRP B 74 -25.58 19.60 -39.14
CA TRP B 74 -24.24 19.92 -38.68
C TRP B 74 -24.32 19.97 -37.13
N ASP B 75 -23.32 20.61 -36.48
CA ASP B 75 -23.15 20.70 -35.00
C ASP B 75 -23.07 19.26 -34.43
N ILE B 76 -21.86 18.80 -34.00
CA ILE B 76 -21.65 17.36 -33.53
C ILE B 76 -20.22 17.25 -32.97
N VAL B 77 -19.34 18.31 -33.17
CA VAL B 77 -17.88 18.19 -32.81
C VAL B 77 -17.64 17.77 -31.35
N GLU B 78 -16.36 17.70 -30.96
CA GLU B 78 -15.87 17.29 -29.63
C GLU B 78 -15.77 15.72 -29.39
N PRO B 79 -16.14 14.72 -30.30
CA PRO B 79 -16.10 13.24 -29.88
C PRO B 79 -14.73 12.67 -29.46
N VAL B 80 -13.65 13.04 -30.19
CA VAL B 80 -12.31 12.43 -29.94
C VAL B 80 -11.69 12.65 -28.51
N THR B 81 -11.72 13.89 -27.86
CA THR B 81 -11.09 14.01 -26.49
C THR B 81 -11.79 13.18 -25.37
N TYR B 82 -13.19 13.14 -25.29
CA TYR B 82 -13.90 12.35 -24.21
C TYR B 82 -13.55 10.85 -24.36
N PHE B 83 -13.46 10.34 -25.64
CA PHE B 83 -13.03 8.92 -25.91
C PHE B 83 -11.58 8.74 -25.32
N ALA B 84 -10.70 9.79 -25.47
CA ALA B 84 -9.32 9.73 -24.90
C ALA B 84 -9.39 9.56 -23.34
N THR B 85 -10.37 10.27 -22.65
CA THR B 85 -10.55 10.16 -21.14
C THR B 85 -10.85 8.69 -20.74
N TYR B 86 -11.63 7.93 -21.59
CA TYR B 86 -11.93 6.48 -21.32
C TYR B 86 -10.55 5.72 -21.26
N SER B 87 -9.63 6.11 -22.19
CA SER B 87 -8.22 5.56 -22.21
C SER B 87 -7.42 5.94 -20.91
N THR B 88 -7.57 7.22 -20.40
CA THR B 88 -6.80 7.70 -19.18
C THR B 88 -7.13 6.86 -17.90
N VAL B 89 -8.44 6.53 -17.67
CA VAL B 89 -8.87 5.62 -16.53
C VAL B 89 -8.13 4.25 -16.74
N ALA B 90 -7.94 3.83 -18.04
CA ALA B 90 -7.16 2.57 -18.34
C ALA B 90 -5.73 2.73 -17.68
N ALA B 91 -5.17 4.01 -17.72
CA ALA B 91 -3.85 4.36 -17.04
C ALA B 91 -3.96 4.08 -15.51
N THR B 92 -5.17 4.41 -14.93
CA THR B 92 -5.48 4.26 -13.47
C THR B 92 -5.37 2.79 -12.98
N PHE B 93 -5.82 1.78 -13.80
CA PHE B 93 -5.78 0.31 -13.40
C PHE B 93 -4.29 -0.12 -13.05
N GLY B 94 -3.35 0.47 -13.80
CA GLY B 94 -1.88 0.22 -13.70
C GLY B 94 -1.24 0.04 -12.29
N TYR B 95 -1.82 0.65 -11.19
CA TYR B 95 -1.21 0.56 -9.79
C TYR B 95 -0.90 -0.92 -9.35
N TYR B 96 -1.72 -1.84 -9.85
CA TYR B 96 -1.65 -3.30 -9.57
C TYR B 96 -0.56 -3.94 -10.47
N LEU B 97 -0.78 -3.77 -11.77
CA LEU B 97 0.07 -4.31 -12.87
C LEU B 97 1.64 -4.06 -12.82
N TYR B 98 2.23 -3.09 -12.02
CA TYR B 98 3.74 -2.82 -12.19
C TYR B 98 4.67 -4.03 -11.89
N THR B 99 4.69 -4.52 -10.63
CA THR B 99 5.58 -5.66 -10.23
C THR B 99 5.07 -7.01 -10.80
N GLN B 100 3.74 -7.31 -10.61
CA GLN B 100 3.10 -8.60 -11.06
C GLN B 100 3.37 -8.99 -12.55
N GLN B 101 3.60 -8.01 -13.46
CA GLN B 101 3.79 -8.28 -14.95
C GLN B 101 4.83 -9.41 -15.21
N SER B 102 5.78 -9.55 -14.27
CA SER B 102 6.86 -10.57 -14.32
C SER B 102 6.30 -12.04 -14.27
N PHE B 103 5.16 -12.25 -13.55
CA PHE B 103 4.52 -13.61 -13.40
C PHE B 103 3.88 -14.07 -14.74
N GLU B 104 3.42 -13.10 -15.57
CA GLU B 104 2.73 -13.39 -16.87
C GLU B 104 3.71 -13.95 -17.98
N TYR B 105 4.87 -13.28 -18.20
CA TYR B 105 5.85 -13.62 -19.29
C TYR B 105 6.30 -15.16 -19.30
N PRO B 106 6.78 -15.80 -18.18
CA PRO B 106 7.20 -17.29 -18.17
C PRO B 106 6.24 -18.26 -18.94
N SER B 107 4.92 -18.11 -18.67
CA SER B 107 3.84 -18.96 -19.27
C SER B 107 3.75 -18.74 -20.81
N ALA B 108 4.08 -17.50 -21.26
CA ALA B 108 4.03 -17.09 -22.69
C ALA B 108 5.37 -17.41 -23.42
N ARG B 109 6.51 -17.42 -22.66
CA ARG B 109 7.90 -17.68 -23.20
C ARG B 109 8.71 -18.50 -22.14
N GLU B 110 8.78 -19.85 -22.30
CA GLU B 110 9.56 -20.77 -21.41
C GLU B 110 11.05 -20.67 -21.84
N ARG B 111 11.57 -21.72 -22.55
CA ARG B 111 12.96 -21.80 -23.08
C ARG B 111 14.03 -21.78 -21.93
N VAL B 112 14.54 -20.56 -21.58
CA VAL B 112 15.59 -20.35 -20.54
C VAL B 112 16.92 -21.08 -20.93
N TYR B 113 17.70 -20.48 -21.89
CA TYR B 113 18.99 -21.05 -22.38
C TYR B 113 19.80 -19.94 -23.14
N THR B 114 19.26 -19.51 -24.31
CA THR B 114 19.89 -18.47 -25.19
C THR B 114 19.92 -17.10 -24.47
N LYS B 115 20.69 -16.13 -25.06
CA LYS B 115 20.84 -14.75 -24.52
C LYS B 115 19.53 -13.96 -24.79
N GLN B 116 19.27 -12.89 -23.98
CA GLN B 116 18.06 -12.03 -24.10
C GLN B 116 16.76 -12.88 -23.98
N PHE B 117 15.59 -12.28 -24.30
CA PHE B 117 14.24 -12.94 -24.24
C PHE B 117 13.34 -12.35 -25.37
N TYR B 118 13.98 -12.09 -26.54
CA TYR B 118 13.32 -11.52 -27.76
C TYR B 118 12.72 -10.11 -27.47
N ARG B 119 11.55 -10.08 -26.78
CA ARG B 119 10.84 -8.82 -26.38
C ARG B 119 11.63 -8.09 -25.26
N ARG B 120 12.76 -8.71 -24.80
CA ARG B 120 13.66 -8.19 -23.73
C ARG B 120 12.91 -8.12 -22.36
N ALA B 121 13.55 -8.62 -21.27
CA ALA B 121 12.98 -8.65 -19.89
C ALA B 121 14.10 -9.00 -18.89
N GLN B 122 13.74 -8.98 -17.58
CA GLN B 122 14.69 -9.27 -16.46
C GLN B 122 13.91 -9.41 -15.12
N LYS B 123 12.55 -9.52 -15.20
CA LYS B 123 11.64 -9.67 -14.03
C LYS B 123 11.76 -8.45 -13.03
N GLN B 124 10.65 -7.67 -12.86
CA GLN B 124 10.58 -6.49 -11.95
C GLN B 124 10.63 -6.99 -10.47
N ASN B 125 10.94 -6.06 -9.51
CA ASN B 125 11.06 -6.34 -8.05
C ASN B 125 11.59 -5.05 -7.37
N PHE B 126 10.75 -4.37 -6.53
CA PHE B 126 11.16 -3.12 -5.80
C PHE B 126 10.18 -2.80 -4.65
N ASP B 127 9.13 -3.65 -4.42
CA ASP B 127 8.11 -3.41 -3.35
C ASP B 127 7.36 -4.71 -2.90
N ILE B 128 6.71 -5.51 -3.84
CA ILE B 128 5.98 -6.78 -3.40
C ILE B 128 7.05 -7.82 -2.97
N GLU B 129 8.03 -7.98 -3.89
CA GLU B 129 9.17 -8.93 -3.75
C GLU B 129 10.19 -8.45 -2.68
N LYS B 130 10.61 -7.16 -2.76
CA LYS B 130 11.63 -6.55 -1.82
C LYS B 130 11.24 -6.75 -0.31
N TYR B 131 9.97 -6.41 0.07
CA TYR B 131 9.46 -6.57 1.44
C TYR B 131 9.22 -8.08 1.83
N ASN B 132 8.48 -8.89 0.98
CA ASN B 132 8.12 -10.32 1.34
C ASN B 132 9.37 -11.23 1.43
N ARG B 133 10.13 -11.22 0.35
CA ARG B 133 11.36 -12.10 0.24
C ARG B 133 12.34 -11.84 1.42
N LEU B 134 12.65 -10.54 1.70
CA LEU B 134 13.61 -10.20 2.78
C LEU B 134 13.15 -10.73 4.20
N VAL B 135 11.87 -10.43 4.65
CA VAL B 135 11.40 -10.97 5.98
C VAL B 135 11.59 -12.56 5.98
N THR B 136 11.44 -13.22 4.78
CA THR B 136 11.65 -14.72 4.64
C THR B 136 13.11 -15.10 5.10
N GLU B 137 14.11 -14.16 4.90
CA GLU B 137 15.52 -14.45 5.42
C GLU B 137 15.41 -14.66 6.96
N VAL B 138 14.44 -13.91 7.59
CA VAL B 138 14.16 -14.09 9.08
C VAL B 138 13.75 -15.57 9.33
N ASP B 139 13.10 -16.22 8.31
CA ASP B 139 12.72 -17.69 8.44
C ASP B 139 13.99 -18.53 8.78
N GLU B 140 15.18 -18.08 8.23
CA GLU B 140 16.49 -18.76 8.52
C GLU B 140 16.86 -18.55 10.00
N LEU B 141 16.41 -17.40 10.59
CA LEU B 141 16.62 -17.09 12.07
C LEU B 141 15.96 -18.25 12.89
N ARG B 142 14.67 -18.57 12.57
CA ARG B 142 13.90 -19.67 13.28
C ARG B 142 14.70 -21.03 13.23
N ASN B 143 15.49 -21.28 12.10
CA ASN B 143 16.30 -22.54 12.00
C ASN B 143 17.53 -22.54 12.97
N GLN B 144 18.29 -21.39 12.98
CA GLN B 144 19.53 -21.22 13.82
C GLN B 144 19.19 -21.40 15.35
N LEU B 145 18.16 -20.68 15.73
CA LEU B 145 17.53 -20.64 17.08
C LEU B 145 17.22 -22.05 17.64
N LYS B 146 16.58 -22.88 16.81
CA LYS B 146 16.21 -24.27 17.17
C LYS B 146 17.51 -25.13 17.55
N ARG B 147 18.72 -24.94 16.84
CA ARG B 147 19.90 -25.75 17.19
C ARG B 147 20.43 -25.38 18.61
N LEU B 148 20.60 -24.04 18.96
CA LEU B 148 21.07 -23.67 20.38
C LEU B 148 20.10 -24.25 21.49
N ARG B 149 18.77 -24.44 21.20
CA ARG B 149 17.81 -24.99 22.24
C ARG B 149 18.11 -26.49 22.57
N ASP B 150 18.58 -27.30 21.56
CA ASP B 150 18.82 -28.79 21.81
C ASP B 150 19.96 -29.14 22.91
N PRO B 151 21.24 -28.62 22.90
CA PRO B 151 22.30 -28.92 24.01
C PRO B 151 21.78 -28.93 25.49
N LEU B 152 21.69 -27.74 26.21
CA LEU B 152 21.15 -27.71 27.64
C LEU B 152 19.72 -28.33 27.61
N GLU B 153 18.78 -27.47 27.19
CA GLU B 153 17.32 -27.80 27.01
C GLU B 153 16.57 -26.54 26.52
N MET C 1 47.90 7.60 21.80
CA MET C 1 47.18 7.47 23.12
C MET C 1 45.92 8.36 23.12
N ALA C 2 45.87 9.36 22.19
CA ALA C 2 44.73 10.32 22.04
C ALA C 2 44.87 11.06 20.69
N ALA C 3 43.78 11.79 20.28
CA ALA C 3 43.72 12.56 19.01
C ALA C 3 44.02 11.64 17.77
N LEU C 4 43.03 10.78 17.43
CA LEU C 4 43.11 9.80 16.29
C LEU C 4 41.67 9.44 15.85
N SER C 5 41.50 8.78 14.67
CA SER C 5 40.17 8.39 14.09
C SER C 5 39.23 7.68 15.14
N VAL C 6 39.59 6.42 15.53
CA VAL C 6 38.81 5.61 16.49
C VAL C 6 39.70 4.45 17.02
N ASP C 7 40.56 3.88 16.13
CA ASP C 7 41.51 2.77 16.47
C ASP C 7 42.50 2.54 15.30
N GLU C 8 43.53 1.68 15.56
CA GLU C 8 44.59 1.30 14.59
C GLU C 8 45.37 0.09 15.18
N TYR C 9 45.64 0.17 16.51
CA TYR C 9 46.39 -0.89 17.27
C TYR C 9 46.21 -0.62 18.79
N LYS C 10 45.42 -1.51 19.50
CA LYS C 10 45.17 -1.40 20.97
C LYS C 10 44.56 -2.72 21.52
N LEU C 11 44.22 -3.68 20.60
CA LEU C 11 43.66 -5.03 20.94
C LEU C 11 42.21 -4.92 21.51
N SER C 12 42.07 -4.16 22.61
CA SER C 12 40.78 -3.89 23.32
C SER C 12 40.04 -2.78 22.56
N ARG C 13 39.88 -3.07 21.29
CA ARG C 13 39.21 -2.23 20.27
C ARG C 13 37.69 -2.13 20.55
N GLU C 14 37.19 -3.01 21.45
CA GLU C 14 35.77 -3.09 21.86
C GLU C 14 34.89 -3.58 20.66
N LYS C 15 34.94 -4.91 20.40
CA LYS C 15 34.20 -5.60 19.29
C LYS C 15 32.65 -5.40 19.41
N LYS C 16 32.15 -5.44 20.67
CA LYS C 16 30.69 -5.32 21.00
C LYS C 16 30.14 -3.95 20.45
N LEU C 17 30.99 -2.92 20.63
CA LEU C 17 30.72 -1.51 20.16
C LEU C 17 30.57 -1.52 18.60
N LEU C 18 31.41 -2.34 17.92
CA LEU C 18 31.43 -2.43 16.42
C LEU C 18 30.03 -2.89 15.89
N LEU C 19 29.37 -3.88 16.58
CA LEU C 19 27.97 -4.31 16.19
C LEU C 19 26.97 -3.10 16.33
N GLN C 20 27.11 -2.28 17.45
CA GLN C 20 26.20 -1.09 17.66
C GLN C 20 26.34 -0.08 16.45
N LEU C 21 27.60 0.11 15.95
CA LEU C 21 27.88 0.98 14.76
C LEU C 21 27.17 0.43 13.47
N GLU C 22 27.13 -0.94 13.27
CA GLU C 22 26.50 -1.52 12.02
C GLU C 22 25.01 -1.12 11.93
N ASN C 23 24.31 -1.16 13.10
CA ASN C 23 22.88 -0.76 13.19
C ASN C 23 22.71 0.74 12.80
N ALA C 24 23.65 1.61 13.31
CA ALA C 24 23.63 3.08 13.03
C ALA C 24 23.75 3.39 11.51
N GLU C 25 24.63 2.63 10.80
CA GLU C 25 24.84 2.77 9.32
C GLU C 25 23.52 2.49 8.52
N THR C 26 22.72 1.44 8.93
CA THR C 26 21.44 1.10 8.21
C THR C 26 20.43 2.28 8.26
N LEU C 27 20.28 2.95 9.45
CA LEU C 27 19.33 4.12 9.60
C LEU C 27 19.74 5.31 8.66
N LEU C 28 21.08 5.60 8.58
CA LEU C 28 21.70 6.74 7.81
C LEU C 28 20.78 8.01 7.83
N ALA C 29 20.60 8.58 9.05
CA ALA C 29 19.79 9.82 9.29
C ALA C 29 20.66 11.00 8.76
N PRO C 30 21.91 11.20 9.29
CA PRO C 30 22.92 12.21 8.73
C PRO C 30 22.82 12.52 7.19
N LEU C 31 23.14 11.50 6.34
CA LEU C 31 23.08 11.60 4.86
C LEU C 31 21.61 11.91 4.40
N HIS C 32 20.57 11.27 5.05
CA HIS C 32 19.12 11.51 4.67
C HIS C 32 18.77 13.02 4.87
N ASP C 33 19.27 13.62 6.00
CA ASP C 33 19.11 15.08 6.31
C ASP C 33 19.82 15.97 5.21
N ALA C 34 21.04 15.55 4.74
CA ALA C 34 21.82 16.29 3.69
C ALA C 34 20.99 16.36 2.38
N LYS C 35 20.29 15.22 2.07
CA LYS C 35 19.40 15.07 0.88
C LYS C 35 18.22 16.11 0.99
N ARG C 36 17.70 16.34 2.24
CA ARG C 36 16.56 17.29 2.52
C ARG C 36 16.94 18.73 2.05
N LYS C 37 18.24 19.11 2.24
CA LYS C 37 18.78 20.47 1.86
C LYS C 37 18.57 20.74 0.32
N ILE C 38 18.72 19.68 -0.52
CA ILE C 38 18.58 19.77 -2.03
C ILE C 38 17.17 20.33 -2.47
N GLU C 39 16.22 20.57 -1.49
CA GLU C 39 14.83 21.07 -1.77
C GLU C 39 14.76 22.26 -2.80
N GLN C 40 15.92 22.94 -3.03
CA GLN C 40 16.04 24.09 -3.99
C GLN C 40 15.94 23.60 -5.47
N GLU C 41 17.07 23.06 -6.02
CA GLU C 41 17.18 22.57 -7.44
C GLU C 41 16.32 21.28 -7.66
N ALA C 42 15.61 20.80 -6.61
CA ALA C 42 14.75 19.57 -6.66
C ALA C 42 13.68 19.57 -7.80
N GLU C 43 13.62 20.65 -8.63
CA GLU C 43 12.66 20.79 -9.77
C GLU C 43 12.78 19.60 -10.81
N ALA C 44 13.69 18.63 -10.55
CA ALA C 44 13.95 17.44 -11.41
C ALA C 44 12.62 16.67 -11.75
N HIS C 45 11.62 16.77 -10.83
CA HIS C 45 10.28 16.10 -10.97
C HIS C 45 9.27 17.06 -11.67
N THR C 46 9.40 18.39 -11.37
CA THR C 46 8.49 19.45 -11.91
C THR C 46 8.44 19.43 -13.46
N ASP C 47 9.50 18.87 -14.09
CA ASP C 47 9.64 18.76 -15.59
C ASP C 47 9.00 17.43 -16.11
N ARG C 48 8.68 16.46 -15.20
CA ARG C 48 8.06 15.14 -15.56
C ARG C 48 6.52 15.24 -15.53
N VAL C 49 5.98 16.10 -14.63
CA VAL C 49 4.52 16.33 -14.48
C VAL C 49 4.11 17.36 -15.56
N ALA C 50 5.15 17.99 -16.19
CA ALA C 50 5.01 18.99 -17.28
C ALA C 50 4.63 18.27 -18.60
N TRP C 51 4.72 16.88 -18.63
CA TRP C 51 4.32 16.06 -19.85
C TRP C 51 2.88 16.49 -20.31
N ALA C 52 2.12 16.91 -19.29
CA ALA C 52 0.73 17.41 -19.38
C ALA C 52 0.61 18.71 -20.22
N GLY C 53 1.77 19.33 -20.56
CA GLY C 53 1.84 20.61 -21.34
C GLY C 53 1.33 20.48 -22.79
N PHE C 54 1.64 19.32 -23.44
CA PHE C 54 1.25 19.04 -24.86
C PHE C 54 -0.30 18.85 -25.00
N ALA C 55 -0.98 18.46 -23.89
CA ALA C 55 -2.46 18.24 -23.87
C ALA C 55 -3.22 19.60 -24.00
N ALA C 56 -2.74 20.63 -23.26
CA ALA C 56 -3.33 22.00 -23.24
C ALA C 56 -3.04 22.78 -24.56
N SER C 57 -1.95 22.39 -25.27
CA SER C 57 -1.49 23.04 -26.53
C SER C 57 -2.54 22.92 -27.70
N GLY C 58 -3.41 21.89 -27.65
CA GLY C 58 -4.42 21.64 -28.72
C GLY C 58 -5.57 22.68 -28.77
N VAL C 59 -5.85 23.35 -27.62
CA VAL C 59 -6.99 24.32 -27.46
C VAL C 59 -6.84 25.64 -28.29
N GLN C 60 -5.70 26.37 -28.10
CA GLN C 60 -5.46 27.72 -28.74
C GLN C 60 -5.79 27.72 -30.26
N THR C 61 -5.65 26.53 -30.91
CA THR C 61 -5.97 26.34 -32.37
C THR C 61 -7.51 26.28 -32.53
N GLY C 62 -8.14 25.63 -31.53
CA GLY C 62 -9.60 25.42 -31.45
C GLY C 62 -10.36 26.75 -31.24
N LEU C 63 -9.81 27.69 -30.42
CA LEU C 63 -10.52 29.01 -30.14
C LEU C 63 -10.72 29.85 -31.47
N PHE C 64 -9.70 29.86 -32.36
CA PHE C 64 -9.80 30.56 -33.68
C PHE C 64 -10.97 29.91 -34.50
N ALA C 65 -11.10 28.55 -34.39
CA ALA C 65 -12.17 27.78 -35.13
C ALA C 65 -13.63 28.23 -34.75
N ARG C 66 -13.97 28.50 -33.40
CA ARG C 66 -15.38 28.97 -33.06
C ARG C 66 -15.67 30.31 -33.77
N LEU C 67 -14.64 31.23 -33.80
CA LEU C 67 -14.83 32.58 -34.43
C LEU C 67 -15.19 32.47 -35.97
N THR C 68 -14.48 31.56 -36.73
CA THR C 68 -14.74 31.31 -38.19
C THR C 68 -16.15 30.69 -38.46
N TRP C 69 -16.55 29.75 -37.56
CA TRP C 69 -17.82 28.96 -37.63
C TRP C 69 -19.11 29.83 -37.53
N TRP C 70 -18.98 31.17 -37.54
CA TRP C 70 -20.15 32.12 -37.42
C TRP C 70 -21.05 32.06 -38.71
N GLU C 71 -20.85 31.04 -39.62
CA GLU C 71 -21.67 30.84 -40.86
C GLU C 71 -22.15 29.35 -40.91
N TYR C 72 -21.45 28.47 -40.14
CA TYR C 72 -21.75 27.02 -40.03
C TYR C 72 -22.99 26.83 -39.10
N SER C 73 -22.82 27.24 -37.81
CA SER C 73 -23.81 27.17 -36.74
C SER C 73 -23.19 28.04 -35.62
N TRP C 74 -22.94 27.47 -34.40
CA TRP C 74 -22.25 28.19 -33.25
C TRP C 74 -22.17 27.35 -31.94
N ASP C 75 -23.25 26.60 -31.65
CA ASP C 75 -23.42 25.70 -30.50
C ASP C 75 -22.40 24.54 -30.71
N ILE C 76 -21.13 24.84 -30.35
CA ILE C 76 -19.94 23.97 -30.58
C ILE C 76 -19.05 24.13 -29.31
N VAL C 77 -19.56 24.82 -28.24
CA VAL C 77 -18.75 25.08 -27.01
C VAL C 77 -18.22 23.78 -26.35
N GLU C 78 -17.63 23.94 -25.15
CA GLU C 78 -17.01 22.82 -24.32
C GLU C 78 -15.53 22.36 -24.69
N PRO C 79 -14.79 22.71 -25.80
CA PRO C 79 -13.40 22.07 -26.04
C PRO C 79 -12.28 22.34 -24.94
N VAL C 80 -12.19 23.59 -24.43
CA VAL C 80 -11.13 23.98 -23.44
C VAL C 80 -11.14 23.17 -22.10
N THR C 81 -12.34 22.91 -21.49
CA THR C 81 -12.38 22.19 -20.18
C THR C 81 -11.81 20.72 -20.19
N TYR C 82 -12.17 19.85 -21.23
CA TYR C 82 -11.71 18.43 -21.26
C TYR C 82 -10.16 18.33 -21.37
N PHE C 83 -9.48 19.19 -22.20
CA PHE C 83 -7.98 19.17 -22.28
C PHE C 83 -7.40 19.57 -20.87
N ALA C 84 -8.01 20.58 -20.18
CA ALA C 84 -7.58 20.98 -18.79
C ALA C 84 -7.79 19.79 -17.79
N THR C 85 -8.96 19.09 -17.94
CA THR C 85 -9.32 17.88 -17.11
C THR C 85 -8.30 16.72 -17.38
N TYR C 86 -7.86 16.59 -18.67
CA TYR C 86 -6.87 15.53 -19.08
C TYR C 86 -5.55 15.72 -18.27
N SER C 87 -5.14 17.01 -18.09
CA SER C 87 -3.93 17.38 -17.26
C SER C 87 -4.11 16.89 -15.78
N THR C 88 -5.36 17.00 -15.20
CA THR C 88 -5.62 16.53 -13.79
C THR C 88 -5.32 15.01 -13.67
N VAL C 89 -5.67 14.17 -14.72
CA VAL C 89 -5.35 12.67 -14.69
C VAL C 89 -3.82 12.51 -14.49
N ALA C 90 -3.02 13.43 -15.10
CA ALA C 90 -1.51 13.38 -14.97
C ALA C 90 -1.19 13.45 -13.45
N ALA C 91 -1.99 14.30 -12.69
CA ALA C 91 -1.85 14.41 -11.19
C ALA C 91 -2.13 13.01 -10.55
N THR C 92 -3.18 12.28 -11.09
CA THR C 92 -3.56 10.91 -10.61
C THR C 92 -2.38 9.93 -10.86
N PHE C 93 -1.70 10.04 -12.04
CA PHE C 93 -0.52 9.17 -12.41
C PHE C 93 0.59 9.37 -11.33
N GLY C 94 0.71 10.63 -10.88
CA GLY C 94 1.69 11.10 -9.87
C GLY C 94 1.80 10.30 -8.53
N TYR C 95 0.76 9.51 -8.11
CA TYR C 95 0.81 8.74 -6.78
C TYR C 95 2.05 7.79 -6.68
N TYR C 96 2.34 7.12 -7.78
CA TYR C 96 3.40 6.13 -7.97
C TYR C 96 4.73 6.85 -8.21
N LEU C 97 4.75 7.66 -9.31
CA LEU C 97 5.92 8.48 -9.74
C LEU C 97 6.54 9.31 -8.56
N TYR C 98 5.81 9.48 -7.40
CA TYR C 98 6.23 10.40 -6.31
C TYR C 98 7.62 10.07 -5.69
N THR C 99 7.73 8.89 -5.03
CA THR C 99 9.00 8.45 -4.35
C THR C 99 10.12 8.04 -5.38
N GLN C 100 9.78 7.16 -6.37
CA GLN C 100 10.72 6.65 -7.44
C GLN C 100 11.52 7.77 -8.20
N GLN C 101 10.97 9.01 -8.28
CA GLN C 101 11.55 10.12 -9.14
C GLN C 101 13.09 10.32 -9.01
N SER C 102 13.62 10.00 -7.82
CA SER C 102 15.07 10.16 -7.51
C SER C 102 15.98 9.14 -8.27
N PHE C 103 15.43 7.94 -8.58
CA PHE C 103 16.20 6.84 -9.27
C PHE C 103 16.50 7.19 -10.77
N GLU C 104 15.54 7.86 -11.46
CA GLU C 104 15.66 8.22 -12.91
C GLU C 104 16.73 9.37 -13.14
N TYR C 105 16.76 10.38 -12.23
CA TYR C 105 17.65 11.59 -12.36
C TYR C 105 19.19 11.29 -12.67
N PRO C 106 19.94 10.39 -11.94
CA PRO C 106 21.43 10.13 -12.27
C PRO C 106 21.62 9.58 -13.71
N SER C 107 22.91 9.42 -14.12
CA SER C 107 23.31 8.91 -15.47
C SER C 107 24.83 8.62 -15.48
N ALA C 108 25.29 7.96 -16.58
CA ALA C 108 26.71 7.55 -16.77
C ALA C 108 27.61 8.76 -17.21
N ARG C 109 27.11 10.01 -17.01
CA ARG C 109 27.85 11.27 -17.38
C ARG C 109 29.12 11.47 -16.49
N GLU C 110 29.39 10.52 -15.56
CA GLU C 110 30.56 10.57 -14.63
C GLU C 110 31.90 10.45 -15.43
N ARG C 111 31.83 9.72 -16.58
CA ARG C 111 33.00 9.48 -17.49
C ARG C 111 33.42 10.81 -18.18
N VAL C 112 32.41 11.58 -18.64
CA VAL C 112 32.59 12.89 -19.34
C VAL C 112 33.06 13.97 -18.31
N TYR C 113 34.38 13.96 -17.96
CA TYR C 113 35.00 14.90 -16.98
C TYR C 113 34.22 14.91 -15.62
N THR C 114 34.70 14.11 -14.61
CA THR C 114 34.08 13.99 -13.27
C THR C 114 34.09 15.34 -12.49
N LYS C 115 33.18 15.46 -11.48
CA LYS C 115 33.01 16.65 -10.60
C LYS C 115 32.04 16.20 -9.46
N GLN C 116 32.60 15.98 -8.22
CA GLN C 116 31.82 15.51 -7.03
C GLN C 116 31.25 14.09 -7.34
N PHE C 117 32.18 13.13 -7.62
CA PHE C 117 31.89 11.72 -8.01
C PHE C 117 30.95 10.96 -7.02
N TYR C 118 30.65 11.59 -5.85
CA TYR C 118 29.76 10.99 -4.81
C TYR C 118 28.32 10.73 -5.38
N ARG C 119 27.55 11.81 -5.61
CA ARG C 119 26.17 11.76 -6.18
C ARG C 119 25.21 10.82 -5.37
N ARG C 120 25.21 10.94 -4.02
CA ARG C 120 24.31 10.14 -3.11
C ARG C 120 22.82 10.58 -3.31
N ALA C 121 22.62 11.65 -4.14
CA ALA C 121 21.27 12.21 -4.46
C ALA C 121 20.36 11.19 -5.22
N GLN C 122 20.88 9.98 -5.48
CA GLN C 122 20.17 8.89 -6.19
C GLN C 122 19.15 8.16 -5.26
N LYS C 123 18.43 8.90 -4.35
CA LYS C 123 17.41 8.25 -3.44
C LYS C 123 16.33 9.25 -2.84
N GLN C 124 16.76 10.24 -1.98
CA GLN C 124 15.82 11.17 -1.25
C GLN C 124 14.85 10.29 -0.38
N ASN C 125 13.69 9.92 -0.99
CA ASN C 125 12.69 8.98 -0.41
C ASN C 125 12.12 9.43 0.98
N PHE C 126 10.88 8.93 1.32
CA PHE C 126 10.18 9.23 2.62
C PHE C 126 9.42 7.97 3.13
N ASP C 127 9.32 6.87 2.28
CA ASP C 127 8.56 5.62 2.71
C ASP C 127 8.99 4.27 2.04
N ILE C 128 9.60 4.18 0.76
CA ILE C 128 10.00 2.79 0.20
C ILE C 128 11.22 2.28 1.08
N GLU C 129 12.15 3.25 1.37
CA GLU C 129 13.40 3.03 2.18
C GLU C 129 13.10 2.50 3.60
N LYS C 130 12.20 3.21 4.29
CA LYS C 130 11.81 2.99 5.71
C LYS C 130 11.48 1.52 6.06
N TYR C 131 10.57 0.87 5.29
CA TYR C 131 10.18 -0.54 5.55
C TYR C 131 11.27 -1.59 5.21
N ASN C 132 11.91 -1.46 4.00
CA ASN C 132 12.94 -2.49 3.57
C ASN C 132 14.21 -2.42 4.46
N ARG C 133 14.74 -1.21 4.56
CA ARG C 133 16.02 -0.92 5.34
C ARG C 133 15.94 -1.39 6.84
N LEU C 134 14.85 -1.02 7.49
CA LEU C 134 14.63 -1.28 8.95
C LEU C 134 14.41 -2.79 9.25
N VAL C 135 13.45 -3.47 8.52
CA VAL C 135 13.24 -4.94 8.73
C VAL C 135 14.67 -5.66 8.58
N THR C 136 15.60 -5.03 7.73
CA THR C 136 17.00 -5.54 7.53
C THR C 136 17.71 -5.67 8.90
N GLU C 137 17.47 -4.67 9.82
CA GLU C 137 18.05 -4.73 11.23
C GLU C 137 17.69 -6.11 11.86
N VAL C 138 16.46 -6.65 11.49
CA VAL C 138 16.06 -8.02 12.01
C VAL C 138 17.16 -9.05 11.57
N ASP C 139 17.57 -8.89 10.29
CA ASP C 139 18.61 -9.78 9.66
C ASP C 139 19.98 -9.72 10.42
N GLU C 140 20.32 -8.55 11.07
CA GLU C 140 21.60 -8.43 11.82
C GLU C 140 21.56 -9.42 13.02
N LEU C 141 20.33 -9.72 13.59
CA LEU C 141 20.22 -10.79 14.69
C LEU C 141 20.72 -12.14 14.10
N ARG C 142 20.29 -12.41 12.82
CA ARG C 142 20.66 -13.69 12.10
C ARG C 142 22.23 -13.86 12.19
N ASN C 143 23.02 -12.70 12.07
CA ASN C 143 24.51 -12.77 12.16
C ASN C 143 25.03 -13.04 13.62
N GLN C 144 24.51 -12.24 14.62
CA GLN C 144 24.94 -12.34 16.06
C GLN C 144 24.61 -13.71 16.66
N LEU C 145 23.41 -14.24 16.32
CA LEU C 145 22.93 -15.54 16.87
C LEU C 145 23.84 -16.72 16.35
N LYS C 146 24.13 -16.77 15.02
CA LYS C 146 25.01 -17.84 14.41
C LYS C 146 26.33 -18.00 15.22
N ARG C 147 26.99 -16.85 15.67
CA ARG C 147 28.24 -16.99 16.50
C ARG C 147 27.82 -17.69 17.85
N LEU C 148 26.71 -17.21 18.55
CA LEU C 148 26.22 -17.88 19.86
C LEU C 148 26.06 -19.44 19.76
N ARG C 149 25.69 -20.02 18.57
CA ARG C 149 25.50 -21.52 18.44
C ARG C 149 26.87 -22.25 18.53
N ASP C 150 28.02 -21.63 18.03
CA ASP C 150 29.38 -22.38 18.08
C ASP C 150 29.86 -22.66 19.59
N PRO C 151 29.96 -21.65 20.54
CA PRO C 151 30.31 -21.89 22.03
C PRO C 151 28.96 -22.00 22.80
N LEU C 152 28.77 -23.05 23.68
CA LEU C 152 27.51 -23.33 24.42
C LEU C 152 27.73 -24.54 25.36
N GLU C 153 27.78 -25.76 24.77
CA GLU C 153 27.99 -27.05 25.49
C GLU C 153 26.87 -27.27 26.57
N MET D 1 -7.93 -12.59 44.84
CA MET D 1 -7.29 -13.13 43.59
C MET D 1 -6.21 -12.13 43.12
N ALA D 2 -5.63 -12.40 41.92
CA ALA D 2 -4.57 -11.57 41.28
C ALA D 2 -4.40 -11.99 39.80
N ALA D 3 -3.36 -11.41 39.13
CA ALA D 3 -3.03 -11.69 37.70
C ALA D 3 -1.62 -11.13 37.39
N LEU D 4 -1.33 -9.93 37.96
CA LEU D 4 -0.02 -9.22 37.82
C LEU D 4 0.96 -9.82 38.86
N SER D 5 1.15 -11.17 38.75
CA SER D 5 2.03 -11.98 39.63
C SER D 5 1.53 -11.95 41.12
N VAL D 6 1.40 -13.14 41.77
CA VAL D 6 0.93 -13.28 43.18
C VAL D 6 1.96 -12.66 44.16
N ASP D 7 3.27 -12.87 43.86
CA ASP D 7 4.41 -12.33 44.68
C ASP D 7 4.65 -10.86 44.27
N GLU D 8 4.84 -9.96 45.29
CA GLU D 8 5.09 -8.49 45.07
C GLU D 8 6.53 -8.28 44.50
N TYR D 9 7.54 -8.03 45.38
CA TYR D 9 8.96 -7.80 44.99
C TYR D 9 9.67 -9.15 44.65
N LYS D 10 10.47 -9.17 43.54
CA LYS D 10 11.25 -10.36 43.08
C LYS D 10 12.22 -9.86 41.97
N LEU D 11 13.37 -9.26 42.39
CA LEU D 11 14.41 -8.71 41.47
C LEU D 11 13.78 -7.59 40.59
N SER D 12 14.21 -7.45 39.29
CA SER D 12 13.68 -6.40 38.34
C SER D 12 13.94 -5.01 38.93
N ARG D 13 15.18 -4.89 39.40
CA ARG D 13 15.72 -3.70 40.09
C ARG D 13 15.57 -2.37 39.28
N GLU D 14 15.88 -2.37 37.92
CA GLU D 14 15.77 -1.11 37.09
C GLU D 14 15.84 -1.36 35.53
N LYS D 15 16.77 -2.23 35.07
CA LYS D 15 17.04 -2.39 33.59
C LYS D 15 15.83 -2.90 32.72
N LYS D 16 15.07 -3.95 33.19
CA LYS D 16 13.92 -4.51 32.37
C LYS D 16 12.80 -3.47 32.11
N LEU D 17 12.42 -2.72 33.19
CA LEU D 17 11.37 -1.66 33.13
C LEU D 17 11.74 -0.46 32.20
N LEU D 18 13.05 -0.04 32.20
CA LEU D 18 13.52 1.14 31.38
C LEU D 18 13.34 0.86 29.88
N LEU D 19 13.71 -0.37 29.53
CA LEU D 19 13.60 -0.91 28.16
C LEU D 19 12.09 -0.99 27.73
N GLN D 20 11.22 -1.44 28.70
CA GLN D 20 9.73 -1.53 28.52
C GLN D 20 9.16 -0.10 28.24
N LEU D 21 9.71 0.94 28.95
CA LEU D 21 9.28 2.36 28.77
C LEU D 21 9.56 2.80 27.29
N GLU D 22 10.73 2.33 26.69
CA GLU D 22 11.07 2.67 25.27
C GLU D 22 9.96 2.13 24.36
N ASN D 23 9.47 0.89 24.68
CA ASN D 23 8.37 0.23 23.92
C ASN D 23 7.05 1.06 23.99
N ALA D 24 6.72 1.65 25.19
CA ALA D 24 5.45 2.42 25.38
C ALA D 24 5.37 3.68 24.44
N GLU D 25 6.47 4.51 24.31
CA GLU D 25 6.48 5.67 23.33
C GLU D 25 6.37 5.15 21.89
N THR D 26 7.08 4.01 21.58
CA THR D 26 7.10 3.41 20.21
C THR D 26 5.67 2.95 19.76
N LEU D 27 4.87 2.31 20.68
CA LEU D 27 3.42 1.93 20.36
C LEU D 27 2.68 3.26 20.05
N LEU D 28 3.06 4.25 20.87
CA LEU D 28 2.60 5.63 20.82
C LEU D 28 1.07 5.74 21.06
N ALA D 29 0.70 6.32 22.21
CA ALA D 29 -0.69 6.58 22.66
C ALA D 29 -0.71 8.07 23.15
N PRO D 30 0.05 8.47 24.22
CA PRO D 30 0.16 9.95 24.70
C PRO D 30 -0.06 11.06 23.61
N LEU D 31 0.89 11.19 22.64
CA LEU D 31 0.83 12.19 21.54
C LEU D 31 -0.44 11.90 20.67
N HIS D 32 -0.76 10.59 20.43
CA HIS D 32 -1.98 10.21 19.61
C HIS D 32 -3.28 10.74 20.35
N ASP D 33 -3.27 10.62 21.72
CA ASP D 33 -4.34 11.15 22.64
C ASP D 33 -4.43 12.71 22.48
N ALA D 34 -3.24 13.38 22.28
CA ALA D 34 -3.17 14.87 22.08
C ALA D 34 -4.05 15.25 20.86
N LYS D 35 -4.06 14.37 19.78
CA LYS D 35 -4.92 14.64 18.55
C LYS D 35 -6.41 14.75 19.00
N ARG D 36 -6.83 13.85 19.96
CA ARG D 36 -8.25 13.83 20.49
C ARG D 36 -8.64 15.23 21.12
N LYS D 37 -7.68 15.88 21.84
CA LYS D 37 -7.96 17.22 22.50
C LYS D 37 -8.36 18.31 21.44
N ILE D 38 -7.67 18.29 20.27
CA ILE D 38 -7.85 19.23 19.09
C ILE D 38 -8.68 18.56 17.94
N GLU D 39 -9.20 17.31 18.15
CA GLU D 39 -9.94 16.44 17.11
C GLU D 39 -10.51 17.19 15.84
N GLN D 40 -10.98 18.44 16.00
CA GLN D 40 -11.50 19.29 14.87
C GLN D 40 -10.35 19.63 13.83
N GLU D 41 -9.11 19.10 14.10
CA GLU D 41 -7.90 19.32 13.27
C GLU D 41 -8.07 18.89 11.78
N ALA D 42 -8.93 17.86 11.51
CA ALA D 42 -9.13 17.33 10.11
C ALA D 42 -9.59 18.46 9.13
N GLU D 43 -10.05 19.61 9.69
CA GLU D 43 -10.47 20.81 8.90
C GLU D 43 -9.19 21.50 8.32
N ALA D 44 -7.99 20.96 8.71
CA ALA D 44 -6.66 21.45 8.23
C ALA D 44 -6.43 20.93 6.78
N HIS D 45 -7.07 19.77 6.45
CA HIS D 45 -6.98 19.11 5.12
C HIS D 45 -7.96 19.80 4.12
N THR D 46 -9.09 20.32 4.65
CA THR D 46 -10.15 21.00 3.83
C THR D 46 -9.59 22.21 3.04
N ASP D 47 -8.68 23.00 3.69
CA ASP D 47 -8.06 24.21 3.09
C ASP D 47 -7.09 23.84 1.93
N ARG D 48 -6.63 22.56 1.88
CA ARG D 48 -5.66 22.05 0.83
C ARG D 48 -6.43 21.49 -0.39
N VAL D 49 -7.66 20.98 -0.17
CA VAL D 49 -8.57 20.47 -1.24
C VAL D 49 -9.31 21.70 -1.81
N ALA D 50 -9.29 22.83 -1.04
CA ALA D 50 -9.90 24.13 -1.42
C ALA D 50 -9.11 24.74 -2.60
N TRP D 51 -7.91 24.15 -2.95
CA TRP D 51 -7.06 24.62 -4.11
C TRP D 51 -7.96 24.71 -5.39
N ALA D 52 -8.95 23.78 -5.40
CA ALA D 52 -9.98 23.62 -6.46
C ALA D 52 -11.00 24.80 -6.46
N GLY D 53 -11.19 25.45 -5.28
CA GLY D 53 -12.16 26.58 -5.10
C GLY D 53 -12.01 27.73 -6.13
N PHE D 54 -10.76 27.95 -6.63
CA PHE D 54 -10.45 29.02 -7.63
C PHE D 54 -10.97 28.62 -9.05
N ALA D 55 -10.96 27.29 -9.35
CA ALA D 55 -11.40 26.75 -10.68
C ALA D 55 -12.94 26.97 -10.91
N ALA D 56 -13.73 26.74 -9.84
CA ALA D 56 -15.22 26.88 -9.84
C ALA D 56 -15.66 28.38 -9.81
N SER D 57 -14.77 29.26 -9.30
CA SER D 57 -15.06 30.72 -9.16
C SER D 57 -15.13 31.47 -10.53
N GLY D 58 -14.44 30.90 -11.55
CA GLY D 58 -14.38 31.51 -12.92
C GLY D 58 -15.73 31.61 -13.66
N VAL D 59 -16.51 30.50 -13.64
CA VAL D 59 -17.83 30.38 -14.35
C VAL D 59 -18.96 31.23 -13.75
N GLN D 60 -18.88 31.62 -12.45
CA GLN D 60 -19.97 32.44 -11.80
C GLN D 60 -20.29 33.69 -12.70
N THR D 61 -19.20 34.25 -13.30
CA THR D 61 -19.28 35.38 -14.29
C THR D 61 -19.73 34.83 -15.67
N GLY D 62 -19.44 33.54 -15.91
CA GLY D 62 -19.77 32.81 -17.17
C GLY D 62 -21.30 32.66 -17.38
N LEU D 63 -22.05 32.43 -16.28
CA LEU D 63 -23.56 32.26 -16.33
C LEU D 63 -24.26 33.55 -16.91
N PHE D 64 -23.72 34.71 -16.52
CA PHE D 64 -24.21 36.06 -16.96
C PHE D 64 -24.15 36.14 -18.51
N ALA D 65 -23.07 35.55 -19.09
CA ALA D 65 -22.84 35.54 -20.56
C ALA D 65 -24.02 34.85 -21.34
N ARG D 66 -24.63 33.70 -20.82
CA ARG D 66 -25.79 33.03 -21.54
C ARG D 66 -26.97 34.05 -21.61
N LEU D 67 -27.20 34.78 -20.46
CA LEU D 67 -28.27 35.82 -20.39
C LEU D 67 -28.02 37.02 -21.38
N THR D 68 -26.73 37.46 -21.46
CA THR D 68 -26.30 38.62 -22.30
C THR D 68 -26.52 38.44 -23.84
N TRP D 69 -26.25 37.20 -24.36
CA TRP D 69 -26.31 36.86 -25.83
C TRP D 69 -27.32 35.74 -26.12
N TRP D 70 -28.44 35.77 -25.38
CA TRP D 70 -29.54 34.76 -25.46
C TRP D 70 -30.01 34.42 -26.92
N GLU D 71 -29.65 35.27 -27.94
CA GLU D 71 -30.09 35.10 -29.38
C GLU D 71 -29.11 34.26 -30.26
N TYR D 72 -27.82 34.07 -29.85
CA TYR D 72 -26.80 33.31 -30.66
C TYR D 72 -27.33 31.87 -31.04
N SER D 73 -27.75 31.08 -30.02
CA SER D 73 -28.29 29.68 -30.23
C SER D 73 -29.00 29.17 -28.94
N TRP D 74 -28.36 29.43 -27.79
CA TRP D 74 -28.83 29.04 -26.40
C TRP D 74 -28.36 27.64 -26.01
N ASP D 75 -28.27 26.76 -27.02
CA ASP D 75 -27.77 25.34 -26.92
C ASP D 75 -26.26 25.48 -26.63
N ILE D 76 -25.99 25.92 -25.40
CA ILE D 76 -24.66 26.32 -24.88
C ILE D 76 -24.62 25.88 -23.40
N VAL D 77 -25.76 25.29 -22.87
CA VAL D 77 -25.90 24.88 -21.46
C VAL D 77 -24.76 23.94 -20.99
N GLU D 78 -24.88 23.47 -19.74
CA GLU D 78 -23.94 22.55 -19.07
C GLU D 78 -22.53 23.13 -18.62
N PRO D 79 -22.09 24.43 -18.78
CA PRO D 79 -20.63 24.79 -18.40
C PRO D 79 -20.23 24.57 -16.93
N VAL D 80 -21.14 24.94 -16.00
CA VAL D 80 -20.87 24.85 -14.54
C VAL D 80 -20.59 23.43 -14.02
N THR D 81 -21.38 22.37 -14.43
CA THR D 81 -21.12 21.01 -13.88
C THR D 81 -19.73 20.40 -14.24
N TYR D 82 -19.23 20.53 -15.53
CA TYR D 82 -17.89 19.96 -15.89
C TYR D 82 -16.77 20.62 -15.05
N PHE D 83 -16.84 21.97 -14.82
CA PHE D 83 -15.84 22.64 -13.90
C PHE D 83 -15.99 21.98 -12.48
N ALA D 84 -17.26 21.66 -12.06
CA ALA D 84 -17.50 20.96 -10.74
C ALA D 84 -16.76 19.54 -10.77
N THR D 85 -16.82 18.79 -11.94
CA THR D 85 -16.11 17.46 -12.13
C THR D 85 -14.58 17.64 -11.94
N TYR D 86 -14.02 18.79 -12.41
CA TYR D 86 -12.55 19.10 -12.29
C TYR D 86 -12.17 19.06 -10.76
N SER D 87 -13.09 19.62 -9.91
CA SER D 87 -12.93 19.54 -8.40
C SER D 87 -12.97 18.06 -7.90
N THR D 88 -13.86 17.20 -8.48
CA THR D 88 -14.02 15.75 -8.02
C THR D 88 -12.69 14.94 -8.17
N VAL D 89 -11.93 15.10 -9.30
CA VAL D 89 -10.58 14.43 -9.47
C VAL D 89 -9.66 14.94 -8.31
N ALA D 90 -9.80 16.26 -7.92
CA ALA D 90 -8.99 16.84 -6.78
C ALA D 90 -9.23 16.01 -5.46
N ALA D 91 -10.51 15.55 -5.21
CA ALA D 91 -10.86 14.69 -4.01
C ALA D 91 -10.01 13.40 -4.07
N THR D 92 -9.83 12.86 -5.31
CA THR D 92 -9.03 11.63 -5.59
C THR D 92 -7.55 11.81 -5.11
N PHE D 93 -6.92 13.04 -5.26
CA PHE D 93 -5.47 13.25 -4.85
C PHE D 93 -5.23 12.88 -3.33
N GLY D 94 -6.24 13.19 -2.50
CA GLY D 94 -6.25 12.98 -1.02
C GLY D 94 -5.64 11.64 -0.47
N TYR D 95 -5.55 10.55 -1.29
CA TYR D 95 -4.99 9.21 -0.80
C TYR D 95 -3.55 9.34 -0.19
N TYR D 96 -2.75 10.26 -0.74
CA TYR D 96 -1.36 10.54 -0.32
C TYR D 96 -1.40 11.45 0.92
N LEU D 97 -2.02 12.63 0.73
CA LEU D 97 -2.14 13.70 1.75
C LEU D 97 -2.63 13.25 3.18
N TYR D 98 -3.28 12.04 3.38
CA TYR D 98 -3.93 11.72 4.72
C TYR D 98 -2.94 11.62 5.94
N THR D 99 -2.00 10.61 6.00
CA THR D 99 -0.99 10.51 7.12
C THR D 99 0.10 11.63 6.97
N GLN D 100 0.62 11.77 5.72
CA GLN D 100 1.66 12.73 5.28
C GLN D 100 1.41 14.21 5.70
N GLN D 101 0.14 14.64 5.94
CA GLN D 101 -0.21 16.09 6.25
C GLN D 101 0.76 16.70 7.31
N SER D 102 1.32 15.83 8.20
CA SER D 102 2.30 16.23 9.24
C SER D 102 3.60 16.84 8.62
N PHE D 103 4.01 16.34 7.42
CA PHE D 103 5.24 16.81 6.68
C PHE D 103 5.04 18.25 6.13
N GLU D 104 3.79 18.52 5.67
CA GLU D 104 3.37 19.81 5.05
C GLU D 104 3.28 21.00 6.08
N TYR D 105 2.67 20.73 7.28
CA TYR D 105 2.38 21.77 8.34
C TYR D 105 3.61 22.71 8.71
N PRO D 106 4.84 22.19 9.04
CA PRO D 106 6.04 23.07 9.42
C PRO D 106 6.35 24.23 8.42
N SER D 107 6.54 23.85 7.13
CA SER D 107 6.88 24.78 6.01
C SER D 107 8.32 25.36 6.17
N ALA D 108 8.58 25.99 7.35
CA ALA D 108 9.89 26.61 7.71
C ALA D 108 9.92 26.93 9.23
N ARG D 109 9.05 26.23 10.02
CA ARG D 109 8.92 26.39 11.51
C ARG D 109 10.20 25.86 12.22
N GLU D 110 10.94 24.95 11.55
CA GLU D 110 12.19 24.32 12.09
C GLU D 110 13.36 25.36 12.09
N ARG D 111 13.20 26.43 12.92
CA ARG D 111 14.21 27.53 13.07
C ARG D 111 15.25 27.09 14.15
N VAL D 112 16.52 27.54 14.01
CA VAL D 112 17.65 27.19 14.93
C VAL D 112 17.50 27.95 16.30
N TYR D 113 16.70 27.36 17.25
CA TYR D 113 16.48 27.92 18.62
C TYR D 113 16.04 26.75 19.56
N THR D 114 14.74 26.33 19.47
CA THR D 114 14.16 25.23 20.30
C THR D 114 12.78 24.83 19.74
N LYS D 115 12.22 23.74 20.32
CA LYS D 115 10.89 23.16 19.92
C LYS D 115 9.76 24.06 20.51
N GLN D 116 8.48 23.58 20.40
CA GLN D 116 7.27 24.31 20.90
C GLN D 116 7.43 24.65 22.43
N PHE D 117 7.65 23.60 23.23
CA PHE D 117 7.88 23.69 24.71
C PHE D 117 8.32 22.29 25.24
N TYR D 118 7.85 21.21 24.54
CA TYR D 118 8.17 19.79 24.87
C TYR D 118 7.74 18.91 23.67
N ARG D 119 6.45 19.07 23.27
CA ARG D 119 5.82 18.32 22.13
C ARG D 119 6.43 18.81 20.78
N ARG D 120 6.43 17.92 19.73
CA ARG D 120 6.96 18.23 18.37
C ARG D 120 6.53 17.07 17.40
N ALA D 121 6.12 17.43 16.15
CA ALA D 121 5.71 16.46 15.09
C ALA D 121 4.63 15.45 15.60
N GLN D 122 4.38 14.38 14.79
CA GLN D 122 3.37 13.31 15.09
C GLN D 122 1.93 13.94 15.24
N LYS D 123 1.15 13.89 14.14
CA LYS D 123 -0.24 14.40 14.04
C LYS D 123 -0.82 13.83 12.73
N GLN D 124 -2.17 13.61 12.62
CA GLN D 124 -2.82 13.02 11.40
C GLN D 124 -2.11 11.65 11.01
N ASN D 125 -2.62 10.47 11.50
CA ASN D 125 -1.98 9.13 11.29
C ASN D 125 -2.98 8.05 11.78
N PHE D 126 -3.07 6.88 11.07
CA PHE D 126 -3.99 5.78 11.45
C PHE D 126 -3.51 4.45 10.81
N ASP D 127 -2.28 4.44 10.17
CA ASP D 127 -1.75 3.21 9.51
C ASP D 127 -0.18 3.21 9.25
N ILE D 128 0.47 4.28 8.58
CA ILE D 128 1.99 4.20 8.33
C ILE D 128 2.75 4.22 9.70
N GLU D 129 2.32 5.11 10.65
CA GLU D 129 2.98 5.27 12.01
C GLU D 129 3.00 3.93 12.82
N LYS D 130 1.84 3.27 12.88
CA LYS D 130 1.61 1.99 13.64
C LYS D 130 2.60 0.86 13.20
N TYR D 131 2.70 0.59 11.89
CA TYR D 131 3.55 -0.46 11.33
C TYR D 131 5.10 -0.23 11.48
N ASN D 132 5.63 0.96 11.05
CA ASN D 132 7.11 1.22 11.03
C ASN D 132 7.73 1.27 12.45
N ARG D 133 7.11 2.08 13.29
CA ARG D 133 7.59 2.31 14.71
C ARG D 133 7.73 0.95 15.50
N LEU D 134 6.65 0.14 15.49
CA LEU D 134 6.64 -1.16 16.26
C LEU D 134 7.83 -2.13 15.82
N VAL D 135 8.03 -2.38 14.48
CA VAL D 135 9.24 -3.20 14.05
C VAL D 135 10.59 -2.53 14.64
N THR D 136 10.65 -1.13 14.88
CA THR D 136 11.89 -0.49 15.54
C THR D 136 12.16 -1.20 16.90
N GLU D 137 11.07 -1.70 17.55
CA GLU D 137 11.20 -2.47 18.85
C GLU D 137 12.25 -3.61 18.63
N VAL D 138 12.26 -4.17 17.39
CA VAL D 138 13.31 -5.24 17.03
C VAL D 138 14.74 -4.62 17.15
N ASP D 139 14.87 -3.32 16.78
CA ASP D 139 16.21 -2.61 16.84
C ASP D 139 16.79 -2.70 18.30
N GLU D 140 15.88 -2.71 19.33
CA GLU D 140 16.33 -2.87 20.75
C GLU D 140 16.90 -4.32 20.93
N LEU D 141 16.35 -5.37 20.17
CA LEU D 141 16.95 -6.79 20.26
C LEU D 141 18.43 -6.74 19.85
N ARG D 142 18.74 -5.96 18.79
CA ARG D 142 20.15 -5.82 18.27
C ARG D 142 21.05 -5.47 19.50
N ASN D 143 20.51 -4.65 20.51
CA ASN D 143 21.36 -4.36 21.74
C ASN D 143 21.53 -5.61 22.70
N GLN D 144 20.41 -6.35 22.99
CA GLN D 144 20.44 -7.54 23.93
C GLN D 144 21.36 -8.72 23.45
N LEU D 145 21.24 -9.21 22.15
CA LEU D 145 22.11 -10.36 21.66
C LEU D 145 23.61 -9.96 21.79
N LYS D 146 23.91 -8.69 21.38
CA LYS D 146 25.30 -8.13 21.40
C LYS D 146 25.98 -8.37 22.80
N ARG D 147 25.28 -8.07 23.97
CA ARG D 147 25.93 -8.33 25.30
C ARG D 147 26.18 -9.86 25.47
N LEU D 148 25.11 -10.70 25.20
CA LEU D 148 25.23 -12.22 25.31
C LEU D 148 26.32 -12.86 24.39
N ARG D 149 26.49 -12.37 23.14
CA ARG D 149 27.45 -12.98 22.17
C ARG D 149 28.93 -12.84 22.62
N ASP D 150 29.29 -11.76 23.41
CA ASP D 150 30.73 -11.61 23.89
C ASP D 150 31.18 -12.75 24.97
N PRO D 151 30.44 -13.04 26.11
CA PRO D 151 30.82 -14.17 27.13
C PRO D 151 30.49 -15.56 26.57
N LEU D 152 30.28 -16.55 27.50
CA LEU D 152 29.90 -17.99 27.24
C LEU D 152 31.17 -18.82 27.15
N GLU D 153 32.07 -18.29 26.34
CA GLU D 153 33.43 -18.83 26.05
C GLU D 153 33.37 -20.25 25.41
N MET E 1 -15.98 -31.91 47.13
CA MET E 1 -14.50 -31.91 47.37
C MET E 1 -13.77 -31.23 46.18
N ALA E 2 -14.52 -30.96 45.08
CA ALA E 2 -13.99 -30.30 43.83
C ALA E 2 -12.81 -31.11 43.22
N ALA E 3 -12.30 -30.60 42.05
CA ALA E 3 -11.17 -31.22 41.30
C ALA E 3 -10.66 -30.23 40.22
N LEU E 4 -11.53 -29.95 39.22
CA LEU E 4 -11.24 -29.03 38.06
C LEU E 4 -9.96 -29.51 37.30
N SER E 5 -10.10 -30.63 36.54
CA SER E 5 -8.99 -31.26 35.75
C SER E 5 -7.77 -31.62 36.65
N VAL E 6 -8.09 -32.30 37.80
CA VAL E 6 -7.10 -32.75 38.84
C VAL E 6 -6.01 -31.66 39.16
N ASP E 7 -6.48 -30.54 39.78
CA ASP E 7 -5.63 -29.37 40.18
C ASP E 7 -4.69 -28.89 39.03
N GLU E 8 -5.13 -29.13 37.77
CA GLU E 8 -4.38 -28.76 36.53
C GLU E 8 -2.97 -29.44 36.50
N TYR E 9 -1.92 -28.74 35.96
CA TYR E 9 -0.53 -29.27 35.85
C TYR E 9 0.49 -28.10 35.98
N LYS E 10 0.26 -27.21 36.98
CA LYS E 10 1.13 -26.03 37.27
C LYS E 10 2.54 -26.50 37.80
N LEU E 11 2.79 -26.34 39.14
CA LEU E 11 4.07 -26.72 39.81
C LEU E 11 5.28 -26.00 39.11
N SER E 12 6.01 -26.73 38.20
CA SER E 12 7.17 -26.19 37.42
C SER E 12 6.65 -25.67 36.05
N ARG E 13 5.87 -26.52 35.35
CA ARG E 13 5.26 -26.23 34.01
C ARG E 13 4.06 -25.28 34.24
N GLU E 14 4.38 -24.06 34.78
CA GLU E 14 3.41 -22.98 35.13
C GLU E 14 3.78 -21.71 34.33
N LYS E 15 4.99 -21.15 34.61
CA LYS E 15 5.50 -19.90 33.95
C LYS E 15 5.63 -20.10 32.40
N LYS E 16 6.12 -21.31 31.98
CA LYS E 16 6.30 -21.65 30.53
C LYS E 16 4.93 -21.62 29.78
N LEU E 17 3.88 -22.16 30.43
CA LEU E 17 2.48 -22.20 29.86
C LEU E 17 1.93 -20.76 29.64
N LEU E 18 2.20 -19.84 30.63
CA LEU E 18 1.70 -18.43 30.58
C LEU E 18 2.23 -17.66 29.35
N LEU E 19 3.55 -17.81 29.03
CA LEU E 19 4.16 -17.16 27.80
C LEU E 19 3.49 -17.77 26.50
N GLN E 20 3.28 -19.12 26.49
CA GLN E 20 2.64 -19.85 25.33
C GLN E 20 1.20 -19.31 25.10
N LEU E 21 0.48 -19.08 26.23
CA LEU E 21 -0.91 -18.54 26.23
C LEU E 21 -0.97 -17.12 25.59
N GLU E 22 0.07 -16.25 25.89
CA GLU E 22 0.13 -14.86 25.38
C GLU E 22 0.20 -14.84 23.82
N ASN E 23 1.02 -15.78 23.25
CA ASN E 23 1.14 -15.93 21.76
C ASN E 23 -0.24 -16.33 21.15
N ALA E 24 -0.94 -17.28 21.86
CA ALA E 24 -2.30 -17.76 21.49
C ALA E 24 -3.35 -16.61 21.54
N GLU E 25 -3.23 -15.70 22.58
CA GLU E 25 -4.17 -14.55 22.75
C GLU E 25 -4.12 -13.60 21.50
N THR E 26 -2.90 -13.33 20.97
CA THR E 26 -2.73 -12.45 19.74
C THR E 26 -3.39 -13.04 18.46
N LEU E 27 -3.27 -14.40 18.26
CA LEU E 27 -3.84 -15.10 17.04
C LEU E 27 -5.40 -14.94 16.96
N LEU E 28 -6.09 -15.03 18.14
CA LEU E 28 -7.59 -14.93 18.35
C LEU E 28 -8.45 -14.78 17.04
N ALA E 29 -8.68 -15.94 16.39
CA ALA E 29 -9.51 -16.09 15.16
C ALA E 29 -10.97 -16.18 15.73
N PRO E 30 -11.28 -17.12 16.70
CA PRO E 30 -12.64 -17.17 17.41
C PRO E 30 -13.32 -15.79 17.71
N LEU E 31 -12.63 -14.93 18.51
CA LEU E 31 -13.10 -13.57 18.89
C LEU E 31 -13.25 -12.69 17.59
N HIS E 32 -12.32 -12.85 16.60
CA HIS E 32 -12.37 -11.99 15.34
C HIS E 32 -13.73 -12.21 14.59
N ASP E 33 -14.27 -13.49 14.50
CA ASP E 33 -15.62 -13.74 13.88
C ASP E 33 -16.72 -12.98 14.73
N ALA E 34 -16.57 -13.03 16.09
CA ALA E 34 -17.49 -12.31 17.04
C ALA E 34 -17.42 -10.76 16.78
N LYS E 35 -16.18 -10.25 16.51
CA LYS E 35 -15.91 -8.81 16.19
C LYS E 35 -16.66 -8.38 14.89
N ARG E 36 -16.68 -9.33 13.91
CA ARG E 36 -17.34 -9.21 12.55
C ARG E 36 -18.86 -8.92 12.68
N LYS E 37 -19.51 -9.50 13.74
CA LYS E 37 -21.01 -9.42 13.94
C LYS E 37 -21.53 -7.94 13.93
N ILE E 38 -20.76 -6.97 14.46
CA ILE E 38 -21.14 -5.49 14.48
C ILE E 38 -21.81 -5.02 13.13
N GLU E 39 -21.50 -5.74 12.00
CA GLU E 39 -22.05 -5.43 10.63
C GLU E 39 -23.59 -5.23 10.65
N GLN E 40 -24.26 -5.86 11.64
CA GLN E 40 -25.74 -5.79 11.84
C GLN E 40 -26.13 -4.39 12.43
N GLU E 41 -25.30 -3.91 13.41
CA GLU E 41 -25.51 -2.61 14.11
C GLU E 41 -24.83 -1.43 13.35
N ALA E 42 -24.10 -1.73 12.24
CA ALA E 42 -23.38 -0.70 11.40
C ALA E 42 -24.34 0.32 10.74
N GLU E 43 -25.67 0.20 10.99
CA GLU E 43 -26.72 1.12 10.42
C GLU E 43 -26.35 2.65 10.61
N ALA E 44 -25.37 2.92 11.52
CA ALA E 44 -24.87 4.28 11.84
C ALA E 44 -24.28 4.99 10.58
N HIS E 45 -23.26 4.32 10.00
CA HIS E 45 -22.49 4.80 8.83
C HIS E 45 -23.30 4.68 7.51
N THR E 46 -24.26 3.73 7.47
CA THR E 46 -25.10 3.45 6.25
C THR E 46 -25.78 4.74 5.68
N ASP E 47 -25.99 5.75 6.55
CA ASP E 47 -26.65 7.05 6.17
C ASP E 47 -25.60 8.16 5.83
N ARG E 48 -24.27 7.87 6.03
CA ARG E 48 -23.15 8.85 5.77
C ARG E 48 -22.60 8.70 4.34
N VAL E 49 -22.53 7.45 3.83
CA VAL E 49 -22.05 7.16 2.44
C VAL E 49 -23.22 7.37 1.47
N ALA E 50 -24.44 7.55 2.07
CA ALA E 50 -25.71 7.82 1.35
C ALA E 50 -25.68 9.27 0.80
N TRP E 51 -24.70 10.12 1.27
CA TRP E 51 -24.52 11.55 0.80
C TRP E 51 -24.58 11.61 -0.77
N ALA E 52 -24.12 10.48 -1.33
CA ALA E 52 -24.03 10.19 -2.77
C ALA E 52 -25.41 10.26 -3.52
N GLY E 53 -26.52 9.82 -2.85
CA GLY E 53 -27.90 9.77 -3.46
C GLY E 53 -28.60 11.14 -3.65
N PHE E 54 -28.52 12.06 -2.65
CA PHE E 54 -29.21 13.40 -2.69
C PHE E 54 -28.75 14.30 -3.88
N ALA E 55 -27.46 14.20 -4.26
CA ALA E 55 -26.86 15.03 -5.35
C ALA E 55 -27.55 14.81 -6.73
N ALA E 56 -27.73 13.51 -7.10
CA ALA E 56 -28.33 13.08 -8.40
C ALA E 56 -29.88 13.29 -8.41
N SER E 57 -30.51 13.24 -7.21
CA SER E 57 -31.99 13.37 -7.06
C SER E 57 -32.50 14.80 -7.35
N GLY E 58 -31.60 15.80 -7.18
CA GLY E 58 -31.94 17.23 -7.39
C GLY E 58 -32.40 17.55 -8.84
N VAL E 59 -31.55 17.18 -9.83
CA VAL E 59 -31.79 17.43 -11.30
C VAL E 59 -32.82 16.48 -11.92
N GLN E 60 -33.03 15.29 -11.30
CA GLN E 60 -33.94 14.23 -11.85
C GLN E 60 -35.31 14.84 -12.35
N THR E 61 -35.76 15.90 -11.63
CA THR E 61 -37.00 16.66 -11.96
C THR E 61 -36.74 17.61 -13.18
N GLY E 62 -35.50 18.13 -13.24
CA GLY E 62 -35.01 19.07 -14.28
C GLY E 62 -35.39 18.70 -15.74
N LEU E 63 -35.59 17.40 -15.99
CA LEU E 63 -36.00 16.84 -17.34
C LEU E 63 -37.38 17.48 -17.78
N PHE E 64 -38.24 17.68 -16.77
CA PHE E 64 -39.60 18.29 -16.91
C PHE E 64 -39.46 19.71 -17.55
N ALA E 65 -38.37 20.43 -17.17
CA ALA E 65 -38.07 21.80 -17.68
C ALA E 65 -37.93 21.78 -19.25
N ARG E 66 -37.28 20.70 -19.86
CA ARG E 66 -37.13 20.61 -21.37
C ARG E 66 -38.56 20.55 -22.00
N LEU E 67 -39.47 19.77 -21.33
CA LEU E 67 -40.91 19.62 -21.75
C LEU E 67 -41.69 20.99 -21.67
N THR E 68 -41.39 21.80 -20.61
CA THR E 68 -42.12 23.08 -20.29
C THR E 68 -42.10 24.18 -21.42
N TRP E 69 -40.93 24.40 -22.12
CA TRP E 69 -40.81 25.44 -23.22
C TRP E 69 -40.65 24.75 -24.59
N TRP E 70 -39.73 23.77 -24.66
CA TRP E 70 -39.44 22.98 -25.89
C TRP E 70 -38.99 23.84 -27.15
N GLU E 71 -39.20 25.20 -27.14
CA GLU E 71 -38.92 26.12 -28.31
C GLU E 71 -37.52 26.81 -28.24
N TYR E 72 -36.86 26.91 -27.04
CA TYR E 72 -35.52 27.56 -26.87
C TYR E 72 -34.49 27.03 -27.94
N SER E 73 -34.42 25.68 -28.07
CA SER E 73 -33.54 24.97 -29.08
C SER E 73 -33.83 23.43 -29.05
N TRP E 74 -34.04 22.92 -27.83
CA TRP E 74 -34.33 21.48 -27.51
C TRP E 74 -33.02 20.70 -27.27
N ASP E 75 -32.02 21.01 -28.11
CA ASP E 75 -30.65 20.45 -28.08
C ASP E 75 -30.00 20.96 -26.74
N ILE E 76 -30.46 20.36 -25.64
CA ILE E 76 -30.16 20.76 -24.24
C ILE E 76 -30.02 19.44 -23.46
N VAL E 77 -30.18 18.25 -24.16
CA VAL E 77 -30.12 16.91 -23.53
C VAL E 77 -28.75 16.64 -22.89
N GLU E 78 -28.62 15.44 -22.32
CA GLU E 78 -27.42 14.91 -21.64
C GLU E 78 -27.06 15.51 -20.20
N PRO E 79 -27.85 16.39 -19.48
CA PRO E 79 -27.37 16.96 -18.11
C PRO E 79 -27.12 15.91 -16.96
N VAL E 80 -28.05 14.94 -16.88
CA VAL E 80 -28.11 13.97 -15.77
C VAL E 80 -26.85 13.08 -15.56
N THR E 81 -26.14 12.55 -16.62
CA THR E 81 -24.96 11.65 -16.32
C THR E 81 -23.81 12.37 -15.51
N TYR E 82 -23.41 13.67 -15.82
CA TYR E 82 -22.29 14.32 -15.03
C TYR E 82 -22.68 14.44 -13.51
N PHE E 83 -23.97 14.79 -13.17
CA PHE E 83 -24.35 14.86 -11.68
C PHE E 83 -24.12 13.44 -11.04
N ALA E 84 -24.48 12.36 -11.81
CA ALA E 84 -24.25 10.94 -11.38
C ALA E 84 -22.71 10.68 -11.15
N THR E 85 -21.81 11.26 -12.04
CA THR E 85 -20.32 11.09 -11.88
C THR E 85 -19.86 11.67 -10.51
N TYR E 86 -20.43 12.81 -10.03
CA TYR E 86 -20.00 13.39 -8.70
C TYR E 86 -20.29 12.32 -7.57
N SER E 87 -21.49 11.67 -7.68
CA SER E 87 -21.89 10.54 -6.78
C SER E 87 -20.92 9.30 -6.93
N THR E 88 -20.51 8.97 -8.19
CA THR E 88 -19.63 7.77 -8.47
C THR E 88 -18.25 7.89 -7.75
N VAL E 89 -17.61 9.12 -7.78
CA VAL E 89 -16.31 9.37 -7.06
C VAL E 89 -16.53 9.06 -5.55
N ALA E 90 -17.77 9.35 -5.02
CA ALA E 90 -18.08 9.07 -3.56
C ALA E 90 -17.78 7.55 -3.35
N ALA E 91 -18.13 6.70 -4.38
CA ALA E 91 -17.79 5.23 -4.35
C ALA E 91 -16.22 5.08 -4.26
N THR E 92 -15.47 5.94 -5.05
CA THR E 92 -13.98 5.99 -5.06
C THR E 92 -13.40 6.41 -3.66
N PHE E 93 -14.05 7.41 -2.94
CA PHE E 93 -13.56 7.87 -1.58
C PHE E 93 -13.52 6.65 -0.61
N GLY E 94 -14.52 5.77 -0.84
CA GLY E 94 -14.84 4.57 -0.06
C GLY E 94 -13.65 3.74 0.49
N TYR E 95 -12.39 3.90 -0.03
CA TYR E 95 -11.21 3.08 0.49
C TYR E 95 -11.04 3.20 2.05
N TYR E 96 -10.98 4.45 2.63
CA TYR E 96 -10.77 4.62 4.12
C TYR E 96 -11.98 4.13 4.94
N LEU E 97 -13.15 4.78 4.69
CA LEU E 97 -14.41 4.52 5.44
C LEU E 97 -14.86 3.03 5.47
N TYR E 98 -14.33 2.11 4.57
CA TYR E 98 -14.83 0.68 4.57
C TYR E 98 -14.42 -0.04 5.90
N THR E 99 -13.10 -0.14 6.14
CA THR E 99 -12.51 -0.83 7.34
C THR E 99 -12.76 -0.04 8.69
N GLN E 100 -12.43 1.30 8.71
CA GLN E 100 -12.54 2.19 9.93
C GLN E 100 -13.99 2.44 10.52
N GLN E 101 -15.09 2.39 9.71
CA GLN E 101 -16.48 2.80 10.20
C GLN E 101 -16.89 2.19 11.59
N SER E 102 -16.37 1.00 11.89
CA SER E 102 -16.65 0.26 13.17
C SER E 102 -16.00 0.99 14.40
N PHE E 103 -14.88 1.72 14.16
CA PHE E 103 -14.10 2.45 15.23
C PHE E 103 -14.96 3.41 16.13
N GLU E 104 -16.08 3.97 15.58
CA GLU E 104 -16.93 5.00 16.31
C GLU E 104 -17.76 4.43 17.51
N TYR E 105 -18.27 3.17 17.40
CA TYR E 105 -19.18 2.54 18.42
C TYR E 105 -18.67 2.61 19.94
N PRO E 106 -17.40 2.24 20.33
CA PRO E 106 -16.88 2.31 21.80
C PRO E 106 -17.59 3.34 22.77
N SER E 107 -17.48 4.65 22.43
CA SER E 107 -18.09 5.76 23.24
C SER E 107 -19.64 5.76 23.02
N ALA E 108 -20.37 4.95 23.84
CA ALA E 108 -21.86 4.79 23.75
C ALA E 108 -22.61 6.10 24.20
N ARG E 109 -22.07 6.80 25.25
CA ARG E 109 -22.66 8.06 25.80
C ARG E 109 -21.70 8.64 26.89
N GLU E 110 -20.40 8.74 26.52
CA GLU E 110 -19.30 9.26 27.41
C GLU E 110 -19.12 8.34 28.66
N ARG E 111 -17.88 8.33 29.26
CA ARG E 111 -17.52 7.51 30.43
C ARG E 111 -17.71 5.99 30.10
N VAL E 112 -16.78 5.44 29.27
CA VAL E 112 -16.80 4.04 28.78
C VAL E 112 -16.72 3.01 29.97
N TYR E 113 -15.79 3.27 30.93
CA TYR E 113 -15.56 2.41 32.13
C TYR E 113 -15.15 0.95 31.73
N THR E 114 -14.54 0.19 32.68
CA THR E 114 -14.10 -1.22 32.44
C THR E 114 -15.34 -2.17 32.37
N LYS E 115 -15.25 -3.22 31.51
CA LYS E 115 -16.34 -4.23 31.32
C LYS E 115 -15.78 -5.44 30.53
N GLN E 116 -14.61 -5.24 29.89
CA GLN E 116 -13.89 -6.27 29.08
C GLN E 116 -12.43 -5.77 28.93
N PHE E 117 -11.43 -6.71 28.85
CA PHE E 117 -9.96 -6.37 28.77
C PHE E 117 -9.63 -5.38 27.61
N TYR E 118 -8.31 -5.02 27.48
CA TYR E 118 -7.79 -4.08 26.45
C TYR E 118 -8.05 -4.66 25.02
N ARG E 119 -9.31 -4.48 24.54
CA ARG E 119 -9.80 -4.97 23.23
C ARG E 119 -11.10 -4.21 22.87
N ARG E 120 -11.77 -3.63 23.90
CA ARG E 120 -13.03 -2.84 23.77
C ARG E 120 -14.11 -3.54 22.88
N ALA E 121 -13.97 -4.89 22.73
CA ALA E 121 -14.85 -5.75 21.92
C ALA E 121 -14.85 -5.38 20.40
N GLN E 122 -15.49 -4.24 20.06
CA GLN E 122 -15.63 -3.73 18.66
C GLN E 122 -14.52 -2.67 18.34
N LYS E 123 -13.72 -2.91 17.25
CA LYS E 123 -12.63 -2.00 16.76
C LYS E 123 -12.75 -1.92 15.20
N GLN E 124 -12.10 -2.88 14.46
CA GLN E 124 -12.13 -2.96 12.95
C GLN E 124 -11.31 -4.22 12.51
N ASN E 125 -11.59 -4.87 11.31
CA ASN E 125 -10.81 -6.06 10.82
C ASN E 125 -11.17 -6.47 9.36
N PHE E 126 -10.11 -6.63 8.52
CA PHE E 126 -10.15 -7.11 7.11
C PHE E 126 -8.71 -7.03 6.54
N ASP E 127 -7.89 -6.02 7.04
CA ASP E 127 -6.47 -5.85 6.58
C ASP E 127 -5.60 -4.95 7.53
N ILE E 128 -6.14 -3.85 8.23
CA ILE E 128 -5.26 -2.99 9.15
C ILE E 128 -4.86 -3.86 10.39
N GLU E 129 -5.89 -4.47 11.01
CA GLU E 129 -5.75 -5.30 12.24
C GLU E 129 -4.78 -6.49 12.01
N LYS E 130 -4.86 -7.08 10.80
CA LYS E 130 -4.09 -8.32 10.49
C LYS E 130 -2.53 -8.10 10.53
N TYR E 131 -1.99 -7.10 9.78
CA TYR E 131 -0.52 -6.81 9.74
C TYR E 131 0.05 -6.39 11.12
N ASN E 132 -0.57 -5.37 11.80
CA ASN E 132 0.00 -4.88 13.11
C ASN E 132 0.03 -6.00 14.19
N ARG E 133 -1.12 -6.66 14.36
CA ARG E 133 -1.29 -7.73 15.44
C ARG E 133 -0.15 -8.81 15.44
N LEU E 134 0.25 -9.46 14.28
CA LEU E 134 1.42 -10.47 14.40
C LEU E 134 2.65 -9.69 14.91
N VAL E 135 2.85 -8.50 14.26
CA VAL E 135 3.96 -7.58 14.60
C VAL E 135 3.99 -7.31 16.20
N THR E 136 2.79 -7.35 16.91
CA THR E 136 2.76 -7.14 18.42
C THR E 136 3.44 -8.36 19.10
N GLU E 137 3.35 -9.59 18.48
CA GLU E 137 4.08 -10.80 19.05
C GLU E 137 5.61 -10.52 19.01
N VAL E 138 6.04 -9.71 18.00
CA VAL E 138 7.50 -9.29 17.84
C VAL E 138 7.94 -8.58 19.18
N ASP E 139 7.05 -7.73 19.75
CA ASP E 139 7.34 -7.02 21.06
C ASP E 139 7.44 -8.05 22.25
N GLU E 140 6.60 -9.14 22.25
CA GLU E 140 6.63 -10.16 23.35
C GLU E 140 8.00 -10.90 23.34
N LEU E 141 8.56 -11.05 22.10
CA LEU E 141 9.90 -11.67 21.83
C LEU E 141 10.98 -10.84 22.59
N ARG E 142 10.85 -9.48 22.61
CA ARG E 142 11.84 -8.56 23.36
C ARG E 142 11.80 -8.86 24.89
N ASN E 143 10.59 -9.26 25.45
CA ASN E 143 10.50 -9.55 26.93
C ASN E 143 11.26 -10.87 27.36
N GLN E 144 11.01 -11.99 26.63
CA GLN E 144 11.64 -13.33 26.99
C GLN E 144 13.19 -13.29 26.86
N LEU E 145 13.74 -12.83 25.69
CA LEU E 145 15.20 -12.78 25.48
C LEU E 145 15.93 -11.90 26.55
N LYS E 146 15.49 -10.62 26.85
CA LYS E 146 16.22 -9.79 27.89
C LYS E 146 16.39 -10.56 29.24
N ARG E 147 15.36 -11.40 29.69
CA ARG E 147 15.50 -12.14 30.98
C ARG E 147 16.74 -13.05 30.84
N LEU E 148 16.92 -13.63 29.62
CA LEU E 148 18.13 -14.46 29.25
C LEU E 148 19.45 -13.60 29.34
N ARG E 149 19.40 -12.26 28.98
CA ARG E 149 20.62 -11.37 28.99
C ARG E 149 21.26 -11.20 30.38
N ASP E 150 20.47 -11.26 31.51
CA ASP E 150 21.09 -11.14 32.90
C ASP E 150 22.19 -12.32 33.13
N PRO E 151 21.87 -13.67 32.94
CA PRO E 151 22.85 -14.86 32.92
C PRO E 151 24.19 -14.55 32.25
N LEU E 152 25.21 -15.42 32.50
CA LEU E 152 26.57 -15.29 32.00
C LEU E 152 27.35 -16.16 33.00
N GLU E 153 28.00 -17.18 32.47
CA GLU E 153 28.82 -18.17 33.25
C GLU E 153 30.14 -17.47 33.73
N MET A 1 30.10 -44.27 10.24
CA MET A 1 30.53 -44.65 8.86
C MET A 1 29.47 -44.15 7.85
N ALA A 2 28.19 -44.08 8.30
CA ALA A 2 27.03 -43.62 7.47
C ALA A 2 27.21 -42.11 7.07
N ALA A 3 27.51 -41.27 8.08
CA ALA A 3 27.71 -39.80 7.93
C ALA A 3 26.48 -39.11 7.24
N LEU A 4 25.49 -38.66 8.06
CA LEU A 4 24.24 -37.98 7.57
C LEU A 4 24.58 -36.63 6.86
N SER A 5 25.46 -35.82 7.51
CA SER A 5 25.90 -34.49 7.00
C SER A 5 27.13 -33.99 7.85
N VAL A 6 28.36 -34.39 7.43
CA VAL A 6 29.64 -34.02 8.09
C VAL A 6 29.71 -34.64 9.54
N ASP A 7 29.64 -35.99 9.59
CA ASP A 7 29.72 -36.81 10.84
C ASP A 7 28.78 -36.29 11.99
N GLU A 8 27.73 -35.50 11.63
CA GLU A 8 26.74 -34.93 12.61
C GLU A 8 25.92 -36.08 13.27
N TYR A 9 25.39 -35.82 14.51
CA TYR A 9 24.58 -36.77 15.31
C TYR A 9 23.55 -35.94 16.15
N LYS A 10 22.51 -35.42 15.45
CA LYS A 10 21.43 -34.58 16.06
C LYS A 10 20.72 -35.26 17.26
N LEU A 11 19.83 -34.49 17.94
CA LEU A 11 19.01 -34.93 19.11
C LEU A 11 17.55 -34.42 18.86
N SER A 12 16.53 -35.13 19.45
CA SER A 12 15.08 -34.81 19.28
C SER A 12 14.70 -35.15 17.82
N ARG A 13 14.99 -36.41 17.54
CA ARG A 13 14.84 -37.09 16.24
C ARG A 13 13.33 -37.22 15.81
N GLU A 14 12.56 -36.12 15.95
CA GLU A 14 11.11 -36.05 15.60
C GLU A 14 10.68 -34.55 15.60
N LYS A 15 10.74 -33.94 16.80
CA LYS A 15 10.33 -32.53 17.05
C LYS A 15 11.16 -31.50 16.19
N LYS A 16 12.52 -31.69 16.11
CA LYS A 16 13.42 -30.77 15.33
C LYS A 16 13.05 -30.77 13.82
N LEU A 17 12.80 -32.00 13.30
CA LEU A 17 12.41 -32.26 11.89
C LEU A 17 11.04 -31.62 11.53
N LEU A 18 10.03 -31.75 12.46
CA LEU A 18 8.64 -31.23 12.24
C LEU A 18 8.62 -29.69 12.04
N LEU A 19 9.41 -28.96 12.87
CA LEU A 19 9.49 -27.46 12.77
C LEU A 19 10.06 -27.01 11.36
N GLN A 20 11.15 -27.69 10.78
CA GLN A 20 11.67 -27.28 9.40
C GLN A 20 10.51 -27.44 8.35
N LEU A 21 9.77 -28.59 8.48
CA LEU A 21 8.59 -28.91 7.65
C LEU A 21 7.46 -27.87 7.87
N GLU A 22 7.27 -27.38 9.16
CA GLU A 22 6.18 -26.40 9.48
C GLU A 22 6.36 -25.11 8.65
N ASN A 23 7.65 -24.65 8.49
CA ASN A 23 7.93 -23.41 7.69
C ASN A 23 7.45 -23.61 6.21
N ALA A 24 7.73 -24.83 5.63
CA ALA A 24 7.30 -25.14 4.22
C ALA A 24 5.75 -25.07 4.06
N GLU A 25 5.02 -25.61 5.07
CA GLU A 25 3.53 -25.59 5.14
C GLU A 25 2.98 -24.12 5.22
N THR A 26 3.69 -23.23 5.99
CA THR A 26 3.25 -21.82 6.24
C THR A 26 3.15 -21.02 4.92
N LEU A 27 4.12 -21.24 3.97
CA LEU A 27 4.10 -20.53 2.64
C LEU A 27 2.77 -20.88 1.88
N LEU A 28 2.31 -22.15 2.00
CA LEU A 28 1.09 -22.69 1.35
C LEU A 28 1.30 -22.73 -0.20
N ALA A 29 1.35 -23.95 -0.77
CA ALA A 29 1.46 -24.24 -2.22
C ALA A 29 0.19 -25.06 -2.64
N PRO A 30 -0.32 -26.06 -1.84
CA PRO A 30 -1.61 -26.83 -2.21
C PRO A 30 -2.82 -25.92 -2.62
N LEU A 31 -3.25 -25.06 -1.66
CA LEU A 31 -4.39 -24.14 -1.85
C LEU A 31 -4.11 -23.15 -3.01
N HIS A 32 -2.83 -22.66 -3.09
CA HIS A 32 -2.42 -21.73 -4.21
C HIS A 32 -2.56 -22.49 -5.59
N ASP A 33 -2.16 -23.82 -5.59
CA ASP A 33 -2.32 -24.74 -6.77
C ASP A 33 -3.84 -24.86 -7.12
N ALA A 34 -4.75 -24.89 -6.07
CA ALA A 34 -6.23 -25.00 -6.28
C ALA A 34 -6.72 -23.79 -7.15
N LYS A 35 -6.13 -22.56 -6.94
CA LYS A 35 -6.50 -21.36 -7.79
C LYS A 35 -6.19 -21.66 -9.27
N ARG A 36 -5.03 -22.34 -9.53
CA ARG A 36 -4.60 -22.72 -10.92
C ARG A 36 -5.65 -23.64 -11.61
N LYS A 37 -6.25 -24.60 -10.83
CA LYS A 37 -7.24 -25.60 -11.37
C LYS A 37 -8.53 -24.92 -12.00
N ILE A 38 -9.07 -23.87 -11.32
CA ILE A 38 -10.33 -23.09 -11.74
C ILE A 38 -10.01 -21.72 -12.39
N GLU A 39 -8.68 -21.41 -12.57
CA GLU A 39 -8.10 -20.07 -13.10
C GLU A 39 -9.07 -19.12 -13.88
N GLN A 40 -10.14 -19.64 -14.50
CA GLN A 40 -11.19 -18.84 -15.21
C GLN A 40 -12.00 -17.96 -14.16
N GLU A 41 -11.63 -18.07 -12.86
CA GLU A 41 -12.27 -17.36 -11.69
C GLU A 41 -12.75 -15.90 -11.98
N ALA A 42 -12.10 -15.22 -12.96
CA ALA A 42 -12.45 -13.82 -13.35
C ALA A 42 -13.90 -13.75 -13.93
N GLU A 43 -14.48 -14.94 -14.20
CA GLU A 43 -15.86 -15.14 -14.73
C GLU A 43 -16.81 -15.52 -13.56
N ALA A 44 -16.23 -15.95 -12.39
CA ALA A 44 -17.02 -16.37 -11.18
C ALA A 44 -17.51 -15.14 -10.35
N HIS A 45 -16.53 -14.38 -9.79
CA HIS A 45 -16.79 -13.21 -8.89
C HIS A 45 -17.53 -12.03 -9.57
N THR A 46 -17.88 -12.20 -10.86
CA THR A 46 -18.58 -11.15 -11.67
C THR A 46 -19.96 -10.69 -11.08
N ASP A 47 -20.37 -11.28 -9.91
CA ASP A 47 -21.67 -10.97 -9.25
C ASP A 47 -21.72 -9.51 -8.68
N ARG A 48 -20.55 -9.04 -8.16
CA ARG A 48 -20.41 -7.68 -7.51
C ARG A 48 -20.01 -6.59 -8.53
N VAL A 49 -19.40 -6.99 -9.66
CA VAL A 49 -18.99 -6.08 -10.77
C VAL A 49 -20.25 -5.80 -11.63
N ALA A 50 -21.25 -6.72 -11.53
CA ALA A 50 -22.56 -6.63 -12.25
C ALA A 50 -23.40 -5.45 -11.70
N TRP A 51 -22.98 -4.85 -10.54
CA TRP A 51 -23.70 -3.66 -9.93
C TRP A 51 -23.83 -2.53 -11.02
N ALA A 52 -22.79 -2.51 -11.88
CA ALA A 52 -22.61 -1.56 -13.01
C ALA A 52 -23.38 -2.02 -14.27
N GLY A 53 -23.90 -3.27 -14.27
CA GLY A 53 -24.65 -3.87 -15.42
C GLY A 53 -25.88 -3.03 -15.84
N PHE A 54 -26.50 -2.31 -14.86
CA PHE A 54 -27.70 -1.45 -15.09
C PHE A 54 -27.30 -0.13 -15.82
N ALA A 55 -26.02 0.30 -15.66
CA ALA A 55 -25.49 1.57 -16.26
C ALA A 55 -25.32 1.45 -17.81
N ALA A 56 -24.84 0.27 -18.26
CA ALA A 56 -24.57 -0.04 -19.69
C ALA A 56 -25.89 -0.30 -20.48
N SER A 57 -26.96 -0.72 -19.76
CA SER A 57 -28.29 -1.06 -20.39
C SER A 57 -28.99 0.17 -21.04
N GLY A 58 -28.82 1.36 -20.42
CA GLY A 58 -29.45 2.64 -20.89
C GLY A 58 -29.04 3.06 -22.32
N VAL A 59 -27.87 2.60 -22.78
CA VAL A 59 -27.27 2.94 -24.12
C VAL A 59 -28.10 2.37 -25.30
N GLN A 60 -28.30 1.03 -25.30
CA GLN A 60 -28.98 0.30 -26.42
C GLN A 60 -30.32 1.00 -26.82
N THR A 61 -31.08 1.43 -25.79
CA THR A 61 -32.36 2.18 -25.98
C THR A 61 -32.07 3.65 -26.38
N GLY A 62 -30.87 4.12 -25.97
CA GLY A 62 -30.36 5.48 -26.25
C GLY A 62 -30.08 5.69 -27.75
N LEU A 63 -29.30 4.76 -28.39
CA LEU A 63 -28.99 4.87 -29.89
C LEU A 63 -30.32 4.81 -30.73
N PHE A 64 -31.22 3.90 -30.27
CA PHE A 64 -32.55 3.65 -30.89
C PHE A 64 -33.40 4.96 -30.86
N ALA A 65 -33.29 5.72 -29.73
CA ALA A 65 -34.04 6.99 -29.51
C ALA A 65 -33.71 8.04 -30.62
N ARG A 66 -32.39 8.13 -31.07
CA ARG A 66 -32.00 9.08 -32.17
C ARG A 66 -32.81 8.68 -33.44
N LEU A 67 -32.94 7.35 -33.69
CA LEU A 67 -33.66 6.82 -34.89
C LEU A 67 -35.20 7.21 -34.94
N THR A 68 -35.90 7.11 -33.77
CA THR A 68 -37.37 7.39 -33.64
C THR A 68 -37.82 8.85 -33.93
N TRP A 69 -37.02 9.86 -33.47
CA TRP A 69 -37.38 11.33 -33.58
C TRP A 69 -36.33 12.12 -34.37
N TRP A 70 -35.87 11.49 -35.45
CA TRP A 70 -34.81 12.03 -36.36
C TRP A 70 -35.03 13.53 -36.84
N GLU A 71 -36.23 14.15 -36.57
CA GLU A 71 -36.59 15.54 -37.03
C GLU A 71 -36.39 16.66 -35.93
N TYR A 72 -36.41 16.31 -34.61
CA TYR A 72 -36.27 17.31 -33.50
C TYR A 72 -34.98 18.18 -33.62
N SER A 73 -33.79 17.55 -33.82
CA SER A 73 -32.47 18.29 -33.93
C SER A 73 -31.33 17.36 -34.50
N TRP A 74 -31.21 16.17 -33.91
CA TRP A 74 -30.20 15.10 -34.24
C TRP A 74 -28.92 15.22 -33.36
N ASP A 75 -28.40 16.47 -33.22
CA ASP A 75 -27.22 16.82 -32.39
C ASP A 75 -27.62 16.58 -30.91
N ILE A 76 -27.48 15.30 -30.51
CA ILE A 76 -27.87 14.72 -29.19
C ILE A 76 -26.78 13.66 -28.89
N VAL A 77 -25.70 13.56 -29.77
CA VAL A 77 -24.63 12.54 -29.63
C VAL A 77 -23.91 12.61 -28.27
N GLU A 78 -22.85 11.78 -28.15
CA GLU A 78 -22.00 11.63 -26.92
C GLU A 78 -22.62 10.82 -25.66
N PRO A 79 -23.90 10.26 -25.58
CA PRO A 79 -24.38 9.55 -24.28
C PRO A 79 -23.50 8.32 -23.92
N VAL A 80 -23.14 7.61 -25.00
CA VAL A 80 -22.43 6.30 -24.95
C VAL A 80 -21.06 6.35 -24.20
N THR A 81 -20.21 7.40 -24.38
CA THR A 81 -18.91 7.48 -23.65
C THR A 81 -19.10 7.52 -22.08
N TYR A 82 -20.10 8.33 -21.52
CA TYR A 82 -20.25 8.41 -20.02
C TYR A 82 -20.60 7.02 -19.40
N PHE A 83 -21.56 6.31 -20.06
CA PHE A 83 -22.00 4.96 -19.61
C PHE A 83 -20.83 3.93 -19.69
N ALA A 84 -20.02 4.04 -20.79
CA ALA A 84 -18.85 3.14 -21.01
C ALA A 84 -17.82 3.38 -19.87
N THR A 85 -17.64 4.68 -19.56
CA THR A 85 -16.76 5.20 -18.48
C THR A 85 -17.24 4.69 -17.10
N TYR A 86 -18.58 4.63 -16.89
CA TYR A 86 -19.20 4.17 -15.60
C TYR A 86 -18.73 2.70 -15.33
N SER A 87 -18.71 1.87 -16.41
CA SER A 87 -18.20 0.45 -16.36
C SER A 87 -16.69 0.40 -15.94
N THR A 88 -15.85 1.36 -16.45
CA THR A 88 -14.38 1.43 -16.09
C THR A 88 -14.21 1.63 -14.57
N VAL A 89 -15.09 2.47 -13.92
CA VAL A 89 -15.05 2.67 -12.40
C VAL A 89 -15.24 1.28 -11.75
N ALA A 90 -16.09 0.41 -12.37
CA ALA A 90 -16.36 -0.98 -11.85
C ALA A 90 -14.99 -1.70 -11.75
N ALA A 91 -14.10 -1.44 -12.79
CA ALA A 91 -12.70 -2.00 -12.81
C ALA A 91 -11.91 -1.48 -11.56
N THR A 92 -12.12 -0.16 -11.22
CA THR A 92 -11.46 0.53 -10.08
C THR A 92 -11.84 -0.12 -8.71
N PHE A 93 -13.15 -0.48 -8.50
CA PHE A 93 -13.63 -1.16 -7.21
C PHE A 93 -12.87 -2.47 -6.98
N GLY A 94 -12.62 -3.17 -8.10
CA GLY A 94 -11.94 -4.47 -8.15
C GLY A 94 -10.69 -4.64 -7.24
N TYR A 95 -10.04 -3.51 -6.82
CA TYR A 95 -8.80 -3.59 -5.94
C TYR A 95 -9.12 -4.11 -4.50
N TYR A 96 -10.41 -4.02 -4.11
CA TYR A 96 -10.90 -4.39 -2.76
C TYR A 96 -11.08 -5.91 -2.63
N LEU A 97 -11.99 -6.44 -3.48
CA LEU A 97 -12.39 -7.88 -3.48
C LEU A 97 -11.32 -8.83 -4.15
N TYR A 98 -10.34 -8.27 -4.93
CA TYR A 98 -9.37 -9.08 -5.76
C TYR A 98 -8.80 -10.40 -5.07
N THR A 99 -8.00 -10.30 -3.94
CA THR A 99 -7.49 -11.54 -3.24
C THR A 99 -8.67 -12.30 -2.50
N GLN A 100 -9.45 -11.52 -1.70
CA GLN A 100 -10.62 -12.00 -0.87
C GLN A 100 -11.67 -12.86 -1.65
N GLN A 101 -11.77 -12.72 -3.00
CA GLN A 101 -12.86 -13.34 -3.84
C GLN A 101 -13.18 -14.83 -3.49
N SER A 102 -12.19 -15.59 -2.97
CA SER A 102 -12.39 -17.02 -2.57
C SER A 102 -13.62 -17.19 -1.58
N PHE A 103 -13.92 -16.13 -0.76
CA PHE A 103 -15.02 -16.19 0.27
C PHE A 103 -16.46 -16.21 -0.37
N GLU A 104 -16.75 -15.26 -1.31
CA GLU A 104 -18.09 -15.10 -1.98
C GLU A 104 -18.39 -16.26 -2.98
N TYR A 105 -17.33 -16.89 -3.51
CA TYR A 105 -17.41 -17.96 -4.57
C TYR A 105 -18.48 -19.12 -4.34
N PRO A 106 -18.82 -19.63 -3.10
CA PRO A 106 -19.86 -20.78 -2.94
C PRO A 106 -21.28 -20.40 -3.49
N SER A 107 -22.35 -20.97 -2.86
CA SER A 107 -23.78 -20.76 -3.25
C SER A 107 -24.08 -21.32 -4.66
N ALA A 108 -25.36 -21.22 -5.08
CA ALA A 108 -25.87 -21.72 -6.40
C ALA A 108 -25.79 -23.27 -6.52
N ARG A 109 -25.25 -23.93 -5.45
CA ARG A 109 -25.09 -25.40 -5.35
C ARG A 109 -24.52 -25.67 -3.92
N GLU A 110 -25.38 -26.18 -2.97
CA GLU A 110 -24.98 -26.44 -1.56
C GLU A 110 -26.00 -27.40 -0.89
N ARG A 111 -27.24 -26.87 -0.65
CA ARG A 111 -28.37 -27.61 0.00
C ARG A 111 -27.98 -27.98 1.48
N VAL A 112 -28.62 -27.33 2.50
CA VAL A 112 -28.35 -27.54 3.95
C VAL A 112 -26.90 -27.03 4.29
N TYR A 113 -26.62 -26.74 5.60
CA TYR A 113 -25.30 -26.21 6.08
C TYR A 113 -24.13 -27.24 5.80
N THR A 114 -23.18 -27.42 6.76
CA THR A 114 -22.02 -28.36 6.65
C THR A 114 -21.10 -28.01 5.43
N LYS A 115 -20.28 -26.94 5.59
CA LYS A 115 -19.33 -26.43 4.55
C LYS A 115 -18.11 -27.40 4.42
N GLN A 116 -17.04 -26.94 3.69
CA GLN A 116 -15.77 -27.72 3.48
C GLN A 116 -14.82 -27.54 4.71
N PHE A 117 -15.43 -27.29 5.92
CA PHE A 117 -14.69 -27.05 7.20
C PHE A 117 -13.63 -28.15 7.54
N TYR A 118 -13.78 -29.37 6.95
CA TYR A 118 -12.83 -30.51 7.20
C TYR A 118 -11.38 -30.20 6.71
N ARG A 119 -11.22 -29.03 6.04
CA ARG A 119 -9.92 -28.54 5.48
C ARG A 119 -10.13 -27.03 5.14
N ARG A 120 -9.56 -26.10 5.98
CA ARG A 120 -9.69 -24.62 5.79
C ARG A 120 -9.11 -24.16 4.40
N ALA A 121 -9.95 -24.29 3.34
CA ALA A 121 -9.58 -23.95 1.94
C ALA A 121 -9.49 -22.41 1.73
N GLN A 122 -8.43 -21.77 2.32
CA GLN A 122 -8.18 -20.31 2.19
C GLN A 122 -7.48 -20.07 0.82
N LYS A 123 -8.20 -20.46 -0.26
CA LYS A 123 -7.76 -20.38 -1.68
C LYS A 123 -7.40 -18.92 -2.09
N GLN A 124 -6.77 -18.77 -3.29
CA GLN A 124 -6.30 -17.48 -3.88
C GLN A 124 -5.12 -16.90 -3.03
N ASN A 125 -4.20 -16.06 -3.66
CA ASN A 125 -3.02 -15.44 -2.97
C ASN A 125 -2.39 -14.41 -3.94
N PHE A 126 -2.10 -13.22 -3.39
CA PHE A 126 -1.47 -12.08 -4.07
C PHE A 126 -1.47 -10.92 -3.02
N ASP A 127 -0.31 -10.72 -2.37
CA ASP A 127 -0.04 -9.68 -1.35
C ASP A 127 -0.68 -9.90 0.09
N ILE A 128 -2.03 -10.19 0.25
CA ILE A 128 -2.62 -10.32 1.66
C ILE A 128 -2.14 -11.67 2.35
N GLU A 129 -2.26 -12.85 1.66
CA GLU A 129 -1.87 -14.20 2.23
C GLU A 129 -0.33 -14.30 2.48
N LYS A 130 0.47 -13.95 1.45
CA LYS A 130 1.97 -14.08 1.48
C LYS A 130 2.65 -13.31 2.67
N TYR A 131 2.26 -12.02 2.88
CA TYR A 131 2.82 -11.13 3.94
C TYR A 131 2.44 -11.58 5.39
N ASN A 132 1.11 -11.80 5.62
CA ASN A 132 0.60 -12.11 6.99
C ASN A 132 1.05 -13.50 7.48
N ARG A 133 0.77 -14.46 6.63
CA ARG A 133 1.00 -15.92 6.93
C ARG A 133 2.50 -16.24 7.28
N LEU A 134 3.49 -15.77 6.42
CA LEU A 134 4.96 -16.04 6.72
C LEU A 134 5.42 -15.27 8.02
N VAL A 135 4.98 -13.94 8.27
CA VAL A 135 5.28 -13.29 9.60
C VAL A 135 4.80 -14.31 10.73
N THR A 136 3.66 -15.06 10.51
CA THR A 136 3.14 -16.01 11.55
C THR A 136 4.23 -17.10 11.85
N GLU A 137 5.09 -17.42 10.83
CA GLU A 137 6.27 -18.35 11.07
C GLU A 137 7.07 -17.76 12.29
N VAL A 138 7.04 -16.37 12.46
CA VAL A 138 7.71 -15.71 13.67
C VAL A 138 7.14 -16.36 14.95
N ASP A 139 5.80 -16.60 14.92
CA ASP A 139 5.06 -17.22 16.11
C ASP A 139 5.78 -18.49 16.61
N GLU A 140 6.26 -19.27 15.61
CA GLU A 140 6.95 -20.55 15.89
C GLU A 140 8.34 -20.31 16.60
N LEU A 141 9.17 -19.28 16.18
CA LEU A 141 10.48 -18.99 16.93
C LEU A 141 10.13 -18.43 18.35
N ARG A 142 8.94 -17.74 18.51
CA ARG A 142 8.48 -17.21 19.86
C ARG A 142 8.46 -18.44 20.84
N ASN A 143 8.09 -19.67 20.30
CA ASN A 143 8.12 -20.93 21.16
C ASN A 143 9.59 -21.41 21.45
N GLN A 144 10.51 -21.30 20.43
CA GLN A 144 11.93 -21.77 20.57
C GLN A 144 12.75 -20.92 21.59
N LEU A 145 12.67 -19.58 21.47
CA LEU A 145 13.40 -18.60 22.36
C LEU A 145 12.90 -18.74 23.83
N LYS A 146 11.58 -18.88 23.98
CA LYS A 146 10.87 -19.10 25.27
C LYS A 146 11.49 -20.28 26.11
N ARG A 147 11.69 -21.52 25.51
CA ARG A 147 12.25 -22.64 26.31
C ARG A 147 13.72 -22.30 26.67
N LEU A 148 14.52 -21.74 25.69
CA LEU A 148 15.95 -21.29 25.96
C LEU A 148 16.09 -20.39 27.23
N ARG A 149 15.04 -19.61 27.61
CA ARG A 149 15.06 -18.76 28.86
C ARG A 149 15.09 -19.72 30.10
N ASP A 150 14.37 -20.89 30.05
CA ASP A 150 14.32 -21.84 31.25
C ASP A 150 15.78 -22.35 31.77
N PRO A 151 16.74 -22.94 30.95
CA PRO A 151 18.15 -23.36 31.46
C PRO A 151 18.99 -22.05 31.63
N LEU A 152 20.31 -21.99 31.18
CA LEU A 152 21.15 -20.75 31.26
C LEU A 152 21.25 -20.20 29.81
N GLU A 153 22.31 -20.65 29.12
CA GLU A 153 22.65 -20.28 27.71
C GLU A 153 22.06 -21.32 26.73
N MET B 1 45.30 -13.98 -2.19
CA MET B 1 46.77 -14.25 -2.14
C MET B 1 47.18 -14.88 -3.50
N ALA B 2 46.24 -15.64 -4.14
CA ALA B 2 46.46 -16.33 -5.44
C ALA B 2 45.09 -16.81 -5.98
N ALA B 3 44.31 -17.47 -5.08
CA ALA B 3 42.95 -18.02 -5.40
C ALA B 3 42.26 -18.45 -4.08
N LEU B 4 41.03 -19.03 -4.22
CA LEU B 4 40.20 -19.52 -3.09
C LEU B 4 39.79 -18.36 -2.11
N SER B 5 38.67 -17.65 -2.42
CA SER B 5 38.10 -16.53 -1.61
C SER B 5 39.12 -15.37 -1.39
N VAL B 6 38.61 -14.21 -0.89
CA VAL B 6 39.41 -12.99 -0.60
C VAL B 6 40.22 -13.21 0.71
N ASP B 7 39.51 -13.75 1.74
CA ASP B 7 40.08 -14.05 3.10
C ASP B 7 39.29 -15.23 3.72
N GLU B 8 39.70 -15.63 4.95
CA GLU B 8 39.07 -16.75 5.71
C GLU B 8 39.58 -16.72 7.19
N TYR B 9 39.01 -17.65 8.00
CA TYR B 9 39.36 -17.82 9.45
C TYR B 9 39.07 -19.31 9.81
N LYS B 10 40.13 -20.09 10.22
CA LYS B 10 39.98 -21.55 10.58
C LYS B 10 39.05 -21.77 11.81
N LEU B 11 38.63 -20.64 12.48
CA LEU B 11 37.68 -20.68 13.65
C LEU B 11 36.23 -20.93 13.11
N SER B 12 36.11 -21.12 11.77
CA SER B 12 34.84 -21.35 11.04
C SER B 12 35.25 -21.67 9.60
N ARG B 13 35.25 -22.98 9.27
CA ARG B 13 35.66 -23.51 7.95
C ARG B 13 34.52 -23.23 6.93
N GLU B 14 34.30 -21.93 6.75
CA GLU B 14 33.30 -21.31 5.83
C GLU B 14 31.82 -21.74 6.06
N LYS B 15 31.49 -22.41 7.19
CA LYS B 15 30.06 -22.81 7.50
C LYS B 15 29.15 -21.53 7.64
N LYS B 16 29.73 -20.50 8.32
CA LYS B 16 29.05 -19.18 8.56
C LYS B 16 28.70 -18.48 7.21
N LEU B 17 29.64 -18.57 6.24
CA LEU B 17 29.49 -17.99 4.87
C LEU B 17 28.27 -18.62 4.14
N LEU B 18 28.08 -19.97 4.32
CA LEU B 18 26.97 -20.73 3.65
C LEU B 18 25.56 -20.15 4.07
N LEU B 19 25.37 -19.83 5.39
CA LEU B 19 24.07 -19.17 5.85
C LEU B 19 23.93 -17.75 5.19
N GLN B 20 25.06 -16.97 5.12
CA GLN B 20 25.08 -15.60 4.49
C GLN B 20 24.65 -15.73 3.00
N LEU B 21 25.11 -16.82 2.33
CA LEU B 21 24.75 -17.12 0.91
C LEU B 21 23.20 -17.32 0.76
N GLU B 22 22.48 -18.00 1.77
CA GLU B 22 20.99 -18.21 1.67
C GLU B 22 20.27 -16.83 1.62
N ASN B 23 20.76 -15.90 2.51
CA ASN B 23 20.23 -14.52 2.59
C ASN B 23 20.45 -13.75 1.25
N ALA B 24 21.65 -13.94 0.61
CA ALA B 24 21.99 -13.28 -0.69
C ALA B 24 21.00 -13.69 -1.83
N GLU B 25 20.62 -15.01 -1.90
CA GLU B 25 19.64 -15.52 -2.94
C GLU B 25 18.25 -14.85 -2.76
N THR B 26 17.82 -14.72 -1.48
CA THR B 26 16.51 -14.10 -1.09
C THR B 26 16.42 -12.61 -1.50
N LEU B 27 17.55 -11.88 -1.31
CA LEU B 27 17.67 -10.41 -1.62
C LEU B 27 17.41 -10.14 -3.13
N LEU B 28 17.93 -11.06 -4.01
CA LEU B 28 17.83 -10.98 -5.52
C LEU B 28 17.89 -9.51 -6.06
N ALA B 29 18.99 -8.82 -5.66
CA ALA B 29 19.33 -7.44 -6.06
C ALA B 29 19.82 -7.54 -7.55
N PRO B 30 20.86 -8.37 -7.88
CA PRO B 30 21.31 -8.66 -9.32
C PRO B 30 20.23 -8.47 -10.46
N LEU B 31 19.15 -9.29 -10.42
CA LEU B 31 18.05 -9.23 -11.42
C LEU B 31 17.35 -7.82 -11.38
N HIS B 32 17.13 -7.30 -10.12
CA HIS B 32 16.53 -5.92 -9.95
C HIS B 32 17.50 -4.83 -10.55
N ASP B 33 18.83 -5.04 -10.26
CA ASP B 33 19.94 -4.17 -10.78
C ASP B 33 20.00 -4.22 -12.34
N ALA B 34 19.77 -5.44 -12.92
CA ALA B 34 19.80 -5.64 -14.40
C ALA B 34 18.71 -4.76 -15.08
N LYS B 35 17.49 -4.63 -14.45
CA LYS B 35 16.41 -3.77 -15.02
C LYS B 35 16.87 -2.28 -15.09
N ARG B 36 17.59 -1.81 -14.02
CA ARG B 36 18.09 -0.38 -13.96
C ARG B 36 19.05 -0.06 -15.16
N LYS B 37 19.90 -1.05 -15.54
CA LYS B 37 20.89 -0.89 -16.67
C LYS B 37 20.21 -0.55 -18.05
N ILE B 38 19.03 -1.19 -18.36
CA ILE B 38 18.26 -1.01 -19.66
C ILE B 38 17.09 0.01 -19.55
N GLU B 39 16.87 0.63 -18.37
CA GLU B 39 15.74 1.60 -18.04
C GLU B 39 15.00 2.29 -19.27
N GLN B 40 15.72 2.53 -20.39
CA GLN B 40 15.17 3.17 -21.62
C GLN B 40 13.87 2.45 -22.14
N GLU B 41 13.89 1.09 -22.17
CA GLU B 41 12.76 0.23 -22.69
C GLU B 41 11.63 0.04 -21.64
N ALA B 42 11.74 0.65 -20.42
CA ALA B 42 10.73 0.48 -19.30
C ALA B 42 9.25 0.75 -19.72
N GLU B 43 9.01 1.20 -20.98
CA GLU B 43 7.64 1.41 -21.53
C GLU B 43 6.96 0.02 -21.74
N ALA B 44 7.68 -1.09 -21.39
CA ALA B 44 7.19 -2.49 -21.51
C ALA B 44 5.78 -2.69 -20.85
N HIS B 45 5.45 -1.78 -19.88
CA HIS B 45 4.15 -1.80 -19.14
C HIS B 45 2.98 -1.30 -20.04
N THR B 46 3.28 -0.35 -20.97
CA THR B 46 2.27 0.27 -21.90
C THR B 46 1.55 -0.79 -22.77
N ASP B 47 2.06 -2.06 -22.74
CA ASP B 47 1.47 -3.20 -23.50
C ASP B 47 0.02 -3.48 -22.99
N ARG B 48 -0.25 -3.05 -21.73
CA ARG B 48 -1.56 -3.19 -21.04
C ARG B 48 -2.44 -1.95 -21.35
N VAL B 49 -1.87 -0.70 -21.31
CA VAL B 49 -2.61 0.56 -21.60
C VAL B 49 -3.14 0.53 -23.06
N ALA B 50 -2.50 -0.34 -23.88
CA ALA B 50 -2.83 -0.57 -25.31
C ALA B 50 -4.19 -1.32 -25.45
N TRP B 51 -4.70 -1.98 -24.33
CA TRP B 51 -6.02 -2.72 -24.35
C TRP B 51 -7.13 -1.74 -24.84
N ALA B 52 -6.98 -0.48 -24.37
CA ALA B 52 -7.88 0.66 -24.66
C ALA B 52 -7.43 1.41 -25.95
N GLY B 53 -6.23 1.06 -26.49
CA GLY B 53 -5.67 1.71 -27.72
C GLY B 53 -6.60 1.50 -28.94
N PHE B 54 -7.35 0.37 -28.93
CA PHE B 54 -8.31 -0.01 -30.01
C PHE B 54 -9.61 0.86 -29.91
N ALA B 55 -9.98 1.25 -28.66
CA ALA B 55 -11.21 2.05 -28.37
C ALA B 55 -11.19 3.44 -29.09
N ALA B 56 -10.05 4.15 -28.98
CA ALA B 56 -9.84 5.50 -29.58
C ALA B 56 -9.62 5.44 -31.12
N SER B 57 -9.13 4.28 -31.62
CA SER B 57 -8.81 4.08 -33.07
C SER B 57 -10.07 4.05 -33.97
N GLY B 58 -11.23 3.67 -33.38
CA GLY B 58 -12.51 3.58 -34.14
C GLY B 58 -12.97 4.93 -34.74
N VAL B 59 -13.09 5.95 -33.86
CA VAL B 59 -13.55 7.34 -34.21
C VAL B 59 -12.48 8.17 -34.93
N GLN B 60 -11.18 7.84 -34.73
CA GLN B 60 -10.04 8.64 -35.29
C GLN B 60 -10.25 8.97 -36.81
N THR B 61 -10.78 7.98 -37.56
CA THR B 61 -11.15 8.11 -39.01
C THR B 61 -12.46 8.91 -39.16
N GLY B 62 -13.29 8.85 -38.09
CA GLY B 62 -14.63 9.50 -37.99
C GLY B 62 -14.66 11.01 -38.32
N LEU B 63 -13.51 11.70 -38.20
CA LEU B 63 -13.42 13.18 -38.49
C LEU B 63 -13.84 13.46 -39.99
N PHE B 64 -13.38 12.53 -40.88
CA PHE B 64 -13.70 12.56 -42.34
C PHE B 64 -15.24 12.46 -42.52
N ALA B 65 -15.89 11.61 -41.66
CA ALA B 65 -17.37 11.38 -41.67
C ALA B 65 -18.14 12.71 -41.42
N ARG B 66 -17.61 13.60 -40.50
CA ARG B 66 -18.31 14.92 -40.19
C ARG B 66 -18.40 15.73 -41.52
N LEU B 67 -17.29 15.68 -42.32
CA LEU B 67 -17.26 16.42 -43.64
C LEU B 67 -18.35 15.87 -44.67
N THR B 68 -18.50 14.50 -44.77
CA THR B 68 -19.47 13.83 -45.70
C THR B 68 -20.97 14.10 -45.43
N TRP B 69 -21.37 14.10 -44.12
CA TRP B 69 -22.81 14.21 -43.69
C TRP B 69 -23.17 15.59 -43.16
N TRP B 70 -22.67 16.63 -43.90
CA TRP B 70 -22.94 18.08 -43.58
C TRP B 70 -24.51 18.40 -43.78
N GLU B 71 -25.47 17.47 -43.41
CA GLU B 71 -26.96 17.67 -43.57
C GLU B 71 -27.71 17.18 -42.30
N TYR B 72 -27.05 16.35 -41.44
CA TYR B 72 -27.66 15.79 -40.19
C TYR B 72 -27.86 16.97 -39.17
N SER B 73 -26.76 17.72 -38.89
CA SER B 73 -26.75 18.91 -37.98
C SER B 73 -25.38 19.65 -38.02
N TRP B 74 -24.28 18.88 -37.86
CA TRP B 74 -22.83 19.35 -37.86
C TRP B 74 -22.30 19.57 -36.41
N ASP B 75 -23.20 20.09 -35.54
CA ASP B 75 -22.94 20.36 -34.08
C ASP B 75 -22.85 18.96 -33.41
N ILE B 76 -21.69 18.31 -33.66
CA ILE B 76 -21.40 16.88 -33.30
C ILE B 76 -19.91 16.82 -32.90
N VAL B 77 -19.20 18.01 -32.89
CA VAL B 77 -17.73 18.09 -32.63
C VAL B 77 -17.22 17.31 -31.37
N GLU B 78 -15.90 17.43 -31.20
CA GLU B 78 -15.11 16.79 -30.16
C GLU B 78 -15.20 15.22 -29.98
N PRO B 79 -15.61 14.33 -30.94
CA PRO B 79 -15.68 12.82 -30.60
C PRO B 79 -14.33 12.20 -30.17
N VAL B 80 -13.24 12.56 -30.89
CA VAL B 80 -11.89 11.99 -30.59
C VAL B 80 -11.37 12.33 -29.15
N THR B 81 -11.48 13.63 -28.64
CA THR B 81 -10.98 13.97 -27.28
C THR B 81 -11.72 13.24 -26.11
N TYR B 82 -13.11 13.14 -26.09
CA TYR B 82 -13.83 12.44 -24.96
C TYR B 82 -13.41 10.95 -24.87
N PHE B 83 -13.27 10.27 -26.05
CA PHE B 83 -12.75 8.85 -26.10
C PHE B 83 -11.29 8.84 -25.50
N ALA B 84 -10.46 9.90 -25.77
CA ALA B 84 -9.06 9.97 -25.22
C ALA B 84 -9.10 9.93 -23.64
N THR B 85 -10.10 10.64 -22.99
CA THR B 85 -10.28 10.62 -21.47
C THR B 85 -10.56 9.17 -20.98
N TYR B 86 -11.36 8.39 -21.78
CA TYR B 86 -11.69 6.96 -21.45
C TYR B 86 -10.36 6.15 -21.36
N SER B 87 -9.41 6.46 -22.30
CA SER B 87 -8.05 5.82 -22.30
C SER B 87 -7.26 6.17 -20.97
N THR B 88 -7.37 7.45 -20.46
CA THR B 88 -6.63 7.85 -19.19
C THR B 88 -7.06 6.98 -17.96
N VAL B 89 -8.40 6.66 -17.78
CA VAL B 89 -8.84 5.70 -16.64
C VAL B 89 -8.11 4.35 -16.88
N ALA B 90 -7.90 3.96 -18.18
CA ALA B 90 -7.14 2.69 -18.50
C ALA B 90 -5.70 2.82 -17.84
N ALA B 91 -5.12 4.07 -17.88
CA ALA B 91 -3.79 4.40 -17.22
C ALA B 91 -3.87 4.13 -15.68
N THR B 92 -5.04 4.50 -15.06
CA THR B 92 -5.30 4.38 -13.61
C THR B 92 -5.22 2.88 -13.14
N PHE B 93 -5.75 1.89 -13.94
CA PHE B 93 -5.66 0.41 -13.60
C PHE B 93 -4.18 -0.02 -13.47
N GLY B 94 -3.37 0.56 -14.37
CA GLY B 94 -1.93 0.32 -14.50
C GLY B 94 -1.13 0.24 -13.17
N TYR B 95 -1.67 0.77 -12.05
CA TYR B 95 -0.97 0.76 -10.71
C TYR B 95 -0.98 -0.65 -10.06
N TYR B 96 -1.91 -1.53 -10.52
CA TYR B 96 -2.15 -2.87 -9.94
C TYR B 96 -1.10 -3.89 -10.42
N LEU B 97 -1.10 -4.12 -11.75
CA LEU B 97 -0.18 -5.12 -12.39
C LEU B 97 1.29 -4.62 -12.45
N TYR B 98 1.48 -3.31 -12.24
CA TYR B 98 2.79 -2.58 -12.45
C TYR B 98 4.10 -3.37 -12.01
N THR B 99 4.36 -3.71 -10.70
CA THR B 99 5.55 -4.54 -10.29
C THR B 99 5.36 -6.01 -10.76
N GLN B 100 4.11 -6.54 -10.59
CA GLN B 100 3.71 -7.94 -10.93
C GLN B 100 4.14 -8.40 -12.35
N GLN B 101 4.30 -7.44 -13.31
CA GLN B 101 4.63 -7.74 -14.77
C GLN B 101 5.77 -8.78 -14.89
N SER B 102 6.67 -8.79 -13.87
CA SER B 102 7.80 -9.74 -13.77
C SER B 102 7.29 -11.23 -13.71
N PHE B 103 6.12 -11.49 -13.02
CA PHE B 103 5.53 -12.87 -12.90
C PHE B 103 4.95 -13.33 -14.28
N GLU B 104 4.29 -12.37 -14.98
CA GLU B 104 3.62 -12.60 -16.31
C GLU B 104 4.65 -12.78 -17.48
N TYR B 105 5.82 -12.12 -17.38
CA TYR B 105 6.88 -12.07 -18.47
C TYR B 105 7.30 -13.47 -19.10
N PRO B 106 7.63 -14.55 -18.34
CA PRO B 106 8.06 -15.92 -18.93
C PRO B 106 7.18 -16.42 -20.10
N SER B 107 5.93 -15.92 -20.16
CA SER B 107 4.94 -16.28 -21.23
C SER B 107 5.43 -15.75 -22.62
N ALA B 108 6.11 -14.58 -22.58
CA ALA B 108 6.65 -13.88 -23.78
C ALA B 108 8.03 -14.48 -24.21
N ARG B 109 8.18 -15.83 -24.04
CA ARG B 109 9.40 -16.61 -24.42
C ARG B 109 10.69 -16.11 -23.68
N GLU B 110 11.67 -17.03 -23.43
CA GLU B 110 12.97 -16.72 -22.73
C GLU B 110 14.00 -17.87 -22.95
N ARG B 111 13.75 -18.74 -23.96
CA ARG B 111 14.62 -19.92 -24.30
C ARG B 111 16.05 -19.45 -24.74
N VAL B 112 17.09 -19.67 -23.87
CA VAL B 112 18.52 -19.32 -24.16
C VAL B 112 19.06 -20.41 -25.14
N TYR B 113 19.77 -20.00 -26.23
CA TYR B 113 20.33 -20.95 -27.25
C TYR B 113 21.46 -20.29 -28.07
N THR B 114 22.01 -19.13 -27.58
CA THR B 114 23.12 -18.39 -28.25
C THR B 114 23.87 -17.49 -27.20
N LYS B 115 23.35 -16.25 -26.92
CA LYS B 115 23.93 -15.29 -25.92
C LYS B 115 22.91 -14.17 -25.61
N GLN B 116 21.93 -13.99 -26.53
CA GLN B 116 20.88 -12.94 -26.43
C GLN B 116 19.69 -13.37 -27.35
N PHE B 117 18.80 -14.24 -26.80
CA PHE B 117 17.58 -14.77 -27.50
C PHE B 117 16.65 -13.63 -28.00
N TYR B 118 15.53 -14.03 -28.66
CA TYR B 118 14.51 -13.09 -29.24
C TYR B 118 13.95 -12.13 -28.12
N ARG B 119 14.24 -10.80 -28.24
CA ARG B 119 13.82 -9.75 -27.26
C ARG B 119 14.57 -9.96 -25.91
N ARG B 120 14.19 -9.16 -24.87
CA ARG B 120 14.79 -9.21 -23.50
C ARG B 120 13.62 -9.35 -22.46
N ALA B 121 13.74 -10.35 -21.53
CA ALA B 121 12.73 -10.67 -20.49
C ALA B 121 12.50 -9.50 -19.49
N GLN B 122 13.54 -9.20 -18.68
CA GLN B 122 13.52 -8.12 -17.64
C GLN B 122 12.58 -8.53 -16.45
N LYS B 123 13.00 -8.22 -15.19
CA LYS B 123 12.24 -8.51 -13.93
C LYS B 123 12.46 -7.30 -12.95
N GLN B 124 11.36 -6.53 -12.61
CA GLN B 124 11.44 -5.34 -11.70
C GLN B 124 11.86 -5.77 -10.25
N ASN B 125 10.85 -6.11 -9.38
CA ASN B 125 11.06 -6.53 -7.97
C ASN B 125 11.71 -5.36 -7.15
N PHE B 126 10.87 -4.46 -6.53
CA PHE B 126 11.39 -3.28 -5.76
C PHE B 126 10.36 -2.75 -4.73
N ASP B 127 9.23 -3.47 -4.51
CA ASP B 127 8.18 -3.04 -3.52
C ASP B 127 7.29 -4.24 -3.05
N ILE B 128 6.67 -5.12 -3.96
CA ILE B 128 5.87 -6.31 -3.43
C ILE B 128 6.93 -7.28 -2.81
N GLU B 129 7.95 -7.53 -3.66
CA GLU B 129 9.09 -8.43 -3.40
C GLU B 129 10.02 -7.96 -2.24
N LYS B 130 10.35 -6.63 -2.14
CA LYS B 130 11.32 -6.14 -1.08
C LYS B 130 10.90 -6.60 0.36
N TYR B 131 9.63 -6.34 0.76
CA TYR B 131 9.10 -6.71 2.08
C TYR B 131 8.87 -8.23 2.27
N ASN B 132 8.16 -8.89 1.30
CA ASN B 132 7.78 -10.36 1.42
C ASN B 132 9.01 -11.28 1.38
N ARG B 133 9.82 -11.11 0.34
CA ARG B 133 11.06 -11.96 0.17
C ARG B 133 12.06 -11.75 1.36
N LEU B 134 12.39 -10.46 1.70
CA LEU B 134 13.37 -10.18 2.81
C LEU B 134 12.90 -10.79 4.18
N VAL B 135 11.62 -10.54 4.66
CA VAL B 135 11.14 -11.21 5.93
C VAL B 135 11.38 -12.79 5.77
N THR B 136 11.37 -13.35 4.50
CA THR B 136 11.65 -14.84 4.30
C THR B 136 13.08 -15.14 4.89
N GLU B 137 13.98 -14.11 4.84
CA GLU B 137 15.34 -14.20 5.51
C GLU B 137 15.07 -14.48 7.04
N VAL B 138 13.95 -13.89 7.57
CA VAL B 138 13.49 -14.15 9.01
C VAL B 138 13.25 -15.70 9.17
N ASP B 139 12.83 -16.39 8.08
CA ASP B 139 12.60 -17.89 8.14
C ASP B 139 13.92 -18.67 8.52
N GLU B 140 15.15 -18.21 8.02
CA GLU B 140 16.45 -18.90 8.44
C GLU B 140 16.70 -18.56 9.93
N LEU B 141 16.19 -17.36 10.39
CA LEU B 141 16.30 -16.94 11.85
C LEU B 141 15.70 -18.06 12.75
N ARG B 142 14.62 -18.72 12.24
CA ARG B 142 13.96 -19.86 12.97
C ARG B 142 14.93 -21.08 12.94
N ASN B 143 15.81 -21.20 11.86
CA ASN B 143 16.73 -22.40 11.77
C ASN B 143 17.88 -22.41 12.85
N GLN B 144 18.65 -21.27 13.06
CA GLN B 144 19.80 -21.26 14.08
C GLN B 144 19.24 -21.31 15.54
N LEU B 145 18.10 -20.58 15.83
CA LEU B 145 17.43 -20.56 17.21
C LEU B 145 17.09 -22.01 17.66
N LYS B 146 16.52 -22.75 16.71
CA LYS B 146 16.08 -24.14 16.91
C LYS B 146 17.21 -25.12 17.34
N ARG B 147 18.41 -25.16 16.62
CA ARG B 147 19.47 -26.12 17.05
C ARG B 147 19.95 -25.74 18.46
N LEU B 148 20.13 -24.40 18.73
CA LEU B 148 20.54 -23.88 20.09
C LEU B 148 19.66 -24.47 21.24
N ARG B 149 18.34 -24.61 21.00
CA ARG B 149 17.37 -25.12 22.02
C ARG B 149 17.60 -26.63 22.34
N ASP B 150 18.13 -27.44 21.35
CA ASP B 150 18.36 -28.93 21.58
C ASP B 150 19.51 -29.32 22.66
N PRO B 151 20.81 -28.82 22.65
CA PRO B 151 21.90 -29.15 23.73
C PRO B 151 21.40 -29.31 25.21
N LEU B 152 21.36 -28.21 26.05
CA LEU B 152 20.86 -28.27 27.49
C LEU B 152 19.42 -28.83 27.44
N GLU B 153 18.53 -27.93 27.02
CA GLU B 153 17.06 -28.19 26.82
C GLU B 153 16.41 -26.89 26.29
N MET C 1 49.68 9.40 19.47
CA MET C 1 49.74 9.25 20.95
C MET C 1 48.34 9.56 21.53
N ALA C 2 47.60 10.50 20.86
CA ALA C 2 46.23 10.93 21.28
C ALA C 2 45.60 11.70 20.09
N ALA C 3 45.40 10.98 18.96
CA ALA C 3 44.80 11.52 17.71
C ALA C 3 44.40 10.36 16.75
N LEU C 4 44.41 9.10 17.28
CA LEU C 4 44.06 7.87 16.49
C LEU C 4 42.52 7.85 16.25
N SER C 5 42.09 7.04 15.24
CA SER C 5 40.66 6.88 14.85
C SER C 5 40.54 5.68 13.89
N VAL C 6 39.29 5.16 13.70
CA VAL C 6 38.96 4.01 12.80
C VAL C 6 39.60 2.68 13.36
N ASP C 7 40.95 2.65 13.39
CA ASP C 7 41.77 1.48 13.87
C ASP C 7 41.54 0.22 12.98
N GLU C 8 42.55 -0.68 12.94
CA GLU C 8 42.53 -1.94 12.14
C GLU C 8 43.73 -2.82 12.58
N TYR C 9 43.87 -2.95 13.93
CA TYR C 9 44.95 -3.75 14.60
C TYR C 9 44.41 -4.35 15.92
N LYS C 10 43.29 -3.76 16.45
CA LYS C 10 42.62 -4.20 17.70
C LYS C 10 41.98 -5.60 17.50
N LEU C 11 41.19 -6.06 18.51
CA LEU C 11 40.50 -7.37 18.48
C LEU C 11 39.38 -7.45 19.56
N SER C 12 39.20 -6.35 20.36
CA SER C 12 38.15 -6.26 21.41
C SER C 12 38.02 -4.76 21.84
N ARG C 13 38.26 -4.45 23.13
CA ARG C 13 38.20 -3.09 23.73
C ARG C 13 36.77 -2.45 23.75
N GLU C 14 35.97 -2.58 22.65
CA GLU C 14 34.58 -1.96 22.58
C GLU C 14 33.74 -2.50 21.37
N LYS C 15 33.54 -3.85 21.35
CA LYS C 15 32.74 -4.57 20.29
C LYS C 15 31.25 -4.10 20.22
N LYS C 16 30.62 -3.87 21.42
CA LYS C 16 29.17 -3.50 21.54
C LYS C 16 28.88 -2.19 20.76
N LEU C 17 29.82 -1.22 20.89
CA LEU C 17 29.73 0.10 20.19
C LEU C 17 29.77 -0.07 18.63
N LEU C 18 30.64 -1.00 18.12
CA LEU C 18 30.82 -1.22 16.63
C LEU C 18 29.48 -1.69 15.96
N LEU C 19 28.78 -2.65 16.63
CA LEU C 19 27.44 -3.15 16.16
C LEU C 19 26.38 -1.99 16.20
N GLN C 20 26.41 -1.15 17.28
CA GLN C 20 25.46 0.01 17.46
C GLN C 20 25.62 1.00 16.26
N LEU C 21 26.90 1.24 15.80
CA LEU C 21 27.17 2.11 14.62
C LEU C 21 26.50 1.51 13.33
N GLU C 22 26.52 0.12 13.14
CA GLU C 22 25.92 -0.50 11.91
C GLU C 22 24.39 -0.19 11.83
N ASN C 23 23.72 -0.25 13.02
CA ASN C 23 22.27 0.06 13.16
C ASN C 23 21.99 1.54 12.76
N ALA C 24 22.90 2.48 13.19
CA ALA C 24 22.78 3.93 12.90
C ALA C 24 22.77 4.21 11.36
N GLU C 25 23.66 3.50 10.62
CA GLU C 25 23.75 3.63 9.12
C GLU C 25 22.42 3.20 8.43
N THR C 26 21.78 2.09 8.92
CA THR C 26 20.48 1.59 8.33
C THR C 26 19.34 2.64 8.50
N LEU C 27 19.28 3.27 9.71
CA LEU C 27 18.30 4.34 10.07
C LEU C 27 18.49 5.61 9.17
N LEU C 28 19.78 5.97 8.91
CA LEU C 28 20.27 7.15 8.13
C LEU C 28 19.30 8.39 8.11
N ALA C 29 19.24 9.13 9.26
CA ALA C 29 18.48 10.40 9.42
C ALA C 29 19.39 11.49 8.76
N PRO C 30 20.66 11.69 9.23
CA PRO C 30 21.68 12.62 8.55
C PRO C 30 21.58 12.74 6.98
N LEU C 31 21.78 11.59 6.29
CA LEU C 31 21.73 11.44 4.80
C LEU C 31 20.33 11.83 4.26
N HIS C 32 19.26 11.45 5.01
CA HIS C 32 17.81 11.74 4.58
C HIS C 32 17.65 13.31 4.46
N ASP C 33 18.28 14.03 5.43
CA ASP C 33 18.32 15.55 5.45
C ASP C 33 19.03 16.09 4.15
N ALA C 34 20.11 15.39 3.69
CA ALA C 34 20.89 15.80 2.48
C ALA C 34 19.95 15.82 1.23
N LYS C 35 19.01 14.82 1.13
CA LYS C 35 18.01 14.74 0.00
C LYS C 35 17.12 16.03 -0.01
N ARG C 36 16.74 16.51 1.21
CA ARG C 36 15.89 17.73 1.42
C ARG C 36 16.55 19.00 0.79
N LYS C 37 17.91 19.10 0.83
CA LYS C 37 18.67 20.32 0.32
C LYS C 37 18.28 20.66 -1.16
N ILE C 38 18.03 19.61 -2.01
CA ILE C 38 17.62 19.73 -3.47
C ILE C 38 16.66 20.96 -3.81
N GLU C 39 16.03 21.61 -2.79
CA GLU C 39 15.08 22.78 -2.90
C GLU C 39 15.13 23.59 -4.26
N GLN C 40 16.35 23.88 -4.78
CA GLN C 40 16.57 24.65 -6.05
C GLN C 40 16.10 23.78 -7.28
N GLU C 41 16.85 22.68 -7.54
CA GLU C 41 16.59 21.72 -8.68
C GLU C 41 15.24 20.95 -8.48
N ALA C 42 14.50 21.26 -7.38
CA ALA C 42 13.18 20.59 -7.04
C ALA C 42 12.11 20.67 -8.17
N GLU C 43 12.43 21.31 -9.33
CA GLU C 43 11.51 21.41 -10.51
C GLU C 43 11.18 19.97 -11.08
N ALA C 44 11.88 18.95 -10.52
CA ALA C 44 11.76 17.52 -10.89
C ALA C 44 10.28 17.00 -10.82
N HIS C 45 9.46 17.60 -9.91
CA HIS C 45 8.02 17.23 -9.70
C HIS C 45 7.17 17.62 -10.93
N THR C 46 7.32 18.91 -11.36
CA THR C 46 6.57 19.50 -12.51
C THR C 46 6.92 18.77 -13.84
N ASP C 47 8.21 18.36 -13.98
CA ASP C 47 8.74 17.66 -15.19
C ASP C 47 7.93 16.38 -15.58
N ARG C 48 7.30 15.71 -14.57
CA ARG C 48 6.50 14.45 -14.77
C ARG C 48 5.01 14.80 -15.04
N VAL C 49 4.51 15.90 -14.42
CA VAL C 49 3.10 16.37 -14.61
C VAL C 49 3.06 17.20 -15.92
N ALA C 50 4.28 17.56 -16.44
CA ALA C 50 4.47 18.32 -17.71
C ALA C 50 4.21 17.38 -18.91
N TRP C 51 4.11 16.02 -18.68
CA TRP C 51 3.84 15.03 -19.79
C TRP C 51 2.51 15.44 -20.52
N ALA C 52 1.64 16.12 -19.73
CA ALA C 52 0.32 16.64 -20.16
C ALA C 52 0.46 17.92 -21.05
N GLY C 53 1.69 18.49 -21.13
CA GLY C 53 1.98 19.75 -21.90
C GLY C 53 1.41 19.74 -23.36
N PHE C 54 1.41 18.54 -24.00
CA PHE C 54 0.91 18.35 -25.39
C PHE C 54 -0.65 18.38 -25.44
N ALA C 55 -1.32 17.99 -24.32
CA ALA C 55 -2.82 17.94 -24.23
C ALA C 55 -3.41 19.38 -24.24
N ALA C 56 -2.80 20.30 -23.46
CA ALA C 56 -3.23 21.72 -23.34
C ALA C 56 -2.89 22.55 -24.61
N SER C 57 -1.87 22.09 -25.37
CA SER C 57 -1.37 22.79 -26.61
C SER C 57 -2.46 22.91 -27.73
N GLY C 58 -3.32 21.87 -27.84
CA GLY C 58 -4.39 21.81 -28.90
C GLY C 58 -5.47 22.92 -28.82
N VAL C 59 -5.68 23.50 -27.61
CA VAL C 59 -6.73 24.54 -27.35
C VAL C 59 -6.50 25.86 -28.12
N GLN C 60 -5.27 26.42 -28.04
CA GLN C 60 -4.89 27.75 -28.64
C GLN C 60 -5.40 27.89 -30.11
N THR C 61 -5.30 26.78 -30.88
CA THR C 61 -5.79 26.71 -32.29
C THR C 61 -7.34 26.64 -32.32
N GLY C 62 -7.88 26.12 -31.20
CA GLY C 62 -9.33 25.97 -30.97
C GLY C 62 -10.01 27.33 -30.70
N LEU C 63 -9.37 28.23 -29.90
CA LEU C 63 -9.99 29.59 -29.58
C LEU C 63 -10.20 30.44 -30.88
N PHE C 64 -9.19 30.39 -31.80
CA PHE C 64 -9.28 31.05 -33.14
C PHE C 64 -10.48 30.42 -33.91
N ALA C 65 -10.63 29.07 -33.75
CA ALA C 65 -11.70 28.28 -34.43
C ALA C 65 -13.16 28.73 -34.07
N ARG C 66 -13.51 29.08 -32.74
CA ARG C 66 -14.93 29.55 -32.43
C ARG C 66 -15.21 30.85 -33.22
N LEU C 67 -14.18 31.76 -33.29
CA LEU C 67 -14.35 33.05 -34.05
C LEU C 67 -14.64 32.77 -35.57
N THR C 68 -13.92 31.78 -36.17
CA THR C 68 -14.11 31.34 -37.59
C THR C 68 -15.54 30.73 -37.85
N TRP C 69 -16.01 29.94 -36.85
CA TRP C 69 -17.30 29.17 -36.91
C TRP C 69 -18.55 30.06 -36.80
N TRP C 70 -18.42 31.40 -36.67
CA TRP C 70 -19.61 32.30 -36.49
C TRP C 70 -20.58 32.28 -37.75
N GLU C 71 -20.41 31.29 -38.70
CA GLU C 71 -21.25 31.16 -39.91
C GLU C 71 -21.20 29.65 -40.39
N TYR C 72 -21.88 28.75 -39.62
CA TYR C 72 -21.95 27.31 -39.91
C TYR C 72 -23.03 26.74 -38.94
N SER C 73 -22.86 27.07 -37.63
CA SER C 73 -23.78 26.60 -36.53
C SER C 73 -23.51 27.40 -35.20
N TRP C 74 -22.21 27.45 -34.82
CA TRP C 74 -21.65 28.17 -33.62
C TRP C 74 -21.64 27.31 -32.32
N ASP C 75 -22.79 26.68 -31.98
CA ASP C 75 -22.97 25.81 -30.78
C ASP C 75 -21.95 24.62 -30.89
N ILE C 76 -20.72 24.89 -30.41
CA ILE C 76 -19.52 24.00 -30.48
C ILE C 76 -18.72 24.35 -29.20
N VAL C 77 -19.36 24.99 -28.14
CA VAL C 77 -18.66 25.39 -26.89
C VAL C 77 -17.99 24.18 -26.19
N GLU C 78 -17.44 24.42 -24.98
CA GLU C 78 -16.73 23.40 -24.12
C GLU C 78 -15.24 22.98 -24.52
N PRO C 79 -14.53 23.37 -25.65
CA PRO C 79 -13.13 22.75 -25.92
C PRO C 79 -11.98 22.98 -24.84
N VAL C 80 -11.84 24.21 -24.28
CA VAL C 80 -10.74 24.49 -23.28
C VAL C 80 -10.82 23.64 -21.99
N THR C 81 -12.02 23.46 -21.36
CA THR C 81 -12.11 22.67 -20.09
C THR C 81 -11.73 21.16 -20.23
N TYR C 82 -12.23 20.42 -21.32
CA TYR C 82 -11.96 18.95 -21.43
C TYR C 82 -10.45 18.64 -21.53
N PHE C 83 -9.66 19.46 -22.33
CA PHE C 83 -8.17 19.26 -22.39
C PHE C 83 -7.59 19.52 -20.95
N ALA C 84 -8.14 20.55 -20.23
CA ALA C 84 -7.70 20.85 -18.82
C ALA C 84 -7.98 19.62 -17.87
N THR C 85 -9.18 18.95 -18.01
CA THR C 85 -9.54 17.72 -17.19
C THR C 85 -8.54 16.57 -17.47
N TYR C 86 -8.10 16.44 -18.76
CA TYR C 86 -7.15 15.36 -19.19
C TYR C 86 -5.83 15.50 -18.36
N SER C 87 -5.39 16.77 -18.19
CA SER C 87 -4.20 17.12 -17.36
C SER C 87 -4.40 16.75 -15.83
N THR C 88 -5.63 16.97 -15.24
CA THR C 88 -5.87 16.63 -13.78
C THR C 88 -5.67 15.10 -13.49
N VAL C 89 -6.19 14.19 -14.39
CA VAL C 89 -5.99 12.68 -14.25
C VAL C 89 -4.46 12.39 -14.27
N ALA C 90 -3.67 13.18 -15.08
CA ALA C 90 -2.16 13.01 -15.09
C ALA C 90 -1.66 13.23 -13.60
N ALA C 91 -2.30 14.21 -12.86
CA ALA C 91 -1.96 14.48 -11.41
C ALA C 91 -2.21 13.20 -10.56
N THR C 92 -3.33 12.48 -10.88
CA THR C 92 -3.76 11.26 -10.16
C THR C 92 -2.70 10.12 -10.22
N PHE C 93 -2.01 9.87 -11.40
CA PHE C 93 -0.95 8.76 -11.49
C PHE C 93 0.19 9.05 -10.44
N GLY C 94 0.51 10.35 -10.31
CA GLY C 94 1.56 10.89 -9.42
C GLY C 94 1.58 10.40 -7.95
N TYR C 95 0.47 9.84 -7.39
CA TYR C 95 0.43 9.40 -5.92
C TYR C 95 1.63 8.46 -5.54
N TYR C 96 1.97 7.49 -6.42
CA TYR C 96 3.06 6.52 -6.20
C TYR C 96 4.41 7.18 -6.54
N LEU C 97 4.50 7.65 -7.82
CA LEU C 97 5.73 8.24 -8.43
C LEU C 97 6.58 9.17 -7.50
N TYR C 98 5.99 9.68 -6.36
CA TYR C 98 6.69 10.65 -5.42
C TYR C 98 8.19 10.23 -5.10
N THR C 99 8.42 9.03 -4.48
CA THR C 99 9.84 8.61 -4.13
C THR C 99 10.73 8.40 -5.43
N GLN C 100 10.26 7.61 -6.45
CA GLN C 100 11.02 7.35 -7.74
C GLN C 100 11.56 8.66 -8.43
N GLN C 101 10.87 9.80 -8.19
CA GLN C 101 11.17 11.13 -8.83
C GLN C 101 12.70 11.48 -8.75
N SER C 102 13.38 10.95 -7.71
CA SER C 102 14.82 11.20 -7.45
C SER C 102 15.76 10.59 -8.55
N PHE C 103 15.37 9.42 -9.14
CA PHE C 103 16.20 8.72 -10.19
C PHE C 103 16.20 9.48 -11.55
N GLU C 104 15.05 10.13 -11.88
CA GLU C 104 14.83 10.81 -13.20
C GLU C 104 15.67 12.12 -13.48
N TYR C 105 15.69 13.10 -12.54
CA TYR C 105 16.38 14.43 -12.77
C TYR C 105 17.96 14.38 -12.81
N PRO C 106 18.72 13.67 -11.91
CA PRO C 106 20.25 13.68 -11.95
C PRO C 106 20.74 12.81 -13.13
N SER C 107 22.06 12.92 -13.45
CA SER C 107 22.70 12.17 -14.56
C SER C 107 22.76 10.64 -14.21
N ALA C 108 23.79 10.22 -13.41
CA ALA C 108 24.00 8.80 -13.00
C ALA C 108 24.18 7.85 -14.23
N ARG C 109 24.22 8.43 -15.44
CA ARG C 109 24.39 7.73 -16.73
C ARG C 109 25.91 7.53 -16.95
N GLU C 110 26.64 8.67 -16.95
CA GLU C 110 28.12 8.75 -17.09
C GLU C 110 28.64 8.11 -18.42
N ARG C 111 29.72 8.70 -18.98
CA ARG C 111 30.39 8.25 -20.24
C ARG C 111 31.76 9.00 -20.35
N VAL C 112 31.76 10.29 -19.91
CA VAL C 112 32.95 11.20 -19.92
C VAL C 112 32.85 12.17 -18.70
N TYR C 113 34.00 12.82 -18.35
CA TYR C 113 34.14 13.76 -17.20
C TYR C 113 33.78 13.09 -15.83
N THR C 114 34.12 13.79 -14.72
CA THR C 114 33.87 13.34 -13.33
C THR C 114 34.15 14.50 -12.35
N LYS C 115 33.63 15.71 -12.70
CA LYS C 115 33.81 16.97 -11.90
C LYS C 115 33.22 16.82 -10.46
N GLN C 116 32.19 15.96 -10.32
CA GLN C 116 31.49 15.68 -9.02
C GLN C 116 30.60 14.42 -9.23
N PHE C 117 31.26 13.22 -9.33
CA PHE C 117 30.58 11.91 -9.53
C PHE C 117 29.74 11.50 -8.28
N TYR C 118 30.15 12.04 -7.11
CA TYR C 118 29.51 11.77 -5.79
C TYR C 118 28.11 12.46 -5.69
N ARG C 119 27.21 12.19 -6.68
CA ARG C 119 25.81 12.74 -6.69
C ARG C 119 24.95 11.87 -5.73
N ARG C 120 25.47 11.71 -4.47
CA ARG C 120 24.82 10.91 -3.39
C ARG C 120 23.37 11.40 -3.08
N ALA C 121 23.05 12.65 -3.51
CA ALA C 121 21.72 13.30 -3.29
C ALA C 121 20.54 12.44 -3.85
N GLN C 122 20.86 11.46 -4.74
CA GLN C 122 19.85 10.55 -5.37
C GLN C 122 19.12 9.67 -4.31
N LYS C 123 18.01 9.01 -4.74
CA LYS C 123 17.19 8.11 -3.90
C LYS C 123 16.60 8.82 -2.62
N GLN C 124 15.42 9.49 -2.77
CA GLN C 124 14.70 10.22 -1.65
C GLN C 124 14.19 9.18 -0.59
N ASN C 125 13.29 9.64 0.34
CA ASN C 125 12.71 8.81 1.44
C ASN C 125 11.27 9.31 1.69
N PHE C 126 10.29 8.36 1.68
CA PHE C 126 8.85 8.62 1.89
C PHE C 126 8.15 7.22 1.85
N ASP C 127 8.25 6.50 3.00
CA ASP C 127 7.64 5.16 3.25
C ASP C 127 8.37 3.94 2.58
N ILE C 128 9.00 4.04 1.33
CA ILE C 128 9.68 2.82 0.71
C ILE C 128 10.97 2.50 1.52
N GLU C 129 11.81 3.55 1.75
CA GLU C 129 13.09 3.46 2.50
C GLU C 129 12.86 3.04 3.98
N LYS C 130 11.89 3.70 4.66
CA LYS C 130 11.63 3.46 6.12
C LYS C 130 11.42 1.95 6.47
N TYR C 131 10.52 1.24 5.74
CA TYR C 131 10.23 -0.20 5.93
C TYR C 131 11.39 -1.14 5.47
N ASN C 132 11.94 -0.88 4.26
CA ASN C 132 12.98 -1.72 3.61
C ASN C 132 14.26 -1.91 4.50
N ARG C 133 14.76 -0.77 4.90
CA ARG C 133 16.01 -0.66 5.74
C ARG C 133 15.80 -1.29 7.15
N LEU C 134 14.71 -0.87 7.83
CA LEU C 134 14.42 -1.35 9.21
C LEU C 134 14.33 -2.91 9.31
N VAL C 135 13.53 -3.55 8.40
CA VAL C 135 13.47 -5.05 8.39
C VAL C 135 14.96 -5.56 8.28
N THR C 136 15.85 -4.86 7.50
CA THR C 136 17.28 -5.30 7.35
C THR C 136 17.96 -5.42 8.75
N GLU C 137 17.50 -4.60 9.75
CA GLU C 137 18.03 -4.73 11.19
C GLU C 137 17.82 -6.21 11.64
N VAL C 138 16.66 -6.84 11.17
CA VAL C 138 16.42 -8.31 11.51
C VAL C 138 17.60 -9.17 10.96
N ASP C 139 18.11 -8.76 9.77
CA ASP C 139 19.23 -9.50 9.07
C ASP C 139 20.52 -9.55 9.95
N GLU C 140 20.81 -8.42 10.66
CA GLU C 140 22.03 -8.27 11.47
C GLU C 140 21.99 -9.21 12.71
N LEU C 141 20.82 -9.26 13.44
CA LEU C 141 20.68 -10.18 14.63
C LEU C 141 20.83 -11.64 14.15
N ARG C 142 20.39 -11.97 12.87
CA ARG C 142 20.58 -13.35 12.29
C ARG C 142 22.11 -13.64 12.27
N ASN C 143 23.01 -12.54 12.13
CA ASN C 143 24.50 -12.79 12.16
C ASN C 143 25.00 -13.17 13.60
N GLN C 144 24.50 -12.42 14.63
CA GLN C 144 24.89 -12.60 16.08
C GLN C 144 24.32 -13.93 16.67
N LEU C 145 23.03 -14.25 16.37
CA LEU C 145 22.31 -15.47 16.88
C LEU C 145 23.04 -16.76 16.35
N LYS C 146 23.54 -16.68 15.09
CA LYS C 146 24.29 -17.77 14.44
C LYS C 146 25.69 -18.06 15.12
N ARG C 147 26.55 -16.99 15.49
CA ARG C 147 27.88 -17.30 16.09
C ARG C 147 27.61 -18.10 17.39
N LEU C 148 26.60 -17.63 18.20
CA LEU C 148 26.14 -18.38 19.42
C LEU C 148 25.87 -19.90 19.11
N ARG C 149 25.26 -20.21 17.92
CA ARG C 149 24.92 -21.64 17.54
C ARG C 149 26.19 -22.55 17.48
N ASP C 150 27.40 -21.99 17.15
CA ASP C 150 28.65 -22.89 17.10
C ASP C 150 29.05 -23.45 18.58
N PRO C 151 29.24 -22.63 19.70
CA PRO C 151 29.50 -23.15 21.15
C PRO C 151 28.19 -23.18 21.96
N LEU C 152 28.26 -23.80 23.20
CA LEU C 152 27.14 -24.01 24.21
C LEU C 152 27.37 -25.38 24.87
N GLU C 153 27.38 -26.43 24.02
CA GLU C 153 27.59 -27.86 24.42
C GLU C 153 26.48 -28.36 25.39
N MET D 1 -7.85 -15.05 41.79
CA MET D 1 -8.13 -13.73 42.44
C MET D 1 -7.06 -12.71 41.95
N ALA D 2 -5.80 -13.21 41.77
CA ALA D 2 -4.64 -12.38 41.32
C ALA D 2 -4.84 -11.94 39.85
N ALA D 3 -3.83 -11.18 39.32
CA ALA D 3 -3.83 -10.66 37.92
C ALA D 3 -2.41 -10.14 37.56
N LEU D 4 -1.75 -9.49 38.55
CA LEU D 4 -0.37 -8.92 38.43
C LEU D 4 0.67 -10.00 38.83
N SER D 5 0.26 -11.30 38.70
CA SER D 5 1.10 -12.50 39.01
C SER D 5 1.52 -12.54 40.52
N VAL D 6 1.59 -13.78 41.09
CA VAL D 6 2.00 -14.02 42.51
C VAL D 6 3.53 -13.88 42.66
N ASP D 7 4.01 -13.68 43.92
CA ASP D 7 5.47 -13.53 44.27
C ASP D 7 6.22 -12.56 43.31
N GLU D 8 5.51 -11.49 42.88
CA GLU D 8 6.04 -10.44 41.96
C GLU D 8 7.27 -9.71 42.57
N TYR D 9 7.91 -8.83 41.75
CA TYR D 9 9.10 -8.02 42.13
C TYR D 9 10.29 -8.92 42.63
N LYS D 10 11.20 -9.30 41.69
CA LYS D 10 12.41 -10.14 41.98
C LYS D 10 13.36 -10.05 40.75
N LEU D 11 12.93 -10.68 39.62
CA LEU D 11 13.69 -10.70 38.32
C LEU D 11 13.34 -9.40 37.52
N SER D 12 13.19 -8.28 38.26
CA SER D 12 12.86 -6.94 37.69
C SER D 12 13.16 -5.87 38.77
N ARG D 13 14.45 -5.77 39.07
CA ARG D 13 15.00 -4.83 40.09
C ARG D 13 14.89 -3.35 39.59
N GLU D 14 15.08 -3.11 38.26
CA GLU D 14 15.00 -1.72 37.66
C GLU D 14 15.16 -1.75 36.09
N LYS D 15 16.22 -2.44 35.59
CA LYS D 15 16.57 -2.46 34.11
C LYS D 15 15.44 -3.06 33.20
N LYS D 16 14.75 -4.17 33.63
CA LYS D 16 13.66 -4.82 32.78
C LYS D 16 12.51 -3.81 32.52
N LEU D 17 12.16 -3.05 33.57
CA LEU D 17 11.10 -2.01 33.53
C LEU D 17 11.41 -0.86 32.51
N LEU D 18 12.71 -0.39 32.45
CA LEU D 18 13.13 0.74 31.53
C LEU D 18 12.97 0.35 30.06
N LEU D 19 13.41 -0.89 29.79
CA LEU D 19 13.37 -1.55 28.46
C LEU D 19 11.90 -1.73 27.99
N GLN D 20 11.02 -2.15 28.96
CA GLN D 20 9.56 -2.32 28.75
C GLN D 20 8.95 -0.94 28.38
N LEU D 21 9.47 0.12 29.06
CA LEU D 21 9.06 1.54 28.85
C LEU D 21 9.39 1.97 27.36
N GLU D 22 10.58 1.53 26.79
CA GLU D 22 10.97 1.90 25.40
C GLU D 22 9.93 1.32 24.41
N ASN D 23 9.51 0.05 24.67
CA ASN D 23 8.47 -0.65 23.89
C ASN D 23 7.10 0.09 24.00
N ALA D 24 6.74 0.58 25.25
CA ALA D 24 5.44 1.30 25.48
C ALA D 24 5.35 2.56 24.57
N GLU D 25 6.49 3.29 24.43
CA GLU D 25 6.60 4.49 23.52
C GLU D 25 6.36 4.07 22.03
N THR D 26 6.91 2.86 21.66
CA THR D 26 6.87 2.31 20.28
C THR D 26 5.44 2.07 19.75
N LEU D 27 4.52 1.60 20.63
CA LEU D 27 3.08 1.35 20.25
C LEU D 27 2.52 2.70 19.71
N LEU D 28 2.98 3.81 20.35
CA LEU D 28 2.69 5.21 19.94
C LEU D 28 1.25 5.61 20.36
N ALA D 29 1.13 6.09 21.63
CA ALA D 29 -0.12 6.55 22.29
C ALA D 29 0.04 8.09 22.54
N PRO D 30 1.01 8.58 23.40
CA PRO D 30 1.29 10.09 23.61
C PRO D 30 0.92 11.05 22.42
N LEU D 31 1.68 10.96 21.32
CA LEU D 31 1.47 11.76 20.08
C LEU D 31 0.07 11.46 19.46
N HIS D 32 -0.36 10.15 19.50
CA HIS D 32 -1.72 9.73 18.96
C HIS D 32 -2.84 10.49 19.76
N ASP D 33 -2.62 10.65 21.09
CA ASP D 33 -3.56 11.41 22.00
C ASP D 33 -3.67 12.87 21.43
N ALA D 34 -2.52 13.42 20.88
CA ALA D 34 -2.48 14.78 20.25
C ALA D 34 -3.51 14.83 19.06
N LYS D 35 -3.64 13.69 18.27
CA LYS D 35 -4.64 13.64 17.13
C LYS D 35 -6.07 13.90 17.71
N ARG D 36 -6.40 13.33 18.91
CA ARG D 36 -7.76 13.58 19.53
C ARG D 36 -7.92 15.12 19.85
N LYS D 37 -6.83 15.74 20.39
CA LYS D 37 -6.79 17.20 20.79
C LYS D 37 -6.97 18.20 19.59
N ILE D 38 -6.35 17.90 18.40
CA ILE D 38 -6.34 18.82 17.19
C ILE D 38 -7.76 19.15 16.66
N GLU D 39 -8.79 18.45 17.20
CA GLU D 39 -10.24 18.60 16.78
C GLU D 39 -10.69 20.06 16.46
N GLN D 40 -10.03 21.06 17.10
CA GLN D 40 -10.35 22.52 16.92
C GLN D 40 -9.80 23.03 15.52
N GLU D 41 -8.48 23.33 15.46
CA GLU D 41 -7.79 23.87 14.25
C GLU D 41 -7.69 22.83 13.10
N ALA D 42 -8.25 21.60 13.27
CA ALA D 42 -8.21 20.49 12.23
C ALA D 42 -8.56 20.95 10.77
N GLU D 43 -9.11 22.19 10.61
CA GLU D 43 -9.49 22.78 9.29
C GLU D 43 -8.28 22.82 8.30
N ALA D 44 -7.06 22.53 8.81
CA ALA D 44 -5.79 22.51 8.03
C ALA D 44 -5.88 21.55 6.80
N HIS D 45 -6.73 20.49 6.94
CA HIS D 45 -6.97 19.47 5.88
C HIS D 45 -7.89 20.08 4.77
N THR D 46 -9.07 20.58 5.21
CA THR D 46 -10.10 21.20 4.32
C THR D 46 -9.53 22.44 3.56
N ASP D 47 -8.48 23.06 4.15
CA ASP D 47 -7.79 24.26 3.58
C ASP D 47 -7.02 23.90 2.28
N ARG D 48 -6.68 22.58 2.12
CA ARG D 48 -5.92 22.05 0.93
C ARG D 48 -6.92 21.59 -0.16
N VAL D 49 -8.13 21.13 0.26
CA VAL D 49 -9.22 20.67 -0.65
C VAL D 49 -9.89 21.94 -1.25
N ALA D 50 -9.69 23.09 -0.54
CA ALA D 50 -10.23 24.42 -0.94
C ALA D 50 -9.53 24.93 -2.23
N TRP D 51 -8.36 24.30 -2.63
CA TRP D 51 -7.61 24.69 -3.88
C TRP D 51 -8.58 24.65 -5.10
N ALA D 52 -9.56 23.73 -4.99
CA ALA D 52 -10.62 23.47 -6.00
C ALA D 52 -11.65 24.65 -6.06
N GLY D 53 -11.60 25.57 -5.06
CA GLY D 53 -12.52 26.73 -4.95
C GLY D 53 -12.34 27.76 -6.09
N PHE D 54 -11.06 27.98 -6.54
CA PHE D 54 -10.72 28.95 -7.62
C PHE D 54 -11.26 28.48 -9.00
N ALA D 55 -11.36 27.13 -9.19
CA ALA D 55 -11.85 26.51 -10.45
C ALA D 55 -13.38 26.77 -10.65
N ALA D 56 -14.15 26.60 -9.54
CA ALA D 56 -15.63 26.78 -9.50
C ALA D 56 -16.03 28.28 -9.49
N SER D 57 -15.11 29.17 -9.02
CA SER D 57 -15.38 30.65 -8.91
C SER D 57 -15.48 31.34 -10.29
N GLY D 58 -14.78 30.77 -11.29
CA GLY D 58 -14.71 31.32 -12.67
C GLY D 58 -16.06 31.43 -13.45
N VAL D 59 -16.91 30.37 -13.35
CA VAL D 59 -18.21 30.28 -14.12
C VAL D 59 -19.36 31.20 -13.66
N GLN D 60 -19.41 31.68 -12.37
CA GLN D 60 -20.54 32.57 -11.88
C GLN D 60 -20.71 33.78 -12.87
N THR D 61 -19.54 34.27 -13.36
CA THR D 61 -19.46 35.36 -14.38
C THR D 61 -19.82 34.80 -15.78
N GLY D 62 -19.61 33.48 -15.95
CA GLY D 62 -19.88 32.71 -17.20
C GLY D 62 -21.39 32.60 -17.48
N LEU D 63 -22.20 32.43 -16.39
CA LEU D 63 -23.72 32.29 -16.51
C LEU D 63 -24.36 33.57 -17.18
N PHE D 64 -23.81 34.76 -16.80
CA PHE D 64 -24.23 36.09 -17.34
C PHE D 64 -24.04 36.07 -18.88
N ALA D 65 -22.93 35.41 -19.31
CA ALA D 65 -22.56 35.27 -20.75
C ALA D 65 -23.69 34.55 -21.57
N ARG D 66 -24.38 33.46 -21.00
CA ARG D 66 -25.50 32.75 -21.75
C ARG D 66 -26.63 33.77 -22.03
N LEU D 67 -26.95 34.63 -21.01
CA LEU D 67 -28.02 35.69 -21.12
C LEU D 67 -27.65 36.73 -22.24
N THR D 68 -26.34 37.11 -22.31
CA THR D 68 -25.81 38.12 -23.28
C THR D 68 -25.98 37.70 -24.79
N TRP D 69 -25.76 36.38 -25.11
CA TRP D 69 -25.84 35.82 -26.52
C TRP D 69 -26.91 34.71 -26.60
N TRP D 70 -28.05 34.99 -25.93
CA TRP D 70 -29.21 34.05 -25.85
C TRP D 70 -29.95 33.85 -27.21
N GLU D 71 -29.76 34.79 -28.19
CA GLU D 71 -30.52 34.81 -29.50
C GLU D 71 -30.01 33.88 -30.66
N TYR D 72 -28.68 33.54 -30.79
CA TYR D 72 -28.18 32.76 -31.97
C TYR D 72 -28.78 31.31 -32.07
N SER D 73 -28.79 30.54 -30.93
CA SER D 73 -29.31 29.12 -30.91
C SER D 73 -29.74 28.67 -29.47
N TRP D 74 -28.94 29.07 -28.45
CA TRP D 74 -29.17 28.79 -26.98
C TRP D 74 -28.52 27.49 -26.50
N ASP D 75 -28.55 26.44 -27.36
CA ASP D 75 -27.97 25.11 -27.13
C ASP D 75 -26.45 25.30 -26.80
N ILE D 76 -26.18 25.60 -25.52
CA ILE D 76 -24.82 25.96 -25.00
C ILE D 76 -24.84 25.64 -23.48
N VAL D 77 -26.01 25.11 -22.95
CA VAL D 77 -26.20 24.78 -21.51
C VAL D 77 -25.15 23.76 -21.02
N GLU D 78 -25.32 23.29 -19.75
CA GLU D 78 -24.43 22.32 -19.08
C GLU D 78 -23.04 22.90 -18.53
N PRO D 79 -22.58 24.22 -18.68
CA PRO D 79 -21.16 24.60 -18.21
C PRO D 79 -20.80 24.41 -16.72
N VAL D 80 -21.74 24.76 -15.80
CA VAL D 80 -21.43 24.73 -14.34
C VAL D 80 -21.01 23.32 -13.81
N THR D 81 -21.70 22.20 -14.22
CA THR D 81 -21.29 20.86 -13.72
C THR D 81 -19.86 20.41 -14.16
N TYR D 82 -19.44 20.63 -15.48
CA TYR D 82 -18.08 20.16 -15.93
C TYR D 82 -16.97 20.84 -15.10
N PHE D 83 -17.12 22.16 -14.76
CA PHE D 83 -16.16 22.82 -13.80
C PHE D 83 -16.27 22.07 -12.41
N ALA D 84 -17.52 21.66 -11.99
CA ALA D 84 -17.71 20.86 -10.71
C ALA D 84 -16.91 19.51 -10.81
N THR D 85 -16.91 18.84 -12.02
CA THR D 85 -16.13 17.56 -12.25
C THR D 85 -14.62 17.82 -11.98
N TYR D 86 -14.10 19.04 -12.35
CA TYR D 86 -12.65 19.41 -12.10
C TYR D 86 -12.40 19.27 -10.56
N SER D 87 -13.41 19.68 -9.75
CA SER D 87 -13.41 19.46 -8.27
C SER D 87 -13.40 17.91 -7.89
N THR D 88 -14.16 17.02 -8.64
CA THR D 88 -14.27 15.54 -8.27
C THR D 88 -12.87 14.81 -8.28
N VAL D 89 -12.05 15.11 -9.32
CA VAL D 89 -10.63 14.63 -9.45
C VAL D 89 -9.81 15.18 -8.24
N ALA D 90 -10.12 16.45 -7.80
CA ALA D 90 -9.42 17.08 -6.62
C ALA D 90 -9.62 16.16 -5.35
N ALA D 91 -10.86 15.55 -5.18
CA ALA D 91 -11.15 14.61 -4.03
C ALA D 91 -10.14 13.41 -4.07
N THR D 92 -9.83 12.90 -5.32
CA THR D 92 -8.88 11.73 -5.50
C THR D 92 -7.47 12.06 -4.95
N PHE D 93 -6.95 13.32 -5.17
CA PHE D 93 -5.60 13.73 -4.60
C PHE D 93 -5.65 13.65 -3.05
N GLY D 94 -6.81 14.05 -2.50
CA GLY D 94 -7.10 14.08 -1.05
C GLY D 94 -6.71 12.83 -0.24
N TYR D 95 -6.52 11.70 -0.94
CA TYR D 95 -6.15 10.38 -0.33
C TYR D 95 -4.65 10.26 -0.04
N TYR D 96 -3.85 11.11 -0.73
CA TYR D 96 -2.36 11.14 -0.60
C TYR D 96 -1.92 11.79 0.75
N LEU D 97 -2.31 13.08 0.91
CA LEU D 97 -1.89 13.93 2.08
C LEU D 97 -2.40 13.55 3.54
N TYR D 98 -3.46 12.69 3.77
CA TYR D 98 -4.07 12.50 5.18
C TYR D 98 -3.03 12.47 6.37
N THR D 99 -2.17 11.44 6.38
CA THR D 99 -1.14 11.24 7.43
C THR D 99 0.03 12.28 7.32
N GLN D 100 0.51 12.60 6.07
CA GLN D 100 1.64 13.57 5.82
C GLN D 100 1.26 15.08 6.10
N GLN D 101 -0.05 15.48 5.96
CA GLN D 101 -0.50 16.93 6.11
C GLN D 101 0.06 17.58 7.40
N SER D 102 0.27 16.73 8.42
CA SER D 102 0.83 17.12 9.72
C SER D 102 2.32 17.49 9.58
N PHE D 103 3.08 16.76 8.69
CA PHE D 103 4.54 17.01 8.47
C PHE D 103 4.79 18.34 7.71
N GLU D 104 3.82 18.72 6.85
CA GLU D 104 3.91 19.91 5.95
C GLU D 104 3.92 21.30 6.69
N TYR D 105 2.93 21.54 7.61
CA TYR D 105 2.75 22.88 8.31
C TYR D 105 4.09 23.46 8.96
N PRO D 106 4.89 22.70 9.79
CA PRO D 106 6.21 23.24 10.39
C PRO D 106 7.23 23.75 9.32
N SER D 107 8.51 23.92 9.77
CA SER D 107 9.66 24.37 8.94
C SER D 107 9.50 25.82 8.41
N ALA D 108 8.47 26.04 7.55
CA ALA D 108 8.17 27.36 6.90
C ALA D 108 7.58 28.38 7.94
N ARG D 109 8.12 28.36 9.19
CA ARG D 109 7.69 29.27 10.31
C ARG D 109 8.77 29.22 11.44
N GLU D 110 9.86 28.43 11.20
CA GLU D 110 11.00 28.27 12.15
C GLU D 110 12.25 27.82 11.37
N ARG D 111 13.32 27.40 12.11
CA ARG D 111 14.60 26.92 11.52
C ARG D 111 15.44 26.17 12.60
N VAL D 112 14.73 25.60 13.60
CA VAL D 112 15.33 24.81 14.73
C VAL D 112 16.34 25.68 15.55
N TYR D 113 15.97 26.05 16.82
CA TYR D 113 16.81 26.86 17.74
C TYR D 113 16.22 26.82 19.18
N THR D 114 15.17 25.96 19.39
CA THR D 114 14.48 25.80 20.71
C THR D 114 13.54 24.56 20.62
N LYS D 115 13.53 23.70 21.69
CA LYS D 115 12.69 22.47 21.78
C LYS D 115 11.39 22.81 22.58
N GLN D 116 10.20 22.47 22.03
CA GLN D 116 8.88 22.71 22.69
C GLN D 116 8.68 21.65 23.80
N PHE D 117 7.40 21.22 24.06
CA PHE D 117 7.05 20.19 25.10
C PHE D 117 7.66 18.81 24.71
N TYR D 118 7.22 17.73 25.43
CA TYR D 118 7.70 16.32 25.19
C TYR D 118 7.44 15.87 23.72
N ARG D 119 6.19 16.08 23.24
CA ARG D 119 5.74 15.73 21.86
C ARG D 119 6.37 16.73 20.84
N ARG D 120 6.77 16.24 19.63
CA ARG D 120 7.39 17.08 18.57
C ARG D 120 6.27 17.88 17.83
N ALA D 121 5.88 17.50 16.57
CA ALA D 121 4.81 18.19 15.79
C ALA D 121 4.41 17.33 14.54
N GLN D 122 4.53 15.98 14.69
CA GLN D 122 4.21 14.97 13.62
C GLN D 122 2.82 14.31 13.91
N LYS D 123 1.87 15.13 14.46
CA LYS D 123 0.47 14.68 14.82
C LYS D 123 -0.28 13.97 13.65
N GLN D 124 -1.58 13.64 13.89
CA GLN D 124 -2.48 12.92 12.95
C GLN D 124 -2.05 11.42 12.88
N ASN D 125 -1.70 10.90 11.67
CA ASN D 125 -1.19 9.49 11.45
C ASN D 125 -2.09 8.33 12.05
N PHE D 126 -2.28 7.22 11.27
CA PHE D 126 -3.04 6.01 11.71
C PHE D 126 -2.59 4.81 10.84
N ASP D 127 -1.40 4.92 10.14
CA ASP D 127 -0.87 3.84 9.24
C ASP D 127 0.69 3.95 9.02
N ILE D 128 1.32 5.11 8.50
CA ILE D 128 2.85 5.13 8.30
C ILE D 128 3.57 4.93 9.70
N GLU D 129 3.12 5.67 10.78
CA GLU D 129 3.74 5.57 12.15
C GLU D 129 3.49 4.19 12.81
N LYS D 130 2.31 3.56 12.56
CA LYS D 130 1.94 2.25 13.20
C LYS D 130 2.93 1.10 12.82
N TYR D 131 3.21 0.86 11.50
CA TYR D 131 4.15 -0.19 11.05
C TYR D 131 5.63 0.17 11.33
N ASN D 132 6.06 1.40 10.92
CA ASN D 132 7.50 1.85 11.06
C ASN D 132 8.05 1.65 12.48
N ARG D 133 7.30 2.17 13.41
CA ARG D 133 7.66 2.14 14.85
C ARG D 133 7.74 0.67 15.36
N LEU D 134 6.69 -0.15 15.08
CA LEU D 134 6.64 -1.59 15.54
C LEU D 134 7.95 -2.37 15.21
N VAL D 135 8.36 -2.35 13.93
CA VAL D 135 9.66 -2.97 13.53
C VAL D 135 10.89 -2.32 14.33
N THR D 136 10.83 -1.00 14.81
CA THR D 136 11.99 -0.45 15.68
C THR D 136 12.08 -1.32 16.98
N GLU D 137 10.92 -1.90 17.46
CA GLU D 137 10.91 -2.83 18.68
C GLU D 137 11.93 -3.96 18.44
N VAL D 138 11.97 -4.37 17.15
CA VAL D 138 12.92 -5.42 16.63
C VAL D 138 14.41 -4.94 16.84
N ASP D 139 14.69 -3.63 16.59
CA ASP D 139 16.09 -3.07 16.75
C ASP D 139 16.59 -3.24 18.24
N GLU D 140 15.63 -3.18 19.23
CA GLU D 140 15.96 -3.34 20.68
C GLU D 140 16.41 -4.82 20.92
N LEU D 141 15.75 -5.74 20.14
CA LEU D 141 16.05 -7.22 20.18
C LEU D 141 17.56 -7.48 19.88
N ARG D 142 18.09 -6.68 18.92
CA ARG D 142 19.54 -6.77 18.49
C ARG D 142 20.47 -6.29 19.66
N ASN D 143 20.01 -5.34 20.57
CA ASN D 143 20.93 -4.85 21.67
C ASN D 143 21.20 -5.92 22.79
N GLN D 144 20.11 -6.54 23.34
CA GLN D 144 20.25 -7.56 24.46
C GLN D 144 20.96 -8.85 23.94
N LEU D 145 20.73 -9.20 22.65
CA LEU D 145 21.37 -10.39 22.02
C LEU D 145 22.93 -10.26 22.02
N LYS D 146 23.43 -9.11 21.54
CA LYS D 146 24.90 -8.83 21.44
C LYS D 146 25.64 -9.15 22.79
N ARG D 147 25.03 -8.73 24.01
CA ARG D 147 25.74 -9.05 25.29
C ARG D 147 25.89 -10.60 25.41
N LEU D 148 24.78 -11.40 25.14
CA LEU D 148 24.86 -12.92 25.19
C LEU D 148 26.02 -13.52 24.32
N ARG D 149 26.25 -12.98 23.09
CA ARG D 149 27.28 -13.53 22.13
C ARG D 149 28.73 -13.45 22.69
N ASP D 150 29.06 -12.45 23.58
CA ASP D 150 30.48 -12.35 24.13
C ASP D 150 30.92 -13.63 25.07
N PRO D 151 30.19 -14.07 26.16
CA PRO D 151 30.57 -15.34 27.01
C PRO D 151 30.22 -16.71 26.32
N LEU D 152 30.16 -17.77 27.17
CA LEU D 152 29.80 -19.20 26.83
C LEU D 152 30.98 -19.97 26.19
N GLU D 153 31.88 -19.21 25.55
CA GLU D 153 33.12 -19.71 24.89
C GLU D 153 32.82 -20.78 23.80
N MET E 1 -15.85 -31.62 43.00
CA MET E 1 -14.69 -31.70 43.93
C MET E 1 -13.40 -31.72 43.05
N ALA E 2 -12.46 -30.74 43.29
CA ALA E 2 -11.18 -30.61 42.53
C ALA E 2 -11.44 -30.42 40.99
N ALA E 3 -12.59 -29.79 40.66
CA ALA E 3 -13.03 -29.52 39.26
C ALA E 3 -12.04 -28.54 38.54
N LEU E 4 -11.64 -27.46 39.25
CA LEU E 4 -10.71 -26.40 38.73
C LEU E 4 -9.27 -26.91 38.55
N SER E 5 -9.06 -28.24 38.78
CA SER E 5 -7.73 -28.93 38.66
C SER E 5 -6.66 -28.29 39.62
N VAL E 6 -6.52 -28.88 40.85
CA VAL E 6 -5.57 -28.41 41.91
C VAL E 6 -4.08 -28.59 41.43
N ASP E 7 -3.14 -28.90 42.38
CA ASP E 7 -1.68 -29.08 42.11
C ASP E 7 -1.39 -30.10 40.94
N GLU E 8 -0.97 -31.36 41.26
CA GLU E 8 -0.64 -32.42 40.26
C GLU E 8 0.55 -31.96 39.35
N TYR E 9 0.40 -32.02 37.99
CA TYR E 9 1.46 -31.62 37.01
C TYR E 9 1.76 -30.09 37.13
N LYS E 10 0.66 -29.29 37.26
CA LYS E 10 0.72 -27.80 37.41
C LYS E 10 1.40 -27.44 38.78
N LEU E 11 2.67 -26.92 38.76
CA LEU E 11 3.42 -26.55 39.99
C LEU E 11 4.60 -25.58 39.63
N SER E 12 5.73 -26.14 39.13
CA SER E 12 6.95 -25.35 38.75
C SER E 12 6.84 -24.93 37.27
N ARG E 13 6.54 -25.92 36.42
CA ARG E 13 6.41 -25.78 34.94
C ARG E 13 5.26 -24.79 34.55
N GLU E 14 4.42 -24.41 35.54
CA GLU E 14 3.25 -23.49 35.37
C GLU E 14 3.60 -22.20 34.58
N LYS E 15 4.85 -21.70 34.77
CA LYS E 15 5.35 -20.45 34.12
C LYS E 15 5.36 -20.57 32.56
N LYS E 16 5.76 -21.77 32.06
CA LYS E 16 5.87 -22.06 30.59
C LYS E 16 4.49 -21.88 29.88
N LEU E 17 3.40 -22.37 30.54
CA LEU E 17 2.00 -22.28 30.01
C LEU E 17 1.54 -20.78 29.86
N LEU E 18 1.90 -19.92 30.86
CA LEU E 18 1.48 -18.46 30.84
C LEU E 18 2.07 -17.73 29.59
N LEU E 19 3.38 -17.98 29.29
CA LEU E 19 4.07 -17.37 28.10
C LEU E 19 3.42 -17.85 26.75
N GLN E 20 3.04 -19.17 26.66
CA GLN E 20 2.33 -19.75 25.48
C GLN E 20 0.99 -18.97 25.29
N LEU E 21 0.35 -18.62 26.45
CA LEU E 21 -0.93 -17.85 26.49
C LEU E 21 -0.73 -16.43 25.83
N GLU E 22 0.46 -15.73 26.08
CA GLU E 22 0.72 -14.38 25.50
C GLU E 22 0.71 -14.45 23.94
N ASN E 23 1.34 -15.52 23.37
CA ASN E 23 1.37 -15.73 21.88
C ASN E 23 -0.08 -15.92 21.34
N ALA E 24 -0.89 -16.73 22.09
CA ALA E 24 -2.32 -17.00 21.77
C ALA E 24 -3.17 -15.69 21.83
N GLU E 25 -2.89 -14.82 22.85
CA GLU E 25 -3.66 -13.53 23.05
C GLU E 25 -3.50 -12.60 21.81
N THR E 26 -2.25 -12.50 21.26
CA THR E 26 -1.97 -11.66 20.06
C THR E 26 -2.73 -12.16 18.79
N LEU E 27 -2.81 -13.52 18.60
CA LEU E 27 -3.55 -14.14 17.42
C LEU E 27 -5.07 -13.76 17.46
N LEU E 28 -5.64 -13.79 18.70
CA LEU E 28 -7.09 -13.51 19.03
C LEU E 28 -8.10 -13.71 17.84
N ALA E 29 -8.24 -14.98 17.37
CA ALA E 29 -9.22 -15.38 16.31
C ALA E 29 -10.62 -15.25 17.00
N PRO E 30 -10.87 -15.94 18.15
CA PRO E 30 -12.13 -15.74 19.02
C PRO E 30 -12.75 -14.29 18.99
N LEU E 31 -12.02 -13.30 19.54
CA LEU E 31 -12.40 -11.87 19.60
C LEU E 31 -12.58 -11.28 18.17
N HIS E 32 -11.69 -11.68 17.19
CA HIS E 32 -11.71 -11.10 15.78
C HIS E 32 -13.12 -11.34 15.14
N ASP E 33 -13.75 -12.55 15.36
CA ASP E 33 -15.14 -12.81 14.83
C ASP E 33 -16.15 -11.78 15.47
N ALA E 34 -15.97 -11.46 16.81
CA ALA E 34 -16.84 -10.47 17.52
C ALA E 34 -16.70 -9.05 16.86
N LYS E 35 -15.44 -8.63 16.46
CA LYS E 35 -15.18 -7.32 15.76
C LYS E 35 -15.93 -7.33 14.39
N ARG E 36 -15.91 -8.50 13.72
CA ARG E 36 -16.53 -8.77 12.38
C ARG E 36 -18.07 -8.53 12.40
N LYS E 37 -18.73 -8.86 13.55
CA LYS E 37 -20.24 -8.80 13.69
C LYS E 37 -20.82 -7.39 13.35
N ILE E 38 -20.12 -6.29 13.74
CA ILE E 38 -20.57 -4.86 13.48
C ILE E 38 -20.88 -4.65 11.95
N GLU E 39 -20.27 -5.50 11.08
CA GLU E 39 -20.44 -5.44 9.58
C GLU E 39 -21.95 -5.36 9.16
N GLN E 40 -22.83 -5.96 10.01
CA GLN E 40 -24.31 -5.98 9.78
C GLN E 40 -24.90 -4.60 10.21
N GLU E 41 -24.69 -4.26 11.50
CA GLU E 41 -25.17 -2.98 12.13
C GLU E 41 -24.41 -1.74 11.57
N ALA E 42 -23.47 -1.98 10.61
CA ALA E 42 -22.63 -0.91 9.97
C ALA E 42 -23.47 0.17 9.25
N GLU E 43 -24.82 0.06 9.26
CA GLU E 43 -25.76 1.06 8.62
C GLU E 43 -25.51 2.52 9.13
N ALA E 44 -24.67 2.65 10.18
CA ALA E 44 -24.29 3.92 10.82
C ALA E 44 -23.49 4.87 9.86
N HIS E 45 -22.23 4.45 9.53
CA HIS E 45 -21.27 5.24 8.71
C HIS E 45 -21.73 5.39 7.24
N THR E 46 -22.77 4.63 6.80
CA THR E 46 -23.30 4.73 5.40
C THR E 46 -23.89 6.15 5.14
N ASP E 47 -24.04 6.94 6.24
CA ASP E 47 -24.59 8.33 6.21
C ASP E 47 -23.64 9.28 5.41
N ARG E 48 -22.28 9.07 5.49
CA ARG E 48 -21.26 9.90 4.78
C ARG E 48 -21.05 9.38 3.34
N VAL E 49 -21.56 8.15 3.06
CA VAL E 49 -21.52 7.52 1.69
C VAL E 49 -22.84 7.92 0.97
N ALA E 50 -23.91 8.12 1.79
CA ALA E 50 -25.26 8.55 1.31
C ALA E 50 -25.21 9.98 0.75
N TRP E 51 -24.05 10.69 0.96
CA TRP E 51 -23.81 12.08 0.45
C TRP E 51 -24.12 12.13 -1.07
N ALA E 52 -23.80 10.99 -1.69
CA ALA E 52 -23.95 10.70 -3.13
C ALA E 52 -25.44 10.69 -3.61
N GLY E 53 -26.37 10.23 -2.74
CA GLY E 53 -27.83 10.10 -3.06
C GLY E 53 -28.55 11.43 -3.41
N PHE E 54 -28.20 12.55 -2.70
CA PHE E 54 -28.86 13.88 -2.89
C PHE E 54 -28.51 14.50 -4.28
N ALA E 55 -27.29 14.23 -4.80
CA ALA E 55 -26.78 14.78 -6.09
C ALA E 55 -27.64 14.30 -7.32
N ALA E 56 -27.91 12.98 -7.37
CA ALA E 56 -28.68 12.33 -8.50
C ALA E 56 -30.20 12.61 -8.42
N SER E 57 -30.74 12.78 -7.19
CA SER E 57 -32.20 13.00 -6.95
C SER E 57 -32.66 14.41 -7.40
N GLY E 58 -31.74 15.39 -7.31
CA GLY E 58 -32.01 16.82 -7.64
C GLY E 58 -32.43 17.09 -9.11
N VAL E 59 -31.84 16.34 -10.08
CA VAL E 59 -32.10 16.55 -11.56
C VAL E 59 -33.49 16.06 -11.99
N GLN E 60 -34.10 15.10 -11.24
CA GLN E 60 -35.43 14.50 -11.56
C GLN E 60 -36.50 15.60 -11.90
N THR E 61 -36.42 16.74 -11.17
CA THR E 61 -37.32 17.92 -11.38
C THR E 61 -36.87 18.71 -12.64
N GLY E 62 -35.58 18.55 -12.99
CA GLY E 62 -34.92 19.20 -14.16
C GLY E 62 -35.43 18.65 -15.50
N LEU E 63 -35.74 17.31 -15.54
CA LEU E 63 -36.25 16.64 -16.80
C LEU E 63 -37.61 17.28 -17.27
N PHE E 64 -38.46 17.58 -16.26
CA PHE E 64 -39.78 18.23 -16.44
C PHE E 64 -39.59 19.61 -17.13
N ALA E 65 -38.50 20.32 -16.73
CA ALA E 65 -38.16 21.67 -17.27
C ALA E 65 -37.94 21.63 -18.83
N ARG E 66 -37.27 20.55 -19.40
CA ARG E 66 -37.07 20.46 -20.90
C ARG E 66 -38.46 20.40 -21.60
N LEU E 67 -39.37 19.59 -20.98
CA LEU E 67 -40.78 19.41 -21.47
C LEU E 67 -41.61 20.74 -21.44
N THR E 68 -41.39 21.56 -20.38
CA THR E 68 -42.18 22.79 -20.06
C THR E 68 -42.17 23.91 -21.15
N TRP E 69 -41.00 24.23 -21.81
CA TRP E 69 -40.93 25.34 -22.84
C TRP E 69 -40.95 24.77 -24.28
N TRP E 70 -40.00 23.88 -24.58
CA TRP E 70 -39.84 23.25 -25.95
C TRP E 70 -39.67 24.31 -27.14
N GLU E 71 -40.03 25.62 -26.93
CA GLU E 71 -40.00 26.70 -27.97
C GLU E 71 -38.61 27.38 -28.08
N TYR E 72 -37.76 27.32 -26.99
CA TYR E 72 -36.39 27.91 -26.99
C TYR E 72 -35.58 27.35 -28.21
N SER E 73 -35.57 26.00 -28.30
CA SER E 73 -34.94 25.21 -29.40
C SER E 73 -35.24 23.72 -29.07
N TRP E 74 -34.19 23.04 -28.57
CA TRP E 74 -34.11 21.66 -28.11
C TRP E 74 -32.58 21.44 -27.86
N ASP E 75 -32.04 20.21 -28.01
CA ASP E 75 -30.58 19.86 -27.79
C ASP E 75 -30.06 20.50 -26.47
N ILE E 76 -30.24 19.78 -25.34
CA ILE E 76 -29.91 20.25 -23.95
C ILE E 76 -29.54 18.98 -23.14
N VAL E 77 -29.54 17.77 -23.78
CA VAL E 77 -29.28 16.48 -23.09
C VAL E 77 -27.95 16.47 -22.30
N GLU E 78 -27.69 15.31 -21.65
CA GLU E 78 -26.50 15.02 -20.76
C GLU E 78 -26.67 15.41 -19.23
N PRO E 79 -27.64 16.26 -18.69
CA PRO E 79 -27.50 16.68 -17.22
C PRO E 79 -27.53 15.55 -16.12
N VAL E 80 -28.47 14.57 -16.23
CA VAL E 80 -28.56 13.47 -15.19
C VAL E 80 -27.32 12.55 -15.11
N THR E 81 -26.76 12.09 -16.27
CA THR E 81 -25.60 11.18 -16.23
C THR E 81 -24.28 11.78 -15.60
N TYR E 82 -23.87 13.08 -15.92
CA TYR E 82 -22.61 13.65 -15.32
C TYR E 82 -22.69 13.76 -13.76
N PHE E 83 -23.88 14.17 -13.17
CA PHE E 83 -24.02 14.22 -11.68
C PHE E 83 -23.84 12.76 -11.13
N ALA E 84 -24.40 11.75 -11.87
CA ALA E 84 -24.27 10.29 -11.51
C ALA E 84 -22.76 9.86 -11.48
N THR E 85 -21.90 10.34 -12.45
CA THR E 85 -20.41 10.01 -12.46
C THR E 85 -19.80 10.50 -11.12
N TYR E 86 -20.29 11.67 -10.63
CA TYR E 86 -19.83 12.25 -9.32
C TYR E 86 -20.16 11.19 -8.17
N SER E 87 -21.33 10.51 -8.29
CA SER E 87 -21.75 9.42 -7.32
C SER E 87 -20.69 8.27 -7.33
N THR E 88 -20.18 7.94 -8.54
CA THR E 88 -19.16 6.87 -8.72
C THR E 88 -17.83 7.17 -7.95
N VAL E 89 -17.34 8.48 -7.94
CA VAL E 89 -16.08 8.82 -7.13
C VAL E 89 -16.35 8.45 -5.64
N ALA E 90 -17.63 8.66 -5.16
CA ALA E 90 -17.98 8.32 -3.73
C ALA E 90 -17.67 6.81 -3.50
N ALA E 91 -17.98 5.93 -4.54
CA ALA E 91 -17.63 4.45 -4.45
C ALA E 91 -16.07 4.31 -4.31
N THR E 92 -15.31 5.15 -5.09
CA THR E 92 -13.84 5.17 -5.07
C THR E 92 -13.28 5.57 -3.68
N PHE E 93 -13.92 6.57 -2.97
CA PHE E 93 -13.46 7.06 -1.63
C PHE E 93 -13.44 5.89 -0.58
N GLY E 94 -14.45 5.02 -0.72
CA GLY E 94 -14.73 3.87 0.17
C GLY E 94 -13.52 3.06 0.73
N TYR E 95 -12.52 2.70 -0.14
CA TYR E 95 -11.31 1.86 0.29
C TYR E 95 -10.58 2.41 1.57
N TYR E 96 -10.74 3.72 1.85
CA TYR E 96 -10.10 4.41 2.99
C TYR E 96 -10.91 4.17 4.29
N LEU E 97 -12.19 4.60 4.28
CA LEU E 97 -13.15 4.46 5.45
C LEU E 97 -13.56 2.97 5.70
N TYR E 98 -13.36 2.06 4.70
CA TYR E 98 -13.85 0.62 4.77
C TYR E 98 -13.52 -0.10 6.12
N THR E 99 -12.20 -0.27 6.47
CA THR E 99 -11.79 -0.95 7.75
C THR E 99 -12.15 -0.05 9.01
N GLN E 100 -11.78 1.26 8.95
CA GLN E 100 -11.97 2.27 10.05
C GLN E 100 -13.43 2.44 10.59
N GLN E 101 -14.49 2.18 9.77
CA GLN E 101 -15.92 2.48 10.17
C GLN E 101 -16.30 1.97 11.58
N SER E 102 -15.64 0.88 12.01
CA SER E 102 -15.86 0.27 13.35
C SER E 102 -15.43 1.26 14.48
N PHE E 103 -14.42 2.14 14.19
CA PHE E 103 -13.91 3.13 15.20
C PHE E 103 -14.95 4.26 15.49
N GLU E 104 -15.68 4.67 14.41
CA GLU E 104 -16.69 5.77 14.45
C GLU E 104 -17.98 5.40 15.27
N TYR E 105 -18.59 4.22 14.98
CA TYR E 105 -19.88 3.78 15.61
C TYR E 105 -19.93 3.84 17.20
N PRO E 106 -18.96 3.30 18.01
CA PRO E 106 -19.05 3.37 19.55
C PRO E 106 -18.87 4.83 20.05
N SER E 107 -18.52 5.76 19.11
CA SER E 107 -18.29 7.21 19.40
C SER E 107 -17.19 7.41 20.48
N ALA E 108 -16.96 8.68 20.91
CA ALA E 108 -15.96 9.03 21.96
C ALA E 108 -16.33 8.36 23.31
N ARG E 109 -17.66 8.16 23.53
CA ARG E 109 -18.26 7.51 24.73
C ARG E 109 -17.99 8.28 26.07
N GLU E 110 -16.84 9.00 26.18
CA GLU E 110 -16.45 9.77 27.40
C GLU E 110 -16.33 8.83 28.63
N ARG E 111 -15.98 9.41 29.81
CA ARG E 111 -15.81 8.67 31.10
C ARG E 111 -14.77 7.51 30.93
N VAL E 112 -13.45 7.86 30.97
CA VAL E 112 -12.31 6.92 30.80
C VAL E 112 -12.32 5.82 31.94
N TYR E 113 -11.61 6.08 33.07
CA TYR E 113 -11.51 5.15 34.24
C TYR E 113 -10.95 3.74 33.83
N THR E 114 -11.85 2.84 33.30
CA THR E 114 -11.50 1.44 32.87
C THR E 114 -12.18 1.11 31.51
N LYS E 115 -13.46 1.52 31.36
CA LYS E 115 -14.32 1.28 30.14
C LYS E 115 -14.17 -0.17 29.57
N GLN E 116 -14.53 -0.39 28.26
CA GLN E 116 -14.44 -1.72 27.58
C GLN E 116 -12.96 -2.03 27.19
N PHE E 117 -12.00 -1.54 28.02
CA PHE E 117 -10.53 -1.74 27.84
C PHE E 117 -10.05 -1.19 26.47
N TYR E 118 -8.74 -1.38 26.17
CA TYR E 118 -8.10 -0.93 24.88
C TYR E 118 -8.74 -1.66 23.67
N ARG E 119 -9.49 -2.75 23.97
CA ARG E 119 -10.20 -3.61 22.98
C ARG E 119 -11.38 -2.81 22.34
N ARG E 120 -11.98 -1.90 23.15
CA ARG E 120 -13.14 -1.04 22.72
C ARG E 120 -14.35 -1.90 22.22
N ALA E 121 -14.36 -3.20 22.63
CA ALA E 121 -15.41 -4.21 22.25
C ALA E 121 -15.38 -4.49 20.72
N GLN E 122 -15.80 -3.46 19.94
CA GLN E 122 -15.85 -3.47 18.45
C GLN E 122 -14.65 -2.59 17.96
N LYS E 123 -13.94 -3.03 16.88
CA LYS E 123 -12.74 -2.31 16.32
C LYS E 123 -12.52 -2.76 14.84
N GLN E 124 -11.68 -1.98 14.09
CA GLN E 124 -11.35 -2.21 12.65
C GLN E 124 -10.67 -3.60 12.43
N ASN E 125 -10.99 -4.37 11.32
CA ASN E 125 -10.37 -5.69 11.03
C ASN E 125 -10.61 -6.19 9.56
N PHE E 126 -9.56 -6.01 8.73
CA PHE E 126 -9.45 -6.42 7.32
C PHE E 126 -8.17 -5.69 6.79
N ASP E 127 -7.04 -6.42 6.79
CA ASP E 127 -5.70 -5.97 6.32
C ASP E 127 -4.94 -4.94 7.25
N ILE E 128 -5.57 -3.83 7.86
CA ILE E 128 -4.76 -2.86 8.75
C ILE E 128 -4.41 -3.61 10.10
N GLU E 129 -5.44 -4.25 10.75
CA GLU E 129 -5.27 -4.99 12.06
C GLU E 129 -4.29 -6.20 11.92
N LYS E 130 -4.56 -7.02 10.89
CA LYS E 130 -3.82 -8.29 10.60
C LYS E 130 -2.27 -8.10 10.54
N TYR E 131 -1.77 -7.11 9.75
CA TYR E 131 -0.33 -6.82 9.59
C TYR E 131 0.33 -6.24 10.90
N ASN E 132 -0.32 -5.23 11.57
CA ASN E 132 0.31 -4.58 12.77
C ASN E 132 0.36 -5.53 14.00
N ARG E 133 -0.81 -6.11 14.25
CA ARG E 133 -1.06 -6.99 15.44
C ARG E 133 -0.06 -8.20 15.57
N LEU E 134 0.14 -9.05 14.49
CA LEU E 134 1.12 -10.21 14.63
C LEU E 134 2.60 -9.70 14.72
N VAL E 135 3.11 -8.67 13.88
CA VAL E 135 4.55 -8.24 14.11
C VAL E 135 4.73 -7.90 15.71
N THR E 136 3.61 -7.44 16.39
CA THR E 136 3.61 -7.16 17.89
C THR E 136 3.98 -8.46 18.67
N GLU E 137 3.56 -9.63 18.11
CA GLU E 137 3.90 -10.98 18.70
C GLU E 137 5.46 -11.07 18.91
N VAL E 138 6.19 -10.49 17.90
CA VAL E 138 7.70 -10.41 17.93
C VAL E 138 8.15 -9.60 19.20
N ASP E 139 7.30 -8.62 19.62
CA ASP E 139 7.59 -7.80 20.87
C ASP E 139 7.62 -8.71 22.15
N GLU E 140 6.68 -9.72 22.20
CA GLU E 140 6.56 -10.63 23.39
C GLU E 140 7.89 -11.40 23.64
N LEU E 141 8.52 -11.95 22.55
CA LEU E 141 9.84 -12.66 22.73
C LEU E 141 10.92 -11.64 23.25
N ARG E 142 10.79 -10.29 22.92
CA ARG E 142 11.75 -9.22 23.43
C ARG E 142 11.72 -9.27 25.00
N ASN E 143 10.53 -9.65 25.63
CA ASN E 143 10.49 -9.76 27.14
C ASN E 143 11.32 -11.00 27.61
N GLN E 144 11.17 -12.13 26.87
CA GLN E 144 11.88 -13.39 27.21
C GLN E 144 13.41 -13.28 27.00
N LEU E 145 13.89 -12.56 25.93
CA LEU E 145 15.35 -12.37 25.64
C LEU E 145 16.08 -11.70 26.85
N LYS E 146 15.54 -10.60 27.45
CA LYS E 146 16.24 -9.95 28.62
C LYS E 146 16.46 -10.96 29.78
N ARG E 147 15.41 -11.78 30.19
CA ARG E 147 15.61 -12.72 31.35
C ARG E 147 16.62 -13.83 30.93
N LEU E 148 16.65 -14.16 29.59
CA LEU E 148 17.62 -15.13 28.96
C LEU E 148 19.09 -14.52 29.12
N ARG E 149 19.21 -13.15 28.91
CA ARG E 149 20.52 -12.40 28.95
C ARG E 149 21.24 -12.39 30.33
N ASP E 150 20.51 -12.34 31.50
CA ASP E 150 21.22 -12.36 32.86
C ASP E 150 22.25 -13.61 32.95
N PRO E 151 21.84 -14.91 32.66
CA PRO E 151 22.76 -16.14 32.50
C PRO E 151 24.17 -15.87 31.94
N LEU E 152 25.08 -16.88 32.09
CA LEU E 152 26.48 -16.83 31.63
C LEU E 152 27.08 -17.99 32.46
N GLU E 153 27.43 -19.06 31.76
CA GLU E 153 27.97 -20.33 32.37
C GLU E 153 29.47 -20.17 32.70
N MET A 1 33.71 -39.42 12.06
CA MET A 1 33.35 -40.02 10.74
C MET A 1 31.86 -40.42 10.75
N ALA A 2 31.36 -40.87 9.58
CA ALA A 2 29.95 -41.31 9.37
C ALA A 2 28.93 -40.18 9.70
N ALA A 3 27.62 -40.49 9.57
CA ALA A 3 26.48 -39.56 9.83
C ALA A 3 26.56 -38.29 8.92
N LEU A 4 25.53 -37.43 9.05
CA LEU A 4 25.40 -36.16 8.27
C LEU A 4 26.50 -35.14 8.73
N SER A 5 27.14 -34.43 7.74
CA SER A 5 28.21 -33.41 7.99
C SER A 5 29.40 -33.98 8.81
N VAL A 6 30.40 -33.10 9.07
CA VAL A 6 31.64 -33.43 9.85
C VAL A 6 31.30 -33.80 11.34
N ASP A 7 30.76 -35.03 11.52
CA ASP A 7 30.35 -35.61 12.84
C ASP A 7 29.16 -34.79 13.44
N GLU A 8 28.13 -35.50 13.97
CA GLU A 8 26.90 -34.88 14.58
C GLU A 8 26.15 -36.01 15.35
N TYR A 9 26.17 -35.97 16.72
CA TYR A 9 25.50 -36.96 17.60
C TYR A 9 23.97 -36.67 17.62
N LYS A 10 23.39 -36.56 16.40
CA LYS A 10 21.95 -36.29 16.16
C LYS A 10 21.55 -34.85 16.65
N LEU A 11 21.08 -34.71 17.92
CA LEU A 11 20.64 -33.40 18.51
C LEU A 11 19.50 -32.78 17.64
N SER A 12 18.45 -33.61 17.41
CA SER A 12 17.26 -33.25 16.58
C SER A 12 16.19 -34.34 16.78
N ARG A 13 16.55 -35.58 16.38
CA ARG A 13 15.71 -36.79 16.46
C ARG A 13 14.49 -36.68 15.50
N GLU A 14 13.60 -35.68 15.76
CA GLU A 14 12.37 -35.44 14.93
C GLU A 14 11.85 -33.96 15.09
N LYS A 15 11.98 -33.37 16.31
CA LYS A 15 11.41 -32.01 16.61
C LYS A 15 11.99 -30.85 15.72
N LYS A 16 13.33 -30.81 15.45
CA LYS A 16 13.94 -29.72 14.61
C LYS A 16 13.33 -29.75 13.18
N LEU A 17 13.21 -31.00 12.65
CA LEU A 17 12.63 -31.27 11.30
C LEU A 17 11.14 -30.83 11.21
N LEU A 18 10.35 -31.11 12.28
CA LEU A 18 8.87 -30.81 12.30
C LEU A 18 8.58 -29.28 12.13
N LEU A 19 9.35 -28.42 12.87
CA LEU A 19 9.23 -26.92 12.75
C LEU A 19 9.63 -26.44 11.31
N GLN A 20 10.74 -27.00 10.72
CA GLN A 20 11.22 -26.61 9.34
C GLN A 20 10.09 -26.91 8.32
N LEU A 21 9.41 -28.08 8.52
CA LEU A 21 8.23 -28.51 7.72
C LEU A 21 7.07 -27.47 7.91
N GLU A 22 6.89 -26.93 9.18
CA GLU A 22 5.80 -25.95 9.49
C GLU A 22 5.99 -24.66 8.64
N ASN A 23 7.29 -24.22 8.47
CA ASN A 23 7.58 -23.00 7.64
C ASN A 23 7.12 -23.22 6.17
N ALA A 24 7.37 -24.45 5.61
CA ALA A 24 6.97 -24.77 4.20
C ALA A 24 5.43 -24.65 4.01
N GLU A 25 4.65 -25.13 5.03
CA GLU A 25 3.15 -25.02 5.05
C GLU A 25 2.70 -23.53 5.04
N THR A 26 3.43 -22.65 5.82
CA THR A 26 3.10 -21.21 6.00
C THR A 26 3.12 -20.41 4.69
N LEU A 27 4.13 -20.67 3.79
CA LEU A 27 4.23 -19.94 2.47
C LEU A 27 2.92 -20.21 1.67
N LEU A 28 2.41 -21.47 1.76
CA LEU A 28 1.13 -21.89 1.12
C LEU A 28 1.16 -21.61 -0.41
N ALA A 29 1.67 -22.60 -1.19
CA ALA A 29 1.81 -22.55 -2.66
C ALA A 29 1.08 -23.76 -3.38
N PRO A 30 0.80 -24.94 -2.73
CA PRO A 30 0.17 -26.12 -3.46
C PRO A 30 -1.37 -25.94 -3.52
N LEU A 31 -1.95 -25.54 -2.38
CA LEU A 31 -3.40 -25.24 -2.26
C LEU A 31 -3.70 -24.08 -3.25
N HIS A 32 -2.74 -23.11 -3.33
CA HIS A 32 -2.85 -21.95 -4.27
C HIS A 32 -2.88 -22.49 -5.76
N ASP A 33 -2.02 -23.53 -6.03
CA ASP A 33 -1.94 -24.21 -7.37
C ASP A 33 -3.33 -24.86 -7.71
N ALA A 34 -4.03 -25.42 -6.68
CA ALA A 34 -5.39 -26.03 -6.85
C ALA A 34 -6.36 -24.93 -7.40
N LYS A 35 -6.19 -23.65 -6.89
CA LYS A 35 -7.03 -22.47 -7.33
C LYS A 35 -6.86 -22.27 -8.87
N ARG A 36 -5.59 -22.43 -9.36
CA ARG A 36 -5.22 -22.30 -10.82
C ARG A 36 -6.00 -23.34 -11.68
N LYS A 37 -6.21 -24.57 -11.14
CA LYS A 37 -6.91 -25.71 -11.89
C LYS A 37 -8.34 -25.24 -12.34
N ILE A 38 -9.02 -24.47 -11.45
CA ILE A 38 -10.37 -23.87 -11.68
C ILE A 38 -10.31 -22.76 -12.80
N GLU A 39 -9.12 -22.56 -13.45
CA GLU A 39 -8.78 -21.43 -14.44
C GLU A 39 -9.98 -20.64 -15.06
N GLN A 40 -11.15 -21.28 -15.28
CA GLN A 40 -12.37 -20.60 -15.82
C GLN A 40 -12.97 -19.62 -14.75
N GLU A 41 -12.50 -19.72 -13.46
CA GLU A 41 -13.00 -18.88 -12.32
C GLU A 41 -12.73 -17.38 -12.49
N ALA A 42 -12.03 -16.98 -13.58
CA ALA A 42 -11.75 -15.53 -13.85
C ALA A 42 -13.09 -14.78 -14.17
N GLU A 43 -14.19 -15.57 -14.25
CA GLU A 43 -15.58 -15.10 -14.49
C GLU A 43 -16.33 -15.06 -13.11
N ALA A 44 -15.76 -15.78 -12.08
CA ALA A 44 -16.36 -15.85 -10.71
C ALA A 44 -16.41 -14.45 -10.04
N HIS A 45 -15.39 -13.59 -10.36
CA HIS A 45 -15.26 -12.21 -9.79
C HIS A 45 -16.17 -11.21 -10.53
N THR A 46 -16.27 -11.37 -11.88
CA THR A 46 -17.07 -10.47 -12.78
C THR A 46 -18.57 -10.42 -12.36
N ASP A 47 -19.00 -11.41 -11.52
CA ASP A 47 -20.39 -11.51 -11.00
C ASP A 47 -20.73 -10.29 -10.08
N ARG A 48 -19.68 -9.71 -9.44
CA ARG A 48 -19.80 -8.52 -8.53
C ARG A 48 -19.63 -7.20 -9.33
N VAL A 49 -18.84 -7.24 -10.44
CA VAL A 49 -18.60 -6.05 -11.31
C VAL A 49 -19.86 -5.87 -12.20
N ALA A 50 -20.65 -6.98 -12.32
CA ALA A 50 -21.92 -7.03 -13.11
C ALA A 50 -22.96 -6.03 -12.54
N TRP A 51 -22.72 -5.53 -11.27
CA TRP A 51 -23.62 -4.53 -10.60
C TRP A 51 -23.86 -3.32 -11.58
N ALA A 52 -22.75 -3.02 -12.32
CA ALA A 52 -22.64 -1.92 -13.30
C ALA A 52 -23.15 -2.35 -14.71
N GLY A 53 -23.38 -3.67 -14.93
CA GLY A 53 -23.85 -4.22 -16.24
C GLY A 53 -25.25 -3.69 -16.62
N PHE A 54 -26.07 -3.38 -15.57
CA PHE A 54 -27.46 -2.87 -15.73
C PHE A 54 -27.44 -1.36 -16.15
N ALA A 55 -26.34 -0.64 -15.82
CA ALA A 55 -26.17 0.82 -16.13
C ALA A 55 -26.16 1.08 -17.67
N ALA A 56 -25.34 0.29 -18.39
CA ALA A 56 -25.16 0.40 -19.87
C ALA A 56 -26.44 0.03 -20.68
N SER A 57 -27.32 -0.82 -20.08
CA SER A 57 -28.57 -1.30 -20.74
C SER A 57 -29.58 -0.16 -21.03
N GLY A 58 -29.50 0.93 -20.23
CA GLY A 58 -30.41 2.09 -20.33
C GLY A 58 -30.40 2.82 -21.71
N VAL A 59 -29.18 3.20 -22.20
CA VAL A 59 -28.99 3.98 -23.48
C VAL A 59 -29.16 3.17 -24.79
N GLN A 60 -28.98 1.80 -24.78
CA GLN A 60 -29.10 0.97 -26.04
C GLN A 60 -30.45 1.26 -26.78
N THR A 61 -31.51 1.51 -25.98
CA THR A 61 -32.88 1.84 -26.47
C THR A 61 -32.93 3.31 -26.99
N GLY A 62 -32.02 4.15 -26.48
CA GLY A 62 -31.95 5.61 -26.80
C GLY A 62 -31.65 5.93 -28.29
N LEU A 63 -30.81 5.10 -28.95
CA LEU A 63 -30.40 5.30 -30.40
C LEU A 63 -31.64 5.26 -31.37
N PHE A 64 -32.56 4.33 -31.05
CA PHE A 64 -33.84 4.13 -31.79
C PHE A 64 -34.63 5.47 -31.75
N ALA A 65 -34.55 6.18 -30.57
CA ALA A 65 -35.27 7.47 -30.35
C ALA A 65 -34.89 8.56 -31.42
N ARG A 66 -33.56 8.72 -31.87
CA ARG A 66 -33.23 9.76 -32.94
C ARG A 66 -34.04 9.42 -34.22
N LEU A 67 -34.13 8.10 -34.57
CA LEU A 67 -34.89 7.67 -35.81
C LEU A 67 -36.44 8.01 -35.74
N THR A 68 -37.10 7.79 -34.55
CA THR A 68 -38.58 8.03 -34.35
C THR A 68 -39.00 9.52 -34.54
N TRP A 69 -38.18 10.48 -34.03
CA TRP A 69 -38.47 11.96 -34.06
C TRP A 69 -37.37 12.74 -34.78
N TRP A 70 -36.89 12.12 -35.86
CA TRP A 70 -35.80 12.63 -36.74
C TRP A 70 -35.97 14.12 -37.24
N GLU A 71 -37.11 14.81 -36.90
CA GLU A 71 -37.40 16.24 -37.34
C GLU A 71 -37.18 17.28 -36.20
N TYR A 72 -37.19 16.86 -34.89
CA TYR A 72 -37.01 17.79 -33.73
C TYR A 72 -35.71 18.66 -33.85
N SER A 73 -34.53 18.00 -34.02
CA SER A 73 -33.19 18.69 -34.15
C SER A 73 -32.10 17.70 -34.67
N TRP A 74 -32.13 16.46 -34.14
CA TRP A 74 -31.18 15.34 -34.48
C TRP A 74 -29.91 15.43 -33.60
N ASP A 75 -29.30 16.64 -33.56
CA ASP A 75 -28.10 16.96 -32.74
C ASP A 75 -28.47 16.63 -31.25
N ILE A 76 -28.13 15.40 -30.85
CA ILE A 76 -28.45 14.79 -29.52
C ILE A 76 -27.42 13.65 -29.38
N VAL A 77 -26.34 13.57 -30.29
CA VAL A 77 -25.30 12.51 -30.21
C VAL A 77 -24.57 12.62 -28.85
N GLU A 78 -23.46 11.85 -28.66
CA GLU A 78 -22.64 11.85 -27.41
C GLU A 78 -23.13 10.94 -26.15
N PRO A 79 -24.41 10.42 -25.96
CA PRO A 79 -24.79 9.67 -24.65
C PRO A 79 -23.99 8.36 -24.34
N VAL A 80 -23.77 7.52 -25.38
CA VAL A 80 -23.17 6.16 -25.18
C VAL A 80 -21.75 6.15 -24.53
N THR A 81 -20.80 7.06 -24.88
CA THR A 81 -19.43 6.98 -24.28
C THR A 81 -19.37 7.17 -22.72
N TYR A 82 -20.13 8.14 -22.07
CA TYR A 82 -20.04 8.32 -20.56
C TYR A 82 -20.50 7.02 -19.86
N PHE A 83 -21.60 6.41 -20.40
CA PHE A 83 -22.15 5.14 -19.80
C PHE A 83 -21.05 4.02 -19.83
N ALA A 84 -20.24 3.96 -20.95
CA ALA A 84 -19.10 2.98 -21.06
C ALA A 84 -18.06 3.32 -19.95
N THR A 85 -17.84 4.66 -19.77
CA THR A 85 -16.90 5.23 -18.76
C THR A 85 -17.34 4.87 -17.32
N TYR A 86 -18.67 4.88 -17.08
CA TYR A 86 -19.27 4.57 -15.73
C TYR A 86 -18.84 3.11 -15.35
N SER A 87 -18.88 2.19 -16.36
CA SER A 87 -18.41 0.77 -16.19
C SER A 87 -16.89 0.71 -15.82
N THR A 88 -16.01 1.58 -16.44
CA THR A 88 -14.53 1.61 -16.12
C THR A 88 -14.32 1.94 -14.61
N VAL A 89 -15.13 2.89 -14.02
CA VAL A 89 -15.00 3.23 -12.55
C VAL A 89 -15.21 1.92 -11.71
N ALA A 90 -16.15 1.06 -12.21
CA ALA A 90 -16.47 -0.26 -11.56
C ALA A 90 -15.16 -1.08 -11.48
N ALA A 91 -14.30 -0.96 -12.56
CA ALA A 91 -12.96 -1.65 -12.59
C ALA A 91 -12.12 -1.15 -11.37
N THR A 92 -12.24 0.19 -11.09
CA THR A 92 -11.55 0.87 -9.95
C THR A 92 -12.00 0.27 -8.58
N PHE A 93 -13.34 -0.07 -8.37
CA PHE A 93 -13.81 -0.70 -7.04
C PHE A 93 -13.01 -2.00 -6.80
N GLY A 94 -12.76 -2.68 -7.92
CA GLY A 94 -12.03 -3.94 -7.99
C GLY A 94 -10.76 -4.07 -7.11
N TYR A 95 -10.15 -2.94 -6.63
CA TYR A 95 -8.88 -2.99 -5.79
C TYR A 95 -9.14 -3.57 -4.36
N TYR A 96 -10.39 -3.48 -3.89
CA TYR A 96 -10.81 -3.93 -2.53
C TYR A 96 -11.01 -5.46 -2.49
N LEU A 97 -11.96 -5.93 -3.33
CA LEU A 97 -12.36 -7.36 -3.42
C LEU A 97 -11.33 -8.28 -4.18
N TYR A 98 -10.37 -7.69 -4.95
CA TYR A 98 -9.42 -8.45 -5.87
C TYR A 98 -8.88 -9.83 -5.31
N THR A 99 -8.07 -9.83 -4.21
CA THR A 99 -7.52 -11.10 -3.61
C THR A 99 -8.65 -11.95 -2.91
N GLN A 100 -9.61 -11.23 -2.29
CA GLN A 100 -10.79 -11.80 -1.55
C GLN A 100 -11.83 -12.51 -2.47
N GLN A 101 -11.87 -12.12 -3.77
CA GLN A 101 -12.96 -12.52 -4.74
C GLN A 101 -13.39 -14.02 -4.69
N SER A 102 -12.47 -14.92 -4.32
CA SER A 102 -12.77 -16.40 -4.20
C SER A 102 -13.90 -16.66 -3.16
N PHE A 103 -13.99 -15.75 -2.14
CA PHE A 103 -15.00 -15.83 -1.03
C PHE A 103 -16.48 -15.98 -1.55
N GLU A 104 -16.78 -15.41 -2.75
CA GLU A 104 -18.17 -15.43 -3.34
C GLU A 104 -18.60 -16.85 -3.83
N TYR A 105 -17.65 -17.62 -4.44
CA TYR A 105 -17.92 -18.98 -5.04
C TYR A 105 -18.71 -19.99 -4.11
N PRO A 106 -18.34 -20.27 -2.80
CA PRO A 106 -19.13 -21.21 -1.85
C PRO A 106 -20.69 -21.26 -2.08
N SER A 107 -21.29 -20.06 -2.28
CA SER A 107 -22.76 -19.87 -2.51
C SER A 107 -23.19 -20.50 -3.87
N ALA A 108 -24.52 -20.58 -4.11
CA ALA A 108 -25.11 -21.16 -5.36
C ALA A 108 -24.63 -22.62 -5.60
N ARG A 109 -24.35 -23.33 -4.46
CA ARG A 109 -23.86 -24.74 -4.45
C ARG A 109 -24.05 -25.27 -3.00
N GLU A 110 -25.05 -26.19 -2.80
CA GLU A 110 -25.39 -26.81 -1.48
C GLU A 110 -25.91 -25.71 -0.48
N ARG A 111 -26.83 -26.10 0.45
CA ARG A 111 -27.44 -25.15 1.46
C ARG A 111 -28.01 -25.98 2.64
N VAL A 112 -27.45 -27.21 2.86
CA VAL A 112 -27.86 -28.15 3.96
C VAL A 112 -27.07 -27.76 5.24
N TYR A 113 -26.91 -26.43 5.45
CA TYR A 113 -26.19 -25.83 6.62
C TYR A 113 -24.71 -26.34 6.73
N THR A 114 -24.01 -26.41 5.57
CA THR A 114 -22.58 -26.85 5.49
C THR A 114 -22.00 -26.47 4.10
N LYS A 115 -20.64 -26.38 4.01
CA LYS A 115 -19.88 -26.02 2.77
C LYS A 115 -19.31 -27.31 2.12
N GLN A 116 -18.33 -27.14 1.17
CA GLN A 116 -17.67 -28.27 0.45
C GLN A 116 -16.73 -29.07 1.41
N PHE A 117 -16.20 -28.37 2.46
CA PHE A 117 -15.27 -28.95 3.49
C PHE A 117 -13.96 -29.51 2.82
N TYR A 118 -12.76 -29.01 3.27
CA TYR A 118 -11.44 -29.45 2.75
C TYR A 118 -10.35 -29.00 3.76
N ARG A 119 -10.63 -29.27 5.06
CA ARG A 119 -9.74 -28.95 6.22
C ARG A 119 -9.58 -27.40 6.36
N ARG A 120 -10.72 -26.69 6.11
CA ARG A 120 -10.80 -25.20 6.17
C ARG A 120 -9.74 -24.52 5.22
N ALA A 121 -8.53 -24.21 5.77
CA ALA A 121 -7.40 -23.58 5.03
C ALA A 121 -7.85 -22.24 4.33
N GLN A 122 -7.47 -22.02 3.03
CA GLN A 122 -7.82 -20.80 2.26
C GLN A 122 -7.50 -21.03 0.76
N LYS A 123 -7.59 -19.93 -0.07
CA LYS A 123 -7.35 -19.98 -1.55
C LYS A 123 -7.18 -18.53 -2.10
N GLN A 124 -6.55 -18.41 -3.31
CA GLN A 124 -6.23 -17.11 -4.01
C GLN A 124 -5.15 -16.34 -3.15
N ASN A 125 -4.03 -15.81 -3.77
CA ASN A 125 -2.94 -15.10 -3.04
C ASN A 125 -2.03 -14.39 -4.07
N PHE A 126 -1.47 -13.22 -3.67
CA PHE A 126 -0.53 -12.41 -4.48
C PHE A 126 0.00 -11.26 -3.56
N ASP A 127 -0.66 -11.02 -2.37
CA ASP A 127 -0.24 -9.93 -1.42
C ASP A 127 -0.83 -10.11 0.04
N ILE A 128 -2.21 -10.13 0.23
CA ILE A 128 -2.81 -10.20 1.64
C ILE A 128 -2.48 -11.56 2.31
N GLU A 129 -2.70 -12.70 1.59
CA GLU A 129 -2.41 -14.06 2.14
C GLU A 129 -0.87 -14.23 2.31
N LYS A 130 -0.07 -13.66 1.37
CA LYS A 130 1.43 -13.76 1.41
C LYS A 130 2.03 -13.00 2.64
N TYR A 131 1.68 -11.68 2.88
CA TYR A 131 2.23 -10.90 4.01
C TYR A 131 1.79 -11.42 5.42
N ASN A 132 0.46 -11.62 5.60
CA ASN A 132 -0.15 -12.06 6.89
C ASN A 132 0.47 -13.38 7.40
N ARG A 133 0.46 -14.33 6.50
CA ARG A 133 0.94 -15.73 6.84
C ARG A 133 2.48 -15.82 7.18
N LEU A 134 3.42 -15.30 6.31
CA LEU A 134 4.89 -15.46 6.62
C LEU A 134 5.35 -14.60 7.85
N VAL A 135 4.80 -13.33 8.04
CA VAL A 135 5.15 -12.55 9.28
C VAL A 135 4.73 -13.45 10.57
N THR A 136 3.62 -14.33 10.48
CA THR A 136 3.29 -15.28 11.65
C THR A 136 4.51 -16.22 11.88
N GLU A 137 5.29 -16.56 10.79
CA GLU A 137 6.53 -17.46 10.96
C GLU A 137 7.45 -16.80 12.05
N VAL A 138 7.41 -15.42 12.10
CA VAL A 138 8.18 -14.63 13.16
C VAL A 138 7.66 -15.05 14.58
N ASP A 139 6.32 -15.22 14.68
CA ASP A 139 5.68 -15.61 15.99
C ASP A 139 6.13 -17.06 16.47
N GLU A 140 6.47 -17.96 15.49
CA GLU A 140 6.89 -19.37 15.82
C GLU A 140 8.27 -19.36 16.50
N LEU A 141 9.22 -18.46 16.05
CA LEU A 141 10.56 -18.35 16.76
C LEU A 141 10.29 -17.86 18.22
N ARG A 142 9.17 -17.06 18.47
CA ARG A 142 8.80 -16.63 19.90
C ARG A 142 8.69 -17.92 20.79
N ASN A 143 8.22 -19.09 20.18
CA ASN A 143 8.13 -20.38 20.97
C ASN A 143 9.55 -20.97 21.29
N GLN A 144 10.50 -20.80 20.34
CA GLN A 144 11.89 -21.34 20.49
C GLN A 144 12.70 -20.62 21.64
N LEU A 145 12.58 -19.25 21.78
CA LEU A 145 13.29 -18.48 22.89
C LEU A 145 12.76 -18.96 24.27
N LYS A 146 11.42 -19.19 24.33
CA LYS A 146 10.72 -19.60 25.57
C LYS A 146 11.44 -20.80 26.28
N ARG A 147 11.77 -21.92 25.51
CA ARG A 147 12.46 -23.06 26.18
C ARG A 147 13.89 -22.61 26.59
N LEU A 148 14.69 -21.99 25.64
CA LEU A 148 16.08 -21.47 25.99
C LEU A 148 16.10 -20.57 27.29
N ARG A 149 14.98 -19.85 27.54
CA ARG A 149 14.86 -18.91 28.71
C ARG A 149 14.79 -19.68 30.06
N ASP A 150 14.14 -20.91 30.11
CA ASP A 150 14.03 -21.67 31.44
C ASP A 150 15.45 -22.17 32.00
N PRO A 151 16.36 -22.91 31.26
CA PRO A 151 17.78 -23.30 31.80
C PRO A 151 18.64 -22.02 32.02
N LEU A 152 20.02 -22.11 31.87
CA LEU A 152 20.92 -20.92 31.97
C LEU A 152 20.87 -20.30 30.55
N GLU A 153 21.72 -20.88 29.69
CA GLU A 153 21.91 -20.52 28.27
C GLU A 153 20.64 -20.78 27.43
N MET B 1 48.14 -13.54 -0.30
CA MET B 1 49.31 -14.45 -0.09
C MET B 1 49.56 -15.26 -1.39
N ALA B 2 48.50 -15.41 -2.23
CA ALA B 2 48.55 -16.15 -3.52
C ALA B 2 47.28 -15.81 -4.34
N ALA B 3 46.09 -16.09 -3.72
CA ALA B 3 44.76 -15.84 -4.33
C ALA B 3 43.66 -15.97 -3.22
N LEU B 4 43.28 -17.24 -2.89
CA LEU B 4 42.26 -17.57 -1.85
C LEU B 4 40.87 -16.97 -2.20
N SER B 5 39.83 -17.34 -1.40
CA SER B 5 38.43 -16.86 -1.57
C SER B 5 38.32 -15.36 -1.16
N VAL B 6 38.67 -15.09 0.12
CA VAL B 6 38.65 -13.73 0.75
C VAL B 6 39.78 -13.69 1.83
N ASP B 7 39.47 -14.13 3.08
CA ASP B 7 40.44 -14.16 4.23
C ASP B 7 40.11 -15.37 5.13
N GLU B 8 40.86 -15.49 6.26
CA GLU B 8 40.72 -16.58 7.26
C GLU B 8 41.56 -16.21 8.52
N TYR B 9 41.08 -15.18 9.27
CA TYR B 9 41.72 -14.65 10.51
C TYR B 9 42.07 -15.79 11.54
N LYS B 10 41.01 -16.36 12.18
CA LYS B 10 41.13 -17.46 13.19
C LYS B 10 39.75 -18.08 13.50
N LEU B 11 38.73 -17.78 12.63
CA LEU B 11 37.33 -18.30 12.77
C LEU B 11 36.60 -18.06 11.42
N SER B 12 35.50 -18.83 11.17
CA SER B 12 34.67 -18.78 9.93
C SER B 12 35.47 -19.39 8.76
N ARG B 13 35.59 -20.73 8.84
CA ARG B 13 36.32 -21.58 7.87
C ARG B 13 35.50 -21.70 6.54
N GLU B 14 34.20 -22.13 6.64
CA GLU B 14 33.30 -22.30 5.46
C GLU B 14 31.80 -22.45 5.89
N LYS B 15 31.52 -23.16 7.03
CA LYS B 15 30.10 -23.40 7.49
C LYS B 15 29.32 -22.09 7.80
N LYS B 16 30.00 -21.12 8.49
CA LYS B 16 29.37 -19.80 8.88
C LYS B 16 28.98 -19.02 7.58
N LEU B 17 29.89 -19.07 6.58
CA LEU B 17 29.74 -18.44 5.24
C LEU B 17 28.49 -19.01 4.50
N LEU B 18 28.27 -20.36 4.64
CA LEU B 18 27.14 -21.08 3.94
C LEU B 18 25.76 -20.49 4.39
N LEU B 19 25.55 -20.22 5.72
CA LEU B 19 24.27 -19.56 6.22
C LEU B 19 24.16 -18.10 5.62
N GLN B 20 25.33 -17.36 5.59
CA GLN B 20 25.42 -15.98 5.03
C GLN B 20 25.03 -16.02 3.53
N LEU B 21 25.45 -17.10 2.81
CA LEU B 21 25.14 -17.30 1.36
C LEU B 21 23.59 -17.39 1.14
N GLU B 22 22.81 -18.07 2.09
CA GLU B 22 21.32 -18.17 1.94
C GLU B 22 20.71 -16.75 1.96
N ASN B 23 21.25 -15.90 2.89
CA ASN B 23 20.83 -14.46 3.04
C ASN B 23 21.09 -13.67 1.72
N ALA B 24 22.28 -13.93 1.08
CA ALA B 24 22.68 -13.25 -0.20
C ALA B 24 21.67 -13.55 -1.36
N GLU B 25 21.18 -14.83 -1.46
CA GLU B 25 20.17 -15.23 -2.51
C GLU B 25 18.85 -14.42 -2.33
N THR B 26 18.42 -14.29 -1.03
CA THR B 26 17.17 -13.58 -0.65
C THR B 26 17.17 -12.07 -1.02
N LEU B 27 18.33 -11.40 -0.82
CA LEU B 27 18.51 -9.92 -1.09
C LEU B 27 18.26 -9.61 -2.61
N LEU B 28 18.76 -10.51 -3.50
CA LEU B 28 18.70 -10.41 -5.00
C LEU B 28 18.61 -8.96 -5.57
N ALA B 29 19.56 -8.09 -5.09
CA ALA B 29 19.73 -6.69 -5.55
C ALA B 29 20.07 -6.77 -7.07
N PRO B 30 21.03 -7.67 -7.51
CA PRO B 30 21.30 -7.98 -8.99
C PRO B 30 20.17 -7.62 -10.01
N LEU B 31 19.05 -8.39 -10.01
CA LEU B 31 17.90 -8.18 -10.91
C LEU B 31 17.25 -6.77 -10.69
N HIS B 32 17.10 -6.35 -9.38
CA HIS B 32 16.46 -5.01 -9.05
C HIS B 32 17.32 -3.80 -9.60
N ASP B 33 18.68 -3.86 -9.40
CA ASP B 33 19.65 -2.83 -9.91
C ASP B 33 19.64 -2.80 -11.46
N ALA B 34 19.56 -4.03 -12.07
CA ALA B 34 19.55 -4.22 -13.54
C ALA B 34 18.34 -3.49 -14.19
N LYS B 35 17.13 -3.52 -13.52
CA LYS B 35 15.91 -2.82 -14.05
C LYS B 35 16.18 -1.29 -14.17
N ARG B 36 16.87 -0.72 -13.13
CA ARG B 36 17.21 0.74 -13.10
C ARG B 36 18.15 1.14 -14.30
N LYS B 37 19.12 0.25 -14.61
CA LYS B 37 20.13 0.47 -15.70
C LYS B 37 19.49 0.63 -17.12
N ILE B 38 18.44 -0.20 -17.43
CA ILE B 38 17.71 -0.22 -18.76
C ILE B 38 16.43 0.63 -18.77
N GLU B 39 16.12 1.32 -17.63
CA GLU B 39 14.87 2.15 -17.40
C GLU B 39 14.07 2.63 -18.69
N GLN B 40 14.79 2.99 -19.79
CA GLN B 40 14.16 3.47 -21.06
C GLN B 40 13.30 2.33 -21.71
N GLU B 41 13.76 1.07 -21.53
CA GLU B 41 13.11 -0.17 -22.08
C GLU B 41 11.87 -0.57 -21.22
N ALA B 42 11.74 0.00 -19.98
CA ALA B 42 10.60 -0.33 -19.04
C ALA B 42 9.20 -0.10 -19.67
N GLU B 43 9.14 0.45 -20.91
CA GLU B 43 7.87 0.67 -21.66
C GLU B 43 7.16 -0.69 -21.95
N ALA B 44 7.82 -1.81 -21.58
CA ALA B 44 7.32 -3.21 -21.75
C ALA B 44 5.91 -3.38 -21.08
N HIS B 45 5.60 -2.47 -20.11
CA HIS B 45 4.32 -2.48 -19.34
C HIS B 45 3.13 -1.97 -20.21
N THR B 46 3.41 -0.98 -21.10
CA THR B 46 2.38 -0.33 -21.97
C THR B 46 1.60 -1.36 -22.84
N ASP B 47 2.18 -2.57 -22.99
CA ASP B 47 1.57 -3.68 -23.79
C ASP B 47 0.19 -4.11 -23.19
N ARG B 48 0.04 -3.90 -21.85
CA ARG B 48 -1.20 -4.25 -21.08
C ARG B 48 -2.18 -3.04 -21.05
N VAL B 49 -1.64 -1.79 -21.09
CA VAL B 49 -2.46 -0.54 -21.10
C VAL B 49 -3.04 -0.36 -22.53
N ALA B 50 -2.36 -1.03 -23.50
CA ALA B 50 -2.74 -1.02 -24.94
C ALA B 50 -4.14 -1.69 -25.13
N TRP B 51 -4.65 -2.41 -24.07
CA TRP B 51 -6.02 -3.06 -24.12
C TRP B 51 -7.08 -1.99 -24.55
N ALA B 52 -6.81 -0.77 -24.07
CA ALA B 52 -7.64 0.45 -24.28
C ALA B 52 -7.26 1.19 -25.59
N GLY B 53 -6.14 0.80 -26.24
CA GLY B 53 -5.66 1.45 -27.52
C GLY B 53 -6.70 1.31 -28.66
N PHE B 54 -7.49 0.21 -28.61
CA PHE B 54 -8.55 -0.11 -29.62
C PHE B 54 -9.80 0.81 -29.41
N ALA B 55 -10.03 1.26 -28.14
CA ALA B 55 -11.21 2.12 -27.77
C ALA B 55 -11.20 3.48 -28.54
N ALA B 56 -10.02 4.13 -28.55
CA ALA B 56 -9.81 5.45 -29.21
C ALA B 56 -9.74 5.33 -30.75
N SER B 57 -9.29 4.16 -31.26
CA SER B 57 -9.13 3.89 -32.72
C SER B 57 -10.47 3.92 -33.48
N GLY B 58 -11.58 3.67 -32.75
CA GLY B 58 -12.95 3.63 -33.33
C GLY B 58 -13.38 4.94 -34.04
N VAL B 59 -13.31 6.08 -33.29
CA VAL B 59 -13.75 7.45 -33.79
C VAL B 59 -12.77 8.14 -34.79
N GLN B 60 -11.44 7.79 -34.79
CA GLN B 60 -10.43 8.45 -35.72
C GLN B 60 -10.93 8.42 -37.20
N THR B 61 -11.61 7.32 -37.57
CA THR B 61 -12.21 7.11 -38.93
C THR B 61 -13.50 7.96 -39.09
N GLY B 62 -14.13 8.28 -37.93
CA GLY B 62 -15.39 9.05 -37.84
C GLY B 62 -15.29 10.49 -38.39
N LEU B 63 -14.09 11.13 -38.29
CA LEU B 63 -13.88 12.55 -38.77
C LEU B 63 -14.17 12.66 -40.32
N PHE B 64 -13.68 11.63 -41.08
CA PHE B 64 -13.89 11.51 -42.56
C PHE B 64 -15.41 11.45 -42.86
N ALA B 65 -16.14 10.70 -41.99
CA ALA B 65 -17.61 10.52 -42.07
C ALA B 65 -18.31 11.90 -41.96
N ARG B 66 -17.73 12.83 -41.10
CA ARG B 66 -18.33 14.20 -40.89
C ARG B 66 -18.37 14.93 -42.26
N LEU B 67 -17.28 14.80 -43.08
CA LEU B 67 -17.23 15.43 -44.44
C LEU B 67 -18.35 14.85 -45.39
N THR B 68 -18.53 13.48 -45.39
CA THR B 68 -19.54 12.76 -46.24
C THR B 68 -21.02 13.10 -45.91
N TRP B 69 -21.36 13.18 -44.58
CA TRP B 69 -22.78 13.37 -44.08
C TRP B 69 -23.03 14.73 -43.47
N TRP B 70 -22.40 15.77 -44.09
CA TRP B 70 -22.53 17.21 -43.66
C TRP B 70 -24.02 17.66 -43.38
N GLU B 71 -25.00 16.84 -43.84
CA GLU B 71 -26.47 17.05 -43.66
C GLU B 71 -26.85 16.89 -42.14
N TYR B 72 -28.16 16.96 -41.80
CA TYR B 72 -28.74 16.87 -40.45
C TYR B 72 -28.87 18.30 -39.86
N SER B 73 -27.68 18.88 -39.62
CA SER B 73 -27.49 20.26 -39.05
C SER B 73 -25.97 20.63 -39.10
N TRP B 74 -25.09 19.61 -38.80
CA TRP B 74 -23.57 19.68 -38.80
C TRP B 74 -23.02 19.48 -37.36
N ASP B 75 -23.56 20.28 -36.43
CA ASP B 75 -23.22 20.26 -34.98
C ASP B 75 -23.27 18.80 -34.43
N ILE B 76 -22.08 18.17 -34.36
CA ILE B 76 -21.86 16.75 -33.92
C ILE B 76 -20.34 16.68 -33.52
N VAL B 77 -19.57 17.84 -33.61
CA VAL B 77 -18.11 17.84 -33.30
C VAL B 77 -17.84 17.48 -31.83
N GLU B 78 -16.55 17.61 -31.39
CA GLU B 78 -16.10 17.28 -30.01
C GLU B 78 -15.88 15.71 -29.70
N PRO B 79 -16.18 14.64 -30.55
CA PRO B 79 -16.04 13.18 -30.06
C PRO B 79 -14.62 12.71 -29.60
N VAL B 80 -13.59 13.09 -30.38
CA VAL B 80 -12.22 12.56 -30.14
C VAL B 80 -11.55 12.85 -28.74
N THR B 81 -11.58 14.11 -28.11
CA THR B 81 -10.85 14.25 -26.79
C THR B 81 -11.43 13.39 -25.60
N TYR B 82 -12.80 13.33 -25.42
CA TYR B 82 -13.41 12.54 -24.29
C TYR B 82 -13.03 11.05 -24.43
N PHE B 83 -13.00 10.50 -25.69
CA PHE B 83 -12.54 9.07 -25.90
C PHE B 83 -11.06 8.95 -25.35
N ALA B 84 -10.21 10.01 -25.55
CA ALA B 84 -8.79 10.01 -24.99
C ALA B 84 -8.84 9.86 -23.41
N THR B 85 -9.82 10.55 -22.74
CA THR B 85 -10.03 10.45 -21.23
C THR B 85 -10.31 8.97 -20.84
N TYR B 86 -11.08 8.21 -21.70
CA TYR B 86 -11.41 6.76 -21.42
C TYR B 86 -10.06 5.98 -21.26
N SER B 87 -9.07 6.32 -22.14
CA SER B 87 -7.69 5.71 -22.07
C SER B 87 -6.99 6.06 -20.70
N THR B 88 -7.12 7.33 -20.19
CA THR B 88 -6.46 7.74 -18.89
C THR B 88 -6.96 6.90 -17.67
N VAL B 89 -8.30 6.59 -17.54
CA VAL B 89 -8.83 5.67 -16.42
C VAL B 89 -8.10 4.30 -16.58
N ALA B 90 -7.81 3.87 -17.85
CA ALA B 90 -7.05 2.59 -18.09
C ALA B 90 -5.66 2.73 -17.35
N ALA B 91 -5.06 3.98 -17.38
CA ALA B 91 -3.76 4.28 -16.66
C ALA B 91 -3.92 4.02 -15.13
N THR B 92 -5.12 4.40 -14.58
CA THR B 92 -5.45 4.25 -13.14
C THR B 92 -5.40 2.76 -12.71
N PHE B 93 -5.90 1.81 -13.58
CA PHE B 93 -5.88 0.33 -13.28
C PHE B 93 -4.42 -0.13 -13.03
N GLY B 94 -3.52 0.49 -13.82
CA GLY B 94 -2.07 0.25 -13.82
C GLY B 94 -1.38 0.04 -12.43
N TYR B 95 -1.79 0.83 -11.38
CA TYR B 95 -1.15 0.78 -10.00
C TYR B 95 -0.85 -0.68 -9.48
N TYR B 96 -1.72 -1.61 -9.88
CA TYR B 96 -1.68 -3.05 -9.52
C TYR B 96 -0.67 -3.79 -10.44
N LEU B 97 -0.99 -3.72 -11.75
CA LEU B 97 -0.24 -4.36 -12.86
C LEU B 97 1.34 -4.16 -12.91
N TYR B 98 1.98 -3.15 -12.21
CA TYR B 98 3.48 -2.89 -12.47
C TYR B 98 4.45 -4.06 -12.10
N THR B 99 4.54 -4.40 -10.81
CA THR B 99 5.52 -5.39 -10.28
C THR B 99 5.25 -6.87 -10.69
N GLN B 100 3.95 -7.31 -10.76
CA GLN B 100 3.57 -8.73 -11.14
C GLN B 100 4.28 -9.22 -12.45
N GLN B 101 4.66 -8.27 -13.34
CA GLN B 101 5.27 -8.55 -14.69
C GLN B 101 6.41 -9.62 -14.58
N SER B 102 7.08 -9.69 -13.40
CA SER B 102 8.18 -10.68 -13.13
C SER B 102 7.63 -12.15 -13.17
N PHE B 103 6.41 -12.38 -12.58
CA PHE B 103 5.76 -13.75 -12.56
C PHE B 103 5.25 -14.14 -13.99
N GLU B 104 4.86 -13.11 -14.79
CA GLU B 104 4.30 -13.29 -16.17
C GLU B 104 5.36 -13.78 -17.22
N TYR B 105 6.59 -13.18 -17.21
CA TYR B 105 7.66 -13.50 -18.23
C TYR B 105 8.10 -15.03 -18.32
N PRO B 106 8.45 -15.76 -17.21
CA PRO B 106 8.91 -17.23 -17.31
C PRO B 106 7.72 -18.18 -17.62
N SER B 107 6.47 -17.68 -17.50
CA SER B 107 5.24 -18.49 -17.77
C SER B 107 4.99 -18.66 -19.29
N ALA B 108 5.75 -17.90 -20.14
CA ALA B 108 5.63 -17.94 -21.63
C ALA B 108 6.86 -17.24 -22.27
N ARG B 109 7.47 -17.89 -23.30
CA ARG B 109 8.67 -17.36 -24.05
C ARG B 109 9.87 -17.10 -23.08
N GLU B 110 10.91 -18.00 -23.10
CA GLU B 110 12.13 -17.87 -22.24
C GLU B 110 13.22 -18.84 -22.76
N ARG B 111 14.52 -18.40 -22.67
CA ARG B 111 15.71 -19.20 -23.11
C ARG B 111 16.90 -18.77 -22.21
N VAL B 112 18.08 -19.43 -22.42
CA VAL B 112 19.35 -19.19 -21.66
C VAL B 112 20.55 -19.14 -22.65
N TYR B 113 20.31 -19.57 -23.92
CA TYR B 113 21.35 -19.59 -25.00
C TYR B 113 21.69 -18.13 -25.45
N THR B 114 22.87 -17.95 -26.07
CA THR B 114 23.38 -16.64 -26.59
C THR B 114 23.40 -15.53 -25.49
N LYS B 115 24.01 -14.37 -25.85
CA LYS B 115 24.15 -13.18 -24.95
C LYS B 115 22.77 -12.47 -24.80
N GLN B 116 22.26 -12.36 -23.53
CA GLN B 116 20.96 -11.70 -23.19
C GLN B 116 19.76 -12.36 -23.94
N PHE B 117 18.52 -11.96 -23.52
CA PHE B 117 17.24 -12.47 -24.11
C PHE B 117 17.02 -11.81 -25.51
N TYR B 118 16.29 -12.51 -26.41
CA TYR B 118 15.99 -12.04 -27.80
C TYR B 118 14.94 -10.87 -27.73
N ARG B 119 13.81 -11.14 -27.04
CA ARG B 119 12.68 -10.17 -26.84
C ARG B 119 13.11 -9.02 -25.86
N ARG B 120 14.31 -9.17 -25.24
CA ARG B 120 14.89 -8.20 -24.28
C ARG B 120 14.03 -8.14 -22.98
N ALA B 121 13.68 -9.35 -22.47
CA ALA B 121 12.86 -9.55 -21.25
C ALA B 121 13.60 -9.02 -19.99
N GLN B 122 12.87 -9.01 -18.84
CA GLN B 122 13.39 -8.54 -17.52
C GLN B 122 12.41 -8.93 -16.40
N LYS B 123 12.81 -8.62 -15.14
CA LYS B 123 12.03 -8.87 -13.90
C LYS B 123 12.14 -7.60 -13.01
N GLN B 124 11.01 -6.85 -12.84
CA GLN B 124 10.96 -5.57 -12.05
C GLN B 124 11.43 -5.75 -10.57
N ASN B 125 10.54 -6.30 -9.67
CA ASN B 125 10.82 -6.50 -8.20
C ASN B 125 11.40 -5.18 -7.56
N PHE B 126 10.48 -4.30 -7.01
CA PHE B 126 10.88 -2.98 -6.40
C PHE B 126 9.99 -2.60 -5.18
N ASP B 127 8.91 -3.39 -4.86
CA ASP B 127 8.00 -3.05 -3.70
C ASP B 127 7.19 -4.28 -3.18
N ILE B 128 6.57 -5.14 -4.08
CA ILE B 128 5.78 -6.35 -3.59
C ILE B 128 6.81 -7.37 -3.05
N GLU B 129 7.82 -7.60 -3.92
CA GLU B 129 8.93 -8.57 -3.67
C GLU B 129 9.82 -8.13 -2.49
N LYS B 130 10.26 -6.86 -2.52
CA LYS B 130 11.18 -6.24 -1.52
C LYS B 130 10.73 -6.51 -0.04
N TYR B 131 9.43 -6.24 0.25
CA TYR B 131 8.84 -6.45 1.58
C TYR B 131 8.65 -7.95 1.97
N ASN B 132 7.99 -8.81 1.10
CA ASN B 132 7.74 -10.26 1.49
C ASN B 132 9.05 -11.08 1.50
N ARG B 133 9.78 -10.99 0.39
CA ARG B 133 11.08 -11.74 0.18
C ARG B 133 12.09 -11.52 1.34
N LEU B 134 12.31 -10.22 1.73
CA LEU B 134 13.29 -9.90 2.80
C LEU B 134 12.86 -10.55 4.17
N VAL B 135 11.57 -10.37 4.68
CA VAL B 135 11.13 -11.10 5.92
C VAL B 135 11.45 -12.68 5.74
N THR B 136 11.48 -13.29 4.47
CA THR B 136 11.88 -14.79 4.34
C THR B 136 13.33 -14.95 4.95
N GLU B 137 14.15 -13.87 4.84
CA GLU B 137 15.55 -13.85 5.50
C GLU B 137 15.34 -14.18 7.00
N VAL B 138 14.21 -13.65 7.55
CA VAL B 138 13.78 -13.93 8.98
C VAL B 138 13.63 -15.49 9.15
N ASP B 139 13.15 -16.19 8.09
CA ASP B 139 12.94 -17.70 8.14
C ASP B 139 14.28 -18.42 8.51
N GLU B 140 15.45 -17.83 8.04
CA GLU B 140 16.80 -18.41 8.35
C GLU B 140 17.05 -18.27 9.88
N LEU B 141 16.54 -17.13 10.43
CA LEU B 141 16.60 -16.80 11.90
C LEU B 141 15.97 -17.97 12.75
N ARG B 142 14.74 -18.44 12.33
CA ARG B 142 14.03 -19.59 13.04
C ARG B 142 15.00 -20.82 13.04
N ASN B 143 15.90 -20.98 11.97
CA ASN B 143 16.84 -22.15 11.94
C ASN B 143 17.96 -22.05 13.02
N GLN B 144 18.52 -20.80 13.26
CA GLN B 144 19.64 -20.60 14.23
C GLN B 144 19.26 -21.04 15.69
N LEU B 145 18.12 -20.51 16.19
CA LEU B 145 17.58 -20.79 17.55
C LEU B 145 17.39 -22.31 17.82
N LYS B 146 16.76 -23.05 16.86
CA LYS B 146 16.52 -24.52 17.05
C LYS B 146 17.81 -25.33 17.34
N ARG B 147 18.97 -25.05 16.61
CA ARG B 147 20.21 -25.86 16.86
C ARG B 147 20.72 -25.61 18.34
N LEU B 148 20.87 -24.32 18.84
CA LEU B 148 21.29 -24.10 20.33
C LEU B 148 20.20 -24.65 21.35
N ARG B 149 18.88 -24.67 20.98
CA ARG B 149 17.76 -25.15 21.90
C ARG B 149 17.88 -26.68 22.22
N ASP B 150 18.47 -27.52 21.30
CA ASP B 150 18.59 -29.02 21.58
C ASP B 150 19.60 -29.37 22.80
N PRO B 151 20.91 -28.90 22.87
CA PRO B 151 21.89 -29.13 24.08
C PRO B 151 21.21 -29.26 25.49
N LEU B 152 21.05 -28.13 26.29
CA LEU B 152 20.37 -28.18 27.66
C LEU B 152 18.89 -28.56 27.36
N GLU B 153 18.14 -27.51 26.96
CA GLU B 153 16.69 -27.59 26.57
C GLU B 153 16.29 -26.23 25.95
N MET C 1 46.98 7.08 20.17
CA MET C 1 46.02 7.79 21.07
C MET C 1 45.79 9.24 20.54
N ALA C 2 46.03 9.44 19.21
CA ALA C 2 45.86 10.75 18.52
C ALA C 2 45.93 10.51 16.98
N ALA C 3 45.53 11.56 16.20
CA ALA C 3 45.50 11.53 14.70
C ALA C 3 44.59 10.39 14.16
N LEU C 4 44.35 10.40 12.82
CA LEU C 4 43.50 9.41 12.08
C LEU C 4 42.03 9.43 12.61
N SER C 5 41.04 9.01 11.76
CA SER C 5 39.59 8.96 12.10
C SER C 5 39.33 8.06 13.35
N VAL C 6 39.99 6.87 13.36
CA VAL C 6 39.90 5.84 14.44
C VAL C 6 41.34 5.27 14.68
N ASP C 7 41.46 3.98 15.09
CA ASP C 7 42.76 3.29 15.37
C ASP C 7 42.58 1.77 15.08
N GLU C 8 43.32 1.24 14.07
CA GLU C 8 43.28 -0.20 13.65
C GLU C 8 43.78 -1.12 14.80
N TYR C 9 44.76 -0.62 15.59
CA TYR C 9 45.37 -1.34 16.74
C TYR C 9 44.39 -1.29 17.95
N LYS C 10 43.68 -2.42 18.23
CA LYS C 10 42.69 -2.53 19.34
C LYS C 10 42.35 -4.02 19.57
N LEU C 11 41.56 -4.29 20.65
CA LEU C 11 41.11 -5.65 21.05
C LEU C 11 39.99 -5.58 22.12
N SER C 12 39.72 -4.36 22.67
CA SER C 12 38.67 -4.15 23.74
C SER C 12 38.22 -2.65 23.84
N ARG C 13 38.27 -1.92 22.70
CA ARG C 13 37.87 -0.48 22.61
C ARG C 13 36.32 -0.40 22.46
N GLU C 14 35.61 -1.13 23.35
CA GLU C 14 34.13 -1.21 23.40
C GLU C 14 33.56 -1.77 22.04
N LYS C 15 33.66 -3.12 21.89
CA LYS C 15 33.21 -3.91 20.69
C LYS C 15 31.67 -3.74 20.42
N LYS C 16 30.89 -3.67 21.53
CA LYS C 16 29.39 -3.57 21.48
C LYS C 16 29.01 -2.29 20.67
N LEU C 17 29.80 -1.22 20.90
CA LEU C 17 29.65 0.11 20.23
C LEU C 17 29.81 -0.02 18.68
N LEU C 18 30.78 -0.88 18.20
CA LEU C 18 31.04 -1.09 16.73
C LEU C 18 29.76 -1.66 16.03
N LEU C 19 29.07 -2.65 16.68
CA LEU C 19 27.79 -3.24 16.12
C LEU C 19 26.68 -2.12 16.02
N GLN C 20 26.59 -1.21 17.05
CA GLN C 20 25.60 -0.07 17.05
C GLN C 20 25.85 0.83 15.79
N LEU C 21 27.14 1.05 15.43
CA LEU C 21 27.54 1.84 14.21
C LEU C 21 26.96 1.14 12.94
N GLU C 22 26.97 -0.24 12.89
CA GLU C 22 26.45 -0.99 11.68
C GLU C 22 24.95 -0.61 11.46
N ASN C 23 24.18 -0.53 12.59
CA ASN C 23 22.74 -0.14 12.60
C ASN C 23 22.55 1.31 12.03
N ALA C 24 23.49 2.25 12.42
CA ALA C 24 23.43 3.69 11.98
C ALA C 24 23.52 3.80 10.42
N GLU C 25 24.42 2.98 9.80
CA GLU C 25 24.56 2.92 8.31
C GLU C 25 23.24 2.43 7.66
N THR C 26 22.56 1.38 8.25
CA THR C 26 21.26 0.85 7.69
C THR C 26 20.18 1.96 7.71
N LEU C 27 20.12 2.72 8.83
CA LEU C 27 19.24 3.91 9.01
C LEU C 27 19.59 5.07 8.02
N LEU C 28 20.94 5.27 7.86
CA LEU C 28 21.61 6.43 7.12
C LEU C 28 20.78 7.74 7.25
N ALA C 29 20.34 8.01 8.53
CA ALA C 29 19.54 9.23 8.91
C ALA C 29 20.42 10.46 8.56
N PRO C 30 21.65 10.59 9.14
CA PRO C 30 22.68 11.65 8.74
C PRO C 30 22.61 12.16 7.24
N LEU C 31 22.98 11.27 6.29
CA LEU C 31 22.94 11.55 4.84
C LEU C 31 21.49 11.87 4.36
N HIS C 32 20.47 11.12 4.91
CA HIS C 32 19.01 11.29 4.48
C HIS C 32 18.51 12.76 4.76
N ASP C 33 18.90 13.38 5.93
CA ASP C 33 18.48 14.79 6.26
C ASP C 33 19.03 15.80 5.19
N ALA C 34 20.30 15.57 4.72
CA ALA C 34 20.94 16.42 3.67
C ALA C 34 20.11 16.36 2.35
N LYS C 35 19.59 15.15 1.99
CA LYS C 35 18.71 14.93 0.78
C LYS C 35 17.40 15.77 0.91
N ARG C 36 16.83 15.87 2.15
CA ARG C 36 15.57 16.65 2.45
C ARG C 36 15.77 18.17 2.10
N LYS C 37 17.00 18.68 2.37
CA LYS C 37 17.39 20.12 2.15
C LYS C 37 17.20 20.56 0.65
N ILE C 38 17.48 19.63 -0.29
CA ILE C 38 17.39 19.81 -1.81
C ILE C 38 16.09 20.58 -2.32
N GLU C 39 15.17 21.01 -1.40
CA GLU C 39 13.89 21.73 -1.70
C GLU C 39 13.98 22.77 -2.88
N GLN C 40 15.21 23.27 -3.19
CA GLN C 40 15.46 24.28 -4.28
C GLN C 40 15.13 23.66 -5.69
N GLU C 41 16.08 22.85 -6.27
CA GLU C 41 15.93 22.20 -7.61
C GLU C 41 14.84 21.09 -7.59
N ALA C 42 14.19 20.87 -6.40
CA ALA C 42 13.12 19.83 -6.20
C ALA C 42 11.88 20.07 -7.09
N GLU C 43 11.90 21.16 -7.93
CA GLU C 43 10.80 21.51 -8.89
C GLU C 43 10.51 20.31 -9.87
N ALA C 44 11.45 19.33 -9.86
CA ALA C 44 11.42 18.08 -10.67
C ALA C 44 10.05 17.32 -10.59
N HIS C 45 9.16 17.70 -9.64
CA HIS C 45 7.81 17.07 -9.47
C HIS C 45 6.92 17.43 -10.69
N THR C 46 6.85 18.75 -10.98
CA THR C 46 6.05 19.32 -12.10
C THR C 46 6.55 18.79 -13.48
N ASP C 47 7.88 18.51 -13.59
CA ASP C 47 8.53 18.04 -14.86
C ASP C 47 7.88 16.75 -15.46
N ARG C 48 7.34 15.83 -14.60
CA ARG C 48 6.69 14.55 -15.05
C ARG C 48 5.18 14.76 -15.28
N VAL C 49 4.57 15.72 -14.51
CA VAL C 49 3.14 16.08 -14.65
C VAL C 49 3.02 17.03 -15.87
N ALA C 50 4.19 17.60 -16.30
CA ALA C 50 4.30 18.51 -17.48
C ALA C 50 4.02 17.71 -18.78
N TRP C 51 3.92 16.33 -18.69
CA TRP C 51 3.60 15.46 -19.88
C TRP C 51 2.24 15.95 -20.51
N ALA C 52 1.42 16.55 -19.62
CA ALA C 52 0.09 17.15 -19.93
C ALA C 52 0.24 18.49 -20.71
N GLY C 53 1.48 19.02 -20.79
CA GLY C 53 1.80 20.32 -21.47
C GLY C 53 1.48 20.30 -22.98
N PHE C 54 1.67 19.12 -23.63
CA PHE C 54 1.42 18.93 -25.09
C PHE C 54 -0.12 18.89 -25.36
N ALA C 55 -0.91 18.44 -24.36
CA ALA C 55 -2.40 18.32 -24.46
C ALA C 55 -3.08 19.73 -24.46
N ALA C 56 -2.57 20.64 -23.59
CA ALA C 56 -3.10 22.04 -23.42
C ALA C 56 -2.88 22.93 -24.68
N SER C 57 -1.86 22.61 -25.51
CA SER C 57 -1.51 23.41 -26.74
C SER C 57 -2.61 23.31 -27.83
N GLY C 58 -3.32 22.16 -27.85
CA GLY C 58 -4.37 21.85 -28.85
C GLY C 58 -5.58 22.83 -28.85
N VAL C 59 -5.85 23.50 -27.70
CA VAL C 59 -7.02 24.44 -27.54
C VAL C 59 -6.92 25.69 -28.46
N GLN C 60 -5.74 26.35 -28.41
CA GLN C 60 -5.47 27.64 -29.11
C GLN C 60 -5.98 27.65 -30.58
N THR C 61 -5.85 26.48 -31.26
CA THR C 61 -6.30 26.30 -32.68
C THR C 61 -7.84 26.18 -32.75
N GLY C 62 -8.42 25.67 -31.65
CA GLY C 62 -9.88 25.46 -31.50
C GLY C 62 -10.66 26.79 -31.36
N LEU C 63 -10.13 27.75 -30.55
CA LEU C 63 -10.84 29.08 -30.32
C LEU C 63 -11.04 29.93 -31.65
N PHE C 64 -10.01 29.93 -32.54
CA PHE C 64 -10.09 30.65 -33.86
C PHE C 64 -11.28 30.04 -34.68
N ALA C 65 -11.45 28.69 -34.57
CA ALA C 65 -12.51 27.94 -35.31
C ALA C 65 -13.97 28.41 -34.97
N ARG C 66 -14.33 28.73 -33.64
CA ARG C 66 -15.74 29.22 -33.32
C ARG C 66 -16.00 30.53 -34.09
N LEU C 67 -14.93 31.41 -34.14
CA LEU C 67 -15.06 32.74 -34.87
C LEU C 67 -15.39 32.49 -36.40
N THR C 68 -14.70 31.49 -37.02
CA THR C 68 -14.91 31.06 -38.45
C THR C 68 -16.33 30.47 -38.73
N TRP C 69 -16.84 29.66 -37.76
CA TRP C 69 -18.14 28.91 -37.85
C TRP C 69 -19.39 29.82 -37.82
N TRP C 70 -19.22 31.15 -37.95
CA TRP C 70 -20.36 32.13 -37.94
C TRP C 70 -21.23 32.00 -39.24
N GLU C 71 -20.96 30.95 -40.10
CA GLU C 71 -21.72 30.71 -41.39
C GLU C 71 -22.21 29.22 -41.46
N TYR C 72 -21.53 28.27 -40.73
CA TYR C 72 -21.89 26.84 -40.69
C TYR C 72 -23.09 26.68 -39.70
N SER C 73 -22.87 27.11 -38.43
CA SER C 73 -23.85 27.09 -37.33
C SER C 73 -23.23 27.99 -36.23
N TRP C 74 -22.79 27.39 -35.09
CA TRP C 74 -22.07 28.07 -33.96
C TRP C 74 -21.89 27.10 -32.76
N ASP C 75 -23.01 26.48 -32.31
CA ASP C 75 -23.07 25.50 -31.19
C ASP C 75 -21.99 24.38 -31.39
N ILE C 76 -20.79 24.63 -30.86
CA ILE C 76 -19.59 23.78 -31.01
C ILE C 76 -18.78 24.01 -29.69
N VAL C 77 -19.39 24.68 -28.62
CA VAL C 77 -18.67 24.95 -27.35
C VAL C 77 -18.15 23.66 -26.69
N GLU C 78 -17.61 23.80 -25.46
CA GLU C 78 -17.05 22.71 -24.64
C GLU C 78 -15.58 22.15 -24.99
N PRO C 79 -14.80 22.47 -26.10
CA PRO C 79 -13.41 21.79 -26.32
C PRO C 79 -12.35 22.03 -25.18
N VAL C 80 -12.30 23.29 -24.69
CA VAL C 80 -11.28 23.73 -23.66
C VAL C 80 -11.34 22.90 -22.34
N THR C 81 -12.56 22.59 -21.83
CA THR C 81 -12.68 21.80 -20.56
C THR C 81 -12.03 20.37 -20.66
N TYR C 82 -12.17 19.62 -21.83
CA TYR C 82 -11.62 18.22 -21.90
C TYR C 82 -10.10 18.21 -21.68
N PHE C 83 -9.38 19.19 -22.32
CA PHE C 83 -7.90 19.27 -22.16
C PHE C 83 -7.55 19.54 -20.66
N ALA C 84 -8.36 20.43 -19.98
CA ALA C 84 -8.16 20.70 -18.51
C ALA C 84 -8.41 19.39 -17.65
N THR C 85 -9.49 18.59 -17.99
CA THR C 85 -9.81 17.29 -17.26
C THR C 85 -8.63 16.29 -17.41
N TYR C 86 -8.04 16.27 -18.63
CA TYR C 86 -6.92 15.34 -18.99
C TYR C 86 -5.70 15.57 -18.03
N SER C 87 -5.38 16.88 -17.78
CA SER C 87 -4.26 17.27 -16.85
C SER C 87 -4.48 16.83 -15.36
N THR C 88 -5.72 17.01 -14.78
CA THR C 88 -5.98 16.59 -13.34
C THR C 88 -5.83 15.04 -13.14
N VAL C 89 -6.33 14.18 -14.10
CA VAL C 89 -6.12 12.66 -14.02
C VAL C 89 -4.58 12.40 -14.00
N ALA C 90 -3.76 13.23 -14.74
CA ALA C 90 -2.25 13.09 -14.70
C ALA C 90 -1.80 13.23 -13.20
N ALA C 91 -2.51 14.15 -12.42
CA ALA C 91 -2.22 14.36 -10.94
C ALA C 91 -2.42 13.02 -10.18
N THR C 92 -3.49 12.25 -10.58
CA THR C 92 -3.84 10.92 -10.00
C THR C 92 -2.67 9.90 -10.22
N PHE C 93 -2.00 9.94 -11.41
CA PHE C 93 -0.85 9.02 -11.75
C PHE C 93 0.29 9.19 -10.70
N GLY C 94 0.47 10.45 -10.28
CA GLY C 94 1.49 10.92 -9.31
C GLY C 94 1.72 10.05 -8.04
N TYR C 95 0.73 9.21 -7.62
CA TYR C 95 0.86 8.38 -6.36
C TYR C 95 2.05 7.35 -6.43
N TYR C 96 2.38 6.91 -7.65
CA TYR C 96 3.43 5.88 -7.93
C TYR C 96 4.85 6.52 -7.93
N LEU C 97 5.03 7.48 -8.87
CA LEU C 97 6.35 8.22 -9.05
C LEU C 97 6.81 9.01 -7.78
N TYR C 98 5.91 9.26 -6.80
CA TYR C 98 6.18 10.20 -5.62
C TYR C 98 7.62 10.08 -4.99
N THR C 99 7.96 8.90 -4.40
CA THR C 99 9.33 8.67 -3.81
C THR C 99 10.40 8.50 -4.97
N GLN C 100 10.10 7.61 -5.96
CA GLN C 100 11.03 7.27 -7.11
C GLN C 100 11.50 8.49 -7.97
N GLN C 101 10.70 9.59 -8.07
CA GLN C 101 11.02 10.76 -8.96
C GLN C 101 12.48 11.27 -8.80
N SER C 102 13.05 11.10 -7.59
CA SER C 102 14.43 11.52 -7.26
C SER C 102 15.51 10.69 -8.03
N PHE C 103 15.21 9.40 -8.36
CA PHE C 103 16.18 8.49 -9.07
C PHE C 103 16.36 8.92 -10.58
N GLU C 104 15.22 9.12 -11.27
CA GLU C 104 15.17 9.43 -12.74
C GLU C 104 15.69 10.85 -13.18
N TYR C 105 15.19 11.95 -12.54
CA TYR C 105 15.51 13.37 -12.98
C TYR C 105 17.05 13.77 -12.95
N PRO C 106 17.87 13.42 -11.92
CA PRO C 106 19.35 13.86 -11.88
C PRO C 106 20.15 13.46 -13.15
N SER C 107 21.44 13.88 -13.16
CA SER C 107 22.40 13.60 -14.25
C SER C 107 22.94 12.15 -14.08
N ALA C 108 23.84 11.97 -13.07
CA ALA C 108 24.48 10.66 -12.73
C ALA C 108 25.18 9.99 -13.95
N ARG C 109 25.42 10.81 -15.01
CA ARG C 109 26.08 10.37 -16.28
C ARG C 109 27.57 10.00 -15.98
N GLU C 110 27.84 8.67 -15.82
CA GLU C 110 29.20 8.12 -15.49
C GLU C 110 30.30 8.63 -16.49
N ARG C 111 30.16 8.25 -17.79
CA ARG C 111 31.11 8.63 -18.88
C ARG C 111 31.20 10.17 -19.04
N VAL C 112 32.37 10.68 -19.50
CA VAL C 112 32.64 12.14 -19.69
C VAL C 112 32.49 12.91 -18.33
N TYR C 113 33.49 12.73 -17.43
CA TYR C 113 33.54 13.34 -16.07
C TYR C 113 32.34 12.87 -15.18
N THR C 114 32.39 13.25 -13.87
CA THR C 114 31.34 12.89 -12.86
C THR C 114 31.49 13.86 -11.64
N LYS C 115 30.59 14.87 -11.54
CA LYS C 115 30.59 15.89 -10.44
C LYS C 115 30.05 15.22 -9.13
N GLN C 116 30.37 15.85 -7.97
CA GLN C 116 29.95 15.41 -6.61
C GLN C 116 30.63 14.06 -6.17
N PHE C 117 30.62 13.06 -7.09
CA PHE C 117 31.20 11.69 -6.89
C PHE C 117 30.38 10.88 -5.84
N TYR C 118 30.13 11.47 -4.65
CA TYR C 118 29.36 10.84 -3.53
C TYR C 118 27.82 11.01 -3.74
N ARG C 119 27.44 11.98 -4.63
CA ARG C 119 26.01 12.32 -4.95
C ARG C 119 25.25 12.81 -3.67
N ARG C 120 24.70 14.06 -3.72
CA ARG C 120 23.92 14.73 -2.62
C ARG C 120 22.54 15.17 -3.17
N ALA C 121 22.03 14.47 -4.22
CA ALA C 121 20.72 14.77 -4.87
C ALA C 121 20.26 13.58 -5.79
N GLN C 122 20.19 12.36 -5.21
CA GLN C 122 19.75 11.11 -5.94
C GLN C 122 19.41 9.98 -4.91
N LYS C 123 18.29 10.15 -4.15
CA LYS C 123 17.79 9.16 -3.14
C LYS C 123 16.36 9.58 -2.65
N GLN C 124 16.27 10.29 -1.48
CA GLN C 124 14.99 10.75 -0.84
C GLN C 124 14.09 9.53 -0.46
N ASN C 125 13.22 9.63 0.62
CA ASN C 125 12.31 8.51 1.05
C ASN C 125 11.42 8.98 2.24
N PHE C 126 10.11 8.54 2.26
CA PHE C 126 9.14 8.86 3.35
C PHE C 126 8.38 7.57 3.75
N ASP C 127 8.58 6.42 2.99
CA ASP C 127 7.89 5.12 3.30
C ASP C 127 8.53 3.85 2.59
N ILE C 128 9.14 3.94 1.35
CA ILE C 128 9.68 2.68 0.66
C ILE C 128 10.95 2.13 1.44
N GLU C 129 11.98 3.03 1.70
CA GLU C 129 13.25 2.66 2.44
C GLU C 129 12.95 2.40 3.94
N LYS C 130 11.99 3.17 4.51
CA LYS C 130 11.65 3.10 5.97
C LYS C 130 11.32 1.62 6.40
N TYR C 131 10.38 0.94 5.68
CA TYR C 131 10.00 -0.46 5.96
C TYR C 131 11.08 -1.54 5.56
N ASN C 132 11.61 -1.52 4.28
CA ASN C 132 12.57 -2.62 3.85
C ASN C 132 13.95 -2.54 4.54
N ARG C 133 14.54 -1.35 4.45
CA ARG C 133 15.92 -1.08 5.00
C ARG C 133 16.00 -1.39 6.54
N LEU C 134 14.99 -0.87 7.29
CA LEU C 134 14.91 -1.08 8.78
C LEU C 134 14.82 -2.61 9.13
N VAL C 135 13.86 -3.37 8.46
CA VAL C 135 13.77 -4.85 8.67
C VAL C 135 15.25 -5.43 8.53
N THR C 136 16.10 -4.83 7.60
CA THR C 136 17.49 -5.35 7.36
C THR C 136 18.33 -5.30 8.67
N GLU C 137 18.03 -4.30 9.59
CA GLU C 137 18.73 -4.24 10.94
C GLU C 137 18.54 -5.64 11.63
N VAL C 138 17.30 -6.21 11.46
CA VAL C 138 17.01 -7.58 12.07
C VAL C 138 17.97 -8.65 11.45
N ASP C 139 18.19 -8.60 10.10
CA ASP C 139 19.13 -9.58 9.41
C ASP C 139 20.56 -9.57 10.07
N GLU C 140 20.99 -8.39 10.65
CA GLU C 140 22.30 -8.29 11.36
C GLU C 140 22.22 -9.18 12.63
N LEU C 141 21.00 -9.17 13.25
CA LEU C 141 20.71 -10.02 14.46
C LEU C 141 20.85 -11.51 14.08
N ARG C 142 20.57 -11.88 12.78
CA ARG C 142 20.75 -13.29 12.29
C ARG C 142 22.28 -13.63 12.39
N ASN C 143 23.23 -12.58 12.24
CA ASN C 143 24.72 -12.87 12.35
C ASN C 143 25.18 -13.20 13.83
N GLN C 144 24.73 -12.38 14.84
CA GLN C 144 25.16 -12.58 16.29
C GLN C 144 24.67 -13.97 16.81
N LEU C 145 23.39 -14.29 16.52
CA LEU C 145 22.71 -15.55 16.96
C LEU C 145 23.45 -16.82 16.41
N LYS C 146 23.83 -16.76 15.12
CA LYS C 146 24.58 -17.86 14.43
C LYS C 146 25.87 -18.27 15.25
N ARG C 147 26.65 -17.24 15.73
CA ARG C 147 27.88 -17.52 16.47
C ARG C 147 27.50 -18.20 17.83
N LEU C 148 26.31 -17.83 18.47
CA LEU C 148 25.81 -18.56 19.72
C LEU C 148 25.69 -20.11 19.45
N ARG C 149 25.36 -20.55 18.18
CA ARG C 149 25.25 -22.04 17.89
C ARG C 149 26.62 -22.73 18.19
N ASP C 150 27.75 -22.11 17.68
CA ASP C 150 29.11 -22.78 17.78
C ASP C 150 29.51 -23.24 19.29
N PRO C 151 29.51 -22.40 20.38
CA PRO C 151 29.70 -22.87 21.83
C PRO C 151 28.31 -22.93 22.56
N LEU C 152 28.23 -23.68 23.70
CA LEU C 152 27.00 -23.82 24.53
C LEU C 152 27.43 -24.55 25.84
N GLU C 153 27.64 -25.90 25.73
CA GLU C 153 28.03 -26.79 26.87
C GLU C 153 29.21 -26.19 27.71
N MET D 1 -7.81 -12.76 44.88
CA MET D 1 -6.72 -13.60 44.29
C MET D 1 -5.70 -12.67 43.59
N ALA D 2 -4.61 -13.30 43.07
CA ALA D 2 -3.50 -12.60 42.36
C ALA D 2 -3.99 -11.99 41.02
N ALA D 3 -3.08 -11.28 40.32
CA ALA D 3 -3.34 -10.62 39.01
C ALA D 3 -1.97 -10.17 38.40
N LEU D 4 -1.34 -9.15 39.05
CA LEU D 4 -0.02 -8.59 38.65
C LEU D 4 1.10 -9.62 39.01
N SER D 5 1.23 -10.69 38.16
CA SER D 5 2.22 -11.79 38.33
C SER D 5 1.96 -12.60 39.63
N VAL D 6 2.80 -13.65 39.86
CA VAL D 6 2.71 -14.56 41.04
C VAL D 6 2.89 -13.78 42.38
N ASP D 7 3.71 -12.69 42.32
CA ASP D 7 4.02 -11.81 43.50
C ASP D 7 4.68 -10.50 42.98
N GLU D 8 4.82 -9.50 43.88
CA GLU D 8 5.42 -8.17 43.58
C GLU D 8 6.95 -8.34 43.23
N TYR D 9 7.85 -8.27 44.27
CA TYR D 9 9.33 -8.42 44.09
C TYR D 9 9.69 -9.90 43.75
N LYS D 10 10.44 -10.11 42.62
CA LYS D 10 10.88 -11.45 42.13
C LYS D 10 11.93 -11.19 41.00
N LEU D 11 13.20 -10.91 41.40
CA LEU D 11 14.34 -10.60 40.46
C LEU D 11 13.92 -9.40 39.53
N SER D 12 14.15 -8.15 40.02
CA SER D 12 13.79 -6.89 39.30
C SER D 12 14.45 -5.72 40.07
N ARG D 13 15.75 -5.52 39.79
CA ARG D 13 16.58 -4.46 40.42
C ARG D 13 16.17 -3.09 39.84
N GLU D 14 16.05 -2.99 38.48
CA GLU D 14 15.61 -1.77 37.72
C GLU D 14 15.98 -1.92 36.22
N LYS D 15 17.06 -2.69 35.89
CA LYS D 15 17.56 -2.79 34.47
C LYS D 15 16.52 -3.37 33.44
N LYS D 16 15.78 -4.49 33.80
CA LYS D 16 14.74 -5.09 32.88
C LYS D 16 13.59 -4.09 32.61
N LEU D 17 13.18 -3.38 33.69
CA LEU D 17 12.11 -2.35 33.68
C LEU D 17 12.49 -1.16 32.74
N LEU D 18 13.79 -0.76 32.75
CA LEU D 18 14.29 0.41 31.94
C LEU D 18 14.11 0.12 30.43
N LEU D 19 14.47 -1.13 30.05
CA LEU D 19 14.29 -1.64 28.67
C LEU D 19 12.75 -1.69 28.31
N GLN D 20 11.90 -2.15 29.29
CA GLN D 20 10.40 -2.20 29.15
C GLN D 20 9.89 -0.76 28.86
N LEU D 21 10.52 0.24 29.53
CA LEU D 21 10.19 1.68 29.36
C LEU D 21 10.42 2.12 27.86
N GLU D 22 11.54 1.61 27.17
CA GLU D 22 11.82 1.98 25.75
C GLU D 22 10.66 1.49 24.85
N ASN D 23 10.20 0.26 25.17
CA ASN D 23 9.06 -0.41 24.49
C ASN D 23 7.74 0.40 24.65
N ALA D 24 7.47 0.94 25.88
CA ALA D 24 6.21 1.71 26.14
C ALA D 24 6.09 3.01 25.25
N GLU D 25 7.21 3.80 25.08
CA GLU D 25 7.20 5.04 24.19
C GLU D 25 6.95 4.64 22.71
N THR D 26 7.63 3.54 22.31
CA THR D 26 7.62 2.96 20.95
C THR D 26 6.23 2.45 20.48
N LEU D 27 5.43 1.90 21.43
CA LEU D 27 4.09 1.26 21.13
C LEU D 27 3.20 2.28 20.38
N LEU D 28 3.32 3.54 20.81
CA LEU D 28 2.64 4.71 20.20
C LEU D 28 1.14 4.75 20.61
N ALA D 29 0.86 5.50 21.70
CA ALA D 29 -0.49 5.74 22.28
C ALA D 29 -0.33 7.14 22.99
N PRO D 30 0.57 7.32 24.01
CA PRO D 30 0.88 8.70 24.63
C PRO D 30 0.89 9.90 23.62
N LEU D 31 1.76 9.78 22.57
CA LEU D 31 1.92 10.80 21.50
C LEU D 31 0.58 10.99 20.72
N HIS D 32 -0.12 9.85 20.48
CA HIS D 32 -1.44 9.86 19.75
C HIS D 32 -2.46 10.73 20.59
N ASP D 33 -2.39 10.61 21.96
CA ASP D 33 -3.22 11.44 22.90
C ASP D 33 -2.88 12.96 22.68
N ALA D 34 -1.57 13.30 22.40
CA ALA D 34 -1.14 14.72 22.14
C ALA D 34 -1.94 15.28 20.92
N LYS D 35 -2.18 14.42 19.88
CA LYS D 35 -3.00 14.79 18.67
C LYS D 35 -4.44 15.19 19.15
N ARG D 36 -4.97 14.43 20.17
CA ARG D 36 -6.35 14.64 20.74
C ARG D 36 -6.51 16.09 21.33
N LYS D 37 -5.44 16.63 21.97
CA LYS D 37 -5.48 18.01 22.60
C LYS D 37 -5.84 19.10 21.52
N ILE D 38 -5.28 18.94 20.30
CA ILE D 38 -5.45 19.86 19.11
C ILE D 38 -6.50 19.30 18.09
N GLU D 39 -7.16 18.13 18.38
CA GLU D 39 -8.17 17.38 17.49
C GLU D 39 -8.81 18.23 16.32
N GLN D 40 -9.13 19.53 16.59
CA GLN D 40 -9.70 20.48 15.58
C GLN D 40 -8.67 20.74 14.42
N GLU D 41 -7.47 20.09 14.51
CA GLU D 41 -6.36 20.19 13.52
C GLU D 41 -6.85 19.96 12.07
N ALA D 42 -7.90 19.12 11.92
CA ALA D 42 -8.50 18.75 10.61
C ALA D 42 -8.87 19.98 9.74
N GLU D 43 -9.00 21.18 10.38
CA GLU D 43 -9.31 22.47 9.66
C GLU D 43 -8.07 22.88 8.81
N ALA D 44 -6.89 22.29 9.12
CA ALA D 44 -5.61 22.55 8.40
C ALA D 44 -5.62 21.87 7.00
N HIS D 45 -6.48 20.82 6.83
CA HIS D 45 -6.61 20.03 5.55
C HIS D 45 -7.56 20.76 4.56
N THR D 46 -8.66 21.31 5.11
CA THR D 46 -9.73 22.01 4.33
C THR D 46 -9.18 23.17 3.45
N ASP D 47 -8.10 23.86 3.93
CA ASP D 47 -7.47 25.01 3.20
C ASP D 47 -6.54 24.52 2.06
N ARG D 48 -6.12 23.22 2.09
CA ARG D 48 -5.19 22.61 1.07
C ARG D 48 -6.00 22.00 -0.10
N VAL D 49 -7.24 21.51 0.18
CA VAL D 49 -8.14 20.91 -0.83
C VAL D 49 -8.90 22.08 -1.53
N ALA D 50 -8.78 23.29 -0.90
CA ALA D 50 -9.38 24.55 -1.42
C ALA D 50 -8.59 25.05 -2.64
N TRP D 51 -7.40 24.42 -2.93
CA TRP D 51 -6.55 24.78 -4.13
C TRP D 51 -7.45 24.77 -5.41
N ALA D 52 -8.38 23.80 -5.37
CA ALA D 52 -9.38 23.50 -6.43
C ALA D 52 -10.61 24.44 -6.36
N GLY D 53 -10.76 25.19 -5.25
CA GLY D 53 -11.91 26.14 -5.02
C GLY D 53 -11.94 27.27 -6.07
N PHE D 54 -10.75 27.63 -6.64
CA PHE D 54 -10.61 28.71 -7.65
C PHE D 54 -11.13 28.25 -9.04
N ALA D 55 -11.09 26.92 -9.31
CA ALA D 55 -11.53 26.32 -10.62
C ALA D 55 -13.07 26.54 -10.84
N ALA D 56 -13.87 26.27 -9.78
CA ALA D 56 -15.35 26.39 -9.78
C ALA D 56 -15.80 27.88 -9.71
N SER D 57 -14.93 28.77 -9.17
CA SER D 57 -15.23 30.23 -8.99
C SER D 57 -15.30 30.99 -10.33
N GLY D 58 -14.60 30.46 -11.37
CA GLY D 58 -14.52 31.09 -12.71
C GLY D 58 -15.87 31.25 -13.45
N VAL D 59 -16.69 30.16 -13.46
CA VAL D 59 -18.01 30.08 -14.17
C VAL D 59 -19.12 30.92 -13.50
N GLN D 60 -19.04 31.23 -12.17
CA GLN D 60 -20.12 32.01 -11.47
C GLN D 60 -20.46 33.31 -12.29
N THR D 61 -19.39 33.95 -12.83
CA THR D 61 -19.48 35.14 -13.72
C THR D 61 -19.92 34.70 -15.14
N GLY D 62 -19.63 33.42 -15.47
CA GLY D 62 -19.95 32.79 -16.78
C GLY D 62 -21.46 32.65 -17.01
N LEU D 63 -22.22 32.31 -15.94
CA LEU D 63 -23.74 32.14 -16.04
C LEU D 63 -24.44 33.47 -16.53
N PHE D 64 -23.93 34.60 -15.99
CA PHE D 64 -24.44 35.98 -16.33
C PHE D 64 -24.29 36.20 -17.87
N ALA D 65 -23.16 35.67 -18.43
CA ALA D 65 -22.83 35.77 -19.87
C ALA D 65 -23.95 35.11 -20.74
N ARG D 66 -24.55 33.93 -20.28
CA ARG D 66 -25.64 33.25 -21.10
C ARG D 66 -26.80 34.24 -21.29
N LEU D 67 -27.17 34.99 -20.19
CA LEU D 67 -28.29 35.98 -20.27
C LEU D 67 -28.01 37.17 -21.28
N THR D 68 -26.76 37.75 -21.24
CA THR D 68 -26.33 38.89 -22.12
C THR D 68 -26.26 38.59 -23.63
N TRP D 69 -25.71 37.38 -23.99
CA TRP D 69 -25.41 37.00 -25.43
C TRP D 69 -26.34 35.97 -26.03
N TRP D 70 -27.60 36.01 -25.59
CA TRP D 70 -28.72 35.11 -26.07
C TRP D 70 -28.83 35.05 -27.66
N GLU D 71 -28.10 35.96 -28.38
CA GLU D 71 -28.17 36.10 -29.89
C GLU D 71 -27.41 34.96 -30.69
N TYR D 72 -26.28 34.38 -30.16
CA TYR D 72 -25.47 33.31 -30.86
C TYR D 72 -26.40 32.17 -31.42
N SER D 73 -27.06 31.48 -30.47
CA SER D 73 -27.99 30.32 -30.75
C SER D 73 -28.75 29.96 -29.44
N TRP D 74 -28.00 29.95 -28.31
CA TRP D 74 -28.48 29.67 -26.90
C TRP D 74 -28.10 28.26 -26.39
N ASP D 75 -28.28 27.24 -27.25
CA ASP D 75 -27.97 25.81 -26.98
C ASP D 75 -26.43 25.70 -26.79
N ILE D 76 -26.00 26.10 -25.57
CA ILE D 76 -24.57 26.24 -25.15
C ILE D 76 -24.54 25.79 -23.67
N VAL D 77 -25.73 25.34 -23.10
CA VAL D 77 -25.88 24.94 -21.68
C VAL D 77 -24.89 23.82 -21.28
N GLU D 78 -25.04 23.35 -20.01
CA GLU D 78 -24.20 22.30 -19.37
C GLU D 78 -22.78 22.81 -18.81
N PRO D 79 -22.24 24.09 -18.93
CA PRO D 79 -20.80 24.38 -18.47
C PRO D 79 -20.46 24.16 -16.97
N VAL D 80 -21.37 24.56 -16.06
CA VAL D 80 -21.10 24.49 -14.60
C VAL D 80 -20.80 23.08 -14.05
N THR D 81 -21.57 21.99 -14.44
CA THR D 81 -21.28 20.65 -13.86
C THR D 81 -19.87 20.06 -14.21
N TYR D 82 -19.38 20.16 -15.52
CA TYR D 82 -18.05 19.58 -15.88
C TYR D 82 -16.92 20.28 -15.07
N PHE D 83 -16.99 21.63 -14.85
CA PHE D 83 -15.99 22.31 -13.94
C PHE D 83 -16.15 21.69 -12.49
N ALA D 84 -17.42 21.39 -12.07
CA ALA D 84 -17.69 20.71 -10.75
C ALA D 84 -16.98 19.30 -10.71
N THR D 85 -16.98 18.55 -11.88
CA THR D 85 -16.30 17.19 -12.00
C THR D 85 -14.78 17.37 -11.68
N TYR D 86 -14.18 18.52 -12.13
CA TYR D 86 -12.73 18.83 -11.88
C TYR D 86 -12.47 18.86 -10.33
N SER D 87 -13.43 19.48 -9.56
CA SER D 87 -13.30 19.56 -8.06
C SER D 87 -13.28 18.16 -7.34
N THR D 88 -14.17 17.19 -7.75
CA THR D 88 -14.20 15.81 -7.09
C THR D 88 -12.86 15.03 -7.29
N VAL D 89 -12.24 15.06 -8.53
CA VAL D 89 -10.90 14.35 -8.76
C VAL D 89 -9.88 14.94 -7.73
N ALA D 90 -9.98 16.28 -7.43
CA ALA D 90 -9.11 16.93 -6.38
C ALA D 90 -9.35 16.17 -5.02
N ALA D 91 -10.63 15.73 -4.75
CA ALA D 91 -10.97 14.94 -3.49
C ALA D 91 -10.09 13.66 -3.46
N THR D 92 -9.88 13.05 -4.67
CA THR D 92 -9.05 11.82 -4.87
C THR D 92 -7.57 12.08 -4.41
N PHE D 93 -6.97 13.32 -4.67
CA PHE D 93 -5.54 13.62 -4.28
C PHE D 93 -5.36 13.39 -2.72
N GLY D 94 -6.41 13.75 -1.97
CA GLY D 94 -6.49 13.66 -0.49
C GLY D 94 -5.98 12.35 0.17
N TYR D 95 -5.99 11.17 -0.56
CA TYR D 95 -5.55 9.83 0.03
C TYR D 95 -4.11 9.87 0.64
N TYR D 96 -3.25 10.71 0.05
CA TYR D 96 -1.82 10.89 0.41
C TYR D 96 -1.72 11.84 1.61
N LEU D 97 -2.23 13.07 1.39
CA LEU D 97 -2.20 14.19 2.35
C LEU D 97 -2.61 13.88 3.86
N TYR D 98 -3.34 12.74 4.21
CA TYR D 98 -3.85 12.59 5.66
C TYR D 98 -2.75 12.43 6.76
N THR D 99 -1.96 11.32 6.70
CA THR D 99 -0.90 11.02 7.73
C THR D 99 0.30 12.04 7.55
N GLN D 100 0.56 12.39 6.27
CA GLN D 100 1.59 13.35 5.81
C GLN D 100 1.38 14.83 6.24
N GLN D 101 0.12 15.27 6.53
CA GLN D 101 -0.22 16.73 6.78
C GLN D 101 0.80 17.44 7.74
N SER D 102 1.45 16.69 8.66
CA SER D 102 2.49 17.27 9.59
C SER D 102 3.61 18.00 8.80
N PHE D 103 3.86 17.53 7.54
CA PHE D 103 4.92 18.07 6.62
C PHE D 103 4.65 19.57 6.23
N GLU D 104 3.37 19.98 6.22
CA GLU D 104 2.93 21.36 5.80
C GLU D 104 3.46 22.53 6.71
N TYR D 105 3.30 22.43 8.06
CA TYR D 105 3.67 23.54 9.02
C TYR D 105 5.22 23.86 9.09
N PRO D 106 6.16 22.88 9.27
CA PRO D 106 7.68 23.16 9.34
C PRO D 106 8.24 24.08 8.21
N SER D 107 7.51 24.10 7.07
CA SER D 107 7.88 24.89 5.86
C SER D 107 8.19 26.39 6.20
N ALA D 108 7.59 26.88 7.31
CA ALA D 108 7.76 28.28 7.81
C ALA D 108 7.17 28.38 9.25
N ARG D 109 7.85 27.71 10.23
CA ARG D 109 7.43 27.69 11.66
C ARG D 109 8.64 27.17 12.50
N GLU D 110 9.00 25.87 12.30
CA GLU D 110 10.11 25.19 13.01
C GLU D 110 11.49 25.70 12.48
N ARG D 111 12.05 26.76 13.12
CA ARG D 111 13.38 27.36 12.75
C ARG D 111 14.49 26.47 13.39
N VAL D 112 15.73 26.53 12.82
CA VAL D 112 16.92 25.76 13.31
C VAL D 112 17.36 26.33 14.70
N TYR D 113 17.39 27.68 14.78
CA TYR D 113 17.80 28.43 16.00
C TYR D 113 16.67 28.35 17.09
N THR D 114 16.97 27.70 18.25
CA THR D 114 16.02 27.55 19.41
C THR D 114 14.67 26.89 18.98
N LYS D 115 14.63 25.52 18.96
CA LYS D 115 13.42 24.72 18.59
C LYS D 115 12.40 24.73 19.77
N GLN D 116 11.26 24.02 19.57
CA GLN D 116 10.16 23.90 20.59
C GLN D 116 10.67 23.12 21.84
N PHE D 117 9.78 22.96 22.86
CA PHE D 117 10.09 22.26 24.14
C PHE D 117 10.44 20.75 23.89
N TYR D 118 9.53 20.06 23.15
CA TYR D 118 9.66 18.61 22.79
C TYR D 118 8.89 18.37 21.47
N ARG D 119 8.99 17.12 20.94
CA ARG D 119 8.34 16.68 19.66
C ARG D 119 8.96 17.42 18.44
N ARG D 120 8.87 16.81 17.22
CA ARG D 120 9.44 17.39 15.96
C ARG D 120 8.70 16.81 14.72
N ALA D 121 7.49 17.39 14.42
CA ALA D 121 6.63 17.02 13.26
C ALA D 121 6.22 15.51 13.24
N GLN D 122 6.42 14.79 14.38
CA GLN D 122 6.05 13.34 14.51
C GLN D 122 4.51 13.15 14.61
N LYS D 123 3.75 14.28 14.79
CA LYS D 123 2.24 14.28 14.91
C LYS D 123 1.59 13.70 13.61
N GLN D 124 0.23 13.59 13.64
CA GLN D 124 -0.60 13.02 12.51
C GLN D 124 -0.24 11.49 12.31
N ASN D 125 -0.99 10.55 12.98
CA ASN D 125 -0.73 9.07 12.95
C ASN D 125 -2.10 8.32 12.95
N PHE D 126 -2.29 7.36 11.99
CA PHE D 126 -3.53 6.53 11.88
C PHE D 126 -3.19 5.22 11.12
N ASP D 127 -1.92 5.08 10.59
CA ASP D 127 -1.49 3.87 9.81
C ASP D 127 0.08 3.78 9.62
N ILE D 128 0.77 4.81 8.99
CA ILE D 128 2.28 4.73 8.69
C ILE D 128 3.16 4.62 9.99
N GLU D 129 2.84 5.45 11.00
CA GLU D 129 3.61 5.56 12.28
C GLU D 129 3.86 4.20 13.02
N LYS D 130 2.77 3.41 13.20
CA LYS D 130 2.78 2.13 14.00
C LYS D 130 3.66 1.01 13.40
N TYR D 131 3.66 0.80 12.04
CA TYR D 131 4.46 -0.26 11.41
C TYR D 131 5.99 -0.04 11.55
N ASN D 132 6.51 1.19 11.19
CA ASN D 132 8.02 1.41 11.27
C ASN D 132 8.51 1.43 12.73
N ARG D 133 7.87 2.26 13.55
CA ARG D 133 8.27 2.41 15.02
C ARG D 133 8.34 1.03 15.78
N LEU D 134 7.29 0.20 15.66
CA LEU D 134 7.22 -1.10 16.41
C LEU D 134 8.34 -2.13 16.00
N VAL D 135 8.51 -2.42 14.63
CA VAL D 135 9.61 -3.36 14.21
C VAL D 135 11.01 -2.82 14.80
N THR D 136 11.15 -1.44 14.91
CA THR D 136 12.42 -0.79 15.46
C THR D 136 12.77 -1.38 16.84
N GLU D 137 11.70 -1.55 17.68
CA GLU D 137 11.87 -2.13 19.05
C GLU D 137 12.66 -3.48 18.98
N VAL D 138 12.25 -4.34 18.01
CA VAL D 138 12.95 -5.68 17.82
C VAL D 138 14.47 -5.43 17.53
N ASP D 139 14.81 -4.27 16.89
CA ASP D 139 16.28 -3.91 16.67
C ASP D 139 16.99 -3.74 18.05
N GLU D 140 16.20 -3.30 19.11
CA GLU D 140 16.76 -3.18 20.51
C GLU D 140 17.23 -4.62 20.93
N LEU D 141 16.53 -5.67 20.36
CA LEU D 141 16.95 -7.11 20.61
C LEU D 141 18.38 -7.32 20.11
N ARG D 142 18.69 -6.66 18.96
CA ARG D 142 20.07 -6.76 18.32
C ARG D 142 21.13 -6.36 19.40
N ASN D 143 20.74 -5.43 20.36
CA ASN D 143 21.70 -5.04 21.48
C ASN D 143 21.88 -6.19 22.55
N GLN D 144 20.72 -6.74 23.03
CA GLN D 144 20.70 -7.75 24.14
C GLN D 144 21.49 -9.08 23.82
N LEU D 145 21.25 -9.82 22.65
CA LEU D 145 22.08 -11.06 22.40
C LEU D 145 23.56 -10.69 22.17
N LYS D 146 23.90 -9.45 21.62
CA LYS D 146 25.35 -9.05 21.42
C LYS D 146 26.12 -9.35 22.77
N ARG D 147 25.45 -9.03 23.96
CA ARG D 147 26.09 -9.38 25.26
C ARG D 147 26.21 -10.96 25.36
N LEU D 148 25.10 -11.77 25.08
CA LEU D 148 25.20 -13.31 25.17
C LEU D 148 26.44 -13.92 24.40
N ARG D 149 26.82 -13.35 23.22
CA ARG D 149 27.96 -13.89 22.39
C ARG D 149 29.33 -13.63 23.07
N ASP D 150 29.48 -12.52 23.88
CA ASP D 150 30.82 -12.25 24.57
C ASP D 150 31.29 -13.49 25.52
N PRO D 151 30.48 -14.05 26.50
CA PRO D 151 30.86 -15.34 27.28
C PRO D 151 30.56 -16.54 26.40
N LEU D 152 30.24 -17.73 27.03
CA LEU D 152 29.86 -18.94 26.29
C LEU D 152 31.09 -19.57 25.59
N GLU D 153 31.65 -20.52 26.32
CA GLU D 153 32.86 -21.34 25.95
C GLU D 153 32.54 -22.85 26.16
N MET E 1 -11.64 -28.54 45.38
CA MET E 1 -11.83 -29.92 45.93
C MET E 1 -12.55 -30.77 44.85
N ALA E 2 -13.56 -30.15 44.18
CA ALA E 2 -14.38 -30.79 43.12
C ALA E 2 -13.50 -31.05 41.85
N ALA E 3 -12.88 -29.95 41.34
CA ALA E 3 -12.00 -29.97 40.14
C ALA E 3 -11.25 -28.60 40.05
N LEU E 4 -9.98 -28.63 39.56
CA LEU E 4 -9.13 -27.41 39.40
C LEU E 4 -7.90 -27.76 38.52
N SER E 5 -7.18 -26.70 38.03
CA SER E 5 -5.99 -26.84 37.12
C SER E 5 -4.66 -26.94 37.91
N VAL E 6 -4.61 -26.31 39.11
CA VAL E 6 -3.39 -26.26 39.99
C VAL E 6 -2.92 -27.71 40.39
N ASP E 7 -1.58 -27.97 40.28
CA ASP E 7 -0.93 -29.27 40.64
C ASP E 7 -1.55 -30.48 39.88
N GLU E 8 -1.45 -30.44 38.52
CA GLU E 8 -1.95 -31.52 37.60
C GLU E 8 -1.31 -31.30 36.19
N TYR E 9 -1.08 -30.00 35.85
CA TYR E 9 -0.42 -29.54 34.58
C TYR E 9 -0.09 -28.04 34.71
N LYS E 10 0.12 -27.58 35.98
CA LYS E 10 0.44 -26.16 36.33
C LYS E 10 1.06 -26.15 37.75
N LEU E 11 2.40 -25.91 37.86
CA LEU E 11 3.14 -25.86 39.16
C LEU E 11 4.51 -25.14 38.92
N SER E 12 5.54 -25.91 38.46
CA SER E 12 6.90 -25.38 38.15
C SER E 12 6.92 -24.86 36.70
N ARG E 13 6.27 -25.65 35.81
CA ARG E 13 6.13 -25.38 34.36
C ARG E 13 5.11 -24.24 34.10
N GLU E 14 4.68 -23.55 35.20
CA GLU E 14 3.68 -22.43 35.17
C GLU E 14 4.15 -21.27 34.23
N LYS E 15 5.44 -20.86 34.35
CA LYS E 15 6.00 -19.73 33.53
C LYS E 15 5.92 -20.04 31.99
N LYS E 16 6.26 -21.30 31.62
CA LYS E 16 6.21 -21.79 30.19
C LYS E 16 4.74 -21.72 29.65
N LEU E 17 3.76 -22.15 30.51
CA LEU E 17 2.32 -22.13 30.13
C LEU E 17 1.81 -20.68 29.86
N LEU E 18 2.23 -19.70 30.74
CA LEU E 18 1.81 -18.27 30.61
C LEU E 18 2.26 -17.60 29.28
N LEU E 19 3.54 -17.84 28.82
CA LEU E 19 4.03 -17.23 27.52
C LEU E 19 3.15 -17.75 26.32
N GLN E 20 2.80 -19.08 26.31
CA GLN E 20 1.93 -19.65 25.22
C GLN E 20 0.53 -18.94 25.20
N LEU E 21 -0.08 -18.68 26.41
CA LEU E 21 -1.42 -18.00 26.52
C LEU E 21 -1.39 -16.54 25.94
N GLU E 22 -0.28 -15.73 26.22
CA GLU E 22 -0.19 -14.32 25.72
C GLU E 22 -0.18 -14.31 24.17
N ASN E 23 0.58 -15.28 23.59
CA ASN E 23 0.72 -15.42 22.13
C ASN E 23 -0.65 -15.73 21.45
N ALA E 24 -1.46 -16.65 22.06
CA ALA E 24 -2.79 -17.04 21.52
C ALA E 24 -3.76 -15.83 21.45
N GLU E 25 -3.74 -14.95 22.49
CA GLU E 25 -4.59 -13.71 22.54
C GLU E 25 -4.26 -12.73 21.36
N THR E 26 -2.93 -12.55 21.05
CA THR E 26 -2.43 -11.61 20.00
C THR E 26 -2.90 -11.97 18.58
N LEU E 27 -2.95 -13.31 18.21
CA LEU E 27 -3.35 -13.75 16.81
C LEU E 27 -4.76 -13.19 16.52
N LEU E 28 -5.63 -13.18 17.56
CA LEU E 28 -6.98 -12.56 17.50
C LEU E 28 -7.90 -13.25 16.45
N ALA E 29 -8.82 -14.11 16.94
CA ALA E 29 -9.83 -14.85 16.15
C ALA E 29 -11.15 -14.83 17.00
N PRO E 30 -11.21 -15.43 18.25
CA PRO E 30 -12.42 -15.34 19.19
C PRO E 30 -13.26 -14.00 19.11
N LEU E 31 -12.61 -12.86 19.46
CA LEU E 31 -13.20 -11.51 19.46
C LEU E 31 -13.65 -11.11 18.02
N HIS E 32 -12.85 -11.48 16.97
CA HIS E 32 -13.25 -11.18 15.52
C HIS E 32 -14.61 -11.92 15.23
N ASP E 33 -14.79 -13.16 15.77
CA ASP E 33 -16.07 -13.95 15.61
C ASP E 33 -17.27 -13.13 16.22
N ALA E 34 -17.03 -12.42 17.37
CA ALA E 34 -18.08 -11.55 18.02
C ALA E 34 -18.53 -10.45 16.99
N LYS E 35 -17.54 -9.90 16.20
CA LYS E 35 -17.80 -8.86 15.14
C LYS E 35 -18.78 -9.44 14.07
N ARG E 36 -18.57 -10.76 13.73
CA ARG E 36 -19.41 -11.52 12.73
C ARG E 36 -20.91 -11.56 13.19
N LYS E 37 -21.14 -11.65 14.53
CA LYS E 37 -22.53 -11.74 15.11
C LYS E 37 -23.41 -10.50 14.71
N ILE E 38 -22.79 -9.28 14.70
CA ILE E 38 -23.47 -7.97 14.34
C ILE E 38 -23.21 -7.55 12.87
N GLU E 39 -22.45 -8.38 12.06
CA GLU E 39 -22.06 -8.12 10.59
C GLU E 39 -22.97 -7.09 9.82
N GLN E 40 -24.27 -7.04 10.16
CA GLN E 40 -25.27 -6.09 9.58
C GLN E 40 -24.77 -4.60 9.72
N GLU E 41 -23.71 -4.37 10.56
CA GLU E 41 -23.09 -3.02 10.80
C GLU E 41 -22.64 -2.36 9.47
N ALA E 42 -22.48 -3.18 8.39
CA ALA E 42 -22.06 -2.69 7.05
C ALA E 42 -23.09 -1.67 6.47
N GLU E 43 -24.31 -1.64 7.08
CA GLU E 43 -25.45 -0.73 6.71
C GLU E 43 -25.53 0.46 7.70
N ALA E 44 -24.70 0.47 8.79
CA ALA E 44 -24.70 1.56 9.82
C ALA E 44 -24.14 2.90 9.23
N HIS E 45 -22.80 2.97 9.07
CA HIS E 45 -22.07 4.18 8.54
C HIS E 45 -22.42 4.45 7.05
N THR E 46 -23.26 3.58 6.42
CA THR E 46 -23.67 3.74 4.99
C THR E 46 -24.44 5.08 4.77
N ASP E 47 -24.88 5.72 5.88
CA ASP E 47 -25.64 7.01 5.86
C ASP E 47 -24.81 8.17 5.20
N ARG E 48 -23.47 8.27 5.52
CA ARG E 48 -22.57 9.33 4.96
C ARG E 48 -22.05 8.95 3.55
N VAL E 49 -22.23 7.66 3.17
CA VAL E 49 -21.88 7.14 1.80
C VAL E 49 -23.14 7.29 0.91
N ALA E 50 -24.34 7.22 1.57
CA ALA E 50 -25.67 7.37 0.92
C ALA E 50 -25.84 8.82 0.39
N TRP E 51 -24.88 9.75 0.77
CA TRP E 51 -24.85 11.18 0.29
C TRP E 51 -25.00 11.22 -1.25
N ALA E 52 -24.48 10.13 -1.84
CA ALA E 52 -24.46 9.82 -3.28
C ALA E 52 -25.85 9.99 -3.99
N GLY E 53 -26.96 9.58 -3.30
CA GLY E 53 -28.35 9.64 -3.84
C GLY E 53 -28.97 11.07 -3.91
N PHE E 54 -28.78 11.91 -2.83
CA PHE E 54 -29.38 13.28 -2.75
C PHE E 54 -28.88 14.23 -3.88
N ALA E 55 -27.67 13.98 -4.42
CA ALA E 55 -27.05 14.82 -5.49
C ALA E 55 -27.84 14.73 -6.84
N ALA E 56 -28.22 13.48 -7.21
CA ALA E 56 -28.96 13.19 -8.48
C ALA E 56 -30.42 13.69 -8.40
N SER E 57 -31.01 13.70 -7.18
CA SER E 57 -32.42 14.11 -6.93
C SER E 57 -32.71 15.58 -7.34
N GLY E 58 -31.65 16.42 -7.36
CA GLY E 58 -31.76 17.86 -7.70
C GLY E 58 -32.29 18.12 -9.14
N VAL E 59 -31.64 17.50 -10.15
CA VAL E 59 -31.95 17.67 -11.62
C VAL E 59 -33.22 16.91 -12.12
N GLN E 60 -33.70 15.82 -11.43
CA GLN E 60 -34.89 15.01 -11.91
C GLN E 60 -36.09 15.93 -12.36
N THR E 61 -36.30 17.04 -11.62
CA THR E 61 -37.38 18.05 -11.92
C THR E 61 -37.00 18.93 -13.14
N GLY E 62 -35.68 19.06 -13.40
CA GLY E 62 -35.11 19.88 -14.51
C GLY E 62 -35.60 19.48 -15.91
N LEU E 63 -35.91 18.17 -16.10
CA LEU E 63 -36.41 17.59 -17.41
C LEU E 63 -37.75 18.27 -17.85
N PHE E 64 -38.61 18.55 -16.84
CA PHE E 64 -39.94 19.22 -17.01
C PHE E 64 -39.72 20.60 -17.69
N ALA E 65 -38.61 21.29 -17.31
CA ALA E 65 -38.24 22.63 -17.88
C ALA E 65 -38.05 22.53 -19.43
N ARG E 66 -37.43 21.41 -19.97
CA ARG E 66 -37.23 21.24 -21.47
C ARG E 66 -38.63 21.25 -22.16
N LEU E 67 -39.64 20.56 -21.52
CA LEU E 67 -41.05 20.52 -22.05
C LEU E 67 -41.69 21.97 -22.07
N THR E 68 -41.42 22.76 -20.98
CA THR E 68 -41.98 24.13 -20.79
C THR E 68 -41.56 25.18 -21.87
N TRP E 69 -40.27 25.16 -22.34
CA TRP E 69 -39.71 26.16 -23.33
C TRP E 69 -39.23 25.48 -24.63
N TRP E 70 -40.00 24.47 -25.05
CA TRP E 70 -39.73 23.64 -26.28
C TRP E 70 -39.38 24.45 -27.57
N GLU E 71 -39.61 25.82 -27.56
CA GLU E 71 -39.38 26.71 -28.76
C GLU E 71 -37.96 27.38 -28.79
N TYR E 72 -37.23 27.46 -27.63
CA TYR E 72 -35.87 28.09 -27.56
C TYR E 72 -34.87 27.41 -28.57
N SER E 73 -34.80 26.05 -28.52
CA SER E 73 -33.91 25.24 -29.42
C SER E 73 -34.22 23.72 -29.28
N TRP E 74 -34.28 23.27 -28.00
CA TRP E 74 -34.56 21.87 -27.56
C TRP E 74 -33.25 21.10 -27.31
N ASP E 75 -32.25 21.33 -28.19
CA ASP E 75 -30.89 20.75 -28.09
C ASP E 75 -30.30 21.30 -26.74
N ILE E 76 -30.53 20.54 -25.67
CA ILE E 76 -30.20 20.91 -24.26
C ILE E 76 -30.14 19.57 -23.50
N VAL E 77 -30.21 18.36 -24.22
CA VAL E 77 -30.13 17.04 -23.54
C VAL E 77 -28.74 16.89 -22.91
N GLU E 78 -28.38 15.68 -22.39
CA GLU E 78 -27.07 15.39 -21.72
C GLU E 78 -26.93 15.76 -20.15
N PRO E 79 -27.77 16.63 -19.43
CA PRO E 79 -27.45 17.00 -17.96
C PRO E 79 -27.45 15.84 -16.92
N VAL E 80 -28.46 14.95 -17.05
CA VAL E 80 -28.67 13.89 -16.02
C VAL E 80 -27.48 12.93 -15.78
N THR E 81 -26.75 12.41 -16.83
CA THR E 81 -25.63 11.47 -16.54
C THR E 81 -24.45 12.07 -15.69
N TYR E 82 -23.94 13.36 -15.93
CA TYR E 82 -22.77 13.85 -15.11
C TYR E 82 -23.15 13.91 -13.61
N PHE E 83 -24.40 14.35 -13.26
CA PHE E 83 -24.81 14.39 -11.81
C PHE E 83 -24.76 12.92 -11.21
N ALA E 84 -25.22 11.92 -12.02
CA ALA E 84 -25.17 10.46 -11.64
C ALA E 84 -23.71 10.02 -11.44
N THR E 85 -22.84 10.53 -12.37
CA THR E 85 -21.38 10.25 -12.37
C THR E 85 -20.75 10.75 -11.04
N TYR E 86 -21.23 11.93 -10.56
CA TYR E 86 -20.72 12.56 -9.28
C TYR E 86 -20.95 11.53 -8.12
N SER E 87 -22.11 10.83 -8.17
CA SER E 87 -22.47 9.75 -7.18
C SER E 87 -21.39 8.62 -7.23
N THR E 88 -20.92 8.32 -8.47
CA THR E 88 -19.87 7.24 -8.72
C THR E 88 -18.54 7.56 -7.96
N VAL E 89 -18.11 8.86 -7.96
CA VAL E 89 -16.85 9.32 -7.24
C VAL E 89 -17.02 8.96 -5.73
N ALA E 90 -18.29 9.06 -5.20
CA ALA E 90 -18.56 8.73 -3.77
C ALA E 90 -18.08 7.26 -3.53
N ALA E 91 -18.32 6.35 -4.55
CA ALA E 91 -17.81 4.93 -4.47
C ALA E 91 -16.24 4.93 -4.36
N THR E 92 -15.58 5.84 -5.17
CA THR E 92 -14.10 5.99 -5.19
C THR E 92 -13.52 6.48 -3.82
N PHE E 93 -14.20 7.47 -3.11
CA PHE E 93 -13.70 8.02 -1.79
C PHE E 93 -13.60 6.87 -0.76
N GLY E 94 -14.58 5.97 -0.85
CA GLY E 94 -14.76 4.79 0.03
C GLY E 94 -13.46 4.01 0.42
N TYR E 95 -12.46 3.93 -0.51
CA TYR E 95 -11.19 3.14 -0.28
C TYR E 95 -10.47 3.46 1.07
N TYR E 96 -10.57 4.72 1.52
CA TYR E 96 -9.94 5.26 2.74
C TYR E 96 -10.76 4.91 4.00
N LEU E 97 -12.03 5.39 4.04
CA LEU E 97 -12.95 5.20 5.22
C LEU E 97 -13.43 3.72 5.43
N TYR E 98 -13.32 2.78 4.42
CA TYR E 98 -13.96 1.40 4.55
C TYR E 98 -13.70 0.70 5.93
N THR E 99 -12.42 0.35 6.27
CA THR E 99 -12.12 -0.33 7.59
C THR E 99 -12.29 0.64 8.82
N GLN E 100 -11.99 1.98 8.66
CA GLN E 100 -12.11 3.02 9.75
C GLN E 100 -13.53 3.14 10.39
N GLN E 101 -14.62 2.75 9.66
CA GLN E 101 -16.04 2.94 10.09
C GLN E 101 -16.27 2.52 11.58
N SER E 102 -15.45 1.56 12.03
CA SER E 102 -15.47 1.02 13.41
C SER E 102 -15.09 2.11 14.48
N PHE E 103 -14.12 3.01 14.14
CA PHE E 103 -13.59 4.07 15.06
C PHE E 103 -14.61 5.22 15.35
N GLU E 104 -15.18 5.80 14.27
CA GLU E 104 -16.11 6.99 14.32
C GLU E 104 -17.55 6.73 14.90
N TYR E 105 -18.19 5.59 14.51
CA TYR E 105 -19.63 5.28 14.86
C TYR E 105 -19.97 5.26 16.40
N PRO E 106 -19.13 4.70 17.33
CA PRO E 106 -19.49 4.64 18.83
C PRO E 106 -19.81 6.04 19.45
N SER E 107 -18.95 7.04 19.13
CA SER E 107 -19.06 8.44 19.63
C SER E 107 -19.03 8.50 21.19
N ALA E 108 -18.26 7.55 21.78
CA ALA E 108 -18.06 7.39 23.24
C ALA E 108 -19.35 6.88 23.96
N ARG E 109 -20.56 7.26 23.44
CA ARG E 109 -21.89 6.86 24.02
C ARG E 109 -22.08 7.42 25.46
N GLU E 110 -21.12 8.26 25.92
CA GLU E 110 -21.11 8.89 27.28
C GLU E 110 -21.11 7.83 28.40
N ARG E 111 -21.05 8.30 29.68
CA ARG E 111 -21.02 7.42 30.89
C ARG E 111 -19.67 6.60 30.88
N VAL E 112 -18.56 7.32 31.18
CA VAL E 112 -17.16 6.77 31.19
C VAL E 112 -16.94 5.68 32.30
N TYR E 113 -17.71 4.58 32.21
CA TYR E 113 -17.61 3.40 33.15
C TYR E 113 -18.41 2.23 32.50
N THR E 114 -17.85 0.98 32.54
CA THR E 114 -18.47 -0.25 31.98
C THR E 114 -18.83 -0.07 30.46
N LYS E 115 -17.85 -0.40 29.56
CA LYS E 115 -18.02 -0.29 28.07
C LYS E 115 -16.84 -1.04 27.37
N GLN E 116 -16.27 -2.05 28.08
CA GLN E 116 -15.13 -2.88 27.60
C GLN E 116 -13.83 -1.98 27.42
N PHE E 117 -12.63 -2.53 27.77
CA PHE E 117 -11.32 -1.79 27.70
C PHE E 117 -11.02 -1.28 26.24
N TYR E 118 -11.02 -2.22 25.27
CA TYR E 118 -10.82 -1.94 23.82
C TYR E 118 -11.29 -3.19 23.02
N ARG E 119 -12.58 -3.16 22.57
CA ARG E 119 -13.26 -4.24 21.82
C ARG E 119 -14.55 -3.62 21.23
N ARG E 120 -15.53 -3.34 22.14
CA ARG E 120 -16.87 -2.72 21.86
C ARG E 120 -17.50 -3.13 20.49
N ALA E 121 -17.17 -4.35 20.03
CA ALA E 121 -17.67 -4.94 18.75
C ALA E 121 -17.46 -3.98 17.54
N GLN E 122 -18.07 -4.34 16.37
CA GLN E 122 -17.98 -3.55 15.10
C GLN E 122 -16.50 -3.35 14.64
N LYS E 123 -15.55 -4.14 15.22
CA LYS E 123 -14.07 -4.10 14.93
C LYS E 123 -13.76 -3.99 13.39
N GLN E 124 -12.53 -3.48 13.06
CA GLN E 124 -12.04 -3.26 11.64
C GLN E 124 -11.83 -4.66 10.91
N ASN E 125 -10.59 -5.20 10.95
CA ASN E 125 -10.20 -6.51 10.34
C ASN E 125 -10.39 -6.59 8.79
N PHE E 126 -9.24 -6.37 8.09
CA PHE E 126 -9.05 -6.42 6.62
C PHE E 126 -7.75 -5.57 6.39
N ASP E 127 -6.60 -6.27 6.52
CA ASP E 127 -5.22 -5.76 6.34
C ASP E 127 -4.65 -4.85 7.49
N ILE E 128 -5.45 -3.87 8.05
CA ILE E 128 -4.91 -2.93 9.12
C ILE E 128 -4.71 -3.67 10.49
N GLU E 129 -5.77 -4.42 10.95
CA GLU E 129 -5.75 -5.12 12.29
C GLU E 129 -4.63 -6.18 12.44
N LYS E 130 -4.50 -7.16 11.47
CA LYS E 130 -3.51 -8.27 11.65
C LYS E 130 -2.06 -7.78 11.55
N TYR E 131 -1.68 -7.01 10.50
CA TYR E 131 -0.32 -6.49 10.30
C TYR E 131 0.27 -5.79 11.57
N ASN E 132 -0.48 -4.83 12.19
CA ASN E 132 0.04 -4.11 13.40
C ASN E 132 0.09 -5.02 14.63
N ARG E 133 -1.04 -5.67 14.85
CA ARG E 133 -1.28 -6.51 16.07
C ARG E 133 -0.34 -7.78 16.15
N LEU E 134 -0.23 -8.64 15.07
CA LEU E 134 0.70 -9.84 15.18
C LEU E 134 2.18 -9.38 15.22
N VAL E 135 2.65 -8.32 14.38
CA VAL E 135 4.07 -7.87 14.51
C VAL E 135 4.32 -7.51 16.07
N THR E 136 3.21 -7.09 16.81
CA THR E 136 3.29 -6.84 18.33
C THR E 136 3.64 -8.18 19.06
N GLU E 137 3.14 -9.33 18.55
CA GLU E 137 3.49 -10.71 19.14
C GLU E 137 5.05 -10.80 19.26
N VAL E 138 5.70 -10.19 18.25
CA VAL E 138 7.20 -10.12 18.18
C VAL E 138 7.68 -9.29 19.41
N ASP E 139 6.99 -8.16 19.73
CA ASP E 139 7.33 -7.31 20.96
C ASP E 139 7.45 -8.24 22.24
N GLU E 140 6.67 -9.38 22.24
CA GLU E 140 6.73 -10.36 23.37
C GLU E 140 8.13 -11.06 23.35
N LEU E 141 8.72 -11.35 22.10
CA LEU E 141 10.11 -11.98 22.04
C LEU E 141 11.12 -11.08 22.77
N ARG E 142 10.88 -9.73 22.75
CA ARG E 142 11.85 -8.75 23.40
C ARG E 142 11.85 -9.01 24.93
N ASN E 143 10.66 -9.42 25.51
CA ASN E 143 10.63 -9.73 27.00
C ASN E 143 11.41 -11.05 27.31
N GLN E 144 11.25 -12.09 26.43
CA GLN E 144 11.90 -13.42 26.61
C GLN E 144 13.46 -13.34 26.56
N LEU E 145 14.04 -12.67 25.51
CA LEU E 145 15.53 -12.55 25.34
C LEU E 145 16.16 -11.89 26.62
N LYS E 146 15.59 -10.73 27.09
CA LYS E 146 16.14 -10.01 28.30
C LYS E 146 16.38 -10.96 29.52
N ARG E 147 15.38 -11.87 29.88
CA ARG E 147 15.59 -12.82 31.03
C ARG E 147 16.69 -13.87 30.60
N LEU E 148 16.59 -14.38 29.31
CA LEU E 148 17.59 -15.34 28.70
C LEU E 148 19.07 -14.79 28.82
N ARG E 149 19.26 -13.42 28.66
CA ARG E 149 20.61 -12.75 28.70
C ARG E 149 21.24 -12.70 30.13
N ASP E 150 20.43 -12.50 31.22
CA ASP E 150 20.99 -12.44 32.64
C ASP E 150 21.98 -13.67 33.02
N PRO E 151 21.63 -15.01 32.81
CA PRO E 151 22.57 -16.21 33.12
C PRO E 151 23.88 -16.10 32.32
N LEU E 152 24.81 -17.12 32.41
CA LEU E 152 26.12 -17.11 31.76
C LEU E 152 26.82 -18.28 32.49
N GLU E 153 27.33 -19.20 31.71
CA GLU E 153 28.00 -20.47 32.17
C GLU E 153 29.35 -20.16 32.87
N MET A 1 29.32 -44.16 10.76
CA MET A 1 30.61 -43.40 10.70
C MET A 1 30.37 -42.09 9.88
N ALA A 2 29.40 -42.13 8.93
CA ALA A 2 29.03 -40.97 8.06
C ALA A 2 28.42 -39.81 8.92
N ALA A 3 27.20 -40.08 9.46
CA ALA A 3 26.42 -39.12 10.31
C ALA A 3 26.14 -37.76 9.58
N LEU A 4 24.83 -37.46 9.30
CA LEU A 4 24.40 -36.21 8.62
C LEU A 4 24.72 -34.96 9.49
N SER A 5 24.36 -33.76 8.98
CA SER A 5 24.59 -32.45 9.66
C SER A 5 26.10 -32.19 9.96
N VAL A 6 26.97 -32.97 9.26
CA VAL A 6 28.45 -32.89 9.37
C VAL A 6 28.94 -33.25 10.82
N ASP A 7 28.66 -34.52 11.24
CA ASP A 7 29.05 -35.09 12.56
C ASP A 7 28.75 -34.12 13.78
N GLU A 8 27.66 -34.40 14.56
CA GLU A 8 27.26 -33.59 15.75
C GLU A 8 26.19 -34.36 16.56
N TYR A 9 26.34 -35.71 16.61
CA TYR A 9 25.44 -36.64 17.37
C TYR A 9 23.95 -36.54 16.88
N LYS A 10 23.08 -37.45 17.38
CA LYS A 10 21.63 -37.54 17.02
C LYS A 10 20.77 -36.69 18.03
N LEU A 11 19.97 -35.72 17.49
CA LEU A 11 19.07 -34.83 18.29
C LEU A 11 18.09 -34.09 17.34
N SER A 12 17.96 -34.60 16.09
CA SER A 12 17.08 -34.05 15.01
C SER A 12 16.30 -35.22 14.39
N ARG A 13 15.96 -36.18 15.28
CA ARG A 13 15.24 -37.42 14.97
C ARG A 13 13.81 -37.13 14.41
N GLU A 14 13.05 -36.17 15.04
CA GLU A 14 11.66 -35.82 14.56
C GLU A 14 11.09 -34.45 15.11
N LYS A 15 11.29 -34.06 16.43
CA LYS A 15 10.66 -32.76 16.94
C LYS A 15 11.20 -31.49 16.16
N LYS A 16 12.54 -31.41 15.90
CA LYS A 16 13.14 -30.25 15.13
C LYS A 16 12.59 -30.24 13.67
N LEU A 17 12.46 -31.47 13.11
CA LEU A 17 11.94 -31.70 11.71
C LEU A 17 10.48 -31.15 11.60
N LEU A 18 9.65 -31.39 12.67
CA LEU A 18 8.22 -30.92 12.70
C LEU A 18 8.12 -29.35 12.62
N LEU A 19 9.00 -28.57 13.36
CA LEU A 19 8.96 -27.05 13.28
C LEU A 19 9.28 -26.58 11.81
N GLN A 20 10.28 -27.22 11.13
CA GLN A 20 10.64 -26.90 9.70
C GLN A 20 9.39 -27.17 8.81
N LEU A 21 8.66 -28.29 9.13
CA LEU A 21 7.41 -28.71 8.44
C LEU A 21 6.31 -27.60 8.59
N GLU A 22 6.20 -26.93 9.82
CA GLU A 22 5.18 -25.86 10.03
C GLU A 22 5.42 -24.71 9.01
N ASN A 23 6.72 -24.39 8.78
CA ASN A 23 7.10 -23.29 7.82
C ASN A 23 6.59 -23.58 6.39
N ALA A 24 6.72 -24.87 5.94
CA ALA A 24 6.28 -25.28 4.57
C ALA A 24 4.75 -25.07 4.36
N GLU A 25 3.94 -25.46 5.39
CA GLU A 25 2.44 -25.30 5.35
C GLU A 25 2.02 -23.79 5.28
N THR A 26 2.74 -22.95 6.08
CA THR A 26 2.47 -21.49 6.22
C THR A 26 2.63 -20.69 4.88
N LEU A 27 3.68 -21.02 4.09
CA LEU A 27 4.01 -20.31 2.78
C LEU A 27 2.85 -20.44 1.73
N LEU A 28 2.21 -21.63 1.64
CA LEU A 28 1.15 -21.95 0.65
C LEU A 28 1.71 -21.86 -0.82
N ALA A 29 1.89 -23.04 -1.46
CA ALA A 29 2.37 -23.20 -2.84
C ALA A 29 1.45 -24.19 -3.63
N PRO A 30 0.78 -25.24 -3.04
CA PRO A 30 -0.07 -26.21 -3.84
C PRO A 30 -1.50 -25.66 -3.99
N LEU A 31 -2.05 -25.18 -2.87
CA LEU A 31 -3.39 -24.53 -2.81
C LEU A 31 -3.32 -23.28 -3.73
N HIS A 32 -2.16 -22.56 -3.70
CA HIS A 32 -1.95 -21.36 -4.61
C HIS A 32 -1.97 -21.87 -6.12
N ASP A 33 -1.33 -23.07 -6.39
CA ASP A 33 -1.35 -23.74 -7.76
C ASP A 33 -2.84 -24.05 -8.13
N ALA A 34 -3.69 -24.44 -7.13
CA ALA A 34 -5.14 -24.74 -7.36
C ALA A 34 -5.80 -23.47 -7.99
N LYS A 35 -5.36 -22.25 -7.54
CA LYS A 35 -5.88 -20.93 -8.09
C LYS A 35 -5.60 -20.90 -9.62
N ARG A 36 -4.40 -21.39 -10.03
CA ARG A 36 -3.97 -21.45 -11.49
C ARG A 36 -4.98 -22.33 -12.32
N LYS A 37 -5.46 -23.46 -11.71
CA LYS A 37 -6.36 -24.45 -12.40
C LYS A 37 -7.71 -23.84 -12.93
N ILE A 38 -8.34 -22.93 -12.14
CA ILE A 38 -9.66 -22.29 -12.48
C ILE A 38 -9.54 -21.09 -13.45
N GLU A 39 -8.29 -20.74 -13.92
CA GLU A 39 -8.00 -19.56 -14.84
C GLU A 39 -9.18 -19.17 -15.81
N GLN A 40 -9.89 -20.20 -16.33
CA GLN A 40 -11.06 -20.03 -17.25
C GLN A 40 -12.30 -19.57 -16.44
N GLU A 41 -12.74 -20.45 -15.50
CA GLU A 41 -13.92 -20.24 -14.61
C GLU A 41 -13.65 -19.11 -13.57
N ALA A 42 -12.43 -18.50 -13.60
CA ALA A 42 -12.01 -17.41 -12.65
C ALA A 42 -12.91 -16.15 -12.83
N GLU A 43 -13.71 -16.12 -13.93
CA GLU A 43 -14.64 -15.00 -14.25
C GLU A 43 -15.81 -14.93 -13.23
N ALA A 44 -15.82 -15.84 -12.23
CA ALA A 44 -16.88 -15.93 -11.16
C ALA A 44 -17.07 -14.56 -10.42
N HIS A 45 -15.95 -13.78 -10.32
CA HIS A 45 -15.92 -12.46 -9.61
C HIS A 45 -16.78 -11.39 -10.35
N THR A 46 -16.89 -11.52 -11.70
CA THR A 46 -17.64 -10.52 -12.56
C THR A 46 -19.11 -10.35 -12.13
N ASP A 47 -19.62 -11.28 -11.27
CA ASP A 47 -21.02 -11.24 -10.73
C ASP A 47 -21.23 -9.96 -9.86
N ARG A 48 -20.12 -9.47 -9.24
CA ARG A 48 -20.11 -8.27 -8.36
C ARG A 48 -19.81 -6.99 -9.20
N VAL A 49 -19.06 -7.12 -10.33
CA VAL A 49 -18.75 -5.98 -11.23
C VAL A 49 -20.02 -5.68 -12.07
N ALA A 50 -20.92 -6.71 -12.12
CA ALA A 50 -22.23 -6.64 -12.84
C ALA A 50 -23.15 -5.59 -12.18
N TRP A 51 -22.76 -5.08 -10.94
CA TRP A 51 -23.54 -4.00 -10.23
C TRP A 51 -23.79 -2.81 -11.21
N ALA A 52 -22.77 -2.63 -12.07
CA ALA A 52 -22.67 -1.60 -13.11
C ALA A 52 -23.29 -2.08 -14.46
N GLY A 53 -23.41 -3.42 -14.65
CA GLY A 53 -23.96 -4.03 -15.92
C GLY A 53 -25.33 -3.44 -16.32
N PHE A 54 -26.11 -3.01 -15.30
CA PHE A 54 -27.46 -2.42 -15.49
C PHE A 54 -27.36 -0.95 -16.02
N ALA A 55 -26.25 -0.25 -15.64
CA ALA A 55 -26.00 1.18 -16.02
C ALA A 55 -25.89 1.35 -17.57
N ALA A 56 -25.08 0.48 -18.21
CA ALA A 56 -24.81 0.49 -19.67
C ALA A 56 -26.00 -0.09 -20.48
N SER A 57 -26.72 -1.08 -19.90
CA SER A 57 -27.85 -1.79 -20.58
C SER A 57 -29.05 -0.85 -20.92
N GLY A 58 -29.18 0.26 -20.18
CA GLY A 58 -30.31 1.22 -20.38
C GLY A 58 -30.31 1.90 -21.77
N VAL A 59 -29.17 2.56 -22.13
CA VAL A 59 -29.00 3.35 -23.41
C VAL A 59 -28.80 2.53 -24.71
N GLN A 60 -28.31 1.25 -24.68
CA GLN A 60 -28.07 0.45 -25.95
C GLN A 60 -29.31 0.51 -26.90
N THR A 61 -30.51 0.53 -26.28
CA THR A 61 -31.83 0.64 -26.99
C THR A 61 -32.05 2.10 -27.47
N GLY A 62 -31.41 3.04 -26.76
CA GLY A 62 -31.50 4.51 -27.00
C GLY A 62 -31.10 4.97 -28.42
N LEU A 63 -30.15 4.24 -29.09
CA LEU A 63 -29.67 4.60 -30.47
C LEU A 63 -30.86 4.57 -31.50
N PHE A 64 -31.73 3.55 -31.31
CA PHE A 64 -32.93 3.33 -32.15
C PHE A 64 -33.85 4.57 -32.08
N ALA A 65 -33.93 5.19 -30.87
CA ALA A 65 -34.77 6.40 -30.62
C ALA A 65 -34.34 7.59 -31.56
N ARG A 66 -32.98 7.78 -31.81
CA ARG A 66 -32.50 8.88 -32.73
C ARG A 66 -33.13 8.65 -34.14
N LEU A 67 -33.16 7.34 -34.57
CA LEU A 67 -33.77 6.93 -35.89
C LEU A 67 -35.32 7.24 -36.02
N THR A 68 -36.13 7.04 -34.92
CA THR A 68 -37.63 7.18 -34.98
C THR A 68 -38.13 8.59 -35.40
N TRP A 69 -37.50 9.68 -34.89
CA TRP A 69 -37.89 11.09 -35.24
C TRP A 69 -36.86 11.61 -36.26
N TRP A 70 -35.58 11.58 -35.86
CA TRP A 70 -34.42 11.99 -36.68
C TRP A 70 -34.50 13.46 -37.28
N GLU A 71 -35.71 14.14 -37.23
CA GLU A 71 -35.95 15.51 -37.81
C GLU A 71 -35.89 16.66 -36.76
N TYR A 72 -36.22 16.36 -35.46
CA TYR A 72 -36.23 17.37 -34.34
C TYR A 72 -34.98 18.33 -34.40
N SER A 73 -33.79 17.72 -34.68
CA SER A 73 -32.49 18.45 -34.83
C SER A 73 -31.38 17.47 -35.31
N TRP A 74 -31.27 16.34 -34.58
CA TRP A 74 -30.29 15.22 -34.80
C TRP A 74 -29.09 15.37 -33.83
N ASP A 75 -28.66 16.64 -33.62
CA ASP A 75 -27.59 17.04 -32.66
C ASP A 75 -28.10 16.61 -31.25
N ILE A 76 -27.77 15.36 -30.88
CA ILE A 76 -28.25 14.69 -29.62
C ILE A 76 -27.21 13.57 -29.32
N VAL A 77 -26.07 13.49 -30.13
CA VAL A 77 -25.04 12.44 -29.94
C VAL A 77 -24.41 12.49 -28.52
N GLU A 78 -23.38 11.63 -28.29
CA GLU A 78 -22.66 11.45 -26.97
C GLU A 78 -23.31 10.45 -25.91
N PRO A 79 -24.61 9.96 -25.92
CA PRO A 79 -25.10 9.15 -24.70
C PRO A 79 -24.34 7.81 -24.36
N VAL A 80 -24.02 6.98 -25.38
CA VAL A 80 -23.35 5.66 -25.14
C VAL A 80 -21.92 5.72 -24.50
N THR A 81 -20.98 6.62 -24.97
CA THR A 81 -19.60 6.65 -24.39
C THR A 81 -19.53 7.05 -22.88
N TYR A 82 -20.30 8.10 -22.38
CA TYR A 82 -20.21 8.51 -20.94
C TYR A 82 -20.65 7.34 -19.99
N PHE A 83 -21.73 6.57 -20.34
CA PHE A 83 -22.14 5.36 -19.55
C PHE A 83 -21.00 4.27 -19.60
N ALA A 84 -20.31 4.14 -20.79
CA ALA A 84 -19.22 3.13 -20.96
C ALA A 84 -18.08 3.44 -19.95
N THR A 85 -17.82 4.76 -19.78
CA THR A 85 -16.80 5.31 -18.85
C THR A 85 -17.14 4.91 -17.36
N TYR A 86 -18.45 4.98 -17.04
CA TYR A 86 -19.02 4.62 -15.69
C TYR A 86 -18.71 3.11 -15.35
N SER A 87 -18.84 2.21 -16.37
CA SER A 87 -18.51 0.75 -16.21
C SER A 87 -17.02 0.59 -15.86
N THR A 88 -16.21 1.42 -16.54
CA THR A 88 -14.74 1.48 -16.37
C THR A 88 -14.37 1.86 -14.89
N VAL A 89 -15.13 2.81 -14.22
CA VAL A 89 -14.85 3.16 -12.76
C VAL A 89 -14.99 1.86 -11.92
N ALA A 90 -15.99 1.00 -12.32
CA ALA A 90 -16.24 -0.33 -11.63
C ALA A 90 -14.92 -1.15 -11.71
N ALA A 91 -14.19 -1.03 -12.87
CA ALA A 91 -12.87 -1.72 -13.07
C ALA A 91 -11.87 -1.23 -11.98
N THR A 92 -11.91 0.12 -11.68
CA THR A 92 -11.02 0.75 -10.66
C THR A 92 -11.29 0.14 -9.24
N PHE A 93 -12.59 -0.10 -8.85
CA PHE A 93 -12.91 -0.71 -7.51
C PHE A 93 -12.24 -2.10 -7.45
N GLY A 94 -12.29 -2.80 -8.58
CA GLY A 94 -11.75 -4.15 -8.81
C GLY A 94 -10.38 -4.49 -8.17
N TYR A 95 -9.49 -3.48 -7.90
CA TYR A 95 -8.13 -3.77 -7.28
C TYR A 95 -8.26 -4.07 -5.75
N TYR A 96 -9.40 -3.64 -5.13
CA TYR A 96 -9.65 -3.80 -3.66
C TYR A 96 -10.12 -5.23 -3.33
N LEU A 97 -11.27 -5.60 -3.91
CA LEU A 97 -11.96 -6.90 -3.71
C LEU A 97 -11.17 -8.09 -4.36
N TYR A 98 -10.19 -7.77 -5.26
CA TYR A 98 -9.42 -8.80 -6.06
C TYR A 98 -9.07 -10.09 -5.25
N THR A 99 -8.28 -9.98 -4.13
CA THR A 99 -7.90 -11.18 -3.30
C THR A 99 -9.13 -11.80 -2.56
N GLN A 100 -9.99 -10.93 -1.92
CA GLN A 100 -11.23 -11.36 -1.18
C GLN A 100 -12.16 -12.33 -1.99
N GLN A 101 -12.12 -12.28 -3.36
CA GLN A 101 -13.06 -13.05 -4.25
C GLN A 101 -13.20 -14.54 -3.82
N SER A 102 -12.13 -15.09 -3.19
CA SER A 102 -12.10 -16.49 -2.67
C SER A 102 -13.35 -16.79 -1.78
N PHE A 103 -13.79 -15.76 -1.00
CA PHE A 103 -14.99 -15.87 -0.10
C PHE A 103 -16.31 -15.95 -0.95
N GLU A 104 -16.42 -15.04 -1.95
CA GLU A 104 -17.59 -14.92 -2.88
C GLU A 104 -17.68 -16.11 -3.89
N TYR A 105 -16.51 -16.70 -4.22
CA TYR A 105 -16.38 -17.79 -5.27
C TYR A 105 -17.39 -19.01 -5.17
N PRO A 106 -17.85 -19.53 -3.97
CA PRO A 106 -18.80 -20.74 -3.92
C PRO A 106 -20.20 -20.44 -4.57
N SER A 107 -21.30 -20.97 -3.96
CA SER A 107 -22.71 -20.81 -4.44
C SER A 107 -22.96 -21.61 -5.73
N ALA A 108 -24.23 -21.62 -6.20
CA ALA A 108 -24.67 -22.35 -7.42
C ALA A 108 -24.41 -23.89 -7.30
N ARG A 109 -24.38 -24.37 -6.03
CA ARG A 109 -24.14 -25.80 -5.68
C ARG A 109 -24.55 -26.00 -4.19
N GLU A 110 -24.95 -27.24 -3.82
CA GLU A 110 -25.39 -27.62 -2.43
C GLU A 110 -26.65 -26.77 -2.00
N ARG A 111 -26.41 -25.51 -1.57
CA ARG A 111 -27.47 -24.52 -1.18
C ARG A 111 -28.27 -24.98 0.08
N VAL A 112 -27.79 -26.03 0.80
CA VAL A 112 -28.45 -26.56 2.05
C VAL A 112 -28.06 -25.62 3.22
N TYR A 113 -26.72 -25.46 3.40
CA TYR A 113 -26.12 -24.59 4.46
C TYR A 113 -24.60 -24.45 4.14
N THR A 114 -23.91 -25.62 4.04
CA THR A 114 -22.45 -25.71 3.73
C THR A 114 -22.21 -25.33 2.25
N LYS A 115 -20.96 -24.91 1.90
CA LYS A 115 -20.56 -24.48 0.52
C LYS A 115 -19.01 -24.25 0.47
N GLN A 116 -18.25 -25.37 0.70
CA GLN A 116 -16.74 -25.36 0.72
C GLN A 116 -16.22 -24.50 1.93
N PHE A 117 -17.17 -24.10 2.83
CA PHE A 117 -16.89 -23.27 4.04
C PHE A 117 -15.96 -24.04 5.03
N TYR A 118 -16.32 -25.34 5.29
CA TYR A 118 -15.56 -26.25 6.21
C TYR A 118 -14.13 -26.48 5.62
N ARG A 119 -13.06 -26.18 6.41
CA ARG A 119 -11.64 -26.31 5.97
C ARG A 119 -11.41 -25.46 4.69
N ARG A 120 -11.45 -24.10 4.86
CA ARG A 120 -11.30 -23.12 3.73
C ARG A 120 -9.97 -23.38 2.94
N ALA A 121 -8.86 -23.44 3.71
CA ALA A 121 -7.49 -23.69 3.18
C ALA A 121 -7.09 -22.66 2.08
N GLN A 122 -7.80 -21.49 2.08
CA GLN A 122 -7.57 -20.36 1.13
C GLN A 122 -7.72 -20.82 -0.35
N LYS A 123 -7.41 -19.90 -1.31
CA LYS A 123 -7.50 -20.17 -2.78
C LYS A 123 -6.65 -19.09 -3.54
N GLN A 124 -7.22 -17.85 -3.73
CA GLN A 124 -6.53 -16.69 -4.40
C GLN A 124 -5.45 -16.13 -3.41
N ASN A 125 -4.39 -15.40 -3.90
CA ASN A 125 -3.27 -14.84 -3.05
C ASN A 125 -2.28 -14.05 -3.97
N PHE A 126 -1.86 -12.83 -3.54
CA PHE A 126 -0.87 -12.00 -4.29
C PHE A 126 -0.39 -10.83 -3.40
N ASP A 127 -1.09 -10.57 -2.24
CA ASP A 127 -0.72 -9.44 -1.33
C ASP A 127 -1.27 -9.59 0.15
N ILE A 128 -2.63 -9.74 0.39
CA ILE A 128 -3.18 -9.82 1.83
C ILE A 128 -2.77 -11.20 2.44
N GLU A 129 -3.03 -12.34 1.71
CA GLU A 129 -2.69 -13.72 2.19
C GLU A 129 -1.17 -13.88 2.47
N LYS A 130 -0.33 -13.48 1.49
CA LYS A 130 1.15 -13.62 1.58
C LYS A 130 1.78 -12.80 2.73
N TYR A 131 1.48 -11.48 2.87
CA TYR A 131 2.09 -10.61 3.92
C TYR A 131 1.76 -11.05 5.38
N ASN A 132 0.43 -11.23 5.70
CA ASN A 132 0.01 -11.57 7.12
C ASN A 132 0.49 -12.94 7.58
N ARG A 133 0.22 -13.91 6.73
CA ARG A 133 0.48 -15.35 7.02
C ARG A 133 2.00 -15.67 7.27
N LEU A 134 2.94 -15.23 6.36
CA LEU A 134 4.42 -15.54 6.55
C LEU A 134 4.98 -14.81 7.82
N VAL A 135 4.63 -13.49 8.10
CA VAL A 135 5.12 -12.87 9.39
C VAL A 135 4.62 -13.80 10.60
N THR A 136 3.42 -14.48 10.46
CA THR A 136 2.91 -15.43 11.54
C THR A 136 3.99 -16.55 11.80
N GLU A 137 4.77 -16.90 10.73
CA GLU A 137 5.92 -17.90 10.87
C GLU A 137 6.84 -17.38 12.03
N VAL A 138 6.96 -16.00 12.14
CA VAL A 138 7.79 -15.39 13.28
C VAL A 138 7.19 -15.83 14.64
N ASP A 139 5.83 -15.88 14.73
CA ASP A 139 5.13 -16.31 16.02
C ASP A 139 5.71 -17.66 16.55
N GLU A 140 6.09 -18.58 15.60
CA GLU A 140 6.69 -19.91 16.00
C GLU A 140 8.11 -19.63 16.59
N LEU A 141 8.84 -18.59 16.04
CA LEU A 141 10.22 -18.21 16.60
C LEU A 141 10.08 -17.81 18.08
N ARG A 142 9.01 -17.03 18.40
CA ARG A 142 8.76 -16.56 19.81
C ARG A 142 8.59 -17.80 20.74
N ASN A 143 8.05 -18.98 20.20
CA ASN A 143 7.89 -20.22 21.06
C ASN A 143 9.27 -20.90 21.43
N GLN A 144 10.15 -21.03 20.41
CA GLN A 144 11.51 -21.69 20.54
C GLN A 144 12.40 -20.94 21.59
N LEU A 145 12.37 -19.61 21.49
CA LEU A 145 13.13 -18.67 22.36
C LEU A 145 12.63 -18.77 23.85
N LYS A 146 11.30 -18.89 24.04
CA LYS A 146 10.63 -19.07 25.37
C LYS A 146 11.26 -20.28 26.17
N ARG A 147 11.54 -21.48 25.50
CA ARG A 147 12.14 -22.62 26.27
C ARG A 147 13.58 -22.23 26.71
N LEU A 148 14.41 -21.66 25.76
CA LEU A 148 15.83 -21.21 26.10
C LEU A 148 15.90 -20.33 27.40
N ARG A 149 14.81 -19.56 27.69
CA ARG A 149 14.76 -18.70 28.92
C ARG A 149 14.64 -19.58 30.21
N ASP A 150 13.90 -20.73 30.13
CA ASP A 150 13.68 -21.63 31.34
C ASP A 150 15.02 -22.21 32.05
N PRO A 151 16.04 -22.85 31.38
CA PRO A 151 17.31 -23.38 32.10
C PRO A 151 18.20 -22.14 32.45
N LEU A 152 19.35 -21.95 31.73
CA LEU A 152 20.27 -20.80 31.88
C LEU A 152 20.23 -20.13 30.46
N GLU A 153 21.21 -20.53 29.63
CA GLU A 153 21.39 -20.13 28.20
C GLU A 153 21.08 -21.37 27.31
N MET B 1 47.51 -16.10 0.79
CA MET B 1 46.05 -16.38 1.00
C MET B 1 45.52 -17.08 -0.28
N ALA B 2 45.78 -16.43 -1.45
CA ALA B 2 45.35 -16.91 -2.80
C ALA B 2 43.82 -17.09 -2.91
N ALA B 3 43.34 -17.36 -4.16
CA ALA B 3 41.89 -17.58 -4.47
C ALA B 3 41.40 -18.94 -3.86
N LEU B 4 40.52 -18.88 -2.83
CA LEU B 4 39.97 -20.08 -2.13
C LEU B 4 38.75 -19.64 -1.27
N SER B 5 38.84 -18.40 -0.71
CA SER B 5 37.76 -17.79 0.14
C SER B 5 38.06 -16.29 0.36
N VAL B 6 37.07 -15.56 0.95
CA VAL B 6 37.17 -14.10 1.24
C VAL B 6 38.19 -13.87 2.40
N ASP B 7 38.24 -14.84 3.36
CA ASP B 7 39.14 -14.79 4.55
C ASP B 7 39.20 -16.19 5.21
N GLU B 8 40.06 -16.31 6.26
CA GLU B 8 40.29 -17.57 7.03
C GLU B 8 41.14 -17.23 8.28
N TYR B 9 40.59 -16.33 9.14
CA TYR B 9 41.24 -15.86 10.41
C TYR B 9 41.69 -17.06 11.33
N LYS B 10 40.68 -17.72 11.98
CA LYS B 10 40.89 -18.88 12.91
C LYS B 10 39.52 -19.53 13.23
N LEU B 11 38.46 -19.12 12.50
CA LEU B 11 37.06 -19.61 12.67
C LEU B 11 36.26 -19.21 11.39
N SER B 12 35.07 -19.86 11.18
CA SER B 12 34.18 -19.63 10.01
C SER B 12 34.84 -20.19 8.73
N ARG B 13 35.01 -21.52 8.77
CA ARG B 13 35.63 -22.33 7.69
C ARG B 13 34.77 -22.33 6.39
N GLU B 14 33.47 -22.76 6.50
CA GLU B 14 32.54 -22.84 5.33
C GLU B 14 31.04 -22.95 5.77
N LYS B 15 30.75 -23.67 6.89
CA LYS B 15 29.33 -23.87 7.37
C LYS B 15 28.64 -22.52 7.72
N LYS B 16 29.39 -21.61 8.40
CA LYS B 16 28.89 -20.25 8.79
C LYS B 16 28.54 -19.43 7.50
N LEU B 17 29.43 -19.55 6.47
CA LEU B 17 29.26 -18.89 5.13
C LEU B 17 27.97 -19.41 4.42
N LEU B 18 27.66 -20.74 4.54
CA LEU B 18 26.47 -21.36 3.86
C LEU B 18 25.16 -20.68 4.37
N LEU B 19 25.06 -20.43 5.70
CA LEU B 19 23.88 -19.69 6.29
C LEU B 19 23.81 -18.22 5.71
N GLN B 20 25.01 -17.54 5.58
CA GLN B 20 25.11 -16.16 4.98
C GLN B 20 24.62 -16.19 3.49
N LEU B 21 24.97 -17.29 2.76
CA LEU B 21 24.57 -17.49 1.33
C LEU B 21 23.00 -17.56 1.20
N GLU B 22 22.26 -18.24 2.18
CA GLU B 22 20.76 -18.34 2.12
C GLU B 22 20.15 -16.92 2.17
N ASN B 23 20.73 -16.08 3.09
CA ASN B 23 20.31 -14.66 3.25
C ASN B 23 20.55 -13.85 1.94
N ALA B 24 21.72 -14.09 1.27
CA ALA B 24 22.10 -13.40 0.00
C ALA B 24 21.07 -13.68 -1.14
N GLU B 25 20.60 -14.97 -1.23
CA GLU B 25 19.57 -15.38 -2.25
C GLU B 25 18.24 -14.59 -2.04
N THR B 26 17.85 -14.44 -0.74
CA THR B 26 16.58 -13.75 -0.34
C THR B 26 16.53 -12.26 -0.77
N LEU B 27 17.66 -11.53 -0.62
CA LEU B 27 17.77 -10.07 -0.99
C LEU B 27 17.52 -9.87 -2.53
N LEU B 28 18.07 -10.80 -3.35
CA LEU B 28 18.02 -10.81 -4.86
C LEU B 28 18.00 -9.40 -5.52
N ALA B 29 19.00 -8.56 -5.12
CA ALA B 29 19.24 -7.20 -5.65
C ALA B 29 19.71 -7.38 -7.13
N PRO B 30 20.71 -8.29 -7.44
CA PRO B 30 21.11 -8.66 -8.89
C PRO B 30 20.07 -8.36 -10.02
N LEU B 31 18.98 -9.16 -10.10
CA LEU B 31 17.91 -9.00 -11.10
C LEU B 31 17.19 -7.62 -10.96
N HIS B 32 16.94 -7.15 -9.68
CA HIS B 32 16.23 -5.84 -9.44
C HIS B 32 17.08 -4.61 -10.01
N ASP B 33 18.42 -4.63 -9.74
CA ASP B 33 19.39 -3.60 -10.27
C ASP B 33 19.42 -3.62 -11.82
N ALA B 34 19.36 -4.86 -12.39
CA ALA B 34 19.38 -5.09 -13.86
C ALA B 34 18.16 -4.37 -14.51
N LYS B 35 16.96 -4.37 -13.82
CA LYS B 35 15.71 -3.71 -14.36
C LYS B 35 16.01 -2.18 -14.54
N ARG B 36 16.73 -1.57 -13.54
CA ARG B 36 17.12 -0.11 -13.59
C ARG B 36 18.04 0.20 -14.83
N LYS B 37 18.99 -0.72 -15.11
CA LYS B 37 19.98 -0.57 -16.24
C LYS B 37 19.30 -0.48 -17.65
N ILE B 38 18.24 -1.32 -17.88
CA ILE B 38 17.49 -1.42 -19.19
C ILE B 38 16.22 -0.53 -19.22
N GLU B 39 15.96 0.23 -18.13
CA GLU B 39 14.73 1.09 -17.95
C GLU B 39 14.18 1.79 -19.25
N GLN B 40 15.06 1.97 -20.29
CA GLN B 40 14.66 2.57 -21.60
C GLN B 40 13.73 1.55 -22.37
N GLU B 41 14.15 0.26 -22.35
CA GLU B 41 13.43 -0.89 -22.99
C GLU B 41 12.17 -1.28 -22.17
N ALA B 42 11.87 -0.57 -21.04
CA ALA B 42 10.71 -0.86 -20.13
C ALA B 42 9.33 -0.95 -20.86
N GLU B 43 9.28 -0.80 -22.21
CA GLU B 43 8.03 -0.89 -23.04
C GLU B 43 7.14 -2.12 -22.64
N ALA B 44 7.76 -3.11 -21.94
CA ALA B 44 7.10 -4.32 -21.41
C ALA B 44 5.90 -3.95 -20.48
N HIS B 45 5.98 -2.70 -19.93
CA HIS B 45 4.95 -2.10 -19.03
C HIS B 45 3.66 -1.74 -19.84
N THR B 46 3.73 -0.60 -20.60
CA THR B 46 2.59 -0.06 -21.40
C THR B 46 2.04 -1.03 -22.46
N ASP B 47 2.63 -2.26 -22.55
CA ASP B 47 2.19 -3.32 -23.52
C ASP B 47 0.73 -3.78 -23.17
N ARG B 48 0.39 -3.81 -21.84
CA ARG B 48 -0.96 -4.20 -21.32
C ARG B 48 -1.91 -2.98 -21.18
N VAL B 49 -1.39 -1.76 -20.83
CA VAL B 49 -2.25 -0.53 -20.71
C VAL B 49 -2.83 -0.20 -22.11
N ALA B 50 -2.21 -0.80 -23.16
CA ALA B 50 -2.62 -0.69 -24.58
C ALA B 50 -4.01 -1.34 -24.79
N TRP B 51 -4.54 -2.09 -23.75
CA TRP B 51 -5.91 -2.74 -23.83
C TRP B 51 -6.96 -1.64 -24.20
N ALA B 52 -6.64 -0.43 -23.68
CA ALA B 52 -7.43 0.81 -23.83
C ALA B 52 -7.16 1.50 -25.20
N GLY B 53 -6.04 1.13 -25.87
CA GLY B 53 -5.63 1.71 -27.18
C GLY B 53 -6.66 1.42 -28.30
N PHE B 54 -7.38 0.27 -28.16
CA PHE B 54 -8.41 -0.18 -29.15
C PHE B 54 -9.72 0.66 -28.99
N ALA B 55 -9.99 1.14 -27.75
CA ALA B 55 -11.21 1.94 -27.42
C ALA B 55 -11.25 3.29 -28.21
N ALA B 56 -10.10 4.01 -28.20
CA ALA B 56 -9.95 5.32 -28.88
C ALA B 56 -9.82 5.16 -30.42
N SER B 57 -9.24 4.01 -30.86
CA SER B 57 -8.99 3.71 -32.30
C SER B 57 -10.27 3.76 -33.17
N GLY B 58 -11.45 3.54 -32.54
CA GLY B 58 -12.76 3.53 -33.25
C GLY B 58 -13.10 4.88 -33.96
N VAL B 59 -13.06 5.98 -33.16
CA VAL B 59 -13.41 7.38 -33.62
C VAL B 59 -12.34 8.09 -34.49
N GLN B 60 -11.01 7.70 -34.41
CA GLN B 60 -9.92 8.39 -35.20
C GLN B 60 -10.33 8.54 -36.72
N THR B 61 -10.95 7.47 -37.27
CA THR B 61 -11.47 7.44 -38.67
C THR B 61 -12.78 8.24 -38.79
N GLY B 62 -13.49 8.36 -37.65
CA GLY B 62 -14.81 9.04 -37.52
C GLY B 62 -14.83 10.52 -37.94
N LEU B 63 -13.69 11.25 -37.82
CA LEU B 63 -13.60 12.70 -38.19
C LEU B 63 -13.92 12.91 -39.71
N PHE B 64 -13.40 11.95 -40.54
CA PHE B 64 -13.60 11.92 -42.02
C PHE B 64 -15.13 11.82 -42.33
N ALA B 65 -15.84 11.00 -41.50
CA ALA B 65 -17.31 10.78 -41.59
C ALA B 65 -18.07 12.13 -41.43
N ARG B 66 -17.58 13.05 -40.51
CA ARG B 66 -18.26 14.38 -40.29
C ARG B 66 -18.27 15.16 -41.63
N LEU B 67 -17.11 15.10 -42.37
CA LEU B 67 -16.98 15.79 -43.70
C LEU B 67 -18.02 15.24 -44.76
N THR B 68 -18.19 13.90 -44.75
CA THR B 68 -19.07 13.14 -45.68
C THR B 68 -20.61 13.45 -45.61
N TRP B 69 -21.18 13.64 -44.36
CA TRP B 69 -22.67 13.84 -44.13
C TRP B 69 -23.06 15.26 -43.71
N TRP B 70 -22.36 16.26 -44.28
CA TRP B 70 -22.61 17.72 -44.01
C TRP B 70 -24.12 18.12 -44.21
N GLU B 71 -24.92 17.24 -44.88
CA GLU B 71 -26.37 17.50 -45.19
C GLU B 71 -27.31 17.23 -43.97
N TYR B 72 -26.88 16.39 -42.97
CA TYR B 72 -27.69 16.05 -41.77
C TYR B 72 -27.93 17.34 -40.91
N SER B 73 -26.81 18.00 -40.52
CA SER B 73 -26.82 19.26 -39.74
C SER B 73 -25.34 19.76 -39.66
N TRP B 74 -24.80 19.64 -38.45
CA TRP B 74 -23.46 19.98 -37.98
C TRP B 74 -23.63 19.86 -36.42
N ASP B 75 -22.75 20.53 -35.64
CA ASP B 75 -22.74 20.53 -34.14
C ASP B 75 -22.88 19.07 -33.60
N ILE B 76 -21.74 18.37 -33.63
CA ILE B 76 -21.59 16.91 -33.28
C ILE B 76 -20.16 16.79 -32.72
N VAL B 77 -19.39 17.95 -32.61
CA VAL B 77 -17.97 17.95 -32.15
C VAL B 77 -17.82 17.37 -30.74
N GLU B 78 -16.59 17.44 -30.19
CA GLU B 78 -16.21 16.87 -28.84
C GLU B 78 -15.98 15.28 -28.77
N PRO B 79 -16.22 14.35 -29.78
CA PRO B 79 -16.04 12.84 -29.50
C PRO B 79 -14.61 12.37 -29.13
N VAL B 80 -13.57 12.88 -29.84
CA VAL B 80 -12.18 12.37 -29.61
C VAL B 80 -11.63 12.60 -28.17
N THR B 81 -11.78 13.83 -27.51
CA THR B 81 -11.27 14.00 -26.11
C THR B 81 -12.00 13.11 -25.04
N TYR B 82 -13.40 12.93 -25.06
CA TYR B 82 -14.09 12.09 -24.01
C TYR B 82 -13.57 10.63 -24.09
N PHE B 83 -13.35 10.11 -25.34
CA PHE B 83 -12.75 8.74 -25.53
C PHE B 83 -11.31 8.77 -24.88
N ALA B 84 -10.55 9.90 -25.01
CA ALA B 84 -9.20 10.04 -24.38
C ALA B 84 -9.34 9.88 -22.81
N THR B 85 -10.43 10.50 -22.21
CA THR B 85 -10.72 10.38 -20.71
C THR B 85 -10.93 8.88 -20.33
N TYR B 86 -11.59 8.08 -21.23
CA TYR B 86 -11.84 6.62 -20.98
C TYR B 86 -10.45 5.92 -20.74
N SER B 87 -9.44 6.32 -21.56
CA SER B 87 -8.04 5.82 -21.41
C SER B 87 -7.41 6.23 -20.02
N THR B 88 -7.65 7.49 -19.55
CA THR B 88 -7.04 8.01 -18.25
C THR B 88 -7.50 7.16 -17.02
N VAL B 89 -8.82 6.78 -16.94
CA VAL B 89 -9.36 5.87 -15.86
C VAL B 89 -8.55 4.53 -15.97
N ALA B 90 -8.19 4.11 -17.23
CA ALA B 90 -7.32 2.88 -17.44
C ALA B 90 -5.96 3.09 -16.67
N ALA B 91 -5.40 4.38 -16.66
CA ALA B 91 -4.11 4.70 -15.92
C ALA B 91 -4.27 4.36 -14.41
N THR B 92 -5.49 4.70 -13.86
CA THR B 92 -5.87 4.42 -12.42
C THR B 92 -5.83 2.90 -12.11
N PHE B 93 -6.25 2.03 -13.07
CA PHE B 93 -6.25 0.52 -12.83
C PHE B 93 -4.78 0.07 -12.49
N GLY B 94 -3.83 0.73 -13.19
CA GLY B 94 -2.36 0.46 -13.17
C GLY B 94 -1.68 0.05 -11.84
N TYR B 95 -2.33 0.30 -10.69
CA TYR B 95 -1.76 -0.03 -9.30
C TYR B 95 -1.34 -1.52 -9.16
N TYR B 96 -2.34 -2.39 -9.38
CA TYR B 96 -2.21 -3.88 -9.31
C TYR B 96 -1.23 -4.40 -10.43
N LEU B 97 -1.34 -3.81 -11.64
CA LEU B 97 -0.55 -4.19 -12.86
C LEU B 97 1.02 -3.87 -12.82
N TYR B 98 1.59 -2.96 -11.94
CA TYR B 98 3.07 -2.57 -12.13
C TYR B 98 4.10 -3.72 -11.87
N THR B 99 4.17 -4.17 -10.59
CA THR B 99 5.14 -5.22 -10.16
C THR B 99 4.79 -6.64 -10.68
N GLN B 100 3.48 -7.04 -10.51
CA GLN B 100 2.95 -8.40 -10.89
C GLN B 100 3.34 -8.85 -12.32
N GLN B 101 3.56 -7.89 -13.27
CA GLN B 101 3.88 -8.21 -14.71
C GLN B 101 4.97 -9.32 -14.83
N SER B 102 5.85 -9.37 -13.78
CA SER B 102 6.92 -10.38 -13.64
C SER B 102 6.35 -11.84 -13.57
N PHE B 103 5.15 -12.05 -12.93
CA PHE B 103 4.53 -13.41 -12.78
C PHE B 103 4.01 -13.94 -14.16
N GLU B 104 3.48 -13.02 -15.00
CA GLU B 104 2.86 -13.33 -16.32
C GLU B 104 3.90 -13.78 -17.42
N TYR B 105 5.00 -13.00 -17.58
CA TYR B 105 6.06 -13.23 -18.64
C TYR B 105 6.68 -14.71 -18.68
N PRO B 106 7.18 -15.33 -17.56
CA PRO B 106 7.81 -16.75 -17.60
C PRO B 106 6.71 -17.85 -17.71
N SER B 107 5.89 -17.73 -18.78
CA SER B 107 4.79 -18.68 -19.12
C SER B 107 4.53 -18.58 -20.65
N ALA B 108 4.66 -17.34 -21.20
CA ALA B 108 4.48 -17.05 -22.65
C ALA B 108 5.71 -17.60 -23.45
N ARG B 109 6.84 -17.82 -22.73
CA ARG B 109 8.12 -18.35 -23.26
C ARG B 109 9.00 -18.73 -22.05
N GLU B 110 9.94 -19.71 -22.20
CA GLU B 110 10.83 -20.18 -21.08
C GLU B 110 12.05 -20.96 -21.61
N ARG B 111 12.27 -20.98 -22.96
CA ARG B 111 13.42 -21.69 -23.59
C ARG B 111 14.74 -20.90 -23.27
N VAL B 112 15.88 -21.62 -23.07
CA VAL B 112 17.22 -21.05 -22.72
C VAL B 112 18.32 -21.73 -23.57
N TYR B 113 18.02 -21.93 -24.88
CA TYR B 113 18.94 -22.58 -25.87
C TYR B 113 20.22 -21.72 -26.11
N THR B 114 20.19 -20.42 -25.69
CA THR B 114 21.34 -19.48 -25.86
C THR B 114 21.15 -18.22 -24.99
N LYS B 115 22.23 -17.39 -24.89
CA LYS B 115 22.27 -16.13 -24.10
C LYS B 115 21.40 -15.03 -24.78
N GLN B 116 21.10 -13.95 -24.03
CA GLN B 116 20.29 -12.77 -24.48
C GLN B 116 18.79 -13.15 -24.74
N PHE B 117 18.54 -14.39 -25.22
CA PHE B 117 17.17 -14.92 -25.52
C PHE B 117 16.55 -14.18 -26.74
N TYR B 118 15.40 -14.69 -27.23
CA TYR B 118 14.64 -14.11 -28.39
C TYR B 118 13.77 -12.92 -27.89
N ARG B 119 14.14 -12.35 -26.71
CA ARG B 119 13.43 -11.20 -26.07
C ARG B 119 14.36 -10.60 -24.98
N ARG B 120 13.79 -9.86 -23.99
CA ARG B 120 14.56 -9.21 -22.89
C ARG B 120 13.60 -8.86 -21.72
N ALA B 121 13.72 -9.61 -20.58
CA ALA B 121 12.89 -9.41 -19.35
C ALA B 121 13.52 -10.22 -18.18
N GLN B 122 13.06 -9.92 -16.93
CA GLN B 122 13.54 -10.59 -15.69
C GLN B 122 12.57 -10.23 -14.52
N LYS B 123 13.00 -10.55 -13.27
CA LYS B 123 12.20 -10.28 -12.03
C LYS B 123 12.25 -8.74 -11.71
N GLN B 124 11.13 -8.00 -11.99
CA GLN B 124 11.02 -6.51 -11.75
C GLN B 124 11.39 -6.13 -10.27
N ASN B 125 10.41 -6.31 -9.32
CA ASN B 125 10.58 -6.02 -7.86
C ASN B 125 10.83 -4.49 -7.62
N PHE B 126 10.05 -3.85 -6.70
CA PHE B 126 10.21 -2.40 -6.34
C PHE B 126 9.34 -2.09 -5.08
N ASP B 127 8.41 -3.02 -4.68
CA ASP B 127 7.52 -2.81 -3.48
C ASP B 127 6.80 -4.12 -2.99
N ILE B 128 6.13 -4.93 -3.89
CA ILE B 128 5.37 -6.17 -3.42
C ILE B 128 6.39 -7.26 -2.96
N GLU B 129 7.36 -7.52 -3.87
CA GLU B 129 8.44 -8.53 -3.68
C GLU B 129 9.41 -8.12 -2.54
N LYS B 130 9.84 -6.85 -2.55
CA LYS B 130 10.82 -6.30 -1.57
C LYS B 130 10.38 -6.56 -0.10
N TYR B 131 9.11 -6.21 0.27
CA TYR B 131 8.56 -6.39 1.63
C TYR B 131 8.32 -7.89 2.05
N ASN B 132 7.62 -8.74 1.23
CA ASN B 132 7.35 -10.16 1.69
C ASN B 132 8.66 -10.97 1.76
N ARG B 133 9.38 -10.90 0.66
CA ARG B 133 10.69 -11.65 0.49
C ARG B 133 11.70 -11.40 1.68
N LEU B 134 11.94 -10.10 2.08
CA LEU B 134 12.90 -9.80 3.22
C LEU B 134 12.44 -10.46 4.56
N VAL B 135 11.16 -10.28 5.00
CA VAL B 135 10.70 -10.91 6.29
C VAL B 135 11.01 -12.47 6.22
N THR B 136 11.00 -13.07 4.96
CA THR B 136 11.36 -14.53 4.75
C THR B 136 12.82 -14.77 5.28
N GLU B 137 13.67 -13.70 5.17
CA GLU B 137 15.09 -13.75 5.72
C GLU B 137 14.98 -14.05 7.26
N VAL B 138 13.89 -13.48 7.90
CA VAL B 138 13.60 -13.78 9.36
C VAL B 138 13.34 -15.32 9.50
N ASP B 139 12.82 -15.98 8.43
CA ASP B 139 12.58 -17.49 8.49
C ASP B 139 13.94 -18.22 8.75
N GLU B 140 15.04 -17.65 8.17
CA GLU B 140 16.44 -18.21 8.35
C GLU B 140 16.82 -18.09 9.87
N LEU B 141 16.26 -17.03 10.53
CA LEU B 141 16.44 -16.81 12.02
C LEU B 141 15.85 -18.04 12.77
N ARG B 142 14.60 -18.44 12.38
CA ARG B 142 13.89 -19.62 13.00
C ARG B 142 14.80 -20.91 12.89
N ASN B 143 15.64 -21.05 11.78
CA ASN B 143 16.52 -22.27 11.63
C ASN B 143 17.69 -22.28 12.66
N GLN B 144 18.37 -21.12 12.87
CA GLN B 144 19.50 -21.07 13.85
C GLN B 144 18.95 -21.25 15.32
N LEU B 145 17.84 -20.54 15.66
CA LEU B 145 17.16 -20.59 17.02
C LEU B 145 16.93 -22.06 17.49
N LYS B 146 16.38 -22.87 16.59
CA LYS B 146 16.09 -24.31 16.84
C LYS B 146 17.36 -25.09 17.31
N ARG B 147 18.53 -24.96 16.57
CA ARG B 147 19.75 -25.71 16.96
C ARG B 147 20.29 -25.27 18.39
N LEU B 148 20.37 -23.93 18.79
CA LEU B 148 20.85 -23.57 20.21
C LEU B 148 19.84 -24.15 21.29
N ARG B 149 18.52 -24.27 20.95
CA ARG B 149 17.47 -24.77 21.93
C ARG B 149 17.67 -26.28 22.33
N ASP B 150 18.19 -27.17 21.42
CA ASP B 150 18.36 -28.66 21.80
C ASP B 150 19.40 -28.93 23.02
N PRO B 151 20.69 -28.42 23.00
CA PRO B 151 21.73 -28.60 24.13
C PRO B 151 21.20 -28.75 25.60
N LEU B 152 21.04 -27.62 26.40
CA LEU B 152 20.54 -27.72 27.84
C LEU B 152 19.14 -28.41 27.83
N GLU B 153 18.14 -27.59 27.50
CA GLU B 153 16.69 -27.97 27.39
C GLU B 153 16.14 -27.22 26.14
N MET C 1 46.63 5.83 21.09
CA MET C 1 46.45 7.03 21.95
C MET C 1 45.67 8.10 21.14
N ALA C 2 46.02 8.21 19.83
CA ALA C 2 45.40 9.17 18.87
C ALA C 2 45.84 8.80 17.43
N ALA C 3 45.05 9.25 16.41
CA ALA C 3 45.32 9.00 14.96
C ALA C 3 45.43 7.47 14.65
N LEU C 4 44.27 6.80 14.41
CA LEU C 4 44.18 5.33 14.10
C LEU C 4 42.79 5.06 13.43
N SER C 5 42.16 6.14 12.88
CA SER C 5 40.84 6.09 12.19
C SER C 5 39.74 5.49 13.12
N VAL C 6 39.72 5.98 14.38
CA VAL C 6 38.78 5.55 15.47
C VAL C 6 39.14 4.11 15.96
N ASP C 7 39.41 3.19 14.99
CA ASP C 7 39.78 1.77 15.26
C ASP C 7 40.29 1.15 13.94
N GLU C 8 41.30 0.22 14.01
CA GLU C 8 41.90 -0.47 12.83
C GLU C 8 42.68 -1.71 13.34
N TYR C 9 43.88 -1.47 13.93
CA TYR C 9 44.76 -2.55 14.49
C TYR C 9 44.25 -2.95 15.91
N LYS C 10 42.90 -3.07 16.02
CA LYS C 10 42.20 -3.45 17.29
C LYS C 10 42.50 -4.92 17.68
N LEU C 11 41.80 -5.40 18.72
CA LEU C 11 41.93 -6.79 19.27
C LEU C 11 40.74 -7.08 20.22
N SER C 12 40.17 -6.00 20.81
CA SER C 12 39.02 -6.05 21.75
C SER C 12 38.45 -4.62 21.91
N ARG C 13 39.12 -3.78 22.75
CA ARG C 13 38.74 -2.37 23.05
C ARG C 13 37.36 -2.33 23.77
N GLU C 14 36.30 -2.66 22.99
CA GLU C 14 34.88 -2.76 23.43
C GLU C 14 34.05 -3.13 22.15
N LYS C 15 33.71 -4.43 22.02
CA LYS C 15 32.96 -5.03 20.88
C LYS C 15 31.53 -4.40 20.67
N LYS C 16 30.83 -4.06 21.79
CA LYS C 16 29.40 -3.54 21.74
C LYS C 16 29.31 -2.28 20.83
N LEU C 17 30.35 -1.40 20.89
CA LEU C 17 30.43 -0.18 20.02
C LEU C 17 30.42 -0.58 18.51
N LEU C 18 31.14 -1.69 18.14
CA LEU C 18 31.25 -2.13 16.70
C LEU C 18 29.83 -2.48 16.10
N LEU C 19 28.97 -3.23 16.86
CA LEU C 19 27.55 -3.54 16.39
C LEU C 19 26.70 -2.23 16.25
N GLN C 20 26.85 -1.29 17.24
CA GLN C 20 26.14 0.03 17.24
C GLN C 20 26.54 0.86 15.98
N LEU C 21 27.86 0.79 15.60
CA LEU C 21 28.40 1.51 14.42
C LEU C 21 27.68 1.03 13.11
N GLU C 22 27.41 -0.34 12.94
CA GLU C 22 26.73 -0.83 11.70
C GLU C 22 25.30 -0.20 11.58
N ASN C 23 24.59 -0.14 12.76
CA ASN C 23 23.22 0.46 12.85
C ASN C 23 23.25 1.98 12.46
N ALA C 24 24.29 2.71 12.94
CA ALA C 24 24.42 4.18 12.72
C ALA C 24 24.52 4.54 11.19
N GLU C 25 25.34 3.75 10.39
CA GLU C 25 25.44 3.95 8.90
C GLU C 25 24.06 3.67 8.22
N THR C 26 23.29 2.62 8.69
CA THR C 26 21.96 2.25 8.09
C THR C 26 20.92 3.40 8.21
N LEU C 27 20.90 4.09 9.40
CA LEU C 27 19.96 5.24 9.68
C LEU C 27 20.22 6.43 8.69
N LEU C 28 21.53 6.71 8.42
CA LEU C 28 22.06 7.84 7.56
C LEU C 28 21.02 8.99 7.30
N ALA C 29 20.57 9.59 8.43
CA ALA C 29 19.62 10.76 8.48
C ALA C 29 20.41 11.95 7.83
N PRO C 30 21.64 12.28 8.34
CA PRO C 30 22.59 13.29 7.67
C PRO C 30 22.46 13.43 6.10
N LEU C 31 22.73 12.33 5.35
CA LEU C 31 22.63 12.29 3.86
C LEU C 31 21.16 12.56 3.41
N HIS C 32 20.15 11.98 4.17
CA HIS C 32 18.68 12.16 3.79
C HIS C 32 18.26 13.69 3.84
N ASP C 33 18.71 14.44 4.91
CA ASP C 33 18.46 15.93 5.02
C ASP C 33 19.11 16.71 3.84
N ALA C 34 20.35 16.27 3.45
CA ALA C 34 21.13 16.90 2.35
C ALA C 34 20.32 16.82 1.01
N LYS C 35 19.61 15.67 0.78
CA LYS C 35 18.75 15.43 -0.44
C LYS C 35 17.62 16.53 -0.45
N ARG C 36 17.08 16.86 0.77
CA ARG C 36 16.00 17.92 0.94
C ARG C 36 16.53 19.29 0.39
N LYS C 37 17.87 19.56 0.56
CA LYS C 37 18.51 20.88 0.11
C LYS C 37 18.22 21.11 -1.42
N ILE C 38 18.22 20.03 -2.24
CA ILE C 38 17.97 20.11 -3.72
C ILE C 38 16.64 20.93 -4.05
N GLU C 39 15.73 21.13 -3.03
CA GLU C 39 14.40 21.86 -3.18
C GLU C 39 14.35 23.00 -4.26
N GLN C 40 15.51 23.68 -4.50
CA GLN C 40 15.66 24.78 -5.50
C GLN C 40 15.53 24.22 -6.97
N GLU C 41 16.64 23.64 -7.51
CA GLU C 41 16.73 23.07 -8.90
C GLU C 41 15.86 21.80 -9.08
N ALA C 42 15.14 21.39 -8.00
CA ALA C 42 14.27 20.15 -7.94
C ALA C 42 13.31 19.92 -9.15
N GLU C 43 13.33 20.78 -10.21
CA GLU C 43 12.47 20.64 -11.43
C GLU C 43 12.41 19.16 -11.98
N ALA C 44 13.35 18.29 -11.51
CA ALA C 44 13.44 16.84 -11.86
C ALA C 44 12.03 16.15 -11.72
N HIS C 45 11.26 16.64 -10.71
CA HIS C 45 9.88 16.16 -10.39
C HIS C 45 8.87 16.80 -11.38
N THR C 46 8.88 18.16 -11.42
CA THR C 46 7.95 18.96 -12.30
C THR C 46 8.06 18.55 -13.79
N ASP C 47 9.27 18.09 -14.19
CA ASP C 47 9.58 17.65 -15.59
C ASP C 47 8.66 16.47 -16.06
N ARG C 48 8.18 15.65 -15.08
CA ARG C 48 7.30 14.47 -15.34
C ARG C 48 5.82 14.89 -15.30
N VAL C 49 5.50 15.96 -14.53
CA VAL C 49 4.13 16.53 -14.41
C VAL C 49 3.91 17.47 -15.62
N ALA C 50 5.05 17.95 -16.21
CA ALA C 50 5.08 18.85 -17.40
C ALA C 50 4.54 18.10 -18.64
N TRP C 51 4.40 16.73 -18.56
CA TRP C 51 3.85 15.89 -19.69
C TRP C 51 2.44 16.43 -20.10
N ALA C 52 1.78 17.06 -19.09
CA ALA C 52 0.43 17.68 -19.21
C ALA C 52 0.48 19.01 -20.02
N GLY C 53 1.70 19.53 -20.28
CA GLY C 53 1.92 20.81 -21.03
C GLY C 53 1.46 20.73 -22.50
N PHE C 54 1.62 19.54 -23.13
CA PHE C 54 1.24 19.28 -24.54
C PHE C 54 -0.31 19.16 -24.70
N ALA C 55 -1.00 18.76 -23.59
CA ALA C 55 -2.49 18.56 -23.58
C ALA C 55 -3.24 19.93 -23.68
N ALA C 56 -2.76 20.93 -22.91
CA ALA C 56 -3.36 22.30 -22.85
C ALA C 56 -3.04 23.15 -24.11
N SER C 57 -1.92 22.82 -24.80
CA SER C 57 -1.44 23.57 -26.01
C SER C 57 -2.44 23.49 -27.20
N GLY C 58 -3.15 22.34 -27.32
CA GLY C 58 -4.12 22.08 -28.43
C GLY C 58 -5.28 23.11 -28.52
N VAL C 59 -5.59 23.76 -27.37
CA VAL C 59 -6.72 24.74 -27.24
C VAL C 59 -6.55 26.02 -28.13
N GLN C 60 -5.32 26.58 -28.19
CA GLN C 60 -5.02 27.86 -28.92
C GLN C 60 -5.67 27.90 -30.34
N THR C 61 -5.61 26.76 -31.07
CA THR C 61 -6.21 26.61 -32.43
C THR C 61 -7.75 26.45 -32.32
N GLY C 62 -8.18 25.95 -31.15
CA GLY C 62 -9.60 25.71 -30.82
C GLY C 62 -10.39 27.03 -30.68
N LEU C 63 -9.80 28.04 -29.97
CA LEU C 63 -10.49 29.39 -29.77
C LEU C 63 -10.74 30.12 -31.15
N PHE C 64 -9.74 30.00 -32.05
CA PHE C 64 -9.82 30.57 -33.42
C PHE C 64 -11.04 29.93 -34.17
N ALA C 65 -11.21 28.60 -33.95
CA ALA C 65 -12.31 27.79 -34.59
C ALA C 65 -13.75 28.29 -34.22
N ARG C 66 -14.07 28.67 -32.91
CA ARG C 66 -15.46 29.18 -32.56
C ARG C 66 -15.74 30.46 -33.36
N LEU C 67 -14.69 31.34 -33.49
CA LEU C 67 -14.84 32.64 -34.23
C LEU C 67 -15.26 32.36 -35.74
N THR C 68 -14.60 31.34 -36.37
CA THR C 68 -14.86 30.89 -37.77
C THR C 68 -16.32 30.31 -37.98
N TRP C 69 -16.78 29.52 -36.98
CA TRP C 69 -18.09 28.79 -37.00
C TRP C 69 -19.34 29.70 -36.90
N TRP C 70 -19.17 31.04 -37.05
CA TRP C 70 -20.30 32.01 -36.96
C TRP C 70 -21.27 31.89 -38.18
N GLU C 71 -21.10 30.84 -39.06
CA GLU C 71 -21.99 30.59 -40.25
C GLU C 71 -22.46 29.10 -40.24
N TYR C 72 -21.69 28.20 -39.58
CA TYR C 72 -21.98 26.75 -39.52
C TYR C 72 -23.10 26.45 -38.48
N SER C 73 -22.90 26.87 -37.19
CA SER C 73 -23.89 26.61 -36.06
C SER C 73 -23.57 27.49 -34.79
N TRP C 74 -22.29 27.45 -34.35
CA TRP C 74 -21.72 28.17 -33.15
C TRP C 74 -21.63 27.24 -31.90
N ASP C 75 -22.78 26.58 -31.56
CA ASP C 75 -22.91 25.60 -30.42
C ASP C 75 -21.81 24.49 -30.60
N ILE C 76 -20.65 24.74 -29.98
CA ILE C 76 -19.42 23.87 -30.06
C ILE C 76 -18.64 24.11 -28.75
N VAL C 77 -19.26 24.82 -27.72
CA VAL C 77 -18.54 25.14 -26.43
C VAL C 77 -17.93 23.89 -25.75
N GLU C 78 -17.28 24.15 -24.60
CA GLU C 78 -16.56 23.13 -23.75
C GLU C 78 -15.07 22.75 -24.20
N PRO C 79 -14.41 23.14 -25.34
CA PRO C 79 -12.98 22.58 -25.62
C PRO C 79 -11.87 22.93 -24.57
N VAL C 80 -11.79 24.19 -24.07
CA VAL C 80 -10.72 24.58 -23.08
C VAL C 80 -10.77 23.79 -21.73
N THR C 81 -11.98 23.64 -21.09
CA THR C 81 -12.10 22.88 -19.83
C THR C 81 -11.78 21.34 -19.94
N TYR C 82 -12.30 20.62 -21.03
CA TYR C 82 -12.09 19.13 -21.14
C TYR C 82 -10.58 18.76 -21.25
N PHE C 83 -9.76 19.55 -22.03
CA PHE C 83 -8.27 19.31 -22.03
C PHE C 83 -7.72 19.57 -20.57
N ALA C 84 -8.27 20.60 -19.86
CA ALA C 84 -7.85 20.90 -18.45
C ALA C 84 -8.16 19.66 -17.49
N THR C 85 -9.35 18.95 -17.66
CA THR C 85 -9.69 17.75 -16.80
C THR C 85 -8.58 16.66 -16.96
N TYR C 86 -8.08 16.49 -18.23
CA TYR C 86 -7.01 15.50 -18.58
C TYR C 86 -5.71 15.81 -17.75
N SER C 87 -5.39 17.13 -17.62
CA SER C 87 -4.24 17.63 -16.81
C SER C 87 -4.40 17.27 -15.28
N THR C 88 -5.65 17.36 -14.71
CA THR C 88 -5.89 17.03 -13.26
C THR C 88 -5.50 15.54 -12.98
N VAL C 89 -5.83 14.60 -13.95
CA VAL C 89 -5.45 13.14 -13.80
C VAL C 89 -3.90 13.05 -13.65
N ALA C 90 -3.15 13.95 -14.39
CA ALA C 90 -1.65 13.97 -14.32
C ALA C 90 -1.24 14.20 -12.83
N ALA C 91 -2.01 15.09 -12.10
CA ALA C 91 -1.73 15.36 -10.64
C ALA C 91 -1.83 14.05 -9.83
N THR C 92 -2.90 13.26 -10.18
CA THR C 92 -3.21 11.96 -9.54
C THR C 92 -2.07 10.89 -9.74
N PHE C 93 -1.46 10.78 -10.97
CA PHE C 93 -0.36 9.77 -11.27
C PHE C 93 0.85 9.96 -10.32
N GLY C 94 1.12 11.24 -10.04
CA GLY C 94 2.23 11.69 -9.18
C GLY C 94 2.53 10.89 -7.90
N TYR C 95 1.56 10.07 -7.39
CA TYR C 95 1.76 9.28 -6.12
C TYR C 95 2.72 8.05 -6.32
N TYR C 96 2.84 7.59 -7.57
CA TYR C 96 3.62 6.39 -7.96
C TYR C 96 5.12 6.70 -8.05
N LEU C 97 5.45 7.63 -8.96
CA LEU C 97 6.86 8.06 -9.22
C LEU C 97 7.45 8.87 -8.03
N TYR C 98 6.58 9.35 -7.08
CA TYR C 98 6.97 10.30 -5.97
C TYR C 98 8.36 10.04 -5.28
N THR C 99 8.54 8.89 -4.57
CA THR C 99 9.84 8.56 -3.90
C THR C 99 10.99 8.17 -4.91
N GLN C 100 10.71 7.19 -5.82
CA GLN C 100 11.73 6.63 -6.77
C GLN C 100 12.39 7.66 -7.74
N GLN C 101 11.70 8.78 -8.08
CA GLN C 101 12.23 9.80 -9.08
C GLN C 101 13.71 10.21 -8.79
N SER C 102 14.12 10.15 -7.50
CA SER C 102 15.51 10.49 -7.08
C SER C 102 16.55 9.55 -7.76
N PHE C 103 16.19 8.24 -7.93
CA PHE C 103 17.07 7.22 -8.60
C PHE C 103 17.18 7.48 -10.15
N GLU C 104 16.00 7.64 -10.79
CA GLU C 104 15.86 7.75 -12.28
C GLU C 104 16.55 8.97 -12.98
N TYR C 105 16.30 10.23 -12.50
CA TYR C 105 16.84 11.47 -13.18
C TYR C 105 18.41 11.59 -13.16
N PRO C 106 19.15 11.40 -12.02
CA PRO C 106 20.68 11.58 -12.00
C PRO C 106 21.42 10.39 -12.69
N SER C 107 21.30 9.17 -12.09
CA SER C 107 21.94 7.93 -12.59
C SER C 107 21.37 7.50 -13.99
N ALA C 108 22.07 7.96 -15.07
CA ALA C 108 21.72 7.68 -16.49
C ALA C 108 22.89 8.09 -17.41
N ARG C 109 23.78 8.97 -16.87
CA ARG C 109 24.99 9.51 -17.56
C ARG C 109 26.19 9.42 -16.55
N GLU C 110 26.72 8.18 -16.38
CA GLU C 110 27.86 7.88 -15.45
C GLU C 110 29.14 8.68 -15.87
N ARG C 111 29.71 8.30 -17.05
CA ARG C 111 30.93 8.95 -17.63
C ARG C 111 30.61 10.42 -18.07
N VAL C 112 30.98 10.83 -19.33
CA VAL C 112 30.75 12.21 -19.86
C VAL C 112 31.61 13.24 -19.05
N TYR C 113 32.96 13.23 -19.28
CA TYR C 113 33.94 14.14 -18.59
C TYR C 113 33.87 13.94 -17.04
N THR C 114 34.30 14.97 -16.25
CA THR C 114 34.32 14.93 -14.76
C THR C 114 34.31 16.39 -14.19
N LYS C 115 33.32 16.71 -13.31
CA LYS C 115 33.16 18.06 -12.67
C LYS C 115 32.14 17.92 -11.50
N GLN C 116 32.66 17.81 -10.23
CA GLN C 116 31.83 17.64 -8.99
C GLN C 116 31.06 16.30 -9.06
N PHE C 117 31.78 15.20 -9.43
CA PHE C 117 31.19 13.82 -9.56
C PHE C 117 30.71 13.29 -8.18
N TYR C 118 31.11 14.00 -7.08
CA TYR C 118 30.70 13.68 -5.68
C TYR C 118 29.24 14.16 -5.44
N ARG C 119 28.55 14.63 -6.52
CA ARG C 119 27.15 15.14 -6.45
C ARG C 119 26.13 14.06 -5.98
N ARG C 120 26.10 13.79 -4.63
CA ARG C 120 25.15 12.81 -4.00
C ARG C 120 23.68 13.23 -4.37
N ALA C 121 22.84 12.25 -4.83
CA ALA C 121 21.43 12.50 -5.23
C ALA C 121 20.74 11.12 -5.44
N GLN C 122 20.32 10.44 -4.33
CA GLN C 122 19.65 9.10 -4.37
C GLN C 122 19.03 8.77 -2.97
N LYS C 123 17.87 9.43 -2.62
CA LYS C 123 17.16 9.17 -1.32
C LYS C 123 15.72 9.77 -1.32
N GLN C 124 15.57 11.08 -0.95
CA GLN C 124 14.24 11.78 -0.86
C GLN C 124 13.32 10.97 0.12
N ASN C 125 12.37 10.15 -0.41
CA ASN C 125 11.49 9.24 0.39
C ASN C 125 10.74 9.92 1.58
N PHE C 126 9.78 9.13 2.13
CA PHE C 126 8.97 9.47 3.28
C PHE C 126 8.39 8.14 3.87
N ASP C 127 8.26 7.06 3.00
CA ASP C 127 7.70 5.70 3.43
C ASP C 127 8.46 4.44 2.81
N ILE C 128 8.82 4.40 1.45
CA ILE C 128 9.41 3.12 0.83
C ILE C 128 10.77 2.66 1.53
N GLU C 129 11.75 3.60 1.67
CA GLU C 129 13.12 3.28 2.25
C GLU C 129 13.07 2.92 3.76
N LYS C 130 12.36 3.71 4.59
CA LYS C 130 12.28 3.49 6.08
C LYS C 130 11.81 2.03 6.44
N TYR C 131 10.79 1.49 5.72
CA TYR C 131 10.26 0.12 5.96
C TYR C 131 11.26 -1.01 5.54
N ASN C 132 11.78 -0.98 4.27
CA ASN C 132 12.67 -2.09 3.75
C ASN C 132 14.05 -2.11 4.39
N ARG C 133 14.60 -0.95 4.45
CA ARG C 133 16.00 -0.72 4.96
C ARG C 133 16.17 -1.10 6.50
N LEU C 134 15.27 -0.54 7.35
CA LEU C 134 15.33 -0.75 8.85
C LEU C 134 15.03 -2.26 9.23
N VAL C 135 13.97 -2.91 8.63
CA VAL C 135 13.73 -4.39 8.86
C VAL C 135 15.07 -5.15 8.46
N THR C 136 15.89 -4.59 7.46
CA THR C 136 17.24 -5.22 7.10
C THR C 136 18.12 -5.33 8.40
N GLU C 137 17.93 -4.38 9.38
CA GLU C 137 18.65 -4.48 10.73
C GLU C 137 18.36 -5.92 11.31
N VAL C 138 17.10 -6.45 11.00
CA VAL C 138 16.73 -7.89 11.44
C VAL C 138 17.81 -8.88 10.90
N ASP C 139 18.29 -8.56 9.68
CA ASP C 139 19.32 -9.42 8.98
C ASP C 139 20.64 -9.54 9.80
N GLU C 140 21.08 -8.42 10.46
CA GLU C 140 22.37 -8.42 11.22
C GLU C 140 22.27 -9.30 12.50
N LEU C 141 21.11 -9.26 13.23
CA LEU C 141 20.92 -10.15 14.46
C LEU C 141 20.97 -11.64 13.98
N ARG C 142 20.55 -11.90 12.69
CA ARG C 142 20.63 -13.28 12.07
C ARG C 142 22.16 -13.71 12.11
N ASN C 143 23.13 -12.69 11.96
CA ASN C 143 24.61 -13.05 12.02
C ASN C 143 25.08 -13.41 13.47
N GLN C 144 24.65 -12.61 14.50
CA GLN C 144 25.07 -12.82 15.93
C GLN C 144 24.63 -14.25 16.43
N LEU C 145 23.34 -14.55 16.17
CA LEU C 145 22.66 -15.84 16.48
C LEU C 145 23.51 -17.05 15.97
N LYS C 146 24.03 -16.88 14.74
CA LYS C 146 24.86 -17.89 14.00
C LYS C 146 26.17 -18.30 14.77
N ARG C 147 26.96 -17.29 15.33
CA ARG C 147 28.26 -17.68 16.00
C ARG C 147 27.98 -18.47 17.28
N LEU C 148 27.08 -17.95 18.16
CA LEU C 148 26.70 -18.67 19.42
C LEU C 148 25.97 -20.03 19.14
N ARG C 149 25.28 -20.18 17.97
CA ARG C 149 24.55 -21.47 17.61
C ARG C 149 25.52 -22.70 17.56
N ASP C 150 26.76 -22.55 16.97
CA ASP C 150 27.68 -23.78 16.86
C ASP C 150 28.13 -24.36 18.30
N PRO C 151 28.68 -23.58 19.30
CA PRO C 151 29.01 -24.13 20.72
C PRO C 151 27.76 -24.05 21.59
N LEU C 152 27.96 -24.16 22.96
CA LEU C 152 26.93 -24.15 24.08
C LEU C 152 27.07 -25.49 24.84
N GLU C 153 27.17 -26.58 24.05
CA GLU C 153 27.36 -27.97 24.53
C GLU C 153 26.22 -28.42 25.52
N MET D 1 -5.25 -14.29 46.21
CA MET D 1 -5.27 -14.63 44.76
C MET D 1 -4.44 -13.55 44.00
N ALA D 2 -4.55 -12.28 44.46
CA ALA D 2 -3.84 -11.10 43.87
C ALA D 2 -4.19 -10.93 42.36
N ALA D 3 -3.43 -10.05 41.65
CA ALA D 3 -3.63 -9.77 40.20
C ALA D 3 -2.35 -9.06 39.64
N LEU D 4 -1.70 -8.20 40.48
CA LEU D 4 -0.45 -7.48 40.08
C LEU D 4 0.72 -8.51 40.18
N SER D 5 0.94 -9.29 39.08
CA SER D 5 1.99 -10.35 38.99
C SER D 5 1.76 -11.46 40.06
N VAL D 6 2.69 -12.46 40.10
CA VAL D 6 2.64 -13.61 41.06
C VAL D 6 2.78 -13.11 42.52
N ASP D 7 3.66 -12.10 42.71
CA ASP D 7 3.95 -11.48 44.06
C ASP D 7 4.72 -10.14 43.85
N GLU D 8 5.16 -9.54 44.99
CA GLU D 8 5.92 -8.25 45.02
C GLU D 8 7.28 -8.39 44.28
N TYR D 9 8.12 -7.31 44.36
CA TYR D 9 9.47 -7.25 43.71
C TYR D 9 10.43 -8.34 44.29
N LYS D 10 11.18 -9.05 43.41
CA LYS D 10 12.14 -10.13 43.77
C LYS D 10 13.02 -10.42 42.51
N LEU D 11 14.35 -10.11 42.58
CA LEU D 11 15.32 -10.28 41.45
C LEU D 11 14.85 -9.44 40.20
N SER D 12 15.08 -8.11 40.27
CA SER D 12 14.72 -7.12 39.24
C SER D 12 15.44 -5.80 39.64
N ARG D 13 16.67 -5.64 39.14
CA ARG D 13 17.55 -4.49 39.42
C ARG D 13 17.14 -3.24 38.60
N GLU D 14 15.80 -3.11 38.36
CA GLU D 14 15.15 -1.99 37.65
C GLU D 14 15.54 -1.88 36.15
N LYS D 15 16.63 -2.58 35.71
CA LYS D 15 17.11 -2.53 34.28
C LYS D 15 16.01 -3.07 33.30
N LYS D 16 15.32 -4.18 33.70
CA LYS D 16 14.26 -4.84 32.87
C LYS D 16 13.08 -3.89 32.61
N LEU D 17 12.69 -3.15 33.66
CA LEU D 17 11.57 -2.19 33.61
C LEU D 17 11.81 -1.02 32.61
N LEU D 18 13.05 -0.45 32.58
CA LEU D 18 13.39 0.73 31.70
C LEU D 18 13.29 0.37 30.19
N LEU D 19 13.85 -0.81 29.90
CA LEU D 19 13.91 -1.41 28.53
C LEU D 19 12.49 -1.75 27.97
N GLN D 20 11.63 -2.33 28.86
CA GLN D 20 10.20 -2.68 28.56
C GLN D 20 9.45 -1.36 28.20
N LEU D 21 9.80 -0.29 28.96
CA LEU D 21 9.24 1.09 28.78
C LEU D 21 9.59 1.61 27.35
N GLU D 22 10.86 1.32 26.84
CA GLU D 22 11.29 1.83 25.50
C GLU D 22 10.35 1.28 24.40
N ASN D 23 10.02 -0.03 24.54
CA ASN D 23 9.09 -0.74 23.57
C ASN D 23 7.68 -0.09 23.58
N ALA D 24 7.17 0.29 24.81
CA ALA D 24 5.81 0.89 24.98
C ALA D 24 5.68 2.26 24.22
N GLU D 25 6.73 3.14 24.31
CA GLU D 25 6.76 4.47 23.60
C GLU D 25 6.72 4.26 22.06
N THR D 26 7.50 3.23 21.63
CA THR D 26 7.65 2.82 20.20
C THR D 26 6.30 2.37 19.56
N LEU D 27 5.44 1.66 20.35
CA LEU D 27 4.10 1.13 19.87
C LEU D 27 3.28 2.36 19.35
N LEU D 28 3.44 3.49 20.07
CA LEU D 28 2.86 4.82 19.74
C LEU D 28 1.37 4.90 20.16
N ALA D 29 1.13 5.57 21.33
CA ALA D 29 -0.21 5.82 21.92
C ALA D 29 -0.11 7.27 22.55
N PRO D 30 0.78 7.54 23.57
CA PRO D 30 1.03 8.96 24.14
C PRO D 30 0.87 10.15 23.12
N LEU D 31 1.69 10.14 22.03
CA LEU D 31 1.65 11.18 20.95
C LEU D 31 0.24 11.19 20.28
N HIS D 32 -0.34 9.97 20.07
CA HIS D 32 -1.71 9.84 19.44
C HIS D 32 -2.77 10.59 20.34
N ASP D 33 -2.60 10.49 21.70
CA ASP D 33 -3.47 11.23 22.69
C ASP D 33 -3.32 12.77 22.42
N ALA D 34 -2.07 13.21 22.06
CA ALA D 34 -1.77 14.64 21.71
C ALA D 34 -2.67 15.06 20.50
N LYS D 35 -2.92 14.12 19.52
CA LYS D 35 -3.78 14.41 18.32
C LYS D 35 -5.20 14.86 18.79
N ARG D 36 -5.72 14.17 19.86
CA ARG D 36 -7.08 14.53 20.45
C ARG D 36 -7.06 16.02 20.97
N LYS D 37 -5.92 16.43 21.59
CA LYS D 37 -5.76 17.81 22.20
C LYS D 37 -5.93 18.98 21.13
N ILE D 38 -5.36 18.82 19.89
CA ILE D 38 -5.40 19.89 18.78
C ILE D 38 -6.63 19.70 17.86
N GLU D 39 -7.48 18.67 18.13
CA GLU D 39 -8.73 18.34 17.34
C GLU D 39 -9.55 19.60 16.91
N GLN D 40 -9.41 20.71 17.66
CA GLN D 40 -10.09 22.02 17.38
C GLN D 40 -9.49 22.65 16.08
N GLU D 41 -8.14 22.82 16.10
CA GLU D 41 -7.34 23.42 15.00
C GLU D 41 -7.29 22.50 13.73
N ALA D 42 -7.98 21.33 13.78
CA ALA D 42 -7.99 20.32 12.65
C ALA D 42 -8.37 20.91 11.25
N GLU D 43 -8.70 22.24 11.15
CA GLU D 43 -9.04 22.90 9.85
C GLU D 43 -7.83 22.81 8.85
N ALA D 44 -6.65 22.42 9.39
CA ALA D 44 -5.38 22.24 8.63
C ALA D 44 -5.53 21.19 7.48
N HIS D 45 -6.51 20.26 7.66
CA HIS D 45 -6.81 19.16 6.71
C HIS D 45 -7.48 19.71 5.41
N THR D 46 -8.75 20.20 5.55
CA THR D 46 -9.57 20.71 4.42
C THR D 46 -8.95 21.95 3.72
N ASP D 47 -7.74 22.41 4.19
CA ASP D 47 -7.02 23.59 3.60
C ASP D 47 -6.55 23.28 2.14
N ARG D 48 -6.30 21.97 1.85
CA ARG D 48 -5.82 21.48 0.51
C ARG D 48 -7.03 21.16 -0.39
N VAL D 49 -8.03 20.42 0.17
CA VAL D 49 -9.26 20.03 -0.57
C VAL D 49 -10.09 21.31 -0.91
N ALA D 50 -9.72 22.45 -0.25
CA ALA D 50 -10.36 23.79 -0.47
C ALA D 50 -9.95 24.36 -1.85
N TRP D 51 -8.84 23.81 -2.49
CA TRP D 51 -8.37 24.30 -3.86
C TRP D 51 -9.58 24.29 -4.87
N ALA D 52 -10.50 23.34 -4.58
CA ALA D 52 -11.76 23.11 -5.34
C ALA D 52 -12.79 24.27 -5.12
N GLY D 53 -12.79 24.89 -3.91
CA GLY D 53 -13.74 25.98 -3.51
C GLY D 53 -13.70 27.21 -4.45
N PHE D 54 -12.48 27.65 -4.88
CA PHE D 54 -12.29 28.85 -5.75
C PHE D 54 -12.77 28.57 -7.20
N ALA D 55 -12.62 27.30 -7.65
CA ALA D 55 -12.99 26.88 -9.04
C ALA D 55 -14.53 27.00 -9.30
N ALA D 56 -15.33 26.47 -8.36
CA ALA D 56 -16.83 26.46 -8.46
C ALA D 56 -17.45 27.85 -8.15
N SER D 57 -16.77 28.66 -7.30
CA SER D 57 -17.25 30.00 -6.86
C SER D 57 -17.12 31.09 -7.97
N GLY D 58 -15.98 31.08 -8.69
CA GLY D 58 -15.67 32.11 -9.73
C GLY D 58 -16.59 32.06 -10.97
N VAL D 59 -17.03 30.85 -11.37
CA VAL D 59 -17.84 30.62 -12.62
C VAL D 59 -19.33 31.04 -12.54
N GLN D 60 -19.93 31.13 -11.32
CA GLN D 60 -21.39 31.46 -11.14
C GLN D 60 -21.86 32.65 -12.07
N THR D 61 -20.90 33.52 -12.47
CA THR D 61 -21.16 34.68 -13.40
C THR D 61 -21.50 34.20 -14.83
N GLY D 62 -21.07 32.95 -15.16
CA GLY D 62 -21.28 32.30 -16.48
C GLY D 62 -22.78 32.11 -16.82
N LEU D 63 -23.61 31.77 -15.81
CA LEU D 63 -25.11 31.55 -16.05
C LEU D 63 -25.79 32.86 -16.59
N PHE D 64 -25.37 34.03 -16.01
CA PHE D 64 -25.85 35.38 -16.42
C PHE D 64 -25.50 35.62 -17.91
N ALA D 65 -24.28 35.13 -18.33
CA ALA D 65 -23.79 35.27 -19.73
C ALA D 65 -24.80 34.60 -20.72
N ARG D 66 -25.41 33.40 -20.35
CA ARG D 66 -26.42 32.70 -21.23
C ARG D 66 -27.62 33.67 -21.46
N LEU D 67 -28.06 34.39 -20.36
CA LEU D 67 -29.16 35.40 -20.45
C LEU D 67 -28.81 36.61 -21.39
N THR D 68 -27.53 37.09 -21.29
CA THR D 68 -26.99 38.26 -22.05
C THR D 68 -27.00 38.09 -23.60
N TRP D 69 -26.64 36.87 -24.12
CA TRP D 69 -26.51 36.57 -25.59
C TRP D 69 -27.44 35.42 -26.02
N TRP D 70 -28.67 35.46 -25.47
CA TRP D 70 -29.73 34.42 -25.71
C TRP D 70 -30.00 34.10 -27.22
N GLU D 71 -29.57 35.00 -28.17
CA GLU D 71 -29.83 34.85 -29.65
C GLU D 71 -28.71 34.08 -30.43
N TYR D 72 -27.48 33.94 -29.87
CA TYR D 72 -26.34 33.25 -30.57
C TYR D 72 -26.74 31.79 -31.02
N SER D 73 -27.29 31.02 -30.06
CA SER D 73 -27.77 29.60 -30.29
C SER D 73 -28.59 29.13 -29.05
N TRP D 74 -28.11 29.54 -27.86
CA TRP D 74 -28.69 29.23 -26.52
C TRP D 74 -28.18 27.87 -26.00
N ASP D 75 -28.19 26.88 -26.91
CA ASP D 75 -27.73 25.49 -26.68
C ASP D 75 -26.21 25.57 -26.32
N ILE D 76 -25.93 25.90 -25.05
CA ILE D 76 -24.56 26.18 -24.51
C ILE D 76 -24.57 25.69 -23.05
N VAL D 77 -25.68 24.99 -22.59
CA VAL D 77 -25.81 24.53 -21.17
C VAL D 77 -24.60 23.70 -20.68
N GLU D 78 -24.66 23.28 -19.39
CA GLU D 78 -23.58 22.50 -18.65
C GLU D 78 -22.36 23.36 -18.05
N PRO D 79 -22.14 24.71 -18.24
CA PRO D 79 -20.79 25.31 -17.77
C PRO D 79 -20.38 25.22 -16.28
N VAL D 80 -21.28 25.51 -15.32
CA VAL D 80 -20.92 25.38 -13.85
C VAL D 80 -20.59 23.89 -13.54
N THR D 81 -21.39 22.96 -14.12
CA THR D 81 -21.20 21.51 -13.93
C THR D 81 -19.80 20.97 -14.43
N TYR D 82 -19.21 21.43 -15.63
CA TYR D 82 -17.86 20.88 -16.04
C TYR D 82 -16.82 21.24 -14.93
N PHE D 83 -16.91 22.48 -14.39
CA PHE D 83 -16.05 22.92 -13.25
C PHE D 83 -16.29 22.00 -12.00
N ALA D 84 -17.56 21.52 -11.77
CA ALA D 84 -17.86 20.57 -10.63
C ALA D 84 -16.98 19.28 -10.83
N THR D 85 -16.79 18.82 -12.13
CA THR D 85 -15.92 17.64 -12.45
C THR D 85 -14.47 17.90 -11.89
N TYR D 86 -13.95 19.20 -11.97
CA TYR D 86 -12.58 19.51 -11.36
C TYR D 86 -12.62 19.17 -9.81
N SER D 87 -13.78 19.52 -9.14
CA SER D 87 -13.91 19.32 -7.65
C SER D 87 -13.83 17.83 -7.20
N THR D 88 -14.49 16.87 -7.93
CA THR D 88 -14.43 15.41 -7.54
C THR D 88 -12.99 14.84 -7.63
N VAL D 89 -12.22 15.19 -8.71
CA VAL D 89 -10.78 14.71 -8.86
C VAL D 89 -10.00 15.22 -7.59
N ALA D 90 -10.31 16.46 -7.08
CA ALA D 90 -9.65 16.96 -5.82
C ALA D 90 -9.94 15.96 -4.63
N ALA D 91 -11.23 15.44 -4.53
CA ALA D 91 -11.62 14.44 -3.47
C ALA D 91 -10.79 13.12 -3.62
N THR D 92 -10.63 12.70 -4.91
CA THR D 92 -9.89 11.47 -5.30
C THR D 92 -8.39 11.52 -4.90
N PHE D 93 -7.68 12.72 -5.00
CA PHE D 93 -6.21 12.83 -4.66
C PHE D 93 -5.93 12.41 -3.19
N GLY D 94 -6.92 12.71 -2.35
CA GLY D 94 -6.86 12.56 -0.88
C GLY D 94 -6.12 11.31 -0.28
N TYR D 95 -6.07 10.14 -0.98
CA TYR D 95 -5.39 8.89 -0.39
C TYR D 95 -3.88 9.14 -0.01
N TYR D 96 -3.19 10.06 -0.72
CA TYR D 96 -1.75 10.38 -0.47
C TYR D 96 -1.59 11.32 0.76
N LEU D 97 -2.22 12.52 0.68
CA LEU D 97 -2.09 13.62 1.70
C LEU D 97 -2.66 13.40 3.16
N TYR D 98 -3.55 12.39 3.50
CA TYR D 98 -4.18 12.35 4.90
C TYR D 98 -3.15 12.44 6.11
N THR D 99 -2.29 11.41 6.28
CA THR D 99 -1.30 11.36 7.43
C THR D 99 -0.15 12.41 7.28
N GLN D 100 0.22 12.76 6.02
CA GLN D 100 1.27 13.77 5.69
C GLN D 100 1.13 15.14 6.45
N GLN D 101 -0.09 15.51 6.90
CA GLN D 101 -0.38 16.86 7.53
C GLN D 101 0.70 17.27 8.60
N SER D 102 1.34 16.28 9.25
CA SER D 102 2.43 16.54 10.25
C SER D 102 3.63 17.31 9.57
N PHE D 103 3.90 16.95 8.28
CA PHE D 103 5.00 17.54 7.45
C PHE D 103 4.69 19.02 7.05
N GLU D 104 3.38 19.37 6.95
CA GLU D 104 2.91 20.72 6.51
C GLU D 104 3.57 21.94 7.27
N TYR D 105 3.60 21.94 8.64
CA TYR D 105 4.15 23.11 9.45
C TYR D 105 5.71 23.32 9.17
N PRO D 106 6.61 22.29 9.28
CA PRO D 106 8.10 22.43 8.90
C PRO D 106 8.40 23.29 7.63
N SER D 107 8.86 24.53 7.89
CA SER D 107 9.22 25.54 6.85
C SER D 107 9.92 26.73 7.57
N ALA D 108 9.12 27.51 8.36
CA ALA D 108 9.62 28.67 9.16
C ALA D 108 10.44 28.15 10.37
N ARG D 109 10.11 26.91 10.82
CA ARG D 109 10.79 26.21 11.96
C ARG D 109 12.11 25.59 11.41
N GLU D 110 12.56 24.44 11.98
CA GLU D 110 13.80 23.72 11.55
C GLU D 110 15.06 24.64 11.70
N ARG D 111 15.95 24.66 10.66
CA ARG D 111 17.20 25.47 10.62
C ARG D 111 18.14 25.10 11.82
N VAL D 112 19.29 25.81 11.90
CA VAL D 112 20.34 25.61 12.95
C VAL D 112 19.79 25.94 14.37
N TYR D 113 18.74 26.80 14.43
CA TYR D 113 18.08 27.25 15.70
C TYR D 113 17.32 26.05 16.36
N THR D 114 16.94 26.22 17.66
CA THR D 114 16.23 25.19 18.47
C THR D 114 14.77 24.99 17.94
N LYS D 115 14.34 23.71 17.79
CA LYS D 115 12.98 23.32 17.33
C LYS D 115 11.98 23.50 18.51
N GLN D 116 10.72 22.98 18.32
CA GLN D 116 9.65 23.02 19.37
C GLN D 116 10.00 21.97 20.46
N PHE D 117 11.11 22.27 21.19
CA PHE D 117 11.68 21.38 22.26
C PHE D 117 12.08 20.00 21.68
N TYR D 118 12.59 19.10 22.55
CA TYR D 118 13.03 17.71 22.17
C TYR D 118 11.80 16.86 21.76
N ARG D 119 12.03 15.53 21.56
CA ARG D 119 10.97 14.55 21.17
C ARG D 119 10.28 14.94 19.81
N ARG D 120 10.63 14.22 18.71
CA ARG D 120 10.08 14.45 17.33
C ARG D 120 8.52 14.24 17.32
N ALA D 121 7.76 15.34 17.56
CA ALA D 121 6.27 15.33 17.61
C ALA D 121 5.68 15.16 16.17
N GLN D 122 4.35 14.90 16.11
CA GLN D 122 3.57 14.70 14.86
C GLN D 122 2.07 14.68 15.20
N LYS D 123 1.21 14.46 14.16
CA LYS D 123 -0.28 14.41 14.31
C LYS D 123 -0.90 13.79 13.03
N GLN D 124 -2.18 13.31 13.16
CA GLN D 124 -2.95 12.66 12.05
C GLN D 124 -2.17 11.37 11.58
N ASN D 125 -2.54 10.12 12.06
CA ASN D 125 -1.78 8.87 11.71
C ASN D 125 -2.64 7.60 12.04
N PHE D 126 -2.63 6.57 11.13
CA PHE D 126 -3.36 5.29 11.32
C PHE D 126 -2.75 4.19 10.43
N ASP D 127 -1.51 4.42 9.85
CA ASP D 127 -0.81 3.40 8.99
C ASP D 127 0.74 3.66 8.80
N ILE D 128 1.26 4.93 8.49
CA ILE D 128 2.78 5.12 8.32
C ILE D 128 3.48 4.93 9.73
N GLU D 129 3.00 5.64 10.81
CA GLU D 129 3.62 5.60 12.18
C GLU D 129 3.62 4.16 12.84
N LYS D 130 2.45 3.47 12.86
CA LYS D 130 2.28 2.15 13.59
C LYS D 130 3.29 1.07 13.09
N TYR D 131 3.41 0.85 11.75
CA TYR D 131 4.34 -0.15 11.18
C TYR D 131 5.87 0.23 11.29
N ASN D 132 6.28 1.48 10.88
CA ASN D 132 7.77 1.86 10.86
C ASN D 132 8.39 1.79 12.26
N ARG D 133 7.72 2.49 13.16
CA ARG D 133 8.18 2.60 14.59
C ARG D 133 8.31 1.18 15.25
N LEU D 134 7.26 0.33 15.12
CA LEU D 134 7.25 -1.08 15.69
C LEU D 134 8.55 -1.84 15.30
N VAL D 135 8.85 -1.82 13.97
CA VAL D 135 10.11 -2.43 13.45
C VAL D 135 11.37 -1.90 14.31
N THR D 136 11.43 -0.56 14.71
CA THR D 136 12.63 -0.05 15.51
C THR D 136 12.77 -0.82 16.85
N GLU D 137 11.61 -1.24 17.44
CA GLU D 137 11.61 -2.04 18.73
C GLU D 137 12.52 -3.31 18.49
N VAL D 138 12.42 -3.90 17.25
CA VAL D 138 13.28 -5.11 16.91
C VAL D 138 14.79 -4.71 16.97
N ASP D 139 15.12 -3.42 16.65
CA ASP D 139 16.56 -2.94 16.73
C ASP D 139 17.13 -3.19 18.17
N GLU D 140 16.21 -3.10 19.20
CA GLU D 140 16.62 -3.38 20.62
C GLU D 140 16.91 -4.91 20.80
N LEU D 141 16.20 -5.78 19.98
CA LEU D 141 16.46 -7.29 19.96
C LEU D 141 17.98 -7.50 19.72
N ARG D 142 18.51 -6.73 18.72
CA ARG D 142 19.96 -6.80 18.30
C ARG D 142 20.90 -6.41 19.49
N ASN D 143 20.47 -5.48 20.44
CA ASN D 143 21.37 -5.09 21.58
C ASN D 143 21.55 -6.26 22.64
N GLN D 144 20.42 -6.88 23.14
CA GLN D 144 20.51 -7.96 24.20
C GLN D 144 21.14 -9.27 23.66
N LEU D 145 20.93 -9.57 22.36
CA LEU D 145 21.49 -10.79 21.71
C LEU D 145 23.05 -10.73 21.66
N LYS D 146 23.60 -9.56 21.21
CA LYS D 146 25.08 -9.37 21.12
C LYS D 146 25.79 -9.70 22.48
N ARG D 147 25.23 -9.23 23.68
CA ARG D 147 25.91 -9.57 24.97
C ARG D 147 25.92 -11.13 25.10
N LEU D 148 24.75 -11.82 24.84
CA LEU D 148 24.68 -13.34 24.83
C LEU D 148 25.81 -14.00 23.95
N ARG D 149 26.28 -13.30 22.85
CA ARG D 149 27.34 -13.88 21.95
C ARG D 149 28.71 -13.98 22.68
N ASP D 150 29.02 -13.04 23.64
CA ASP D 150 30.37 -13.10 24.35
C ASP D 150 30.55 -14.39 25.30
N PRO D 151 29.63 -14.79 26.27
CA PRO D 151 29.77 -16.09 27.12
C PRO D 151 28.97 -17.26 26.51
N LEU D 152 29.20 -18.50 27.05
CA LEU D 152 28.46 -19.76 26.69
C LEU D 152 29.27 -21.00 27.17
N GLU D 153 30.44 -21.26 26.54
CA GLU D 153 31.34 -22.41 26.87
C GLU D 153 31.87 -22.33 28.33
N MET E 1 -13.85 -30.58 46.81
CA MET E 1 -12.45 -31.01 46.52
C MET E 1 -12.31 -31.24 44.99
N ALA E 2 -13.39 -31.78 44.37
CA ALA E 2 -13.46 -32.09 42.91
C ALA E 2 -13.38 -30.78 42.06
N ALA E 3 -13.72 -29.62 42.70
CA ALA E 3 -13.71 -28.28 42.06
C ALA E 3 -12.26 -27.87 41.64
N LEU E 4 -11.94 -27.98 40.31
CA LEU E 4 -10.62 -27.64 39.71
C LEU E 4 -9.48 -28.49 40.36
N SER E 5 -8.25 -28.37 39.79
CA SER E 5 -7.03 -29.09 40.27
C SER E 5 -6.57 -28.54 41.65
N VAL E 6 -5.61 -29.28 42.29
CA VAL E 6 -5.04 -28.92 43.62
C VAL E 6 -3.74 -29.76 43.82
N ASP E 7 -2.56 -29.07 43.92
CA ASP E 7 -1.22 -29.72 44.10
C ASP E 7 -0.93 -30.76 42.98
N GLU E 8 0.23 -31.46 43.10
CA GLU E 8 0.69 -32.53 42.16
C GLU E 8 0.92 -31.97 40.71
N TYR E 9 -0.19 -31.64 40.00
CA TYR E 9 -0.17 -31.14 38.60
C TYR E 9 0.62 -29.77 38.48
N LYS E 10 -0.04 -28.65 38.88
CA LYS E 10 0.55 -27.27 38.83
C LYS E 10 1.63 -27.07 39.93
N LEU E 11 2.64 -28.00 39.95
CA LEU E 11 3.78 -27.96 40.93
C LEU E 11 4.72 -26.74 40.63
N SER E 12 5.32 -26.74 39.41
CA SER E 12 6.24 -25.66 38.94
C SER E 12 6.47 -25.83 37.41
N ARG E 13 5.48 -25.32 36.66
CA ARG E 13 5.43 -25.31 35.19
C ARG E 13 4.23 -24.42 34.79
N GLU E 14 4.24 -23.17 35.34
CA GLU E 14 3.18 -22.14 35.15
C GLU E 14 3.74 -20.92 34.36
N LYS E 15 5.04 -20.56 34.60
CA LYS E 15 5.67 -19.37 33.94
C LYS E 15 5.69 -19.50 32.36
N LYS E 16 6.06 -20.71 31.85
CA LYS E 16 6.11 -21.01 30.38
C LYS E 16 4.69 -20.86 29.74
N LEU E 17 3.68 -21.39 30.49
CA LEU E 17 2.23 -21.33 30.13
C LEU E 17 1.77 -19.86 30.06
N LEU E 18 2.27 -19.01 31.00
CA LEU E 18 1.87 -17.56 31.09
C LEU E 18 2.23 -16.87 29.73
N LEU E 19 3.44 -17.19 29.18
CA LEU E 19 3.87 -16.70 27.84
C LEU E 19 2.90 -17.20 26.71
N GLN E 20 2.42 -18.48 26.79
CA GLN E 20 1.46 -19.04 25.76
C GLN E 20 0.17 -18.16 25.72
N LEU E 21 -0.33 -17.71 26.92
CA LEU E 21 -1.52 -16.81 27.03
C LEU E 21 -1.26 -15.42 26.33
N GLU E 22 0.00 -14.81 26.45
CA GLU E 22 0.29 -13.49 25.80
C GLU E 22 0.13 -13.59 24.27
N ASN E 23 0.62 -14.74 23.74
CA ASN E 23 0.58 -15.03 22.27
C ASN E 23 -0.87 -15.09 21.75
N ALA E 24 -1.76 -15.75 22.55
CA ALA E 24 -3.20 -15.90 22.22
C ALA E 24 -3.90 -14.50 22.13
N GLU E 25 -3.56 -13.56 23.08
CA GLU E 25 -4.17 -12.18 23.08
C GLU E 25 -3.82 -11.40 21.76
N THR E 26 -2.52 -11.45 21.31
CA THR E 26 -2.09 -10.75 20.05
C THR E 26 -2.76 -11.34 18.77
N LEU E 27 -2.83 -12.69 18.70
CA LEU E 27 -3.41 -13.45 17.53
C LEU E 27 -4.91 -13.11 17.33
N LEU E 28 -5.66 -13.03 18.47
CA LEU E 28 -7.13 -12.75 18.55
C LEU E 28 -7.95 -13.23 17.31
N ALA E 29 -7.53 -14.38 16.67
CA ALA E 29 -8.24 -14.98 15.48
C ALA E 29 -9.61 -15.51 16.01
N PRO E 30 -9.65 -16.48 16.97
CA PRO E 30 -10.96 -16.89 17.68
C PRO E 30 -11.99 -15.70 17.86
N LEU E 31 -11.51 -14.65 18.55
CA LEU E 31 -12.22 -13.37 18.81
C LEU E 31 -12.52 -12.63 17.46
N HIS E 32 -11.58 -12.66 16.45
CA HIS E 32 -11.77 -11.87 15.14
C HIS E 32 -13.07 -12.29 14.42
N ASP E 33 -13.43 -13.60 14.44
CA ASP E 33 -14.71 -14.06 13.78
C ASP E 33 -15.92 -13.32 14.47
N ALA E 34 -15.86 -13.14 15.82
CA ALA E 34 -16.89 -12.37 16.60
C ALA E 34 -16.93 -10.88 16.10
N LYS E 35 -15.71 -10.27 15.81
CA LYS E 35 -15.59 -8.86 15.29
C LYS E 35 -16.34 -8.74 13.90
N ARG E 36 -16.20 -9.80 13.05
CA ARG E 36 -16.85 -9.89 11.68
C ARG E 36 -18.42 -9.84 11.80
N LYS E 37 -19.01 -10.44 12.87
CA LYS E 37 -20.52 -10.54 13.03
C LYS E 37 -21.22 -9.14 12.94
N ILE E 38 -20.64 -8.05 13.50
CA ILE E 38 -21.25 -6.65 13.45
C ILE E 38 -21.48 -6.17 11.96
N GLU E 39 -21.16 -7.01 10.91
CA GLU E 39 -21.27 -6.65 9.44
C GLU E 39 -22.48 -5.73 9.06
N GLN E 40 -23.55 -5.74 9.91
CA GLN E 40 -24.75 -4.86 9.73
C GLN E 40 -24.34 -3.36 9.82
N GLU E 41 -23.07 -3.11 10.26
CA GLU E 41 -22.45 -1.76 10.39
C GLU E 41 -22.18 -1.19 8.98
N ALA E 42 -22.09 -2.11 7.97
CA ALA E 42 -21.84 -1.75 6.54
C ALA E 42 -23.00 -0.90 5.98
N GLU E 43 -24.15 -0.88 6.72
CA GLU E 43 -25.40 -0.12 6.38
C GLU E 43 -25.47 1.20 7.21
N ALA E 44 -24.84 1.17 8.42
CA ALA E 44 -24.82 2.33 9.39
C ALA E 44 -24.07 3.59 8.83
N HIS E 45 -22.71 3.49 8.77
CA HIS E 45 -21.81 4.60 8.34
C HIS E 45 -22.14 5.19 6.93
N THR E 46 -23.02 4.52 6.14
CA THR E 46 -23.40 4.96 4.75
C THR E 46 -24.00 6.39 4.72
N ASP E 47 -24.25 7.01 5.91
CA ASP E 47 -24.79 8.40 6.01
C ASP E 47 -23.82 9.43 5.34
N ARG E 48 -22.53 9.01 5.20
CA ARG E 48 -21.43 9.81 4.58
C ARG E 48 -21.36 9.53 3.06
N VAL E 49 -21.75 8.28 2.64
CA VAL E 49 -21.78 7.84 1.21
C VAL E 49 -23.13 8.36 0.62
N ALA E 50 -24.09 8.67 1.53
CA ALA E 50 -25.44 9.20 1.18
C ALA E 50 -25.33 10.64 0.63
N TRP E 51 -24.13 11.31 0.82
CA TRP E 51 -23.88 12.71 0.29
C TRP E 51 -24.24 12.81 -1.21
N ALA E 52 -24.11 11.64 -1.86
CA ALA E 52 -24.38 11.39 -3.29
C ALA E 52 -25.88 11.63 -3.69
N GLY E 53 -26.81 11.35 -2.76
CA GLY E 53 -28.30 11.48 -2.99
C GLY E 53 -28.78 12.91 -3.34
N PHE E 54 -28.23 13.95 -2.65
CA PHE E 54 -28.65 15.38 -2.85
C PHE E 54 -28.17 15.94 -4.22
N ALA E 55 -27.07 15.37 -4.77
CA ALA E 55 -26.47 15.82 -6.06
C ALA E 55 -27.39 15.49 -7.28
N ALA E 56 -27.91 14.25 -7.31
CA ALA E 56 -28.80 13.73 -8.42
C ALA E 56 -30.23 14.29 -8.32
N SER E 57 -30.66 14.69 -7.10
CA SER E 57 -32.03 15.20 -6.83
C SER E 57 -32.31 16.56 -7.49
N GLY E 58 -31.24 17.37 -7.71
CA GLY E 58 -31.37 18.73 -8.30
C GLY E 58 -31.96 18.74 -9.74
N VAL E 59 -31.30 17.99 -10.66
CA VAL E 59 -31.71 17.90 -12.13
C VAL E 59 -32.92 16.98 -12.41
N GLN E 60 -33.20 15.99 -11.52
CA GLN E 60 -34.30 14.98 -11.73
C GLN E 60 -35.63 15.66 -12.20
N THR E 61 -35.90 16.85 -11.62
CA THR E 61 -37.09 17.69 -11.94
C THR E 61 -36.91 18.43 -13.30
N GLY E 62 -35.63 18.62 -13.69
CA GLY E 62 -35.21 19.33 -14.93
C GLY E 62 -35.73 18.72 -16.25
N LEU E 63 -35.95 17.37 -16.29
CA LEU E 63 -36.44 16.67 -17.54
C LEU E 63 -37.83 17.22 -18.01
N PHE E 64 -38.70 17.48 -17.01
CA PHE E 64 -40.06 18.04 -17.20
C PHE E 64 -39.94 19.43 -17.90
N ALA E 65 -38.90 20.21 -17.49
CA ALA E 65 -38.62 21.57 -18.04
C ALA E 65 -38.37 21.51 -19.59
N ARG E 66 -37.63 20.46 -20.12
CA ARG E 66 -37.36 20.34 -21.61
C ARG E 66 -38.73 20.23 -22.35
N LEU E 67 -39.67 19.42 -21.75
CA LEU E 67 -41.06 19.26 -22.31
C LEU E 67 -41.84 20.63 -22.33
N THR E 68 -41.69 21.43 -21.22
CA THR E 68 -42.38 22.74 -21.03
C THR E 68 -42.05 23.81 -22.10
N TRP E 69 -40.73 23.92 -22.54
CA TRP E 69 -40.25 24.96 -23.52
C TRP E 69 -39.66 24.35 -24.81
N TRP E 70 -40.20 23.18 -25.20
CA TRP E 70 -39.76 22.40 -26.42
C TRP E 70 -39.43 23.29 -27.70
N GLU E 71 -39.96 24.55 -27.78
CA GLU E 71 -39.75 25.48 -28.96
C GLU E 71 -38.37 26.22 -28.96
N TYR E 72 -37.81 26.56 -27.76
CA TYR E 72 -36.50 27.29 -27.63
C TYR E 72 -35.40 26.75 -28.62
N SER E 73 -35.26 25.41 -28.69
CA SER E 73 -34.30 24.70 -29.60
C SER E 73 -34.49 23.16 -29.50
N TRP E 74 -34.33 22.66 -28.25
CA TRP E 74 -34.47 21.21 -27.81
C TRP E 74 -33.09 20.56 -27.55
N ASP E 75 -32.08 20.90 -28.39
CA ASP E 75 -30.67 20.43 -28.29
C ASP E 75 -30.09 20.90 -26.91
N ILE E 76 -30.45 20.16 -25.86
CA ILE E 76 -30.13 20.47 -24.43
C ILE E 76 -30.12 19.10 -23.70
N VAL E 77 -30.33 17.95 -24.44
CA VAL E 77 -30.37 16.59 -23.84
C VAL E 77 -29.03 16.25 -23.15
N GLU E 78 -28.92 15.01 -22.62
CA GLU E 78 -27.73 14.46 -21.93
C GLU E 78 -27.38 15.04 -20.44
N PRO E 79 -28.10 15.99 -19.72
CA PRO E 79 -27.64 16.54 -18.33
C PRO E 79 -27.50 15.51 -17.18
N VAL E 80 -28.49 14.61 -17.14
CA VAL E 80 -28.66 13.63 -16.03
C VAL E 80 -27.43 12.72 -15.83
N THR E 81 -26.75 12.24 -16.92
CA THR E 81 -25.56 11.38 -16.74
C THR E 81 -24.40 12.08 -15.96
N TYR E 82 -24.09 13.43 -16.21
CA TYR E 82 -22.92 14.08 -15.50
C TYR E 82 -23.12 14.00 -13.98
N PHE E 83 -24.37 14.30 -13.54
CA PHE E 83 -24.73 14.20 -12.10
C PHE E 83 -24.59 12.70 -11.64
N ALA E 84 -25.01 11.74 -12.52
CA ALA E 84 -24.85 10.27 -12.22
C ALA E 84 -23.34 9.92 -12.03
N THR E 85 -22.44 10.49 -12.92
CA THR E 85 -20.95 10.28 -12.82
C THR E 85 -20.46 10.83 -11.44
N TYR E 86 -21.01 11.98 -11.00
CA TYR E 86 -20.63 12.63 -9.68
C TYR E 86 -20.93 11.60 -8.50
N SER E 87 -22.09 10.88 -8.57
CA SER E 87 -22.46 9.81 -7.57
C SER E 87 -21.41 8.64 -7.60
N THR E 88 -20.94 8.29 -8.83
CA THR E 88 -19.96 7.16 -9.04
C THR E 88 -18.62 7.44 -8.28
N VAL E 89 -18.14 8.72 -8.31
CA VAL E 89 -16.90 9.13 -7.57
C VAL E 89 -17.11 8.84 -6.06
N ALA E 90 -18.38 9.01 -5.57
CA ALA E 90 -18.68 8.71 -4.12
C ALA E 90 -18.31 7.21 -3.84
N ALA E 91 -18.60 6.29 -4.84
CA ALA E 91 -18.21 4.83 -4.72
C ALA E 91 -16.65 4.71 -4.57
N THR E 92 -15.93 5.56 -5.37
CA THR E 92 -14.45 5.61 -5.42
C THR E 92 -13.80 6.01 -4.05
N PHE E 93 -14.40 6.98 -3.29
CA PHE E 93 -13.86 7.45 -1.96
C PHE E 93 -13.76 6.24 -0.98
N GLY E 94 -14.79 5.38 -1.09
CA GLY E 94 -15.01 4.16 -0.29
C GLY E 94 -13.76 3.27 0.02
N TYR E 95 -12.66 3.38 -0.78
CA TYR E 95 -11.42 2.53 -0.59
C TYR E 95 -10.70 2.83 0.77
N TYR E 96 -10.85 4.08 1.24
CA TYR E 96 -10.22 4.65 2.46
C TYR E 96 -10.95 4.27 3.76
N LEU E 97 -12.25 4.68 3.85
CA LEU E 97 -13.07 4.50 5.10
C LEU E 97 -13.32 3.02 5.58
N TYR E 98 -13.14 1.94 4.73
CA TYR E 98 -13.56 0.51 5.12
C TYR E 98 -13.32 0.05 6.60
N THR E 99 -12.04 -0.04 7.05
CA THR E 99 -11.72 -0.49 8.45
C THR E 99 -12.14 0.60 9.48
N GLN E 100 -12.12 1.88 9.04
CA GLN E 100 -12.52 3.06 9.88
C GLN E 100 -14.07 3.13 10.15
N GLN E 101 -14.97 2.57 9.27
CA GLN E 101 -16.48 2.72 9.42
C GLN E 101 -16.96 2.41 10.89
N SER E 102 -16.21 1.52 11.58
CA SER E 102 -16.51 1.12 12.99
C SER E 102 -16.20 2.28 14.00
N PHE E 103 -15.22 3.16 13.66
CA PHE E 103 -14.72 4.27 14.52
C PHE E 103 -15.84 5.18 15.14
N GLU E 104 -16.99 5.32 14.46
CA GLU E 104 -18.12 6.22 14.90
C GLU E 104 -18.88 5.70 16.17
N TYR E 105 -18.93 4.36 16.37
CA TYR E 105 -19.72 3.71 17.49
C TYR E 105 -19.19 3.95 18.97
N PRO E 106 -17.86 3.82 19.32
CA PRO E 106 -17.36 3.96 20.78
C PRO E 106 -17.26 5.42 21.26
N SER E 107 -17.90 6.34 20.50
CA SER E 107 -17.90 7.82 20.78
C SER E 107 -18.19 8.16 22.29
N ALA E 108 -17.90 9.44 22.69
CA ALA E 108 -18.07 9.95 24.08
C ALA E 108 -19.57 10.05 24.47
N ARG E 109 -20.25 8.87 24.55
CA ARG E 109 -21.68 8.75 24.93
C ARG E 109 -21.77 8.77 26.49
N GLU E 110 -21.46 9.95 27.09
CA GLU E 110 -21.44 10.21 28.58
C GLU E 110 -20.86 9.01 29.41
N ARG E 111 -21.23 8.94 30.73
CA ARG E 111 -20.78 7.86 31.67
C ARG E 111 -19.23 7.88 31.86
N VAL E 112 -18.74 7.29 32.98
CA VAL E 112 -17.28 7.24 33.32
C VAL E 112 -17.02 6.03 34.28
N TYR E 113 -17.04 4.80 33.69
CA TYR E 113 -16.80 3.51 34.41
C TYR E 113 -16.24 2.46 33.39
N THR E 114 -15.92 1.26 33.92
CA THR E 114 -15.36 0.12 33.13
C THR E 114 -16.40 -0.43 32.09
N LYS E 115 -16.22 -0.06 30.79
CA LYS E 115 -17.07 -0.49 29.64
C LYS E 115 -16.25 -1.52 28.79
N GLN E 116 -16.68 -1.77 27.52
CA GLN E 116 -15.98 -2.71 26.59
C GLN E 116 -14.58 -2.07 26.23
N PHE E 117 -13.46 -2.83 26.46
CA PHE E 117 -12.05 -2.36 26.24
C PHE E 117 -11.81 -1.87 24.76
N TYR E 118 -10.53 -1.63 24.40
CA TYR E 118 -10.11 -1.15 23.04
C TYR E 118 -10.23 -2.29 22.00
N ARG E 119 -10.02 -3.55 22.45
CA ARG E 119 -10.07 -4.77 21.59
C ARG E 119 -11.53 -5.06 21.11
N ARG E 120 -12.46 -5.21 22.09
CA ARG E 120 -13.90 -5.50 21.85
C ARG E 120 -14.10 -6.88 21.13
N ALA E 121 -15.38 -7.17 20.81
CA ALA E 121 -15.82 -8.41 20.10
C ALA E 121 -17.00 -8.01 19.17
N GLN E 122 -16.85 -6.80 18.56
CA GLN E 122 -17.84 -6.17 17.66
C GLN E 122 -17.16 -4.91 17.03
N LYS E 123 -16.11 -5.15 16.17
CA LYS E 123 -15.29 -4.07 15.50
C LYS E 123 -14.83 -4.56 14.09
N GLN E 124 -13.84 -3.81 13.52
CA GLN E 124 -13.22 -4.03 12.19
C GLN E 124 -12.33 -5.31 12.18
N ASN E 125 -11.24 -5.31 11.32
CA ASN E 125 -10.21 -6.40 11.13
C ASN E 125 -10.43 -7.14 9.78
N PHE E 126 -9.45 -6.99 8.85
CA PHE E 126 -9.41 -7.67 7.52
C PHE E 126 -8.06 -7.32 6.83
N ASP E 127 -7.34 -6.25 7.32
CA ASP E 127 -6.03 -5.82 6.73
C ASP E 127 -5.16 -4.89 7.68
N ILE E 128 -5.69 -3.71 8.23
CA ILE E 128 -4.84 -2.79 9.11
C ILE E 128 -4.56 -3.48 10.48
N GLU E 129 -5.64 -3.98 11.12
CA GLU E 129 -5.55 -4.67 12.46
C GLU E 129 -4.71 -5.96 12.34
N LYS E 130 -4.89 -6.66 11.20
CA LYS E 130 -4.23 -7.97 10.92
C LYS E 130 -2.66 -7.83 10.89
N TYR E 131 -2.08 -6.90 10.05
CA TYR E 131 -0.61 -6.66 9.95
C TYR E 131 0.03 -6.14 11.27
N ASN E 132 -0.58 -5.08 11.84
CA ASN E 132 -0.06 -4.39 13.07
C ASN E 132 0.19 -5.37 14.21
N ARG E 133 -0.86 -6.13 14.44
CA ARG E 133 -0.92 -7.13 15.54
C ARG E 133 0.19 -8.23 15.46
N LEU E 134 0.44 -8.97 14.30
CA LEU E 134 1.57 -10.02 14.36
C LEU E 134 2.93 -9.32 14.65
N VAL E 135 3.27 -8.15 13.96
CA VAL E 135 4.60 -7.51 14.23
C VAL E 135 4.74 -7.22 15.79
N THR E 136 3.57 -6.97 16.48
CA THR E 136 3.55 -6.76 17.98
C THR E 136 3.96 -8.08 18.71
N GLU E 137 3.64 -9.26 18.08
CA GLU E 137 4.03 -10.61 18.64
C GLU E 137 5.58 -10.63 18.85
N VAL E 138 6.29 -10.00 17.86
CA VAL E 138 7.77 -9.87 17.93
C VAL E 138 8.13 -9.06 19.23
N ASP E 139 7.31 -8.02 19.58
CA ASP E 139 7.54 -7.23 20.87
C ASP E 139 7.59 -8.15 22.15
N GLU E 140 6.77 -9.25 22.16
CA GLU E 140 6.76 -10.21 23.30
C GLU E 140 8.16 -10.89 23.38
N LEU E 141 8.77 -11.21 22.17
CA LEU E 141 10.16 -11.83 22.07
C LEU E 141 11.18 -11.01 22.93
N ARG E 142 11.03 -9.65 22.89
CA ARG E 142 11.95 -8.71 23.64
C ARG E 142 11.81 -8.97 25.19
N ASN E 143 10.59 -9.38 25.74
CA ASN E 143 10.49 -9.61 27.24
C ASN E 143 11.27 -10.91 27.66
N GLN E 144 10.99 -12.00 26.88
CA GLN E 144 11.58 -13.37 27.13
C GLN E 144 13.13 -13.34 26.95
N LEU E 145 13.64 -12.48 26.01
CA LEU E 145 15.10 -12.33 25.71
C LEU E 145 15.87 -11.72 26.91
N LYS E 146 15.41 -10.57 27.49
CA LYS E 146 16.13 -9.92 28.65
C LYS E 146 16.48 -10.95 29.76
N ARG E 147 15.46 -11.76 30.25
CA ARG E 147 15.79 -12.76 31.36
C ARG E 147 16.79 -13.84 30.79
N LEU E 148 16.63 -14.25 29.49
CA LEU E 148 17.58 -15.21 28.78
C LEU E 148 19.11 -14.72 28.91
N ARG E 149 19.37 -13.38 28.75
CA ARG E 149 20.76 -12.75 28.83
C ARG E 149 21.34 -12.72 30.30
N ASP E 150 20.46 -12.58 31.32
CA ASP E 150 20.89 -12.50 32.78
C ASP E 150 21.91 -13.62 33.32
N PRO E 151 21.88 -14.95 32.92
CA PRO E 151 22.80 -16.06 33.49
C PRO E 151 24.16 -16.05 32.77
N LEU E 152 24.81 -17.25 32.59
CA LEU E 152 26.12 -17.40 31.93
C LEU E 152 26.52 -18.82 32.34
N GLU E 153 26.45 -19.73 31.36
CA GLU E 153 26.79 -21.19 31.50
C GLU E 153 26.63 -21.87 30.12
N MET A 1 30.75 -44.74 11.97
CA MET A 1 30.80 -43.89 10.76
C MET A 1 29.60 -42.89 10.80
N ALA A 2 29.59 -41.95 9.83
CA ALA A 2 28.53 -40.90 9.70
C ALA A 2 28.66 -40.21 8.31
N ALA A 3 27.61 -39.45 7.91
CA ALA A 3 27.55 -38.71 6.61
C ALA A 3 26.35 -37.70 6.61
N LEU A 4 25.71 -37.54 7.80
CA LEU A 4 24.55 -36.62 8.01
C LEU A 4 23.27 -37.19 7.31
N SER A 5 23.40 -37.46 5.99
CA SER A 5 22.30 -38.00 5.11
C SER A 5 21.05 -37.09 5.11
N VAL A 6 21.22 -35.84 5.62
CA VAL A 6 20.13 -34.82 5.71
C VAL A 6 18.98 -35.35 6.63
N ASP A 7 19.34 -35.58 7.93
CA ASP A 7 18.42 -36.10 8.98
C ASP A 7 18.90 -35.59 10.37
N GLU A 8 19.93 -34.71 10.37
CA GLU A 8 20.53 -34.10 11.58
C GLU A 8 21.06 -35.18 12.60
N TYR A 9 22.37 -35.54 12.49
CA TYR A 9 23.05 -36.54 13.36
C TYR A 9 22.32 -37.91 13.36
N LYS A 10 22.81 -38.88 14.19
CA LYS A 10 22.23 -40.25 14.32
C LYS A 10 20.84 -40.11 15.03
N LEU A 11 20.85 -39.41 16.20
CA LEU A 11 19.63 -39.12 17.01
C LEU A 11 18.78 -38.05 16.25
N SER A 12 17.45 -38.00 16.54
CA SER A 12 16.48 -37.08 15.91
C SER A 12 15.12 -37.73 16.20
N ARG A 13 14.52 -37.31 17.32
CA ARG A 13 13.21 -37.78 17.81
C ARG A 13 12.06 -37.11 17.01
N GLU A 14 12.38 -36.71 15.76
CA GLU A 14 11.49 -36.06 14.78
C GLU A 14 11.11 -34.62 15.17
N LYS A 15 11.23 -34.24 16.48
CA LYS A 15 10.83 -32.85 16.95
C LYS A 15 11.68 -31.72 16.26
N LYS A 16 13.02 -31.94 16.14
CA LYS A 16 13.96 -30.96 15.50
C LYS A 16 13.59 -30.78 13.99
N LEU A 17 13.33 -31.95 13.36
CA LEU A 17 12.89 -32.05 11.94
C LEU A 17 11.53 -31.37 11.72
N LEU A 18 10.57 -31.57 12.69
CA LEU A 18 9.18 -31.03 12.58
C LEU A 18 9.16 -29.48 12.48
N LEU A 19 9.98 -28.77 13.33
CA LEU A 19 10.04 -27.26 13.29
C LEU A 19 10.55 -26.79 11.88
N GLN A 20 11.57 -27.51 11.29
CA GLN A 20 12.03 -27.18 9.89
C GLN A 20 10.82 -27.39 8.91
N LEU A 21 10.06 -28.50 9.16
CA LEU A 21 8.84 -28.88 8.40
C LEU A 21 7.71 -27.79 8.56
N GLU A 22 7.53 -27.18 9.81
CA GLU A 22 6.45 -26.14 10.02
C GLU A 22 6.69 -24.93 9.09
N ASN A 23 7.98 -24.53 8.92
CA ASN A 23 8.35 -23.38 8.04
C ASN A 23 7.93 -23.67 6.57
N ALA A 24 8.17 -24.94 6.10
CA ALA A 24 7.82 -25.34 4.70
C ALA A 24 6.28 -25.23 4.42
N GLU A 25 5.43 -25.66 5.41
CA GLU A 25 3.93 -25.59 5.28
C GLU A 25 3.41 -24.12 5.17
N THR A 26 3.97 -23.19 6.00
CA THR A 26 3.54 -21.75 6.03
C THR A 26 3.76 -21.00 4.68
N LEU A 27 4.90 -21.29 3.97
CA LEU A 27 5.24 -20.59 2.65
C LEU A 27 4.05 -20.79 1.64
N LEU A 28 3.47 -22.01 1.63
CA LEU A 28 2.32 -22.40 0.79
C LEU A 28 2.63 -22.26 -0.75
N ALA A 29 2.43 -23.40 -1.45
CA ALA A 29 2.55 -23.55 -2.91
C ALA A 29 1.42 -24.55 -3.35
N PRO A 30 1.12 -25.68 -2.62
CA PRO A 30 -0.05 -26.62 -3.00
C PRO A 30 -1.43 -25.89 -3.19
N LEU A 31 -1.90 -25.16 -2.13
CA LEU A 31 -3.22 -24.45 -2.15
C LEU A 31 -3.19 -23.39 -3.29
N HIS A 32 -2.02 -22.69 -3.44
CA HIS A 32 -1.83 -21.68 -4.54
C HIS A 32 -1.94 -22.43 -5.93
N ASP A 33 -1.34 -23.67 -6.00
CA ASP A 33 -1.38 -24.57 -7.21
C ASP A 33 -2.87 -24.91 -7.56
N ALA A 34 -3.73 -25.10 -6.50
CA ALA A 34 -5.19 -25.39 -6.68
C ALA A 34 -5.82 -24.22 -7.49
N LYS A 35 -5.37 -22.94 -7.21
CA LYS A 35 -5.88 -21.71 -7.96
C LYS A 35 -5.59 -21.87 -9.48
N ARG A 36 -4.37 -22.42 -9.82
CA ARG A 36 -3.94 -22.65 -11.25
C ARG A 36 -4.95 -23.60 -11.96
N LYS A 37 -5.48 -24.64 -11.25
CA LYS A 37 -6.47 -25.60 -11.84
C LYS A 37 -7.76 -24.83 -12.34
N ILE A 38 -8.19 -23.81 -11.55
CA ILE A 38 -9.38 -22.92 -11.82
C ILE A 38 -8.98 -21.70 -12.72
N GLU A 39 -7.69 -21.60 -13.22
CA GLU A 39 -7.12 -20.39 -14.01
C GLU A 39 -8.18 -19.38 -14.61
N GLN A 40 -9.34 -19.89 -15.07
CA GLN A 40 -10.47 -19.07 -15.60
C GLN A 40 -11.10 -18.21 -14.44
N GLU A 41 -10.57 -18.34 -13.20
CA GLU A 41 -11.06 -17.63 -11.97
C GLU A 41 -11.15 -16.10 -12.14
N ALA A 42 -10.41 -15.56 -13.15
CA ALA A 42 -10.39 -14.10 -13.45
C ALA A 42 -11.75 -13.64 -14.06
N GLU A 43 -12.59 -14.64 -14.47
CA GLU A 43 -13.96 -14.41 -15.05
C GLU A 43 -15.03 -14.68 -13.94
N ALA A 44 -14.63 -15.37 -12.82
CA ALA A 44 -15.54 -15.72 -11.69
C ALA A 44 -15.87 -14.46 -10.82
N HIS A 45 -14.87 -13.56 -10.62
CA HIS A 45 -15.01 -12.34 -9.76
C HIS A 45 -15.93 -11.27 -10.38
N THR A 46 -16.17 -11.35 -11.72
CA THR A 46 -17.01 -10.37 -12.47
C THR A 46 -18.49 -10.37 -12.00
N ASP A 47 -18.84 -11.25 -11.03
CA ASP A 47 -20.22 -11.36 -10.45
C ASP A 47 -20.57 -10.06 -9.65
N ARG A 48 -19.52 -9.38 -9.12
CA ARG A 48 -19.63 -8.12 -8.31
C ARG A 48 -19.56 -6.88 -9.24
N VAL A 49 -18.80 -6.97 -10.38
CA VAL A 49 -18.63 -5.88 -11.36
C VAL A 49 -19.95 -5.74 -12.17
N ALA A 50 -20.77 -6.83 -12.11
CA ALA A 50 -22.10 -6.93 -12.78
C ALA A 50 -23.08 -5.89 -12.19
N TRP A 51 -22.76 -5.34 -10.97
CA TRP A 51 -23.63 -4.30 -10.28
C TRP A 51 -23.95 -3.14 -11.28
N ALA A 52 -22.96 -2.89 -12.16
CA ALA A 52 -22.95 -1.82 -13.18
C ALA A 52 -23.56 -2.29 -14.55
N GLY A 53 -23.82 -3.60 -14.70
CA GLY A 53 -24.38 -4.18 -15.97
C GLY A 53 -25.73 -3.55 -16.37
N PHE A 54 -26.50 -3.07 -15.36
CA PHE A 54 -27.83 -2.44 -15.54
C PHE A 54 -27.69 -0.99 -16.09
N ALA A 55 -26.60 -0.29 -15.70
CA ALA A 55 -26.33 1.13 -16.09
C ALA A 55 -26.22 1.30 -17.64
N ALA A 56 -25.42 0.41 -18.28
CA ALA A 56 -25.15 0.41 -19.75
C ALA A 56 -26.37 -0.14 -20.55
N SER A 57 -27.14 -1.06 -19.92
CA SER A 57 -28.31 -1.73 -20.58
C SER A 57 -29.46 -0.76 -20.91
N GLY A 58 -29.55 0.36 -20.16
CA GLY A 58 -30.62 1.37 -20.34
C GLY A 58 -30.66 2.02 -21.76
N VAL A 59 -29.49 2.57 -22.19
CA VAL A 59 -29.34 3.30 -23.51
C VAL A 59 -29.29 2.42 -24.78
N GLN A 60 -28.91 1.10 -24.71
CA GLN A 60 -28.80 0.23 -25.96
C GLN A 60 -30.06 0.39 -26.87
N THR A 61 -31.24 0.59 -26.21
CA THR A 61 -32.55 0.82 -26.88
C THR A 61 -32.64 2.27 -27.44
N GLY A 62 -31.93 3.19 -26.75
CA GLY A 62 -31.89 4.65 -27.06
C GLY A 62 -31.45 5.00 -28.51
N LEU A 63 -30.63 4.14 -29.15
CA LEU A 63 -30.12 4.34 -30.56
C LEU A 63 -31.35 4.40 -31.54
N PHE A 64 -32.35 3.54 -31.26
CA PHE A 64 -33.61 3.46 -32.05
C PHE A 64 -34.32 4.84 -32.01
N ALA A 65 -34.27 5.52 -30.82
CA ALA A 65 -34.91 6.85 -30.62
C ALA A 65 -34.35 7.93 -31.63
N ARG A 66 -32.99 7.93 -31.94
CA ARG A 66 -32.41 8.93 -32.92
C ARG A 66 -33.10 8.75 -34.30
N LEU A 67 -33.31 7.45 -34.72
CA LEU A 67 -33.99 7.13 -36.02
C LEU A 67 -35.49 7.63 -36.09
N THR A 68 -36.28 7.45 -34.99
CA THR A 68 -37.74 7.85 -34.92
C THR A 68 -38.01 9.38 -35.07
N TRP A 69 -37.16 10.23 -34.41
CA TRP A 69 -37.33 11.73 -34.36
C TRP A 69 -36.21 12.46 -35.09
N TRP A 70 -35.81 11.87 -36.23
CA TRP A 70 -34.71 12.37 -37.09
C TRP A 70 -34.89 13.85 -37.58
N GLU A 71 -36.10 14.47 -37.36
CA GLU A 71 -36.43 15.87 -37.86
C GLU A 71 -36.14 17.04 -36.84
N TYR A 72 -36.51 16.89 -35.53
CA TYR A 72 -36.34 17.95 -34.47
C TYR A 72 -34.93 18.67 -34.53
N SER A 73 -33.84 17.90 -34.78
CA SER A 73 -32.44 18.46 -34.88
C SER A 73 -31.40 17.41 -35.38
N TRP A 74 -31.26 16.31 -34.60
CA TRP A 74 -30.33 15.14 -34.81
C TRP A 74 -29.16 15.23 -33.80
N ASP A 75 -28.64 16.48 -33.61
CA ASP A 75 -27.55 16.80 -32.62
C ASP A 75 -28.04 16.36 -31.21
N ILE A 76 -27.70 15.13 -30.85
CA ILE A 76 -28.14 14.46 -29.57
C ILE A 76 -27.10 13.35 -29.29
N VAL A 77 -25.97 13.27 -30.11
CA VAL A 77 -24.92 12.23 -29.93
C VAL A 77 -24.32 12.25 -28.50
N GLU A 78 -23.38 11.31 -28.23
CA GLU A 78 -22.69 11.08 -26.89
C GLU A 78 -23.38 10.04 -25.88
N PRO A 79 -24.70 9.62 -25.94
CA PRO A 79 -25.27 8.77 -24.79
C PRO A 79 -24.59 7.37 -24.53
N VAL A 80 -24.27 6.62 -25.59
CA VAL A 80 -23.66 5.24 -25.40
C VAL A 80 -22.27 5.27 -24.67
N THR A 81 -21.35 6.21 -25.08
CA THR A 81 -20.02 6.32 -24.43
C THR A 81 -20.04 6.78 -22.94
N TYR A 82 -20.89 7.80 -22.53
CA TYR A 82 -20.84 8.31 -21.11
C TYR A 82 -21.20 7.20 -20.06
N PHE A 83 -22.22 6.28 -20.32
CA PHE A 83 -22.49 5.11 -19.39
C PHE A 83 -21.27 4.17 -19.40
N ALA A 84 -20.58 3.99 -20.58
CA ALA A 84 -19.38 3.09 -20.62
C ALA A 84 -18.33 3.60 -19.56
N THR A 85 -18.15 4.97 -19.41
CA THR A 85 -17.26 5.57 -18.34
C THR A 85 -17.78 5.17 -16.91
N TYR A 86 -19.13 5.14 -16.72
CA TYR A 86 -19.76 4.75 -15.39
C TYR A 86 -19.29 3.29 -15.04
N SER A 87 -19.26 2.41 -16.08
CA SER A 87 -18.75 1.00 -15.96
C SER A 87 -17.24 0.99 -15.55
N THR A 88 -16.42 1.95 -16.10
CA THR A 88 -14.94 2.03 -15.78
C THR A 88 -14.74 2.26 -14.25
N VAL A 89 -15.61 3.09 -13.59
CA VAL A 89 -15.52 3.31 -12.09
C VAL A 89 -15.64 1.91 -11.42
N ALA A 90 -16.50 1.02 -12.02
CA ALA A 90 -16.67 -0.38 -11.48
C ALA A 90 -15.26 -1.08 -11.52
N ALA A 91 -14.46 -0.79 -12.61
CA ALA A 91 -13.04 -1.32 -12.76
C ALA A 91 -12.18 -0.82 -11.57
N THR A 92 -12.39 0.49 -11.19
CA THR A 92 -11.66 1.16 -10.08
C THR A 92 -11.94 0.45 -8.72
N PHE A 93 -13.23 0.01 -8.46
CA PHE A 93 -13.61 -0.72 -7.18
C PHE A 93 -12.78 -2.02 -7.05
N GLY A 94 -12.56 -2.65 -8.22
CA GLY A 94 -11.82 -3.90 -8.39
C GLY A 94 -10.52 -4.09 -7.54
N TYR A 95 -9.92 -2.99 -7.01
CA TYR A 95 -8.65 -3.07 -6.19
C TYR A 95 -8.91 -3.68 -4.78
N TYR A 96 -10.18 -3.62 -4.34
CA TYR A 96 -10.64 -4.06 -2.99
C TYR A 96 -10.83 -5.58 -2.92
N LEU A 97 -11.77 -6.05 -3.77
CA LEU A 97 -12.18 -7.48 -3.84
C LEU A 97 -11.16 -8.44 -4.53
N TYR A 98 -10.12 -7.93 -5.30
CA TYR A 98 -9.23 -8.82 -6.15
C TYR A 98 -8.74 -10.15 -5.47
N THR A 99 -7.92 -10.11 -4.38
CA THR A 99 -7.45 -11.37 -3.69
C THR A 99 -8.64 -12.04 -2.91
N GLN A 100 -9.35 -11.20 -2.09
CA GLN A 100 -10.53 -11.59 -1.25
C GLN A 100 -11.63 -12.40 -2.00
N GLN A 101 -11.72 -12.25 -3.36
CA GLN A 101 -12.83 -12.85 -4.20
C GLN A 101 -13.14 -14.34 -3.82
N SER A 102 -12.11 -15.05 -3.30
CA SER A 102 -12.25 -16.47 -2.83
C SER A 102 -13.39 -16.64 -1.76
N PHE A 103 -13.66 -15.56 -0.96
CA PHE A 103 -14.67 -15.57 0.15
C PHE A 103 -16.14 -15.72 -0.40
N GLU A 104 -16.53 -14.86 -1.37
CA GLU A 104 -17.89 -14.86 -2.03
C GLU A 104 -18.08 -16.08 -2.98
N TYR A 105 -16.96 -16.60 -3.52
CA TYR A 105 -16.95 -17.70 -4.55
C TYR A 105 -17.82 -18.98 -4.25
N PRO A 106 -18.03 -19.50 -2.98
CA PRO A 106 -18.87 -20.77 -2.74
C PRO A 106 -20.35 -20.59 -3.22
N SER A 107 -20.77 -19.32 -3.36
CA SER A 107 -22.14 -18.93 -3.82
C SER A 107 -22.39 -19.41 -5.27
N ALA A 108 -23.62 -19.16 -5.79
CA ALA A 108 -24.05 -19.56 -7.16
C ALA A 108 -23.93 -21.10 -7.37
N ARG A 109 -23.90 -21.84 -6.24
CA ARG A 109 -23.78 -23.32 -6.19
C ARG A 109 -24.20 -23.77 -4.76
N GLU A 110 -24.73 -25.01 -4.63
CA GLU A 110 -25.20 -25.61 -3.33
C GLU A 110 -26.43 -24.82 -2.79
N ARG A 111 -27.12 -25.40 -1.76
CA ARG A 111 -28.34 -24.80 -1.10
C ARG A 111 -28.07 -24.59 0.41
N VAL A 112 -27.36 -25.57 1.04
CA VAL A 112 -27.03 -25.56 2.50
C VAL A 112 -26.05 -24.39 2.83
N TYR A 113 -26.13 -23.84 4.08
CA TYR A 113 -25.28 -22.70 4.56
C TYR A 113 -23.78 -23.11 4.65
N THR A 114 -23.53 -24.37 5.11
CA THR A 114 -22.16 -24.94 5.30
C THR A 114 -21.37 -24.97 3.95
N LYS A 115 -20.30 -24.12 3.85
CA LYS A 115 -19.40 -24.03 2.66
C LYS A 115 -18.44 -25.26 2.65
N GLN A 116 -17.30 -25.15 1.90
CA GLN A 116 -16.26 -26.23 1.79
C GLN A 116 -15.54 -26.38 3.18
N PHE A 117 -16.29 -26.92 4.18
CA PHE A 117 -15.82 -27.11 5.59
C PHE A 117 -14.57 -28.05 5.67
N TYR A 118 -14.64 -29.22 4.96
CA TYR A 118 -13.54 -30.24 4.94
C TYR A 118 -12.23 -29.62 4.35
N ARG A 119 -11.15 -29.57 5.17
CA ARG A 119 -9.82 -28.98 4.81
C ARG A 119 -10.01 -27.48 4.34
N ARG A 120 -9.74 -26.50 5.26
CA ARG A 120 -9.88 -25.04 4.99
C ARG A 120 -8.82 -24.58 3.92
N ALA A 121 -9.05 -25.01 2.65
CA ALA A 121 -8.17 -24.71 1.50
C ALA A 121 -8.26 -23.20 1.09
N GLN A 122 -7.48 -22.33 1.80
CA GLN A 122 -7.41 -20.86 1.53
C GLN A 122 -6.64 -20.64 0.19
N LYS A 123 -7.33 -20.97 -0.93
CA LYS A 123 -6.81 -20.88 -2.32
C LYS A 123 -6.50 -19.40 -2.70
N GLN A 124 -5.91 -19.21 -3.92
CA GLN A 124 -5.50 -17.88 -4.47
C GLN A 124 -4.32 -17.30 -3.63
N ASN A 125 -3.72 -16.15 -4.09
CA ASN A 125 -2.56 -15.43 -3.46
C ASN A 125 -1.93 -14.55 -4.58
N PHE A 126 -1.36 -13.39 -4.18
CA PHE A 126 -0.66 -12.44 -5.09
C PHE A 126 -0.01 -11.36 -4.21
N ASP A 127 -0.60 -11.07 -2.99
CA ASP A 127 -0.05 -10.04 -2.06
C ASP A 127 -0.59 -10.15 -0.59
N ILE A 128 -1.95 -10.30 -0.33
CA ILE A 128 -2.47 -10.30 1.11
C ILE A 128 -1.96 -11.57 1.85
N GLU A 129 -2.17 -12.76 1.21
CA GLU A 129 -1.78 -14.10 1.76
C GLU A 129 -0.24 -14.21 1.98
N LYS A 130 0.57 -13.68 1.04
CA LYS A 130 2.07 -13.77 1.10
C LYS A 130 2.70 -13.03 2.35
N TYR A 131 2.33 -11.73 2.62
CA TYR A 131 2.86 -10.97 3.77
C TYR A 131 2.37 -11.56 5.13
N ASN A 132 1.02 -11.76 5.24
CA ASN A 132 0.34 -12.23 6.49
C ASN A 132 0.85 -13.59 6.98
N ARG A 133 0.83 -14.53 6.08
CA ARG A 133 1.22 -15.96 6.38
C ARG A 133 2.69 -16.09 6.86
N LEU A 134 3.69 -15.51 6.14
CA LEU A 134 5.11 -15.67 6.59
C LEU A 134 5.31 -15.02 8.01
N VAL A 135 4.93 -13.69 8.24
CA VAL A 135 5.14 -13.07 9.57
C VAL A 135 4.50 -13.97 10.73
N THR A 136 3.38 -14.76 10.47
CA THR A 136 2.83 -15.69 11.56
C THR A 136 3.96 -16.71 11.93
N GLU A 137 4.80 -17.08 10.90
CA GLU A 137 6.00 -17.97 11.14
C GLU A 137 6.93 -17.27 12.22
N VAL A 138 6.93 -15.88 12.23
CA VAL A 138 7.73 -15.06 13.27
C VAL A 138 7.22 -15.49 14.68
N ASP A 139 5.86 -15.63 14.82
CA ASP A 139 5.22 -16.06 16.12
C ASP A 139 5.80 -17.43 16.62
N GLU A 140 6.11 -18.36 15.65
CA GLU A 140 6.67 -19.71 16.01
C GLU A 140 8.10 -19.54 16.59
N LEU A 141 8.84 -18.46 16.14
CA LEU A 141 10.23 -18.14 16.68
C LEU A 141 10.07 -17.82 18.17
N ARG A 142 9.00 -17.06 18.53
CA ARG A 142 8.71 -16.70 19.97
C ARG A 142 8.53 -18.02 20.81
N ASN A 143 8.04 -19.17 20.19
CA ASN A 143 7.89 -20.48 20.97
C ASN A 143 9.30 -21.11 21.29
N GLN A 144 10.22 -21.11 20.27
CA GLN A 144 11.59 -21.71 20.43
C GLN A 144 12.44 -20.92 21.48
N LEU A 145 12.41 -19.57 21.38
CA LEU A 145 13.19 -18.65 22.28
C LEU A 145 12.68 -18.76 23.76
N LYS A 146 11.34 -18.92 23.94
CA LYS A 146 10.72 -19.11 25.29
C LYS A 146 11.39 -20.31 26.06
N ARG A 147 11.51 -21.53 25.39
CA ARG A 147 12.14 -22.68 26.10
C ARG A 147 13.61 -22.30 26.45
N LEU A 148 14.41 -21.69 25.48
CA LEU A 148 15.81 -21.17 25.82
C LEU A 148 15.84 -20.25 27.11
N ARG A 149 14.73 -19.52 27.45
CA ARG A 149 14.68 -18.64 28.67
C ARG A 149 14.76 -19.51 29.96
N ASP A 150 14.23 -20.79 29.90
CA ASP A 150 14.24 -21.71 31.11
C ASP A 150 15.70 -22.19 31.62
N PRO A 151 16.67 -22.77 30.80
CA PRO A 151 18.10 -23.14 31.28
C PRO A 151 18.92 -21.82 31.43
N LEU A 152 20.27 -21.82 31.17
CA LEU A 152 21.11 -20.59 31.22
C LEU A 152 21.03 -20.00 29.80
N GLU A 153 21.95 -20.45 28.93
CA GLU A 153 22.07 -20.03 27.51
C GLU A 153 22.93 -21.03 26.72
N MET B 1 49.68 -16.90 -0.04
CA MET B 1 48.27 -17.20 0.34
C MET B 1 47.37 -17.19 -0.93
N ALA B 2 47.92 -16.67 -2.06
CA ALA B 2 47.21 -16.58 -3.38
C ALA B 2 45.91 -15.73 -3.26
N ALA B 3 45.13 -15.68 -4.37
CA ALA B 3 43.83 -14.93 -4.46
C ALA B 3 42.79 -15.51 -3.44
N LEU B 4 42.34 -16.77 -3.70
CA LEU B 4 41.34 -17.49 -2.85
C LEU B 4 39.98 -16.73 -2.86
N SER B 5 38.99 -17.23 -2.08
CA SER B 5 37.63 -16.63 -1.96
C SER B 5 37.71 -15.26 -1.20
N VAL B 6 38.26 -14.24 -1.93
CA VAL B 6 38.45 -12.84 -1.42
C VAL B 6 39.43 -12.84 -0.20
N ASP B 7 38.91 -13.21 1.00
CA ASP B 7 39.69 -13.27 2.28
C ASP B 7 38.86 -14.00 3.35
N GLU B 8 39.48 -14.20 4.55
CA GLU B 8 38.86 -14.88 5.73
C GLU B 8 39.76 -14.67 6.96
N TYR B 9 39.17 -14.73 8.18
CA TYR B 9 39.89 -14.55 9.48
C TYR B 9 40.73 -15.83 9.79
N LYS B 10 40.17 -16.80 10.58
CA LYS B 10 40.85 -18.08 10.95
C LYS B 10 39.82 -19.06 11.57
N LEU B 11 38.51 -18.86 11.23
CA LEU B 11 37.37 -19.70 11.73
C LEU B 11 36.11 -19.36 10.86
N SER B 12 35.91 -20.11 9.75
CA SER B 12 34.80 -19.94 8.79
C SER B 12 34.95 -21.06 7.76
N ARG B 13 34.92 -22.27 8.31
CA ARG B 13 35.06 -23.55 7.58
C ARG B 13 34.03 -23.63 6.40
N GLU B 14 32.70 -23.62 6.75
CA GLU B 14 31.60 -23.65 5.73
C GLU B 14 30.21 -23.36 6.39
N LYS B 15 29.98 -23.79 7.67
CA LYS B 15 28.63 -23.66 8.32
C LYS B 15 28.14 -22.17 8.46
N LYS B 16 29.05 -21.24 8.91
CA LYS B 16 28.74 -19.78 9.03
C LYS B 16 28.46 -19.18 7.62
N LEU B 17 29.28 -19.62 6.63
CA LEU B 17 29.16 -19.18 5.20
C LEU B 17 27.76 -19.57 4.65
N LEU B 18 27.28 -20.79 5.03
CA LEU B 18 25.95 -21.33 4.57
C LEU B 18 24.77 -20.41 5.06
N LEU B 19 24.81 -19.93 6.36
CA LEU B 19 23.74 -18.99 6.89
C LEU B 19 23.77 -17.63 6.09
N GLN B 20 25.02 -17.13 5.85
CA GLN B 20 25.27 -15.88 5.07
C GLN B 20 24.76 -16.07 3.61
N LEU B 21 24.98 -17.30 3.03
CA LEU B 21 24.56 -17.61 1.63
C LEU B 21 23.01 -17.51 1.44
N GLU B 22 22.13 -18.02 2.44
CA GLU B 22 20.64 -17.89 2.28
C GLU B 22 20.25 -16.40 2.26
N ASN B 23 20.94 -15.60 3.14
CA ASN B 23 20.70 -14.13 3.23
C ASN B 23 21.02 -13.41 1.87
N ALA B 24 22.16 -13.83 1.22
CA ALA B 24 22.60 -13.25 -0.08
C ALA B 24 21.57 -13.51 -1.24
N GLU B 25 20.99 -14.77 -1.32
CA GLU B 25 19.97 -15.13 -2.39
C GLU B 25 18.68 -14.26 -2.26
N THR B 26 18.23 -14.11 -0.99
CA THR B 26 16.99 -13.36 -0.63
C THR B 26 17.04 -11.86 -1.03
N LEU B 27 18.21 -11.23 -0.81
CA LEU B 27 18.44 -9.77 -1.11
C LEU B 27 18.24 -9.48 -2.63
N LEU B 28 18.76 -10.42 -3.49
CA LEU B 28 18.75 -10.33 -5.00
C LEU B 28 18.84 -8.86 -5.50
N ALA B 29 20.04 -8.25 -5.31
CA ALA B 29 20.38 -6.86 -5.74
C ALA B 29 20.58 -6.97 -7.28
N PRO B 30 21.52 -7.84 -7.79
CA PRO B 30 21.67 -8.15 -9.28
C PRO B 30 20.41 -7.95 -10.20
N LEU B 31 19.37 -8.81 -9.99
CA LEU B 31 18.10 -8.76 -10.76
C LEU B 31 17.37 -7.40 -10.54
N HIS B 32 17.36 -6.89 -9.25
CA HIS B 32 16.71 -5.56 -8.93
C HIS B 32 17.46 -4.40 -9.68
N ASP B 33 18.82 -4.52 -9.66
CA ASP B 33 19.76 -3.59 -10.36
C ASP B 33 19.52 -3.67 -11.89
N ALA B 34 19.25 -4.92 -12.40
CA ALA B 34 18.97 -5.19 -13.84
C ALA B 34 17.72 -4.39 -14.33
N LYS B 35 16.64 -4.30 -13.47
CA LYS B 35 15.38 -3.55 -13.83
C LYS B 35 15.76 -2.06 -14.10
N ARG B 36 16.66 -1.47 -13.25
CA ARG B 36 17.11 -0.04 -13.47
C ARG B 36 17.85 0.12 -14.86
N LYS B 37 18.75 -0.86 -15.16
CA LYS B 37 19.60 -0.90 -16.41
C LYS B 37 18.82 -1.01 -17.76
N ILE B 38 17.76 -1.87 -17.80
CA ILE B 38 16.97 -2.20 -19.05
C ILE B 38 15.84 -1.20 -19.32
N GLU B 39 15.70 -0.15 -18.48
CA GLU B 39 14.62 0.92 -18.55
C GLU B 39 13.97 1.16 -19.98
N GLN B 40 14.74 0.92 -21.08
CA GLN B 40 14.26 1.06 -22.48
C GLN B 40 13.17 -0.04 -22.79
N GLU B 41 13.46 -1.31 -22.39
CA GLU B 41 12.55 -2.49 -22.59
C GLU B 41 11.35 -2.41 -21.59
N ALA B 42 11.52 -1.65 -20.46
CA ALA B 42 10.45 -1.51 -19.40
C ALA B 42 9.18 -0.81 -19.95
N GLU B 43 9.18 -0.44 -21.27
CA GLU B 43 8.00 0.17 -21.97
C GLU B 43 6.82 -0.87 -22.03
N ALA B 44 7.05 -2.09 -21.44
CA ALA B 44 6.05 -3.17 -21.34
C ALA B 44 4.75 -2.67 -20.64
N HIS B 45 4.83 -1.50 -19.95
CA HIS B 45 3.68 -0.86 -19.24
C HIS B 45 2.78 -0.12 -20.28
N THR B 46 3.39 0.74 -21.16
CA THR B 46 2.64 1.50 -22.21
C THR B 46 2.08 0.55 -23.30
N ASP B 47 2.34 -0.78 -23.13
CA ASP B 47 1.83 -1.89 -23.99
C ASP B 47 0.64 -2.55 -23.25
N ARG B 48 0.56 -2.34 -21.90
CA ARG B 48 -0.52 -2.88 -21.01
C ARG B 48 -1.68 -1.84 -20.90
N VAL B 49 -1.34 -0.52 -20.91
CA VAL B 49 -2.33 0.60 -20.86
C VAL B 49 -2.96 0.69 -22.28
N ALA B 50 -2.28 0.01 -23.26
CA ALA B 50 -2.73 -0.09 -24.67
C ALA B 50 -3.93 -1.06 -24.77
N TRP B 51 -4.29 -1.81 -23.65
CA TRP B 51 -5.48 -2.74 -23.65
C TRP B 51 -6.73 -1.94 -24.16
N ALA B 52 -6.70 -0.64 -23.78
CA ALA B 52 -7.72 0.37 -24.09
C ALA B 52 -7.41 1.09 -25.45
N GLY B 53 -6.16 0.97 -25.95
CA GLY B 53 -5.71 1.60 -27.23
C GLY B 53 -6.66 1.27 -28.40
N PHE B 54 -7.33 0.09 -28.32
CA PHE B 54 -8.31 -0.39 -29.33
C PHE B 54 -9.65 0.39 -29.20
N ALA B 55 -9.97 0.84 -27.95
CA ALA B 55 -11.23 1.58 -27.63
C ALA B 55 -11.31 2.94 -28.40
N ALA B 56 -10.18 3.69 -28.38
CA ALA B 56 -10.05 5.02 -29.03
C ALA B 56 -9.92 4.89 -30.57
N SER B 57 -9.32 3.77 -31.05
CA SER B 57 -9.06 3.52 -32.51
C SER B 57 -10.38 3.49 -33.35
N GLY B 58 -11.52 3.16 -32.70
CA GLY B 58 -12.84 3.08 -33.38
C GLY B 58 -13.28 4.41 -34.05
N VAL B 59 -13.27 5.49 -33.24
CA VAL B 59 -13.72 6.88 -33.65
C VAL B 59 -12.68 7.65 -34.54
N GLN B 60 -11.35 7.31 -34.50
CA GLN B 60 -10.31 8.04 -35.33
C GLN B 60 -10.76 8.13 -36.83
N THR B 61 -11.42 7.05 -37.31
CA THR B 61 -12.00 6.95 -38.68
C THR B 61 -13.31 7.78 -38.77
N GLY B 62 -13.94 7.98 -37.59
CA GLY B 62 -15.23 8.72 -37.43
C GLY B 62 -15.17 10.20 -37.87
N LEU B 63 -13.98 10.83 -37.83
CA LEU B 63 -13.78 12.27 -38.23
C LEU B 63 -14.18 12.47 -39.74
N PHE B 64 -13.81 11.44 -40.55
CA PHE B 64 -14.11 11.37 -42.00
C PHE B 64 -15.65 11.44 -42.20
N ALA B 65 -16.40 10.78 -41.25
CA ALA B 65 -17.89 10.74 -41.28
C ALA B 65 -18.49 12.20 -41.23
N ARG B 66 -17.88 13.14 -40.40
CA ARG B 66 -18.38 14.57 -40.32
C ARG B 66 -18.28 15.21 -41.74
N LEU B 67 -17.14 14.96 -42.47
CA LEU B 67 -16.96 15.49 -43.87
C LEU B 67 -18.05 14.88 -44.86
N THR B 68 -18.30 13.55 -44.73
CA THR B 68 -19.25 12.77 -45.59
C THR B 68 -20.75 13.18 -45.50
N TRP B 69 -21.27 13.50 -44.26
CA TRP B 69 -22.73 13.79 -44.00
C TRP B 69 -22.97 15.22 -43.48
N TRP B 70 -22.19 16.15 -44.05
CA TRP B 70 -22.22 17.62 -43.71
C TRP B 70 -23.65 18.25 -43.64
N GLU B 71 -24.71 17.55 -44.17
CA GLU B 71 -26.13 18.08 -44.24
C GLU B 71 -27.00 17.68 -43.00
N TYR B 72 -26.61 16.63 -42.23
CA TYR B 72 -27.40 16.13 -41.05
C TYR B 72 -27.63 17.27 -39.99
N SER B 73 -26.52 17.93 -39.54
CA SER B 73 -26.57 19.05 -38.51
C SER B 73 -25.19 19.78 -38.42
N TRP B 74 -24.12 18.96 -38.44
CA TRP B 74 -22.68 19.38 -38.33
C TRP B 74 -22.24 19.44 -36.83
N ASP B 75 -23.10 20.07 -36.00
CA ASP B 75 -22.91 20.23 -34.52
C ASP B 75 -22.98 18.80 -33.91
N ILE B 76 -21.85 18.08 -34.00
CA ILE B 76 -21.68 16.66 -33.62
C ILE B 76 -20.23 16.55 -33.07
N VAL B 77 -19.49 17.72 -32.97
CA VAL B 77 -18.07 17.75 -32.53
C VAL B 77 -17.84 17.09 -31.16
N GLU B 78 -16.57 17.09 -30.72
CA GLU B 78 -16.07 16.50 -29.43
C GLU B 78 -15.92 14.93 -29.29
N PRO B 79 -16.28 13.99 -30.23
CA PRO B 79 -16.24 12.49 -29.87
C PRO B 79 -14.85 11.91 -29.45
N VAL B 80 -13.77 12.31 -30.17
CA VAL B 80 -12.41 11.77 -29.88
C VAL B 80 -11.90 12.07 -28.45
N THR B 81 -12.06 13.33 -27.90
CA THR B 81 -11.53 13.64 -26.55
C THR B 81 -12.17 12.83 -25.37
N TYR B 82 -13.55 12.64 -25.29
CA TYR B 82 -14.15 11.83 -24.17
C TYR B 82 -13.62 10.36 -24.23
N PHE B 83 -13.49 9.79 -25.47
CA PHE B 83 -12.91 8.42 -25.66
C PHE B 83 -11.43 8.42 -25.10
N ALA B 84 -10.69 9.55 -25.32
CA ALA B 84 -9.27 9.70 -24.82
C ALA B 84 -9.25 9.55 -23.26
N THR B 85 -10.29 10.13 -22.54
CA THR B 85 -10.43 10.00 -21.04
C THR B 85 -10.56 8.50 -20.65
N TYR B 86 -11.29 7.69 -21.48
CA TYR B 86 -11.47 6.22 -21.19
C TYR B 86 -10.05 5.54 -21.11
N SER B 87 -9.14 5.95 -22.04
CA SER B 87 -7.70 5.46 -22.04
C SER B 87 -6.97 5.87 -20.71
N THR B 88 -7.22 7.11 -20.22
CA THR B 88 -6.61 7.61 -18.94
C THR B 88 -7.04 6.70 -17.73
N VAL B 89 -8.33 6.20 -17.67
CA VAL B 89 -8.78 5.30 -16.52
C VAL B 89 -7.81 4.07 -16.47
N ALA B 90 -7.42 3.57 -17.69
CA ALA B 90 -6.47 2.41 -17.78
C ALA B 90 -5.15 2.80 -17.07
N ALA B 91 -4.71 4.10 -17.24
CA ALA B 91 -3.49 4.62 -16.51
C ALA B 91 -3.75 4.54 -14.97
N THR B 92 -5.02 4.92 -14.56
CA THR B 92 -5.45 4.88 -13.13
C THR B 92 -5.42 3.42 -12.57
N PHE B 93 -5.86 2.43 -13.40
CA PHE B 93 -5.87 0.96 -13.05
C PHE B 93 -4.45 0.48 -12.70
N GLY B 94 -3.49 1.08 -13.42
CA GLY B 94 -2.07 0.77 -13.35
C GLY B 94 -1.49 0.43 -11.94
N TYR B 95 -1.92 1.11 -10.86
CA TYR B 95 -1.39 0.86 -9.46
C TYR B 95 -1.40 -0.67 -9.03
N TYR B 96 -2.34 -1.47 -9.59
CA TYR B 96 -2.49 -2.92 -9.26
C TYR B 96 -1.45 -3.74 -10.06
N LEU B 97 -1.55 -3.65 -11.41
CA LEU B 97 -0.69 -4.44 -12.37
C LEU B 97 0.78 -3.95 -12.60
N TYR B 98 1.16 -2.68 -12.20
CA TYR B 98 2.51 -2.09 -12.59
C TYR B 98 3.75 -3.03 -12.33
N THR B 99 4.05 -3.39 -11.04
CA THR B 99 5.17 -4.31 -10.68
C THR B 99 4.85 -5.79 -11.10
N GLN B 100 3.54 -6.19 -10.95
CA GLN B 100 3.04 -7.59 -11.23
C GLN B 100 3.50 -8.17 -12.59
N GLN B 101 3.81 -7.29 -13.59
CA GLN B 101 4.20 -7.73 -14.98
C GLN B 101 5.24 -8.90 -14.90
N SER B 102 6.03 -8.91 -13.79
CA SER B 102 7.01 -9.98 -13.49
C SER B 102 6.33 -11.38 -13.54
N PHE B 103 5.11 -11.54 -12.93
CA PHE B 103 4.37 -12.86 -12.95
C PHE B 103 3.79 -13.18 -14.37
N GLU B 104 3.04 -12.21 -14.95
CA GLU B 104 2.32 -12.33 -16.27
C GLU B 104 3.24 -12.35 -17.55
N TYR B 105 4.14 -11.34 -17.66
CA TYR B 105 5.02 -11.13 -18.87
C TYR B 105 5.94 -12.34 -19.31
N PRO B 106 6.70 -13.07 -18.43
CA PRO B 106 7.63 -14.21 -18.91
C PRO B 106 6.83 -15.48 -19.33
N SER B 107 5.69 -15.26 -20.06
CA SER B 107 4.83 -16.35 -20.59
C SER B 107 5.62 -17.23 -21.61
N ALA B 108 6.79 -16.69 -22.04
CA ALA B 108 7.75 -17.31 -22.99
C ALA B 108 9.16 -17.25 -22.30
N ARG B 109 9.93 -18.36 -22.36
CA ARG B 109 11.28 -18.49 -21.72
C ARG B 109 12.32 -17.58 -22.45
N GLU B 110 13.15 -16.82 -21.65
CA GLU B 110 14.20 -15.88 -22.18
C GLU B 110 15.35 -16.68 -22.88
N ARG B 111 15.45 -17.98 -22.55
CA ARG B 111 16.45 -18.95 -23.11
C ARG B 111 17.93 -18.54 -22.78
N VAL B 112 18.46 -19.00 -21.59
CA VAL B 112 19.86 -18.73 -21.15
C VAL B 112 20.81 -19.69 -21.95
N TYR B 113 21.72 -19.11 -22.80
CA TYR B 113 22.68 -19.87 -23.65
C TYR B 113 23.73 -18.89 -24.26
N THR B 114 23.39 -17.58 -24.30
CA THR B 114 24.27 -16.51 -24.86
C THR B 114 23.85 -15.13 -24.26
N LYS B 115 24.81 -14.17 -24.23
CA LYS B 115 24.60 -12.79 -23.69
C LYS B 115 23.71 -11.96 -24.68
N GLN B 116 23.00 -10.92 -24.16
CA GLN B 116 22.10 -10.03 -24.96
C GLN B 116 21.04 -10.87 -25.76
N PHE B 117 19.80 -10.99 -25.21
CA PHE B 117 18.67 -11.76 -25.83
C PHE B 117 18.23 -11.08 -27.18
N TYR B 118 17.71 -11.89 -28.13
CA TYR B 118 17.25 -11.42 -29.47
C TYR B 118 15.85 -10.73 -29.34
N ARG B 119 14.87 -11.51 -28.83
CA ARG B 119 13.45 -11.07 -28.67
C ARG B 119 13.26 -10.04 -27.52
N ARG B 120 14.30 -9.88 -26.65
CA ARG B 120 14.29 -8.92 -25.48
C ARG B 120 13.12 -9.24 -24.49
N ALA B 121 13.45 -9.67 -23.22
CA ALA B 121 12.46 -9.99 -22.16
C ALA B 121 13.20 -10.15 -20.79
N GLN B 122 12.58 -9.65 -19.68
CA GLN B 122 13.15 -9.73 -18.29
C GLN B 122 12.02 -9.36 -17.29
N LYS B 123 12.12 -9.85 -16.01
CA LYS B 123 11.12 -9.59 -14.93
C LYS B 123 11.15 -8.09 -14.50
N GLN B 124 10.10 -7.66 -13.72
CA GLN B 124 9.90 -6.26 -13.23
C GLN B 124 9.60 -6.28 -11.67
N ASN B 125 10.68 -6.36 -10.81
CA ASN B 125 10.58 -6.44 -9.30
C ASN B 125 11.39 -5.26 -8.64
N PHE B 126 10.75 -4.48 -7.69
CA PHE B 126 11.43 -3.35 -6.97
C PHE B 126 10.60 -2.85 -5.73
N ASP B 127 9.44 -3.51 -5.40
CA ASP B 127 8.60 -3.08 -4.22
C ASP B 127 7.70 -4.24 -3.64
N ILE B 128 6.98 -5.09 -4.48
CA ILE B 128 6.14 -6.24 -3.89
C ILE B 128 7.15 -7.23 -3.25
N GLU B 129 8.13 -7.55 -4.13
CA GLU B 129 9.23 -8.50 -3.87
C GLU B 129 10.15 -8.12 -2.68
N LYS B 130 10.63 -6.84 -2.68
CA LYS B 130 11.57 -6.30 -1.64
C LYS B 130 10.99 -6.42 -0.21
N TYR B 131 9.68 -6.11 -0.04
CA TYR B 131 9.00 -6.17 1.26
C TYR B 131 8.80 -7.63 1.78
N ASN B 132 8.22 -8.60 0.97
CA ASN B 132 7.97 -10.00 1.51
C ASN B 132 9.28 -10.79 1.72
N ARG B 133 10.11 -10.85 0.67
CA ARG B 133 11.43 -11.61 0.70
C ARG B 133 12.33 -11.16 1.91
N LEU B 134 12.50 -9.82 2.09
CA LEU B 134 13.39 -9.29 3.15
C LEU B 134 12.89 -9.65 4.62
N VAL B 135 11.58 -9.39 5.00
CA VAL B 135 11.08 -9.84 6.35
C VAL B 135 11.37 -11.40 6.46
N THR B 136 11.27 -12.13 5.30
CA THR B 136 11.56 -13.62 5.23
C THR B 136 13.01 -13.90 5.81
N GLU B 137 13.95 -12.89 5.72
CA GLU B 137 15.32 -13.04 6.39
C GLU B 137 15.08 -13.44 7.88
N VAL B 138 13.96 -12.85 8.46
CA VAL B 138 13.54 -13.24 9.88
C VAL B 138 13.30 -14.78 9.92
N ASP B 139 12.62 -15.28 8.85
CA ASP B 139 12.31 -16.77 8.74
C ASP B 139 13.59 -17.65 8.87
N GLU B 140 14.75 -17.12 8.35
CA GLU B 140 16.06 -17.83 8.44
C GLU B 140 16.44 -17.92 9.93
N LEU B 141 15.97 -16.92 10.76
CA LEU B 141 16.21 -16.91 12.25
C LEU B 141 15.52 -18.16 12.90
N ARG B 142 14.26 -18.47 12.43
CA ARG B 142 13.46 -19.66 12.95
C ARG B 142 14.34 -20.95 12.76
N ASN B 143 15.19 -20.97 11.66
CA ASN B 143 16.11 -22.15 11.40
C ASN B 143 17.29 -22.19 12.44
N GLN B 144 17.89 -20.99 12.72
CA GLN B 144 19.04 -20.84 13.66
C GLN B 144 18.63 -21.30 15.11
N LEU B 145 17.49 -20.74 15.58
CA LEU B 145 16.87 -21.00 16.93
C LEU B 145 16.62 -22.50 17.18
N LYS B 146 15.98 -23.12 16.17
CA LYS B 146 15.57 -24.53 16.17
C LYS B 146 16.73 -25.45 16.59
N ARG B 147 17.99 -25.29 15.97
CA ARG B 147 19.10 -26.16 16.46
C ARG B 147 19.46 -25.76 17.93
N LEU B 148 19.70 -24.43 18.23
CA LEU B 148 20.06 -24.00 19.65
C LEU B 148 19.13 -24.59 20.76
N ARG B 149 17.81 -24.72 20.50
CA ARG B 149 16.83 -25.22 21.52
C ARG B 149 17.05 -26.75 21.79
N ASP B 150 17.55 -27.57 20.80
CA ASP B 150 17.78 -29.06 21.06
C ASP B 150 19.02 -29.44 22.08
N PRO B 151 20.31 -28.95 21.96
CA PRO B 151 21.45 -29.34 22.95
C PRO B 151 21.14 -29.20 24.48
N LEU B 152 21.02 -27.93 25.03
CA LEU B 152 20.81 -27.70 26.49
C LEU B 152 19.41 -28.24 26.92
N GLU B 153 18.38 -27.42 26.65
CA GLU B 153 16.93 -27.73 26.95
C GLU B 153 16.04 -26.69 26.22
N MET C 1 49.04 4.72 20.41
CA MET C 1 48.72 5.69 21.49
C MET C 1 49.17 7.11 21.00
N ALA C 2 48.18 7.91 20.47
CA ALA C 2 48.44 9.28 19.95
C ALA C 2 47.06 9.99 19.74
N ALA C 3 46.08 9.21 19.21
CA ALA C 3 44.69 9.70 18.93
C ALA C 3 43.78 8.48 18.63
N LEU C 4 42.46 8.78 18.43
CA LEU C 4 41.41 7.76 18.11
C LEU C 4 41.65 7.22 16.67
N SER C 5 40.74 6.33 16.19
CA SER C 5 40.82 5.72 14.82
C SER C 5 39.47 5.08 14.43
N VAL C 6 39.34 4.72 13.12
CA VAL C 6 38.13 4.08 12.54
C VAL C 6 38.15 2.57 12.93
N ASP C 7 39.22 1.85 12.48
CA ASP C 7 39.41 0.39 12.75
C ASP C 7 40.86 -0.04 12.37
N GLU C 8 41.82 0.94 12.33
CA GLU C 8 43.26 0.68 12.00
C GLU C 8 43.91 -0.24 13.08
N TYR C 9 43.41 -0.09 14.34
CA TYR C 9 43.85 -0.87 15.53
C TYR C 9 42.82 -0.63 16.67
N LYS C 10 42.73 -1.57 17.66
CA LYS C 10 41.78 -1.47 18.80
C LYS C 10 42.19 -2.48 19.91
N LEU C 11 42.46 -3.75 19.51
CA LEU C 11 42.86 -4.85 20.43
C LEU C 11 41.91 -4.95 21.68
N SER C 12 40.61 -5.25 21.41
CA SER C 12 39.52 -5.34 22.42
C SER C 12 39.29 -3.96 23.07
N ARG C 13 38.21 -3.27 22.64
CA ARG C 13 37.84 -1.92 23.13
C ARG C 13 36.32 -1.70 22.87
N GLU C 14 35.51 -2.60 23.48
CA GLU C 14 34.03 -2.62 23.41
C GLU C 14 33.52 -2.98 21.98
N LYS C 15 33.37 -4.31 21.72
CA LYS C 15 32.84 -4.88 20.44
C LYS C 15 31.39 -4.37 20.19
N LYS C 16 30.62 -4.25 21.31
CA LYS C 16 29.18 -3.85 21.30
C LYS C 16 28.98 -2.46 20.64
N LEU C 17 29.91 -1.52 20.92
CA LEU C 17 29.89 -0.14 20.34
C LEU C 17 29.99 -0.22 18.77
N LEU C 18 30.86 -1.14 18.26
CA LEU C 18 31.06 -1.33 16.76
C LEU C 18 29.74 -1.82 16.06
N LEU C 19 29.01 -2.82 16.66
CA LEU C 19 27.68 -3.33 16.12
C LEU C 19 26.61 -2.19 16.15
N GLN C 20 26.62 -1.39 17.25
CA GLN C 20 25.70 -0.23 17.44
C GLN C 20 25.95 0.79 16.29
N LEU C 21 27.25 0.96 15.92
CA LEU C 21 27.70 1.84 14.80
C LEU C 21 27.07 1.34 13.45
N GLU C 22 27.01 -0.04 13.21
CA GLU C 22 26.43 -0.59 11.95
C GLU C 22 24.94 -0.22 11.82
N ASN C 23 24.20 -0.30 12.96
CA ASN C 23 22.76 0.07 13.02
C ASN C 23 22.58 1.57 12.66
N ALA C 24 23.52 2.43 13.18
CA ALA C 24 23.53 3.89 12.92
C ALA C 24 23.73 4.16 11.39
N GLU C 25 24.62 3.35 10.73
CA GLU C 25 24.89 3.46 9.25
C GLU C 25 23.58 3.19 8.44
N THR C 26 22.78 2.15 8.86
CA THR C 26 21.50 1.78 8.17
C THR C 26 20.45 2.93 8.25
N LEU C 27 20.35 3.57 9.44
CA LEU C 27 19.41 4.72 9.70
C LEU C 27 19.72 5.94 8.79
N LEU C 28 21.04 6.24 8.58
CA LEU C 28 21.57 7.43 7.79
C LEU C 28 20.54 8.59 7.62
N ALA C 29 20.12 9.15 8.79
CA ALA C 29 19.17 10.30 8.88
C ALA C 29 19.99 11.53 8.40
N PRO C 30 21.16 11.85 9.04
CA PRO C 30 22.15 12.91 8.54
C PRO C 30 22.20 13.14 6.98
N LEU C 31 22.65 12.12 6.22
CA LEU C 31 22.73 12.15 4.73
C LEU C 31 21.30 12.34 4.12
N HIS C 32 20.26 11.66 4.71
CA HIS C 32 18.85 11.73 4.15
C HIS C 32 18.32 13.21 4.14
N ASP C 33 18.60 14.01 5.25
CA ASP C 33 18.20 15.46 5.32
C ASP C 33 18.88 16.28 4.18
N ALA C 34 20.18 15.96 3.88
CA ALA C 34 20.97 16.65 2.80
C ALA C 34 20.28 16.46 1.41
N LYS C 35 19.73 15.22 1.14
CA LYS C 35 18.98 14.91 -0.13
C LYS C 35 17.70 15.82 -0.22
N ARG C 36 17.02 16.03 0.95
CA ARG C 36 15.78 16.88 1.08
C ARG C 36 16.05 18.36 0.65
N LYS C 37 17.28 18.88 0.99
CA LYS C 37 17.70 20.30 0.73
C LYS C 37 17.60 20.64 -0.80
N ILE C 38 17.92 19.64 -1.66
CA ILE C 38 17.89 19.75 -3.17
C ILE C 38 16.54 20.39 -3.73
N GLU C 39 15.56 20.66 -2.83
CA GLU C 39 14.21 21.28 -3.11
C GLU C 39 14.22 22.37 -4.25
N GLN C 40 15.40 23.02 -4.46
CA GLN C 40 15.59 24.08 -5.51
C GLN C 40 15.47 23.48 -6.94
N GLU C 41 16.56 22.82 -7.44
CA GLU C 41 16.62 22.18 -8.80
C GLU C 41 15.70 20.91 -8.87
N ALA C 42 14.98 20.60 -7.76
CA ALA C 42 14.07 19.43 -7.65
C ALA C 42 12.91 19.45 -8.69
N GLU C 43 12.86 20.49 -9.58
CA GLU C 43 11.81 20.63 -10.65
C GLU C 43 11.69 19.35 -11.55
N ALA C 44 12.59 18.35 -11.31
CA ALA C 44 12.63 17.04 -12.03
C ALA C 44 11.26 16.28 -11.93
N HIS C 45 10.34 16.77 -11.05
CA HIS C 45 8.97 16.21 -10.84
C HIS C 45 7.93 17.07 -11.61
N THR C 46 8.07 18.42 -11.51
CA THR C 46 7.16 19.41 -12.14
C THR C 46 7.16 19.30 -13.69
N ASP C 47 8.36 19.11 -14.30
CA ASP C 47 8.51 18.99 -15.79
C ASP C 47 7.77 17.71 -16.32
N ARG C 48 7.66 16.68 -15.44
CA ARG C 48 6.99 15.37 -15.76
C ARG C 48 5.45 15.49 -15.55
N VAL C 49 5.02 16.48 -14.73
CA VAL C 49 3.57 16.78 -14.44
C VAL C 49 3.11 17.80 -15.51
N ALA C 50 4.10 18.52 -16.12
CA ALA C 50 3.87 19.53 -17.20
C ALA C 50 3.57 18.80 -18.53
N TRP C 51 3.78 17.43 -18.57
CA TRP C 51 3.52 16.59 -19.80
C TRP C 51 2.09 16.88 -20.32
N ALA C 52 1.22 17.12 -19.33
CA ALA C 52 -0.21 17.41 -19.48
C ALA C 52 -0.48 18.83 -20.08
N GLY C 53 0.50 19.76 -19.92
CA GLY C 53 0.39 21.18 -20.41
C GLY C 53 0.30 21.31 -21.95
N PHE C 54 1.00 20.40 -22.69
CA PHE C 54 1.05 20.40 -24.18
C PHE C 54 -0.30 19.92 -24.79
N ALA C 55 -1.08 19.10 -24.01
CA ALA C 55 -2.39 18.54 -24.45
C ALA C 55 -3.45 19.67 -24.69
N ALA C 56 -3.52 20.63 -23.73
CA ALA C 56 -4.46 21.79 -23.76
C ALA C 56 -4.02 22.86 -24.79
N SER C 57 -2.71 22.92 -25.10
CA SER C 57 -2.12 23.92 -26.04
C SER C 57 -2.62 23.74 -27.50
N GLY C 58 -3.05 22.50 -27.85
CA GLY C 58 -3.52 22.16 -29.22
C GLY C 58 -4.77 22.98 -29.66
N VAL C 59 -5.82 22.95 -28.82
CA VAL C 59 -7.14 23.65 -29.06
C VAL C 59 -7.07 25.17 -28.83
N GLN C 60 -6.09 25.65 -28.02
CA GLN C 60 -5.98 27.11 -27.65
C GLN C 60 -6.19 28.07 -28.89
N THR C 61 -5.77 27.58 -30.09
CA THR C 61 -5.94 28.30 -31.40
C THR C 61 -7.41 28.19 -31.89
N GLY C 62 -8.05 27.05 -31.56
CA GLY C 62 -9.44 26.70 -31.96
C GLY C 62 -10.50 27.78 -31.64
N LEU C 63 -10.19 28.67 -30.68
CA LEU C 63 -11.09 29.81 -30.23
C LEU C 63 -11.39 30.76 -31.45
N PHE C 64 -10.34 31.00 -32.28
CA PHE C 64 -10.45 31.83 -33.54
C PHE C 64 -11.52 31.16 -34.46
N ALA C 65 -11.54 29.81 -34.44
CA ALA C 65 -12.49 28.97 -35.24
C ALA C 65 -13.98 29.34 -34.84
N ARG C 66 -14.29 29.62 -33.50
CA ARG C 66 -15.70 29.95 -33.07
C ARG C 66 -16.17 31.21 -33.84
N LEU C 67 -15.23 32.22 -34.00
CA LEU C 67 -15.59 33.48 -34.75
C LEU C 67 -15.98 33.13 -36.25
N THR C 68 -15.19 32.19 -36.88
CA THR C 68 -15.43 31.68 -38.27
C THR C 68 -16.80 30.92 -38.41
N TRP C 69 -17.14 30.10 -37.38
CA TRP C 69 -18.35 29.21 -37.33
C TRP C 69 -19.70 29.97 -37.42
N TRP C 70 -19.67 31.29 -37.60
CA TRP C 70 -20.91 32.13 -37.68
C TRP C 70 -21.77 31.85 -38.98
N GLU C 71 -21.52 30.68 -39.68
CA GLU C 71 -22.29 30.25 -40.90
C GLU C 71 -22.56 28.70 -40.81
N TYR C 72 -21.73 27.99 -40.00
CA TYR C 72 -21.79 26.54 -39.79
C TYR C 72 -23.04 26.19 -38.91
N SER C 73 -23.06 26.70 -37.65
CA SER C 73 -24.18 26.49 -36.64
C SER C 73 -23.91 27.34 -35.35
N TRP C 74 -22.63 27.36 -34.93
CA TRP C 74 -22.08 28.12 -33.74
C TRP C 74 -21.93 27.23 -32.47
N ASP C 75 -23.04 26.56 -32.05
CA ASP C 75 -23.11 25.65 -30.89
C ASP C 75 -22.06 24.51 -31.07
N ILE C 76 -20.86 24.73 -30.50
CA ILE C 76 -19.65 23.84 -30.62
C ILE C 76 -18.79 24.15 -29.37
N VAL C 77 -19.32 24.94 -28.37
CA VAL C 77 -18.55 25.31 -27.14
C VAL C 77 -18.01 24.08 -26.40
N GLU C 78 -17.40 24.34 -25.23
CA GLU C 78 -16.80 23.31 -24.32
C GLU C 78 -15.32 22.79 -24.69
N PRO C 79 -14.61 23.03 -25.87
CA PRO C 79 -13.25 22.34 -26.12
C PRO C 79 -12.10 22.66 -25.15
N VAL C 80 -11.90 23.94 -24.78
CA VAL C 80 -10.72 24.28 -23.90
C VAL C 80 -10.81 23.61 -22.49
N THR C 81 -12.00 23.68 -21.81
CA THR C 81 -12.22 23.02 -20.53
C THR C 81 -12.18 21.45 -20.57
N TYR C 82 -12.84 20.74 -21.57
CA TYR C 82 -12.86 19.24 -21.58
C TYR C 82 -11.43 18.66 -21.66
N PHE C 83 -10.54 19.30 -22.47
CA PHE C 83 -9.07 18.93 -22.50
C PHE C 83 -8.46 19.17 -21.06
N ALA C 84 -8.90 20.25 -20.31
CA ALA C 84 -8.37 20.52 -18.93
C ALA C 84 -8.68 19.30 -18.00
N THR C 85 -9.90 18.71 -18.15
CA THR C 85 -10.36 17.51 -17.39
C THR C 85 -9.37 16.32 -17.60
N TYR C 86 -8.89 16.17 -18.86
CA TYR C 86 -7.88 15.11 -19.22
C TYR C 86 -6.61 15.37 -18.33
N SER C 87 -6.27 16.68 -18.16
CA SER C 87 -5.14 17.14 -17.28
C SER C 87 -5.36 16.74 -15.78
N THR C 88 -6.62 16.87 -15.24
CA THR C 88 -6.91 16.55 -13.79
C THR C 88 -6.61 15.04 -13.46
N VAL C 89 -7.00 14.09 -14.35
CA VAL C 89 -6.63 12.61 -14.17
C VAL C 89 -5.08 12.51 -14.17
N ALA C 90 -4.38 13.38 -14.98
CA ALA C 90 -2.86 13.40 -14.99
C ALA C 90 -2.35 13.66 -13.52
N ALA C 91 -3.09 14.54 -12.73
CA ALA C 91 -2.75 14.83 -11.28
C ALA C 91 -2.80 13.49 -10.48
N THR C 92 -3.83 12.65 -10.81
CA THR C 92 -4.08 11.33 -10.17
C THR C 92 -2.85 10.37 -10.35
N PHE C 93 -2.15 10.38 -11.55
CA PHE C 93 -0.95 9.47 -11.79
C PHE C 93 0.14 9.71 -10.68
N GLY C 94 0.28 10.99 -10.30
CA GLY C 94 1.24 11.53 -9.29
C GLY C 94 1.51 10.68 -8.00
N TYR C 95 0.61 9.74 -7.60
CA TYR C 95 0.80 8.92 -6.32
C TYR C 95 2.10 8.05 -6.36
N TYR C 96 2.43 7.55 -7.56
CA TYR C 96 3.57 6.68 -7.84
C TYR C 96 4.84 7.55 -7.95
N LEU C 97 4.78 8.52 -8.88
CA LEU C 97 5.87 9.49 -9.17
C LEU C 97 6.64 10.08 -7.92
N TYR C 98 6.12 10.03 -6.63
CA TYR C 98 6.86 10.78 -5.51
C TYR C 98 8.30 10.23 -5.23
N THR C 99 8.42 8.97 -4.72
CA THR C 99 9.77 8.40 -4.38
C THR C 99 10.65 7.97 -5.62
N GLN C 100 10.11 7.12 -6.58
CA GLN C 100 10.92 6.61 -7.75
C GLN C 100 11.59 7.71 -8.62
N GLN C 101 11.01 8.95 -8.71
CA GLN C 101 11.59 10.08 -9.55
C GLN C 101 13.10 10.28 -9.23
N SER C 102 13.47 9.95 -7.97
CA SER C 102 14.84 10.06 -7.44
C SER C 102 15.80 9.03 -8.13
N PHE C 103 15.29 7.80 -8.43
CA PHE C 103 16.09 6.71 -9.10
C PHE C 103 16.35 7.05 -10.60
N GLU C 104 15.28 7.53 -11.29
CA GLU C 104 15.29 7.82 -12.77
C GLU C 104 16.14 9.05 -13.24
N TYR C 105 15.95 10.26 -12.62
CA TYR C 105 16.62 11.53 -13.10
C TYR C 105 18.20 11.50 -13.02
N PRO C 106 18.87 10.99 -11.92
CA PRO C 106 20.40 10.94 -11.80
C PRO C 106 20.92 9.53 -12.19
N SER C 107 22.24 9.28 -11.97
CA SER C 107 22.92 7.98 -12.25
C SER C 107 22.63 7.46 -13.68
N ALA C 108 23.07 6.20 -13.98
CA ALA C 108 22.89 5.55 -15.32
C ALA C 108 23.52 6.42 -16.45
N ARG C 109 24.64 7.09 -16.11
CA ARG C 109 25.39 8.00 -17.02
C ARG C 109 26.88 7.97 -16.57
N GLU C 110 27.85 7.94 -17.54
CA GLU C 110 29.31 7.89 -17.24
C GLU C 110 30.10 8.33 -18.52
N ARG C 111 30.47 9.64 -18.58
CA ARG C 111 31.24 10.24 -19.71
C ARG C 111 31.74 11.66 -19.31
N VAL C 112 31.17 12.21 -18.20
CA VAL C 112 31.52 13.56 -17.66
C VAL C 112 32.99 13.57 -17.11
N TYR C 113 33.71 14.71 -17.29
CA TYR C 113 35.12 14.90 -16.83
C TYR C 113 35.12 15.34 -15.34
N THR C 114 34.24 14.69 -14.54
CA THR C 114 34.07 14.94 -13.07
C THR C 114 33.60 16.39 -12.78
N LYS C 115 32.71 16.56 -11.75
CA LYS C 115 32.14 17.89 -11.34
C LYS C 115 31.46 17.69 -9.95
N GLN C 116 32.19 18.02 -8.84
CA GLN C 116 31.71 17.89 -7.42
C GLN C 116 31.43 16.39 -7.06
N PHE C 117 30.32 15.86 -7.61
CA PHE C 117 29.85 14.45 -7.42
C PHE C 117 29.37 14.18 -5.96
N TYR C 118 29.79 15.02 -4.97
CA TYR C 118 29.39 14.87 -3.54
C TYR C 118 27.90 15.31 -3.34
N ARG C 119 27.22 15.67 -4.47
CA ARG C 119 25.79 16.10 -4.48
C ARG C 119 24.87 14.91 -4.09
N ARG C 120 25.27 13.71 -4.57
CA ARG C 120 24.55 12.42 -4.37
C ARG C 120 23.10 12.51 -4.96
N ALA C 121 22.06 12.75 -4.09
CA ALA C 121 20.63 12.85 -4.51
C ALA C 121 20.18 11.59 -5.32
N GLN C 122 19.57 10.58 -4.64
CA GLN C 122 19.12 9.30 -5.28
C GLN C 122 18.03 8.60 -4.41
N LYS C 123 17.88 9.04 -3.12
CA LYS C 123 16.88 8.45 -2.15
C LYS C 123 16.10 9.56 -1.36
N GLN C 124 15.57 10.63 -2.07
CA GLN C 124 14.74 11.72 -1.40
C GLN C 124 13.58 11.06 -0.54
N ASN C 125 12.74 10.21 -1.21
CA ASN C 125 11.67 9.39 -0.56
C ASN C 125 10.66 10.18 0.33
N PHE C 126 9.52 9.48 0.66
CA PHE C 126 8.44 9.97 1.55
C PHE C 126 7.97 8.75 2.44
N ASP C 127 8.18 7.44 1.97
CA ASP C 127 7.80 6.22 2.79
C ASP C 127 8.36 4.82 2.27
N ILE C 128 8.97 4.67 1.03
CA ILE C 128 9.44 3.29 0.54
C ILE C 128 10.67 2.76 1.37
N GLU C 129 11.72 3.63 1.48
CA GLU C 129 13.01 3.30 2.17
C GLU C 129 12.81 2.87 3.65
N LYS C 130 12.05 3.69 4.41
CA LYS C 130 11.79 3.51 5.87
C LYS C 130 11.34 2.07 6.25
N TYR C 131 10.41 1.45 5.49
CA TYR C 131 9.94 0.06 5.75
C TYR C 131 11.03 -1.03 5.43
N ASN C 132 11.63 -1.02 4.19
CA ASN C 132 12.64 -2.10 3.84
C ASN C 132 13.96 -1.95 4.62
N ARG C 133 14.48 -0.74 4.53
CA ARG C 133 15.80 -0.34 5.16
C ARG C 133 15.88 -0.70 6.69
N LEU C 134 14.83 -0.31 7.48
CA LEU C 134 14.80 -0.59 8.97
C LEU C 134 14.74 -2.15 9.20
N VAL C 135 13.81 -2.90 8.48
CA VAL C 135 13.80 -4.41 8.55
C VAL C 135 15.28 -4.93 8.33
N THR C 136 16.15 -4.18 7.54
CA THR C 136 17.55 -4.65 7.26
C THR C 136 18.37 -4.72 8.59
N GLU C 137 18.09 -3.75 9.54
CA GLU C 137 18.75 -3.78 10.92
C GLU C 137 18.49 -5.19 11.54
N VAL C 138 17.24 -5.68 11.29
CA VAL C 138 16.82 -7.03 11.79
C VAL C 138 17.75 -8.14 11.19
N ASP C 139 18.06 -8.07 9.85
CA ASP C 139 18.99 -9.07 9.19
C ASP C 139 20.32 -9.18 10.00
N GLU C 140 20.72 -8.06 10.70
CA GLU C 140 21.96 -8.06 11.52
C GLU C 140 21.76 -8.98 12.76
N LEU C 141 20.49 -9.03 13.37
CA LEU C 141 20.24 -10.01 14.54
C LEU C 141 20.51 -11.46 14.04
N ARG C 142 20.31 -11.70 12.70
CA ARG C 142 20.59 -13.03 12.04
C ARG C 142 22.13 -13.27 12.11
N ASN C 143 23.01 -12.18 12.04
CA ASN C 143 24.51 -12.41 12.11
C ASN C 143 25.00 -12.82 13.55
N GLN C 144 24.48 -12.18 14.64
CA GLN C 144 24.93 -12.50 16.05
C GLN C 144 24.44 -13.92 16.50
N LEU C 145 23.12 -14.23 16.35
CA LEU C 145 22.52 -15.57 16.75
C LEU C 145 23.27 -16.73 15.97
N LYS C 146 23.55 -16.54 14.65
CA LYS C 146 24.35 -17.51 13.80
C LYS C 146 25.68 -17.92 14.53
N ARG C 147 26.51 -16.92 15.05
CA ARG C 147 27.77 -17.27 15.73
C ARG C 147 27.45 -18.18 16.96
N LEU C 148 26.40 -17.82 17.79
CA LEU C 148 25.98 -18.69 18.97
C LEU C 148 25.57 -20.15 18.56
N ARG C 149 25.03 -20.40 17.33
CA ARG C 149 24.64 -21.80 16.91
C ARG C 149 25.88 -22.71 16.79
N ASP C 150 27.08 -22.12 16.45
CA ASP C 150 28.36 -22.94 16.34
C ASP C 150 28.87 -23.56 17.76
N PRO C 151 29.05 -22.80 18.90
CA PRO C 151 29.43 -23.41 20.29
C PRO C 151 28.18 -24.13 20.90
N LEU C 152 28.24 -24.36 22.23
CA LEU C 152 27.24 -25.02 23.10
C LEU C 152 27.71 -26.48 23.24
N GLU C 153 27.69 -27.10 22.09
CA GLU C 153 28.11 -28.52 21.83
C GLU C 153 29.47 -28.86 22.53
N MET D 1 -6.66 -15.34 47.28
CA MET D 1 -6.11 -15.84 45.98
C MET D 1 -4.87 -14.99 45.62
N ALA D 2 -4.19 -15.38 44.52
CA ALA D 2 -2.96 -14.70 44.00
C ALA D 2 -3.33 -13.30 43.43
N ALA D 3 -2.29 -12.61 42.87
CA ALA D 3 -2.43 -11.26 42.26
C ALA D 3 -1.13 -10.95 41.47
N LEU D 4 -1.23 -10.07 40.43
CA LEU D 4 -0.09 -9.68 39.56
C LEU D 4 0.53 -10.92 38.85
N SER D 5 1.73 -10.75 38.23
CA SER D 5 2.46 -11.83 37.50
C SER D 5 2.86 -13.00 38.47
N VAL D 6 4.02 -12.87 39.17
CA VAL D 6 4.55 -13.88 40.14
C VAL D 6 5.69 -13.23 40.99
N ASP D 7 6.32 -12.17 40.43
CA ASP D 7 7.45 -11.42 41.08
C ASP D 7 7.03 -10.85 42.48
N GLU D 8 6.10 -9.86 42.45
CA GLU D 8 5.57 -9.19 43.67
C GLU D 8 6.72 -8.54 44.51
N TYR D 9 7.63 -7.83 43.80
CA TYR D 9 8.82 -7.14 44.39
C TYR D 9 9.74 -8.15 45.16
N LYS D 10 10.83 -8.65 44.48
CA LYS D 10 11.79 -9.65 45.07
C LYS D 10 13.13 -9.62 44.27
N LEU D 11 13.09 -9.06 43.03
CA LEU D 11 14.29 -8.95 42.13
C LEU D 11 14.06 -7.73 41.18
N SER D 12 14.66 -7.75 39.96
CA SER D 12 14.57 -6.66 38.96
C SER D 12 15.51 -5.53 39.40
N ARG D 13 16.74 -5.59 38.86
CA ARG D 13 17.85 -4.65 39.16
C ARG D 13 17.64 -3.30 38.45
N GLU D 14 16.35 -2.88 38.37
CA GLU D 14 15.88 -1.60 37.78
C GLU D 14 16.01 -1.59 36.23
N LYS D 15 16.98 -2.33 35.68
CA LYS D 15 17.22 -2.36 34.19
C LYS D 15 16.04 -2.97 33.33
N LYS D 16 15.44 -4.13 33.78
CA LYS D 16 14.41 -4.87 32.95
C LYS D 16 13.09 -4.11 32.64
N LEU D 17 12.46 -3.47 33.66
CA LEU D 17 11.19 -2.68 33.47
C LEU D 17 11.37 -1.44 32.56
N LEU D 18 12.53 -0.73 32.76
CA LEU D 18 12.84 0.55 32.06
C LEU D 18 12.94 0.37 30.54
N LEU D 19 13.66 -0.70 30.15
CA LEU D 19 13.81 -1.09 28.72
C LEU D 19 12.40 -1.48 28.11
N GLN D 20 11.59 -2.24 28.92
CA GLN D 20 10.18 -2.63 28.54
C GLN D 20 9.33 -1.35 28.35
N LEU D 21 9.58 -0.33 29.23
CA LEU D 21 8.89 0.99 29.21
C LEU D 21 9.14 1.68 27.83
N GLU D 22 10.40 1.53 27.24
CA GLU D 22 10.71 2.17 25.92
C GLU D 22 9.73 1.63 24.85
N ASN D 23 9.46 0.29 24.92
CA ASN D 23 8.49 -0.35 23.97
C ASN D 23 7.05 0.24 24.11
N ALA D 24 6.57 0.48 25.37
CA ALA D 24 5.18 1.03 25.60
C ALA D 24 4.99 2.41 24.90
N GLU D 25 6.04 3.28 25.00
CA GLU D 25 6.07 4.62 24.35
C GLU D 25 6.00 4.51 22.79
N THR D 26 6.73 3.50 22.23
CA THR D 26 6.86 3.26 20.76
C THR D 26 5.51 2.97 20.08
N LEU D 27 4.61 2.21 20.79
CA LEU D 27 3.24 1.85 20.23
C LEU D 27 2.53 3.19 19.89
N LEU D 28 2.76 4.20 20.75
CA LEU D 28 2.26 5.59 20.54
C LEU D 28 0.70 5.64 20.55
N ALA D 29 0.14 6.00 21.74
CA ALA D 29 -1.33 6.16 22.01
C ALA D 29 -1.44 7.54 22.76
N PRO D 30 -0.84 7.74 23.98
CA PRO D 30 -0.80 9.12 24.70
C PRO D 30 -0.78 10.39 23.76
N LEU D 31 0.29 10.51 22.93
CA LEU D 31 0.47 11.64 21.94
C LEU D 31 -0.72 11.61 20.92
N HIS D 32 -1.16 10.38 20.49
CA HIS D 32 -2.33 10.27 19.51
C HIS D 32 -3.59 10.93 20.19
N ASP D 33 -3.75 10.70 21.54
CA ASP D 33 -4.85 11.34 22.36
C ASP D 33 -4.68 12.90 22.31
N ALA D 34 -3.39 13.40 22.33
CA ALA D 34 -3.09 14.89 22.26
C ALA D 34 -3.67 15.46 20.93
N LYS D 35 -3.58 14.68 19.80
CA LYS D 35 -4.14 15.07 18.45
C LYS D 35 -5.68 15.28 18.61
N ARG D 36 -6.34 14.40 19.41
CA ARG D 36 -7.82 14.46 19.67
C ARG D 36 -8.22 15.82 20.33
N LYS D 37 -7.35 16.35 21.23
CA LYS D 37 -7.62 17.63 21.98
C LYS D 37 -7.82 18.87 21.02
N ILE D 38 -7.01 18.97 19.92
CA ILE D 38 -7.05 20.11 18.93
C ILE D 38 -8.07 19.88 17.78
N GLU D 39 -8.82 18.73 17.80
CA GLU D 39 -9.82 18.32 16.74
C GLU D 39 -10.49 19.48 15.91
N GLN D 40 -10.75 20.63 16.59
CA GLN D 40 -11.40 21.83 15.96
C GLN D 40 -10.46 22.45 14.88
N GLU D 41 -9.16 22.63 15.24
CA GLU D 41 -8.11 23.22 14.36
C GLU D 41 -7.67 22.21 13.26
N ALA D 42 -8.28 20.98 13.23
CA ALA D 42 -7.93 19.90 12.22
C ALA D 42 -8.15 20.36 10.75
N GLU D 43 -8.62 21.62 10.53
CA GLU D 43 -8.86 22.21 9.18
C GLU D 43 -7.54 22.31 8.35
N ALA D 44 -6.39 21.93 9.00
CA ALA D 44 -5.03 21.94 8.37
C ALA D 44 -5.02 21.09 7.06
N HIS D 45 -5.83 19.99 7.07
CA HIS D 45 -5.99 19.05 5.93
C HIS D 45 -6.91 19.71 4.85
N THR D 46 -8.03 20.29 5.32
CA THR D 46 -9.07 20.94 4.45
C THR D 46 -8.47 22.13 3.65
N ASP D 47 -7.43 22.79 4.23
CA ASP D 47 -6.73 23.96 3.62
C ASP D 47 -6.05 23.57 2.26
N ARG D 48 -5.77 22.26 2.08
CA ARG D 48 -5.11 21.70 0.86
C ARG D 48 -6.19 21.29 -0.18
N VAL D 49 -7.38 20.84 0.32
CA VAL D 49 -8.53 20.44 -0.55
C VAL D 49 -9.26 21.74 -0.98
N ALA D 50 -8.97 22.85 -0.25
CA ALA D 50 -9.52 24.20 -0.53
C ALA D 50 -8.98 24.73 -1.89
N TRP D 51 -7.92 24.06 -2.46
CA TRP D 51 -7.32 24.46 -3.80
C TRP D 51 -8.46 24.59 -4.87
N ALA D 52 -9.47 23.73 -4.65
CA ALA D 52 -10.70 23.61 -5.46
C ALA D 52 -11.57 24.92 -5.48
N GLY D 53 -11.31 25.85 -4.52
CA GLY D 53 -12.08 27.12 -4.37
C GLY D 53 -12.02 28.05 -5.61
N PHE D 54 -10.85 28.10 -6.32
CA PHE D 54 -10.64 28.98 -7.50
C PHE D 54 -11.42 28.47 -8.76
N ALA D 55 -11.61 27.14 -8.86
CA ALA D 55 -12.30 26.48 -10.00
C ALA D 55 -13.81 26.89 -10.11
N ALA D 56 -14.52 26.87 -8.96
CA ALA D 56 -15.98 27.19 -8.86
C ALA D 56 -16.27 28.71 -8.96
N SER D 57 -15.26 29.55 -8.62
CA SER D 57 -15.39 31.04 -8.64
C SER D 57 -15.35 31.60 -10.07
N GLY D 58 -14.62 30.89 -10.97
CA GLY D 58 -14.41 31.30 -12.38
C GLY D 58 -15.69 31.33 -13.25
N VAL D 59 -16.58 30.32 -13.09
CA VAL D 59 -17.83 30.19 -13.96
C VAL D 59 -18.90 31.23 -13.64
N GLN D 60 -18.91 31.80 -12.41
CA GLN D 60 -19.96 32.79 -11.98
C GLN D 60 -20.18 33.88 -13.09
N THR D 61 -19.05 34.29 -13.73
CA THR D 61 -19.03 35.26 -14.87
C THR D 61 -19.51 34.57 -16.17
N GLY D 62 -19.30 33.24 -16.22
CA GLY D 62 -19.68 32.36 -17.36
C GLY D 62 -21.22 32.26 -17.49
N LEU D 63 -21.93 32.12 -16.35
CA LEU D 63 -23.46 32.02 -16.35
C LEU D 63 -24.12 33.32 -16.94
N PHE D 64 -23.52 34.48 -16.58
CA PHE D 64 -23.96 35.83 -17.03
C PHE D 64 -23.90 35.89 -18.58
N ALA D 65 -22.85 35.25 -19.16
CA ALA D 65 -22.62 35.21 -20.63
C ALA D 65 -23.84 34.54 -21.38
N ARG D 66 -24.44 33.41 -20.83
CA ARG D 66 -25.61 32.73 -21.52
C ARG D 66 -26.78 33.75 -21.63
N LEU D 67 -27.01 34.52 -20.51
CA LEU D 67 -28.08 35.57 -20.45
C LEU D 67 -27.81 36.75 -21.47
N THR D 68 -26.51 37.18 -21.57
CA THR D 68 -26.05 38.33 -22.43
C THR D 68 -26.29 38.13 -23.95
N TRP D 69 -26.04 36.89 -24.47
CA TRP D 69 -26.13 36.56 -25.94
C TRP D 69 -27.14 35.43 -26.20
N TRP D 70 -28.25 35.50 -25.46
CA TRP D 70 -29.37 34.52 -25.50
C TRP D 70 -29.92 34.20 -26.94
N GLU D 71 -29.47 34.96 -28.00
CA GLU D 71 -29.96 34.82 -29.43
C GLU D 71 -29.01 33.97 -30.35
N TYR D 72 -27.67 33.85 -30.02
CA TYR D 72 -26.68 33.09 -30.86
C TYR D 72 -27.20 31.64 -31.19
N SER D 73 -27.63 30.89 -30.14
CA SER D 73 -28.18 29.49 -30.28
C SER D 73 -28.88 29.01 -28.96
N TRP D 74 -28.17 29.18 -27.83
CA TRP D 74 -28.63 28.79 -26.43
C TRP D 74 -28.20 27.36 -26.07
N ASP D 75 -28.10 26.49 -27.12
CA ASP D 75 -27.62 25.07 -27.04
C ASP D 75 -26.11 25.19 -26.71
N ILE D 76 -25.85 25.60 -25.46
CA ILE D 76 -24.51 25.97 -24.92
C ILE D 76 -24.47 25.48 -23.45
N VAL D 77 -25.59 24.83 -22.96
CA VAL D 77 -25.70 24.38 -21.56
C VAL D 77 -24.59 23.38 -21.15
N GLU D 78 -24.67 22.92 -19.89
CA GLU D 78 -23.71 21.99 -19.21
C GLU D 78 -22.44 22.62 -18.48
N PRO D 79 -21.99 23.91 -18.64
CA PRO D 79 -20.66 24.38 -18.03
C PRO D 79 -20.54 24.30 -16.46
N VAL D 80 -21.62 24.60 -15.69
CA VAL D 80 -21.47 24.62 -14.19
C VAL D 80 -20.96 23.25 -13.63
N THR D 81 -21.49 22.11 -14.19
CA THR D 81 -21.04 20.77 -13.73
C THR D 81 -19.52 20.45 -13.99
N TYR D 82 -18.90 20.81 -15.21
CA TYR D 82 -17.48 20.41 -15.49
C TYR D 82 -16.44 21.00 -14.47
N PHE D 83 -16.55 22.31 -14.04
CA PHE D 83 -15.62 22.86 -12.96
C PHE D 83 -15.89 22.12 -11.61
N ALA D 84 -17.21 21.83 -11.32
CA ALA D 84 -17.60 21.09 -10.06
C ALA D 84 -16.91 19.68 -10.01
N THR D 85 -16.84 18.94 -11.17
CA THR D 85 -16.16 17.59 -11.25
C THR D 85 -14.66 17.74 -10.84
N TYR D 86 -13.99 18.88 -11.25
CA TYR D 86 -12.53 19.09 -10.90
C TYR D 86 -12.37 19.11 -9.34
N SER D 87 -13.36 19.73 -8.63
CA SER D 87 -13.35 19.76 -7.12
C SER D 87 -13.40 18.30 -6.55
N THR D 88 -14.20 17.41 -7.22
CA THR D 88 -14.30 15.97 -6.78
C THR D 88 -12.90 15.28 -6.86
N VAL D 89 -12.07 15.57 -7.93
CA VAL D 89 -10.67 14.98 -8.07
C VAL D 89 -9.86 15.36 -6.81
N ALA D 90 -10.09 16.62 -6.27
CA ALA D 90 -9.39 17.09 -5.04
C ALA D 90 -9.68 16.09 -3.88
N ALA D 91 -10.98 15.58 -3.79
CA ALA D 91 -11.35 14.54 -2.74
C ALA D 91 -10.47 13.26 -2.94
N THR D 92 -10.31 12.84 -4.23
CA THR D 92 -9.52 11.64 -4.62
C THR D 92 -8.03 11.72 -4.26
N PHE D 93 -7.38 12.92 -4.45
CA PHE D 93 -5.90 13.09 -4.16
C PHE D 93 -5.60 12.73 -2.66
N GLY D 94 -6.59 13.06 -1.82
CA GLY D 94 -6.55 12.91 -0.35
C GLY D 94 -5.84 11.65 0.25
N TYR D 95 -5.87 10.46 -0.42
CA TYR D 95 -5.23 9.17 0.13
C TYR D 95 -3.76 9.38 0.62
N TYR D 96 -3.06 10.32 -0.01
CA TYR D 96 -1.64 10.65 0.26
C TYR D 96 -1.47 11.56 1.50
N LEU D 97 -2.08 12.78 1.43
CA LEU D 97 -1.95 13.83 2.52
C LEU D 97 -2.53 13.50 3.96
N TYR D 98 -3.45 12.47 4.26
CA TYR D 98 -4.03 12.37 5.69
C TYR D 98 -2.92 12.22 6.78
N THR D 99 -2.19 11.09 6.70
CA THR D 99 -1.11 10.72 7.64
C THR D 99 0.17 11.64 7.44
N GLN D 100 0.60 11.86 6.17
CA GLN D 100 1.80 12.68 5.80
C GLN D 100 1.75 14.20 6.20
N GLN D 101 0.55 14.86 6.34
CA GLN D 101 0.46 16.36 6.56
C GLN D 101 1.43 16.91 7.64
N SER D 102 1.78 16.05 8.64
CA SER D 102 2.73 16.40 9.72
C SER D 102 4.17 16.69 9.15
N PHE D 103 4.51 16.02 8.01
CA PHE D 103 5.85 16.14 7.33
C PHE D 103 6.07 17.57 6.73
N GLU D 104 4.96 18.23 6.33
CA GLU D 104 4.98 19.59 5.67
C GLU D 104 5.51 20.75 6.60
N TYR D 105 4.95 20.88 7.83
CA TYR D 105 5.31 22.01 8.79
C TYR D 105 6.86 22.07 9.18
N PRO D 106 7.53 20.95 9.64
CA PRO D 106 9.03 20.94 10.01
C PRO D 106 9.95 21.68 9.01
N SER D 107 9.47 21.79 7.75
CA SER D 107 10.22 22.46 6.62
C SER D 107 10.72 23.88 7.02
N ALA D 108 9.97 24.52 7.97
CA ALA D 108 10.28 25.87 8.52
C ALA D 108 9.34 26.14 9.73
N ARG D 109 9.72 25.61 10.94
CA ARG D 109 8.93 25.77 12.20
C ARG D 109 9.82 25.38 13.42
N GLU D 110 10.47 24.20 13.33
CA GLU D 110 11.35 23.64 14.41
C GLU D 110 12.71 24.41 14.49
N ARG D 111 12.62 25.76 14.67
CA ARG D 111 13.81 26.65 14.80
C ARG D 111 14.74 26.16 15.96
N VAL D 112 16.07 26.46 15.86
CA VAL D 112 17.11 26.05 16.87
C VAL D 112 16.82 26.73 18.25
N TYR D 113 16.27 27.96 18.18
CA TYR D 113 15.94 28.79 19.39
C TYR D 113 14.73 28.18 20.16
N THR D 114 14.99 27.05 20.89
CA THR D 114 13.98 26.31 21.71
C THR D 114 12.75 25.83 20.87
N LYS D 115 12.59 24.48 20.70
CA LYS D 115 11.47 23.85 19.95
C LYS D 115 10.19 23.89 20.86
N GLN D 116 9.08 23.28 20.37
CA GLN D 116 7.77 23.19 21.12
C GLN D 116 7.89 22.12 22.24
N PHE D 117 8.99 22.23 23.04
CA PHE D 117 9.30 21.31 24.18
C PHE D 117 9.53 19.86 23.67
N TYR D 118 9.79 18.92 24.61
CA TYR D 118 10.01 17.47 24.31
C TYR D 118 8.69 16.83 23.77
N ARG D 119 8.35 17.14 22.49
CA ARG D 119 7.10 16.67 21.81
C ARG D 119 7.28 16.88 20.28
N ARG D 120 7.67 15.81 19.53
CA ARG D 120 7.88 15.83 18.04
C ARG D 120 6.52 16.06 17.31
N ALA D 121 6.59 16.53 16.04
CA ALA D 121 5.41 16.79 15.17
C ALA D 121 4.88 15.44 14.60
N GLN D 122 3.61 15.07 14.93
CA GLN D 122 2.96 13.80 14.47
C GLN D 122 1.44 13.86 14.83
N LYS D 123 0.73 14.81 14.14
CA LYS D 123 -0.75 15.03 14.34
C LYS D 123 -1.55 13.70 14.07
N GLN D 124 -2.06 13.50 12.82
CA GLN D 124 -2.83 12.29 12.40
C GLN D 124 -1.95 11.00 12.59
N ASN D 125 -1.50 10.36 11.47
CA ASN D 125 -0.61 9.16 11.50
C ASN D 125 -1.24 7.99 12.33
N PHE D 126 -1.96 7.05 11.64
CA PHE D 126 -2.64 5.86 12.25
C PHE D 126 -2.47 4.64 11.31
N ASP D 127 -1.29 4.58 10.62
CA ASP D 127 -0.92 3.48 9.68
C ASP D 127 0.63 3.48 9.47
N ILE D 128 1.28 4.51 8.77
CA ILE D 128 2.81 4.52 8.59
C ILE D 128 3.47 4.44 10.04
N GLU D 129 2.75 4.99 11.05
CA GLU D 129 3.21 5.07 12.48
C GLU D 129 3.47 3.68 13.18
N LYS D 130 2.46 2.76 13.14
CA LYS D 130 2.53 1.45 13.88
C LYS D 130 3.55 0.44 13.32
N TYR D 131 3.61 0.28 11.97
CA TYR D 131 4.50 -0.68 11.33
C TYR D 131 6.01 -0.33 11.45
N ASN D 132 6.44 0.93 11.09
CA ASN D 132 7.92 1.23 11.13
C ASN D 132 8.46 1.31 12.58
N ARG D 133 7.76 2.12 13.36
CA ARG D 133 8.20 2.39 14.78
C ARG D 133 8.32 1.06 15.62
N LEU D 134 7.29 0.17 15.57
CA LEU D 134 7.33 -1.09 16.37
C LEU D 134 8.50 -2.04 15.91
N VAL D 135 8.64 -2.36 14.57
CA VAL D 135 9.79 -3.24 14.11
C VAL D 135 11.14 -2.68 14.75
N THR D 136 11.21 -1.30 14.99
CA THR D 136 12.42 -0.66 15.65
C THR D 136 12.70 -1.38 16.99
N GLU D 137 11.62 -1.73 17.75
CA GLU D 137 11.80 -2.50 19.05
C GLU D 137 12.53 -3.85 18.78
N VAL D 138 12.35 -4.44 17.56
CA VAL D 138 13.13 -5.69 17.17
C VAL D 138 14.64 -5.30 17.12
N ASP D 139 14.96 -4.01 16.82
CA ASP D 139 16.40 -3.54 16.84
C ASP D 139 16.93 -3.56 18.33
N GLU D 140 16.02 -3.32 19.35
CA GLU D 140 16.43 -3.36 20.81
C GLU D 140 16.79 -4.81 21.18
N LEU D 141 16.12 -5.81 20.49
CA LEU D 141 16.42 -7.26 20.67
C LEU D 141 17.91 -7.46 20.31
N ARG D 142 18.30 -6.86 19.13
CA ARG D 142 19.71 -6.94 18.58
C ARG D 142 20.73 -6.45 19.67
N ASN D 143 20.35 -5.46 20.57
CA ASN D 143 21.33 -4.97 21.63
C ASN D 143 21.58 -6.04 22.74
N GLN D 144 20.46 -6.60 23.28
CA GLN D 144 20.49 -7.59 24.40
C GLN D 144 21.20 -8.92 23.94
N LEU D 145 20.84 -9.40 22.73
CA LEU D 145 21.47 -10.59 22.08
C LEU D 145 23.01 -10.42 22.02
N LYS D 146 23.50 -9.26 21.52
CA LYS D 146 24.97 -8.99 21.39
C LYS D 146 25.72 -9.31 22.72
N ARG D 147 25.14 -8.96 23.97
CA ARG D 147 25.88 -9.35 25.23
C ARG D 147 26.01 -10.91 25.26
N LEU D 148 24.87 -11.68 24.97
CA LEU D 148 24.95 -13.20 24.94
C LEU D 148 26.04 -13.77 23.97
N ARG D 149 26.30 -13.12 22.80
CA ARG D 149 27.28 -13.67 21.79
C ARG D 149 28.75 -13.59 22.29
N ASP D 150 29.11 -12.59 23.16
CA ASP D 150 30.54 -12.48 23.68
C ASP D 150 31.03 -13.76 24.58
N PRO D 151 30.31 -14.26 25.65
CA PRO D 151 30.75 -15.49 26.50
C PRO D 151 30.49 -16.85 25.83
N LEU D 152 30.50 -17.92 26.70
CA LEU D 152 30.27 -19.37 26.39
C LEU D 152 31.49 -19.94 25.65
N GLU D 153 31.85 -19.22 24.61
CA GLU D 153 33.01 -19.50 23.70
C GLU D 153 32.82 -20.85 22.93
N MET E 1 -16.68 -32.26 45.59
CA MET E 1 -15.20 -32.09 45.56
C MET E 1 -14.86 -30.90 44.62
N ALA E 2 -15.56 -30.84 43.47
CA ALA E 2 -15.40 -29.78 42.42
C ALA E 2 -13.93 -29.72 41.89
N ALA E 3 -13.04 -29.01 42.64
CA ALA E 3 -11.60 -28.84 42.29
C ALA E 3 -11.41 -28.23 40.85
N LEU E 4 -11.91 -26.98 40.68
CA LEU E 4 -11.85 -26.22 39.38
C LEU E 4 -10.40 -25.90 38.93
N SER E 5 -9.38 -26.34 39.75
CA SER E 5 -7.93 -26.15 39.45
C SER E 5 -7.09 -27.05 40.41
N VAL E 6 -6.60 -26.48 41.55
CA VAL E 6 -5.78 -27.21 42.57
C VAL E 6 -4.44 -27.72 41.94
N ASP E 7 -4.53 -28.88 41.21
CA ASP E 7 -3.36 -29.52 40.53
C ASP E 7 -3.91 -30.61 39.54
N GLU E 8 -3.24 -30.76 38.36
CA GLU E 8 -3.60 -31.76 37.32
C GLU E 8 -2.38 -31.97 36.36
N TYR E 9 -1.51 -32.94 36.69
CA TYR E 9 -0.29 -33.32 35.92
C TYR E 9 0.83 -32.23 36.01
N LYS E 10 0.43 -30.93 35.91
CA LYS E 10 1.37 -29.76 35.96
C LYS E 10 2.05 -29.67 37.36
N LEU E 11 2.84 -28.58 37.56
CA LEU E 11 3.57 -28.31 38.84
C LEU E 11 4.01 -26.81 38.84
N SER E 12 5.27 -26.51 38.38
CA SER E 12 5.85 -25.11 38.34
C SER E 12 6.08 -24.63 36.87
N ARG E 13 5.71 -25.46 35.86
CA ARG E 13 5.89 -25.12 34.41
C ARG E 13 4.77 -24.18 33.92
N GLU E 14 3.89 -23.74 34.86
CA GLU E 14 2.71 -22.85 34.56
C GLU E 14 3.14 -21.48 33.95
N LYS E 15 4.38 -20.98 34.27
CA LYS E 15 4.86 -19.66 33.72
C LYS E 15 4.95 -19.68 32.16
N LYS E 16 5.47 -20.82 31.57
CA LYS E 16 5.62 -20.98 30.08
C LYS E 16 4.22 -20.93 29.39
N LEU E 17 3.23 -21.61 30.05
CA LEU E 17 1.81 -21.68 29.59
C LEU E 17 1.20 -20.26 29.54
N LEU E 18 1.55 -19.40 30.55
CA LEU E 18 1.02 -17.99 30.66
C LEU E 18 1.42 -17.18 29.39
N LEU E 19 2.69 -17.36 28.90
CA LEU E 19 3.17 -16.68 27.63
C LEU E 19 2.31 -17.17 26.39
N GLN E 20 1.97 -18.51 26.31
CA GLN E 20 1.14 -19.05 25.17
C GLN E 20 -0.26 -18.32 25.14
N LEU E 21 -0.86 -18.08 26.35
CA LEU E 21 -2.17 -17.36 26.46
C LEU E 21 -2.07 -15.89 25.91
N GLU E 22 -0.90 -15.16 26.15
CA GLU E 22 -0.76 -13.74 25.66
C GLU E 22 -0.83 -13.71 24.12
N ASN E 23 -0.15 -14.71 23.52
CA ASN E 23 -0.07 -14.91 22.04
C ASN E 23 -1.48 -15.20 21.44
N ALA E 24 -2.28 -16.03 22.18
CA ALA E 24 -3.65 -16.43 21.74
C ALA E 24 -4.58 -15.17 21.63
N GLU E 25 -4.48 -14.21 22.62
CA GLU E 25 -5.29 -12.94 22.57
C GLU E 25 -4.89 -12.10 21.32
N THR E 26 -3.55 -12.01 21.08
CA THR E 26 -2.96 -11.25 19.93
C THR E 26 -3.36 -11.82 18.54
N LEU E 27 -3.35 -13.18 18.42
CA LEU E 27 -3.68 -13.90 17.13
C LEU E 27 -5.14 -13.59 16.68
N LEU E 28 -6.07 -13.54 17.67
CA LEU E 28 -7.51 -13.25 17.52
C LEU E 28 -8.16 -13.76 16.18
N ALA E 29 -9.02 -14.81 16.32
CA ALA E 29 -9.83 -15.44 15.24
C ALA E 29 -11.26 -15.55 15.86
N PRO E 30 -11.45 -16.16 17.09
CA PRO E 30 -12.83 -16.15 17.80
C PRO E 30 -13.48 -14.72 17.85
N LEU E 31 -12.75 -13.79 18.51
CA LEU E 31 -13.12 -12.37 18.67
C LEU E 31 -13.24 -11.67 17.29
N HIS E 32 -12.33 -12.02 16.32
CA HIS E 32 -12.34 -11.37 14.94
C HIS E 32 -13.71 -11.64 14.24
N ASP E 33 -14.29 -12.87 14.43
CA ASP E 33 -15.65 -13.21 13.87
C ASP E 33 -16.71 -12.20 14.47
N ALA E 34 -16.59 -11.85 15.79
CA ALA E 34 -17.50 -10.86 16.45
C ALA E 34 -17.41 -9.47 15.72
N LYS E 35 -16.16 -9.06 15.30
CA LYS E 35 -15.89 -7.80 14.52
C LYS E 35 -16.66 -7.84 13.16
N ARG E 36 -16.74 -9.06 12.56
CA ARG E 36 -17.42 -9.36 11.26
C ARG E 36 -18.92 -8.93 11.34
N LYS E 37 -19.55 -9.07 12.55
CA LYS E 37 -21.02 -8.75 12.73
C LYS E 37 -21.35 -7.28 12.25
N ILE E 38 -20.44 -6.29 12.49
CA ILE E 38 -20.62 -4.85 12.06
C ILE E 38 -21.02 -4.73 10.55
N GLU E 39 -20.78 -5.80 9.72
CA GLU E 39 -21.13 -5.80 8.26
C GLU E 39 -22.67 -5.59 8.04
N GLN E 40 -23.49 -6.16 8.97
CA GLN E 40 -24.99 -6.05 8.94
C GLN E 40 -25.40 -4.64 9.47
N GLU E 41 -24.97 -4.35 10.72
CA GLU E 41 -25.25 -3.06 11.44
C GLU E 41 -24.49 -1.87 10.78
N ALA E 42 -23.73 -2.16 9.68
CA ALA E 42 -22.89 -1.15 8.93
C ALA E 42 -23.62 0.22 8.67
N GLU E 43 -24.97 0.23 8.78
CA GLU E 43 -25.84 1.44 8.56
C GLU E 43 -25.25 2.76 9.19
N ALA E 44 -24.37 2.57 10.20
CA ALA E 44 -23.69 3.67 10.93
C ALA E 44 -22.92 4.67 9.98
N HIS E 45 -21.79 4.20 9.41
CA HIS E 45 -20.89 5.01 8.53
C HIS E 45 -21.51 5.31 7.14
N THR E 46 -22.49 4.48 6.66
CA THR E 46 -23.14 4.69 5.32
C THR E 46 -23.74 6.12 5.20
N ASP E 47 -23.99 6.77 6.38
CA ASP E 47 -24.54 8.15 6.47
C ASP E 47 -23.56 9.17 5.82
N ARG E 48 -22.26 8.77 5.69
CA ARG E 48 -21.16 9.60 5.10
C ARG E 48 -21.07 9.33 3.58
N VAL E 49 -21.42 8.09 3.15
CA VAL E 49 -21.42 7.68 1.72
C VAL E 49 -22.78 8.11 1.12
N ALA E 50 -23.77 8.38 2.03
CA ALA E 50 -25.14 8.84 1.66
C ALA E 50 -25.08 10.30 1.11
N TRP E 51 -23.94 11.02 1.35
CA TRP E 51 -23.73 12.43 0.84
C TRP E 51 -24.04 12.51 -0.70
N ALA E 52 -23.87 11.33 -1.33
CA ALA E 52 -24.08 11.07 -2.76
C ALA E 52 -25.59 11.20 -3.17
N GLY E 53 -26.51 10.71 -2.30
CA GLY E 53 -27.98 10.71 -2.56
C GLY E 53 -28.58 12.11 -2.87
N PHE E 54 -28.31 13.13 -1.99
CA PHE E 54 -28.86 14.51 -2.14
C PHE E 54 -28.32 15.23 -3.41
N ALA E 55 -27.08 14.87 -3.83
CA ALA E 55 -26.42 15.49 -5.02
C ALA E 55 -27.12 15.06 -6.35
N ALA E 56 -27.31 13.74 -6.52
CA ALA E 56 -27.94 13.13 -7.74
C ALA E 56 -29.48 13.31 -7.76
N SER E 57 -30.14 13.25 -6.57
CA SER E 57 -31.63 13.35 -6.45
C SER E 57 -32.17 14.74 -6.85
N GLY E 58 -31.30 15.77 -6.74
CA GLY E 58 -31.68 17.18 -7.05
C GLY E 58 -32.15 17.41 -8.52
N VAL E 59 -31.34 16.93 -9.49
CA VAL E 59 -31.57 17.12 -10.97
C VAL E 59 -32.68 16.23 -11.60
N GLN E 60 -33.04 15.07 -11.01
CA GLN E 60 -34.07 14.12 -11.60
C GLN E 60 -35.35 14.89 -12.10
N THR E 61 -35.63 16.05 -11.47
CA THR E 61 -36.76 16.96 -11.82
C THR E 61 -36.42 17.73 -13.13
N GLY E 62 -35.16 18.16 -13.24
CA GLY E 62 -34.59 18.94 -14.39
C GLY E 62 -35.01 18.42 -15.80
N LEU E 63 -35.25 17.10 -15.90
CA LEU E 63 -35.69 16.42 -17.19
C LEU E 63 -37.05 17.05 -17.65
N PHE E 64 -37.92 17.31 -16.64
CA PHE E 64 -39.27 17.94 -16.82
C PHE E 64 -39.09 19.34 -17.47
N ALA E 65 -37.98 20.05 -17.08
CA ALA E 65 -37.67 21.41 -17.60
C ALA E 65 -37.51 21.40 -19.15
N ARG E 66 -36.87 20.31 -19.77
CA ARG E 66 -36.71 20.24 -21.27
C ARG E 66 -38.12 20.23 -21.91
N LEU E 67 -39.06 19.43 -21.30
CA LEU E 67 -40.49 19.36 -21.80
C LEU E 67 -41.21 20.76 -21.69
N THR E 68 -40.98 21.46 -20.53
CA THR E 68 -41.60 22.78 -20.21
C THR E 68 -41.23 23.95 -21.18
N TRP E 69 -39.92 24.03 -21.62
CA TRP E 69 -39.39 25.14 -22.48
C TRP E 69 -38.88 24.65 -23.83
N TRP E 70 -39.61 23.68 -24.42
CA TRP E 70 -39.28 23.04 -25.74
C TRP E 70 -38.96 24.11 -26.87
N GLU E 71 -39.39 25.40 -26.68
CA GLU E 71 -39.22 26.50 -27.69
C GLU E 71 -37.81 27.18 -27.68
N TYR E 72 -37.03 27.10 -26.54
CA TYR E 72 -35.67 27.72 -26.44
C TYR E 72 -34.72 27.18 -27.58
N SER E 73 -34.70 25.84 -27.72
CA SER E 73 -33.93 25.11 -28.76
C SER E 73 -34.46 23.65 -28.74
N TRP E 74 -33.76 22.76 -27.98
CA TRP E 74 -34.11 21.33 -27.69
C TRP E 74 -32.82 20.53 -27.42
N ASP E 75 -31.80 20.78 -28.26
CA ASP E 75 -30.46 20.18 -28.20
C ASP E 75 -29.81 20.64 -26.85
N ILE E 76 -30.19 19.93 -25.77
CA ILE E 76 -29.82 20.24 -24.36
C ILE E 76 -29.70 18.88 -23.63
N VAL E 77 -29.99 17.74 -24.35
CA VAL E 77 -30.00 16.39 -23.74
C VAL E 77 -28.65 16.00 -23.10
N GLU E 78 -28.65 14.82 -22.49
CA GLU E 78 -27.49 14.19 -21.79
C GLU E 78 -27.00 14.90 -20.41
N PRO E 79 -27.76 15.82 -19.68
CA PRO E 79 -27.23 16.44 -18.35
C PRO E 79 -26.97 15.44 -17.17
N VAL E 80 -27.94 14.51 -17.03
CA VAL E 80 -28.04 13.58 -15.86
C VAL E 80 -26.82 12.66 -15.60
N THR E 81 -26.15 12.05 -16.63
CA THR E 81 -24.99 11.14 -16.32
C THR E 81 -23.79 11.85 -15.59
N TYR E 82 -23.34 13.13 -15.97
CA TYR E 82 -22.19 13.78 -15.23
C TYR E 82 -22.59 13.95 -13.74
N PHE E 83 -23.87 14.34 -13.45
CA PHE E 83 -24.33 14.43 -12.01
C PHE E 83 -24.21 12.99 -11.36
N ALA E 84 -24.57 11.93 -12.15
CA ALA E 84 -24.46 10.51 -11.70
C ALA E 84 -22.96 10.18 -11.37
N THR E 85 -21.99 10.70 -12.21
CA THR E 85 -20.50 10.49 -11.97
C THR E 85 -20.11 11.06 -10.58
N TYR E 86 -20.76 12.19 -10.17
CA TYR E 86 -20.46 12.86 -8.84
C TYR E 86 -20.74 11.79 -7.70
N SER E 87 -21.87 11.03 -7.83
CA SER E 87 -22.19 9.90 -6.88
C SER E 87 -21.10 8.76 -6.93
N THR E 88 -20.60 8.43 -8.16
CA THR E 88 -19.57 7.36 -8.35
C THR E 88 -18.25 7.67 -7.61
N VAL E 89 -17.79 8.98 -7.61
CA VAL E 89 -16.52 9.37 -6.90
C VAL E 89 -16.67 8.96 -5.41
N ALA E 90 -17.91 9.12 -4.86
CA ALA E 90 -18.20 8.74 -3.43
C ALA E 90 -17.89 7.22 -3.21
N ALA E 91 -18.24 6.33 -4.23
CA ALA E 91 -17.89 4.84 -4.13
C ALA E 91 -16.35 4.69 -3.99
N THR E 92 -15.64 5.53 -4.79
CA THR E 92 -14.16 5.64 -4.85
C THR E 92 -13.55 6.09 -3.48
N PHE E 93 -14.23 7.03 -2.69
CA PHE E 93 -13.67 7.55 -1.39
C PHE E 93 -13.42 6.32 -0.44
N GLY E 94 -14.35 5.36 -0.53
CA GLY E 94 -14.39 4.12 0.29
C GLY E 94 -13.10 3.25 0.40
N TYR E 95 -12.15 3.34 -0.57
CA TYR E 95 -10.89 2.48 -0.56
C TYR E 95 -10.09 2.47 0.82
N TYR E 96 -9.68 3.66 1.26
CA TYR E 96 -8.84 3.93 2.45
C TYR E 96 -9.62 3.89 3.80
N LEU E 97 -10.89 4.43 3.86
CA LEU E 97 -11.72 4.46 5.13
C LEU E 97 -12.38 3.10 5.44
N TYR E 98 -12.42 2.20 4.42
CA TYR E 98 -13.14 0.86 4.47
C TYR E 98 -13.02 0.12 5.85
N THR E 99 -11.77 -0.23 6.32
CA THR E 99 -11.61 -0.94 7.64
C THR E 99 -11.96 0.01 8.85
N GLN E 100 -11.47 1.28 8.79
CA GLN E 100 -11.67 2.36 9.83
C GLN E 100 -13.15 2.57 10.29
N GLN E 101 -14.14 2.25 9.41
CA GLN E 101 -15.61 2.55 9.66
C GLN E 101 -16.10 2.15 11.09
N SER E 102 -15.48 1.11 11.67
CA SER E 102 -15.80 0.62 13.05
C SER E 102 -15.37 1.67 14.12
N PHE E 103 -14.32 2.50 13.79
CA PHE E 103 -13.76 3.55 14.72
C PHE E 103 -14.86 4.47 15.35
N GLU E 104 -15.98 4.65 14.63
CA GLU E 104 -17.12 5.53 15.03
C GLU E 104 -17.81 5.14 16.41
N TYR E 105 -18.18 3.84 16.59
CA TYR E 105 -18.96 3.37 17.83
C TYR E 105 -18.11 3.45 19.18
N PRO E 106 -16.85 2.92 19.28
CA PRO E 106 -16.01 2.98 20.58
C PRO E 106 -15.93 4.38 21.23
N SER E 107 -16.11 5.43 20.40
CA SER E 107 -16.04 6.87 20.84
C SER E 107 -16.95 7.14 22.10
N ALA E 108 -16.51 8.12 22.95
CA ALA E 108 -17.24 8.51 24.19
C ALA E 108 -18.62 9.18 23.86
N ARG E 109 -19.74 8.48 24.20
CA ARG E 109 -21.13 8.98 23.95
C ARG E 109 -21.41 10.24 24.82
N GLU E 110 -21.32 10.06 26.16
CA GLU E 110 -21.54 11.13 27.17
C GLU E 110 -21.02 10.62 28.55
N ARG E 111 -21.06 9.28 28.76
CA ARG E 111 -20.63 8.60 30.02
C ARG E 111 -19.08 8.76 30.20
N VAL E 112 -18.65 9.51 31.27
CA VAL E 112 -17.20 9.74 31.59
C VAL E 112 -16.50 8.42 31.99
N TYR E 113 -15.17 8.48 32.25
CA TYR E 113 -14.32 7.31 32.64
C TYR E 113 -14.30 6.22 31.52
N THR E 114 -13.24 5.36 31.52
CA THR E 114 -13.07 4.26 30.51
C THR E 114 -14.15 3.17 30.66
N LYS E 115 -14.18 2.21 29.70
CA LYS E 115 -15.15 1.07 29.66
C LYS E 115 -14.44 -0.15 29.01
N GLN E 116 -14.96 -0.68 27.85
CA GLN E 116 -14.38 -1.85 27.13
C GLN E 116 -12.87 -1.58 26.76
N PHE E 117 -12.65 -0.70 25.76
CA PHE E 117 -11.31 -0.26 25.26
C PHE E 117 -10.50 -1.42 24.58
N TYR E 118 -10.63 -2.69 25.09
CA TYR E 118 -9.93 -3.89 24.51
C TYR E 118 -10.63 -5.17 25.03
N ARG E 119 -10.60 -6.28 24.23
CA ARG E 119 -11.25 -7.59 24.58
C ARG E 119 -12.78 -7.35 24.81
N ARG E 120 -13.61 -7.57 23.76
CA ARG E 120 -15.09 -7.33 23.82
C ARG E 120 -15.79 -8.02 22.61
N ALA E 121 -16.11 -7.24 21.52
CA ALA E 121 -16.82 -7.75 20.34
C ALA E 121 -16.53 -6.89 19.06
N GLN E 122 -17.10 -5.65 19.02
CA GLN E 122 -17.00 -4.71 17.85
C GLN E 122 -15.66 -3.89 17.83
N LYS E 123 -14.99 -3.85 16.63
CA LYS E 123 -13.72 -3.08 16.36
C LYS E 123 -13.36 -3.25 14.84
N GLN E 124 -12.23 -2.62 14.42
CA GLN E 124 -11.69 -2.65 13.02
C GLN E 124 -11.08 -4.07 12.70
N ASN E 125 -11.06 -4.54 11.39
CA ASN E 125 -10.40 -5.86 11.02
C ASN E 125 -10.59 -6.24 9.50
N PHE E 126 -9.48 -6.12 8.73
CA PHE E 126 -9.32 -6.48 7.30
C PHE E 126 -8.04 -5.71 6.82
N ASP E 127 -6.90 -6.44 6.75
CA ASP E 127 -5.57 -5.95 6.28
C ASP E 127 -4.77 -5.01 7.27
N ILE E 128 -5.40 -3.94 7.92
CA ILE E 128 -4.59 -3.03 8.86
C ILE E 128 -4.22 -3.84 10.15
N GLU E 129 -5.23 -4.50 10.77
CA GLU E 129 -5.05 -5.30 12.04
C GLU E 129 -4.22 -6.59 11.81
N LYS E 130 -4.59 -7.42 10.78
CA LYS E 130 -3.92 -8.74 10.54
C LYS E 130 -2.37 -8.61 10.52
N TYR E 131 -1.82 -7.66 9.71
CA TYR E 131 -0.38 -7.37 9.63
C TYR E 131 0.24 -6.86 10.98
N ASN E 132 -0.39 -5.84 11.62
CA ASN E 132 0.19 -5.21 12.86
C ASN E 132 0.13 -6.14 14.08
N ARG E 133 -1.07 -6.65 14.31
CA ARG E 133 -1.37 -7.50 15.52
C ARG E 133 -0.34 -8.67 15.71
N LEU E 134 -0.05 -9.54 14.66
CA LEU E 134 1.03 -10.61 14.89
C LEU E 134 2.43 -9.90 15.06
N VAL E 135 2.77 -8.77 14.27
CA VAL E 135 4.09 -8.04 14.49
C VAL E 135 4.21 -7.71 16.05
N THR E 136 3.06 -7.38 16.72
CA THR E 136 3.00 -7.13 18.23
C THR E 136 3.52 -8.38 19.00
N GLU E 137 3.16 -9.59 18.49
CA GLU E 137 3.65 -10.89 19.08
C GLU E 137 5.22 -10.85 19.14
N VAL E 138 5.87 -10.08 18.17
CA VAL E 138 7.38 -9.90 18.20
C VAL E 138 7.77 -9.21 19.54
N ASP E 139 6.97 -8.17 19.90
CA ASP E 139 7.22 -7.37 21.16
C ASP E 139 7.33 -8.31 22.42
N GLU E 140 6.53 -9.43 22.40
CA GLU E 140 6.54 -10.43 23.51
C GLU E 140 7.90 -11.20 23.46
N LEU E 141 8.45 -11.41 22.23
CA LEU E 141 9.79 -12.08 22.02
C LEU E 141 10.89 -11.18 22.65
N ARG E 142 10.69 -9.82 22.60
CA ARG E 142 11.64 -8.82 23.23
C ARG E 142 11.67 -9.10 24.78
N ASN E 143 10.50 -9.57 25.40
CA ASN E 143 10.49 -9.90 26.88
C ASN E 143 11.30 -11.20 27.21
N GLN E 144 11.09 -12.28 26.37
CA GLN E 144 11.76 -13.61 26.59
C GLN E 144 13.30 -13.50 26.60
N LEU E 145 13.91 -12.83 25.59
CA LEU E 145 15.40 -12.72 25.50
C LEU E 145 16.00 -11.88 26.66
N LYS E 146 15.41 -10.70 27.03
CA LYS E 146 15.97 -9.85 28.15
C LYS E 146 16.25 -10.68 29.45
N ARG E 147 15.27 -11.58 29.89
CA ARG E 147 15.50 -12.42 31.13
C ARG E 147 16.66 -13.42 30.78
N LEU E 148 16.57 -14.09 29.58
CA LEU E 148 17.63 -15.03 29.05
C LEU E 148 19.06 -14.32 29.06
N ARG E 149 19.09 -12.96 28.74
CA ARG E 149 20.37 -12.16 28.64
C ARG E 149 21.17 -12.11 29.97
N ASP E 150 20.48 -12.09 31.16
CA ASP E 150 21.27 -12.10 32.48
C ASP E 150 22.29 -13.37 32.57
N PRO E 151 21.89 -14.69 32.36
CA PRO E 151 22.80 -15.92 32.23
C PRO E 151 24.19 -15.70 31.59
N LEU E 152 25.09 -16.74 31.69
CA LEU E 152 26.45 -16.72 31.16
C LEU E 152 27.11 -17.90 31.89
N GLU E 153 27.45 -18.92 31.13
CA GLU E 153 28.05 -20.20 31.63
C GLU E 153 29.56 -19.97 31.95
N MET A 1 31.72 -42.56 10.96
CA MET A 1 32.29 -43.35 9.83
C MET A 1 31.87 -42.68 8.49
N ALA A 2 30.70 -42.00 8.49
CA ALA A 2 30.14 -41.28 7.32
C ALA A 2 28.97 -40.38 7.82
N ALA A 3 27.89 -41.04 8.33
CA ALA A 3 26.67 -40.37 8.86
C ALA A 3 26.02 -39.41 7.82
N LEU A 4 25.02 -38.60 8.28
CA LEU A 4 24.27 -37.61 7.42
C LEU A 4 25.27 -36.52 6.93
N SER A 5 26.07 -35.98 7.88
CA SER A 5 27.10 -34.94 7.63
C SER A 5 28.11 -34.93 8.82
N VAL A 6 27.74 -34.24 9.94
CA VAL A 6 28.57 -34.13 11.17
C VAL A 6 28.43 -35.46 11.96
N ASP A 7 29.49 -35.85 12.73
CA ASP A 7 29.54 -37.09 13.55
C ASP A 7 28.87 -36.86 14.94
N GLU A 8 27.88 -35.91 14.97
CA GLU A 8 27.13 -35.54 16.22
C GLU A 8 26.27 -36.74 16.73
N TYR A 9 25.90 -36.70 18.05
CA TYR A 9 25.08 -37.75 18.72
C TYR A 9 23.59 -37.63 18.27
N LYS A 10 23.37 -37.81 16.95
CA LYS A 10 22.04 -37.75 16.28
C LYS A 10 21.40 -36.33 16.41
N LEU A 11 20.70 -36.06 17.53
CA LEU A 11 20.02 -34.74 17.80
C LEU A 11 19.00 -34.42 16.65
N SER A 12 17.89 -35.21 16.58
CA SER A 12 16.82 -35.08 15.57
C SER A 12 15.68 -36.01 16.02
N ARG A 13 15.08 -35.62 17.13
CA ARG A 13 13.95 -36.33 17.81
C ARG A 13 12.62 -36.00 17.08
N GLU A 14 12.71 -35.80 15.74
CA GLU A 14 11.59 -35.48 14.82
C GLU A 14 11.00 -34.05 15.07
N LYS A 15 11.11 -33.54 16.33
CA LYS A 15 10.57 -32.19 16.72
C LYS A 15 11.26 -31.06 15.88
N LYS A 16 12.62 -31.18 15.71
CA LYS A 16 13.43 -30.24 14.89
C LYS A 16 12.99 -30.29 13.39
N LEU A 17 12.77 -31.54 12.91
CA LEU A 17 12.33 -31.83 11.51
C LEU A 17 10.94 -31.20 11.21
N LEU A 18 10.01 -31.35 12.19
CA LEU A 18 8.61 -30.82 12.08
C LEU A 18 8.58 -29.27 11.93
N LEU A 19 9.41 -28.55 12.73
CA LEU A 19 9.46 -27.05 12.70
C LEU A 19 9.91 -26.55 11.30
N GLN A 20 10.92 -27.24 10.66
CA GLN A 20 11.34 -26.88 9.25
C GLN A 20 10.10 -27.05 8.33
N LEU A 21 9.34 -28.16 8.60
CA LEU A 21 8.08 -28.50 7.89
C LEU A 21 6.98 -27.39 8.11
N GLU A 22 6.84 -26.82 9.39
CA GLU A 22 5.79 -25.78 9.66
C GLU A 22 6.03 -24.55 8.76
N ASN A 23 7.33 -24.15 8.62
CA ASN A 23 7.73 -22.99 7.76
C ASN A 23 7.33 -23.22 6.27
N ALA A 24 7.54 -24.48 5.76
CA ALA A 24 7.21 -24.85 4.34
C ALA A 24 5.68 -24.68 4.05
N GLU A 25 4.83 -25.11 5.04
CA GLU A 25 3.34 -24.98 4.96
C GLU A 25 2.93 -23.48 4.89
N THR A 26 3.67 -22.64 5.68
CA THR A 26 3.42 -21.17 5.80
C THR A 26 3.56 -20.43 4.43
N LEU A 27 4.56 -20.85 3.59
CA LEU A 27 4.81 -20.22 2.23
C LEU A 27 3.51 -20.37 1.36
N LEU A 28 2.84 -21.54 1.47
CA LEU A 28 1.60 -21.89 0.72
C LEU A 28 1.83 -21.89 -0.82
N ALA A 29 1.93 -23.12 -1.41
CA ALA A 29 2.11 -23.38 -2.85
C ALA A 29 1.07 -24.44 -3.37
N PRO A 30 0.58 -25.45 -2.56
CA PRO A 30 -0.39 -26.50 -3.08
C PRO A 30 -1.84 -26.00 -2.92
N LEU A 31 -2.14 -25.47 -1.72
CA LEU A 31 -3.45 -24.85 -1.39
C LEU A 31 -3.64 -23.65 -2.35
N HIS A 32 -2.51 -22.90 -2.61
CA HIS A 32 -2.52 -21.75 -3.58
C HIS A 32 -2.86 -22.29 -5.02
N ASP A 33 -2.26 -23.49 -5.37
CA ASP A 33 -2.52 -24.21 -6.68
C ASP A 33 -4.03 -24.58 -6.80
N ALA A 34 -4.70 -24.98 -5.65
CA ALA A 34 -6.15 -25.33 -5.66
C ALA A 34 -6.96 -24.08 -6.15
N LYS A 35 -6.52 -22.85 -5.74
CA LYS A 35 -7.15 -21.55 -6.20
C LYS A 35 -7.01 -21.44 -7.78
N ARG A 36 -5.82 -21.85 -8.32
CA ARG A 36 -5.51 -21.83 -9.80
C ARG A 36 -6.48 -22.72 -10.67
N LYS A 37 -6.93 -23.92 -10.15
CA LYS A 37 -7.74 -24.91 -10.98
C LYS A 37 -9.06 -24.31 -11.59
N ILE A 38 -9.80 -23.48 -10.80
CA ILE A 38 -11.09 -22.85 -11.25
C ILE A 38 -10.87 -21.80 -12.38
N GLU A 39 -9.60 -21.61 -12.85
CA GLU A 39 -9.23 -20.59 -13.92
C GLU A 39 -10.30 -20.47 -15.08
N GLN A 40 -11.05 -21.57 -15.34
CA GLN A 40 -12.11 -21.63 -16.40
C GLN A 40 -13.45 -21.05 -15.85
N GLU A 41 -13.75 -21.36 -14.57
CA GLU A 41 -14.99 -20.93 -13.81
C GLU A 41 -14.74 -19.58 -13.07
N ALA A 42 -13.53 -18.99 -13.20
CA ALA A 42 -13.12 -17.70 -12.53
C ALA A 42 -14.08 -16.51 -12.81
N GLU A 43 -15.16 -16.72 -13.62
CA GLU A 43 -16.18 -15.67 -13.95
C GLU A 43 -16.82 -15.02 -12.66
N ALA A 44 -16.50 -15.60 -11.47
CA ALA A 44 -16.97 -15.11 -10.13
C ALA A 44 -16.52 -13.64 -9.87
N HIS A 45 -15.57 -13.15 -10.71
CA HIS A 45 -15.00 -11.77 -10.65
C HIS A 45 -15.78 -10.85 -11.62
N THR A 46 -15.98 -11.35 -12.87
CA THR A 46 -16.69 -10.60 -13.95
C THR A 46 -18.16 -10.27 -13.55
N ASP A 47 -18.82 -11.19 -12.80
CA ASP A 47 -20.23 -11.04 -12.37
C ASP A 47 -20.40 -9.91 -11.29
N ARG A 48 -19.27 -9.52 -10.64
CA ARG A 48 -19.24 -8.46 -9.56
C ARG A 48 -19.00 -7.07 -10.19
N VAL A 49 -18.30 -7.03 -11.35
CA VAL A 49 -18.03 -5.79 -12.12
C VAL A 49 -19.28 -5.53 -13.01
N ALA A 50 -20.11 -6.61 -13.19
CA ALA A 50 -21.38 -6.56 -13.97
C ALA A 50 -22.44 -5.75 -13.20
N TRP A 51 -22.15 -5.40 -11.90
CA TRP A 51 -23.09 -4.56 -11.04
C TRP A 51 -23.47 -3.27 -11.84
N ALA A 52 -22.44 -2.80 -12.58
CA ALA A 52 -22.47 -1.59 -13.42
C ALA A 52 -23.10 -1.87 -14.81
N GLY A 53 -23.27 -3.17 -15.18
CA GLY A 53 -23.84 -3.60 -16.49
C GLY A 53 -25.24 -3.00 -16.77
N PHE A 54 -25.98 -2.66 -15.67
CA PHE A 54 -27.35 -2.06 -15.76
C PHE A 54 -27.28 -0.57 -16.19
N ALA A 55 -26.13 0.10 -15.92
CA ALA A 55 -25.91 1.54 -16.26
C ALA A 55 -25.94 1.78 -17.80
N ALA A 56 -25.17 0.93 -18.54
CA ALA A 56 -25.06 0.98 -20.03
C ALA A 56 -26.32 0.41 -20.72
N SER A 57 -27.07 -0.48 -20.01
CA SER A 57 -28.29 -1.18 -20.55
C SER A 57 -29.43 -0.21 -20.89
N GLY A 58 -29.44 0.97 -20.24
CA GLY A 58 -30.51 1.98 -20.46
C GLY A 58 -30.52 2.55 -21.91
N VAL A 59 -29.36 3.09 -22.34
CA VAL A 59 -29.17 3.76 -23.69
C VAL A 59 -29.02 2.82 -24.94
N GLN A 60 -28.56 1.53 -24.81
CA GLN A 60 -28.33 0.64 -26.02
C GLN A 60 -29.65 0.53 -26.88
N THR A 61 -30.81 0.62 -26.18
CA THR A 61 -32.16 0.62 -26.83
C THR A 61 -32.42 2.02 -27.45
N GLY A 62 -31.84 3.04 -26.79
CA GLY A 62 -31.96 4.48 -27.14
C GLY A 62 -31.46 4.84 -28.55
N LEU A 63 -30.55 4.01 -29.13
CA LEU A 63 -29.98 4.26 -30.50
C LEU A 63 -31.12 4.27 -31.57
N PHE A 64 -32.09 3.35 -31.38
CA PHE A 64 -33.31 3.25 -32.24
C PHE A 64 -34.08 4.61 -32.15
N ALA A 65 -34.09 5.19 -30.91
CA ALA A 65 -34.74 6.50 -30.61
C ALA A 65 -34.14 7.67 -31.45
N ARG A 66 -32.76 7.71 -31.71
CA ARG A 66 -32.16 8.84 -32.54
C ARG A 66 -32.85 8.83 -33.92
N LEU A 67 -33.08 7.58 -34.45
CA LEU A 67 -33.78 7.39 -35.77
C LEU A 67 -35.28 7.93 -35.73
N THR A 68 -36.03 7.68 -34.60
CA THR A 68 -37.48 8.12 -34.47
C THR A 68 -37.67 9.68 -34.52
N TRP A 69 -36.76 10.47 -33.85
CA TRP A 69 -36.86 11.99 -33.75
C TRP A 69 -35.84 12.70 -34.67
N TRP A 70 -35.42 11.99 -35.72
CA TRP A 70 -34.44 12.48 -36.76
C TRP A 70 -35.05 13.73 -37.56
N GLU A 71 -35.35 14.93 -36.91
CA GLU A 71 -35.96 16.09 -37.66
C GLU A 71 -35.77 17.48 -36.98
N TYR A 72 -35.98 17.58 -35.63
CA TYR A 72 -35.90 18.88 -34.90
C TYR A 72 -34.49 19.56 -35.05
N SER A 73 -33.41 18.75 -34.89
CA SER A 73 -31.99 19.27 -34.99
C SER A 73 -30.95 18.12 -35.24
N TRP A 74 -31.09 17.00 -34.48
CA TRP A 74 -30.22 15.76 -34.57
C TRP A 74 -29.00 15.81 -33.61
N ASP A 75 -28.39 17.01 -33.43
CA ASP A 75 -27.23 17.25 -32.56
C ASP A 75 -27.62 16.80 -31.10
N ILE A 76 -27.35 15.52 -30.80
CA ILE A 76 -27.76 14.84 -29.51
C ILE A 76 -26.75 13.67 -29.31
N VAL A 77 -25.70 13.54 -30.20
CA VAL A 77 -24.71 12.43 -30.15
C VAL A 77 -24.04 12.21 -28.76
N GLU A 78 -23.12 11.24 -28.75
CA GLU A 78 -22.34 10.76 -27.58
C GLU A 78 -23.08 10.01 -26.39
N PRO A 79 -24.41 9.65 -26.33
CA PRO A 79 -24.98 8.99 -25.06
C PRO A 79 -24.27 7.64 -24.68
N VAL A 80 -23.97 6.81 -25.69
CA VAL A 80 -23.31 5.48 -25.40
C VAL A 80 -21.89 5.60 -24.73
N THR A 81 -20.98 6.55 -25.22
CA THR A 81 -19.63 6.67 -24.62
C THR A 81 -19.59 7.11 -23.12
N TYR A 82 -20.39 8.15 -22.68
CA TYR A 82 -20.31 8.66 -21.27
C TYR A 82 -20.69 7.56 -20.22
N PHE A 83 -21.77 6.69 -20.47
CA PHE A 83 -22.07 5.53 -19.53
C PHE A 83 -20.87 4.55 -19.55
N ALA A 84 -20.22 4.36 -20.73
CA ALA A 84 -19.02 3.43 -20.83
C ALA A 84 -17.91 3.91 -19.82
N THR A 85 -17.69 5.28 -19.68
CA THR A 85 -16.67 5.83 -18.69
C THR A 85 -17.06 5.38 -17.24
N TYR A 86 -18.38 5.38 -16.95
CA TYR A 86 -18.92 4.95 -15.60
C TYR A 86 -18.51 3.45 -15.31
N SER A 87 -18.61 2.56 -16.35
CA SER A 87 -18.22 1.10 -16.21
C SER A 87 -16.72 0.88 -15.86
N THR A 88 -15.77 1.65 -16.50
CA THR A 88 -14.29 1.53 -16.19
C THR A 88 -14.01 1.91 -14.71
N VAL A 89 -14.74 2.95 -14.11
CA VAL A 89 -14.50 3.30 -12.63
C VAL A 89 -14.76 2.00 -11.80
N ALA A 90 -15.78 1.19 -12.24
CA ALA A 90 -16.15 -0.09 -11.57
C ALA A 90 -14.88 -1.00 -11.55
N ALA A 91 -14.05 -0.93 -12.67
CA ALA A 91 -12.75 -1.68 -12.75
C ALA A 91 -11.84 -1.25 -11.56
N THR A 92 -11.88 0.09 -11.25
CA THR A 92 -11.11 0.70 -10.13
C THR A 92 -11.54 0.08 -8.75
N PHE A 93 -12.88 -0.21 -8.51
CA PHE A 93 -13.36 -0.82 -7.19
C PHE A 93 -12.65 -2.18 -6.96
N GLY A 94 -12.48 -2.91 -8.08
CA GLY A 94 -11.87 -4.24 -8.12
C GLY A 94 -10.56 -4.44 -7.29
N TYR A 95 -9.81 -3.34 -6.96
CA TYR A 95 -8.51 -3.45 -6.18
C TYR A 95 -8.75 -3.94 -4.71
N TYR A 96 -10.02 -3.77 -4.23
CA TYR A 96 -10.43 -4.06 -2.84
C TYR A 96 -10.72 -5.56 -2.60
N LEU A 97 -11.73 -6.06 -3.35
CA LEU A 97 -12.22 -7.47 -3.25
C LEU A 97 -11.29 -8.48 -3.94
N TYR A 98 -10.34 -8.02 -4.79
CA TYR A 98 -9.46 -8.91 -5.66
C TYR A 98 -9.01 -10.24 -4.95
N THR A 99 -8.24 -10.19 -3.80
CA THR A 99 -7.88 -11.48 -3.07
C THR A 99 -9.18 -12.15 -2.46
N GLN A 100 -10.00 -11.36 -1.68
CA GLN A 100 -11.29 -11.85 -1.04
C GLN A 100 -12.28 -12.54 -2.05
N GLN A 101 -12.20 -12.18 -3.36
CA GLN A 101 -13.17 -12.59 -4.43
C GLN A 101 -13.53 -14.10 -4.39
N SER A 102 -12.59 -14.95 -3.92
CA SER A 102 -12.83 -16.42 -3.77
C SER A 102 -14.04 -16.69 -2.82
N PHE A 103 -14.27 -15.74 -1.85
CA PHE A 103 -15.38 -15.84 -0.83
C PHE A 103 -16.81 -15.85 -1.49
N GLU A 104 -16.92 -15.19 -2.67
CA GLU A 104 -18.21 -15.03 -3.43
C GLU A 104 -18.73 -16.36 -4.08
N TYR A 105 -17.79 -17.27 -4.41
CA TYR A 105 -18.07 -18.55 -5.14
C TYR A 105 -19.27 -19.45 -4.58
N PRO A 106 -19.55 -19.60 -3.25
CA PRO A 106 -20.71 -20.49 -2.74
C PRO A 106 -22.10 -19.95 -3.16
N SER A 107 -23.15 -20.49 -2.49
CA SER A 107 -24.58 -20.11 -2.69
C SER A 107 -25.04 -20.27 -4.17
N ALA A 108 -26.33 -19.88 -4.43
CA ALA A 108 -26.99 -19.94 -5.75
C ALA A 108 -27.23 -21.39 -6.27
N ARG A 109 -26.60 -22.41 -5.63
CA ARG A 109 -26.75 -23.85 -6.00
C ARG A 109 -26.18 -24.72 -4.84
N GLU A 110 -26.94 -24.80 -3.71
CA GLU A 110 -26.56 -25.60 -2.50
C GLU A 110 -27.80 -25.72 -1.57
N ARG A 111 -28.35 -24.55 -1.18
CA ARG A 111 -29.52 -24.42 -0.25
C ARG A 111 -29.16 -24.96 1.17
N VAL A 112 -29.89 -24.45 2.21
CA VAL A 112 -29.69 -24.84 3.65
C VAL A 112 -28.26 -24.44 4.14
N TYR A 113 -28.13 -24.07 5.46
CA TYR A 113 -26.84 -23.66 6.09
C TYR A 113 -25.91 -24.92 6.24
N THR A 114 -25.18 -25.27 5.14
CA THR A 114 -24.25 -26.44 5.10
C THR A 114 -23.23 -26.23 3.93
N LYS A 115 -22.19 -25.40 4.20
CA LYS A 115 -21.09 -25.09 3.22
C LYS A 115 -20.12 -26.29 3.16
N GLN A 116 -19.05 -26.16 2.32
CA GLN A 116 -18.00 -27.22 2.15
C GLN A 116 -17.24 -27.43 3.51
N PHE A 117 -15.99 -26.93 3.64
CA PHE A 117 -15.16 -27.01 4.88
C PHE A 117 -14.95 -28.49 5.37
N TYR A 118 -13.66 -28.92 5.52
CA TYR A 118 -13.27 -30.27 5.98
C TYR A 118 -11.77 -30.26 6.33
N ARG A 119 -10.98 -29.44 5.57
CA ARG A 119 -9.51 -29.29 5.75
C ARG A 119 -9.04 -28.00 5.02
N ARG A 120 -10.02 -27.16 4.52
CA ARG A 120 -9.72 -25.87 3.81
C ARG A 120 -8.95 -24.88 4.75
N ALA A 121 -7.60 -25.03 4.84
CA ALA A 121 -6.72 -24.17 5.67
C ALA A 121 -6.68 -22.74 5.06
N GLN A 122 -6.68 -22.68 3.69
CA GLN A 122 -6.68 -21.41 2.91
C GLN A 122 -6.98 -21.77 1.41
N LYS A 123 -7.57 -20.82 0.65
CA LYS A 123 -7.90 -20.97 -0.80
C LYS A 123 -8.18 -19.54 -1.33
N GLN A 124 -7.15 -18.68 -1.14
CA GLN A 124 -7.13 -17.23 -1.49
C GLN A 124 -5.84 -16.96 -2.34
N ASN A 125 -5.18 -15.76 -2.14
CA ASN A 125 -3.88 -15.30 -2.76
C ASN A 125 -3.99 -14.22 -3.88
N PHE A 126 -2.92 -13.37 -3.85
CA PHE A 126 -2.58 -12.25 -4.75
C PHE A 126 -1.59 -11.35 -3.91
N ASP A 127 -1.85 -11.17 -2.55
CA ASP A 127 -0.95 -10.37 -1.64
C ASP A 127 -1.39 -10.37 -0.13
N ILE A 128 -2.73 -10.52 0.25
CA ILE A 128 -3.15 -10.46 1.73
C ILE A 128 -2.60 -11.74 2.50
N GLU A 129 -2.82 -13.00 1.97
CA GLU A 129 -2.36 -14.27 2.67
C GLU A 129 -0.81 -14.32 2.83
N LYS A 130 -0.09 -13.90 1.75
CA LYS A 130 1.40 -13.91 1.69
C LYS A 130 2.06 -13.01 2.80
N TYR A 131 1.61 -11.73 2.93
CA TYR A 131 2.18 -10.77 3.92
C TYR A 131 1.93 -11.19 5.41
N ASN A 132 0.65 -11.50 5.76
CA ASN A 132 0.28 -11.81 7.20
C ASN A 132 0.83 -13.15 7.68
N ARG A 133 0.50 -14.18 6.92
CA ARG A 133 0.85 -15.60 7.28
C ARG A 133 2.40 -15.81 7.41
N LEU A 134 3.17 -15.22 6.46
CA LEU A 134 4.66 -15.36 6.46
C LEU A 134 5.30 -14.65 7.72
N VAL A 135 4.97 -13.33 8.00
CA VAL A 135 5.56 -12.66 9.21
C VAL A 135 5.23 -13.54 10.49
N THR A 136 4.06 -14.29 10.45
CA THR A 136 3.67 -15.21 11.58
C THR A 136 4.77 -16.29 11.79
N GLU A 137 5.50 -16.66 10.68
CA GLU A 137 6.69 -17.63 10.80
C GLU A 137 7.65 -17.04 11.89
N VAL A 138 7.75 -15.68 11.90
CA VAL A 138 8.60 -14.98 12.94
C VAL A 138 8.01 -15.24 14.38
N ASP A 139 6.65 -15.26 14.50
CA ASP A 139 5.98 -15.55 15.82
C ASP A 139 6.44 -16.97 16.37
N GLU A 140 6.80 -17.90 15.42
CA GLU A 140 7.31 -19.25 15.81
C GLU A 140 8.68 -19.04 16.54
N LEU A 141 9.43 -17.89 16.19
CA LEU A 141 10.71 -17.52 16.97
C LEU A 141 10.34 -17.53 18.48
N ARG A 142 9.21 -16.84 18.78
CA ARG A 142 8.72 -16.67 20.20
C ARG A 142 8.59 -18.06 20.91
N ASN A 143 8.13 -19.18 20.19
CA ASN A 143 7.99 -20.51 20.91
C ASN A 143 9.37 -21.18 21.25
N GLN A 144 10.33 -21.11 20.30
CA GLN A 144 11.67 -21.78 20.45
C GLN A 144 12.57 -21.11 21.55
N LEU A 145 12.72 -19.76 21.46
CA LEU A 145 13.55 -18.95 22.44
C LEU A 145 12.99 -19.11 23.88
N LYS A 146 11.65 -19.11 23.99
CA LYS A 146 10.92 -19.30 25.27
C LYS A 146 11.42 -20.60 26.02
N ARG A 147 11.59 -21.80 25.31
CA ARG A 147 12.13 -22.99 26.05
C ARG A 147 13.61 -22.69 26.49
N LEU A 148 14.51 -22.11 25.58
CA LEU A 148 15.95 -21.74 25.98
C LEU A 148 16.02 -20.91 27.31
N ARG A 149 14.98 -20.10 27.63
CA ARG A 149 14.98 -19.27 28.89
C ARG A 149 14.94 -20.24 30.12
N ASP A 150 14.23 -21.40 30.00
CA ASP A 150 14.13 -22.38 31.17
C ASP A 150 15.54 -22.97 31.72
N PRO A 151 16.50 -23.57 30.90
CA PRO A 151 17.87 -24.04 31.43
C PRO A 151 18.75 -22.80 31.81
N LEU A 152 19.94 -22.58 31.14
CA LEU A 152 20.85 -21.44 31.34
C LEU A 152 21.94 -21.55 30.20
N GLU A 153 21.61 -20.96 29.06
CA GLU A 153 22.47 -20.94 27.83
C GLU A 153 23.87 -20.31 28.15
N MET B 1 48.26 -15.18 -1.68
CA MET B 1 47.22 -16.24 -1.90
C MET B 1 46.58 -16.00 -3.30
N ALA B 2 46.41 -14.69 -3.66
CA ALA B 2 45.81 -14.24 -4.95
C ALA B 2 44.34 -14.77 -5.12
N ALA B 3 44.21 -16.06 -5.56
CA ALA B 3 42.90 -16.73 -5.78
C ALA B 3 42.20 -17.01 -4.42
N LEU B 4 40.92 -17.47 -4.48
CA LEU B 4 40.07 -17.78 -3.27
C LEU B 4 39.93 -16.52 -2.36
N SER B 5 39.17 -16.68 -1.24
CA SER B 5 38.90 -15.59 -0.24
C SER B 5 40.23 -15.08 0.41
N VAL B 6 40.62 -13.81 0.10
CA VAL B 6 41.86 -13.16 0.63
C VAL B 6 41.67 -12.83 2.15
N ASP B 7 40.90 -11.74 2.44
CA ASP B 7 40.62 -11.26 3.84
C ASP B 7 39.62 -12.22 4.55
N GLU B 8 40.06 -12.87 5.67
CA GLU B 8 39.21 -13.80 6.48
C GLU B 8 39.99 -14.15 7.79
N TYR B 9 39.24 -14.31 8.93
CA TYR B 9 39.82 -14.67 10.27
C TYR B 9 40.20 -16.17 10.27
N LYS B 10 40.60 -16.71 11.47
CA LYS B 10 40.99 -18.15 11.65
C LYS B 10 39.74 -19.05 11.40
N LEU B 11 38.57 -18.62 11.97
CA LEU B 11 37.27 -19.34 11.80
C LEU B 11 36.69 -19.02 10.39
N SER B 12 35.42 -19.42 10.16
CA SER B 12 34.70 -19.21 8.87
C SER B 12 35.36 -20.03 7.75
N ARG B 13 35.38 -21.34 8.00
CA ARG B 13 35.96 -22.38 7.11
C ARG B 13 35.18 -22.44 5.78
N GLU B 14 33.82 -22.55 5.90
CA GLU B 14 32.88 -22.61 4.74
C GLU B 14 31.40 -22.47 5.23
N LYS B 15 31.07 -23.14 6.37
CA LYS B 15 29.66 -23.16 6.91
C LYS B 15 29.08 -21.75 7.28
N LYS B 16 29.89 -20.84 7.94
CA LYS B 16 29.39 -19.47 8.31
C LYS B 16 29.02 -18.67 7.02
N LEU B 17 29.89 -18.80 5.99
CA LEU B 17 29.72 -18.13 4.66
C LEU B 17 28.40 -18.60 3.99
N LEU B 18 28.08 -19.93 4.10
CA LEU B 18 26.85 -20.52 3.46
C LEU B 18 25.53 -19.86 4.02
N LEU B 19 25.42 -19.63 5.38
CA LEU B 19 24.19 -18.94 5.97
C LEU B 19 24.09 -17.48 5.41
N GLN B 20 25.27 -16.78 5.35
CA GLN B 20 25.38 -15.39 4.83
C GLN B 20 24.97 -15.36 3.33
N LEU B 21 25.39 -16.41 2.56
CA LEU B 21 25.06 -16.57 1.12
C LEU B 21 23.52 -16.69 0.90
N GLU B 22 22.77 -17.43 1.82
CA GLU B 22 21.30 -17.63 1.65
C GLU B 22 20.59 -16.26 1.70
N ASN B 23 21.06 -15.39 2.65
CA ASN B 23 20.52 -14.00 2.81
C ASN B 23 20.77 -13.16 1.52
N ALA B 24 21.99 -13.32 0.91
CA ALA B 24 22.38 -12.59 -0.35
C ALA B 24 21.43 -12.99 -1.52
N GLU B 25 21.07 -14.32 -1.63
CA GLU B 25 20.14 -14.84 -2.70
C GLU B 25 18.74 -14.18 -2.60
N THR B 26 18.25 -14.04 -1.33
CA THR B 26 16.90 -13.46 -1.02
C THR B 26 16.77 -11.99 -1.49
N LEU B 27 17.85 -11.20 -1.30
CA LEU B 27 17.89 -9.74 -1.66
C LEU B 27 17.67 -9.51 -3.19
N LEU B 28 18.30 -10.40 -4.04
CA LEU B 28 18.28 -10.34 -5.55
C LEU B 28 17.98 -8.92 -6.14
N ALA B 29 18.87 -7.96 -5.77
CA ALA B 29 18.86 -6.55 -6.22
C ALA B 29 19.39 -6.56 -7.69
N PRO B 30 20.60 -7.16 -7.99
CA PRO B 30 21.12 -7.37 -9.41
C PRO B 30 20.06 -7.42 -10.58
N LEU B 31 19.16 -8.46 -10.54
CA LEU B 31 18.10 -8.64 -11.56
C LEU B 31 17.14 -7.41 -11.57
N HIS B 32 16.78 -6.90 -10.35
CA HIS B 32 15.91 -5.67 -10.22
C HIS B 32 16.67 -4.43 -10.84
N ASP B 33 18.00 -4.36 -10.53
CA ASP B 33 18.93 -3.30 -11.05
C ASP B 33 19.03 -3.38 -12.61
N ALA B 34 19.07 -4.65 -13.16
CA ALA B 34 19.17 -4.88 -14.63
C ALA B 34 17.93 -4.28 -15.38
N LYS B 35 16.70 -4.43 -14.76
CA LYS B 35 15.44 -3.88 -15.36
C LYS B 35 15.54 -2.33 -15.48
N ARG B 36 16.11 -1.69 -14.41
CA ARG B 36 16.28 -0.20 -14.34
C ARG B 36 17.20 0.35 -15.47
N LYS B 37 18.29 -0.39 -15.82
CA LYS B 37 19.28 0.03 -16.86
C LYS B 37 18.61 0.20 -18.29
N ILE B 38 17.67 -0.73 -18.63
CA ILE B 38 16.94 -0.79 -19.94
C ILE B 38 15.61 0.02 -19.93
N GLU B 39 15.29 0.72 -18.79
CA GLU B 39 14.00 1.49 -18.55
C GLU B 39 13.16 1.90 -19.82
N GLN B 40 13.83 2.28 -20.94
CA GLN B 40 13.17 2.68 -22.22
C GLN B 40 12.34 1.47 -22.81
N GLU B 41 12.97 0.26 -22.83
CA GLU B 41 12.36 -1.00 -23.37
C GLU B 41 11.39 -1.65 -22.35
N ALA B 42 11.18 -1.03 -21.14
CA ALA B 42 10.25 -1.57 -20.07
C ALA B 42 8.79 -1.75 -20.56
N GLU B 43 8.51 -1.43 -21.85
CA GLU B 43 7.17 -1.57 -22.50
C GLU B 43 6.56 -3.02 -22.35
N ALA B 44 7.35 -3.95 -21.72
CA ALA B 44 6.94 -5.35 -21.46
C ALA B 44 5.55 -5.42 -20.75
N HIS B 45 5.26 -4.38 -19.90
CA HIS B 45 3.98 -4.26 -19.15
C HIS B 45 2.91 -3.55 -20.03
N THR B 46 3.39 -2.55 -20.85
CA THR B 46 2.51 -1.73 -21.74
C THR B 46 1.76 -2.62 -22.77
N ASP B 47 2.24 -3.88 -22.94
CA ASP B 47 1.65 -4.89 -23.86
C ASP B 47 0.18 -5.22 -23.45
N ARG B 48 -0.11 -5.11 -22.12
CA ARG B 48 -1.47 -5.38 -21.53
C ARG B 48 -2.30 -4.07 -21.49
N VAL B 49 -1.65 -2.88 -21.31
CA VAL B 49 -2.35 -1.56 -21.29
C VAL B 49 -2.89 -1.28 -22.72
N ALA B 50 -2.31 -2.01 -23.70
CA ALA B 50 -2.69 -1.93 -25.15
C ALA B 50 -4.18 -2.33 -25.35
N TRP B 51 -4.80 -2.98 -24.31
CA TRP B 51 -6.26 -3.40 -24.36
C TRP B 51 -7.13 -2.15 -24.71
N ALA B 52 -6.63 -0.99 -24.24
CA ALA B 52 -7.26 0.35 -24.40
C ALA B 52 -6.90 1.00 -25.76
N GLY B 53 -5.90 0.44 -26.49
CA GLY B 53 -5.44 0.97 -27.82
C GLY B 53 -6.56 0.88 -28.88
N PHE B 54 -7.45 -0.14 -28.72
CA PHE B 54 -8.60 -0.39 -29.64
C PHE B 54 -9.74 0.65 -29.39
N ALA B 55 -9.86 1.12 -28.12
CA ALA B 55 -10.92 2.09 -27.69
C ALA B 55 -10.80 3.45 -28.44
N ALA B 56 -9.57 4.00 -28.47
CA ALA B 56 -9.25 5.30 -29.12
C ALA B 56 -9.20 5.19 -30.66
N SER B 57 -8.69 4.04 -31.18
CA SER B 57 -8.53 3.80 -32.65
C SER B 57 -9.86 3.82 -33.42
N GLY B 58 -10.98 3.55 -32.70
CA GLY B 58 -12.34 3.52 -33.30
C GLY B 58 -12.76 4.83 -34.02
N VAL B 59 -12.67 5.97 -33.29
CA VAL B 59 -13.08 7.34 -33.79
C VAL B 59 -12.04 8.02 -34.75
N GLN B 60 -10.72 7.64 -34.70
CA GLN B 60 -9.65 8.29 -35.58
C GLN B 60 -10.10 8.35 -37.08
N THR B 61 -10.72 7.25 -37.58
CA THR B 61 -11.26 7.16 -38.98
C THR B 61 -12.59 7.94 -39.09
N GLY B 62 -13.29 8.12 -37.93
CA GLY B 62 -14.60 8.79 -37.81
C GLY B 62 -14.58 10.29 -38.18
N LEU B 63 -13.41 10.97 -38.04
CA LEU B 63 -13.27 12.44 -38.34
C LEU B 63 -13.60 12.71 -39.85
N PHE B 64 -13.12 11.77 -40.72
CA PHE B 64 -13.33 11.79 -42.19
C PHE B 64 -14.86 11.77 -42.49
N ALA B 65 -15.60 10.97 -41.67
CA ALA B 65 -17.08 10.82 -41.80
C ALA B 65 -17.79 12.20 -41.62
N ARG B 66 -17.30 13.08 -40.64
CA ARG B 66 -17.92 14.43 -40.40
C ARG B 66 -17.83 15.26 -41.71
N LEU B 67 -16.65 15.21 -42.43
CA LEU B 67 -16.49 15.95 -43.73
C LEU B 67 -17.49 15.42 -44.83
N THR B 68 -17.66 14.07 -44.88
CA THR B 68 -18.51 13.35 -45.87
C THR B 68 -20.04 13.71 -45.82
N TRP B 69 -20.63 13.86 -44.57
CA TRP B 69 -22.11 14.10 -44.37
C TRP B 69 -22.43 15.49 -43.79
N TRP B 70 -21.62 16.49 -44.20
CA TRP B 70 -21.76 17.92 -43.77
C TRP B 70 -23.16 18.51 -44.32
N GLU B 71 -24.41 18.02 -43.84
CA GLU B 71 -25.73 18.52 -44.39
C GLU B 71 -26.89 18.58 -43.32
N TYR B 72 -27.16 17.50 -42.51
CA TYR B 72 -28.29 17.47 -41.50
C TYR B 72 -28.45 18.83 -40.73
N SER B 73 -27.32 19.29 -40.17
CA SER B 73 -27.22 20.57 -39.38
C SER B 73 -25.73 20.93 -39.18
N TRP B 74 -25.02 19.88 -38.76
CA TRP B 74 -23.60 19.84 -38.38
C TRP B 74 -23.59 19.68 -36.82
N ASP B 75 -22.73 20.41 -36.07
CA ASP B 75 -22.64 20.38 -34.56
C ASP B 75 -22.70 18.90 -34.00
N ILE B 76 -21.54 18.21 -34.05
CA ILE B 76 -21.35 16.78 -33.65
C ILE B 76 -19.90 16.68 -33.09
N VAL B 77 -19.15 17.84 -33.04
CA VAL B 77 -17.73 17.86 -32.61
C VAL B 77 -17.53 17.38 -31.16
N GLU B 78 -16.26 17.50 -30.70
CA GLU B 78 -15.81 17.08 -29.35
C GLU B 78 -15.58 15.50 -29.14
N PRO B 79 -15.85 14.49 -30.07
CA PRO B 79 -15.69 13.00 -29.69
C PRO B 79 -14.28 12.50 -29.25
N VAL B 80 -13.22 12.95 -29.97
CA VAL B 80 -11.84 12.42 -29.73
C VAL B 80 -11.27 12.63 -28.29
N THR B 81 -11.44 13.84 -27.62
CA THR B 81 -10.87 14.00 -26.24
C THR B 81 -11.51 13.04 -25.18
N TYR B 82 -12.90 12.86 -25.16
CA TYR B 82 -13.54 11.98 -24.14
C TYR B 82 -13.04 10.51 -24.27
N PHE B 83 -12.88 9.98 -25.53
CA PHE B 83 -12.32 8.60 -25.76
C PHE B 83 -10.85 8.52 -25.22
N ALA B 84 -10.03 9.59 -25.42
CA ALA B 84 -8.61 9.63 -24.93
C ALA B 84 -8.59 9.51 -23.37
N THR B 85 -9.55 10.22 -22.73
CA THR B 85 -9.76 10.25 -21.24
C THR B 85 -10.09 8.80 -20.72
N TYR B 86 -10.91 8.03 -21.52
CA TYR B 86 -11.28 6.61 -21.18
C TYR B 86 -9.95 5.80 -21.06
N SER B 87 -9.02 6.09 -21.99
CA SER B 87 -7.65 5.47 -22.00
C SER B 87 -6.84 5.82 -20.69
N THR B 88 -6.91 7.12 -20.19
CA THR B 88 -6.14 7.53 -18.95
C THR B 88 -6.58 6.70 -17.68
N VAL B 89 -7.92 6.44 -17.48
CA VAL B 89 -8.39 5.55 -16.32
C VAL B 89 -7.70 4.16 -16.52
N ALA B 90 -7.54 3.71 -17.80
CA ALA B 90 -6.80 2.42 -18.09
C ALA B 90 -5.36 2.52 -17.49
N ALA B 91 -4.73 3.75 -17.54
CA ALA B 91 -3.34 3.99 -16.97
C ALA B 91 -3.33 3.62 -15.46
N THR B 92 -4.44 4.02 -14.75
CA THR B 92 -4.65 3.74 -13.30
C THR B 92 -4.70 2.22 -13.05
N PHE B 93 -5.34 1.41 -13.97
CA PHE B 93 -5.45 -0.09 -13.78
C PHE B 93 -4.01 -0.69 -13.63
N GLY B 94 -3.08 -0.07 -14.39
CA GLY B 94 -1.64 -0.42 -14.44
C GLY B 94 -0.97 -0.76 -13.07
N TYR B 95 -1.41 -0.10 -11.95
CA TYR B 95 -0.80 -0.33 -10.58
C TYR B 95 -0.78 -1.84 -10.16
N TYR B 96 -1.73 -2.64 -10.72
CA TYR B 96 -1.88 -4.08 -10.42
C TYR B 96 -0.84 -4.83 -11.27
N LEU B 97 -1.02 -4.65 -12.60
CA LEU B 97 -0.15 -5.25 -13.66
C LEU B 97 1.37 -4.87 -13.49
N TYR B 98 1.71 -3.77 -12.70
CA TYR B 98 3.13 -3.26 -12.68
C TYR B 98 4.19 -4.30 -12.16
N THR B 99 4.14 -4.72 -10.84
CA THR B 99 5.09 -5.77 -10.32
C THR B 99 4.71 -7.19 -10.86
N GLN B 100 3.38 -7.52 -10.86
CA GLN B 100 2.86 -8.87 -11.31
C GLN B 100 3.46 -9.31 -12.70
N GLN B 101 3.83 -8.33 -13.56
CA GLN B 101 4.42 -8.58 -14.93
C GLN B 101 5.56 -9.65 -14.87
N SER B 102 6.25 -9.72 -13.71
CA SER B 102 7.35 -10.70 -13.46
C SER B 102 6.84 -12.17 -13.42
N PHE B 103 5.58 -12.40 -12.91
CA PHE B 103 4.97 -13.78 -12.80
C PHE B 103 4.62 -14.33 -14.21
N GLU B 104 4.31 -13.43 -15.17
CA GLU B 104 3.89 -13.80 -16.56
C GLU B 104 5.09 -14.38 -17.42
N TYR B 105 6.27 -13.67 -17.41
CA TYR B 105 7.47 -14.04 -18.27
C TYR B 105 7.90 -15.58 -18.17
N PRO B 106 8.11 -16.20 -16.96
CA PRO B 106 8.51 -17.68 -16.83
C PRO B 106 7.74 -18.66 -17.79
N SER B 107 6.39 -18.50 -17.86
CA SER B 107 5.50 -19.34 -18.73
C SER B 107 5.77 -19.05 -20.23
N ALA B 108 5.75 -17.75 -20.59
CA ALA B 108 6.00 -17.25 -21.99
C ALA B 108 7.50 -17.47 -22.36
N ARG B 109 7.83 -17.48 -23.69
CA ARG B 109 9.21 -17.71 -24.22
C ARG B 109 10.30 -16.85 -23.47
N GLU B 110 11.58 -17.33 -23.49
CA GLU B 110 12.75 -16.67 -22.86
C GLU B 110 14.05 -17.36 -23.35
N ARG B 111 13.91 -18.63 -23.85
CA ARG B 111 15.03 -19.47 -24.37
C ARG B 111 16.07 -19.79 -23.26
N VAL B 112 16.75 -20.97 -23.36
CA VAL B 112 17.79 -21.47 -22.40
C VAL B 112 19.05 -21.90 -23.19
N TYR B 113 20.18 -22.10 -22.47
CA TYR B 113 21.50 -22.51 -23.04
C TYR B 113 22.01 -21.47 -24.08
N THR B 114 21.60 -20.19 -23.87
CA THR B 114 21.96 -19.03 -24.75
C THR B 114 21.75 -17.73 -23.92
N LYS B 115 22.85 -17.20 -23.31
CA LYS B 115 22.83 -15.96 -22.48
C LYS B 115 22.32 -14.72 -23.29
N GLN B 116 22.10 -13.60 -22.57
CA GLN B 116 21.60 -12.30 -23.11
C GLN B 116 20.12 -12.41 -23.57
N PHE B 117 19.77 -13.51 -24.29
CA PHE B 117 18.40 -13.78 -24.82
C PHE B 117 17.97 -12.71 -25.87
N TYR B 118 16.81 -12.96 -26.54
CA TYR B 118 16.26 -12.05 -27.58
C TYR B 118 15.66 -10.75 -26.91
N ARG B 119 14.45 -10.89 -26.30
CA ARG B 119 13.70 -9.78 -25.64
C ARG B 119 14.38 -9.31 -24.33
N ARG B 120 15.48 -10.00 -23.91
CA ARG B 120 16.24 -9.69 -22.66
C ARG B 120 15.31 -9.82 -21.41
N ALA B 121 15.08 -11.07 -20.94
CA ALA B 121 14.20 -11.41 -19.79
C ALA B 121 14.93 -11.10 -18.44
N GLN B 122 14.15 -10.68 -17.40
CA GLN B 122 14.62 -10.39 -16.03
C GLN B 122 13.38 -10.11 -15.14
N LYS B 123 13.50 -10.39 -13.81
CA LYS B 123 12.40 -10.19 -12.81
C LYS B 123 12.38 -8.69 -12.41
N GLN B 124 11.17 -8.03 -12.46
CA GLN B 124 11.00 -6.58 -12.08
C GLN B 124 11.32 -6.38 -10.55
N ASN B 125 10.30 -6.61 -9.67
CA ASN B 125 10.42 -6.52 -8.18
C ASN B 125 10.86 -5.10 -7.70
N PHE B 126 10.05 -4.41 -6.83
CA PHE B 126 10.44 -3.07 -6.28
C PHE B 126 9.62 -2.72 -4.99
N ASP B 127 8.33 -3.21 -4.85
CA ASP B 127 7.45 -2.93 -3.63
C ASP B 127 6.66 -4.19 -3.13
N ILE B 128 5.96 -5.00 -4.02
CA ILE B 128 5.18 -6.23 -3.55
C ILE B 128 6.23 -7.30 -3.10
N GLU B 129 7.18 -7.53 -4.01
CA GLU B 129 8.32 -8.49 -3.85
C GLU B 129 9.31 -8.06 -2.72
N LYS B 130 9.68 -6.76 -2.70
CA LYS B 130 10.66 -6.19 -1.70
C LYS B 130 10.29 -6.57 -0.22
N TYR B 131 9.01 -6.34 0.17
CA TYR B 131 8.48 -6.60 1.51
C TYR B 131 8.33 -8.12 1.84
N ASN B 132 7.67 -8.95 0.95
CA ASN B 132 7.45 -10.42 1.30
C ASN B 132 8.78 -11.19 1.29
N ARG B 133 9.48 -11.02 0.18
CA ARG B 133 10.79 -11.74 -0.07
C ARG B 133 11.83 -11.49 1.09
N LEU B 134 12.05 -10.19 1.44
CA LEU B 134 13.03 -9.82 2.50
C LEU B 134 12.59 -10.37 3.91
N VAL B 135 11.32 -10.14 4.39
CA VAL B 135 10.90 -10.71 5.73
C VAL B 135 11.28 -12.29 5.76
N THR B 136 11.31 -13.03 4.54
CA THR B 136 11.77 -14.51 4.49
C THR B 136 13.21 -14.59 5.07
N GLU B 137 14.04 -13.54 4.80
CA GLU B 137 15.46 -13.46 5.34
C GLU B 137 15.43 -13.75 6.88
N VAL B 138 14.33 -13.23 7.51
CA VAL B 138 14.08 -13.49 8.99
C VAL B 138 13.90 -15.02 9.22
N ASP B 139 13.24 -15.73 8.24
CA ASP B 139 13.00 -17.24 8.33
C ASP B 139 14.33 -17.99 8.61
N GLU B 140 15.45 -17.50 7.96
CA GLU B 140 16.81 -18.12 8.17
C GLU B 140 17.17 -17.98 9.66
N LEU B 141 16.71 -16.86 10.29
CA LEU B 141 16.94 -16.64 11.78
C LEU B 141 16.27 -17.82 12.58
N ARG B 142 15.03 -18.23 12.15
CA ARG B 142 14.28 -19.38 12.82
C ARG B 142 15.14 -20.68 12.70
N ASN B 143 15.97 -20.83 11.60
CA ASN B 143 16.83 -22.07 11.46
C ASN B 143 18.03 -22.09 12.48
N GLN B 144 18.75 -20.93 12.65
CA GLN B 144 19.95 -20.87 13.54
C GLN B 144 19.60 -21.09 15.05
N LEU B 145 18.59 -20.33 15.61
CA LEU B 145 18.14 -20.49 17.05
C LEU B 145 17.65 -21.94 17.30
N LYS B 146 16.86 -22.53 16.37
CA LYS B 146 16.31 -23.92 16.52
C LYS B 146 17.44 -24.92 16.93
N ARG B 147 18.66 -24.85 16.27
CA ARG B 147 19.74 -25.78 16.67
C ARG B 147 20.17 -25.45 18.14
N LEU B 148 20.37 -24.13 18.54
CA LEU B 148 20.74 -23.79 19.99
C LEU B 148 19.80 -24.48 21.04
N ARG B 149 18.48 -24.57 20.76
CA ARG B 149 17.47 -25.17 21.70
C ARG B 149 17.71 -26.72 21.87
N ASP B 150 18.25 -27.43 20.83
CA ASP B 150 18.46 -28.95 20.93
C ASP B 150 19.64 -29.46 21.94
N PRO B 151 20.94 -29.01 21.93
CA PRO B 151 22.02 -29.53 22.92
C PRO B 151 21.63 -29.54 24.43
N LEU B 152 21.36 -28.33 25.05
CA LEU B 152 21.02 -28.23 26.52
C LEU B 152 19.60 -28.86 26.75
N GLU B 153 18.57 -28.04 26.51
CA GLU B 153 17.11 -28.41 26.61
C GLU B 153 16.31 -27.53 25.61
N MET C 1 51.74 9.07 17.48
CA MET C 1 51.35 7.94 18.39
C MET C 1 49.83 8.01 18.68
N ALA C 2 49.05 8.51 17.68
CA ALA C 2 47.57 8.65 17.77
C ALA C 2 46.99 8.93 16.36
N ALA C 3 45.63 8.94 16.25
CA ALA C 3 44.89 9.18 14.99
C ALA C 3 43.38 9.41 15.31
N LEU C 4 42.91 8.79 16.42
CA LEU C 4 41.49 8.87 16.90
C LEU C 4 40.48 8.31 15.85
N SER C 5 41.01 7.58 14.83
CA SER C 5 40.19 6.95 13.74
C SER C 5 39.38 5.76 14.32
N VAL C 6 38.83 4.89 13.42
CA VAL C 6 38.02 3.68 13.78
C VAL C 6 38.44 2.51 12.83
N ASP C 7 38.36 1.24 13.34
CA ASP C 7 38.70 0.02 12.57
C ASP C 7 40.16 0.05 12.02
N GLU C 8 41.10 0.58 12.85
CA GLU C 8 42.55 0.70 12.51
C GLU C 8 43.35 0.99 13.82
N TYR C 9 44.58 0.42 13.92
CA TYR C 9 45.51 0.59 15.08
C TYR C 9 44.90 -0.01 16.39
N LYS C 10 43.87 0.71 16.94
CA LYS C 10 43.14 0.33 18.19
C LYS C 10 42.49 -1.10 18.04
N LEU C 11 43.20 -2.13 18.59
CA LEU C 11 42.79 -3.57 18.53
C LEU C 11 41.46 -3.85 19.32
N SER C 12 40.33 -4.00 18.57
CA SER C 12 38.97 -4.32 19.09
C SER C 12 38.40 -3.17 19.92
N ARG C 13 39.05 -2.91 21.07
CA ARG C 13 38.66 -1.83 22.02
C ARG C 13 37.14 -1.92 22.35
N GLU C 14 36.66 -3.18 22.47
CA GLU C 14 35.26 -3.58 22.77
C GLU C 14 34.45 -3.70 21.43
N LYS C 15 34.24 -4.97 21.01
CA LYS C 15 33.52 -5.37 19.77
C LYS C 15 32.04 -4.85 19.73
N LYS C 16 31.37 -4.88 20.91
CA LYS C 16 29.92 -4.53 21.05
C LYS C 16 29.63 -3.09 20.50
N LEU C 17 30.55 -2.14 20.79
CA LEU C 17 30.46 -0.73 20.30
C LEU C 17 30.47 -0.67 18.74
N LEU C 18 31.32 -1.53 18.09
CA LEU C 18 31.44 -1.57 16.58
C LEU C 18 30.05 -1.94 15.95
N LEU C 19 29.34 -2.92 16.58
CA LEU C 19 27.96 -3.31 16.14
C LEU C 19 26.97 -2.09 16.29
N GLN C 20 27.07 -1.27 17.40
CA GLN C 20 26.16 -0.10 17.64
C GLN C 20 26.25 0.88 16.43
N LEU C 21 27.49 1.08 15.88
CA LEU C 21 27.70 1.91 14.64
C LEU C 21 26.89 1.28 13.44
N GLU C 22 26.85 -0.09 13.28
CA GLU C 22 26.09 -0.75 12.14
C GLU C 22 24.57 -0.39 12.21
N ASN C 23 23.99 -0.37 13.46
CA ASN C 23 22.54 -0.04 13.67
C ASN C 23 22.25 1.40 13.14
N ALA C 24 23.20 2.35 13.42
CA ALA C 24 23.08 3.76 12.97
C ALA C 24 23.04 3.86 11.42
N GLU C 25 23.88 3.03 10.71
CA GLU C 25 23.94 3.01 9.21
C GLU C 25 22.57 2.59 8.57
N THR C 26 21.85 1.55 9.12
CA THR C 26 20.51 1.15 8.53
C THR C 26 19.48 2.31 8.70
N LEU C 27 19.50 2.94 9.90
CA LEU C 27 18.60 4.07 10.27
C LEU C 27 18.84 5.35 9.37
N LEU C 28 20.15 5.66 9.06
CA LEU C 28 20.64 6.89 8.29
C LEU C 28 19.54 7.95 7.97
N ALA C 29 18.92 8.45 9.08
CA ALA C 29 17.89 9.52 9.08
C ALA C 29 18.70 10.83 8.82
N PRO C 30 19.71 11.19 9.69
CA PRO C 30 20.68 12.35 9.44
C PRO C 30 21.03 12.64 7.93
N LEU C 31 21.58 11.62 7.23
CA LEU C 31 21.97 11.69 5.80
C LEU C 31 20.72 12.00 4.92
N HIS C 32 19.56 11.36 5.28
CA HIS C 32 18.24 11.57 4.55
C HIS C 32 17.85 13.09 4.63
N ASP C 33 18.09 13.73 5.82
CA ASP C 33 17.76 15.18 6.04
C ASP C 33 18.57 16.10 5.03
N ALA C 34 19.89 15.78 4.76
CA ALA C 34 20.70 16.59 3.78
C ALA C 34 20.03 16.49 2.37
N LYS C 35 19.55 15.27 2.01
CA LYS C 35 18.79 14.99 0.76
C LYS C 35 17.43 15.79 0.73
N ARG C 36 16.77 15.92 1.93
CA ARG C 36 15.44 16.64 2.11
C ARG C 36 15.53 18.12 1.63
N LYS C 37 16.70 18.78 1.85
CA LYS C 37 16.92 20.25 1.49
C LYS C 37 16.57 20.50 -0.04
N ILE C 38 16.88 19.54 -0.93
CA ILE C 38 16.63 19.58 -2.44
C ILE C 38 15.44 20.49 -2.96
N GLU C 39 14.47 20.91 -2.09
CA GLU C 39 13.23 21.73 -2.45
C GLU C 39 13.41 22.72 -3.67
N GLN C 40 14.66 23.19 -3.92
CA GLN C 40 15.00 24.11 -5.05
C GLN C 40 14.91 23.33 -6.41
N GLU C 41 15.90 22.41 -6.67
CA GLU C 41 15.99 21.60 -7.93
C GLU C 41 14.88 20.49 -7.98
N ALA C 42 14.02 20.42 -6.93
CA ALA C 42 12.91 19.41 -6.81
C ALA C 42 11.83 19.57 -7.93
N GLU C 43 12.03 20.53 -8.87
CA GLU C 43 11.10 20.84 -10.00
C GLU C 43 10.54 19.57 -10.76
N ALA C 44 11.08 18.37 -10.45
CA ALA C 44 10.69 17.05 -11.05
C ALA C 44 9.15 16.91 -11.36
N HIS C 45 8.29 17.49 -10.46
CA HIS C 45 6.80 17.48 -10.60
C HIS C 45 6.37 18.37 -11.80
N THR C 46 6.89 19.63 -11.83
CA THR C 46 6.60 20.62 -12.92
C THR C 46 7.18 20.13 -14.28
N ASP C 47 8.00 19.04 -14.23
CA ASP C 47 8.63 18.38 -15.42
C ASP C 47 7.89 17.05 -15.82
N ARG C 48 7.47 16.21 -14.79
CA ARG C 48 6.83 14.84 -15.02
C ARG C 48 5.26 14.85 -15.15
N VAL C 49 4.47 15.42 -14.17
CA VAL C 49 2.96 15.47 -14.28
C VAL C 49 2.60 16.48 -15.40
N ALA C 50 3.62 17.28 -15.78
CA ALA C 50 3.58 18.28 -16.84
C ALA C 50 3.63 17.59 -18.22
N TRP C 51 3.90 16.21 -18.27
CA TRP C 51 3.91 15.43 -19.57
C TRP C 51 2.61 15.76 -20.37
N ALA C 52 1.57 15.98 -19.54
CA ALA C 52 0.19 16.30 -19.95
C ALA C 52 0.01 17.83 -20.21
N GLY C 53 0.81 18.69 -19.52
CA GLY C 53 0.74 20.19 -19.65
C GLY C 53 0.72 20.71 -21.10
N PHE C 54 1.30 19.92 -22.04
CA PHE C 54 1.36 20.27 -23.49
C PHE C 54 -0.04 20.06 -24.16
N ALA C 55 -0.87 19.16 -23.55
CA ALA C 55 -2.23 18.82 -24.06
C ALA C 55 -3.17 20.08 -24.10
N ALA C 56 -3.09 20.91 -23.03
CA ALA C 56 -3.90 22.16 -22.87
C ALA C 56 -3.38 23.33 -23.77
N SER C 57 -2.07 23.33 -24.10
CA SER C 57 -1.42 24.39 -24.91
C SER C 57 -1.88 24.42 -26.39
N GLY C 58 -2.25 23.23 -26.92
CA GLY C 58 -2.67 23.06 -28.35
C GLY C 58 -3.99 23.78 -28.75
N VAL C 59 -4.90 24.04 -27.77
CA VAL C 59 -6.26 24.64 -28.04
C VAL C 59 -6.17 26.12 -28.48
N GLN C 60 -5.10 26.84 -28.04
CA GLN C 60 -4.91 28.31 -28.30
C GLN C 60 -5.21 28.71 -29.78
N THR C 61 -4.90 27.79 -30.73
CA THR C 61 -5.16 28.01 -32.19
C THR C 61 -6.67 27.80 -32.51
N GLY C 62 -7.27 26.87 -31.76
CA GLY C 62 -8.70 26.47 -31.89
C GLY C 62 -9.68 27.61 -31.55
N LEU C 63 -9.30 28.50 -30.60
CA LEU C 63 -10.17 29.67 -30.16
C LEU C 63 -10.51 30.63 -31.35
N PHE C 64 -9.52 30.85 -32.26
CA PHE C 64 -9.73 31.70 -33.48
C PHE C 64 -10.90 31.08 -34.33
N ALA C 65 -10.91 29.72 -34.39
CA ALA C 65 -11.94 28.93 -35.14
C ALA C 65 -13.41 29.19 -34.63
N ARG C 66 -13.69 29.30 -33.26
CA ARG C 66 -15.11 29.59 -32.75
C ARG C 66 -15.56 30.93 -33.34
N LEU C 67 -14.61 31.92 -33.40
CA LEU C 67 -14.93 33.28 -33.97
C LEU C 67 -15.38 33.11 -35.48
N THR C 68 -14.67 32.23 -36.26
CA THR C 68 -15.01 31.89 -37.69
C THR C 68 -16.41 31.17 -37.85
N TRP C 69 -16.73 30.25 -36.90
CA TRP C 69 -17.98 29.40 -36.91
C TRP C 69 -19.30 30.23 -36.87
N TRP C 70 -19.21 31.57 -36.84
CA TRP C 70 -20.41 32.47 -36.78
C TRP C 70 -21.33 32.36 -38.05
N GLU C 71 -21.14 31.30 -38.92
CA GLU C 71 -21.99 31.03 -40.14
C GLU C 71 -22.35 29.52 -40.22
N TYR C 72 -21.55 28.63 -39.55
CA TYR C 72 -21.75 27.17 -39.52
C TYR C 72 -22.94 26.80 -38.58
N SER C 73 -22.85 27.18 -37.27
CA SER C 73 -23.92 26.89 -36.23
C SER C 73 -23.57 27.62 -34.90
N TRP C 74 -22.27 27.55 -34.53
CA TRP C 74 -21.65 28.17 -33.31
C TRP C 74 -21.63 27.19 -32.09
N ASP C 75 -22.74 26.46 -31.88
CA ASP C 75 -22.90 25.43 -30.80
C ASP C 75 -21.79 24.35 -30.97
N ILE C 76 -20.63 24.61 -30.33
CA ILE C 76 -19.39 23.78 -30.45
C ILE C 76 -18.58 24.07 -29.14
N VAL C 77 -19.18 24.80 -28.12
CA VAL C 77 -18.45 25.15 -26.85
C VAL C 77 -17.86 23.92 -26.13
N GLU C 78 -17.27 24.17 -24.95
CA GLU C 78 -16.58 23.15 -24.06
C GLU C 78 -15.10 22.71 -24.44
N PRO C 79 -14.42 22.97 -25.63
CA PRO C 79 -13.04 22.33 -25.87
C PRO C 79 -11.89 22.66 -24.84
N VAL C 80 -11.72 23.94 -24.42
CA VAL C 80 -10.59 24.27 -23.46
C VAL C 80 -10.72 23.56 -22.08
N THR C 81 -11.95 23.55 -21.47
CA THR C 81 -12.16 22.88 -20.15
C THR C 81 -11.93 21.33 -20.14
N TYR C 82 -12.40 20.54 -21.20
CA TYR C 82 -12.22 19.06 -21.18
C TYR C 82 -10.70 18.67 -21.12
N PHE C 83 -9.81 19.41 -21.87
CA PHE C 83 -8.32 19.18 -21.77
C PHE C 83 -7.80 19.50 -20.32
N ALA C 84 -8.33 20.57 -19.64
CA ALA C 84 -7.82 20.95 -18.25
C ALA C 84 -8.04 19.76 -17.20
N THR C 85 -9.24 19.09 -17.21
CA THR C 85 -9.52 17.88 -16.35
C THR C 85 -8.55 16.73 -16.74
N TYR C 86 -8.23 16.61 -18.06
CA TYR C 86 -7.33 15.51 -18.58
C TYR C 86 -5.95 15.62 -17.83
N SER C 87 -5.47 16.89 -17.61
CA SER C 87 -4.21 17.14 -16.82
C SER C 87 -4.35 16.64 -15.35
N THR C 88 -5.54 16.86 -14.72
CA THR C 88 -5.79 16.41 -13.29
C THR C 88 -5.68 14.84 -13.14
N VAL C 89 -6.20 14.00 -14.11
CA VAL C 89 -6.03 12.47 -14.04
C VAL C 89 -4.49 12.18 -14.04
N ALA C 90 -3.69 13.01 -14.77
CA ALA C 90 -2.18 12.82 -14.77
C ALA C 90 -1.71 12.93 -13.26
N ALA C 91 -2.36 13.86 -12.46
CA ALA C 91 -2.09 14.01 -10.97
C ALA C 91 -2.41 12.65 -10.23
N THR C 92 -3.51 11.99 -10.69
CA THR C 92 -4.05 10.72 -10.12
C THR C 92 -3.00 9.56 -10.19
N PHE C 93 -2.16 9.46 -11.28
CA PHE C 93 -1.11 8.34 -11.39
C PHE C 93 -0.17 8.44 -10.12
N GLY C 94 0.06 9.69 -9.72
CA GLY C 94 0.93 10.12 -8.61
C GLY C 94 0.97 9.25 -7.31
N TYR C 95 -0.04 8.35 -7.02
CA TYR C 95 -0.02 7.54 -5.70
C TYR C 95 1.31 6.76 -5.46
N TYR C 96 1.67 5.82 -6.39
CA TYR C 96 2.90 4.94 -6.22
C TYR C 96 4.17 5.74 -6.60
N LEU C 97 4.05 6.71 -7.56
CA LEU C 97 5.18 7.55 -8.04
C LEU C 97 5.87 8.36 -6.87
N TYR C 98 5.17 8.47 -5.70
CA TYR C 98 5.56 9.35 -4.53
C TYR C 98 7.10 9.40 -4.20
N THR C 99 7.71 8.26 -3.74
CA THR C 99 9.18 8.18 -3.47
C THR C 99 10.02 8.10 -4.79
N GLN C 100 9.63 7.16 -5.73
CA GLN C 100 10.34 6.91 -7.03
C GLN C 100 10.56 8.20 -7.87
N GLN C 101 9.67 9.21 -7.71
CA GLN C 101 9.74 10.51 -8.48
C GLN C 101 11.18 11.10 -8.42
N SER C 102 11.89 10.80 -7.31
CA SER C 102 13.29 11.22 -7.07
C SER C 102 14.27 10.45 -8.02
N PHE C 103 14.01 9.13 -8.31
CA PHE C 103 14.90 8.29 -9.19
C PHE C 103 14.81 8.72 -10.70
N GLU C 104 13.61 9.15 -11.16
CA GLU C 104 13.33 9.48 -12.62
C GLU C 104 14.03 10.79 -13.18
N TYR C 105 13.89 11.96 -12.49
CA TYR C 105 14.39 13.30 -13.03
C TYR C 105 15.97 13.44 -13.10
N PRO C 106 16.79 12.94 -12.13
CA PRO C 106 18.33 13.11 -12.19
C PRO C 106 18.98 12.68 -13.53
N SER C 107 20.30 12.91 -13.60
CA SER C 107 21.15 12.58 -14.78
C SER C 107 21.43 11.05 -14.83
N ALA C 108 22.05 10.55 -13.73
CA ALA C 108 22.40 9.11 -13.55
C ALA C 108 23.36 8.59 -14.67
N ARG C 109 23.96 9.53 -15.45
CA ARG C 109 24.91 9.21 -16.56
C ARG C 109 26.22 8.57 -15.99
N GLU C 110 26.72 9.12 -14.85
CA GLU C 110 27.97 8.65 -14.18
C GLU C 110 29.19 8.66 -15.17
N ARG C 111 29.28 9.77 -15.95
CA ARG C 111 30.33 10.00 -16.97
C ARG C 111 30.45 11.52 -17.23
N VAL C 112 31.54 11.96 -17.92
CA VAL C 112 31.83 13.39 -18.24
C VAL C 112 32.19 14.16 -16.93
N TYR C 113 33.40 13.85 -16.38
CA TYR C 113 33.96 14.45 -15.13
C TYR C 113 33.06 14.14 -13.87
N THR C 114 31.89 14.83 -13.80
CA THR C 114 30.90 14.68 -12.68
C THR C 114 31.56 15.04 -11.30
N LYS C 115 31.48 16.34 -10.89
CA LYS C 115 32.09 16.86 -9.63
C LYS C 115 31.44 16.23 -8.35
N GLN C 116 30.09 15.96 -8.37
CA GLN C 116 29.37 15.32 -7.19
C GLN C 116 29.83 13.82 -7.06
N PHE C 117 30.24 13.24 -8.22
CA PHE C 117 30.72 11.85 -8.35
C PHE C 117 29.62 10.80 -7.97
N TYR C 118 29.36 10.67 -6.64
CA TYR C 118 28.35 9.73 -6.07
C TYR C 118 26.88 10.15 -6.45
N ARG C 119 26.72 11.40 -6.96
CA ARG C 119 25.40 11.99 -7.33
C ARG C 119 24.41 11.97 -6.12
N ARG C 120 24.67 12.85 -5.12
CA ARG C 120 23.82 12.99 -3.89
C ARG C 120 22.43 13.57 -4.27
N ALA C 121 21.58 13.82 -3.25
CA ALA C 121 20.21 14.39 -3.41
C ALA C 121 19.30 13.49 -4.34
N GLN C 122 19.02 12.24 -3.86
CA GLN C 122 18.19 11.23 -4.60
C GLN C 122 17.79 10.08 -3.60
N LYS C 123 16.66 10.25 -2.83
CA LYS C 123 16.16 9.24 -1.84
C LYS C 123 14.69 9.57 -1.42
N GLN C 124 14.51 10.68 -0.65
CA GLN C 124 13.15 11.18 -0.19
C GLN C 124 12.24 10.01 0.44
N ASN C 125 12.76 9.31 1.48
CA ASN C 125 12.06 8.20 2.20
C ASN C 125 10.83 8.71 3.01
N PHE C 126 9.72 7.90 3.05
CA PHE C 126 8.49 8.23 3.83
C PHE C 126 7.66 6.93 4.04
N ASP C 127 7.90 5.85 3.20
CA ASP C 127 7.15 4.54 3.33
C ASP C 127 7.84 3.36 2.54
N ILE C 128 8.30 3.52 1.23
CA ILE C 128 8.91 2.34 0.47
C ILE C 128 10.30 2.02 1.11
N GLU C 129 11.15 3.08 1.24
CA GLU C 129 12.51 2.99 1.85
C GLU C 129 12.41 2.77 3.39
N LYS C 130 11.52 3.53 4.09
CA LYS C 130 11.36 3.44 5.58
C LYS C 130 11.07 1.98 6.07
N TYR C 131 10.06 1.29 5.46
CA TYR C 131 9.65 -0.08 5.83
C TYR C 131 10.71 -1.18 5.43
N ASN C 132 11.18 -1.18 4.15
CA ASN C 132 12.14 -2.26 3.65
C ASN C 132 13.50 -2.16 4.37
N ARG C 133 14.05 -0.95 4.34
CA ARG C 133 15.42 -0.65 4.93
C ARG C 133 15.48 -1.11 6.42
N LEU C 134 14.44 -0.72 7.21
CA LEU C 134 14.35 -1.10 8.67
C LEU C 134 14.33 -2.64 8.83
N VAL C 135 13.43 -3.32 8.07
CA VAL C 135 13.38 -4.81 8.10
C VAL C 135 14.87 -5.34 7.84
N THR C 136 15.68 -4.64 6.99
CA THR C 136 17.10 -5.06 6.70
C THR C 136 17.91 -5.10 8.03
N GLU C 137 17.49 -4.22 9.01
CA GLU C 137 18.10 -4.25 10.40
C GLU C 137 18.02 -5.73 10.90
N VAL C 138 16.86 -6.42 10.51
CA VAL C 138 16.64 -7.90 10.85
C VAL C 138 17.86 -8.73 10.40
N ASP C 139 18.42 -8.32 9.24
CA ASP C 139 19.61 -9.03 8.64
C ASP C 139 20.84 -8.92 9.60
N GLU C 140 20.88 -7.79 10.38
CA GLU C 140 21.98 -7.51 11.32
C GLU C 140 21.90 -8.50 12.53
N LEU C 141 20.67 -8.63 13.18
CA LEU C 141 20.51 -9.61 14.33
C LEU C 141 20.77 -11.06 13.80
N ARG C 142 20.48 -11.33 12.48
CA ARG C 142 20.72 -12.68 11.84
C ARG C 142 22.26 -12.96 11.85
N ASN C 143 23.14 -11.87 11.73
CA ASN C 143 24.64 -12.09 11.75
C ASN C 143 25.14 -12.45 13.20
N GLN C 144 24.60 -11.76 14.26
CA GLN C 144 25.02 -12.02 15.68
C GLN C 144 24.58 -13.44 16.13
N LEU C 145 23.31 -13.82 15.80
CA LEU C 145 22.73 -15.16 16.14
C LEU C 145 23.67 -16.30 15.59
N LYS C 146 24.05 -16.18 14.30
CA LYS C 146 24.91 -17.18 13.60
C LYS C 146 26.21 -17.53 14.43
N ARG C 147 26.99 -16.49 14.90
CA ARG C 147 28.24 -16.78 15.70
C ARG C 147 27.82 -17.31 17.11
N LEU C 148 26.65 -16.83 17.64
CA LEU C 148 26.06 -17.29 18.96
C LEU C 148 25.80 -18.84 18.90
N ARG C 149 25.37 -19.36 17.69
CA ARG C 149 25.03 -20.81 17.46
C ARG C 149 26.26 -21.76 17.45
N ASP C 150 27.42 -21.37 16.84
CA ASP C 150 28.62 -22.31 16.79
C ASP C 150 29.05 -22.88 18.25
N PRO C 151 29.25 -22.05 19.33
CA PRO C 151 29.59 -22.57 20.76
C PRO C 151 28.29 -22.85 21.58
N LEU C 152 28.41 -23.73 22.63
CA LEU C 152 27.32 -24.10 23.57
C LEU C 152 27.97 -25.04 24.62
N GLU C 153 28.11 -26.34 24.25
CA GLU C 153 28.69 -27.41 25.12
C GLU C 153 30.17 -27.11 25.46
N MET D 1 -5.81 -15.35 45.17
CA MET D 1 -6.01 -14.41 44.04
C MET D 1 -5.00 -13.24 44.21
N ALA D 2 -3.69 -13.53 43.92
CA ALA D 2 -2.57 -12.56 44.03
C ALA D 2 -2.67 -11.40 42.99
N ALA D 3 -3.75 -11.42 42.16
CA ALA D 3 -4.02 -10.40 41.10
C ALA D 3 -2.86 -10.32 40.04
N LEU D 4 -1.83 -9.44 40.30
CA LEU D 4 -0.65 -9.25 39.40
C LEU D 4 0.21 -10.54 39.36
N SER D 5 1.34 -10.49 38.60
CA SER D 5 2.29 -11.63 38.42
C SER D 5 2.96 -12.02 39.77
N VAL D 6 3.75 -13.13 39.74
CA VAL D 6 4.48 -13.69 40.91
C VAL D 6 5.65 -12.73 41.32
N ASP D 7 6.34 -12.16 40.29
CA ASP D 7 7.50 -11.23 40.49
C ASP D 7 7.04 -9.85 41.05
N GLU D 8 6.60 -9.84 42.35
CA GLU D 8 6.14 -8.61 43.06
C GLU D 8 7.34 -7.62 43.27
N TYR D 9 8.58 -8.19 43.30
CA TYR D 9 9.85 -7.42 43.47
C TYR D 9 11.05 -8.35 43.15
N LYS D 10 10.92 -9.65 43.52
CA LYS D 10 11.99 -10.69 43.31
C LYS D 10 12.04 -11.06 41.79
N LEU D 11 13.21 -11.52 41.29
CA LEU D 11 13.44 -11.89 39.85
C LEU D 11 13.25 -10.64 38.92
N SER D 12 13.62 -9.45 39.43
CA SER D 12 13.51 -8.14 38.70
C SER D 12 14.23 -7.06 39.52
N ARG D 13 15.53 -6.90 39.22
CA ARG D 13 16.45 -5.94 39.87
C ARG D 13 16.37 -4.55 39.17
N GLU D 14 15.12 -4.19 38.82
CA GLU D 14 14.74 -2.90 38.18
C GLU D 14 15.25 -2.76 36.72
N LYS D 15 16.36 -3.46 36.35
CA LYS D 15 16.95 -3.38 34.97
C LYS D 15 15.95 -3.88 33.87
N LYS D 16 15.20 -4.99 34.18
CA LYS D 16 14.20 -5.60 33.24
C LYS D 16 13.07 -4.57 32.92
N LEU D 17 12.62 -3.86 33.98
CA LEU D 17 11.56 -2.83 33.92
C LEU D 17 11.96 -1.61 33.02
N LEU D 18 13.26 -1.17 33.12
CA LEU D 18 13.76 0.04 32.37
C LEU D 18 13.68 -0.20 30.86
N LEU D 19 14.11 -1.41 30.48
CA LEU D 19 14.11 -1.91 29.08
C LEU D 19 12.67 -2.00 28.51
N GLN D 20 11.73 -2.51 29.37
CA GLN D 20 10.27 -2.63 29.03
C GLN D 20 9.72 -1.21 28.73
N LEU D 21 10.20 -0.22 29.53
CA LEU D 21 9.84 1.22 29.38
C LEU D 21 10.28 1.74 27.96
N GLU D 22 11.50 1.30 27.42
CA GLU D 22 11.97 1.76 26.06
C GLU D 22 10.94 1.33 24.97
N ASN D 23 10.42 0.08 25.13
CA ASN D 23 9.40 -0.49 24.19
C ASN D 23 8.11 0.39 24.19
N ALA D 24 7.67 0.85 25.40
CA ALA D 24 6.44 1.69 25.57
C ALA D 24 6.56 3.04 24.80
N GLU D 25 7.76 3.69 24.86
CA GLU D 25 8.04 4.98 24.14
C GLU D 25 7.89 4.79 22.61
N THR D 26 8.40 3.63 22.12
CA THR D 26 8.37 3.23 20.67
C THR D 26 6.92 3.12 20.12
N LEU D 27 5.94 2.58 20.93
CA LEU D 27 4.50 2.41 20.46
C LEU D 27 3.97 3.81 20.01
N LEU D 28 4.38 4.86 20.76
CA LEU D 28 4.05 6.28 20.44
C LEU D 28 2.52 6.55 20.66
N ALA D 29 2.18 7.23 21.79
CA ALA D 29 0.81 7.59 22.23
C ALA D 29 0.78 9.16 22.46
N PRO D 30 1.63 9.78 23.36
CA PRO D 30 1.69 11.32 23.54
C PRO D 30 1.20 12.23 22.35
N LEU D 31 1.91 12.21 21.18
CA LEU D 31 1.53 13.02 19.98
C LEU D 31 0.10 12.58 19.49
N HIS D 32 -0.19 11.24 19.52
CA HIS D 32 -1.54 10.71 19.09
C HIS D 32 -2.66 11.32 20.03
N ASP D 33 -2.33 11.41 21.36
CA ASP D 33 -3.22 12.05 22.40
C ASP D 33 -3.44 13.55 22.02
N ALA D 34 -2.36 14.22 21.47
CA ALA D 34 -2.41 15.66 21.03
C ALA D 34 -3.51 15.83 19.92
N LYS D 35 -3.65 14.80 18.99
CA LYS D 35 -4.67 14.87 17.88
C LYS D 35 -6.09 15.02 18.53
N ARG D 36 -6.35 14.25 19.63
CA ARG D 36 -7.67 14.34 20.35
C ARG D 36 -7.91 15.80 20.92
N LYS D 37 -6.81 16.41 21.47
CA LYS D 37 -6.84 17.79 22.07
C LYS D 37 -7.25 18.90 21.02
N ILE D 38 -6.69 18.79 19.78
CA ILE D 38 -6.92 19.75 18.63
C ILE D 38 -7.95 19.17 17.61
N GLU D 39 -8.54 17.96 17.87
CA GLU D 39 -9.47 17.18 16.93
C GLU D 39 -10.13 17.98 15.73
N GLN D 40 -10.31 19.31 15.89
CA GLN D 40 -10.81 20.22 14.84
C GLN D 40 -9.76 20.32 13.66
N GLU D 41 -8.58 19.59 13.76
CA GLU D 41 -7.47 19.63 12.72
C GLU D 41 -7.99 19.47 11.27
N ALA D 42 -9.21 18.92 11.11
CA ALA D 42 -9.85 18.72 9.78
C ALA D 42 -10.00 20.10 9.04
N GLU D 43 -9.92 21.21 9.84
CA GLU D 43 -9.96 22.60 9.35
C GLU D 43 -8.51 22.97 8.90
N ALA D 44 -7.50 22.48 9.68
CA ALA D 44 -6.03 22.70 9.38
C ALA D 44 -5.63 21.88 8.11
N HIS D 45 -6.49 20.89 7.74
CA HIS D 45 -6.29 19.99 6.56
C HIS D 45 -6.91 20.59 5.27
N THR D 46 -8.25 20.80 5.30
CA THR D 46 -9.04 21.33 4.14
C THR D 46 -8.48 22.65 3.55
N ASP D 47 -7.49 23.28 4.24
CA ASP D 47 -6.84 24.54 3.76
C ASP D 47 -6.07 24.28 2.42
N ARG D 48 -5.65 23.00 2.21
CA ARG D 48 -4.90 22.54 0.98
C ARG D 48 -5.90 22.03 -0.10
N VAL D 49 -7.07 21.46 0.31
CA VAL D 49 -8.11 20.97 -0.64
C VAL D 49 -8.84 22.22 -1.22
N ALA D 50 -8.72 23.36 -0.48
CA ALA D 50 -9.33 24.67 -0.85
C ALA D 50 -8.73 25.18 -2.19
N TRP D 51 -7.59 24.56 -2.66
CA TRP D 51 -6.94 24.93 -3.98
C TRP D 51 -8.01 24.88 -5.13
N ALA D 52 -8.98 23.96 -4.91
CA ALA D 52 -10.11 23.68 -5.83
C ALA D 52 -11.15 24.86 -5.84
N GLY D 53 -11.13 25.70 -4.77
CA GLY D 53 -12.07 26.85 -4.60
C GLY D 53 -11.97 27.93 -5.71
N PHE D 54 -10.73 28.23 -6.19
CA PHE D 54 -10.47 29.27 -7.24
C PHE D 54 -11.02 28.82 -8.64
N ALA D 55 -10.98 27.49 -8.90
CA ALA D 55 -11.42 26.89 -10.20
C ALA D 55 -12.97 27.08 -10.44
N ALA D 56 -13.77 26.86 -9.37
CA ALA D 56 -15.26 26.98 -9.41
C ALA D 56 -15.74 28.46 -9.40
N SER D 57 -14.89 29.37 -8.88
CA SER D 57 -15.22 30.83 -8.76
C SER D 57 -15.25 31.55 -10.14
N GLY D 58 -14.50 31.01 -11.13
CA GLY D 58 -14.39 31.61 -12.49
C GLY D 58 -15.71 31.66 -13.30
N VAL D 59 -16.47 30.53 -13.31
CA VAL D 59 -17.74 30.36 -14.10
C VAL D 59 -18.94 31.16 -13.56
N GLN D 60 -18.98 31.54 -12.25
CA GLN D 60 -20.16 32.30 -11.66
C GLN D 60 -20.53 33.51 -12.58
N THR D 61 -19.47 34.16 -13.15
CA THR D 61 -19.60 35.28 -14.13
C THR D 61 -19.99 34.72 -15.52
N GLY D 62 -19.62 33.45 -15.77
CA GLY D 62 -19.89 32.70 -17.02
C GLY D 62 -21.40 32.46 -17.23
N LEU D 63 -22.12 32.19 -16.12
CA LEU D 63 -23.64 31.93 -16.15
C LEU D 63 -24.41 33.17 -16.74
N PHE D 64 -23.94 34.38 -16.33
CA PHE D 64 -24.51 35.68 -16.77
C PHE D 64 -24.44 35.78 -18.31
N ALA D 65 -23.34 35.24 -18.89
CA ALA D 65 -23.09 35.27 -20.35
C ALA D 65 -24.24 34.56 -21.16
N ARG D 66 -24.81 33.36 -20.68
CA ARG D 66 -25.96 32.69 -21.43
C ARG D 66 -27.16 33.68 -21.46
N LEU D 67 -27.41 34.33 -20.28
CA LEU D 67 -28.49 35.36 -20.10
C LEU D 67 -28.27 36.65 -20.98
N THR D 68 -26.99 37.11 -21.11
CA THR D 68 -26.63 38.42 -21.77
C THR D 68 -27.05 38.55 -23.28
N TRP D 69 -26.88 37.47 -24.12
CA TRP D 69 -27.24 37.51 -25.59
C TRP D 69 -28.47 36.63 -25.86
N TRP D 70 -28.43 35.40 -25.34
CA TRP D 70 -29.52 34.39 -25.51
C TRP D 70 -29.83 34.03 -27.03
N GLU D 71 -29.25 34.79 -28.02
CA GLU D 71 -29.53 34.64 -29.50
C GLU D 71 -28.41 33.87 -30.29
N TYR D 72 -27.13 33.79 -29.77
CA TYR D 72 -25.99 33.10 -30.47
C TYR D 72 -26.44 31.69 -31.03
N SER D 73 -27.04 30.88 -30.13
CA SER D 73 -27.59 29.52 -30.44
C SER D 73 -28.44 29.03 -29.21
N TRP D 74 -27.90 29.29 -28.01
CA TRP D 74 -28.49 28.98 -26.66
C TRP D 74 -28.06 27.58 -26.15
N ASP D 75 -28.06 26.57 -27.07
CA ASP D 75 -27.61 25.16 -26.76
C ASP D 75 -26.07 25.25 -26.50
N ILE D 76 -25.77 25.75 -25.30
CA ILE D 76 -24.40 26.10 -24.82
C ILE D 76 -24.36 25.67 -23.32
N VAL D 77 -25.50 25.05 -22.84
CA VAL D 77 -25.70 24.64 -21.43
C VAL D 77 -24.54 23.82 -20.80
N GLU D 78 -24.79 23.47 -19.54
CA GLU D 78 -23.92 22.73 -18.63
C GLU D 78 -22.49 23.30 -18.35
N PRO D 79 -22.08 24.61 -18.55
CA PRO D 79 -20.63 24.99 -18.29
C PRO D 79 -20.20 24.74 -16.81
N VAL D 80 -21.09 25.11 -15.87
CA VAL D 80 -20.83 24.97 -14.42
C VAL D 80 -20.62 23.51 -13.92
N THR D 81 -21.46 22.48 -14.35
CA THR D 81 -21.25 21.11 -13.81
C THR D 81 -19.87 20.50 -14.18
N TYR D 82 -19.38 20.64 -15.47
CA TYR D 82 -18.04 20.12 -15.86
C TYR D 82 -16.91 20.83 -15.03
N PHE D 83 -17.02 22.19 -14.77
CA PHE D 83 -16.05 22.91 -13.86
C PHE D 83 -16.16 22.25 -12.43
N ALA D 84 -17.41 21.89 -12.00
CA ALA D 84 -17.65 21.21 -10.68
C ALA D 84 -16.87 19.84 -10.65
N THR D 85 -16.85 19.08 -11.81
CA THR D 85 -16.07 17.78 -11.93
C THR D 85 -14.56 18.04 -11.67
N TYR D 86 -14.01 19.22 -12.12
CA TYR D 86 -12.54 19.55 -11.91
C TYR D 86 -12.28 19.51 -10.35
N SER D 87 -13.25 20.05 -9.56
CA SER D 87 -13.19 19.98 -8.06
C SER D 87 -13.25 18.48 -7.54
N THR D 88 -14.12 17.62 -8.18
CA THR D 88 -14.35 16.19 -7.72
C THR D 88 -13.03 15.31 -7.77
N VAL D 89 -12.21 15.47 -8.87
CA VAL D 89 -10.88 14.78 -9.00
C VAL D 89 -9.97 15.26 -7.81
N ALA D 90 -10.11 16.59 -7.43
CA ALA D 90 -9.30 17.17 -6.29
C ALA D 90 -9.57 16.35 -4.97
N ALA D 91 -10.86 15.91 -4.73
CA ALA D 91 -11.22 15.07 -3.52
C ALA D 91 -10.37 13.76 -3.55
N THR D 92 -10.22 13.22 -4.79
CA THR D 92 -9.46 11.97 -5.07
C THR D 92 -7.94 12.09 -4.64
N PHE D 93 -7.26 13.30 -4.81
CA PHE D 93 -5.81 13.46 -4.43
C PHE D 93 -5.61 13.09 -2.92
N GLY D 94 -6.65 13.43 -2.12
CA GLY D 94 -6.72 13.26 -0.65
C GLY D 94 -6.08 11.97 -0.03
N TYR D 95 -5.85 10.89 -0.83
CA TYR D 95 -5.22 9.60 -0.31
C TYR D 95 -3.72 9.82 0.08
N TYR D 96 -3.10 10.87 -0.51
CA TYR D 96 -1.65 11.23 -0.35
C TYR D 96 -1.37 12.01 0.97
N LEU D 97 -2.03 13.18 1.08
CA LEU D 97 -1.91 14.17 2.21
C LEU D 97 -2.43 13.74 3.67
N TYR D 98 -3.29 12.67 3.90
CA TYR D 98 -3.92 12.45 5.30
C TYR D 98 -2.94 12.53 6.54
N THR D 99 -1.95 11.59 6.68
CA THR D 99 -1.00 11.63 7.86
C THR D 99 0.01 12.83 7.69
N GLN D 100 0.60 12.95 6.46
CA GLN D 100 1.61 14.01 6.09
C GLN D 100 1.16 15.48 6.42
N GLN D 101 -0.17 15.79 6.46
CA GLN D 101 -0.69 17.22 6.62
C GLN D 101 0.06 18.01 7.72
N SER D 102 0.58 17.29 8.73
CA SER D 102 1.39 17.86 9.84
C SER D 102 2.66 18.62 9.29
N PHE D 103 3.23 18.17 8.11
CA PHE D 103 4.48 18.79 7.50
C PHE D 103 4.35 20.35 7.35
N GLU D 104 3.10 20.80 7.19
CA GLU D 104 2.73 22.24 6.98
C GLU D 104 3.27 23.22 8.10
N TYR D 105 3.04 22.90 9.41
CA TYR D 105 3.43 23.83 10.55
C TYR D 105 5.01 23.98 10.71
N PRO D 106 5.86 22.89 10.79
CA PRO D 106 7.39 23.04 10.87
C PRO D 106 8.01 23.85 9.69
N SER D 107 9.35 23.67 9.48
CA SER D 107 10.15 24.34 8.41
C SER D 107 10.21 25.88 8.64
N ALA D 108 9.07 26.58 8.37
CA ALA D 108 8.95 28.06 8.53
C ALA D 108 9.05 28.44 10.04
N ARG D 109 8.59 27.53 10.93
CA ARG D 109 8.63 27.70 12.42
C ARG D 109 10.05 27.25 12.88
N GLU D 110 10.42 26.03 12.44
CA GLU D 110 11.74 25.39 12.72
C GLU D 110 12.82 26.03 11.78
N ARG D 111 13.38 27.20 12.18
CA ARG D 111 14.42 27.94 11.41
C ARG D 111 15.81 27.25 11.67
N VAL D 112 16.50 27.63 12.80
CA VAL D 112 17.83 27.08 13.22
C VAL D 112 17.85 26.90 14.77
N TYR D 113 17.00 27.69 15.50
CA TYR D 113 16.91 27.69 16.99
C TYR D 113 16.62 26.25 17.57
N THR D 114 15.34 25.98 18.03
CA THR D 114 14.91 24.68 18.64
C THR D 114 13.54 24.27 18.07
N LYS D 115 13.01 23.12 18.58
CA LYS D 115 11.70 22.52 18.18
C LYS D 115 10.52 23.43 18.60
N GLN D 116 9.28 22.92 18.38
CA GLN D 116 8.00 23.65 18.71
C GLN D 116 7.90 23.90 20.25
N PHE D 117 8.38 22.90 21.04
CA PHE D 117 8.37 22.95 22.53
C PHE D 117 9.56 22.07 23.04
N TYR D 118 9.37 20.72 23.08
CA TYR D 118 10.39 19.72 23.53
C TYR D 118 9.91 18.31 23.11
N ARG D 119 9.62 18.16 21.78
CA ARG D 119 9.13 16.88 21.17
C ARG D 119 9.20 16.99 19.62
N ARG D 120 9.34 15.82 18.93
CA ARG D 120 9.41 15.72 17.44
C ARG D 120 8.02 16.05 16.82
N ALA D 121 8.00 16.37 15.49
CA ALA D 121 6.78 16.72 14.72
C ALA D 121 5.76 15.53 14.66
N GLN D 122 4.85 15.55 13.65
CA GLN D 122 3.80 14.51 13.42
C GLN D 122 2.74 14.50 14.57
N LYS D 123 1.97 15.63 14.69
CA LYS D 123 0.90 15.80 15.74
C LYS D 123 -0.33 14.90 15.44
N GLN D 124 -0.23 13.99 14.42
CA GLN D 124 -1.33 13.04 14.04
C GLN D 124 -0.76 11.91 13.13
N ASN D 125 -1.49 10.74 13.04
CA ASN D 125 -1.08 9.53 12.26
C ASN D 125 -2.05 8.39 12.66
N PHE D 126 -2.49 7.53 11.69
CA PHE D 126 -3.41 6.37 11.96
C PHE D 126 -2.90 5.12 11.20
N ASP D 127 -1.67 5.19 10.57
CA ASP D 127 -1.10 4.04 9.78
C ASP D 127 0.45 4.12 9.54
N ILE D 128 1.05 5.25 8.98
CA ILE D 128 2.56 5.26 8.68
C ILE D 128 3.41 5.12 9.99
N GLU D 129 3.02 5.86 11.07
CA GLU D 129 3.76 5.85 12.39
C GLU D 129 3.69 4.45 13.08
N LYS D 130 2.51 3.80 12.97
CA LYS D 130 2.20 2.49 13.62
C LYS D 130 3.18 1.35 13.16
N TYR D 131 3.35 1.14 11.83
CA TYR D 131 4.27 0.12 11.27
C TYR D 131 5.77 0.46 11.44
N ASN D 132 6.19 1.69 11.02
CA ASN D 132 7.63 2.10 11.02
C ASN D 132 8.26 2.05 12.42
N ARG D 133 7.62 2.71 13.35
CA ARG D 133 8.15 2.81 14.76
C ARG D 133 8.21 1.41 15.46
N LEU D 134 7.10 0.63 15.45
CA LEU D 134 7.10 -0.70 16.15
C LEU D 134 8.24 -1.64 15.56
N VAL D 135 8.38 -1.85 14.19
CA VAL D 135 9.50 -2.71 13.70
C VAL D 135 10.89 -2.23 14.37
N THR D 136 11.09 -0.85 14.64
CA THR D 136 12.37 -0.37 15.39
C THR D 136 12.48 -1.10 16.76
N GLU D 137 11.31 -1.47 17.36
CA GLU D 137 11.29 -2.26 18.66
C GLU D 137 12.19 -3.52 18.45
N VAL D 138 12.11 -4.13 17.20
CA VAL D 138 13.00 -5.32 16.87
C VAL D 138 14.49 -4.90 16.96
N ASP D 139 14.81 -3.60 16.68
CA ASP D 139 16.26 -3.09 16.79
C ASP D 139 16.79 -3.32 18.25
N GLU D 140 15.85 -3.18 19.23
CA GLU D 140 16.14 -3.35 20.70
C GLU D 140 16.57 -4.84 20.92
N LEU D 141 15.89 -5.75 20.16
CA LEU D 141 16.20 -7.25 20.14
C LEU D 141 17.73 -7.43 19.88
N ARG D 142 18.25 -6.62 18.88
CA ARG D 142 19.72 -6.67 18.52
C ARG D 142 20.60 -6.38 19.79
N ASN D 143 20.18 -5.48 20.76
CA ASN D 143 21.07 -5.19 21.97
C ASN D 143 21.16 -6.42 22.95
N GLN D 144 20.02 -7.11 23.14
CA GLN D 144 19.95 -8.27 24.09
C GLN D 144 20.80 -9.54 23.61
N LEU D 145 20.66 -10.05 22.34
CA LEU D 145 21.48 -11.25 21.86
C LEU D 145 22.97 -10.87 21.67
N LYS D 146 23.26 -9.57 21.36
CA LYS D 146 24.66 -9.05 21.21
C LYS D 146 25.51 -9.49 22.44
N ARG D 147 25.00 -9.27 23.74
CA ARG D 147 25.83 -9.73 24.90
C ARG D 147 25.97 -11.28 24.87
N LEU D 148 24.82 -12.07 24.71
CA LEU D 148 24.93 -13.60 24.65
C LEU D 148 26.00 -14.16 23.64
N ARG D 149 26.28 -13.43 22.55
CA ARG D 149 27.26 -13.88 21.50
C ARG D 149 28.72 -13.81 22.06
N ASP D 150 29.03 -12.80 22.93
CA ASP D 150 30.44 -12.64 23.49
C ASP D 150 30.99 -13.83 24.45
N PRO D 151 30.28 -14.32 25.54
CA PRO D 151 30.82 -15.45 26.48
C PRO D 151 30.71 -16.88 25.86
N LEU D 152 30.59 -17.92 26.75
CA LEU D 152 30.48 -19.41 26.48
C LEU D 152 31.44 -20.00 25.42
N GLU D 153 32.39 -19.16 25.03
CA GLU D 153 33.54 -19.45 24.14
C GLU D 153 33.11 -20.04 22.77
N MET E 1 -13.72 -31.22 44.83
CA MET E 1 -12.58 -32.16 44.63
C MET E 1 -12.59 -32.63 43.15
N ALA E 2 -13.81 -32.84 42.61
CA ALA E 2 -14.04 -33.30 41.20
C ALA E 2 -13.68 -32.17 40.19
N ALA E 3 -12.37 -31.81 40.14
CA ALA E 3 -11.82 -30.75 39.25
C ALA E 3 -10.27 -30.84 39.28
N LEU E 4 -9.61 -30.73 38.08
CA LEU E 4 -8.12 -30.79 37.94
C LEU E 4 -7.54 -29.42 38.42
N SER E 5 -7.61 -28.39 37.53
CA SER E 5 -7.13 -27.00 37.79
C SER E 5 -5.64 -26.96 38.31
N VAL E 6 -5.45 -27.15 39.63
CA VAL E 6 -4.11 -27.15 40.33
C VAL E 6 -4.02 -28.44 41.21
N ASP E 7 -3.09 -28.44 42.19
CA ASP E 7 -2.85 -29.58 43.13
C ASP E 7 -2.40 -30.85 42.36
N GLU E 8 -1.43 -30.66 41.44
CA GLU E 8 -0.84 -31.73 40.58
C GLU E 8 0.51 -31.21 40.02
N TYR E 9 0.55 -30.77 38.72
CA TYR E 9 1.79 -30.23 38.07
C TYR E 9 1.95 -28.72 38.47
N LYS E 10 3.11 -28.36 39.08
CA LYS E 10 3.42 -26.96 39.52
C LYS E 10 4.92 -26.83 39.88
N LEU E 11 5.60 -28.00 40.11
CA LEU E 11 7.06 -28.06 40.48
C LEU E 11 7.92 -27.66 39.23
N SER E 12 7.91 -26.33 38.92
CA SER E 12 8.62 -25.73 37.74
C SER E 12 8.07 -26.35 36.42
N ARG E 13 7.01 -25.70 35.91
CA ARG E 13 6.25 -26.11 34.70
C ARG E 13 5.21 -25.01 34.35
N GLU E 14 4.40 -24.60 35.37
CA GLU E 14 3.31 -23.59 35.23
C GLU E 14 3.78 -22.29 34.50
N LYS E 15 5.07 -21.87 34.72
CA LYS E 15 5.64 -20.63 34.10
C LYS E 15 5.64 -20.71 32.53
N LYS E 16 6.03 -21.91 31.99
CA LYS E 16 6.09 -22.17 30.51
C LYS E 16 4.67 -22.01 29.89
N LEU E 17 3.66 -22.57 30.59
CA LEU E 17 2.23 -22.50 30.18
C LEU E 17 1.72 -21.02 30.13
N LEU E 18 2.14 -20.21 31.15
CA LEU E 18 1.69 -18.78 31.29
C LEU E 18 2.12 -17.91 30.06
N LEU E 19 3.39 -18.08 29.57
CA LEU E 19 3.91 -17.35 28.34
C LEU E 19 3.08 -17.76 27.07
N GLN E 20 2.71 -19.09 26.96
CA GLN E 20 1.88 -19.59 25.80
C GLN E 20 0.51 -18.80 25.79
N LEU E 21 -0.09 -18.52 27.00
CA LEU E 21 -1.37 -17.71 27.08
C LEU E 21 -1.15 -16.25 26.51
N GLU E 22 0.05 -15.58 26.77
CA GLU E 22 0.31 -14.18 26.24
C GLU E 22 0.28 -14.18 24.69
N ASN E 23 0.87 -15.25 24.06
CA ASN E 23 0.92 -15.37 22.58
C ASN E 23 -0.52 -15.41 22.00
N ALA E 24 -1.41 -16.20 22.67
CA ALA E 24 -2.85 -16.31 22.27
C ALA E 24 -3.56 -14.91 22.34
N GLU E 25 -3.22 -14.10 23.39
CA GLU E 25 -3.82 -12.74 23.59
C GLU E 25 -3.51 -11.77 22.40
N THR E 26 -2.23 -11.76 21.85
CA THR E 26 -1.89 -10.84 20.71
C THR E 26 -2.71 -11.15 19.42
N LEU E 27 -2.90 -12.48 19.09
CA LEU E 27 -3.69 -12.87 17.85
C LEU E 27 -5.17 -12.35 17.98
N LEU E 28 -5.74 -12.47 19.21
CA LEU E 28 -7.16 -12.08 19.55
C LEU E 28 -8.17 -12.37 18.41
N ALA E 29 -7.94 -13.52 17.70
CA ALA E 29 -8.80 -14.02 16.58
C ALA E 29 -10.19 -14.34 17.19
N PRO E 30 -10.30 -15.25 18.20
CA PRO E 30 -11.59 -15.48 19.01
C PRO E 30 -12.53 -14.21 19.14
N LEU E 31 -11.98 -13.17 19.80
CA LEU E 31 -12.63 -11.85 20.01
C LEU E 31 -12.91 -11.14 18.64
N HIS E 32 -11.96 -11.27 17.64
CA HIS E 32 -12.09 -10.55 16.30
C HIS E 32 -13.40 -10.93 15.57
N ASP E 33 -13.84 -12.22 15.66
CA ASP E 33 -15.11 -12.67 14.99
C ASP E 33 -16.31 -11.83 15.56
N ALA E 34 -16.30 -11.55 16.91
CA ALA E 34 -17.34 -10.68 17.55
C ALA E 34 -17.28 -9.22 16.95
N LYS E 35 -16.03 -8.67 16.72
CA LYS E 35 -15.82 -7.30 16.11
C LYS E 35 -16.40 -7.28 14.66
N ARG E 36 -16.18 -8.41 13.93
CA ARG E 36 -16.62 -8.66 12.52
C ARG E 36 -18.17 -8.59 12.39
N LYS E 37 -18.87 -9.06 13.45
CA LYS E 37 -20.37 -9.22 13.48
C LYS E 37 -21.13 -7.89 13.18
N ILE E 38 -20.63 -6.73 13.66
CA ILE E 38 -21.28 -5.37 13.50
C ILE E 38 -21.84 -5.08 12.05
N GLU E 39 -21.41 -5.87 11.02
CA GLU E 39 -21.86 -5.70 9.57
C GLU E 39 -23.41 -5.58 9.44
N GLN E 40 -24.15 -6.04 10.48
CA GLN E 40 -25.64 -5.98 10.52
C GLN E 40 -26.11 -4.55 10.93
N GLU E 41 -25.40 -3.95 11.94
CA GLU E 41 -25.70 -2.57 12.50
C GLU E 41 -24.75 -1.48 11.92
N ALA E 42 -23.82 -1.88 11.02
CA ALA E 42 -22.81 -0.95 10.41
C ALA E 42 -23.44 0.16 9.53
N GLU E 43 -24.80 0.20 9.41
CA GLU E 43 -25.54 1.25 8.61
C GLU E 43 -25.37 2.66 9.27
N ALA E 44 -24.62 2.73 10.39
CA ALA E 44 -24.33 3.97 11.15
C ALA E 44 -23.61 5.06 10.28
N HIS E 45 -22.33 4.79 9.95
CA HIS E 45 -21.44 5.70 9.17
C HIS E 45 -21.87 5.83 7.68
N THR E 46 -22.58 4.81 7.11
CA THR E 46 -23.02 4.81 5.67
C THR E 46 -23.81 6.08 5.26
N ASP E 47 -24.20 6.93 6.25
CA ASP E 47 -24.93 8.21 5.99
C ASP E 47 -24.04 9.19 5.18
N ARG E 48 -22.71 8.97 5.25
CA ARG E 48 -21.66 9.80 4.57
C ARG E 48 -21.36 9.23 3.16
N VAL E 49 -21.63 7.92 2.95
CA VAL E 49 -21.42 7.20 1.65
C VAL E 49 -22.73 7.32 0.82
N ALA E 50 -23.87 7.39 1.56
CA ALA E 50 -25.24 7.54 0.96
C ALA E 50 -25.39 8.95 0.34
N TRP E 51 -24.43 9.88 0.67
CA TRP E 51 -24.40 11.28 0.13
C TRP E 51 -24.48 11.26 -1.43
N ALA E 52 -23.99 10.14 -1.98
CA ALA E 52 -23.94 9.86 -3.44
C ALA E 52 -25.36 9.80 -4.09
N GLY E 53 -26.37 9.39 -3.30
CA GLY E 53 -27.79 9.24 -3.77
C GLY E 53 -28.53 10.59 -3.95
N PHE E 54 -28.47 11.51 -2.93
CA PHE E 54 -29.19 12.82 -2.95
C PHE E 54 -28.70 13.76 -4.10
N ALA E 55 -27.41 13.67 -4.45
CA ALA E 55 -26.78 14.53 -5.50
C ALA E 55 -27.39 14.24 -6.91
N ALA E 56 -27.42 12.95 -7.29
CA ALA E 56 -27.93 12.48 -8.62
C ALA E 56 -29.48 12.50 -8.69
N SER E 57 -30.15 12.23 -7.55
CA SER E 57 -31.65 12.17 -7.46
C SER E 57 -32.32 13.55 -7.65
N GLY E 58 -31.56 14.63 -7.36
CA GLY E 58 -32.07 16.02 -7.46
C GLY E 58 -32.54 16.43 -8.88
N VAL E 59 -31.68 16.17 -9.91
CA VAL E 59 -31.93 16.56 -11.34
C VAL E 59 -32.97 15.67 -12.09
N GLN E 60 -33.21 14.40 -11.64
CA GLN E 60 -34.18 13.46 -12.33
C GLN E 60 -35.54 14.18 -12.71
N THR E 61 -35.88 15.24 -11.93
CA THR E 61 -37.10 16.08 -12.14
C THR E 61 -36.87 17.03 -13.34
N GLY E 62 -35.64 17.58 -13.42
CA GLY E 62 -35.20 18.55 -14.46
C GLY E 62 -35.57 18.15 -15.92
N LEU E 63 -35.68 16.83 -16.15
CA LEU E 63 -36.05 16.22 -17.48
C LEU E 63 -37.48 16.72 -17.94
N PHE E 64 -38.37 16.86 -16.93
CA PHE E 64 -39.78 17.36 -17.10
C PHE E 64 -39.72 18.76 -17.75
N ALA E 65 -38.70 19.57 -17.36
CA ALA E 65 -38.46 20.94 -17.91
C ALA E 65 -38.27 20.86 -19.47
N ARG E 66 -37.55 19.78 -19.99
CA ARG E 66 -37.31 19.64 -21.48
C ARG E 66 -38.67 19.56 -22.21
N LEU E 67 -39.65 18.80 -21.60
CA LEU E 67 -41.02 18.68 -22.19
C LEU E 67 -41.75 20.08 -22.24
N THR E 68 -41.58 20.87 -21.12
CA THR E 68 -42.21 22.21 -20.93
C THR E 68 -41.77 23.30 -21.97
N TRP E 69 -40.44 23.35 -22.34
CA TRP E 69 -39.89 24.40 -23.27
C TRP E 69 -39.51 23.83 -24.64
N TRP E 70 -40.41 23.00 -25.17
CA TRP E 70 -40.31 22.36 -26.54
C TRP E 70 -40.40 23.48 -27.68
N GLU E 71 -40.03 24.81 -27.39
CA GLU E 71 -40.09 25.95 -28.38
C GLU E 71 -38.74 26.74 -28.43
N TYR E 72 -37.93 26.72 -27.31
CA TYR E 72 -36.62 27.42 -27.22
C TYR E 72 -35.61 26.90 -28.30
N SER E 73 -35.35 25.56 -28.32
CA SER E 73 -34.43 24.91 -29.32
C SER E 73 -34.56 23.35 -29.23
N TRP E 74 -34.67 22.85 -27.98
CA TRP E 74 -34.83 21.39 -27.60
C TRP E 74 -33.48 20.73 -27.25
N ASP E 75 -32.53 20.77 -28.23
CA ASP E 75 -31.17 20.24 -28.11
C ASP E 75 -30.48 20.91 -26.88
N ILE E 76 -30.50 20.18 -25.74
CA ILE E 76 -30.01 20.62 -24.39
C ILE E 76 -29.76 19.29 -23.61
N VAL E 77 -29.85 18.09 -24.31
CA VAL E 77 -29.66 16.76 -23.66
C VAL E 77 -28.25 16.63 -23.05
N GLU E 78 -27.98 15.43 -22.50
CA GLU E 78 -26.68 15.06 -21.83
C GLU E 78 -26.43 15.60 -20.31
N PRO E 79 -27.32 16.39 -19.57
CA PRO E 79 -26.98 16.91 -18.14
C PRO E 79 -26.77 15.83 -17.02
N VAL E 80 -27.66 14.83 -17.07
CA VAL E 80 -27.79 13.81 -15.97
C VAL E 80 -26.51 12.98 -15.66
N THR E 81 -25.75 12.49 -16.68
CA THR E 81 -24.50 11.71 -16.39
C THR E 81 -23.42 12.53 -15.60
N TYR E 82 -23.21 13.86 -15.93
CA TYR E 82 -22.12 14.65 -15.27
C TYR E 82 -22.33 14.68 -13.74
N PHE E 83 -23.62 14.88 -13.30
CA PHE E 83 -23.94 14.84 -11.82
C PHE E 83 -23.57 13.41 -11.29
N ALA E 84 -23.88 12.37 -12.12
CA ALA E 84 -23.56 10.94 -11.80
C ALA E 84 -22.02 10.72 -11.64
N THR E 85 -21.16 11.37 -12.51
CA THR E 85 -19.63 11.24 -12.43
C THR E 85 -19.18 11.70 -11.02
N TYR E 86 -19.82 12.76 -10.46
CA TYR E 86 -19.48 13.26 -9.08
C TYR E 86 -19.74 12.06 -8.08
N SER E 87 -20.88 11.34 -8.33
CA SER E 87 -21.25 10.10 -7.55
C SER E 87 -20.18 8.98 -7.70
N THR E 88 -19.60 8.79 -8.94
CA THR E 88 -18.61 7.68 -9.19
C THR E 88 -17.33 7.82 -8.31
N VAL E 89 -16.76 9.06 -8.15
CA VAL E 89 -15.56 9.27 -7.23
C VAL E 89 -15.99 8.87 -5.79
N ALA E 90 -17.27 9.19 -5.40
CA ALA E 90 -17.78 8.89 -4.01
C ALA E 90 -17.63 7.37 -3.73
N ALA E 91 -17.90 6.49 -4.77
CA ALA E 91 -17.70 5.00 -4.61
C ALA E 91 -16.18 4.75 -4.30
N THR E 92 -15.34 5.50 -5.05
CA THR E 92 -13.85 5.52 -4.92
C THR E 92 -13.37 6.06 -3.51
N PHE E 93 -14.03 7.13 -2.89
CA PHE E 93 -13.56 7.69 -1.56
C PHE E 93 -13.57 6.56 -0.49
N GLY E 94 -14.59 5.69 -0.59
CA GLY E 94 -14.84 4.52 0.28
C GLY E 94 -13.59 3.69 0.72
N TYR E 95 -12.41 3.78 0.01
CA TYR E 95 -11.18 2.95 0.39
C TYR E 95 -10.63 3.29 1.81
N TYR E 96 -10.80 4.55 2.24
CA TYR E 96 -10.30 5.08 3.54
C TYR E 96 -11.28 4.70 4.68
N LEU E 97 -12.52 5.19 4.52
CA LEU E 97 -13.67 4.99 5.46
C LEU E 97 -14.02 3.49 5.71
N TYR E 98 -13.52 2.57 4.82
CA TYR E 98 -13.93 1.10 4.84
C TYR E 98 -13.64 0.33 6.18
N THR E 99 -12.33 0.18 6.58
CA THR E 99 -11.94 -0.55 7.83
C THR E 99 -12.40 0.30 9.08
N GLN E 100 -12.08 1.61 9.03
CA GLN E 100 -12.40 2.65 10.07
C GLN E 100 -13.91 2.75 10.51
N GLN E 101 -14.89 2.36 9.64
CA GLN E 101 -16.37 2.63 9.91
C GLN E 101 -16.86 2.28 11.36
N SER E 102 -16.33 1.21 11.97
CA SER E 102 -16.69 0.79 13.36
C SER E 102 -16.11 1.77 14.44
N PHE E 103 -14.96 2.41 14.12
CA PHE E 103 -14.20 3.31 15.06
C PHE E 103 -15.06 4.41 15.78
N GLU E 104 -16.01 5.03 15.04
CA GLU E 104 -16.89 6.15 15.55
C GLU E 104 -17.95 5.67 16.60
N TYR E 105 -18.40 4.38 16.50
CA TYR E 105 -19.50 3.80 17.36
C TYR E 105 -19.30 4.06 18.92
N PRO E 106 -18.14 3.78 19.59
CA PRO E 106 -17.96 4.11 21.08
C PRO E 106 -18.18 5.64 21.35
N SER E 107 -18.05 6.45 20.26
CA SER E 107 -18.26 7.92 20.27
C SER E 107 -17.52 8.66 21.44
N ALA E 108 -16.54 7.96 22.07
CA ALA E 108 -15.76 8.49 23.23
C ALA E 108 -16.73 8.92 24.37
N ARG E 109 -17.76 8.04 24.58
CA ARG E 109 -18.85 8.23 25.57
C ARG E 109 -18.33 8.68 26.98
N GLU E 110 -19.01 9.70 27.59
CA GLU E 110 -18.66 10.25 28.93
C GLU E 110 -19.10 9.22 30.03
N ARG E 111 -18.13 8.38 30.49
CA ARG E 111 -18.37 7.33 31.52
C ARG E 111 -17.01 6.95 32.15
N VAL E 112 -16.67 7.57 33.32
CA VAL E 112 -15.40 7.34 34.06
C VAL E 112 -15.24 5.85 34.47
N TYR E 113 -14.04 5.51 35.00
CA TYR E 113 -13.68 4.13 35.46
C TYR E 113 -13.74 3.11 34.28
N THR E 114 -13.37 1.84 34.57
CA THR E 114 -13.33 0.72 33.58
C THR E 114 -14.69 0.53 32.82
N LYS E 115 -14.62 -0.18 31.67
CA LYS E 115 -15.78 -0.49 30.78
C LYS E 115 -15.38 -1.76 29.97
N GLN E 116 -15.35 -1.70 28.61
CA GLN E 116 -14.93 -2.84 27.72
C GLN E 116 -13.37 -2.99 27.75
N PHE E 117 -12.73 -2.54 28.87
CA PHE E 117 -11.25 -2.60 29.10
C PHE E 117 -10.45 -1.83 28.00
N TYR E 118 -9.14 -1.60 28.29
CA TYR E 118 -8.18 -0.90 27.38
C TYR E 118 -7.99 -1.70 26.05
N ARG E 119 -8.27 -3.03 26.11
CA ARG E 119 -8.16 -3.96 24.97
C ARG E 119 -9.23 -3.60 23.89
N ARG E 120 -10.42 -3.17 24.38
CA ARG E 120 -11.59 -2.76 23.54
C ARG E 120 -12.02 -3.91 22.55
N ALA E 121 -12.80 -4.88 23.08
CA ALA E 121 -13.32 -6.05 22.32
C ALA E 121 -14.42 -5.64 21.31
N GLN E 122 -14.67 -4.30 21.16
CA GLN E 122 -15.68 -3.69 20.24
C GLN E 122 -14.96 -2.54 19.44
N LYS E 123 -14.50 -2.83 18.20
CA LYS E 123 -13.80 -1.83 17.32
C LYS E 123 -13.76 -2.39 15.85
N GLN E 124 -12.77 -1.95 15.03
CA GLN E 124 -12.57 -2.37 13.61
C GLN E 124 -11.59 -3.58 13.52
N ASN E 125 -11.50 -4.24 12.31
CA ASN E 125 -10.57 -5.38 12.03
C ASN E 125 -10.84 -5.92 10.58
N PHE E 126 -9.85 -5.74 9.71
CA PHE E 126 -9.83 -6.20 8.30
C PHE E 126 -8.56 -5.53 7.68
N ASP E 127 -7.46 -6.27 7.74
CA ASP E 127 -6.12 -5.96 7.21
C ASP E 127 -5.21 -4.91 7.97
N ILE E 128 -5.70 -3.71 8.48
CA ILE E 128 -4.74 -2.72 9.17
C ILE E 128 -4.29 -3.31 10.56
N GLU E 129 -5.28 -3.85 11.30
CA GLU E 129 -5.09 -4.42 12.68
C GLU E 129 -4.22 -5.70 12.74
N LYS E 130 -4.50 -6.78 11.92
CA LYS E 130 -3.73 -8.08 12.01
C LYS E 130 -2.23 -7.90 11.62
N TYR E 131 -1.89 -7.14 10.52
CA TYR E 131 -0.47 -6.93 10.11
C TYR E 131 0.37 -6.30 11.29
N ASN E 132 -0.16 -5.20 11.90
CA ASN E 132 0.58 -4.47 12.99
C ASN E 132 0.65 -5.30 14.30
N ARG E 133 -0.52 -5.74 14.75
CA ARG E 133 -0.68 -6.49 16.05
C ARG E 133 0.26 -7.75 16.18
N LEU E 134 0.27 -8.68 15.17
CA LEU E 134 1.12 -9.93 15.28
C LEU E 134 2.66 -9.60 15.22
N VAL E 135 3.21 -8.64 14.33
CA VAL E 135 4.69 -8.33 14.42
C VAL E 135 4.99 -7.90 15.94
N THR E 136 3.93 -7.28 16.62
CA THR E 136 4.04 -6.86 18.07
C THR E 136 4.26 -8.13 18.96
N GLU E 137 3.71 -9.31 18.51
CA GLU E 137 3.94 -10.60 19.26
C GLU E 137 5.49 -10.84 19.36
N VAL E 138 6.21 -10.48 18.25
CA VAL E 138 7.72 -10.59 18.20
C VAL E 138 8.31 -9.66 19.30
N ASP E 139 7.59 -8.54 19.63
CA ASP E 139 8.07 -7.62 20.73
C ASP E 139 7.95 -8.37 22.12
N GLU E 140 6.95 -9.33 22.25
CA GLU E 140 6.78 -10.14 23.52
C GLU E 140 8.04 -11.05 23.70
N LEU E 141 8.62 -11.49 22.53
CA LEU E 141 9.90 -12.27 22.52
C LEU E 141 10.97 -11.39 23.17
N ARG E 142 10.99 -10.04 22.82
CA ARG E 142 11.99 -9.07 23.42
C ARG E 142 11.98 -9.24 24.98
N ASN E 143 10.77 -9.66 25.58
CA ASN E 143 10.72 -9.94 27.07
C ASN E 143 11.50 -11.26 27.40
N GLN E 144 11.26 -12.35 26.59
CA GLN E 144 11.93 -13.68 26.80
C GLN E 144 13.48 -13.59 26.68
N LEU E 145 13.98 -12.98 25.56
CA LEU E 145 15.44 -12.80 25.28
C LEU E 145 16.18 -12.18 26.52
N LYS E 146 15.67 -11.04 27.09
CA LYS E 146 16.35 -10.38 28.27
C LYS E 146 16.51 -11.36 29.49
N ARG E 147 15.46 -12.20 29.86
CA ARG E 147 15.61 -13.12 31.03
C ARG E 147 16.64 -14.23 30.59
N LEU E 148 16.58 -14.61 29.28
CA LEU E 148 17.55 -15.57 28.62
C LEU E 148 19.01 -14.98 28.70
N ARG E 149 19.15 -13.59 28.58
CA ARG E 149 20.49 -12.89 28.59
C ARG E 149 21.24 -12.99 29.94
N ASP E 150 20.52 -12.94 31.12
CA ASP E 150 21.22 -13.06 32.48
C ASP E 150 22.22 -14.35 32.52
N PRO E 151 21.77 -15.63 32.17
CA PRO E 151 22.68 -16.86 31.97
C PRO E 151 24.03 -16.54 31.31
N LEU E 152 25.04 -17.45 31.47
CA LEU E 152 26.39 -17.28 30.95
C LEU E 152 27.15 -18.37 31.75
N GLU E 153 27.74 -19.29 31.02
CA GLU E 153 28.49 -20.48 31.55
C GLU E 153 29.71 -20.75 30.63
N MET A 1 32.12 -42.76 9.83
CA MET A 1 31.16 -43.89 9.62
C MET A 1 30.00 -43.37 8.72
N ALA A 2 29.12 -44.31 8.31
CA ALA A 2 27.93 -44.03 7.43
C ALA A 2 26.89 -43.14 8.19
N ALA A 3 26.37 -42.07 7.50
CA ALA A 3 25.37 -41.12 8.07
C ALA A 3 24.82 -40.24 6.92
N LEU A 4 23.91 -39.29 7.29
CA LEU A 4 23.27 -38.32 6.33
C LEU A 4 24.35 -37.34 5.80
N SER A 5 24.98 -36.60 6.76
CA SER A 5 26.06 -35.60 6.49
C SER A 5 26.68 -35.15 7.84
N VAL A 6 27.97 -34.71 7.81
CA VAL A 6 28.76 -34.22 8.99
C VAL A 6 28.54 -35.04 10.31
N ASP A 7 28.13 -36.32 10.14
CA ASP A 7 27.88 -37.29 11.26
C ASP A 7 27.05 -36.69 12.46
N GLU A 8 25.70 -36.54 12.28
CA GLU A 8 24.77 -36.00 13.32
C GLU A 8 24.63 -37.06 14.48
N TYR A 9 24.80 -36.61 15.76
CA TYR A 9 24.69 -37.49 16.96
C TYR A 9 23.20 -37.87 17.27
N LYS A 10 22.29 -37.52 16.33
CA LYS A 10 20.83 -37.81 16.43
C LYS A 10 20.19 -37.17 17.72
N LEU A 11 19.25 -37.89 18.41
CA LEU A 11 18.51 -37.40 19.62
C LEU A 11 17.75 -36.09 19.24
N SER A 12 16.75 -36.27 18.35
CA SER A 12 15.89 -35.22 17.77
C SER A 12 15.06 -36.00 16.73
N ARG A 13 13.95 -36.56 17.23
CA ARG A 13 13.02 -37.41 16.47
C ARG A 13 12.20 -36.56 15.46
N GLU A 14 12.96 -35.86 14.60
CA GLU A 14 12.46 -35.00 13.49
C GLU A 14 11.64 -33.79 14.02
N LYS A 15 11.72 -33.48 15.36
CA LYS A 15 10.98 -32.33 15.96
C LYS A 15 11.42 -30.97 15.30
N LYS A 16 12.77 -30.80 15.09
CA LYS A 16 13.34 -29.55 14.47
C LYS A 16 12.78 -29.37 13.03
N LEU A 17 12.72 -30.52 12.28
CA LEU A 17 12.19 -30.57 10.88
C LEU A 17 10.69 -30.16 10.82
N LEU A 18 9.87 -30.64 11.80
CA LEU A 18 8.39 -30.36 11.84
C LEU A 18 8.11 -28.84 11.95
N LEU A 19 8.88 -28.10 12.83
CA LEU A 19 8.71 -26.60 12.95
C LEU A 19 9.07 -25.93 11.57
N GLN A 20 10.18 -26.40 10.89
CA GLN A 20 10.58 -25.88 9.54
C GLN A 20 9.43 -26.13 8.52
N LEU A 21 8.78 -27.33 8.63
CA LEU A 21 7.63 -27.75 7.75
C LEU A 21 6.43 -26.74 7.92
N GLU A 22 6.18 -26.28 9.21
CA GLU A 22 5.09 -25.29 9.50
C GLU A 22 5.35 -24.00 8.71
N ASN A 23 6.67 -23.60 8.67
CA ASN A 23 7.13 -22.37 7.94
C ASN A 23 6.80 -22.48 6.42
N ALA A 24 7.00 -23.70 5.81
CA ALA A 24 6.75 -23.92 4.35
C ALA A 24 5.24 -23.67 3.99
N GLU A 25 4.27 -24.15 4.86
CA GLU A 25 2.79 -23.91 4.64
C GLU A 25 2.48 -22.37 4.67
N THR A 26 3.13 -21.71 5.66
CA THR A 26 3.02 -20.25 5.94
C THR A 26 3.47 -19.35 4.75
N LEU A 27 4.55 -19.77 4.02
CA LEU A 27 5.16 -18.98 2.88
C LEU A 27 4.02 -18.71 1.85
N LEU A 28 3.12 -19.72 1.69
CA LEU A 28 1.92 -19.64 0.82
C LEU A 28 2.34 -19.87 -0.66
N ALA A 29 2.07 -21.10 -1.18
CA ALA A 29 2.36 -21.54 -2.55
C ALA A 29 1.36 -22.69 -2.82
N PRO A 30 1.22 -23.73 -1.90
CA PRO A 30 0.13 -24.82 -2.04
C PRO A 30 -1.27 -24.29 -2.52
N LEU A 31 -1.90 -23.47 -1.65
CA LEU A 31 -3.24 -22.86 -1.85
C LEU A 31 -3.24 -21.95 -3.11
N HIS A 32 -2.12 -21.23 -3.34
CA HIS A 32 -2.00 -20.29 -4.54
C HIS A 32 -2.17 -21.13 -5.85
N ASP A 33 -1.57 -22.37 -5.85
CA ASP A 33 -1.70 -23.37 -6.97
C ASP A 33 -3.21 -23.73 -7.15
N ALA A 34 -3.99 -23.82 -6.01
CA ALA A 34 -5.45 -24.14 -6.05
C ALA A 34 -6.18 -23.05 -6.91
N LYS A 35 -5.72 -21.74 -6.80
CA LYS A 35 -6.29 -20.61 -7.62
C LYS A 35 -6.09 -20.93 -9.14
N ARG A 36 -4.90 -21.52 -9.51
CA ARG A 36 -4.59 -21.90 -10.95
C ARG A 36 -5.64 -22.95 -11.49
N LYS A 37 -6.07 -23.91 -10.61
CA LYS A 37 -7.04 -25.02 -11.00
C LYS A 37 -8.43 -24.47 -11.50
N ILE A 38 -8.96 -23.40 -10.83
CA ILE A 38 -10.32 -22.78 -11.13
C ILE A 38 -10.20 -21.53 -12.04
N GLU A 39 -8.96 -21.18 -12.48
CA GLU A 39 -8.66 -19.97 -13.36
C GLU A 39 -9.75 -19.66 -14.44
N GLN A 40 -10.47 -20.70 -14.92
CA GLN A 40 -11.55 -20.57 -15.96
C GLN A 40 -12.83 -20.03 -15.27
N GLU A 41 -13.24 -20.68 -14.15
CA GLU A 41 -14.45 -20.32 -13.35
C GLU A 41 -14.23 -18.99 -12.56
N ALA A 42 -13.03 -18.35 -12.71
CA ALA A 42 -12.67 -17.06 -12.02
C ALA A 42 -13.58 -15.88 -12.49
N GLU A 43 -14.52 -16.16 -13.42
CA GLU A 43 -15.50 -15.18 -13.99
C GLU A 43 -16.36 -14.52 -12.87
N ALA A 44 -16.28 -15.08 -11.63
CA ALA A 44 -17.02 -14.60 -10.42
C ALA A 44 -16.93 -13.05 -10.20
N HIS A 45 -15.89 -12.39 -10.77
CA HIS A 45 -15.68 -10.92 -10.62
C HIS A 45 -16.68 -10.12 -11.48
N THR A 46 -16.92 -10.62 -12.73
CA THR A 46 -17.86 -9.98 -13.71
C THR A 46 -19.29 -9.86 -13.11
N ASP A 47 -19.62 -10.79 -12.18
CA ASP A 47 -20.94 -10.87 -11.50
C ASP A 47 -21.05 -9.75 -10.42
N ARG A 48 -19.89 -9.32 -9.83
CA ARG A 48 -19.83 -8.25 -8.77
C ARG A 48 -19.63 -6.86 -9.42
N VAL A 49 -18.84 -6.79 -10.54
CA VAL A 49 -18.62 -5.53 -11.29
C VAL A 49 -19.93 -5.21 -12.06
N ALA A 50 -20.88 -6.20 -12.06
CA ALA A 50 -22.24 -6.07 -12.68
C ALA A 50 -23.02 -4.92 -12.02
N TRP A 51 -22.56 -4.48 -10.79
CA TRP A 51 -23.20 -3.33 -10.04
C TRP A 51 -23.40 -2.13 -11.01
N ALA A 52 -22.38 -2.00 -11.89
CA ALA A 52 -22.25 -0.95 -12.93
C ALA A 52 -22.91 -1.39 -14.28
N GLY A 53 -23.08 -2.73 -14.48
CA GLY A 53 -23.68 -3.31 -15.73
C GLY A 53 -25.06 -2.70 -16.07
N PHE A 54 -25.79 -2.24 -15.02
CA PHE A 54 -27.15 -1.64 -15.15
C PHE A 54 -27.04 -0.18 -15.70
N ALA A 55 -25.91 0.50 -15.40
CA ALA A 55 -25.65 1.92 -15.81
C ALA A 55 -25.63 2.08 -17.38
N ALA A 56 -24.89 1.17 -18.04
CA ALA A 56 -24.72 1.16 -19.52
C ALA A 56 -25.98 0.61 -20.25
N SER A 57 -26.77 -0.22 -19.54
CA SER A 57 -27.99 -0.87 -20.10
C SER A 57 -29.12 0.14 -20.43
N GLY A 58 -29.12 1.31 -19.74
CA GLY A 58 -30.18 2.34 -19.93
C GLY A 58 -30.19 2.94 -21.36
N VAL A 59 -29.03 3.48 -21.80
CA VAL A 59 -28.84 4.13 -23.16
C VAL A 59 -28.73 3.11 -24.30
N GLN A 60 -28.31 1.84 -24.01
CA GLN A 60 -28.08 0.78 -25.07
C GLN A 60 -29.29 0.73 -26.08
N THR A 61 -30.51 0.89 -25.52
CA THR A 61 -31.79 0.93 -26.30
C THR A 61 -31.95 2.31 -27.00
N GLY A 62 -31.28 3.34 -26.43
CA GLY A 62 -31.31 4.75 -26.89
C GLY A 62 -30.88 4.97 -28.36
N LEU A 63 -29.98 4.11 -28.90
CA LEU A 63 -29.46 4.23 -30.33
C LEU A 63 -30.68 4.13 -31.33
N PHE A 64 -31.61 3.20 -31.01
CA PHE A 64 -32.86 3.01 -31.78
C PHE A 64 -33.68 4.34 -31.72
N ALA A 65 -33.65 5.02 -30.52
CA ALA A 65 -34.42 6.29 -30.30
C ALA A 65 -34.01 7.45 -31.28
N ARG A 66 -32.66 7.68 -31.62
CA ARG A 66 -32.29 8.79 -32.60
C ARG A 66 -32.96 8.48 -33.97
N LEU A 67 -32.93 7.17 -34.37
CA LEU A 67 -33.55 6.75 -35.69
C LEU A 67 -35.13 6.99 -35.73
N THR A 68 -35.88 6.69 -34.62
CA THR A 68 -37.38 6.87 -34.56
C THR A 68 -37.85 8.36 -34.70
N TRP A 69 -37.14 9.31 -34.01
CA TRP A 69 -37.50 10.78 -33.95
C TRP A 69 -36.46 11.67 -34.63
N TRP A 70 -35.89 11.10 -35.69
CA TRP A 70 -34.82 11.72 -36.53
C TRP A 70 -35.11 13.19 -37.00
N GLU A 71 -36.36 13.72 -36.78
CA GLU A 71 -36.80 15.10 -37.23
C GLU A 71 -36.69 16.18 -36.10
N TYR A 72 -36.69 15.78 -34.79
CA TYR A 72 -36.62 16.72 -33.63
C TYR A 72 -35.44 17.75 -33.76
N SER A 73 -34.21 17.23 -34.04
CA SER A 73 -32.97 18.09 -34.22
C SER A 73 -31.77 17.24 -34.75
N TRP A 74 -31.66 15.99 -34.23
CA TRP A 74 -30.59 14.99 -34.59
C TRP A 74 -29.34 15.24 -33.71
N ASP A 75 -28.98 16.53 -33.54
CA ASP A 75 -27.86 17.01 -32.67
C ASP A 75 -28.20 16.63 -31.19
N ILE A 76 -27.92 15.36 -30.83
CA ILE A 76 -28.20 14.72 -29.50
C ILE A 76 -27.10 13.64 -29.33
N VAL A 77 -26.07 13.57 -30.28
CA VAL A 77 -25.00 12.53 -30.24
C VAL A 77 -24.25 12.49 -28.89
N GLU A 78 -23.17 11.67 -28.85
CA GLU A 78 -22.29 11.46 -27.65
C GLU A 78 -22.93 10.65 -26.40
N PRO A 79 -24.22 10.09 -26.32
CA PRO A 79 -24.67 9.41 -25.00
C PRO A 79 -23.85 8.15 -24.55
N VAL A 80 -23.59 7.24 -25.51
CA VAL A 80 -22.95 5.93 -25.21
C VAL A 80 -21.50 5.94 -24.64
N THR A 81 -20.51 6.76 -25.18
CA THR A 81 -19.11 6.68 -24.65
C THR A 81 -18.91 7.10 -23.16
N TYR A 82 -19.54 8.24 -22.66
CA TYR A 82 -19.39 8.66 -21.22
C TYR A 82 -20.00 7.59 -20.30
N PHE A 83 -21.17 6.97 -20.70
CA PHE A 83 -21.76 5.86 -19.86
C PHE A 83 -20.69 4.71 -19.79
N ALA A 84 -19.96 4.47 -20.90
CA ALA A 84 -18.85 3.46 -20.92
C ALA A 84 -17.75 3.88 -19.85
N THR A 85 -17.44 5.22 -19.75
CA THR A 85 -16.46 5.78 -18.72
C THR A 85 -16.97 5.46 -17.29
N TYR A 86 -18.33 5.52 -17.05
CA TYR A 86 -18.92 5.25 -15.70
C TYR A 86 -18.50 3.80 -15.25
N SER A 87 -18.53 2.87 -16.24
CA SER A 87 -18.07 1.46 -16.03
C SER A 87 -16.52 1.40 -15.70
N THR A 88 -15.66 2.23 -16.39
CA THR A 88 -14.16 2.23 -16.13
C THR A 88 -13.82 2.63 -14.65
N VAL A 89 -14.52 3.68 -14.05
CA VAL A 89 -14.31 4.05 -12.57
C VAL A 89 -14.65 2.78 -11.75
N ALA A 90 -15.66 1.98 -12.20
CA ALA A 90 -16.01 0.67 -11.52
C ALA A 90 -14.70 -0.24 -11.53
N ALA A 91 -13.90 -0.19 -12.66
CA ALA A 91 -12.61 -0.99 -12.77
C ALA A 91 -11.62 -0.60 -11.64
N THR A 92 -11.54 0.74 -11.34
CA THR A 92 -10.64 1.31 -10.27
C THR A 92 -11.01 0.74 -8.89
N PHE A 93 -12.36 0.58 -8.63
CA PHE A 93 -12.86 0.06 -7.30
C PHE A 93 -12.24 -1.35 -7.03
N GLY A 94 -12.10 -2.11 -8.12
CA GLY A 94 -11.58 -3.50 -8.14
C GLY A 94 -10.37 -3.80 -7.17
N TYR A 95 -9.51 -2.77 -6.87
CA TYR A 95 -8.30 -2.97 -5.96
C TYR A 95 -8.70 -3.44 -4.52
N TYR A 96 -9.92 -3.06 -4.12
CA TYR A 96 -10.56 -3.36 -2.81
C TYR A 96 -11.14 -4.80 -2.88
N LEU A 97 -12.08 -4.95 -3.84
CA LEU A 97 -12.79 -6.23 -4.14
C LEU A 97 -11.84 -7.42 -4.58
N TYR A 98 -10.56 -7.18 -5.04
CA TYR A 98 -9.75 -8.29 -5.71
C TYR A 98 -9.41 -9.55 -4.83
N THR A 99 -8.59 -9.44 -3.73
CA THR A 99 -8.28 -10.65 -2.87
C THR A 99 -9.53 -11.06 -2.01
N GLN A 100 -10.20 -10.05 -1.38
CA GLN A 100 -11.42 -10.26 -0.51
C GLN A 100 -12.53 -11.15 -1.15
N GLN A 101 -12.61 -11.19 -2.51
CA GLN A 101 -13.68 -11.95 -3.28
C GLN A 101 -13.84 -13.40 -2.73
N SER A 102 -12.72 -13.95 -2.18
CA SER A 102 -12.68 -15.31 -1.58
C SER A 102 -13.84 -15.53 -0.55
N PHE A 103 -14.29 -14.41 0.11
CA PHE A 103 -15.38 -14.46 1.13
C PHE A 103 -16.75 -14.85 0.46
N GLU A 104 -17.06 -14.18 -0.68
CA GLU A 104 -18.32 -14.38 -1.47
C GLU A 104 -18.35 -15.75 -2.23
N TYR A 105 -17.16 -16.26 -2.59
CA TYR A 105 -16.98 -17.51 -3.42
C TYR A 105 -17.80 -18.80 -2.96
N PRO A 106 -18.01 -19.13 -1.64
CA PRO A 106 -18.76 -20.43 -1.23
C PRO A 106 -20.24 -20.42 -1.70
N SER A 107 -20.77 -19.21 -1.99
CA SER A 107 -22.20 -19.00 -2.42
C SER A 107 -22.55 -19.78 -3.73
N ALA A 108 -21.52 -20.33 -4.41
CA ALA A 108 -21.67 -21.12 -5.67
C ALA A 108 -22.50 -22.42 -5.46
N ARG A 109 -22.83 -22.75 -4.18
CA ARG A 109 -23.62 -23.96 -3.80
C ARG A 109 -24.07 -23.81 -2.32
N GLU A 110 -25.40 -23.98 -2.05
CA GLU A 110 -26.01 -23.89 -0.69
C GLU A 110 -27.43 -24.50 -0.77
N ARG A 111 -27.85 -25.29 0.27
CA ARG A 111 -29.20 -25.95 0.34
C ARG A 111 -29.43 -26.45 1.80
N VAL A 112 -30.23 -25.70 2.61
CA VAL A 112 -30.55 -26.00 4.04
C VAL A 112 -29.26 -25.89 4.91
N TYR A 113 -28.69 -24.66 4.93
CA TYR A 113 -27.46 -24.32 5.73
C TYR A 113 -26.31 -25.40 5.64
N THR A 114 -25.58 -25.40 4.48
CA THR A 114 -24.45 -26.36 4.21
C THR A 114 -23.59 -25.77 3.07
N LYS A 115 -22.28 -25.50 3.35
CA LYS A 115 -21.33 -24.91 2.36
C LYS A 115 -19.88 -25.07 2.90
N GLN A 116 -18.86 -24.75 2.04
CA GLN A 116 -17.41 -24.84 2.40
C GLN A 116 -17.08 -23.84 3.56
N PHE A 117 -17.40 -24.26 4.82
CA PHE A 117 -17.18 -23.49 6.09
C PHE A 117 -16.49 -24.41 7.13
N TYR A 118 -15.29 -24.87 6.75
CA TYR A 118 -14.43 -25.76 7.59
C TYR A 118 -13.04 -25.82 6.87
N ARG A 119 -11.95 -25.51 7.63
CA ARG A 119 -10.54 -25.48 7.13
C ARG A 119 -10.35 -24.28 6.14
N ARG A 120 -11.14 -24.30 5.04
CA ARG A 120 -11.15 -23.27 3.96
C ARG A 120 -9.75 -23.14 3.27
N ALA A 121 -9.71 -23.28 1.91
CA ALA A 121 -8.48 -23.19 1.08
C ALA A 121 -8.21 -21.72 0.65
N GLN A 122 -9.26 -20.87 0.70
CA GLN A 122 -9.23 -19.42 0.29
C GLN A 122 -9.07 -19.28 -1.27
N LYS A 123 -8.12 -20.07 -1.85
CA LYS A 123 -7.78 -20.11 -3.30
C LYS A 123 -7.79 -18.72 -4.03
N GLN A 124 -7.00 -17.75 -3.49
CA GLN A 124 -6.84 -16.37 -4.06
C GLN A 124 -5.74 -15.65 -3.19
N ASN A 125 -4.83 -14.80 -3.81
CA ASN A 125 -3.74 -14.08 -3.10
C ASN A 125 -3.03 -13.16 -4.13
N PHE A 126 -2.65 -11.91 -3.71
CA PHE A 126 -1.95 -10.95 -4.60
C PHE A 126 -1.27 -9.86 -3.70
N ASP A 127 -1.69 -9.73 -2.40
CA ASP A 127 -1.09 -8.74 -1.45
C ASP A 127 -1.49 -8.98 0.07
N ILE A 128 -2.83 -9.19 0.43
CA ILE A 128 -3.22 -9.38 1.90
C ILE A 128 -2.71 -10.77 2.43
N GLU A 129 -2.99 -11.87 1.67
CA GLU A 129 -2.57 -13.28 2.06
C GLU A 129 -1.03 -13.35 2.21
N LYS A 130 -0.32 -12.79 1.21
CA LYS A 130 1.17 -12.80 1.12
C LYS A 130 1.86 -12.11 2.37
N TYR A 131 1.45 -10.87 2.74
CA TYR A 131 1.99 -10.11 3.90
C TYR A 131 1.57 -10.71 5.29
N ASN A 132 0.24 -10.94 5.49
CA ASN A 132 -0.33 -11.41 6.81
C ASN A 132 0.27 -12.74 7.26
N ARG A 133 0.19 -13.67 6.34
CA ARG A 133 0.65 -15.08 6.60
C ARG A 133 2.16 -15.10 6.99
N LEU A 134 3.04 -14.44 6.17
CA LEU A 134 4.52 -14.44 6.44
C LEU A 134 4.87 -13.92 7.90
N VAL A 135 4.32 -12.72 8.30
CA VAL A 135 4.56 -12.24 9.71
C VAL A 135 4.12 -13.38 10.75
N THR A 136 3.05 -14.20 10.43
CA THR A 136 2.62 -15.36 11.33
C THR A 136 3.82 -16.32 11.62
N GLU A 137 4.69 -16.51 10.59
CA GLU A 137 5.95 -17.35 10.74
C GLU A 137 6.75 -16.80 11.99
N VAL A 138 6.71 -15.41 12.18
CA VAL A 138 7.41 -14.77 13.39
C VAL A 138 6.85 -15.36 14.72
N ASP A 139 5.54 -15.71 14.71
CA ASP A 139 4.87 -16.32 15.93
C ASP A 139 5.60 -17.60 16.45
N GLU A 140 6.04 -18.47 15.50
CA GLU A 140 6.69 -19.76 15.88
C GLU A 140 8.10 -19.51 16.50
N LEU A 141 8.92 -18.51 15.96
CA LEU A 141 10.28 -18.24 16.62
C LEU A 141 10.05 -17.80 18.11
N ARG A 142 8.89 -17.09 18.40
CA ARG A 142 8.54 -16.68 19.83
C ARG A 142 8.46 -17.99 20.69
N ASN A 143 8.01 -19.15 20.06
CA ASN A 143 7.89 -20.47 20.82
C ASN A 143 9.30 -21.11 21.18
N GLN A 144 10.28 -21.10 20.23
CA GLN A 144 11.64 -21.74 20.45
C GLN A 144 12.48 -20.93 21.50
N LEU A 145 12.24 -19.59 21.56
CA LEU A 145 12.92 -18.66 22.54
C LEU A 145 12.50 -19.02 23.98
N LYS A 146 11.19 -19.23 24.17
CA LYS A 146 10.59 -19.63 25.47
C LYS A 146 11.35 -20.85 26.10
N ARG A 147 11.63 -21.95 25.29
CA ARG A 147 12.29 -23.16 25.87
C ARG A 147 13.76 -22.80 26.29
N LEU A 148 14.54 -22.05 25.41
CA LEU A 148 15.95 -21.59 25.77
C LEU A 148 16.02 -20.86 27.16
N ARG A 149 14.95 -20.09 27.51
CA ARG A 149 14.88 -19.31 28.80
C ARG A 149 14.72 -20.29 30.01
N ASP A 150 14.07 -21.49 29.83
CA ASP A 150 13.87 -22.48 30.97
C ASP A 150 15.24 -23.02 31.63
N PRO A 151 16.30 -23.57 30.90
CA PRO A 151 17.64 -23.98 31.55
C PRO A 151 18.40 -22.66 31.89
N LEU A 152 19.70 -22.46 31.43
CA LEU A 152 20.47 -21.19 31.61
C LEU A 152 20.35 -20.47 30.24
N GLU A 153 21.27 -20.86 29.34
CA GLU A 153 21.38 -20.35 27.95
C GLU A 153 22.33 -21.28 27.18
N MET B 1 47.11 -16.53 -2.11
CA MET B 1 47.48 -17.22 -0.84
C MET B 1 46.83 -18.64 -0.84
N ALA B 2 45.60 -18.72 -1.38
CA ALA B 2 44.80 -19.98 -1.49
C ALA B 2 43.59 -19.71 -2.44
N ALA B 3 43.65 -20.24 -3.70
CA ALA B 3 42.58 -20.08 -4.73
C ALA B 3 41.25 -20.74 -4.26
N LEU B 4 40.35 -19.93 -3.63
CA LEU B 4 39.03 -20.39 -3.11
C LEU B 4 38.20 -19.12 -2.77
N SER B 5 38.84 -18.15 -2.07
CA SER B 5 38.22 -16.86 -1.65
C SER B 5 39.34 -15.92 -1.15
N VAL B 6 39.02 -14.60 -1.08
CA VAL B 6 39.97 -13.52 -0.63
C VAL B 6 40.11 -13.60 0.93
N ASP B 7 39.05 -13.13 1.65
CA ASP B 7 38.99 -13.10 3.15
C ASP B 7 38.93 -14.54 3.73
N GLU B 8 39.38 -14.70 5.00
CA GLU B 8 39.40 -15.98 5.76
C GLU B 8 39.72 -15.64 7.25
N TYR B 9 38.66 -15.52 8.11
CA TYR B 9 38.80 -15.18 9.56
C TYR B 9 39.56 -16.29 10.33
N LYS B 10 39.93 -15.99 11.61
CA LYS B 10 40.68 -16.91 12.51
C LYS B 10 39.83 -18.14 12.95
N LEU B 11 38.50 -18.13 12.63
CA LEU B 11 37.56 -19.24 13.00
C LEU B 11 36.27 -19.10 12.13
N SER B 12 36.29 -19.76 10.92
CA SER B 12 35.17 -19.78 9.94
C SER B 12 35.61 -20.74 8.81
N ARG B 13 35.29 -22.03 9.04
CA ARG B 13 35.61 -23.15 8.13
C ARG B 13 34.82 -23.00 6.81
N GLU B 14 33.45 -23.02 6.90
CA GLU B 14 32.53 -22.88 5.71
C GLU B 14 31.04 -22.69 6.15
N LYS B 15 30.63 -23.23 7.33
CA LYS B 15 29.19 -23.18 7.77
C LYS B 15 28.64 -21.72 7.94
N LYS B 16 29.44 -20.80 8.55
CA LYS B 16 29.04 -19.37 8.76
C LYS B 16 28.81 -18.67 7.37
N LEU B 17 29.70 -18.95 6.38
CA LEU B 17 29.61 -18.36 5.01
C LEU B 17 28.25 -18.74 4.33
N LEU B 18 27.81 -20.03 4.51
CA LEU B 18 26.52 -20.54 3.90
C LEU B 18 25.29 -19.77 4.43
N LEU B 19 25.23 -19.47 5.77
CA LEU B 19 24.07 -18.68 6.37
C LEU B 19 24.01 -17.24 5.75
N GLN B 20 25.21 -16.59 5.58
CA GLN B 20 25.31 -15.24 4.94
C GLN B 20 24.78 -15.32 3.47
N LEU B 21 25.09 -16.47 2.79
CA LEU B 21 24.66 -16.75 1.38
C LEU B 21 23.09 -16.81 1.29
N GLU B 22 22.40 -17.44 2.32
CA GLU B 22 20.89 -17.53 2.32
C GLU B 22 20.28 -16.10 2.34
N ASN B 23 20.86 -15.15 3.17
CA ASN B 23 20.38 -13.73 3.21
C ASN B 23 20.54 -13.06 1.80
N ALA B 24 21.70 -13.34 1.11
CA ALA B 24 22.01 -12.78 -0.23
C ALA B 24 20.95 -13.22 -1.30
N GLU B 25 20.52 -14.53 -1.28
CA GLU B 25 19.48 -15.05 -2.25
C GLU B 25 18.13 -14.30 -2.07
N THR B 26 17.74 -14.07 -0.78
CA THR B 26 16.46 -13.37 -0.43
C THR B 26 16.45 -11.90 -0.93
N LEU B 27 17.60 -11.21 -0.78
CA LEU B 27 17.80 -9.79 -1.20
C LEU B 27 17.59 -9.62 -2.73
N LEU B 28 18.11 -10.62 -3.51
CA LEU B 28 18.10 -10.67 -5.01
C LEU B 28 18.16 -9.28 -5.69
N ALA B 29 19.13 -8.46 -5.18
CA ALA B 29 19.46 -7.10 -5.70
C ALA B 29 20.02 -7.33 -7.14
N PRO B 30 21.03 -8.25 -7.36
CA PRO B 30 21.51 -8.69 -8.74
C PRO B 30 20.50 -8.51 -9.94
N LEU B 31 19.44 -9.36 -10.00
CA LEU B 31 18.40 -9.29 -11.07
C LEU B 31 17.66 -7.91 -11.03
N HIS B 32 17.33 -7.39 -9.79
CA HIS B 32 16.59 -6.08 -9.68
C HIS B 32 17.44 -4.88 -10.26
N ASP B 33 18.79 -4.82 -9.95
CA ASP B 33 19.72 -3.77 -10.50
C ASP B 33 19.83 -3.89 -12.05
N ALA B 34 19.88 -5.16 -12.54
CA ALA B 34 20.00 -5.49 -13.99
C ALA B 34 18.79 -4.90 -14.78
N LYS B 35 17.56 -4.95 -14.17
CA LYS B 35 16.34 -4.36 -14.80
C LYS B 35 16.55 -2.83 -15.00
N ARG B 36 17.20 -2.20 -13.98
CA ARG B 36 17.45 -0.72 -13.96
C ARG B 36 18.32 -0.27 -15.20
N LYS B 37 19.35 -1.08 -15.57
CA LYS B 37 20.28 -0.77 -16.73
C LYS B 37 19.52 -0.69 -18.11
N ILE B 38 18.54 -1.62 -18.32
CA ILE B 38 17.72 -1.77 -19.59
C ILE B 38 16.32 -1.07 -19.45
N GLU B 39 16.03 -0.45 -18.28
CA GLU B 39 14.72 0.24 -17.93
C GLU B 39 13.84 0.77 -19.14
N GLN B 40 14.49 1.18 -20.26
CA GLN B 40 13.80 1.70 -21.48
C GLN B 40 12.75 0.66 -22.02
N GLU B 41 12.99 -0.65 -21.77
CA GLU B 41 12.10 -1.77 -22.22
C GLU B 41 10.75 -1.79 -21.50
N ALA B 42 10.50 -0.83 -20.55
CA ALA B 42 9.23 -0.77 -19.73
C ALA B 42 7.93 -0.96 -20.60
N GLU B 43 8.09 -0.81 -21.95
CA GLU B 43 7.02 -1.05 -22.96
C GLU B 43 6.69 -2.58 -23.03
N ALA B 44 7.42 -3.40 -22.22
CA ALA B 44 7.26 -4.88 -22.14
C ALA B 44 5.86 -5.26 -21.57
N HIS B 45 5.36 -4.47 -20.57
CA HIS B 45 4.02 -4.69 -19.90
C HIS B 45 2.89 -3.87 -20.56
N THR B 46 3.25 -2.85 -21.40
CA THR B 46 2.26 -1.95 -22.10
C THR B 46 1.27 -2.76 -22.97
N ASP B 47 1.61 -4.06 -23.22
CA ASP B 47 0.76 -5.02 -24.00
C ASP B 47 -0.62 -5.21 -23.29
N ARG B 48 -0.66 -4.91 -21.96
CA ARG B 48 -1.89 -5.02 -21.10
C ARG B 48 -2.65 -3.67 -21.12
N VAL B 49 -1.89 -2.54 -21.24
CA VAL B 49 -2.46 -1.17 -21.31
C VAL B 49 -2.97 -0.95 -22.75
N ALA B 50 -2.43 -1.77 -23.69
CA ALA B 50 -2.79 -1.74 -25.15
C ALA B 50 -4.29 -2.11 -25.34
N TRP B 51 -4.94 -2.69 -24.27
CA TRP B 51 -6.40 -3.06 -24.32
C TRP B 51 -7.25 -1.83 -24.77
N ALA B 52 -6.71 -0.65 -24.42
CA ALA B 52 -7.29 0.69 -24.71
C ALA B 52 -7.18 1.07 -26.22
N GLY B 53 -6.22 0.44 -26.95
CA GLY B 53 -5.96 0.72 -28.40
C GLY B 53 -7.18 0.50 -29.32
N PHE B 54 -8.00 -0.56 -29.02
CA PHE B 54 -9.21 -0.92 -29.84
C PHE B 54 -10.37 0.09 -29.60
N ALA B 55 -10.44 0.68 -28.39
CA ALA B 55 -11.52 1.65 -27.99
C ALA B 55 -11.47 2.95 -28.85
N ALA B 56 -10.26 3.53 -29.00
CA ALA B 56 -10.02 4.79 -29.75
C ALA B 56 -10.08 4.55 -31.28
N SER B 57 -9.70 3.32 -31.73
CA SER B 57 -9.65 2.94 -33.17
C SER B 57 -11.02 3.06 -33.88
N GLY B 58 -12.11 2.97 -33.09
CA GLY B 58 -13.50 3.04 -33.63
C GLY B 58 -13.82 4.35 -34.40
N VAL B 59 -13.61 5.52 -33.73
CA VAL B 59 -13.92 6.89 -34.29
C VAL B 59 -12.89 7.44 -35.33
N GLN B 60 -11.60 6.96 -35.35
CA GLN B 60 -10.55 7.50 -36.31
C GLN B 60 -11.10 7.57 -37.79
N THR B 61 -11.85 6.52 -38.20
CA THR B 61 -12.50 6.46 -39.56
C THR B 61 -13.76 7.36 -39.60
N GLY B 62 -14.33 7.62 -38.39
CA GLY B 62 -15.58 8.43 -38.19
C GLY B 62 -15.47 9.89 -38.65
N LEU B 63 -14.24 10.48 -38.67
CA LEU B 63 -14.01 11.91 -39.09
C LEU B 63 -14.47 12.12 -40.57
N PHE B 64 -14.20 11.11 -41.44
CA PHE B 64 -14.59 11.13 -42.88
C PHE B 64 -16.15 11.25 -42.98
N ALA B 65 -16.84 10.52 -42.06
CA ALA B 65 -18.33 10.54 -41.94
C ALA B 65 -18.85 11.98 -41.61
N ARG B 66 -18.10 12.74 -40.73
CA ARG B 66 -18.52 14.15 -40.32
C ARG B 66 -18.58 15.04 -41.59
N LEU B 67 -17.58 14.87 -42.52
CA LEU B 67 -17.57 15.61 -43.82
C LEU B 67 -18.84 15.24 -44.69
N THR B 68 -19.22 13.93 -44.71
CA THR B 68 -20.35 13.37 -45.51
C THR B 68 -21.79 13.91 -45.16
N TRP B 69 -22.14 14.08 -43.83
CA TRP B 69 -23.53 14.50 -43.37
C TRP B 69 -23.64 16.00 -43.04
N TRP B 70 -22.79 16.81 -43.70
CA TRP B 70 -22.75 18.30 -43.51
C TRP B 70 -24.12 19.01 -43.85
N GLU B 71 -25.12 18.26 -44.46
CA GLU B 71 -26.44 18.84 -44.91
C GLU B 71 -27.57 18.88 -43.81
N TYR B 72 -27.74 17.83 -42.94
CA TYR B 72 -28.84 17.77 -41.92
C TYR B 72 -28.79 18.96 -40.89
N SER B 73 -27.59 19.18 -40.31
CA SER B 73 -27.34 20.25 -39.31
C SER B 73 -25.82 20.55 -39.40
N TRP B 74 -25.01 20.04 -38.44
CA TRP B 74 -23.51 20.13 -38.39
C TRP B 74 -23.02 19.90 -36.94
N ASP B 75 -23.63 20.62 -35.97
CA ASP B 75 -23.30 20.55 -34.50
C ASP B 75 -23.33 19.06 -34.04
N ILE B 76 -22.19 18.39 -34.17
CA ILE B 76 -21.99 16.95 -33.88
C ILE B 76 -20.45 16.80 -33.67
N VAL B 77 -19.65 17.96 -33.62
CA VAL B 77 -18.16 17.88 -33.45
C VAL B 77 -17.82 17.43 -32.03
N GLU B 78 -16.51 17.50 -31.67
CA GLU B 78 -15.98 17.09 -30.34
C GLU B 78 -15.86 15.49 -30.12
N PRO B 79 -16.18 14.50 -31.05
CA PRO B 79 -16.10 13.00 -30.65
C PRO B 79 -14.72 12.42 -30.21
N VAL B 80 -13.64 12.79 -30.93
CA VAL B 80 -12.29 12.18 -30.68
C VAL B 80 -11.67 12.38 -29.26
N THR B 81 -11.69 13.61 -28.60
CA THR B 81 -11.04 13.72 -27.24
C THR B 81 -11.71 12.85 -26.12
N TYR B 82 -13.10 12.79 -26.03
CA TYR B 82 -13.78 11.98 -24.96
C TYR B 82 -13.39 10.49 -25.11
N PHE B 83 -13.26 9.96 -26.37
CA PHE B 83 -12.73 8.55 -26.57
C PHE B 83 -11.27 8.49 -25.96
N ALA B 84 -10.46 9.59 -26.16
CA ALA B 84 -9.08 9.70 -25.59
C ALA B 84 -9.16 9.61 -24.02
N THR B 85 -10.21 10.26 -23.39
CA THR B 85 -10.42 10.23 -21.89
C THR B 85 -10.60 8.74 -21.41
N TYR B 86 -11.32 7.88 -22.22
CA TYR B 86 -11.54 6.43 -21.86
C TYR B 86 -10.14 5.74 -21.69
N SER B 87 -9.19 6.09 -22.60
CA SER B 87 -7.77 5.60 -22.52
C SER B 87 -7.05 6.11 -21.20
N THR B 88 -7.30 7.39 -20.80
CA THR B 88 -6.61 8.06 -19.62
C THR B 88 -6.87 7.28 -18.28
N VAL B 89 -8.14 6.87 -18.07
CA VAL B 89 -8.55 5.99 -16.90
C VAL B 89 -7.78 4.64 -17.03
N ALA B 90 -7.55 4.15 -18.29
CA ALA B 90 -6.78 2.85 -18.50
C ALA B 90 -5.38 2.98 -17.81
N ALA B 91 -4.74 4.20 -17.89
CA ALA B 91 -3.41 4.48 -17.21
C ALA B 91 -3.58 4.27 -15.67
N THR B 92 -4.76 4.71 -15.13
CA THR B 92 -5.11 4.59 -13.69
C THR B 92 -5.11 3.09 -13.22
N PHE B 93 -5.61 2.16 -14.09
CA PHE B 93 -5.67 0.66 -13.79
C PHE B 93 -4.25 0.13 -13.47
N GLY B 94 -3.28 0.69 -14.20
CA GLY B 94 -1.85 0.32 -14.14
C GLY B 94 -1.24 0.03 -12.76
N TYR B 95 -1.87 0.50 -11.64
CA TYR B 95 -1.33 0.25 -10.25
C TYR B 95 -1.49 -1.24 -9.81
N TYR B 96 -2.39 -2.01 -10.46
CA TYR B 96 -2.66 -3.44 -10.11
C TYR B 96 -1.60 -4.39 -10.73
N LEU B 97 -1.56 -4.37 -12.09
CA LEU B 97 -0.72 -5.27 -12.93
C LEU B 97 0.82 -4.93 -13.10
N TYR B 98 1.34 -3.68 -12.81
CA TYR B 98 2.78 -3.34 -13.20
C TYR B 98 3.92 -4.20 -12.55
N THR B 99 4.13 -4.17 -11.18
CA THR B 99 5.20 -4.97 -10.52
C THR B 99 4.93 -6.50 -10.69
N GLN B 100 3.62 -6.91 -10.60
CA GLN B 100 3.17 -8.33 -10.79
C GLN B 100 3.72 -9.00 -12.12
N GLN B 101 4.05 -8.19 -13.18
CA GLN B 101 4.45 -8.73 -14.55
C GLN B 101 5.49 -9.88 -14.44
N SER B 102 6.30 -9.85 -13.35
CA SER B 102 7.32 -10.89 -13.03
C SER B 102 6.71 -12.33 -13.00
N PHE B 103 5.51 -12.49 -12.33
CA PHE B 103 4.82 -13.82 -12.21
C PHE B 103 4.22 -14.31 -13.57
N GLU B 104 3.59 -13.38 -14.34
CA GLU B 104 2.89 -13.69 -15.62
C GLU B 104 3.85 -14.11 -16.80
N TYR B 105 4.90 -13.29 -17.06
CA TYR B 105 5.85 -13.50 -18.22
C TYR B 105 6.49 -14.96 -18.34
N PRO B 106 7.09 -15.57 -17.26
CA PRO B 106 7.73 -16.98 -17.33
C PRO B 106 6.94 -18.03 -18.18
N SER B 107 5.61 -17.83 -18.27
CA SER B 107 4.68 -18.70 -19.06
C SER B 107 5.05 -18.64 -20.57
N ALA B 108 5.34 -17.41 -21.05
CA ALA B 108 5.77 -17.12 -22.46
C ALA B 108 7.22 -17.65 -22.68
N ARG B 109 7.64 -17.86 -23.96
CA ARG B 109 9.00 -18.40 -24.31
C ARG B 109 10.17 -17.58 -23.66
N GLU B 110 11.26 -18.30 -23.24
CA GLU B 110 12.48 -17.72 -22.61
C GLU B 110 13.70 -18.53 -23.16
N ARG B 111 13.67 -18.78 -24.50
CA ARG B 111 14.74 -19.55 -25.24
C ARG B 111 16.13 -18.86 -25.09
N VAL B 112 17.02 -19.42 -24.21
CA VAL B 112 18.40 -18.89 -23.96
C VAL B 112 19.29 -19.20 -25.21
N TYR B 113 20.12 -20.28 -25.15
CA TYR B 113 21.02 -20.71 -26.27
C TYR B 113 21.94 -19.54 -26.79
N THR B 114 21.41 -18.73 -27.76
CA THR B 114 22.14 -17.56 -28.35
C THR B 114 22.22 -16.42 -27.31
N LYS B 115 23.20 -15.49 -27.49
CA LYS B 115 23.43 -14.31 -26.59
C LYS B 115 22.22 -13.33 -26.67
N GLN B 116 22.04 -12.50 -25.61
CA GLN B 116 20.95 -11.49 -25.51
C GLN B 116 19.55 -12.15 -25.65
N PHE B 117 18.48 -11.32 -25.82
CA PHE B 117 17.07 -11.76 -25.97
C PHE B 117 16.34 -10.78 -26.95
N TYR B 118 15.77 -11.32 -28.08
CA TYR B 118 15.02 -10.51 -29.09
C TYR B 118 13.68 -10.04 -28.45
N ARG B 119 12.98 -11.02 -27.81
CA ARG B 119 11.70 -10.80 -27.09
C ARG B 119 12.06 -10.44 -25.61
N ARG B 120 12.37 -9.14 -25.36
CA ARG B 120 12.76 -8.61 -24.01
C ARG B 120 11.60 -8.83 -22.98
N ALA B 121 11.95 -9.07 -21.68
CA ALA B 121 10.97 -9.32 -20.58
C ALA B 121 11.68 -9.24 -19.20
N GLN B 122 12.47 -10.30 -18.88
CA GLN B 122 13.22 -10.45 -17.59
C GLN B 122 12.22 -10.53 -16.39
N LYS B 123 12.30 -9.59 -15.40
CA LYS B 123 11.40 -9.56 -14.20
C LYS B 123 11.57 -8.19 -13.46
N GLN B 124 10.44 -7.47 -13.21
CA GLN B 124 10.42 -6.12 -12.56
C GLN B 124 10.81 -6.22 -11.04
N ASN B 125 9.85 -6.64 -10.16
CA ASN B 125 10.08 -6.83 -8.69
C ASN B 125 10.83 -5.64 -7.98
N PHE B 126 10.08 -4.72 -7.25
CA PHE B 126 10.70 -3.57 -6.51
C PHE B 126 9.76 -2.93 -5.46
N ASP B 127 8.48 -3.43 -5.29
CA ASP B 127 7.52 -2.87 -4.25
C ASP B 127 6.69 -4.02 -3.57
N ILE B 128 5.99 -4.97 -4.34
CA ILE B 128 5.22 -6.11 -3.67
C ILE B 128 6.28 -7.10 -3.06
N GLU B 129 7.22 -7.44 -3.97
CA GLU B 129 8.34 -8.38 -3.72
C GLU B 129 9.31 -7.85 -2.65
N LYS B 130 9.70 -6.56 -2.79
CA LYS B 130 10.67 -5.90 -1.87
C LYS B 130 10.27 -6.08 -0.37
N TYR B 131 9.00 -5.76 0.03
CA TYR B 131 8.55 -5.91 1.44
C TYR B 131 8.39 -7.40 1.88
N ASN B 132 7.64 -8.22 1.08
CA ASN B 132 7.34 -9.65 1.48
C ASN B 132 8.62 -10.51 1.52
N ARG B 133 9.34 -10.45 0.41
CA ARG B 133 10.59 -11.27 0.22
C ARG B 133 11.60 -11.00 1.40
N LEU B 134 11.83 -9.69 1.72
CA LEU B 134 12.79 -9.30 2.82
C LEU B 134 12.37 -9.93 4.22
N VAL B 135 11.08 -9.73 4.68
CA VAL B 135 10.62 -10.36 5.97
C VAL B 135 10.93 -11.93 5.93
N THR B 136 10.92 -12.56 4.70
CA THR B 136 11.30 -14.03 4.53
C THR B 136 12.74 -14.27 5.10
N GLU B 137 13.58 -13.19 5.03
CA GLU B 137 14.97 -13.24 5.64
C GLU B 137 14.81 -13.63 7.15
N VAL B 138 13.68 -13.14 7.79
CA VAL B 138 13.39 -13.58 9.24
C VAL B 138 13.21 -15.12 9.28
N ASP B 139 12.63 -15.69 8.17
CA ASP B 139 12.37 -17.19 8.11
C ASP B 139 13.67 -18.04 8.35
N GLU B 140 14.85 -17.59 7.78
CA GLU B 140 16.15 -18.34 8.03
C GLU B 140 16.56 -18.12 9.50
N LEU B 141 16.16 -16.96 10.08
CA LEU B 141 16.43 -16.64 11.54
C LEU B 141 15.78 -17.72 12.44
N ARG B 142 14.56 -18.22 12.02
CA ARG B 142 13.84 -19.30 12.77
C ARG B 142 14.74 -20.60 12.69
N ASN B 143 15.48 -20.84 11.52
CA ASN B 143 16.35 -22.08 11.37
C ASN B 143 17.55 -22.11 12.38
N GLN B 144 18.27 -20.96 12.52
CA GLN B 144 19.43 -20.83 13.44
C GLN B 144 18.98 -21.16 14.89
N LEU B 145 17.82 -20.58 15.26
CA LEU B 145 17.18 -20.73 16.60
C LEU B 145 17.08 -22.21 17.07
N LYS B 146 16.52 -23.07 16.18
CA LYS B 146 16.35 -24.55 16.46
C LYS B 146 17.66 -25.18 16.99
N ARG B 147 18.80 -24.89 16.27
CA ARG B 147 20.09 -25.50 16.61
C ARG B 147 20.68 -24.97 17.97
N LEU B 148 20.64 -23.62 18.37
CA LEU B 148 21.17 -23.21 19.76
C LEU B 148 20.29 -23.87 20.91
N ARG B 149 18.95 -24.13 20.68
CA ARG B 149 18.00 -24.73 21.72
C ARG B 149 18.31 -26.24 22.01
N ASP B 150 18.81 -26.99 20.99
CA ASP B 150 19.04 -28.49 21.09
C ASP B 150 20.02 -29.04 22.26
N PRO B 151 21.23 -28.46 22.57
CA PRO B 151 22.22 -29.09 23.62
C PRO B 151 21.61 -29.36 25.04
N LEU B 152 21.27 -28.30 25.85
CA LEU B 152 20.65 -28.51 27.23
C LEU B 152 19.31 -29.24 27.02
N GLU B 153 18.34 -28.43 26.58
CA GLU B 153 16.96 -28.89 26.23
C GLU B 153 16.25 -27.77 25.44
N MET C 1 48.42 9.69 19.88
CA MET C 1 47.85 9.18 21.16
C MET C 1 46.30 9.21 21.04
N ALA C 2 45.61 8.16 21.59
CA ALA C 2 44.13 8.02 21.57
C ALA C 2 43.55 8.03 20.13
N ALA C 3 42.21 7.86 20.02
CA ALA C 3 41.46 7.84 18.74
C ALA C 3 41.99 6.72 17.77
N LEU C 4 42.79 7.10 16.73
CA LEU C 4 43.38 6.17 15.72
C LEU C 4 42.24 5.45 14.92
N SER C 5 41.88 6.00 13.72
CA SER C 5 40.82 5.47 12.82
C SER C 5 39.43 5.34 13.50
N VAL C 6 39.31 5.94 14.72
CA VAL C 6 38.06 5.95 15.55
C VAL C 6 37.74 4.51 16.06
N ASP C 7 37.48 3.57 15.11
CA ASP C 7 37.15 2.14 15.40
C ASP C 7 37.29 1.30 14.09
N GLU C 8 38.44 0.58 13.92
CA GLU C 8 38.74 -0.27 12.73
C GLU C 8 39.94 -1.20 13.09
N TYR C 9 41.09 -0.56 13.44
CA TYR C 9 42.36 -1.26 13.81
C TYR C 9 42.18 -2.01 15.18
N LYS C 10 41.41 -3.13 15.14
CA LYS C 10 41.07 -3.99 16.31
C LYS C 10 41.26 -5.48 15.92
N LEU C 11 40.81 -6.40 16.82
CA LEU C 11 40.88 -7.87 16.62
C LEU C 11 39.98 -8.57 17.69
N SER C 12 40.02 -8.06 18.95
CA SER C 12 39.20 -8.60 20.10
C SER C 12 39.21 -7.60 21.28
N ARG C 13 39.10 -6.31 20.95
CA ARG C 13 39.10 -5.16 21.92
C ARG C 13 37.64 -4.77 22.32
N GLU C 14 36.72 -4.65 21.31
CA GLU C 14 35.29 -4.26 21.53
C GLU C 14 34.44 -4.48 20.23
N LYS C 15 34.31 -5.78 19.82
CA LYS C 15 33.53 -6.22 18.61
C LYS C 15 32.01 -5.85 18.72
N LYS C 16 31.43 -6.00 19.94
CA LYS C 16 29.98 -5.74 20.21
C LYS C 16 29.58 -4.27 19.88
N LEU C 17 30.47 -3.32 20.25
CA LEU C 17 30.31 -1.86 19.97
C LEU C 17 30.23 -1.64 18.42
N LEU C 18 31.06 -2.40 17.65
CA LEU C 18 31.10 -2.29 16.14
C LEU C 18 29.68 -2.62 15.56
N LEU C 19 28.99 -3.69 16.12
CA LEU C 19 27.59 -4.03 15.66
C LEU C 19 26.61 -2.83 15.92
N GLN C 20 26.73 -2.10 17.09
CA GLN C 20 25.83 -0.91 17.37
C GLN C 20 26.03 0.16 16.24
N LEU C 21 27.30 0.37 15.79
CA LEU C 21 27.65 1.29 14.65
C LEU C 21 26.98 0.78 13.31
N GLU C 22 26.95 -0.60 13.07
CA GLU C 22 26.38 -1.17 11.80
C GLU C 22 24.86 -0.80 11.69
N ASN C 23 24.15 -0.87 12.84
CA ASN C 23 22.69 -0.51 12.91
C ASN C 23 22.48 1.00 12.54
N ALA C 24 23.37 1.89 13.06
CA ALA C 24 23.27 3.36 12.82
C ALA C 24 23.34 3.74 11.30
N GLU C 25 24.29 3.10 10.51
CA GLU C 25 24.40 3.35 9.03
C GLU C 25 23.08 2.89 8.29
N THR C 26 22.43 1.72 8.72
CA THR C 26 21.16 1.25 8.03
C THR C 26 20.04 2.33 8.15
N LEU C 27 19.89 2.97 9.35
CA LEU C 27 18.85 4.05 9.59
C LEU C 27 19.09 5.29 8.66
N LEU C 28 20.39 5.68 8.49
CA LEU C 28 20.87 6.87 7.70
C LEU C 28 19.81 7.99 7.48
N ALA C 29 19.13 8.40 8.59
CA ALA C 29 18.12 9.50 8.62
C ALA C 29 18.93 10.82 8.55
N PRO C 30 19.87 11.10 9.52
CA PRO C 30 20.86 12.27 9.44
C PRO C 30 21.30 12.72 7.98
N LEU C 31 21.91 11.76 7.23
CA LEU C 31 22.36 11.99 5.82
C LEU C 31 21.14 12.36 4.92
N HIS C 32 19.97 11.68 5.16
CA HIS C 32 18.71 11.89 4.33
C HIS C 32 18.23 13.40 4.40
N ASP C 33 18.30 14.04 5.62
CA ASP C 33 17.88 15.49 5.78
C ASP C 33 18.77 16.43 4.89
N ALA C 34 20.12 16.15 4.82
CA ALA C 34 21.07 16.96 3.99
C ALA C 34 20.66 16.88 2.48
N LYS C 35 20.26 15.65 2.02
CA LYS C 35 19.77 15.40 0.63
C LYS C 35 18.45 16.20 0.36
N ARG C 36 17.57 16.27 1.40
CA ARG C 36 16.26 17.00 1.38
C ARG C 36 16.45 18.52 1.07
N LYS C 37 17.56 19.11 1.58
CA LYS C 37 17.88 20.58 1.44
C LYS C 37 17.91 20.99 -0.08
N ILE C 38 18.41 20.08 -0.94
CA ILE C 38 18.49 20.28 -2.45
C ILE C 38 17.11 20.74 -3.10
N GLU C 39 16.02 20.85 -2.28
CA GLU C 39 14.64 21.20 -2.75
C GLU C 39 14.54 22.53 -3.58
N GLN C 40 15.68 23.25 -3.84
CA GLN C 40 15.68 24.52 -4.65
C GLN C 40 15.47 24.13 -6.16
N GLU C 41 16.38 23.27 -6.65
CA GLU C 41 16.41 22.73 -8.04
C GLU C 41 15.22 21.74 -8.28
N ALA C 42 14.32 21.54 -7.28
CA ALA C 42 13.15 20.58 -7.33
C ALA C 42 12.36 20.52 -8.69
N GLU C 43 12.69 21.38 -9.69
CA GLU C 43 12.03 21.38 -11.04
C GLU C 43 12.11 19.94 -11.69
N ALA C 44 12.96 19.06 -11.08
CA ALA C 44 13.15 17.63 -11.49
C ALA C 44 11.79 16.87 -11.55
N HIS C 45 10.80 17.39 -10.77
CA HIS C 45 9.42 16.82 -10.67
C HIS C 45 8.48 17.53 -11.69
N THR C 46 8.65 18.86 -11.82
CA THR C 46 7.81 19.72 -12.71
C THR C 46 7.86 19.25 -14.20
N ASP C 47 9.09 19.05 -14.73
CA ASP C 47 9.32 18.63 -16.15
C ASP C 47 8.55 17.32 -16.52
N ARG C 48 8.15 16.52 -15.49
CA ARG C 48 7.43 15.21 -15.66
C ARG C 48 5.88 15.41 -15.67
N VAL C 49 5.38 16.41 -14.90
CA VAL C 49 3.94 16.74 -14.81
C VAL C 49 3.63 17.75 -15.95
N ALA C 50 4.74 18.37 -16.49
CA ALA C 50 4.66 19.34 -17.63
C ALA C 50 4.30 18.60 -18.93
N TRP C 51 4.37 17.22 -18.91
CA TRP C 51 4.02 16.36 -20.11
C TRP C 51 2.62 16.80 -20.66
N ALA C 52 1.76 17.14 -19.68
CA ALA C 52 0.37 17.60 -19.87
C ALA C 52 0.28 19.05 -20.46
N GLY C 53 1.34 19.87 -20.25
CA GLY C 53 1.39 21.30 -20.71
C GLY C 53 1.18 21.48 -22.24
N PHE C 54 1.63 20.49 -23.05
CA PHE C 54 1.52 20.53 -24.54
C PHE C 54 0.06 20.29 -25.01
N ALA C 55 -0.69 19.44 -24.27
CA ALA C 55 -2.10 19.05 -24.60
C ALA C 55 -3.06 20.29 -24.62
N ALA C 56 -2.97 21.13 -23.55
CA ALA C 56 -3.82 22.35 -23.37
C ALA C 56 -3.38 23.52 -24.31
N SER C 57 -2.08 23.54 -24.69
CA SER C 57 -1.49 24.61 -25.54
C SER C 57 -1.98 24.54 -27.01
N GLY C 58 -2.33 23.32 -27.47
CA GLY C 58 -2.78 23.06 -28.87
C GLY C 58 -4.11 23.74 -29.26
N VAL C 59 -5.05 23.85 -28.29
CA VAL C 59 -6.42 24.44 -28.53
C VAL C 59 -6.40 25.95 -28.77
N GLN C 60 -5.39 26.65 -28.17
CA GLN C 60 -5.31 28.13 -28.21
C GLN C 60 -5.58 28.72 -29.64
N THR C 61 -5.12 27.99 -30.67
CA THR C 61 -5.32 28.33 -32.10
C THR C 61 -6.78 28.01 -32.54
N GLY C 62 -7.33 26.96 -31.90
CA GLY C 62 -8.70 26.43 -32.14
C GLY C 62 -9.83 27.43 -31.78
N LEU C 63 -9.62 28.27 -30.73
CA LEU C 63 -10.64 29.28 -30.26
C LEU C 63 -11.00 30.31 -31.40
N PHE C 64 -9.97 30.70 -32.19
CA PHE C 64 -10.11 31.63 -33.35
C PHE C 64 -11.14 30.99 -34.35
N ALA C 65 -11.09 29.64 -34.47
CA ALA C 65 -12.02 28.87 -35.37
C ALA C 65 -13.51 29.14 -34.97
N ARG C 66 -13.84 29.26 -33.62
CA ARG C 66 -15.26 29.55 -33.17
C ARG C 66 -15.68 30.91 -33.79
N LEU C 67 -14.73 31.92 -33.83
CA LEU C 67 -15.05 33.26 -34.45
C LEU C 67 -15.39 33.07 -35.98
N THR C 68 -14.61 32.20 -36.69
CA THR C 68 -14.82 31.85 -38.14
C THR C 68 -16.19 31.12 -38.41
N TRP C 69 -16.55 30.20 -37.47
CA TRP C 69 -17.77 29.32 -37.56
C TRP C 69 -19.10 30.12 -37.58
N TRP C 70 -19.03 31.47 -37.49
CA TRP C 70 -20.25 32.35 -37.49
C TRP C 70 -21.11 32.16 -38.79
N GLU C 71 -20.56 31.40 -39.79
CA GLU C 71 -21.25 31.07 -41.09
C GLU C 71 -21.69 29.58 -41.08
N TYR C 72 -21.02 28.73 -40.24
CA TYR C 72 -21.31 27.28 -40.10
C TYR C 72 -22.56 27.13 -39.17
N SER C 73 -22.44 27.63 -37.92
CA SER C 73 -23.50 27.62 -36.89
C SER C 73 -22.96 28.48 -35.71
N TRP C 74 -22.64 27.85 -34.54
CA TRP C 74 -22.04 28.51 -33.33
C TRP C 74 -21.88 27.50 -32.14
N ASP C 75 -23.02 26.88 -31.73
CA ASP C 75 -23.13 25.87 -30.66
C ASP C 75 -22.15 24.68 -30.92
N ILE C 76 -20.93 24.78 -30.35
CA ILE C 76 -19.81 23.80 -30.58
C ILE C 76 -18.89 23.88 -29.32
N VAL C 77 -19.31 24.67 -28.25
CA VAL C 77 -18.49 24.84 -27.02
C VAL C 77 -18.09 23.48 -26.37
N GLU C 78 -17.29 23.58 -25.28
CA GLU C 78 -16.69 22.43 -24.48
C GLU C 78 -15.21 21.99 -24.87
N PRO C 79 -14.58 22.28 -26.05
CA PRO C 79 -13.21 21.64 -26.35
C PRO C 79 -12.02 21.94 -25.36
N VAL C 80 -11.84 23.19 -24.86
CA VAL C 80 -10.65 23.48 -23.95
C VAL C 80 -10.67 22.66 -22.63
N THR C 81 -11.85 22.53 -21.93
CA THR C 81 -11.92 21.72 -20.68
C THR C 81 -11.62 20.19 -20.87
N TYR C 82 -12.13 19.48 -21.97
CA TYR C 82 -11.89 18.00 -22.08
C TYR C 82 -10.36 17.64 -22.15
N PHE C 83 -9.51 18.44 -22.90
CA PHE C 83 -8.02 18.21 -22.87
C PHE C 83 -7.50 18.44 -21.41
N ALA C 84 -8.08 19.49 -20.74
CA ALA C 84 -7.73 19.84 -19.32
C ALA C 84 -8.04 18.63 -18.34
N THR C 85 -9.20 17.88 -18.54
CA THR C 85 -9.54 16.68 -17.68
C THR C 85 -8.39 15.63 -17.79
N TYR C 86 -7.81 15.50 -19.03
CA TYR C 86 -6.67 14.56 -19.28
C TYR C 86 -5.47 14.99 -18.34
N SER C 87 -5.26 16.34 -18.18
CA SER C 87 -4.20 16.90 -17.28
C SER C 87 -4.43 16.48 -15.80
N THR C 88 -5.73 16.48 -15.36
CA THR C 88 -6.06 16.11 -13.94
C THR C 88 -5.62 14.66 -13.60
N VAL C 89 -5.83 13.68 -14.54
CA VAL C 89 -5.36 12.26 -14.28
C VAL C 89 -3.81 12.29 -14.09
N ALA C 90 -3.10 13.18 -14.84
CA ALA C 90 -1.59 13.29 -14.71
C ALA C 90 -1.26 13.62 -13.23
N ALA C 91 -2.10 14.50 -12.57
CA ALA C 91 -1.95 14.81 -11.10
C ALA C 91 -2.15 13.48 -10.29
N THR C 92 -3.16 12.64 -10.73
CA THR C 92 -3.47 11.34 -10.11
C THR C 92 -2.27 10.36 -10.23
N PHE C 93 -1.55 10.33 -11.41
CA PHE C 93 -0.38 9.40 -11.65
C PHE C 93 0.74 9.65 -10.58
N GLY C 94 0.93 10.93 -10.23
CA GLY C 94 1.96 11.42 -9.28
C GLY C 94 2.24 10.56 -7.99
N TYR C 95 1.18 9.98 -7.35
CA TYR C 95 1.33 9.17 -6.05
C TYR C 95 2.37 7.99 -6.16
N TYR C 96 2.53 7.48 -7.37
CA TYR C 96 3.43 6.36 -7.75
C TYR C 96 4.84 6.94 -7.91
N LEU C 97 4.93 7.89 -8.86
CA LEU C 97 6.17 8.63 -9.24
C LEU C 97 6.81 9.41 -8.03
N TYR C 98 6.07 9.65 -6.90
CA TYR C 98 6.58 10.57 -5.80
C TYR C 98 8.03 10.24 -5.30
N THR C 99 8.25 9.03 -4.71
CA THR C 99 9.61 8.62 -4.22
C THR C 99 10.59 8.36 -5.43
N GLN C 100 10.15 7.55 -6.44
CA GLN C 100 10.98 7.18 -7.64
C GLN C 100 11.68 8.41 -8.35
N GLN C 101 11.06 9.62 -8.26
CA GLN C 101 11.54 10.86 -8.95
C GLN C 101 13.06 11.11 -8.73
N SER C 102 13.56 10.72 -7.53
CA SER C 102 14.98 10.86 -7.15
C SER C 102 15.90 9.89 -7.95
N PHE C 103 15.40 8.66 -8.27
CA PHE C 103 16.18 7.62 -9.03
C PHE C 103 16.38 8.00 -10.53
N GLU C 104 15.29 8.55 -11.15
CA GLU C 104 15.24 8.88 -12.62
C GLU C 104 16.12 10.11 -13.09
N TYR C 105 16.01 11.30 -12.41
CA TYR C 105 16.70 12.57 -12.87
C TYR C 105 18.28 12.48 -12.87
N PRO C 106 18.99 11.89 -11.87
CA PRO C 106 20.54 11.83 -11.87
C PRO C 106 21.09 11.06 -13.11
N SER C 107 20.52 9.84 -13.32
CA SER C 107 20.88 8.91 -14.42
C SER C 107 22.31 8.34 -14.27
N ALA C 108 23.11 8.87 -13.31
CA ALA C 108 24.50 8.41 -13.04
C ALA C 108 25.38 8.40 -14.35
N ARG C 109 25.31 9.53 -15.11
CA ARG C 109 26.06 9.71 -16.40
C ARG C 109 27.60 9.70 -16.13
N GLU C 110 28.05 10.66 -15.30
CA GLU C 110 29.48 10.81 -14.87
C GLU C 110 30.49 10.84 -16.08
N ARG C 111 30.70 12.06 -16.68
CA ARG C 111 31.63 12.26 -17.84
C ARG C 111 31.81 13.78 -18.09
N VAL C 112 32.89 14.16 -18.82
CA VAL C 112 33.21 15.57 -19.19
C VAL C 112 33.38 16.45 -17.90
N TYR C 113 34.55 16.30 -17.21
CA TYR C 113 34.90 17.06 -15.96
C TYR C 113 33.78 16.88 -14.86
N THR C 114 33.91 15.81 -14.04
CA THR C 114 32.94 15.45 -12.96
C THR C 114 32.98 16.52 -11.81
N LYS C 115 32.03 17.50 -11.84
CA LYS C 115 31.92 18.58 -10.80
C LYS C 115 31.29 17.95 -9.51
N GLN C 116 31.90 18.23 -8.31
CA GLN C 116 31.44 17.70 -7.00
C GLN C 116 31.46 16.13 -7.04
N PHE C 117 32.70 15.56 -7.16
CA PHE C 117 32.96 14.09 -7.27
C PHE C 117 32.46 13.32 -6.00
N TYR C 118 31.11 13.16 -5.89
CA TYR C 118 30.43 12.44 -4.78
C TYR C 118 29.06 11.92 -5.32
N ARG C 119 28.31 12.83 -5.96
CA ARG C 119 26.95 12.56 -6.56
C ARG C 119 25.92 12.12 -5.48
N ARG C 120 26.32 12.19 -4.17
CA ARG C 120 25.43 11.83 -3.01
C ARG C 120 24.32 12.93 -2.87
N ALA C 121 23.26 12.82 -3.73
CA ALA C 121 22.12 13.77 -3.77
C ALA C 121 20.95 13.09 -4.53
N GLN C 122 20.28 12.11 -3.86
CA GLN C 122 19.13 11.33 -4.42
C GLN C 122 18.37 10.61 -3.27
N LYS C 123 17.69 9.48 -3.59
CA LYS C 123 16.88 8.63 -2.65
C LYS C 123 16.13 9.41 -1.52
N GLN C 124 15.46 10.52 -1.94
CA GLN C 124 14.64 11.43 -1.03
C GLN C 124 13.66 10.59 -0.11
N ASN C 125 12.57 10.05 -0.71
CA ASN C 125 11.55 9.20 -0.02
C ASN C 125 10.81 9.89 1.16
N PHE C 126 9.66 9.25 1.54
CA PHE C 126 8.80 9.62 2.68
C PHE C 126 8.20 8.30 3.26
N ASP C 127 8.43 7.11 2.59
CA ASP C 127 7.87 5.79 3.05
C ASP C 127 8.55 4.50 2.40
N ILE C 128 8.92 4.46 1.06
CA ILE C 128 9.48 3.19 0.43
C ILE C 128 10.85 2.74 1.09
N GLU C 129 11.84 3.69 1.21
CA GLU C 129 13.20 3.39 1.81
C GLU C 129 13.04 3.01 3.31
N LYS C 130 12.32 3.85 4.07
CA LYS C 130 12.11 3.67 5.54
C LYS C 130 11.59 2.24 5.91
N TYR C 131 10.57 1.72 5.18
CA TYR C 131 9.96 0.41 5.45
C TYR C 131 10.89 -0.82 5.11
N ASN C 132 11.44 -0.85 3.88
CA ASN C 132 12.26 -2.04 3.42
C ASN C 132 13.63 -2.12 4.14
N ARG C 133 14.30 -0.98 4.08
CA ARG C 133 15.69 -0.79 4.63
C ARG C 133 15.76 -1.07 6.15
N LEU C 134 14.82 -0.47 6.94
CA LEU C 134 14.79 -0.67 8.42
C LEU C 134 14.58 -2.18 8.72
N VAL C 135 13.58 -2.84 8.03
CA VAL C 135 13.38 -4.31 8.19
C VAL C 135 14.82 -5.00 8.01
N THR C 136 15.69 -4.49 7.06
CA THR C 136 17.06 -5.08 6.82
C THR C 136 17.89 -5.05 8.13
N GLU C 137 17.59 -4.06 9.03
CA GLU C 137 18.24 -3.99 10.39
C GLU C 137 17.97 -5.36 11.10
N VAL C 138 16.74 -5.95 10.78
CA VAL C 138 16.38 -7.35 11.30
C VAL C 138 17.47 -8.35 10.82
N ASP C 139 17.97 -8.11 9.57
CA ASP C 139 19.03 -8.99 8.95
C ASP C 139 20.31 -9.01 9.84
N GLU C 140 20.56 -7.85 10.57
CA GLU C 140 21.77 -7.72 11.42
C GLU C 140 21.67 -8.67 12.64
N LEU C 141 20.42 -8.80 13.24
CA LEU C 141 20.22 -9.77 14.39
C LEU C 141 20.53 -11.21 13.84
N ARG C 142 20.12 -11.51 12.55
CA ARG C 142 20.38 -12.86 11.89
C ARG C 142 21.93 -13.20 11.94
N ASN C 143 22.83 -12.14 11.84
CA ASN C 143 24.32 -12.37 11.92
C ASN C 143 24.71 -12.72 13.38
N GLN C 144 23.96 -12.13 14.35
CA GLN C 144 24.25 -12.35 15.80
C GLN C 144 23.95 -13.85 16.22
N LEU C 145 22.73 -14.41 15.88
CA LEU C 145 22.36 -15.84 16.22
C LEU C 145 23.43 -16.82 15.66
N LYS C 146 23.88 -16.54 14.42
CA LYS C 146 24.87 -17.36 13.67
C LYS C 146 26.13 -17.71 14.53
N ARG C 147 26.82 -16.66 15.20
CA ARG C 147 28.02 -17.03 16.01
C ARG C 147 27.54 -17.82 17.25
N LEU C 148 26.50 -17.28 17.96
CA LEU C 148 25.89 -17.97 19.16
C LEU C 148 25.56 -19.48 18.92
N ARG C 149 25.20 -19.87 17.65
CA ARG C 149 24.85 -21.29 17.32
C ARG C 149 26.11 -22.20 17.50
N ASP C 150 27.33 -21.72 17.07
CA ASP C 150 28.57 -22.64 17.15
C ASP C 150 28.89 -23.14 18.66
N PRO C 151 29.03 -22.27 19.74
CA PRO C 151 29.22 -22.73 21.21
C PRO C 151 27.85 -22.77 21.93
N LEU C 152 27.85 -23.33 23.18
CA LEU C 152 26.66 -23.42 24.05
C LEU C 152 27.18 -23.86 25.46
N GLU C 153 27.46 -25.17 25.59
CA GLU C 153 27.95 -25.81 26.85
C GLU C 153 29.29 -25.20 27.34
N MET D 1 -4.18 -14.98 43.91
CA MET D 1 -5.45 -14.21 43.76
C MET D 1 -5.10 -12.73 43.41
N ALA D 2 -3.97 -12.23 43.99
CA ALA D 2 -3.47 -10.84 43.78
C ALA D 2 -3.03 -10.62 42.30
N ALA D 3 -2.16 -11.54 41.80
CA ALA D 3 -1.62 -11.52 40.40
C ALA D 3 -0.90 -10.17 40.08
N LEU D 4 -0.51 -10.00 38.79
CA LEU D 4 0.19 -8.79 38.26
C LEU D 4 1.55 -8.54 39.01
N SER D 5 2.02 -9.59 39.74
CA SER D 5 3.30 -9.56 40.50
C SER D 5 3.74 -11.03 40.81
N VAL D 6 3.01 -11.68 41.74
CA VAL D 6 3.23 -13.10 42.17
C VAL D 6 4.59 -13.28 42.92
N ASP D 7 5.43 -12.21 42.98
CA ASP D 7 6.76 -12.23 43.67
C ASP D 7 7.11 -10.77 44.11
N GLU D 8 8.07 -10.65 45.07
CA GLU D 8 8.55 -9.34 45.62
C GLU D 8 9.80 -9.59 46.53
N TYR D 9 10.71 -8.58 46.59
CA TYR D 9 11.96 -8.61 47.43
C TYR D 9 12.85 -9.86 47.11
N LYS D 10 13.31 -9.95 45.83
CA LYS D 10 14.20 -11.04 45.31
C LYS D 10 15.19 -10.39 44.29
N LEU D 11 15.97 -11.23 43.56
CA LEU D 11 16.97 -10.77 42.53
C LEU D 11 16.28 -9.92 41.42
N SER D 12 17.10 -9.35 40.50
CA SER D 12 16.68 -8.46 39.40
C SER D 12 16.53 -7.04 39.99
N ARG D 13 17.63 -6.27 39.89
CA ARG D 13 17.80 -4.91 40.43
C ARG D 13 16.95 -3.85 39.68
N GLU D 14 15.68 -4.23 39.41
CA GLU D 14 14.65 -3.38 38.75
C GLU D 14 15.05 -2.88 37.33
N LYS D 15 16.24 -3.29 36.83
CA LYS D 15 16.75 -2.88 35.46
C LYS D 15 15.82 -3.38 34.30
N LYS D 16 15.30 -4.65 34.44
CA LYS D 16 14.52 -5.32 33.37
C LYS D 16 13.22 -4.58 32.93
N LEU D 17 12.40 -4.04 33.88
CA LEU D 17 11.16 -3.26 33.55
C LEU D 17 11.46 -1.94 32.77
N LEU D 18 12.57 -1.24 33.15
CA LEU D 18 12.94 0.11 32.59
C LEU D 18 13.19 0.00 31.07
N LEU D 19 13.95 -1.05 30.67
CA LEU D 19 14.21 -1.34 29.24
C LEU D 19 12.85 -1.70 28.51
N GLN D 20 11.97 -2.50 29.20
CA GLN D 20 10.62 -2.90 28.66
C GLN D 20 9.80 -1.61 28.41
N LEU D 21 9.98 -0.61 29.31
CA LEU D 21 9.31 0.72 29.23
C LEU D 21 9.70 1.40 27.87
N GLU D 22 11.01 1.25 27.40
CA GLU D 22 11.42 1.87 26.09
C GLU D 22 10.57 1.27 24.93
N ASN D 23 10.36 -0.08 25.01
CA ASN D 23 9.51 -0.83 24.03
C ASN D 23 8.03 -0.32 24.07
N ALA D 24 7.52 -0.04 25.32
CA ALA D 24 6.12 0.46 25.55
C ALA D 24 5.89 1.83 24.82
N GLU D 25 6.91 2.75 24.86
CA GLU D 25 6.84 4.08 24.14
C GLU D 25 6.70 3.83 22.61
N THR D 26 7.47 2.81 22.13
CA THR D 26 7.52 2.38 20.70
C THR D 26 6.14 1.90 20.15
N LEU D 27 5.30 1.19 20.99
CA LEU D 27 3.95 0.65 20.56
C LEU D 27 3.13 1.85 20.00
N LEU D 28 3.30 3.01 20.65
CA LEU D 28 2.73 4.31 20.23
C LEU D 28 1.19 4.37 20.47
N ALA D 29 0.82 5.14 21.52
CA ALA D 29 -0.58 5.41 21.94
C ALA D 29 -0.52 6.82 22.65
N PRO D 30 0.24 7.02 23.79
CA PRO D 30 0.43 8.39 24.45
C PRO D 30 0.43 9.64 23.49
N LEU D 31 1.44 9.73 22.59
CA LEU D 31 1.59 10.83 21.61
C LEU D 31 0.33 10.88 20.66
N HIS D 32 -0.18 9.67 20.24
CA HIS D 32 -1.43 9.60 19.38
C HIS D 32 -2.63 10.24 20.18
N ASP D 33 -2.67 10.00 21.53
CA ASP D 33 -3.70 10.60 22.46
C ASP D 33 -3.58 12.16 22.37
N ALA D 34 -2.31 12.68 22.20
CA ALA D 34 -2.05 14.16 22.07
C ALA D 34 -2.86 14.68 20.82
N LYS D 35 -2.94 13.84 19.73
CA LYS D 35 -3.75 14.20 18.50
C LYS D 35 -5.26 14.38 18.90
N ARG D 36 -5.76 13.51 19.84
CA ARG D 36 -7.18 13.56 20.35
C ARG D 36 -7.49 14.95 21.01
N LYS D 37 -6.49 15.57 21.72
CA LYS D 37 -6.68 16.90 22.42
C LYS D 37 -7.14 18.01 21.38
N ILE D 38 -6.55 17.98 20.16
CA ILE D 38 -6.82 18.95 19.02
C ILE D 38 -7.79 18.33 17.94
N GLU D 39 -8.32 17.08 18.17
CA GLU D 39 -9.22 16.27 17.21
C GLU D 39 -9.92 17.08 16.05
N GLN D 40 -10.39 18.34 16.34
CA GLN D 40 -11.03 19.24 15.32
C GLN D 40 -10.02 19.62 14.17
N GLU D 41 -8.77 19.09 14.27
CA GLU D 41 -7.65 19.33 13.33
C GLU D 41 -8.04 19.12 11.84
N ALA D 42 -8.91 18.11 11.56
CA ALA D 42 -9.34 17.75 10.16
C ALA D 42 -9.89 18.97 9.37
N GLU D 43 -10.23 20.07 10.08
CA GLU D 43 -10.72 21.35 9.47
C GLU D 43 -9.53 22.05 8.72
N ALA D 44 -8.28 21.65 9.09
CA ALA D 44 -7.02 22.17 8.47
C ALA D 44 -6.87 21.62 7.03
N HIS D 45 -7.35 20.35 6.83
CA HIS D 45 -7.29 19.64 5.52
C HIS D 45 -8.32 20.24 4.53
N THR D 46 -9.55 20.55 5.03
CA THR D 46 -10.65 21.14 4.18
C THR D 46 -10.19 22.49 3.57
N ASP D 47 -9.31 23.21 4.31
CA ASP D 47 -8.74 24.53 3.89
C ASP D 47 -7.69 24.33 2.75
N ARG D 48 -7.11 23.10 2.63
CA ARG D 48 -6.08 22.74 1.59
C ARG D 48 -6.79 22.20 0.33
N VAL D 49 -8.00 21.61 0.49
CA VAL D 49 -8.85 21.09 -0.62
C VAL D 49 -9.66 22.30 -1.17
N ALA D 50 -9.72 23.40 -0.34
CA ALA D 50 -10.41 24.67 -0.71
C ALA D 50 -9.60 25.39 -1.82
N TRP D 51 -8.35 24.89 -2.12
CA TRP D 51 -7.48 25.49 -3.22
C TRP D 51 -8.32 25.62 -4.52
N ALA D 52 -9.16 24.58 -4.67
CA ALA D 52 -10.09 24.38 -5.80
C ALA D 52 -11.38 25.24 -5.67
N GLY D 53 -11.72 25.71 -4.44
CA GLY D 53 -12.95 26.53 -4.19
C GLY D 53 -13.07 27.76 -5.13
N PHE D 54 -11.91 28.32 -5.54
CA PHE D 54 -11.84 29.50 -6.45
C PHE D 54 -12.16 29.09 -7.92
N ALA D 55 -11.81 27.82 -8.29
CA ALA D 55 -12.02 27.27 -9.66
C ALA D 55 -13.52 27.25 -10.07
N ALA D 56 -14.36 26.68 -9.18
CA ALA D 56 -15.82 26.53 -9.40
C ALA D 56 -16.60 27.86 -9.19
N SER D 57 -16.09 28.74 -8.29
CA SER D 57 -16.75 30.04 -7.96
C SER D 57 -16.59 31.09 -9.08
N GLY D 58 -15.53 30.94 -9.90
CA GLY D 58 -15.23 31.88 -11.01
C GLY D 58 -16.33 31.93 -12.10
N VAL D 59 -16.66 30.74 -12.63
CA VAL D 59 -17.67 30.55 -13.74
C VAL D 59 -19.14 30.66 -13.25
N GLN D 60 -19.40 30.42 -11.95
CA GLN D 60 -20.79 30.41 -11.37
C GLN D 60 -21.65 31.62 -11.87
N THR D 61 -20.95 32.77 -12.11
CA THR D 61 -21.56 34.02 -12.66
C THR D 61 -21.83 33.85 -14.19
N GLY D 62 -20.91 33.13 -14.85
CA GLY D 62 -20.92 32.84 -16.31
C GLY D 62 -22.29 32.46 -16.90
N LEU D 63 -23.17 31.88 -16.07
CA LEU D 63 -24.57 31.46 -16.46
C LEU D 63 -25.38 32.72 -16.95
N PHE D 64 -25.14 33.86 -16.26
CA PHE D 64 -25.77 35.18 -16.57
C PHE D 64 -25.44 35.57 -18.03
N ALA D 65 -24.18 35.25 -18.46
CA ALA D 65 -23.69 35.53 -19.85
C ALA D 65 -24.59 34.80 -20.90
N ARG D 66 -25.05 33.51 -20.61
CA ARG D 66 -25.93 32.76 -21.59
C ARG D 66 -27.24 33.57 -21.83
N LEU D 67 -27.79 34.17 -20.71
CA LEU D 67 -29.01 35.04 -20.79
C LEU D 67 -28.77 36.33 -21.67
N THR D 68 -27.57 36.95 -21.51
CA THR D 68 -27.15 38.21 -22.18
C THR D 68 -27.09 38.12 -23.75
N TRP D 69 -26.56 36.99 -24.32
CA TRP D 69 -26.35 36.80 -25.80
C TRP D 69 -27.20 35.65 -26.36
N TRP D 70 -28.45 35.58 -25.86
CA TRP D 70 -29.46 34.54 -26.24
C TRP D 70 -29.81 34.57 -27.77
N GLU D 71 -29.25 35.57 -28.54
CA GLU D 71 -29.54 35.78 -30.01
C GLU D 71 -28.57 34.98 -30.94
N TYR D 72 -27.32 34.62 -30.49
CA TYR D 72 -26.32 33.89 -31.33
C TYR D 72 -26.96 32.58 -31.94
N SER D 73 -27.51 31.72 -31.05
CA SER D 73 -28.20 30.44 -31.44
C SER D 73 -28.92 29.85 -30.20
N TRP D 74 -28.11 29.80 -29.15
CA TRP D 74 -28.38 29.22 -27.84
C TRP D 74 -27.70 27.82 -27.84
N ASP D 75 -28.22 26.86 -27.05
CA ASP D 75 -27.68 25.45 -26.92
C ASP D 75 -26.15 25.53 -26.64
N ILE D 76 -25.83 25.87 -25.38
CA ILE D 76 -24.45 26.15 -24.89
C ILE D 76 -24.38 25.58 -23.46
N VAL D 77 -25.49 24.90 -22.98
CA VAL D 77 -25.56 24.36 -21.59
C VAL D 77 -24.39 23.40 -21.27
N GLU D 78 -24.38 22.87 -20.04
CA GLU D 78 -23.33 21.95 -19.46
C GLU D 78 -22.00 22.64 -18.85
N PRO D 79 -21.57 23.94 -19.05
CA PRO D 79 -20.18 24.39 -18.55
C PRO D 79 -19.88 24.33 -17.03
N VAL D 80 -20.83 24.77 -16.17
CA VAL D 80 -20.58 24.82 -14.69
C VAL D 80 -20.31 23.43 -14.09
N THR D 81 -21.07 22.35 -14.49
CA THR D 81 -20.86 21.01 -13.92
C THR D 81 -19.44 20.39 -14.20
N TYR D 82 -18.86 20.47 -15.47
CA TYR D 82 -17.50 19.89 -15.74
C TYR D 82 -16.40 20.60 -14.88
N PHE D 83 -16.48 21.96 -14.67
CA PHE D 83 -15.49 22.68 -13.77
C PHE D 83 -15.60 22.06 -12.32
N ALA D 84 -16.86 21.75 -11.87
CA ALA D 84 -17.12 21.14 -10.53
C ALA D 84 -16.38 19.74 -10.41
N THR D 85 -16.40 18.92 -11.51
CA THR D 85 -15.68 17.58 -11.57
C THR D 85 -14.16 17.80 -11.34
N TYR D 86 -13.61 18.93 -11.88
CA TYR D 86 -12.14 19.27 -11.73
C TYR D 86 -11.85 19.36 -10.18
N SER D 87 -12.79 19.98 -9.44
CA SER D 87 -12.74 20.08 -7.94
C SER D 87 -12.78 18.66 -7.25
N THR D 88 -13.61 17.73 -7.80
CA THR D 88 -13.74 16.33 -7.23
C THR D 88 -12.36 15.62 -7.25
N VAL D 89 -11.55 15.83 -8.34
CA VAL D 89 -10.15 15.25 -8.43
C VAL D 89 -9.35 15.77 -7.20
N ALA D 90 -9.63 17.06 -6.77
CA ALA D 90 -8.91 17.66 -5.58
C ALA D 90 -9.14 16.73 -4.35
N ALA D 91 -10.39 16.15 -4.19
CA ALA D 91 -10.66 15.14 -3.08
C ALA D 91 -9.70 13.91 -3.27
N THR D 92 -9.53 13.48 -4.57
CA THR D 92 -8.66 12.34 -4.97
C THR D 92 -7.15 12.55 -4.61
N PHE D 93 -6.55 13.79 -4.79
CA PHE D 93 -5.09 14.04 -4.52
C PHE D 93 -4.76 13.70 -3.04
N GLY D 94 -5.74 14.00 -2.19
CA GLY D 94 -5.69 13.86 -0.74
C GLY D 94 -4.96 12.61 -0.16
N TYR D 95 -5.03 11.43 -0.85
CA TYR D 95 -4.40 10.14 -0.34
C TYR D 95 -2.89 10.26 0.12
N TYR D 96 -2.08 11.18 -0.51
CA TYR D 96 -0.63 11.38 -0.17
C TYR D 96 -0.53 12.24 1.09
N LEU D 97 -1.15 13.44 1.03
CA LEU D 97 -1.13 14.44 2.15
C LEU D 97 -2.01 13.96 3.35
N TYR D 98 -2.93 12.94 3.18
CA TYR D 98 -3.94 12.60 4.26
C TYR D 98 -3.32 12.44 5.69
N THR D 99 -2.48 11.40 5.93
CA THR D 99 -1.77 11.19 7.20
C THR D 99 -0.58 12.22 7.36
N GLN D 100 0.25 12.28 6.28
CA GLN D 100 1.51 13.11 6.16
C GLN D 100 1.36 14.64 6.44
N GLN D 101 0.14 15.26 6.26
CA GLN D 101 -0.04 16.77 6.41
C GLN D 101 0.62 17.30 7.74
N SER D 102 0.69 16.40 8.74
CA SER D 102 1.34 16.67 10.06
C SER D 102 2.83 17.08 9.89
N PHE D 103 3.50 16.53 8.82
CA PHE D 103 4.96 16.80 8.53
C PHE D 103 5.18 18.27 8.06
N GLU D 104 4.15 18.86 7.40
CA GLU D 104 4.22 20.25 6.81
C GLU D 104 4.27 21.37 7.90
N TYR D 105 3.35 21.32 8.93
CA TYR D 105 3.22 22.41 9.98
C TYR D 105 4.60 22.78 10.69
N PRO D 106 5.42 21.82 11.23
CA PRO D 106 6.80 22.14 11.85
C PRO D 106 7.75 22.89 10.89
N SER D 107 9.02 23.07 11.34
CA SER D 107 10.10 23.76 10.56
C SER D 107 9.66 25.15 10.04
N ALA D 108 8.67 25.75 10.74
CA ALA D 108 8.10 27.09 10.43
C ALA D 108 7.35 27.61 11.68
N ARG D 109 8.06 27.50 12.84
CA ARG D 109 7.57 27.93 14.17
C ARG D 109 8.80 28.02 15.10
N GLU D 110 9.46 26.85 15.32
CA GLU D 110 10.70 26.73 16.15
C GLU D 110 11.90 27.38 15.43
N ARG D 111 11.88 27.27 14.07
CA ARG D 111 12.92 27.82 13.15
C ARG D 111 14.31 27.18 13.40
N VAL D 112 14.96 27.54 14.54
CA VAL D 112 16.30 27.01 14.95
C VAL D 112 16.52 27.32 16.46
N TYR D 113 15.99 28.48 16.92
CA TYR D 113 16.10 28.97 18.33
C TYR D 113 15.27 28.04 19.28
N THR D 114 15.99 27.24 20.12
CA THR D 114 15.39 26.29 21.12
C THR D 114 14.44 25.25 20.45
N LYS D 115 13.90 24.34 21.29
CA LYS D 115 12.98 23.23 20.88
C LYS D 115 11.64 23.33 21.67
N GLN D 116 10.75 22.33 21.46
CA GLN D 116 9.41 22.21 22.12
C GLN D 116 9.55 21.87 23.64
N PHE D 117 10.80 21.92 24.17
CA PHE D 117 11.13 21.58 25.60
C PHE D 117 10.49 20.22 26.03
N TYR D 118 10.45 19.29 25.03
CA TYR D 118 9.92 17.91 25.16
C TYR D 118 8.36 17.91 25.34
N ARG D 119 7.65 18.41 24.29
CA ARG D 119 6.16 18.48 24.23
C ARG D 119 5.79 18.81 22.74
N ARG D 120 6.12 17.84 21.83
CA ARG D 120 5.89 17.96 20.36
C ARG D 120 4.37 17.96 20.06
N ALA D 121 3.66 17.00 20.69
CA ALA D 121 2.20 16.79 20.52
C ALA D 121 1.86 16.60 19.00
N GLN D 122 2.27 15.43 18.44
CA GLN D 122 2.08 15.08 16.99
C GLN D 122 0.61 15.27 16.51
N LYS D 123 0.40 15.06 15.19
CA LYS D 123 -0.93 15.19 14.52
C LYS D 123 -1.06 14.06 13.46
N GLN D 124 -2.32 13.78 13.03
CA GLN D 124 -2.73 12.79 11.99
C GLN D 124 -1.72 11.55 11.81
N ASN D 125 -1.81 10.48 12.67
CA ASN D 125 -0.92 9.27 12.62
C ASN D 125 -1.78 8.03 12.99
N PHE D 126 -2.01 7.09 12.01
CA PHE D 126 -2.84 5.85 12.25
C PHE D 126 -2.50 4.74 11.23
N ASP D 127 -1.41 4.90 10.39
CA ASP D 127 -1.03 3.86 9.37
C ASP D 127 0.46 3.99 8.89
N ILE D 128 0.99 5.23 8.53
CA ILE D 128 2.44 5.32 8.04
C ILE D 128 3.40 5.06 9.28
N GLU D 129 3.12 5.81 10.38
CA GLU D 129 3.90 5.78 11.67
C GLU D 129 3.87 4.40 12.37
N LYS D 130 2.66 3.83 12.37
CA LYS D 130 2.30 2.55 13.05
C LYS D 130 3.24 1.36 12.67
N TYR D 131 3.44 1.10 11.35
CA TYR D 131 4.31 0.03 10.85
C TYR D 131 5.85 0.27 11.02
N ASN D 132 6.40 1.48 10.58
CA ASN D 132 7.91 1.70 10.64
C ASN D 132 8.46 1.70 12.07
N ARG D 133 7.81 2.50 12.89
CA ARG D 133 8.24 2.70 14.30
C ARG D 133 8.23 1.36 15.11
N LEU D 134 7.16 0.51 14.96
CA LEU D 134 7.08 -0.78 15.72
C LEU D 134 8.27 -1.75 15.39
N VAL D 135 8.54 -2.04 14.08
CA VAL D 135 9.71 -2.94 13.73
C VAL D 135 11.06 -2.37 14.38
N THR D 136 11.16 -1.00 14.51
CA THR D 136 12.33 -0.33 15.18
C THR D 136 12.48 -0.91 16.65
N GLU D 137 11.31 -1.34 17.26
CA GLU D 137 11.34 -2.03 18.63
C GLU D 137 12.36 -3.20 18.56
N VAL D 138 12.34 -3.93 17.38
CA VAL D 138 13.33 -5.08 17.17
C VAL D 138 14.77 -4.57 17.30
N ASP D 139 15.01 -3.27 16.95
CA ASP D 139 16.40 -2.66 17.11
C ASP D 139 16.90 -2.87 18.58
N GLU D 140 15.91 -2.81 19.54
CA GLU D 140 16.22 -3.07 21.00
C GLU D 140 16.67 -4.56 21.15
N LEU D 141 15.93 -5.47 20.45
CA LEU D 141 16.21 -6.95 20.44
C LEU D 141 17.69 -7.24 20.06
N ARG D 142 18.19 -6.48 19.03
CA ARG D 142 19.60 -6.59 18.55
C ARG D 142 20.60 -6.37 19.75
N ASN D 143 20.25 -5.43 20.71
CA ASN D 143 21.15 -5.18 21.89
C ASN D 143 21.18 -6.37 22.93
N GLN D 144 19.99 -7.00 23.19
CA GLN D 144 19.87 -8.07 24.25
C GLN D 144 20.71 -9.39 23.93
N LEU D 145 20.55 -10.04 22.71
CA LEU D 145 21.39 -11.30 22.39
C LEU D 145 22.86 -10.91 22.21
N LYS D 146 23.15 -9.69 21.67
CA LYS D 146 24.56 -9.21 21.50
C LYS D 146 25.39 -9.40 22.84
N ARG D 147 24.79 -9.11 24.09
CA ARG D 147 25.59 -9.39 25.33
C ARG D 147 25.79 -10.94 25.44
N LEU D 148 24.67 -11.76 25.28
CA LEU D 148 24.82 -13.30 25.37
C LEU D 148 25.99 -13.88 24.49
N ARG D 149 26.35 -13.21 23.37
CA ARG D 149 27.45 -13.69 22.45
C ARG D 149 28.84 -13.50 23.14
N ASP D 150 28.98 -12.47 24.06
CA ASP D 150 30.33 -12.25 24.77
C ASP D 150 30.76 -13.49 25.72
N PRO D 151 29.94 -14.02 26.72
CA PRO D 151 30.31 -15.26 27.58
C PRO D 151 29.92 -16.58 26.84
N LEU D 152 29.72 -17.69 27.61
CA LEU D 152 29.30 -19.05 27.11
C LEU D 152 30.47 -19.82 26.44
N GLU D 153 31.42 -19.04 25.91
CA GLU D 153 32.67 -19.50 25.26
C GLU D 153 32.40 -20.48 24.08
N MET E 1 -12.41 -30.42 45.58
CA MET E 1 -12.38 -31.91 45.69
C MET E 1 -12.35 -32.52 44.26
N ALA E 2 -13.01 -31.82 43.30
CA ALA E 2 -13.10 -32.25 41.87
C ALA E 2 -11.68 -32.23 41.20
N ALA E 3 -11.46 -31.35 40.18
CA ALA E 3 -10.15 -31.24 39.46
C ALA E 3 -10.16 -29.92 38.60
N LEU E 4 -10.09 -28.75 39.30
CA LEU E 4 -10.08 -27.40 38.66
C LEU E 4 -8.67 -27.17 38.00
N SER E 5 -7.67 -26.78 38.86
CA SER E 5 -6.26 -26.52 38.42
C SER E 5 -5.32 -26.39 39.65
N VAL E 6 -5.77 -26.94 40.82
CA VAL E 6 -5.01 -26.90 42.11
C VAL E 6 -3.68 -27.74 41.98
N ASP E 7 -3.70 -29.04 42.42
CA ASP E 7 -2.52 -29.94 42.37
C ASP E 7 -2.25 -30.41 40.89
N GLU E 8 -2.94 -31.50 40.45
CA GLU E 8 -2.81 -32.07 39.08
C GLU E 8 -1.34 -32.49 38.77
N TYR E 9 -1.12 -32.99 37.52
CA TYR E 9 0.22 -33.44 37.01
C TYR E 9 1.23 -32.26 36.98
N LYS E 10 0.71 -31.04 36.78
CA LYS E 10 1.50 -29.77 36.70
C LYS E 10 2.31 -29.55 38.03
N LEU E 11 3.61 -29.10 37.93
CA LEU E 11 4.49 -28.88 39.12
C LEU E 11 5.73 -27.98 38.75
N SER E 12 5.57 -26.64 38.92
CA SER E 12 6.61 -25.60 38.66
C SER E 12 6.84 -25.36 37.16
N ARG E 13 6.12 -26.14 36.34
CA ARG E 13 6.14 -26.09 34.86
C ARG E 13 4.99 -25.16 34.36
N GLU E 14 4.49 -24.29 35.28
CA GLU E 14 3.38 -23.34 35.02
C GLU E 14 3.87 -22.09 34.22
N LYS E 15 5.14 -21.66 34.44
CA LYS E 15 5.72 -20.43 33.79
C LYS E 15 5.72 -20.56 32.23
N LYS E 16 6.08 -21.77 31.70
CA LYS E 16 6.09 -22.06 30.24
C LYS E 16 4.64 -21.88 29.67
N LEU E 17 3.65 -22.37 30.44
CA LEU E 17 2.19 -22.26 30.07
C LEU E 17 1.77 -20.76 29.96
N LEU E 18 2.26 -19.91 30.92
CA LEU E 18 1.92 -18.46 30.96
C LEU E 18 2.39 -17.68 29.69
N LEU E 19 3.65 -17.97 29.18
CA LEU E 19 4.17 -17.29 27.93
C LEU E 19 3.24 -17.63 26.71
N GLN E 20 2.79 -18.93 26.59
CA GLN E 20 1.87 -19.34 25.49
C GLN E 20 0.55 -18.51 25.52
N LEU E 21 -0.01 -18.23 26.76
CA LEU E 21 -1.25 -17.40 26.89
C LEU E 21 -1.03 -15.94 26.33
N GLU E 22 0.18 -15.30 26.58
CA GLU E 22 0.45 -13.91 26.08
C GLU E 22 0.42 -13.86 24.52
N ASN E 23 1.04 -14.90 23.88
CA ASN E 23 1.10 -15.02 22.38
C ASN E 23 -0.35 -15.15 21.81
N ALA E 24 -1.16 -15.99 22.52
CA ALA E 24 -2.58 -16.24 22.19
C ALA E 24 -3.42 -14.92 22.31
N GLU E 25 -3.12 -14.08 23.38
CA GLU E 25 -3.87 -12.80 23.63
C GLU E 25 -3.72 -11.81 22.44
N THR E 26 -2.47 -11.65 21.87
CA THR E 26 -2.25 -10.73 20.68
C THR E 26 -3.01 -11.25 19.43
N LEU E 27 -2.96 -12.61 19.23
CA LEU E 27 -3.63 -13.32 18.08
C LEU E 27 -5.18 -13.14 18.16
N LEU E 28 -5.70 -13.24 19.42
CA LEU E 28 -7.14 -13.19 19.81
C LEU E 28 -8.13 -13.52 18.65
N ALA E 29 -8.00 -14.78 18.10
CA ALA E 29 -8.87 -15.33 17.01
C ALA E 29 -10.30 -15.41 17.65
N PRO E 30 -10.47 -16.14 18.79
CA PRO E 30 -11.76 -16.14 19.64
C PRO E 30 -12.60 -14.80 19.59
N LEU E 31 -12.10 -13.71 20.26
CA LEU E 31 -12.74 -12.37 20.29
C LEU E 31 -12.85 -11.78 18.85
N HIS E 32 -11.82 -12.01 17.95
CA HIS E 32 -11.87 -11.45 16.52
C HIS E 32 -13.16 -12.03 15.83
N ASP E 33 -13.50 -13.33 16.09
CA ASP E 33 -14.74 -13.95 15.50
C ASP E 33 -16.03 -13.14 15.98
N ALA E 34 -16.07 -12.73 17.31
CA ALA E 34 -17.18 -11.89 17.87
C ALA E 34 -17.21 -10.50 17.15
N LYS E 35 -15.99 -9.96 16.90
CA LYS E 35 -15.75 -8.65 16.19
C LYS E 35 -16.30 -8.72 14.74
N ARG E 36 -16.12 -9.91 14.10
CA ARG E 36 -16.55 -10.23 12.69
C ARG E 36 -18.09 -10.03 12.55
N LYS E 37 -18.85 -10.38 13.63
CA LYS E 37 -20.36 -10.28 13.62
C LYS E 37 -20.81 -8.82 13.21
N ILE E 38 -20.06 -7.80 13.70
CA ILE E 38 -20.32 -6.34 13.40
C ILE E 38 -20.38 -6.08 11.86
N GLU E 39 -19.70 -6.97 11.06
CA GLU E 39 -19.62 -6.86 9.55
C GLU E 39 -21.02 -6.94 8.88
N GLN E 40 -21.98 -7.65 9.52
CA GLN E 40 -23.38 -7.81 9.01
C GLN E 40 -24.15 -6.49 9.26
N GLU E 41 -23.95 -5.90 10.46
CA GLU E 41 -24.58 -4.62 10.90
C GLU E 41 -23.91 -3.40 10.19
N ALA E 42 -22.91 -3.67 9.31
CA ALA E 42 -22.13 -2.62 8.56
C ALA E 42 -23.01 -1.60 7.77
N GLU E 43 -24.37 -1.69 7.82
CA GLU E 43 -25.30 -0.74 7.09
C GLU E 43 -24.97 0.75 7.45
N ALA E 44 -24.19 0.95 8.56
CA ALA E 44 -23.75 2.29 9.03
C ALA E 44 -22.75 2.92 8.02
N HIS E 45 -22.02 2.05 7.26
CA HIS E 45 -21.02 2.47 6.23
C HIS E 45 -21.73 3.06 4.99
N THR E 46 -22.70 2.27 4.45
CA THR E 46 -23.49 2.63 3.23
C THR E 46 -24.14 4.04 3.36
N ASP E 47 -24.41 4.46 4.62
CA ASP E 47 -25.03 5.77 4.94
C ASP E 47 -24.03 6.95 4.65
N ARG E 48 -22.70 6.63 4.66
CA ARG E 48 -21.60 7.63 4.41
C ARG E 48 -21.31 7.77 2.90
N VAL E 49 -21.69 6.74 2.11
CA VAL E 49 -21.56 6.70 0.63
C VAL E 49 -22.88 7.29 0.06
N ALA E 50 -23.94 7.30 0.91
CA ALA E 50 -25.29 7.87 0.58
C ALA E 50 -25.22 9.41 0.61
N TRP E 51 -24.07 9.99 1.12
CA TRP E 51 -23.86 11.47 1.20
C TRP E 51 -24.13 12.11 -0.19
N ALA E 52 -23.82 11.28 -1.20
CA ALA E 52 -23.97 11.58 -2.64
C ALA E 52 -25.46 11.46 -3.10
N GLY E 53 -26.26 10.63 -2.40
CA GLY E 53 -27.71 10.38 -2.73
C GLY E 53 -28.54 11.68 -2.92
N PHE E 54 -28.19 12.75 -2.14
CA PHE E 54 -28.88 14.06 -2.19
C PHE E 54 -28.46 14.86 -3.46
N ALA E 55 -27.18 14.70 -3.88
CA ALA E 55 -26.60 15.43 -5.05
C ALA E 55 -27.30 15.05 -6.39
N ALA E 56 -27.48 13.72 -6.62
CA ALA E 56 -28.09 13.17 -7.87
C ALA E 56 -29.64 13.34 -7.91
N SER E 57 -30.29 13.31 -6.73
CA SER E 57 -31.79 13.41 -6.61
C SER E 57 -32.31 14.82 -6.94
N GLY E 58 -31.46 15.84 -6.70
CA GLY E 58 -31.82 17.27 -6.94
C GLY E 58 -32.20 17.59 -8.40
N VAL E 59 -31.32 17.19 -9.35
CA VAL E 59 -31.49 17.44 -10.82
C VAL E 59 -32.52 16.54 -11.49
N GLN E 60 -32.79 15.35 -10.90
CA GLN E 60 -33.72 14.34 -11.49
C GLN E 60 -35.09 15.00 -11.88
N THR E 61 -35.48 16.02 -11.07
CA THR E 61 -36.70 16.85 -11.29
C THR E 61 -36.46 17.85 -12.46
N GLY E 62 -35.18 18.22 -12.65
CA GLY E 62 -34.70 19.17 -13.71
C GLY E 62 -35.15 18.78 -15.12
N LEU E 63 -35.37 17.46 -15.31
CA LEU E 63 -35.85 16.86 -16.61
C LEU E 63 -37.24 17.46 -17.01
N PHE E 64 -38.08 17.74 -15.98
CA PHE E 64 -39.44 18.33 -16.15
C PHE E 64 -39.31 19.66 -16.95
N ALA E 65 -38.22 20.42 -16.68
CA ALA E 65 -37.92 21.71 -17.41
C ALA E 65 -37.79 21.45 -18.96
N ARG E 66 -37.15 20.29 -19.39
CA ARG E 66 -37.01 19.97 -20.87
C ARG E 66 -38.43 19.84 -21.50
N LEU E 67 -39.40 19.18 -20.77
CA LEU E 67 -40.82 19.06 -21.27
C LEU E 67 -41.49 20.48 -21.43
N THR E 68 -41.23 21.38 -20.44
CA THR E 68 -41.81 22.76 -20.36
C THR E 68 -41.44 23.73 -21.52
N TRP E 69 -40.14 23.72 -21.99
CA TRP E 69 -39.64 24.68 -23.05
C TRP E 69 -39.34 24.00 -24.39
N TRP E 70 -40.24 23.07 -24.79
CA TRP E 70 -40.15 22.32 -26.09
C TRP E 70 -40.26 23.32 -27.36
N GLU E 71 -39.37 24.39 -27.48
CA GLU E 71 -39.42 25.35 -28.63
C GLU E 71 -38.08 26.13 -28.76
N TYR E 72 -37.35 26.35 -27.63
CA TYR E 72 -36.04 27.07 -27.60
C TYR E 72 -35.05 26.50 -28.68
N SER E 73 -34.88 25.14 -28.70
CA SER E 73 -34.00 24.40 -29.67
C SER E 73 -34.18 22.86 -29.50
N TRP E 74 -34.22 22.43 -28.21
CA TRP E 74 -34.43 21.01 -27.74
C TRP E 74 -33.08 20.28 -27.41
N ASP E 75 -32.08 20.40 -28.32
CA ASP E 75 -30.72 19.83 -28.16
C ASP E 75 -30.08 20.48 -26.88
N ILE E 76 -30.35 19.85 -25.72
CA ILE E 76 -29.96 20.37 -24.36
C ILE E 76 -29.88 19.11 -23.45
N VAL E 77 -29.97 17.86 -24.05
CA VAL E 77 -29.90 16.59 -23.27
C VAL E 77 -28.53 16.46 -22.57
N GLU E 78 -28.20 15.25 -22.04
CA GLU E 78 -26.88 14.96 -21.38
C GLU E 78 -26.61 15.47 -19.86
N PRO E 79 -27.39 16.35 -19.13
CA PRO E 79 -26.94 16.83 -17.70
C PRO E 79 -26.82 15.76 -16.56
N VAL E 80 -27.83 14.88 -16.53
CA VAL E 80 -28.02 13.89 -15.42
C VAL E 80 -26.85 12.91 -15.19
N THR E 81 -26.20 12.33 -16.26
CA THR E 81 -25.09 11.37 -16.03
C THR E 81 -23.87 11.97 -15.28
N TYR E 82 -23.43 13.27 -15.58
CA TYR E 82 -22.23 13.86 -14.90
C TYR E 82 -22.45 13.88 -13.37
N PHE E 83 -23.70 14.26 -12.94
CA PHE E 83 -24.03 14.26 -11.47
C PHE E 83 -23.85 12.80 -10.93
N ALA E 84 -24.26 11.77 -11.73
CA ALA E 84 -24.05 10.33 -11.37
C ALA E 84 -22.50 10.01 -11.23
N THR E 85 -21.63 10.56 -12.16
CA THR E 85 -20.12 10.37 -12.11
C THR E 85 -19.57 10.92 -10.77
N TYR E 86 -20.15 12.06 -10.31
CA TYR E 86 -19.74 12.75 -9.03
C TYR E 86 -19.91 11.71 -7.85
N SER E 87 -21.03 10.93 -7.89
CA SER E 87 -21.29 9.85 -6.87
C SER E 87 -20.19 8.75 -6.89
N THR E 88 -19.72 8.35 -8.11
CA THR E 88 -18.65 7.29 -8.24
C THR E 88 -17.35 7.74 -7.50
N VAL E 89 -16.97 9.07 -7.59
CA VAL E 89 -15.77 9.61 -6.82
C VAL E 89 -15.99 9.34 -5.29
N ALA E 90 -17.28 9.44 -4.81
CA ALA E 90 -17.60 9.17 -3.36
C ALA E 90 -17.12 7.72 -3.02
N ALA E 91 -17.29 6.78 -4.02
CA ALA E 91 -16.80 5.35 -3.88
C ALA E 91 -15.25 5.36 -3.66
N THR E 92 -14.54 6.27 -4.42
CA THR E 92 -13.06 6.43 -4.35
C THR E 92 -12.56 6.83 -2.92
N PHE E 93 -13.30 7.73 -2.18
CA PHE E 93 -12.87 8.17 -0.77
C PHE E 93 -12.74 6.91 0.16
N GLY E 94 -13.66 5.97 -0.07
CA GLY E 94 -13.81 4.69 0.64
C GLY E 94 -12.54 3.83 0.90
N TYR E 95 -11.39 4.04 0.16
CA TYR E 95 -10.16 3.13 0.32
C TYR E 95 -9.71 2.89 1.82
N TYR E 96 -9.30 3.96 2.59
CA TYR E 96 -8.86 3.81 4.02
C TYR E 96 -10.10 3.75 4.98
N LEU E 97 -11.33 4.33 4.60
CA LEU E 97 -12.55 4.28 5.50
C LEU E 97 -12.89 2.79 5.89
N TYR E 98 -12.35 1.79 5.12
CA TYR E 98 -12.70 0.33 5.27
C TYR E 98 -12.80 -0.18 6.73
N THR E 99 -11.66 -0.18 7.50
CA THR E 99 -11.67 -0.63 8.93
C THR E 99 -12.40 0.41 9.87
N GLN E 100 -12.00 1.73 9.77
CA GLN E 100 -12.55 2.85 10.63
C GLN E 100 -14.12 2.92 10.73
N GLN E 101 -14.86 2.46 9.69
CA GLN E 101 -16.37 2.58 9.65
C GLN E 101 -17.03 2.08 10.99
N SER E 102 -16.34 1.11 11.61
CA SER E 102 -16.75 0.48 12.89
C SER E 102 -16.59 1.45 14.11
N PHE E 103 -15.61 2.39 14.03
CA PHE E 103 -15.30 3.36 15.14
C PHE E 103 -16.47 4.36 15.41
N GLU E 104 -17.26 4.67 14.36
CA GLU E 104 -18.36 5.67 14.41
C GLU E 104 -19.61 5.25 15.27
N TYR E 105 -20.18 4.02 15.04
CA TYR E 105 -21.45 3.56 15.72
C TYR E 105 -21.39 3.59 17.31
N PRO E 106 -20.32 3.08 18.01
CA PRO E 106 -20.27 3.10 19.55
C PRO E 106 -20.11 4.54 20.10
N SER E 107 -19.07 5.25 19.60
CA SER E 107 -18.71 6.65 20.00
C SER E 107 -18.40 6.73 21.52
N ALA E 108 -18.06 7.95 22.00
CA ALA E 108 -17.74 8.23 23.43
C ALA E 108 -19.00 7.98 24.33
N ARG E 109 -20.20 8.13 23.70
CA ARG E 109 -21.56 7.93 24.31
C ARG E 109 -21.68 8.35 25.82
N GLU E 110 -20.84 9.34 26.22
CA GLU E 110 -20.82 9.90 27.61
C GLU E 110 -20.61 8.80 28.70
N ARG E 111 -19.46 8.07 28.61
CA ARG E 111 -19.07 6.98 29.56
C ARG E 111 -17.52 7.09 29.81
N VAL E 112 -17.11 8.12 30.61
CA VAL E 112 -15.69 8.38 30.98
C VAL E 112 -15.16 7.23 31.91
N TYR E 113 -16.11 6.57 32.61
CA TYR E 113 -15.83 5.43 33.55
C TYR E 113 -15.30 4.20 32.75
N THR E 114 -14.97 3.09 33.47
CA THR E 114 -14.43 1.83 32.86
C THR E 114 -15.42 1.25 31.79
N LYS E 115 -14.95 0.19 31.09
CA LYS E 115 -15.72 -0.49 30.00
C LYS E 115 -15.01 -1.80 29.64
N GLN E 116 -15.50 -2.50 28.57
CA GLN E 116 -14.94 -3.80 28.07
C GLN E 116 -13.45 -3.55 27.60
N PHE E 117 -12.49 -3.69 28.56
CA PHE E 117 -11.02 -3.44 28.37
C PHE E 117 -10.45 -3.99 27.01
N TYR E 118 -9.87 -3.09 26.16
CA TYR E 118 -9.25 -3.44 24.84
C TYR E 118 -10.23 -4.29 23.97
N ARG E 119 -11.50 -3.83 23.90
CA ARG E 119 -12.59 -4.49 23.13
C ARG E 119 -13.71 -3.45 22.87
N ARG E 120 -13.91 -2.53 23.87
CA ARG E 120 -14.92 -1.40 23.87
C ARG E 120 -16.13 -1.59 22.89
N ALA E 121 -16.76 -2.79 23.00
CA ALA E 121 -17.93 -3.20 22.18
C ALA E 121 -17.57 -3.33 20.66
N GLN E 122 -16.78 -4.38 20.32
CA GLN E 122 -16.34 -4.71 18.94
C GLN E 122 -15.56 -3.52 18.24
N LYS E 123 -14.22 -3.67 18.08
CA LYS E 123 -13.35 -2.65 17.41
C LYS E 123 -13.35 -2.87 15.87
N GLN E 124 -12.37 -2.25 15.18
CA GLN E 124 -12.18 -2.28 13.72
C GLN E 124 -11.23 -3.47 13.32
N ASN E 125 -11.38 -4.06 12.06
CA ASN E 125 -10.52 -5.20 11.56
C ASN E 125 -10.90 -5.55 10.08
N PHE E 126 -9.86 -5.88 9.27
CA PHE E 126 -9.97 -6.34 7.85
C PHE E 126 -8.53 -6.56 7.31
N ASP E 127 -7.57 -5.63 7.65
CA ASP E 127 -6.15 -5.73 7.16
C ASP E 127 -5.15 -4.85 7.98
N ILE E 128 -5.61 -3.70 8.63
CA ILE E 128 -4.64 -2.81 9.40
C ILE E 128 -4.16 -3.58 10.67
N GLU E 129 -5.08 -4.46 11.21
CA GLU E 129 -4.82 -5.29 12.43
C GLU E 129 -3.77 -6.41 12.18
N LYS E 130 -3.78 -7.14 11.00
CA LYS E 130 -2.80 -8.28 10.78
C LYS E 130 -1.32 -7.79 10.97
N TYR E 131 -0.94 -6.69 10.30
CA TYR E 131 0.43 -6.16 10.32
C TYR E 131 0.82 -5.51 11.69
N ASN E 132 -0.05 -4.59 12.21
CA ASN E 132 0.26 -3.86 13.49
C ASN E 132 0.20 -4.74 14.75
N ARG E 133 -0.93 -5.40 14.92
CA ARG E 133 -1.15 -6.24 16.17
C ARG E 133 -0.19 -7.46 16.22
N LEU E 134 -0.12 -8.25 15.13
CA LEU E 134 0.73 -9.47 15.09
C LEU E 134 2.25 -9.09 15.31
N VAL E 135 2.77 -7.97 14.65
CA VAL E 135 4.20 -7.52 14.97
C VAL E 135 4.34 -7.18 16.53
N THR E 136 3.22 -6.70 17.26
CA THR E 136 3.34 -6.44 18.77
C THR E 136 3.70 -7.78 19.47
N GLU E 137 3.27 -8.94 18.89
CA GLU E 137 3.62 -10.31 19.48
C GLU E 137 5.17 -10.43 19.54
N VAL E 138 5.86 -9.87 18.48
CA VAL E 138 7.39 -9.86 18.44
C VAL E 138 7.90 -9.13 19.71
N ASP E 139 7.20 -8.03 20.11
CA ASP E 139 7.57 -7.25 21.36
C ASP E 139 7.54 -8.18 22.60
N GLU E 140 6.65 -9.25 22.58
CA GLU E 140 6.59 -10.23 23.72
C GLU E 140 7.91 -11.06 23.69
N LEU E 141 8.48 -11.26 22.45
CA LEU E 141 9.78 -12.00 22.26
C LEU E 141 10.92 -11.17 22.89
N ARG E 142 10.84 -9.80 22.78
CA ARG E 142 11.87 -8.89 23.39
C ARG E 142 11.86 -9.15 24.94
N ASN E 143 10.64 -9.57 25.52
CA ASN E 143 10.55 -9.91 27.00
C ASN E 143 11.28 -11.26 27.32
N GLN E 144 11.05 -12.30 26.43
CA GLN E 144 11.65 -13.66 26.61
C GLN E 144 13.20 -13.57 26.72
N LEU E 145 13.79 -12.86 25.73
CA LEU E 145 15.26 -12.65 25.60
C LEU E 145 15.88 -12.03 26.90
N LYS E 146 15.27 -10.92 27.42
CA LYS E 146 15.77 -10.23 28.66
C LYS E 146 16.00 -11.23 29.86
N ARG E 147 15.00 -12.13 30.20
CA ARG E 147 15.19 -13.09 31.35
C ARG E 147 16.26 -14.15 30.93
N LEU E 148 16.28 -14.50 29.61
CA LEU E 148 17.28 -15.44 29.00
C LEU E 148 18.73 -14.82 29.17
N ARG E 149 18.87 -13.45 29.00
CA ARG E 149 20.18 -12.72 29.05
C ARG E 149 20.88 -12.76 30.44
N ASP E 150 20.13 -12.66 31.59
CA ASP E 150 20.80 -12.69 32.98
C ASP E 150 21.82 -13.96 33.10
N PRO E 151 21.43 -15.25 32.80
CA PRO E 151 22.36 -16.48 32.69
C PRO E 151 23.77 -16.24 32.09
N LEU E 152 24.63 -17.33 32.05
CA LEU E 152 25.97 -17.33 31.49
C LEU E 152 26.47 -18.77 31.86
N GLU E 153 26.90 -19.46 30.83
CA GLU E 153 27.36 -20.90 30.86
C GLU E 153 26.19 -21.86 31.23
N MET A 1 29.78 -44.14 10.89
CA MET A 1 30.51 -43.23 9.95
C MET A 1 29.64 -43.08 8.67
N ALA A 2 30.12 -42.20 7.74
CA ALA A 2 29.44 -41.91 6.43
C ALA A 2 27.97 -41.41 6.64
N ALA A 3 27.81 -40.07 6.90
CA ALA A 3 26.49 -39.41 7.12
C ALA A 3 26.67 -37.87 7.06
N LEU A 4 25.52 -37.14 7.16
CA LEU A 4 25.48 -35.66 7.13
C LEU A 4 26.12 -35.07 8.41
N SER A 5 26.39 -33.73 8.39
CA SER A 5 26.99 -32.97 9.54
C SER A 5 28.34 -33.59 10.00
N VAL A 6 28.92 -33.02 11.10
CA VAL A 6 30.22 -33.48 11.68
C VAL A 6 30.37 -32.92 13.13
N ASP A 7 29.63 -31.80 13.43
CA ASP A 7 29.65 -31.13 14.77
C ASP A 7 29.09 -32.05 15.89
N GLU A 8 28.46 -33.19 15.48
CA GLU A 8 27.85 -34.19 16.40
C GLU A 8 27.52 -35.49 15.64
N TYR A 9 26.96 -36.48 16.37
CA TYR A 9 26.57 -37.81 15.83
C TYR A 9 25.42 -37.66 14.78
N LYS A 10 24.26 -37.14 15.25
CA LYS A 10 23.04 -36.91 14.41
C LYS A 10 22.09 -35.94 15.17
N LEU A 11 21.50 -36.43 16.30
CA LEU A 11 20.54 -35.67 17.17
C LEU A 11 19.31 -35.21 16.30
N SER A 12 18.14 -35.89 16.48
CA SER A 12 16.89 -35.60 15.74
C SER A 12 15.77 -36.41 16.45
N ARG A 13 15.52 -36.02 17.69
CA ARG A 13 14.49 -36.61 18.60
C ARG A 13 13.07 -36.12 18.18
N GLU A 14 12.86 -36.06 16.84
CA GLU A 14 11.61 -35.65 16.16
C GLU A 14 11.30 -34.13 16.37
N LYS A 15 11.67 -33.55 17.55
CA LYS A 15 11.38 -32.11 17.85
C LYS A 15 12.09 -31.14 16.85
N LYS A 16 13.39 -31.41 16.50
CA LYS A 16 14.16 -30.56 15.52
C LYS A 16 13.48 -30.63 14.12
N LEU A 17 13.08 -31.87 13.74
CA LEU A 17 12.40 -32.14 12.44
C LEU A 17 11.03 -31.40 12.34
N LEU A 18 10.23 -31.41 13.46
CA LEU A 18 8.87 -30.77 13.48
C LEU A 18 8.92 -29.23 13.24
N LEU A 19 9.89 -28.50 13.90
CA LEU A 19 10.00 -27.01 13.70
C LEU A 19 10.38 -26.67 12.21
N GLN A 20 11.34 -27.44 11.60
CA GLN A 20 11.76 -27.22 10.16
C GLN A 20 10.54 -27.43 9.20
N LEU A 21 9.72 -28.47 9.51
CA LEU A 21 8.47 -28.80 8.76
C LEU A 21 7.46 -27.63 8.87
N GLU A 22 7.37 -26.98 10.09
CA GLU A 22 6.40 -25.87 10.32
C GLU A 22 6.70 -24.69 9.35
N ASN A 23 8.03 -24.39 9.14
CA ASN A 23 8.45 -23.30 8.19
C ASN A 23 7.97 -23.60 6.74
N ALA A 24 8.10 -24.90 6.31
CA ALA A 24 7.70 -25.30 4.92
C ALA A 24 6.17 -25.10 4.63
N GLU A 25 5.25 -25.49 5.58
CA GLU A 25 3.77 -25.31 5.40
C GLU A 25 3.39 -23.79 5.33
N THR A 26 4.00 -23.00 6.25
CA THR A 26 3.77 -21.52 6.39
C THR A 26 4.17 -20.71 5.13
N LEU A 27 5.29 -21.11 4.45
CA LEU A 27 5.84 -20.39 3.24
C LEU A 27 4.69 -20.33 2.19
N LEU A 28 3.92 -21.44 2.09
CA LEU A 28 2.71 -21.53 1.25
C LEU A 28 3.07 -21.47 -0.28
N ALA A 29 3.03 -22.64 -0.99
CA ALA A 29 3.33 -22.76 -2.45
C ALA A 29 2.39 -23.77 -3.22
N PRO A 30 1.78 -24.85 -2.60
CA PRO A 30 0.94 -25.84 -3.38
C PRO A 30 -0.49 -25.31 -3.59
N LEU A 31 -1.10 -24.84 -2.48
CA LEU A 31 -2.45 -24.20 -2.47
C LEU A 31 -2.38 -22.93 -3.39
N HIS A 32 -1.20 -22.22 -3.40
CA HIS A 32 -1.02 -21.02 -4.33
C HIS A 32 -1.18 -21.60 -5.81
N ASP A 33 -0.64 -22.84 -6.04
CA ASP A 33 -0.76 -23.57 -7.36
C ASP A 33 -2.29 -23.77 -7.68
N ALA A 34 -3.14 -24.05 -6.62
CA ALA A 34 -4.62 -24.26 -6.81
C ALA A 34 -5.26 -22.98 -7.45
N LYS A 35 -4.79 -21.74 -7.07
CA LYS A 35 -5.29 -20.45 -7.69
C LYS A 35 -4.98 -20.51 -9.23
N ARG A 36 -3.77 -21.04 -9.59
CA ARG A 36 -3.34 -21.19 -11.03
C ARG A 36 -4.33 -22.12 -11.85
N LYS A 37 -4.85 -23.20 -11.18
CA LYS A 37 -5.75 -24.22 -11.84
C LYS A 37 -7.06 -23.59 -12.43
N ILE A 38 -7.66 -22.61 -11.69
CA ILE A 38 -8.94 -21.92 -12.07
C ILE A 38 -8.70 -20.61 -12.89
N GLU A 39 -7.41 -20.27 -13.18
CA GLU A 39 -7.02 -19.02 -13.94
C GLU A 39 -7.95 -18.69 -15.17
N GLN A 40 -8.38 -19.73 -15.94
CA GLN A 40 -9.28 -19.54 -17.13
C GLN A 40 -10.72 -19.21 -16.66
N GLU A 41 -11.11 -19.84 -15.52
CA GLU A 41 -12.46 -19.68 -14.87
C GLU A 41 -12.49 -18.40 -13.99
N ALA A 42 -11.36 -17.63 -13.94
CA ALA A 42 -11.21 -16.38 -13.13
C ALA A 42 -12.37 -15.33 -13.34
N GLU A 43 -13.30 -15.60 -14.30
CA GLU A 43 -14.50 -14.73 -14.58
C GLU A 43 -15.48 -14.72 -13.36
N ALA A 44 -15.11 -15.44 -12.27
CA ALA A 44 -15.91 -15.55 -11.01
C ALA A 44 -16.22 -14.15 -10.38
N HIS A 45 -15.16 -13.33 -10.22
CA HIS A 45 -15.25 -11.96 -9.59
C HIS A 45 -16.09 -10.97 -10.46
N THR A 46 -16.04 -11.15 -11.80
CA THR A 46 -16.73 -10.26 -12.79
C THR A 46 -18.24 -10.07 -12.47
N ASP A 47 -18.82 -11.03 -11.68
CA ASP A 47 -20.25 -11.01 -11.25
C ASP A 47 -20.54 -9.78 -10.32
N ARG A 48 -19.45 -9.26 -9.66
CA ARG A 48 -19.53 -8.10 -8.72
C ARG A 48 -19.32 -6.79 -9.51
N VAL A 49 -18.55 -6.85 -10.63
CA VAL A 49 -18.28 -5.68 -11.52
C VAL A 49 -19.52 -5.54 -12.45
N ALA A 50 -20.30 -6.66 -12.57
CA ALA A 50 -21.55 -6.74 -13.38
C ALA A 50 -22.66 -5.89 -12.72
N TRP A 51 -22.42 -5.39 -11.45
CA TRP A 51 -23.42 -4.50 -10.72
C TRP A 51 -23.80 -3.31 -11.66
N ALA A 52 -22.76 -2.91 -12.43
CA ALA A 52 -22.77 -1.79 -13.39
C ALA A 52 -23.29 -2.26 -14.79
N GLY A 53 -23.38 -3.59 -15.03
CA GLY A 53 -23.85 -4.17 -16.33
C GLY A 53 -25.27 -3.69 -16.70
N PHE A 54 -26.09 -3.38 -15.67
CA PHE A 54 -27.48 -2.88 -15.81
C PHE A 54 -27.49 -1.39 -16.27
N ALA A 55 -26.40 -0.64 -15.96
CA ALA A 55 -26.26 0.81 -16.29
C ALA A 55 -26.27 1.05 -17.84
N ALA A 56 -25.43 0.27 -18.55
CA ALA A 56 -25.26 0.34 -20.03
C ALA A 56 -26.55 0.04 -20.82
N SER A 57 -27.48 -0.75 -20.23
CA SER A 57 -28.77 -1.15 -20.88
C SER A 57 -29.70 0.04 -21.17
N GLY A 58 -29.53 1.14 -20.41
CA GLY A 58 -30.35 2.37 -20.54
C GLY A 58 -30.30 3.04 -21.94
N VAL A 59 -29.08 3.31 -22.45
CA VAL A 59 -28.84 4.01 -23.77
C VAL A 59 -29.09 3.12 -25.01
N GLN A 60 -28.99 1.76 -24.93
CA GLN A 60 -29.16 0.86 -26.13
C GLN A 60 -30.40 1.28 -27.00
N THR A 61 -31.49 1.71 -26.30
CA THR A 61 -32.76 2.18 -26.94
C THR A 61 -32.62 3.60 -27.52
N GLY A 62 -31.67 4.37 -26.97
CA GLY A 62 -31.41 5.80 -27.34
C GLY A 62 -31.02 6.00 -28.83
N LEU A 63 -30.20 5.08 -29.40
CA LEU A 63 -29.72 5.17 -30.83
C LEU A 63 -30.96 5.11 -31.81
N PHE A 64 -31.92 4.21 -31.48
CA PHE A 64 -33.21 4.07 -32.23
C PHE A 64 -33.99 5.42 -32.14
N ALA A 65 -33.90 6.07 -30.93
CA ALA A 65 -34.63 7.34 -30.64
C ALA A 65 -34.23 8.54 -31.59
N ARG A 66 -32.88 8.75 -31.96
CA ARG A 66 -32.52 9.86 -32.94
C ARG A 66 -33.22 9.55 -34.29
N LEU A 67 -33.20 8.22 -34.65
CA LEU A 67 -33.87 7.68 -35.89
C LEU A 67 -35.45 7.91 -35.86
N THR A 68 -36.08 7.74 -34.65
CA THR A 68 -37.58 7.80 -34.49
C THR A 68 -38.27 9.14 -34.91
N TRP A 69 -37.67 10.34 -34.58
CA TRP A 69 -38.25 11.70 -34.94
C TRP A 69 -37.36 12.36 -36.01
N TRP A 70 -36.05 12.37 -35.74
CA TRP A 70 -35.01 12.93 -36.63
C TRP A 70 -35.15 14.46 -36.97
N GLU A 71 -36.40 15.06 -36.89
CA GLU A 71 -36.66 16.50 -37.26
C GLU A 71 -36.52 17.50 -36.08
N TYR A 72 -36.69 17.02 -34.80
CA TYR A 72 -36.59 17.89 -33.58
C TYR A 72 -35.32 18.82 -33.62
N SER A 73 -34.14 18.23 -33.98
CA SER A 73 -32.83 18.95 -34.11
C SER A 73 -31.72 17.99 -34.65
N TRP A 74 -31.74 16.74 -34.15
CA TRP A 74 -30.76 15.64 -34.48
C TRP A 74 -29.51 15.80 -33.60
N ASP A 75 -29.06 17.06 -33.43
CA ASP A 75 -27.93 17.46 -32.55
C ASP A 75 -28.32 17.04 -31.10
N ILE A 76 -27.93 15.82 -30.74
CA ILE A 76 -28.28 15.14 -29.46
C ILE A 76 -27.16 14.07 -29.26
N VAL A 77 -26.07 14.05 -30.16
CA VAL A 77 -24.99 13.03 -30.06
C VAL A 77 -24.28 13.05 -28.69
N GLU A 78 -23.22 12.22 -28.55
CA GLU A 78 -22.40 12.03 -27.31
C GLU A 78 -23.06 11.19 -26.09
N PRO A 79 -24.36 10.68 -26.01
CA PRO A 79 -24.86 9.94 -24.74
C PRO A 79 -24.09 8.63 -24.38
N VAL A 80 -23.81 7.85 -25.43
CA VAL A 80 -23.21 6.49 -25.29
C VAL A 80 -21.83 6.46 -24.57
N THR A 81 -20.92 7.44 -24.83
CA THR A 81 -19.57 7.39 -24.19
C THR A 81 -19.58 7.45 -22.62
N TYR A 82 -20.40 8.37 -21.92
CA TYR A 82 -20.38 8.41 -20.40
C TYR A 82 -20.88 7.09 -19.82
N PHE A 83 -21.94 6.49 -20.44
CA PHE A 83 -22.50 5.19 -19.92
C PHE A 83 -21.34 4.13 -19.96
N ALA A 84 -20.52 4.17 -21.05
CA ALA A 84 -19.31 3.30 -21.16
C ALA A 84 -18.30 3.67 -19.98
N THR A 85 -18.11 5.02 -19.68
CA THR A 85 -17.22 5.49 -18.53
C THR A 85 -17.75 4.95 -17.19
N TYR A 86 -19.11 4.90 -17.03
CA TYR A 86 -19.78 4.46 -15.75
C TYR A 86 -19.27 3.02 -15.40
N SER A 87 -19.17 2.16 -16.47
CA SER A 87 -18.59 0.78 -16.31
C SER A 87 -17.08 0.83 -15.89
N THR A 88 -16.25 1.77 -16.48
CA THR A 88 -14.77 1.87 -16.14
C THR A 88 -14.52 2.23 -14.62
N VAL A 89 -15.30 3.20 -14.03
CA VAL A 89 -15.15 3.58 -12.56
C VAL A 89 -15.42 2.30 -11.71
N ALA A 90 -16.40 1.46 -12.18
CA ALA A 90 -16.74 0.16 -11.52
C ALA A 90 -15.45 -0.72 -11.47
N ALA A 91 -14.62 -0.65 -12.58
CA ALA A 91 -13.30 -1.39 -12.68
C ALA A 91 -12.38 -0.95 -11.51
N THR A 92 -12.43 0.39 -11.20
CA THR A 92 -11.63 1.04 -10.13
C THR A 92 -11.93 0.43 -8.72
N PHE A 93 -13.24 0.08 -8.38
CA PHE A 93 -13.57 -0.53 -7.02
C PHE A 93 -12.73 -1.81 -6.79
N GLY A 94 -12.53 -2.55 -7.89
CA GLY A 94 -11.79 -3.81 -7.97
C GLY A 94 -10.50 -3.95 -7.12
N TYR A 95 -9.86 -2.82 -6.66
CA TYR A 95 -8.59 -2.90 -5.83
C TYR A 95 -8.84 -3.52 -4.41
N TYR A 96 -10.09 -3.41 -3.92
CA TYR A 96 -10.52 -3.88 -2.56
C TYR A 96 -10.78 -5.39 -2.52
N LEU A 97 -11.76 -5.82 -3.35
CA LEU A 97 -12.24 -7.23 -3.37
C LEU A 97 -11.29 -8.26 -4.04
N TYR A 98 -10.26 -7.82 -4.85
CA TYR A 98 -9.41 -8.77 -5.67
C TYR A 98 -8.99 -10.13 -4.96
N THR A 99 -8.19 -10.10 -3.83
CA THR A 99 -7.84 -11.39 -3.09
C THR A 99 -9.11 -11.94 -2.32
N GLN A 100 -9.77 -11.05 -1.52
CA GLN A 100 -11.01 -11.33 -0.70
C GLN A 100 -12.19 -12.01 -1.47
N GLN A 101 -12.25 -11.86 -2.81
CA GLN A 101 -13.42 -12.29 -3.67
C GLN A 101 -13.97 -13.71 -3.31
N SER A 102 -13.11 -14.56 -2.75
CA SER A 102 -13.45 -15.95 -2.35
C SER A 102 -14.76 -16.07 -1.51
N PHE A 103 -15.13 -15.01 -0.71
CA PHE A 103 -16.33 -15.09 0.20
C PHE A 103 -17.68 -15.21 -0.61
N GLU A 104 -17.92 -14.29 -1.58
CA GLU A 104 -19.16 -14.25 -2.45
C GLU A 104 -19.23 -15.39 -3.53
N TYR A 105 -18.05 -15.84 -4.02
CA TYR A 105 -17.93 -16.82 -5.17
C TYR A 105 -18.84 -18.13 -5.11
N PRO A 106 -18.98 -18.89 -3.97
CA PRO A 106 -19.79 -20.21 -3.95
C PRO A 106 -21.24 -20.15 -4.59
N SER A 107 -22.32 -20.40 -3.78
CA SER A 107 -23.74 -20.43 -4.26
C SER A 107 -23.96 -21.53 -5.34
N ALA A 108 -25.27 -21.85 -5.62
CA ALA A 108 -25.68 -22.87 -6.62
C ALA A 108 -25.03 -24.27 -6.33
N ARG A 109 -24.63 -24.49 -5.05
CA ARG A 109 -24.00 -25.76 -4.58
C ARG A 109 -24.06 -25.77 -3.03
N GLU A 110 -24.89 -26.69 -2.43
CA GLU A 110 -25.07 -26.83 -0.95
C GLU A 110 -25.67 -25.53 -0.33
N ARG A 111 -26.37 -25.66 0.83
CA ARG A 111 -27.03 -24.50 1.54
C ARG A 111 -27.23 -24.86 3.04
N VAL A 112 -26.90 -26.13 3.42
CA VAL A 112 -27.01 -26.64 4.83
C VAL A 112 -25.89 -26.00 5.71
N TYR A 113 -25.90 -24.64 5.77
CA TYR A 113 -24.95 -23.82 6.55
C TYR A 113 -23.44 -24.26 6.36
N THR A 114 -23.08 -24.62 5.09
CA THR A 114 -21.69 -25.06 4.73
C THR A 114 -21.48 -24.89 3.20
N LYS A 115 -20.22 -24.57 2.78
CA LYS A 115 -19.81 -24.37 1.36
C LYS A 115 -18.43 -25.09 1.15
N GLN A 116 -17.39 -24.54 1.80
CA GLN A 116 -15.98 -25.06 1.80
C GLN A 116 -15.28 -24.39 3.03
N PHE A 117 -16.10 -24.20 4.10
CA PHE A 117 -15.69 -23.55 5.37
C PHE A 117 -14.80 -24.50 6.22
N TYR A 118 -15.14 -25.82 6.22
CA TYR A 118 -14.38 -26.85 7.02
C TYR A 118 -12.86 -26.81 6.69
N ARG A 119 -12.00 -27.21 7.68
CA ARG A 119 -10.51 -27.19 7.55
C ARG A 119 -10.03 -25.75 7.19
N ARG A 120 -9.94 -24.86 8.22
CA ARG A 120 -9.55 -23.42 8.06
C ARG A 120 -8.21 -23.28 7.26
N ALA A 121 -8.25 -22.49 6.15
CA ALA A 121 -7.09 -22.23 5.26
C ALA A 121 -7.43 -21.06 4.31
N GLN A 122 -6.40 -20.56 3.59
CA GLN A 122 -6.51 -19.42 2.63
C GLN A 122 -7.34 -19.81 1.39
N LYS A 123 -7.56 -18.79 0.52
CA LYS A 123 -8.26 -18.90 -0.80
C LYS A 123 -7.77 -17.64 -1.61
N GLN A 124 -7.25 -17.84 -2.86
CA GLN A 124 -6.73 -16.75 -3.76
C GLN A 124 -5.46 -16.07 -3.11
N ASN A 125 -4.40 -15.61 -3.90
CA ASN A 125 -3.13 -15.03 -3.28
C ASN A 125 -2.40 -14.10 -4.30
N PHE A 126 -1.88 -12.91 -3.85
CA PHE A 126 -1.09 -11.98 -4.71
C PHE A 126 -0.38 -10.94 -3.78
N ASP A 127 -0.93 -10.68 -2.54
CA ASP A 127 -0.32 -9.69 -1.58
C ASP A 127 -0.86 -9.81 -0.10
N ILE A 128 -2.21 -10.03 0.16
CA ILE A 128 -2.74 -10.12 1.59
C ILE A 128 -2.23 -11.44 2.27
N GLU A 129 -2.35 -12.60 1.55
CA GLU A 129 -1.92 -13.94 2.08
C GLU A 129 -0.39 -14.05 2.24
N LYS A 130 0.37 -13.59 1.21
CA LYS A 130 1.86 -13.66 1.18
C LYS A 130 2.51 -12.94 2.42
N TYR A 131 2.08 -11.67 2.70
CA TYR A 131 2.59 -10.82 3.80
C TYR A 131 2.24 -11.32 5.24
N ASN A 132 0.92 -11.59 5.49
CA ASN A 132 0.46 -11.96 6.88
C ASN A 132 1.01 -13.31 7.34
N ARG A 133 0.83 -14.30 6.45
CA ARG A 133 1.23 -15.73 6.73
C ARG A 133 2.75 -15.88 7.13
N LEU A 134 3.71 -15.31 6.33
CA LEU A 134 5.18 -15.49 6.71
C LEU A 134 5.54 -14.75 8.05
N VAL A 135 5.09 -13.44 8.31
CA VAL A 135 5.39 -12.80 9.65
C VAL A 135 4.86 -13.75 10.83
N THR A 136 3.76 -14.55 10.57
CA THR A 136 3.19 -15.51 11.60
C THR A 136 4.28 -16.56 11.99
N GLU A 137 5.07 -16.99 10.95
CA GLU A 137 6.23 -17.95 11.17
C GLU A 137 7.16 -17.36 12.30
N VAL A 138 7.29 -16.00 12.29
CA VAL A 138 8.11 -15.30 13.34
C VAL A 138 7.50 -15.60 14.75
N ASP A 139 6.13 -15.63 14.87
CA ASP A 139 5.45 -15.99 16.20
C ASP A 139 6.04 -17.32 16.78
N GLU A 140 6.46 -18.21 15.84
CA GLU A 140 7.08 -19.52 16.24
C GLU A 140 8.47 -19.27 16.89
N LEU A 141 9.28 -18.21 16.41
CA LEU A 141 10.61 -17.90 17.12
C LEU A 141 10.33 -17.57 18.61
N ARG A 142 9.11 -17.02 18.89
CA ARG A 142 8.66 -16.66 20.28
C ARG A 142 8.61 -18.00 21.10
N ASN A 143 8.23 -19.16 20.42
CA ASN A 143 8.18 -20.50 21.13
C ASN A 143 9.64 -21.06 21.47
N GLN A 144 10.58 -20.98 20.48
CA GLN A 144 11.98 -21.53 20.64
C GLN A 144 12.81 -20.81 21.75
N LEU A 145 12.82 -19.46 21.69
CA LEU A 145 13.59 -18.59 22.65
C LEU A 145 13.03 -18.79 24.10
N LYS A 146 11.70 -19.02 24.23
CA LYS A 146 11.04 -19.32 25.55
C LYS A 146 11.77 -20.46 26.32
N ARG A 147 12.01 -21.64 25.62
CA ARG A 147 12.63 -22.81 26.30
C ARG A 147 14.08 -22.44 26.77
N LEU A 148 14.90 -21.74 25.92
CA LEU A 148 16.31 -21.30 26.35
C LEU A 148 16.32 -20.44 27.66
N ARG A 149 15.27 -19.63 27.91
CA ARG A 149 15.18 -18.74 29.13
C ARG A 149 14.99 -19.60 30.43
N ASP A 150 14.24 -20.75 30.38
CA ASP A 150 14.02 -21.61 31.62
C ASP A 150 15.36 -22.22 32.28
N PRO A 151 16.31 -22.93 31.55
CA PRO A 151 17.63 -23.47 32.19
C PRO A 151 18.55 -22.26 32.49
N LEU A 152 19.61 -21.98 31.64
CA LEU A 152 20.51 -20.79 31.79
C LEU A 152 20.58 -20.18 30.36
N GLU A 153 21.59 -20.62 29.61
CA GLU A 153 21.88 -20.18 28.23
C GLU A 153 20.91 -20.90 27.26
N MET B 1 48.00 -14.60 1.33
CA MET B 1 46.88 -15.28 0.61
C MET B 1 47.44 -16.50 -0.14
N ALA B 2 46.54 -17.18 -0.90
CA ALA B 2 46.87 -18.39 -1.71
C ALA B 2 45.68 -18.66 -2.67
N ALA B 3 45.38 -17.63 -3.51
CA ALA B 3 44.28 -17.67 -4.52
C ALA B 3 42.89 -17.93 -3.86
N LEU B 4 42.80 -17.65 -2.53
CA LEU B 4 41.56 -17.83 -1.71
C LEU B 4 40.45 -16.84 -2.20
N SER B 5 39.22 -17.02 -1.66
CA SER B 5 38.03 -16.17 -1.98
C SER B 5 38.16 -14.78 -1.28
N VAL B 6 39.26 -14.07 -1.63
CA VAL B 6 39.61 -12.71 -1.10
C VAL B 6 39.94 -12.80 0.42
N ASP B 7 38.89 -13.09 1.25
CA ASP B 7 39.01 -13.22 2.72
C ASP B 7 37.74 -13.99 3.24
N GLU B 8 37.84 -14.56 4.47
CA GLU B 8 36.73 -15.34 5.12
C GLU B 8 37.03 -15.55 6.63
N TYR B 9 38.12 -14.94 7.14
CA TYR B 9 38.56 -15.03 8.56
C TYR B 9 38.84 -16.51 9.00
N LYS B 10 39.58 -16.66 10.14
CA LYS B 10 39.98 -17.97 10.75
C LYS B 10 38.93 -18.42 11.81
N LEU B 11 37.63 -18.19 11.52
CA LEU B 11 36.49 -18.57 12.43
C LEU B 11 35.20 -18.69 11.58
N SER B 12 35.38 -19.32 10.38
CA SER B 12 34.31 -19.58 9.38
C SER B 12 35.00 -20.34 8.21
N ARG B 13 35.17 -21.66 8.41
CA ARG B 13 35.84 -22.57 7.45
C ARG B 13 34.97 -22.77 6.17
N GLU B 14 33.60 -22.89 6.33
CA GLU B 14 32.66 -23.09 5.18
C GLU B 14 31.16 -22.91 5.59
N LYS B 15 30.71 -23.63 6.66
CA LYS B 15 29.26 -23.64 7.07
C LYS B 15 28.70 -22.23 7.48
N LYS B 16 29.49 -21.44 8.27
CA LYS B 16 29.06 -20.08 8.76
C LYS B 16 28.82 -19.14 7.52
N LEU B 17 29.74 -19.25 6.53
CA LEU B 17 29.67 -18.49 5.25
C LEU B 17 28.35 -18.84 4.49
N LEU B 18 27.96 -20.15 4.54
CA LEU B 18 26.73 -20.66 3.82
C LEU B 18 25.45 -19.92 4.37
N LEU B 19 25.33 -19.73 5.72
CA LEU B 19 24.16 -18.94 6.31
C LEU B 19 24.20 -17.44 5.81
N GLN B 20 25.44 -16.82 5.77
CA GLN B 20 25.64 -15.43 5.26
C GLN B 20 25.15 -15.38 3.77
N LEU B 21 25.46 -16.49 3.00
CA LEU B 21 25.03 -16.65 1.59
C LEU B 21 23.46 -16.65 1.47
N GLU B 22 22.68 -17.29 2.46
CA GLU B 22 21.19 -17.34 2.36
C GLU B 22 20.62 -15.90 2.35
N ASN B 23 21.20 -15.02 3.22
CA ASN B 23 20.79 -13.58 3.29
C ASN B 23 21.07 -12.86 1.93
N ALA B 24 22.26 -13.14 1.30
CA ALA B 24 22.63 -12.54 -0.02
C ALA B 24 21.63 -12.96 -1.14
N GLU B 25 21.19 -14.26 -1.13
CA GLU B 25 20.19 -14.82 -2.10
C GLU B 25 18.84 -14.07 -1.98
N THR B 26 18.43 -13.79 -0.70
CA THR B 26 17.15 -13.11 -0.37
C THR B 26 17.06 -11.68 -0.97
N LEU B 27 18.18 -10.91 -0.93
CA LEU B 27 18.23 -9.52 -1.51
C LEU B 27 17.92 -9.53 -3.05
N LEU B 28 18.49 -10.53 -3.79
CA LEU B 28 18.40 -10.68 -5.29
C LEU B 28 18.28 -9.30 -6.01
N ALA B 29 19.37 -8.49 -5.85
CA ALA B 29 19.52 -7.14 -6.44
C ALA B 29 19.77 -7.33 -7.96
N PRO B 30 20.78 -8.14 -8.42
CA PRO B 30 20.99 -8.47 -9.91
C PRO B 30 19.81 -8.18 -10.92
N LEU B 31 18.75 -9.04 -10.90
CA LEU B 31 17.56 -8.86 -11.79
C LEU B 31 16.85 -7.49 -11.51
N HIS B 32 16.75 -7.12 -10.19
CA HIS B 32 16.10 -5.81 -9.77
C HIS B 32 16.95 -4.60 -10.33
N ASP B 33 18.30 -4.74 -10.20
CA ASP B 33 19.33 -3.80 -10.74
C ASP B 33 19.25 -3.74 -12.29
N ALA B 34 19.02 -4.93 -12.94
CA ALA B 34 18.95 -5.03 -14.43
C ALA B 34 17.79 -4.15 -14.99
N LYS B 35 16.60 -4.13 -14.30
CA LYS B 35 15.42 -3.30 -14.74
C LYS B 35 15.83 -1.80 -14.76
N ARG B 36 16.58 -1.35 -13.71
CA ARG B 36 17.05 0.09 -13.65
C ARG B 36 17.97 0.44 -14.87
N LYS B 37 18.88 -0.50 -15.27
CA LYS B 37 19.82 -0.29 -16.44
C LYS B 37 19.06 -0.12 -17.80
N ILE B 38 17.98 -0.94 -18.04
CA ILE B 38 17.15 -0.94 -19.31
C ILE B 38 15.82 -0.16 -19.15
N GLU B 39 15.59 0.46 -17.96
CA GLU B 39 14.33 1.20 -17.54
C GLU B 39 13.36 1.66 -18.71
N GLN B 40 13.93 2.09 -19.86
CA GLN B 40 13.16 2.53 -21.06
C GLN B 40 12.26 1.38 -21.62
N GLU B 41 12.46 0.12 -21.09
CA GLU B 41 11.66 -1.09 -21.52
C GLU B 41 10.20 -0.99 -21.05
N ALA B 42 9.86 0.07 -20.26
CA ALA B 42 8.49 0.27 -19.68
C ALA B 42 7.36 0.16 -20.75
N GLU B 43 7.75 0.17 -22.06
CA GLU B 43 6.80 -0.03 -23.20
C GLU B 43 6.23 -1.49 -23.13
N ALA B 44 6.84 -2.32 -22.22
CA ALA B 44 6.45 -3.72 -21.94
C ALA B 44 5.04 -3.74 -21.27
N HIS B 45 4.79 -2.74 -20.36
CA HIS B 45 3.50 -2.61 -19.62
C HIS B 45 2.41 -2.00 -20.54
N THR B 46 2.85 -1.05 -21.41
CA THR B 46 1.95 -0.30 -22.35
C THR B 46 1.11 -1.26 -23.24
N ASP B 47 1.65 -2.49 -23.46
CA ASP B 47 1.00 -3.55 -24.29
C ASP B 47 -0.33 -4.04 -23.63
N ARG B 48 -0.45 -3.88 -22.29
CA ARG B 48 -1.65 -4.29 -21.48
C ARG B 48 -2.65 -3.11 -21.39
N VAL B 49 -2.14 -1.84 -21.46
CA VAL B 49 -2.96 -0.61 -21.42
C VAL B 49 -3.52 -0.39 -22.85
N ALA B 50 -2.83 -1.03 -23.86
CA ALA B 50 -3.22 -0.98 -25.30
C ALA B 50 -4.58 -1.69 -25.50
N TRP B 51 -5.08 -2.42 -24.44
CA TRP B 51 -6.43 -3.11 -24.50
C TRP B 51 -7.51 -2.07 -24.95
N ALA B 52 -7.28 -0.84 -24.45
CA ALA B 52 -8.12 0.36 -24.66
C ALA B 52 -7.78 1.09 -25.99
N GLY B 53 -6.64 0.72 -26.64
CA GLY B 53 -6.18 1.36 -27.92
C GLY B 53 -7.21 1.25 -29.07
N PHE B 54 -8.04 0.16 -29.03
CA PHE B 54 -9.09 -0.10 -30.05
C PHE B 54 -10.31 0.84 -29.84
N ALA B 55 -10.54 1.29 -28.58
CA ALA B 55 -11.70 2.18 -28.21
C ALA B 55 -11.63 3.55 -28.95
N ALA B 56 -10.42 4.17 -28.95
CA ALA B 56 -10.15 5.48 -29.57
C ALA B 56 -10.07 5.39 -31.12
N SER B 57 -9.67 4.20 -31.64
CA SER B 57 -9.48 3.96 -33.11
C SER B 57 -10.81 4.04 -33.89
N GLY B 58 -11.94 3.78 -33.20
CA GLY B 58 -13.30 3.78 -33.82
C GLY B 58 -13.71 5.13 -34.46
N VAL B 59 -13.60 6.23 -33.67
CA VAL B 59 -14.00 7.63 -34.09
C VAL B 59 -13.01 8.33 -35.07
N GLN B 60 -11.70 7.93 -35.12
CA GLN B 60 -10.68 8.59 -36.03
C GLN B 60 -11.23 8.67 -37.50
N THR B 61 -11.95 7.59 -37.92
CA THR B 61 -12.60 7.50 -39.27
C THR B 61 -13.89 8.37 -39.29
N GLY B 62 -14.47 8.58 -38.08
CA GLY B 62 -15.72 9.34 -37.85
C GLY B 62 -15.67 10.81 -38.31
N LEU B 63 -14.46 11.42 -38.34
CA LEU B 63 -14.25 12.86 -38.75
C LEU B 63 -14.74 13.08 -40.24
N PHE B 64 -14.45 12.05 -41.08
CA PHE B 64 -14.83 12.01 -42.52
C PHE B 64 -16.38 12.11 -42.65
N ALA B 65 -17.10 11.44 -41.70
CA ALA B 65 -18.59 11.42 -41.66
C ALA B 65 -19.16 12.87 -41.52
N ARG B 66 -18.50 13.77 -40.68
CA ARG B 66 -18.99 15.19 -40.50
C ARG B 66 -18.97 15.91 -41.87
N LEU B 67 -17.86 15.67 -42.66
CA LEU B 67 -17.72 16.25 -44.05
C LEU B 67 -18.85 15.74 -45.02
N THR B 68 -19.17 14.42 -44.92
CA THR B 68 -20.18 13.71 -45.78
C THR B 68 -21.64 14.25 -45.67
N TRP B 69 -22.09 14.59 -44.41
CA TRP B 69 -23.52 15.02 -44.12
C TRP B 69 -23.59 16.44 -43.53
N TRP B 70 -22.73 17.32 -44.05
CA TRP B 70 -22.60 18.75 -43.60
C TRP B 70 -23.95 19.55 -43.49
N GLU B 71 -25.10 18.97 -43.98
CA GLU B 71 -26.46 19.65 -43.99
C GLU B 71 -27.37 19.28 -42.76
N TYR B 72 -27.12 18.12 -42.07
CA TYR B 72 -27.95 17.66 -40.91
C TYR B 72 -28.09 18.78 -39.80
N SER B 73 -26.92 19.28 -39.30
CA SER B 73 -26.87 20.37 -38.25
C SER B 73 -25.42 20.99 -38.14
N TRP B 74 -24.43 20.08 -38.08
CA TRP B 74 -22.96 20.36 -37.98
C TRP B 74 -22.45 20.33 -36.52
N ASP B 75 -23.20 20.99 -35.60
CA ASP B 75 -22.91 21.02 -34.13
C ASP B 75 -22.99 19.54 -33.62
N ILE B 76 -21.87 18.83 -33.80
CA ILE B 76 -21.70 17.37 -33.52
C ILE B 76 -20.21 17.20 -33.12
N VAL B 77 -19.43 18.34 -33.04
CA VAL B 77 -17.98 18.29 -32.72
C VAL B 77 -17.72 17.70 -31.33
N GLU B 78 -16.44 17.74 -30.90
CA GLU B 78 -15.96 17.18 -29.59
C GLU B 78 -15.74 15.58 -29.52
N PRO B 79 -16.06 14.65 -30.52
CA PRO B 79 -15.90 13.13 -30.25
C PRO B 79 -14.48 12.58 -29.92
N VAL B 80 -13.44 13.01 -30.67
CA VAL B 80 -12.07 12.43 -30.46
C VAL B 80 -11.45 12.64 -29.05
N THR B 81 -11.49 13.88 -28.43
CA THR B 81 -10.92 14.07 -27.08
C THR B 81 -11.62 13.26 -25.93
N TYR B 82 -13.02 13.21 -25.87
CA TYR B 82 -13.72 12.48 -24.75
C TYR B 82 -13.36 10.96 -24.76
N PHE B 83 -13.31 10.32 -25.96
CA PHE B 83 -12.87 8.88 -26.09
C PHE B 83 -11.37 8.72 -25.62
N ALA B 84 -10.48 9.73 -25.92
CA ALA B 84 -9.02 9.66 -25.49
C ALA B 84 -8.99 9.55 -23.94
N THR B 85 -9.92 10.30 -23.30
CA THR B 85 -10.17 10.30 -21.84
C THR B 85 -10.58 8.83 -21.39
N TYR B 86 -11.38 8.06 -22.21
CA TYR B 86 -11.77 6.65 -21.82
C TYR B 86 -10.46 5.82 -21.59
N SER B 87 -9.45 6.08 -22.46
CA SER B 87 -8.08 5.49 -22.32
C SER B 87 -7.39 5.95 -20.96
N THR B 88 -7.58 7.25 -20.54
CA THR B 88 -6.90 7.76 -19.27
C THR B 88 -7.31 6.97 -17.99
N VAL B 89 -8.64 6.67 -17.83
CA VAL B 89 -9.15 5.83 -16.66
C VAL B 89 -8.43 4.45 -16.75
N ALA B 90 -8.20 3.94 -18.00
CA ALA B 90 -7.46 2.64 -18.22
C ALA B 90 -6.03 2.74 -17.55
N ALA B 91 -5.37 3.96 -17.65
CA ALA B 91 -4.02 4.22 -16.99
C ALA B 91 -4.15 3.97 -15.46
N THR B 92 -5.31 4.41 -14.90
CA THR B 92 -5.65 4.29 -13.45
C THR B 92 -5.66 2.77 -13.03
N PHE B 93 -6.16 1.81 -13.90
CA PHE B 93 -6.15 0.33 -13.54
C PHE B 93 -4.71 -0.11 -13.21
N GLY B 94 -3.78 0.49 -13.97
CA GLY B 94 -2.34 0.25 -13.89
C GLY B 94 -1.73 0.08 -12.46
N TYR B 95 -2.36 0.66 -11.39
CA TYR B 95 -1.81 0.55 -9.98
C TYR B 95 -1.74 -0.92 -9.45
N TYR B 96 -2.57 -1.83 -10.04
CA TYR B 96 -2.64 -3.27 -9.64
C TYR B 96 -1.50 -4.09 -10.29
N LEU B 97 -1.53 -4.11 -11.65
CA LEU B 97 -0.62 -4.93 -12.50
C LEU B 97 0.87 -4.45 -12.63
N TYR B 98 1.20 -3.17 -12.27
CA TYR B 98 2.57 -2.58 -12.56
C TYR B 98 3.81 -3.49 -12.17
N THR B 99 4.03 -3.83 -10.86
CA THR B 99 5.14 -4.74 -10.44
C THR B 99 4.86 -6.22 -10.88
N GLN B 100 3.59 -6.69 -10.61
CA GLN B 100 3.11 -8.09 -10.92
C GLN B 100 3.40 -8.54 -12.38
N GLN B 101 3.47 -7.57 -13.36
CA GLN B 101 3.74 -7.88 -14.83
C GLN B 101 4.97 -8.84 -14.95
N SER B 102 5.86 -8.74 -13.93
CA SER B 102 7.05 -9.57 -13.75
C SER B 102 6.66 -11.07 -13.58
N PHE B 103 5.63 -11.35 -12.72
CA PHE B 103 5.13 -12.74 -12.45
C PHE B 103 4.36 -13.31 -13.68
N GLU B 104 3.73 -12.41 -14.48
CA GLU B 104 2.89 -12.80 -15.67
C GLU B 104 3.71 -13.45 -16.85
N TYR B 105 4.83 -12.80 -17.30
CA TYR B 105 5.65 -13.26 -18.48
C TYR B 105 6.25 -14.74 -18.31
N PRO B 106 6.94 -15.12 -17.18
CA PRO B 106 7.53 -16.53 -16.96
C PRO B 106 6.56 -17.70 -17.35
N SER B 107 5.27 -17.56 -16.94
CA SER B 107 4.20 -18.57 -17.20
C SER B 107 3.84 -18.63 -18.70
N ALA B 108 3.69 -17.44 -19.34
CA ALA B 108 3.34 -17.30 -20.79
C ALA B 108 4.48 -17.84 -21.70
N ARG B 109 5.75 -17.73 -21.22
CA ARG B 109 6.97 -18.20 -21.97
C ARG B 109 8.21 -17.92 -21.08
N GLU B 110 9.41 -18.25 -21.62
CA GLU B 110 10.73 -18.04 -20.94
C GLU B 110 11.83 -18.02 -22.03
N ARG B 111 11.66 -18.87 -23.07
CA ARG B 111 12.58 -18.98 -24.24
C ARG B 111 14.07 -19.19 -23.79
N VAL B 112 14.50 -20.48 -23.65
CA VAL B 112 15.89 -20.85 -23.23
C VAL B 112 16.91 -20.47 -24.36
N TYR B 113 18.21 -20.32 -24.00
CA TYR B 113 19.32 -19.96 -24.93
C TYR B 113 19.04 -18.57 -25.61
N THR B 114 19.97 -18.12 -26.49
CA THR B 114 19.89 -16.82 -27.22
C THR B 114 19.95 -15.62 -26.23
N LYS B 115 21.09 -14.85 -26.24
CA LYS B 115 21.28 -13.65 -25.36
C LYS B 115 20.36 -12.49 -25.86
N GLN B 116 20.08 -11.51 -24.96
CA GLN B 116 19.22 -10.31 -25.23
C GLN B 116 17.72 -10.70 -25.42
N PHE B 117 17.45 -11.89 -26.03
CA PHE B 117 16.08 -12.41 -26.31
C PHE B 117 15.31 -11.49 -27.30
N TYR B 118 14.22 -12.02 -27.92
CA TYR B 118 13.37 -11.28 -28.90
C TYR B 118 12.50 -10.20 -28.18
N ARG B 119 11.44 -10.64 -27.46
CA ARG B 119 10.50 -9.75 -26.71
C ARG B 119 11.15 -9.17 -25.41
N ARG B 120 12.50 -9.33 -25.29
CA ARG B 120 13.28 -8.84 -24.11
C ARG B 120 12.75 -9.44 -22.76
N ALA B 121 13.20 -10.69 -22.42
CA ALA B 121 12.80 -11.41 -21.18
C ALA B 121 13.41 -10.69 -19.93
N GLN B 122 12.59 -10.46 -18.87
CA GLN B 122 13.00 -9.79 -17.61
C GLN B 122 11.88 -9.95 -16.55
N LYS B 123 12.21 -9.63 -15.26
CA LYS B 123 11.27 -9.73 -14.10
C LYS B 123 11.49 -8.49 -13.16
N GLN B 124 10.50 -7.53 -13.12
CA GLN B 124 10.55 -6.31 -12.25
C GLN B 124 10.38 -6.73 -10.76
N ASN B 125 10.77 -5.86 -9.79
CA ASN B 125 10.69 -6.10 -8.32
C ASN B 125 11.21 -4.80 -7.64
N PHE B 126 10.31 -4.00 -6.97
CA PHE B 126 10.72 -2.74 -6.28
C PHE B 126 9.65 -2.26 -5.26
N ASP B 127 8.79 -3.21 -4.73
CA ASP B 127 7.74 -2.89 -3.70
C ASP B 127 6.95 -4.17 -3.19
N ILE B 128 6.38 -5.08 -4.09
CA ILE B 128 5.61 -6.30 -3.57
C ILE B 128 6.67 -7.25 -2.93
N GLU B 129 7.70 -7.49 -3.76
CA GLU B 129 8.81 -8.40 -3.45
C GLU B 129 9.70 -7.90 -2.28
N LYS B 130 10.13 -6.61 -2.37
CA LYS B 130 11.05 -5.99 -1.37
C LYS B 130 10.59 -6.19 0.09
N TYR B 131 9.30 -5.92 0.40
CA TYR B 131 8.74 -6.06 1.76
C TYR B 131 8.60 -7.54 2.25
N ASN B 132 7.94 -8.46 1.45
CA ASN B 132 7.72 -9.89 1.94
C ASN B 132 9.06 -10.65 2.04
N ARG B 133 9.78 -10.58 0.94
CA ARG B 133 11.12 -11.27 0.78
C ARG B 133 12.12 -10.94 1.99
N LEU B 134 12.20 -9.62 2.37
CA LEU B 134 13.12 -9.17 3.51
C LEU B 134 12.72 -9.81 4.88
N VAL B 135 11.41 -9.70 5.29
CA VAL B 135 10.96 -10.33 6.59
C VAL B 135 11.27 -11.87 6.53
N THR B 136 11.28 -12.49 5.30
CA THR B 136 11.65 -13.95 5.12
C THR B 136 13.12 -14.15 5.68
N GLU B 137 14.00 -13.07 5.62
CA GLU B 137 15.40 -13.16 6.27
C GLU B 137 15.18 -13.59 7.76
N VAL B 138 14.10 -12.98 8.36
CA VAL B 138 13.70 -13.29 9.79
C VAL B 138 13.38 -14.82 9.91
N ASP B 139 12.91 -15.45 8.80
CA ASP B 139 12.63 -16.95 8.82
C ASP B 139 13.97 -17.74 9.01
N GLU B 140 15.10 -17.22 8.43
CA GLU B 140 16.45 -17.86 8.56
C GLU B 140 16.93 -17.78 10.04
N LEU B 141 16.47 -16.70 10.73
CA LEU B 141 16.73 -16.45 12.19
C LEU B 141 16.14 -17.64 12.99
N ARG B 142 14.84 -17.96 12.71
CA ARG B 142 14.11 -19.09 13.42
C ARG B 142 14.91 -20.42 13.26
N ASN B 143 15.69 -20.58 12.11
CA ASN B 143 16.49 -21.84 11.89
C ASN B 143 17.71 -21.91 12.87
N GLN B 144 18.45 -20.77 13.04
CA GLN B 144 19.65 -20.72 13.94
C GLN B 144 19.23 -20.96 15.42
N LEU B 145 18.21 -20.20 15.87
CA LEU B 145 17.64 -20.24 17.25
C LEU B 145 17.31 -21.71 17.70
N LYS B 146 16.68 -22.43 16.78
CA LYS B 146 16.27 -23.85 16.97
C LYS B 146 17.47 -24.78 17.38
N ARG B 147 18.65 -24.65 16.66
CA ARG B 147 19.82 -25.52 16.95
C ARG B 147 20.50 -25.18 18.34
N LEU B 148 20.70 -23.87 18.76
CA LEU B 148 21.29 -23.59 20.18
C LEU B 148 20.31 -24.13 21.28
N ARG B 149 18.98 -24.17 21.00
CA ARG B 149 17.92 -24.63 21.98
C ARG B 149 18.00 -26.16 22.27
N ASP B 150 18.38 -27.04 21.29
CA ASP B 150 18.43 -28.54 21.55
C ASP B 150 19.52 -29.02 22.65
N PRO B 151 20.86 -28.63 22.61
CA PRO B 151 21.92 -29.08 23.65
C PRO B 151 21.50 -29.29 25.17
N LEU B 152 21.04 -28.22 25.91
CA LEU B 152 20.69 -28.33 27.37
C LEU B 152 19.52 -29.34 27.54
N GLU B 153 18.33 -28.79 27.69
CA GLU B 153 17.03 -29.53 27.85
C GLU B 153 15.86 -28.50 27.88
N MET C 1 49.04 7.26 24.01
CA MET C 1 48.12 8.09 23.17
C MET C 1 46.80 7.30 22.98
N ALA C 2 45.78 7.97 22.40
CA ALA C 2 44.44 7.38 22.13
C ALA C 2 44.53 6.29 21.02
N ALA C 3 44.86 6.75 19.78
CA ALA C 3 45.00 5.87 18.58
C ALA C 3 43.71 5.03 18.29
N LEU C 4 42.58 5.47 18.90
CA LEU C 4 41.23 4.82 18.77
C LEU C 4 40.73 4.93 17.30
N SER C 5 41.00 6.10 16.68
CA SER C 5 40.61 6.43 15.27
C SER C 5 39.08 6.25 15.02
N VAL C 6 38.65 6.34 13.73
CA VAL C 6 37.23 6.21 13.30
C VAL C 6 36.72 4.76 13.56
N ASP C 7 37.56 3.75 13.19
CA ASP C 7 37.25 2.30 13.36
C ASP C 7 38.51 1.41 13.19
N GLU C 8 39.64 2.02 12.71
CA GLU C 8 40.94 1.30 12.49
C GLU C 8 41.56 0.91 13.87
N TYR C 9 42.23 -0.28 13.96
CA TYR C 9 42.86 -0.81 15.22
C TYR C 9 41.78 -0.99 16.35
N LYS C 10 41.35 -2.26 16.62
CA LYS C 10 40.31 -2.58 17.65
C LYS C 10 40.41 -4.09 18.03
N LEU C 11 41.55 -4.48 18.65
CA LEU C 11 41.84 -5.88 19.10
C LEU C 11 40.72 -6.40 20.07
N SER C 12 40.59 -5.76 21.26
CA SER C 12 39.57 -6.13 22.31
C SER C 12 39.39 -4.96 23.30
N ARG C 13 39.25 -3.75 22.72
CA ARG C 13 39.02 -2.49 23.46
C ARG C 13 37.54 -2.44 23.97
N GLU C 14 36.58 -2.53 23.01
CA GLU C 14 35.11 -2.54 23.28
C GLU C 14 34.36 -2.91 21.95
N LYS C 15 34.30 -4.23 21.67
CA LYS C 15 33.66 -4.84 20.46
C LYS C 15 32.14 -4.48 20.37
N LYS C 16 31.47 -4.43 21.56
CA LYS C 16 30.00 -4.17 21.65
C LYS C 16 29.62 -2.81 20.97
N LEU C 17 30.49 -1.79 21.17
CA LEU C 17 30.31 -0.42 20.57
C LEU C 17 30.30 -0.52 19.00
N LEU C 18 31.24 -1.35 18.42
CA LEU C 18 31.37 -1.50 16.92
C LEU C 18 30.05 -2.06 16.27
N LEU C 19 29.41 -3.11 16.89
CA LEU C 19 28.07 -3.65 16.36
C LEU C 19 26.97 -2.54 16.46
N GLN C 20 26.97 -1.77 17.59
CA GLN C 20 26.00 -0.64 17.83
C GLN C 20 26.21 0.42 16.71
N LEU C 21 27.49 0.66 16.34
CA LEU C 21 27.90 1.62 15.27
C LEU C 21 27.27 1.17 13.90
N GLU C 22 27.24 -0.19 13.61
CA GLU C 22 26.68 -0.72 12.33
C GLU C 22 25.19 -0.34 12.22
N ASN C 23 24.46 -0.43 13.37
CA ASN C 23 23.01 -0.07 13.44
C ASN C 23 22.80 1.43 13.07
N ALA C 24 23.70 2.34 13.59
CA ALA C 24 23.59 3.82 13.34
C ALA C 24 23.65 4.11 11.81
N GLU C 25 24.56 3.39 11.10
CA GLU C 25 24.72 3.51 9.61
C GLU C 25 23.40 3.08 8.88
N THR C 26 22.70 1.98 9.37
CA THR C 26 21.46 1.46 8.73
C THR C 26 20.32 2.50 8.71
N LEU C 27 20.12 3.29 9.83
CA LEU C 27 19.02 4.31 9.88
C LEU C 27 19.26 5.33 8.73
N LEU C 28 20.55 5.70 8.52
CA LEU C 28 20.99 6.61 7.41
C LEU C 28 20.11 7.91 7.39
N ALA C 29 20.38 8.83 8.37
CA ALA C 29 19.64 10.12 8.56
C ALA C 29 20.55 11.27 7.99
N PRO C 30 21.78 11.54 8.58
CA PRO C 30 22.76 12.58 8.03
C PRO C 30 22.66 12.93 6.49
N LEU C 31 23.11 11.98 5.64
CA LEU C 31 23.06 12.08 4.16
C LEU C 31 21.59 12.21 3.64
N HIS C 32 20.60 11.49 4.28
CA HIS C 32 19.13 11.54 3.80
C HIS C 32 18.66 13.04 3.85
N ASP C 33 19.08 13.79 4.91
CA ASP C 33 18.72 15.24 5.07
C ASP C 33 19.27 16.08 3.84
N ALA C 34 20.52 15.77 3.33
CA ALA C 34 21.11 16.49 2.15
C ALA C 34 20.19 16.30 0.90
N LYS C 35 19.65 15.05 0.75
CA LYS C 35 18.68 14.66 -0.32
C LYS C 35 17.36 15.52 -0.20
N ARG C 36 16.88 15.79 1.06
CA ARG C 36 15.65 16.62 1.36
C ARG C 36 15.80 18.08 0.77
N LYS C 37 17.06 18.63 0.77
CA LYS C 37 17.35 20.05 0.32
C LYS C 37 16.81 20.29 -1.15
N ILE C 38 16.88 19.27 -2.04
CA ILE C 38 16.39 19.35 -3.48
C ILE C 38 14.96 20.03 -3.64
N GLU C 39 14.22 20.38 -2.52
CA GLU C 39 12.85 21.03 -2.57
C GLU C 39 12.74 22.16 -3.66
N GLN C 40 13.90 22.76 -4.01
CA GLN C 40 14.03 23.82 -5.06
C GLN C 40 14.03 23.16 -6.47
N GLU C 41 15.13 22.40 -6.77
CA GLU C 41 15.33 21.69 -8.08
C GLU C 41 14.31 20.52 -8.28
N ALA C 42 13.39 20.34 -7.28
CA ALA C 42 12.34 19.27 -7.29
C ALA C 42 11.43 19.28 -8.55
N GLU C 43 11.67 20.21 -9.53
CA GLU C 43 10.92 20.30 -10.82
C GLU C 43 10.87 18.89 -11.54
N ALA C 44 11.73 17.96 -11.05
CA ALA C 44 11.84 16.56 -11.53
C ALA C 44 10.44 15.88 -11.63
N HIS C 45 9.54 16.27 -10.69
CA HIS C 45 8.14 15.77 -10.60
C HIS C 45 7.28 16.47 -11.69
N THR C 46 7.37 17.82 -11.72
CA THR C 46 6.62 18.69 -12.68
C THR C 46 6.97 18.35 -14.16
N ASP C 47 8.21 17.84 -14.37
CA ASP C 47 8.74 17.48 -15.72
C ASP C 47 8.02 16.22 -16.28
N ARG C 48 7.39 15.40 -15.39
CA ARG C 48 6.64 14.16 -15.79
C ARG C 48 5.17 14.53 -16.05
N VAL C 49 4.61 15.49 -15.26
CA VAL C 49 3.22 15.99 -15.41
C VAL C 49 3.15 16.85 -16.70
N ALA C 50 4.37 17.22 -17.21
CA ALA C 50 4.55 17.99 -18.46
C ALA C 50 4.31 17.08 -19.68
N TRP C 51 4.16 15.72 -19.48
CA TRP C 51 3.87 14.75 -20.63
C TRP C 51 2.58 15.23 -21.37
N ALA C 52 1.71 15.87 -20.56
CA ALA C 52 0.41 16.46 -20.99
C ALA C 52 0.61 17.83 -21.73
N GLY C 53 1.84 18.38 -21.70
CA GLY C 53 2.18 19.70 -22.32
C GLY C 53 1.73 19.82 -23.81
N PHE C 54 1.79 18.69 -24.56
CA PHE C 54 1.41 18.63 -26.00
C PHE C 54 -0.13 18.66 -26.17
N ALA C 55 -0.86 18.16 -25.14
CA ALA C 55 -2.36 18.07 -25.15
C ALA C 55 -3.03 19.48 -25.11
N ALA C 56 -2.44 20.40 -24.32
CA ALA C 56 -2.94 21.81 -24.13
C ALA C 56 -2.68 22.68 -25.39
N SER C 57 -1.65 22.31 -26.20
CA SER C 57 -1.23 23.07 -27.42
C SER C 57 -2.36 23.20 -28.49
N GLY C 58 -3.20 22.14 -28.61
CA GLY C 58 -4.30 22.06 -29.62
C GLY C 58 -5.38 23.17 -29.49
N VAL C 59 -5.54 23.73 -28.27
CA VAL C 59 -6.58 24.77 -27.95
C VAL C 59 -6.39 26.10 -28.74
N GLN C 60 -5.17 26.70 -28.64
CA GLN C 60 -4.84 28.05 -29.23
C GLN C 60 -5.35 28.19 -30.70
N THR C 61 -5.20 27.12 -31.50
CA THR C 61 -5.69 27.07 -32.92
C THR C 61 -7.22 26.89 -32.93
N GLY C 62 -7.73 26.30 -31.83
CA GLY C 62 -9.16 26.04 -31.59
C GLY C 62 -9.94 27.35 -31.30
N LEU C 63 -9.35 28.29 -30.50
CA LEU C 63 -10.04 29.60 -30.18
C LEU C 63 -10.33 30.43 -31.47
N PHE C 64 -9.34 30.41 -32.40
CA PHE C 64 -9.47 31.11 -33.73
C PHE C 64 -10.71 30.49 -34.47
N ALA C 65 -10.87 29.13 -34.34
CA ALA C 65 -11.98 28.37 -34.99
C ALA C 65 -13.41 28.83 -34.52
N ARG C 66 -13.68 29.12 -33.16
CA ARG C 66 -15.06 29.59 -32.73
C ARG C 66 -15.39 30.92 -33.44
N LEU C 67 -14.35 31.82 -33.53
CA LEU C 67 -14.53 33.16 -34.18
C LEU C 67 -14.94 32.98 -35.70
N THR C 68 -14.25 32.02 -36.41
CA THR C 68 -14.53 31.66 -37.85
C THR C 68 -15.96 31.06 -38.07
N TRP C 69 -16.37 30.18 -37.12
CA TRP C 69 -17.65 29.41 -37.15
C TRP C 69 -18.92 30.29 -37.03
N TRP C 70 -18.78 31.63 -37.06
CA TRP C 70 -19.94 32.57 -36.92
C TRP C 70 -20.90 32.50 -38.16
N GLU C 71 -20.76 31.43 -39.05
CA GLU C 71 -21.62 31.21 -40.25
C GLU C 71 -22.04 29.70 -40.31
N TYR C 72 -21.26 28.80 -39.62
CA TYR C 72 -21.50 27.35 -39.59
C TYR C 72 -22.68 27.03 -38.62
N SER C 73 -22.52 27.43 -37.32
CA SER C 73 -23.57 27.19 -36.24
C SER C 73 -23.27 28.07 -34.98
N TRP C 74 -22.01 28.00 -34.48
CA TRP C 74 -21.43 28.73 -33.30
C TRP C 74 -21.31 27.82 -32.04
N ASP C 75 -22.46 27.26 -31.57
CA ASP C 75 -22.55 26.35 -30.40
C ASP C 75 -21.59 25.13 -30.61
N ILE C 76 -20.38 25.24 -30.06
CA ILE C 76 -19.25 24.26 -30.21
C ILE C 76 -18.42 24.39 -28.88
N VAL C 77 -18.98 25.09 -27.81
CA VAL C 77 -18.24 25.31 -26.52
C VAL C 77 -17.67 23.99 -25.91
N GLU C 78 -16.89 24.18 -24.80
CA GLU C 78 -16.17 23.11 -24.00
C GLU C 78 -14.66 22.81 -24.39
N PRO C 79 -14.07 23.11 -25.59
CA PRO C 79 -12.66 22.59 -25.91
C PRO C 79 -11.47 23.02 -24.94
N VAL C 80 -11.38 24.28 -24.47
CA VAL C 80 -10.21 24.68 -23.56
C VAL C 80 -10.19 23.82 -22.25
N THR C 81 -11.37 23.62 -21.60
CA THR C 81 -11.46 22.82 -20.38
C THR C 81 -11.09 21.31 -20.56
N TYR C 82 -11.53 20.62 -21.70
CA TYR C 82 -11.30 19.13 -21.82
C TYR C 82 -9.79 18.74 -21.82
N PHE C 83 -8.87 19.48 -22.55
CA PHE C 83 -7.39 19.20 -22.50
C PHE C 83 -6.83 19.51 -21.07
N ALA C 84 -7.35 20.61 -20.43
CA ALA C 84 -6.90 20.99 -19.04
C ALA C 84 -7.24 19.81 -18.05
N THR C 85 -8.45 19.21 -18.22
CA THR C 85 -8.95 18.06 -17.40
C THR C 85 -8.00 16.81 -17.55
N TYR C 86 -7.55 16.61 -18.81
CA TYR C 86 -6.63 15.50 -19.23
C TYR C 86 -5.28 15.63 -18.42
N SER C 87 -4.79 16.90 -18.25
CA SER C 87 -3.56 17.21 -17.46
C SER C 87 -3.74 16.82 -15.96
N THR C 88 -4.96 17.08 -15.37
CA THR C 88 -5.23 16.76 -13.92
C THR C 88 -5.08 15.22 -13.65
N VAL C 89 -5.57 14.32 -14.58
CA VAL C 89 -5.37 12.81 -14.41
C VAL C 89 -3.84 12.52 -14.40
N ALA C 90 -3.03 13.28 -15.20
CA ALA C 90 -1.53 13.08 -15.21
C ALA C 90 -1.03 13.27 -13.72
N ALA C 91 -1.67 14.26 -12.99
CA ALA C 91 -1.36 14.51 -11.53
C ALA C 91 -1.68 13.22 -10.70
N THR C 92 -2.83 12.55 -11.05
CA THR C 92 -3.31 11.34 -10.35
C THR C 92 -2.32 10.16 -10.41
N PHE C 93 -1.64 9.85 -11.58
CA PHE C 93 -0.64 8.69 -11.62
C PHE C 93 0.52 8.95 -10.59
N GLY C 94 0.94 10.22 -10.54
CA GLY C 94 2.05 10.74 -9.69
C GLY C 94 2.00 10.36 -8.18
N TYR C 95 0.81 9.97 -7.63
CA TYR C 95 0.67 9.65 -6.15
C TYR C 95 1.65 8.51 -5.68
N TYR C 96 1.88 7.51 -6.55
CA TYR C 96 2.76 6.36 -6.29
C TYR C 96 4.21 6.78 -6.57
N LEU C 97 4.42 7.18 -7.85
CA LEU C 97 5.73 7.60 -8.41
C LEU C 97 6.45 8.67 -7.54
N TYR C 98 5.71 9.36 -6.62
CA TYR C 98 6.26 10.50 -5.80
C TYR C 98 7.69 10.21 -5.20
N THR C 99 7.78 9.17 -4.33
CA THR C 99 9.08 8.77 -3.69
C THR C 99 10.08 8.08 -4.70
N GLN C 100 9.62 7.12 -5.57
CA GLN C 100 10.46 6.38 -6.55
C GLN C 100 10.97 7.26 -7.74
N GLN C 101 10.23 8.36 -8.09
CA GLN C 101 10.59 9.28 -9.26
C GLN C 101 12.10 9.68 -9.20
N SER C 102 12.63 9.71 -7.96
CA SER C 102 14.03 10.07 -7.68
C SER C 102 15.04 9.13 -8.42
N PHE C 103 14.66 7.85 -8.68
CA PHE C 103 15.56 6.87 -9.38
C PHE C 103 15.75 7.24 -10.90
N GLU C 104 14.60 7.47 -11.58
CA GLU C 104 14.53 7.74 -13.06
C GLU C 104 15.11 9.12 -13.56
N TYR C 105 14.68 10.25 -12.95
CA TYR C 105 15.02 11.64 -13.45
C TYR C 105 16.55 12.06 -13.37
N PRO C 106 17.35 11.75 -12.31
CA PRO C 106 18.81 12.25 -12.22
C PRO C 106 19.66 11.97 -13.47
N SER C 107 20.92 12.45 -13.40
CA SER C 107 21.93 12.29 -14.46
C SER C 107 22.34 10.80 -14.58
N ALA C 108 23.03 10.27 -13.51
CA ALA C 108 23.51 8.85 -13.46
C ALA C 108 24.35 8.47 -14.72
N ARG C 109 24.82 9.54 -15.42
CA ARG C 109 25.60 9.45 -16.68
C ARG C 109 26.99 8.78 -16.41
N GLU C 110 27.69 9.30 -15.38
CA GLU C 110 29.03 8.80 -14.94
C GLU C 110 30.06 8.83 -16.12
N ARG C 111 30.18 10.02 -16.74
CA ARG C 111 31.08 10.29 -17.92
C ARG C 111 31.17 11.83 -18.10
N VAL C 112 31.72 12.29 -19.25
CA VAL C 112 31.89 13.74 -19.62
C VAL C 112 32.35 14.63 -18.41
N TYR C 113 33.52 14.24 -17.82
CA TYR C 113 34.16 14.91 -16.66
C TYR C 113 33.28 14.74 -15.37
N THR C 114 33.78 13.95 -14.37
CA THR C 114 33.06 13.66 -13.10
C THR C 114 32.87 14.94 -12.25
N LYS C 115 32.17 14.77 -11.10
CA LYS C 115 31.85 15.86 -10.13
C LYS C 115 31.39 15.17 -8.81
N GLN C 116 32.17 15.32 -7.70
CA GLN C 116 31.91 14.68 -6.37
C GLN C 116 31.94 13.13 -6.47
N PHE C 117 32.41 12.62 -7.64
CA PHE C 117 32.57 11.16 -7.96
C PHE C 117 31.40 10.24 -7.45
N TYR C 118 30.20 10.83 -7.22
CA TYR C 118 28.99 10.08 -6.75
C TYR C 118 27.70 10.94 -7.02
N ARG C 119 27.92 12.27 -7.18
CA ARG C 119 26.86 13.29 -7.49
C ARG C 119 25.72 13.41 -6.41
N ARG C 120 25.42 12.34 -5.63
CA ARG C 120 24.31 12.35 -4.59
C ARG C 120 22.95 12.73 -5.27
N ALA C 121 21.94 13.12 -4.45
CA ALA C 121 20.58 13.53 -4.93
C ALA C 121 19.86 12.37 -5.71
N GLN C 122 19.41 11.31 -4.97
CA GLN C 122 18.71 10.13 -5.56
C GLN C 122 17.99 9.31 -4.42
N LYS C 123 16.85 9.87 -3.85
CA LYS C 123 16.05 9.17 -2.78
C LYS C 123 14.62 9.82 -2.59
N GLN C 124 14.44 10.73 -1.56
CA GLN C 124 13.11 11.35 -1.18
C GLN C 124 12.17 10.18 -0.67
N ASN C 125 11.67 10.16 0.64
CA ASN C 125 10.86 9.01 1.16
C ASN C 125 10.03 9.39 2.43
N PHE C 126 8.79 8.79 2.59
CA PHE C 126 7.92 8.97 3.78
C PHE C 126 7.26 7.60 4.10
N ASP C 127 7.60 6.50 3.33
CA ASP C 127 7.02 5.13 3.56
C ASP C 127 7.80 3.95 2.83
N ILE C 128 8.26 4.04 1.50
CA ILE C 128 8.96 2.85 0.84
C ILE C 128 10.35 2.59 1.50
N GLU C 129 11.21 3.64 1.64
CA GLU C 129 12.57 3.47 2.23
C GLU C 129 12.48 3.15 3.75
N LYS C 130 11.66 3.93 4.49
CA LYS C 130 11.50 3.77 5.97
C LYS C 130 11.14 2.31 6.40
N TYR C 131 10.09 1.69 5.79
CA TYR C 131 9.67 0.31 6.12
C TYR C 131 10.75 -0.77 5.77
N ASN C 132 11.27 -0.78 4.49
CA ASN C 132 12.25 -1.85 4.08
C ASN C 132 13.58 -1.75 4.85
N ARG C 133 14.09 -0.53 4.84
CA ARG C 133 15.45 -0.21 5.43
C ARG C 133 15.61 -0.68 6.92
N LEU C 134 14.67 -0.31 7.85
CA LEU C 134 14.86 -0.74 9.29
C LEU C 134 14.65 -2.28 9.50
N VAL C 135 13.67 -2.98 8.78
CA VAL C 135 13.63 -4.50 8.91
C VAL C 135 15.09 -5.06 8.53
N THR C 136 15.91 -4.35 7.62
CA THR C 136 17.35 -4.79 7.33
C THR C 136 18.13 -4.83 8.69
N GLU C 137 17.72 -3.96 9.69
CA GLU C 137 18.36 -4.02 11.09
C GLU C 137 18.33 -5.51 11.57
N VAL C 138 17.21 -6.23 11.19
CA VAL C 138 17.12 -7.73 11.53
C VAL C 138 18.29 -8.50 10.86
N ASP C 139 18.72 -8.02 9.66
CA ASP C 139 19.86 -8.67 8.90
C ASP C 139 21.14 -8.75 9.81
N GLU C 140 21.36 -7.66 10.63
CA GLU C 140 22.53 -7.58 11.57
C GLU C 140 22.34 -8.62 12.73
N LEU C 141 21.05 -8.76 13.14
CA LEU C 141 20.62 -9.72 14.22
C LEU C 141 20.95 -11.17 13.78
N ARG C 142 20.55 -11.52 12.53
CA ARG C 142 20.82 -12.89 11.93
C ARG C 142 22.37 -13.18 12.01
N ASN C 143 23.26 -12.10 11.92
CA ASN C 143 24.75 -12.33 12.00
C ASN C 143 25.27 -12.69 13.45
N GLN C 144 24.81 -11.92 14.47
CA GLN C 144 25.24 -12.11 15.89
C GLN C 144 24.83 -13.51 16.43
N LEU C 145 23.58 -13.88 16.11
CA LEU C 145 22.93 -15.15 16.52
C LEU C 145 23.70 -16.40 15.95
N LYS C 146 24.08 -16.30 14.65
CA LYS C 146 24.85 -17.35 13.93
C LYS C 146 26.11 -17.82 14.74
N ARG C 147 26.94 -16.82 15.26
CA ARG C 147 28.15 -17.20 16.05
C ARG C 147 27.63 -17.95 17.34
N LEU C 148 26.59 -17.41 18.07
CA LEU C 148 26.01 -18.11 19.30
C LEU C 148 25.71 -19.63 19.07
N ARG C 149 25.32 -20.04 17.82
CA ARG C 149 25.01 -21.48 17.52
C ARG C 149 26.31 -22.31 17.65
N ASP C 150 27.51 -21.71 17.31
CA ASP C 150 28.81 -22.52 17.39
C ASP C 150 29.16 -23.03 18.89
N PRO C 151 29.22 -22.21 20.03
CA PRO C 151 29.45 -22.73 21.47
C PRO C 151 28.10 -22.87 22.25
N LEU C 152 28.17 -23.48 23.47
CA LEU C 152 27.05 -23.64 24.42
C LEU C 152 27.66 -24.32 25.69
N GLU C 153 27.83 -25.66 25.59
CA GLU C 153 28.40 -26.53 26.67
C GLU C 153 29.88 -26.17 26.97
N MET D 1 -9.72 -13.67 43.94
CA MET D 1 -9.06 -12.67 43.08
C MET D 1 -8.08 -11.85 43.97
N ALA D 2 -6.75 -11.96 43.71
CA ALA D 2 -5.69 -11.25 44.49
C ALA D 2 -4.34 -11.34 43.72
N ALA D 3 -3.32 -10.58 44.22
CA ALA D 3 -1.94 -10.51 43.64
C ALA D 3 -1.95 -10.02 42.16
N LEU D 4 -0.78 -9.53 41.68
CA LEU D 4 -0.58 -9.02 40.28
C LEU D 4 -0.59 -10.21 39.28
N SER D 5 0.35 -11.17 39.51
CA SER D 5 0.52 -12.40 38.68
C SER D 5 1.36 -13.44 39.46
N VAL D 6 1.26 -13.40 40.83
CA VAL D 6 1.97 -14.32 41.78
C VAL D 6 3.48 -14.53 41.40
N ASP D 7 4.21 -13.38 41.23
CA ASP D 7 5.66 -13.34 40.86
C ASP D 7 6.36 -12.16 41.63
N GLU D 8 7.02 -12.47 42.78
CA GLU D 8 7.75 -11.48 43.62
C GLU D 8 8.98 -10.92 42.87
N TYR D 9 9.83 -10.13 43.58
CA TYR D 9 11.05 -9.48 43.01
C TYR D 9 12.12 -10.56 42.61
N LYS D 10 12.87 -11.10 43.61
CA LYS D 10 13.94 -12.13 43.41
C LYS D 10 15.04 -11.62 42.41
N LEU D 11 15.94 -10.72 42.91
CA LEU D 11 17.05 -10.12 42.11
C LEU D 11 16.50 -9.34 40.88
N SER D 12 16.50 -7.96 40.95
CA SER D 12 16.02 -7.06 39.88
C SER D 12 16.42 -5.63 40.31
N ARG D 13 17.59 -5.17 39.83
CA ARG D 13 18.18 -3.85 40.15
C ARG D 13 17.50 -2.72 39.33
N GLU D 14 16.16 -2.81 39.25
CA GLU D 14 15.26 -1.85 38.58
C GLU D 14 15.47 -1.75 37.04
N LYS D 15 16.55 -2.34 36.50
CA LYS D 15 16.88 -2.27 35.03
C LYS D 15 15.78 -2.93 34.08
N LYS D 16 15.21 -4.11 34.49
CA LYS D 16 14.28 -4.89 33.60
C LYS D 16 12.98 -4.13 33.19
N LEU D 17 12.28 -3.44 34.13
CA LEU D 17 11.06 -2.62 33.80
C LEU D 17 11.37 -1.42 32.85
N LEU D 18 12.55 -0.75 33.05
CA LEU D 18 12.95 0.47 32.28
C LEU D 18 13.09 0.18 30.78
N LEU D 19 13.75 -0.95 30.46
CA LEU D 19 13.88 -1.40 29.04
C LEU D 19 12.45 -1.75 28.47
N GLN D 20 11.61 -2.44 29.31
CA GLN D 20 10.19 -2.82 28.95
C GLN D 20 9.39 -1.52 28.67
N LEU D 21 9.67 -0.47 29.49
CA LEU D 21 9.05 0.87 29.39
C LEU D 21 9.39 1.48 27.99
N GLU D 22 10.65 1.25 27.43
CA GLU D 22 11.05 1.83 26.11
C GLU D 22 10.07 1.30 25.03
N ASN D 23 9.75 -0.02 25.13
CA ASN D 23 8.77 -0.68 24.18
C ASN D 23 7.34 -0.02 24.30
N ALA D 24 6.90 0.31 25.56
CA ALA D 24 5.54 0.92 25.81
C ALA D 24 5.39 2.31 25.10
N GLU D 25 6.46 3.16 25.14
CA GLU D 25 6.47 4.51 24.46
C GLU D 25 6.33 4.32 22.91
N THR D 26 7.04 3.27 22.43
CA THR D 26 7.09 2.86 20.99
C THR D 26 5.71 2.48 20.40
N LEU D 27 4.81 1.83 21.23
CA LEU D 27 3.42 1.38 20.78
C LEU D 27 2.71 2.66 20.22
N LEU D 28 2.96 3.79 20.90
CA LEU D 28 2.50 5.15 20.51
C LEU D 28 1.03 5.39 20.95
N ALA D 29 0.87 6.19 22.05
CA ALA D 29 -0.44 6.61 22.64
C ALA D 29 -0.27 8.12 23.02
N PRO D 30 0.64 8.53 23.98
CA PRO D 30 0.93 10.01 24.32
C PRO D 30 0.74 11.05 23.14
N LEU D 31 1.56 10.91 22.07
CA LEU D 31 1.53 11.77 20.86
C LEU D 31 0.13 11.66 20.17
N HIS D 32 -0.45 10.41 20.13
CA HIS D 32 -1.83 10.21 19.52
C HIS D 32 -2.87 11.06 20.32
N ASP D 33 -2.69 11.13 21.68
CA ASP D 33 -3.57 11.95 22.59
C ASP D 33 -3.48 13.47 22.15
N ALA D 34 -2.25 13.94 21.73
CA ALA D 34 -2.06 15.36 21.26
C ALA D 34 -2.97 15.63 20.03
N LYS D 35 -3.13 14.61 19.10
CA LYS D 35 -4.04 14.73 17.90
C LYS D 35 -5.52 14.94 18.38
N ARG D 36 -5.93 14.22 19.47
CA ARG D 36 -7.32 14.31 20.06
C ARG D 36 -7.62 15.77 20.52
N LYS D 37 -6.60 16.47 21.10
CA LYS D 37 -6.76 17.88 21.60
C LYS D 37 -7.18 18.85 20.43
N ILE D 38 -6.59 18.64 19.21
CA ILE D 38 -6.85 19.46 17.96
C ILE D 38 -7.87 18.74 17.01
N GLU D 39 -8.43 17.54 17.41
CA GLU D 39 -9.38 16.67 16.55
C GLU D 39 -10.08 17.40 15.35
N GLN D 40 -10.50 18.67 15.56
CA GLN D 40 -11.16 19.53 14.52
C GLN D 40 -10.15 19.85 13.34
N GLU D 41 -8.88 19.35 13.45
CA GLU D 41 -7.79 19.55 12.45
C GLU D 41 -8.18 19.05 11.04
N ALA D 42 -9.36 18.38 10.91
CA ALA D 42 -9.87 17.91 9.58
C ALA D 42 -10.21 19.16 8.70
N GLU D 43 -10.14 20.36 9.34
CA GLU D 43 -10.33 21.69 8.71
C GLU D 43 -8.91 22.19 8.29
N ALA D 44 -7.86 21.84 9.10
CA ALA D 44 -6.41 22.19 8.81
C ALA D 44 -5.94 21.37 7.56
N HIS D 45 -6.75 20.33 7.22
CA HIS D 45 -6.53 19.41 6.06
C HIS D 45 -7.27 20.00 4.83
N THR D 46 -8.53 20.45 5.06
CA THR D 46 -9.42 21.01 4.00
C THR D 46 -8.73 22.12 3.17
N ASP D 47 -7.97 23.01 3.86
CA ASP D 47 -7.23 24.15 3.21
C ASP D 47 -6.30 23.68 2.05
N ARG D 48 -5.95 22.36 2.07
CA ARG D 48 -5.07 21.70 1.04
C ARG D 48 -5.98 21.13 -0.08
N VAL D 49 -7.08 20.46 0.34
CA VAL D 49 -8.10 19.86 -0.59
C VAL D 49 -8.94 21.02 -1.20
N ALA D 50 -8.75 22.26 -0.65
CA ALA D 50 -9.45 23.50 -1.11
C ALA D 50 -8.87 23.94 -2.47
N TRP D 51 -7.67 23.38 -2.88
CA TRP D 51 -7.02 23.69 -4.22
C TRP D 51 -8.09 23.53 -5.37
N ALA D 52 -9.04 22.63 -5.07
CA ALA D 52 -10.17 22.25 -5.94
C ALA D 52 -11.23 23.41 -6.07
N GLY D 53 -11.44 24.17 -4.96
CA GLY D 53 -12.45 25.28 -4.89
C GLY D 53 -12.21 26.43 -5.91
N PHE D 54 -10.93 26.86 -6.11
CA PHE D 54 -10.59 28.00 -7.03
C PHE D 54 -10.86 27.64 -8.52
N ALA D 55 -10.85 26.34 -8.86
CA ALA D 55 -11.06 25.85 -10.27
C ALA D 55 -12.54 26.06 -10.73
N ALA D 56 -13.49 25.66 -9.86
CA ALA D 56 -14.95 25.75 -10.12
C ALA D 56 -15.47 27.20 -9.99
N SER D 57 -14.81 28.01 -9.12
CA SER D 57 -15.21 29.42 -8.83
C SER D 57 -15.22 30.33 -10.09
N GLY D 58 -14.37 29.99 -11.07
CA GLY D 58 -14.24 30.77 -12.33
C GLY D 58 -15.57 30.92 -13.13
N VAL D 59 -16.22 29.77 -13.44
CA VAL D 59 -17.49 29.69 -14.26
C VAL D 59 -18.80 30.10 -13.52
N GLN D 60 -18.88 30.05 -12.15
CA GLN D 60 -20.15 30.40 -11.40
C GLN D 60 -20.75 31.76 -11.89
N THR D 61 -19.84 32.70 -12.25
CA THR D 61 -20.20 34.05 -12.80
C THR D 61 -20.64 33.92 -14.28
N GLY D 62 -20.08 32.90 -14.96
CA GLY D 62 -20.31 32.58 -16.40
C GLY D 62 -21.79 32.29 -16.76
N LEU D 63 -22.61 31.87 -15.76
CA LEU D 63 -24.08 31.54 -15.95
C LEU D 63 -24.85 32.80 -16.49
N PHE D 64 -24.43 33.96 -15.95
CA PHE D 64 -24.96 35.30 -16.32
C PHE D 64 -24.79 35.49 -17.85
N ALA D 65 -23.64 34.98 -18.40
CA ALA D 65 -23.31 35.11 -19.85
C ALA D 65 -24.43 34.52 -20.77
N ARG D 66 -25.08 33.32 -20.42
CA ARG D 66 -26.21 32.78 -21.29
C ARG D 66 -27.33 33.86 -21.32
N LEU D 67 -27.62 34.49 -20.13
CA LEU D 67 -28.71 35.54 -20.06
C LEU D 67 -28.41 36.81 -20.98
N THR D 68 -27.13 37.32 -20.98
CA THR D 68 -26.72 38.53 -21.78
C THR D 68 -26.84 38.35 -23.33
N TRP D 69 -26.45 37.16 -23.85
CA TRP D 69 -26.40 36.85 -25.33
C TRP D 69 -27.32 35.68 -25.71
N TRP D 70 -28.44 35.60 -24.99
CA TRP D 70 -29.46 34.52 -25.13
C TRP D 70 -29.87 34.18 -26.62
N GLU D 71 -29.62 35.12 -27.60
CA GLU D 71 -30.03 34.95 -29.05
C GLU D 71 -28.96 34.26 -29.95
N TYR D 72 -27.65 34.24 -29.56
CA TYR D 72 -26.55 33.61 -30.35
C TYR D 72 -26.93 32.14 -30.81
N SER D 73 -27.44 31.34 -29.86
CA SER D 73 -27.89 29.92 -30.10
C SER D 73 -28.61 29.38 -28.83
N TRP D 74 -27.96 29.66 -27.68
CA TRP D 74 -28.40 29.29 -26.30
C TRP D 74 -27.95 27.85 -25.91
N ASP D 75 -27.96 26.94 -26.91
CA ASP D 75 -27.51 25.54 -26.79
C ASP D 75 -25.97 25.60 -26.42
N ILE D 76 -25.70 25.87 -25.14
CA ILE D 76 -24.33 26.12 -24.59
C ILE D 76 -24.35 25.61 -23.13
N VAL D 77 -25.51 25.02 -22.65
CA VAL D 77 -25.64 24.55 -21.24
C VAL D 77 -24.55 23.53 -20.86
N GLU D 78 -24.62 23.04 -19.61
CA GLU D 78 -23.69 22.05 -19.00
C GLU D 78 -22.26 22.59 -18.55
N PRO D 79 -21.80 23.90 -18.63
CA PRO D 79 -20.34 24.23 -18.28
C PRO D 79 -19.89 23.91 -16.83
N VAL D 80 -20.76 24.21 -15.84
CA VAL D 80 -20.40 24.02 -14.41
C VAL D 80 -20.08 22.53 -14.04
N THR D 81 -20.87 21.50 -14.52
CA THR D 81 -20.58 20.09 -14.14
C THR D 81 -19.20 19.52 -14.64
N TYR D 82 -18.74 19.78 -15.93
CA TYR D 82 -17.40 19.26 -16.39
C TYR D 82 -16.28 19.88 -15.50
N PHE D 83 -16.41 21.20 -15.14
CA PHE D 83 -15.45 21.86 -14.18
C PHE D 83 -15.52 21.09 -12.81
N ALA D 84 -16.76 20.65 -12.39
CA ALA D 84 -16.95 19.85 -11.12
C ALA D 84 -16.09 18.53 -11.20
N THR D 85 -16.04 17.87 -12.43
CA THR D 85 -15.21 16.62 -12.64
C THR D 85 -13.72 16.94 -12.28
N TYR D 86 -13.25 18.19 -12.59
CA TYR D 86 -11.84 18.63 -12.25
C TYR D 86 -11.65 18.48 -10.69
N SER D 87 -12.72 18.87 -9.94
CA SER D 87 -12.78 18.72 -8.46
C SER D 87 -12.71 17.21 -8.02
N THR D 88 -13.43 16.30 -8.78
CA THR D 88 -13.53 14.83 -8.43
C THR D 88 -12.14 14.13 -8.38
N VAL D 89 -11.29 14.42 -9.40
CA VAL D 89 -9.87 13.88 -9.47
C VAL D 89 -9.14 14.39 -8.19
N ALA D 90 -9.42 15.64 -7.73
CA ALA D 90 -8.76 16.17 -6.47
C ALA D 90 -9.06 15.21 -5.26
N ALA D 91 -10.33 14.65 -5.18
CA ALA D 91 -10.71 13.66 -4.10
C ALA D 91 -9.79 12.39 -4.19
N THR D 92 -9.50 11.92 -5.44
CA THR D 92 -8.62 10.72 -5.71
C THR D 92 -7.19 10.92 -5.16
N PHE D 93 -6.57 12.12 -5.27
CA PHE D 93 -5.14 12.38 -4.78
C PHE D 93 -5.02 12.00 -3.25
N GLY D 94 -6.11 12.20 -2.54
CA GLY D 94 -6.24 12.03 -1.08
C GLY D 94 -5.45 10.89 -0.34
N TYR D 95 -4.93 9.79 -0.99
CA TYR D 95 -4.14 8.72 -0.19
C TYR D 95 -2.85 9.34 0.45
N TYR D 96 -2.02 9.91 -0.44
CA TYR D 96 -0.69 10.52 -0.13
C TYR D 96 -0.73 11.54 1.06
N LEU D 97 -1.54 12.60 0.90
CA LEU D 97 -1.63 13.73 1.86
C LEU D 97 -2.42 13.47 3.21
N TYR D 98 -3.28 12.37 3.38
CA TYR D 98 -4.14 12.28 4.64
C TYR D 98 -3.34 12.29 6.00
N THR D 99 -2.46 11.27 6.32
CA THR D 99 -1.66 11.30 7.63
C THR D 99 -0.56 12.41 7.58
N GLN D 100 0.14 12.44 6.43
CA GLN D 100 1.28 13.36 6.12
C GLN D 100 0.98 14.87 6.44
N GLN D 101 -0.31 15.31 6.46
CA GLN D 101 -0.69 16.77 6.63
C GLN D 101 0.10 17.48 7.79
N SER D 102 0.51 16.68 8.81
CA SER D 102 1.30 17.18 9.98
C SER D 102 2.70 17.71 9.54
N PHE D 103 3.25 17.13 8.44
CA PHE D 103 4.60 17.49 7.87
C PHE D 103 4.63 18.94 7.30
N GLU D 104 3.46 19.41 6.81
CA GLU D 104 3.30 20.75 6.15
C GLU D 104 3.64 21.97 7.08
N TYR D 105 3.06 22.04 8.32
CA TYR D 105 3.22 23.23 9.24
C TYR D 105 4.72 23.45 9.75
N PRO D 106 5.46 22.43 10.30
CA PRO D 106 6.91 22.63 10.80
C PRO D 106 7.86 23.33 9.77
N SER D 107 7.65 23.04 8.47
CA SER D 107 8.50 23.58 7.33
C SER D 107 8.44 25.12 7.22
N ALA D 108 7.64 25.79 8.10
CA ALA D 108 7.49 27.28 8.13
C ALA D 108 6.87 27.70 9.49
N ARG D 109 7.65 27.48 10.59
CA ARG D 109 7.26 27.81 11.99
C ARG D 109 8.54 27.78 12.88
N GLU D 110 8.99 26.55 13.26
CA GLU D 110 10.20 26.34 14.12
C GLU D 110 11.50 26.67 13.35
N ARG D 111 12.63 26.77 14.10
CA ARG D 111 14.00 27.07 13.56
C ARG D 111 15.03 26.20 14.34
N VAL D 112 16.29 26.22 13.86
CA VAL D 112 17.43 25.44 14.46
C VAL D 112 17.99 26.19 15.71
N TYR D 113 17.09 26.87 16.47
CA TYR D 113 17.44 27.64 17.69
C TYR D 113 16.13 27.95 18.50
N THR D 114 16.05 27.45 19.77
CA THR D 114 14.87 27.66 20.68
C THR D 114 13.54 27.15 20.03
N LYS D 115 13.37 25.80 20.00
CA LYS D 115 12.18 25.12 19.43
C LYS D 115 10.99 25.22 20.42
N GLN D 116 9.81 24.67 20.01
CA GLN D 116 8.55 24.66 20.84
C GLN D 116 8.73 23.69 22.04
N PHE D 117 8.98 22.40 21.71
CA PHE D 117 9.17 21.30 22.70
C PHE D 117 9.60 20.02 21.93
N TYR D 118 10.10 19.00 22.69
CA TYR D 118 10.57 17.69 22.12
C TYR D 118 9.38 16.86 21.57
N ARG D 119 8.14 17.26 21.96
CA ARG D 119 6.86 16.60 21.52
C ARG D 119 6.61 16.85 19.99
N ARG D 120 7.50 17.66 19.36
CA ARG D 120 7.43 18.03 17.90
C ARG D 120 7.24 16.78 16.95
N ALA D 121 6.52 17.00 15.81
CA ALA D 121 6.27 15.98 14.76
C ALA D 121 5.72 14.62 15.33
N GLN D 122 5.54 13.64 14.40
CA GLN D 122 5.06 12.27 14.72
C GLN D 122 3.66 12.29 15.44
N LYS D 123 2.54 12.04 14.68
CA LYS D 123 1.15 12.03 15.23
C LYS D 123 0.17 11.45 14.18
N GLN D 124 -1.13 11.41 14.55
CA GLN D 124 -2.24 10.91 13.67
C GLN D 124 -1.96 9.45 13.12
N ASN D 125 -2.07 8.39 13.99
CA ASN D 125 -1.83 6.96 13.59
C ASN D 125 -2.95 6.45 12.64
N PHE D 126 -2.53 5.99 11.45
CA PHE D 126 -3.39 5.44 10.38
C PHE D 126 -2.44 4.67 9.41
N ASP D 127 -1.84 3.62 9.99
CA ASP D 127 -0.94 2.63 9.32
C ASP D 127 0.57 3.06 9.14
N ILE D 128 0.93 4.38 8.94
CA ILE D 128 2.41 4.77 8.75
C ILE D 128 3.17 4.59 10.13
N GLU D 129 2.59 5.15 11.23
CA GLU D 129 3.21 5.11 12.60
C GLU D 129 3.20 3.64 13.18
N LYS D 130 2.01 2.99 13.16
CA LYS D 130 1.80 1.63 13.75
C LYS D 130 2.82 0.56 13.23
N TYR D 131 2.98 0.44 11.90
CA TYR D 131 3.91 -0.53 11.29
C TYR D 131 5.43 -0.18 11.52
N ASN D 132 5.87 1.09 11.20
CA ASN D 132 7.37 1.40 11.25
C ASN D 132 8.01 1.36 12.65
N ARG D 133 7.47 2.14 13.59
CA ARG D 133 8.13 2.22 14.97
C ARG D 133 8.01 0.88 15.74
N LEU D 134 6.88 0.12 15.63
CA LEU D 134 6.76 -1.18 16.38
C LEU D 134 7.92 -2.19 15.94
N VAL D 135 8.18 -2.39 14.58
CA VAL D 135 9.36 -3.25 14.16
C VAL D 135 10.71 -2.64 14.81
N THR D 136 10.86 -1.26 14.97
CA THR D 136 12.14 -0.69 15.63
C THR D 136 12.38 -1.37 17.03
N GLU D 137 11.26 -1.83 17.73
CA GLU D 137 11.42 -2.58 19.05
C GLU D 137 12.40 -3.78 18.82
N VAL D 138 12.26 -4.43 17.61
CA VAL D 138 13.24 -5.58 17.24
C VAL D 138 14.70 -5.03 17.25
N ASP D 139 14.90 -3.73 16.90
CA ASP D 139 16.30 -3.12 16.89
C ASP D 139 16.96 -3.22 18.31
N GLU D 140 16.14 -2.87 19.35
CA GLU D 140 16.60 -2.91 20.78
C GLU D 140 17.02 -4.37 21.15
N LEU D 141 16.36 -5.35 20.48
CA LEU D 141 16.66 -6.81 20.67
C LEU D 141 18.13 -7.10 20.29
N ARG D 142 18.51 -6.51 19.11
CA ARG D 142 19.87 -6.66 18.51
C ARG D 142 20.94 -6.34 19.59
N ASN D 143 20.58 -5.39 20.56
CA ASN D 143 21.55 -5.07 21.67
C ASN D 143 21.64 -6.25 22.70
N GLN D 144 20.46 -6.86 23.05
CA GLN D 144 20.43 -7.92 24.11
C GLN D 144 21.27 -9.22 23.82
N LEU D 145 21.07 -9.90 22.64
CA LEU D 145 21.85 -11.15 22.34
C LEU D 145 23.34 -10.85 22.14
N LYS D 146 23.74 -9.62 21.63
CA LYS D 146 25.19 -9.29 21.48
C LYS D 146 25.92 -9.52 22.87
N ARG D 147 25.33 -9.09 24.12
CA ARG D 147 26.09 -9.41 25.37
C ARG D 147 26.17 -10.97 25.55
N LEU D 148 25.06 -11.75 25.27
CA LEU D 148 25.12 -13.29 25.38
C LEU D 148 26.24 -13.91 24.46
N ARG D 149 26.50 -13.32 23.28
CA ARG D 149 27.49 -13.85 22.27
C ARG D 149 28.96 -13.75 22.77
N ASP D 150 29.30 -12.73 23.64
CA ASP D 150 30.74 -12.61 24.16
C ASP D 150 31.17 -13.78 25.19
N PRO D 151 30.43 -14.13 26.31
CA PRO D 151 30.80 -15.30 27.27
C PRO D 151 30.30 -16.66 26.69
N LEU D 152 30.06 -17.66 27.58
CA LEU D 152 29.53 -19.03 27.24
C LEU D 152 30.57 -19.92 26.51
N GLU D 153 31.55 -19.27 25.87
CA GLU D 153 32.66 -19.92 25.11
C GLU D 153 33.60 -20.71 26.06
N MET E 1 -10.48 -29.88 45.14
CA MET E 1 -10.99 -31.19 44.62
C MET E 1 -12.08 -30.91 43.56
N ALA E 2 -12.85 -29.80 43.76
CA ALA E 2 -13.95 -29.36 42.85
C ALA E 2 -13.40 -28.92 41.46
N ALA E 3 -12.05 -28.80 41.35
CA ALA E 3 -11.34 -28.40 40.10
C ALA E 3 -9.82 -28.71 40.28
N LEU E 4 -9.19 -29.34 39.25
CA LEU E 4 -7.74 -29.71 39.25
C LEU E 4 -6.89 -28.41 39.01
N SER E 5 -6.77 -27.58 40.08
CA SER E 5 -6.00 -26.29 40.05
C SER E 5 -5.71 -25.84 41.52
N VAL E 6 -4.64 -26.43 42.14
CA VAL E 6 -4.21 -26.13 43.53
C VAL E 6 -2.77 -26.65 43.73
N ASP E 7 -2.47 -27.83 43.13
CA ASP E 7 -1.14 -28.51 43.21
C ASP E 7 -0.99 -29.41 41.94
N GLU E 8 -0.74 -30.75 42.12
CA GLU E 8 -0.58 -31.73 41.01
C GLU E 8 0.61 -31.34 40.07
N TYR E 9 0.67 -31.95 38.85
CA TYR E 9 1.74 -31.70 37.84
C TYR E 9 1.90 -30.18 37.52
N LYS E 10 0.76 -29.44 37.54
CA LYS E 10 0.68 -27.98 37.28
C LYS E 10 1.28 -27.21 38.50
N LEU E 11 2.60 -26.86 38.44
CA LEU E 11 3.32 -26.14 39.55
C LEU E 11 4.66 -25.52 39.02
N SER E 12 5.55 -26.39 38.48
CA SER E 12 6.89 -25.97 37.94
C SER E 12 6.76 -25.52 36.48
N ARG E 13 6.04 -26.35 35.70
CA ARG E 13 5.78 -26.16 34.26
C ARG E 13 4.78 -24.99 34.00
N GLU E 14 4.35 -24.34 35.11
CA GLU E 14 3.35 -23.22 35.10
C GLU E 14 3.82 -22.00 34.25
N LYS E 15 5.08 -21.52 34.46
CA LYS E 15 5.61 -20.30 33.77
C LYS E 15 5.65 -20.45 32.20
N LYS E 16 6.10 -21.63 31.67
CA LYS E 16 6.15 -21.89 30.19
C LYS E 16 4.72 -21.86 29.58
N LEU E 17 3.76 -22.48 30.31
CA LEU E 17 2.33 -22.56 29.88
C LEU E 17 1.68 -21.16 29.74
N LEU E 18 1.97 -20.24 30.73
CA LEU E 18 1.39 -18.85 30.72
C LEU E 18 1.83 -18.04 29.47
N LEU E 19 3.14 -18.15 29.10
CA LEU E 19 3.71 -17.46 27.89
C LEU E 19 3.00 -17.97 26.57
N GLN E 20 2.71 -19.32 26.46
CA GLN E 20 1.98 -19.89 25.27
C GLN E 20 0.56 -19.23 25.16
N LEU E 21 -0.13 -19.00 26.34
CA LEU E 21 -1.48 -18.34 26.37
C LEU E 21 -1.38 -16.88 25.77
N GLU E 22 -0.27 -16.09 26.06
CA GLU E 22 -0.12 -14.71 25.54
C GLU E 22 -0.11 -14.72 23.98
N ASN E 23 0.61 -15.74 23.37
CA ASN E 23 0.67 -15.84 21.88
C ASN E 23 -0.78 -16.06 21.29
N ALA E 24 -1.54 -16.96 21.98
CA ALA E 24 -2.96 -17.28 21.64
C ALA E 24 -3.85 -16.01 21.79
N GLU E 25 -3.59 -15.17 22.85
CA GLU E 25 -4.39 -13.92 23.14
C GLU E 25 -4.28 -12.93 21.94
N THR E 26 -3.07 -12.78 21.34
CA THR E 26 -2.85 -11.87 20.16
C THR E 26 -3.69 -12.29 18.93
N LEU E 27 -3.78 -13.64 18.66
CA LEU E 27 -4.56 -14.17 17.49
C LEU E 27 -6.08 -13.79 17.62
N LEU E 28 -6.63 -13.90 18.88
CA LEU E 28 -8.05 -13.63 19.25
C LEU E 28 -9.06 -13.82 18.08
N ALA E 29 -9.54 -15.08 17.93
CA ALA E 29 -10.57 -15.48 16.94
C ALA E 29 -11.92 -15.11 17.63
N PRO E 30 -12.22 -15.63 18.87
CA PRO E 30 -13.44 -15.19 19.70
C PRO E 30 -13.92 -13.70 19.53
N LEU E 31 -13.14 -12.73 20.07
CA LEU E 31 -13.43 -11.27 19.99
C LEU E 31 -13.47 -10.80 18.50
N HIS E 32 -12.54 -11.35 17.62
CA HIS E 32 -12.52 -10.95 16.15
C HIS E 32 -13.90 -11.33 15.52
N ASP E 33 -14.46 -12.54 15.90
CA ASP E 33 -15.81 -12.99 15.39
C ASP E 33 -16.91 -11.95 15.85
N ALA E 34 -16.82 -11.44 17.13
CA ALA E 34 -17.76 -10.40 17.66
C ALA E 34 -17.63 -9.07 16.84
N LYS E 35 -16.36 -8.72 16.49
CA LYS E 35 -15.99 -7.48 15.70
C LYS E 35 -16.63 -7.56 14.28
N ARG E 36 -16.56 -8.77 13.70
CA ARG E 36 -17.12 -9.16 12.36
C ARG E 36 -18.67 -9.00 12.30
N LYS E 37 -19.34 -9.31 13.45
CA LYS E 37 -20.85 -9.40 13.56
C LYS E 37 -21.61 -8.10 13.11
N ILE E 38 -21.11 -6.87 13.43
CA ILE E 38 -21.83 -5.59 13.04
C ILE E 38 -21.96 -5.40 11.49
N GLU E 39 -21.45 -6.39 10.68
CA GLU E 39 -21.50 -6.35 9.18
C GLU E 39 -22.95 -6.09 8.64
N GLN E 40 -23.96 -6.59 9.40
CA GLN E 40 -25.40 -6.43 9.05
C GLN E 40 -25.84 -4.99 9.42
N GLU E 41 -25.38 -4.55 10.62
CA GLU E 41 -25.67 -3.21 11.20
C GLU E 41 -24.82 -2.12 10.48
N ALA E 42 -23.99 -2.54 9.47
CA ALA E 42 -23.10 -1.63 8.67
C ALA E 42 -23.85 -0.38 8.08
N GLU E 43 -25.20 -0.37 8.16
CA GLU E 43 -26.06 0.76 7.69
C GLU E 43 -25.81 2.06 8.54
N ALA E 44 -24.93 1.93 9.57
CA ALA E 44 -24.54 3.04 10.50
C ALA E 44 -23.79 4.19 9.76
N HIS E 45 -22.50 3.94 9.42
CA HIS E 45 -21.60 4.92 8.73
C HIS E 45 -22.05 5.20 7.28
N THR E 46 -23.01 4.38 6.75
CA THR E 46 -23.55 4.52 5.36
C THR E 46 -24.19 5.93 5.16
N ASP E 47 -24.50 6.61 6.30
CA ASP E 47 -25.09 7.98 6.32
C ASP E 47 -24.07 9.01 5.73
N ARG E 48 -22.76 8.61 5.71
CA ARG E 48 -21.62 9.44 5.19
C ARG E 48 -21.43 9.14 3.68
N VAL E 49 -21.89 7.95 3.23
CA VAL E 49 -21.84 7.50 1.81
C VAL E 49 -23.14 8.02 1.14
N ALA E 50 -24.17 8.30 1.97
CA ALA E 50 -25.50 8.83 1.53
C ALA E 50 -25.35 10.29 1.04
N TRP E 51 -24.17 10.94 1.34
CA TRP E 51 -23.86 12.35 0.90
C TRP E 51 -24.11 12.50 -0.63
N ALA E 52 -23.85 11.36 -1.31
CA ALA E 52 -23.99 11.17 -2.77
C ALA E 52 -25.48 11.22 -3.23
N GLY E 53 -26.41 10.77 -2.34
CA GLY E 53 -27.88 10.71 -2.63
C GLY E 53 -28.51 12.09 -2.94
N PHE E 54 -28.14 13.15 -2.17
CA PHE E 54 -28.70 14.53 -2.32
C PHE E 54 -28.22 15.20 -3.65
N ALA E 55 -26.98 14.87 -4.07
CA ALA E 55 -26.34 15.44 -5.29
C ALA E 55 -27.09 15.04 -6.59
N ALA E 56 -27.37 13.72 -6.74
CA ALA E 56 -28.02 13.14 -7.94
C ALA E 56 -29.55 13.41 -7.97
N SER E 57 -30.21 13.40 -6.78
CA SER E 57 -31.69 13.60 -6.67
C SER E 57 -32.12 15.02 -7.10
N GLY E 58 -31.19 15.99 -6.99
CA GLY E 58 -31.46 17.41 -7.34
C GLY E 58 -31.96 17.63 -8.80
N VAL E 59 -31.17 17.11 -9.78
CA VAL E 59 -31.43 17.27 -11.26
C VAL E 59 -32.57 16.39 -11.84
N GLN E 60 -32.94 15.23 -11.21
CA GLN E 60 -34.01 14.31 -11.76
C GLN E 60 -35.30 15.11 -12.17
N THR E 61 -35.56 16.21 -11.41
CA THR E 61 -36.71 17.13 -11.64
C THR E 61 -36.43 18.05 -12.87
N GLY E 62 -35.13 18.27 -13.15
CA GLY E 62 -34.63 19.13 -14.26
C GLY E 62 -35.16 18.73 -15.66
N LEU E 63 -35.42 17.42 -15.86
CA LEU E 63 -35.95 16.85 -17.15
C LEU E 63 -37.33 17.49 -17.53
N PHE E 64 -38.17 17.71 -16.48
CA PHE E 64 -39.54 18.30 -16.60
C PHE E 64 -39.44 19.71 -17.25
N ALA E 65 -38.36 20.46 -16.89
CA ALA E 65 -38.11 21.83 -17.43
C ALA E 65 -37.98 21.80 -18.99
N ARG E 66 -37.29 20.73 -19.58
CA ARG E 66 -37.13 20.62 -21.08
C ARG E 66 -38.54 20.52 -21.74
N LEU E 67 -39.44 19.71 -21.10
CA LEU E 67 -40.87 19.54 -21.59
C LEU E 67 -41.64 20.91 -21.52
N THR E 68 -41.42 21.68 -20.42
CA THR E 68 -42.09 22.99 -20.16
C THR E 68 -41.80 24.09 -21.23
N TRP E 69 -40.52 24.20 -21.73
CA TRP E 69 -40.07 25.26 -22.70
C TRP E 69 -39.54 24.65 -24.01
N TRP E 70 -40.17 23.54 -24.42
CA TRP E 70 -39.81 22.75 -25.64
C TRP E 70 -39.52 23.62 -26.94
N GLU E 71 -39.98 24.92 -26.99
CA GLU E 71 -39.81 25.81 -28.20
C GLU E 71 -38.44 26.56 -28.27
N TYR E 72 -37.82 26.90 -27.10
CA TYR E 72 -36.52 27.66 -27.03
C TYR E 72 -35.46 27.12 -28.06
N SER E 73 -35.26 25.79 -28.09
CA SER E 73 -34.30 25.09 -29.02
C SER E 73 -34.48 23.54 -28.92
N TRP E 74 -34.40 23.05 -27.66
CA TRP E 74 -34.56 21.62 -27.23
C TRP E 74 -33.19 20.94 -26.97
N ASP E 75 -32.22 21.15 -27.90
CA ASP E 75 -30.82 20.62 -27.79
C ASP E 75 -30.21 21.13 -26.45
N ILE E 76 -30.42 20.32 -25.39
CA ILE E 76 -30.04 20.62 -23.97
C ILE E 76 -29.97 19.23 -23.27
N VAL E 77 -30.23 18.10 -24.02
CA VAL E 77 -30.24 16.72 -23.47
C VAL E 77 -28.90 16.35 -22.83
N GLU E 78 -28.81 15.12 -22.25
CA GLU E 78 -27.60 14.55 -21.60
C GLU E 78 -27.21 15.03 -20.12
N PRO E 79 -27.87 16.02 -19.40
CA PRO E 79 -27.32 16.51 -18.03
C PRO E 79 -27.20 15.46 -16.89
N VAL E 80 -28.25 14.64 -16.80
CA VAL E 80 -28.41 13.67 -15.68
C VAL E 80 -27.25 12.67 -15.52
N THR E 81 -26.67 12.08 -16.63
CA THR E 81 -25.58 11.09 -16.42
C THR E 81 -24.29 11.64 -15.71
N TYR E 82 -23.73 12.90 -16.03
CA TYR E 82 -22.47 13.36 -15.33
C TYR E 82 -22.72 13.42 -13.80
N PHE E 83 -23.92 13.93 -13.35
CA PHE E 83 -24.19 13.96 -11.84
C PHE E 83 -24.13 12.49 -11.28
N ALA E 84 -24.70 11.51 -12.05
CA ALA E 84 -24.67 10.05 -11.67
C ALA E 84 -23.19 9.53 -11.57
N THR E 85 -22.29 9.93 -12.53
CA THR E 85 -20.82 9.52 -12.52
C THR E 85 -20.19 10.05 -11.20
N TYR E 86 -20.60 11.27 -10.78
CA TYR E 86 -20.05 11.89 -9.52
C TYR E 86 -20.38 10.95 -8.30
N SER E 87 -21.61 10.35 -8.28
CA SER E 87 -22.02 9.41 -7.18
C SER E 87 -21.07 8.16 -7.14
N THR E 88 -20.68 7.64 -8.34
CA THR E 88 -19.72 6.48 -8.43
C THR E 88 -18.35 6.85 -7.77
N VAL E 89 -17.86 8.13 -7.97
CA VAL E 89 -16.53 8.57 -7.34
C VAL E 89 -16.64 8.43 -5.80
N ALA E 90 -17.85 8.73 -5.25
CA ALA E 90 -18.13 8.63 -3.78
C ALA E 90 -17.84 7.18 -3.33
N ALA E 91 -18.19 6.20 -4.23
CA ALA E 91 -17.91 4.73 -3.98
C ALA E 91 -16.36 4.58 -3.78
N THR E 92 -15.59 5.32 -4.63
CA THR E 92 -14.10 5.38 -4.62
C THR E 92 -13.55 5.97 -3.26
N PHE E 93 -14.22 7.03 -2.66
CA PHE E 93 -13.72 7.67 -1.37
C PHE E 93 -13.64 6.56 -0.28
N GLY E 94 -14.64 5.65 -0.37
CA GLY E 94 -14.85 4.52 0.52
C GLY E 94 -13.57 3.77 1.02
N TYR E 95 -12.50 3.69 0.16
CA TYR E 95 -11.22 2.93 0.52
C TYR E 95 -10.58 3.37 1.89
N TYR E 96 -10.76 4.64 2.28
CA TYR E 96 -10.18 5.22 3.53
C TYR E 96 -11.06 4.82 4.73
N LEU E 97 -12.37 5.09 4.62
CA LEU E 97 -13.38 4.83 5.68
C LEU E 97 -13.82 3.33 5.77
N TYR E 98 -13.55 2.43 4.74
CA TYR E 98 -14.11 1.01 4.76
C TYR E 98 -13.79 0.25 6.08
N THR E 99 -12.49 0.03 6.36
CA THR E 99 -12.01 -0.71 7.59
C THR E 99 -12.26 0.15 8.87
N GLN E 100 -11.81 1.44 8.86
CA GLN E 100 -11.98 2.42 9.99
C GLN E 100 -13.45 2.62 10.50
N GLN E 101 -14.50 2.41 9.65
CA GLN E 101 -15.95 2.70 10.04
C GLN E 101 -16.33 2.15 11.44
N SER E 102 -15.68 1.06 11.85
CA SER E 102 -15.90 0.38 13.15
C SER E 102 -15.47 1.32 14.33
N PHE E 103 -14.46 2.21 14.10
CA PHE E 103 -13.94 3.17 15.14
C PHE E 103 -15.00 4.28 15.41
N GLU E 104 -15.72 4.67 14.34
CA GLU E 104 -16.78 5.74 14.39
C GLU E 104 -18.05 5.29 15.16
N TYR E 105 -18.44 3.99 15.01
CA TYR E 105 -19.69 3.42 15.64
C TYR E 105 -19.84 3.72 17.19
N PRO E 106 -18.85 3.45 18.11
CA PRO E 106 -19.01 3.81 19.61
C PRO E 106 -19.15 5.35 19.81
N SER E 107 -18.84 6.12 18.73
CA SER E 107 -18.91 7.63 18.73
C SER E 107 -18.18 8.25 19.96
N ALA E 108 -17.17 7.49 20.48
CA ALA E 108 -16.37 7.88 21.67
C ALA E 108 -17.28 8.07 22.92
N ARG E 109 -18.01 6.97 23.27
CA ARG E 109 -18.97 6.91 24.40
C ARG E 109 -18.28 7.35 25.74
N GLU E 110 -18.65 8.56 26.26
CA GLU E 110 -18.07 9.13 27.52
C GLU E 110 -18.51 8.31 28.78
N ARG E 111 -17.51 7.77 29.53
CA ARG E 111 -17.69 6.97 30.78
C ARG E 111 -16.27 6.56 31.27
N VAL E 112 -15.83 7.08 32.45
CA VAL E 112 -14.50 6.81 33.05
C VAL E 112 -14.46 5.37 33.63
N TYR E 113 -13.23 4.86 33.89
CA TYR E 113 -12.97 3.50 34.45
C TYR E 113 -13.45 2.37 33.48
N THR E 114 -14.79 2.23 33.33
CA THR E 114 -15.45 1.22 32.46
C THR E 114 -15.24 1.60 30.95
N LYS E 115 -14.77 0.63 30.12
CA LYS E 115 -14.52 0.83 28.65
C LYS E 115 -14.19 -0.56 28.01
N GLN E 116 -15.14 -1.51 28.19
CA GLN E 116 -15.04 -2.91 27.69
C GLN E 116 -13.77 -3.65 28.24
N PHE E 117 -12.62 -3.63 27.48
CA PHE E 117 -11.34 -4.30 27.91
C PHE E 117 -10.14 -3.78 27.06
N TYR E 118 -9.81 -2.47 27.22
CA TYR E 118 -8.66 -1.79 26.55
C TYR E 118 -8.75 -1.81 24.97
N ARG E 119 -8.52 -2.99 24.35
CA ARG E 119 -8.52 -3.17 22.86
C ARG E 119 -9.94 -3.00 22.25
N ARG E 120 -10.98 -3.12 23.10
CA ARG E 120 -12.42 -3.02 22.71
C ARG E 120 -12.82 -4.14 21.70
N ALA E 121 -14.12 -4.56 21.73
CA ALA E 121 -14.68 -5.62 20.83
C ALA E 121 -14.82 -5.04 19.39
N GLN E 122 -15.29 -3.77 19.32
CA GLN E 122 -15.51 -3.02 18.05
C GLN E 122 -14.23 -2.21 17.69
N LYS E 123 -13.60 -2.52 16.51
CA LYS E 123 -12.35 -1.83 16.01
C LYS E 123 -12.19 -2.19 14.49
N GLN E 124 -11.15 -1.62 13.80
CA GLN E 124 -10.91 -1.85 12.34
C GLN E 124 -10.53 -3.33 12.06
N ASN E 125 -10.52 -3.79 10.76
CA ASN E 125 -10.17 -5.21 10.40
C ASN E 125 -9.81 -5.38 8.90
N PHE E 126 -9.13 -6.52 8.60
CA PHE E 126 -8.64 -6.90 7.26
C PHE E 126 -7.50 -5.91 6.85
N ASP E 127 -6.26 -6.45 6.77
CA ASP E 127 -5.02 -5.74 6.38
C ASP E 127 -4.42 -4.79 7.49
N ILE E 128 -5.18 -3.78 8.14
CA ILE E 128 -4.51 -2.89 9.19
C ILE E 128 -4.24 -3.75 10.48
N GLU E 129 -5.31 -4.46 10.95
CA GLU E 129 -5.26 -5.32 12.17
C GLU E 129 -4.39 -6.57 11.95
N LYS E 130 -4.60 -7.25 10.80
CA LYS E 130 -3.91 -8.54 10.47
C LYS E 130 -2.34 -8.41 10.46
N TYR E 131 -1.76 -7.43 9.72
CA TYR E 131 -0.31 -7.21 9.64
C TYR E 131 0.32 -6.76 11.01
N ASN E 132 -0.27 -5.71 11.66
CA ASN E 132 0.33 -5.19 12.93
C ASN E 132 0.34 -6.26 14.04
N ARG E 133 -0.84 -6.86 14.26
CA ARG E 133 -1.04 -7.85 15.39
C ARG E 133 0.07 -8.95 15.46
N LEU E 134 0.46 -9.67 14.32
CA LEU E 134 1.62 -10.67 14.52
C LEU E 134 2.89 -9.86 14.86
N VAL E 135 3.04 -8.63 14.21
CA VAL E 135 4.24 -7.77 14.45
C VAL E 135 4.44 -7.54 16.05
N THR E 136 3.28 -7.49 16.82
CA THR E 136 3.29 -7.35 18.32
C THR E 136 3.81 -8.65 19.00
N GLU E 137 3.53 -9.87 18.39
CA GLU E 137 4.06 -11.18 18.99
C GLU E 137 5.58 -11.03 19.19
N VAL E 138 6.22 -10.50 18.13
CA VAL E 138 7.68 -10.25 18.10
C VAL E 138 8.07 -9.36 19.34
N ASP E 139 7.33 -8.23 19.57
CA ASP E 139 7.61 -7.34 20.79
C ASP E 139 7.68 -8.16 22.13
N GLU E 140 6.87 -9.27 22.24
CA GLU E 140 6.90 -10.12 23.48
C GLU E 140 8.25 -10.91 23.52
N LEU E 141 8.84 -11.22 22.30
CA LEU E 141 10.20 -11.91 22.19
C LEU E 141 11.25 -10.96 22.83
N ARG E 142 10.98 -9.60 22.77
CA ARG E 142 11.85 -8.55 23.42
C ARG E 142 11.84 -8.79 24.99
N ASN E 143 10.66 -9.22 25.59
CA ASN E 143 10.61 -9.46 27.08
C ASN E 143 11.42 -10.76 27.52
N GLN E 144 11.17 -11.89 26.80
CA GLN E 144 11.80 -13.21 27.12
C GLN E 144 13.37 -13.17 27.01
N LEU E 145 13.94 -12.49 25.97
CA LEU E 145 15.43 -12.38 25.75
C LEU E 145 16.10 -11.70 26.99
N LYS E 146 15.55 -10.54 27.45
CA LYS E 146 16.11 -9.81 28.66
C LYS E 146 16.33 -10.76 29.90
N ARG E 147 15.30 -11.61 30.29
CA ARG E 147 15.50 -12.53 31.46
C ARG E 147 16.52 -13.66 31.07
N LEU E 148 16.57 -14.03 29.74
CA LEU E 148 17.54 -15.04 29.18
C LEU E 148 19.03 -14.51 29.32
N ARG E 149 19.24 -13.16 29.02
CA ARG E 149 20.62 -12.52 29.02
C ARG E 149 21.30 -12.45 30.42
N ASP E 150 20.56 -12.30 31.58
CA ASP E 150 21.28 -12.30 32.97
C ASP E 150 22.22 -13.61 33.11
N PRO E 151 21.71 -14.90 32.87
CA PRO E 151 22.53 -16.19 32.78
C PRO E 151 23.93 -16.03 32.12
N LEU E 152 24.89 -17.00 32.33
CA LEU E 152 26.24 -16.96 31.79
C LEU E 152 26.94 -18.08 32.61
N GLU E 153 27.69 -18.87 31.90
CA GLU E 153 28.49 -20.02 32.42
C GLU E 153 29.58 -20.39 31.39
N MET A 1 29.12 -44.00 10.66
CA MET A 1 30.09 -43.66 9.59
C MET A 1 29.33 -43.27 8.29
N ALA A 2 28.02 -43.63 8.22
CA ALA A 2 27.13 -43.34 7.05
C ALA A 2 26.96 -41.80 6.86
N ALA A 3 27.04 -41.05 7.99
CA ALA A 3 26.92 -39.56 8.03
C ALA A 3 25.57 -39.07 7.41
N LEU A 4 25.42 -37.72 7.32
CA LEU A 4 24.21 -37.05 6.77
C LEU A 4 24.64 -35.61 6.37
N SER A 5 25.09 -34.83 7.38
CA SER A 5 25.56 -33.41 7.22
C SER A 5 26.20 -32.95 8.56
N VAL A 6 27.56 -32.75 8.56
CA VAL A 6 28.35 -32.30 9.75
C VAL A 6 28.37 -33.38 10.88
N ASP A 7 27.54 -34.46 10.74
CA ASP A 7 27.45 -35.59 11.70
C ASP A 7 26.97 -35.08 13.11
N GLU A 8 25.67 -34.67 13.18
CA GLU A 8 25.02 -34.13 14.41
C GLU A 8 24.93 -35.22 15.53
N TYR A 9 25.36 -36.47 15.20
CA TYR A 9 25.36 -37.63 16.14
C TYR A 9 23.91 -37.97 16.62
N LYS A 10 23.01 -38.19 15.64
CA LYS A 10 21.58 -38.55 15.86
C LYS A 10 20.84 -37.43 16.68
N LEU A 11 19.93 -37.83 17.62
CA LEU A 11 19.13 -36.89 18.46
C LEU A 11 18.21 -36.00 17.54
N SER A 12 17.18 -36.66 16.94
CA SER A 12 16.19 -36.05 16.02
C SER A 12 15.12 -37.11 15.77
N ARG A 13 14.51 -37.51 16.89
CA ARG A 13 13.47 -38.55 16.98
C ARG A 13 12.22 -38.14 16.10
N GLU A 14 11.73 -36.87 16.24
CA GLU A 14 10.60 -36.33 15.41
C GLU A 14 10.31 -34.81 15.67
N LYS A 15 10.47 -34.33 16.94
CA LYS A 15 10.11 -32.91 17.30
C LYS A 15 10.91 -31.80 16.52
N LYS A 16 12.26 -31.95 16.34
CA LYS A 16 13.10 -30.91 15.60
C LYS A 16 12.61 -30.79 14.12
N LEU A 17 12.34 -31.97 13.54
CA LEU A 17 11.84 -32.11 12.13
C LEU A 17 10.47 -31.39 11.95
N LEU A 18 9.57 -31.55 12.97
CA LEU A 18 8.19 -30.97 12.92
C LEU A 18 8.23 -29.40 12.80
N LEU A 19 9.13 -28.73 13.59
CA LEU A 19 9.31 -27.22 13.52
C LEU A 19 9.83 -26.78 12.09
N GLN A 20 10.83 -27.54 11.49
CA GLN A 20 11.37 -27.19 10.13
C GLN A 20 10.22 -27.27 9.08
N LEU A 21 9.38 -28.34 9.24
CA LEU A 21 8.18 -28.61 8.40
C LEU A 21 7.13 -27.47 8.56
N GLU A 22 6.93 -26.94 9.83
CA GLU A 22 5.90 -25.90 10.08
C GLU A 22 6.21 -24.63 9.25
N ASN A 23 7.53 -24.26 9.20
CA ASN A 23 7.98 -23.07 8.41
C ASN A 23 7.67 -23.29 6.89
N ALA A 24 7.95 -24.54 6.39
CA ALA A 24 7.70 -24.93 4.96
C ALA A 24 6.17 -24.88 4.62
N GLU A 25 5.27 -25.36 5.55
CA GLU A 25 3.78 -25.34 5.34
C GLU A 25 3.29 -23.87 5.21
N THR A 26 3.89 -23.03 6.08
CA THR A 26 3.61 -21.57 6.18
C THR A 26 3.92 -20.80 4.87
N LEU A 27 5.02 -21.18 4.12
CA LEU A 27 5.42 -20.47 2.84
C LEU A 27 4.18 -20.54 1.89
N LEU A 28 3.47 -21.68 1.94
CA LEU A 28 2.19 -21.92 1.22
C LEU A 28 2.39 -21.88 -0.31
N ALA A 29 2.51 -23.08 -0.94
CA ALA A 29 2.67 -23.29 -2.39
C ALA A 29 1.76 -24.47 -2.94
N PRO A 30 1.17 -25.42 -2.13
CA PRO A 30 0.33 -26.56 -2.72
C PRO A 30 -1.11 -26.10 -3.01
N LEU A 31 -1.71 -25.43 -2.02
CA LEU A 31 -3.06 -24.84 -2.11
C LEU A 31 -3.05 -23.79 -3.26
N HIS A 32 -1.90 -23.06 -3.38
CA HIS A 32 -1.71 -22.02 -4.46
C HIS A 32 -1.81 -22.71 -5.87
N ASP A 33 -1.22 -23.94 -5.98
CA ASP A 33 -1.30 -24.78 -7.24
C ASP A 33 -2.79 -25.08 -7.55
N ALA A 34 -3.64 -25.32 -6.49
CA ALA A 34 -5.10 -25.60 -6.64
C ALA A 34 -5.79 -24.39 -7.34
N LYS A 35 -5.37 -23.12 -7.00
CA LYS A 35 -5.95 -21.89 -7.63
C LYS A 35 -5.72 -21.93 -9.18
N ARG A 36 -4.49 -22.38 -9.57
CA ARG A 36 -4.07 -22.53 -11.01
C ARG A 36 -4.97 -23.56 -11.76
N LYS A 37 -5.35 -24.67 -11.06
CA LYS A 37 -6.17 -25.79 -11.65
C LYS A 37 -7.58 -25.30 -12.17
N ILE A 38 -8.23 -24.39 -11.41
CA ILE A 38 -9.58 -23.83 -11.72
C ILE A 38 -9.51 -22.58 -12.64
N GLU A 39 -8.28 -22.16 -13.08
CA GLU A 39 -8.05 -20.93 -13.93
C GLU A 39 -9.16 -20.63 -15.00
N GLN A 40 -9.92 -21.68 -15.43
CA GLN A 40 -11.03 -21.56 -16.41
C GLN A 40 -12.22 -20.79 -15.74
N GLU A 41 -12.64 -21.33 -14.57
CA GLU A 41 -13.78 -20.81 -13.74
C GLU A 41 -13.43 -19.44 -13.10
N ALA A 42 -12.16 -18.94 -13.26
CA ALA A 42 -11.70 -17.62 -12.69
C ALA A 42 -12.65 -16.45 -13.07
N GLU A 43 -13.54 -16.69 -14.07
CA GLU A 43 -14.57 -15.71 -14.54
C GLU A 43 -15.53 -15.31 -13.37
N ALA A 44 -15.45 -16.08 -12.25
CA ALA A 44 -16.26 -15.86 -11.01
C ALA A 44 -16.14 -14.39 -10.49
N HIS A 45 -15.01 -13.72 -10.86
CA HIS A 45 -14.72 -12.32 -10.43
C HIS A 45 -15.58 -11.30 -11.24
N THR A 46 -15.77 -11.60 -12.57
CA THR A 46 -16.55 -10.71 -13.50
C THR A 46 -18.01 -10.57 -13.02
N ASP A 47 -18.54 -11.66 -12.41
CA ASP A 47 -19.94 -11.72 -11.88
C ASP A 47 -20.19 -10.62 -10.81
N ARG A 48 -19.09 -10.17 -10.13
CA ARG A 48 -19.13 -9.11 -9.07
C ARG A 48 -18.91 -7.71 -9.70
N VAL A 49 -18.08 -7.62 -10.80
CA VAL A 49 -17.84 -6.34 -11.52
C VAL A 49 -19.06 -6.09 -12.45
N ALA A 50 -19.85 -7.19 -12.68
CA ALA A 50 -21.09 -7.17 -13.51
C ALA A 50 -22.19 -6.34 -12.80
N TRP A 51 -21.95 -5.95 -11.48
CA TRP A 51 -22.93 -5.08 -10.71
C TRP A 51 -23.24 -3.81 -11.58
N ALA A 52 -22.15 -3.40 -12.27
CA ALA A 52 -22.10 -2.23 -13.19
C ALA A 52 -22.52 -2.65 -14.63
N GLY A 53 -22.43 -3.97 -14.95
CA GLY A 53 -22.79 -4.52 -16.29
C GLY A 53 -24.24 -4.17 -16.70
N PHE A 54 -25.12 -3.98 -15.67
CA PHE A 54 -26.55 -3.63 -15.86
C PHE A 54 -26.69 -2.14 -16.27
N ALA A 55 -25.75 -1.28 -15.77
CA ALA A 55 -25.76 0.20 -16.03
C ALA A 55 -25.60 0.51 -17.56
N ALA A 56 -24.59 -0.14 -18.18
CA ALA A 56 -24.25 0.04 -19.63
C ALA A 56 -25.26 -0.69 -20.57
N SER A 57 -25.84 -1.83 -20.11
CA SER A 57 -26.77 -2.66 -20.92
C SER A 57 -28.14 -1.98 -21.15
N GLY A 58 -28.52 -1.06 -20.24
CA GLY A 58 -29.84 -0.36 -20.30
C GLY A 58 -30.03 0.56 -21.53
N VAL A 59 -29.00 1.41 -21.81
CA VAL A 59 -29.02 2.44 -22.91
C VAL A 59 -28.84 1.91 -24.35
N GLN A 60 -28.24 0.69 -24.55
CA GLN A 60 -28.00 0.12 -25.93
C GLN A 60 -29.25 0.29 -26.86
N THR A 61 -30.45 0.30 -26.23
CA THR A 61 -31.76 0.47 -26.91
C THR A 61 -31.96 1.97 -27.29
N GLY A 62 -31.53 2.86 -26.38
CA GLY A 62 -31.64 4.35 -26.50
C GLY A 62 -31.31 4.92 -27.90
N LEU A 63 -30.39 4.24 -28.62
CA LEU A 63 -29.96 4.61 -30.03
C LEU A 63 -31.20 4.58 -30.99
N PHE A 64 -32.09 3.59 -30.74
CA PHE A 64 -33.35 3.39 -31.52
C PHE A 64 -34.18 4.70 -31.47
N ALA A 65 -34.16 5.39 -30.29
CA ALA A 65 -34.92 6.67 -30.09
C ALA A 65 -34.50 7.78 -31.13
N ARG A 66 -33.14 7.93 -31.49
CA ARG A 66 -32.73 8.98 -32.51
C ARG A 66 -33.41 8.68 -33.85
N LEU A 67 -33.46 7.36 -34.24
CA LEU A 67 -34.15 6.91 -35.50
C LEU A 67 -35.71 7.20 -35.46
N THR A 68 -36.34 6.94 -34.28
CA THR A 68 -37.82 7.10 -34.05
C THR A 68 -38.37 8.54 -34.22
N TRP A 69 -37.63 9.58 -33.70
CA TRP A 69 -38.10 11.02 -33.69
C TRP A 69 -37.13 11.96 -34.44
N TRP A 70 -36.56 11.41 -35.51
CA TRP A 70 -35.58 12.08 -36.41
C TRP A 70 -35.94 13.56 -36.82
N GLU A 71 -37.20 14.03 -36.56
CA GLU A 71 -37.70 15.40 -36.95
C GLU A 71 -37.54 16.47 -35.82
N TYR A 72 -37.45 16.05 -34.51
CA TYR A 72 -37.30 16.97 -33.35
C TYR A 72 -36.15 18.02 -33.55
N SER A 73 -34.91 17.54 -33.78
CA SER A 73 -33.69 18.43 -33.99
C SER A 73 -32.50 17.60 -34.56
N TRP A 74 -32.28 16.39 -33.98
CA TRP A 74 -31.21 15.40 -34.35
C TRP A 74 -29.96 15.55 -33.43
N ASP A 75 -29.46 16.80 -33.30
CA ASP A 75 -28.33 17.18 -32.44
C ASP A 75 -28.67 16.75 -30.97
N ILE A 76 -28.25 15.53 -30.60
CA ILE A 76 -28.58 14.87 -29.28
C ILE A 76 -27.50 13.79 -29.06
N VAL A 77 -26.44 13.69 -29.95
CA VAL A 77 -25.39 12.62 -29.86
C VAL A 77 -24.70 12.53 -28.47
N GLU A 78 -23.73 11.61 -28.42
CA GLU A 78 -22.89 11.29 -27.24
C GLU A 78 -23.58 10.73 -25.91
N PRO A 79 -24.88 10.27 -25.77
CA PRO A 79 -25.40 9.76 -24.40
C PRO A 79 -24.60 8.52 -23.88
N VAL A 80 -24.36 7.66 -24.85
CA VAL A 80 -23.72 6.34 -24.72
C VAL A 80 -22.29 6.39 -24.12
N THR A 81 -21.47 7.40 -24.49
CA THR A 81 -20.05 7.45 -24.01
C THR A 81 -19.92 7.52 -22.45
N TYR A 82 -20.75 8.38 -21.74
CA TYR A 82 -20.65 8.50 -20.25
C TYR A 82 -20.99 7.17 -19.56
N PHE A 83 -22.06 6.44 -20.05
CA PHE A 83 -22.44 5.14 -19.39
C PHE A 83 -21.23 4.14 -19.50
N ALA A 84 -20.53 4.15 -20.68
CA ALA A 84 -19.30 3.32 -20.89
C ALA A 84 -18.16 3.74 -19.89
N THR A 85 -17.97 5.10 -19.64
CA THR A 85 -16.93 5.61 -18.67
C THR A 85 -17.22 5.05 -17.25
N TYR A 86 -18.53 5.00 -16.90
CA TYR A 86 -18.99 4.51 -15.56
C TYR A 86 -18.56 3.01 -15.34
N SER A 87 -18.68 2.15 -16.40
CA SER A 87 -18.28 0.69 -16.29
C SER A 87 -16.75 0.52 -15.96
N THR A 88 -15.86 1.34 -16.62
CA THR A 88 -14.37 1.30 -16.32
C THR A 88 -14.11 1.69 -14.82
N VAL A 89 -14.88 2.68 -14.22
CA VAL A 89 -14.67 3.06 -12.75
C VAL A 89 -14.84 1.77 -11.88
N ALA A 90 -15.81 0.89 -12.32
CA ALA A 90 -16.11 -0.41 -11.64
C ALA A 90 -14.80 -1.23 -11.58
N ALA A 91 -13.98 -1.15 -12.69
CA ALA A 91 -12.63 -1.85 -12.74
C ALA A 91 -11.75 -1.33 -11.55
N THR A 92 -11.85 0.01 -11.31
CA THR A 92 -11.13 0.73 -10.21
C THR A 92 -11.52 0.20 -8.78
N PHE A 93 -12.84 -0.15 -8.52
CA PHE A 93 -13.30 -0.63 -7.15
C PHE A 93 -12.44 -1.90 -6.79
N GLY A 94 -12.18 -2.69 -7.85
CA GLY A 94 -11.44 -3.97 -7.83
C GLY A 94 -10.21 -4.08 -6.88
N TYR A 95 -9.60 -2.94 -6.43
CA TYR A 95 -8.38 -2.98 -5.52
C TYR A 95 -8.67 -3.71 -4.15
N TYR A 96 -9.92 -3.63 -3.63
CA TYR A 96 -10.32 -4.26 -2.32
C TYR A 96 -10.62 -5.78 -2.49
N LEU A 97 -11.63 -6.05 -3.35
CA LEU A 97 -12.16 -7.42 -3.61
C LEU A 97 -11.17 -8.37 -4.35
N TYR A 98 -10.08 -7.84 -5.00
CA TYR A 98 -9.15 -8.67 -5.88
C TYR A 98 -8.79 -10.10 -5.31
N THR A 99 -8.09 -10.22 -4.14
CA THR A 99 -7.77 -11.60 -3.54
C THR A 99 -9.10 -12.27 -3.00
N GLN A 100 -9.88 -11.52 -2.17
CA GLN A 100 -11.17 -11.95 -1.54
C GLN A 100 -12.28 -12.50 -2.53
N GLN A 101 -12.23 -12.11 -3.82
CA GLN A 101 -13.33 -12.37 -4.83
C GLN A 101 -13.95 -13.80 -4.82
N SER A 102 -13.19 -14.86 -4.44
CA SER A 102 -13.71 -16.26 -4.38
C SER A 102 -14.89 -16.40 -3.38
N PHE A 103 -14.93 -15.53 -2.34
CA PHE A 103 -15.96 -15.55 -1.25
C PHE A 103 -17.44 -15.63 -1.79
N GLU A 104 -17.69 -15.07 -3.01
CA GLU A 104 -19.06 -15.04 -3.65
C GLU A 104 -19.55 -16.45 -4.15
N TYR A 105 -18.63 -17.20 -4.84
CA TYR A 105 -18.95 -18.52 -5.50
C TYR A 105 -19.71 -19.60 -4.60
N PRO A 106 -19.30 -19.92 -3.31
CA PRO A 106 -20.04 -20.97 -2.46
C PRO A 106 -21.60 -20.82 -2.42
N SER A 107 -22.06 -19.55 -2.27
CA SER A 107 -23.51 -19.20 -2.20
C SER A 107 -24.22 -19.48 -3.57
N ALA A 108 -24.62 -20.77 -3.79
CA ALA A 108 -25.30 -21.23 -5.03
C ALA A 108 -25.90 -22.65 -4.79
N ARG A 109 -25.94 -23.09 -3.51
CA ARG A 109 -26.48 -24.41 -3.08
C ARG A 109 -26.69 -24.35 -1.55
N GLU A 110 -27.72 -23.57 -1.11
CA GLU A 110 -28.07 -23.37 0.33
C GLU A 110 -28.77 -24.68 0.85
N ARG A 111 -29.96 -24.55 1.52
CA ARG A 111 -30.76 -25.70 2.06
C ARG A 111 -30.01 -26.49 3.20
N VAL A 112 -28.64 -26.48 3.19
CA VAL A 112 -27.76 -27.17 4.19
C VAL A 112 -26.65 -26.15 4.61
N TYR A 113 -26.14 -26.27 5.87
CA TYR A 113 -25.08 -25.38 6.44
C TYR A 113 -23.70 -25.70 5.79
N THR A 114 -23.24 -26.96 5.97
CA THR A 114 -21.93 -27.47 5.46
C THR A 114 -21.90 -27.47 3.90
N LYS A 115 -20.67 -27.31 3.32
CA LYS A 115 -20.41 -27.30 1.85
C LYS A 115 -18.87 -27.22 1.64
N GLN A 116 -18.28 -28.23 0.91
CA GLN A 116 -16.80 -28.33 0.64
C GLN A 116 -15.98 -28.26 1.99
N PHE A 117 -15.64 -27.02 2.43
CA PHE A 117 -14.90 -26.74 3.71
C PHE A 117 -13.50 -27.44 3.76
N TYR A 118 -12.55 -26.87 4.56
CA TYR A 118 -11.15 -27.41 4.72
C TYR A 118 -10.38 -26.54 5.76
N ARG A 119 -11.08 -26.19 6.88
CA ARG A 119 -10.50 -25.38 8.01
C ARG A 119 -9.97 -24.00 7.51
N ARG A 120 -10.83 -23.28 6.73
CA ARG A 120 -10.52 -21.94 6.15
C ARG A 120 -9.16 -21.99 5.35
N ALA A 121 -8.03 -21.67 6.03
CA ALA A 121 -6.66 -21.70 5.43
C ALA A 121 -6.59 -20.92 4.09
N GLN A 122 -7.51 -19.92 3.94
CA GLN A 122 -7.64 -19.07 2.71
C GLN A 122 -7.99 -19.97 1.49
N LYS A 123 -7.97 -19.39 0.26
CA LYS A 123 -8.29 -20.14 -1.00
C LYS A 123 -7.94 -19.29 -2.25
N GLN A 124 -7.16 -18.17 -2.06
CA GLN A 124 -6.70 -17.26 -3.17
C GLN A 124 -5.31 -16.67 -2.77
N ASN A 125 -4.70 -15.82 -3.67
CA ASN A 125 -3.38 -15.18 -3.45
C ASN A 125 -3.14 -14.13 -4.56
N PHE A 126 -2.29 -13.14 -4.23
CA PHE A 126 -1.86 -12.03 -5.13
C PHE A 126 -0.96 -11.11 -4.25
N ASP A 127 -1.26 -11.00 -2.91
CA ASP A 127 -0.45 -10.19 -1.95
C ASP A 127 -0.89 -10.37 -0.44
N ILE A 128 -2.25 -10.51 -0.08
CA ILE A 128 -2.64 -10.67 1.40
C ILE A 128 -2.20 -12.07 1.92
N GLU A 129 -2.43 -13.18 1.13
CA GLU A 129 -2.06 -14.58 1.58
C GLU A 129 -0.54 -14.71 1.91
N LYS A 130 0.32 -14.27 0.96
CA LYS A 130 1.82 -14.35 1.10
C LYS A 130 2.35 -13.54 2.32
N TYR A 131 1.95 -12.23 2.46
CA TYR A 131 2.36 -11.34 3.58
C TYR A 131 1.92 -11.88 4.98
N ASN A 132 0.62 -12.26 5.07
CA ASN A 132 -0.02 -12.65 6.35
C ASN A 132 0.58 -13.89 6.98
N ARG A 133 0.60 -14.89 6.17
CA ARG A 133 1.08 -16.25 6.56
C ARG A 133 2.57 -16.25 7.07
N LEU A 134 3.54 -15.67 6.29
CA LEU A 134 4.99 -15.72 6.74
C LEU A 134 5.26 -14.90 8.06
N VAL A 135 4.73 -13.61 8.25
CA VAL A 135 4.92 -12.92 9.60
C VAL A 135 4.42 -13.92 10.75
N THR A 136 3.32 -14.69 10.46
CA THR A 136 2.76 -15.70 11.44
C THR A 136 3.87 -16.76 11.84
N GLU A 137 4.78 -17.14 10.87
CA GLU A 137 5.93 -18.08 11.20
C GLU A 137 6.78 -17.41 12.35
N VAL A 138 6.79 -16.03 12.39
CA VAL A 138 7.49 -15.25 13.49
C VAL A 138 6.85 -15.62 14.86
N ASP A 139 5.54 -15.96 14.85
CA ASP A 139 4.86 -16.42 16.14
C ASP A 139 5.54 -17.74 16.65
N GLU A 140 6.04 -18.60 15.68
CA GLU A 140 6.74 -19.87 16.07
C GLU A 140 8.11 -19.53 16.74
N LEU A 141 8.74 -18.37 16.32
CA LEU A 141 10.04 -17.87 16.94
C LEU A 141 9.82 -17.70 18.47
N ARG A 142 8.63 -17.13 18.85
CA ARG A 142 8.26 -16.88 20.30
C ARG A 142 8.12 -18.24 21.08
N ASN A 143 7.67 -19.38 20.41
CA ASN A 143 7.57 -20.72 21.14
C ASN A 143 8.98 -21.33 21.45
N GLN A 144 9.90 -21.26 20.46
CA GLN A 144 11.27 -21.83 20.57
C GLN A 144 12.14 -21.06 21.62
N LEU A 145 12.04 -19.71 21.62
CA LEU A 145 12.83 -18.82 22.55
C LEU A 145 12.48 -19.12 24.04
N LYS A 146 11.17 -19.24 24.28
CA LYS A 146 10.57 -19.54 25.60
C LYS A 146 11.26 -20.77 26.29
N ARG A 147 11.40 -21.95 25.55
CA ARG A 147 12.02 -23.13 26.21
C ARG A 147 13.55 -22.84 26.50
N LEU A 148 14.35 -22.16 25.56
CA LEU A 148 15.81 -21.80 25.89
C LEU A 148 15.95 -21.08 27.30
N ARG A 149 14.96 -20.21 27.67
CA ARG A 149 15.00 -19.43 28.96
C ARG A 149 14.96 -20.41 30.17
N ASP A 150 14.30 -21.62 30.03
CA ASP A 150 14.22 -22.59 31.20
C ASP A 150 15.66 -23.07 31.78
N PRO A 151 16.68 -23.61 31.00
CA PRO A 151 18.11 -23.91 31.56
C PRO A 151 18.89 -22.55 31.65
N LEU A 152 20.21 -22.49 31.22
CA LEU A 152 21.01 -21.23 31.19
C LEU A 152 20.64 -20.59 29.83
N GLU A 153 21.35 -21.05 28.79
CA GLU A 153 21.15 -20.63 27.37
C GLU A 153 21.52 -21.79 26.43
N MET B 1 46.30 -14.90 -2.24
CA MET B 1 46.20 -16.38 -2.49
C MET B 1 45.54 -16.60 -3.88
N ALA B 2 44.63 -15.68 -4.27
CA ALA B 2 43.88 -15.74 -5.57
C ALA B 2 43.08 -17.06 -5.71
N ALA B 3 42.64 -17.60 -4.54
CA ALA B 3 41.85 -18.87 -4.44
C ALA B 3 41.23 -18.96 -3.01
N LEU B 4 39.87 -19.04 -2.92
CA LEU B 4 39.10 -19.12 -1.64
C LEU B 4 39.45 -17.90 -0.71
N SER B 5 38.57 -16.86 -0.68
CA SER B 5 38.74 -15.63 0.15
C SER B 5 40.08 -14.90 -0.16
N VAL B 6 40.39 -13.82 0.62
CA VAL B 6 41.62 -12.98 0.48
C VAL B 6 42.25 -12.75 1.88
N ASP B 7 41.39 -12.77 2.95
CA ASP B 7 41.81 -12.57 4.37
C ASP B 7 40.80 -13.30 5.29
N GLU B 8 41.25 -13.65 6.53
CA GLU B 8 40.43 -14.36 7.56
C GLU B 8 41.22 -14.40 8.89
N TYR B 9 40.50 -14.36 10.05
CA TYR B 9 41.11 -14.40 11.42
C TYR B 9 41.60 -15.85 11.73
N LYS B 10 40.63 -16.79 11.74
CA LYS B 10 40.85 -18.24 12.00
C LYS B 10 39.55 -19.02 11.66
N LEU B 11 38.39 -18.32 11.81
CA LEU B 11 37.03 -18.86 11.55
C LEU B 11 36.85 -19.24 10.05
N SER B 12 35.58 -19.49 9.64
CA SER B 12 35.18 -19.88 8.27
C SER B 12 35.64 -21.32 7.95
N ARG B 13 34.76 -22.28 8.31
CA ARG B 13 34.92 -23.75 8.10
C ARG B 13 33.80 -24.16 7.11
N GLU B 14 33.49 -23.21 6.21
CA GLU B 14 32.46 -23.28 5.14
C GLU B 14 31.02 -23.21 5.73
N LYS B 15 30.80 -23.79 6.92
CA LYS B 15 29.43 -23.81 7.58
C LYS B 15 28.90 -22.38 7.93
N LYS B 16 29.79 -21.51 8.52
CA LYS B 16 29.43 -20.10 8.90
C LYS B 16 29.03 -19.29 7.63
N LEU B 17 29.82 -19.52 6.56
CA LEU B 17 29.64 -18.92 5.21
C LEU B 17 28.27 -19.33 4.62
N LEU B 18 27.89 -20.63 4.86
CA LEU B 18 26.63 -21.20 4.29
C LEU B 18 25.37 -20.40 4.78
N LEU B 19 25.30 -20.04 6.12
CA LEU B 19 24.16 -19.17 6.62
C LEU B 19 24.21 -17.74 5.94
N GLN B 20 25.45 -17.17 5.82
CA GLN B 20 25.67 -15.84 5.16
C GLN B 20 25.19 -15.92 3.68
N LEU B 21 25.47 -17.09 3.03
CA LEU B 21 25.07 -17.36 1.61
C LEU B 21 23.52 -17.32 1.43
N GLU B 22 22.71 -17.87 2.46
CA GLU B 22 21.22 -17.87 2.35
C GLU B 22 20.71 -16.41 2.26
N ASN B 23 21.34 -15.50 3.08
CA ASN B 23 20.98 -14.05 3.05
C ASN B 23 21.27 -13.41 1.65
N ALA B 24 22.43 -13.79 1.02
CA ALA B 24 22.84 -13.20 -0.31
C ALA B 24 21.83 -13.50 -1.47
N GLU B 25 21.31 -14.78 -1.61
CA GLU B 25 20.27 -15.12 -2.67
C GLU B 25 18.93 -14.35 -2.43
N THR B 26 18.52 -14.26 -1.12
CA THR B 26 17.23 -13.61 -0.71
C THR B 26 17.14 -12.11 -1.09
N LEU B 27 18.26 -11.37 -0.89
CA LEU B 27 18.36 -9.90 -1.19
C LEU B 27 18.12 -9.61 -2.70
N LEU B 28 18.68 -10.48 -3.58
CA LEU B 28 18.65 -10.37 -5.08
C LEU B 28 18.64 -8.89 -5.58
N ALA B 29 19.58 -8.10 -4.99
CA ALA B 29 19.83 -6.67 -5.34
C ALA B 29 20.33 -6.68 -6.83
N PRO B 30 21.35 -7.52 -7.20
CA PRO B 30 21.77 -7.77 -8.66
C PRO B 30 20.69 -7.49 -9.77
N LEU B 31 19.63 -8.35 -9.83
CA LEU B 31 18.52 -8.23 -10.80
C LEU B 31 17.75 -6.89 -10.60
N HIS B 32 17.51 -6.48 -9.32
CA HIS B 32 16.74 -5.21 -9.02
C HIS B 32 17.53 -3.93 -9.53
N ASP B 33 18.89 -3.90 -9.28
CA ASP B 33 19.79 -2.80 -9.76
C ASP B 33 19.83 -2.78 -11.31
N ALA B 34 19.83 -4.00 -11.92
CA ALA B 34 19.87 -4.18 -13.40
C ALA B 34 18.65 -3.50 -14.07
N LYS B 35 17.42 -3.57 -13.43
CA LYS B 35 16.19 -2.91 -13.99
C LYS B 35 16.43 -1.38 -14.08
N ARG B 36 17.08 -0.79 -13.02
CA ARG B 36 17.37 0.70 -13.01
C ARG B 36 18.31 1.10 -14.22
N LYS B 37 19.33 0.25 -14.49
CA LYS B 37 20.35 0.47 -15.58
C LYS B 37 19.71 0.53 -17.02
N ILE B 38 18.72 -0.37 -17.30
CA ILE B 38 18.01 -0.48 -18.65
C ILE B 38 16.71 0.35 -18.72
N GLU B 39 16.38 1.08 -17.63
CA GLU B 39 15.12 1.91 -17.49
C GLU B 39 14.55 2.54 -18.82
N GLN B 40 15.46 2.83 -19.79
CA GLN B 40 15.10 3.40 -21.13
C GLN B 40 14.11 2.46 -21.91
N GLU B 41 14.05 1.16 -21.49
CA GLU B 41 13.16 0.09 -22.10
C GLU B 41 11.90 -0.12 -21.23
N ALA B 42 11.78 0.59 -20.07
CA ALA B 42 10.62 0.43 -19.11
C ALA B 42 9.25 0.77 -19.74
N GLU B 43 9.22 1.32 -21.01
CA GLU B 43 7.91 1.63 -21.71
C GLU B 43 7.24 0.30 -22.12
N ALA B 44 7.90 -0.85 -21.79
CA ALA B 44 7.41 -2.23 -22.07
C ALA B 44 5.99 -2.45 -21.45
N HIS B 45 5.60 -1.56 -20.49
CA HIS B 45 4.29 -1.62 -19.79
C HIS B 45 3.16 -1.06 -20.71
N THR B 46 3.50 -0.01 -21.51
CA THR B 46 2.52 0.68 -22.44
C THR B 46 1.89 -0.32 -23.43
N ASP B 47 2.61 -1.46 -23.67
CA ASP B 47 2.18 -2.55 -24.59
C ASP B 47 0.97 -3.32 -23.97
N ARG B 48 0.83 -3.26 -22.60
CA ARG B 48 -0.27 -3.94 -21.83
C ARG B 48 -1.48 -2.98 -21.70
N VAL B 49 -1.20 -1.64 -21.58
CA VAL B 49 -2.25 -0.58 -21.48
C VAL B 49 -2.91 -0.46 -22.88
N ALA B 50 -2.24 -1.09 -23.91
CA ALA B 50 -2.72 -1.14 -25.32
C ALA B 50 -4.10 -1.83 -25.39
N TRP B 51 -4.48 -2.59 -24.31
CA TRP B 51 -5.82 -3.28 -24.21
C TRP B 51 -6.95 -2.26 -24.57
N ALA B 52 -6.69 -1.01 -24.12
CA ALA B 52 -7.58 0.16 -24.29
C ALA B 52 -7.26 0.94 -25.60
N GLY B 53 -6.08 0.71 -26.23
CA GLY B 53 -5.66 1.40 -27.49
C GLY B 53 -6.73 1.30 -28.60
N PHE B 54 -7.56 0.23 -28.54
CA PHE B 54 -8.66 -0.04 -29.50
C PHE B 54 -9.87 0.92 -29.23
N ALA B 55 -9.99 1.40 -27.97
CA ALA B 55 -11.10 2.30 -27.51
C ALA B 55 -11.09 3.66 -28.29
N ALA B 56 -9.90 4.29 -28.36
CA ALA B 56 -9.67 5.60 -29.03
C ALA B 56 -9.68 5.47 -30.58
N SER B 57 -9.16 4.33 -31.11
CA SER B 57 -9.05 4.09 -32.58
C SER B 57 -10.42 4.05 -33.30
N GLY B 58 -11.50 3.73 -32.55
CA GLY B 58 -12.87 3.62 -33.12
C GLY B 58 -13.38 4.93 -33.78
N VAL B 59 -13.36 6.05 -33.01
CA VAL B 59 -13.85 7.40 -33.46
C VAL B 59 -12.91 8.18 -34.43
N GLN B 60 -11.56 7.89 -34.44
CA GLN B 60 -10.58 8.63 -35.35
C GLN B 60 -11.09 8.62 -36.83
N THR B 61 -11.70 7.48 -37.24
CA THR B 61 -12.30 7.29 -38.59
C THR B 61 -13.66 8.05 -38.67
N GLY B 62 -14.27 8.25 -37.49
CA GLY B 62 -15.59 8.92 -37.31
C GLY B 62 -15.62 10.39 -37.80
N LEU B 63 -14.45 11.08 -37.76
CA LEU B 63 -14.31 12.52 -38.19
C LEU B 63 -14.71 12.66 -39.71
N PHE B 64 -14.28 11.65 -40.51
CA PHE B 64 -14.57 11.55 -41.97
C PHE B 64 -16.11 11.52 -42.19
N ALA B 65 -16.82 10.80 -41.26
CA ALA B 65 -18.32 10.67 -41.30
C ALA B 65 -19.00 12.08 -41.20
N ARG B 66 -18.43 13.02 -40.35
CA ARG B 66 -19.02 14.41 -40.21
C ARG B 66 -18.99 15.10 -41.60
N LEU B 67 -17.86 14.91 -42.37
CA LEU B 67 -17.73 15.47 -43.75
C LEU B 67 -18.82 14.88 -44.73
N THR B 68 -19.06 13.54 -44.61
CA THR B 68 -20.00 12.77 -45.47
C THR B 68 -21.50 13.21 -45.40
N TRP B 69 -22.01 13.54 -44.16
CA TRP B 69 -23.47 13.90 -43.92
C TRP B 69 -23.65 15.36 -43.46
N TRP B 70 -22.83 16.27 -44.03
CA TRP B 70 -22.87 17.74 -43.74
C TRP B 70 -24.26 18.34 -44.28
N GLU B 71 -25.48 17.93 -43.71
CA GLU B 71 -26.79 18.44 -44.22
C GLU B 71 -27.95 18.19 -43.20
N TYR B 72 -27.91 17.08 -42.40
CA TYR B 72 -28.95 16.74 -41.37
C TYR B 72 -29.25 17.97 -40.43
N SER B 73 -28.17 18.63 -39.96
CA SER B 73 -28.23 19.83 -39.07
C SER B 73 -26.81 20.39 -38.90
N TRP B 74 -25.95 19.44 -38.54
CA TRP B 74 -24.53 19.59 -38.20
C TRP B 74 -24.45 19.58 -36.65
N ASP B 75 -23.58 20.39 -36.01
CA ASP B 75 -23.39 20.47 -34.51
C ASP B 75 -23.37 19.02 -33.86
N ILE B 76 -22.18 18.38 -33.85
CA ILE B 76 -21.95 16.97 -33.37
C ILE B 76 -20.50 16.89 -32.85
N VAL B 77 -19.70 18.01 -32.98
CA VAL B 77 -18.25 18.01 -32.62
C VAL B 77 -17.98 17.56 -31.17
N GLU B 78 -16.69 17.65 -30.79
CA GLU B 78 -16.18 17.27 -29.45
C GLU B 78 -16.12 15.68 -29.15
N PRO B 79 -16.43 14.65 -30.06
CA PRO B 79 -16.39 13.17 -29.63
C PRO B 79 -15.02 12.60 -29.15
N VAL B 80 -13.95 13.00 -29.88
CA VAL B 80 -12.60 12.42 -29.68
C VAL B 80 -12.00 12.54 -28.25
N THR B 81 -12.11 13.70 -27.51
CA THR B 81 -11.50 13.74 -26.13
C THR B 81 -12.11 12.71 -25.10
N TYR B 82 -13.51 12.48 -24.99
CA TYR B 82 -14.02 11.52 -23.92
C TYR B 82 -13.45 10.10 -24.14
N PHE B 83 -13.39 9.63 -25.43
CA PHE B 83 -12.78 8.28 -25.70
C PHE B 83 -11.28 8.31 -25.26
N ALA B 84 -10.58 9.46 -25.49
CA ALA B 84 -9.16 9.63 -25.01
C ALA B 84 -9.11 9.50 -23.43
N THR B 85 -10.12 10.10 -22.70
CA THR B 85 -10.26 9.98 -21.19
C THR B 85 -10.43 8.48 -20.79
N TYR B 86 -11.18 7.68 -21.61
CA TYR B 86 -11.45 6.22 -21.30
C TYR B 86 -10.06 5.50 -21.19
N SER B 87 -9.14 5.87 -22.12
CA SER B 87 -7.74 5.36 -22.11
C SER B 87 -6.96 5.79 -20.80
N THR B 88 -7.13 7.07 -20.30
CA THR B 88 -6.40 7.55 -19.06
C THR B 88 -6.79 6.71 -17.79
N VAL B 89 -8.11 6.37 -17.59
CA VAL B 89 -8.55 5.46 -16.43
C VAL B 89 -7.80 4.11 -16.62
N ALA B 90 -7.57 3.68 -17.90
CA ALA B 90 -6.78 2.41 -18.17
C ALA B 90 -5.37 2.60 -17.48
N ALA B 91 -4.80 3.87 -17.50
CA ALA B 91 -3.51 4.21 -16.79
C ALA B 91 -3.68 3.92 -15.26
N THR B 92 -4.89 4.27 -14.70
CA THR B 92 -5.25 4.08 -13.27
C THR B 92 -5.19 2.58 -12.85
N PHE B 93 -5.62 1.64 -13.77
CA PHE B 93 -5.57 0.15 -13.52
C PHE B 93 -4.08 -0.24 -13.23
N GLY B 94 -3.20 0.44 -13.97
CA GLY B 94 -1.74 0.29 -13.93
C GLY B 94 -1.08 0.07 -12.53
N TYR B 95 -1.77 0.45 -11.40
CA TYR B 95 -1.19 0.28 -10.00
C TYR B 95 -1.03 -1.24 -9.63
N TYR B 96 -1.88 -2.09 -10.24
CA TYR B 96 -1.91 -3.57 -10.04
C TYR B 96 -0.80 -4.19 -10.92
N LEU B 97 -0.95 -3.95 -12.24
CA LEU B 97 -0.02 -4.42 -13.31
C LEU B 97 1.49 -4.06 -12.98
N TYR B 98 1.69 -3.09 -12.06
CA TYR B 98 3.02 -2.44 -11.76
C TYR B 98 4.27 -3.39 -11.56
N THR B 99 4.35 -4.19 -10.47
CA THR B 99 5.41 -5.24 -10.25
C THR B 99 5.15 -6.50 -11.12
N GLN B 100 3.83 -6.85 -11.24
CA GLN B 100 3.33 -8.08 -11.92
C GLN B 100 3.93 -8.34 -13.33
N GLN B 101 4.42 -7.27 -14.05
CA GLN B 101 4.98 -7.43 -15.46
C GLN B 101 5.98 -8.65 -15.52
N SER B 102 6.67 -8.89 -14.37
CA SER B 102 7.63 -10.02 -14.20
C SER B 102 6.90 -11.39 -14.14
N PHE B 103 5.70 -11.44 -13.48
CA PHE B 103 4.89 -12.70 -13.31
C PHE B 103 4.27 -13.16 -14.67
N GLU B 104 3.77 -12.17 -15.44
CA GLU B 104 3.07 -12.38 -16.76
C GLU B 104 4.03 -12.86 -17.89
N TYR B 105 5.22 -12.19 -18.02
CA TYR B 105 6.21 -12.44 -19.15
C TYR B 105 6.59 -13.98 -19.40
N PRO B 106 7.00 -14.79 -18.36
CA PRO B 106 7.36 -16.29 -18.55
C PRO B 106 6.42 -17.07 -19.52
N SER B 107 5.11 -16.74 -19.46
CA SER B 107 4.05 -17.36 -20.33
C SER B 107 4.25 -16.91 -21.80
N ALA B 108 4.53 -15.59 -21.97
CA ALA B 108 4.78 -14.94 -23.29
C ALA B 108 6.29 -15.07 -23.65
N ARG B 109 6.90 -16.20 -23.24
CA ARG B 109 8.33 -16.54 -23.49
C ARG B 109 9.26 -15.66 -22.62
N GLU B 110 10.57 -16.01 -22.63
CA GLU B 110 11.64 -15.31 -21.86
C GLU B 110 13.04 -15.73 -22.42
N ARG B 111 13.06 -16.86 -23.19
CA ARG B 111 14.30 -17.42 -23.82
C ARG B 111 15.41 -17.73 -22.77
N VAL B 112 16.56 -18.23 -23.27
CA VAL B 112 17.74 -18.61 -22.44
C VAL B 112 18.98 -18.78 -23.37
N TYR B 113 20.20 -18.70 -22.78
CA TYR B 113 21.51 -18.84 -23.48
C TYR B 113 21.81 -17.64 -24.45
N THR B 114 20.82 -17.29 -25.30
CA THR B 114 20.93 -16.18 -26.31
C THR B 114 21.16 -14.80 -25.59
N LYS B 115 22.42 -14.25 -25.68
CA LYS B 115 22.80 -12.95 -25.04
C LYS B 115 21.98 -11.77 -25.69
N GLN B 116 21.80 -10.67 -24.92
CA GLN B 116 21.06 -9.44 -25.34
C GLN B 116 19.53 -9.69 -25.53
N PHE B 117 19.14 -10.93 -25.94
CA PHE B 117 17.73 -11.36 -26.19
C PHE B 117 17.07 -10.51 -27.33
N TYR B 118 16.00 -11.07 -27.95
CA TYR B 118 15.24 -10.41 -29.07
C TYR B 118 14.20 -9.39 -28.49
N ARG B 119 12.95 -9.86 -28.20
CA ARG B 119 11.83 -9.03 -27.67
C ARG B 119 12.08 -8.62 -26.19
N ARG B 120 13.06 -9.30 -25.53
CA ARG B 120 13.44 -9.06 -24.10
C ARG B 120 12.29 -9.48 -23.15
N ALA B 121 12.47 -9.25 -21.82
CA ALA B 121 11.46 -9.62 -20.78
C ALA B 121 11.76 -8.92 -19.42
N GLN B 122 13.06 -8.91 -19.03
CA GLN B 122 13.56 -8.32 -17.75
C GLN B 122 12.75 -8.77 -16.49
N LYS B 123 13.13 -8.24 -15.29
CA LYS B 123 12.49 -8.56 -13.97
C LYS B 123 12.36 -7.23 -13.13
N GLN B 124 11.10 -6.84 -12.77
CA GLN B 124 10.79 -5.62 -11.95
C GLN B 124 11.27 -5.85 -10.47
N ASN B 125 10.37 -6.35 -9.57
CA ASN B 125 10.70 -6.64 -8.14
C ASN B 125 11.24 -5.37 -7.40
N PHE B 126 10.32 -4.54 -6.81
CA PHE B 126 10.72 -3.29 -6.07
C PHE B 126 9.61 -2.77 -5.14
N ASP B 127 8.69 -3.68 -4.68
CA ASP B 127 7.60 -3.33 -3.71
C ASP B 127 6.89 -4.63 -3.17
N ILE B 128 6.26 -5.53 -4.04
CA ILE B 128 5.60 -6.81 -3.51
C ILE B 128 6.76 -7.75 -3.04
N GLU B 129 7.82 -7.83 -3.88
CA GLU B 129 9.02 -8.67 -3.61
C GLU B 129 9.83 -8.12 -2.41
N LYS B 130 10.09 -6.79 -2.44
CA LYS B 130 10.94 -6.09 -1.43
C LYS B 130 10.49 -6.38 0.05
N TYR B 131 9.17 -6.20 0.35
CA TYR B 131 8.60 -6.44 1.67
C TYR B 131 8.50 -7.94 2.08
N ASN B 132 7.88 -8.83 1.21
CA ASN B 132 7.66 -10.27 1.63
C ASN B 132 9.00 -11.05 1.73
N ARG B 133 9.75 -10.96 0.66
CA ARG B 133 11.07 -11.68 0.53
C ARG B 133 12.05 -11.32 1.71
N LEU B 134 12.21 -10.01 2.00
CA LEU B 134 13.15 -9.56 3.07
C LEU B 134 12.67 -10.05 4.51
N VAL B 135 11.36 -9.81 4.94
CA VAL B 135 10.89 -10.34 6.29
C VAL B 135 11.20 -11.92 6.33
N THR B 136 11.20 -12.59 5.12
CA THR B 136 11.52 -14.08 5.01
C THR B 136 12.94 -14.34 5.61
N GLU B 137 13.86 -13.31 5.53
CA GLU B 137 15.23 -13.39 6.20
C GLU B 137 14.98 -13.77 7.69
N VAL B 138 13.91 -13.13 8.27
CA VAL B 138 13.49 -13.42 9.70
C VAL B 138 13.18 -14.95 9.86
N ASP B 139 12.67 -15.60 8.77
CA ASP B 139 12.36 -17.10 8.79
C ASP B 139 13.68 -17.91 9.04
N GLU B 140 14.80 -17.44 8.40
CA GLU B 140 16.14 -18.11 8.52
C GLU B 140 16.58 -18.08 10.01
N LEU B 141 16.16 -16.98 10.72
CA LEU B 141 16.43 -16.79 12.18
C LEU B 141 15.76 -17.95 12.97
N ARG B 142 14.50 -18.34 12.55
CA ARG B 142 13.72 -19.47 13.23
C ARG B 142 14.54 -20.79 13.12
N ASN B 143 15.37 -20.97 12.02
CA ASN B 143 16.19 -22.24 11.87
C ASN B 143 17.38 -22.29 12.91
N GLN B 144 18.11 -21.14 13.06
CA GLN B 144 19.30 -21.02 13.96
C GLN B 144 18.94 -21.25 15.45
N LEU B 145 17.85 -20.60 15.87
CA LEU B 145 17.33 -20.67 17.26
C LEU B 145 16.93 -22.13 17.63
N LYS B 146 16.12 -22.77 16.74
CA LYS B 146 15.60 -24.15 16.94
C LYS B 146 16.75 -25.17 17.28
N ARG B 147 17.93 -25.15 16.53
CA ARG B 147 19.01 -26.11 16.88
C ARG B 147 19.52 -25.75 18.31
N LEU B 148 19.79 -24.42 18.63
CA LEU B 148 20.18 -24.00 20.05
C LEU B 148 19.19 -24.52 21.16
N ARG B 149 17.89 -24.74 20.84
CA ARG B 149 16.89 -25.25 21.85
C ARG B 149 17.31 -26.72 22.26
N ASP B 150 17.90 -27.51 21.31
CA ASP B 150 18.30 -28.97 21.60
C ASP B 150 19.55 -29.22 22.60
N PRO B 151 20.81 -28.64 22.47
CA PRO B 151 22.02 -28.88 23.44
C PRO B 151 21.64 -29.18 24.93
N LEU B 152 21.57 -28.14 25.85
CA LEU B 152 21.15 -28.37 27.30
C LEU B 152 19.72 -29.00 27.27
N GLU B 153 18.75 -28.10 27.05
CA GLU B 153 17.29 -28.40 26.95
C GLU B 153 16.57 -27.03 26.76
N MET C 1 49.62 6.25 22.09
CA MET C 1 49.48 7.64 22.62
C MET C 1 49.02 8.54 21.43
N ALA C 2 47.69 8.77 21.31
CA ALA C 2 47.06 9.60 20.24
C ALA C 2 47.33 9.00 18.83
N ALA C 3 46.59 9.52 17.81
CA ALA C 3 46.69 9.08 16.38
C ALA C 3 46.42 7.54 16.23
N LEU C 4 45.12 7.14 16.32
CA LEU C 4 44.67 5.71 16.20
C LEU C 4 43.13 5.75 15.93
N SER C 5 42.69 5.22 14.75
CA SER C 5 41.26 5.19 14.33
C SER C 5 41.09 4.25 13.10
N VAL C 6 39.83 4.17 12.59
CA VAL C 6 39.44 3.35 11.41
C VAL C 6 39.66 1.82 11.70
N ASP C 7 40.80 1.23 11.24
CA ASP C 7 41.14 -0.21 11.43
C ASP C 7 42.69 -0.39 11.44
N GLU C 8 43.44 0.71 11.71
CA GLU C 8 44.93 0.72 11.78
C GLU C 8 45.39 0.01 13.09
N TYR C 9 45.07 -1.31 13.19
CA TYR C 9 45.39 -2.20 14.35
C TYR C 9 44.65 -1.70 15.65
N LYS C 10 44.21 -2.66 16.52
CA LYS C 10 43.50 -2.36 17.80
C LYS C 10 43.41 -3.66 18.65
N LEU C 11 43.51 -3.51 20.01
CA LEU C 11 43.43 -4.65 20.98
C LEU C 11 41.95 -5.06 21.15
N SER C 12 41.06 -4.04 21.24
CA SER C 12 39.59 -4.20 21.41
C SER C 12 38.88 -2.85 21.08
N ARG C 13 39.21 -1.79 21.86
CA ARG C 13 38.65 -0.42 21.70
C ARG C 13 37.11 -0.41 21.89
N GLU C 14 36.61 -1.40 22.67
CA GLU C 14 35.16 -1.59 23.00
C GLU C 14 34.35 -2.02 21.73
N LYS C 15 34.36 -3.35 21.49
CA LYS C 15 33.67 -4.04 20.35
C LYS C 15 32.12 -3.82 20.34
N LYS C 16 31.49 -3.79 21.56
CA LYS C 16 29.99 -3.71 21.71
C LYS C 16 29.44 -2.45 20.99
N LEU C 17 30.19 -1.32 21.13
CA LEU C 17 29.86 -0.04 20.44
C LEU C 17 29.90 -0.23 18.89
N LEU C 18 30.88 -1.06 18.38
CA LEU C 18 31.07 -1.26 16.90
C LEU C 18 29.77 -1.88 16.26
N LEU C 19 29.12 -2.88 16.93
CA LEU C 19 27.79 -3.43 16.43
C LEU C 19 26.70 -2.31 16.45
N GLN C 20 26.71 -1.45 17.53
CA GLN C 20 25.74 -0.32 17.69
C GLN C 20 25.91 0.66 16.48
N LEU C 21 27.19 0.89 16.04
CA LEU C 21 27.50 1.75 14.86
C LEU C 21 26.85 1.13 13.57
N GLU C 22 26.84 -0.26 13.37
CA GLU C 22 26.25 -0.86 12.13
C GLU C 22 24.75 -0.48 12.02
N ASN C 23 24.08 -0.54 13.20
CA ASN C 23 22.64 -0.19 13.33
C ASN C 23 22.40 1.33 12.96
N ALA C 24 23.33 2.21 13.44
CA ALA C 24 23.27 3.70 13.19
C ALA C 24 23.34 4.01 11.67
N GLU C 25 24.22 3.26 10.94
CA GLU C 25 24.41 3.41 9.46
C GLU C 25 23.07 3.11 8.70
N THR C 26 22.27 2.06 9.13
CA THR C 26 20.98 1.73 8.43
C THR C 26 19.98 2.92 8.49
N LEU C 27 19.86 3.60 9.69
CA LEU C 27 18.90 4.75 9.83
C LEU C 27 19.26 5.95 8.87
N LEU C 28 20.59 6.27 8.74
CA LEU C 28 21.14 7.42 7.93
C LEU C 28 20.10 8.55 7.65
N ALA C 29 19.44 9.00 8.77
CA ALA C 29 18.40 10.09 8.76
C ALA C 29 19.15 11.39 8.37
N PRO C 30 20.20 11.83 9.13
CA PRO C 30 21.13 13.00 8.74
C PRO C 30 21.31 13.22 7.19
N LEU C 31 21.94 12.23 6.49
CA LEU C 31 22.17 12.27 5.02
C LEU C 31 20.80 12.34 4.26
N HIS C 32 19.75 11.58 4.75
CA HIS C 32 18.37 11.59 4.09
C HIS C 32 17.78 13.04 4.13
N ASP C 33 18.01 13.78 5.26
CA ASP C 33 17.51 15.18 5.41
C ASP C 33 18.13 16.12 4.29
N ALA C 34 19.46 15.94 3.95
CA ALA C 34 20.12 16.75 2.87
C ALA C 34 19.44 16.47 1.48
N LYS C 35 19.11 15.17 1.24
CA LYS C 35 18.42 14.68 -0.01
C LYS C 35 16.99 15.31 -0.11
N ARG C 36 16.34 15.39 1.08
CA ARG C 36 14.95 15.96 1.31
C ARG C 36 14.88 17.44 0.88
N LYS C 37 16.01 18.17 1.06
CA LYS C 37 16.15 19.65 0.81
C LYS C 37 15.71 19.99 -0.65
N ILE C 38 16.00 19.07 -1.62
CA ILE C 38 15.63 19.19 -3.08
C ILE C 38 14.21 19.84 -3.35
N GLU C 39 13.33 19.93 -2.31
CA GLU C 39 11.95 20.51 -2.38
C GLU C 39 11.88 21.83 -3.24
N GLN C 40 13.01 22.58 -3.32
CA GLN C 40 13.12 23.84 -4.12
C GLN C 40 13.46 23.44 -5.58
N GLU C 41 14.54 22.63 -5.70
CA GLU C 41 15.06 22.08 -7.00
C GLU C 41 14.09 21.03 -7.61
N ALA C 42 12.92 20.81 -6.93
CA ALA C 42 11.86 19.82 -7.31
C ALA C 42 11.43 19.78 -8.80
N GLU C 43 12.04 20.61 -9.70
CA GLU C 43 11.72 20.63 -11.18
C GLU C 43 11.69 19.18 -11.80
N ALA C 44 12.31 18.21 -11.06
CA ALA C 44 12.35 16.76 -11.43
C ALA C 44 10.91 16.16 -11.44
N HIS C 45 9.95 16.93 -10.86
CA HIS C 45 8.51 16.56 -10.74
C HIS C 45 7.71 17.17 -11.92
N THR C 46 7.95 18.47 -12.16
CA THR C 46 7.27 19.27 -13.21
C THR C 46 7.44 18.68 -14.64
N ASP C 47 8.72 18.40 -15.03
CA ASP C 47 9.09 17.86 -16.38
C ASP C 47 8.29 16.57 -16.79
N ARG C 48 7.89 15.74 -15.79
CA ARG C 48 7.15 14.44 -16.02
C ARG C 48 5.62 14.65 -16.05
N VAL C 49 5.11 15.65 -15.32
CA VAL C 49 3.66 16.01 -15.28
C VAL C 49 3.40 16.95 -16.49
N ALA C 50 4.52 17.48 -17.07
CA ALA C 50 4.49 18.36 -18.28
C ALA C 50 4.25 17.50 -19.54
N TRP C 51 4.31 16.12 -19.41
CA TRP C 51 4.06 15.18 -20.56
C TRP C 51 2.68 15.53 -21.20
N ALA C 52 1.78 15.96 -20.30
CA ALA C 52 0.39 16.37 -20.59
C ALA C 52 0.32 17.87 -21.02
N GLY C 53 1.41 18.65 -20.77
CA GLY C 53 1.48 20.11 -21.12
C GLY C 53 1.29 20.37 -22.62
N PHE C 54 1.68 19.36 -23.46
CA PHE C 54 1.58 19.44 -24.94
C PHE C 54 0.10 19.26 -25.40
N ALA C 55 -0.70 18.50 -24.61
CA ALA C 55 -2.14 18.20 -24.91
C ALA C 55 -3.01 19.50 -24.96
N ALA C 56 -2.81 20.39 -23.95
CA ALA C 56 -3.56 21.68 -23.81
C ALA C 56 -3.06 22.76 -24.81
N SER C 57 -1.77 22.65 -25.23
CA SER C 57 -1.11 23.63 -26.15
C SER C 57 -1.73 23.62 -27.58
N GLY C 58 -2.27 22.45 -28.00
CA GLY C 58 -2.84 22.25 -29.36
C GLY C 58 -4.12 23.07 -29.65
N VAL C 59 -4.88 23.47 -28.60
CA VAL C 59 -6.20 24.21 -28.76
C VAL C 59 -6.01 25.68 -29.18
N GLN C 60 -4.83 26.29 -28.86
CA GLN C 60 -4.54 27.74 -29.15
C GLN C 60 -4.98 28.17 -30.59
N THR C 61 -4.79 27.24 -31.57
CA THR C 61 -5.20 27.45 -32.99
C THR C 61 -6.73 27.28 -33.15
N GLY C 62 -7.30 26.38 -32.32
CA GLY C 62 -8.74 26.02 -32.29
C GLY C 62 -9.67 27.20 -31.93
N LEU C 63 -9.21 28.11 -31.04
CA LEU C 63 -10.03 29.31 -30.58
C LEU C 63 -10.41 30.24 -31.77
N PHE C 64 -9.47 30.41 -32.74
CA PHE C 64 -9.72 31.22 -33.97
C PHE C 64 -10.95 30.60 -34.73
N ALA C 65 -11.05 29.24 -34.70
CA ALA C 65 -12.15 28.48 -35.38
C ALA C 65 -13.58 28.87 -34.84
N ARG C 66 -13.81 29.11 -33.48
CA ARG C 66 -15.20 29.53 -32.98
C ARG C 66 -15.55 30.86 -33.67
N LEU C 67 -14.51 31.76 -33.82
CA LEU C 67 -14.74 33.09 -34.48
C LEU C 67 -15.24 32.91 -35.98
N THR C 68 -14.62 31.94 -36.76
CA THR C 68 -15.04 31.60 -38.17
C THR C 68 -16.48 31.00 -38.26
N TRP C 69 -16.81 30.11 -37.29
CA TRP C 69 -18.09 29.34 -37.20
C TRP C 69 -19.36 30.23 -37.12
N TRP C 70 -19.21 31.57 -37.18
CA TRP C 70 -20.36 32.53 -37.11
C TRP C 70 -21.24 32.45 -38.42
N GLU C 71 -21.43 31.22 -39.02
CA GLU C 71 -22.26 31.01 -40.24
C GLU C 71 -22.78 29.55 -40.32
N TYR C 72 -21.90 28.56 -39.98
CA TYR C 72 -22.22 27.11 -39.99
C TYR C 72 -23.34 26.77 -38.93
N SER C 73 -23.16 27.25 -37.67
CA SER C 73 -24.14 27.00 -36.54
C SER C 73 -23.75 27.86 -35.30
N TRP C 74 -22.45 27.78 -34.92
CA TRP C 74 -21.80 28.50 -33.76
C TRP C 74 -21.62 27.54 -32.54
N ASP C 75 -22.72 26.85 -32.17
CA ASP C 75 -22.79 25.83 -31.07
C ASP C 75 -21.70 24.72 -31.27
N ILE C 76 -20.58 24.86 -30.55
CA ILE C 76 -19.38 23.96 -30.66
C ILE C 76 -18.55 24.20 -29.33
N VAL C 77 -19.13 24.92 -28.29
CA VAL C 77 -18.37 25.26 -27.02
C VAL C 77 -17.66 24.06 -26.31
N GLU C 78 -17.01 24.42 -25.20
CA GLU C 78 -16.23 23.55 -24.28
C GLU C 78 -14.89 22.87 -24.80
N PRO C 79 -14.25 23.10 -26.00
CA PRO C 79 -12.98 22.28 -26.34
C PRO C 79 -11.76 22.47 -25.33
N VAL C 80 -11.49 23.72 -24.89
CA VAL C 80 -10.36 23.99 -23.93
C VAL C 80 -10.51 23.26 -22.54
N THR C 81 -11.73 23.24 -21.92
CA THR C 81 -11.90 22.62 -20.56
C THR C 81 -11.60 21.09 -20.51
N TYR C 82 -12.09 20.27 -21.55
CA TYR C 82 -11.89 18.80 -21.53
C TYR C 82 -10.37 18.41 -21.57
N PHE C 83 -9.51 19.13 -22.39
CA PHE C 83 -8.03 18.86 -22.39
C PHE C 83 -7.41 19.22 -20.98
N ALA C 84 -7.91 20.32 -20.31
CA ALA C 84 -7.40 20.71 -18.94
C ALA C 84 -7.70 19.56 -17.93
N THR C 85 -8.92 18.98 -18.09
CA THR C 85 -9.42 17.84 -17.28
C THR C 85 -8.52 16.58 -17.46
N TYR C 86 -8.07 16.37 -18.73
CA TYR C 86 -7.19 15.22 -19.13
C TYR C 86 -5.86 15.30 -18.32
N SER C 87 -5.34 16.55 -18.15
CA SER C 87 -4.12 16.82 -17.34
C SER C 87 -4.31 16.41 -15.84
N THR C 88 -5.51 16.68 -15.21
CA THR C 88 -5.73 16.32 -13.76
C THR C 88 -5.61 14.77 -13.50
N VAL C 89 -6.19 13.91 -14.41
CA VAL C 89 -6.05 12.38 -14.26
C VAL C 89 -4.51 12.04 -14.31
N ALA C 90 -3.75 12.80 -15.17
CA ALA C 90 -2.24 12.64 -15.26
C ALA C 90 -1.64 12.86 -13.84
N ALA C 91 -2.25 13.81 -13.04
CA ALA C 91 -1.83 14.09 -11.61
C ALA C 91 -1.97 12.77 -10.81
N THR C 92 -3.05 11.98 -11.11
CA THR C 92 -3.34 10.68 -10.45
C THR C 92 -2.17 9.68 -10.63
N PHE C 93 -1.45 9.58 -11.82
CA PHE C 93 -0.32 8.55 -11.93
C PHE C 93 0.77 8.80 -10.81
N GLY C 94 1.07 10.07 -10.55
CA GLY C 94 2.09 10.51 -9.55
C GLY C 94 1.93 10.00 -8.09
N TYR C 95 0.71 9.54 -7.66
CA TYR C 95 0.45 9.08 -6.23
C TYR C 95 1.56 8.14 -5.63
N TYR C 96 1.90 7.14 -6.41
CA TYR C 96 2.84 6.07 -6.11
C TYR C 96 4.31 6.52 -6.35
N LEU C 97 4.56 6.88 -7.62
CA LEU C 97 5.90 7.30 -8.15
C LEU C 97 6.74 8.25 -7.22
N TYR C 98 6.12 8.93 -6.22
CA TYR C 98 6.82 9.95 -5.33
C TYR C 98 8.28 9.58 -4.91
N THR C 99 8.45 8.45 -4.18
CA THR C 99 9.80 8.03 -3.67
C THR C 99 10.83 7.73 -4.86
N GLN C 100 10.48 6.88 -5.90
CA GLN C 100 11.40 6.59 -7.06
C GLN C 100 11.72 7.86 -7.91
N GLN C 101 10.81 8.87 -7.93
CA GLN C 101 10.93 10.09 -8.82
C GLN C 101 12.37 10.71 -8.76
N SER C 102 13.03 10.59 -7.59
CA SER C 102 14.42 11.09 -7.38
C SER C 102 15.47 10.23 -8.16
N PHE C 103 15.26 8.89 -8.24
CA PHE C 103 16.17 7.94 -8.94
C PHE C 103 16.10 8.12 -10.49
N GLU C 104 14.91 8.55 -10.97
CA GLU C 104 14.60 8.69 -12.44
C GLU C 104 15.41 9.82 -13.19
N TYR C 105 15.44 11.09 -12.65
CA TYR C 105 16.10 12.25 -13.37
C TYR C 105 17.66 12.06 -13.56
N PRO C 106 18.48 11.64 -12.54
CA PRO C 106 20.00 11.44 -12.75
C PRO C 106 20.25 10.21 -13.67
N SER C 107 19.30 9.23 -13.58
CA SER C 107 19.34 7.95 -14.36
C SER C 107 20.65 7.15 -14.13
N ALA C 108 21.31 7.43 -12.97
CA ALA C 108 22.59 6.78 -12.56
C ALA C 108 23.69 7.02 -13.63
N ARG C 109 23.94 8.33 -13.90
CA ARG C 109 24.94 8.81 -14.92
C ARG C 109 26.33 8.16 -14.69
N GLU C 110 26.99 8.56 -13.57
CA GLU C 110 28.33 8.04 -13.14
C GLU C 110 29.44 8.31 -14.21
N ARG C 111 29.41 7.51 -15.31
CA ARG C 111 30.37 7.58 -16.46
C ARG C 111 30.36 9.01 -17.09
N VAL C 112 31.38 9.30 -17.96
CA VAL C 112 31.57 10.61 -18.64
C VAL C 112 31.99 11.70 -17.60
N TYR C 113 33.22 11.53 -17.03
CA TYR C 113 33.82 12.46 -16.02
C TYR C 113 32.89 12.69 -14.78
N THR C 114 33.22 12.05 -13.62
CA THR C 114 32.43 12.16 -12.35
C THR C 114 32.53 13.57 -11.73
N LYS C 115 31.73 13.80 -10.65
CA LYS C 115 31.68 15.09 -9.88
C LYS C 115 30.93 14.81 -8.54
N GLN C 116 31.23 15.57 -7.45
CA GLN C 116 30.64 15.36 -6.08
C GLN C 116 30.96 13.91 -5.56
N PHE C 117 31.96 13.25 -6.22
CA PHE C 117 32.43 11.87 -5.91
C PHE C 117 31.28 10.82 -6.09
N TYR C 118 30.33 10.79 -5.13
CA TYR C 118 29.16 9.85 -5.12
C TYR C 118 28.25 10.07 -6.38
N ARG C 119 27.88 11.35 -6.60
CA ARG C 119 27.03 11.82 -7.74
C ARG C 119 25.59 11.23 -7.67
N ARG C 120 25.29 10.44 -6.59
CA ARG C 120 23.94 9.82 -6.36
C ARG C 120 22.83 10.92 -6.36
N ALA C 121 22.79 11.75 -5.28
CA ALA C 121 21.79 12.86 -5.12
C ALA C 121 20.34 12.30 -5.27
N GLN C 122 20.06 11.16 -4.57
CA GLN C 122 18.73 10.47 -4.62
C GLN C 122 18.53 9.58 -3.35
N LYS C 123 17.30 9.63 -2.76
CA LYS C 123 16.89 8.86 -1.53
C LYS C 123 15.44 9.36 -1.14
N GLN C 124 15.40 10.60 -0.58
CA GLN C 124 14.16 11.31 -0.12
C GLN C 124 13.39 10.52 1.00
N ASN C 125 12.83 9.33 0.66
CA ASN C 125 12.04 8.47 1.60
C ASN C 125 10.74 9.19 2.07
N PHE C 126 9.69 8.38 2.37
CA PHE C 126 8.38 8.84 2.87
C PHE C 126 7.56 7.58 3.28
N ASP C 127 7.84 6.40 2.61
CA ASP C 127 7.13 5.11 2.92
C ASP C 127 7.85 3.81 2.37
N ILE C 128 8.48 3.82 1.11
CA ILE C 128 9.08 2.53 0.54
C ILE C 128 10.36 2.09 1.33
N GLU C 129 11.32 3.04 1.48
CA GLU C 129 12.61 2.82 2.20
C GLU C 129 12.34 2.51 3.69
N LYS C 130 11.45 3.31 4.30
CA LYS C 130 11.08 3.23 5.74
C LYS C 130 10.72 1.78 6.21
N TYR C 131 9.80 1.04 5.50
CA TYR C 131 9.46 -0.34 5.87
C TYR C 131 10.61 -1.37 5.56
N ASN C 132 11.17 -1.37 4.30
CA ASN C 132 12.21 -2.40 3.92
C ASN C 132 13.55 -2.18 4.64
N ARG C 133 14.02 -0.94 4.57
CA ARG C 133 15.36 -0.54 5.17
C ARG C 133 15.45 -0.86 6.70
N LEU C 134 14.40 -0.42 7.47
CA LEU C 134 14.37 -0.67 8.96
C LEU C 134 14.27 -2.24 9.23
N VAL C 135 13.39 -2.99 8.46
CA VAL C 135 13.34 -4.49 8.55
C VAL C 135 14.85 -5.01 8.37
N THR C 136 15.70 -4.31 7.54
CA THR C 136 17.12 -4.76 7.31
C THR C 136 17.89 -4.82 8.66
N GLU C 137 17.47 -3.95 9.65
CA GLU C 137 18.05 -4.03 11.07
C GLU C 137 17.92 -5.51 11.54
N VAL C 138 16.76 -6.15 11.10
CA VAL C 138 16.52 -7.62 11.43
C VAL C 138 17.70 -8.47 10.88
N ASP C 139 18.18 -8.10 9.67
CA ASP C 139 19.30 -8.86 8.98
C ASP C 139 20.60 -8.84 9.83
N GLU C 140 20.82 -7.72 10.62
CA GLU C 140 22.03 -7.57 11.47
C GLU C 140 22.00 -8.60 12.64
N LEU C 141 20.80 -8.79 13.30
CA LEU C 141 20.68 -9.81 14.43
C LEU C 141 20.85 -11.24 13.85
N ARG C 142 20.44 -11.46 12.54
CA ARG C 142 20.60 -12.80 11.87
C ARG C 142 22.12 -13.12 11.83
N ASN C 143 23.05 -12.06 11.73
CA ASN C 143 24.54 -12.34 11.77
C ASN C 143 25.00 -12.74 13.21
N GLN C 144 24.44 -12.04 14.24
CA GLN C 144 24.82 -12.29 15.68
C GLN C 144 24.28 -13.68 16.20
N LEU C 145 22.94 -14.00 16.01
CA LEU C 145 22.33 -15.31 16.48
C LEU C 145 23.02 -16.53 15.73
N LYS C 146 23.41 -16.30 14.47
CA LYS C 146 24.16 -17.28 13.61
C LYS C 146 25.48 -17.76 14.32
N ARG C 147 26.36 -16.79 14.84
CA ARG C 147 27.61 -17.24 15.51
C ARG C 147 27.22 -18.05 16.78
N LEU C 148 26.20 -17.57 17.59
CA LEU C 148 25.75 -18.33 18.83
C LEU C 148 25.48 -19.85 18.52
N ARG C 149 24.85 -20.17 17.34
CA ARG C 149 24.53 -21.58 16.96
C ARG C 149 25.81 -22.45 16.86
N ASP C 150 27.01 -21.87 16.50
CA ASP C 150 28.26 -22.73 16.42
C ASP C 150 28.75 -23.32 17.86
N PRO C 151 28.98 -22.56 19.03
CA PRO C 151 29.33 -23.17 20.42
C PRO C 151 28.07 -23.46 21.25
N LEU C 152 28.32 -23.95 22.52
CA LEU C 152 27.33 -24.35 23.59
C LEU C 152 27.51 -25.85 23.92
N GLU C 153 27.56 -26.64 22.85
CA GLU C 153 27.71 -28.13 22.88
C GLU C 153 28.84 -28.60 23.86
N MET D 1 -7.02 -14.52 43.19
CA MET D 1 -6.93 -13.36 42.26
C MET D 1 -5.81 -12.41 42.77
N ALA D 2 -4.61 -12.99 42.99
CA ALA D 2 -3.40 -12.27 43.48
C ALA D 2 -2.94 -11.20 42.43
N ALA D 3 -2.88 -11.65 41.15
CA ALA D 3 -2.48 -10.82 39.98
C ALA D 3 -1.07 -10.19 40.15
N LEU D 4 -0.65 -9.39 39.13
CA LEU D 4 0.67 -8.68 39.09
C LEU D 4 1.87 -9.69 39.12
N SER D 5 2.16 -10.26 40.32
CA SER D 5 3.27 -11.24 40.53
C SER D 5 3.03 -12.00 41.87
N VAL D 6 3.82 -13.08 42.09
CA VAL D 6 3.76 -13.95 43.31
C VAL D 6 4.29 -13.14 44.54
N ASP D 7 5.39 -12.39 44.31
CA ASP D 7 6.06 -11.56 45.35
C ASP D 7 6.99 -10.53 44.64
N GLU D 8 6.96 -9.24 45.08
CA GLU D 8 7.77 -8.13 44.50
C GLU D 8 9.28 -8.32 44.87
N TYR D 9 9.58 -8.26 46.19
CA TYR D 9 10.97 -8.40 46.74
C TYR D 9 11.48 -9.86 46.58
N LYS D 10 11.71 -10.25 45.30
CA LYS D 10 12.21 -11.60 44.89
C LYS D 10 12.65 -11.49 43.39
N LEU D 11 13.91 -11.02 43.16
CA LEU D 11 14.48 -10.83 41.79
C LEU D 11 13.62 -9.78 40.99
N SER D 12 13.98 -8.47 41.13
CA SER D 12 13.29 -7.33 40.48
C SER D 12 14.18 -6.09 40.72
N ARG D 13 15.34 -6.15 40.08
CA ARG D 13 16.40 -5.12 40.13
C ARG D 13 15.99 -3.86 39.29
N GLU D 14 14.67 -3.75 38.95
CA GLU D 14 14.06 -2.63 38.18
C GLU D 14 14.55 -2.57 36.71
N LYS D 15 15.65 -3.29 36.38
CA LYS D 15 16.25 -3.33 35.00
C LYS D 15 15.23 -3.89 33.93
N LYS D 16 14.47 -4.98 34.27
CA LYS D 16 13.48 -5.61 33.33
C LYS D 16 12.38 -4.58 32.92
N LEU D 17 11.92 -3.80 33.93
CA LEU D 17 10.92 -2.71 33.75
C LEU D 17 11.47 -1.58 32.81
N LEU D 18 12.79 -1.24 32.95
CA LEU D 18 13.44 -0.12 32.17
C LEU D 18 13.35 -0.43 30.66
N LEU D 19 13.61 -1.71 30.33
CA LEU D 19 13.49 -2.25 28.94
C LEU D 19 11.96 -2.17 28.48
N GLN D 20 11.00 -2.49 29.42
CA GLN D 20 9.51 -2.39 29.13
C GLN D 20 9.15 -0.91 28.81
N LEU D 21 9.76 0.04 29.56
CA LEU D 21 9.57 1.53 29.37
C LEU D 21 10.03 1.92 27.93
N GLU D 22 11.14 1.28 27.38
CA GLU D 22 11.65 1.62 26.03
C GLU D 22 10.53 1.33 24.99
N ASN D 23 9.77 0.19 25.21
CA ASN D 23 8.62 -0.18 24.31
C ASN D 23 7.53 0.93 24.30
N ALA D 24 7.22 1.48 25.52
CA ALA D 24 6.17 2.54 25.66
C ALA D 24 6.54 3.81 24.84
N GLU D 25 7.85 4.21 24.84
CA GLU D 25 8.34 5.40 24.04
C GLU D 25 8.13 5.16 22.51
N THR D 26 8.44 3.91 22.05
CA THR D 26 8.33 3.51 20.60
C THR D 26 6.89 3.60 20.02
N LEU D 27 5.86 3.18 20.82
CA LEU D 27 4.41 3.18 20.36
C LEU D 27 3.97 4.62 19.99
N LEU D 28 4.44 5.61 20.79
CA LEU D 28 4.10 7.06 20.61
C LEU D 28 2.56 7.27 20.72
N ALA D 29 2.03 6.98 21.94
CA ALA D 29 0.60 7.16 22.32
C ALA D 29 0.49 8.69 22.62
N PRO D 30 1.28 9.27 23.57
CA PRO D 30 1.37 10.79 23.81
C PRO D 30 1.13 11.71 22.55
N LEU D 31 1.97 11.52 21.47
CA LEU D 31 1.84 12.31 20.21
C LEU D 31 0.43 12.04 19.57
N HIS D 32 -0.01 10.75 19.60
CA HIS D 32 -1.38 10.36 19.07
C HIS D 32 -2.48 11.09 19.92
N ASP D 33 -2.25 11.12 21.27
CA ASP D 33 -3.11 11.84 22.26
C ASP D 33 -3.11 13.36 21.93
N ALA D 34 -1.92 13.89 21.49
CA ALA D 34 -1.76 15.34 21.11
C ALA D 34 -2.75 15.69 19.95
N LYS D 35 -2.95 14.74 18.97
CA LYS D 35 -3.91 14.96 17.83
C LYS D 35 -5.34 15.20 18.42
N ARG D 36 -5.70 14.41 19.48
CA ARG D 36 -7.05 14.55 20.17
C ARG D 36 -7.22 16.00 20.77
N LYS D 37 -6.12 16.57 21.33
CA LYS D 37 -6.12 17.92 22.00
C LYS D 37 -6.54 19.11 21.04
N ILE D 38 -6.05 19.09 19.75
CA ILE D 38 -6.31 20.19 18.72
C ILE D 38 -7.48 19.81 17.77
N GLU D 39 -8.10 18.63 17.98
CA GLU D 39 -9.24 18.08 17.14
C GLU D 39 -10.23 19.16 16.55
N GLN D 40 -10.45 20.26 17.32
CA GLN D 40 -11.37 21.39 16.92
C GLN D 40 -10.81 22.17 15.69
N GLU D 41 -9.46 22.26 15.63
CA GLU D 41 -8.69 23.00 14.56
C GLU D 41 -8.25 22.04 13.42
N ALA D 42 -8.60 20.72 13.50
CA ALA D 42 -8.24 19.68 12.47
C ALA D 42 -8.67 20.02 11.01
N GLU D 43 -9.31 21.21 10.77
CA GLU D 43 -9.72 21.67 9.40
C GLU D 43 -8.47 21.84 8.46
N ALA D 44 -7.25 21.56 9.00
CA ALA D 44 -5.96 21.64 8.28
C ALA D 44 -6.01 20.84 6.94
N HIS D 45 -6.93 19.84 6.88
CA HIS D 45 -7.17 18.99 5.67
C HIS D 45 -8.21 19.71 4.78
N THR D 46 -9.37 20.05 5.41
CA THR D 46 -10.52 20.72 4.74
C THR D 46 -10.10 22.03 3.98
N ASP D 47 -9.30 22.88 4.67
CA ASP D 47 -8.82 24.18 4.12
C ASP D 47 -7.73 23.98 3.02
N ARG D 48 -7.15 22.73 2.91
CA ARG D 48 -6.08 22.39 1.90
C ARG D 48 -6.73 21.87 0.59
N VAL D 49 -7.93 21.26 0.68
CA VAL D 49 -8.71 20.76 -0.50
C VAL D 49 -9.47 21.99 -1.06
N ALA D 50 -9.61 23.05 -0.21
CA ALA D 50 -10.27 24.34 -0.57
C ALA D 50 -9.42 25.10 -1.60
N TRP D 51 -8.14 24.62 -1.86
CA TRP D 51 -7.22 25.25 -2.88
C TRP D 51 -7.98 25.39 -4.24
N ALA D 52 -8.82 24.36 -4.45
CA ALA D 52 -9.67 24.18 -5.65
C ALA D 52 -10.91 25.12 -5.64
N GLY D 53 -11.22 25.72 -4.47
CA GLY D 53 -12.40 26.63 -4.29
C GLY D 53 -12.34 27.90 -5.17
N PHE D 54 -11.10 28.42 -5.39
CA PHE D 54 -10.88 29.67 -6.20
C PHE D 54 -11.02 29.38 -7.72
N ALA D 55 -10.75 28.11 -8.14
CA ALA D 55 -10.80 27.68 -9.57
C ALA D 55 -12.25 27.71 -10.13
N ALA D 56 -13.20 27.13 -9.36
CA ALA D 56 -14.64 27.02 -9.74
C ALA D 56 -15.39 28.37 -9.59
N SER D 57 -14.87 29.27 -8.71
CA SER D 57 -15.50 30.60 -8.41
C SER D 57 -15.43 31.56 -9.61
N GLY D 58 -14.40 31.37 -10.46
CA GLY D 58 -14.15 32.24 -11.66
C GLY D 58 -15.33 32.29 -12.67
N VAL D 59 -15.82 31.08 -13.08
CA VAL D 59 -16.92 30.94 -14.10
C VAL D 59 -18.32 31.24 -13.55
N GLN D 60 -18.49 31.13 -12.22
CA GLN D 60 -19.81 31.30 -11.53
C GLN D 60 -20.62 32.54 -12.07
N THR D 61 -19.87 33.56 -12.56
CA THR D 61 -20.43 34.79 -13.19
C THR D 61 -20.95 34.47 -14.62
N GLY D 62 -20.12 33.69 -15.35
CA GLY D 62 -20.34 33.25 -16.76
C GLY D 62 -21.78 32.85 -17.13
N LEU D 63 -22.56 32.40 -16.14
CA LEU D 63 -24.01 31.97 -16.29
C LEU D 63 -24.85 33.19 -16.83
N PHE D 64 -24.48 34.39 -16.32
CA PHE D 64 -25.11 35.69 -16.67
C PHE D 64 -25.00 35.91 -18.21
N ALA D 65 -23.83 35.51 -18.79
CA ALA D 65 -23.55 35.64 -20.25
C ALA D 65 -24.61 34.86 -21.10
N ARG D 66 -25.05 33.62 -20.64
CA ARG D 66 -26.08 32.82 -21.41
C ARG D 66 -27.40 33.65 -21.50
N LEU D 67 -27.77 34.33 -20.37
CA LEU D 67 -28.99 35.20 -20.32
C LEU D 67 -28.88 36.41 -21.31
N THR D 68 -27.66 37.02 -21.41
CA THR D 68 -27.37 38.21 -22.26
C THR D 68 -27.57 37.95 -23.79
N TRP D 69 -27.15 36.74 -24.29
CA TRP D 69 -27.21 36.37 -25.75
C TRP D 69 -28.24 35.28 -26.06
N TRP D 70 -29.41 35.37 -25.39
CA TRP D 70 -30.56 34.41 -25.55
C TRP D 70 -31.15 34.40 -27.04
N GLU D 71 -30.32 34.65 -28.13
CA GLU D 71 -30.79 34.67 -29.57
C GLU D 71 -29.78 33.90 -30.52
N TYR D 72 -28.47 33.78 -30.15
CA TYR D 72 -27.43 33.11 -30.99
C TYR D 72 -27.85 31.66 -31.42
N SER D 73 -28.16 30.81 -30.40
CA SER D 73 -28.59 29.38 -30.59
C SER D 73 -29.14 28.84 -29.25
N TRP D 74 -28.41 29.15 -28.16
CA TRP D 74 -28.73 28.82 -26.72
C TRP D 74 -28.10 27.50 -26.25
N ASP D 75 -28.14 26.46 -27.14
CA ASP D 75 -27.52 25.12 -26.84
C ASP D 75 -26.00 25.32 -26.58
N ILE D 76 -25.69 25.68 -25.33
CA ILE D 76 -24.33 26.02 -24.83
C ILE D 76 -24.36 25.64 -23.32
N VAL D 77 -25.51 25.06 -22.81
CA VAL D 77 -25.70 24.71 -21.37
C VAL D 77 -24.53 23.88 -20.75
N GLU D 78 -24.72 23.61 -19.46
CA GLU D 78 -23.81 22.90 -18.55
C GLU D 78 -22.27 23.34 -18.51
N PRO D 79 -21.80 24.61 -18.78
CA PRO D 79 -20.29 24.94 -18.71
C PRO D 79 -19.71 24.68 -17.30
N VAL D 80 -20.56 25.09 -16.36
CA VAL D 80 -20.27 25.08 -14.90
C VAL D 80 -19.96 23.69 -14.33
N THR D 81 -20.71 22.62 -14.74
CA THR D 81 -20.46 21.26 -14.22
C THR D 81 -19.02 20.76 -14.52
N TYR D 82 -18.44 21.04 -15.75
CA TYR D 82 -17.06 20.53 -16.08
C TYR D 82 -16.04 21.10 -15.05
N PHE D 83 -16.18 22.41 -14.72
CA PHE D 83 -15.31 23.05 -13.66
C PHE D 83 -15.54 22.37 -12.27
N ALA D 84 -16.83 22.03 -11.93
CA ALA D 84 -17.15 21.34 -10.63
C ALA D 84 -16.41 19.95 -10.56
N THR D 85 -16.40 19.18 -11.70
CA THR D 85 -15.69 17.85 -11.81
C THR D 85 -14.17 18.06 -11.55
N TYR D 86 -13.58 19.20 -12.03
CA TYR D 86 -12.12 19.51 -11.85
C TYR D 86 -11.79 19.53 -10.32
N SER D 87 -12.72 20.14 -9.52
CA SER D 87 -12.60 20.16 -8.03
C SER D 87 -12.64 18.73 -7.39
N THR D 88 -13.55 17.83 -7.90
CA THR D 88 -13.69 16.43 -7.32
C THR D 88 -12.37 15.60 -7.43
N VAL D 89 -11.66 15.69 -8.61
CA VAL D 89 -10.31 15.01 -8.81
C VAL D 89 -9.36 15.59 -7.70
N ALA D 90 -9.54 16.91 -7.34
CA ALA D 90 -8.75 17.52 -6.21
C ALA D 90 -9.02 16.67 -4.88
N ALA D 91 -10.31 16.17 -4.66
CA ALA D 91 -10.64 15.32 -3.43
C ALA D 91 -9.73 14.06 -3.42
N THR D 92 -9.54 13.48 -4.64
CA THR D 92 -8.68 12.28 -4.88
C THR D 92 -7.21 12.53 -4.49
N PHE D 93 -6.63 13.77 -4.74
CA PHE D 93 -5.17 14.06 -4.41
C PHE D 93 -4.90 13.76 -2.92
N GLY D 94 -5.91 14.05 -2.10
CA GLY D 94 -5.89 13.84 -0.64
C GLY D 94 -5.22 12.50 -0.16
N TYR D 95 -5.59 11.34 -0.77
CA TYR D 95 -5.07 9.95 -0.36
C TYR D 95 -3.55 9.90 0.03
N TYR D 96 -2.78 10.86 -0.49
CA TYR D 96 -1.33 10.98 -0.30
C TYR D 96 -1.00 11.67 1.05
N LEU D 97 -1.46 12.93 1.18
CA LEU D 97 -1.16 13.84 2.34
C LEU D 97 -1.84 13.56 3.76
N TYR D 98 -2.92 12.69 3.93
CA TYR D 98 -3.64 12.60 5.30
C TYR D 98 -2.68 12.50 6.56
N THR D 99 -1.91 11.39 6.66
CA THR D 99 -0.99 11.14 7.83
C THR D 99 0.25 12.11 7.79
N GLN D 100 0.93 12.23 6.62
CA GLN D 100 2.11 13.16 6.38
C GLN D 100 1.82 14.65 6.82
N GLN D 101 0.52 15.05 6.85
CA GLN D 101 0.05 16.47 7.06
C GLN D 101 0.82 17.22 8.22
N SER D 102 1.29 16.48 9.25
CA SER D 102 2.05 17.09 10.39
C SER D 102 3.42 17.68 9.93
N PHE D 103 4.04 17.08 8.87
CA PHE D 103 5.36 17.53 8.33
C PHE D 103 5.22 18.91 7.60
N GLU D 104 4.08 19.09 6.91
CA GLU D 104 3.76 20.30 6.10
C GLU D 104 3.45 21.58 6.98
N TYR D 105 2.86 21.38 8.19
CA TYR D 105 2.39 22.51 9.09
C TYR D 105 3.47 23.65 9.36
N PRO D 106 4.75 23.36 9.74
CA PRO D 106 5.79 24.47 10.04
C PRO D 106 6.20 25.24 8.76
N SER D 107 7.37 25.93 8.84
CA SER D 107 7.97 26.73 7.74
C SER D 107 9.40 27.12 8.17
N ALA D 108 9.50 27.68 9.39
CA ALA D 108 10.78 28.14 10.02
C ALA D 108 10.52 28.44 11.53
N ARG D 109 9.50 27.76 12.11
CA ARG D 109 9.10 27.89 13.55
C ARG D 109 10.26 27.45 14.50
N GLU D 110 11.21 26.66 13.93
CA GLU D 110 12.41 26.14 14.65
C GLU D 110 13.36 25.50 13.60
N ARG D 111 14.67 25.37 13.95
CA ARG D 111 15.72 24.79 13.05
C ARG D 111 16.96 24.44 13.89
N VAL D 112 17.29 25.33 14.86
CA VAL D 112 18.45 25.19 15.78
C VAL D 112 18.28 26.16 16.99
N TYR D 113 18.93 25.83 18.13
CA TYR D 113 18.91 26.63 19.39
C TYR D 113 17.45 26.81 19.96
N THR D 114 17.22 26.28 21.19
CA THR D 114 15.91 26.37 21.92
C THR D 114 14.70 25.83 21.09
N LYS D 115 14.48 24.48 21.13
CA LYS D 115 13.36 23.79 20.44
C LYS D 115 12.05 24.02 21.26
N GLN D 116 10.90 23.51 20.72
CA GLN D 116 9.56 23.60 21.40
C GLN D 116 9.55 22.70 22.66
N PHE D 117 8.35 22.52 23.28
CA PHE D 117 8.16 21.66 24.49
C PHE D 117 8.37 20.17 24.10
N TYR D 118 7.97 19.22 25.00
CA TYR D 118 8.07 17.75 24.76
C TYR D 118 7.07 17.37 23.62
N ARG D 119 7.49 17.66 22.35
CA ARG D 119 6.67 17.43 21.13
C ARG D 119 7.63 17.25 19.91
N ARG D 120 7.89 15.99 19.48
CA ARG D 120 8.80 15.64 18.35
C ARG D 120 8.12 15.93 16.98
N ALA D 121 7.03 16.76 16.99
CA ALA D 121 6.25 17.16 15.78
C ALA D 121 5.71 15.89 15.01
N GLN D 122 4.50 15.41 15.40
CA GLN D 122 3.85 14.21 14.79
C GLN D 122 2.35 14.22 15.23
N LYS D 123 1.41 14.40 14.26
CA LYS D 123 -0.07 14.43 14.47
C LYS D 123 -0.74 13.71 13.27
N GLN D 124 -2.01 13.25 13.46
CA GLN D 124 -2.82 12.52 12.43
C GLN D 124 -2.08 11.21 11.97
N ASN D 125 -2.53 9.97 12.38
CA ASN D 125 -1.83 8.69 12.02
C ASN D 125 -2.77 7.50 12.37
N PHE D 126 -2.86 6.47 11.46
CA PHE D 126 -3.71 5.26 11.68
C PHE D 126 -3.20 4.07 10.84
N ASP D 127 -1.97 4.19 10.21
CA ASP D 127 -1.38 3.09 9.37
C ASP D 127 0.17 3.25 9.10
N ILE D 128 0.74 4.49 8.80
CA ILE D 128 2.24 4.58 8.50
C ILE D 128 3.07 4.31 9.81
N GLU D 129 2.67 5.04 10.86
CA GLU D 129 3.34 5.09 12.18
C GLU D 129 3.42 3.71 12.92
N LYS D 130 2.28 3.00 13.06
CA LYS D 130 2.21 1.70 13.84
C LYS D 130 3.13 0.59 13.27
N TYR D 131 3.07 0.33 11.94
CA TYR D 131 3.88 -0.72 11.29
C TYR D 131 5.42 -0.47 11.42
N ASN D 132 5.92 0.74 11.03
CA ASN D 132 7.40 0.99 11.05
C ASN D 132 7.99 1.13 12.48
N ARG D 133 7.40 2.02 13.25
CA ARG D 133 7.93 2.32 14.65
C ARG D 133 8.05 1.02 15.52
N LEU D 134 6.96 0.25 15.57
CA LEU D 134 6.91 -1.01 16.39
C LEU D 134 8.01 -2.04 15.82
N VAL D 135 8.24 -2.09 14.45
CA VAL D 135 9.38 -2.92 13.87
C VAL D 135 10.73 -2.43 14.57
N THR D 136 10.85 -1.08 14.89
CA THR D 136 12.05 -0.51 15.63
C THR D 136 12.25 -1.28 16.96
N GLU D 137 11.13 -1.81 17.53
CA GLU D 137 11.22 -2.66 18.78
C GLU D 137 12.20 -3.85 18.49
N VAL D 138 12.17 -4.37 17.20
CA VAL D 138 13.18 -5.46 16.77
C VAL D 138 14.63 -4.90 16.88
N ASP D 139 14.78 -3.57 16.69
CA ASP D 139 16.15 -2.92 16.76
C ASP D 139 16.80 -3.09 18.19
N GLU D 140 15.98 -2.94 19.28
CA GLU D 140 16.48 -3.08 20.68
C GLU D 140 16.78 -4.58 20.95
N LEU D 141 16.00 -5.48 20.27
CA LEU D 141 16.20 -6.97 20.34
C LEU D 141 17.67 -7.28 19.90
N ARG D 142 18.14 -6.48 18.91
CA ARG D 142 19.54 -6.55 18.36
C ARG D 142 20.52 -6.24 19.51
N ASN D 143 20.13 -5.33 20.50
CA ASN D 143 21.12 -5.00 21.62
C ASN D 143 21.33 -6.19 22.64
N GLN D 144 20.21 -6.76 23.15
CA GLN D 144 20.25 -7.84 24.19
C GLN D 144 20.97 -9.17 23.71
N LEU D 145 20.60 -9.79 22.50
CA LEU D 145 21.32 -11.06 22.05
C LEU D 145 22.81 -10.77 21.82
N LYS D 146 23.18 -9.52 21.40
CA LYS D 146 24.61 -9.13 21.19
C LYS D 146 25.45 -9.54 22.45
N ARG D 147 24.94 -9.16 23.72
CA ARG D 147 25.72 -9.51 24.96
C ARG D 147 25.85 -11.05 25.06
N LEU D 148 24.73 -11.85 24.87
CA LEU D 148 24.83 -13.37 24.91
C LEU D 148 25.96 -13.96 23.99
N ARG D 149 26.19 -13.36 22.80
CA ARG D 149 27.20 -13.88 21.81
C ARG D 149 28.67 -13.71 22.28
N ASP D 150 29.02 -12.67 23.11
CA ASP D 150 30.49 -12.50 23.56
C ASP D 150 31.03 -13.76 24.44
N PRO D 151 30.35 -14.22 25.55
CA PRO D 151 30.81 -15.45 26.39
C PRO D 151 30.30 -16.81 25.79
N LEU D 152 30.20 -17.86 26.64
CA LEU D 152 29.73 -19.26 26.29
C LEU D 152 30.84 -20.07 25.58
N GLU D 153 31.69 -19.37 24.84
CA GLU D 153 32.85 -19.95 24.09
C GLU D 153 34.00 -20.32 25.05
N MET E 1 -10.68 -33.18 48.08
CA MET E 1 -10.91 -33.19 46.60
C MET E 1 -11.69 -31.91 46.21
N ALA E 2 -11.82 -31.67 44.87
CA ALA E 2 -12.54 -30.50 44.29
C ALA E 2 -12.71 -30.73 42.76
N ALA E 3 -13.60 -29.92 42.13
CA ALA E 3 -13.90 -29.99 40.66
C ALA E 3 -12.66 -29.51 39.84
N LEU E 4 -12.08 -28.35 40.27
CA LEU E 4 -10.87 -27.74 39.62
C LEU E 4 -9.62 -28.58 39.98
N SER E 5 -8.47 -28.28 39.32
CA SER E 5 -7.17 -28.98 39.54
C SER E 5 -6.58 -28.58 40.91
N VAL E 6 -5.59 -29.37 41.41
CA VAL E 6 -4.91 -29.13 42.72
C VAL E 6 -3.61 -30.01 42.76
N ASP E 7 -2.59 -29.55 43.54
CA ASP E 7 -1.28 -30.24 43.71
C ASP E 7 -0.52 -30.38 42.35
N GLU E 8 -0.96 -31.36 41.50
CA GLU E 8 -0.37 -31.63 40.15
C GLU E 8 -0.52 -30.38 39.23
N TYR E 9 0.07 -30.48 38.01
CA TYR E 9 0.06 -29.41 36.97
C TYR E 9 0.70 -28.08 37.50
N LYS E 10 -0.09 -27.27 38.25
CA LYS E 10 0.34 -25.96 38.82
C LYS E 10 1.41 -26.20 39.95
N LEU E 11 2.56 -25.45 39.90
CA LEU E 11 3.66 -25.54 40.91
C LEU E 11 4.62 -24.33 40.71
N SER E 12 4.98 -24.07 39.43
CA SER E 12 5.90 -22.96 39.04
C SER E 12 5.88 -22.78 37.49
N ARG E 13 6.12 -23.90 36.76
CA ARG E 13 6.16 -23.96 35.26
C ARG E 13 4.95 -23.29 34.56
N GLU E 14 3.88 -22.99 35.34
CA GLU E 14 2.61 -22.36 34.85
C GLU E 14 2.87 -21.05 34.06
N LYS E 15 4.05 -20.42 34.27
CA LYS E 15 4.44 -19.14 33.58
C LYS E 15 4.52 -19.34 32.02
N LYS E 16 5.10 -20.50 31.58
CA LYS E 16 5.28 -20.83 30.13
C LYS E 16 3.90 -20.92 29.40
N LEU E 17 2.93 -21.57 30.11
CA LEU E 17 1.51 -21.74 29.64
C LEU E 17 0.86 -20.35 29.44
N LEU E 18 1.17 -19.41 30.38
CA LEU E 18 0.60 -18.02 30.37
C LEU E 18 1.00 -17.29 29.03
N LEU E 19 2.29 -17.45 28.57
CA LEU E 19 2.74 -16.86 27.25
C LEU E 19 1.94 -17.46 26.05
N GLN E 20 1.64 -18.80 26.08
CA GLN E 20 0.86 -19.45 24.97
C GLN E 20 -0.54 -18.75 24.86
N LEU E 21 -1.18 -18.42 26.03
CA LEU E 21 -2.49 -17.67 26.05
C LEU E 21 -2.31 -16.24 25.41
N GLU E 22 -1.15 -15.50 25.69
CA GLU E 22 -0.92 -14.15 25.10
C GLU E 22 -0.84 -14.27 23.55
N ASN E 23 -0.13 -15.34 23.09
CA ASN E 23 0.06 -15.64 21.64
C ASN E 23 -1.30 -15.90 20.93
N ALA E 24 -2.19 -16.66 21.62
CA ALA E 24 -3.54 -17.00 21.11
C ALA E 24 -4.41 -15.71 20.92
N GLU E 25 -4.33 -14.74 21.90
CA GLU E 25 -5.10 -13.45 21.83
C GLU E 25 -4.67 -12.60 20.59
N THR E 26 -3.31 -12.53 20.38
CA THR E 26 -2.69 -11.74 19.27
C THR E 26 -3.09 -12.26 17.87
N LEU E 27 -3.15 -13.62 17.73
CA LEU E 27 -3.53 -14.34 16.47
C LEU E 27 -4.98 -13.96 16.06
N LEU E 28 -5.85 -13.88 17.10
CA LEU E 28 -7.31 -13.60 17.04
C LEU E 28 -8.06 -14.23 15.79
N ALA E 29 -8.92 -15.24 16.09
CA ALA E 29 -9.80 -15.95 15.12
C ALA E 29 -11.16 -16.02 15.90
N PRO E 30 -11.21 -16.56 17.17
CA PRO E 30 -12.50 -16.50 18.03
C PRO E 30 -13.01 -15.04 18.22
N LEU E 31 -12.10 -14.21 18.79
CA LEU E 31 -12.31 -12.77 19.10
C LEU E 31 -12.57 -11.98 17.80
N HIS E 32 -11.85 -12.35 16.71
CA HIS E 32 -12.00 -11.66 15.36
C HIS E 32 -13.46 -11.78 14.89
N ASP E 33 -14.10 -12.98 15.12
CA ASP E 33 -15.53 -13.20 14.71
C ASP E 33 -16.47 -12.15 15.42
N ALA E 34 -16.24 -11.82 16.73
CA ALA E 34 -17.05 -10.79 17.46
C ALA E 34 -16.86 -9.37 16.80
N LYS E 35 -15.58 -9.03 16.42
CA LYS E 35 -15.20 -7.75 15.72
C LYS E 35 -15.89 -7.68 14.31
N ARG E 36 -15.94 -8.87 13.66
CA ARG E 36 -16.54 -9.12 12.31
C ARG E 36 -18.05 -8.75 12.30
N LYS E 37 -18.74 -8.99 13.44
CA LYS E 37 -20.23 -8.83 13.58
C LYS E 37 -20.71 -7.40 13.14
N ILE E 38 -19.94 -6.33 13.47
CA ILE E 38 -20.30 -4.90 13.06
C ILE E 38 -20.52 -4.80 11.51
N GLU E 39 -20.07 -5.83 10.72
CA GLU E 39 -20.24 -5.85 9.22
C GLU E 39 -21.75 -5.79 8.85
N GLN E 40 -22.61 -6.26 9.79
CA GLN E 40 -24.09 -6.25 9.65
C GLN E 40 -24.62 -4.81 9.93
N GLU E 41 -24.23 -4.26 11.12
CA GLU E 41 -24.61 -2.89 11.58
C GLU E 41 -23.91 -1.80 10.72
N ALA E 42 -23.11 -2.22 9.69
CA ALA E 42 -22.33 -1.31 8.80
C ALA E 42 -23.15 -0.09 8.25
N GLU E 43 -24.51 -0.12 8.39
CA GLU E 43 -25.42 0.98 7.97
C GLU E 43 -25.09 2.32 8.70
N ALA E 44 -24.18 2.22 9.72
CA ALA E 44 -23.71 3.34 10.56
C ALA E 44 -23.03 4.48 9.72
N HIS E 45 -21.89 4.13 9.09
CA HIS E 45 -21.03 5.03 8.30
C HIS E 45 -21.63 5.42 6.92
N THR E 46 -22.57 4.60 6.37
CA THR E 46 -23.17 4.86 5.02
C THR E 46 -23.72 6.31 4.86
N ASP E 47 -23.91 7.02 6.01
CA ASP E 47 -24.41 8.43 6.04
C ASP E 47 -23.39 9.39 5.32
N ARG E 48 -22.09 8.96 5.29
CA ARG E 48 -20.96 9.74 4.66
C ARG E 48 -20.84 9.39 3.16
N VAL E 49 -21.23 8.14 2.78
CA VAL E 49 -21.20 7.65 1.37
C VAL E 49 -22.53 8.11 0.71
N ALA E 50 -23.55 8.42 1.56
CA ALA E 50 -24.89 8.92 1.13
C ALA E 50 -24.76 10.36 0.56
N TRP E 51 -23.58 11.04 0.81
CA TRP E 51 -23.31 12.44 0.27
C TRP E 51 -23.53 12.45 -1.28
N ALA E 52 -23.39 11.24 -1.86
CA ALA E 52 -23.57 10.94 -3.29
C ALA E 52 -25.06 11.13 -3.74
N GLY E 53 -26.01 10.76 -2.83
CA GLY E 53 -27.48 10.85 -3.08
C GLY E 53 -28.00 12.31 -3.22
N PHE E 54 -27.57 13.22 -2.30
CA PHE E 54 -28.01 14.65 -2.31
C PHE E 54 -27.45 15.42 -3.55
N ALA E 55 -26.28 14.98 -4.06
CA ALA E 55 -25.59 15.62 -5.22
C ALA E 55 -26.44 15.50 -6.53
N ALA E 56 -26.94 14.27 -6.81
CA ALA E 56 -27.75 13.96 -8.02
C ALA E 56 -29.19 14.50 -7.90
N SER E 57 -29.75 14.50 -6.65
CA SER E 57 -31.15 14.95 -6.37
C SER E 57 -31.45 16.40 -6.85
N GLY E 58 -30.39 17.24 -6.94
CA GLY E 58 -30.53 18.66 -7.36
C GLY E 58 -31.19 18.85 -8.75
N VAL E 59 -30.60 18.19 -9.78
CA VAL E 59 -31.05 18.26 -11.22
C VAL E 59 -32.31 17.43 -11.57
N GLN E 60 -32.66 16.35 -10.80
CA GLN E 60 -33.86 15.47 -11.13
C GLN E 60 -35.15 16.32 -11.45
N THR E 61 -35.27 17.49 -10.78
CA THR E 61 -36.42 18.44 -10.98
C THR E 61 -36.27 19.22 -12.31
N GLY E 62 -35.01 19.33 -12.77
CA GLY E 62 -34.61 20.04 -14.02
C GLY E 62 -35.24 19.47 -15.31
N LEU E 63 -35.53 18.14 -15.31
CA LEU E 63 -36.15 17.44 -16.50
C LEU E 63 -37.56 18.06 -16.87
N PHE E 64 -38.33 18.40 -15.81
CA PHE E 64 -39.70 19.01 -15.94
C PHE E 64 -39.61 20.35 -16.72
N ALA E 65 -38.53 21.12 -16.45
CA ALA E 65 -38.24 22.43 -17.11
C ALA E 65 -38.10 22.26 -18.67
N ARG E 66 -37.46 21.13 -19.12
CA ARG E 66 -37.25 20.83 -20.60
C ARG E 66 -38.64 20.72 -21.29
N LEU E 67 -39.62 20.06 -20.60
CA LEU E 67 -41.02 19.93 -21.13
C LEU E 67 -41.69 21.36 -21.27
N THR E 68 -41.44 22.27 -20.27
CA THR E 68 -42.04 23.64 -20.23
C THR E 68 -41.66 24.58 -21.46
N TRP E 69 -40.36 24.56 -21.93
CA TRP E 69 -39.86 25.44 -23.07
C TRP E 69 -39.50 24.62 -24.32
N TRP E 70 -40.07 23.41 -24.42
CA TRP E 70 -39.83 22.44 -25.53
C TRP E 70 -39.76 23.06 -26.97
N GLU E 71 -40.36 24.27 -27.18
CA GLU E 71 -40.44 24.95 -28.52
C GLU E 71 -39.18 25.77 -28.97
N TYR E 72 -38.34 26.41 -28.05
CA TYR E 72 -37.20 27.26 -28.50
C TYR E 72 -36.13 26.49 -29.35
N SER E 73 -35.63 25.33 -28.83
CA SER E 73 -34.56 24.50 -29.53
C SER E 73 -34.61 23.01 -29.12
N TRP E 74 -34.84 22.76 -27.80
CA TRP E 74 -34.90 21.41 -27.17
C TRP E 74 -33.51 20.76 -27.02
N ASP E 75 -32.64 20.96 -28.04
CA ASP E 75 -31.23 20.43 -28.07
C ASP E 75 -30.51 21.03 -26.83
N ILE E 76 -30.66 20.33 -25.69
CA ILE E 76 -30.19 20.76 -24.33
C ILE E 76 -30.20 19.44 -23.48
N VAL E 77 -30.47 18.23 -24.13
CA VAL E 77 -30.53 16.92 -23.40
C VAL E 77 -29.17 16.56 -22.79
N GLU E 78 -29.07 15.33 -22.21
CA GLU E 78 -27.85 14.77 -21.59
C GLU E 78 -27.42 15.36 -20.14
N PRO E 79 -28.06 16.38 -19.43
CA PRO E 79 -27.46 16.95 -18.11
C PRO E 79 -27.31 15.94 -16.95
N VAL E 80 -28.35 15.12 -16.80
CA VAL E 80 -28.48 14.20 -15.63
C VAL E 80 -27.31 13.20 -15.49
N THR E 81 -26.78 12.57 -16.59
CA THR E 81 -25.68 11.59 -16.42
C THR E 81 -24.34 12.15 -15.81
N TYR E 82 -23.80 13.41 -16.20
CA TYR E 82 -22.50 13.89 -15.58
C TYR E 82 -22.70 13.99 -14.05
N PHE E 83 -23.91 14.46 -13.63
CA PHE E 83 -24.22 14.56 -12.17
C PHE E 83 -24.12 13.10 -11.56
N ALA E 84 -24.57 12.04 -12.33
CA ALA E 84 -24.39 10.60 -11.89
C ALA E 84 -22.85 10.29 -11.77
N THR E 85 -22.01 10.83 -12.73
CA THR E 85 -20.50 10.65 -12.70
C THR E 85 -19.93 11.26 -11.39
N TYR E 86 -20.51 12.41 -10.91
CA TYR E 86 -20.06 13.11 -9.64
C TYR E 86 -20.17 12.05 -8.47
N SER E 87 -21.26 11.24 -8.56
CA SER E 87 -21.51 10.08 -7.63
C SER E 87 -20.30 9.06 -7.72
N THR E 88 -19.74 8.86 -8.96
CA THR E 88 -18.61 7.87 -9.21
C THR E 88 -17.38 8.20 -8.32
N VAL E 89 -17.08 9.51 -8.23
CA VAL E 89 -15.92 10.04 -7.42
C VAL E 89 -16.13 9.58 -5.95
N ALA E 90 -17.43 9.58 -5.49
CA ALA E 90 -17.76 9.13 -4.08
C ALA E 90 -17.30 7.65 -3.88
N ALA E 91 -17.48 6.78 -4.94
CA ALA E 91 -17.04 5.32 -4.88
C ALA E 91 -15.50 5.24 -4.62
N THR E 92 -14.70 6.15 -5.30
CA THR E 92 -13.21 6.18 -5.16
C THR E 92 -12.77 6.50 -3.72
N PHE E 93 -13.46 7.46 -3.01
CA PHE E 93 -13.05 7.87 -1.59
C PHE E 93 -13.07 6.59 -0.68
N GLY E 94 -14.08 5.76 -0.93
CA GLY E 94 -14.34 4.49 -0.24
C GLY E 94 -13.16 3.49 -0.07
N TYR E 95 -12.02 3.61 -0.85
CA TYR E 95 -10.91 2.55 -0.80
C TYR E 95 -10.46 2.17 0.66
N TYR E 96 -9.86 3.12 1.49
CA TYR E 96 -9.46 2.82 2.92
C TYR E 96 -10.64 2.95 3.89
N LEU E 97 -11.74 3.75 3.58
CA LEU E 97 -12.89 3.88 4.55
C LEU E 97 -13.47 2.48 4.95
N TYR E 98 -13.16 1.39 4.15
CA TYR E 98 -13.77 0.04 4.40
C TYR E 98 -13.52 -0.51 5.84
N THR E 99 -12.22 -0.74 6.27
CA THR E 99 -11.92 -1.24 7.67
C THR E 99 -12.19 -0.09 8.73
N GLN E 100 -11.65 1.14 8.53
CA GLN E 100 -11.85 2.33 9.45
C GLN E 100 -13.34 2.61 9.87
N GLN E 101 -14.35 2.19 9.06
CA GLN E 101 -15.81 2.59 9.27
C GLN E 101 -16.31 2.47 10.76
N SER E 102 -15.76 1.54 11.57
CA SER E 102 -16.13 1.36 13.02
C SER E 102 -15.63 2.56 13.88
N PHE E 103 -14.52 3.22 13.44
CA PHE E 103 -13.82 4.31 14.21
C PHE E 103 -14.77 5.42 14.79
N GLU E 104 -15.94 5.66 14.15
CA GLU E 104 -16.91 6.72 14.61
C GLU E 104 -17.64 6.37 15.96
N TYR E 105 -18.01 5.08 16.19
CA TYR E 105 -18.80 4.63 17.42
C TYR E 105 -18.00 4.78 18.78
N PRO E 106 -16.73 4.27 18.93
CA PRO E 106 -15.91 4.38 20.23
C PRO E 106 -15.92 5.76 20.99
N SER E 107 -15.00 5.88 21.96
CA SER E 107 -14.83 7.06 22.86
C SER E 107 -15.98 7.11 23.90
N ALA E 108 -16.91 6.12 23.82
CA ALA E 108 -18.08 5.98 24.74
C ALA E 108 -18.92 7.29 24.81
N ARG E 109 -18.99 7.96 23.64
CA ARG E 109 -19.72 9.25 23.44
C ARG E 109 -19.09 10.39 24.31
N GLU E 110 -19.34 10.34 25.65
CA GLU E 110 -18.82 11.34 26.64
C GLU E 110 -18.99 10.76 28.08
N ARG E 111 -17.93 10.13 28.64
CA ARG E 111 -17.91 9.53 30.04
C ARG E 111 -16.47 9.68 30.63
N VAL E 112 -15.44 9.75 29.73
CA VAL E 112 -13.99 9.89 30.08
C VAL E 112 -13.56 9.04 31.35
N TYR E 113 -13.58 7.69 31.21
CA TYR E 113 -13.21 6.73 32.29
C TYR E 113 -12.79 5.38 31.65
N THR E 114 -12.31 4.43 32.50
CA THR E 114 -11.85 3.08 32.07
C THR E 114 -12.98 2.29 31.34
N LYS E 115 -12.59 1.41 30.36
CA LYS E 115 -13.52 0.59 29.55
C LYS E 115 -12.70 -0.50 28.80
N GLN E 116 -13.31 -1.11 27.74
CA GLN E 116 -12.65 -2.18 26.90
C GLN E 116 -11.45 -1.54 26.12
N PHE E 117 -11.74 -0.45 25.35
CA PHE E 117 -10.75 0.30 24.52
C PHE E 117 -10.07 -0.65 23.48
N TYR E 118 -9.03 -1.41 23.93
CA TYR E 118 -8.30 -2.41 23.10
C TYR E 118 -9.21 -3.67 22.95
N ARG E 119 -8.90 -4.54 21.95
CA ARG E 119 -9.68 -5.78 21.66
C ARG E 119 -11.20 -5.43 21.38
N ARG E 120 -12.03 -5.47 22.45
CA ARG E 120 -13.49 -5.15 22.42
C ARG E 120 -14.27 -6.13 21.47
N ALA E 121 -15.46 -6.60 21.93
CA ALA E 121 -16.34 -7.54 21.18
C ALA E 121 -17.05 -6.81 19.99
N GLN E 122 -16.69 -5.53 19.75
CA GLN E 122 -17.25 -4.65 18.67
C GLN E 122 -16.10 -3.76 18.09
N LYS E 123 -15.70 -4.00 16.80
CA LYS E 123 -14.61 -3.21 16.11
C LYS E 123 -14.60 -3.64 14.60
N GLN E 124 -13.45 -3.45 13.90
CA GLN E 124 -13.23 -3.76 12.44
C GLN E 124 -11.95 -4.63 12.30
N ASN E 125 -11.77 -5.37 11.14
CA ASN E 125 -10.56 -6.24 10.86
C ASN E 125 -10.74 -6.89 9.45
N PHE E 126 -9.63 -6.94 8.64
CA PHE E 126 -9.59 -7.60 7.29
C PHE E 126 -8.15 -7.50 6.73
N ASP E 127 -7.37 -6.42 7.12
CA ASP E 127 -5.96 -6.22 6.61
C ASP E 127 -5.09 -5.24 7.49
N ILE E 128 -5.63 -4.11 8.11
CA ILE E 128 -4.74 -3.17 8.94
C ILE E 128 -4.34 -3.95 10.25
N GLU E 129 -5.37 -4.56 10.90
CA GLU E 129 -5.23 -5.33 12.17
C GLU E 129 -4.28 -6.54 12.04
N LYS E 130 -4.39 -7.34 10.94
CA LYS E 130 -3.59 -8.61 10.83
C LYS E 130 -2.04 -8.34 10.92
N TYR E 131 -1.47 -7.41 10.09
CA TYR E 131 -0.02 -7.13 10.05
C TYR E 131 0.54 -6.52 11.37
N ASN E 132 -0.10 -5.44 11.91
CA ASN E 132 0.42 -4.81 13.16
C ASN E 132 0.45 -5.82 14.34
N ARG E 133 -0.70 -6.47 14.49
CA ARG E 133 -0.95 -7.42 15.65
C ARG E 133 0.21 -8.48 15.85
N LEU E 134 0.68 -9.29 14.81
CA LEU E 134 1.86 -10.26 15.14
C LEU E 134 3.10 -9.43 15.44
N VAL E 135 3.26 -8.28 14.71
CA VAL E 135 4.42 -7.37 14.96
C VAL E 135 4.49 -7.06 16.55
N THR E 136 3.29 -7.08 17.22
CA THR E 136 3.16 -6.92 18.72
C THR E 136 3.75 -8.19 19.42
N GLU E 137 3.50 -9.40 18.80
CA GLU E 137 4.08 -10.70 19.32
C GLU E 137 5.63 -10.58 19.42
N VAL E 138 6.21 -9.73 18.52
CA VAL E 138 7.69 -9.43 18.46
C VAL E 138 8.07 -8.69 19.78
N ASP E 139 7.14 -7.86 20.33
CA ASP E 139 7.42 -7.15 21.65
C ASP E 139 7.53 -8.21 22.82
N GLU E 140 6.72 -9.33 22.76
CA GLU E 140 6.77 -10.40 23.82
C GLU E 140 8.13 -11.15 23.70
N LEU E 141 8.57 -11.39 22.43
CA LEU E 141 9.87 -12.04 22.08
C LEU E 141 11.02 -11.30 22.85
N ARG E 142 10.95 -9.94 22.87
CA ARG E 142 11.94 -9.06 23.59
C ARG E 142 11.89 -9.34 25.15
N ASN E 143 10.67 -9.76 25.75
CA ASN E 143 10.61 -10.01 27.25
C ASN E 143 11.38 -11.31 27.66
N GLN E 144 11.11 -12.43 26.92
CA GLN E 144 11.75 -13.75 27.21
C GLN E 144 13.28 -13.65 27.13
N LEU E 145 13.76 -12.92 26.10
CA LEU E 145 15.22 -12.73 25.82
C LEU E 145 15.97 -12.09 27.03
N LYS E 146 15.47 -10.96 27.58
CA LYS E 146 16.15 -10.28 28.72
C LYS E 146 16.45 -11.25 29.92
N ARG E 147 15.46 -12.15 30.33
CA ARG E 147 15.76 -13.08 31.49
C ARG E 147 16.82 -14.11 30.98
N LEU E 148 16.68 -14.52 29.69
CA LEU E 148 17.64 -15.43 28.97
C LEU E 148 19.09 -14.81 28.98
N ARG E 149 19.17 -13.43 28.83
CA ARG E 149 20.47 -12.67 28.72
C ARG E 149 21.33 -12.72 30.01
N ASP E 150 20.72 -12.71 31.24
CA ASP E 150 21.55 -12.77 32.53
C ASP E 150 22.60 -14.01 32.51
N PRO E 151 22.20 -15.32 32.22
CA PRO E 151 23.12 -16.54 31.99
C PRO E 151 24.50 -16.25 31.37
N LEU E 152 25.46 -17.22 31.49
CA LEU E 152 26.82 -17.13 31.00
C LEU E 152 27.48 -18.31 31.74
N GLU E 153 28.01 -19.24 30.97
CA GLU E 153 28.65 -20.51 31.46
C GLU E 153 29.95 -20.19 32.27
N MET A 1 32.08 -41.32 8.71
CA MET A 1 32.58 -42.20 7.60
C MET A 1 31.60 -42.11 6.41
N ALA A 2 30.30 -41.88 6.71
CA ALA A 2 29.19 -41.78 5.71
C ALA A 2 27.93 -41.21 6.40
N ALA A 3 27.48 -39.99 5.98
CA ALA A 3 26.28 -39.29 6.55
C ALA A 3 25.90 -38.12 5.61
N LEU A 4 24.94 -37.26 6.07
CA LEU A 4 24.44 -36.06 5.31
C LEU A 4 25.62 -35.06 5.09
N SER A 5 26.37 -34.80 6.19
CA SER A 5 27.55 -33.87 6.19
C SER A 5 28.43 -34.15 7.44
N VAL A 6 29.41 -35.10 7.29
CA VAL A 6 30.39 -35.51 8.35
C VAL A 6 29.64 -36.16 9.57
N ASP A 7 28.97 -35.30 10.38
CA ASP A 7 28.21 -35.70 11.60
C ASP A 7 26.86 -34.91 11.63
N GLU A 8 26.90 -33.64 12.12
CA GLU A 8 25.71 -32.74 12.22
C GLU A 8 24.61 -33.37 13.12
N TYR A 9 25.04 -33.80 14.34
CA TYR A 9 24.17 -34.44 15.37
C TYR A 9 23.43 -35.72 14.82
N LYS A 10 23.82 -36.95 15.31
CA LYS A 10 23.22 -38.24 14.89
C LYS A 10 21.70 -38.30 15.29
N LEU A 11 21.39 -37.75 16.49
CA LEU A 11 20.00 -37.68 17.04
C LEU A 11 19.18 -36.62 16.25
N SER A 12 17.83 -36.66 16.36
CA SER A 12 16.91 -35.71 15.65
C SER A 12 15.44 -35.94 16.12
N ARG A 13 14.98 -37.22 16.07
CA ARG A 13 13.59 -37.63 16.43
C ARG A 13 12.56 -36.97 15.48
N GLU A 14 13.07 -36.41 14.37
CA GLU A 14 12.28 -35.74 13.30
C GLU A 14 11.50 -34.50 13.78
N LYS A 15 11.53 -34.16 15.10
CA LYS A 15 10.78 -32.97 15.64
C LYS A 15 11.27 -31.63 14.99
N LYS A 16 12.64 -31.46 14.86
CA LYS A 16 13.27 -30.24 14.25
C LYS A 16 12.82 -30.13 12.75
N LEU A 17 12.82 -31.30 12.06
CA LEU A 17 12.42 -31.41 10.62
C LEU A 17 10.95 -30.94 10.41
N LEU A 18 10.05 -31.33 11.37
CA LEU A 18 8.60 -30.96 11.30
C LEU A 18 8.43 -29.40 11.28
N LEU A 19 9.24 -28.70 12.14
CA LEU A 19 9.22 -27.19 12.18
C LEU A 19 9.68 -26.61 10.78
N GLN A 20 10.70 -27.25 10.07
CA GLN A 20 11.14 -26.73 8.71
C GLN A 20 9.90 -26.76 7.75
N LEU A 21 9.11 -27.87 7.85
CA LEU A 21 7.84 -28.06 7.10
C LEU A 21 6.79 -26.97 7.51
N GLU A 22 6.69 -26.58 8.86
CA GLU A 22 5.67 -25.58 9.31
C GLU A 22 5.88 -24.22 8.58
N ASN A 23 7.17 -23.79 8.45
CA ASN A 23 7.51 -22.51 7.73
C ASN A 23 7.10 -22.57 6.22
N ALA A 24 7.34 -23.76 5.57
CA ALA A 24 7.05 -23.93 4.11
C ALA A 24 5.54 -23.71 3.76
N GLU A 25 4.58 -24.26 4.60
CA GLU A 25 3.09 -24.02 4.39
C GLU A 25 2.76 -22.50 4.55
N THR A 26 3.43 -21.81 5.54
CA THR A 26 3.21 -20.35 5.84
C THR A 26 3.52 -19.42 4.62
N LEU A 27 4.57 -19.74 3.79
CA LEU A 27 4.96 -18.86 2.60
C LEU A 27 3.72 -18.71 1.68
N LEU A 28 2.95 -19.81 1.52
CA LEU A 28 1.68 -19.85 0.75
C LEU A 28 1.92 -19.52 -0.76
N ALA A 29 1.89 -20.58 -1.59
CA ALA A 29 2.04 -20.49 -3.06
C ALA A 29 1.52 -21.84 -3.68
N PRO A 30 1.80 -23.06 -3.09
CA PRO A 30 1.22 -24.38 -3.65
C PRO A 30 -0.33 -24.34 -3.85
N LEU A 31 -1.04 -24.03 -2.75
CA LEU A 31 -2.51 -23.95 -2.67
C LEU A 31 -3.07 -22.87 -3.65
N HIS A 32 -2.33 -21.74 -3.76
CA HIS A 32 -2.73 -20.59 -4.67
C HIS A 32 -2.79 -21.11 -6.15
N ASP A 33 -1.79 -21.98 -6.51
CA ASP A 33 -1.71 -22.64 -7.84
C ASP A 33 -2.98 -23.54 -8.06
N ALA A 34 -3.47 -24.22 -6.96
CA ALA A 34 -4.68 -25.11 -7.03
C ALA A 34 -5.94 -24.29 -7.49
N LYS A 35 -6.12 -23.02 -6.99
CA LYS A 35 -7.30 -22.17 -7.41
C LYS A 35 -7.24 -21.90 -8.95
N ARG A 36 -6.01 -21.60 -9.45
CA ARG A 36 -5.73 -21.33 -10.91
C ARG A 36 -6.06 -22.59 -11.78
N LYS A 37 -5.75 -23.76 -11.22
CA LYS A 37 -5.79 -25.08 -11.90
C LYS A 37 -7.17 -25.53 -12.51
N ILE A 38 -8.40 -25.31 -11.89
CA ILE A 38 -9.65 -25.94 -12.49
C ILE A 38 -9.92 -25.46 -13.99
N GLU A 39 -10.66 -24.32 -14.33
CA GLU A 39 -10.74 -23.85 -15.78
C GLU A 39 -9.92 -22.53 -16.04
N GLN A 40 -10.63 -21.37 -15.85
CA GLN A 40 -10.14 -19.95 -15.92
C GLN A 40 -10.04 -19.29 -14.52
N GLU A 41 -11.10 -19.64 -13.77
CA GLU A 41 -11.58 -19.09 -12.47
C GLU A 41 -10.65 -18.24 -11.54
N ALA A 42 -9.32 -18.01 -11.78
CA ALA A 42 -8.53 -17.06 -10.89
C ALA A 42 -9.17 -15.63 -11.03
N GLU A 43 -9.80 -15.45 -12.22
CA GLU A 43 -10.52 -14.23 -12.66
C GLU A 43 -11.95 -14.21 -12.06
N ALA A 44 -12.34 -15.24 -11.24
CA ALA A 44 -13.72 -15.35 -10.61
C ALA A 44 -14.24 -14.00 -9.99
N HIS A 45 -13.34 -12.98 -9.83
CA HIS A 45 -13.71 -11.63 -9.31
C HIS A 45 -14.85 -11.00 -10.19
N THR A 46 -14.87 -11.40 -11.50
CA THR A 46 -15.87 -10.91 -12.51
C THR A 46 -17.33 -11.18 -12.04
N ASP A 47 -17.51 -12.06 -11.03
CA ASP A 47 -18.84 -12.43 -10.47
C ASP A 47 -19.46 -11.25 -9.66
N ARG A 48 -18.60 -10.45 -8.92
CA ARG A 48 -19.03 -9.28 -8.07
C ARG A 48 -19.01 -7.97 -8.88
N VAL A 49 -18.10 -7.84 -9.89
CA VAL A 49 -18.01 -6.62 -10.77
C VAL A 49 -19.29 -6.60 -11.65
N ALA A 50 -20.04 -7.75 -11.61
CA ALA A 50 -21.34 -7.93 -12.33
C ALA A 50 -22.35 -6.83 -11.89
N TRP A 51 -22.08 -6.17 -10.72
CA TRP A 51 -22.93 -5.04 -10.19
C TRP A 51 -23.14 -3.95 -11.31
N ALA A 52 -22.15 -3.89 -12.23
CA ALA A 52 -22.09 -2.97 -13.39
C ALA A 52 -23.13 -3.38 -14.50
N GLY A 53 -23.73 -4.59 -14.35
CA GLY A 53 -24.70 -5.16 -15.34
C GLY A 53 -25.97 -4.30 -15.53
N PHE A 54 -26.46 -3.66 -14.42
CA PHE A 54 -27.69 -2.80 -14.45
C PHE A 54 -27.42 -1.48 -15.22
N ALA A 55 -26.17 -0.95 -15.09
CA ALA A 55 -25.74 0.33 -15.75
C ALA A 55 -25.62 0.17 -17.29
N ALA A 56 -25.11 -1.00 -17.73
CA ALA A 56 -24.87 -1.33 -19.18
C ALA A 56 -26.20 -1.59 -19.95
N SER A 57 -27.27 -1.99 -19.24
CA SER A 57 -28.59 -2.33 -19.85
C SER A 57 -29.37 -1.06 -20.33
N GLY A 58 -29.16 0.07 -19.61
CA GLY A 58 -29.88 1.35 -19.88
C GLY A 58 -29.55 2.01 -21.26
N VAL A 59 -28.25 2.00 -21.64
CA VAL A 59 -27.75 2.66 -22.89
C VAL A 59 -28.16 1.95 -24.19
N GLN A 60 -28.39 0.60 -24.18
CA GLN A 60 -28.75 -0.16 -25.42
C GLN A 60 -29.95 0.53 -26.15
N THR A 61 -30.93 1.00 -25.34
CA THR A 61 -32.13 1.75 -25.83
C THR A 61 -31.75 3.20 -26.18
N GLY A 62 -30.66 3.71 -25.56
CA GLY A 62 -30.15 5.08 -25.78
C GLY A 62 -29.82 5.34 -27.26
N LEU A 63 -29.01 4.44 -27.88
CA LEU A 63 -28.64 4.58 -29.37
C LEU A 63 -29.92 4.51 -30.28
N PHE A 64 -30.85 3.58 -29.93
CA PHE A 64 -32.12 3.37 -30.68
C PHE A 64 -32.95 4.69 -30.69
N ALA A 65 -32.94 5.40 -29.54
CA ALA A 65 -33.69 6.67 -29.35
C ALA A 65 -33.25 7.77 -30.38
N ARG A 66 -31.90 7.91 -30.72
CA ARG A 66 -31.44 8.97 -31.70
C ARG A 66 -32.11 8.72 -33.08
N LEU A 67 -32.15 7.41 -33.48
CA LEU A 67 -32.75 7.00 -34.80
C LEU A 67 -34.30 7.31 -34.93
N THR A 68 -35.10 7.06 -33.85
CA THR A 68 -36.59 7.23 -33.85
C THR A 68 -37.11 8.68 -34.10
N TRP A 69 -36.44 9.71 -33.49
CA TRP A 69 -36.87 11.15 -33.57
C TRP A 69 -35.89 12.01 -34.40
N TRP A 70 -35.40 11.41 -35.49
CA TRP A 70 -34.41 12.05 -36.42
C TRP A 70 -34.93 13.36 -37.13
N GLU A 71 -36.14 13.93 -36.77
CA GLU A 71 -36.74 15.17 -37.46
C GLU A 71 -36.66 16.54 -36.67
N TYR A 72 -36.97 16.56 -35.35
CA TYR A 72 -37.02 17.80 -34.51
C TYR A 72 -35.80 18.78 -34.73
N SER A 73 -34.57 18.22 -34.78
CA SER A 73 -33.31 19.03 -34.98
C SER A 73 -32.11 18.09 -35.21
N TRP A 74 -32.01 17.17 -34.26
CA TRP A 74 -30.95 16.17 -34.10
C TRP A 74 -29.95 16.78 -33.08
N ASP A 75 -28.61 16.63 -33.26
CA ASP A 75 -27.54 17.16 -32.33
C ASP A 75 -27.87 16.76 -30.87
N ILE A 76 -27.49 15.51 -30.51
CA ILE A 76 -27.76 14.87 -29.17
C ILE A 76 -26.63 13.83 -28.99
N VAL A 77 -25.61 13.75 -29.93
CA VAL A 77 -24.50 12.73 -29.87
C VAL A 77 -23.77 12.74 -28.51
N GLU A 78 -22.68 11.94 -28.44
CA GLU A 78 -21.82 11.78 -27.21
C GLU A 78 -22.46 10.97 -25.97
N PRO A 79 -23.73 10.36 -25.91
CA PRO A 79 -24.25 9.62 -24.64
C PRO A 79 -23.42 8.36 -24.21
N VAL A 80 -23.04 7.59 -25.25
CA VAL A 80 -22.45 6.24 -25.07
C VAL A 80 -21.14 6.14 -24.24
N THR A 81 -20.12 7.04 -24.37
CA THR A 81 -18.87 6.86 -23.58
C THR A 81 -19.06 6.90 -22.02
N TYR A 82 -19.90 7.85 -21.42
CA TYR A 82 -20.05 7.88 -19.91
C TYR A 82 -20.65 6.56 -19.39
N PHE A 83 -21.70 5.99 -20.10
CA PHE A 83 -22.29 4.68 -19.60
C PHE A 83 -21.18 3.57 -19.61
N ALA A 84 -20.33 3.53 -20.69
CA ALA A 84 -19.17 2.58 -20.77
C ALA A 84 -18.15 2.89 -19.61
N THR A 85 -17.88 4.21 -19.38
CA THR A 85 -16.96 4.73 -18.29
C THR A 85 -17.49 4.32 -16.89
N TYR A 86 -18.85 4.35 -16.73
CA TYR A 86 -19.52 4.01 -15.43
C TYR A 86 -19.10 2.55 -15.04
N SER A 87 -19.05 1.63 -16.07
CA SER A 87 -18.55 0.22 -15.86
C SER A 87 -17.04 0.23 -15.38
N THR A 88 -16.20 1.13 -16.00
CA THR A 88 -14.74 1.26 -15.64
C THR A 88 -14.58 1.66 -14.13
N VAL A 89 -15.47 2.58 -13.58
CA VAL A 89 -15.38 2.99 -12.11
C VAL A 89 -15.48 1.69 -11.25
N ALA A 90 -16.33 0.71 -11.71
CA ALA A 90 -16.47 -0.59 -10.99
C ALA A 90 -15.06 -1.28 -10.93
N ALA A 91 -14.25 -1.16 -12.05
CA ALA A 91 -12.84 -1.75 -12.08
C ALA A 91 -11.96 -1.09 -10.96
N THR A 92 -12.11 0.26 -10.81
CA THR A 92 -11.35 1.07 -9.78
C THR A 92 -11.68 0.64 -8.34
N PHE A 93 -12.98 0.32 -8.06
CA PHE A 93 -13.41 -0.09 -6.67
C PHE A 93 -12.61 -1.38 -6.25
N GLY A 94 -12.43 -2.25 -7.26
CA GLY A 94 -11.80 -3.59 -7.20
C GLY A 94 -10.59 -3.79 -6.25
N TYR A 95 -9.92 -2.71 -5.82
CA TYR A 95 -8.70 -2.80 -4.91
C TYR A 95 -8.98 -3.59 -3.59
N TYR A 96 -10.01 -3.14 -2.83
CA TYR A 96 -10.43 -3.79 -1.54
C TYR A 96 -10.97 -5.22 -1.84
N LEU A 97 -11.85 -5.30 -2.87
CA LEU A 97 -12.53 -6.56 -3.29
C LEU A 97 -11.56 -7.63 -3.92
N TYR A 98 -10.32 -7.24 -4.36
CA TYR A 98 -9.46 -8.17 -5.20
C TYR A 98 -9.07 -9.54 -4.54
N THR A 99 -8.25 -9.53 -3.44
CA THR A 99 -7.85 -10.79 -2.72
C THR A 99 -9.08 -11.33 -1.90
N GLN A 100 -9.80 -10.37 -1.26
CA GLN A 100 -11.05 -10.59 -0.43
C GLN A 100 -12.14 -11.46 -1.13
N GLN A 101 -12.16 -11.52 -2.49
CA GLN A 101 -13.26 -12.22 -3.27
C GLN A 101 -13.60 -13.63 -2.68
N SER A 102 -12.58 -14.25 -2.03
CA SER A 102 -12.70 -15.58 -1.38
C SER A 102 -13.90 -15.68 -0.37
N PHE A 103 -14.24 -14.56 0.36
CA PHE A 103 -15.34 -14.56 1.38
C PHE A 103 -16.76 -14.67 0.72
N GLU A 104 -17.06 -13.80 -0.29
CA GLU A 104 -18.40 -13.77 -1.00
C GLU A 104 -18.60 -15.01 -1.94
N TYR A 105 -17.50 -15.59 -2.49
CA TYR A 105 -17.54 -16.71 -3.50
C TYR A 105 -18.47 -17.96 -3.12
N PRO A 106 -18.49 -18.51 -1.85
CA PRO A 106 -19.34 -19.76 -1.52
C PRO A 106 -20.83 -19.42 -1.31
N SER A 107 -21.18 -18.10 -1.38
CA SER A 107 -22.57 -17.60 -1.17
C SER A 107 -23.63 -18.34 -2.04
N ALA A 108 -23.15 -19.02 -3.12
CA ALA A 108 -24.02 -19.80 -4.06
C ALA A 108 -24.67 -21.01 -3.31
N ARG A 109 -23.98 -21.50 -2.24
CA ARG A 109 -24.43 -22.63 -1.39
C ARG A 109 -25.32 -22.05 -0.24
N GLU A 110 -26.41 -22.76 0.13
CA GLU A 110 -27.36 -22.34 1.24
C GLU A 110 -28.30 -23.54 1.53
N ARG A 111 -28.90 -23.57 2.75
CA ARG A 111 -29.83 -24.64 3.22
C ARG A 111 -29.15 -26.05 3.28
N VAL A 112 -27.81 -26.07 3.06
CA VAL A 112 -26.95 -27.31 3.08
C VAL A 112 -25.69 -26.99 3.96
N TYR A 113 -25.22 -25.73 3.86
CA TYR A 113 -24.04 -25.21 4.62
C TYR A 113 -22.74 -26.06 4.34
N THR A 114 -21.92 -25.61 3.35
CA THR A 114 -20.65 -26.29 2.94
C THR A 114 -19.79 -25.25 2.15
N LYS A 115 -18.45 -25.24 2.38
CA LYS A 115 -17.50 -24.29 1.71
C LYS A 115 -16.04 -24.79 1.94
N GLN A 116 -15.82 -26.13 1.82
CA GLN A 116 -14.49 -26.79 2.04
C GLN A 116 -14.00 -26.50 3.49
N PHE A 117 -14.99 -26.47 4.43
CA PHE A 117 -14.79 -26.20 5.89
C PHE A 117 -13.89 -27.28 6.57
N TYR A 118 -13.88 -27.32 7.93
CA TYR A 118 -13.05 -28.26 8.76
C TYR A 118 -11.56 -28.26 8.32
N ARG A 119 -11.14 -27.12 7.72
CA ARG A 119 -9.77 -26.87 7.23
C ARG A 119 -9.67 -25.34 6.96
N ARG A 120 -10.69 -24.83 6.22
CA ARG A 120 -10.81 -23.39 5.84
C ARG A 120 -9.52 -22.92 5.07
N ALA A 121 -8.74 -21.95 5.64
CA ALA A 121 -7.51 -21.39 5.03
C ALA A 121 -7.79 -20.90 3.57
N GLN A 122 -8.08 -19.56 3.42
CA GLN A 122 -8.40 -18.91 2.09
C GLN A 122 -7.45 -19.41 0.95
N LYS A 123 -8.06 -19.95 -0.15
CA LYS A 123 -7.32 -20.55 -1.30
C LYS A 123 -6.70 -19.47 -2.21
N GLN A 124 -7.14 -18.18 -2.12
CA GLN A 124 -6.60 -17.06 -2.97
C GLN A 124 -5.32 -16.49 -2.30
N ASN A 125 -4.66 -15.49 -2.99
CA ASN A 125 -3.41 -14.80 -2.54
C ASN A 125 -2.90 -13.95 -3.73
N PHE A 126 -2.16 -12.86 -3.40
CA PHE A 126 -1.51 -11.94 -4.38
C PHE A 126 -0.74 -10.86 -3.57
N ASP A 127 -1.27 -10.45 -2.36
CA ASP A 127 -0.61 -9.39 -1.50
C ASP A 127 -1.09 -9.37 0.00
N ILE A 128 -2.44 -9.57 0.35
CA ILE A 128 -2.87 -9.51 1.82
C ILE A 128 -2.29 -10.77 2.55
N GLU A 129 -2.54 -11.96 1.92
CA GLU A 129 -2.08 -13.30 2.42
C GLU A 129 -0.53 -13.38 2.49
N LYS A 130 0.16 -12.82 1.45
CA LYS A 130 1.66 -12.89 1.35
C LYS A 130 2.34 -12.22 2.60
N TYR A 131 1.95 -10.95 2.96
CA TYR A 131 2.48 -10.20 4.12
C TYR A 131 1.99 -10.78 5.50
N ASN A 132 0.65 -10.98 5.62
CA ASN A 132 -0.01 -11.44 6.89
C ASN A 132 0.56 -12.77 7.44
N ARG A 133 0.57 -13.74 6.55
CA ARG A 133 1.03 -15.13 6.88
C ARG A 133 2.54 -15.14 7.28
N LEU A 134 3.38 -14.51 6.45
CA LEU A 134 4.87 -14.46 6.67
C LEU A 134 5.26 -13.91 8.08
N VAL A 135 4.72 -12.72 8.45
CA VAL A 135 5.06 -12.13 9.80
C VAL A 135 4.61 -13.16 10.92
N THR A 136 3.53 -13.96 10.64
CA THR A 136 3.06 -15.04 11.60
C THR A 136 4.18 -16.12 11.77
N GLU A 137 5.00 -16.32 10.70
CA GLU A 137 6.17 -17.29 10.73
C GLU A 137 7.09 -16.92 11.96
N VAL A 138 7.23 -15.59 12.14
CA VAL A 138 8.03 -15.00 13.29
C VAL A 138 7.39 -15.46 14.63
N ASP A 139 6.03 -15.49 14.71
CA ASP A 139 5.32 -15.95 15.97
C ASP A 139 5.70 -17.45 16.35
N GLU A 140 6.02 -18.34 15.33
CA GLU A 140 6.45 -19.75 15.61
C GLU A 140 7.83 -19.70 16.30
N LEU A 141 8.62 -18.62 15.94
CA LEU A 141 9.94 -18.37 16.59
C LEU A 141 9.71 -18.21 18.10
N ARG A 142 8.60 -17.50 18.48
CA ARG A 142 8.26 -17.23 19.93
C ARG A 142 8.16 -18.58 20.70
N ASN A 143 7.73 -19.72 20.01
CA ASN A 143 7.65 -21.06 20.72
C ASN A 143 9.06 -21.70 21.04
N GLN A 144 9.97 -21.74 20.02
CA GLN A 144 11.35 -22.39 20.17
C GLN A 144 12.25 -21.59 21.16
N LEU A 145 12.31 -20.22 21.02
CA LEU A 145 13.15 -19.36 21.91
C LEU A 145 12.69 -19.52 23.40
N LYS A 146 11.36 -19.54 23.63
CA LYS A 146 10.77 -19.75 24.99
C LYS A 146 11.40 -21.01 25.68
N ARG A 147 11.67 -22.17 24.93
CA ARG A 147 12.27 -23.35 25.61
C ARG A 147 13.73 -22.96 26.01
N LEU A 148 14.54 -22.30 25.10
CA LEU A 148 15.96 -21.84 25.43
C LEU A 148 16.04 -21.05 26.80
N ARG A 149 14.96 -20.31 27.16
CA ARG A 149 14.89 -19.48 28.43
C ARG A 149 14.78 -20.40 29.70
N ASP A 150 13.99 -21.52 29.61
CA ASP A 150 13.73 -22.45 30.79
C ASP A 150 15.00 -23.13 31.54
N PRO A 151 16.16 -23.53 30.89
CA PRO A 151 17.34 -24.25 31.58
C PRO A 151 18.46 -23.24 31.93
N LEU A 152 19.19 -22.77 30.90
CA LEU A 152 20.29 -21.80 31.00
C LEU A 152 20.30 -21.05 29.63
N GLU A 153 20.96 -21.65 28.62
CA GLU A 153 21.03 -21.10 27.22
C GLU A 153 21.58 -22.18 26.26
N MET B 1 48.64 -14.72 -1.30
CA MET B 1 47.15 -14.84 -1.25
C MET B 1 46.74 -16.23 -1.80
N ALA B 2 47.50 -16.72 -2.82
CA ALA B 2 47.27 -18.03 -3.49
C ALA B 2 45.84 -18.13 -4.10
N ALA B 3 45.32 -16.97 -4.56
CA ALA B 3 43.97 -16.83 -5.19
C ALA B 3 42.85 -17.28 -4.20
N LEU B 4 41.69 -17.77 -4.74
CA LEU B 4 40.52 -18.23 -3.94
C LEU B 4 39.87 -17.01 -3.21
N SER B 5 39.12 -17.24 -2.10
CA SER B 5 38.42 -16.19 -1.30
C SER B 5 39.44 -15.25 -0.61
N VAL B 6 38.91 -14.18 0.05
CA VAL B 6 39.71 -13.17 0.78
C VAL B 6 40.35 -13.79 2.07
N ASP B 7 41.35 -13.06 2.65
CA ASP B 7 42.08 -13.49 3.88
C ASP B 7 41.17 -13.24 5.13
N GLU B 8 40.36 -14.27 5.52
CA GLU B 8 39.44 -14.21 6.69
C GLU B 8 40.22 -14.01 8.02
N TYR B 9 39.51 -13.55 9.08
CA TYR B 9 40.12 -13.29 10.44
C TYR B 9 40.50 -14.66 11.11
N LYS B 10 39.49 -15.38 11.66
CA LYS B 10 39.66 -16.70 12.34
C LYS B 10 38.24 -17.27 12.65
N LEU B 11 38.11 -18.62 12.63
CA LEU B 11 36.82 -19.35 12.91
C LEU B 11 35.72 -18.90 11.89
N SER B 12 35.93 -19.28 10.60
CA SER B 12 35.02 -18.96 9.46
C SER B 12 35.45 -19.82 8.26
N ARG B 13 35.39 -21.14 8.50
CA ARG B 13 35.76 -22.21 7.53
C ARG B 13 34.98 -22.00 6.18
N GLU B 14 33.62 -22.07 6.25
CA GLU B 14 32.71 -21.88 5.07
C GLU B 14 31.21 -21.79 5.51
N LYS B 15 30.83 -22.43 6.66
CA LYS B 15 29.39 -22.48 7.10
C LYS B 15 28.77 -21.07 7.40
N LYS B 16 29.54 -20.14 8.09
CA LYS B 16 29.02 -18.77 8.42
C LYS B 16 28.70 -17.97 7.11
N LEU B 17 29.64 -18.11 6.15
CA LEU B 17 29.57 -17.49 4.80
C LEU B 17 28.32 -18.00 4.02
N LEU B 18 28.02 -19.34 4.15
CA LEU B 18 26.89 -19.98 3.37
C LEU B 18 25.51 -19.32 3.75
N LEU B 19 25.24 -19.07 5.07
CA LEU B 19 23.98 -18.35 5.50
C LEU B 19 23.96 -16.89 4.94
N GLN B 20 25.17 -16.21 4.99
CA GLN B 20 25.33 -14.81 4.46
C GLN B 20 24.97 -14.82 2.96
N LEU B 21 25.36 -15.93 2.26
CA LEU B 21 25.06 -16.16 0.81
C LEU B 21 23.50 -16.21 0.59
N GLU B 22 22.69 -16.86 1.55
CA GLU B 22 21.20 -16.94 1.36
C GLU B 22 20.60 -15.51 1.31
N ASN B 23 21.13 -14.61 2.21
CA ASN B 23 20.68 -13.18 2.26
C ASN B 23 20.96 -12.45 0.90
N ALA B 24 22.16 -12.69 0.29
CA ALA B 24 22.54 -12.03 -1.01
C ALA B 24 21.55 -12.40 -2.17
N GLU B 25 21.18 -13.72 -2.29
CA GLU B 25 20.24 -14.21 -3.35
C GLU B 25 18.81 -13.60 -3.20
N THR B 26 18.32 -13.56 -1.94
CA THR B 26 16.94 -13.05 -1.61
C THR B 26 16.71 -11.57 -1.97
N LEU B 27 17.74 -10.73 -1.68
CA LEU B 27 17.70 -9.26 -1.97
C LEU B 27 17.54 -8.99 -3.49
N LEU B 28 18.26 -9.83 -4.31
CA LEU B 28 18.32 -9.75 -5.81
C LEU B 28 18.23 -8.29 -6.35
N ALA B 29 19.24 -7.48 -5.89
CA ALA B 29 19.44 -6.06 -6.29
C ALA B 29 19.93 -6.15 -7.76
N PRO B 30 21.05 -6.89 -8.06
CA PRO B 30 21.51 -7.20 -9.50
C PRO B 30 20.40 -7.22 -10.62
N LEU B 31 19.42 -8.16 -10.51
CA LEU B 31 18.29 -8.29 -11.49
C LEU B 31 17.45 -6.97 -11.50
N HIS B 32 17.18 -6.39 -10.28
CA HIS B 32 16.40 -5.09 -10.17
C HIS B 32 17.23 -3.93 -10.86
N ASP B 33 18.56 -3.94 -10.58
CA ASP B 33 19.57 -3.01 -11.17
C ASP B 33 19.62 -3.20 -12.72
N ALA B 34 19.50 -4.49 -13.18
CA ALA B 34 19.53 -4.86 -14.61
C ALA B 34 18.36 -4.16 -15.37
N LYS B 35 17.14 -4.04 -14.73
CA LYS B 35 15.96 -3.37 -15.40
C LYS B 35 16.35 -1.91 -15.76
N ARG B 36 17.07 -1.22 -14.80
CA ARG B 36 17.53 0.20 -15.04
C ARG B 36 18.51 0.28 -16.27
N LYS B 37 19.44 -0.71 -16.37
CA LYS B 37 20.50 -0.77 -17.45
C LYS B 37 19.91 -0.89 -18.90
N ILE B 38 18.82 -1.71 -19.09
CA ILE B 38 18.16 -1.98 -20.42
C ILE B 38 16.92 -1.08 -20.66
N GLU B 39 16.61 -0.16 -19.71
CA GLU B 39 15.38 0.73 -19.69
C GLU B 39 14.60 0.93 -21.05
N GLN B 40 15.29 0.88 -22.24
CA GLN B 40 14.61 1.01 -23.57
C GLN B 40 13.60 -0.19 -23.77
N GLU B 41 13.82 -1.30 -23.00
CA GLU B 41 12.98 -2.55 -23.04
C GLU B 41 11.82 -2.45 -22.00
N ALA B 42 11.91 -1.50 -21.00
CA ALA B 42 10.84 -1.31 -19.95
C ALA B 42 9.46 -1.00 -20.57
N GLU B 43 9.41 -0.82 -21.93
CA GLU B 43 8.15 -0.61 -22.70
C GLU B 43 7.31 -1.93 -22.67
N ALA B 44 7.84 -2.98 -21.98
CA ALA B 44 7.18 -4.29 -21.76
C ALA B 44 5.77 -4.11 -21.13
N HIS B 45 5.59 -2.93 -20.45
CA HIS B 45 4.33 -2.50 -19.76
C HIS B 45 3.52 -1.53 -20.68
N THR B 46 4.25 -0.71 -21.50
CA THR B 46 3.62 0.31 -22.41
C THR B 46 2.65 -0.36 -23.45
N ASP B 47 2.89 -1.67 -23.73
CA ASP B 47 2.09 -2.48 -24.71
C ASP B 47 0.88 -3.18 -24.01
N ARG B 48 0.85 -3.19 -22.64
CA ARG B 48 -0.22 -3.83 -21.83
C ARG B 48 -1.35 -2.82 -21.51
N VAL B 49 -0.98 -1.52 -21.34
CA VAL B 49 -1.95 -0.42 -21.08
C VAL B 49 -2.53 0.03 -22.43
N ALA B 50 -1.89 -0.47 -23.53
CA ALA B 50 -2.30 -0.22 -24.94
C ALA B 50 -3.61 -0.97 -25.23
N TRP B 51 -4.07 -1.86 -24.26
CA TRP B 51 -5.39 -2.59 -24.38
C TRP B 51 -6.50 -1.56 -24.76
N ALA B 52 -6.31 -0.37 -24.15
CA ALA B 52 -7.17 0.82 -24.26
C ALA B 52 -6.82 1.67 -25.52
N GLY B 53 -5.57 1.52 -26.04
CA GLY B 53 -5.08 2.26 -27.24
C GLY B 53 -6.00 2.08 -28.47
N PHE B 54 -6.72 0.93 -28.51
CA PHE B 54 -7.68 0.59 -29.60
C PHE B 54 -8.98 1.41 -29.48
N ALA B 55 -9.33 1.81 -28.22
CA ALA B 55 -10.59 2.58 -27.92
C ALA B 55 -10.55 4.00 -28.57
N ALA B 56 -9.41 4.71 -28.41
CA ALA B 56 -9.20 6.09 -28.94
C ALA B 56 -8.95 6.08 -30.47
N SER B 57 -8.35 4.98 -30.99
CA SER B 57 -8.00 4.83 -32.44
C SER B 57 -9.25 4.84 -33.35
N GLY B 58 -10.42 4.45 -32.78
CA GLY B 58 -11.70 4.38 -33.54
C GLY B 58 -12.15 5.74 -34.16
N VAL B 59 -12.24 6.78 -33.30
CA VAL B 59 -12.71 8.16 -33.70
C VAL B 59 -11.64 9.01 -34.47
N GLN B 60 -10.31 8.72 -34.32
CA GLN B 60 -9.22 9.53 -35.02
C GLN B 60 -9.54 9.64 -36.56
N THR B 61 -9.96 8.51 -37.17
CA THR B 61 -10.38 8.46 -38.61
C THR B 61 -11.81 9.07 -38.76
N GLY B 62 -12.57 9.07 -37.63
CA GLY B 62 -13.97 9.58 -37.55
C GLY B 62 -14.14 11.07 -37.89
N LEU B 63 -13.07 11.89 -37.76
CA LEU B 63 -13.09 13.37 -38.06
C LEU B 63 -13.49 13.59 -39.58
N PHE B 64 -12.92 12.70 -40.43
CA PHE B 64 -13.17 12.67 -41.90
C PHE B 64 -14.70 12.49 -42.17
N ALA B 65 -15.34 11.62 -41.33
CA ALA B 65 -16.81 11.33 -41.41
C ALA B 65 -17.65 12.64 -41.24
N ARG B 66 -17.23 13.59 -40.32
CA ARG B 66 -17.98 14.88 -40.11
C ARG B 66 -18.00 15.65 -41.45
N LEU B 67 -16.84 15.63 -42.20
CA LEU B 67 -16.74 16.30 -43.53
C LEU B 67 -17.76 15.65 -44.58
N THR B 68 -17.86 14.29 -44.54
CA THR B 68 -18.72 13.49 -45.47
C THR B 68 -20.27 13.74 -45.39
N TRP B 69 -20.85 13.92 -44.13
CA TRP B 69 -22.34 14.08 -43.90
C TRP B 69 -22.70 15.48 -43.39
N TRP B 70 -21.99 16.47 -43.94
CA TRP B 70 -22.13 17.92 -43.58
C TRP B 70 -23.60 18.47 -43.44
N GLU B 71 -24.64 17.71 -43.91
CA GLU B 71 -26.09 18.16 -43.89
C GLU B 71 -26.86 17.77 -42.59
N TYR B 72 -26.39 16.73 -41.86
CA TYR B 72 -27.06 16.22 -40.60
C TYR B 72 -27.40 17.42 -39.62
N SER B 73 -26.39 18.29 -39.34
CA SER B 73 -26.52 19.53 -38.47
C SER B 73 -25.15 20.27 -38.41
N TRP B 74 -24.11 19.45 -38.19
CA TRP B 74 -22.66 19.83 -38.08
C TRP B 74 -22.20 19.89 -36.60
N ASP B 75 -23.05 20.51 -35.76
CA ASP B 75 -22.86 20.64 -34.29
C ASP B 75 -22.84 19.19 -33.70
N ILE B 76 -21.66 18.56 -33.78
CA ILE B 76 -21.40 17.13 -33.42
C ILE B 76 -19.94 17.05 -32.94
N VAL B 77 -19.21 18.23 -32.82
CA VAL B 77 -17.78 18.27 -32.42
C VAL B 77 -17.56 17.68 -31.00
N GLU B 78 -16.35 17.88 -30.44
CA GLU B 78 -15.93 17.33 -29.11
C GLU B 78 -15.73 15.73 -29.04
N PRO B 79 -15.82 14.82 -30.12
CA PRO B 79 -15.64 13.30 -29.87
C PRO B 79 -14.26 12.83 -29.33
N VAL B 80 -13.15 13.38 -29.89
CA VAL B 80 -11.78 12.88 -29.54
C VAL B 80 -11.34 13.02 -28.04
N THR B 81 -11.56 14.19 -27.32
CA THR B 81 -11.10 14.27 -25.88
C THR B 81 -11.82 13.29 -24.88
N TYR B 82 -13.21 13.10 -24.92
CA TYR B 82 -13.88 12.19 -23.93
C TYR B 82 -13.39 10.73 -24.09
N PHE B 83 -13.21 10.25 -25.37
CA PHE B 83 -12.63 8.87 -25.61
C PHE B 83 -11.19 8.79 -25.02
N ALA B 84 -10.37 9.89 -25.16
CA ALA B 84 -8.97 9.93 -24.59
C ALA B 84 -9.05 9.75 -23.03
N THR B 85 -10.07 10.42 -22.42
CA THR B 85 -10.37 10.35 -20.95
C THR B 85 -10.74 8.87 -20.53
N TYR B 86 -11.50 8.11 -21.39
CA TYR B 86 -11.86 6.67 -21.09
C TYR B 86 -10.51 5.89 -20.92
N SER B 87 -9.55 6.28 -21.78
CA SER B 87 -8.15 5.80 -21.71
C SER B 87 -7.51 6.20 -20.32
N THR B 88 -7.83 7.44 -19.76
CA THR B 88 -7.18 7.88 -18.44
C THR B 88 -7.48 6.92 -17.27
N VAL B 89 -8.76 6.46 -17.15
CA VAL B 89 -9.15 5.49 -16.06
C VAL B 89 -8.27 4.20 -16.27
N ALA B 90 -8.02 3.83 -17.57
CA ALA B 90 -7.11 2.67 -17.90
C ALA B 90 -5.67 2.93 -17.32
N ALA B 91 -5.17 4.23 -17.37
CA ALA B 91 -3.81 4.61 -16.83
C ALA B 91 -3.76 4.26 -15.33
N THR B 92 -4.90 4.54 -14.65
CA THR B 92 -5.13 4.28 -13.21
C THR B 92 -5.03 2.75 -12.86
N PHE B 93 -5.54 1.78 -13.71
CA PHE B 93 -5.48 0.33 -13.33
C PHE B 93 -3.99 -0.10 -13.14
N GLY B 94 -3.13 0.44 -14.04
CA GLY B 94 -1.68 0.14 -14.18
C GLY B 94 -0.82 -0.10 -12.90
N TYR B 95 -0.87 0.80 -11.87
CA TYR B 95 0.00 0.63 -10.63
C TYR B 95 -0.18 -0.77 -9.93
N TYR B 96 -1.33 -1.45 -10.19
CA TYR B 96 -1.66 -2.78 -9.58
C TYR B 96 -0.82 -3.89 -10.26
N LEU B 97 -1.05 -4.02 -11.59
CA LEU B 97 -0.39 -5.01 -12.48
C LEU B 97 1.11 -4.68 -12.72
N TYR B 98 1.56 -3.43 -12.40
CA TYR B 98 2.96 -2.96 -12.70
C TYR B 98 4.09 -3.95 -12.22
N THR B 99 4.22 -4.22 -10.87
CA THR B 99 5.29 -5.14 -10.36
C THR B 99 4.96 -6.63 -10.74
N GLN B 100 3.68 -7.07 -10.50
CA GLN B 100 3.22 -8.46 -10.82
C GLN B 100 3.56 -8.93 -12.27
N GLN B 101 3.69 -7.98 -13.27
CA GLN B 101 3.98 -8.31 -14.72
C GLN B 101 5.18 -9.31 -14.81
N SER B 102 6.10 -9.22 -13.79
CA SER B 102 7.28 -10.11 -13.66
C SER B 102 6.84 -11.61 -13.64
N PHE B 103 5.69 -11.90 -12.97
CA PHE B 103 5.10 -13.27 -12.86
C PHE B 103 4.50 -13.76 -14.22
N GLU B 104 3.66 -12.88 -14.83
CA GLU B 104 2.90 -13.16 -16.11
C GLU B 104 3.80 -13.22 -17.38
N TYR B 105 4.67 -12.19 -17.56
CA TYR B 105 5.56 -12.04 -18.78
C TYR B 105 6.41 -13.34 -19.17
N PRO B 106 7.16 -14.05 -18.25
CA PRO B 106 8.01 -15.29 -18.65
C PRO B 106 7.21 -16.37 -19.45
N SER B 107 5.86 -16.22 -19.52
CA SER B 107 4.96 -17.15 -20.29
C SER B 107 5.37 -17.16 -21.79
N ALA B 108 6.07 -16.07 -22.22
CA ALA B 108 6.58 -15.88 -23.61
C ALA B 108 7.93 -16.64 -23.79
N ARG B 109 8.21 -17.62 -22.87
CA ARG B 109 9.44 -18.46 -22.87
C ARG B 109 10.73 -17.61 -22.64
N GLU B 110 11.72 -18.19 -21.90
CA GLU B 110 13.05 -17.56 -21.58
C GLU B 110 14.12 -18.32 -22.45
N ARG B 111 14.56 -19.51 -21.96
CA ARG B 111 15.55 -20.40 -22.66
C ARG B 111 16.90 -19.65 -22.96
N VAL B 112 17.98 -19.97 -22.20
CA VAL B 112 19.34 -19.35 -22.36
C VAL B 112 19.97 -19.81 -23.73
N TYR B 113 20.80 -20.89 -23.70
CA TYR B 113 21.49 -21.46 -24.91
C TYR B 113 22.44 -20.43 -25.59
N THR B 114 22.59 -19.22 -24.97
CA THR B 114 23.46 -18.11 -25.48
C THR B 114 24.10 -17.43 -24.23
N LYS B 115 23.77 -16.12 -23.96
CA LYS B 115 24.29 -15.35 -22.80
C LYS B 115 23.48 -14.03 -22.64
N GLN B 116 22.29 -13.94 -23.29
CA GLN B 116 21.39 -12.73 -23.24
C GLN B 116 19.95 -13.15 -23.67
N PHE B 117 19.59 -14.43 -23.42
CA PHE B 117 18.24 -15.01 -23.74
C PHE B 117 17.86 -14.81 -25.26
N TYR B 118 16.67 -14.20 -25.52
CA TYR B 118 16.13 -13.93 -26.88
C TYR B 118 15.15 -12.72 -26.79
N ARG B 119 14.46 -12.60 -25.62
CA ARG B 119 13.46 -11.52 -25.29
C ARG B 119 13.81 -10.87 -23.93
N ARG B 120 15.09 -11.02 -23.50
CA ARG B 120 15.66 -10.47 -22.24
C ARG B 120 14.98 -11.08 -20.95
N ALA B 121 13.68 -11.45 -21.01
CA ALA B 121 12.90 -12.03 -19.87
C ALA B 121 12.75 -11.03 -18.68
N GLN B 122 13.87 -10.81 -17.94
CA GLN B 122 13.99 -9.89 -16.76
C GLN B 122 12.82 -9.98 -15.75
N LYS B 123 12.90 -9.14 -14.68
CA LYS B 123 11.89 -9.05 -13.57
C LYS B 123 11.93 -7.58 -13.01
N GLN B 124 10.72 -6.97 -12.74
CA GLN B 124 10.60 -5.58 -12.19
C GLN B 124 11.16 -5.53 -10.73
N ASN B 125 10.31 -5.88 -9.70
CA ASN B 125 10.71 -5.91 -8.25
C ASN B 125 11.08 -4.49 -7.73
N PHE B 126 10.31 -3.94 -6.73
CA PHE B 126 10.60 -2.59 -6.13
C PHE B 126 9.78 -2.38 -4.83
N ASP B 127 8.75 -3.24 -4.54
CA ASP B 127 7.90 -3.09 -3.30
C ASP B 127 7.12 -4.40 -2.89
N ILE B 128 6.53 -5.22 -3.85
CA ILE B 128 5.79 -6.51 -3.43
C ILE B 128 6.89 -7.50 -2.96
N GLU B 129 7.89 -7.62 -3.86
CA GLU B 129 9.05 -8.53 -3.74
C GLU B 129 9.96 -8.23 -2.53
N LYS B 130 10.38 -6.95 -2.40
CA LYS B 130 11.35 -6.52 -1.34
C LYS B 130 10.79 -6.67 0.09
N TYR B 131 9.51 -6.28 0.35
CA TYR B 131 8.89 -6.39 1.69
C TYR B 131 8.66 -7.88 2.12
N ASN B 132 7.99 -8.72 1.25
CA ASN B 132 7.65 -10.15 1.63
C ASN B 132 8.89 -11.06 1.73
N ARG B 133 9.71 -11.05 0.68
CA ARG B 133 10.93 -11.94 0.64
C ARG B 133 11.96 -11.61 1.81
N LEU B 134 12.23 -10.31 2.11
CA LEU B 134 13.22 -9.93 3.20
C LEU B 134 12.73 -10.48 4.61
N VAL B 135 11.42 -10.24 5.02
CA VAL B 135 10.91 -10.83 6.33
C VAL B 135 11.15 -12.40 6.31
N THR B 136 11.12 -13.04 5.09
CA THR B 136 11.41 -14.53 4.95
C THR B 136 12.84 -14.84 5.51
N GLU B 137 13.81 -13.85 5.40
CA GLU B 137 15.19 -14.06 6.01
C GLU B 137 15.00 -14.27 7.55
N VAL B 138 13.94 -13.64 8.12
CA VAL B 138 13.61 -13.86 9.60
C VAL B 138 13.29 -15.38 9.78
N ASP B 139 12.74 -16.03 8.71
CA ASP B 139 12.43 -17.52 8.73
C ASP B 139 13.76 -18.35 8.88
N GLU B 140 14.85 -17.87 8.21
CA GLU B 140 16.19 -18.56 8.27
C GLU B 140 16.73 -18.51 9.75
N LEU B 141 16.33 -17.42 10.48
CA LEU B 141 16.68 -17.26 11.95
C LEU B 141 15.99 -18.41 12.72
N ARG B 142 14.74 -18.81 12.25
CA ARG B 142 13.94 -19.89 12.92
C ARG B 142 14.81 -21.20 12.88
N ASN B 143 15.62 -21.39 11.76
CA ASN B 143 16.51 -22.61 11.64
C ASN B 143 17.68 -22.62 12.68
N GLN B 144 18.37 -21.46 12.85
CA GLN B 144 19.53 -21.37 13.82
C GLN B 144 19.09 -21.69 15.30
N LEU B 145 18.01 -21.01 15.78
CA LEU B 145 17.46 -21.19 17.18
C LEU B 145 17.27 -22.69 17.53
N LYS B 146 16.61 -23.43 16.64
CA LYS B 146 16.35 -24.89 16.81
C LYS B 146 17.65 -25.70 17.13
N ARG B 147 18.79 -25.45 16.38
CA ARG B 147 20.04 -26.21 16.66
C ARG B 147 20.66 -25.78 18.06
N LEU B 148 20.79 -24.44 18.47
CA LEU B 148 21.33 -24.09 19.88
C LEU B 148 20.32 -24.63 20.99
N ARG B 149 18.99 -24.72 20.68
CA ARG B 149 17.94 -25.21 21.66
C ARG B 149 18.19 -26.70 22.07
N ASP B 150 18.80 -27.54 21.18
CA ASP B 150 19.08 -29.01 21.50
C ASP B 150 20.18 -29.27 22.66
N PRO B 151 21.47 -28.71 22.64
CA PRO B 151 22.55 -28.90 23.75
C PRO B 151 22.01 -29.27 25.20
N LEU B 152 21.50 -28.28 26.02
CA LEU B 152 20.91 -28.57 27.40
C LEU B 152 19.76 -29.61 27.22
N GLU B 153 18.60 -29.05 26.85
CA GLU B 153 17.34 -29.83 26.58
C GLU B 153 17.24 -30.12 25.04
N MET C 1 46.54 11.10 20.51
CA MET C 1 47.27 10.11 21.35
C MET C 1 46.29 9.54 22.41
N ALA C 2 45.28 10.37 22.81
CA ALA C 2 44.24 10.00 23.82
C ALA C 2 43.34 8.83 23.30
N ALA C 3 42.65 9.09 22.16
CA ALA C 3 41.74 8.11 21.49
C ALA C 3 41.39 8.66 20.07
N LEU C 4 42.10 8.15 19.01
CA LEU C 4 41.90 8.55 17.59
C LEU C 4 40.53 8.01 17.10
N SER C 5 40.15 8.40 15.85
CA SER C 5 38.87 7.99 15.20
C SER C 5 38.83 6.44 14.96
N VAL C 6 37.86 5.73 15.62
CA VAL C 6 37.64 4.25 15.55
C VAL C 6 38.98 3.43 15.58
N ASP C 7 40.01 4.04 16.22
CA ASP C 7 41.37 3.44 16.39
C ASP C 7 42.00 3.05 15.00
N GLU C 8 42.69 1.87 14.90
CA GLU C 8 43.33 1.38 13.63
C GLU C 8 43.74 -0.11 13.77
N TYR C 9 43.76 -0.63 15.02
CA TYR C 9 44.13 -2.04 15.35
C TYR C 9 43.66 -2.32 16.80
N LYS C 10 42.65 -3.21 16.99
CA LYS C 10 42.06 -3.57 18.32
C LYS C 10 41.68 -5.07 18.33
N LEU C 11 41.05 -5.49 19.46
CA LEU C 11 40.58 -6.89 19.68
C LEU C 11 39.59 -6.97 20.88
N SER C 12 39.50 -5.86 21.69
CA SER C 12 38.57 -5.79 22.88
C SER C 12 38.45 -4.33 23.40
N ARG C 13 38.19 -3.40 22.46
CA ARG C 13 38.00 -1.93 22.73
C ARG C 13 36.55 -1.54 22.31
N GLU C 14 35.57 -2.03 23.11
CA GLU C 14 34.13 -1.77 22.92
C GLU C 14 33.60 -2.29 21.53
N LYS C 15 33.72 -3.62 21.32
CA LYS C 15 33.26 -4.36 20.09
C LYS C 15 31.72 -4.19 19.91
N LYS C 16 31.01 -4.21 21.06
CA LYS C 16 29.52 -4.13 21.13
C LYS C 16 29.00 -2.82 20.46
N LEU C 17 29.74 -1.71 20.66
CA LEU C 17 29.43 -0.38 20.06
C LEU C 17 29.43 -0.52 18.50
N LEU C 18 30.40 -1.31 17.95
CA LEU C 18 30.53 -1.53 16.46
C LEU C 18 29.23 -2.19 15.86
N LEU C 19 28.64 -3.22 16.56
CA LEU C 19 27.33 -3.87 16.08
C LEU C 19 26.17 -2.80 16.11
N GLN C 20 26.14 -1.96 17.20
CA GLN C 20 25.14 -0.85 17.35
C GLN C 20 25.29 0.16 16.19
N LEU C 21 26.58 0.42 15.80
CA LEU C 21 26.93 1.35 14.68
C LEU C 21 26.30 0.85 13.33
N GLU C 22 26.31 -0.51 13.06
CA GLU C 22 25.72 -1.07 11.80
C GLU C 22 24.19 -0.76 11.75
N ASN C 23 23.52 -0.94 12.92
CA ASN C 23 22.06 -0.64 13.07
C ASN C 23 21.77 0.88 12.80
N ALA C 24 22.67 1.77 13.33
CA ALA C 24 22.52 3.26 13.19
C ALA C 24 22.54 3.69 11.69
N GLU C 25 23.45 3.07 10.88
CA GLU C 25 23.56 3.34 9.41
C GLU C 25 22.23 2.96 8.69
N THR C 26 21.64 1.79 9.12
CA THR C 26 20.36 1.26 8.55
C THR C 26 19.17 2.25 8.77
N LEU C 27 19.08 2.92 9.97
CA LEU C 27 17.96 3.90 10.26
C LEU C 27 18.01 5.02 9.17
N LEU C 28 19.26 5.44 8.84
CA LEU C 28 19.56 6.43 7.76
C LEU C 28 18.68 7.73 7.94
N ALA C 29 19.18 8.71 8.74
CA ALA C 29 18.52 10.03 9.02
C ALA C 29 19.56 11.14 8.62
N PRO C 30 20.77 11.26 9.28
CA PRO C 30 21.88 12.25 8.85
C PRO C 30 21.95 12.55 7.31
N LEU C 31 22.28 11.49 6.52
CA LEU C 31 22.38 11.50 5.04
C LEU C 31 21.00 11.85 4.42
N HIS C 32 19.86 11.34 5.02
CA HIS C 32 18.47 11.56 4.45
C HIS C 32 18.19 13.09 4.31
N ASP C 33 18.66 13.90 5.31
CA ASP C 33 18.50 15.39 5.27
C ASP C 33 19.19 15.97 3.96
N ALA C 34 20.40 15.44 3.55
CA ALA C 34 21.07 15.89 2.29
C ALA C 34 20.18 15.57 1.04
N LYS C 35 19.52 14.35 1.05
CA LYS C 35 18.57 13.91 -0.03
C LYS C 35 17.34 14.88 -0.11
N ARG C 36 16.88 15.32 1.09
CA ARG C 36 15.70 16.25 1.29
C ARG C 36 15.95 17.59 0.55
N LYS C 37 17.24 18.03 0.53
CA LYS C 37 17.69 19.34 -0.07
C LYS C 37 17.25 19.44 -1.58
N ILE C 38 17.27 18.29 -2.32
CA ILE C 38 16.85 18.20 -3.78
C ILE C 38 15.49 18.95 -4.05
N GLU C 39 14.71 19.31 -2.97
CA GLU C 39 13.39 20.01 -3.10
C GLU C 39 13.45 21.25 -4.06
N GLN C 40 14.68 21.79 -4.26
CA GLN C 40 14.96 22.94 -5.18
C GLN C 40 15.19 22.36 -6.62
N GLU C 41 16.16 21.40 -6.71
CA GLU C 41 16.52 20.68 -7.99
C GLU C 41 15.36 19.76 -8.46
N ALA C 42 14.21 19.75 -7.72
CA ALA C 42 13.00 18.91 -8.00
C ALA C 42 12.48 18.97 -9.46
N GLU C 43 13.13 19.74 -10.38
CA GLU C 43 12.75 19.83 -11.83
C GLU C 43 12.68 18.40 -12.48
N ALA C 44 13.26 17.41 -11.75
CA ALA C 44 13.29 15.97 -12.14
C ALA C 44 11.84 15.40 -12.28
N HIS C 45 10.96 15.86 -11.35
CA HIS C 45 9.53 15.43 -11.27
C HIS C 45 8.65 16.26 -12.25
N THR C 46 9.06 17.52 -12.54
CA THR C 46 8.32 18.45 -13.44
C THR C 46 8.27 17.92 -14.90
N ASP C 47 9.45 17.49 -15.42
CA ASP C 47 9.61 17.01 -16.83
C ASP C 47 8.62 15.87 -17.24
N ARG C 48 8.25 14.96 -16.28
CA ARG C 48 7.33 13.80 -16.53
C ARG C 48 5.84 14.18 -16.29
N VAL C 49 5.57 15.28 -15.51
CA VAL C 49 4.19 15.82 -15.30
C VAL C 49 3.94 16.86 -16.42
N ALA C 50 5.06 17.33 -17.05
CA ALA C 50 5.02 18.30 -18.20
C ALA C 50 4.43 17.61 -19.45
N TRP C 51 4.25 16.23 -19.39
CA TRP C 51 3.65 15.42 -20.52
C TRP C 51 2.27 16.05 -20.92
N ALA C 52 1.65 16.68 -19.90
CA ALA C 52 0.35 17.37 -19.96
C ALA C 52 0.43 18.68 -20.82
N GLY C 53 1.65 19.11 -21.20
CA GLY C 53 1.90 20.36 -21.98
C GLY C 53 1.31 20.32 -23.42
N PHE C 54 1.38 19.14 -24.09
CA PHE C 54 0.88 18.95 -25.49
C PHE C 54 -0.67 18.97 -25.55
N ALA C 55 -1.33 18.63 -24.42
CA ALA C 55 -2.83 18.59 -24.32
C ALA C 55 -3.45 20.02 -24.40
N ALA C 56 -2.83 20.98 -23.68
CA ALA C 56 -3.30 22.41 -23.61
C ALA C 56 -3.08 23.17 -24.96
N SER C 57 -2.10 22.70 -25.77
CA SER C 57 -1.73 23.34 -27.08
C SER C 57 -2.90 23.35 -28.11
N GLY C 58 -3.74 22.29 -28.09
CA GLY C 58 -4.89 22.11 -29.05
C GLY C 58 -5.97 23.23 -28.97
N VAL C 59 -6.07 23.91 -27.81
CA VAL C 59 -7.10 24.97 -27.55
C VAL C 59 -6.92 26.25 -28.41
N GLN C 60 -5.68 26.82 -28.41
CA GLN C 60 -5.36 28.13 -29.08
C GLN C 60 -5.95 28.24 -30.52
N THR C 61 -5.84 27.13 -31.29
CA THR C 61 -6.41 27.04 -32.67
C THR C 61 -7.94 26.88 -32.60
N GLY C 62 -8.42 26.36 -31.44
CA GLY C 62 -9.85 26.14 -31.13
C GLY C 62 -10.59 27.48 -30.92
N LEU C 63 -9.97 28.44 -30.16
CA LEU C 63 -10.63 29.79 -29.91
C LEU C 63 -10.86 30.55 -31.26
N PHE C 64 -9.84 30.45 -32.15
CA PHE C 64 -9.90 31.02 -33.52
C PHE C 64 -11.08 30.34 -34.29
N ALA C 65 -11.23 29.00 -34.05
CA ALA C 65 -12.28 28.17 -34.72
C ALA C 65 -13.74 28.64 -34.43
N ARG C 66 -14.11 29.05 -33.13
CA ARG C 66 -15.53 29.53 -32.85
C ARG C 66 -15.82 30.79 -33.69
N LEU C 67 -14.78 31.73 -33.81
CA LEU C 67 -14.99 32.98 -34.61
C LEU C 67 -15.31 32.68 -36.14
N THR C 68 -14.57 31.72 -36.77
CA THR C 68 -14.79 31.29 -38.20
C THR C 68 -16.18 30.61 -38.44
N TRP C 69 -16.58 29.76 -37.47
CA TRP C 69 -17.82 28.90 -37.51
C TRP C 69 -19.13 29.72 -37.51
N TRP C 70 -19.06 31.06 -37.58
CA TRP C 70 -20.27 31.95 -37.57
C TRP C 70 -21.15 31.75 -38.85
N GLU C 71 -20.75 30.80 -39.76
CA GLU C 71 -21.50 30.46 -41.03
C GLU C 71 -21.87 28.95 -41.02
N TYR C 72 -21.14 28.11 -40.21
CA TYR C 72 -21.36 26.65 -40.10
C TYR C 72 -22.59 26.42 -39.16
N SER C 73 -22.46 26.92 -37.91
CA SER C 73 -23.51 26.84 -36.85
C SER C 73 -23.07 27.87 -35.77
N TRP C 74 -22.62 27.38 -34.58
CA TRP C 74 -22.08 28.22 -33.44
C TRP C 74 -21.81 27.31 -32.19
N ASP C 75 -22.88 26.59 -31.72
CA ASP C 75 -22.83 25.66 -30.55
C ASP C 75 -21.69 24.63 -30.74
N ILE C 76 -20.55 24.91 -30.10
CA ILE C 76 -19.30 24.09 -30.19
C ILE C 76 -18.55 24.37 -28.84
N VAL C 77 -19.21 25.05 -27.82
CA VAL C 77 -18.54 25.41 -26.53
C VAL C 77 -17.83 24.22 -25.82
N GLU C 78 -17.19 24.58 -24.69
CA GLU C 78 -16.39 23.67 -23.79
C GLU C 78 -14.92 23.27 -24.27
N PRO C 79 -14.29 23.64 -25.45
CA PRO C 79 -12.89 23.08 -25.77
C PRO C 79 -11.79 23.41 -24.74
N VAL C 80 -11.75 24.66 -24.21
CA VAL C 80 -10.71 25.00 -23.18
C VAL C 80 -10.85 24.12 -21.88
N THR C 81 -12.11 23.93 -21.31
CA THR C 81 -12.26 23.07 -20.11
C THR C 81 -11.94 21.54 -20.30
N TYR C 82 -12.41 20.84 -21.45
CA TYR C 82 -12.16 19.35 -21.57
C TYR C 82 -10.64 19.02 -21.64
N PHE C 83 -9.82 19.79 -22.42
CA PHE C 83 -8.32 19.55 -22.43
C PHE C 83 -7.70 19.81 -21.00
N ALA C 84 -8.19 20.88 -20.30
CA ALA C 84 -7.69 21.23 -18.93
C ALA C 84 -7.96 20.08 -17.89
N THR C 85 -9.18 19.46 -17.95
CA THR C 85 -9.58 18.34 -17.02
C THR C 85 -8.62 17.12 -17.18
N TYR C 86 -8.28 16.84 -18.46
CA TYR C 86 -7.35 15.74 -18.88
C TYR C 86 -5.92 15.95 -18.25
N SER C 87 -5.44 17.24 -18.22
CA SER C 87 -4.11 17.62 -17.62
C SER C 87 -4.13 17.25 -16.10
N THR C 88 -5.30 17.46 -15.47
CA THR C 88 -5.54 17.17 -14.04
C THR C 88 -5.29 15.64 -13.77
N VAL C 89 -5.69 14.72 -14.72
CA VAL C 89 -5.44 13.22 -14.55
C VAL C 89 -3.91 13.00 -14.37
N ALA C 90 -3.09 13.82 -15.10
CA ALA C 90 -1.58 13.71 -14.99
C ALA C 90 -1.20 13.95 -13.50
N ALA C 91 -1.93 14.92 -12.83
CA ALA C 91 -1.70 15.21 -11.37
C ALA C 91 -1.99 13.95 -10.51
N THR C 92 -3.08 13.24 -10.88
CA THR C 92 -3.58 12.03 -10.20
C THR C 92 -2.59 10.84 -10.21
N PHE C 93 -1.87 10.56 -11.37
CA PHE C 93 -0.91 9.41 -11.48
C PHE C 93 0.21 9.54 -10.40
N GLY C 94 0.61 10.81 -10.18
CA GLY C 94 1.70 11.23 -9.28
C GLY C 94 1.85 10.47 -7.94
N TYR C 95 0.78 9.77 -7.45
CA TYR C 95 0.85 9.03 -6.11
C TYR C 95 1.83 7.79 -6.15
N TYR C 96 2.02 7.16 -7.34
CA TYR C 96 2.91 5.95 -7.53
C TYR C 96 4.40 6.37 -7.66
N LEU C 97 4.66 7.22 -8.66
CA LEU C 97 6.05 7.70 -9.03
C LEU C 97 6.68 8.63 -7.94
N TYR C 98 5.87 9.18 -6.99
CA TYR C 98 6.33 10.23 -6.01
C TYR C 98 7.74 9.94 -5.34
N THR C 99 7.82 8.85 -4.55
CA THR C 99 9.07 8.41 -3.88
C THR C 99 10.10 7.80 -4.89
N GLN C 100 9.60 6.90 -5.78
CA GLN C 100 10.42 6.15 -6.81
C GLN C 100 11.22 7.07 -7.79
N GLN C 101 10.72 8.31 -8.05
CA GLN C 101 11.32 9.26 -9.07
C GLN C 101 12.86 9.37 -8.92
N SER C 102 13.35 9.15 -7.70
CA SER C 102 14.81 9.17 -7.37
C SER C 102 15.58 8.04 -8.12
N PHE C 103 14.91 6.86 -8.38
CA PHE C 103 15.57 5.70 -9.10
C PHE C 103 15.78 6.01 -10.62
N GLU C 104 14.72 6.51 -11.30
CA GLU C 104 14.72 6.77 -12.78
C GLU C 104 15.60 7.98 -13.25
N TYR C 105 15.46 9.19 -12.62
CA TYR C 105 16.18 10.44 -13.07
C TYR C 105 17.76 10.34 -13.13
N PRO C 106 18.53 9.78 -12.14
CA PRO C 106 20.07 9.70 -12.18
C PRO C 106 20.70 9.45 -13.59
N SER C 107 21.61 10.37 -13.96
CA SER C 107 22.34 10.38 -15.25
C SER C 107 23.32 9.18 -15.32
N ALA C 108 24.14 9.04 -14.23
CA ALA C 108 25.16 7.96 -14.07
C ALA C 108 26.21 8.00 -15.22
N ARG C 109 26.32 9.17 -15.90
CA ARG C 109 27.28 9.43 -17.02
C ARG C 109 28.72 9.62 -16.45
N GLU C 110 29.10 8.77 -15.46
CA GLU C 110 30.45 8.78 -14.82
C GLU C 110 31.44 8.05 -15.77
N ARG C 111 32.06 8.81 -16.71
CA ARG C 111 33.03 8.27 -17.73
C ARG C 111 33.81 9.47 -18.34
N VAL C 112 33.07 10.56 -18.66
CA VAL C 112 33.63 11.81 -19.27
C VAL C 112 34.55 12.54 -18.23
N TYR C 113 35.76 11.96 -18.00
CA TYR C 113 36.78 12.52 -17.05
C TYR C 113 36.18 12.72 -15.62
N THR C 114 36.96 13.39 -14.73
CA THR C 114 36.56 13.68 -13.32
C THR C 114 35.30 14.60 -13.28
N LYS C 115 34.31 14.25 -12.40
CA LYS C 115 33.03 15.00 -12.22
C LYS C 115 32.39 14.50 -10.90
N GLN C 116 31.48 15.32 -10.29
CA GLN C 116 30.76 15.00 -9.02
C GLN C 116 30.09 13.58 -9.09
N PHE C 117 30.43 12.67 -8.10
CA PHE C 117 29.88 11.28 -8.04
C PHE C 117 30.10 10.70 -6.61
N TYR C 118 30.70 11.51 -5.68
CA TYR C 118 30.95 11.10 -4.26
C TYR C 118 29.60 10.76 -3.56
N ARG C 119 28.59 11.62 -3.83
CA ARG C 119 27.20 11.48 -3.31
C ARG C 119 26.46 10.42 -4.16
N ARG C 120 25.62 9.55 -3.52
CA ARG C 120 24.84 8.48 -4.21
C ARG C 120 23.66 9.11 -5.02
N ALA C 121 22.78 9.84 -4.29
CA ALA C 121 21.59 10.54 -4.87
C ALA C 121 20.65 9.56 -5.65
N GLN C 122 19.83 8.75 -4.90
CA GLN C 122 18.89 7.76 -5.49
C GLN C 122 17.85 7.26 -4.44
N LYS C 123 18.06 7.61 -3.14
CA LYS C 123 17.16 7.17 -2.01
C LYS C 123 15.89 8.10 -1.87
N GLN C 124 16.04 9.27 -1.16
CA GLN C 124 14.91 10.22 -0.86
C GLN C 124 13.84 9.43 -0.04
N ASN C 125 12.58 9.33 -0.56
CA ASN C 125 11.47 8.54 0.06
C ASN C 125 11.12 8.97 1.52
N PHE C 126 9.79 8.97 1.90
CA PHE C 126 9.27 9.29 3.27
C PHE C 126 8.42 8.08 3.76
N ASP C 127 8.49 6.91 3.02
CA ASP C 127 7.70 5.69 3.38
C ASP C 127 8.29 4.35 2.76
N ILE C 128 8.83 4.31 1.47
CA ILE C 128 9.39 2.99 0.91
C ILE C 128 10.58 2.53 1.81
N GLU C 129 11.44 3.53 2.17
CA GLU C 129 12.68 3.32 2.99
C GLU C 129 12.38 2.79 4.44
N LYS C 130 11.31 3.31 5.12
CA LYS C 130 11.00 2.92 6.56
C LYS C 130 10.84 1.37 6.71
N TYR C 131 9.95 0.77 5.88
CA TYR C 131 9.62 -0.65 5.90
C TYR C 131 10.75 -1.57 5.37
N ASN C 132 11.31 -1.27 4.16
CA ASN C 132 12.38 -2.15 3.54
C ASN C 132 13.70 -2.07 4.29
N ARG C 133 14.17 -0.85 4.46
CA ARG C 133 15.53 -0.61 5.05
C ARG C 133 15.60 -1.06 6.54
N LEU C 134 14.62 -0.61 7.38
CA LEU C 134 14.62 -0.97 8.84
C LEU C 134 14.47 -2.52 9.03
N VAL C 135 13.44 -3.19 8.37
CA VAL C 135 13.30 -4.68 8.48
C VAL C 135 14.72 -5.33 8.17
N THR C 136 15.55 -4.74 7.22
CA THR C 136 16.96 -5.26 6.93
C THR C 136 17.82 -5.33 8.23
N GLU C 137 17.58 -4.37 9.19
CA GLU C 137 18.30 -4.39 10.54
C GLU C 137 18.09 -5.82 11.16
N VAL C 138 16.86 -6.39 10.89
CA VAL C 138 16.51 -7.79 11.37
C VAL C 138 17.59 -8.78 10.86
N ASP C 139 18.01 -8.55 9.59
CA ASP C 139 19.04 -9.43 8.91
C ASP C 139 20.33 -9.51 9.80
N GLU C 140 20.60 -8.39 10.57
CA GLU C 140 21.79 -8.34 11.47
C GLU C 140 21.67 -9.36 12.65
N LEU C 141 20.45 -9.43 13.35
CA LEU C 141 20.27 -10.46 14.50
C LEU C 141 20.44 -11.90 13.91
N ARG C 142 20.10 -12.09 12.59
CA ARG C 142 20.28 -13.42 11.87
C ARG C 142 21.80 -13.81 12.03
N ASN C 143 22.74 -12.75 12.00
CA ASN C 143 24.22 -13.01 12.18
C ASN C 143 24.59 -13.41 13.65
N GLN C 144 23.97 -12.72 14.67
CA GLN C 144 24.28 -12.99 16.14
C GLN C 144 23.98 -14.47 16.53
N LEU C 145 22.87 -15.04 15.98
CA LEU C 145 22.47 -16.47 16.25
C LEU C 145 23.51 -17.47 15.68
N LYS C 146 23.95 -17.20 14.43
CA LYS C 146 24.92 -18.10 13.72
C LYS C 146 26.15 -18.45 14.59
N ARG C 147 26.82 -17.38 15.18
CA ARG C 147 28.01 -17.67 16.05
C ARG C 147 27.48 -18.45 17.29
N LEU C 148 26.39 -17.96 17.99
CA LEU C 148 25.78 -18.72 19.18
C LEU C 148 25.49 -20.23 18.87
N ARG C 149 25.20 -20.62 17.60
CA ARG C 149 24.91 -22.06 17.27
C ARG C 149 26.18 -22.93 17.51
N ASP C 150 27.42 -22.38 17.22
CA ASP C 150 28.70 -23.22 17.43
C ASP C 150 29.11 -23.51 18.98
N PRO C 151 29.22 -22.52 19.95
CA PRO C 151 29.58 -22.82 21.44
C PRO C 151 28.62 -23.81 22.18
N LEU C 152 28.71 -23.68 23.52
CA LEU C 152 28.02 -24.44 24.56
C LEU C 152 28.85 -25.71 24.79
N GLU C 153 28.90 -26.45 23.71
CA GLU C 153 29.66 -27.74 23.56
C GLU C 153 31.12 -27.61 24.15
N MET D 1 -6.34 -16.10 45.83
CA MET D 1 -6.16 -15.29 44.59
C MET D 1 -4.91 -14.39 44.79
N ALA D 2 -4.25 -13.99 43.66
CA ALA D 2 -3.04 -13.13 43.65
C ALA D 2 -2.76 -12.69 42.18
N ALA D 3 -3.13 -11.41 41.82
CA ALA D 3 -2.93 -10.83 40.46
C ALA D 3 -1.42 -10.60 40.19
N LEU D 4 -1.12 -10.01 39.00
CA LEU D 4 0.27 -9.70 38.54
C LEU D 4 1.14 -10.99 38.43
N SER D 5 0.52 -12.07 37.90
CA SER D 5 1.16 -13.40 37.68
C SER D 5 1.77 -13.98 39.00
N VAL D 6 1.01 -13.80 40.10
CA VAL D 6 1.37 -14.28 41.46
C VAL D 6 2.71 -13.62 41.96
N ASP D 7 3.87 -14.25 41.62
CA ASP D 7 5.23 -13.77 42.01
C ASP D 7 5.59 -12.48 41.22
N GLU D 8 6.56 -11.69 41.77
CA GLU D 8 7.05 -10.41 41.17
C GLU D 8 8.29 -9.94 41.97
N TYR D 9 9.15 -9.11 41.32
CA TYR D 9 10.41 -8.54 41.94
C TYR D 9 11.38 -9.64 42.44
N LYS D 10 11.08 -10.93 42.12
CA LYS D 10 11.90 -12.12 42.52
C LYS D 10 13.27 -12.12 41.76
N LEU D 11 13.20 -11.87 40.42
CA LEU D 11 14.38 -11.79 39.50
C LEU D 11 14.09 -10.65 38.47
N SER D 12 13.92 -9.42 39.00
CA SER D 12 13.63 -8.18 38.22
C SER D 12 13.93 -6.97 39.12
N ARG D 13 15.19 -6.92 39.56
CA ARG D 13 15.73 -5.88 40.47
C ARG D 13 15.47 -4.42 39.98
N GLU D 14 15.77 -4.11 38.67
CA GLU D 14 15.55 -2.75 38.07
C GLU D 14 15.73 -2.77 36.52
N LYS D 15 16.69 -3.58 36.02
CA LYS D 15 17.03 -3.61 34.55
C LYS D 15 15.85 -4.06 33.61
N LYS D 16 15.04 -5.13 34.01
CA LYS D 16 13.93 -5.65 33.12
C LYS D 16 12.83 -4.58 32.84
N LEU D 17 12.42 -3.81 33.89
CA LEU D 17 11.40 -2.73 33.77
C LEU D 17 11.87 -1.57 32.84
N LEU D 18 13.20 -1.20 32.92
CA LEU D 18 13.79 -0.05 32.13
C LEU D 18 13.69 -0.31 30.62
N LEU D 19 14.01 -1.56 30.28
CA LEU D 19 13.96 -2.09 28.88
C LEU D 19 12.48 -2.07 28.36
N GLN D 20 11.52 -2.49 29.25
CA GLN D 20 10.04 -2.48 28.97
C GLN D 20 9.57 -1.01 28.73
N LEU D 21 10.14 -0.07 29.55
CA LEU D 21 9.83 1.39 29.46
C LEU D 21 10.22 1.93 28.04
N GLU D 22 11.41 1.46 27.46
CA GLU D 22 11.87 1.93 26.11
C GLU D 22 10.80 1.53 25.05
N ASN D 23 10.29 0.28 25.22
CA ASN D 23 9.21 -0.29 24.34
C ASN D 23 7.90 0.55 24.46
N ALA D 24 7.54 0.96 25.71
CA ALA D 24 6.31 1.79 25.97
C ALA D 24 6.41 3.16 25.21
N GLU D 25 7.63 3.78 25.21
CA GLU D 25 7.89 5.09 24.49
C GLU D 25 7.64 4.91 22.96
N THR D 26 8.11 3.74 22.41
CA THR D 26 7.99 3.40 20.96
C THR D 26 6.52 3.34 20.45
N LEU D 27 5.59 2.76 21.28
CA LEU D 27 4.12 2.61 20.90
C LEU D 27 3.51 4.02 20.64
N LEU D 28 3.93 5.00 21.47
CA LEU D 28 3.46 6.41 21.41
C LEU D 28 1.91 6.51 21.63
N ALA D 29 1.52 6.48 22.94
CA ALA D 29 0.11 6.66 23.41
C ALA D 29 0.06 8.18 23.77
N PRO D 30 0.86 8.71 24.76
CA PRO D 30 0.97 10.22 25.04
C PRO D 30 0.83 11.19 23.80
N LEU D 31 1.74 11.03 22.81
CA LEU D 31 1.77 11.87 21.57
C LEU D 31 0.44 11.66 20.78
N HIS D 32 -0.04 10.38 20.72
CA HIS D 32 -1.36 10.06 20.05
C HIS D 32 -2.51 10.79 20.86
N ASP D 33 -2.38 10.77 22.23
CA ASP D 33 -3.32 11.47 23.17
C ASP D 33 -3.28 13.02 22.86
N ALA D 34 -2.05 13.55 22.53
CA ALA D 34 -1.86 15.00 22.19
C ALA D 34 -2.75 15.37 20.97
N LYS D 35 -2.89 14.43 19.95
CA LYS D 35 -3.76 14.67 18.75
C LYS D 35 -5.24 14.89 19.25
N ARG D 36 -5.67 14.10 20.27
CA ARG D 36 -7.08 14.20 20.84
C ARG D 36 -7.33 15.65 21.41
N LYS D 37 -6.32 16.25 22.08
CA LYS D 37 -6.45 17.63 22.70
C LYS D 37 -6.77 18.73 21.60
N ILE D 38 -6.10 18.62 20.42
CA ILE D 38 -6.19 19.57 19.23
C ILE D 38 -7.11 18.98 18.12
N GLU D 39 -7.75 17.78 18.35
CA GLU D 39 -8.63 17.00 17.36
C GLU D 39 -9.22 17.81 16.14
N GLN D 40 -9.52 19.12 16.35
CA GLN D 40 -10.07 20.03 15.30
C GLN D 40 -9.15 20.12 14.03
N GLU D 41 -7.97 19.41 14.05
CA GLU D 41 -6.99 19.39 12.91
C GLU D 41 -7.59 18.66 11.69
N ALA D 42 -8.36 17.57 11.93
CA ALA D 42 -8.99 16.74 10.83
C ALA D 42 -9.85 17.62 9.88
N GLU D 43 -10.29 18.82 10.38
CA GLU D 43 -11.09 19.80 9.59
C GLU D 43 -10.14 20.58 8.63
N ALA D 44 -8.84 20.73 9.05
CA ALA D 44 -7.79 21.45 8.26
C ALA D 44 -7.52 20.74 6.91
N HIS D 45 -8.05 19.49 6.75
CA HIS D 45 -7.90 18.66 5.52
C HIS D 45 -8.81 19.24 4.40
N THR D 46 -10.06 19.61 4.78
CA THR D 46 -11.09 20.17 3.83
C THR D 46 -10.58 21.47 3.15
N ASP D 47 -9.73 22.22 3.90
CA ASP D 47 -9.14 23.52 3.44
C ASP D 47 -8.15 23.30 2.25
N ARG D 48 -7.60 22.05 2.14
CA ARG D 48 -6.64 21.66 1.05
C ARG D 48 -7.41 21.10 -0.18
N VAL D 49 -8.63 20.58 0.06
CA VAL D 49 -9.55 20.06 -0.99
C VAL D 49 -10.34 21.29 -1.53
N ALA D 50 -10.38 22.37 -0.69
CA ALA D 50 -11.06 23.66 -1.03
C ALA D 50 -10.29 24.37 -2.18
N TRP D 51 -9.06 23.85 -2.53
CA TRP D 51 -8.23 24.42 -3.67
C TRP D 51 -9.10 24.44 -4.97
N ALA D 52 -10.05 23.48 -5.01
CA ALA D 52 -11.03 23.26 -6.10
C ALA D 52 -12.11 24.39 -6.13
N GLY D 53 -12.13 25.24 -5.08
CA GLY D 53 -13.11 26.36 -4.92
C GLY D 53 -12.90 27.48 -5.96
N PHE D 54 -11.62 27.77 -6.33
CA PHE D 54 -11.26 28.84 -7.31
C PHE D 54 -11.74 28.46 -8.75
N ALA D 55 -11.81 27.12 -9.04
CA ALA D 55 -12.24 26.58 -10.36
C ALA D 55 -13.76 26.88 -10.60
N ALA D 56 -14.56 26.78 -9.52
CA ALA D 56 -16.03 27.02 -9.51
C ALA D 56 -16.36 28.54 -9.55
N SER D 57 -15.42 29.39 -9.09
CA SER D 57 -15.60 30.88 -9.02
C SER D 57 -15.59 31.55 -10.41
N GLY D 58 -14.92 30.90 -11.40
CA GLY D 58 -14.78 31.43 -12.79
C GLY D 58 -16.12 31.58 -13.58
N VAL D 59 -16.97 30.53 -13.53
CA VAL D 59 -18.28 30.45 -14.29
C VAL D 59 -19.32 31.49 -13.82
N GLN D 60 -19.25 32.03 -12.57
CA GLN D 60 -20.26 33.01 -12.05
C GLN D 60 -20.55 34.13 -13.13
N THR D 61 -19.48 34.51 -13.87
CA THR D 61 -19.54 35.50 -14.99
C THR D 61 -20.15 34.85 -16.25
N GLY D 62 -19.88 33.54 -16.41
CA GLY D 62 -20.34 32.71 -17.55
C GLY D 62 -21.87 32.63 -17.64
N LEU D 63 -22.57 32.49 -16.47
CA LEU D 63 -24.09 32.39 -16.44
C LEU D 63 -24.77 33.68 -17.04
N PHE D 64 -24.19 34.85 -16.71
CA PHE D 64 -24.66 36.19 -17.19
C PHE D 64 -24.58 36.23 -18.74
N ALA D 65 -23.50 35.63 -19.30
CA ALA D 65 -23.24 35.58 -20.76
C ALA D 65 -24.38 34.83 -21.54
N ARG D 66 -24.95 33.68 -20.99
CA ARG D 66 -26.07 32.92 -21.68
C ARG D 66 -27.29 33.87 -21.85
N LEU D 67 -27.59 34.65 -20.76
CA LEU D 67 -28.72 35.64 -20.77
C LEU D 67 -28.49 36.79 -21.83
N THR D 68 -27.22 37.28 -21.91
CA THR D 68 -26.79 38.43 -22.77
C THR D 68 -26.96 38.23 -24.31
N TRP D 69 -26.65 37.00 -24.83
CA TRP D 69 -26.65 36.69 -26.30
C TRP D 69 -27.61 35.54 -26.66
N TRP D 70 -28.80 35.59 -26.05
CA TRP D 70 -29.89 34.57 -26.26
C TRP D 70 -30.23 34.32 -27.78
N GLU D 71 -29.79 35.25 -28.69
CA GLU D 71 -30.08 35.18 -30.15
C GLU D 71 -29.10 34.26 -30.95
N TYR D 72 -27.84 34.01 -30.45
CA TYR D 72 -26.83 33.20 -31.16
C TYR D 72 -27.33 31.74 -31.44
N SER D 73 -27.75 31.00 -30.37
CA SER D 73 -28.27 29.57 -30.49
C SER D 73 -29.08 29.15 -29.20
N TRP D 74 -28.43 29.31 -28.05
CA TRP D 74 -28.92 29.02 -26.67
C TRP D 74 -28.42 27.64 -26.16
N ASP D 75 -28.46 26.62 -27.04
CA ASP D 75 -27.97 25.23 -26.75
C ASP D 75 -26.44 25.36 -26.43
N ILE D 76 -26.16 25.72 -25.17
CA ILE D 76 -24.79 26.04 -24.64
C ILE D 76 -24.81 25.63 -23.15
N VAL D 77 -25.97 25.05 -22.64
CA VAL D 77 -26.16 24.69 -21.22
C VAL D 77 -25.05 23.77 -20.65
N GLU D 78 -25.26 23.34 -19.40
CA GLU D 78 -24.33 22.53 -18.61
C GLU D 78 -22.93 23.19 -18.25
N PRO D 79 -22.57 24.52 -18.40
CA PRO D 79 -21.15 24.97 -18.05
C PRO D 79 -20.74 24.75 -16.59
N VAL D 80 -21.67 25.02 -15.65
CA VAL D 80 -21.37 24.87 -14.19
C VAL D 80 -20.95 23.41 -13.88
N THR D 81 -21.64 22.38 -14.48
CA THR D 81 -21.24 20.98 -14.25
C THR D 81 -19.82 20.61 -14.75
N TYR D 82 -19.33 21.06 -15.99
CA TYR D 82 -17.96 20.65 -16.43
C TYR D 82 -16.89 21.15 -15.42
N PHE D 83 -17.03 22.40 -14.89
CA PHE D 83 -16.12 22.90 -13.80
C PHE D 83 -16.31 21.98 -12.53
N ALA D 84 -17.58 21.57 -12.22
CA ALA D 84 -17.86 20.64 -11.04
C ALA D 84 -17.12 19.25 -11.23
N THR D 85 -17.12 18.70 -12.49
CA THR D 85 -16.41 17.40 -12.82
C THR D 85 -14.89 17.55 -12.48
N TYR D 86 -14.34 18.76 -12.77
CA TYR D 86 -12.91 19.11 -12.50
C TYR D 86 -12.65 18.93 -10.95
N SER D 87 -13.67 19.34 -10.14
CA SER D 87 -13.63 19.15 -8.64
C SER D 87 -13.54 17.63 -8.24
N THR D 88 -14.26 16.69 -8.98
CA THR D 88 -14.26 15.22 -8.58
C THR D 88 -12.82 14.62 -8.61
N VAL D 89 -12.06 14.96 -9.67
CA VAL D 89 -10.60 14.53 -9.82
C VAL D 89 -9.77 15.14 -8.62
N ALA D 90 -10.09 16.39 -8.19
CA ALA D 90 -9.37 17.04 -7.03
C ALA D 90 -9.52 16.14 -5.73
N ALA D 91 -10.74 15.53 -5.52
CA ALA D 91 -11.01 14.60 -4.36
C ALA D 91 -10.04 13.37 -4.44
N THR D 92 -9.81 12.86 -5.70
CA THR D 92 -8.96 11.64 -5.96
C THR D 92 -7.51 11.80 -5.45
N PHE D 93 -6.89 13.03 -5.57
CA PHE D 93 -5.45 13.21 -5.09
C PHE D 93 -5.36 12.83 -3.55
N GLY D 94 -6.45 13.18 -2.82
CA GLY D 94 -6.64 13.03 -1.34
C GLY D 94 -6.05 11.79 -0.61
N TYR D 95 -5.71 10.72 -1.33
CA TYR D 95 -5.16 9.44 -0.71
C TYR D 95 -3.78 9.65 -0.02
N TYR D 96 -2.94 10.43 -0.70
CA TYR D 96 -1.53 10.73 -0.31
C TYR D 96 -1.44 11.62 0.98
N LEU D 97 -2.02 12.82 0.88
CA LEU D 97 -2.03 13.89 1.92
C LEU D 97 -2.66 13.53 3.34
N TYR D 98 -3.47 12.42 3.55
CA TYR D 98 -4.20 12.22 4.90
C TYR D 98 -3.34 12.49 6.18
N THR D 99 -2.28 11.68 6.36
CA THR D 99 -1.34 11.79 7.52
C THR D 99 -0.45 13.09 7.42
N GLN D 100 0.16 13.35 6.22
CA GLN D 100 1.07 14.52 5.96
C GLN D 100 0.42 15.96 6.05
N GLN D 101 -0.92 16.14 5.79
CA GLN D 101 -1.55 17.54 5.69
C GLN D 101 -1.15 18.50 6.85
N SER D 102 -0.87 17.93 8.03
CA SER D 102 -0.47 18.70 9.24
C SER D 102 0.95 19.32 9.09
N PHE D 103 1.85 18.66 8.29
CA PHE D 103 3.26 19.11 8.07
C PHE D 103 3.30 20.42 7.21
N GLU D 104 2.28 20.58 6.32
CA GLU D 104 2.18 21.73 5.37
C GLU D 104 1.87 23.10 6.06
N TYR D 105 0.81 23.15 6.93
CA TYR D 105 0.33 24.44 7.59
C TYR D 105 1.49 25.25 8.33
N PRO D 106 2.33 24.66 9.23
CA PRO D 106 3.48 25.42 9.92
C PRO D 106 4.44 26.13 8.92
N SER D 107 4.72 25.44 7.78
CA SER D 107 5.64 25.91 6.71
C SER D 107 7.07 26.17 7.27
N ALA D 108 7.58 27.43 7.18
CA ALA D 108 8.93 27.82 7.70
C ALA D 108 8.85 27.92 9.26
N ARG D 109 8.71 26.74 9.92
CA ARG D 109 8.59 26.60 11.40
C ARG D 109 9.81 27.23 12.15
N GLU D 110 11.04 26.89 11.70
CA GLU D 110 12.33 27.41 12.28
C GLU D 110 13.50 26.85 11.45
N ARG D 111 14.67 27.56 11.49
CA ARG D 111 15.92 27.19 10.76
C ARG D 111 16.92 26.53 11.78
N VAL D 112 17.39 27.34 12.77
CA VAL D 112 18.36 26.91 13.84
C VAL D 112 17.84 27.45 15.22
N TYR D 113 16.96 26.66 15.88
CA TYR D 113 16.36 26.99 17.22
C TYR D 113 15.63 25.72 17.73
N THR D 114 15.06 25.82 18.97
CA THR D 114 14.34 24.70 19.64
C THR D 114 13.23 24.06 18.74
N LYS D 115 13.17 22.70 18.72
CA LYS D 115 12.21 21.90 17.92
C LYS D 115 10.97 21.56 18.80
N GLN D 116 10.39 22.62 19.43
CA GLN D 116 9.19 22.52 20.34
C GLN D 116 9.56 21.71 21.61
N PHE D 117 8.88 21.96 22.77
CA PHE D 117 9.14 21.24 24.06
C PHE D 117 8.84 19.72 23.91
N TYR D 118 9.90 18.93 23.54
CA TYR D 118 9.82 17.45 23.32
C TYR D 118 8.84 17.10 22.17
N ARG D 119 8.43 15.80 22.08
CA ARG D 119 7.49 15.29 21.05
C ARG D 119 8.02 15.47 19.59
N ARG D 120 9.37 15.55 19.48
CA ARG D 120 10.10 15.69 18.19
C ARG D 120 9.67 16.97 17.39
N ALA D 121 8.93 16.82 16.23
CA ALA D 121 8.49 17.97 15.38
C ALA D 121 7.37 17.51 14.39
N GLN D 122 6.19 17.15 14.96
CA GLN D 122 4.98 16.71 14.20
C GLN D 122 3.79 16.65 15.20
N LYS D 123 2.55 16.41 14.67
CA LYS D 123 1.30 16.38 15.51
C LYS D 123 0.14 15.68 14.74
N GLN D 124 0.45 14.51 14.11
CA GLN D 124 -0.56 13.69 13.34
C GLN D 124 0.03 12.25 13.20
N ASN D 125 -0.78 11.23 12.71
CA ASN D 125 -0.29 9.82 12.58
C ASN D 125 -1.17 8.99 11.58
N PHE D 126 -2.47 8.75 11.93
CA PHE D 126 -3.43 7.96 11.11
C PHE D 126 -2.93 6.45 10.90
N ASP D 127 -1.73 6.16 10.26
CA ASP D 127 -1.24 4.74 10.06
C ASP D 127 0.27 4.60 9.64
N ILE D 128 1.03 5.68 9.20
CA ILE D 128 2.51 5.50 8.81
C ILE D 128 3.33 5.20 10.11
N GLU D 129 2.99 5.98 11.16
CA GLU D 129 3.63 5.95 12.51
C GLU D 129 3.62 4.54 13.16
N LYS D 130 2.42 3.93 13.15
CA LYS D 130 2.10 2.64 13.81
C LYS D 130 3.04 1.47 13.35
N TYR D 131 3.18 1.24 12.01
CA TYR D 131 4.01 0.16 11.48
C TYR D 131 5.54 0.40 11.65
N ASN D 132 6.08 1.60 11.22
CA ASN D 132 7.58 1.85 11.25
C ASN D 132 8.17 1.85 12.67
N ARG D 133 7.54 2.65 13.54
CA ARG D 133 8.02 2.78 14.97
C ARG D 133 7.96 1.40 15.71
N LEU D 134 6.79 0.69 15.63
CA LEU D 134 6.63 -0.60 16.36
C LEU D 134 7.70 -1.68 15.93
N VAL D 135 7.89 -1.97 14.57
CA VAL D 135 8.93 -2.94 14.15
C VAL D 135 10.32 -2.48 14.82
N THR D 136 10.51 -1.11 15.03
CA THR D 136 11.76 -0.57 15.71
C THR D 136 11.94 -1.21 17.12
N GLU D 137 10.78 -1.54 17.77
CA GLU D 137 10.77 -2.25 19.12
C GLU D 137 11.66 -3.51 19.00
N VAL D 138 11.45 -4.26 17.87
CA VAL D 138 12.30 -5.51 17.56
C VAL D 138 13.81 -5.11 17.43
N ASP D 139 14.11 -3.85 17.01
CA ASP D 139 15.57 -3.41 16.88
C ASP D 139 16.28 -3.42 18.27
N GLU D 140 15.50 -3.04 19.32
CA GLU D 140 16.02 -2.99 20.73
C GLU D 140 16.35 -4.46 21.15
N LEU D 141 15.54 -5.40 20.59
CA LEU D 141 15.75 -6.89 20.77
C LEU D 141 17.16 -7.27 20.18
N ARG D 142 17.55 -6.62 19.03
CA ARG D 142 18.91 -6.84 18.36
C ARG D 142 20.04 -6.58 19.42
N ASN D 143 19.77 -5.61 20.41
CA ASN D 143 20.82 -5.33 21.48
C ASN D 143 20.94 -6.51 22.48
N GLN D 144 19.78 -7.10 22.86
CA GLN D 144 19.73 -8.20 23.87
C GLN D 144 20.55 -9.51 23.44
N LEU D 145 20.31 -10.07 22.19
CA LEU D 145 21.07 -11.28 21.68
C LEU D 145 22.58 -10.99 21.69
N LYS D 146 22.93 -9.79 21.18
CA LYS D 146 24.34 -9.36 21.03
C LYS D 146 25.17 -9.59 22.34
N ARG D 147 24.58 -9.28 23.58
CA ARG D 147 25.36 -9.52 24.83
C ARG D 147 25.58 -11.05 24.94
N LEU D 148 24.48 -11.88 24.79
CA LEU D 148 24.61 -13.40 24.86
C LEU D 148 25.75 -13.98 23.96
N ARG D 149 25.96 -13.41 22.76
CA ARG D 149 26.99 -13.93 21.77
C ARG D 149 28.45 -13.78 22.30
N ASP D 150 28.76 -12.71 23.11
CA ASP D 150 30.20 -12.52 23.61
C ASP D 150 30.71 -13.70 24.62
N PRO D 151 30.02 -14.10 25.76
CA PRO D 151 30.51 -15.26 26.70
C PRO D 151 30.26 -16.72 26.15
N LEU D 152 30.20 -17.71 27.10
CA LEU D 152 30.00 -19.18 26.86
C LEU D 152 30.99 -19.82 25.85
N GLU D 153 31.99 -19.03 25.47
CA GLU D 153 33.10 -19.39 24.53
C GLU D 153 32.58 -19.48 23.08
N MET E 1 -12.23 -34.28 46.52
CA MET E 1 -10.90 -34.40 45.87
C MET E 1 -10.78 -33.32 44.76
N ALA E 2 -11.32 -32.11 45.08
CA ALA E 2 -11.30 -30.93 44.16
C ALA E 2 -12.04 -31.24 42.82
N ALA E 3 -11.90 -30.32 41.82
CA ALA E 3 -12.52 -30.45 40.48
C ALA E 3 -11.85 -29.45 39.51
N LEU E 4 -12.42 -29.32 38.28
CA LEU E 4 -11.93 -28.42 37.18
C LEU E 4 -10.47 -28.77 36.75
N SER E 5 -9.94 -29.91 37.28
CA SER E 5 -8.57 -30.45 36.97
C SER E 5 -7.45 -29.42 37.32
N VAL E 6 -7.53 -28.87 38.56
CA VAL E 6 -6.55 -27.88 39.11
C VAL E 6 -5.17 -28.56 39.33
N ASP E 7 -5.22 -29.84 39.79
CA ASP E 7 -4.01 -30.68 40.07
C ASP E 7 -3.52 -31.28 38.72
N GLU E 8 -3.31 -32.63 38.65
CA GLU E 8 -2.85 -33.36 37.42
C GLU E 8 -1.52 -32.75 36.87
N TYR E 9 -1.55 -32.17 35.63
CA TYR E 9 -0.37 -31.56 34.96
C TYR E 9 0.03 -30.24 35.71
N LYS E 10 0.70 -30.41 36.88
CA LYS E 10 1.17 -29.27 37.74
C LYS E 10 2.30 -29.81 38.65
N LEU E 11 3.35 -28.98 38.89
CA LEU E 11 4.53 -29.33 39.73
C LEU E 11 5.37 -28.04 40.00
N SER E 12 5.23 -27.05 39.08
CA SER E 12 5.93 -25.70 39.07
C SER E 12 6.14 -25.30 37.59
N ARG E 13 6.39 -26.31 36.73
CA ARG E 13 6.61 -26.17 35.26
C ARG E 13 5.55 -25.30 34.52
N GLU E 14 4.44 -24.92 35.22
CA GLU E 14 3.31 -24.14 34.63
C GLU E 14 3.75 -22.77 34.01
N LYS E 15 5.00 -22.27 34.28
CA LYS E 15 5.48 -20.95 33.71
C LYS E 15 5.50 -20.99 32.14
N LYS E 16 5.96 -22.14 31.56
CA LYS E 16 6.04 -22.31 30.06
C LYS E 16 4.62 -22.20 29.42
N LEU E 17 3.61 -22.84 30.09
CA LEU E 17 2.19 -22.83 29.63
C LEU E 17 1.62 -21.38 29.59
N LEU E 18 1.98 -20.55 30.62
CA LEU E 18 1.50 -19.13 30.72
C LEU E 18 1.98 -18.30 29.48
N LEU E 19 3.25 -18.48 29.03
CA LEU E 19 3.79 -17.76 27.82
C LEU E 19 2.95 -18.15 26.55
N GLN E 20 2.56 -19.48 26.39
CA GLN E 20 1.73 -19.92 25.21
C GLN E 20 0.38 -19.11 25.19
N LEU E 21 -0.25 -18.89 26.41
CA LEU E 21 -1.51 -18.10 26.53
C LEU E 21 -1.29 -16.61 26.05
N GLU E 22 -0.11 -15.96 26.37
CA GLU E 22 0.16 -14.54 25.96
C GLU E 22 0.14 -14.41 24.41
N ASN E 23 0.76 -15.41 23.70
CA ASN E 23 0.81 -15.40 22.19
C ASN E 23 -0.64 -15.48 21.62
N ALA E 24 -1.46 -16.36 22.24
CA ALA E 24 -2.89 -16.58 21.90
C ALA E 24 -3.71 -15.27 22.13
N GLU E 25 -3.40 -14.53 23.25
CA GLU E 25 -4.12 -13.26 23.60
C GLU E 25 -3.97 -12.20 22.47
N THR E 26 -2.71 -12.04 21.89
CA THR E 26 -2.48 -11.07 20.76
C THR E 26 -3.32 -11.44 19.51
N LEU E 27 -3.39 -12.76 19.18
CA LEU E 27 -4.17 -13.24 17.97
C LEU E 27 -5.69 -12.89 18.09
N LEU E 28 -6.27 -13.06 19.31
CA LEU E 28 -7.72 -12.84 19.64
C LEU E 28 -8.67 -13.03 18.40
N ALA E 29 -8.94 -14.31 18.05
CA ALA E 29 -9.83 -14.71 16.93
C ALA E 29 -11.27 -14.43 17.45
N PRO E 30 -11.70 -15.03 18.61
CA PRO E 30 -13.02 -14.69 19.33
C PRO E 30 -13.57 -13.22 19.11
N LEU E 31 -12.90 -12.22 19.75
CA LEU E 31 -13.25 -10.78 19.66
C LEU E 31 -13.13 -10.26 18.17
N HIS E 32 -12.11 -10.74 17.38
CA HIS E 32 -11.94 -10.26 15.94
C HIS E 32 -13.25 -10.61 15.15
N ASP E 33 -13.83 -11.83 15.46
CA ASP E 33 -15.13 -12.28 14.88
C ASP E 33 -16.25 -11.26 15.28
N ALA E 34 -16.18 -10.69 16.54
CA ALA E 34 -17.20 -9.69 17.03
C ALA E 34 -17.19 -8.42 16.10
N LYS E 35 -15.99 -7.94 15.61
CA LYS E 35 -15.92 -6.76 14.67
C LYS E 35 -16.70 -7.14 13.36
N ARG E 36 -16.51 -8.41 12.88
CA ARG E 36 -17.23 -8.94 11.67
C ARG E 36 -18.78 -8.97 11.90
N LYS E 37 -19.20 -9.33 13.15
CA LYS E 37 -20.64 -9.49 13.54
C LYS E 37 -21.51 -8.20 13.32
N ILE E 38 -20.96 -6.98 13.62
CA ILE E 38 -21.73 -5.68 13.49
C ILE E 38 -22.16 -5.39 12.02
N GLU E 39 -21.80 -6.30 11.06
CA GLU E 39 -22.17 -6.18 9.60
C GLU E 39 -23.70 -5.94 9.40
N GLN E 40 -24.51 -6.34 10.42
CA GLN E 40 -26.00 -6.16 10.41
C GLN E 40 -26.29 -4.65 10.73
N GLU E 41 -25.54 -4.12 11.72
CA GLU E 41 -25.63 -2.70 12.18
C GLU E 41 -24.92 -1.75 11.17
N ALA E 42 -24.36 -2.30 10.06
CA ALA E 42 -23.61 -1.53 9.01
C ALA E 42 -24.31 -0.20 8.56
N GLU E 43 -25.63 -0.02 8.89
CA GLU E 43 -26.40 1.23 8.55
C GLU E 43 -25.74 2.48 9.21
N ALA E 44 -24.75 2.23 10.11
CA ALA E 44 -23.97 3.25 10.84
C ALA E 44 -23.20 4.20 9.87
N HIS E 45 -22.41 3.59 8.93
CA HIS E 45 -21.54 4.33 7.96
C HIS E 45 -22.29 4.80 6.69
N THR E 46 -23.39 4.09 6.30
CA THR E 46 -24.18 4.42 5.06
C THR E 46 -24.60 5.92 5.01
N ASP E 47 -24.65 6.57 6.21
CA ASP E 47 -25.01 8.00 6.37
C ASP E 47 -23.95 8.92 5.67
N ARG E 48 -22.69 8.42 5.56
CA ARG E 48 -21.52 9.14 4.95
C ARG E 48 -21.46 8.93 3.43
N VAL E 49 -21.99 7.77 2.94
CA VAL E 49 -22.04 7.42 1.49
C VAL E 49 -23.35 8.04 0.92
N ALA E 50 -24.31 8.34 1.84
CA ALA E 50 -25.62 8.97 1.49
C ALA E 50 -25.41 10.46 1.12
N TRP E 51 -24.16 11.02 1.38
CA TRP E 51 -23.81 12.44 1.04
C TRP E 51 -24.18 12.71 -0.45
N ALA E 52 -23.91 11.66 -1.24
CA ALA E 52 -24.14 11.59 -2.70
C ALA E 52 -25.65 11.43 -3.06
N GLY E 53 -26.45 10.87 -2.12
CA GLY E 53 -27.92 10.59 -2.33
C GLY E 53 -28.77 11.85 -2.65
N PHE E 54 -28.55 12.97 -1.91
CA PHE E 54 -29.34 14.24 -2.09
C PHE E 54 -28.99 14.95 -3.43
N ALA E 55 -27.71 14.81 -3.86
CA ALA E 55 -27.18 15.45 -5.10
C ALA E 55 -27.90 14.94 -6.39
N ALA E 56 -28.00 13.60 -6.52
CA ALA E 56 -28.61 12.92 -7.71
C ALA E 56 -30.16 12.98 -7.70
N SER E 57 -30.78 13.01 -6.49
CA SER E 57 -32.26 13.00 -6.33
C SER E 57 -32.91 14.35 -6.71
N GLY E 58 -32.12 15.45 -6.63
CA GLY E 58 -32.62 16.82 -6.92
C GLY E 58 -33.03 17.05 -8.40
N VAL E 59 -32.12 16.71 -9.33
CA VAL E 59 -32.29 16.94 -10.81
C VAL E 59 -33.25 15.97 -11.53
N GLN E 60 -33.47 14.77 -10.97
CA GLN E 60 -34.29 13.69 -11.64
C GLN E 60 -35.64 14.26 -12.21
N THR E 61 -36.15 15.33 -11.54
CA THR E 61 -37.39 16.07 -11.95
C THR E 61 -37.08 16.99 -13.16
N GLY E 62 -35.85 17.54 -13.18
CA GLY E 62 -35.31 18.48 -14.21
C GLY E 62 -35.67 18.11 -15.67
N LEU E 63 -35.87 16.81 -15.93
CA LEU E 63 -36.25 16.25 -17.28
C LEU E 63 -37.61 16.88 -17.76
N PHE E 64 -38.52 17.07 -16.77
CA PHE E 64 -39.88 17.67 -16.96
C PHE E 64 -39.71 19.09 -17.57
N ALA E 65 -38.64 19.82 -17.14
CA ALA E 65 -38.35 21.20 -17.64
C ALA E 65 -38.14 21.21 -19.20
N ARG E 66 -37.45 20.15 -19.79
CA ARG E 66 -37.22 20.07 -21.29
C ARG E 66 -38.61 20.04 -22.00
N LEU E 67 -39.56 19.24 -21.41
CA LEU E 67 -40.97 19.15 -21.95
C LEU E 67 -41.72 20.54 -21.87
N THR E 68 -41.52 21.27 -20.73
CA THR E 68 -42.19 22.59 -20.44
C THR E 68 -41.87 23.75 -21.45
N TRP E 69 -40.58 23.87 -21.90
CA TRP E 69 -40.09 24.97 -22.81
C TRP E 69 -39.50 24.38 -24.10
N TRP E 70 -40.22 23.38 -24.62
CA TRP E 70 -39.84 22.57 -25.82
C TRP E 70 -39.24 23.38 -27.04
N GLU E 71 -39.37 24.75 -27.09
CA GLU E 71 -38.87 25.62 -28.23
C GLU E 71 -37.49 26.28 -27.94
N TYR E 72 -36.91 26.02 -26.73
CA TYR E 72 -35.58 26.53 -26.28
C TYR E 72 -34.47 25.66 -26.96
N SER E 73 -34.61 25.52 -28.25
CA SER E 73 -33.70 24.74 -29.18
C SER E 73 -33.84 23.19 -29.00
N TRP E 74 -34.36 22.76 -27.82
CA TRP E 74 -34.61 21.31 -27.45
C TRP E 74 -33.31 20.57 -27.06
N ASP E 75 -32.28 20.67 -27.93
CA ASP E 75 -30.95 20.08 -27.74
C ASP E 75 -30.35 20.67 -26.42
N ILE E 76 -30.56 19.94 -25.31
CA ILE E 76 -30.17 20.35 -23.90
C ILE E 76 -29.92 19.04 -23.14
N VAL E 77 -29.99 17.84 -23.84
CA VAL E 77 -29.82 16.52 -23.18
C VAL E 77 -28.50 16.40 -22.42
N GLU E 78 -28.23 15.19 -21.89
CA GLU E 78 -27.01 14.87 -21.11
C GLU E 78 -26.99 15.36 -19.58
N PRO E 79 -27.96 16.17 -18.96
CA PRO E 79 -27.70 16.68 -17.52
C PRO E 79 -27.59 15.60 -16.41
N VAL E 80 -28.53 14.63 -16.43
CA VAL E 80 -28.62 13.61 -15.34
C VAL E 80 -27.37 12.72 -15.16
N THR E 81 -26.72 12.18 -16.27
CA THR E 81 -25.54 11.29 -16.05
C THR E 81 -24.29 11.96 -15.36
N TYR E 82 -23.85 13.27 -15.70
CA TYR E 82 -22.63 13.86 -15.00
C TYR E 82 -22.91 13.95 -13.49
N PHE E 83 -24.18 14.35 -13.07
CA PHE E 83 -24.48 14.40 -11.59
C PHE E 83 -24.29 12.94 -11.01
N ALA E 84 -24.73 11.89 -11.80
CA ALA E 84 -24.53 10.45 -11.40
C ALA E 84 -22.99 10.11 -11.30
N THR E 85 -22.13 10.60 -12.28
CA THR E 85 -20.63 10.35 -12.25
C THR E 85 -20.05 10.92 -10.93
N TYR E 86 -20.56 12.11 -10.48
CA TYR E 86 -20.09 12.74 -9.20
C TYR E 86 -20.35 11.73 -8.04
N SER E 87 -21.55 11.06 -8.07
CA SER E 87 -21.89 9.99 -7.09
C SER E 87 -20.89 8.79 -7.18
N THR E 88 -20.47 8.41 -8.44
CA THR E 88 -19.50 7.27 -8.63
C THR E 88 -18.13 7.59 -7.96
N VAL E 89 -17.60 8.86 -8.07
CA VAL E 89 -16.27 9.25 -7.43
C VAL E 89 -16.38 8.98 -5.91
N ALA E 90 -17.59 9.27 -5.33
CA ALA E 90 -17.84 8.99 -3.88
C ALA E 90 -17.63 7.45 -3.61
N ALA E 91 -18.10 6.56 -4.57
CA ALA E 91 -17.93 5.06 -4.41
C ALA E 91 -16.41 4.73 -4.33
N THR E 92 -15.60 5.41 -5.21
CA THR E 92 -14.12 5.26 -5.24
C THR E 92 -13.51 5.73 -3.91
N PHE E 93 -14.02 6.88 -3.30
CA PHE E 93 -13.43 7.38 -2.01
C PHE E 93 -13.55 6.26 -0.94
N GLY E 94 -14.73 5.59 -0.96
CA GLY E 94 -15.13 4.48 -0.06
C GLY E 94 -14.06 3.41 0.32
N TYR E 95 -13.14 3.00 -0.61
CA TYR E 95 -12.11 1.91 -0.30
C TYR E 95 -11.21 2.28 0.91
N TYR E 96 -11.07 3.59 1.18
CA TYR E 96 -10.24 4.16 2.29
C TYR E 96 -11.04 4.05 3.60
N LEU E 97 -12.20 4.75 3.60
CA LEU E 97 -13.16 4.81 4.74
C LEU E 97 -13.57 3.41 5.28
N TYR E 98 -13.32 2.30 4.49
CA TYR E 98 -13.82 0.94 4.86
C TYR E 98 -13.46 0.54 6.31
N THR E 99 -12.14 0.42 6.64
CA THR E 99 -11.71 0.09 8.03
C THR E 99 -11.93 1.29 9.05
N GLN E 100 -11.46 2.53 8.71
CA GLN E 100 -11.55 3.75 9.61
C GLN E 100 -12.96 4.00 10.23
N GLN E 101 -14.07 3.58 9.57
CA GLN E 101 -15.47 3.86 10.06
C GLN E 101 -15.65 3.51 11.57
N SER E 102 -14.93 2.45 11.97
CA SER E 102 -14.92 1.93 13.36
C SER E 102 -14.16 2.89 14.33
N PHE E 103 -13.17 3.66 13.81
CA PHE E 103 -12.31 4.59 14.65
C PHE E 103 -13.13 5.75 15.31
N GLU E 104 -13.95 6.47 14.48
CA GLU E 104 -14.76 7.65 14.90
C GLU E 104 -16.00 7.33 15.82
N TYR E 105 -16.66 6.15 15.62
CA TYR E 105 -17.94 5.77 16.33
C TYR E 105 -17.91 5.85 17.93
N PRO E 106 -16.84 5.40 18.67
CA PRO E 106 -16.85 5.43 20.22
C PRO E 106 -16.88 6.87 20.78
N SER E 107 -16.09 7.76 20.13
CA SER E 107 -15.93 9.20 20.50
C SER E 107 -15.35 9.34 21.94
N ALA E 108 -16.23 9.16 22.96
CA ALA E 108 -15.87 9.23 24.41
C ALA E 108 -17.09 8.74 25.26
N ARG E 109 -18.32 8.94 24.70
CA ARG E 109 -19.61 8.54 25.34
C ARG E 109 -19.82 9.27 26.72
N GLU E 110 -21.09 9.69 27.02
CA GLU E 110 -21.46 10.39 28.28
C GLU E 110 -21.30 9.43 29.50
N ARG E 111 -20.37 9.78 30.44
CA ARG E 111 -20.07 8.99 31.68
C ARG E 111 -19.49 7.58 31.30
N VAL E 112 -18.41 7.14 32.01
CA VAL E 112 -17.71 5.83 31.78
C VAL E 112 -17.37 5.20 33.16
N TYR E 113 -17.28 3.83 33.22
CA TYR E 113 -16.94 3.05 34.44
C TYR E 113 -16.71 1.57 34.04
N THR E 114 -15.51 1.01 34.39
CA THR E 114 -15.11 -0.41 34.11
C THR E 114 -15.15 -0.73 32.57
N LYS E 115 -16.37 -1.04 32.04
CA LYS E 115 -16.64 -1.39 30.60
C LYS E 115 -15.56 -2.31 29.94
N GLN E 116 -15.54 -2.40 28.58
CA GLN E 116 -14.56 -3.24 27.80
C GLN E 116 -13.14 -2.61 27.96
N PHE E 117 -12.06 -3.44 27.81
CA PHE E 117 -10.63 -2.99 27.95
C PHE E 117 -10.28 -1.86 26.93
N TYR E 118 -8.99 -1.44 26.92
CA TYR E 118 -8.44 -0.36 26.05
C TYR E 118 -8.65 -0.63 24.53
N ARG E 119 -9.13 -1.85 24.17
CA ARG E 119 -9.37 -2.27 22.74
C ARG E 119 -10.73 -1.72 22.23
N ARG E 120 -11.64 -1.38 23.18
CA ARG E 120 -13.03 -0.86 22.92
C ARG E 120 -13.86 -1.91 22.10
N ALA E 121 -15.19 -1.69 22.03
CA ALA E 121 -16.16 -2.57 21.30
C ALA E 121 -15.89 -2.54 19.77
N GLN E 122 -15.56 -1.33 19.27
CA GLN E 122 -15.27 -1.03 17.83
C GLN E 122 -13.97 -0.17 17.80
N LYS E 123 -13.09 -0.38 16.77
CA LYS E 123 -11.80 0.38 16.63
C LYS E 123 -11.28 0.27 15.16
N GLN E 124 -10.91 -0.98 14.72
CA GLN E 124 -10.39 -1.23 13.32
C GLN E 124 -10.41 -2.77 13.00
N ASN E 125 -10.18 -3.17 11.67
CA ASN E 125 -10.18 -4.61 11.22
C ASN E 125 -9.75 -4.70 9.72
N PHE E 126 -9.15 -5.88 9.38
CA PHE E 126 -8.64 -6.23 8.03
C PHE E 126 -7.52 -5.23 7.59
N ASP E 127 -6.40 -5.79 7.11
CA ASP E 127 -5.24 -5.06 6.57
C ASP E 127 -4.52 -4.09 7.59
N ILE E 128 -5.24 -3.12 8.29
CA ILE E 128 -4.53 -2.18 9.27
C ILE E 128 -4.14 -3.03 10.53
N GLU E 129 -5.17 -3.75 11.04
CA GLU E 129 -5.06 -4.60 12.26
C GLU E 129 -4.11 -5.80 12.07
N LYS E 130 -4.15 -6.46 10.89
CA LYS E 130 -3.34 -7.70 10.59
C LYS E 130 -1.81 -7.51 10.86
N TYR E 131 -1.23 -6.44 10.26
CA TYR E 131 0.19 -6.10 10.35
C TYR E 131 0.63 -5.57 11.73
N ASN E 132 -0.10 -4.55 12.28
CA ASN E 132 0.29 -3.93 13.60
C ASN E 132 0.20 -4.93 14.77
N ARG E 133 -0.98 -5.53 14.86
CA ARG E 133 -1.33 -6.46 15.99
C ARG E 133 -0.36 -7.68 16.09
N LEU E 134 -0.15 -8.41 14.96
CA LEU E 134 0.75 -9.61 14.99
C LEU E 134 2.19 -9.21 15.33
N VAL E 135 2.76 -8.18 14.61
CA VAL E 135 4.20 -7.83 14.87
C VAL E 135 4.38 -7.55 16.44
N THR E 136 3.25 -7.07 17.11
CA THR E 136 3.22 -6.84 18.61
C THR E 136 3.50 -8.20 19.34
N GLU E 137 3.03 -9.33 18.73
CA GLU E 137 3.29 -10.72 19.27
C GLU E 137 4.84 -10.87 19.48
N VAL E 138 5.60 -10.27 18.51
CA VAL E 138 7.13 -10.26 18.57
C VAL E 138 7.57 -9.43 19.81
N ASP E 139 6.77 -8.43 20.23
CA ASP E 139 7.11 -7.61 21.46
C ASP E 139 7.14 -8.55 22.73
N GLU E 140 6.26 -9.64 22.73
CA GLU E 140 6.24 -10.63 23.86
C GLU E 140 7.59 -11.40 23.85
N LEU E 141 8.14 -11.56 22.62
CA LEU E 141 9.47 -12.23 22.41
C LEU E 141 10.58 -11.44 23.14
N ARG E 142 10.51 -10.07 23.07
CA ARG E 142 11.52 -9.16 23.74
C ARG E 142 11.56 -9.47 25.28
N ASN E 143 10.37 -9.90 25.88
CA ASN E 143 10.36 -10.27 27.36
C ASN E 143 11.13 -11.59 27.63
N GLN E 144 10.90 -12.62 26.75
CA GLN E 144 11.54 -13.96 26.88
C GLN E 144 13.09 -13.89 26.82
N LEU E 145 13.64 -13.10 25.87
CA LEU E 145 15.12 -12.95 25.68
C LEU E 145 15.79 -12.36 26.96
N LYS E 146 15.29 -11.21 27.53
CA LYS E 146 15.97 -10.60 28.75
C LYS E 146 16.21 -11.67 29.87
N ARG E 147 15.16 -12.51 30.27
CA ARG E 147 15.41 -13.55 31.35
C ARG E 147 16.48 -14.57 30.82
N LEU E 148 16.42 -14.89 29.48
CA LEU E 148 17.43 -15.78 28.80
C LEU E 148 18.89 -15.15 28.91
N ARG E 149 18.98 -13.76 28.78
CA ARG E 149 20.28 -13.00 28.78
C ARG E 149 21.05 -13.08 30.14
N ASP E 150 20.36 -13.20 31.32
CA ASP E 150 21.10 -13.33 32.65
C ASP E 150 22.14 -14.57 32.61
N PRO E 151 21.75 -15.86 32.21
CA PRO E 151 22.68 -17.06 31.93
C PRO E 151 24.05 -16.64 31.31
N LEU E 152 25.12 -17.46 31.50
CA LEU E 152 26.47 -17.19 31.03
C LEU E 152 27.28 -18.29 31.77
N GLU E 153 27.84 -19.20 30.98
CA GLU E 153 28.62 -20.39 31.46
C GLU E 153 30.09 -19.96 31.78
N MET A 1 32.56 -42.49 10.65
CA MET A 1 32.55 -43.50 9.55
C MET A 1 31.59 -43.01 8.44
N ALA A 2 30.52 -42.27 8.85
CA ALA A 2 29.48 -41.72 7.94
C ALA A 2 28.63 -40.68 8.74
N ALA A 3 27.86 -41.21 9.74
CA ALA A 3 26.98 -40.40 10.63
C ALA A 3 25.93 -39.58 9.79
N LEU A 4 25.64 -38.31 10.21
CA LEU A 4 24.67 -37.41 9.52
C LEU A 4 25.02 -35.94 9.93
N SER A 5 25.39 -35.09 8.94
CA SER A 5 25.77 -33.66 9.13
C SER A 5 26.99 -33.49 10.10
N VAL A 6 28.23 -33.56 9.51
CA VAL A 6 29.56 -33.41 10.20
C VAL A 6 29.59 -33.92 11.69
N ASP A 7 29.07 -35.16 11.90
CA ASP A 7 29.02 -35.85 13.22
C ASP A 7 28.17 -35.03 14.26
N GLU A 8 28.85 -34.31 15.22
CA GLU A 8 28.19 -33.47 16.30
C GLU A 8 26.93 -34.15 16.92
N TYR A 9 27.13 -35.39 17.44
CA TYR A 9 26.07 -36.24 18.07
C TYR A 9 25.00 -36.65 17.01
N LYS A 10 24.11 -37.60 17.39
CA LYS A 10 23.02 -38.16 16.51
C LYS A 10 21.64 -37.56 16.92
N LEU A 11 21.39 -36.27 16.52
CA LEU A 11 20.11 -35.54 16.77
C LEU A 11 19.25 -35.76 15.50
N SER A 12 18.91 -37.05 15.26
CA SER A 12 18.10 -37.54 14.09
C SER A 12 16.68 -37.91 14.53
N ARG A 13 16.30 -37.38 15.70
CA ARG A 13 14.95 -37.56 16.31
C ARG A 13 13.88 -36.75 15.51
N GLU A 14 14.32 -36.14 14.36
CA GLU A 14 13.48 -35.35 13.43
C GLU A 14 12.88 -34.09 14.11
N LYS A 15 13.27 -33.80 15.39
CA LYS A 15 12.73 -32.61 16.12
C LYS A 15 13.09 -31.26 15.40
N LYS A 16 14.37 -31.16 14.92
CA LYS A 16 14.86 -29.97 14.12
C LYS A 16 14.07 -29.87 12.79
N LEU A 17 13.86 -31.05 12.15
CA LEU A 17 13.12 -31.16 10.87
C LEU A 17 11.65 -30.72 11.04
N LEU A 18 10.98 -31.14 12.18
CA LEU A 18 9.53 -30.81 12.44
C LEU A 18 9.29 -29.27 12.53
N LEU A 19 10.18 -28.50 13.25
CA LEU A 19 10.01 -26.99 13.33
C LEU A 19 10.15 -26.40 11.88
N GLN A 20 11.15 -26.91 11.10
CA GLN A 20 11.39 -26.50 9.68
C GLN A 20 10.15 -26.84 8.79
N LEU A 21 9.55 -28.06 9.04
CA LEU A 21 8.35 -28.55 8.29
C LEU A 21 7.11 -27.60 8.53
N GLU A 22 6.92 -27.11 9.82
CA GLU A 22 5.78 -26.20 10.16
C GLU A 22 5.89 -24.89 9.35
N ASN A 23 7.16 -24.41 9.25
CA ASN A 23 7.54 -23.18 8.51
C ASN A 23 7.16 -23.29 7.00
N ALA A 24 7.41 -24.51 6.41
CA ALA A 24 7.12 -24.76 4.96
C ALA A 24 5.61 -24.58 4.61
N GLU A 25 4.67 -25.09 5.48
CA GLU A 25 3.17 -24.90 5.26
C GLU A 25 2.82 -23.39 5.29
N THR A 26 3.45 -22.68 6.26
CA THR A 26 3.25 -21.23 6.54
C THR A 26 3.63 -20.31 5.32
N LEU A 27 4.72 -20.67 4.59
CA LEU A 27 5.27 -19.86 3.42
C LEU A 27 4.22 -19.64 2.28
N LEU A 28 3.39 -20.68 2.00
CA LEU A 28 2.36 -20.69 0.91
C LEU A 28 3.08 -20.85 -0.46
N ALA A 29 2.76 -21.96 -1.16
CA ALA A 29 3.29 -22.32 -2.49
C ALA A 29 2.37 -23.46 -2.99
N PRO A 30 2.12 -24.57 -2.20
CA PRO A 30 1.13 -25.67 -2.61
C PRO A 30 -0.26 -25.12 -3.12
N LEU A 31 -1.02 -24.49 -2.19
CA LEU A 31 -2.38 -23.90 -2.44
C LEU A 31 -2.27 -22.81 -3.53
N HIS A 32 -1.16 -22.03 -3.51
CA HIS A 32 -0.94 -20.92 -4.51
C HIS A 32 -0.89 -21.54 -5.96
N ASP A 33 -0.24 -22.75 -6.09
CA ASP A 33 -0.18 -23.51 -7.40
C ASP A 33 -1.65 -23.85 -7.86
N ALA A 34 -2.56 -24.18 -6.89
CA ALA A 34 -4.00 -24.50 -7.19
C ALA A 34 -4.68 -23.26 -7.87
N LYS A 35 -4.34 -22.00 -7.40
CA LYS A 35 -4.93 -20.74 -8.00
C LYS A 35 -4.54 -20.66 -9.52
N ARG A 36 -3.27 -21.06 -9.83
CA ARG A 36 -2.73 -21.08 -11.24
C ARG A 36 -3.54 -22.05 -12.16
N LYS A 37 -3.98 -23.21 -11.61
CA LYS A 37 -4.72 -24.29 -12.37
C LYS A 37 -6.07 -23.76 -13.00
N ILE A 38 -6.80 -22.93 -12.22
CA ILE A 38 -8.15 -22.35 -12.60
C ILE A 38 -8.02 -21.01 -13.37
N GLU A 39 -6.77 -20.53 -13.63
CA GLU A 39 -6.50 -19.21 -14.33
C GLU A 39 -7.47 -18.87 -15.52
N GLN A 40 -8.02 -19.92 -16.17
CA GLN A 40 -8.96 -19.79 -17.32
C GLN A 40 -10.35 -19.28 -16.80
N GLU A 41 -10.82 -19.94 -15.72
CA GLU A 41 -12.11 -19.64 -15.04
C GLU A 41 -12.03 -18.33 -14.21
N ALA A 42 -10.84 -17.64 -14.20
CA ALA A 42 -10.60 -16.38 -13.43
C ALA A 42 -11.73 -15.31 -13.62
N GLU A 43 -12.59 -15.49 -14.66
CA GLU A 43 -13.75 -14.58 -14.95
C GLU A 43 -14.84 -14.69 -13.83
N ALA A 44 -14.57 -15.55 -12.80
CA ALA A 44 -15.48 -15.80 -11.65
C ALA A 44 -15.65 -14.51 -10.78
N HIS A 45 -14.53 -13.78 -10.53
CA HIS A 45 -14.51 -12.54 -9.69
C HIS A 45 -15.28 -11.38 -10.38
N THR A 46 -15.16 -11.34 -11.73
CA THR A 46 -15.76 -10.28 -12.61
C THR A 46 -17.30 -10.16 -12.42
N ASP A 47 -17.94 -11.21 -11.82
CA ASP A 47 -19.42 -11.24 -11.57
C ASP A 47 -19.86 -10.07 -10.64
N ARG A 48 -18.88 -9.54 -9.83
CA ARG A 48 -19.11 -8.40 -8.89
C ARG A 48 -18.82 -7.06 -9.60
N VAL A 49 -17.89 -7.07 -10.61
CA VAL A 49 -17.57 -5.87 -11.44
C VAL A 49 -18.68 -5.74 -12.51
N ALA A 50 -19.39 -6.89 -12.75
CA ALA A 50 -20.53 -7.00 -13.69
C ALA A 50 -21.73 -6.20 -13.16
N TRP A 51 -21.65 -5.69 -11.86
CA TRP A 51 -22.75 -4.84 -11.24
C TRP A 51 -23.14 -3.72 -12.25
N ALA A 52 -22.07 -3.23 -12.91
CA ALA A 52 -22.07 -2.17 -13.93
C ALA A 52 -22.80 -2.59 -15.25
N GLY A 53 -23.02 -3.91 -15.44
CA GLY A 53 -23.66 -4.48 -16.66
C GLY A 53 -25.07 -3.90 -16.98
N PHE A 54 -25.86 -3.58 -15.91
CA PHE A 54 -27.24 -3.03 -16.05
C PHE A 54 -27.22 -1.54 -16.47
N ALA A 55 -26.14 -0.81 -16.08
CA ALA A 55 -25.99 0.66 -16.39
C ALA A 55 -25.81 0.91 -17.93
N ALA A 56 -24.95 0.09 -18.57
CA ALA A 56 -24.63 0.19 -20.03
C ALA A 56 -25.78 -0.36 -20.92
N SER A 57 -26.61 -1.28 -20.36
CA SER A 57 -27.73 -1.93 -21.11
C SER A 57 -28.90 -0.94 -21.38
N GLY A 58 -29.01 0.08 -20.50
CA GLY A 58 -30.10 1.11 -20.55
C GLY A 58 -30.15 1.97 -21.83
N VAL A 59 -28.97 2.40 -22.36
CA VAL A 59 -28.87 3.31 -23.57
C VAL A 59 -29.16 2.59 -24.90
N GLN A 60 -28.94 1.24 -24.96
CA GLN A 60 -29.11 0.44 -26.21
C GLN A 60 -30.46 0.75 -26.94
N THR A 61 -31.55 0.86 -26.16
CA THR A 61 -32.91 1.21 -26.68
C THR A 61 -33.02 2.72 -27.00
N GLY A 62 -32.16 3.54 -26.35
CA GLY A 62 -32.13 5.03 -26.51
C GLY A 62 -31.73 5.48 -27.93
N LEU A 63 -30.80 4.75 -28.58
CA LEU A 63 -30.28 5.06 -29.97
C LEU A 63 -31.45 5.03 -31.02
N PHE A 64 -32.37 4.06 -30.83
CA PHE A 64 -33.57 3.89 -31.68
C PHE A 64 -34.40 5.21 -31.64
N ALA A 65 -34.42 5.85 -30.43
CA ALA A 65 -35.19 7.11 -30.18
C ALA A 65 -34.78 8.29 -31.15
N ARG A 66 -33.42 8.51 -31.50
CA ARG A 66 -33.04 9.60 -32.50
C ARG A 66 -33.73 9.25 -33.85
N LEU A 67 -33.75 7.93 -34.18
CA LEU A 67 -34.37 7.43 -35.48
C LEU A 67 -35.92 7.78 -35.60
N THR A 68 -36.71 7.66 -34.47
CA THR A 68 -38.21 7.89 -34.49
C THR A 68 -38.64 9.31 -34.94
N TRP A 69 -37.92 10.38 -34.46
CA TRP A 69 -38.24 11.82 -34.82
C TRP A 69 -37.24 12.29 -35.87
N TRP A 70 -35.96 12.14 -35.55
CA TRP A 70 -34.83 12.48 -36.44
C TRP A 70 -34.88 13.91 -37.12
N GLU A 71 -35.91 14.78 -36.81
CA GLU A 71 -36.10 16.14 -37.45
C GLU A 71 -36.19 17.28 -36.39
N TYR A 72 -36.41 16.93 -35.08
CA TYR A 72 -36.48 17.93 -33.98
C TYR A 72 -35.20 18.84 -33.95
N SER A 73 -33.99 18.20 -34.10
CA SER A 73 -32.66 18.92 -34.11
C SER A 73 -31.48 17.94 -34.44
N TRP A 74 -31.60 16.69 -33.96
CA TRP A 74 -30.58 15.60 -34.12
C TRP A 74 -29.38 15.81 -33.17
N ASP A 75 -28.97 17.09 -33.00
CA ASP A 75 -27.89 17.53 -32.07
C ASP A 75 -28.34 17.08 -30.64
N ILE A 76 -27.97 15.84 -30.30
CA ILE A 76 -28.40 15.16 -29.04
C ILE A 76 -27.36 14.03 -28.81
N VAL A 77 -26.32 13.90 -29.73
CA VAL A 77 -25.29 12.83 -29.62
C VAL A 77 -24.52 12.90 -28.29
N GLU A 78 -23.52 12.00 -28.13
CA GLU A 78 -22.63 11.90 -26.92
C GLU A 78 -23.20 11.10 -25.62
N PRO A 79 -24.50 10.59 -25.46
CA PRO A 79 -24.98 9.89 -24.14
C PRO A 79 -24.24 8.57 -23.71
N VAL A 80 -23.97 7.72 -24.72
CA VAL A 80 -23.44 6.34 -24.50
C VAL A 80 -22.09 6.26 -23.76
N THR A 81 -21.10 7.15 -24.06
CA THR A 81 -19.79 7.08 -23.34
C THR A 81 -19.93 7.30 -21.79
N TYR A 82 -20.80 8.26 -21.32
CA TYR A 82 -20.89 8.55 -19.83
C TYR A 82 -21.34 7.29 -19.06
N PHE A 83 -22.35 6.54 -19.60
CA PHE A 83 -22.80 5.27 -18.93
C PHE A 83 -21.61 4.23 -18.87
N ALA A 84 -20.82 4.17 -20.00
CA ALA A 84 -19.60 3.30 -20.11
C ALA A 84 -18.56 3.75 -19.07
N THR A 85 -18.45 5.10 -18.91
CA THR A 85 -17.52 5.75 -17.97
C THR A 85 -17.84 5.29 -16.51
N TYR A 86 -19.14 5.15 -16.16
CA TYR A 86 -19.54 4.68 -14.78
C TYR A 86 -18.90 3.25 -14.57
N SER A 87 -18.91 2.43 -15.66
CA SER A 87 -18.25 1.08 -15.67
C SER A 87 -16.70 1.20 -15.41
N THR A 88 -16.02 2.25 -15.99
CA THR A 88 -14.53 2.43 -15.84
C THR A 88 -14.13 2.55 -14.34
N VAL A 89 -14.95 3.32 -13.57
CA VAL A 89 -14.75 3.47 -12.07
C VAL A 89 -14.86 2.07 -11.41
N ALA A 90 -15.78 1.19 -11.93
CA ALA A 90 -15.96 -0.19 -11.34
C ALA A 90 -14.57 -0.90 -11.36
N ALA A 91 -13.77 -0.67 -12.46
CA ALA A 91 -12.35 -1.20 -12.55
C ALA A 91 -11.50 -0.59 -11.38
N THR A 92 -11.71 0.74 -11.10
CA THR A 92 -10.98 1.49 -10.02
C THR A 92 -11.24 0.89 -8.60
N PHE A 93 -12.51 0.46 -8.28
CA PHE A 93 -12.88 -0.15 -6.94
C PHE A 93 -12.00 -1.42 -6.66
N GLY A 94 -11.68 -2.10 -7.76
CA GLY A 94 -10.98 -3.41 -7.82
C GLY A 94 -9.84 -3.75 -6.82
N TYR A 95 -9.16 -2.79 -6.10
CA TYR A 95 -8.02 -3.18 -5.11
C TYR A 95 -8.54 -4.13 -3.99
N TYR A 96 -9.52 -3.61 -3.21
CA TYR A 96 -10.16 -4.32 -2.07
C TYR A 96 -10.78 -5.67 -2.56
N LEU A 97 -11.58 -5.56 -3.63
CA LEU A 97 -12.31 -6.68 -4.29
C LEU A 97 -11.42 -7.92 -4.72
N TYR A 98 -10.04 -7.82 -4.92
CA TYR A 98 -9.26 -9.00 -5.53
C TYR A 98 -9.07 -10.28 -4.63
N THR A 99 -8.36 -10.25 -3.45
CA THR A 99 -8.17 -11.53 -2.63
C THR A 99 -9.54 -11.96 -2.02
N GLN A 100 -10.35 -10.94 -1.61
CA GLN A 100 -11.74 -11.13 -1.06
C GLN A 100 -12.62 -12.07 -1.95
N GLN A 101 -12.27 -12.16 -3.27
CA GLN A 101 -13.08 -12.89 -4.31
C GLN A 101 -13.53 -14.30 -3.82
N SER A 102 -12.73 -14.89 -2.92
CA SER A 102 -12.98 -16.23 -2.32
C SER A 102 -14.43 -16.38 -1.75
N PHE A 103 -15.04 -15.27 -1.19
CA PHE A 103 -16.42 -15.35 -0.59
C PHE A 103 -17.53 -15.54 -1.70
N GLU A 104 -17.50 -14.69 -2.74
CA GLU A 104 -18.46 -14.73 -3.91
C GLU A 104 -18.21 -15.94 -4.86
N TYR A 105 -16.92 -16.43 -4.95
CA TYR A 105 -16.51 -17.52 -5.90
C TYR A 105 -17.45 -18.82 -5.89
N PRO A 106 -17.82 -19.48 -4.74
CA PRO A 106 -18.78 -20.70 -4.70
C PRO A 106 -19.82 -20.82 -5.88
N SER A 107 -20.38 -19.66 -6.25
CA SER A 107 -21.39 -19.51 -7.35
C SER A 107 -22.66 -20.41 -7.12
N ALA A 108 -22.74 -21.59 -7.79
CA ALA A 108 -23.90 -22.53 -7.68
C ALA A 108 -23.94 -23.19 -6.26
N ARG A 109 -22.73 -23.33 -5.63
CA ARG A 109 -22.57 -23.92 -4.28
C ARG A 109 -22.93 -22.85 -3.21
N GLU A 110 -24.11 -22.22 -3.39
CA GLU A 110 -24.65 -21.16 -2.48
C GLU A 110 -26.21 -21.16 -2.60
N ARG A 111 -26.85 -22.17 -1.97
CA ARG A 111 -28.33 -22.37 -1.95
C ARG A 111 -28.59 -23.31 -0.75
N VAL A 112 -27.89 -24.47 -0.77
CA VAL A 112 -27.95 -25.52 0.29
C VAL A 112 -27.28 -25.01 1.60
N TYR A 113 -26.52 -23.88 1.49
CA TYR A 113 -25.80 -23.23 2.60
C TYR A 113 -24.66 -24.14 3.16
N THR A 114 -23.80 -24.61 2.22
CA THR A 114 -22.62 -25.47 2.51
C THR A 114 -21.68 -25.42 1.27
N LYS A 115 -20.56 -24.64 1.38
CA LYS A 115 -19.54 -24.46 0.31
C LYS A 115 -18.74 -25.80 0.14
N GLN A 116 -17.54 -25.74 -0.49
CA GLN A 116 -16.63 -26.93 -0.71
C GLN A 116 -15.90 -27.26 0.64
N PHE A 117 -16.56 -26.94 1.79
CA PHE A 117 -16.03 -27.14 3.18
C PHE A 117 -15.49 -28.57 3.44
N TYR A 118 -15.84 -29.53 2.55
CA TYR A 118 -15.39 -30.96 2.65
C TYR A 118 -13.83 -31.03 2.53
N ARG A 119 -13.26 -30.11 1.69
CA ARG A 119 -11.79 -30.00 1.45
C ARG A 119 -11.51 -28.64 0.73
N ARG A 120 -11.87 -27.51 1.40
CA ARG A 120 -11.67 -26.12 0.87
C ARG A 120 -10.21 -25.67 1.13
N ALA A 121 -9.90 -25.45 2.45
CA ALA A 121 -8.59 -24.97 2.94
C ALA A 121 -8.34 -23.52 2.43
N GLN A 122 -8.04 -22.55 3.36
CA GLN A 122 -7.84 -21.10 3.03
C GLN A 122 -6.84 -20.88 1.83
N LYS A 123 -7.38 -20.91 0.58
CA LYS A 123 -6.64 -20.72 -0.71
C LYS A 123 -6.86 -19.25 -1.20
N GLN A 124 -6.64 -18.97 -2.53
CA GLN A 124 -6.74 -17.59 -3.13
C GLN A 124 -5.71 -16.64 -2.38
N ASN A 125 -4.43 -16.52 -2.89
CA ASN A 125 -3.32 -15.74 -2.25
C ASN A 125 -2.55 -14.95 -3.35
N PHE A 126 -2.10 -13.69 -3.02
CA PHE A 126 -1.33 -12.82 -3.96
C PHE A 126 -0.67 -11.66 -3.14
N ASP A 127 -1.22 -11.33 -1.91
CA ASP A 127 -0.65 -10.22 -1.07
C ASP A 127 -1.13 -10.26 0.43
N ILE A 128 -2.48 -10.46 0.75
CA ILE A 128 -2.96 -10.45 2.21
C ILE A 128 -2.43 -11.75 2.90
N GLU A 129 -2.62 -12.91 2.22
CA GLU A 129 -2.18 -14.26 2.72
C GLU A 129 -0.63 -14.33 2.92
N LYS A 130 0.12 -13.81 1.92
CA LYS A 130 1.61 -13.84 1.90
C LYS A 130 2.25 -13.08 3.13
N TYR A 131 1.82 -11.81 3.39
CA TYR A 131 2.34 -10.95 4.47
C TYR A 131 1.94 -11.43 5.90
N ASN A 132 0.62 -11.67 6.09
CA ASN A 132 0.03 -12.05 7.41
C ASN A 132 0.54 -13.39 7.91
N ARG A 133 0.40 -14.36 7.03
CA ARG A 133 0.72 -15.78 7.37
C ARG A 133 2.25 -15.97 7.68
N LEU A 134 3.19 -15.49 6.78
CA LEU A 134 4.67 -15.68 7.07
C LEU A 134 5.08 -14.97 8.43
N VAL A 135 4.61 -13.67 8.76
CA VAL A 135 4.91 -13.08 10.12
C VAL A 135 4.46 -14.12 11.28
N THR A 136 3.39 -15.02 11.06
CA THR A 136 3.03 -16.08 12.12
C THR A 136 4.22 -17.07 12.30
N GLU A 137 4.96 -17.37 11.19
CA GLU A 137 6.17 -18.29 11.27
C GLU A 137 7.15 -17.77 12.40
N VAL A 138 7.11 -16.43 12.55
CA VAL A 138 7.91 -15.71 13.61
C VAL A 138 7.31 -16.06 15.02
N ASP A 139 5.95 -16.10 15.13
CA ASP A 139 5.27 -16.51 16.43
C ASP A 139 5.86 -17.87 16.97
N GLU A 140 6.34 -18.73 16.02
CA GLU A 140 6.96 -20.03 16.38
C GLU A 140 8.34 -19.76 17.05
N LEU A 141 9.10 -18.67 16.59
CA LEU A 141 10.41 -18.32 17.31
C LEU A 141 10.14 -18.04 18.83
N ARG A 142 8.91 -17.50 19.15
CA ARG A 142 8.48 -17.21 20.58
C ARG A 142 8.46 -18.58 21.36
N ASN A 143 8.05 -19.72 20.66
CA ASN A 143 8.02 -21.06 21.37
C ASN A 143 9.46 -21.62 21.70
N GLN A 144 10.42 -21.51 20.72
CA GLN A 144 11.82 -22.04 20.92
C GLN A 144 12.52 -21.34 22.13
N LEU A 145 12.52 -19.97 22.19
CA LEU A 145 13.16 -19.17 23.32
C LEU A 145 12.73 -19.68 24.71
N LYS A 146 11.42 -19.88 24.85
CA LYS A 146 10.82 -20.34 26.13
C LYS A 146 11.50 -21.64 26.68
N ARG A 147 11.76 -22.65 25.77
CA ARG A 147 12.36 -23.93 26.20
C ARG A 147 13.85 -23.71 26.68
N LEU A 148 14.74 -23.01 25.89
CA LEU A 148 16.18 -22.75 26.35
C LEU A 148 16.23 -21.73 27.55
N ARG A 149 15.26 -20.75 27.67
CA ARG A 149 15.29 -19.74 28.82
C ARG A 149 15.14 -20.50 30.20
N ASP A 150 14.37 -21.66 30.25
CA ASP A 150 14.16 -22.41 31.56
C ASP A 150 15.53 -22.85 32.28
N PRO A 151 16.56 -23.54 31.65
CA PRO A 151 17.95 -23.80 32.30
C PRO A 151 18.69 -22.41 32.37
N LEU A 152 20.04 -22.31 32.12
CA LEU A 152 20.75 -20.98 32.08
C LEU A 152 20.47 -20.44 30.66
N GLU A 153 21.31 -20.90 29.73
CA GLU A 153 21.27 -20.56 28.29
C GLU A 153 19.94 -21.08 27.66
N MET B 1 48.52 -13.90 0.30
CA MET B 1 47.34 -14.67 -0.16
C MET B 1 47.83 -15.81 -1.10
N ALA B 2 46.87 -16.67 -1.52
CA ALA B 2 47.13 -17.82 -2.43
C ALA B 2 45.75 -18.34 -2.95
N ALA B 3 45.07 -17.48 -3.75
CA ALA B 3 43.73 -17.75 -4.35
C ALA B 3 42.63 -18.01 -3.26
N LEU B 4 42.97 -17.70 -1.98
CA LEU B 4 42.05 -17.86 -0.81
C LEU B 4 40.91 -16.81 -0.89
N SER B 5 40.05 -16.78 0.17
CA SER B 5 38.89 -15.86 0.30
C SER B 5 39.38 -14.40 0.46
N VAL B 6 38.41 -13.46 0.60
CA VAL B 6 38.67 -12.00 0.77
C VAL B 6 39.39 -11.74 2.13
N ASP B 7 39.04 -12.58 3.14
CA ASP B 7 39.61 -12.51 4.52
C ASP B 7 39.19 -13.79 5.31
N GLU B 8 40.07 -14.84 5.29
CA GLU B 8 39.83 -16.15 5.97
C GLU B 8 39.77 -15.95 7.51
N TYR B 9 40.63 -15.03 8.01
CA TYR B 9 40.73 -14.65 9.46
C TYR B 9 41.11 -15.88 10.36
N LYS B 10 41.70 -15.61 11.55
CA LYS B 10 42.16 -16.64 12.53
C LYS B 10 40.98 -17.41 13.19
N LEU B 11 39.73 -17.17 12.70
CA LEU B 11 38.48 -17.81 13.22
C LEU B 11 37.35 -17.56 12.17
N SER B 12 36.25 -18.36 12.21
CA SER B 12 35.09 -18.24 11.26
C SER B 12 35.54 -18.53 9.82
N ARG B 13 36.16 -19.71 9.70
CA ARG B 13 36.76 -20.25 8.46
C ARG B 13 35.81 -20.19 7.21
N GLU B 14 34.55 -20.75 7.32
CA GLU B 14 33.58 -20.80 6.16
C GLU B 14 32.10 -20.98 6.62
N LYS B 15 31.82 -21.40 7.89
CA LYS B 15 30.41 -21.63 8.37
C LYS B 15 29.54 -20.33 8.30
N LYS B 16 30.13 -19.17 8.68
CA LYS B 16 29.44 -17.83 8.65
C LYS B 16 29.05 -17.46 7.19
N LEU B 17 29.99 -17.75 6.24
CA LEU B 17 29.78 -17.47 4.79
C LEU B 17 28.58 -18.30 4.25
N LEU B 18 28.46 -19.60 4.69
CA LEU B 18 27.35 -20.53 4.22
C LEU B 18 25.94 -19.97 4.62
N LEU B 19 25.77 -19.48 5.89
CA LEU B 19 24.47 -18.86 6.35
C LEU B 19 24.19 -17.57 5.49
N GLN B 20 25.28 -16.76 5.26
CA GLN B 20 25.22 -15.51 4.42
C GLN B 20 24.80 -15.86 2.97
N LEU B 21 25.31 -17.01 2.42
CA LEU B 21 24.99 -17.47 1.03
C LEU B 21 23.45 -17.73 0.91
N GLU B 22 22.80 -18.32 1.98
CA GLU B 22 21.32 -18.57 1.98
C GLU B 22 20.60 -17.20 1.85
N ASN B 23 21.13 -16.17 2.60
CA ASN B 23 20.58 -14.78 2.59
C ASN B 23 20.63 -14.16 1.17
N ALA B 24 21.76 -14.41 0.43
CA ALA B 24 21.95 -13.86 -0.95
C ALA B 24 20.81 -14.38 -1.88
N GLU B 25 20.41 -15.71 -1.74
CA GLU B 25 19.26 -16.27 -2.55
C GLU B 25 17.93 -15.52 -2.21
N THR B 26 17.67 -15.26 -0.88
CA THR B 26 16.43 -14.54 -0.41
C THR B 26 16.38 -13.08 -0.93
N LEU B 27 17.54 -12.37 -0.87
CA LEU B 27 17.63 -10.94 -1.28
C LEU B 27 17.27 -10.73 -2.78
N LEU B 28 17.73 -11.66 -3.66
CA LEU B 28 17.53 -11.65 -5.15
C LEU B 28 17.42 -10.22 -5.76
N ALA B 29 18.22 -9.31 -5.16
CA ALA B 29 18.38 -7.88 -5.54
C ALA B 29 19.10 -7.90 -6.92
N PRO B 30 20.29 -8.57 -7.05
CA PRO B 30 20.99 -8.80 -8.39
C PRO B 30 20.06 -8.85 -9.66
N LEU B 31 19.12 -9.83 -9.69
CA LEU B 31 18.14 -10.01 -10.82
C LEU B 31 17.27 -8.73 -10.96
N HIS B 32 16.81 -8.16 -9.78
CA HIS B 32 15.97 -6.89 -9.79
C HIS B 32 16.84 -5.69 -10.36
N ASP B 33 18.12 -5.66 -9.90
CA ASP B 33 19.17 -4.68 -10.34
C ASP B 33 19.45 -4.84 -11.87
N ALA B 34 19.47 -6.13 -12.33
CA ALA B 34 19.73 -6.50 -13.76
C ALA B 34 18.66 -5.84 -14.67
N LYS B 35 17.35 -5.80 -14.23
CA LYS B 35 16.28 -5.14 -15.04
C LYS B 35 16.67 -3.64 -15.26
N ARG B 36 17.18 -3.00 -14.17
CA ARG B 36 17.57 -1.55 -14.22
C ARG B 36 18.71 -1.24 -15.28
N LYS B 37 19.78 -2.10 -15.37
CA LYS B 37 20.92 -1.89 -16.37
C LYS B 37 20.43 -2.00 -17.86
N ILE B 38 19.52 -3.00 -18.15
CA ILE B 38 18.96 -3.29 -19.53
C ILE B 38 17.62 -2.56 -19.77
N GLU B 39 17.14 -1.76 -18.77
CA GLU B 39 15.81 -1.01 -18.76
C GLU B 39 15.13 -0.70 -20.14
N GLN B 40 15.87 -0.71 -21.28
CA GLN B 40 15.32 -0.44 -22.65
C GLN B 40 14.08 -1.37 -22.95
N GLU B 41 14.15 -2.64 -22.44
CA GLU B 41 13.06 -3.65 -22.63
C GLU B 41 11.88 -3.36 -21.67
N ALA B 42 11.98 -2.32 -20.77
CA ALA B 42 10.86 -1.95 -19.82
C ALA B 42 9.59 -1.53 -20.62
N GLU B 43 9.76 -1.43 -21.98
CA GLU B 43 8.67 -1.15 -22.96
C GLU B 43 7.66 -2.36 -22.96
N ALA B 44 8.05 -3.43 -22.20
CA ALA B 44 7.30 -4.70 -22.01
C ALA B 44 5.86 -4.44 -21.45
N HIS B 45 5.71 -3.39 -20.59
CA HIS B 45 4.42 -3.01 -19.96
C HIS B 45 3.61 -2.04 -20.86
N THR B 46 4.35 -1.20 -21.66
CA THR B 46 3.73 -0.16 -22.54
C THR B 46 2.69 -0.79 -23.53
N ASP B 47 2.82 -2.13 -23.76
CA ASP B 47 1.93 -2.92 -24.68
C ASP B 47 0.73 -3.53 -23.89
N ARG B 48 0.76 -3.48 -22.52
CA ARG B 48 -0.32 -4.04 -21.63
C ARG B 48 -1.38 -2.95 -21.32
N VAL B 49 -0.94 -1.67 -21.25
CA VAL B 49 -1.82 -0.50 -20.99
C VAL B 49 -2.44 -0.07 -22.34
N ALA B 50 -1.89 -0.67 -23.45
CA ALA B 50 -2.34 -0.45 -24.84
C ALA B 50 -3.66 -1.21 -25.07
N TRP B 51 -4.08 -2.09 -24.09
CA TRP B 51 -5.39 -2.86 -24.17
C TRP B 51 -6.53 -1.87 -24.53
N ALA B 52 -6.35 -0.66 -23.97
CA ALA B 52 -7.24 0.50 -24.07
C ALA B 52 -6.96 1.33 -25.37
N GLY B 53 -5.70 1.30 -25.87
CA GLY B 53 -5.29 2.07 -27.10
C GLY B 53 -6.21 1.83 -28.31
N PHE B 54 -6.87 0.64 -28.34
CA PHE B 54 -7.81 0.24 -29.42
C PHE B 54 -9.16 0.98 -29.29
N ALA B 55 -9.53 1.38 -28.03
CA ALA B 55 -10.83 2.08 -27.72
C ALA B 55 -10.91 3.47 -28.42
N ALA B 56 -9.81 4.26 -28.30
CA ALA B 56 -9.70 5.64 -28.86
C ALA B 56 -9.48 5.62 -30.40
N SER B 57 -8.91 4.50 -30.93
CA SER B 57 -8.59 4.35 -32.37
C SER B 57 -9.85 4.27 -33.27
N GLY B 58 -10.99 3.83 -32.69
CA GLY B 58 -12.27 3.68 -33.44
C GLY B 58 -12.79 5.03 -34.03
N VAL B 59 -12.94 6.03 -33.14
CA VAL B 59 -13.45 7.41 -33.49
C VAL B 59 -12.40 8.30 -34.19
N GLN B 60 -11.08 8.01 -33.99
CA GLN B 60 -9.96 8.86 -34.55
C GLN B 60 -10.21 9.17 -36.07
N THR B 61 -10.70 8.14 -36.80
CA THR B 61 -11.08 8.24 -38.25
C THR B 61 -12.46 8.98 -38.38
N GLY B 62 -13.26 8.87 -37.30
CA GLY B 62 -14.63 9.45 -37.19
C GLY B 62 -14.72 10.97 -37.48
N LEU B 63 -13.60 11.70 -37.35
CA LEU B 63 -13.53 13.18 -37.62
C LEU B 63 -13.92 13.46 -39.12
N PHE B 64 -13.46 12.53 -39.99
CA PHE B 64 -13.74 12.54 -41.45
C PHE B 64 -15.28 12.49 -41.66
N ALA B 65 -15.99 11.70 -40.78
CA ALA B 65 -17.46 11.52 -40.83
C ALA B 65 -18.20 12.90 -40.68
N ARG B 66 -17.69 13.84 -39.77
CA ARG B 66 -18.33 15.21 -39.60
C ARG B 66 -18.27 15.94 -40.96
N LEU B 67 -17.09 15.82 -41.68
CA LEU B 67 -16.95 16.48 -43.01
C LEU B 67 -17.98 15.90 -44.08
N THR B 68 -18.13 14.55 -44.07
CA THR B 68 -18.98 13.73 -45.00
C THR B 68 -20.55 13.93 -44.96
N TRP B 69 -21.16 14.06 -43.72
CA TRP B 69 -22.67 14.07 -43.53
C TRP B 69 -23.23 15.39 -42.98
N TRP B 70 -22.62 16.49 -43.41
CA TRP B 70 -23.00 17.88 -42.99
C TRP B 70 -24.53 18.22 -43.16
N GLU B 71 -25.34 17.36 -43.84
CA GLU B 71 -26.81 17.63 -44.08
C GLU B 71 -27.72 17.22 -42.90
N TYR B 72 -27.26 16.30 -42.01
CA TYR B 72 -28.05 15.80 -40.82
C TYR B 72 -28.66 17.01 -40.01
N SER B 73 -27.77 17.94 -39.58
CA SER B 73 -28.11 19.20 -38.82
C SER B 73 -26.81 19.98 -38.56
N TRP B 74 -25.93 19.25 -37.88
CA TRP B 74 -24.59 19.60 -37.40
C TRP B 74 -24.55 19.70 -35.85
N ASP B 75 -23.56 20.46 -35.30
CA ASP B 75 -23.27 20.64 -33.84
C ASP B 75 -23.18 19.23 -33.21
N ILE B 76 -21.94 18.66 -33.18
CA ILE B 76 -21.70 17.22 -32.80
C ILE B 76 -20.30 17.14 -32.16
N VAL B 77 -19.53 18.29 -32.04
CA VAL B 77 -18.13 18.27 -31.54
C VAL B 77 -17.97 17.51 -30.18
N GLU B 78 -16.68 17.35 -29.77
CA GLU B 78 -16.21 16.61 -28.52
C GLU B 78 -15.91 15.04 -28.66
N PRO B 79 -16.30 14.24 -29.72
CA PRO B 79 -16.12 12.71 -29.64
C PRO B 79 -14.65 12.14 -29.47
N VAL B 80 -13.64 12.67 -30.18
CA VAL B 80 -12.24 12.09 -30.04
C VAL B 80 -11.68 12.23 -28.58
N THR B 81 -11.86 13.43 -27.95
CA THR B 81 -11.37 13.69 -26.58
C THR B 81 -12.00 12.82 -25.44
N TYR B 82 -13.38 12.57 -25.40
CA TYR B 82 -13.99 11.79 -24.28
C TYR B 82 -13.46 10.31 -24.21
N PHE B 83 -13.29 9.56 -25.38
CA PHE B 83 -12.66 8.17 -25.34
C PHE B 83 -11.20 8.31 -24.84
N ALA B 84 -10.49 9.40 -25.25
CA ALA B 84 -9.07 9.62 -24.83
C ALA B 84 -8.99 9.66 -23.26
N THR B 85 -10.01 10.31 -22.57
CA THR B 85 -10.09 10.32 -21.04
C THR B 85 -10.21 8.84 -20.54
N TYR B 86 -10.98 7.99 -21.29
CA TYR B 86 -11.18 6.54 -20.90
C TYR B 86 -9.77 5.85 -20.85
N SER B 87 -8.88 6.19 -21.83
CA SER B 87 -7.47 5.66 -21.88
C SER B 87 -6.64 6.08 -20.63
N THR B 88 -6.78 7.37 -20.15
CA THR B 88 -5.99 7.87 -18.96
C THR B 88 -6.33 7.04 -17.66
N VAL B 89 -7.64 6.71 -17.42
CA VAL B 89 -8.04 5.81 -16.23
C VAL B 89 -7.34 4.43 -16.42
N ALA B 90 -7.19 3.95 -17.70
CA ALA B 90 -6.47 2.64 -17.96
C ALA B 90 -5.03 2.77 -17.34
N ALA B 91 -4.44 4.00 -17.44
CA ALA B 91 -3.10 4.33 -16.80
C ALA B 91 -3.20 4.09 -15.25
N THR B 92 -4.37 4.50 -14.67
CA THR B 92 -4.69 4.36 -13.23
C THR B 92 -4.69 2.84 -12.81
N PHE B 93 -5.24 1.91 -13.68
CA PHE B 93 -5.25 0.43 -13.41
C PHE B 93 -3.79 -0.06 -13.22
N GLY B 94 -2.90 0.56 -14.02
CA GLY B 94 -1.45 0.27 -14.06
C GLY B 94 -0.75 -0.01 -12.70
N TYR B 95 -1.32 0.53 -11.58
CA TYR B 95 -0.72 0.35 -10.20
C TYR B 95 -0.85 -1.11 -9.69
N TYR B 96 -1.81 -1.89 -10.25
CA TYR B 96 -2.14 -3.27 -9.83
C TYR B 96 -1.18 -4.30 -10.44
N LEU B 97 -1.14 -4.38 -11.81
CA LEU B 97 -0.26 -5.37 -12.55
C LEU B 97 1.26 -4.95 -12.56
N TYR B 98 1.60 -3.66 -12.22
CA TYR B 98 3.04 -3.11 -12.33
C TYR B 98 4.14 -4.16 -11.88
N THR B 99 4.13 -4.57 -10.59
CA THR B 99 5.06 -5.60 -10.04
C THR B 99 4.71 -7.04 -10.60
N GLN B 100 3.41 -7.47 -10.51
CA GLN B 100 2.93 -8.85 -10.92
C GLN B 100 3.42 -9.32 -12.33
N GLN B 101 3.68 -8.37 -13.28
CA GLN B 101 4.07 -8.71 -14.71
C GLN B 101 5.20 -9.79 -14.73
N SER B 102 6.04 -9.78 -13.67
CA SER B 102 7.15 -10.75 -13.47
C SER B 102 6.64 -12.22 -13.34
N PHE B 103 5.40 -12.44 -12.77
CA PHE B 103 4.83 -13.83 -12.58
C PHE B 103 4.43 -14.47 -13.96
N GLU B 104 3.83 -13.65 -14.86
CA GLU B 104 3.34 -14.11 -16.21
C GLU B 104 4.50 -14.46 -17.20
N TYR B 105 5.59 -13.65 -17.23
CA TYR B 105 6.75 -13.82 -18.21
C TYR B 105 7.43 -15.27 -18.23
N PRO B 106 7.87 -15.89 -17.09
CA PRO B 106 8.58 -17.27 -17.14
C PRO B 106 7.71 -18.39 -17.77
N SER B 107 6.37 -18.19 -17.84
CA SER B 107 5.42 -19.19 -18.41
C SER B 107 5.50 -19.18 -19.96
N ALA B 108 5.82 -18.00 -20.54
CA ALA B 108 5.94 -17.79 -22.03
C ALA B 108 7.18 -18.56 -22.60
N ARG B 109 6.99 -19.88 -22.83
CA ARG B 109 8.02 -20.80 -23.39
C ARG B 109 9.31 -20.86 -22.50
N GLU B 110 9.45 -21.93 -21.66
CA GLU B 110 10.62 -22.17 -20.77
C GLU B 110 11.82 -22.67 -21.66
N ARG B 111 13.01 -22.01 -21.55
CA ARG B 111 14.23 -22.38 -22.33
C ARG B 111 15.46 -21.68 -21.66
N VAL B 112 15.94 -22.26 -20.52
CA VAL B 112 17.11 -21.73 -19.75
C VAL B 112 18.45 -22.08 -20.46
N TYR B 113 18.36 -22.75 -21.64
CA TYR B 113 19.53 -23.19 -22.47
C TYR B 113 20.38 -21.96 -22.93
N THR B 114 19.72 -20.78 -23.05
CA THR B 114 20.36 -19.51 -23.48
C THR B 114 21.37 -18.99 -22.41
N LYS B 115 21.64 -17.66 -22.39
CA LYS B 115 22.57 -17.01 -21.42
C LYS B 115 22.32 -15.47 -21.44
N GLN B 116 21.03 -15.09 -21.66
CA GLN B 116 20.57 -13.66 -21.70
C GLN B 116 19.02 -13.64 -21.53
N PHE B 117 18.46 -14.77 -21.00
CA PHE B 117 17.00 -14.97 -20.74
C PHE B 117 16.19 -14.92 -22.09
N TYR B 118 15.34 -15.95 -22.36
CA TYR B 118 14.52 -16.06 -23.60
C TYR B 118 13.39 -14.98 -23.62
N ARG B 119 12.78 -14.79 -24.81
CA ARG B 119 11.69 -13.80 -25.07
C ARG B 119 12.22 -12.34 -24.95
N ARG B 120 13.54 -12.19 -24.66
CA ARG B 120 14.22 -10.87 -24.52
C ARG B 120 13.54 -10.00 -23.41
N ALA B 121 13.55 -10.54 -22.16
CA ALA B 121 12.95 -9.90 -20.94
C ALA B 121 13.41 -10.67 -19.67
N GLN B 122 12.93 -10.22 -18.46
CA GLN B 122 13.29 -10.84 -17.14
C GLN B 122 12.35 -10.32 -16.01
N LYS B 123 12.64 -10.77 -14.76
CA LYS B 123 11.88 -10.41 -13.52
C LYS B 123 12.16 -8.94 -13.12
N GLN B 124 11.51 -8.46 -12.02
CA GLN B 124 11.66 -7.08 -11.48
C GLN B 124 11.17 -7.05 -9.99
N ASN B 125 9.96 -6.48 -9.72
CA ASN B 125 9.35 -6.40 -8.35
C ASN B 125 10.17 -5.41 -7.47
N PHE B 126 9.50 -4.35 -6.91
CA PHE B 126 10.15 -3.28 -6.09
C PHE B 126 9.33 -2.92 -4.84
N ASP B 127 8.26 -3.72 -4.50
CA ASP B 127 7.38 -3.42 -3.31
C ASP B 127 6.62 -4.67 -2.74
N ILE B 128 5.95 -5.57 -3.59
CA ILE B 128 5.21 -6.79 -3.00
C ILE B 128 6.32 -7.79 -2.47
N GLU B 129 7.35 -8.12 -3.33
CA GLU B 129 8.47 -9.06 -2.95
C GLU B 129 9.38 -8.45 -1.85
N LYS B 130 9.77 -7.17 -2.01
CA LYS B 130 10.74 -6.48 -1.10
C LYS B 130 10.38 -6.66 0.43
N TYR B 131 9.10 -6.36 0.81
CA TYR B 131 8.63 -6.49 2.19
C TYR B 131 8.44 -7.98 2.66
N ASN B 132 7.70 -8.84 1.86
CA ASN B 132 7.44 -10.27 2.31
C ASN B 132 8.72 -11.11 2.28
N ARG B 133 9.39 -11.08 1.12
CA ARG B 133 10.63 -11.89 0.87
C ARG B 133 11.72 -11.64 1.98
N LEU B 134 11.91 -10.36 2.39
CA LEU B 134 12.94 -10.03 3.41
C LEU B 134 12.53 -10.57 4.86
N VAL B 135 11.29 -10.28 5.44
CA VAL B 135 10.92 -10.87 6.78
C VAL B 135 11.14 -12.47 6.78
N THR B 136 10.96 -13.24 5.60
CA THR B 136 11.30 -14.76 5.61
C THR B 136 12.82 -14.92 5.92
N GLU B 137 13.68 -13.90 5.58
CA GLU B 137 15.15 -13.93 6.00
C GLU B 137 15.18 -14.23 7.55
N VAL B 138 14.23 -13.55 8.25
CA VAL B 138 14.02 -13.74 9.76
C VAL B 138 13.66 -15.25 10.03
N ASP B 139 13.01 -15.95 9.06
CA ASP B 139 12.70 -17.45 9.24
C ASP B 139 14.03 -18.21 9.50
N GLU B 140 15.11 -17.71 8.80
CA GLU B 140 16.49 -18.30 8.92
C GLU B 140 16.99 -18.12 10.38
N LEU B 141 16.56 -16.97 11.01
CA LEU B 141 16.86 -16.69 12.47
C LEU B 141 16.20 -17.82 13.31
N ARG B 142 14.95 -18.26 12.91
CA ARG B 142 14.20 -19.37 13.61
C ARG B 142 15.07 -20.68 13.57
N ASN B 143 15.93 -20.90 12.47
CA ASN B 143 16.78 -22.15 12.36
C ASN B 143 17.95 -22.17 13.40
N GLN B 144 18.68 -21.02 13.50
CA GLN B 144 19.84 -20.86 14.43
C GLN B 144 19.36 -21.07 15.92
N LEU B 145 18.08 -20.65 16.19
CA LEU B 145 17.41 -20.80 17.52
C LEU B 145 17.25 -22.32 17.92
N LYS B 146 16.75 -23.16 16.97
CA LYS B 146 16.54 -24.64 17.20
C LYS B 146 17.82 -25.29 17.82
N ARG B 147 19.03 -25.03 17.20
CA ARG B 147 20.26 -25.65 17.69
C ARG B 147 20.57 -25.18 19.14
N LEU B 148 20.36 -23.85 19.52
CA LEU B 148 20.54 -23.43 20.98
C LEU B 148 19.75 -24.38 21.99
N ARG B 149 18.53 -24.82 21.57
CA ARG B 149 17.61 -25.66 22.43
C ARG B 149 18.15 -27.12 22.69
N ASP B 150 18.94 -27.72 21.72
CA ASP B 150 19.42 -29.18 21.85
C ASP B 150 20.45 -29.52 23.05
N PRO B 151 21.61 -28.81 23.26
CA PRO B 151 22.66 -29.21 24.34
C PRO B 151 22.20 -29.27 25.81
N LEU B 152 21.88 -28.10 26.46
CA LEU B 152 21.49 -28.04 27.91
C LEU B 152 20.11 -28.75 28.09
N GLU B 153 19.05 -28.00 27.76
CA GLU B 153 17.63 -28.45 27.82
C GLU B 153 16.74 -27.41 27.08
N MET C 1 47.99 8.54 22.52
CA MET C 1 47.87 9.70 21.59
C MET C 1 47.80 9.12 20.15
N ALA C 2 46.54 8.77 19.70
CA ALA C 2 46.27 8.20 18.34
C ALA C 2 46.60 9.23 17.23
N ALA C 3 46.36 8.83 15.96
CA ALA C 3 46.62 9.68 14.74
C ALA C 3 45.94 9.04 13.50
N LEU C 4 45.59 7.72 13.59
CA LEU C 4 44.94 6.94 12.49
C LEU C 4 43.48 7.48 12.28
N SER C 5 42.61 7.20 13.28
CA SER C 5 41.18 7.61 13.28
C SER C 5 40.63 7.46 14.73
N VAL C 6 40.62 8.59 15.51
CA VAL C 6 40.16 8.65 16.94
C VAL C 6 40.65 7.44 17.80
N ASP C 7 39.99 7.19 18.97
CA ASP C 7 40.34 6.09 19.91
C ASP C 7 40.25 4.68 19.21
N GLU C 8 41.43 4.07 18.88
CA GLU C 8 41.52 2.73 18.21
C GLU C 8 42.99 2.24 18.34
N TYR C 9 43.21 0.90 18.37
CA TYR C 9 44.56 0.25 18.50
C TYR C 9 44.54 -1.17 17.83
N LYS C 10 43.37 -1.58 17.27
CA LYS C 10 43.17 -2.90 16.60
C LYS C 10 43.51 -4.09 17.56
N LEU C 11 42.60 -4.33 18.54
CA LEU C 11 42.74 -5.43 19.54
C LEU C 11 41.40 -5.58 20.32
N SER C 12 40.29 -5.69 19.54
CA SER C 12 38.89 -5.84 20.06
C SER C 12 38.39 -4.47 20.54
N ARG C 13 39.15 -3.90 21.50
CA ARG C 13 38.93 -2.56 22.10
C ARG C 13 37.53 -2.40 22.76
N GLU C 14 36.47 -2.39 21.93
CA GLU C 14 35.03 -2.23 22.37
C GLU C 14 34.07 -2.75 21.24
N LYS C 15 33.82 -4.08 21.22
CA LYS C 15 32.92 -4.75 20.22
C LYS C 15 31.44 -4.21 20.27
N LYS C 16 30.89 -3.95 21.50
CA LYS C 16 29.46 -3.51 21.67
C LYS C 16 29.18 -2.18 20.92
N LEU C 17 30.14 -1.24 21.01
CA LEU C 17 30.07 0.07 20.32
C LEU C 17 30.04 -0.12 18.76
N LEU C 18 30.87 -1.07 18.21
CA LEU C 18 30.94 -1.29 16.72
C LEU C 18 29.56 -1.76 16.13
N LEU C 19 28.88 -2.72 16.83
CA LEU C 19 27.50 -3.21 16.42
C LEU C 19 26.46 -2.05 16.49
N GLN C 20 26.56 -1.18 17.55
CA GLN C 20 25.66 -0.01 17.74
C GLN C 20 25.79 0.94 16.50
N LEU C 21 27.04 1.12 15.95
CA LEU C 21 27.28 1.93 14.71
C LEU C 21 26.51 1.30 13.49
N GLU C 22 26.46 -0.10 13.36
CA GLU C 22 25.76 -0.74 12.20
C GLU C 22 24.25 -0.34 12.20
N ASN C 23 23.63 -0.33 13.42
CA ASN C 23 22.19 0.07 13.58
C ASN C 23 22.00 1.56 13.13
N ALA C 24 22.96 2.44 13.54
CA ALA C 24 22.97 3.89 13.16
C ALA C 24 23.13 4.06 11.62
N GLU C 25 24.02 3.23 10.98
CA GLU C 25 24.29 3.29 9.50
C GLU C 25 23.00 2.96 8.69
N THR C 26 22.24 1.91 9.13
CA THR C 26 20.97 1.49 8.45
C THR C 26 19.88 2.60 8.51
N LEU C 27 19.75 3.23 9.72
CA LEU C 27 18.77 4.35 9.99
C LEU C 27 19.07 5.61 9.12
N LEU C 28 20.38 5.96 9.01
CA LEU C 28 20.93 7.19 8.30
C LEU C 28 19.89 8.33 8.16
N ALA C 29 19.22 8.67 9.31
CA ALA C 29 18.20 9.76 9.39
C ALA C 29 18.97 11.10 9.11
N PRO C 30 20.01 11.45 9.93
CA PRO C 30 20.95 12.62 9.64
C PRO C 30 21.18 12.95 8.11
N LEU C 31 21.84 12.02 7.37
CA LEU C 31 22.10 12.15 5.92
C LEU C 31 20.76 12.23 5.12
N HIS C 32 19.71 11.44 5.52
CA HIS C 32 18.40 11.38 4.74
C HIS C 32 17.75 12.81 4.66
N ASP C 33 17.78 13.63 5.78
CA ASP C 33 17.22 15.03 5.72
C ASP C 33 18.01 15.90 4.67
N ALA C 34 19.37 15.75 4.64
CA ALA C 34 20.25 16.49 3.66
C ALA C 34 19.88 16.11 2.18
N LYS C 35 19.60 14.79 1.95
CA LYS C 35 19.18 14.23 0.62
C LYS C 35 17.82 14.87 0.19
N ARG C 36 16.92 15.06 1.19
CA ARG C 36 15.54 15.64 1.02
C ARG C 36 15.61 17.09 0.46
N LYS C 37 16.64 17.86 0.87
CA LYS C 37 16.82 19.32 0.48
C LYS C 37 16.86 19.49 -1.07
N ILE C 38 17.49 18.51 -1.77
CA ILE C 38 17.68 18.47 -3.28
C ILE C 38 16.54 19.13 -4.15
N GLU C 39 15.30 19.21 -3.59
CA GLU C 39 14.09 19.79 -4.27
C GLU C 39 14.32 21.13 -5.03
N GLN C 40 15.50 21.80 -4.85
CA GLN C 40 15.84 23.06 -5.59
C GLN C 40 15.90 22.73 -7.13
N GLU C 41 16.11 21.43 -7.43
CA GLU C 41 16.18 20.83 -8.80
C GLU C 41 14.82 20.14 -9.15
N ALA C 42 13.80 20.20 -8.23
CA ALA C 42 12.45 19.54 -8.42
C ALA C 42 11.82 19.72 -9.83
N GLU C 43 12.39 20.62 -10.69
CA GLU C 43 11.88 20.86 -12.10
C GLU C 43 11.81 19.51 -12.88
N ALA C 44 12.51 18.46 -12.35
CA ALA C 44 12.54 17.09 -12.90
C ALA C 44 11.13 16.44 -12.78
N HIS C 45 10.42 16.77 -11.67
CA HIS C 45 9.04 16.26 -11.37
C HIS C 45 8.05 16.83 -12.42
N THR C 46 8.13 18.17 -12.59
CA THR C 46 7.28 18.95 -13.52
C THR C 46 7.39 18.43 -14.98
N ASP C 47 8.64 18.07 -15.40
CA ASP C 47 8.94 17.56 -16.78
C ASP C 47 8.11 16.26 -17.12
N ARG C 48 7.79 15.43 -16.09
CA ARG C 48 7.02 14.15 -16.26
C ARG C 48 5.49 14.40 -16.20
N VAL C 49 5.07 15.52 -15.57
CA VAL C 49 3.64 15.95 -15.48
C VAL C 49 3.35 16.85 -16.71
N ALA C 50 4.45 17.39 -17.32
CA ALA C 50 4.37 18.25 -18.55
C ALA C 50 4.07 17.37 -19.78
N TRP C 51 4.13 16.00 -19.61
CA TRP C 51 3.82 15.02 -20.72
C TRP C 51 2.43 15.38 -21.32
N ALA C 52 1.56 15.81 -20.38
CA ALA C 52 0.15 16.21 -20.63
C ALA C 52 0.05 17.73 -20.95
N GLY C 53 1.14 18.51 -20.73
CA GLY C 53 1.18 19.98 -20.97
C GLY C 53 0.87 20.34 -22.44
N PHE C 54 1.17 19.38 -23.36
CA PHE C 54 0.95 19.55 -24.82
C PHE C 54 -0.56 19.41 -25.17
N ALA C 55 -1.31 18.62 -24.34
CA ALA C 55 -2.78 18.35 -24.55
C ALA C 55 -3.62 19.67 -24.44
N ALA C 56 -3.32 20.49 -23.41
CA ALA C 56 -4.03 21.79 -23.14
C ALA C 56 -3.60 22.92 -24.13
N SER C 57 -2.34 22.86 -24.62
CA SER C 57 -1.76 23.89 -25.54
C SER C 57 -2.41 23.85 -26.95
N GLY C 58 -2.97 22.67 -27.32
CA GLY C 58 -3.60 22.44 -28.65
C GLY C 58 -4.87 23.28 -28.91
N VAL C 59 -5.62 23.65 -27.83
CA VAL C 59 -6.90 24.42 -27.94
C VAL C 59 -6.68 25.90 -28.33
N GLN C 60 -5.48 26.45 -28.04
CA GLN C 60 -5.15 27.89 -28.32
C GLN C 60 -5.61 28.32 -29.75
N THR C 61 -5.41 27.39 -30.72
CA THR C 61 -5.84 27.56 -32.15
C THR C 61 -7.37 27.36 -32.29
N GLY C 62 -7.93 26.55 -31.39
CA GLY C 62 -9.38 26.18 -31.34
C GLY C 62 -10.32 27.37 -31.05
N LEU C 63 -9.88 28.33 -30.21
CA LEU C 63 -10.71 29.54 -29.81
C LEU C 63 -11.09 30.40 -31.07
N PHE C 64 -10.11 30.52 -32.00
CA PHE C 64 -10.29 31.21 -33.33
C PHE C 64 -11.47 30.50 -34.06
N ALA C 65 -11.56 29.15 -33.89
CA ALA C 65 -12.63 28.32 -34.52
C ALA C 65 -14.07 28.81 -34.10
N ARG C 66 -14.31 29.26 -32.78
CA ARG C 66 -15.70 29.75 -32.37
C ARG C 66 -16.07 30.93 -33.26
N LEU C 67 -15.07 31.85 -33.51
CA LEU C 67 -15.32 33.04 -34.39
C LEU C 67 -15.70 32.59 -35.86
N THR C 68 -14.99 31.56 -36.39
CA THR C 68 -15.20 30.99 -37.76
C THR C 68 -16.60 30.30 -38.03
N TRP C 69 -17.13 29.51 -37.03
CA TRP C 69 -18.40 28.70 -37.22
C TRP C 69 -19.69 29.57 -37.15
N TRP C 70 -19.55 30.89 -36.98
CA TRP C 70 -20.73 31.83 -36.83
C TRP C 70 -21.76 31.73 -38.02
N GLU C 71 -21.46 30.92 -39.08
CA GLU C 71 -22.35 30.78 -40.29
C GLU C 71 -23.27 29.52 -40.25
N TYR C 72 -22.87 28.41 -39.56
CA TYR C 72 -23.67 27.15 -39.51
C TYR C 72 -24.67 27.19 -38.33
N SER C 73 -24.11 27.34 -37.11
CA SER C 73 -24.88 27.36 -35.85
C SER C 73 -24.13 28.32 -34.88
N TRP C 74 -23.47 27.79 -33.82
CA TRP C 74 -22.64 28.58 -32.82
C TRP C 74 -22.27 27.66 -31.63
N ASP C 75 -23.29 26.94 -31.13
CA ASP C 75 -23.23 26.00 -30.02
C ASP C 75 -22.09 24.96 -30.28
N ILE C 76 -20.94 25.19 -29.61
CA ILE C 76 -19.69 24.40 -29.76
C ILE C 76 -18.90 24.56 -28.42
N VAL C 77 -19.46 25.35 -27.42
CA VAL C 77 -18.75 25.65 -26.13
C VAL C 77 -18.15 24.42 -25.41
N GLU C 78 -17.50 24.71 -24.27
CA GLU C 78 -16.80 23.72 -23.36
C GLU C 78 -15.37 23.16 -23.83
N PRO C 79 -14.74 23.39 -25.04
CA PRO C 79 -13.44 22.63 -25.37
C PRO C 79 -12.24 22.86 -24.40
N VAL C 80 -11.98 24.12 -23.98
CA VAL C 80 -10.82 24.39 -23.05
C VAL C 80 -10.98 23.68 -21.67
N THR C 81 -12.19 23.72 -21.01
CA THR C 81 -12.36 23.04 -19.70
C THR C 81 -12.21 21.47 -19.73
N TYR C 82 -12.82 20.70 -20.74
CA TYR C 82 -12.68 19.20 -20.77
C TYR C 82 -11.20 18.77 -20.96
N PHE C 83 -10.44 19.50 -21.84
CA PHE C 83 -8.96 19.24 -22.04
C PHE C 83 -8.22 19.49 -20.67
N ALA C 84 -8.64 20.55 -19.91
CA ALA C 84 -8.01 20.87 -18.57
C ALA C 84 -8.17 19.64 -17.60
N THR C 85 -9.36 18.95 -17.62
CA THR C 85 -9.61 17.69 -16.80
C THR C 85 -8.58 16.60 -17.19
N TYR C 86 -8.22 16.53 -18.52
CA TYR C 86 -7.25 15.49 -19.03
C TYR C 86 -5.88 15.68 -18.26
N SER C 87 -5.47 16.97 -18.05
CA SER C 87 -4.24 17.31 -17.27
C SER C 87 -4.34 16.84 -15.77
N THR C 88 -5.53 17.03 -15.12
CA THR C 88 -5.73 16.64 -13.67
C THR C 88 -5.55 15.09 -13.43
N VAL C 89 -6.10 14.20 -14.33
CA VAL C 89 -5.90 12.68 -14.21
C VAL C 89 -4.37 12.40 -14.28
N ALA C 90 -3.63 13.19 -15.13
CA ALA C 90 -2.13 13.08 -15.24
C ALA C 90 -1.52 13.32 -13.82
N ALA C 91 -2.15 14.26 -13.02
CA ALA C 91 -1.70 14.57 -11.60
C ALA C 91 -1.78 13.26 -10.76
N THR C 92 -2.85 12.47 -11.02
CA THR C 92 -3.15 11.17 -10.36
C THR C 92 -1.99 10.14 -10.59
N PHE C 93 -1.33 10.10 -11.82
CA PHE C 93 -0.21 9.11 -12.09
C PHE C 93 0.93 9.32 -11.02
N GLY C 94 1.13 10.60 -10.66
CA GLY C 94 2.15 11.08 -9.69
C GLY C 94 2.36 10.21 -8.40
N TYR C 95 1.28 9.55 -7.86
CA TYR C 95 1.37 8.73 -6.58
C TYR C 95 2.54 7.67 -6.61
N TYR C 96 2.87 7.20 -7.84
CA TYR C 96 3.90 6.18 -8.12
C TYR C 96 5.30 6.83 -8.14
N LEU C 97 5.43 7.79 -9.07
CA LEU C 97 6.68 8.56 -9.33
C LEU C 97 7.37 9.22 -8.06
N TYR C 98 6.66 9.39 -6.87
CA TYR C 98 7.26 10.20 -5.71
C TYR C 98 8.69 9.76 -5.30
N THR C 99 8.83 8.50 -4.82
CA THR C 99 10.14 7.95 -4.36
C THR C 99 11.10 7.69 -5.57
N GLN C 100 10.61 6.94 -6.63
CA GLN C 100 11.44 6.58 -7.83
C GLN C 100 12.13 7.79 -8.56
N GLN C 101 11.57 9.03 -8.47
CA GLN C 101 12.14 10.24 -9.19
C GLN C 101 13.67 10.36 -8.96
N SER C 102 14.12 9.85 -7.79
CA SER C 102 15.55 9.84 -7.37
C SER C 102 16.40 8.92 -8.29
N PHE C 103 15.93 7.66 -8.50
CA PHE C 103 16.63 6.65 -9.36
C PHE C 103 16.53 7.02 -10.88
N GLU C 104 15.35 7.52 -11.31
CA GLU C 104 15.05 7.86 -12.75
C GLU C 104 15.81 9.13 -13.31
N TYR C 105 15.75 10.29 -12.59
CA TYR C 105 16.35 11.60 -13.10
C TYR C 105 17.85 11.47 -13.60
N PRO C 106 18.83 10.81 -12.89
CA PRO C 106 20.28 10.66 -13.41
C PRO C 106 20.32 9.83 -14.72
N SER C 107 21.51 9.27 -15.04
CA SER C 107 21.73 8.42 -16.26
C SER C 107 23.09 7.68 -16.15
N ALA C 108 23.80 7.86 -14.99
CA ALA C 108 25.11 7.20 -14.70
C ALA C 108 26.19 7.46 -15.80
N ARG C 109 26.03 8.58 -16.55
CA ARG C 109 26.97 9.00 -17.64
C ARG C 109 28.38 9.37 -17.04
N GLU C 110 28.51 10.62 -16.53
CA GLU C 110 29.79 11.16 -15.93
C GLU C 110 30.90 11.26 -17.03
N ARG C 111 30.53 10.97 -18.30
CA ARG C 111 31.44 11.02 -19.49
C ARG C 111 31.83 12.50 -19.79
N VAL C 112 30.82 13.40 -19.68
CA VAL C 112 30.96 14.86 -19.93
C VAL C 112 31.73 15.55 -18.75
N TYR C 113 32.81 14.89 -18.29
CA TYR C 113 33.69 15.35 -17.17
C TYR C 113 32.88 15.47 -15.85
N THR C 114 33.60 15.74 -14.73
CA THR C 114 33.01 15.85 -13.35
C THR C 114 32.02 17.05 -13.26
N LYS C 115 31.40 17.18 -12.05
CA LYS C 115 30.42 18.26 -11.71
C LYS C 115 30.20 18.27 -10.16
N GLN C 116 30.49 17.10 -9.51
CA GLN C 116 30.35 16.92 -8.03
C GLN C 116 31.17 15.65 -7.60
N PHE C 117 31.45 14.75 -8.60
CA PHE C 117 32.22 13.48 -8.43
C PHE C 117 31.89 12.72 -7.11
N TYR C 118 30.57 12.69 -6.82
CA TYR C 118 29.96 12.03 -5.63
C TYR C 118 28.41 12.03 -5.87
N ARG C 119 27.91 13.15 -6.43
CA ARG C 119 26.46 13.38 -6.77
C ARG C 119 25.56 13.33 -5.49
N ARG C 120 25.31 12.09 -4.97
CA ARG C 120 24.48 11.82 -3.77
C ARG C 120 23.02 12.40 -3.93
N ALA C 121 22.04 11.51 -4.29
CA ALA C 121 20.61 11.87 -4.49
C ALA C 121 19.77 10.57 -4.57
N GLN C 122 20.40 9.49 -5.11
CA GLN C 122 19.77 8.14 -5.29
C GLN C 122 19.56 7.44 -3.91
N LYS C 123 18.82 8.11 -2.96
CA LYS C 123 18.52 7.53 -1.60
C LYS C 123 17.50 8.43 -0.84
N GLN C 124 16.73 9.31 -1.57
CA GLN C 124 15.69 10.21 -0.95
C GLN C 124 14.62 9.33 -0.19
N ASN C 125 13.52 8.92 -0.91
CA ASN C 125 12.45 8.00 -0.38
C ASN C 125 11.70 8.61 0.85
N PHE C 126 10.31 8.54 0.89
CA PHE C 126 9.48 9.07 2.04
C PHE C 126 8.68 7.92 2.72
N ASP C 127 8.74 6.66 2.16
CA ASP C 127 8.00 5.49 2.75
C ASP C 127 8.51 4.11 2.25
N ILE C 128 9.13 3.99 1.01
CA ILE C 128 9.59 2.64 0.49
C ILE C 128 10.79 2.08 1.37
N GLU C 129 11.85 2.95 1.59
CA GLU C 129 13.08 2.56 2.36
C GLU C 129 12.81 2.17 3.84
N LYS C 130 12.12 3.04 4.60
CA LYS C 130 11.92 2.82 6.09
C LYS C 130 11.34 1.43 6.42
N TYR C 131 10.39 0.91 5.59
CA TYR C 131 9.82 -0.45 5.80
C TYR C 131 10.86 -1.58 5.48
N ASN C 132 11.49 -1.57 4.25
CA ASN C 132 12.47 -2.67 3.88
C ASN C 132 13.81 -2.55 4.63
N ARG C 133 14.37 -1.34 4.55
CA ARG C 133 15.73 -1.00 5.13
C ARG C 133 15.81 -1.30 6.65
N LEU C 134 14.80 -0.82 7.42
CA LEU C 134 14.76 -1.06 8.88
C LEU C 134 14.64 -2.60 9.16
N VAL C 135 13.63 -3.32 8.48
CA VAL C 135 13.52 -4.80 8.63
C VAL C 135 14.99 -5.40 8.39
N THR C 136 15.83 -4.79 7.47
CA THR C 136 17.21 -5.32 7.18
C THR C 136 18.06 -5.37 8.49
N GLU C 137 17.77 -4.46 9.47
CA GLU C 137 18.44 -4.54 10.84
C GLU C 137 18.20 -5.99 11.37
N VAL C 138 16.97 -6.53 11.02
CA VAL C 138 16.61 -7.96 11.43
C VAL C 138 17.69 -8.95 10.86
N ASP C 139 18.22 -8.61 9.65
CA ASP C 139 19.29 -9.46 9.02
C ASP C 139 20.61 -9.41 9.88
N GLU C 140 20.84 -8.26 10.61
CA GLU C 140 22.07 -8.09 11.45
C GLU C 140 22.06 -9.08 12.65
N LEU C 141 20.88 -9.23 13.33
CA LEU C 141 20.73 -10.20 14.50
C LEU C 141 20.97 -11.65 13.97
N ARG C 142 20.65 -11.92 12.67
CA ARG C 142 20.93 -13.28 12.03
C ARG C 142 22.49 -13.52 12.12
N ASN C 143 23.34 -12.41 11.97
CA ASN C 143 24.84 -12.60 12.05
C ASN C 143 25.32 -12.91 13.52
N GLN C 144 24.79 -12.13 14.50
CA GLN C 144 25.18 -12.27 15.95
C GLN C 144 24.71 -13.61 16.55
N LEU C 145 23.41 -14.02 16.35
CA LEU C 145 22.87 -15.29 16.94
C LEU C 145 23.68 -16.52 16.44
N LYS C 146 24.18 -16.49 15.16
CA LYS C 146 25.00 -17.60 14.60
C LYS C 146 26.37 -17.78 15.37
N ARG C 147 27.17 -16.66 15.64
CA ARG C 147 28.50 -16.79 16.31
C ARG C 147 28.28 -17.37 17.75
N LEU C 148 27.21 -16.85 18.41
CA LEU C 148 26.75 -17.28 19.77
C LEU C 148 26.46 -18.83 19.78
N ARG C 149 25.77 -19.32 18.69
CA ARG C 149 25.34 -20.76 18.54
C ARG C 149 26.51 -21.77 18.43
N ASP C 150 27.71 -21.41 17.87
CA ASP C 150 28.83 -22.45 17.75
C ASP C 150 29.27 -23.02 19.20
N PRO C 151 29.62 -22.21 20.26
CA PRO C 151 29.84 -22.74 21.70
C PRO C 151 28.47 -22.85 22.44
N LEU C 152 28.48 -23.49 23.64
CA LEU C 152 27.30 -23.67 24.53
C LEU C 152 27.85 -24.35 25.82
N GLU C 153 28.16 -25.66 25.69
CA GLU C 153 28.71 -26.52 26.78
C GLU C 153 30.00 -25.91 27.41
N MET D 1 -5.82 -15.60 44.75
CA MET D 1 -6.23 -14.18 44.56
C MET D 1 -5.03 -13.27 44.96
N ALA D 2 -4.37 -12.64 43.94
CA ALA D 2 -3.19 -11.74 44.14
C ALA D 2 -2.92 -10.96 42.82
N ALA D 3 -3.37 -11.53 41.67
CA ALA D 3 -3.21 -10.94 40.31
C ALA D 3 -1.72 -10.71 39.95
N LEU D 4 -1.49 -10.20 38.71
CA LEU D 4 -0.12 -9.90 38.17
C LEU D 4 0.75 -11.20 38.09
N SER D 5 0.11 -12.30 37.62
CA SER D 5 0.75 -13.65 37.45
C SER D 5 1.38 -14.17 38.78
N VAL D 6 0.74 -13.79 39.92
CA VAL D 6 1.16 -14.18 41.30
C VAL D 6 2.58 -13.59 41.64
N ASP D 7 2.83 -13.33 42.95
CA ASP D 7 4.11 -12.75 43.48
C ASP D 7 4.37 -11.32 42.91
N GLU D 8 5.20 -10.50 43.62
CA GLU D 8 5.53 -9.10 43.20
C GLU D 8 6.74 -8.55 44.02
N TYR D 9 7.85 -9.36 44.07
CA TYR D 9 9.12 -8.95 44.78
C TYR D 9 10.32 -9.84 44.34
N LYS D 10 10.04 -11.02 43.72
CA LYS D 10 11.09 -11.95 43.20
C LYS D 10 11.55 -11.42 41.81
N LEU D 11 12.90 -11.25 41.61
CA LEU D 11 13.50 -10.75 40.34
C LEU D 11 12.96 -9.34 39.99
N SER D 12 13.34 -8.81 38.78
CA SER D 12 12.93 -7.46 38.28
C SER D 12 13.44 -6.37 39.24
N ARG D 13 14.74 -6.48 39.50
CA ARG D 13 15.52 -5.59 40.40
C ARG D 13 15.34 -4.10 40.01
N GLU D 14 15.64 -3.75 38.72
CA GLU D 14 15.51 -2.36 38.18
C GLU D 14 15.64 -2.35 36.63
N LYS D 15 16.63 -3.11 36.11
CA LYS D 15 16.97 -3.14 34.65
C LYS D 15 15.85 -3.68 33.67
N LYS D 16 15.14 -4.81 34.01
CA LYS D 16 14.13 -5.44 33.06
C LYS D 16 12.94 -4.50 32.71
N LEU D 17 12.35 -3.80 33.73
CA LEU D 17 11.23 -2.82 33.53
C LEU D 17 11.67 -1.60 32.66
N LEU D 18 12.95 -1.13 32.83
CA LEU D 18 13.48 0.10 32.13
C LEU D 18 13.43 -0.11 30.59
N LEU D 19 13.86 -1.32 30.20
CA LEU D 19 13.82 -1.80 28.79
C LEU D 19 12.34 -1.87 28.26
N GLN D 20 11.40 -2.38 29.13
CA GLN D 20 9.92 -2.46 28.79
C GLN D 20 9.40 -1.02 28.51
N LEU D 21 9.90 -0.04 29.32
CA LEU D 21 9.59 1.42 29.17
C LEU D 21 10.07 1.90 27.76
N GLU D 22 11.27 1.40 27.23
CA GLU D 22 11.79 1.83 25.90
C GLU D 22 10.76 1.47 24.80
N ASN D 23 10.16 0.25 24.95
CA ASN D 23 9.10 -0.26 24.03
C ASN D 23 7.85 0.68 24.05
N ALA D 24 7.47 1.15 25.28
CA ALA D 24 6.31 2.07 25.49
C ALA D 24 6.55 3.42 24.72
N GLU D 25 7.83 3.93 24.75
CA GLU D 25 8.21 5.21 24.05
C GLU D 25 7.96 5.08 22.51
N THR D 26 8.32 3.89 21.95
CA THR D 26 8.16 3.56 20.49
C THR D 26 6.66 3.60 20.06
N LEU D 27 5.76 3.14 20.95
CA LEU D 27 4.28 3.06 20.67
C LEU D 27 3.77 4.49 20.30
N LEU D 28 4.31 5.50 21.02
CA LEU D 28 3.97 6.94 20.82
C LEU D 28 2.43 7.18 20.95
N ALA D 29 1.97 7.32 22.22
CA ALA D 29 0.56 7.63 22.58
C ALA D 29 0.49 9.18 22.46
N PRO D 30 1.29 9.98 23.22
CA PRO D 30 1.39 11.51 23.05
C PRO D 30 1.09 12.09 21.62
N LEU D 31 1.92 11.69 20.61
CA LEU D 31 1.79 12.16 19.20
C LEU D 31 0.41 11.72 18.62
N HIS D 32 0.01 10.44 18.94
CA HIS D 32 -1.32 9.88 18.51
C HIS D 32 -2.48 10.68 19.21
N ASP D 33 -2.25 10.99 20.52
CA ASP D 33 -3.15 11.80 21.38
C ASP D 33 -3.30 13.23 20.77
N ALA D 34 -2.17 13.79 20.21
CA ALA D 34 -2.15 15.13 19.57
C ALA D 34 -3.17 15.15 18.38
N LYS D 35 -3.26 14.02 17.58
CA LYS D 35 -4.24 13.94 16.44
C LYS D 35 -5.69 14.13 16.97
N ARG D 36 -6.00 13.48 18.15
CA ARG D 36 -7.36 13.60 18.80
C ARG D 36 -7.65 15.09 19.21
N LYS D 37 -6.61 15.81 19.72
CA LYS D 37 -6.74 17.26 20.13
C LYS D 37 -7.11 18.14 18.88
N ILE D 38 -6.48 17.80 17.74
CA ILE D 38 -6.65 18.51 16.42
C ILE D 38 -8.01 18.14 15.77
N GLU D 39 -8.80 17.17 16.34
CA GLU D 39 -10.14 16.75 15.78
C GLU D 39 -11.06 17.98 15.46
N GLN D 40 -10.81 19.12 16.16
CA GLN D 40 -11.55 20.41 15.97
C GLN D 40 -10.86 21.23 14.84
N GLU D 41 -9.55 21.53 15.05
CA GLU D 41 -8.69 22.31 14.11
C GLU D 41 -8.40 21.51 12.81
N ALA D 42 -8.97 20.27 12.70
CA ALA D 42 -8.81 19.34 11.52
C ALA D 42 -9.08 20.01 10.15
N GLU D 43 -9.60 21.28 10.15
CA GLU D 43 -9.86 22.06 8.90
C GLU D 43 -8.54 22.25 8.09
N ALA D 44 -7.37 21.93 8.73
CA ALA D 44 -6.01 22.01 8.11
C ALA D 44 -5.97 21.12 6.82
N HIS D 45 -6.75 20.02 6.85
CA HIS D 45 -6.89 19.05 5.74
C HIS D 45 -7.77 19.69 4.63
N THR D 46 -8.94 20.24 5.04
CA THR D 46 -9.92 20.90 4.14
C THR D 46 -9.29 22.11 3.38
N ASP D 47 -8.37 22.84 4.08
CA ASP D 47 -7.66 24.03 3.53
C ASP D 47 -6.78 23.67 2.30
N ARG D 48 -6.39 22.36 2.18
CA ARG D 48 -5.54 21.85 1.05
C ARG D 48 -6.46 21.36 -0.10
N VAL D 49 -7.70 20.91 0.24
CA VAL D 49 -8.73 20.47 -0.76
C VAL D 49 -9.44 21.75 -1.26
N ALA D 50 -9.28 22.87 -0.48
CA ALA D 50 -9.85 24.21 -0.81
C ALA D 50 -9.11 24.81 -2.02
N TRP D 51 -7.96 24.17 -2.47
CA TRP D 51 -7.18 24.63 -3.68
C TRP D 51 -8.15 24.72 -4.91
N ALA D 52 -9.19 23.86 -4.83
CA ALA D 52 -10.28 23.72 -5.84
C ALA D 52 -11.30 24.89 -5.75
N GLY D 53 -11.21 25.72 -4.69
CA GLY D 53 -12.13 26.87 -4.43
C GLY D 53 -12.08 27.95 -5.52
N PHE D 54 -10.88 28.15 -6.13
CA PHE D 54 -10.66 29.18 -7.20
C PHE D 54 -11.33 28.74 -8.54
N ALA D 55 -11.43 27.40 -8.77
CA ALA D 55 -12.01 26.82 -10.02
C ALA D 55 -13.53 27.16 -10.16
N ALA D 56 -14.28 27.02 -9.03
CA ALA D 56 -15.75 27.28 -8.96
C ALA D 56 -16.09 28.80 -8.94
N SER D 57 -15.12 29.64 -8.50
CA SER D 57 -15.32 31.11 -8.36
C SER D 57 -15.37 31.83 -9.75
N GLY D 58 -14.67 31.26 -10.75
CA GLY D 58 -14.56 31.86 -12.12
C GLY D 58 -15.91 31.98 -12.90
N VAL D 59 -16.75 30.91 -12.84
CA VAL D 59 -18.05 30.82 -13.59
C VAL D 59 -19.19 31.70 -13.05
N GLN D 60 -19.16 32.11 -11.75
CA GLN D 60 -20.27 32.94 -11.14
C GLN D 60 -20.60 34.16 -12.10
N THR D 61 -19.51 34.71 -12.70
CA THR D 61 -19.59 35.81 -13.71
C THR D 61 -20.04 35.24 -15.09
N GLY D 62 -19.73 33.93 -15.29
CA GLY D 62 -20.05 33.17 -16.53
C GLY D 62 -21.56 32.98 -16.74
N LEU D 63 -22.32 32.81 -15.63
CA LEU D 63 -23.84 32.61 -15.67
C LEU D 63 -24.55 33.84 -16.36
N PHE D 64 -24.02 35.05 -16.04
CA PHE D 64 -24.53 36.34 -16.57
C PHE D 64 -24.45 36.32 -18.12
N ALA D 65 -23.36 35.69 -18.64
CA ALA D 65 -23.11 35.58 -20.11
C ALA D 65 -24.29 34.84 -20.86
N ARG D 66 -24.89 33.72 -20.28
CA ARG D 66 -26.05 33.03 -20.99
C ARG D 66 -27.21 34.04 -21.16
N LEU D 67 -27.47 34.83 -20.05
CA LEU D 67 -28.57 35.86 -20.06
C LEU D 67 -28.31 37.01 -21.11
N THR D 68 -27.04 37.48 -21.19
CA THR D 68 -26.58 38.59 -22.06
C THR D 68 -26.73 38.36 -23.60
N TRP D 69 -26.42 37.11 -24.08
CA TRP D 69 -26.40 36.75 -25.55
C TRP D 69 -27.43 35.68 -25.93
N TRP D 70 -28.64 35.81 -25.35
CA TRP D 70 -29.80 34.88 -25.60
C TRP D 70 -30.15 34.75 -27.13
N GLU D 71 -29.57 35.65 -28.00
CA GLU D 71 -29.85 35.70 -29.48
C GLU D 71 -28.87 34.85 -30.36
N TYR D 72 -27.63 34.50 -29.89
CA TYR D 72 -26.64 33.71 -30.69
C TYR D 72 -27.27 32.34 -31.09
N SER D 73 -27.75 31.61 -30.05
CA SER D 73 -28.44 30.31 -30.16
C SER D 73 -29.15 30.14 -28.79
N TRP D 74 -28.65 29.22 -27.91
CA TRP D 74 -29.14 29.00 -26.49
C TRP D 74 -28.52 27.70 -25.91
N ASP D 75 -28.39 26.68 -26.79
CA ASP D 75 -27.81 25.32 -26.50
C ASP D 75 -26.32 25.53 -26.10
N ILE D 76 -26.15 25.99 -24.86
CA ILE D 76 -24.86 26.44 -24.26
C ILE D 76 -24.87 26.01 -22.78
N VAL D 77 -26.03 25.43 -22.31
CA VAL D 77 -26.25 25.08 -20.87
C VAL D 77 -25.11 24.25 -20.21
N GLU D 78 -25.36 23.97 -18.94
CA GLU D 78 -24.48 23.27 -18.00
C GLU D 78 -23.06 23.89 -17.71
N PRO D 79 -22.69 25.19 -17.92
CA PRO D 79 -21.25 25.63 -17.64
C PRO D 79 -20.81 25.42 -16.18
N VAL D 80 -21.70 25.72 -15.22
CA VAL D 80 -21.37 25.56 -13.77
C VAL D 80 -21.04 24.10 -13.35
N THR D 81 -21.81 23.04 -13.80
CA THR D 81 -21.48 21.64 -13.39
C THR D 81 -20.09 21.14 -13.90
N TYR D 82 -19.69 21.40 -15.23
CA TYR D 82 -18.37 20.93 -15.75
C TYR D 82 -17.17 21.58 -14.98
N PHE D 83 -17.24 22.91 -14.61
CA PHE D 83 -16.18 23.52 -13.74
C PHE D 83 -16.19 22.75 -12.36
N ALA D 84 -17.41 22.39 -11.88
CA ALA D 84 -17.59 21.58 -10.61
C ALA D 84 -16.86 20.20 -10.76
N THR D 85 -16.92 19.54 -11.98
CA THR D 85 -16.22 18.21 -12.25
C THR D 85 -14.66 18.39 -12.03
N TYR D 86 -14.09 19.57 -12.44
CA TYR D 86 -12.60 19.84 -12.23
C TYR D 86 -12.31 19.73 -10.70
N SER D 87 -13.26 20.26 -9.87
CA SER D 87 -13.21 20.10 -8.38
C SER D 87 -13.32 18.57 -7.95
N THR D 88 -14.19 17.74 -8.65
CA THR D 88 -14.42 16.29 -8.25
C THR D 88 -13.09 15.45 -8.30
N VAL D 89 -12.25 15.64 -9.36
CA VAL D 89 -10.89 14.98 -9.48
C VAL D 89 -10.03 15.45 -8.26
N ALA D 90 -10.19 16.75 -7.82
CA ALA D 90 -9.41 17.27 -6.64
C ALA D 90 -9.69 16.37 -5.37
N ALA D 91 -10.98 15.91 -5.17
CA ALA D 91 -11.33 15.00 -4.02
C ALA D 91 -10.54 13.65 -4.11
N THR D 92 -10.39 13.13 -5.37
CA THR D 92 -9.66 11.84 -5.64
C THR D 92 -8.19 11.88 -5.22
N PHE D 93 -7.45 13.04 -5.41
CA PHE D 93 -5.97 13.11 -5.04
C PHE D 93 -5.80 12.76 -3.52
N GLY D 94 -6.80 13.21 -2.74
CA GLY D 94 -6.91 13.08 -1.27
C GLY D 94 -6.42 11.76 -0.62
N TYR D 95 -6.27 10.64 -1.38
CA TYR D 95 -5.80 9.32 -0.80
C TYR D 95 -4.32 9.40 -0.30
N TYR D 96 -3.49 10.28 -0.92
CA TYR D 96 -2.04 10.43 -0.60
C TYR D 96 -1.78 11.31 0.67
N LEU D 97 -2.24 12.58 0.58
CA LEU D 97 -2.05 13.64 1.61
C LEU D 97 -2.58 13.32 3.05
N TYR D 98 -3.48 12.29 3.30
CA TYR D 98 -4.11 12.09 4.69
C TYR D 98 -3.09 12.17 5.88
N THR D 99 -2.13 11.21 5.94
CA THR D 99 -1.11 11.14 7.02
C THR D 99 -0.03 12.29 6.89
N GLN D 100 0.51 12.50 5.65
CA GLN D 100 1.58 13.52 5.30
C GLN D 100 1.19 15.02 5.58
N GLN D 101 -0.12 15.40 5.55
CA GLN D 101 -0.56 16.86 5.66
C GLN D 101 0.16 17.61 6.81
N SER D 102 0.55 16.85 7.85
CA SER D 102 1.28 17.35 9.04
C SER D 102 2.61 18.05 8.62
N PHE D 103 3.31 17.46 7.62
CA PHE D 103 4.60 17.99 7.09
C PHE D 103 4.39 19.30 6.26
N GLU D 104 3.34 19.29 5.40
CA GLU D 104 3.00 20.39 4.44
C GLU D 104 2.40 21.70 5.10
N TYR D 105 1.35 21.55 5.96
CA TYR D 105 0.59 22.73 6.56
C TYR D 105 1.50 23.80 7.31
N PRO D 106 2.53 23.43 8.13
CA PRO D 106 3.40 24.48 8.88
C PRO D 106 4.12 25.44 7.90
N SER D 107 4.23 24.99 6.62
CA SER D 107 4.89 25.73 5.51
C SER D 107 6.40 25.95 5.78
N ALA D 108 6.70 26.89 6.72
CA ALA D 108 8.09 27.25 7.14
C ALA D 108 8.02 28.11 8.43
N ARG D 109 8.69 27.65 9.53
CA ARG D 109 8.74 28.36 10.84
C ARG D 109 9.85 27.73 11.72
N GLU D 110 10.06 26.40 11.57
CA GLU D 110 11.07 25.61 12.34
C GLU D 110 12.52 26.00 11.89
N ARG D 111 13.44 26.15 12.89
CA ARG D 111 14.88 26.51 12.68
C ARG D 111 15.59 26.46 14.06
N VAL D 112 16.96 26.44 14.03
CA VAL D 112 17.81 26.39 15.26
C VAL D 112 17.76 27.78 15.99
N TYR D 113 16.71 28.00 16.83
CA TYR D 113 16.50 29.26 17.60
C TYR D 113 15.43 28.99 18.70
N THR D 114 15.68 27.92 19.49
CA THR D 114 14.80 27.48 20.62
C THR D 114 13.32 27.21 20.15
N LYS D 115 13.07 25.98 19.61
CA LYS D 115 11.73 25.54 19.11
C LYS D 115 10.78 25.30 20.31
N GLN D 116 9.56 24.75 20.02
CA GLN D 116 8.52 24.44 21.05
C GLN D 116 8.96 23.15 21.82
N PHE D 117 10.13 23.27 22.52
CA PHE D 117 10.74 22.15 23.31
C PHE D 117 10.95 20.88 22.40
N TYR D 118 10.76 19.65 22.95
CA TYR D 118 10.90 18.37 22.18
C TYR D 118 9.75 18.27 21.15
N ARG D 119 9.68 17.13 20.40
CA ARG D 119 8.65 16.88 19.35
C ARG D 119 8.62 18.05 18.29
N ARG D 120 9.47 17.94 17.23
CA ARG D 120 9.60 18.96 16.14
C ARG D 120 8.21 19.28 15.47
N ALA D 121 7.83 18.49 14.43
CA ALA D 121 6.55 18.65 13.68
C ALA D 121 6.37 17.40 12.77
N GLN D 122 5.47 16.45 13.16
CA GLN D 122 5.19 15.20 12.40
C GLN D 122 3.90 14.55 12.95
N LYS D 123 2.85 15.39 13.13
CA LYS D 123 1.50 14.96 13.64
C LYS D 123 0.88 13.82 12.77
N GLN D 124 -0.35 13.41 13.14
CA GLN D 124 -1.13 12.31 12.49
C GLN D 124 -0.41 10.94 12.68
N ASN D 125 -1.17 9.78 12.66
CA ASN D 125 -0.61 8.40 12.88
C ASN D 125 -1.72 7.37 12.55
N PHE D 126 -1.51 6.61 11.43
CA PHE D 126 -2.41 5.55 10.96
C PHE D 126 -1.65 4.87 9.77
N ASP D 127 -1.36 3.56 9.92
CA ASP D 127 -0.66 2.71 8.92
C ASP D 127 0.86 3.07 8.65
N ILE D 128 1.26 4.36 8.28
CA ILE D 128 2.74 4.67 7.97
C ILE D 128 3.57 4.64 9.30
N GLU D 129 3.06 5.35 10.34
CA GLU D 129 3.71 5.39 11.72
C GLU D 129 3.61 4.00 12.39
N LYS D 130 2.40 3.40 12.34
CA LYS D 130 2.06 2.10 13.01
C LYS D 130 3.05 0.95 12.58
N TYR D 131 3.26 0.75 11.26
CA TYR D 131 4.15 -0.30 10.70
C TYR D 131 5.68 -0.06 10.93
N ASN D 132 6.23 1.15 10.57
CA ASN D 132 7.73 1.38 10.66
C ASN D 132 8.25 1.38 12.11
N ARG D 133 7.57 2.19 12.92
CA ARG D 133 7.92 2.38 14.38
C ARG D 133 7.94 1.01 15.17
N LEU D 134 6.85 0.20 15.03
CA LEU D 134 6.71 -1.13 15.74
C LEU D 134 7.94 -2.06 15.39
N VAL D 135 8.28 -2.21 14.08
CA VAL D 135 9.49 -2.97 13.65
C VAL D 135 10.76 -2.44 14.51
N THR D 136 10.89 -1.08 14.84
CA THR D 136 12.08 -0.58 15.66
C THR D 136 12.16 -1.34 17.01
N GLU D 137 10.97 -1.79 17.54
CA GLU D 137 10.95 -2.61 18.83
C GLU D 137 11.90 -3.83 18.62
N VAL D 138 11.90 -4.38 17.36
CA VAL D 138 12.86 -5.53 17.04
C VAL D 138 14.33 -5.03 17.18
N ASP D 139 14.58 -3.73 16.89
CA ASP D 139 15.99 -3.17 17.01
C ASP D 139 16.53 -3.38 18.46
N GLU D 140 15.58 -3.32 19.47
CA GLU D 140 15.94 -3.54 20.91
C GLU D 140 16.38 -5.04 21.10
N LEU D 141 15.73 -5.96 20.30
CA LEU D 141 16.09 -7.45 20.29
C LEU D 141 17.63 -7.60 20.06
N ARG D 142 18.10 -6.90 18.99
CA ARG D 142 19.54 -6.94 18.55
C ARG D 142 20.47 -6.46 19.70
N ASN D 143 20.00 -5.52 20.62
CA ASN D 143 20.90 -5.03 21.73
C ASN D 143 21.15 -6.12 22.86
N GLN D 144 20.06 -6.77 23.39
CA GLN D 144 20.23 -7.79 24.50
C GLN D 144 21.06 -9.03 24.01
N LEU D 145 20.66 -9.63 22.85
CA LEU D 145 21.37 -10.81 22.25
C LEU D 145 22.90 -10.52 22.12
N LYS D 146 23.28 -9.33 21.56
CA LYS D 146 24.73 -8.98 21.36
C LYS D 146 25.54 -9.22 22.67
N ARG D 147 24.97 -8.83 23.90
CA ARG D 147 25.75 -9.08 25.16
C ARG D 147 26.02 -10.62 25.29
N LEU D 148 24.96 -11.49 25.13
CA LEU D 148 25.19 -13.01 25.19
C LEU D 148 26.32 -13.52 24.21
N ARG D 149 26.46 -12.90 23.00
CA ARG D 149 27.44 -13.33 21.94
C ARG D 149 28.91 -13.16 22.43
N ASP D 150 29.23 -12.10 23.24
CA ASP D 150 30.68 -11.89 23.72
C ASP D 150 31.18 -13.05 24.73
N PRO D 151 30.49 -13.42 25.88
CA PRO D 151 30.90 -14.62 26.78
C PRO D 151 30.68 -15.93 26.05
N LEU D 152 30.58 -17.07 26.82
CA LEU D 152 30.28 -18.40 26.26
C LEU D 152 31.50 -18.96 25.48
N GLU D 153 32.23 -19.76 26.21
CA GLU D 153 33.48 -20.46 25.79
C GLU D 153 33.11 -21.79 25.09
N MET E 1 -9.38 -32.57 44.33
CA MET E 1 -10.63 -33.08 44.97
C MET E 1 -11.68 -31.94 44.92
N ALA E 2 -12.95 -32.28 44.52
CA ALA E 2 -14.08 -31.31 44.43
C ALA E 2 -13.76 -30.10 43.50
N ALA E 3 -12.75 -30.30 42.60
CA ALA E 3 -12.29 -29.27 41.62
C ALA E 3 -11.37 -29.96 40.58
N LEU E 4 -11.35 -29.43 39.32
CA LEU E 4 -10.51 -29.98 38.21
C LEU E 4 -9.02 -29.55 38.42
N SER E 5 -8.64 -28.34 37.91
CA SER E 5 -7.27 -27.77 38.00
C SER E 5 -6.92 -27.37 39.45
N VAL E 6 -5.72 -26.78 39.62
CA VAL E 6 -5.18 -26.30 40.93
C VAL E 6 -4.99 -27.49 41.93
N ASP E 7 -3.72 -27.74 42.37
CA ASP E 7 -3.35 -28.82 43.33
C ASP E 7 -3.76 -30.23 42.80
N GLU E 8 -3.13 -30.65 41.66
CA GLU E 8 -3.35 -31.97 41.01
C GLU E 8 -2.21 -32.24 39.98
N TYR E 9 -1.58 -31.13 39.48
CA TYR E 9 -0.45 -31.17 38.51
C TYR E 9 0.20 -29.76 38.40
N LYS E 10 -0.18 -28.84 39.32
CA LYS E 10 0.33 -27.42 39.38
C LYS E 10 1.90 -27.37 39.43
N LEU E 11 2.48 -27.65 40.63
CA LEU E 11 3.95 -27.64 40.89
C LEU E 11 4.57 -26.25 40.52
N SER E 12 5.36 -26.16 39.41
CA SER E 12 6.03 -24.88 38.96
C SER E 12 6.51 -24.98 37.48
N ARG E 13 5.70 -25.65 36.63
CA ARG E 13 5.98 -25.86 35.16
C ARG E 13 4.80 -25.28 34.32
N GLU E 14 4.02 -24.34 34.92
CA GLU E 14 2.86 -23.67 34.27
C GLU E 14 3.31 -22.37 33.56
N LYS E 15 4.57 -21.92 33.82
CA LYS E 15 5.14 -20.66 33.24
C LYS E 15 5.17 -20.72 31.67
N LYS E 16 5.57 -21.89 31.08
CA LYS E 16 5.66 -22.05 29.59
C LYS E 16 4.26 -21.86 28.92
N LEU E 17 3.22 -22.46 29.57
CA LEU E 17 1.81 -22.37 29.14
C LEU E 17 1.30 -20.90 29.19
N LEU E 18 1.70 -20.15 30.27
CA LEU E 18 1.25 -18.74 30.50
C LEU E 18 1.70 -17.80 29.33
N LEU E 19 2.97 -17.95 28.84
CA LEU E 19 3.48 -17.13 27.66
C LEU E 19 2.63 -17.42 26.39
N GLN E 20 2.30 -18.73 26.17
CA GLN E 20 1.48 -19.14 24.98
C GLN E 20 0.08 -18.43 25.05
N LEU E 21 -0.54 -18.36 26.27
CA LEU E 21 -1.86 -17.69 26.46
C LEU E 21 -1.87 -16.16 26.12
N GLU E 22 -0.80 -15.32 26.51
CA GLU E 22 -0.83 -13.83 26.18
C GLU E 22 -0.80 -13.64 24.65
N ASN E 23 0.04 -14.49 23.98
CA ASN E 23 0.20 -14.47 22.50
C ASN E 23 -1.15 -14.82 21.81
N ALA E 24 -1.86 -15.85 22.38
CA ALA E 24 -3.18 -16.33 21.86
C ALA E 24 -4.25 -15.19 21.94
N GLU E 25 -4.23 -14.38 23.06
CA GLU E 25 -5.18 -13.23 23.24
C GLU E 25 -4.98 -12.20 22.09
N THR E 26 -3.68 -11.94 21.74
CA THR E 26 -3.30 -10.98 20.66
C THR E 26 -3.84 -11.38 19.25
N LEU E 27 -3.84 -12.72 18.91
CA LEU E 27 -4.34 -13.20 17.56
C LEU E 27 -5.84 -12.78 17.39
N LEU E 28 -6.60 -12.93 18.51
CA LEU E 28 -8.06 -12.64 18.62
C LEU E 28 -8.88 -12.91 17.30
N ALA E 29 -9.21 -14.21 17.08
CA ALA E 29 -10.05 -14.70 15.95
C ALA E 29 -11.50 -14.53 16.50
N PRO E 30 -11.88 -15.18 17.66
CA PRO E 30 -13.22 -14.93 18.37
C PRO E 30 -13.83 -13.49 18.25
N LEU E 31 -13.12 -12.44 18.78
CA LEU E 31 -13.57 -11.02 18.72
C LEU E 31 -13.68 -10.59 17.21
N HIS E 32 -12.70 -11.05 16.34
CA HIS E 32 -12.73 -10.67 14.87
C HIS E 32 -14.07 -11.20 14.27
N ASP E 33 -14.50 -12.43 14.73
CA ASP E 33 -15.83 -13.02 14.37
C ASP E 33 -16.97 -12.06 14.89
N ALA E 34 -16.79 -11.43 16.11
CA ALA E 34 -17.79 -10.47 16.70
C ALA E 34 -18.01 -9.26 15.75
N LYS E 35 -16.90 -8.75 15.09
CA LYS E 35 -17.02 -7.61 14.10
C LYS E 35 -17.96 -8.07 12.94
N ARG E 36 -17.85 -9.38 12.51
CA ARG E 36 -18.76 -9.94 11.43
C ARG E 36 -20.26 -9.83 11.89
N LYS E 37 -20.54 -10.09 13.22
CA LYS E 37 -21.94 -9.98 13.80
C LYS E 37 -22.48 -8.50 13.64
N ILE E 38 -21.59 -7.49 13.88
CA ILE E 38 -21.93 -6.01 13.81
C ILE E 38 -21.88 -5.51 12.33
N GLU E 39 -21.59 -6.41 11.34
CA GLU E 39 -21.50 -6.04 9.86
C GLU E 39 -22.70 -5.14 9.41
N GLN E 40 -23.80 -5.10 10.22
CA GLN E 40 -25.01 -4.26 9.97
C GLN E 40 -24.62 -2.74 9.87
N GLU E 41 -23.36 -2.40 10.28
CA GLU E 41 -22.80 -1.01 10.22
C GLU E 41 -22.71 -0.51 8.75
N ALA E 42 -22.95 -1.43 7.77
CA ALA E 42 -22.96 -1.11 6.33
C ALA E 42 -24.12 -0.10 6.03
N GLU E 43 -25.19 -0.20 6.88
CA GLU E 43 -26.39 0.67 6.83
C GLU E 43 -26.03 2.06 7.45
N ALA E 44 -25.17 2.03 8.50
CA ALA E 44 -24.70 3.27 9.21
C ALA E 44 -23.71 4.05 8.30
N HIS E 45 -22.97 3.30 7.44
CA HIS E 45 -21.98 3.85 6.48
C HIS E 45 -22.72 4.52 5.28
N THR E 46 -23.85 3.90 4.84
CA THR E 46 -24.67 4.39 3.69
C THR E 46 -25.09 5.88 3.87
N ASP E 47 -25.25 6.29 5.15
CA ASP E 47 -25.64 7.68 5.55
C ASP E 47 -24.56 8.71 5.08
N ARG E 48 -23.30 8.23 4.89
CA ARG E 48 -22.13 9.06 4.45
C ARG E 48 -22.04 9.05 2.90
N VAL E 49 -22.50 7.96 2.26
CA VAL E 49 -22.52 7.80 0.78
C VAL E 49 -23.80 8.51 0.27
N ALA E 50 -24.78 8.71 1.20
CA ALA E 50 -26.07 9.38 0.92
C ALA E 50 -25.83 10.89 0.64
N TRP E 51 -24.57 11.40 0.92
CA TRP E 51 -24.19 12.84 0.65
C TRP E 51 -24.53 13.18 -0.84
N ALA E 52 -24.38 12.13 -1.67
CA ALA E 52 -24.62 12.16 -3.14
C ALA E 52 -26.13 12.03 -3.49
N GLY E 53 -26.95 11.51 -2.55
CA GLY E 53 -28.42 11.29 -2.77
C GLY E 53 -29.17 12.58 -3.17
N PHE E 54 -28.83 13.73 -2.52
CA PHE E 54 -29.49 15.04 -2.79
C PHE E 54 -28.98 15.65 -4.13
N ALA E 55 -27.69 15.38 -4.47
CA ALA E 55 -27.03 15.91 -5.71
C ALA E 55 -27.72 15.39 -7.01
N ALA E 56 -27.91 14.05 -7.08
CA ALA E 56 -28.53 13.36 -8.24
C ALA E 56 -30.06 13.56 -8.30
N SER E 57 -30.74 13.54 -7.12
CA SER E 57 -32.23 13.67 -7.01
C SER E 57 -32.73 15.06 -7.48
N GLY E 58 -31.84 16.07 -7.43
CA GLY E 58 -32.19 17.46 -7.82
C GLY E 58 -32.71 17.59 -9.29
N VAL E 59 -31.90 17.09 -10.26
CA VAL E 59 -32.21 17.15 -11.73
C VAL E 59 -33.27 16.12 -12.22
N GLN E 60 -33.52 14.97 -11.51
CA GLN E 60 -34.53 13.92 -11.97
C GLN E 60 -35.88 14.59 -12.42
N THR E 61 -36.20 15.73 -11.77
CA THR E 61 -37.41 16.56 -12.05
C THR E 61 -37.19 17.36 -13.37
N GLY E 62 -35.95 17.85 -13.53
CA GLY E 62 -35.48 18.66 -14.69
C GLY E 62 -35.90 18.13 -16.08
N LEU E 63 -36.12 16.81 -16.21
CA LEU E 63 -36.54 16.14 -17.50
C LEU E 63 -37.94 16.76 -17.93
N PHE E 64 -38.81 16.97 -16.90
CA PHE E 64 -40.16 17.59 -17.04
C PHE E 64 -40.01 19.01 -17.65
N ALA E 65 -38.92 19.73 -17.23
CA ALA E 65 -38.62 21.11 -17.70
C ALA E 65 -38.45 21.14 -19.26
N ARG E 66 -37.79 20.06 -19.87
CA ARG E 66 -37.58 19.99 -21.37
C ARG E 66 -38.98 20.00 -22.06
N LEU E 67 -39.95 19.22 -21.47
CA LEU E 67 -41.37 19.17 -22.01
C LEU E 67 -42.07 20.58 -21.89
N THR E 68 -41.84 21.27 -20.75
CA THR E 68 -42.47 22.58 -20.41
C THR E 68 -42.14 23.77 -21.38
N TRP E 69 -40.85 23.88 -21.85
CA TRP E 69 -40.35 25.02 -22.73
C TRP E 69 -39.75 24.51 -24.04
N TRP E 70 -40.41 23.49 -24.61
CA TRP E 70 -39.98 22.79 -25.87
C TRP E 70 -39.56 23.77 -27.04
N GLU E 71 -39.96 25.08 -26.97
CA GLU E 71 -39.69 26.09 -28.06
C GLU E 71 -38.31 26.82 -27.97
N TYR E 72 -37.66 26.90 -26.77
CA TYR E 72 -36.32 27.58 -26.59
C TYR E 72 -35.30 27.12 -27.71
N SER E 73 -35.15 25.78 -27.85
CA SER E 73 -34.28 25.13 -28.89
C SER E 73 -34.53 23.58 -28.89
N TRP E 74 -34.59 23.02 -27.66
CA TRP E 74 -34.84 21.58 -27.33
C TRP E 74 -33.52 20.81 -27.04
N ASP E 75 -32.52 20.98 -27.95
CA ASP E 75 -31.18 20.37 -27.86
C ASP E 75 -30.48 21.05 -26.66
N ILE E 76 -30.85 20.55 -25.47
CA ILE E 76 -30.50 21.06 -24.12
C ILE E 76 -30.30 19.78 -23.27
N VAL E 77 -30.36 18.55 -23.94
CA VAL E 77 -30.22 17.25 -23.23
C VAL E 77 -28.85 17.16 -22.53
N GLU E 78 -28.45 15.95 -22.09
CA GLU E 78 -27.17 15.70 -21.36
C GLU E 78 -27.18 16.06 -19.78
N PRO E 79 -28.21 16.73 -19.09
CA PRO E 79 -28.04 17.13 -17.59
C PRO E 79 -27.88 15.98 -16.56
N VAL E 80 -28.70 14.93 -16.72
CA VAL E 80 -28.76 13.82 -15.73
C VAL E 80 -27.41 13.09 -15.51
N THR E 81 -26.65 12.75 -16.60
CA THR E 81 -25.34 12.07 -16.42
C THR E 81 -24.22 12.86 -15.65
N TYR E 82 -23.92 14.23 -15.86
CA TYR E 82 -22.79 14.88 -15.08
C TYR E 82 -23.07 14.84 -13.55
N PHE E 83 -24.35 15.11 -13.09
CA PHE E 83 -24.62 15.04 -11.60
C PHE E 83 -24.37 13.57 -11.10
N ALA E 84 -24.76 12.56 -11.94
CA ALA E 84 -24.52 11.12 -11.64
C ALA E 84 -22.98 10.84 -11.53
N THR E 85 -22.14 11.46 -12.44
CA THR E 85 -20.64 11.27 -12.40
C THR E 85 -20.11 11.75 -11.01
N TYR E 86 -20.65 12.87 -10.45
CA TYR E 86 -20.24 13.39 -9.08
C TYR E 86 -20.50 12.25 -8.03
N SER E 87 -21.62 11.52 -8.22
CA SER E 87 -21.96 10.32 -7.39
C SER E 87 -20.80 9.26 -7.52
N THR E 88 -20.18 9.14 -8.75
CA THR E 88 -19.08 8.13 -9.00
C THR E 88 -17.89 8.34 -8.02
N VAL E 89 -17.48 9.63 -7.81
CA VAL E 89 -16.37 9.96 -6.84
C VAL E 89 -16.76 9.47 -5.42
N ALA E 90 -18.09 9.58 -5.05
CA ALA E 90 -18.54 9.17 -3.68
C ALA E 90 -18.17 7.66 -3.46
N ALA E 91 -18.34 6.80 -4.53
CA ALA E 91 -17.90 5.36 -4.46
C ALA E 91 -16.35 5.30 -4.24
N THR E 92 -15.60 6.20 -4.98
CA THR E 92 -14.12 6.27 -4.91
C THR E 92 -13.60 6.65 -3.48
N PHE E 93 -14.24 7.64 -2.81
CA PHE E 93 -13.82 8.05 -1.42
C PHE E 93 -13.99 6.82 -0.43
N GLY E 94 -15.10 6.09 -0.67
CA GLY E 94 -15.57 4.93 0.11
C GLY E 94 -14.54 3.87 0.59
N TYR E 95 -13.77 3.25 -0.34
CA TYR E 95 -12.80 2.13 0.02
C TYR E 95 -11.85 2.48 1.19
N TYR E 96 -11.56 3.79 1.37
CA TYR E 96 -10.62 4.29 2.42
C TYR E 96 -11.33 4.14 3.78
N LEU E 97 -12.48 4.84 3.90
CA LEU E 97 -13.36 4.81 5.12
C LEU E 97 -13.73 3.34 5.57
N TYR E 98 -13.54 2.32 4.66
CA TYR E 98 -14.04 0.92 4.90
C TYR E 98 -13.67 0.34 6.29
N THR E 99 -12.35 0.11 6.59
CA THR E 99 -11.94 -0.47 7.92
C THR E 99 -12.13 0.55 9.11
N GLN E 100 -11.91 1.89 8.87
CA GLN E 100 -12.02 2.95 9.94
C GLN E 100 -13.46 3.10 10.55
N GLN E 101 -14.56 2.77 9.80
CA GLN E 101 -15.98 2.97 10.28
C GLN E 101 -16.21 2.42 11.72
N SER E 102 -15.44 1.35 12.05
CA SER E 102 -15.49 0.67 13.36
C SER E 102 -14.88 1.55 14.48
N PHE E 103 -13.86 2.40 14.13
CA PHE E 103 -13.15 3.29 15.12
C PHE E 103 -14.11 4.42 15.64
N GLU E 104 -15.07 4.81 14.78
CA GLU E 104 -16.08 5.88 15.09
C GLU E 104 -17.15 5.40 16.13
N TYR E 105 -17.59 4.11 16.02
CA TYR E 105 -18.72 3.51 16.84
C TYR E 105 -18.58 3.73 18.42
N PRO E 106 -17.44 3.43 19.10
CA PRO E 106 -17.27 3.63 20.62
C PRO E 106 -17.85 4.97 21.17
N SER E 107 -18.08 5.01 22.50
CA SER E 107 -18.65 6.18 23.23
C SER E 107 -20.01 6.63 22.59
N ALA E 108 -20.86 5.61 22.28
CA ALA E 108 -22.19 5.78 21.65
C ALA E 108 -23.18 6.57 22.57
N ARG E 109 -23.49 7.85 22.21
CA ARG E 109 -24.44 8.74 22.94
C ARG E 109 -23.98 8.99 24.41
N GLU E 110 -22.75 9.54 24.56
CA GLU E 110 -22.08 9.88 25.85
C GLU E 110 -22.27 8.81 26.99
N ARG E 111 -21.81 9.17 28.22
CA ARG E 111 -21.87 8.31 29.44
C ARG E 111 -21.24 6.90 29.19
N VAL E 112 -19.88 6.82 29.23
CA VAL E 112 -19.10 5.56 29.00
C VAL E 112 -19.29 4.58 30.20
N TYR E 113 -19.33 5.16 31.42
CA TYR E 113 -19.49 4.42 32.69
C TYR E 113 -18.39 3.31 32.87
N THR E 114 -18.79 2.01 32.87
CA THR E 114 -17.84 0.85 33.03
C THR E 114 -16.88 0.69 31.82
N LYS E 115 -17.45 0.82 30.58
CA LYS E 115 -16.70 0.67 29.28
C LYS E 115 -16.15 -0.79 29.14
N GLN E 116 -16.12 -1.33 27.87
CA GLN E 116 -15.55 -2.69 27.59
C GLN E 116 -14.02 -2.61 27.85
N PHE E 117 -13.40 -3.65 28.50
CA PHE E 117 -11.95 -3.68 28.86
C PHE E 117 -11.02 -3.31 27.66
N TYR E 118 -9.68 -3.22 27.94
CA TYR E 118 -8.62 -2.91 26.92
C TYR E 118 -8.56 -4.09 25.90
N ARG E 119 -9.61 -4.15 25.04
CA ARG E 119 -9.82 -5.21 24.03
C ARG E 119 -10.81 -4.64 22.97
N ARG E 120 -11.94 -4.07 23.50
CA ARG E 120 -13.01 -3.41 22.70
C ARG E 120 -13.64 -4.35 21.60
N ALA E 121 -14.97 -4.60 21.69
CA ALA E 121 -15.74 -5.45 20.74
C ALA E 121 -15.93 -4.74 19.36
N GLN E 122 -15.57 -3.43 19.29
CA GLN E 122 -15.67 -2.56 18.05
C GLN E 122 -14.23 -2.00 17.74
N LYS E 123 -13.66 -2.36 16.56
CA LYS E 123 -12.29 -1.92 16.11
C LYS E 123 -12.07 -2.41 14.64
N GLN E 124 -11.07 -1.80 13.93
CA GLN E 124 -10.72 -2.12 12.52
C GLN E 124 -10.10 -3.56 12.43
N ASN E 125 -10.42 -4.38 11.36
CA ASN E 125 -9.87 -5.78 11.22
C ASN E 125 -9.87 -6.23 9.70
N PHE E 126 -8.75 -5.94 9.01
CA PHE E 126 -8.48 -6.33 7.59
C PHE E 126 -7.20 -5.53 7.19
N ASP E 127 -6.07 -6.25 7.15
CA ASP E 127 -4.72 -5.76 6.81
C ASP E 127 -4.15 -4.66 7.77
N ILE E 128 -4.98 -3.71 8.35
CA ILE E 128 -4.42 -2.64 9.30
C ILE E 128 -4.03 -3.34 10.64
N GLU E 129 -4.99 -4.13 11.20
CA GLU E 129 -4.78 -4.89 12.48
C GLU E 129 -3.79 -6.06 12.24
N LYS E 130 -4.07 -6.83 11.16
CA LYS E 130 -3.30 -8.07 10.81
C LYS E 130 -1.76 -7.82 10.80
N TYR E 131 -1.30 -6.78 10.08
CA TYR E 131 0.12 -6.46 9.97
C TYR E 131 0.73 -5.86 11.27
N ASN E 132 0.12 -4.76 11.87
CA ASN E 132 0.76 -4.12 13.09
C ASN E 132 0.62 -5.01 14.35
N ARG E 133 -0.62 -5.41 14.64
CA ARG E 133 -0.97 -6.21 15.88
C ARG E 133 -0.16 -7.56 15.96
N LEU E 134 -0.11 -8.30 14.84
CA LEU E 134 0.59 -9.62 14.78
C LEU E 134 2.17 -9.41 14.99
N VAL E 135 2.78 -8.34 14.33
CA VAL E 135 4.23 -8.00 14.56
C VAL E 135 4.46 -7.76 16.12
N THR E 136 3.38 -7.29 16.91
CA THR E 136 3.53 -7.14 18.43
C THR E 136 3.82 -8.53 19.09
N GLU E 137 3.22 -9.67 18.55
CA GLU E 137 3.48 -11.07 19.17
C GLU E 137 5.01 -11.25 19.31
N VAL E 138 5.72 -10.85 18.22
CA VAL E 138 7.23 -10.93 18.23
C VAL E 138 7.75 -10.04 19.42
N ASP E 139 7.22 -8.80 19.61
CA ASP E 139 7.67 -7.91 20.77
C ASP E 139 7.64 -8.67 22.16
N GLU E 140 6.72 -9.66 22.32
CA GLU E 140 6.63 -10.48 23.57
C GLU E 140 7.95 -11.33 23.68
N LEU E 141 8.51 -11.71 22.47
CA LEU E 141 9.84 -12.42 22.39
C LEU E 141 10.92 -11.52 23.06
N ARG E 142 10.83 -10.17 22.81
CA ARG E 142 11.81 -9.15 23.38
C ARG E 142 11.86 -9.34 24.93
N ASN E 143 10.68 -9.75 25.54
CA ASN E 143 10.63 -9.99 27.03
C ASN E 143 11.44 -11.28 27.45
N GLN E 144 11.22 -12.45 26.74
CA GLN E 144 11.94 -13.74 27.11
C GLN E 144 13.46 -13.66 26.81
N LEU E 145 13.87 -12.92 25.75
CA LEU E 145 15.31 -12.70 25.38
C LEU E 145 16.07 -12.09 26.62
N LYS E 146 15.50 -11.01 27.23
CA LYS E 146 16.14 -10.32 28.39
C LYS E 146 16.35 -11.25 29.64
N ARG E 147 15.36 -12.16 30.04
CA ARG E 147 15.59 -13.05 31.24
C ARG E 147 16.75 -14.00 30.87
N LEU E 148 16.67 -14.55 29.66
CA LEU E 148 17.73 -15.41 29.05
C LEU E 148 19.12 -14.63 29.04
N ARG E 149 19.14 -13.24 28.86
CA ARG E 149 20.44 -12.44 28.83
C ARG E 149 21.20 -12.47 30.19
N ASP E 150 20.49 -12.50 31.38
CA ASP E 150 21.24 -12.54 32.72
C ASP E 150 22.36 -13.72 32.76
N PRO E 151 22.07 -15.03 32.41
CA PRO E 151 23.07 -16.18 32.20
C PRO E 151 24.46 -15.81 31.65
N LEU E 152 25.42 -16.78 31.74
CA LEU E 152 26.80 -16.63 31.28
C LEU E 152 27.47 -17.84 31.94
N GLU E 153 27.92 -18.75 31.10
CA GLU E 153 28.56 -20.05 31.51
C GLU E 153 30.02 -19.80 31.97
N MET A 1 30.25 -43.42 10.49
CA MET A 1 30.75 -43.22 9.10
C MET A 1 29.61 -43.56 8.11
N ALA A 2 29.73 -43.05 6.85
CA ALA A 2 28.74 -43.28 5.75
C ALA A 2 27.31 -42.80 6.15
N ALA A 3 26.33 -43.01 5.23
CA ALA A 3 24.90 -42.64 5.40
C ALA A 3 24.74 -41.11 5.71
N LEU A 4 24.44 -40.29 4.66
CA LEU A 4 24.25 -38.80 4.75
C LEU A 4 25.55 -38.09 5.28
N SER A 5 25.74 -36.79 4.89
CA SER A 5 26.91 -35.97 5.29
C SER A 5 27.01 -35.81 6.84
N VAL A 6 28.00 -35.00 7.31
CA VAL A 6 28.23 -34.73 8.77
C VAL A 6 26.92 -34.21 9.47
N ASP A 7 26.72 -34.58 10.77
CA ASP A 7 25.51 -34.16 11.56
C ASP A 7 25.74 -34.43 13.07
N GLU A 8 27.01 -34.61 13.50
CA GLU A 8 27.39 -34.84 14.93
C GLU A 8 26.59 -36.04 15.56
N TYR A 9 26.49 -37.16 14.78
CA TYR A 9 25.78 -38.41 15.19
C TYR A 9 24.28 -38.12 15.54
N LYS A 10 23.64 -37.31 14.67
CA LYS A 10 22.20 -36.91 14.76
C LYS A 10 21.90 -36.10 16.07
N LEU A 11 20.98 -35.08 15.97
CA LEU A 11 20.60 -34.13 17.08
C LEU A 11 19.30 -34.56 17.83
N SER A 12 18.35 -35.24 17.13
CA SER A 12 17.06 -35.67 17.66
C SER A 12 16.46 -36.41 16.47
N ARG A 13 16.36 -37.72 16.62
CA ARG A 13 15.87 -38.68 15.61
C ARG A 13 14.77 -38.16 14.61
N GLU A 14 13.95 -37.12 14.99
CA GLU A 14 12.86 -36.58 14.09
C GLU A 14 12.32 -35.16 14.53
N LYS A 15 12.46 -34.76 15.82
CA LYS A 15 11.87 -33.48 16.33
C LYS A 15 12.40 -32.16 15.63
N LYS A 16 13.76 -32.04 15.38
CA LYS A 16 14.33 -30.81 14.70
C LYS A 16 13.75 -30.66 13.27
N LEU A 17 13.68 -31.83 12.57
CA LEU A 17 13.16 -31.94 11.18
C LEU A 17 11.67 -31.51 11.10
N LEU A 18 10.85 -31.89 12.13
CA LEU A 18 9.37 -31.55 12.16
C LEU A 18 9.18 -30.00 12.16
N LEU A 19 9.99 -29.24 12.95
CA LEU A 19 9.91 -27.73 12.94
C LEU A 19 10.27 -27.19 11.49
N GLN A 20 11.32 -27.79 10.80
CA GLN A 20 11.69 -27.34 9.40
C GLN A 20 10.46 -27.56 8.44
N LEU A 21 9.75 -28.72 8.62
CA LEU A 21 8.53 -29.06 7.83
C LEU A 21 7.40 -28.02 8.06
N GLU A 22 7.22 -27.51 9.35
CA GLU A 22 6.16 -26.50 9.67
C GLU A 22 6.40 -25.22 8.82
N ASN A 23 7.71 -24.82 8.70
CA ASN A 23 8.10 -23.62 7.90
C ASN A 23 7.72 -23.79 6.40
N ALA A 24 7.95 -25.02 5.83
CA ALA A 24 7.68 -25.29 4.38
C ALA A 24 6.17 -25.12 3.99
N GLU A 25 5.20 -25.63 4.83
CA GLU A 25 3.72 -25.44 4.58
C GLU A 25 3.35 -23.91 4.64
N THR A 26 3.98 -23.18 5.62
CA THR A 26 3.75 -21.72 5.87
C THR A 26 4.11 -20.85 4.62
N LEU A 27 5.19 -21.23 3.85
CA LEU A 27 5.62 -20.45 2.60
C LEU A 27 4.37 -20.40 1.67
N LEU A 28 3.61 -21.54 1.66
CA LEU A 28 2.30 -21.66 0.96
C LEU A 28 2.47 -21.71 -0.58
N ALA A 29 2.19 -22.89 -1.18
CA ALA A 29 2.24 -23.14 -2.65
C ALA A 29 1.08 -24.13 -2.99
N PRO A 30 1.05 -25.41 -2.50
CA PRO A 30 -0.10 -26.41 -2.74
C PRO A 30 -1.53 -25.81 -3.03
N LEU A 31 -2.15 -25.19 -2.00
CA LEU A 31 -3.50 -24.57 -2.11
C LEU A 31 -3.49 -23.44 -3.19
N HIS A 32 -2.38 -22.62 -3.24
CA HIS A 32 -2.26 -21.53 -4.30
C HIS A 32 -2.25 -22.21 -5.72
N ASP A 33 -1.53 -23.37 -5.83
CA ASP A 33 -1.47 -24.19 -7.10
C ASP A 33 -2.91 -24.66 -7.49
N ALA A 34 -3.76 -25.00 -6.47
CA ALA A 34 -5.18 -25.44 -6.73
C ALA A 34 -5.93 -24.30 -7.48
N LYS A 35 -5.63 -23.00 -7.09
CA LYS A 35 -6.24 -21.79 -7.76
C LYS A 35 -5.85 -21.78 -9.28
N ARG A 36 -4.56 -22.17 -9.56
CA ARG A 36 -3.98 -22.24 -10.96
C ARG A 36 -4.78 -23.24 -11.86
N LYS A 37 -5.25 -24.37 -11.27
CA LYS A 37 -5.99 -25.45 -12.04
C LYS A 37 -7.28 -24.85 -12.70
N ILE A 38 -7.97 -23.94 -11.95
CA ILE A 38 -9.23 -23.23 -12.37
C ILE A 38 -8.93 -21.81 -12.91
N GLU A 39 -7.60 -21.41 -13.01
CA GLU A 39 -7.10 -20.02 -13.44
C GLU A 39 -8.13 -19.11 -14.21
N GLN A 40 -8.98 -19.72 -15.08
CA GLN A 40 -10.03 -18.99 -15.86
C GLN A 40 -11.09 -18.33 -14.91
N GLU A 41 -11.04 -18.70 -13.59
CA GLU A 41 -11.99 -18.15 -12.54
C GLU A 41 -11.70 -16.67 -12.26
N ALA A 42 -10.62 -16.10 -12.89
CA ALA A 42 -10.24 -14.66 -12.70
C ALA A 42 -11.37 -13.74 -13.22
N GLU A 43 -12.34 -14.34 -13.96
CA GLU A 43 -13.54 -13.67 -14.53
C GLU A 43 -14.75 -13.86 -13.57
N ALA A 44 -14.56 -14.60 -12.44
CA ALA A 44 -15.63 -14.90 -11.44
C ALA A 44 -15.94 -13.65 -10.57
N HIS A 45 -14.88 -12.85 -10.25
CA HIS A 45 -14.99 -11.63 -9.38
C HIS A 45 -15.94 -10.56 -9.99
N THR A 46 -16.24 -10.71 -11.31
CA THR A 46 -17.11 -9.76 -12.08
C THR A 46 -18.55 -9.68 -11.51
N ASP A 47 -18.91 -10.62 -10.59
CA ASP A 47 -20.26 -10.67 -9.96
C ASP A 47 -20.53 -9.40 -9.09
N ARG A 48 -19.43 -8.78 -8.57
CA ARG A 48 -19.48 -7.53 -7.71
C ARG A 48 -19.38 -6.27 -8.61
N VAL A 49 -18.66 -6.38 -9.77
CA VAL A 49 -18.49 -5.27 -10.76
C VAL A 49 -19.84 -5.10 -11.50
N ALA A 50 -20.68 -6.17 -11.44
CA ALA A 50 -22.03 -6.24 -12.06
C ALA A 50 -22.96 -5.16 -11.46
N TRP A 51 -22.57 -4.57 -10.27
CA TRP A 51 -23.37 -3.47 -9.61
C TRP A 51 -23.66 -2.34 -10.66
N ALA A 52 -22.65 -2.18 -11.56
CA ALA A 52 -22.62 -1.19 -12.66
C ALA A 52 -23.24 -1.76 -13.97
N GLY A 53 -23.42 -3.11 -14.06
CA GLY A 53 -23.97 -3.80 -15.29
C GLY A 53 -25.31 -3.17 -15.78
N PHE A 54 -26.07 -2.54 -14.84
CA PHE A 54 -27.37 -1.87 -15.14
C PHE A 54 -27.13 -0.52 -15.87
N ALA A 55 -25.92 0.08 -15.65
CA ALA A 55 -25.53 1.40 -16.23
C ALA A 55 -25.50 1.38 -17.79
N ALA A 56 -24.85 0.34 -18.35
CA ALA A 56 -24.68 0.14 -19.82
C ALA A 56 -26.00 -0.35 -20.50
N SER A 57 -26.87 -1.04 -19.72
CA SER A 57 -28.15 -1.62 -20.23
C SER A 57 -29.21 -0.54 -20.53
N GLY A 58 -29.09 0.63 -19.87
CA GLY A 58 -30.06 1.76 -20.00
C GLY A 58 -30.08 2.47 -21.37
N VAL A 59 -28.92 2.56 -22.09
CA VAL A 59 -28.81 3.34 -23.39
C VAL A 59 -29.46 2.69 -24.64
N GLN A 60 -29.44 1.35 -24.73
CA GLN A 60 -29.91 0.58 -25.95
C GLN A 60 -31.26 1.12 -26.52
N THR A 61 -32.11 1.65 -25.63
CA THR A 61 -33.43 2.25 -26.00
C THR A 61 -33.25 3.66 -26.63
N GLY A 62 -32.19 4.35 -26.20
CA GLY A 62 -31.83 5.71 -26.64
C GLY A 62 -31.37 5.78 -28.12
N LEU A 63 -30.56 4.78 -28.60
CA LEU A 63 -30.05 4.77 -30.03
C LEU A 63 -31.27 4.68 -31.01
N PHE A 64 -32.24 3.82 -30.63
CA PHE A 64 -33.51 3.64 -31.39
C PHE A 64 -34.27 4.99 -31.43
N ALA A 65 -34.24 5.72 -30.28
CA ALA A 65 -34.94 7.02 -30.10
C ALA A 65 -34.46 8.13 -31.12
N ARG A 66 -33.10 8.25 -31.45
CA ARG A 66 -32.65 9.31 -32.45
C ARG A 66 -33.34 9.03 -33.80
N LEU A 67 -33.38 7.71 -34.16
CA LEU A 67 -33.99 7.25 -35.45
C LEU A 67 -35.54 7.57 -35.59
N THR A 68 -36.36 7.44 -34.49
CA THR A 68 -37.88 7.61 -34.57
C THR A 68 -38.35 9.02 -35.05
N TRP A 69 -37.71 10.13 -34.56
CA TRP A 69 -38.10 11.53 -34.94
C TRP A 69 -37.08 12.11 -35.93
N TRP A 70 -35.81 11.98 -35.55
CA TRP A 70 -34.65 12.42 -36.35
C TRP A 70 -34.62 13.95 -36.76
N GLU A 71 -35.80 14.67 -36.81
CA GLU A 71 -35.90 16.11 -37.27
C GLU A 71 -35.82 17.17 -36.13
N TYR A 72 -36.19 16.80 -34.87
CA TYR A 72 -36.19 17.72 -33.69
C TYR A 72 -34.90 18.64 -33.64
N SER A 73 -33.72 18.03 -33.91
CA SER A 73 -32.39 18.74 -33.97
C SER A 73 -31.29 17.76 -34.48
N TRP A 74 -31.38 16.51 -34.02
CA TRP A 74 -30.43 15.38 -34.32
C TRP A 74 -29.17 15.50 -33.43
N ASP A 75 -28.70 16.77 -33.28
CA ASP A 75 -27.55 17.16 -32.39
C ASP A 75 -27.98 16.80 -30.95
N ILE A 76 -27.78 15.53 -30.61
CA ILE A 76 -28.19 14.88 -29.33
C ILE A 76 -27.14 13.77 -29.14
N VAL A 77 -26.01 13.69 -29.99
CA VAL A 77 -25.00 12.63 -29.86
C VAL A 77 -24.32 12.71 -28.47
N GLU A 78 -23.28 11.88 -28.25
CA GLU A 78 -22.52 11.75 -26.96
C GLU A 78 -23.18 10.82 -25.82
N PRO A 79 -24.46 10.32 -25.79
CA PRO A 79 -24.95 9.55 -24.55
C PRO A 79 -24.19 8.23 -24.20
N VAL A 80 -23.89 7.41 -25.23
CA VAL A 80 -23.25 6.07 -25.00
C VAL A 80 -21.85 6.12 -24.34
N THR A 81 -20.90 7.03 -24.76
CA THR A 81 -19.56 7.06 -24.11
C THR A 81 -19.58 7.45 -22.59
N TYR A 82 -20.38 8.49 -22.13
CA TYR A 82 -20.41 8.86 -20.67
C TYR A 82 -20.96 7.68 -19.80
N PHE A 83 -22.03 6.94 -20.28
CA PHE A 83 -22.55 5.74 -19.53
C PHE A 83 -21.38 4.70 -19.45
N ALA A 84 -20.57 4.58 -20.55
CA ALA A 84 -19.36 3.67 -20.56
C ALA A 84 -18.37 4.15 -19.43
N THR A 85 -18.21 5.51 -19.24
CA THR A 85 -17.35 6.09 -18.14
C THR A 85 -17.91 5.63 -16.75
N TYR A 86 -19.26 5.53 -16.56
CA TYR A 86 -19.85 5.09 -15.23
C TYR A 86 -19.28 3.65 -14.92
N SER A 87 -19.23 2.79 -15.97
CA SER A 87 -18.59 1.43 -15.90
C SER A 87 -17.05 1.53 -15.57
N THR A 88 -16.29 2.54 -16.15
CA THR A 88 -14.80 2.66 -15.94
C THR A 88 -14.45 2.86 -14.43
N VAL A 89 -15.27 3.69 -13.71
CA VAL A 89 -15.07 3.92 -12.22
C VAL A 89 -15.14 2.53 -11.52
N ALA A 90 -16.08 1.65 -12.03
CA ALA A 90 -16.29 0.27 -11.47
C ALA A 90 -14.95 -0.52 -11.55
N ALA A 91 -14.17 -0.34 -12.67
CA ALA A 91 -12.83 -1.01 -12.85
C ALA A 91 -11.90 -0.58 -11.67
N THR A 92 -11.99 0.73 -11.32
CA THR A 92 -11.22 1.38 -10.22
C THR A 92 -11.56 0.73 -8.83
N PHE A 93 -12.86 0.38 -8.54
CA PHE A 93 -13.27 -0.24 -7.21
C PHE A 93 -12.46 -1.55 -6.96
N GLY A 94 -12.25 -2.26 -8.07
CA GLY A 94 -11.53 -3.55 -8.13
C GLY A 94 -10.26 -3.72 -7.22
N TYR A 95 -9.63 -2.59 -6.75
CA TYR A 95 -8.38 -2.68 -5.88
C TYR A 95 -8.67 -3.31 -4.49
N TYR A 96 -9.94 -3.18 -4.01
CA TYR A 96 -10.39 -3.64 -2.67
C TYR A 96 -10.69 -5.15 -2.67
N LEU A 97 -11.67 -5.55 -3.51
CA LEU A 97 -12.19 -6.95 -3.57
C LEU A 97 -11.24 -8.01 -4.23
N TYR A 98 -10.18 -7.60 -5.02
CA TYR A 98 -9.34 -8.58 -5.83
C TYR A 98 -9.00 -9.93 -5.07
N THR A 99 -8.24 -9.90 -3.91
CA THR A 99 -7.93 -11.21 -3.16
C THR A 99 -9.24 -11.74 -2.48
N GLN A 100 -10.04 -10.81 -1.86
CA GLN A 100 -11.34 -11.12 -1.14
C GLN A 100 -12.33 -12.01 -1.96
N GLN A 101 -12.23 -11.98 -3.32
CA GLN A 101 -13.21 -12.66 -4.24
C GLN A 101 -13.58 -14.10 -3.79
N SER A 102 -12.62 -14.74 -3.09
CA SER A 102 -12.79 -16.10 -2.50
C SER A 102 -14.03 -16.17 -1.54
N PHE A 103 -14.36 -15.01 -0.87
CA PHE A 103 -15.48 -14.95 0.14
C PHE A 103 -16.89 -15.19 -0.51
N GLU A 104 -17.20 -14.44 -1.60
CA GLU A 104 -18.49 -14.51 -2.37
C GLU A 104 -18.61 -15.83 -3.21
N TYR A 105 -17.45 -16.36 -3.63
CA TYR A 105 -17.34 -17.55 -4.54
C TYR A 105 -18.20 -18.85 -4.17
N PRO A 106 -18.44 -19.25 -2.87
CA PRO A 106 -19.24 -20.54 -2.56
C PRO A 106 -20.69 -20.52 -3.14
N SER A 107 -21.26 -19.30 -3.26
CA SER A 107 -22.64 -19.07 -3.79
C SER A 107 -22.67 -19.34 -5.34
N ALA A 108 -23.10 -20.57 -5.73
CA ALA A 108 -23.20 -21.01 -7.17
C ALA A 108 -23.99 -22.35 -7.26
N ARG A 109 -23.99 -23.12 -6.14
CA ARG A 109 -24.69 -24.44 -6.03
C ARG A 109 -24.71 -24.85 -4.54
N GLU A 110 -25.37 -26.01 -4.25
CA GLU A 110 -25.50 -26.60 -2.89
C GLU A 110 -26.29 -25.65 -1.93
N ARG A 111 -27.01 -26.20 -0.91
CA ARG A 111 -27.84 -25.40 0.05
C ARG A 111 -28.00 -26.16 1.42
N VAL A 112 -27.62 -27.47 1.47
CA VAL A 112 -27.71 -28.30 2.73
C VAL A 112 -26.54 -27.92 3.69
N TYR A 113 -26.48 -26.59 3.98
CA TYR A 113 -25.49 -25.96 4.89
C TYR A 113 -24.01 -26.09 4.37
N THR A 114 -23.41 -27.31 4.54
CA THR A 114 -21.99 -27.60 4.15
C THR A 114 -21.75 -27.44 2.60
N LYS A 115 -21.26 -26.23 2.17
CA LYS A 115 -20.92 -25.90 0.74
C LYS A 115 -19.46 -26.41 0.45
N GLN A 116 -19.30 -27.30 -0.58
CA GLN A 116 -17.99 -27.91 -0.98
C GLN A 116 -17.36 -28.69 0.24
N PHE A 117 -16.49 -28.00 1.02
CA PHE A 117 -15.80 -28.54 2.24
C PHE A 117 -14.94 -29.81 1.91
N TYR A 118 -13.60 -29.73 2.14
CA TYR A 118 -12.62 -30.84 1.92
C TYR A 118 -11.26 -30.45 2.58
N ARG A 119 -11.00 -29.13 2.67
CA ARG A 119 -9.79 -28.53 3.28
C ARG A 119 -10.06 -27.00 3.45
N ARG A 120 -10.08 -26.28 2.30
CA ARG A 120 -10.35 -24.81 2.18
C ARG A 120 -9.78 -23.94 3.38
N ALA A 121 -10.64 -23.08 4.00
CA ALA A 121 -10.30 -22.17 5.12
C ALA A 121 -9.36 -21.02 4.68
N GLN A 122 -8.78 -21.13 3.45
CA GLN A 122 -7.85 -20.11 2.86
C GLN A 122 -7.51 -20.56 1.41
N LYS A 123 -7.47 -19.57 0.45
CA LYS A 123 -7.14 -19.81 -0.99
C LYS A 123 -6.97 -18.42 -1.68
N GLN A 124 -6.60 -18.43 -3.00
CA GLN A 124 -6.31 -17.19 -3.82
C GLN A 124 -5.12 -16.40 -3.18
N ASN A 125 -4.53 -15.39 -3.89
CA ASN A 125 -3.36 -14.60 -3.36
C ASN A 125 -3.10 -13.33 -4.22
N PHE A 126 -2.67 -12.29 -3.51
CA PHE A 126 -2.29 -10.97 -4.03
C PHE A 126 -2.18 -10.07 -2.76
N ASP A 127 -0.97 -10.06 -2.18
CA ASP A 127 -0.59 -9.25 -1.00
C ASP A 127 -1.29 -9.62 0.36
N ILE A 128 -2.65 -9.92 0.47
CA ILE A 128 -3.26 -10.22 1.86
C ILE A 128 -2.73 -11.59 2.38
N GLU A 129 -2.83 -12.70 1.57
CA GLU A 129 -2.37 -14.08 2.00
C GLU A 129 -0.81 -14.14 2.13
N LYS A 130 -0.08 -13.56 1.15
CA LYS A 130 1.41 -13.63 1.11
C LYS A 130 2.09 -12.99 2.37
N TYR A 131 1.73 -11.73 2.73
CA TYR A 131 2.28 -11.00 3.89
C TYR A 131 1.84 -11.62 5.25
N ASN A 132 0.51 -11.83 5.41
CA ASN A 132 -0.12 -12.36 6.67
C ASN A 132 0.48 -13.69 7.13
N ARG A 133 0.48 -14.59 6.18
CA ARG A 133 0.87 -16.01 6.41
C ARG A 133 2.37 -16.18 6.80
N LEU A 134 3.34 -15.58 6.00
CA LEU A 134 4.80 -15.76 6.36
C LEU A 134 5.20 -14.99 7.66
N VAL A 135 4.66 -13.74 7.95
CA VAL A 135 4.99 -13.05 9.25
C VAL A 135 4.58 -14.01 10.44
N THR A 136 3.41 -14.74 10.30
CA THR A 136 2.96 -15.73 11.35
C THR A 136 4.07 -16.82 11.58
N GLU A 137 4.87 -17.12 10.51
CA GLU A 137 6.04 -18.09 10.64
C GLU A 137 6.96 -17.60 11.83
N VAL A 138 7.20 -16.23 11.84
CA VAL A 138 8.03 -15.62 12.96
C VAL A 138 7.42 -15.97 14.36
N ASP A 139 6.05 -15.96 14.48
CA ASP A 139 5.39 -16.34 15.81
C ASP A 139 5.92 -17.73 16.33
N GLU A 140 6.26 -18.64 15.35
CA GLU A 140 6.78 -20.00 15.70
C GLU A 140 8.19 -19.84 16.35
N LEU A 141 8.91 -18.74 15.92
CA LEU A 141 10.26 -18.37 16.52
C LEU A 141 10.10 -18.01 18.01
N ARG A 142 8.90 -17.49 18.39
CA ARG A 142 8.62 -17.12 19.82
C ARG A 142 8.50 -18.41 20.67
N ASN A 143 8.04 -19.58 20.04
CA ASN A 143 7.96 -20.87 20.84
C ASN A 143 9.38 -21.46 21.15
N GLN A 144 10.28 -21.50 20.10
CA GLN A 144 11.66 -22.07 20.24
C GLN A 144 12.53 -21.29 21.28
N LEU A 145 12.59 -19.93 21.14
CA LEU A 145 13.37 -19.05 22.04
C LEU A 145 13.00 -19.27 23.53
N LYS A 146 11.68 -19.27 23.81
CA LYS A 146 11.11 -19.46 25.16
C LYS A 146 11.73 -20.72 25.88
N ARG A 147 11.93 -21.90 25.15
CA ARG A 147 12.49 -23.10 25.82
C ARG A 147 14.03 -22.86 26.15
N LEU A 148 14.92 -22.27 25.22
CA LEU A 148 16.40 -21.99 25.61
C LEU A 148 16.48 -21.06 26.91
N ARG A 149 15.46 -20.16 27.16
CA ARG A 149 15.43 -19.27 28.39
C ARG A 149 15.29 -20.15 29.68
N ASP A 150 14.48 -21.26 29.62
CA ASP A 150 14.25 -22.16 30.84
C ASP A 150 15.59 -22.66 31.58
N PRO A 151 16.64 -23.28 30.93
CA PRO A 151 17.99 -23.67 31.63
C PRO A 151 18.75 -22.33 31.90
N LEU A 152 20.05 -22.18 31.47
CA LEU A 152 20.81 -20.90 31.60
C LEU A 152 20.48 -20.13 30.28
N GLU A 153 21.22 -20.51 29.22
CA GLU A 153 21.09 -19.96 27.83
C GLU A 153 21.54 -21.02 26.80
N MET B 1 47.82 -12.95 -0.37
CA MET B 1 46.70 -13.43 -1.24
C MET B 1 47.33 -14.10 -2.50
N ALA B 2 46.48 -14.82 -3.28
CA ALA B 2 46.90 -15.52 -4.53
C ALA B 2 45.61 -15.99 -5.28
N ALA B 3 44.65 -16.54 -4.49
CA ALA B 3 43.34 -17.05 -4.98
C ALA B 3 42.40 -17.31 -3.79
N LEU B 4 41.17 -17.79 -4.10
CA LEU B 4 40.12 -18.12 -3.10
C LEU B 4 39.71 -16.85 -2.27
N SER B 5 39.20 -15.82 -3.00
CA SER B 5 38.74 -14.52 -2.42
C SER B 5 39.86 -13.82 -1.58
N VAL B 6 39.48 -12.73 -0.85
CA VAL B 6 40.41 -11.93 0.00
C VAL B 6 41.01 -12.80 1.15
N ASP B 7 41.77 -12.13 2.06
CA ASP B 7 42.45 -12.78 3.22
C ASP B 7 41.39 -13.38 4.22
N GLU B 8 41.86 -14.31 5.10
CA GLU B 8 41.03 -15.01 6.13
C GLU B 8 41.89 -15.12 7.44
N TYR B 9 41.49 -14.41 8.53
CA TYR B 9 42.20 -14.43 9.85
C TYR B 9 42.14 -15.86 10.48
N LYS B 10 40.90 -16.27 10.88
CA LYS B 10 40.61 -17.59 11.50
C LYS B 10 39.07 -17.78 11.60
N LEU B 11 38.34 -16.64 11.70
CA LEU B 11 36.84 -16.60 11.81
C LEU B 11 36.21 -17.05 10.45
N SER B 12 35.09 -17.83 10.51
CA SER B 12 34.36 -18.35 9.33
C SER B 12 35.22 -19.36 8.54
N ARG B 13 35.21 -20.58 9.09
CA ARG B 13 35.92 -21.76 8.57
C ARG B 13 35.21 -22.24 7.27
N GLU B 14 33.84 -22.31 7.33
CA GLU B 14 32.99 -22.74 6.16
C GLU B 14 31.47 -22.46 6.45
N LYS B 15 30.98 -22.98 7.61
CA LYS B 15 29.51 -22.91 7.99
C LYS B 15 28.94 -21.46 8.14
N LYS B 16 29.70 -20.52 8.79
CA LYS B 16 29.20 -19.11 9.01
C LYS B 16 28.95 -18.41 7.65
N LEU B 17 29.87 -18.67 6.68
CA LEU B 17 29.81 -18.09 5.30
C LEU B 17 28.49 -18.51 4.60
N LEU B 18 28.05 -19.82 4.78
CA LEU B 18 26.78 -20.32 4.13
C LEU B 18 25.54 -19.50 4.61
N LEU B 19 25.44 -19.16 5.95
CA LEU B 19 24.28 -18.32 6.45
C LEU B 19 24.33 -16.91 5.77
N GLN B 20 25.55 -16.31 5.66
CA GLN B 20 25.76 -15.00 4.95
C GLN B 20 25.36 -15.17 3.44
N LEU B 21 25.72 -16.35 2.83
CA LEU B 21 25.37 -16.69 1.40
C LEU B 21 23.81 -16.76 1.23
N GLU B 22 23.07 -17.34 2.27
CA GLU B 22 21.58 -17.45 2.20
C GLU B 22 20.95 -16.03 2.08
N ASN B 23 21.54 -15.07 2.85
CA ASN B 23 21.07 -13.64 2.86
C ASN B 23 21.22 -13.01 1.45
N ALA B 24 22.38 -13.30 0.75
CA ALA B 24 22.65 -12.75 -0.61
C ALA B 24 21.60 -13.21 -1.66
N GLU B 25 21.18 -14.53 -1.62
CA GLU B 25 20.13 -15.08 -2.56
C GLU B 25 18.76 -14.37 -2.36
N THR B 26 18.40 -14.15 -1.06
CA THR B 26 17.10 -13.55 -0.64
C THR B 26 16.89 -12.10 -1.14
N LEU B 27 17.96 -11.26 -1.08
CA LEU B 27 17.90 -9.82 -1.52
C LEU B 27 17.55 -9.70 -3.04
N LEU B 28 18.13 -10.61 -3.87
CA LEU B 28 17.98 -10.68 -5.37
C LEU B 28 17.71 -9.30 -6.06
N ALA B 29 18.56 -8.32 -5.71
CA ALA B 29 18.57 -6.94 -6.26
C ALA B 29 19.09 -7.05 -7.73
N PRO B 30 20.24 -7.73 -8.03
CA PRO B 30 20.73 -8.04 -9.46
C PRO B 30 19.65 -8.02 -10.61
N LEU B 31 18.65 -8.96 -10.57
CA LEU B 31 17.57 -9.05 -11.59
C LEU B 31 16.73 -7.73 -11.60
N HIS B 32 16.43 -7.19 -10.37
CA HIS B 32 15.67 -5.89 -10.22
C HIS B 32 16.52 -4.73 -10.85
N ASP B 33 17.85 -4.76 -10.56
CA ASP B 33 18.87 -3.82 -11.08
C ASP B 33 18.98 -3.93 -12.64
N ALA B 34 18.89 -5.20 -13.18
CA ALA B 34 18.98 -5.45 -14.65
C ALA B 34 17.85 -4.71 -15.42
N LYS B 35 16.58 -4.70 -14.84
CA LYS B 35 15.42 -3.97 -15.45
C LYS B 35 15.73 -2.45 -15.55
N ARG B 36 16.35 -1.90 -14.47
CA ARG B 36 16.72 -0.45 -14.36
C ARG B 36 17.71 -0.02 -15.49
N LYS B 37 18.67 -0.93 -15.80
CA LYS B 37 19.75 -0.70 -16.83
C LYS B 37 19.13 -0.43 -18.25
N ILE B 38 18.06 -1.20 -18.60
CA ILE B 38 17.32 -1.13 -19.91
C ILE B 38 16.01 -0.30 -19.82
N GLU B 39 15.70 0.28 -18.64
CA GLU B 39 14.43 1.07 -18.32
C GLU B 39 13.59 1.62 -19.54
N GLN B 40 14.25 2.03 -20.65
CA GLN B 40 13.56 2.55 -21.88
C GLN B 40 12.68 1.42 -22.51
N GLU B 41 13.25 0.19 -22.51
CA GLU B 41 12.62 -1.05 -23.06
C GLU B 41 11.48 -1.57 -22.15
N ALA B 42 11.18 -0.86 -21.01
CA ALA B 42 10.10 -1.27 -20.03
C ALA B 42 8.69 -1.40 -20.69
N GLU B 43 8.60 -1.15 -22.02
CA GLU B 43 7.36 -1.28 -22.84
C GLU B 43 6.70 -2.70 -22.67
N ALA B 44 7.48 -3.64 -22.07
CA ALA B 44 7.10 -5.04 -21.79
C ALA B 44 5.65 -5.18 -21.18
N HIS B 45 5.30 -4.27 -20.24
CA HIS B 45 3.98 -4.25 -19.53
C HIS B 45 2.93 -3.44 -20.33
N THR B 46 3.40 -2.36 -21.02
CA THR B 46 2.53 -1.42 -21.80
C THR B 46 1.72 -2.15 -22.90
N ASP B 47 2.21 -3.35 -23.32
CA ASP B 47 1.55 -4.19 -24.36
C ASP B 47 0.14 -4.66 -23.87
N ARG B 48 -0.06 -4.65 -22.52
CA ARG B 48 -1.33 -5.04 -21.85
C ARG B 48 -2.24 -3.79 -21.68
N VAL B 49 -1.63 -2.58 -21.51
CA VAL B 49 -2.39 -1.30 -21.37
C VAL B 49 -3.02 -0.97 -22.76
N ALA B 50 -2.51 -1.68 -23.81
CA ALA B 50 -2.99 -1.57 -25.21
C ALA B 50 -4.44 -2.12 -25.34
N TRP B 51 -4.95 -2.80 -24.25
CA TRP B 51 -6.37 -3.35 -24.23
C TRP B 51 -7.35 -2.22 -24.61
N ALA B 52 -6.98 -1.03 -24.11
CA ALA B 52 -7.70 0.25 -24.26
C ALA B 52 -7.40 0.95 -25.62
N GLY B 53 -6.37 0.46 -26.36
CA GLY B 53 -5.97 1.04 -27.68
C GLY B 53 -7.07 0.87 -28.75
N PHE B 54 -7.88 -0.21 -28.61
CA PHE B 54 -9.00 -0.53 -29.55
C PHE B 54 -10.21 0.41 -29.33
N ALA B 55 -10.35 0.95 -28.08
CA ALA B 55 -11.49 1.85 -27.70
C ALA B 55 -11.45 3.20 -28.49
N ALA B 56 -10.25 3.82 -28.53
CA ALA B 56 -10.01 5.13 -29.21
C ALA B 56 -9.96 5.00 -30.75
N SER B 57 -9.61 3.79 -31.26
CA SER B 57 -9.47 3.52 -32.72
C SER B 57 -10.83 3.56 -33.45
N GLY B 58 -11.92 3.28 -32.71
CA GLY B 58 -13.30 3.25 -33.28
C GLY B 58 -13.74 4.59 -33.92
N VAL B 59 -13.67 5.70 -33.13
CA VAL B 59 -14.09 7.08 -33.57
C VAL B 59 -13.04 7.78 -34.47
N GLN B 60 -11.75 7.38 -34.39
CA GLN B 60 -10.63 8.06 -35.17
C GLN B 60 -11.01 8.22 -36.68
N THR B 61 -11.61 7.13 -37.25
CA THR B 61 -12.11 7.12 -38.66
C THR B 61 -13.46 7.89 -38.74
N GLY B 62 -14.16 8.00 -37.58
CA GLY B 62 -15.49 8.67 -37.44
C GLY B 62 -15.52 10.14 -37.93
N LEU B 63 -14.35 10.83 -37.90
CA LEU B 63 -14.23 12.27 -38.35
C LEU B 63 -14.65 12.41 -39.86
N PHE B 64 -14.25 11.38 -40.66
CA PHE B 64 -14.54 11.30 -42.11
C PHE B 64 -16.08 11.31 -42.34
N ALA B 65 -16.83 10.62 -41.43
CA ALA B 65 -18.33 10.55 -41.49
C ALA B 65 -18.94 11.98 -41.41
N ARG B 66 -18.35 12.89 -40.56
CA ARG B 66 -18.86 14.30 -40.44
C ARG B 66 -18.78 14.99 -41.83
N LEU B 67 -17.63 14.73 -42.57
CA LEU B 67 -17.44 15.29 -43.96
C LEU B 67 -18.53 14.77 -44.99
N THR B 68 -18.88 13.43 -44.92
CA THR B 68 -19.89 12.80 -45.83
C THR B 68 -21.32 13.40 -45.67
N TRP B 69 -21.73 13.67 -44.39
CA TRP B 69 -23.12 14.17 -44.03
C TRP B 69 -23.08 15.57 -43.40
N TRP B 70 -22.12 16.37 -43.86
CA TRP B 70 -21.87 17.77 -43.39
C TRP B 70 -23.14 18.69 -43.25
N GLU B 71 -24.35 18.24 -43.73
CA GLU B 71 -25.64 19.03 -43.71
C GLU B 71 -26.63 18.61 -42.55
N TYR B 72 -26.53 17.36 -41.98
CA TYR B 72 -27.42 16.88 -40.86
C TYR B 72 -27.55 17.95 -39.70
N SER B 73 -26.39 18.55 -39.30
CA SER B 73 -26.32 19.61 -38.22
C SER B 73 -24.88 20.18 -38.12
N TRP B 74 -23.90 19.26 -38.04
CA TRP B 74 -22.42 19.52 -37.94
C TRP B 74 -21.93 19.48 -36.47
N ASP B 75 -22.74 20.07 -35.55
CA ASP B 75 -22.47 20.13 -34.09
C ASP B 75 -22.32 18.69 -33.47
N ILE B 76 -21.19 18.07 -33.75
CA ILE B 76 -20.83 16.67 -33.33
C ILE B 76 -19.23 16.67 -33.22
N VAL B 77 -18.51 17.87 -33.05
CA VAL B 77 -16.94 17.89 -33.07
C VAL B 77 -16.22 17.25 -31.82
N GLU B 78 -16.64 17.60 -30.60
CA GLU B 78 -16.12 17.07 -29.28
C GLU B 78 -15.82 15.50 -29.12
N PRO B 79 -16.43 14.49 -29.80
CA PRO B 79 -16.18 13.02 -29.42
C PRO B 79 -14.72 12.46 -29.36
N VAL B 80 -13.82 12.81 -30.31
CA VAL B 80 -12.44 12.21 -30.27
C VAL B 80 -11.65 12.54 -28.93
N THR B 81 -11.66 13.82 -28.37
CA THR B 81 -10.92 14.07 -27.10
C THR B 81 -11.45 13.28 -25.85
N TYR B 82 -12.82 13.15 -25.61
CA TYR B 82 -13.34 12.41 -24.40
C TYR B 82 -12.89 10.93 -24.45
N PHE B 83 -12.88 10.31 -25.67
CA PHE B 83 -12.40 8.88 -25.84
C PHE B 83 -10.89 8.80 -25.40
N ALA B 84 -10.08 9.86 -25.72
CA ALA B 84 -8.63 9.89 -25.31
C ALA B 84 -8.53 9.82 -23.73
N THR B 85 -9.45 10.55 -23.01
CA THR B 85 -9.52 10.53 -21.50
C THR B 85 -9.84 9.08 -21.01
N TYR B 86 -10.71 8.32 -21.75
CA TYR B 86 -11.08 6.92 -21.35
C TYR B 86 -9.77 6.05 -21.28
N SER B 87 -8.84 6.28 -22.27
CA SER B 87 -7.52 5.58 -22.29
C SER B 87 -6.65 5.94 -21.03
N THR B 88 -6.66 7.24 -20.60
CA THR B 88 -5.86 7.69 -19.39
C THR B 88 -6.31 6.93 -18.09
N VAL B 89 -7.66 6.71 -17.84
CA VAL B 89 -8.14 5.91 -16.63
C VAL B 89 -7.52 4.48 -16.75
N ALA B 90 -7.37 3.94 -18.01
CA ALA B 90 -6.73 2.59 -18.20
C ALA B 90 -5.30 2.65 -17.53
N ALA B 91 -4.60 3.85 -17.67
CA ALA B 91 -3.26 4.08 -17.00
C ALA B 91 -3.42 3.94 -15.45
N THR B 92 -4.56 4.49 -14.92
CA THR B 92 -4.93 4.44 -13.47
C THR B 92 -5.09 2.97 -12.99
N PHE B 93 -5.68 2.07 -13.87
CA PHE B 93 -5.87 0.60 -13.55
C PHE B 93 -4.48 0.01 -13.20
N GLY B 94 -3.48 0.52 -13.94
CA GLY B 94 -2.05 0.16 -13.87
C GLY B 94 -1.48 -0.12 -12.46
N TYR B 95 -2.08 0.45 -11.35
CA TYR B 95 -1.51 0.23 -9.95
C TYR B 95 -1.35 -1.31 -9.61
N TYR B 96 -2.34 -2.14 -10.00
CA TYR B 96 -2.31 -3.63 -9.79
C TYR B 96 -1.43 -4.26 -10.89
N LEU B 97 -1.76 -3.92 -12.16
CA LEU B 97 -1.13 -4.49 -13.39
C LEU B 97 0.40 -4.13 -13.55
N TYR B 98 0.99 -3.07 -12.87
CA TYR B 98 2.44 -2.67 -13.12
C TYR B 98 3.43 -3.58 -12.37
N THR B 99 3.35 -3.52 -11.02
CA THR B 99 4.23 -4.28 -10.09
C THR B 99 4.12 -5.84 -10.37
N GLN B 100 2.86 -6.35 -10.41
CA GLN B 100 2.54 -7.80 -10.70
C GLN B 100 3.12 -8.35 -12.05
N GLN B 101 3.36 -7.47 -13.08
CA GLN B 101 3.78 -7.92 -14.47
C GLN B 101 4.94 -8.96 -14.45
N SER B 102 5.77 -8.90 -13.39
CA SER B 102 6.91 -9.83 -13.18
C SER B 102 6.43 -11.33 -13.14
N PHE B 103 5.30 -11.60 -12.42
CA PHE B 103 4.74 -12.99 -12.28
C PHE B 103 4.10 -13.53 -13.61
N GLU B 104 3.45 -12.63 -14.38
CA GLU B 104 2.69 -13.00 -15.63
C GLU B 104 3.59 -13.48 -16.84
N TYR B 105 4.64 -12.70 -17.21
CA TYR B 105 5.51 -12.98 -18.42
C TYR B 105 6.24 -14.40 -18.38
N PRO B 106 6.95 -14.79 -17.29
CA PRO B 106 7.69 -16.14 -17.21
C PRO B 106 6.88 -17.38 -17.69
N SER B 107 5.58 -17.41 -17.31
CA SER B 107 4.63 -18.51 -17.65
C SER B 107 4.35 -18.57 -19.19
N ALA B 108 4.20 -17.37 -19.81
CA ALA B 108 3.90 -17.23 -21.27
C ALA B 108 5.11 -17.71 -22.15
N ARG B 109 6.36 -17.54 -21.63
CA ARG B 109 7.62 -17.96 -22.35
C ARG B 109 8.82 -17.76 -21.38
N GLU B 110 9.99 -18.35 -21.74
CA GLU B 110 11.26 -18.27 -20.96
C GLU B 110 12.39 -18.91 -21.82
N ARG B 111 13.66 -18.47 -21.59
CA ARG B 111 14.86 -18.99 -22.32
C ARG B 111 16.13 -18.48 -21.57
N VAL B 112 17.21 -19.30 -21.52
CA VAL B 112 18.52 -18.95 -20.82
C VAL B 112 19.71 -19.59 -21.61
N TYR B 113 19.41 -20.49 -22.58
CA TYR B 113 20.44 -21.19 -23.42
C TYR B 113 21.25 -20.18 -24.30
N THR B 114 20.51 -19.48 -25.20
CA THR B 114 21.10 -18.46 -26.14
C THR B 114 21.59 -17.22 -25.34
N LYS B 115 22.46 -16.39 -25.99
CA LYS B 115 23.03 -15.14 -25.38
C LYS B 115 21.90 -14.06 -25.26
N GLN B 116 21.65 -13.55 -24.02
CA GLN B 116 20.61 -12.53 -23.70
C GLN B 116 19.17 -13.04 -24.06
N PHE B 117 18.13 -12.53 -23.33
CA PHE B 117 16.70 -12.93 -23.55
C PHE B 117 16.25 -12.50 -24.98
N TYR B 118 15.43 -13.36 -25.68
CA TYR B 118 14.93 -13.08 -27.06
C TYR B 118 13.99 -11.84 -27.06
N ARG B 119 12.83 -11.97 -26.35
CA ARG B 119 11.83 -10.86 -26.21
C ARG B 119 12.35 -9.84 -25.15
N ARG B 120 11.66 -8.69 -25.07
CA ARG B 120 11.97 -7.60 -24.10
C ARG B 120 11.26 -7.95 -22.74
N ALA B 121 11.94 -8.76 -21.87
CA ALA B 121 11.40 -9.20 -20.55
C ALA B 121 12.53 -9.85 -19.70
N GLN B 122 12.54 -9.55 -18.37
CA GLN B 122 13.54 -10.07 -17.39
C GLN B 122 13.12 -9.57 -15.98
N LYS B 123 11.86 -9.91 -15.60
CA LYS B 123 11.24 -9.55 -14.29
C LYS B 123 11.07 -7.99 -14.17
N GLN B 124 10.69 -7.53 -12.95
CA GLN B 124 10.49 -6.08 -12.62
C GLN B 124 10.47 -5.96 -11.06
N ASN B 125 9.26 -5.82 -10.44
CA ASN B 125 9.05 -5.71 -8.96
C ASN B 125 9.90 -4.58 -8.27
N PHE B 126 9.28 -3.76 -7.34
CA PHE B 126 10.00 -2.66 -6.62
C PHE B 126 9.41 -2.44 -5.21
N ASP B 127 8.35 -3.23 -4.82
CA ASP B 127 7.69 -3.06 -3.48
C ASP B 127 6.91 -4.33 -3.00
N ILE B 128 6.30 -5.21 -3.91
CA ILE B 128 5.55 -6.43 -3.39
C ILE B 128 6.61 -7.42 -2.79
N GLU B 129 7.65 -7.69 -3.63
CA GLU B 129 8.79 -8.59 -3.30
C GLU B 129 9.64 -8.06 -2.12
N LYS B 130 10.01 -6.77 -2.15
CA LYS B 130 10.92 -6.14 -1.13
C LYS B 130 10.48 -6.44 0.34
N TYR B 131 9.19 -6.19 0.67
CA TYR B 131 8.63 -6.42 2.00
C TYR B 131 8.45 -7.93 2.36
N ASN B 132 7.79 -8.80 1.48
CA ASN B 132 7.59 -10.24 1.90
C ASN B 132 8.93 -11.02 1.92
N ARG B 133 9.63 -10.94 0.80
CA ARG B 133 10.94 -11.66 0.61
C ARG B 133 11.96 -11.41 1.80
N LEU B 134 12.15 -10.11 2.13
CA LEU B 134 13.09 -9.70 3.23
C LEU B 134 12.61 -10.28 4.65
N VAL B 135 11.29 -10.13 5.09
CA VAL B 135 10.83 -10.83 6.38
C VAL B 135 11.25 -12.38 6.33
N THR B 136 11.36 -13.04 5.08
CA THR B 136 11.84 -14.50 5.02
C THR B 136 13.19 -14.60 5.77
N GLU B 137 14.03 -13.50 5.66
CA GLU B 137 15.36 -13.45 6.43
C GLU B 137 15.06 -13.77 7.94
N VAL B 138 13.91 -13.21 8.44
CA VAL B 138 13.47 -13.47 9.89
C VAL B 138 13.17 -15.01 10.08
N ASP B 139 12.67 -15.71 9.02
CA ASP B 139 12.36 -17.19 9.11
C ASP B 139 13.69 -18.03 9.25
N GLU B 140 14.82 -17.50 8.65
CA GLU B 140 16.15 -18.17 8.75
C GLU B 140 16.63 -18.04 10.22
N LEU B 141 16.19 -16.92 10.88
CA LEU B 141 16.46 -16.65 12.33
C LEU B 141 15.86 -17.85 13.14
N ARG B 142 14.66 -18.36 12.65
CA ARG B 142 13.96 -19.55 13.29
C ARG B 142 14.95 -20.77 13.27
N ASN B 143 15.84 -20.89 12.19
CA ASN B 143 16.82 -22.05 12.16
C ASN B 143 17.93 -21.88 13.26
N GLN B 144 18.37 -20.61 13.52
CA GLN B 144 19.46 -20.31 14.52
C GLN B 144 19.04 -20.69 16.00
N LEU B 145 17.82 -20.26 16.40
CA LEU B 145 17.22 -20.53 17.75
C LEU B 145 17.05 -22.05 18.03
N LYS B 146 16.60 -22.75 17.00
CA LYS B 146 16.33 -24.21 17.04
C LYS B 146 17.61 -25.05 17.43
N ARG B 147 18.78 -24.82 16.74
CA ARG B 147 20.02 -25.60 17.07
C ARG B 147 20.41 -25.28 18.57
N LEU B 148 20.43 -23.95 18.95
CA LEU B 148 20.71 -23.52 20.39
C LEU B 148 19.82 -24.29 21.44
N ARG B 149 18.55 -24.66 21.08
CA ARG B 149 17.60 -25.36 22.03
C ARG B 149 18.09 -26.81 22.35
N ASP B 150 18.80 -27.42 21.36
CA ASP B 150 19.26 -28.87 21.44
C ASP B 150 20.23 -29.36 22.64
N PRO B 151 21.39 -28.70 22.99
CA PRO B 151 22.39 -29.29 24.05
C PRO B 151 21.79 -29.54 25.47
N LEU B 152 21.36 -28.47 26.21
CA LEU B 152 20.71 -28.63 27.58
C LEU B 152 19.36 -29.36 27.31
N GLU B 153 18.36 -28.55 26.93
CA GLU B 153 17.00 -29.04 26.52
C GLU B 153 16.19 -27.89 25.87
N MET C 1 47.73 10.23 22.12
CA MET C 1 47.77 9.19 21.04
C MET C 1 46.51 9.32 20.14
N ALA C 2 45.39 9.81 20.76
CA ALA C 2 44.07 10.01 20.09
C ALA C 2 43.51 8.68 19.52
N ALA C 3 42.26 8.75 18.99
CA ALA C 3 41.55 7.58 18.38
C ALA C 3 42.27 7.09 17.09
N LEU C 4 42.82 8.08 16.33
CA LEU C 4 43.57 7.88 15.05
C LEU C 4 42.67 7.21 13.95
N SER C 5 42.37 5.90 14.15
CA SER C 5 41.55 5.07 13.22
C SER C 5 40.12 5.67 13.00
N VAL C 6 39.05 4.99 13.54
CA VAL C 6 37.63 5.42 13.42
C VAL C 6 36.78 4.65 14.48
N ASP C 7 37.11 3.34 14.71
CA ASP C 7 36.38 2.48 15.71
C ASP C 7 37.16 1.15 15.98
N GLU C 8 38.52 1.16 15.79
CA GLU C 8 39.38 -0.05 16.02
C GLU C 8 40.89 0.37 16.09
N TYR C 9 41.62 -0.07 17.16
CA TYR C 9 43.06 0.21 17.39
C TYR C 9 43.56 -0.71 18.54
N LYS C 10 42.89 -0.55 19.73
CA LYS C 10 43.20 -1.33 20.96
C LYS C 10 42.77 -2.81 20.79
N LEU C 11 42.92 -3.61 21.87
CA LEU C 11 42.56 -5.07 21.90
C LEU C 11 41.03 -5.26 21.75
N SER C 12 40.25 -4.26 22.28
CA SER C 12 38.76 -4.25 22.24
C SER C 12 38.32 -2.82 22.65
N ARG C 13 38.15 -1.95 21.63
CA ARG C 13 37.75 -0.53 21.80
C ARG C 13 36.21 -0.42 21.93
N GLU C 14 35.66 -1.17 22.92
CA GLU C 14 34.21 -1.22 23.24
C GLU C 14 33.38 -1.83 22.05
N LYS C 15 33.28 -3.18 22.05
CA LYS C 15 32.57 -3.98 21.01
C LYS C 15 31.04 -3.63 20.89
N LYS C 16 30.37 -3.36 22.06
CA LYS C 16 28.88 -3.09 22.09
C LYS C 16 28.53 -1.86 21.20
N LEU C 17 29.40 -0.82 21.33
CA LEU C 17 29.30 0.44 20.54
C LEU C 17 29.47 0.16 19.01
N LEU C 18 30.42 -0.74 18.63
CA LEU C 18 30.73 -1.02 17.18
C LEU C 18 29.48 -1.57 16.41
N LEU C 19 28.72 -2.53 17.00
CA LEU C 19 27.43 -3.05 16.37
C LEU C 19 26.36 -1.91 16.29
N GLN C 20 26.26 -1.05 17.38
CA GLN C 20 25.27 0.09 17.41
C GLN C 20 25.58 1.07 16.23
N LEU C 21 26.90 1.32 15.94
CA LEU C 21 27.32 2.19 14.80
C LEU C 21 26.81 1.58 13.44
N GLU C 22 26.85 0.20 13.26
CA GLU C 22 26.38 -0.43 11.99
C GLU C 22 24.86 -0.15 11.77
N ASN C 23 24.08 -0.24 12.88
CA ASN C 23 22.61 0.04 12.88
C ASN C 23 22.35 1.52 12.49
N ALA C 24 23.21 2.45 13.03
CA ALA C 24 23.14 3.91 12.74
C ALA C 24 23.33 4.14 11.22
N GLU C 25 24.25 3.31 10.61
CA GLU C 25 24.54 3.36 9.14
C GLU C 25 23.24 3.05 8.32
N THR C 26 22.38 2.05 8.78
CA THR C 26 21.12 1.67 8.07
C THR C 26 20.14 2.89 8.04
N LEU C 27 20.02 3.61 9.21
CA LEU C 27 19.15 4.83 9.33
C LEU C 27 19.63 5.97 8.36
N LEU C 28 20.98 6.17 8.28
CA LEU C 28 21.67 7.26 7.48
C LEU C 28 20.79 8.53 7.21
N ALA C 29 20.27 9.11 8.34
CA ALA C 29 19.43 10.36 8.32
C ALA C 29 20.38 11.50 7.82
N PRO C 30 21.53 11.76 8.50
CA PRO C 30 22.63 12.72 7.99
C PRO C 30 22.74 12.90 6.43
N LEU C 31 23.18 11.82 5.72
CA LEU C 31 23.32 11.81 4.23
C LEU C 31 21.93 12.05 3.56
N HIS C 32 20.83 11.43 4.13
CA HIS C 32 19.44 11.57 3.53
C HIS C 32 19.02 13.07 3.53
N ASP C 33 19.38 13.79 4.64
CA ASP C 33 19.11 15.25 4.81
C ASP C 33 19.85 16.09 3.69
N ALA C 34 21.11 15.71 3.31
CA ALA C 34 21.88 16.44 2.24
C ALA C 34 21.10 16.36 0.88
N LYS C 35 20.51 15.16 0.58
CA LYS C 35 19.66 14.92 -0.64
C LYS C 35 18.39 15.84 -0.61
N ARG C 36 17.80 16.01 0.62
CA ARG C 36 16.57 16.85 0.89
C ARG C 36 16.81 18.34 0.48
N LYS C 37 18.06 18.85 0.69
CA LYS C 37 18.44 20.29 0.43
C LYS C 37 18.13 20.71 -1.04
N ILE C 38 18.32 19.77 -2.00
CA ILE C 38 18.09 19.95 -3.50
C ILE C 38 16.94 20.97 -3.93
N GLU C 39 15.99 21.27 -2.99
CA GLU C 39 14.78 22.19 -3.18
C GLU C 39 14.84 23.23 -4.36
N GLN C 40 16.04 23.79 -4.65
CA GLN C 40 16.28 24.77 -5.76
C GLN C 40 16.16 24.04 -7.16
N GLU C 41 17.24 23.30 -7.56
CA GLU C 41 17.33 22.55 -8.85
C GLU C 41 16.31 21.36 -8.91
N ALA C 42 15.50 21.20 -7.84
CA ALA C 42 14.46 20.12 -7.69
C ALA C 42 13.47 19.95 -8.87
N GLU C 43 13.62 20.76 -9.96
CA GLU C 43 12.73 20.72 -11.19
C GLU C 43 12.51 19.25 -11.73
N ALA C 44 13.29 18.26 -11.21
CA ALA C 44 13.20 16.82 -11.59
C ALA C 44 11.73 16.29 -11.52
N HIS C 45 10.92 16.94 -10.66
CA HIS C 45 9.48 16.60 -10.44
C HIS C 45 8.61 17.31 -11.52
N THR C 46 8.90 18.62 -11.72
CA THR C 46 8.16 19.51 -12.66
C THR C 46 8.18 18.99 -14.13
N ASP C 47 9.40 18.72 -14.68
CA ASP C 47 9.60 18.25 -16.09
C ASP C 47 8.82 16.93 -16.43
N ARG C 48 8.41 16.16 -15.38
CA ARG C 48 7.67 14.85 -15.52
C ARG C 48 6.14 15.10 -15.53
N VAL C 49 5.67 16.12 -14.75
CA VAL C 49 4.24 16.51 -14.68
C VAL C 49 3.97 17.47 -15.87
N ALA C 50 5.08 17.97 -16.51
CA ALA C 50 5.03 18.86 -17.70
C ALA C 50 4.56 18.06 -18.93
N TRP C 51 4.59 16.68 -18.86
CA TRP C 51 4.14 15.78 -19.99
C TRP C 51 2.68 16.17 -20.42
N ALA C 52 1.94 16.74 -19.45
CA ALA C 52 0.54 17.22 -19.60
C ALA C 52 0.47 18.52 -20.47
N GLY C 53 1.62 19.22 -20.62
CA GLY C 53 1.74 20.49 -21.39
C GLY C 53 1.43 20.34 -22.90
N PHE C 54 1.82 19.18 -23.51
CA PHE C 54 1.62 18.89 -24.96
C PHE C 54 0.11 18.65 -25.27
N ALA C 55 -0.66 18.19 -24.26
CA ALA C 55 -2.12 17.90 -24.38
C ALA C 55 -2.95 19.23 -24.42
N ALA C 56 -2.51 20.23 -23.60
CA ALA C 56 -3.17 21.56 -23.48
C ALA C 56 -2.87 22.47 -24.71
N SER C 57 -1.74 22.20 -25.41
CA SER C 57 -1.27 23.02 -26.59
C SER C 57 -2.28 22.99 -27.77
N GLY C 58 -2.99 21.84 -27.93
CA GLY C 58 -3.98 21.63 -29.04
C GLY C 58 -5.14 22.67 -29.06
N VAL C 59 -5.42 23.26 -27.88
CA VAL C 59 -6.54 24.24 -27.68
C VAL C 59 -6.32 25.58 -28.44
N GLN C 60 -5.05 26.08 -28.47
CA GLN C 60 -4.70 27.42 -29.09
C GLN C 60 -5.33 27.60 -30.50
N THR C 61 -5.29 26.52 -31.33
CA THR C 61 -5.90 26.50 -32.69
C THR C 61 -7.43 26.36 -32.58
N GLY C 62 -7.88 25.79 -31.44
CA GLY C 62 -9.30 25.56 -31.12
C GLY C 62 -10.05 26.89 -30.89
N LEU C 63 -9.46 27.84 -30.11
CA LEU C 63 -10.13 29.19 -29.85
C LEU C 63 -10.33 29.97 -31.18
N PHE C 64 -9.30 29.90 -32.05
CA PHE C 64 -9.34 30.50 -33.42
C PHE C 64 -10.51 29.84 -34.22
N ALA C 65 -10.65 28.48 -34.02
CA ALA C 65 -11.67 27.67 -34.73
C ALA C 65 -13.15 28.14 -34.45
N ARG C 66 -13.54 28.50 -33.15
CA ARG C 66 -14.95 29.00 -32.88
C ARG C 66 -15.22 30.29 -33.69
N LEU C 67 -14.18 31.21 -33.76
CA LEU C 67 -14.38 32.52 -34.46
C LEU C 67 -14.74 32.35 -35.99
N THR C 68 -14.03 31.42 -36.76
CA THR C 68 -14.37 31.13 -38.22
C THR C 68 -15.80 30.49 -38.41
N TRP C 69 -16.15 29.58 -37.46
CA TRP C 69 -17.41 28.76 -37.48
C TRP C 69 -18.70 29.60 -37.45
N TRP C 70 -18.59 30.94 -37.49
CA TRP C 70 -19.77 31.87 -37.46
C TRP C 70 -20.61 31.77 -38.78
N GLU C 71 -20.34 30.73 -39.64
CA GLU C 71 -21.08 30.47 -40.93
C GLU C 71 -21.55 28.97 -40.97
N TYR C 72 -20.88 28.08 -40.17
CA TYR C 72 -21.18 26.63 -40.10
C TYR C 72 -22.42 26.43 -39.17
N SER C 73 -22.28 26.91 -37.91
CA SER C 73 -23.35 26.85 -36.87
C SER C 73 -22.88 27.80 -35.72
N TRP C 74 -22.45 27.23 -34.56
CA TRP C 74 -21.89 28.00 -33.38
C TRP C 74 -21.70 27.05 -32.16
N ASP C 75 -22.83 26.39 -31.74
CA ASP C 75 -22.90 25.46 -30.61
C ASP C 75 -21.83 24.34 -30.78
N ILE C 76 -20.71 24.51 -30.09
CA ILE C 76 -19.49 23.63 -30.16
C ILE C 76 -18.66 23.98 -28.87
N VAL C 77 -19.23 24.82 -27.92
CA VAL C 77 -18.50 25.28 -26.69
C VAL C 77 -17.76 24.17 -25.89
N GLU C 78 -17.14 24.61 -24.81
CA GLU C 78 -16.35 23.81 -23.87
C GLU C 78 -15.06 23.07 -24.42
N PRO C 79 -14.41 23.34 -25.60
CA PRO C 79 -13.17 22.50 -25.97
C PRO C 79 -11.99 22.58 -24.93
N VAL C 80 -11.75 23.79 -24.38
CA VAL C 80 -10.66 24.02 -23.38
C VAL C 80 -10.83 23.17 -22.06
N THR C 81 -12.08 23.05 -21.46
CA THR C 81 -12.22 22.29 -20.18
C THR C 81 -11.86 20.77 -20.28
N TYR C 82 -12.35 20.03 -21.36
CA TYR C 82 -12.07 18.58 -21.52
C TYR C 82 -10.54 18.31 -21.68
N PHE C 83 -9.81 19.18 -22.46
CA PHE C 83 -8.30 19.03 -22.56
C PHE C 83 -7.72 19.22 -21.08
N ALA C 84 -8.31 20.17 -20.28
CA ALA C 84 -7.91 20.38 -18.84
C ALA C 84 -8.16 19.06 -18.00
N THR C 85 -9.31 18.31 -18.27
CA THR C 85 -9.64 17.02 -17.55
C THR C 85 -8.48 15.99 -17.77
N TYR C 86 -7.93 15.98 -19.01
CA TYR C 86 -6.80 15.06 -19.40
C TYR C 86 -5.56 15.34 -18.47
N SER C 87 -5.29 16.66 -18.19
CA SER C 87 -4.18 17.07 -17.28
C SER C 87 -4.34 16.57 -15.78
N THR C 88 -5.59 16.65 -15.15
CA THR C 88 -5.77 16.19 -13.70
C THR C 88 -5.50 14.67 -13.52
N VAL C 89 -5.97 13.81 -14.49
CA VAL C 89 -5.70 12.31 -14.44
C VAL C 89 -4.14 12.14 -14.44
N ALA C 90 -3.40 13.05 -15.17
CA ALA C 90 -1.90 13.02 -15.15
C ALA C 90 -1.43 13.16 -13.64
N ALA C 91 -2.17 14.02 -12.82
CA ALA C 91 -1.87 14.18 -11.33
C ALA C 91 -2.00 12.80 -10.60
N THR C 92 -3.03 11.99 -11.00
CA THR C 92 -3.30 10.65 -10.40
C THR C 92 -2.11 9.66 -10.60
N PHE C 93 -1.43 9.67 -11.81
CA PHE C 93 -0.25 8.75 -12.08
C PHE C 93 0.90 9.01 -11.05
N GLY C 94 1.07 10.31 -10.71
CA GLY C 94 2.11 10.82 -9.77
C GLY C 94 2.29 10.05 -8.42
N TYR C 95 1.27 9.23 -7.97
CA TYR C 95 1.36 8.48 -6.65
C TYR C 95 2.53 7.44 -6.62
N TYR C 96 2.86 6.90 -7.81
CA TYR C 96 3.93 5.89 -8.03
C TYR C 96 5.26 6.64 -8.08
N LEU C 97 5.33 7.59 -9.03
CA LEU C 97 6.50 8.48 -9.27
C LEU C 97 7.06 9.21 -7.99
N TYR C 98 6.28 9.31 -6.86
CA TYR C 98 6.67 10.20 -5.69
C TYR C 98 8.12 9.95 -5.15
N THR C 99 8.42 8.73 -4.60
CA THR C 99 9.79 8.38 -4.13
C THR C 99 10.75 8.17 -5.36
N GLN C 100 10.31 7.31 -6.33
CA GLN C 100 11.10 6.94 -7.56
C GLN C 100 11.62 8.18 -8.37
N GLN C 101 10.92 9.35 -8.31
CA GLN C 101 11.26 10.58 -9.12
C GLN C 101 12.78 10.92 -9.01
N SER C 102 13.36 10.61 -7.84
CA SER C 102 14.79 10.86 -7.54
C SER C 102 15.72 9.90 -8.34
N PHE C 103 15.28 8.63 -8.58
CA PHE C 103 16.09 7.60 -9.33
C PHE C 103 16.21 7.93 -10.86
N GLU C 104 15.15 8.55 -11.47
CA GLU C 104 15.12 8.90 -12.94
C GLU C 104 16.09 10.08 -13.28
N TYR C 105 16.32 10.97 -12.30
CA TYR C 105 17.14 12.23 -12.43
C TYR C 105 18.60 12.11 -13.08
N PRO C 106 19.42 11.02 -12.90
CA PRO C 106 20.86 10.99 -13.46
C PRO C 106 20.97 11.19 -15.00
N SER C 107 22.16 10.83 -15.55
CA SER C 107 22.49 10.94 -17.00
C SER C 107 23.52 9.86 -17.40
N ALA C 108 23.91 8.99 -16.43
CA ALA C 108 24.85 7.86 -16.60
C ALA C 108 26.29 8.32 -17.06
N ARG C 109 26.55 9.65 -17.03
CA ARG C 109 27.89 10.23 -17.41
C ARG C 109 28.96 9.87 -16.32
N GLU C 110 29.56 8.65 -16.43
CA GLU C 110 30.61 8.11 -15.50
C GLU C 110 31.96 7.95 -16.28
N ARG C 111 31.86 7.79 -17.63
CA ARG C 111 33.04 7.63 -18.54
C ARG C 111 33.90 8.94 -18.52
N VAL C 112 33.25 10.06 -18.11
CA VAL C 112 33.87 11.41 -17.97
C VAL C 112 34.78 11.40 -16.71
N TYR C 113 35.55 12.49 -16.49
CA TYR C 113 36.50 12.65 -15.32
C TYR C 113 35.77 12.57 -13.94
N THR C 114 34.41 12.47 -13.97
CA THR C 114 33.54 12.38 -12.75
C THR C 114 33.65 13.64 -11.84
N LYS C 115 32.63 14.56 -11.92
CA LYS C 115 32.58 15.81 -11.10
C LYS C 115 31.97 15.43 -9.71
N GLN C 116 32.73 15.65 -8.60
CA GLN C 116 32.28 15.36 -7.21
C GLN C 116 31.83 13.86 -7.04
N PHE C 117 32.82 12.93 -6.94
CA PHE C 117 32.58 11.45 -6.79
C PHE C 117 31.74 10.91 -7.99
N TYR C 118 31.12 9.71 -7.83
CA TYR C 118 30.28 9.05 -8.89
C TYR C 118 28.91 9.80 -9.08
N ARG C 119 28.94 11.16 -8.97
CA ARG C 119 27.74 12.04 -9.14
C ARG C 119 26.77 11.86 -7.92
N ARG C 120 26.25 10.63 -7.75
CA ARG C 120 25.30 10.25 -6.66
C ARG C 120 23.95 11.03 -6.84
N ALA C 121 23.49 11.77 -5.79
CA ALA C 121 22.22 12.57 -5.82
C ALA C 121 20.99 11.74 -6.33
N GLN C 122 20.39 10.89 -5.44
CA GLN C 122 19.22 10.02 -5.80
C GLN C 122 18.53 9.43 -4.52
N LYS C 123 19.30 9.29 -3.41
CA LYS C 123 18.78 8.67 -2.13
C LYS C 123 17.85 9.68 -1.34
N GLN C 124 16.54 9.70 -1.70
CA GLN C 124 15.47 10.55 -1.04
C GLN C 124 14.24 9.62 -0.80
N ASN C 125 13.31 9.93 0.19
CA ASN C 125 12.14 9.05 0.51
C ASN C 125 11.12 9.78 1.40
N PHE C 126 9.95 9.10 1.61
CA PHE C 126 8.85 9.55 2.49
C PHE C 126 8.17 8.27 3.07
N ASP C 127 8.42 7.05 2.44
CA ASP C 127 7.81 5.74 2.93
C ASP C 127 8.49 4.43 2.35
N ILE C 128 9.12 4.39 1.10
CA ILE C 128 9.71 3.06 0.58
C ILE C 128 10.99 2.67 1.42
N GLU C 129 11.98 3.63 1.57
CA GLU C 129 13.25 3.37 2.33
C GLU C 129 12.95 3.14 3.83
N LYS C 130 12.08 4.00 4.45
CA LYS C 130 11.74 3.90 5.91
C LYS C 130 11.33 2.43 6.27
N TYR C 131 10.38 1.81 5.51
CA TYR C 131 9.96 0.41 5.71
C TYR C 131 11.06 -0.64 5.28
N ASN C 132 11.61 -0.51 4.02
CA ASN C 132 12.57 -1.51 3.46
C ASN C 132 13.92 -1.53 4.20
N ARG C 133 14.49 -0.34 4.28
CA ARG C 133 15.86 -0.11 4.86
C ARG C 133 15.91 -0.54 6.37
N LEU C 134 14.91 -0.07 7.15
CA LEU C 134 14.80 -0.39 8.59
C LEU C 134 14.62 -1.93 8.85
N VAL C 135 13.62 -2.60 8.14
CA VAL C 135 13.43 -4.06 8.33
C VAL C 135 14.85 -4.76 8.08
N THR C 136 15.72 -4.17 7.16
CA THR C 136 17.13 -4.70 6.90
C THR C 136 17.93 -4.73 8.23
N GLU C 137 17.65 -3.73 9.11
CA GLU C 137 18.28 -3.68 10.47
C GLU C 137 17.99 -5.06 11.19
N VAL C 138 16.78 -5.68 10.85
CA VAL C 138 16.45 -7.08 11.38
C VAL C 138 17.54 -8.08 10.93
N ASP C 139 17.93 -7.97 9.63
CA ASP C 139 18.98 -8.89 9.03
C ASP C 139 20.28 -8.87 9.89
N GLU C 140 20.57 -7.70 10.59
CA GLU C 140 21.77 -7.60 11.48
C GLU C 140 21.56 -8.56 12.69
N LEU C 141 20.25 -8.72 13.14
CA LEU C 141 19.90 -9.70 14.25
C LEU C 141 20.47 -11.11 13.88
N ARG C 142 20.18 -11.55 12.61
CA ARG C 142 20.62 -12.91 12.10
C ARG C 142 22.17 -13.05 12.22
N ASN C 143 22.98 -11.90 12.13
CA ASN C 143 24.47 -12.03 12.25
C ASN C 143 24.89 -12.36 13.73
N GLN C 144 24.18 -11.74 14.73
CA GLN C 144 24.51 -11.96 16.19
C GLN C 144 24.15 -13.40 16.66
N LEU C 145 22.92 -13.86 16.27
CA LEU C 145 22.37 -15.21 16.66
C LEU C 145 23.23 -16.37 16.02
N LYS C 146 23.77 -16.11 14.82
CA LYS C 146 24.66 -17.06 14.07
C LYS C 146 25.97 -17.38 14.89
N ARG C 147 26.72 -16.31 15.40
CA ARG C 147 27.98 -16.60 16.16
C ARG C 147 27.61 -17.38 17.44
N LEU C 148 26.52 -16.93 18.15
CA LEU C 148 26.00 -17.64 19.37
C LEU C 148 25.74 -19.17 19.12
N ARG C 149 25.19 -19.53 17.91
CA ARG C 149 24.84 -20.96 17.58
C ARG C 149 26.08 -21.89 17.65
N ASP C 150 27.32 -21.40 17.31
CA ASP C 150 28.54 -22.34 17.39
C ASP C 150 28.85 -22.86 18.89
N PRO C 151 29.03 -22.01 19.97
CA PRO C 151 29.18 -22.49 21.45
C PRO C 151 27.81 -22.69 22.18
N LEU C 152 27.89 -23.24 23.42
CA LEU C 152 26.76 -23.46 24.37
C LEU C 152 27.40 -24.00 25.68
N GLU C 153 27.77 -25.30 25.65
CA GLU C 153 28.40 -26.03 26.78
C GLU C 153 27.48 -26.01 28.05
N MET D 1 -5.38 -16.77 45.31
CA MET D 1 -5.66 -16.00 44.06
C MET D 1 -4.35 -15.34 43.57
N ALA D 2 -4.45 -14.65 42.40
CA ALA D 2 -3.30 -13.94 41.76
C ALA D 2 -3.85 -13.02 40.63
N ALA D 3 -2.97 -12.10 40.14
CA ALA D 3 -3.29 -11.12 39.06
C ALA D 3 -1.98 -10.45 38.55
N LEU D 4 -0.81 -11.03 38.95
CA LEU D 4 0.54 -10.52 38.56
C LEU D 4 1.62 -11.60 38.92
N SER D 5 1.16 -12.82 39.30
CA SER D 5 2.04 -13.97 39.67
C SER D 5 2.99 -13.65 40.86
N VAL D 6 3.94 -14.57 41.14
CA VAL D 6 4.93 -14.46 42.25
C VAL D 6 5.89 -13.24 42.09
N ASP D 7 5.74 -12.48 40.97
CA ASP D 7 6.58 -11.28 40.66
C ASP D 7 6.14 -10.09 41.56
N GLU D 8 6.28 -10.29 42.91
CA GLU D 8 5.92 -9.27 43.95
C GLU D 8 6.88 -8.03 43.84
N TYR D 9 8.18 -8.27 44.13
CA TYR D 9 9.26 -7.21 44.07
C TYR D 9 10.66 -7.87 44.15
N LYS D 10 10.71 -9.19 44.52
CA LYS D 10 11.99 -9.97 44.65
C LYS D 10 12.68 -10.10 43.26
N LEU D 11 11.86 -10.39 42.21
CA LEU D 11 12.32 -10.50 40.79
C LEU D 11 12.33 -9.06 40.19
N SER D 12 13.09 -8.87 39.08
CA SER D 12 13.24 -7.56 38.36
C SER D 12 14.00 -6.56 39.25
N ARG D 13 15.33 -6.58 39.10
CA ARG D 13 16.30 -5.75 39.85
C ARG D 13 16.30 -4.31 39.26
N GLU D 14 15.07 -3.76 39.09
CA GLU D 14 14.77 -2.41 38.56
C GLU D 14 15.11 -2.27 37.05
N LYS D 15 16.17 -2.94 36.57
CA LYS D 15 16.64 -2.83 35.14
C LYS D 15 15.58 -3.32 34.06
N LYS D 16 14.88 -4.48 34.31
CA LYS D 16 13.96 -5.08 33.27
C LYS D 16 12.77 -4.17 32.86
N LEU D 17 12.10 -3.53 33.86
CA LEU D 17 10.95 -2.60 33.62
C LEU D 17 11.35 -1.34 32.80
N LEU D 18 12.56 -0.77 33.10
CA LEU D 18 13.05 0.51 32.47
C LEU D 18 13.24 0.34 30.94
N LEU D 19 13.86 -0.81 30.58
CA LEU D 19 14.08 -1.20 29.15
C LEU D 19 12.69 -1.44 28.45
N GLN D 20 11.73 -2.10 29.19
CA GLN D 20 10.32 -2.35 28.72
C GLN D 20 9.64 -0.99 28.44
N LEU D 21 9.96 0.03 29.29
CA LEU D 21 9.42 1.42 29.19
C LEU D 21 9.82 2.01 27.78
N GLU D 22 11.08 1.71 27.26
CA GLU D 22 11.51 2.24 25.90
C GLU D 22 10.54 1.67 24.82
N ASN D 23 10.20 0.36 24.98
CA ASN D 23 9.22 -0.35 24.09
C ASN D 23 7.81 0.32 24.19
N ALA D 24 7.38 0.73 25.43
CA ALA D 24 6.04 1.35 25.65
C ALA D 24 5.85 2.67 24.81
N GLU D 25 6.93 3.52 24.73
CA GLU D 25 6.90 4.77 23.88
C GLU D 25 6.74 4.39 22.37
N THR D 26 7.45 3.31 21.97
CA THR D 26 7.48 2.78 20.57
C THR D 26 6.11 2.32 20.02
N LEU D 27 5.25 1.69 20.88
CA LEU D 27 3.92 1.11 20.44
C LEU D 27 3.10 2.24 19.77
N LEU D 28 3.24 3.46 20.33
CA LEU D 28 2.62 4.69 19.78
C LEU D 28 1.13 4.77 20.20
N ALA D 29 0.89 5.40 21.38
CA ALA D 29 -0.44 5.63 21.99
C ALA D 29 -0.43 7.15 22.42
N PRO D 30 0.46 7.63 23.37
CA PRO D 30 0.61 9.12 23.72
C PRO D 30 0.37 10.14 22.54
N LEU D 31 1.22 10.07 21.49
CA LEU D 31 1.14 10.94 20.28
C LEU D 31 -0.24 10.69 19.56
N HIS D 32 -0.69 9.40 19.51
CA HIS D 32 -2.04 9.06 18.90
C HIS D 32 -3.16 9.79 19.73
N ASP D 33 -2.98 9.85 21.10
CA ASP D 33 -3.92 10.57 22.02
C ASP D 33 -3.99 12.06 21.58
N ALA D 34 -2.82 12.64 21.11
CA ALA D 34 -2.75 14.04 20.61
C ALA D 34 -3.73 14.20 19.39
N LYS D 35 -3.85 13.13 18.51
CA LYS D 35 -4.82 13.17 17.35
C LYS D 35 -6.27 13.38 17.91
N ARG D 36 -6.63 12.67 19.04
CA ARG D 36 -8.00 12.83 19.67
C ARG D 36 -8.24 14.31 20.14
N LYS D 37 -7.18 14.94 20.75
CA LYS D 37 -7.23 16.37 21.24
C LYS D 37 -7.46 17.34 20.04
N ILE D 38 -6.78 17.03 18.92
CA ILE D 38 -6.81 17.84 17.65
C ILE D 38 -8.09 17.52 16.82
N GLU D 39 -8.92 16.51 17.22
CA GLU D 39 -10.18 16.12 16.47
C GLU D 39 -11.05 17.36 16.09
N GLN D 40 -10.91 18.47 16.86
CA GLN D 40 -11.64 19.77 16.65
C GLN D 40 -10.79 20.75 15.77
N GLU D 41 -9.43 20.66 15.83
CA GLU D 41 -8.46 21.52 15.02
C GLU D 41 -7.93 20.75 13.78
N ALA D 42 -8.39 19.48 13.56
CA ALA D 42 -7.92 18.61 12.41
C ALA D 42 -8.18 19.22 11.02
N GLU D 43 -8.77 20.46 10.98
CA GLU D 43 -9.00 21.22 9.70
C GLU D 43 -7.63 21.64 9.08
N ALA D 44 -6.50 21.25 9.74
CA ALA D 44 -5.11 21.52 9.29
C ALA D 44 -4.91 21.09 7.80
N HIS D 45 -5.68 20.05 7.36
CA HIS D 45 -5.65 19.52 5.96
C HIS D 45 -6.66 20.31 5.08
N THR D 46 -7.85 20.62 5.68
CA THR D 46 -8.96 21.33 4.98
C THR D 46 -8.48 22.69 4.40
N ASP D 47 -7.35 23.21 4.93
CA ASP D 47 -6.73 24.49 4.51
C ASP D 47 -6.07 24.36 3.09
N ARG D 48 -5.37 23.21 2.78
CA ARG D 48 -4.67 22.99 1.46
C ARG D 48 -5.61 22.29 0.43
N VAL D 49 -6.72 21.63 0.89
CA VAL D 49 -7.71 20.97 -0.02
C VAL D 49 -8.66 22.09 -0.55
N ALA D 50 -8.61 23.28 0.13
CA ALA D 50 -9.42 24.49 -0.24
C ALA D 50 -9.01 25.01 -1.64
N TRP D 51 -7.80 24.57 -2.13
CA TRP D 51 -7.27 24.96 -3.49
C TRP D 51 -8.35 24.72 -4.59
N ALA D 52 -9.22 23.75 -4.27
CA ALA D 52 -10.34 23.27 -5.10
C ALA D 52 -11.48 24.33 -5.29
N GLY D 53 -11.77 25.12 -4.23
CA GLY D 53 -12.87 26.15 -4.22
C GLY D 53 -12.69 27.29 -5.26
N PHE D 54 -11.45 27.83 -5.42
CA PHE D 54 -11.16 28.97 -6.34
C PHE D 54 -11.39 28.59 -7.85
N ALA D 55 -11.22 27.30 -8.18
CA ALA D 55 -11.37 26.78 -9.58
C ALA D 55 -12.83 26.93 -10.11
N ALA D 56 -13.81 26.50 -9.30
CA ALA D 56 -15.28 26.55 -9.64
C ALA D 56 -15.86 27.97 -9.53
N SER D 57 -15.22 28.84 -8.71
CA SER D 57 -15.70 30.23 -8.45
C SER D 57 -15.60 31.15 -9.69
N GLY D 58 -14.69 30.80 -10.64
CA GLY D 58 -14.48 31.61 -11.86
C GLY D 58 -15.72 31.73 -12.79
N VAL D 59 -16.27 30.55 -13.19
CA VAL D 59 -17.45 30.44 -14.16
C VAL D 59 -18.85 30.74 -13.57
N GLN D 60 -19.10 30.62 -12.24
CA GLN D 60 -20.48 30.84 -11.64
C GLN D 60 -21.16 32.16 -12.16
N THR D 61 -20.31 33.12 -12.61
CA THR D 61 -20.75 34.42 -13.21
C THR D 61 -21.24 34.17 -14.67
N GLY D 62 -20.51 33.25 -15.34
CA GLY D 62 -20.73 32.83 -16.75
C GLY D 62 -22.20 32.57 -17.15
N LEU D 63 -23.06 32.26 -16.15
CA LEU D 63 -24.54 31.99 -16.37
C LEU D 63 -25.21 33.26 -17.01
N PHE D 64 -24.73 34.43 -16.52
CA PHE D 64 -25.17 35.77 -16.98
C PHE D 64 -24.91 35.90 -18.51
N ALA D 65 -23.76 35.32 -18.98
CA ALA D 65 -23.36 35.35 -20.42
C ALA D 65 -24.45 34.68 -21.32
N ARG D 66 -25.09 33.52 -20.88
CA ARG D 66 -26.17 32.84 -21.70
C ARG D 66 -27.34 33.85 -21.89
N LEU D 67 -27.70 34.60 -20.78
CA LEU D 67 -28.77 35.65 -20.82
C LEU D 67 -28.43 36.82 -21.82
N THR D 68 -27.12 37.24 -21.80
CA THR D 68 -26.59 38.38 -22.61
C THR D 68 -26.71 38.18 -24.16
N TRP D 69 -26.43 36.92 -24.65
CA TRP D 69 -26.42 36.59 -26.12
C TRP D 69 -27.38 35.44 -26.45
N TRP D 70 -28.57 35.52 -25.82
CA TRP D 70 -29.67 34.51 -25.95
C TRP D 70 -30.06 34.15 -27.44
N GLU D 71 -29.56 34.94 -28.44
CA GLU D 71 -29.89 34.76 -29.91
C GLU D 71 -28.89 33.84 -30.68
N TYR D 72 -27.61 33.70 -30.20
CA TYR D 72 -26.56 32.89 -30.88
C TYR D 72 -27.04 31.43 -31.18
N SER D 73 -27.53 30.71 -30.13
CA SER D 73 -28.04 29.30 -30.25
C SER D 73 -28.81 28.84 -28.96
N TRP D 74 -28.21 29.11 -27.80
CA TRP D 74 -28.74 28.76 -26.42
C TRP D 74 -28.21 27.38 -25.97
N ASP D 75 -28.08 26.46 -26.95
CA ASP D 75 -27.55 25.07 -26.79
C ASP D 75 -26.05 25.23 -26.42
N ILE D 76 -25.84 25.68 -25.18
CA ILE D 76 -24.51 26.09 -24.63
C ILE D 76 -24.49 25.66 -23.14
N VAL D 77 -25.60 25.01 -22.63
CA VAL D 77 -25.74 24.60 -21.20
C VAL D 77 -24.56 23.74 -20.68
N GLU D 78 -24.69 23.26 -19.41
CA GLU D 78 -23.66 22.43 -18.67
C GLU D 78 -22.34 23.15 -18.16
N PRO D 79 -21.97 24.48 -18.36
CA PRO D 79 -20.57 24.96 -17.92
C PRO D 79 -20.14 24.86 -16.41
N VAL D 80 -21.04 25.25 -15.45
CA VAL D 80 -20.65 25.24 -14.00
C VAL D 80 -20.31 23.83 -13.45
N THR D 81 -21.12 22.75 -13.78
CA THR D 81 -20.82 21.41 -13.24
C THR D 81 -19.45 20.77 -13.69
N TYR D 82 -18.99 20.86 -15.02
CA TYR D 82 -17.68 20.21 -15.40
C TYR D 82 -16.48 20.82 -14.60
N PHE D 83 -16.44 22.18 -14.37
CA PHE D 83 -15.35 22.77 -13.50
C PHE D 83 -15.47 22.17 -12.06
N ALA D 84 -16.73 21.99 -11.59
CA ALA D 84 -17.00 21.37 -10.24
C ALA D 84 -16.38 19.91 -10.18
N THR D 85 -16.49 19.09 -11.30
CA THR D 85 -15.88 17.69 -11.38
C THR D 85 -14.34 17.78 -11.18
N TYR D 86 -13.70 18.85 -11.72
CA TYR D 86 -12.22 19.09 -11.58
C TYR D 86 -11.90 19.17 -10.03
N SER D 87 -12.83 19.84 -9.28
CA SER D 87 -12.74 19.96 -7.77
C SER D 87 -12.75 18.54 -7.10
N THR D 88 -13.58 17.60 -7.62
CA THR D 88 -13.70 16.19 -7.08
C THR D 88 -12.35 15.45 -7.17
N VAL D 89 -11.58 15.67 -8.28
CA VAL D 89 -10.20 15.04 -8.46
C VAL D 89 -9.35 15.45 -7.22
N ALA D 90 -9.56 16.72 -6.74
CA ALA D 90 -8.85 17.23 -5.51
C ALA D 90 -9.19 16.29 -4.30
N ALA D 91 -10.49 15.79 -4.21
CA ALA D 91 -10.90 14.83 -3.09
C ALA D 91 -9.98 13.57 -3.17
N THR D 92 -9.71 13.11 -4.43
CA THR D 92 -8.84 11.92 -4.72
C THR D 92 -7.38 12.09 -4.26
N PHE D 93 -6.73 13.31 -4.41
CA PHE D 93 -5.29 13.49 -4.00
C PHE D 93 -5.15 13.13 -2.48
N GLY D 94 -6.21 13.51 -1.75
CA GLY D 94 -6.39 13.29 -0.30
C GLY D 94 -5.91 11.92 0.27
N TYR D 95 -5.83 10.84 -0.58
CA TYR D 95 -5.40 9.46 -0.12
C TYR D 95 -3.92 9.46 0.38
N TYR D 96 -3.11 10.39 -0.17
CA TYR D 96 -1.66 10.52 0.12
C TYR D 96 -1.38 11.30 1.44
N LEU D 97 -1.83 12.57 1.47
CA LEU D 97 -1.54 13.52 2.62
C LEU D 97 -2.08 13.12 4.06
N TYR D 98 -3.08 12.19 4.27
CA TYR D 98 -3.69 11.99 5.66
C TYR D 98 -2.69 11.90 6.88
N THR D 99 -1.82 10.84 6.96
CA THR D 99 -0.84 10.71 8.11
C THR D 99 0.29 11.79 7.97
N GLN D 100 0.81 11.98 6.73
CA GLN D 100 1.88 12.97 6.40
C GLN D 100 1.51 14.48 6.69
N GLN D 101 0.19 14.88 6.67
CA GLN D 101 -0.21 16.36 6.78
C GLN D 101 0.53 17.11 7.92
N SER D 102 0.90 16.37 8.98
CA SER D 102 1.65 16.92 10.15
C SER D 102 3.08 17.39 9.74
N PHE D 103 3.67 16.71 8.71
CA PHE D 103 5.06 17.01 8.21
C PHE D 103 5.11 18.36 7.44
N GLU D 104 3.97 18.75 6.81
CA GLU D 104 3.84 19.98 5.97
C GLU D 104 3.88 21.32 6.78
N TYR D 105 3.06 21.43 7.86
CA TYR D 105 2.93 22.70 8.69
C TYR D 105 4.30 23.22 9.32
N PRO D 106 5.12 22.41 10.05
CA PRO D 106 6.42 22.90 10.69
C PRO D 106 7.60 22.90 9.69
N SER D 107 7.30 22.98 8.37
CA SER D 107 8.33 23.02 7.28
C SER D 107 9.07 24.39 7.26
N ALA D 108 8.77 25.28 8.25
CA ALA D 108 9.39 26.63 8.37
C ALA D 108 9.10 27.21 9.78
N ARG D 109 9.55 26.47 10.84
CA ARG D 109 9.37 26.85 12.28
C ARG D 109 10.31 25.99 13.16
N GLU D 110 10.70 24.79 12.65
CA GLU D 110 11.58 23.81 13.36
C GLU D 110 13.06 24.32 13.43
N ARG D 111 13.24 25.61 13.81
CA ARG D 111 14.59 26.27 13.96
C ARG D 111 15.50 25.45 14.93
N VAL D 112 16.85 25.52 14.72
CA VAL D 112 17.87 24.80 15.55
C VAL D 112 18.06 25.51 16.91
N TYR D 113 17.83 26.85 16.93
CA TYR D 113 18.01 27.72 18.14
C TYR D 113 17.03 27.33 19.29
N THR D 114 15.79 26.89 18.92
CA THR D 114 14.72 26.50 19.90
C THR D 114 13.61 25.68 19.19
N LYS D 115 12.60 25.24 19.99
CA LYS D 115 11.45 24.43 19.50
C LYS D 115 10.34 24.40 20.57
N GLN D 116 9.26 23.60 20.31
CA GLN D 116 8.07 23.46 21.22
C GLN D 116 8.51 22.82 22.59
N PHE D 117 8.80 21.49 22.58
CA PHE D 117 9.23 20.72 23.80
C PHE D 117 10.11 19.52 23.36
N TYR D 118 9.47 18.53 22.67
CA TYR D 118 10.13 17.29 22.16
C TYR D 118 9.42 16.82 20.85
N ARG D 119 8.14 17.25 20.68
CA ARG D 119 7.30 16.91 19.49
C ARG D 119 7.91 17.61 18.22
N ARG D 120 8.83 16.89 17.52
CA ARG D 120 9.53 17.38 16.29
C ARG D 120 8.51 17.81 15.18
N ALA D 121 7.80 16.80 14.60
CA ALA D 121 6.79 17.01 13.51
C ALA D 121 5.98 15.70 13.29
N GLN D 122 6.62 14.55 13.60
CA GLN D 122 6.04 13.17 13.45
C GLN D 122 4.80 12.97 14.40
N LYS D 123 3.56 13.27 13.91
CA LYS D 123 2.26 13.10 14.65
C LYS D 123 1.24 12.45 13.67
N GLN D 124 -0.01 12.24 14.15
CA GLN D 124 -1.13 11.61 13.36
C GLN D 124 -0.79 10.09 13.10
N ASN D 125 -1.78 9.11 13.16
CA ASN D 125 -1.47 7.65 12.96
C ASN D 125 -2.77 6.81 12.78
N PHE D 126 -2.66 5.78 11.90
CA PHE D 126 -3.71 4.76 11.61
C PHE D 126 -3.11 3.72 10.62
N ASP D 127 -1.92 4.02 9.97
CA ASP D 127 -1.28 3.08 8.98
C ASP D 127 0.28 3.32 8.72
N ILE D 128 0.81 4.55 8.28
CA ILE D 128 2.32 4.71 8.00
C ILE D 128 3.10 4.59 9.37
N GLU D 129 2.61 5.30 10.44
CA GLU D 129 3.25 5.27 11.80
C GLU D 129 3.13 3.85 12.47
N LYS D 130 2.03 3.08 12.21
CA LYS D 130 1.80 1.76 12.88
C LYS D 130 2.94 0.72 12.58
N TYR D 131 3.25 0.49 11.29
CA TYR D 131 4.29 -0.45 10.84
C TYR D 131 5.74 0.01 11.10
N ASN D 132 6.10 1.27 10.73
CA ASN D 132 7.50 1.78 10.90
C ASN D 132 7.98 1.74 12.37
N ARG D 133 7.16 2.33 13.22
CA ARG D 133 7.50 2.45 14.69
C ARG D 133 7.60 1.04 15.38
N LEU D 134 6.57 0.17 15.23
CA LEU D 134 6.57 -1.19 15.89
C LEU D 134 7.81 -2.08 15.45
N VAL D 135 8.12 -2.19 14.11
CA VAL D 135 9.34 -2.97 13.66
C VAL D 135 10.63 -2.38 14.40
N THR D 136 10.73 -0.99 14.51
CA THR D 136 11.87 -0.29 15.22
C THR D 136 12.03 -0.88 16.68
N GLU D 137 10.89 -1.30 17.32
CA GLU D 137 10.94 -1.93 18.70
C GLU D 137 11.91 -3.16 18.61
N VAL D 138 11.78 -3.93 17.48
CA VAL D 138 12.67 -5.14 17.26
C VAL D 138 14.16 -4.69 17.25
N ASP D 139 14.45 -3.43 16.81
CA ASP D 139 15.88 -2.92 16.83
C ASP D 139 16.41 -2.89 18.31
N GLU D 140 15.48 -2.69 19.32
CA GLU D 140 15.89 -2.73 20.78
C GLU D 140 16.43 -4.16 21.07
N LEU D 141 15.75 -5.18 20.45
CA LEU D 141 16.16 -6.64 20.53
C LEU D 141 17.67 -6.77 20.09
N ARG D 142 18.08 -5.99 19.02
CA ARG D 142 19.52 -5.99 18.51
C ARG D 142 20.49 -5.65 19.68
N ASN D 143 20.08 -4.76 20.66
CA ASN D 143 20.99 -4.46 21.82
C ASN D 143 21.10 -5.68 22.80
N GLN D 144 19.92 -6.31 23.05
CA GLN D 144 19.80 -7.42 24.04
C GLN D 144 20.65 -8.74 23.71
N LEU D 145 20.50 -9.37 22.47
CA LEU D 145 21.30 -10.62 22.13
C LEU D 145 22.79 -10.29 22.03
N LYS D 146 23.18 -9.04 21.60
CA LYS D 146 24.64 -8.71 21.48
C LYS D 146 25.37 -8.86 22.86
N ARG D 147 24.72 -8.51 24.07
CA ARG D 147 25.43 -8.71 25.38
C ARG D 147 25.69 -10.25 25.50
N LEU D 148 24.62 -11.10 25.27
CA LEU D 148 24.79 -12.62 25.31
C LEU D 148 25.94 -13.15 24.38
N ARG D 149 26.11 -12.54 23.17
CA ARG D 149 27.11 -13.03 22.14
C ARG D 149 28.59 -12.88 22.61
N ASP D 150 28.93 -11.88 23.50
CA ASP D 150 30.38 -11.75 23.96
C ASP D 150 30.85 -12.98 24.92
N PRO D 151 30.15 -13.39 26.04
CA PRO D 151 30.53 -14.63 26.90
C PRO D 151 30.02 -15.93 26.27
N LEU D 152 29.85 -17.00 27.13
CA LEU D 152 29.31 -18.36 26.79
C LEU D 152 30.44 -19.31 26.39
N GLU D 153 31.32 -18.76 25.56
CA GLU D 153 32.52 -19.44 25.00
C GLU D 153 33.56 -19.74 26.11
N MET E 1 -10.80 -33.34 42.56
CA MET E 1 -10.97 -34.16 41.32
C MET E 1 -12.11 -33.54 40.46
N ALA E 2 -13.13 -32.95 41.15
CA ALA E 2 -14.31 -32.29 40.50
C ALA E 2 -13.85 -30.99 39.78
N ALA E 3 -13.52 -31.11 38.45
CA ALA E 3 -13.04 -30.00 37.59
C ALA E 3 -11.65 -29.46 38.09
N LEU E 4 -10.75 -29.06 37.14
CA LEU E 4 -9.38 -28.55 37.48
C LEU E 4 -8.74 -27.91 36.21
N SER E 5 -7.53 -27.33 36.40
CA SER E 5 -6.74 -26.66 35.32
C SER E 5 -5.27 -26.52 35.80
N VAL E 6 -5.12 -25.94 37.03
CA VAL E 6 -3.79 -25.72 37.71
C VAL E 6 -3.97 -26.13 39.20
N ASP E 7 -3.07 -27.04 39.72
CA ASP E 7 -3.12 -27.56 41.13
C ASP E 7 -1.68 -28.06 41.53
N GLU E 8 -1.46 -29.41 41.50
CA GLU E 8 -0.16 -30.06 41.88
C GLU E 8 0.99 -29.68 40.91
N TYR E 9 0.67 -29.56 39.59
CA TYR E 9 1.67 -29.20 38.52
C TYR E 9 1.97 -27.66 38.62
N LYS E 10 3.11 -27.30 39.26
CA LYS E 10 3.57 -25.88 39.45
C LYS E 10 5.04 -25.87 39.95
N LEU E 11 5.79 -26.99 39.73
CA LEU E 11 7.22 -27.15 40.16
C LEU E 11 8.14 -26.34 39.20
N SER E 12 7.78 -25.04 39.00
CA SER E 12 8.48 -24.07 38.11
C SER E 12 8.37 -24.59 36.66
N ARG E 13 7.21 -24.30 36.05
CA ARG E 13 6.84 -24.75 34.68
C ARG E 13 5.66 -23.91 34.11
N GLU E 14 4.60 -23.69 34.94
CA GLU E 14 3.35 -22.95 34.56
C GLU E 14 3.64 -21.55 33.94
N LYS E 15 4.81 -20.93 34.27
CA LYS E 15 5.18 -19.57 33.74
C LYS E 15 5.29 -19.59 32.17
N LYS E 16 5.91 -20.67 31.62
CA LYS E 16 6.10 -20.86 30.15
C LYS E 16 4.71 -20.96 29.43
N LEU E 17 3.78 -21.72 30.08
CA LEU E 17 2.38 -21.94 29.57
C LEU E 17 1.63 -20.57 29.47
N LEU E 18 1.85 -19.69 30.50
CA LEU E 18 1.18 -18.34 30.57
C LEU E 18 1.59 -17.48 29.32
N LEU E 19 2.91 -17.49 28.95
CA LEU E 19 3.40 -16.77 27.72
C LEU E 19 2.77 -17.34 26.42
N GLN E 20 2.60 -18.70 26.30
CA GLN E 20 1.96 -19.34 25.11
C GLN E 20 0.53 -18.75 24.99
N LEU E 21 -0.12 -18.53 26.17
CA LEU E 21 -1.46 -17.88 26.29
C LEU E 21 -1.39 -16.39 25.74
N GLU E 22 -0.24 -15.62 26.02
CA GLU E 22 -0.12 -14.18 25.56
C GLU E 22 -0.17 -14.11 24.02
N ASN E 23 0.53 -15.08 23.37
CA ASN E 23 0.57 -15.20 21.88
C ASN E 23 -0.87 -15.45 21.34
N ALA E 24 -1.62 -16.34 22.05
CA ALA E 24 -3.03 -16.68 21.71
C ALA E 24 -3.96 -15.41 21.80
N GLU E 25 -3.73 -14.54 22.86
CA GLU E 25 -4.55 -13.30 23.07
C GLU E 25 -4.41 -12.31 21.85
N THR E 26 -3.16 -12.12 21.34
CA THR E 26 -2.90 -11.23 20.15
C THR E 26 -3.61 -11.76 18.86
N LEU E 27 -3.56 -13.10 18.67
CA LEU E 27 -4.17 -13.79 17.47
C LEU E 27 -5.70 -13.58 17.43
N LEU E 28 -6.35 -13.69 18.63
CA LEU E 28 -7.82 -13.57 18.87
C LEU E 28 -8.69 -13.95 17.62
N ALA E 29 -8.77 -15.28 17.33
CA ALA E 29 -9.60 -15.84 16.21
C ALA E 29 -11.05 -15.83 16.78
N PRO E 30 -11.32 -16.50 17.95
CA PRO E 30 -12.66 -16.39 18.70
C PRO E 30 -13.42 -15.01 18.61
N LEU E 31 -12.85 -13.92 19.23
CA LEU E 31 -13.44 -12.55 19.22
C LEU E 31 -13.52 -12.01 17.75
N HIS E 32 -12.48 -12.29 16.88
CA HIS E 32 -12.49 -11.78 15.43
C HIS E 32 -13.75 -12.36 14.73
N ASP E 33 -14.09 -13.66 15.01
CA ASP E 33 -15.34 -14.32 14.49
C ASP E 33 -16.60 -13.53 15.02
N ALA E 34 -16.57 -13.07 16.32
CA ALA E 34 -17.68 -12.28 16.96
C ALA E 34 -17.93 -10.95 16.19
N LYS E 35 -16.84 -10.25 15.72
CA LYS E 35 -16.95 -8.97 14.93
C LYS E 35 -17.75 -9.27 13.62
N ARG E 36 -17.47 -10.46 13.03
CA ARG E 36 -18.15 -10.96 11.78
C ARG E 36 -19.71 -11.09 12.03
N LYS E 37 -20.11 -11.53 13.26
CA LYS E 37 -21.56 -11.74 13.63
C LYS E 37 -22.39 -10.40 13.47
N ILE E 38 -21.77 -9.25 13.88
CA ILE E 38 -22.39 -7.86 13.84
C ILE E 38 -22.15 -7.18 12.46
N GLU E 39 -21.50 -7.89 11.49
CA GLU E 39 -21.15 -7.36 10.10
C GLU E 39 -22.28 -6.51 9.44
N GLN E 40 -23.55 -6.61 9.95
CA GLN E 40 -24.72 -5.78 9.46
C GLN E 40 -24.41 -4.26 9.68
N GLU E 41 -23.29 -3.97 10.42
CA GLU E 41 -22.80 -2.59 10.72
C GLU E 41 -22.49 -1.81 9.41
N ALA E 42 -22.38 -2.55 8.26
CA ALA E 42 -22.10 -1.95 6.93
C ALA E 42 -23.20 -0.89 6.57
N GLU E 43 -24.45 -1.18 7.00
CA GLU E 43 -25.64 -0.30 6.80
C GLU E 43 -25.57 0.95 7.73
N ALA E 44 -24.68 0.93 8.76
CA ALA E 44 -24.52 2.06 9.74
C ALA E 44 -23.96 3.33 9.06
N HIS E 45 -22.86 3.11 8.31
CA HIS E 45 -22.06 4.16 7.63
C HIS E 45 -22.68 4.67 6.30
N THR E 46 -23.66 3.94 5.68
CA THR E 46 -24.31 4.36 4.38
C THR E 46 -24.85 5.82 4.46
N ASP E 47 -25.06 6.33 5.70
CA ASP E 47 -25.54 7.71 5.99
C ASP E 47 -24.54 8.78 5.43
N ARG E 48 -23.24 8.38 5.31
CA ARG E 48 -22.12 9.26 4.84
C ARG E 48 -21.96 9.20 3.31
N VAL E 49 -22.36 8.06 2.69
CA VAL E 49 -22.32 7.84 1.21
C VAL E 49 -23.69 8.33 0.65
N ALA E 50 -24.68 8.48 1.58
CA ALA E 50 -26.05 9.00 1.25
C ALA E 50 -25.97 10.52 0.97
N TRP E 51 -24.78 11.16 1.28
CA TRP E 51 -24.55 12.63 1.05
C TRP E 51 -25.00 13.00 -0.40
N ALA E 52 -24.60 12.08 -1.29
CA ALA E 52 -24.85 12.12 -2.76
C ALA E 52 -26.37 12.03 -3.13
N GLY E 53 -27.22 11.71 -2.13
CA GLY E 53 -28.70 11.55 -2.34
C GLY E 53 -29.43 12.85 -2.76
N PHE E 54 -29.04 14.02 -2.17
CA PHE E 54 -29.68 15.35 -2.46
C PHE E 54 -29.38 15.83 -3.91
N ALA E 55 -28.17 15.52 -4.42
CA ALA E 55 -27.69 15.94 -5.78
C ALA E 55 -28.59 15.38 -6.93
N ALA E 56 -28.91 14.06 -6.85
CA ALA E 56 -29.72 13.33 -7.88
C ALA E 56 -31.23 13.70 -7.77
N SER E 57 -31.68 14.09 -6.55
CA SER E 57 -33.10 14.42 -6.25
C SER E 57 -33.55 15.76 -6.89
N GLY E 58 -32.58 16.66 -7.18
CA GLY E 58 -32.87 18.02 -7.73
C GLY E 58 -33.25 18.09 -9.24
N VAL E 59 -32.65 17.21 -10.09
CA VAL E 59 -32.85 17.26 -11.61
C VAL E 59 -34.22 16.72 -12.09
N GLN E 60 -34.82 15.77 -11.34
CA GLN E 60 -36.12 15.10 -11.72
C GLN E 60 -37.20 16.13 -12.19
N THR E 61 -37.20 17.33 -11.55
CA THR E 61 -38.13 18.46 -11.89
C THR E 61 -37.68 19.16 -13.20
N GLY E 62 -36.38 19.03 -13.49
CA GLY E 62 -35.72 19.63 -14.69
C GLY E 62 -36.17 18.97 -15.99
N LEU E 63 -36.45 17.64 -15.96
CA LEU E 63 -36.91 16.86 -17.18
C LEU E 63 -38.25 17.45 -17.75
N PHE E 64 -39.14 17.80 -16.78
CA PHE E 64 -40.47 18.43 -17.05
C PHE E 64 -40.24 19.77 -17.81
N ALA E 65 -39.14 20.49 -17.41
CA ALA E 65 -38.75 21.79 -18.02
C ALA E 65 -38.48 21.62 -19.56
N ARG E 66 -37.83 20.47 -20.00
CA ARG E 66 -37.54 20.24 -21.48
C ARG E 66 -38.88 20.25 -22.25
N LEU E 67 -39.94 19.57 -21.68
CA LEU E 67 -41.31 19.57 -22.32
C LEU E 67 -41.93 21.03 -22.36
N THR E 68 -41.77 21.80 -21.25
CA THR E 68 -42.33 23.18 -21.09
C THR E 68 -41.77 24.26 -22.08
N TRP E 69 -40.43 24.24 -22.36
CA TRP E 69 -39.73 25.28 -23.22
C TRP E 69 -39.21 24.68 -24.53
N TRP E 70 -39.98 23.72 -25.05
CA TRP E 70 -39.65 22.97 -26.30
C TRP E 70 -39.26 23.89 -27.52
N GLU E 71 -39.57 25.22 -27.45
CA GLU E 71 -39.31 26.21 -28.55
C GLU E 71 -37.86 26.81 -28.50
N TYR E 72 -37.15 26.77 -27.34
CA TYR E 72 -35.78 27.36 -27.19
C TYR E 72 -34.80 26.74 -28.26
N SER E 73 -34.62 25.39 -28.23
CA SER E 73 -33.77 24.63 -29.22
C SER E 73 -34.00 23.08 -29.10
N TRP E 74 -34.13 22.60 -27.86
CA TRP E 74 -34.38 21.16 -27.46
C TRP E 74 -33.07 20.39 -27.12
N ASP E 75 -32.05 20.54 -27.99
CA ASP E 75 -30.70 19.92 -27.85
C ASP E 75 -30.03 20.59 -26.62
N ILE E 76 -30.44 20.09 -25.45
CA ILE E 76 -30.09 20.60 -24.08
C ILE E 76 -29.96 19.32 -23.19
N VAL E 77 -30.06 18.09 -23.84
CA VAL E 77 -30.05 16.79 -23.14
C VAL E 77 -28.85 16.58 -22.18
N GLU E 78 -28.77 15.37 -21.64
CA GLU E 78 -27.77 14.91 -20.67
C GLU E 78 -27.67 15.61 -19.26
N PRO E 79 -28.58 16.51 -18.71
CA PRO E 79 -28.27 17.13 -17.33
C PRO E 79 -28.14 16.08 -16.18
N VAL E 80 -29.07 15.11 -16.16
CA VAL E 80 -29.08 14.04 -15.12
C VAL E 80 -27.83 13.10 -15.11
N THR E 81 -27.31 12.57 -16.29
CA THR E 81 -26.14 11.63 -16.20
C THR E 81 -24.84 12.24 -15.62
N TYR E 82 -24.43 13.50 -16.04
CA TYR E 82 -23.18 14.12 -15.49
C TYR E 82 -23.29 14.37 -13.95
N PHE E 83 -24.49 14.83 -13.43
CA PHE E 83 -24.67 14.99 -11.93
C PHE E 83 -24.48 13.57 -11.26
N ALA E 84 -25.01 12.49 -11.94
CA ALA E 84 -24.86 11.07 -11.45
C ALA E 84 -23.34 10.68 -11.35
N THR E 85 -22.47 11.14 -12.34
CA THR E 85 -20.97 10.87 -12.29
C THR E 85 -20.41 11.47 -10.97
N TYR E 86 -20.95 12.64 -10.53
CA TYR E 86 -20.49 13.29 -9.24
C TYR E 86 -20.72 12.27 -8.05
N SER E 87 -21.89 11.57 -8.08
CA SER E 87 -22.23 10.48 -7.08
C SER E 87 -21.19 9.32 -7.16
N THR E 88 -20.74 8.96 -8.41
CA THR E 88 -19.74 7.87 -8.63
C THR E 88 -18.42 8.19 -7.87
N VAL E 89 -17.97 9.49 -7.85
CA VAL E 89 -16.73 9.91 -7.07
C VAL E 89 -16.96 9.50 -5.59
N ALA E 90 -18.26 9.61 -5.11
CA ALA E 90 -18.59 9.22 -3.69
C ALA E 90 -18.20 7.71 -3.48
N ALA E 91 -18.45 6.82 -4.52
CA ALA E 91 -18.03 5.35 -4.42
C ALA E 91 -16.48 5.26 -4.25
N THR E 92 -15.75 6.12 -5.02
CA THR E 92 -14.25 6.22 -5.00
C THR E 92 -13.74 6.65 -3.62
N PHE E 93 -14.46 7.59 -2.90
CA PHE E 93 -14.00 8.12 -1.55
C PHE E 93 -13.80 6.90 -0.57
N GLY E 94 -14.69 5.91 -0.72
CA GLY E 94 -14.71 4.65 0.07
C GLY E 94 -13.39 3.86 0.20
N TYR E 95 -12.35 4.05 -0.68
CA TYR E 95 -11.05 3.23 -0.60
C TYR E 95 -10.38 3.31 0.83
N TYR E 96 -10.07 4.53 1.23
CA TYR E 96 -9.40 4.94 2.48
C TYR E 96 -10.26 4.64 3.74
N LEU E 97 -11.48 5.21 3.78
CA LEU E 97 -12.41 5.11 4.96
C LEU E 97 -12.95 3.66 5.27
N TYR E 98 -12.81 2.67 4.33
CA TYR E 98 -13.48 1.32 4.49
C TYR E 98 -13.38 0.62 5.90
N THR E 99 -12.15 0.24 6.42
CA THR E 99 -12.06 -0.51 7.74
C THR E 99 -12.42 0.40 8.98
N GLN E 100 -11.78 1.59 9.10
CA GLN E 100 -12.01 2.57 10.24
C GLN E 100 -13.52 2.89 10.53
N GLN E 101 -14.43 2.78 9.53
CA GLN E 101 -15.89 3.18 9.67
C GLN E 101 -16.56 2.64 10.96
N SER E 102 -16.07 1.49 11.45
CA SER E 102 -16.57 0.83 12.70
C SER E 102 -16.34 1.73 13.95
N PHE E 103 -15.27 2.56 13.90
CA PHE E 103 -14.85 3.49 15.00
C PHE E 103 -16.01 4.41 15.54
N GLU E 104 -17.00 4.73 14.68
CA GLU E 104 -18.13 5.66 15.02
C GLU E 104 -18.97 5.27 16.31
N TYR E 105 -19.42 3.98 16.43
CA TYR E 105 -20.31 3.53 17.59
C TYR E 105 -19.53 3.51 18.98
N PRO E 106 -18.34 2.85 19.13
CA PRO E 106 -17.53 2.82 20.45
C PRO E 106 -17.52 4.18 21.26
N SER E 107 -16.72 5.19 20.79
CA SER E 107 -16.61 6.54 21.43
C SER E 107 -16.32 6.44 22.96
N ALA E 108 -16.47 7.58 23.70
CA ALA E 108 -16.26 7.64 25.18
C ALA E 108 -17.34 6.77 25.92
N ARG E 109 -18.49 6.57 25.23
CA ARG E 109 -19.65 5.78 25.74
C ARG E 109 -20.28 6.42 27.03
N GLU E 110 -19.76 7.61 27.43
CA GLU E 110 -20.25 8.39 28.61
C GLU E 110 -20.31 7.53 29.91
N ARG E 111 -19.52 6.42 29.98
CA ARG E 111 -19.48 5.51 31.17
C ARG E 111 -18.18 4.63 31.09
N VAL E 112 -17.22 4.84 32.04
CA VAL E 112 -15.92 4.09 32.11
C VAL E 112 -16.16 2.71 32.84
N TYR E 113 -15.38 2.41 33.91
CA TYR E 113 -15.43 1.15 34.71
C TYR E 113 -14.87 -0.04 33.91
N THR E 114 -14.60 -1.16 34.63
CA THR E 114 -14.02 -2.42 34.04
C THR E 114 -15.01 -3.10 33.05
N LYS E 115 -14.54 -3.38 31.79
CA LYS E 115 -15.32 -4.05 30.71
C LYS E 115 -14.35 -4.36 29.53
N GLN E 116 -14.91 -4.69 28.34
CA GLN E 116 -14.14 -5.02 27.09
C GLN E 116 -13.54 -3.73 26.44
N PHE E 117 -13.31 -2.64 27.24
CA PHE E 117 -12.78 -1.32 26.73
C PHE E 117 -11.46 -1.44 25.89
N TYR E 118 -10.62 -2.49 26.18
CA TYR E 118 -9.31 -2.75 25.47
C TYR E 118 -9.42 -3.96 24.51
N ARG E 119 -10.67 -4.39 24.20
CA ARG E 119 -10.96 -5.55 23.31
C ARG E 119 -12.47 -5.53 22.93
N ARG E 120 -12.96 -4.31 22.57
CA ARG E 120 -14.39 -4.08 22.16
C ARG E 120 -14.74 -4.90 20.86
N ALA E 121 -15.52 -6.01 21.01
CA ALA E 121 -15.93 -6.89 19.89
C ALA E 121 -16.93 -6.15 18.93
N GLN E 122 -16.41 -5.14 18.19
CA GLN E 122 -17.22 -4.31 17.23
C GLN E 122 -16.27 -3.49 16.30
N LYS E 123 -15.13 -3.02 16.87
CA LYS E 123 -14.13 -2.15 16.14
C LYS E 123 -13.66 -2.72 14.78
N GLN E 124 -12.72 -1.95 14.17
CA GLN E 124 -12.09 -2.21 12.85
C GLN E 124 -11.38 -3.61 12.80
N ASN E 125 -11.40 -4.35 11.62
CA ASN E 125 -10.76 -5.71 11.48
C ASN E 125 -10.79 -6.22 9.99
N PHE E 126 -9.65 -6.04 9.28
CA PHE E 126 -9.38 -6.50 7.89
C PHE E 126 -8.08 -5.76 7.45
N ASP E 127 -7.02 -6.53 7.20
CA ASP E 127 -5.70 -6.05 6.75
C ASP E 127 -4.98 -5.00 7.69
N ILE E 128 -5.68 -4.03 8.46
CA ILE E 128 -4.89 -3.07 9.36
C ILE E 128 -4.36 -3.93 10.57
N GLU E 129 -5.34 -4.67 11.17
CA GLU E 129 -5.12 -5.57 12.35
C GLU E 129 -4.20 -6.77 12.04
N LYS E 130 -4.48 -7.52 10.94
CA LYS E 130 -3.73 -8.76 10.59
C LYS E 130 -2.16 -8.55 10.57
N TYR E 131 -1.67 -7.54 9.84
CA TYR E 131 -0.22 -7.21 9.76
C TYR E 131 0.34 -6.70 11.13
N ASN E 132 -0.38 -5.74 11.73
CA ASN E 132 0.01 -5.07 13.01
C ASN E 132 0.21 -6.08 14.16
N ARG E 133 -0.81 -6.89 14.31
CA ARG E 133 -0.93 -7.88 15.44
C ARG E 133 0.26 -8.94 15.49
N LEU E 134 0.64 -9.70 14.38
CA LEU E 134 1.83 -10.69 14.58
C LEU E 134 3.16 -9.93 14.74
N VAL E 135 3.40 -8.74 14.02
CA VAL E 135 4.74 -8.07 14.22
C VAL E 135 4.93 -7.80 15.77
N THR E 136 3.75 -7.58 16.47
CA THR E 136 3.72 -7.39 17.95
C THR E 136 4.17 -8.70 18.68
N GLU E 137 3.93 -9.94 18.07
CA GLU E 137 4.44 -11.24 18.72
C GLU E 137 5.99 -11.09 18.86
N VAL E 138 6.67 -10.45 17.85
CA VAL E 138 8.17 -10.20 17.95
C VAL E 138 8.44 -9.32 19.21
N ASP E 139 7.44 -8.46 19.60
CA ASP E 139 7.61 -7.60 20.84
C ASP E 139 7.61 -8.49 22.15
N GLU E 140 6.78 -9.61 22.17
CA GLU E 140 6.71 -10.55 23.34
C GLU E 140 8.07 -11.29 23.46
N LEU E 141 8.75 -11.46 22.29
CA LEU E 141 10.11 -12.08 22.19
C LEU E 141 11.10 -11.20 23.02
N ARG E 142 11.03 -9.86 22.75
CA ARG E 142 11.90 -8.82 23.41
C ARG E 142 11.82 -9.01 24.99
N ASN E 143 10.61 -9.45 25.57
CA ASN E 143 10.52 -9.73 27.05
C ASN E 143 11.28 -11.04 27.43
N GLN E 144 11.01 -12.13 26.64
CA GLN E 144 11.61 -13.47 26.84
C GLN E 144 13.16 -13.37 26.79
N LEU E 145 13.68 -12.49 25.90
CA LEU E 145 15.15 -12.28 25.71
C LEU E 145 15.82 -11.76 27.02
N LYS E 146 15.28 -10.65 27.60
CA LYS E 146 15.90 -10.03 28.83
C LYS E 146 16.19 -11.07 29.96
N ARG E 147 15.23 -12.02 30.24
CA ARG E 147 15.47 -13.04 31.33
C ARG E 147 16.59 -14.03 30.82
N LEU E 148 16.52 -14.38 29.50
CA LEU E 148 17.54 -15.26 28.79
C LEU E 148 19.00 -14.73 29.04
N ARG E 149 19.16 -13.36 29.05
CA ARG E 149 20.48 -12.64 29.23
C ARG E 149 21.06 -12.69 30.67
N ASP E 150 20.21 -12.64 31.75
CA ASP E 150 20.74 -12.65 33.20
C ASP E 150 21.83 -13.81 33.44
N PRO E 151 21.59 -15.13 33.09
CA PRO E 151 22.63 -16.27 33.19
C PRO E 151 23.90 -15.94 32.33
N LEU E 152 24.90 -16.88 32.26
CA LEU E 152 26.15 -16.73 31.53
C LEU E 152 27.00 -17.88 32.13
N GLU E 153 27.71 -18.54 31.28
CA GLU E 153 28.63 -19.69 31.60
C GLU E 153 29.74 -19.80 30.52
N MET A 1 30.45 -39.59 12.16
CA MET A 1 31.20 -40.07 10.96
C MET A 1 30.18 -40.64 9.95
N ALA A 2 30.46 -40.50 8.62
CA ALA A 2 29.59 -40.97 7.52
C ALA A 2 28.17 -40.35 7.57
N ALA A 3 27.34 -40.64 6.54
CA ALA A 3 25.93 -40.14 6.42
C ALA A 3 25.87 -38.59 6.49
N LEU A 4 24.64 -38.03 6.61
CA LEU A 4 24.40 -36.55 6.69
C LEU A 4 25.02 -35.98 8.00
N SER A 5 25.08 -34.62 8.10
CA SER A 5 25.64 -33.89 9.29
C SER A 5 27.13 -34.30 9.57
N VAL A 6 27.57 -34.28 10.86
CA VAL A 6 28.96 -34.64 11.26
C VAL A 6 28.98 -34.96 12.78
N ASP A 7 29.99 -35.77 13.23
CA ASP A 7 30.17 -36.18 14.65
C ASP A 7 28.92 -36.93 15.19
N GLU A 8 28.21 -37.64 14.26
CA GLU A 8 26.97 -38.42 14.56
C GLU A 8 25.88 -37.50 15.23
N TYR A 9 25.75 -37.56 16.58
CA TYR A 9 24.80 -36.72 17.38
C TYR A 9 23.31 -37.01 16.95
N LYS A 10 22.46 -35.95 16.86
CA LYS A 10 21.01 -36.04 16.48
C LYS A 10 20.21 -36.92 17.49
N LEU A 11 20.17 -36.45 18.76
CA LEU A 11 19.45 -37.12 19.89
C LEU A 11 17.89 -37.03 19.67
N SER A 12 17.45 -35.97 18.96
CA SER A 12 16.01 -35.70 18.65
C SER A 12 15.57 -36.65 17.50
N ARG A 13 16.10 -36.41 16.28
CA ARG A 13 15.81 -37.23 15.06
C ARG A 13 14.27 -37.29 14.79
N GLU A 14 13.53 -36.23 15.23
CA GLU A 14 12.04 -36.16 15.07
C GLU A 14 11.52 -34.69 15.22
N LYS A 15 11.70 -34.10 16.44
CA LYS A 15 11.18 -32.73 16.78
C LYS A 15 11.75 -31.60 15.87
N LYS A 16 13.08 -31.63 15.54
CA LYS A 16 13.71 -30.56 14.68
C LYS A 16 13.03 -30.52 13.28
N LEU A 17 12.78 -31.74 12.74
CA LEU A 17 12.13 -31.95 11.41
C LEU A 17 10.70 -31.34 11.39
N LEU A 18 9.93 -31.55 12.51
CA LEU A 18 8.51 -31.06 12.60
C LEU A 18 8.39 -29.50 12.52
N LEU A 19 9.28 -28.72 13.23
CA LEU A 19 9.23 -27.19 13.13
C LEU A 19 9.54 -26.77 11.66
N GLN A 20 10.55 -27.44 11.02
CA GLN A 20 10.94 -27.16 9.60
C GLN A 20 9.73 -27.45 8.66
N LEU A 21 8.96 -28.54 8.96
CA LEU A 21 7.74 -28.93 8.18
C LEU A 21 6.65 -27.79 8.27
N GLU A 22 6.44 -27.17 9.50
CA GLU A 22 5.45 -26.07 9.70
C GLU A 22 5.80 -24.85 8.80
N ASN A 23 7.13 -24.56 8.73
CA ASN A 23 7.68 -23.43 7.92
C ASN A 23 7.31 -23.62 6.41
N ALA A 24 7.41 -24.88 5.89
CA ALA A 24 7.07 -25.16 4.45
C ALA A 24 5.55 -24.85 4.18
N GLU A 25 4.63 -25.25 5.12
CA GLU A 25 3.15 -24.94 5.00
C GLU A 25 2.87 -23.40 5.03
N THR A 26 3.58 -22.71 5.96
CA THR A 26 3.45 -21.24 6.23
C THR A 26 3.81 -20.32 5.04
N LEU A 27 4.86 -20.70 4.23
CA LEU A 27 5.37 -19.83 3.09
C LEU A 27 4.19 -19.51 2.14
N LEU A 28 3.32 -20.52 1.92
CA LEU A 28 2.09 -20.38 1.11
C LEU A 28 2.45 -20.11 -0.39
N ALA A 29 2.33 -21.16 -1.24
CA ALA A 29 2.57 -21.11 -2.70
C ALA A 29 1.59 -22.16 -3.31
N PRO A 30 1.54 -23.44 -2.79
CA PRO A 30 0.50 -24.48 -3.25
C PRO A 30 -0.96 -23.92 -3.51
N LEU A 31 -1.59 -23.37 -2.45
CA LEU A 31 -2.96 -22.79 -2.48
C LEU A 31 -3.01 -21.61 -3.50
N HIS A 32 -1.93 -20.78 -3.53
CA HIS A 32 -1.84 -19.64 -4.53
C HIS A 32 -1.83 -20.24 -5.99
N ASP A 33 -1.10 -21.39 -6.15
CA ASP A 33 -1.00 -22.15 -7.44
C ASP A 33 -2.44 -22.65 -7.84
N ALA A 34 -3.28 -23.07 -6.83
CA ALA A 34 -4.68 -23.55 -7.09
C ALA A 34 -5.51 -22.41 -7.78
N LYS A 35 -5.32 -21.10 -7.35
CA LYS A 35 -6.04 -19.94 -8.00
C LYS A 35 -5.67 -19.87 -9.52
N ARG A 36 -4.36 -20.11 -9.82
CA ARG A 36 -3.80 -20.09 -11.22
C ARG A 36 -4.47 -21.19 -12.11
N LYS A 37 -4.75 -22.38 -11.51
CA LYS A 37 -5.36 -23.56 -12.24
C LYS A 37 -6.75 -23.22 -12.86
N ILE A 38 -7.58 -22.45 -12.11
CA ILE A 38 -8.98 -22.05 -12.50
C ILE A 38 -9.04 -20.69 -13.24
N GLU A 39 -7.86 -20.03 -13.49
CA GLU A 39 -7.76 -18.68 -14.18
C GLU A 39 -8.83 -18.47 -15.33
N GLN A 40 -9.23 -19.58 -16.00
CA GLN A 40 -10.25 -19.57 -17.09
C GLN A 40 -11.68 -19.52 -16.43
N GLU A 41 -12.00 -20.54 -15.60
CA GLU A 41 -13.31 -20.68 -14.89
C GLU A 41 -13.44 -19.65 -13.72
N ALA A 42 -12.40 -18.81 -13.52
CA ALA A 42 -12.33 -17.78 -12.43
C ALA A 42 -13.39 -16.66 -12.60
N GLU A 43 -14.25 -16.75 -13.66
CA GLU A 43 -15.31 -15.72 -13.97
C GLU A 43 -16.25 -15.41 -12.77
N ALA A 44 -16.09 -16.15 -11.64
CA ALA A 44 -16.92 -16.00 -10.40
C ALA A 44 -16.92 -14.54 -9.83
N HIS A 45 -15.77 -13.84 -9.96
CA HIS A 45 -15.57 -12.46 -9.42
C HIS A 45 -16.42 -11.39 -10.19
N THR A 46 -16.60 -11.60 -11.53
CA THR A 46 -17.31 -10.65 -12.44
C THR A 46 -18.77 -10.35 -11.98
N ASP A 47 -19.31 -11.19 -11.05
CA ASP A 47 -20.71 -11.02 -10.53
C ASP A 47 -20.86 -9.66 -9.78
N ARG A 48 -19.71 -9.10 -9.27
CA ARG A 48 -19.67 -7.79 -8.56
C ARG A 48 -19.42 -6.65 -9.59
N VAL A 49 -18.67 -6.94 -10.69
CA VAL A 49 -18.38 -5.94 -11.75
C VAL A 49 -19.65 -5.78 -12.64
N ALA A 50 -20.50 -6.84 -12.58
CA ALA A 50 -21.80 -6.93 -13.32
C ALA A 50 -22.83 -5.93 -12.71
N TRP A 51 -22.53 -5.36 -11.49
CA TRP A 51 -23.43 -4.34 -10.81
C TRP A 51 -23.73 -3.19 -11.80
N ALA A 52 -22.68 -2.90 -12.60
CA ALA A 52 -22.64 -1.83 -13.62
C ALA A 52 -23.12 -2.36 -15.01
N GLY A 53 -23.30 -3.70 -15.14
CA GLY A 53 -23.75 -4.34 -16.42
C GLY A 53 -25.12 -3.82 -16.88
N PHE A 54 -25.97 -3.39 -15.91
CA PHE A 54 -27.33 -2.85 -16.16
C PHE A 54 -27.25 -1.40 -16.74
N ALA A 55 -26.22 -0.64 -16.30
CA ALA A 55 -26.01 0.79 -16.71
C ALA A 55 -25.82 0.93 -18.25
N ALA A 56 -24.93 0.09 -18.82
CA ALA A 56 -24.59 0.08 -20.28
C ALA A 56 -25.70 -0.57 -21.16
N SER A 57 -26.43 -1.56 -20.60
CA SER A 57 -27.50 -2.32 -21.33
C SER A 57 -28.76 -1.46 -21.60
N GLY A 58 -28.97 -0.42 -20.76
CA GLY A 58 -30.17 0.46 -20.85
C GLY A 58 -30.23 1.35 -22.12
N VAL A 59 -29.06 1.66 -22.74
CA VAL A 59 -28.98 2.58 -23.94
C VAL A 59 -29.52 1.95 -25.24
N GLN A 60 -29.54 0.59 -25.37
CA GLN A 60 -29.97 -0.11 -26.63
C GLN A 60 -31.26 0.52 -27.27
N THR A 61 -32.17 0.99 -26.39
CA THR A 61 -33.45 1.67 -26.80
C THR A 61 -33.20 3.12 -27.29
N GLY A 62 -32.09 3.70 -26.81
CA GLY A 62 -31.66 5.08 -27.12
C GLY A 62 -31.25 5.27 -28.60
N LEU A 63 -30.50 4.30 -29.19
CA LEU A 63 -30.05 4.38 -30.64
C LEU A 63 -31.31 4.41 -31.57
N PHE A 64 -32.29 3.55 -31.20
CA PHE A 64 -33.60 3.47 -31.90
C PHE A 64 -34.33 4.83 -31.78
N ALA A 65 -34.22 5.45 -30.56
CA ALA A 65 -34.90 6.75 -30.22
C ALA A 65 -34.47 7.93 -31.15
N ARG A 66 -33.14 8.09 -31.55
CA ARG A 66 -32.75 9.20 -32.53
C ARG A 66 -33.52 8.93 -33.86
N LEU A 67 -33.61 7.61 -34.20
CA LEU A 67 -34.29 7.12 -35.45
C LEU A 67 -35.85 7.47 -35.51
N THR A 68 -36.58 7.37 -34.35
CA THR A 68 -38.09 7.59 -34.31
C THR A 68 -38.52 9.02 -34.77
N TRP A 69 -37.78 10.09 -34.34
CA TRP A 69 -38.11 11.51 -34.71
C TRP A 69 -37.14 11.96 -35.81
N TRP A 70 -35.84 11.80 -35.54
CA TRP A 70 -34.73 12.11 -36.49
C TRP A 70 -34.81 13.53 -37.18
N GLU A 71 -35.85 14.39 -36.87
CA GLU A 71 -36.07 15.74 -37.52
C GLU A 71 -36.06 16.90 -36.48
N TYR A 72 -36.23 16.60 -35.15
CA TYR A 72 -36.21 17.62 -34.06
C TYR A 72 -34.89 18.48 -34.15
N SER A 73 -33.74 17.77 -34.33
CA SER A 73 -32.39 18.42 -34.47
C SER A 73 -31.28 17.37 -34.86
N TRP A 74 -31.32 16.19 -34.20
CA TRP A 74 -30.35 15.05 -34.40
C TRP A 74 -29.11 15.21 -33.50
N ASP A 75 -28.66 16.49 -33.35
CA ASP A 75 -27.52 16.90 -32.47
C ASP A 75 -27.92 16.53 -30.99
N ILE A 76 -27.71 15.26 -30.66
CA ILE A 76 -28.09 14.63 -29.35
C ILE A 76 -27.10 13.44 -29.14
N VAL A 77 -26.06 13.30 -30.05
CA VAL A 77 -25.06 12.20 -30.00
C VAL A 77 -24.37 12.04 -28.62
N GLU A 78 -23.43 11.08 -28.55
CA GLU A 78 -22.62 10.70 -27.34
C GLU A 78 -23.29 9.78 -26.24
N PRO A 79 -24.61 9.41 -26.17
CA PRO A 79 -25.12 8.67 -24.91
C PRO A 79 -24.42 7.30 -24.60
N VAL A 80 -24.17 6.49 -25.64
CA VAL A 80 -23.52 5.15 -25.46
C VAL A 80 -22.08 5.22 -24.87
N THR A 81 -21.18 6.17 -25.34
CA THR A 81 -19.80 6.24 -24.79
C THR A 81 -19.70 6.61 -23.27
N TYR A 82 -20.51 7.62 -22.76
CA TYR A 82 -20.38 8.04 -21.33
C TYR A 82 -20.73 6.90 -20.31
N PHE A 83 -21.82 6.06 -20.56
CA PHE A 83 -22.13 4.88 -19.66
C PHE A 83 -20.98 3.83 -19.73
N ALA A 84 -20.40 3.62 -20.95
CA ALA A 84 -19.29 2.62 -21.13
C ALA A 84 -18.07 3.03 -20.24
N THR A 85 -17.80 4.36 -20.20
CA THR A 85 -16.71 4.98 -19.35
C THR A 85 -17.03 4.69 -17.83
N TYR A 86 -18.32 4.81 -17.47
CA TYR A 86 -18.83 4.54 -16.08
C TYR A 86 -18.49 3.04 -15.70
N SER A 87 -18.66 2.11 -16.68
CA SER A 87 -18.34 0.64 -16.48
C SER A 87 -16.83 0.46 -16.12
N THR A 88 -15.92 1.25 -16.78
CA THR A 88 -14.44 1.19 -16.47
C THR A 88 -14.20 1.54 -14.97
N VAL A 89 -14.97 2.55 -14.38
CA VAL A 89 -14.79 2.92 -12.91
C VAL A 89 -15.02 1.64 -12.05
N ALA A 90 -16.01 0.80 -12.50
CA ALA A 90 -16.36 -0.49 -11.81
C ALA A 90 -15.07 -1.38 -11.77
N ALA A 91 -14.26 -1.34 -12.90
CA ALA A 91 -12.96 -2.10 -12.98
C ALA A 91 -12.02 -1.67 -11.81
N THR A 92 -12.04 -0.33 -11.57
CA THR A 92 -11.26 0.36 -10.51
C THR A 92 -11.69 -0.15 -9.08
N PHE A 93 -13.02 -0.43 -8.82
CA PHE A 93 -13.50 -0.91 -7.46
C PHE A 93 -12.73 -2.22 -7.12
N GLY A 94 -12.54 -3.04 -8.16
CA GLY A 94 -11.88 -4.36 -8.14
C GLY A 94 -10.62 -4.54 -7.25
N TYR A 95 -9.92 -3.43 -6.84
CA TYR A 95 -8.66 -3.55 -5.99
C TYR A 95 -8.94 -4.13 -4.57
N TYR A 96 -10.16 -3.93 -4.06
CA TYR A 96 -10.58 -4.33 -2.68
C TYR A 96 -10.95 -5.84 -2.63
N LEU A 97 -11.99 -6.18 -3.42
CA LEU A 97 -12.57 -7.54 -3.52
C LEU A 97 -11.59 -8.60 -4.10
N TYR A 98 -10.46 -8.20 -4.79
CA TYR A 98 -9.56 -9.20 -5.49
C TYR A 98 -9.18 -10.45 -4.60
N THR A 99 -8.42 -10.27 -3.46
CA THR A 99 -8.09 -11.43 -2.54
C THR A 99 -9.36 -11.89 -1.71
N GLN A 100 -10.07 -10.94 -1.04
CA GLN A 100 -11.28 -11.18 -0.17
C GLN A 100 -12.41 -12.06 -0.80
N GLN A 101 -12.54 -12.12 -2.16
CA GLN A 101 -13.69 -12.79 -2.88
C GLN A 101 -14.05 -14.19 -2.29
N SER A 102 -13.06 -14.89 -1.66
CA SER A 102 -13.27 -16.22 -1.02
C SER A 102 -14.52 -16.25 -0.10
N PHE A 103 -14.85 -15.05 0.50
CA PHE A 103 -16.04 -14.89 1.41
C PHE A 103 -17.37 -15.04 0.61
N GLU A 104 -17.40 -14.42 -0.60
CA GLU A 104 -18.59 -14.41 -1.52
C GLU A 104 -18.83 -15.82 -2.17
N TYR A 105 -17.74 -16.60 -2.43
CA TYR A 105 -17.80 -17.92 -3.15
C TYR A 105 -18.90 -18.93 -2.58
N PRO A 106 -19.01 -19.26 -1.24
CA PRO A 106 -20.11 -20.19 -0.65
C PRO A 106 -21.47 -20.24 -1.41
N SER A 107 -21.92 -19.05 -1.88
CA SER A 107 -23.22 -18.87 -2.61
C SER A 107 -23.32 -19.77 -3.88
N ALA A 108 -24.57 -20.06 -4.32
CA ALA A 108 -24.88 -20.90 -5.51
C ALA A 108 -24.28 -22.34 -5.40
N ARG A 109 -24.39 -22.93 -4.18
CA ARG A 109 -23.88 -24.31 -3.86
C ARG A 109 -24.50 -24.74 -2.50
N GLU A 110 -24.20 -23.93 -1.45
CA GLU A 110 -24.65 -24.15 -0.04
C GLU A 110 -26.21 -24.37 0.07
N ARG A 111 -26.64 -24.95 1.22
CA ARG A 111 -28.09 -25.20 1.54
C ARG A 111 -28.16 -25.52 3.08
N VAL A 112 -27.57 -26.68 3.49
CA VAL A 112 -27.51 -27.11 4.93
C VAL A 112 -26.21 -26.48 5.52
N TYR A 113 -26.05 -25.16 5.25
CA TYR A 113 -24.91 -24.32 5.72
C TYR A 113 -23.50 -24.91 5.33
N THR A 114 -23.46 -25.84 4.34
CA THR A 114 -22.17 -26.46 3.85
C THR A 114 -21.40 -25.44 2.97
N LYS A 115 -20.06 -25.65 2.82
CA LYS A 115 -19.15 -24.79 2.02
C LYS A 115 -17.74 -25.44 2.01
N GLN A 116 -16.82 -24.95 1.12
CA GLN A 116 -15.39 -25.44 1.04
C GLN A 116 -14.68 -25.01 2.36
N PHE A 117 -13.76 -25.86 2.90
CA PHE A 117 -13.07 -25.57 4.20
C PHE A 117 -11.73 -26.38 4.29
N TYR A 118 -11.77 -27.60 4.89
CA TYR A 118 -10.57 -28.49 5.10
C TYR A 118 -9.38 -27.69 5.71
N ARG A 119 -9.52 -27.33 7.03
CA ARG A 119 -8.53 -26.53 7.81
C ARG A 119 -8.43 -25.08 7.21
N ARG A 120 -9.59 -24.38 7.22
CA ARG A 120 -9.75 -22.99 6.68
C ARG A 120 -9.40 -22.94 5.15
N ALA A 121 -8.09 -22.91 4.84
CA ALA A 121 -7.53 -22.90 3.46
C ALA A 121 -8.06 -21.71 2.59
N GLN A 122 -7.21 -20.64 2.43
CA GLN A 122 -7.51 -19.43 1.60
C GLN A 122 -6.87 -19.69 0.20
N LYS A 123 -7.67 -20.26 -0.75
CA LYS A 123 -7.24 -20.62 -2.13
C LYS A 123 -6.72 -19.40 -2.96
N GLN A 124 -7.30 -18.20 -2.73
CA GLN A 124 -6.96 -16.93 -3.46
C GLN A 124 -5.45 -16.52 -3.32
N ASN A 125 -5.16 -15.49 -2.46
CA ASN A 125 -3.80 -14.91 -2.22
C ASN A 125 -3.22 -14.25 -3.52
N PHE A 126 -2.44 -13.16 -3.29
CA PHE A 126 -1.73 -12.38 -4.33
C PHE A 126 -0.97 -11.23 -3.61
N ASP A 127 -1.46 -10.78 -2.40
CA ASP A 127 -0.84 -9.64 -1.64
C ASP A 127 -1.23 -9.58 -0.10
N ILE A 128 -2.56 -9.69 0.31
CA ILE A 128 -2.94 -9.58 1.79
C ILE A 128 -2.44 -10.86 2.57
N GLU A 129 -2.78 -12.06 2.06
CA GLU A 129 -2.34 -13.36 2.66
C GLU A 129 -0.80 -13.50 2.63
N LYS A 130 -0.13 -12.90 1.63
CA LYS A 130 1.35 -13.02 1.44
C LYS A 130 2.18 -12.37 2.60
N TYR A 131 1.92 -11.06 3.00
CA TYR A 131 2.69 -10.36 4.07
C TYR A 131 2.42 -10.94 5.49
N ASN A 132 1.11 -11.12 5.84
CA ASN A 132 0.76 -11.61 7.22
C ASN A 132 1.32 -13.04 7.45
N ARG A 133 1.01 -13.94 6.49
CA ARG A 133 1.42 -15.41 6.63
C ARG A 133 2.94 -15.63 7.00
N LEU A 134 3.95 -15.03 6.24
CA LEU A 134 5.43 -15.28 6.65
C LEU A 134 5.67 -14.66 8.07
N VAL A 135 5.15 -13.38 8.35
CA VAL A 135 5.31 -12.81 9.72
C VAL A 135 4.79 -13.88 10.79
N THR A 136 3.69 -14.64 10.48
CA THR A 136 3.12 -15.63 11.45
C THR A 136 4.17 -16.73 11.80
N GLU A 137 5.01 -17.07 10.78
CA GLU A 137 6.13 -18.06 10.98
C GLU A 137 7.01 -17.57 12.19
N VAL A 138 7.11 -16.20 12.36
CA VAL A 138 7.88 -15.64 13.54
C VAL A 138 7.21 -16.10 14.85
N ASP A 139 5.85 -16.14 14.88
CA ASP A 139 5.11 -16.60 16.13
C ASP A 139 5.69 -17.98 16.63
N GLU A 140 6.18 -18.81 15.65
CA GLU A 140 6.81 -20.12 15.98
C GLU A 140 8.20 -19.88 16.66
N LEU A 141 9.02 -18.84 16.19
CA LEU A 141 10.37 -18.55 16.87
C LEU A 141 10.11 -18.22 18.36
N ARG A 142 8.95 -17.52 18.62
CA ARG A 142 8.52 -17.12 20.01
C ARG A 142 8.42 -18.41 20.90
N ASN A 143 8.00 -19.60 20.29
CA ASN A 143 7.93 -20.89 21.11
C ASN A 143 9.37 -21.43 21.47
N GLN A 144 10.32 -21.39 20.47
CA GLN A 144 11.74 -21.89 20.66
C GLN A 144 12.42 -21.23 21.91
N LEU A 145 12.32 -19.88 22.00
CA LEU A 145 12.86 -19.06 23.13
C LEU A 145 12.32 -19.50 24.52
N LYS A 146 10.97 -19.63 24.61
CA LYS A 146 10.27 -20.00 25.89
C LYS A 146 10.95 -21.26 26.55
N ARG A 147 11.34 -22.35 25.74
CA ARG A 147 12.05 -23.49 26.35
C ARG A 147 13.44 -22.99 26.86
N LEU A 148 14.24 -22.24 26.01
CA LEU A 148 15.60 -21.69 26.43
C LEU A 148 15.54 -20.72 27.66
N ARG A 149 14.43 -19.97 27.86
CA ARG A 149 14.33 -18.99 28.99
C ARG A 149 14.41 -19.73 30.35
N ASP A 150 13.89 -21.01 30.41
CA ASP A 150 13.92 -21.82 31.70
C ASP A 150 15.41 -22.27 32.19
N PRO A 151 16.33 -22.94 31.38
CA PRO A 151 17.79 -23.27 31.82
C PRO A 151 18.59 -21.94 31.93
N LEU A 152 19.96 -21.95 31.67
CA LEU A 152 20.79 -20.70 31.66
C LEU A 152 20.62 -20.15 30.22
N GLU A 153 21.43 -20.72 29.32
CA GLU A 153 21.43 -20.42 27.86
C GLU A 153 22.07 -21.60 27.09
N MET B 1 49.13 -18.75 -0.79
CA MET B 1 47.75 -19.28 -0.94
C MET B 1 47.31 -19.10 -2.43
N ALA B 2 46.92 -17.85 -2.79
CA ALA B 2 46.46 -17.47 -4.16
C ALA B 2 45.24 -18.31 -4.62
N ALA B 3 44.40 -18.71 -3.62
CA ALA B 3 43.16 -19.52 -3.84
C ALA B 3 42.29 -19.49 -2.55
N LEU B 4 41.03 -19.95 -2.68
CA LEU B 4 40.03 -20.01 -1.56
C LEU B 4 39.86 -18.62 -0.86
N SER B 5 38.80 -17.86 -1.29
CA SER B 5 38.48 -16.49 -0.75
C SER B 5 39.64 -15.48 -0.97
N VAL B 6 39.34 -14.17 -0.71
CA VAL B 6 40.33 -13.06 -0.86
C VAL B 6 41.40 -13.11 0.26
N ASP B 7 40.94 -13.37 1.52
CA ASP B 7 41.79 -13.47 2.75
C ASP B 7 40.85 -13.77 3.96
N GLU B 8 40.22 -14.98 3.97
CA GLU B 8 39.29 -15.42 5.06
C GLU B 8 40.01 -15.47 6.43
N TYR B 9 39.22 -15.30 7.54
CA TYR B 9 39.74 -15.30 8.94
C TYR B 9 40.17 -16.72 9.36
N LYS B 10 40.68 -16.84 10.62
CA LYS B 10 41.15 -18.14 11.21
C LYS B 10 39.95 -19.13 11.37
N LEU B 11 38.82 -18.59 11.88
CA LEU B 11 37.54 -19.36 12.12
C LEU B 11 36.89 -19.68 10.74
N SER B 12 35.54 -19.88 10.72
CA SER B 12 34.74 -20.19 9.50
C SER B 12 35.11 -21.59 8.95
N ARG B 13 34.37 -22.59 9.46
CA ARG B 13 34.52 -24.04 9.10
C ARG B 13 33.56 -24.33 7.91
N GLU B 14 33.46 -23.30 7.02
CA GLU B 14 32.62 -23.28 5.80
C GLU B 14 31.10 -23.24 6.13
N LYS B 15 30.67 -23.87 7.25
CA LYS B 15 29.23 -23.92 7.66
C LYS B 15 28.65 -22.49 7.93
N LYS B 16 29.46 -21.64 8.64
CA LYS B 16 29.05 -20.22 8.97
C LYS B 16 28.86 -19.40 7.66
N LEU B 17 29.80 -19.61 6.69
CA LEU B 17 29.78 -18.92 5.36
C LEU B 17 28.48 -19.29 4.58
N LEU B 18 28.07 -20.60 4.65
CA LEU B 18 26.83 -21.09 3.95
C LEU B 18 25.53 -20.37 4.47
N LEU B 19 25.37 -20.17 5.82
CA LEU B 19 24.15 -19.44 6.37
C LEU B 19 24.12 -17.97 5.83
N GLN B 20 25.32 -17.31 5.79
CA GLN B 20 25.46 -15.92 5.25
C GLN B 20 25.04 -15.90 3.73
N LEU B 21 25.43 -16.98 2.97
CA LEU B 21 25.08 -17.14 1.51
C LEU B 21 23.53 -17.22 1.33
N GLU B 22 22.77 -17.94 2.26
CA GLU B 22 21.28 -18.07 2.14
C GLU B 22 20.65 -16.66 2.20
N ASN B 23 21.23 -15.79 3.11
CA ASN B 23 20.73 -14.39 3.28
C ASN B 23 20.87 -13.58 1.96
N ALA B 24 22.02 -13.76 1.25
CA ALA B 24 22.31 -13.04 -0.03
C ALA B 24 21.24 -13.38 -1.13
N GLU B 25 20.85 -14.68 -1.22
CA GLU B 25 19.82 -15.16 -2.19
C GLU B 25 18.44 -14.47 -1.93
N THR B 26 18.07 -14.33 -0.62
CA THR B 26 16.76 -13.72 -0.20
C THR B 26 16.63 -12.24 -0.67
N LEU B 27 17.74 -11.46 -0.53
CA LEU B 27 17.77 -10.00 -0.93
C LEU B 27 17.51 -9.81 -2.47
N LEU B 28 18.11 -10.70 -3.31
CA LEU B 28 18.09 -10.67 -4.81
C LEU B 28 18.00 -9.22 -5.39
N ALA B 29 19.12 -8.46 -5.20
CA ALA B 29 19.31 -7.07 -5.68
C ALA B 29 19.69 -7.22 -7.18
N PRO B 30 20.78 -7.98 -7.55
CA PRO B 30 21.14 -8.29 -9.02
C PRO B 30 19.99 -8.20 -10.09
N LEU B 31 18.97 -9.10 -9.97
CA LEU B 31 17.82 -9.14 -10.91
C LEU B 31 17.02 -7.79 -10.85
N HIS B 32 16.81 -7.24 -9.60
CA HIS B 32 16.11 -5.90 -9.43
C HIS B 32 16.98 -4.77 -10.09
N ASP B 33 18.32 -4.87 -9.85
CA ASP B 33 19.37 -3.97 -10.42
C ASP B 33 19.37 -4.07 -11.97
N ALA B 34 19.16 -5.31 -12.52
CA ALA B 34 19.13 -5.58 -13.98
C ALA B 34 18.00 -4.76 -14.66
N LYS B 35 16.79 -4.63 -13.98
CA LYS B 35 15.67 -3.82 -14.55
C LYS B 35 16.14 -2.35 -14.75
N ARG B 36 16.90 -1.85 -13.74
CA ARG B 36 17.46 -0.45 -13.73
C ARG B 36 18.42 -0.22 -14.95
N LYS B 37 19.27 -1.23 -15.28
CA LYS B 37 20.28 -1.15 -16.40
C LYS B 37 19.64 -0.96 -17.84
N ILE B 38 18.52 -1.67 -18.09
CA ILE B 38 17.80 -1.76 -19.43
C ILE B 38 16.64 -0.74 -19.66
N GLU B 39 16.36 0.22 -18.72
CA GLU B 39 15.17 1.19 -18.74
C GLU B 39 14.42 1.36 -20.13
N GLN B 40 15.19 1.46 -21.24
CA GLN B 40 14.64 1.62 -22.62
C GLN B 40 13.63 0.46 -22.97
N GLU B 41 14.00 -0.80 -22.61
CA GLU B 41 13.18 -2.03 -22.87
C GLU B 41 11.96 -2.09 -21.92
N ALA B 42 11.80 -1.14 -20.93
CA ALA B 42 10.61 -1.13 -20.00
C ALA B 42 9.32 -0.78 -20.77
N GLU B 43 9.44 -0.55 -22.12
CA GLU B 43 8.28 -0.26 -23.03
C GLU B 43 7.26 -1.46 -22.95
N ALA B 44 7.75 -2.60 -22.36
CA ALA B 44 6.98 -3.82 -22.10
C ALA B 44 5.68 -3.48 -21.29
N HIS B 45 5.75 -2.34 -20.55
CA HIS B 45 4.63 -1.81 -19.71
C HIS B 45 3.56 -1.14 -20.62
N THR B 46 4.01 -0.17 -21.47
CA THR B 46 3.12 0.62 -22.38
C THR B 46 2.26 -0.32 -23.30
N ASP B 47 2.80 -1.55 -23.56
CA ASP B 47 2.13 -2.58 -24.40
C ASP B 47 0.88 -3.17 -23.69
N ARG B 48 0.77 -2.96 -22.35
CA ARG B 48 -0.39 -3.46 -21.51
C ARG B 48 -1.50 -2.38 -21.45
N VAL B 49 -1.09 -1.08 -21.51
CA VAL B 49 -2.01 0.08 -21.50
C VAL B 49 -2.56 0.25 -22.95
N ALA B 50 -1.81 -0.35 -23.92
CA ALA B 50 -2.15 -0.37 -25.38
C ALA B 50 -3.44 -1.19 -25.62
N TRP B 51 -3.92 -1.97 -24.57
CA TRP B 51 -5.19 -2.78 -24.67
C TRP B 51 -6.34 -1.83 -25.12
N ALA B 52 -6.27 -0.62 -24.53
CA ALA B 52 -7.21 0.51 -24.75
C ALA B 52 -6.84 1.31 -26.02
N GLY B 53 -5.65 1.05 -26.63
CA GLY B 53 -5.17 1.76 -27.86
C GLY B 53 -6.13 1.58 -29.05
N PHE B 54 -6.83 0.41 -29.10
CA PHE B 54 -7.80 0.07 -30.17
C PHE B 54 -9.13 0.86 -29.99
N ALA B 55 -9.46 1.22 -28.72
CA ALA B 55 -10.72 1.95 -28.37
C ALA B 55 -10.75 3.38 -29.02
N ALA B 56 -9.63 4.11 -28.91
CA ALA B 56 -9.47 5.49 -29.44
C ALA B 56 -9.29 5.51 -30.97
N SER B 57 -8.66 4.43 -31.53
CA SER B 57 -8.37 4.32 -33.00
C SER B 57 -9.66 4.32 -33.86
N GLY B 58 -10.77 3.85 -33.26
CA GLY B 58 -12.09 3.75 -33.95
C GLY B 58 -12.58 5.09 -34.56
N VAL B 59 -12.66 6.14 -33.72
CA VAL B 59 -13.16 7.51 -34.10
C VAL B 59 -12.14 8.36 -34.92
N GLN B 60 -10.80 8.08 -34.82
CA GLN B 60 -9.75 8.89 -35.59
C GLN B 60 -10.14 8.97 -37.11
N THR B 61 -10.62 7.83 -37.66
CA THR B 61 -11.11 7.73 -39.07
C THR B 61 -12.52 8.38 -39.19
N GLY B 62 -13.23 8.42 -38.03
CA GLY B 62 -14.61 8.96 -37.89
C GLY B 62 -14.74 10.47 -38.22
N LEU B 63 -13.64 11.24 -38.10
CA LEU B 63 -13.64 12.73 -38.38
C LEU B 63 -14.05 12.98 -39.88
N PHE B 64 -13.53 12.09 -40.77
CA PHE B 64 -13.83 12.10 -42.22
C PHE B 64 -15.36 11.92 -42.41
N ALA B 65 -15.97 11.04 -41.56
CA ALA B 65 -17.43 10.73 -41.57
C ALA B 65 -18.28 12.04 -41.33
N ARG B 66 -17.78 12.98 -40.43
CA ARG B 66 -18.53 14.27 -40.14
C ARG B 66 -18.65 15.03 -41.50
N LEU B 67 -17.55 15.01 -42.32
CA LEU B 67 -17.57 15.65 -43.68
C LEU B 67 -18.62 15.00 -44.68
N THR B 68 -18.73 13.62 -44.70
CA THR B 68 -19.64 12.86 -45.64
C THR B 68 -21.17 13.11 -45.43
N TRP B 69 -21.64 13.18 -44.14
CA TRP B 69 -23.10 13.31 -43.79
C TRP B 69 -23.45 14.70 -43.24
N TRP B 70 -22.78 15.71 -43.81
CA TRP B 70 -22.95 17.15 -43.44
C TRP B 70 -24.45 17.63 -43.62
N GLU B 71 -25.26 16.84 -44.39
CA GLU B 71 -26.68 17.18 -44.72
C GLU B 71 -27.67 16.98 -43.53
N TYR B 72 -27.39 16.04 -42.56
CA TYR B 72 -28.30 15.74 -41.42
C TYR B 72 -28.66 17.05 -40.62
N SER B 73 -27.61 17.79 -40.16
CA SER B 73 -27.76 19.09 -39.41
C SER B 73 -26.37 19.77 -39.23
N TRP B 74 -25.49 18.92 -38.73
CA TRP B 74 -24.10 19.20 -38.34
C TRP B 74 -24.09 19.24 -36.77
N ASP B 75 -23.19 20.03 -36.15
CA ASP B 75 -23.06 20.18 -34.64
C ASP B 75 -23.11 18.77 -33.96
N ILE B 76 -21.93 18.11 -33.87
CA ILE B 76 -21.74 16.71 -33.39
C ILE B 76 -20.35 16.64 -32.76
N VAL B 77 -19.60 17.81 -32.66
CA VAL B 77 -18.21 17.83 -32.15
C VAL B 77 -18.10 17.22 -30.73
N GLU B 78 -16.85 17.19 -30.19
CA GLU B 78 -16.49 16.56 -28.84
C GLU B 78 -16.13 14.99 -28.90
N PRO B 79 -16.34 14.14 -29.97
CA PRO B 79 -16.10 12.62 -29.81
C PRO B 79 -14.66 12.16 -29.46
N VAL B 80 -13.62 12.73 -30.12
CA VAL B 80 -12.22 12.26 -29.89
C VAL B 80 -11.71 12.42 -28.42
N THR B 81 -11.95 13.59 -27.73
CA THR B 81 -11.45 13.77 -26.33
C THR B 81 -12.06 12.78 -25.28
N TYR B 82 -13.46 12.55 -25.28
CA TYR B 82 -14.11 11.64 -24.28
C TYR B 82 -13.58 10.18 -24.45
N PHE B 83 -13.40 9.72 -25.73
CA PHE B 83 -12.78 8.37 -25.98
C PHE B 83 -11.32 8.42 -25.40
N ALA B 84 -10.62 9.60 -25.56
CA ALA B 84 -9.24 9.79 -24.98
C ALA B 84 -9.30 9.67 -23.40
N THR B 85 -10.39 10.23 -22.75
CA THR B 85 -10.59 10.13 -21.25
C THR B 85 -10.72 8.62 -20.86
N TYR B 86 -11.40 7.82 -21.73
CA TYR B 86 -11.62 6.34 -21.50
C TYR B 86 -10.22 5.65 -21.36
N SER B 87 -9.24 6.08 -22.21
CA SER B 87 -7.83 5.57 -22.15
C SER B 87 -7.15 5.93 -20.78
N THR B 88 -7.37 7.18 -20.24
CA THR B 88 -6.71 7.60 -18.93
C THR B 88 -7.14 6.69 -17.73
N VAL B 89 -8.46 6.33 -17.64
CA VAL B 89 -8.96 5.35 -16.57
C VAL B 89 -8.20 4.00 -16.78
N ALA B 90 -7.91 3.62 -18.07
CA ALA B 90 -7.12 2.36 -18.36
C ALA B 90 -5.72 2.50 -17.61
N ALA B 91 -5.15 3.76 -17.60
CA ALA B 91 -3.86 4.08 -16.88
C ALA B 91 -4.02 3.80 -15.36
N THR B 92 -5.23 4.15 -14.81
CA THR B 92 -5.58 3.99 -13.38
C THR B 92 -5.52 2.49 -12.93
N PHE B 93 -5.97 1.52 -13.81
CA PHE B 93 -5.90 0.02 -13.48
C PHE B 93 -4.44 -0.39 -13.19
N GLY B 94 -3.54 0.25 -13.96
CA GLY B 94 -2.08 0.03 -13.92
C GLY B 94 -1.42 -0.17 -12.52
N TYR B 95 -2.10 0.26 -11.41
CA TYR B 95 -1.51 0.12 -10.02
C TYR B 95 -1.52 -1.37 -9.52
N TYR B 96 -2.43 -2.24 -10.05
CA TYR B 96 -2.58 -3.67 -9.64
C TYR B 96 -1.51 -4.53 -10.33
N LEU B 97 -1.55 -4.54 -11.69
CA LEU B 97 -0.65 -5.37 -12.54
C LEU B 97 0.85 -4.93 -12.50
N TYR B 98 1.18 -3.69 -12.01
CA TYR B 98 2.57 -3.08 -12.10
C TYR B 98 3.77 -4.07 -11.89
N THR B 99 3.98 -4.70 -10.69
CA THR B 99 5.09 -5.70 -10.52
C THR B 99 4.75 -7.03 -11.28
N GLN B 100 3.44 -7.44 -11.27
CA GLN B 100 2.95 -8.72 -11.92
C GLN B 100 3.44 -8.91 -13.40
N GLN B 101 3.72 -7.80 -14.16
CA GLN B 101 4.17 -7.90 -15.62
C GLN B 101 5.33 -8.94 -15.76
N SER B 102 6.10 -9.06 -14.65
CA SER B 102 7.25 -10.00 -14.51
C SER B 102 6.77 -11.49 -14.48
N PHE B 103 5.57 -11.77 -13.84
CA PHE B 103 5.02 -13.17 -13.73
C PHE B 103 4.47 -13.69 -15.10
N GLU B 104 3.90 -12.77 -15.93
CA GLU B 104 3.26 -13.15 -17.25
C GLU B 104 4.28 -13.59 -18.34
N TYR B 105 5.34 -12.78 -18.56
CA TYR B 105 6.39 -13.02 -19.62
C TYR B 105 7.06 -14.47 -19.61
N PRO B 106 7.58 -15.04 -18.46
CA PRO B 106 8.26 -16.43 -18.46
C PRO B 106 7.39 -17.56 -19.09
N SER B 107 6.08 -17.27 -19.38
CA SER B 107 5.14 -18.25 -20.02
C SER B 107 5.57 -18.45 -21.50
N ALA B 108 5.72 -17.30 -22.20
CA ALA B 108 6.17 -17.24 -23.63
C ALA B 108 7.70 -17.49 -23.71
N ARG B 109 8.36 -17.53 -22.52
CA ARG B 109 9.83 -17.76 -22.38
C ARG B 109 10.62 -16.49 -22.85
N GLU B 110 11.93 -16.68 -23.16
CA GLU B 110 12.86 -15.61 -23.63
C GLU B 110 14.17 -16.25 -24.17
N ARG B 111 14.27 -17.60 -24.07
CA ARG B 111 15.45 -18.41 -24.52
C ARG B 111 16.77 -17.95 -23.81
N VAL B 112 16.95 -18.38 -22.53
CA VAL B 112 18.13 -18.04 -21.69
C VAL B 112 19.44 -18.66 -22.25
N TYR B 113 19.32 -19.62 -23.21
CA TYR B 113 20.48 -20.33 -23.84
C TYR B 113 21.37 -19.32 -24.64
N THR B 114 20.76 -18.71 -25.70
CA THR B 114 21.44 -17.71 -26.59
C THR B 114 21.72 -16.40 -25.82
N LYS B 115 22.62 -15.54 -26.38
CA LYS B 115 22.99 -14.23 -25.78
C LYS B 115 21.81 -13.23 -25.94
N GLN B 116 21.69 -12.24 -25.01
CA GLN B 116 20.61 -11.21 -25.02
C GLN B 116 19.20 -11.91 -24.99
N PHE B 117 18.14 -11.22 -25.53
CA PHE B 117 16.74 -11.76 -25.58
C PHE B 117 16.07 -11.23 -26.88
N TYR B 118 15.24 -12.09 -27.56
CA TYR B 118 14.50 -11.72 -28.82
C TYR B 118 13.40 -10.68 -28.46
N ARG B 119 12.37 -11.14 -27.70
CA ARG B 119 11.25 -10.29 -27.22
C ARG B 119 11.76 -9.40 -26.06
N ARG B 120 10.95 -8.37 -25.68
CA ARG B 120 11.28 -7.41 -24.59
C ARG B 120 11.24 -8.12 -23.21
N ALA B 121 11.64 -7.39 -22.14
CA ALA B 121 11.68 -7.90 -20.74
C ALA B 121 11.83 -6.71 -19.77
N GLN B 122 11.82 -7.00 -18.44
CA GLN B 122 11.95 -5.97 -17.36
C GLN B 122 12.22 -6.67 -15.99
N LYS B 123 11.50 -7.78 -15.72
CA LYS B 123 11.64 -8.60 -14.46
C LYS B 123 11.21 -7.84 -13.15
N GLN B 124 11.35 -6.49 -13.12
CA GLN B 124 10.95 -5.61 -11.96
C GLN B 124 11.37 -6.15 -10.54
N ASN B 125 10.35 -6.49 -9.68
CA ASN B 125 10.54 -6.96 -8.27
C ASN B 125 11.05 -5.76 -7.41
N PHE B 126 10.32 -4.60 -7.56
CA PHE B 126 10.65 -3.28 -6.91
C PHE B 126 9.80 -2.99 -5.63
N ASP B 127 8.73 -3.79 -5.27
CA ASP B 127 7.88 -3.48 -4.04
C ASP B 127 7.05 -4.70 -3.46
N ILE B 128 6.23 -5.51 -4.26
CA ILE B 128 5.43 -6.67 -3.63
C ILE B 128 6.49 -7.71 -3.12
N GLU B 129 7.46 -7.99 -4.01
CA GLU B 129 8.60 -8.93 -3.77
C GLU B 129 9.54 -8.46 -2.63
N LYS B 130 9.94 -7.17 -2.68
CA LYS B 130 10.94 -6.56 -1.74
C LYS B 130 10.50 -6.71 -0.24
N TYR B 131 9.23 -6.32 0.14
CA TYR B 131 8.76 -6.41 1.53
C TYR B 131 8.54 -7.88 2.02
N ASN B 132 7.77 -8.74 1.24
CA ASN B 132 7.45 -10.13 1.72
C ASN B 132 8.70 -11.02 1.86
N ARG B 133 9.46 -11.04 0.78
CA ARG B 133 10.70 -11.90 0.66
C ARG B 133 11.74 -11.55 1.76
N LEU B 134 12.04 -10.24 1.93
CA LEU B 134 13.06 -9.79 2.92
C LEU B 134 12.63 -10.23 4.38
N VAL B 135 11.37 -9.97 4.86
CA VAL B 135 10.97 -10.49 6.22
C VAL B 135 11.25 -12.07 6.28
N THR B 136 11.17 -12.84 5.09
CA THR B 136 11.52 -14.34 5.09
C THR B 136 12.98 -14.49 5.65
N GLU B 137 13.83 -13.43 5.49
CA GLU B 137 15.23 -13.41 6.10
C GLU B 137 15.07 -13.79 7.61
N VAL B 138 13.99 -13.19 8.24
CA VAL B 138 13.64 -13.54 9.69
C VAL B 138 13.32 -15.06 9.80
N ASP B 139 12.82 -15.68 8.72
CA ASP B 139 12.52 -17.18 8.75
C ASP B 139 13.85 -17.99 8.95
N GLU B 140 14.99 -17.50 8.36
CA GLU B 140 16.32 -18.16 8.49
C GLU B 140 16.73 -18.13 9.99
N LEU B 141 16.30 -17.01 10.66
CA LEU B 141 16.51 -16.79 12.13
C LEU B 141 15.87 -17.99 12.92
N ARG B 142 14.57 -18.36 12.58
CA ARG B 142 13.85 -19.51 13.27
C ARG B 142 14.74 -20.78 13.20
N ASN B 143 15.57 -20.93 12.09
CA ASN B 143 16.47 -22.14 11.95
C ASN B 143 17.66 -22.10 12.97
N GLN B 144 18.27 -20.89 13.20
CA GLN B 144 19.44 -20.77 14.13
C GLN B 144 19.02 -21.14 15.60
N LEU B 145 17.93 -20.50 16.08
CA LEU B 145 17.34 -20.71 17.46
C LEU B 145 17.10 -22.22 17.77
N LYS B 146 16.45 -22.87 16.83
CA LYS B 146 16.08 -24.32 16.91
C LYS B 146 17.29 -25.22 17.32
N ARG B 147 18.44 -25.07 16.59
CA ARG B 147 19.63 -25.91 16.83
C ARG B 147 20.35 -25.57 18.19
N LEU B 148 20.52 -24.26 18.65
CA LEU B 148 21.12 -23.99 20.05
C LEU B 148 20.13 -24.49 21.18
N ARG B 149 18.78 -24.50 20.92
CA ARG B 149 17.77 -24.91 21.98
C ARG B 149 17.85 -26.43 22.35
N ASP B 150 18.14 -27.35 21.39
CA ASP B 150 18.16 -28.85 21.71
C ASP B 150 19.34 -29.30 22.72
N PRO B 151 20.67 -28.97 22.53
CA PRO B 151 21.80 -29.41 23.50
C PRO B 151 21.51 -29.30 25.05
N LEU B 152 21.21 -28.06 25.57
CA LEU B 152 20.96 -27.84 27.03
C LEU B 152 19.59 -28.51 27.41
N GLU B 153 18.50 -27.76 27.18
CA GLU B 153 17.09 -28.20 27.41
C GLU B 153 16.18 -27.42 26.41
N MET C 1 49.24 8.40 21.07
CA MET C 1 47.82 8.74 21.40
C MET C 1 47.36 9.95 20.54
N ALA C 2 48.31 10.56 19.78
CA ALA C 2 48.04 11.74 18.88
C ALA C 2 47.07 11.34 17.72
N ALA C 3 47.23 10.10 17.21
CA ALA C 3 46.41 9.53 16.11
C ALA C 3 44.95 9.29 16.59
N LEU C 4 44.08 8.82 15.65
CA LEU C 4 42.64 8.52 15.91
C LEU C 4 42.10 7.67 14.72
N SER C 5 42.09 6.32 14.87
CA SER C 5 41.62 5.36 13.83
C SER C 5 40.11 5.54 13.53
N VAL C 6 39.63 4.78 12.50
CA VAL C 6 38.21 4.76 12.08
C VAL C 6 37.45 3.86 13.10
N ASP C 7 37.49 4.33 14.37
CA ASP C 7 36.89 3.65 15.55
C ASP C 7 37.36 2.18 15.69
N GLU C 8 38.67 1.94 15.41
CA GLU C 8 39.32 0.59 15.47
C GLU C 8 40.89 0.75 15.44
N TYR C 9 41.48 1.12 16.63
CA TYR C 9 42.99 1.28 16.80
C TYR C 9 43.59 -0.05 17.36
N LYS C 10 42.69 -1.01 17.73
CA LYS C 10 43.08 -2.34 18.28
C LYS C 10 41.92 -3.34 18.06
N LEU C 11 42.11 -4.59 18.55
CA LEU C 11 41.13 -5.71 18.43
C LEU C 11 39.83 -5.43 19.26
N SER C 12 40.00 -4.84 20.48
CA SER C 12 38.88 -4.52 21.41
C SER C 12 38.19 -3.19 20.97
N ARG C 13 38.53 -2.03 21.61
CA ARG C 13 37.97 -0.69 21.27
C ARG C 13 36.41 -0.67 21.42
N GLU C 14 35.91 -1.45 22.41
CA GLU C 14 34.45 -1.58 22.71
C GLU C 14 33.69 -2.13 21.45
N LYS C 15 33.73 -3.47 21.28
CA LYS C 15 33.13 -4.22 20.13
C LYS C 15 31.60 -3.98 20.03
N LYS C 16 30.91 -3.93 21.22
CA LYS C 16 29.44 -3.73 21.30
C LYS C 16 29.02 -2.36 20.65
N LEU C 17 29.86 -1.31 20.91
CA LEU C 17 29.66 0.07 20.37
C LEU C 17 29.70 0.04 18.79
N LEU C 18 30.64 -0.76 18.22
CA LEU C 18 30.82 -0.87 16.72
C LEU C 18 29.50 -1.42 16.05
N LEU C 19 28.88 -2.46 16.68
CA LEU C 19 27.57 -3.06 16.22
C LEU C 19 26.42 -1.99 16.27
N GLN C 20 26.40 -1.11 17.35
CA GLN C 20 25.36 -0.03 17.49
C GLN C 20 25.46 0.94 16.26
N LEU C 21 26.72 1.27 15.83
CA LEU C 21 26.97 2.11 14.63
C LEU C 21 26.42 1.42 13.33
N GLU C 22 26.53 0.03 13.20
CA GLU C 22 26.06 -0.68 11.95
C GLU C 22 24.54 -0.45 11.75
N ASN C 23 23.79 -0.51 12.88
CA ASN C 23 22.32 -0.28 12.90
C ASN C 23 21.99 1.17 12.42
N ALA C 24 22.82 2.16 12.91
CA ALA C 24 22.66 3.61 12.55
C ALA C 24 22.82 3.82 11.01
N GLU C 25 23.80 3.10 10.39
CA GLU C 25 24.07 3.17 8.91
C GLU C 25 22.81 2.72 8.11
N THR C 26 22.09 1.63 8.59
CA THR C 26 20.85 1.16 7.85
C THR C 26 19.75 2.28 7.84
N LEU C 27 19.57 2.95 9.03
CA LEU C 27 18.60 4.10 9.19
C LEU C 27 18.98 5.35 8.32
N LEU C 28 20.31 5.67 8.30
CA LEU C 28 20.93 6.89 7.65
C LEU C 28 19.95 8.10 7.52
N ALA C 29 19.46 8.58 8.71
CA ALA C 29 18.55 9.75 8.84
C ALA C 29 19.45 11.00 8.57
N PRO C 30 20.54 11.24 9.36
CA PRO C 30 21.59 12.32 9.06
C PRO C 30 21.79 12.70 7.54
N LEU C 31 22.33 11.74 6.73
CA LEU C 31 22.56 11.90 5.26
C LEU C 31 21.21 12.17 4.53
N HIS C 32 20.09 11.46 4.96
CA HIS C 32 18.73 11.64 4.29
C HIS C 32 18.30 13.15 4.43
N ASP C 33 18.59 13.80 5.60
CA ASP C 33 18.27 15.26 5.82
C ASP C 33 19.03 16.15 4.75
N ALA C 34 20.31 15.81 4.38
CA ALA C 34 21.08 16.58 3.34
C ALA C 34 20.32 16.54 1.98
N LYS C 35 19.73 15.35 1.64
CA LYS C 35 18.91 15.13 0.39
C LYS C 35 17.64 16.07 0.41
N ARG C 36 17.06 16.25 1.63
CA ARG C 36 15.85 17.12 1.90
C ARG C 36 16.14 18.60 1.46
N LYS C 37 17.42 19.03 1.64
CA LYS C 37 17.88 20.44 1.37
C LYS C 37 17.55 20.87 -0.11
N ILE C 38 17.65 19.92 -1.08
CA ILE C 38 17.35 20.15 -2.56
C ILE C 38 16.10 21.09 -2.85
N GLU C 39 15.23 21.34 -1.81
CA GLU C 39 13.98 22.20 -1.85
C GLU C 39 13.87 23.23 -3.05
N GLN C 40 15.01 23.89 -3.42
CA GLN C 40 15.06 24.91 -4.52
C GLN C 40 14.63 24.31 -5.91
N GLU C 41 15.57 23.58 -6.60
CA GLU C 41 15.34 22.95 -7.94
C GLU C 41 14.38 21.75 -7.86
N ALA C 42 13.86 21.45 -6.63
CA ALA C 42 12.96 20.27 -6.33
C ALA C 42 11.75 20.09 -7.29
N GLU C 43 11.59 20.96 -8.33
CA GLU C 43 10.51 20.85 -9.36
C GLU C 43 10.53 19.45 -10.09
N ALA C 44 11.51 18.57 -9.70
CA ALA C 44 11.71 17.20 -10.23
C ALA C 44 10.38 16.36 -10.28
N HIS C 45 9.33 16.83 -9.53
CA HIS C 45 7.97 16.21 -9.47
C HIS C 45 7.03 16.99 -10.41
N THR C 46 7.07 18.34 -10.27
CA THR C 46 6.24 19.29 -11.07
C THR C 46 6.50 19.11 -12.60
N ASP C 47 7.77 18.74 -12.93
CA ASP C 47 8.23 18.52 -14.33
C ASP C 47 7.56 17.26 -14.96
N ARG C 48 7.10 16.31 -14.10
CA ARG C 48 6.45 15.02 -14.53
C ARG C 48 4.94 15.22 -14.72
N VAL C 49 4.32 16.14 -13.92
CA VAL C 49 2.87 16.47 -14.01
C VAL C 49 2.68 17.46 -15.19
N ALA C 50 3.82 18.11 -15.59
CA ALA C 50 3.88 19.08 -16.72
C ALA C 50 3.75 18.32 -18.07
N TRP C 51 3.87 16.94 -18.07
CA TRP C 51 3.72 16.11 -19.32
C TRP C 51 2.37 16.47 -20.01
N ALA C 52 1.41 16.78 -19.11
CA ALA C 52 0.02 17.15 -19.46
C ALA C 52 -0.12 18.68 -19.74
N GLY C 53 0.89 19.51 -19.34
CA GLY C 53 0.86 20.99 -19.55
C GLY C 53 0.78 21.36 -21.04
N PHE C 54 1.31 20.47 -21.91
CA PHE C 54 1.33 20.65 -23.39
C PHE C 54 -0.09 20.38 -23.99
N ALA C 55 -0.89 19.51 -23.31
CA ALA C 55 -2.27 19.10 -23.76
C ALA C 55 -3.23 20.33 -23.85
N ALA C 56 -3.23 21.17 -22.79
CA ALA C 56 -4.11 22.38 -22.66
C ALA C 56 -3.61 23.55 -23.56
N SER C 57 -2.29 23.59 -23.85
CA SER C 57 -1.65 24.68 -24.65
C SER C 57 -2.07 24.64 -26.16
N GLY C 58 -2.42 23.43 -26.65
CA GLY C 58 -2.80 23.21 -28.09
C GLY C 58 -4.10 23.91 -28.54
N VAL C 59 -5.03 24.18 -27.58
CA VAL C 59 -6.39 24.79 -27.90
C VAL C 59 -6.31 26.28 -28.32
N GLN C 60 -5.24 27.02 -27.90
CA GLN C 60 -5.09 28.49 -28.22
C GLN C 60 -5.43 28.80 -29.71
N THR C 61 -5.04 27.85 -30.61
CA THR C 61 -5.31 27.92 -32.07
C THR C 61 -6.80 27.56 -32.36
N GLY C 62 -7.32 26.64 -31.52
CA GLY C 62 -8.70 26.11 -31.60
C GLY C 62 -9.80 27.17 -31.34
N LEU C 63 -9.50 28.18 -30.49
CA LEU C 63 -10.47 29.30 -30.14
C LEU C 63 -10.91 30.09 -31.42
N PHE C 64 -9.96 30.29 -32.36
CA PHE C 64 -10.21 31.00 -33.67
C PHE C 64 -11.37 30.26 -34.41
N ALA C 65 -11.41 28.91 -34.26
CA ALA C 65 -12.46 28.05 -34.90
C ALA C 65 -13.92 28.46 -34.43
N ARG C 66 -14.15 28.84 -33.10
CA ARG C 66 -15.54 29.26 -32.63
C ARG C 66 -15.99 30.48 -33.43
N LEU C 67 -15.01 31.44 -33.64
CA LEU C 67 -15.32 32.70 -34.41
C LEU C 67 -15.78 32.36 -35.89
N THR C 68 -15.07 31.38 -36.53
CA THR C 68 -15.35 30.91 -37.93
C THR C 68 -16.77 30.26 -38.15
N TRP C 69 -17.24 29.44 -37.16
CA TRP C 69 -18.51 28.65 -37.26
C TRP C 69 -19.80 29.52 -37.19
N TRP C 70 -19.67 30.86 -37.20
CA TRP C 70 -20.85 31.80 -37.05
C TRP C 70 -21.88 31.73 -38.25
N GLU C 71 -22.08 30.53 -38.92
CA GLU C 71 -23.08 30.34 -40.03
C GLU C 71 -23.69 28.90 -39.97
N TYR C 72 -22.83 27.88 -39.72
CA TYR C 72 -23.22 26.46 -39.66
C TYR C 72 -24.25 26.15 -38.53
N SER C 73 -23.95 26.62 -37.29
CA SER C 73 -24.81 26.41 -36.07
C SER C 73 -24.32 27.33 -34.90
N TRP C 74 -23.00 27.24 -34.62
CA TRP C 74 -22.24 28.01 -33.56
C TRP C 74 -21.97 27.14 -32.29
N ASP C 75 -23.04 26.51 -31.76
CA ASP C 75 -23.03 25.62 -30.58
C ASP C 75 -21.94 24.49 -30.76
N ILE C 76 -20.76 24.73 -30.18
CA ILE C 76 -19.56 23.85 -30.27
C ILE C 76 -18.72 24.19 -29.00
N VAL C 77 -19.32 24.91 -27.98
CA VAL C 77 -18.59 25.31 -26.73
C VAL C 77 -17.95 24.10 -25.99
N GLU C 78 -17.33 24.41 -24.83
CA GLU C 78 -16.64 23.43 -23.91
C GLU C 78 -15.15 22.97 -24.30
N PRO C 79 -14.48 23.23 -25.48
CA PRO C 79 -13.09 22.58 -25.72
C PRO C 79 -11.92 22.88 -24.74
N VAL C 80 -11.69 24.15 -24.31
CA VAL C 80 -10.54 24.47 -23.38
C VAL C 80 -10.66 23.76 -21.99
N THR C 81 -11.87 23.77 -21.34
CA THR C 81 -12.06 23.07 -20.04
C THR C 81 -11.88 21.51 -20.13
N TYR C 82 -12.44 20.83 -21.24
CA TYR C 82 -12.38 19.32 -21.30
C TYR C 82 -10.91 18.81 -21.33
N PHE C 83 -9.98 19.45 -22.12
CA PHE C 83 -8.52 19.07 -22.09
C PHE C 83 -7.92 19.35 -20.67
N ALA C 84 -8.32 20.49 -20.01
CA ALA C 84 -7.82 20.83 -18.63
C ALA C 84 -8.22 19.69 -17.63
N THR C 85 -9.48 19.18 -17.79
CA THR C 85 -10.05 18.05 -16.98
C THR C 85 -9.18 16.74 -17.18
N TYR C 86 -8.74 16.53 -18.46
CA TYR C 86 -7.88 15.35 -18.85
C TYR C 86 -6.55 15.42 -18.01
N SER C 87 -6.04 16.67 -17.86
CA SER C 87 -4.81 16.94 -17.06
C SER C 87 -4.98 16.55 -15.56
N THR C 88 -6.19 16.80 -14.94
CA THR C 88 -6.41 16.44 -13.48
C THR C 88 -6.23 14.89 -13.26
N VAL C 89 -6.77 14.01 -14.18
CA VAL C 89 -6.52 12.50 -14.08
C VAL C 89 -4.98 12.28 -14.15
N ALA C 90 -4.23 13.11 -14.94
CA ALA C 90 -2.72 13.00 -15.00
C ALA C 90 -2.16 13.16 -13.54
N ALA C 91 -2.82 14.07 -12.72
CA ALA C 91 -2.44 14.30 -11.27
C ALA C 91 -2.58 12.96 -10.48
N THR C 92 -3.67 12.20 -10.81
CA THR C 92 -4.00 10.88 -10.19
C THR C 92 -2.85 9.84 -10.43
N PHE C 93 -2.20 9.84 -11.64
CA PHE C 93 -1.08 8.86 -11.96
C PHE C 93 0.09 9.00 -10.92
N GLY C 94 0.34 10.26 -10.51
CA GLY C 94 1.42 10.66 -9.56
C GLY C 94 1.69 9.72 -8.33
N TYR C 95 0.68 8.94 -7.87
CA TYR C 95 0.84 8.01 -6.67
C TYR C 95 1.90 6.87 -6.93
N TYR C 96 2.12 6.62 -8.22
CA TYR C 96 3.01 5.57 -8.78
C TYR C 96 4.46 6.10 -8.76
N LEU C 97 4.64 7.22 -9.48
CA LEU C 97 5.93 7.96 -9.65
C LEU C 97 6.51 8.55 -8.30
N TYR C 98 5.68 8.68 -7.23
CA TYR C 98 6.07 9.48 -5.98
C TYR C 98 7.53 9.31 -5.43
N THR C 99 7.92 8.11 -4.88
CA THR C 99 9.33 7.88 -4.40
C THR C 99 10.31 7.72 -5.59
N GLN C 100 9.88 6.91 -6.61
CA GLN C 100 10.69 6.60 -7.84
C GLN C 100 11.30 7.88 -8.51
N GLN C 101 10.61 9.04 -8.32
CA GLN C 101 11.02 10.36 -8.90
C GLN C 101 12.52 10.65 -8.65
N SER C 102 13.04 10.11 -7.53
CA SER C 102 14.45 10.26 -7.10
C SER C 102 15.46 9.61 -8.10
N PHE C 103 15.07 8.52 -8.82
CA PHE C 103 15.97 7.79 -9.77
C PHE C 103 16.29 8.61 -11.08
N GLU C 104 15.29 9.38 -11.58
CA GLU C 104 15.41 10.11 -12.90
C GLU C 104 16.41 11.33 -12.93
N TYR C 105 16.30 12.29 -11.96
CA TYR C 105 17.15 13.56 -11.96
C TYR C 105 18.70 13.38 -11.66
N PRO C 106 19.17 12.58 -10.65
CA PRO C 106 20.68 12.50 -10.29
C PRO C 106 21.48 11.83 -11.44
N SER C 107 21.87 12.69 -12.40
CA SER C 107 22.63 12.36 -13.62
C SER C 107 21.83 11.43 -14.55
N ALA C 108 21.82 10.09 -14.25
CA ALA C 108 21.11 9.05 -15.08
C ALA C 108 21.56 9.17 -16.58
N ARG C 109 22.80 9.68 -16.74
CA ARG C 109 23.46 9.93 -18.04
C ARG C 109 25.00 10.01 -17.77
N GLU C 110 25.66 8.82 -17.71
CA GLU C 110 27.12 8.67 -17.41
C GLU C 110 28.03 9.59 -18.29
N ARG C 111 29.36 9.52 -17.99
CA ARG C 111 30.42 10.31 -18.67
C ARG C 111 30.16 11.84 -18.54
N VAL C 112 30.52 12.42 -17.36
CA VAL C 112 30.35 13.86 -16.99
C VAL C 112 31.71 14.44 -16.53
N TYR C 113 32.81 13.87 -17.06
CA TYR C 113 34.22 14.27 -16.76
C TYR C 113 34.53 14.15 -15.22
N THR C 114 34.64 15.30 -14.50
CA THR C 114 34.95 15.33 -13.03
C THR C 114 34.51 16.72 -12.46
N LYS C 115 33.39 16.75 -11.69
CA LYS C 115 32.82 17.97 -11.05
C LYS C 115 31.77 17.49 -10.01
N GLN C 116 32.16 17.39 -8.71
CA GLN C 116 31.30 16.91 -7.59
C GLN C 116 30.87 15.44 -7.87
N PHE C 117 31.90 14.60 -8.19
CA PHE C 117 31.73 13.15 -8.55
C PHE C 117 31.06 12.31 -7.43
N TYR C 118 30.83 12.93 -6.24
CA TYR C 118 30.18 12.26 -5.07
C TYR C 118 28.68 11.93 -5.40
N ARG C 119 27.86 13.01 -5.59
CA ARG C 119 26.40 12.92 -5.88
C ARG C 119 25.65 12.10 -4.78
N ARG C 120 25.63 10.75 -4.94
CA ARG C 120 24.97 9.76 -4.02
C ARG C 120 23.51 10.15 -3.60
N ALA C 121 22.92 11.19 -4.25
CA ALA C 121 21.54 11.67 -4.00
C ALA C 121 20.54 10.76 -4.75
N GLN C 122 19.83 9.85 -4.03
CA GLN C 122 18.84 8.89 -4.64
C GLN C 122 17.95 8.29 -3.51
N LYS C 123 16.89 9.03 -3.08
CA LYS C 123 15.93 8.57 -2.02
C LYS C 123 14.63 9.45 -2.01
N GLN C 124 14.69 10.63 -1.29
CA GLN C 124 13.52 11.53 -1.03
C GLN C 124 12.55 10.70 -0.13
N ASN C 125 11.73 9.83 -0.78
CA ASN C 125 10.83 8.85 -0.10
C ASN C 125 9.91 9.46 1.01
N PHE C 126 8.97 8.62 1.50
CA PHE C 126 8.03 8.91 2.57
C PHE C 126 7.49 7.56 3.11
N ASP C 127 7.78 6.40 2.38
CA ASP C 127 7.27 5.05 2.78
C ASP C 127 8.03 3.82 2.12
N ILE C 128 8.47 3.85 0.80
CA ILE C 128 9.12 2.62 0.16
C ILE C 128 10.54 2.30 0.81
N GLU C 129 11.51 3.29 0.90
CA GLU C 129 12.88 3.03 1.50
C GLU C 129 12.77 2.73 3.01
N LYS C 130 11.88 3.46 3.70
CA LYS C 130 11.67 3.35 5.17
C LYS C 130 11.24 1.90 5.62
N TYR C 131 10.24 1.26 4.95
CA TYR C 131 9.77 -0.10 5.31
C TYR C 131 10.82 -1.22 5.01
N ASN C 132 11.37 -1.28 3.75
CA ASN C 132 12.31 -2.41 3.39
C ASN C 132 13.67 -2.32 4.10
N ARG C 133 14.27 -1.15 4.00
CA ARG C 133 15.65 -0.88 4.57
C ARG C 133 15.71 -1.12 6.13
N LEU C 134 14.74 -0.53 6.88
CA LEU C 134 14.66 -0.67 8.38
C LEU C 134 14.52 -2.22 8.73
N VAL C 135 13.59 -2.97 8.01
CA VAL C 135 13.51 -4.48 8.17
C VAL C 135 14.99 -5.06 7.98
N THR C 136 15.85 -4.52 7.04
CA THR C 136 17.23 -5.08 6.82
C THR C 136 18.05 -5.08 8.14
N GLU C 137 17.75 -4.10 9.06
CA GLU C 137 18.41 -4.07 10.43
C GLU C 137 18.16 -5.47 11.09
N VAL C 138 16.96 -6.07 10.74
CA VAL C 138 16.62 -7.48 11.23
C VAL C 138 17.75 -8.45 10.74
N ASP C 139 18.20 -8.26 9.48
CA ASP C 139 19.31 -9.14 8.89
C ASP C 139 20.58 -9.13 9.81
N GLU C 140 20.77 -7.97 10.53
CA GLU C 140 21.93 -7.77 11.46
C GLU C 140 21.82 -8.78 12.67
N LEU C 141 20.58 -8.96 13.28
CA LEU C 141 20.41 -9.99 14.41
C LEU C 141 20.70 -11.43 13.86
N ARG C 142 20.38 -11.70 12.54
CA ARG C 142 20.66 -13.07 11.91
C ARG C 142 22.19 -13.37 12.02
N ASN C 143 23.10 -12.31 11.97
CA ASN C 143 24.57 -12.57 12.12
C ASN C 143 24.92 -12.97 13.61
N GLN C 144 24.29 -12.27 14.59
CA GLN C 144 24.57 -12.53 16.05
C GLN C 144 24.16 -13.97 16.53
N LEU C 145 22.90 -14.39 16.22
CA LEU C 145 22.36 -15.73 16.63
C LEU C 145 23.13 -16.89 15.93
N LYS C 146 23.64 -16.63 14.68
CA LYS C 146 24.46 -17.64 13.93
C LYS C 146 25.69 -18.12 14.77
N ARG C 147 26.54 -17.14 15.36
CA ARG C 147 27.73 -17.61 16.13
C ARG C 147 27.23 -18.40 17.36
N LEU C 148 26.16 -17.90 18.09
CA LEU C 148 25.57 -18.64 19.28
C LEU C 148 25.26 -20.14 18.97
N ARG C 149 24.95 -20.51 17.70
CA ARG C 149 24.68 -21.94 17.33
C ARG C 149 26.02 -22.76 17.43
N ASP C 150 27.18 -22.12 17.05
CA ASP C 150 28.53 -22.85 17.06
C ASP C 150 29.00 -23.41 18.51
N PRO C 151 29.04 -22.64 19.67
CA PRO C 151 29.42 -23.22 21.06
C PRO C 151 28.21 -23.96 21.67
N LEU C 152 28.28 -24.19 23.01
CA LEU C 152 27.30 -24.85 23.88
C LEU C 152 27.84 -26.26 24.17
N GLU C 153 27.85 -27.01 23.09
CA GLU C 153 28.33 -28.43 23.02
C GLU C 153 29.85 -28.53 23.29
N MET D 1 -8.13 -14.85 42.21
CA MET D 1 -7.50 -14.48 43.51
C MET D 1 -6.09 -13.89 43.24
N ALA D 2 -5.81 -13.52 41.95
CA ALA D 2 -4.52 -12.93 41.51
C ALA D 2 -4.68 -12.36 40.08
N ALA D 3 -3.60 -11.71 39.58
CA ALA D 3 -3.55 -11.09 38.22
C ALA D 3 -2.08 -10.73 37.86
N LEU D 4 -1.24 -10.46 38.91
CA LEU D 4 0.21 -10.11 38.74
C LEU D 4 0.97 -11.43 38.37
N SER D 5 2.33 -11.43 38.44
CA SER D 5 3.19 -12.61 38.12
C SER D 5 2.80 -13.85 39.00
N VAL D 6 3.29 -13.90 40.26
CA VAL D 6 3.02 -14.99 41.25
C VAL D 6 3.49 -14.53 42.65
N ASP D 7 4.61 -13.74 42.67
CA ASP D 7 5.24 -13.20 43.91
C ASP D 7 5.96 -11.87 43.54
N GLU D 8 5.29 -11.06 42.68
CA GLU D 8 5.78 -9.75 42.17
C GLU D 8 7.16 -9.90 41.43
N TYR D 9 8.29 -9.84 42.19
CA TYR D 9 9.67 -9.97 41.64
C TYR D 9 10.69 -10.12 42.81
N LYS D 10 11.96 -10.42 42.45
CA LYS D 10 13.09 -10.59 43.41
C LYS D 10 14.42 -10.59 42.60
N LEU D 11 14.69 -11.72 41.89
CA LEU D 11 15.90 -11.89 41.02
C LEU D 11 15.70 -11.06 39.71
N SER D 12 15.68 -9.70 39.90
CA SER D 12 15.47 -8.70 38.82
C SER D 12 15.62 -7.33 39.53
N ARG D 13 16.76 -6.65 39.28
CA ARG D 13 17.09 -5.34 39.89
C ARG D 13 16.34 -4.22 39.14
N GLU D 14 15.01 -4.45 39.00
CA GLU D 14 14.00 -3.56 38.36
C GLU D 14 14.38 -2.99 36.96
N LYS D 15 15.53 -3.43 36.40
CA LYS D 15 16.03 -2.99 35.05
C LYS D 15 15.05 -3.39 33.88
N LYS D 16 14.46 -4.62 33.97
CA LYS D 16 13.60 -5.19 32.89
C LYS D 16 12.34 -4.33 32.56
N LEU D 17 11.64 -3.76 33.59
CA LEU D 17 10.41 -2.91 33.35
C LEU D 17 10.74 -1.65 32.51
N LEU D 18 11.93 -1.02 32.80
CA LEU D 18 12.38 0.24 32.11
C LEU D 18 12.56 -0.01 30.60
N LEU D 19 13.19 -1.17 30.28
CA LEU D 19 13.35 -1.61 28.87
C LEU D 19 11.92 -1.90 28.23
N GLN D 20 10.99 -2.56 29.02
CA GLN D 20 9.57 -2.86 28.57
C GLN D 20 8.85 -1.52 28.27
N LEU D 21 9.14 -0.50 29.11
CA LEU D 21 8.62 0.88 28.95
C LEU D 21 9.10 1.42 27.57
N GLU D 22 10.37 1.05 27.11
CA GLU D 22 10.91 1.54 25.80
C GLU D 22 9.95 1.08 24.64
N ASN D 23 9.43 -0.19 24.74
CA ASN D 23 8.43 -0.71 23.72
C ASN D 23 7.14 0.18 23.71
N ALA D 24 6.66 0.58 24.94
CA ALA D 24 5.39 1.38 25.05
C ALA D 24 5.46 2.76 24.30
N GLU D 25 6.62 3.53 24.42
CA GLU D 25 6.79 4.83 23.65
C GLU D 25 6.76 4.56 22.11
N THR D 26 7.40 3.42 21.67
CA THR D 26 7.48 3.03 20.21
C THR D 26 6.06 2.86 19.57
N LEU D 27 5.08 2.29 20.33
CA LEU D 27 3.65 2.11 19.85
C LEU D 27 3.06 3.52 19.48
N LEU D 28 3.40 4.52 20.32
CA LEU D 28 2.95 5.94 20.18
C LEU D 28 1.42 6.08 20.31
N ALA D 29 0.71 5.05 20.89
CA ALA D 29 -0.78 5.12 21.11
C ALA D 29 -0.96 6.25 22.17
N PRO D 30 -0.38 6.13 23.40
CA PRO D 30 -0.30 7.27 24.42
C PRO D 30 -0.18 8.72 23.81
N LEU D 31 0.96 8.99 23.12
CA LEU D 31 1.27 10.28 22.48
C LEU D 31 0.23 10.62 21.37
N HIS D 32 -0.20 9.57 20.58
CA HIS D 32 -1.15 9.79 19.41
C HIS D 32 -2.49 10.41 19.87
N ASP D 33 -3.06 9.98 21.06
CA ASP D 33 -4.36 10.56 21.57
C ASP D 33 -4.21 12.11 21.82
N ALA D 34 -3.04 12.56 22.36
CA ALA D 34 -2.77 14.02 22.59
C ALA D 34 -2.80 14.80 21.23
N LYS D 35 -2.20 14.19 20.15
CA LYS D 35 -2.22 14.78 18.76
C LYS D 35 -3.70 14.89 18.23
N ARG D 36 -4.52 13.86 18.55
CA ARG D 36 -5.97 13.74 18.14
C ARG D 36 -6.80 14.96 18.63
N LYS D 37 -6.48 15.46 19.85
CA LYS D 37 -7.22 16.59 20.53
C LYS D 37 -7.30 17.87 19.62
N ILE D 38 -6.21 18.19 18.87
CA ILE D 38 -6.12 19.40 17.96
C ILE D 38 -7.30 19.49 16.91
N GLU D 39 -8.27 18.52 16.93
CA GLU D 39 -9.42 18.42 15.96
C GLU D 39 -10.06 19.80 15.54
N GLN D 40 -9.96 20.81 16.45
CA GLN D 40 -10.52 22.19 16.21
C GLN D 40 -9.64 22.95 15.16
N GLU D 41 -8.42 23.36 15.60
CA GLU D 41 -7.43 24.11 14.76
C GLU D 41 -6.89 23.26 13.58
N ALA D 42 -7.36 21.99 13.46
CA ALA D 42 -6.95 21.03 12.38
C ALA D 42 -7.30 21.54 10.95
N GLU D 43 -7.91 22.76 10.85
CA GLU D 43 -8.31 23.38 9.54
C GLU D 43 -7.16 23.38 8.48
N ALA D 44 -5.91 23.09 8.94
CA ALA D 44 -4.69 23.01 8.08
C ALA D 44 -4.87 22.04 6.87
N HIS D 45 -5.88 21.13 6.97
CA HIS D 45 -6.23 20.12 5.93
C HIS D 45 -7.37 20.68 5.03
N THR D 46 -8.42 21.24 5.69
CA THR D 46 -9.63 21.80 5.02
C THR D 46 -9.27 22.96 4.04
N ASP D 47 -8.23 23.75 4.42
CA ASP D 47 -7.76 24.93 3.63
C ASP D 47 -6.80 24.52 2.47
N ARG D 48 -6.34 23.23 2.46
CA ARG D 48 -5.39 22.68 1.42
C ARG D 48 -6.15 22.08 0.22
N VAL D 49 -7.34 21.49 0.49
CA VAL D 49 -8.21 20.88 -0.55
C VAL D 49 -9.09 22.01 -1.13
N ALA D 50 -9.03 23.20 -0.44
CA ALA D 50 -9.75 24.43 -0.84
C ALA D 50 -9.07 25.04 -2.09
N TRP D 51 -7.86 24.49 -2.49
CA TRP D 51 -7.12 24.95 -3.73
C TRP D 51 -8.11 24.95 -4.95
N ALA D 52 -9.06 24.02 -4.84
CA ALA D 52 -10.14 23.74 -5.81
C ALA D 52 -11.19 24.89 -5.87
N GLY D 53 -11.28 25.70 -4.79
CA GLY D 53 -12.25 26.84 -4.66
C GLY D 53 -12.10 27.95 -5.73
N PHE D 54 -10.83 28.23 -6.15
CA PHE D 54 -10.52 29.29 -7.16
C PHE D 54 -11.08 28.93 -8.56
N ALA D 55 -11.21 27.61 -8.85
CA ALA D 55 -11.72 27.10 -10.16
C ALA D 55 -13.26 27.33 -10.29
N ALA D 56 -13.99 27.07 -9.18
CA ALA D 56 -15.48 27.21 -9.08
C ALA D 56 -15.90 28.70 -8.97
N SER D 57 -14.99 29.58 -8.48
CA SER D 57 -15.28 31.02 -8.25
C SER D 57 -15.41 31.83 -9.57
N GLY D 58 -14.66 31.41 -10.62
CA GLY D 58 -14.60 32.10 -11.93
C GLY D 58 -15.82 31.93 -12.87
N VAL D 59 -16.54 30.77 -12.79
CA VAL D 59 -17.68 30.44 -13.74
C VAL D 59 -18.93 31.34 -13.61
N GLN D 60 -19.16 32.00 -12.43
CA GLN D 60 -20.36 32.88 -12.22
C GLN D 60 -20.41 33.96 -13.35
N THR D 61 -19.19 34.32 -13.84
CA THR D 61 -19.00 35.28 -14.98
C THR D 61 -19.36 34.55 -16.31
N GLY D 62 -19.24 33.21 -16.28
CA GLY D 62 -19.56 32.30 -17.40
C GLY D 62 -21.10 32.16 -17.50
N LEU D 63 -21.78 32.04 -16.33
CA LEU D 63 -23.31 31.94 -16.26
C LEU D 63 -23.97 33.21 -16.88
N PHE D 64 -23.34 34.37 -16.59
CA PHE D 64 -23.80 35.71 -17.06
C PHE D 64 -23.84 35.72 -18.60
N ALA D 65 -22.84 35.06 -19.25
CA ALA D 65 -22.73 35.00 -20.73
C ALA D 65 -24.00 34.36 -21.38
N ARG D 66 -24.59 33.24 -20.78
CA ARG D 66 -25.85 32.62 -21.37
C ARG D 66 -26.99 33.66 -21.35
N LEU D 67 -27.11 34.41 -20.20
CA LEU D 67 -28.13 35.49 -20.02
C LEU D 67 -27.93 36.72 -20.99
N THR D 68 -26.63 37.13 -21.18
CA THR D 68 -26.24 38.34 -21.98
C THR D 68 -26.62 38.30 -23.48
N TRP D 69 -26.47 37.12 -24.15
CA TRP D 69 -26.70 36.96 -25.63
C TRP D 69 -27.64 35.80 -25.95
N TRP D 70 -28.70 35.69 -25.13
CA TRP D 70 -29.74 34.63 -25.19
C TRP D 70 -30.19 34.18 -26.65
N GLU D 71 -29.96 35.04 -27.70
CA GLU D 71 -30.36 34.73 -29.12
C GLU D 71 -29.28 33.88 -29.87
N TYR D 72 -28.11 33.65 -29.23
CA TYR D 72 -26.97 32.86 -29.79
C TYR D 72 -27.29 31.35 -29.66
N SER D 73 -28.41 31.02 -30.26
CA SER D 73 -29.03 29.65 -30.35
C SER D 73 -29.44 29.06 -28.95
N TRP D 74 -28.80 29.55 -27.87
CA TRP D 74 -29.06 29.16 -26.44
C TRP D 74 -28.43 27.80 -26.06
N ASP D 75 -28.54 26.80 -26.97
CA ASP D 75 -27.96 25.43 -26.80
C ASP D 75 -26.42 25.59 -26.54
N ILE D 76 -26.07 25.74 -25.26
CA ILE D 76 -24.69 26.05 -24.76
C ILE D 76 -24.66 25.59 -23.28
N VAL D 77 -25.78 24.94 -22.74
CA VAL D 77 -25.86 24.51 -21.31
C VAL D 77 -24.68 23.61 -20.87
N GLU D 78 -24.71 23.18 -19.58
CA GLU D 78 -23.64 22.36 -18.88
C GLU D 78 -22.47 23.21 -18.19
N PRO D 79 -22.19 24.55 -18.41
CA PRO D 79 -20.90 25.17 -17.83
C PRO D 79 -20.70 25.20 -16.29
N VAL D 80 -21.73 25.54 -15.47
CA VAL D 80 -21.53 25.58 -13.98
C VAL D 80 -21.12 24.20 -13.44
N THR D 81 -21.81 23.12 -13.93
CA THR D 81 -21.48 21.76 -13.54
C THR D 81 -20.03 21.30 -13.92
N TYR D 82 -19.50 21.62 -15.19
CA TYR D 82 -18.15 21.11 -15.58
C TYR D 82 -17.00 21.62 -14.66
N PHE D 83 -16.96 22.95 -14.27
CA PHE D 83 -15.92 23.45 -13.29
C PHE D 83 -16.13 22.78 -11.89
N ALA D 84 -17.40 22.58 -11.46
CA ALA D 84 -17.71 21.90 -10.15
C ALA D 84 -17.15 20.42 -10.17
N THR D 85 -17.34 19.70 -11.35
CA THR D 85 -16.85 18.31 -11.56
C THR D 85 -15.28 18.28 -11.44
N TYR D 86 -14.64 19.36 -11.96
CA TYR D 86 -13.15 19.55 -11.93
C TYR D 86 -12.73 19.52 -10.42
N SER D 87 -13.60 20.13 -9.57
CA SER D 87 -13.45 20.11 -8.08
C SER D 87 -13.53 18.62 -7.55
N THR D 88 -14.45 17.78 -8.13
CA THR D 88 -14.67 16.35 -7.64
C THR D 88 -13.37 15.46 -7.74
N VAL D 89 -12.62 15.57 -8.88
CA VAL D 89 -11.29 14.87 -9.07
C VAL D 89 -10.29 15.39 -7.99
N ALA D 90 -10.38 16.73 -7.68
CA ALA D 90 -9.50 17.38 -6.63
C ALA D 90 -9.69 16.61 -5.28
N ALA D 91 -10.98 16.17 -5.00
CA ALA D 91 -11.31 15.37 -3.77
C ALA D 91 -10.46 14.08 -3.78
N THR D 92 -10.28 13.49 -5.02
CA THR D 92 -9.50 12.23 -5.20
C THR D 92 -8.04 12.41 -4.71
N PHE D 93 -7.33 13.57 -4.97
CA PHE D 93 -5.88 13.71 -4.50
C PHE D 93 -5.75 13.49 -2.96
N GLY D 94 -6.73 13.96 -2.21
CA GLY D 94 -6.80 13.87 -0.73
C GLY D 94 -6.28 12.57 -0.03
N TYR D 95 -6.15 11.39 -0.74
CA TYR D 95 -5.60 10.11 -0.08
C TYR D 95 -4.06 10.22 0.07
N TYR D 96 -3.45 10.95 -0.88
CA TYR D 96 -1.97 11.10 -1.04
C TYR D 96 -1.34 11.81 0.18
N LEU D 97 -1.80 13.05 0.40
CA LEU D 97 -1.32 13.95 1.49
C LEU D 97 -1.92 13.66 2.93
N TYR D 98 -3.02 12.85 3.10
CA TYR D 98 -3.74 12.75 4.44
C TYR D 98 -2.84 12.49 5.70
N THR D 99 -2.17 11.29 5.81
CA THR D 99 -1.30 10.97 7.00
C THR D 99 0.03 11.81 6.99
N GLN D 100 0.58 12.05 5.76
CA GLN D 100 1.83 12.84 5.49
C GLN D 100 1.90 14.23 6.19
N GLN D 101 0.72 14.86 6.54
CA GLN D 101 0.67 16.26 7.12
C GLN D 101 1.74 16.46 8.25
N SER D 102 2.11 15.35 8.92
CA SER D 102 3.17 15.33 9.96
C SER D 102 4.53 15.87 9.35
N PHE D 103 4.89 15.33 8.16
CA PHE D 103 6.15 15.70 7.44
C PHE D 103 6.09 17.14 6.82
N GLU D 104 4.98 17.41 6.09
CA GLU D 104 4.77 18.68 5.30
C GLU D 104 4.53 19.98 6.15
N TYR D 105 3.57 19.95 7.12
CA TYR D 105 3.16 21.16 7.92
C TYR D 105 4.33 21.89 8.70
N PRO D 106 5.30 21.20 9.38
CA PRO D 106 6.43 21.92 10.15
C PRO D 106 7.34 22.76 9.19
N SER D 107 8.04 22.06 8.26
CA SER D 107 8.98 22.66 7.27
C SER D 107 10.08 23.52 7.97
N ALA D 108 10.85 24.30 7.17
CA ALA D 108 11.93 25.20 7.69
C ALA D 108 11.31 26.32 8.59
N ARG D 109 11.05 25.97 9.88
CA ARG D 109 10.43 26.88 10.88
C ARG D 109 10.88 26.46 12.31
N GLU D 110 11.13 25.13 12.50
CA GLU D 110 11.56 24.55 13.82
C GLU D 110 12.93 25.17 14.25
N ARG D 111 13.87 25.25 13.27
CA ARG D 111 15.24 25.85 13.44
C ARG D 111 16.04 25.17 14.61
N VAL D 112 17.37 25.42 14.69
CA VAL D 112 18.26 24.86 15.76
C VAL D 112 17.76 25.39 17.16
N TYR D 113 17.41 24.44 18.09
CA TYR D 113 16.89 24.75 19.46
C TYR D 113 15.54 25.55 19.39
N THR D 114 14.85 25.64 20.55
CA THR D 114 13.54 26.34 20.70
C THR D 114 12.43 25.71 19.77
N LYS D 115 11.91 24.52 20.20
CA LYS D 115 10.84 23.75 19.47
C LYS D 115 9.48 24.00 20.17
N GLN D 116 8.42 23.28 19.70
CA GLN D 116 7.03 23.35 20.26
C GLN D 116 6.98 22.50 21.57
N PHE D 117 7.94 22.79 22.48
CA PHE D 117 8.09 22.14 23.80
C PHE D 117 8.40 20.60 23.67
N TYR D 118 9.71 20.26 23.54
CA TYR D 118 10.23 18.85 23.45
C TYR D 118 9.64 18.05 22.22
N ARG D 119 8.45 17.40 22.39
CA ARG D 119 7.81 16.54 21.33
C ARG D 119 7.74 17.25 19.93
N ARG D 120 7.85 16.44 18.83
CA ARG D 120 7.82 16.94 17.42
C ARG D 120 6.41 17.50 17.07
N ALA D 121 5.70 16.88 16.07
CA ALA D 121 4.36 17.30 15.60
C ALA D 121 3.76 16.18 14.70
N GLN D 122 3.63 14.96 15.29
CA GLN D 122 3.08 13.75 14.59
C GLN D 122 1.54 13.88 14.38
N LYS D 123 1.13 14.89 13.56
CA LYS D 123 -0.31 15.15 13.22
C LYS D 123 -0.81 14.05 12.22
N GLN D 124 -2.02 13.48 12.46
CA GLN D 124 -2.63 12.42 11.59
C GLN D 124 -1.65 11.18 11.44
N ASN D 125 -1.77 10.13 12.32
CA ASN D 125 -0.88 8.92 12.33
C ASN D 125 -1.76 7.70 12.72
N PHE D 126 -2.09 6.81 11.72
CA PHE D 126 -2.96 5.60 11.93
C PHE D 126 -2.56 4.45 10.99
N ASP D 127 -1.44 4.57 10.21
CA ASP D 127 -1.01 3.50 9.24
C ASP D 127 0.50 3.60 8.83
N ILE D 128 1.02 4.77 8.26
CA ILE D 128 2.50 4.82 7.83
C ILE D 128 3.39 4.64 9.13
N GLU D 129 3.05 5.44 10.16
CA GLU D 129 3.76 5.50 11.48
C GLU D 129 3.80 4.12 12.22
N LYS D 130 2.62 3.45 12.26
CA LYS D 130 2.40 2.18 13.02
C LYS D 130 3.39 1.04 12.63
N TYR D 131 3.53 0.73 11.31
CA TYR D 131 4.40 -0.37 10.83
C TYR D 131 5.92 -0.08 10.95
N ASN D 132 6.42 1.11 10.48
CA ASN D 132 7.92 1.36 10.50
C ASN D 132 8.49 1.37 11.94
N ARG D 133 7.83 2.16 12.78
CA ARG D 133 8.23 2.34 14.22
C ARG D 133 8.28 0.97 15.00
N LEU D 134 7.23 0.10 14.85
CA LEU D 134 7.21 -1.25 15.55
C LEU D 134 8.50 -2.05 15.21
N VAL D 135 8.82 -2.15 13.88
CA VAL D 135 10.09 -2.79 13.43
C VAL D 135 11.33 -2.17 14.27
N THR D 136 11.34 -0.81 14.62
CA THR D 136 12.50 -0.23 15.43
C THR D 136 12.63 -0.97 16.78
N GLU D 137 11.46 -1.46 17.31
CA GLU D 137 11.46 -2.23 18.60
C GLU D 137 12.45 -3.43 18.47
N VAL D 138 12.47 -4.05 17.24
CA VAL D 138 13.41 -5.21 16.97
C VAL D 138 14.88 -4.73 17.10
N ASP D 139 15.11 -3.41 16.81
CA ASP D 139 16.50 -2.81 16.93
C ASP D 139 17.03 -2.95 18.39
N GLU D 140 16.08 -2.78 19.36
CA GLU D 140 16.39 -2.84 20.82
C GLU D 140 16.75 -4.30 21.20
N LEU D 141 16.04 -5.27 20.53
CA LEU D 141 16.30 -6.73 20.72
C LEU D 141 17.74 -7.06 20.24
N ARG D 142 18.13 -6.41 19.10
CA ARG D 142 19.49 -6.55 18.47
C ARG D 142 20.57 -6.22 19.57
N ASN D 143 20.22 -5.31 20.57
CA ASN D 143 21.20 -5.00 21.69
C ASN D 143 21.33 -6.20 22.71
N GLN D 144 20.15 -6.74 23.15
CA GLN D 144 20.11 -7.83 24.20
C GLN D 144 20.85 -9.17 23.79
N LEU D 145 20.56 -9.79 22.58
CA LEU D 145 21.28 -11.05 22.16
C LEU D 145 22.78 -10.78 21.92
N LYS D 146 23.15 -9.52 21.51
CA LYS D 146 24.60 -9.16 21.32
C LYS D 146 25.41 -9.54 22.61
N ARG D 147 24.87 -9.16 23.87
CA ARG D 147 25.63 -9.50 25.11
C ARG D 147 25.76 -11.05 25.21
N LEU D 148 24.62 -11.83 25.02
CA LEU D 148 24.72 -13.36 25.06
C LEU D 148 25.86 -13.96 24.15
N ARG D 149 26.14 -13.36 22.96
CA ARG D 149 27.20 -13.90 22.03
C ARG D 149 28.62 -13.74 22.65
N ASP D 150 28.87 -12.71 23.52
CA ASP D 150 30.26 -12.51 24.12
C ASP D 150 30.75 -13.70 25.12
N PRO D 151 30.00 -14.16 26.19
CA PRO D 151 30.44 -15.34 27.12
C PRO D 151 30.18 -16.72 26.51
N LEU D 152 30.13 -17.76 27.42
CA LEU D 152 29.87 -19.19 27.14
C LEU D 152 31.12 -19.85 26.52
N GLU D 153 31.65 -19.15 25.54
CA GLU D 153 32.87 -19.52 24.76
C GLU D 153 32.68 -20.85 23.96
N MET E 1 -11.19 -31.73 45.40
CA MET E 1 -11.33 -33.13 44.88
C MET E 1 -12.33 -33.07 43.69
N ALA E 2 -11.86 -33.43 42.46
CA ALA E 2 -12.68 -33.43 41.21
C ALA E 2 -13.31 -32.03 40.93
N ALA E 3 -12.44 -31.06 40.50
CA ALA E 3 -12.85 -29.65 40.19
C ALA E 3 -11.72 -28.96 39.37
N LEU E 4 -10.82 -29.78 38.77
CA LEU E 4 -9.67 -29.31 37.93
C LEU E 4 -8.72 -28.39 38.76
N SER E 5 -7.65 -27.90 38.09
CA SER E 5 -6.60 -27.01 38.65
C SER E 5 -5.75 -27.72 39.74
N VAL E 6 -6.41 -28.18 40.83
CA VAL E 6 -5.75 -28.89 41.98
C VAL E 6 -5.04 -30.19 41.46
N ASP E 7 -5.74 -30.93 40.58
CA ASP E 7 -5.26 -32.18 39.94
C ASP E 7 -4.20 -31.82 38.84
N GLU E 8 -3.95 -32.72 37.86
CA GLU E 8 -2.98 -32.53 36.74
C GLU E 8 -1.50 -32.51 37.22
N TYR E 9 -1.28 -32.42 38.56
CA TYR E 9 0.08 -32.41 39.18
C TYR E 9 0.98 -31.24 38.64
N LYS E 10 0.38 -30.03 38.52
CA LYS E 10 1.08 -28.79 38.04
C LYS E 10 2.18 -28.34 39.07
N LEU E 11 3.31 -29.09 39.11
CA LEU E 11 4.48 -28.82 40.03
C LEU E 11 5.05 -27.38 39.77
N SER E 12 5.85 -27.20 38.68
CA SER E 12 6.50 -25.89 38.29
C SER E 12 6.50 -25.67 36.76
N ARG E 13 5.65 -26.43 36.02
CA ARG E 13 5.52 -26.35 34.52
C ARG E 13 4.45 -25.29 34.13
N GLU E 14 3.89 -24.59 35.14
CA GLU E 14 2.83 -23.54 34.96
C GLU E 14 3.41 -22.28 34.24
N LYS E 15 4.64 -21.84 34.64
CA LYS E 15 5.29 -20.61 34.06
C LYS E 15 5.54 -20.75 32.51
N LYS E 16 6.02 -21.95 32.05
CA LYS E 16 6.32 -22.19 30.58
C LYS E 16 5.01 -22.00 29.75
N LEU E 17 3.91 -22.57 30.34
CA LEU E 17 2.53 -22.50 29.78
C LEU E 17 2.03 -21.02 29.71
N LEU E 18 2.37 -20.20 30.76
CA LEU E 18 1.92 -18.77 30.85
C LEU E 18 2.44 -17.96 29.62
N LEU E 19 3.74 -18.17 29.22
CA LEU E 19 4.32 -17.50 28.00
C LEU E 19 3.53 -17.96 26.72
N GLN E 20 3.16 -19.29 26.63
CA GLN E 20 2.38 -19.83 25.48
C GLN E 20 1.00 -19.11 25.38
N LEU E 21 0.33 -18.83 26.55
CA LEU E 21 -0.98 -18.10 26.60
C LEU E 21 -0.82 -16.64 26.02
N GLU E 22 0.33 -15.91 26.32
CA GLU E 22 0.54 -14.51 25.80
C GLU E 22 0.55 -14.50 24.25
N ASN E 23 1.22 -15.53 23.65
CA ASN E 23 1.30 -15.64 22.14
C ASN E 23 -0.13 -15.80 21.54
N ALA E 24 -0.94 -16.68 22.20
CA ALA E 24 -2.36 -16.92 21.86
C ALA E 24 -3.23 -15.64 22.04
N GLU E 25 -2.95 -14.84 23.13
CA GLU E 25 -3.75 -13.60 23.44
C GLU E 25 -3.67 -12.55 22.29
N THR E 26 -2.46 -12.32 21.70
CA THR E 26 -2.30 -11.34 20.55
C THR E 26 -3.11 -11.79 19.30
N LEU E 27 -3.08 -13.14 18.99
CA LEU E 27 -3.82 -13.72 17.79
C LEU E 27 -5.37 -13.50 17.94
N LEU E 28 -5.88 -13.71 19.19
CA LEU E 28 -7.34 -13.61 19.60
C LEU E 28 -8.36 -13.77 18.42
N ALA E 29 -8.40 -14.99 17.82
CA ALA E 29 -9.35 -15.39 16.73
C ALA E 29 -10.77 -15.31 17.37
N PRO E 30 -11.04 -16.04 18.50
CA PRO E 30 -12.34 -15.89 19.31
C PRO E 30 -13.01 -14.47 19.26
N LEU E 31 -12.30 -13.45 19.82
CA LEU E 31 -12.73 -12.03 19.85
C LEU E 31 -12.90 -11.45 18.42
N HIS E 32 -11.97 -11.86 17.49
CA HIS E 32 -11.96 -11.27 16.08
C HIS E 32 -13.31 -11.55 15.36
N ASP E 33 -13.91 -12.79 15.50
CA ASP E 33 -15.26 -13.09 14.88
C ASP E 33 -16.35 -12.14 15.49
N ALA E 34 -16.29 -11.93 16.85
CA ALA E 34 -17.22 -11.01 17.58
C ALA E 34 -17.03 -9.54 17.07
N LYS E 35 -15.74 -9.16 16.83
CA LYS E 35 -15.34 -7.81 16.30
C LYS E 35 -15.97 -7.59 14.90
N ARG E 36 -15.97 -8.68 14.11
CA ARG E 36 -16.48 -8.76 12.70
C ARG E 36 -18.00 -8.39 12.61
N LYS E 37 -18.80 -8.78 13.66
CA LYS E 37 -20.30 -8.55 13.69
C LYS E 37 -20.66 -7.03 13.50
N ILE E 38 -19.86 -6.12 14.12
CA ILE E 38 -20.07 -4.62 14.04
C ILE E 38 -20.32 -4.14 12.57
N GLU E 39 -19.72 -4.89 11.61
CA GLU E 39 -19.79 -4.61 10.14
C GLU E 39 -21.26 -4.44 9.62
N GLN E 40 -22.21 -5.17 10.27
CA GLN E 40 -23.66 -5.15 9.92
C GLN E 40 -24.29 -3.80 10.40
N GLU E 41 -24.09 -3.50 11.71
CA GLU E 41 -24.59 -2.27 12.39
C GLU E 41 -23.88 -0.99 11.86
N ALA E 42 -22.94 -1.15 10.89
CA ALA E 42 -22.14 -0.04 10.28
C ALA E 42 -23.01 1.09 9.64
N GLU E 43 -24.37 0.95 9.69
CA GLU E 43 -25.34 1.95 9.12
C GLU E 43 -25.09 3.41 9.65
N ALA E 44 -24.24 3.53 10.70
CA ALA E 44 -23.88 4.83 11.35
C ALA E 44 -23.12 5.79 10.37
N HIS E 45 -21.81 5.49 10.12
CA HIS E 45 -20.90 6.31 9.24
C HIS E 45 -21.32 6.22 7.74
N THR E 46 -22.24 5.27 7.40
CA THR E 46 -22.73 5.05 6.01
C THR E 46 -23.35 6.34 5.38
N ASP E 47 -23.63 7.34 6.25
CA ASP E 47 -24.23 8.64 5.85
C ASP E 47 -23.21 9.59 5.14
N ARG E 48 -21.88 9.22 5.14
CA ARG E 48 -20.79 10.06 4.54
C ARG E 48 -20.53 9.69 3.06
N VAL E 49 -20.73 8.40 2.70
CA VAL E 49 -20.58 7.90 1.30
C VAL E 49 -21.92 8.11 0.58
N ALA E 50 -22.96 8.47 1.40
CA ALA E 50 -24.33 8.78 0.92
C ALA E 50 -24.34 10.18 0.26
N TRP E 51 -23.22 10.97 0.42
CA TRP E 51 -23.09 12.35 -0.21
C TRP E 51 -23.44 12.27 -1.73
N ALA E 52 -23.15 11.07 -2.26
CA ALA E 52 -23.38 10.66 -3.66
C ALA E 52 -24.90 10.59 -4.02
N GLY E 53 -25.74 10.17 -3.04
CA GLY E 53 -27.22 10.01 -3.20
C GLY E 53 -27.98 11.32 -3.52
N PHE E 54 -27.68 12.43 -2.78
CA PHE E 54 -28.39 13.75 -2.95
C PHE E 54 -28.04 14.40 -4.33
N ALA E 55 -26.83 14.11 -4.85
CA ALA E 55 -26.33 14.67 -6.14
C ALA E 55 -27.19 14.20 -7.37
N ALA E 56 -27.48 12.88 -7.42
CA ALA E 56 -28.25 12.24 -8.52
C ALA E 56 -29.79 12.53 -8.42
N SER E 57 -30.28 12.79 -7.19
CA SER E 57 -31.74 13.03 -6.91
C SER E 57 -32.25 14.37 -7.49
N GLY E 58 -31.36 15.38 -7.58
CA GLY E 58 -31.71 16.75 -8.04
C GLY E 58 -32.13 16.88 -9.53
N VAL E 59 -31.52 16.07 -10.45
CA VAL E 59 -31.76 16.18 -11.95
C VAL E 59 -33.13 15.66 -12.47
N GLN E 60 -33.80 14.70 -11.78
CA GLN E 60 -35.09 14.10 -12.26
C GLN E 60 -36.15 15.21 -12.55
N THR E 61 -36.04 16.31 -11.78
CA THR E 61 -36.90 17.52 -11.92
C THR E 61 -36.49 18.33 -13.17
N GLY E 62 -35.21 18.15 -13.57
CA GLY E 62 -34.60 18.82 -14.75
C GLY E 62 -35.18 18.28 -16.08
N LEU E 63 -35.47 16.96 -16.14
CA LEU E 63 -36.05 16.30 -17.38
C LEU E 63 -37.45 16.92 -17.73
N PHE E 64 -38.24 17.19 -16.65
CA PHE E 64 -39.60 17.80 -16.75
C PHE E 64 -39.48 19.21 -17.43
N ALA E 65 -38.38 19.93 -17.08
CA ALA E 65 -38.11 21.30 -17.62
C ALA E 65 -37.99 21.27 -19.19
N ARG E 66 -37.32 20.19 -19.78
CA ARG E 66 -37.16 20.08 -21.27
C ARG E 66 -38.58 20.02 -21.93
N LEU E 67 -39.51 19.22 -21.31
CA LEU E 67 -40.93 19.11 -21.80
C LEU E 67 -41.68 20.49 -21.75
N THR E 68 -41.45 21.24 -20.63
CA THR E 68 -42.11 22.57 -20.34
C THR E 68 -41.80 23.70 -21.38
N TRP E 69 -40.51 23.80 -21.85
CA TRP E 69 -40.02 24.89 -22.76
C TRP E 69 -39.43 24.32 -24.06
N TRP E 70 -40.09 23.26 -24.57
CA TRP E 70 -39.68 22.50 -25.79
C TRP E 70 -39.22 23.39 -27.02
N GLU E 71 -39.68 24.69 -27.09
CA GLU E 71 -39.37 25.60 -28.25
C GLU E 71 -38.01 26.35 -28.15
N TYR E 72 -37.44 26.50 -26.91
CA TYR E 72 -36.12 27.20 -26.67
C TYR E 72 -35.01 26.72 -27.69
N SER E 73 -34.87 25.38 -27.87
CA SER E 73 -33.89 24.74 -28.84
C SER E 73 -34.11 23.20 -28.86
N TRP E 74 -34.22 22.63 -27.65
CA TRP E 74 -34.42 21.18 -27.35
C TRP E 74 -33.06 20.48 -27.10
N ASP E 75 -32.07 20.78 -27.96
CA ASP E 75 -30.68 20.30 -27.87
C ASP E 75 -30.10 20.80 -26.50
N ILE E 76 -30.39 20.03 -25.43
CA ILE E 76 -30.06 20.35 -24.02
C ILE E 76 -29.83 19.01 -23.32
N VAL E 77 -29.93 17.83 -24.05
CA VAL E 77 -29.74 16.49 -23.43
C VAL E 77 -28.32 16.36 -22.85
N GLU E 78 -28.02 15.19 -22.25
CA GLU E 78 -26.73 14.87 -21.53
C GLU E 78 -26.70 15.21 -19.96
N PRO E 79 -27.65 15.98 -19.29
CA PRO E 79 -27.44 16.38 -17.81
C PRO E 79 -27.32 15.26 -16.74
N VAL E 80 -28.18 14.22 -16.81
CA VAL E 80 -28.19 13.16 -15.75
C VAL E 80 -26.86 12.36 -15.57
N THR E 81 -26.16 11.90 -16.68
CA THR E 81 -24.86 11.15 -16.48
C THR E 81 -23.72 12.01 -15.81
N TYR E 82 -23.52 13.33 -16.22
CA TYR E 82 -22.40 14.15 -15.65
C TYR E 82 -22.55 14.34 -14.09
N PHE E 83 -23.81 14.55 -13.58
CA PHE E 83 -24.02 14.58 -12.07
C PHE E 83 -23.60 13.17 -11.50
N ALA E 84 -23.89 12.07 -12.28
CA ALA E 84 -23.47 10.66 -11.91
C ALA E 84 -21.91 10.63 -11.76
N THR E 85 -21.14 11.40 -12.61
CA THR E 85 -19.63 11.48 -12.50
C THR E 85 -19.28 11.98 -11.06
N TYR E 86 -20.08 12.94 -10.42
CA TYR E 86 -19.76 13.32 -8.97
C TYR E 86 -19.86 11.99 -8.10
N SER E 87 -20.92 11.18 -8.39
CA SER E 87 -21.14 9.85 -7.72
C SER E 87 -20.01 8.81 -8.01
N THR E 88 -19.50 8.76 -9.29
CA THR E 88 -18.48 7.72 -9.71
C THR E 88 -17.15 7.81 -8.90
N VAL E 89 -16.63 9.06 -8.74
CA VAL E 89 -15.40 9.35 -7.90
C VAL E 89 -15.69 8.95 -6.44
N ALA E 90 -16.96 9.18 -5.95
CA ALA E 90 -17.34 8.84 -4.53
C ALA E 90 -17.09 7.33 -4.27
N ALA E 91 -17.41 6.45 -5.29
CA ALA E 91 -17.14 4.97 -5.18
C ALA E 91 -15.61 4.77 -5.01
N THR E 92 -14.81 5.56 -5.80
CA THR E 92 -13.33 5.54 -5.75
C THR E 92 -12.75 5.98 -4.36
N PHE E 93 -13.34 7.04 -3.69
CA PHE E 93 -12.85 7.56 -2.35
C PHE E 93 -12.87 6.45 -1.27
N GLY E 94 -13.90 5.61 -1.37
CA GLY E 94 -14.20 4.51 -0.45
C GLY E 94 -13.01 3.67 0.11
N TYR E 95 -11.81 3.68 -0.54
CA TYR E 95 -10.62 2.85 -0.06
C TYR E 95 -10.02 3.37 1.29
N TYR E 96 -10.17 4.68 1.61
CA TYR E 96 -9.60 5.32 2.84
C TYR E 96 -10.50 5.02 4.06
N LEU E 97 -11.76 5.48 3.97
CA LEU E 97 -12.77 5.35 5.06
C LEU E 97 -13.26 3.89 5.30
N TYR E 98 -12.99 2.93 4.35
CA TYR E 98 -13.58 1.53 4.38
C TYR E 98 -13.60 0.87 5.79
N THR E 99 -12.41 0.64 6.39
CA THR E 99 -12.29 0.03 7.73
C THR E 99 -12.77 1.01 8.87
N GLN E 100 -12.43 2.32 8.73
CA GLN E 100 -12.73 3.38 9.75
C GLN E 100 -14.19 3.41 10.28
N GLN E 101 -15.19 2.96 9.48
CA GLN E 101 -16.65 3.02 9.87
C GLN E 101 -16.91 2.47 11.30
N SER E 102 -16.12 1.46 11.69
CA SER E 102 -16.18 0.80 13.03
C SER E 102 -15.65 1.75 14.15
N PHE E 103 -14.69 2.66 13.80
CA PHE E 103 -14.04 3.62 14.78
C PHE E 103 -15.05 4.64 15.39
N GLU E 104 -16.10 4.99 14.62
CA GLU E 104 -17.15 6.01 15.01
C GLU E 104 -18.11 5.52 16.15
N TYR E 105 -18.61 4.26 16.02
CA TYR E 105 -19.66 3.67 16.95
C TYR E 105 -19.39 3.80 18.51
N PRO E 106 -18.15 3.62 19.08
CA PRO E 106 -17.93 3.71 20.61
C PRO E 106 -18.36 5.06 21.22
N SER E 107 -18.05 5.22 22.53
CA SER E 107 -18.37 6.44 23.32
C SER E 107 -19.89 6.79 23.26
N ALA E 108 -20.73 5.73 23.34
CA ALA E 108 -22.22 5.82 23.30
C ALA E 108 -22.77 6.81 24.38
N ARG E 109 -23.34 7.98 23.93
CA ARG E 109 -23.90 9.04 24.81
C ARG E 109 -22.84 9.60 25.80
N GLU E 110 -23.23 10.67 26.54
CA GLU E 110 -22.36 11.36 27.53
C GLU E 110 -22.19 10.47 28.79
N ARG E 111 -21.35 10.96 29.75
CA ARG E 111 -21.06 10.26 31.03
C ARG E 111 -20.38 8.87 30.79
N VAL E 112 -19.21 8.91 30.08
CA VAL E 112 -18.38 7.70 29.74
C VAL E 112 -17.87 7.00 31.06
N TYR E 113 -16.54 7.05 31.36
CA TYR E 113 -15.91 6.45 32.57
C TYR E 113 -16.04 4.89 32.57
N THR E 114 -15.01 4.18 33.11
CA THR E 114 -14.94 2.70 33.20
C THR E 114 -15.03 2.01 31.80
N LYS E 115 -16.28 1.87 31.27
CA LYS E 115 -16.59 1.21 29.95
C LYS E 115 -15.86 -0.15 29.76
N GLN E 116 -15.93 -0.75 28.53
CA GLN E 116 -15.29 -2.07 28.20
C GLN E 116 -13.73 -1.95 28.33
N PHE E 117 -13.22 -0.72 28.10
CA PHE E 117 -11.77 -0.37 28.17
C PHE E 117 -10.91 -1.26 27.22
N TYR E 118 -10.42 -2.44 27.73
CA TYR E 118 -9.61 -3.42 26.93
C TYR E 118 -10.61 -4.32 26.15
N ARG E 119 -10.09 -5.12 25.18
CA ARG E 119 -10.89 -6.01 24.30
C ARG E 119 -11.81 -5.17 23.34
N ARG E 120 -12.85 -4.55 23.94
CA ARG E 120 -13.84 -3.66 23.27
C ARG E 120 -14.76 -4.41 22.25
N ALA E 121 -14.13 -5.16 21.31
CA ALA E 121 -14.84 -5.90 20.20
C ALA E 121 -15.39 -4.87 19.17
N GLN E 122 -14.62 -3.77 19.00
CA GLN E 122 -14.92 -2.63 18.07
C GLN E 122 -13.62 -2.35 17.24
N LYS E 123 -12.94 -1.19 17.48
CA LYS E 123 -11.68 -0.80 16.77
C LYS E 123 -11.81 -0.89 15.22
N GLN E 124 -10.69 -0.62 14.52
CA GLN E 124 -10.54 -0.65 13.03
C GLN E 124 -11.01 -2.05 12.46
N ASN E 125 -10.07 -3.03 12.27
CA ASN E 125 -10.32 -4.46 11.80
C ASN E 125 -10.14 -4.76 10.27
N PHE E 126 -9.65 -6.00 9.98
CA PHE E 126 -9.37 -6.49 8.59
C PHE E 126 -8.23 -5.63 7.96
N ASP E 127 -7.14 -6.30 7.51
CA ASP E 127 -5.98 -5.68 6.86
C ASP E 127 -5.18 -4.69 7.78
N ILE E 128 -5.85 -3.71 8.53
CA ILE E 128 -5.08 -2.76 9.43
C ILE E 128 -4.56 -3.61 10.65
N GLU E 129 -5.50 -4.42 11.23
CA GLU E 129 -5.24 -5.33 12.43
C GLU E 129 -4.32 -6.50 12.07
N LYS E 130 -4.68 -7.23 10.97
CA LYS E 130 -3.97 -8.48 10.55
C LYS E 130 -2.43 -8.27 10.50
N TYR E 131 -1.98 -7.19 9.80
CA TYR E 131 -0.58 -6.79 9.67
C TYR E 131 0.07 -6.31 11.02
N ASN E 132 -0.60 -5.36 11.74
CA ASN E 132 0.02 -4.76 12.95
C ASN E 132 0.11 -5.77 14.12
N ARG E 133 -1.04 -6.34 14.42
CA ARG E 133 -1.21 -7.28 15.60
C ARG E 133 -0.15 -8.42 15.64
N LEU E 134 0.06 -9.21 14.52
CA LEU E 134 1.11 -10.29 14.59
C LEU E 134 2.58 -9.70 14.63
N VAL E 135 3.02 -8.60 13.83
CA VAL E 135 4.46 -8.10 14.05
C VAL E 135 4.64 -7.79 15.62
N THR E 136 3.48 -7.41 16.31
CA THR E 136 3.46 -7.15 17.80
C THR E 136 3.90 -8.48 18.55
N GLU E 137 3.62 -9.68 17.95
CA GLU E 137 4.12 -11.00 18.55
C GLU E 137 5.67 -10.88 18.68
N VAL E 138 6.32 -10.15 17.72
CA VAL E 138 7.83 -9.91 17.81
C VAL E 138 8.11 -9.09 19.12
N ASP E 139 7.12 -8.25 19.56
CA ASP E 139 7.26 -7.46 20.87
C ASP E 139 7.49 -8.45 22.05
N GLU E 140 6.66 -9.54 22.04
CA GLU E 140 6.71 -10.61 23.08
C GLU E 140 8.13 -11.25 23.09
N LEU E 141 8.82 -11.25 21.89
CA LEU E 141 10.24 -11.77 21.77
C LEU E 141 11.15 -10.99 22.78
N ARG E 142 11.04 -9.62 22.71
CA ARG E 142 11.87 -8.68 23.58
C ARG E 142 11.69 -9.07 25.10
N ASN E 143 10.45 -9.58 25.50
CA ASN E 143 10.23 -10.00 26.93
C ASN E 143 11.01 -11.32 27.29
N GLN E 144 10.87 -12.37 26.41
CA GLN E 144 11.50 -13.71 26.65
C GLN E 144 13.03 -13.63 26.74
N LEU E 145 13.65 -12.99 25.71
CA LEU E 145 15.12 -12.93 25.62
C LEU E 145 15.75 -12.13 26.79
N LYS E 146 15.13 -10.99 27.23
CA LYS E 146 15.66 -10.18 28.37
C LYS E 146 15.95 -11.09 29.62
N ARG E 147 14.96 -11.99 30.05
CA ARG E 147 15.22 -12.87 31.26
C ARG E 147 16.38 -13.85 30.89
N LEU E 148 16.29 -14.46 29.67
CA LEU E 148 17.35 -15.38 29.10
C LEU E 148 18.78 -14.68 29.11
N ARG E 149 18.82 -13.33 28.78
CA ARG E 149 20.08 -12.51 28.66
C ARG E 149 20.87 -12.41 29.98
N ASP E 150 20.19 -12.28 31.17
CA ASP E 150 20.95 -12.21 32.50
C ASP E 150 21.99 -13.46 32.69
N PRO E 151 21.59 -14.79 32.53
CA PRO E 151 22.51 -16.03 32.50
C PRO E 151 23.93 -15.82 31.91
N LEU E 152 24.83 -16.84 32.09
CA LEU E 152 26.21 -16.82 31.62
C LEU E 152 26.79 -18.03 32.38
N GLU E 153 27.21 -19.01 31.59
CA GLU E 153 27.75 -20.33 32.08
C GLU E 153 29.17 -20.11 32.69
#